data_7UCJ
#
_entry.id   7UCJ
#
_cell.length_a   1.00
_cell.length_b   1.00
_cell.length_c   1.00
_cell.angle_alpha   90.00
_cell.angle_beta   90.00
_cell.angle_gamma   90.00
#
_symmetry.space_group_name_H-M   'P 1'
#
loop_
_entity.id
_entity.type
_entity.pdbx_description
1 polymer 'P-site tRNA'
2 polymer mRNA
3 polymer '28s rRNA'
4 polymer '5S rRNA'
5 polymer '5.8S rRNA'
6 polymer '18S rRNA'
7 polymer '60S ribosomal protein L8'
8 polymer '60S ribosomal protein L3'
9 polymer '60S ribosomal protein L4'
10 polymer 'Ribosomal_L18_c domain-containing protein'
11 polymer '60S ribosomal protein L6'
12 polymer '60S ribosomal protein L7'
13 polymer '60S ribosomal protein L7a'
14 polymer '60S ribosomal protein L9'
15 polymer 'Ribosomal protein L10'
16 polymer '60S ribosomal protein L11'
17 polymer '60S ribosomal protein L13'
18 polymer '60S ribosomal protein L14'
19 polymer '60S ribosomal protein L15'
20 polymer '60S ribosomal protein L13a'
21 polymer '60S ribosomal protein L17'
22 polymer '60S ribosomal protein L18'
23 polymer '60S ribosomal protein L19'
24 polymer '60S ribosomal protein L18a'
25 polymer '60S ribosomal protein L21'
26 polymer '60S ribosomal protein L22'
27 polymer '60S ribosomal protein L23'
28 polymer 'Ribosomal protein L24'
29 polymer '60S ribosomal protein L23a'
30 polymer '60S ribosomal protein L26'
31 polymer '60S ribosomal protein L27'
32 polymer '60S ribosomal protein L27a'
33 polymer '60S ribosomal protein L29'
34 polymer '60S ribosomal protein L30'
35 polymer '60S ribosomal protein L31'
36 polymer '60S ribosomal protein L32'
37 polymer '60S ribosomal protein L35a'
38 polymer '60S ribosomal protein L34'
39 polymer '60S ribosomal protein L35'
40 polymer '60S ribosomal protein L36'
41 polymer '60S ribosomal protein L37'
42 polymer '60S ribosomal protein L38'
43 polymer '60S ribosomal protein L39'
44 polymer '60S ribosomal protein L40'
45 polymer eL41
46 polymer '60S ribosomal protein L36a'
47 polymer '60S ribosomal protein L37a'
48 polymer '60S ribosomal protein L28'
49 polymer '40S_SA_C domain-containing protein'
50 polymer '40S ribosomal protein S3a'
51 polymer '40S ribosomal protein S2'
52 polymer '40S ribosomal protein S3'
53 polymer '40S ribosomal protein S4'
54 polymer 'Ribosomal protein S5'
55 polymer '40S ribosomal protein S6'
56 polymer '40S ribosomal protein S7'
57 polymer '40S ribosomal protein S8'
58 polymer '40S ribosomal protein S9'
59 polymer '40S ribosomal protein S10'
60 polymer '40S ribosomal protein S11'
61 polymer '40S ribosomal protein S13'
62 polymer '40S ribosomal protein S14'
63 polymer '40S ribosomal protein S15'
64 polymer '40S ribosomal protein S16'
65 polymer '40S ribosomal protein S17'
66 polymer '40S ribosomal protein S18'
67 polymer '40S ribosomal protein S19'
68 polymer '40S ribosomal protein S20'
69 polymer eS21
70 polymer '40S ribosomal protein S15a'
71 polymer '40S ribosomal protein S23'
72 polymer '40S ribosomal protein S24'
73 polymer '40S ribosomal protein S25'
74 polymer eS26
75 polymer '40S ribosomal protein S27'
76 polymer '40S ribosomal protein S28'
77 polymer '40S ribosomal protein S29'
78 polymer '40S ribosomal protein S30'
79 polymer 'Receptor of activated protein C kinase 1'
80 non-polymer 'MAGNESIUM ION'
81 non-polymer Harringtonine
82 non-polymer 'ZINC ION'
#
loop_
_entity_poly.entity_id
_entity_poly.type
_entity_poly.pdbx_seq_one_letter_code
_entity_poly.pdbx_strand_id
1 'polyribonucleotide' GAGCAGAGUGGCGCAGCGGAAGCGUGCUGGGCCCAU(T6A)ACCCAGAGGUCGAUGGAUCGAAACCAUCCUCUGCUACCA 2
2 'polyribonucleotide' AGCAUG 1
3 'polyribonucleotide'
;CGCGACCUCAGAUCAGACGUGGCGACCCGCUGAAUUUAAGCAUAUUAGUCAGCGGAGGAAAAGAAACUAACCAGGAUUCC
CUCAGUAACGGCGAGUGAACAGGGAAGAGCCCAGCGCCGAAUCCCCGCCCCGCGGCGGGGCGCGGGAAAUGUGGCGUACG
GAAGACCCACUCCCCGGCGCCGGGGGGCCCAAGUCCUUCUGAUCGAGGCCCAGCCCGUGGACGGUGUGAG(B9B)CCGGU
AGCGGCCCCCGGCGCGCCGGGCCCGGGUCUUCCCGGAGUCGGGUUGCUUGGGAAUGCAGCCCAAAGCGGGUGGUAAACUC
CAUCUAAGGCUAAAUACCGGCACGAGACCGAUAGUCAACAAGUACCGUAA(OMG)GGAAAGUUGAAAAGAACUUUGAAG
(A2M)GAGAGUUCAAGAGGGCGUGAAACCGUUAAGAGGUAAACGGGUGGGGUCCGCGCAGUCCGCCCGGAGGAUUCAACC
CGGCGGCCGGUCCGGCCGUGCCGGCGGGGCGGAUCUCCCGCUCCCGUCGGCGGGGGACCGCCCCCCGGCCGGCGACCGGC
CGCCGCCGGGCGCAUUUCCACCGCGGCGGUGCGCCGCGACCGGCUCCGGGACGGCU(2MG)GGAAGGCCCCGGCGGGGAA
GGUGGCCCGGGGGCCCCGGGUGUUACAGCCCCGCCCCGGCAGCAGCAGCUCGCCGAAUCCCGGGGCCGAGGGAGCGAGAC
CCGUGCCGCCGCGCUCUCCCCCCUGGGGGGGCCGGGCCACCCCUCCCACGGCGCGACCGCUGGGGCGGACUGUCCAGUGC
GCCCCGGGCGGGUCGCGCCGUCGGGCCCGGGGGCCACGGCGUCCCCCGCGAGCGCACGGGGUCGGCGGCGAUGUCGGCUA
CCCACCCGACCC(OMG)UCUUG(1MA)AAC(A2M)CGGACCAAGGAGUCUAACACG(P4U)GCGCGAGUCGGGGGCUACG
AAAGCCGCCGUGGCGCAAUGAAGGUGAAGGCCGGCGGCGCCGCCGGCCGAGGUGGGAUCCCGAGGCCUUCCAGUCCGCCG
AGGG(B8Q)GCACCACCGGCCCGUCUCGCCCGCCGCGCCGGGGAGGUGGAGCACGAGCGCACGUGUUAG(2MG)ACCC
(OMG)A(A2M)AGAUGGUGA(A2M)CUAUGCCUGGGCAGGGCGAAGCCAGAGGAAACUCUGGUG(B9B)AGGUCCG
(PSU)AGCGGUCCUGACGUGCGAAUCG(7MG)UCGUCCGACCUGGGUAUAG(OMG)GGCGAAAGACUAAUCGAACCAUCU
AGUAGCUGG(I4U)UCCCUCCAAAGUUUCCC(PSU)CAGGA(PSU)AGCUGGCGCUCUCCGCAGUUUUAUCCGGUAAAGC
GAAUGAUUAGAGGUCUUGGGGCCGAAACGAUCUCAACCUAUUCUCAAACUUUAAAU(E7G)GGUAAGAAGCCCGGCUCGC
UGGUGUGGAGCCGGGCGUGGAAUGCGAGUGCCUAGUGGGCCAC(B8H)UUUGG(UR3)AAGC(A2M)GAACUGGCGCU
(OMG)CGGGAUGAACCGAACGCCGGGUUAA(P7G)GCGCCCGAUGCCGACGCUCAUCAGACCCCAGAAAAGGUGUUGGUU
GAUAUAGACAGCAGGACCUGCCGAAUCAACUAGCCCUGAAAAUGGAUG(OMG)CGCUGGAGCGUCGGGCCCAUACCCGGC
CGUCGCUGGCAGUCGGCAGAGCGAGAAAGAGAGUGGCGCGGACGCUACGCCGCGACGAGUAGGAGGGCCGCUGCG(E7G)
UGAGCCUUGAAGCCUAGGGCGCGGGCCCGGGUGGAGCCGCCGCAGGUGCAGAUCUUGGUGGUAGU(A2M)(OMG)(OMC)
AAAUAUUCAAACGA(B8W)AACUUUGAAGGCCGAAGUGG(A2M)GAAGGGUUCCAUGUGAACAG(OMC)A(OMG)UUGAA
CAUGGGUCAGUCGGUCCUGAGAGAUGGGCGAGCGCCGUUCCGAAGGGACGGGCGAUGGCCUCCGUUGCCCUCAGCCGA
(PSU)CGAAAGGGAGUCG(7MG)GUUCAGAUCCCCGAAUCCGGAGUGGCGGAGAUGGGCGCCGCGAGGCGUCCAGUGCGG
UAACGCGACCGAUCCCGGAGAAGCCGGCGGGAGCCCCGGGGAGAGUUCUCUUUUCUUUGUGAAGGGCAGGGCGCCCUGGA
AUGGGUUCGCCCCGAGAGAGGGGCCCGUGCCUUGGAAAGCGUCGCGGUUCCGGCGGCGUCCGGUGAGCUCUCGCUGGCCC
UUGAAAAUCCGGGG(B9B)AGAGGGUGUAAAUCUCGC(OMG)CCGGGCCGUACC(B9H)AUAUCCGCAGCAGGUCU
(OMC)CAAGGUGAACAGCCUCUGGCAUGUUGGAACAAUGUAGGUAAGGGAAGUCGGCAAGC(OMC)GGAUCCGUAACUUC
GGGAUAAGGAUUGGCUCUAAGGGCUGGCAGCCGACUUAGAACUGGUGCGGACCAGGGGAAUCCGACUGUUUAAUUAAAAC
AAAGCAUCGCGAAGGCCCGCGGCGGGUGUUGACGCGAUGUGAUUUCUGCC(OMC)AGUGCUCUGAAUG(PSU)CA(A2M)
AGUG(A2M)AGAAA(PSU)UCAAUGAAGCGCGGGUAAACGGCGGGAGUAAC(B8H)A(PSU)GACUCUCUUAAGGUAGC
(5MC)AA(A2M)UGCCUC(OMG)UCAUCUAAUUAGUGACGCGCAUGAAUGGAUGA(A2M)CGAGAUUCCCACUGUCCCUA
CCUACUAUCCAGCGAAACCAC(A2M)G(OMC)CAAGGGAACG(P7G)GCUUGG(OMC)GGAAUCAGC(B8K)G(BGH)GA
AAGAAGA(OMC)CCUGUUGAGCUUGACUCUAGUCUGGCACGGUGAAGAGACAUGAUCGUUUUUUCACUGACCCGG(5MU)
GAGGCGGGGGGGCGAGCCGGGCUCUCGCUUCUGGCGCCAA(B8W)CGCCCGGCCGGCCGGGCGCGACCCGCUCCGGGGAC
AGUGCCAGGUGGG(B8W)AGUUUGAC(I4U)G(OMG)GGCGGUACACCUGUCAAACGGUA(6MZ)CGCAGGUGUCCUAAG
GCGAGCUCAGGGAGGACAGAAACCUCCCGUGGAGCAGAAGGGCAAAAGCUCGCUUGA(PSU)CU(B8H)GAUUUUCAG
(OMU)ACGAAUACAGACCGUGAAAGCGGGGCCU(5MC)ACGAUCCUUCUGACCUUUU(E6G)GGUUUUAAGCAGGA
(OMG)(MHG)UGUCAGAAAAGUUACCACAGGGAUAACUGGC(PSU)UGUGGCGGCCA(1MA)GCGUUCAUAGCGACGUCG
CUUUUUGA(PSU)CCUU(5MC)GA(PSU)GUCGGCUCUUCCUAUCAUUGU(B8W)AAGCAGAAUU(B8T)ACCAAGCGUU
(OMG)GAUUG(PSU)UCACCCACUAAUAGGGAACGUG(A2M)GCUGG(B8W)(UR3)(PSU)UAGA(OMC)CGUCGUGAG
ACAG(7MG)UUAGUUUUACCCU(M7A)CUGAUG(A2M)UGUGUUGUUGCCAUGGUAAUCCUGC(UR3)CAGUACGAGAGG
AACCGCAGGU(OMU)CA(OMG)ACAU(PSU)UGGUGUA(PSU)(OMG)UGCUUGGCUGAGGAGCCAAUGGGGCGAAGCUA
C(B8T)AUCUGUGGGAUUAUGACU(B8K)AACGCCUCUAAGUCAGAAUCCCGCCCAGGCGGAACGAUAGCGCCGGAGCCU
CGGUUGGCCUCGGAUAGCCGGUCCCCCGCCGGGGUCCGGU(OMG)C(2MG)GAGAGCCCUUCGUCCCGGGAAACGGGGCG
GCCGGAAAGGGGGCCGCCCUCUCGCCCGUCACGCACCGCACGUUCGUGGGGAACCUGGCGCUAAACCAUUCGUAGACGAC
CUGCUUCUGGGUCGGGGUUUCGUACGUAGCAGAGCAGCUGCUGCGAUCUAUUGAAAGUCAGCCCUCGACACAAGGGUUUG
U
;
5
4 'polyribonucleotide'
;GUCUACGGCCAUACCACCCUGAACGCGCCCGAUCUCGUCUGAUCUCGGAAGCUAAGCAGGGUCGGGCCUGGUUAGUACUU
GGAUGGGAGACCGCCUGGGAAUACCGGGUGCUGUAGGCUU
;
7
5 'polyribonucleotide'
;CGACUCUUAGCGG(OMU)GGAUCACUCGGCUCGUGCGUCGAUGAAGAACGCAGCUAGCUGCGAGAAUUAAUGUGAAUUGC
AGG(N)(N)(N)(N)(N)UUGAUCAUCGACACUUCGAACGCACUUGCGGCCCCGGGUUCCUCCCGGGGCUACGCCUGUCU
GAGCGUCGCU
;
8
6 'polyribonucleotide'
;UACCUGGUUGAUCCUGCCAGUAGCAU(A2M)UGCUUGUCUCAAAGAUUAAGCCAUGCAUGUCUAAGUACGCACGGCCGGU
ACAGUGAAACUGCGAAUGGCUCAUUAAAUCAGUUAUGGU(OMU)CC(PSU)U(OMU)GGUCGCUCGUACUUGGAUAACUG
UGGUA(A2M)UUCUAG(A2M)GCUAAUA(OMC)AUGCCGACGGGCGCUGACCCCCUUCGCGGGGGGGAUGCGUGCAUUUA
UCAGUGGUGACUCUAGAUAACCUCGGGCCGAUCGCACGCCCGGCGGCGACGACCCAUUCGAACGUCUGCCCUAUCAACUU
UCGAUGGUAGUCGCCGUGCCUACCAUGGUGACCACGGGUGACGGGGAAUCAGGGUUCGAUUCCGGAGAGGGAGCCUGAGA
AACGGCUACCACAUCCAAGGAAGGCAGCAGGCGCGC(A2M)AAUUACCCACUCCCGACCCGGGGA(OMG)GUAGUGA
(OMC)GAAAAAUAACAAUACAGGACUCUUUCGAGGCCCUGUAAUUGGAAUGAGUC(MMX)ACUUUAAAUCCUUUAACGAG
GAUCCAUUGGAGGGCAAGUCUGG(PSU)GCCAGCAGCCGCGGUAAUUCCAGCUCCAAUA(OMG)CGUAUAUUAAAGUUGC
UGCAGUU(A2M)AAAAGCUCGUAGUU(OMG)GAUCUUGGGAGCGGCCGUCCCCUGCUCGGCGCCGGCCCGAAGCGUUUAC
UUUGAAAAAA(5MU)UAGAGUG(PSU)(PSU)CAAAGCAGGCCGCCUGGAUACCGCAGCUAGGAAUAAUGGAAUAGGACC
GCGGUUCUAUUUUGUUGGUUUUCGGAACUGAGGCCAUGAUUAAGAGGGACGGCCGGGGGCAUUCGUAUUGCGCCGCUAGA
GGUGAAAUUCUUGGACCGGCGCAAGACGGACCAGAGCGAAAGCAUUUGCCAAGAAUGUUUUCAUUAAUCAAGA(A2M)CG
AAAGUCGGAGGUUCGAAGACGAUCAGAUACCGUCGUAGUUCCGACCA(PSU)AAACGAUGCCGACUGGCGAUGCGGCGGC
GUUAUUCCCAUGACCCGCCGGGCAGCUUCCGGGAAACCAAAGUCUUUGGGUUCCGGGGGGAGUAUGGUUGCAAAGCUGAA
ACUUAAAGGAAUUGACGGAAGGGCACCAC(B8Q)AGGAGUGGAGCCUGCGGCUUAAU(PSU)UGAC(B8N)CAACACGGG
AAACCUCACCCGGCCCGGACACGGACAGGAUUGACAGAUUGAUAGCUCUUUCUCGAUUCCGUGGGUGGUGGUGCAUGGC
(4AC)GUUCUUAGUUGGUGGAGCGAUUUGUCUGGUUAAUUC(5MC)GAUAACGAACGAGACUCUGGCAUGCUAACUAGUU
ACGCGACCCCGGUCGGCGUAACUUCUUAGAGGGACAAGUGGCGUUCAGCCACCCGAGAUUGAGCAAUAACAGGUCUGUGA
UGCCCUUAGAUGUCCGGGGCUGCACGCGCGCUACACUGACUGGCUCAGCGUGUGCCUACCCUACGCCGGCAGGCGCGGGU
AACCCGUUGAACCCCAUUCGUGAUGGGGAUCGGGGAUUGCAAUUAUUCCCCAUGAACGAGGAAUUCCCAGUAAGUGCGGG
UCAUAAGCUUGCGUUGAUU(A2M)AGUCCCUGCCCUUUGUACACACCG(OMC)CCGUCG(OMC)UACUACCGAUUGGAUG
GUUUAGUGAGGCCCUCGGAUCGGCCCCGCCGGGGUGCCCUGGCGGAGCGCUGAGAAGACGGUCGAACUUG(M7A)CUAUC
UAGAGGAAGUAAAAGUCG(UR3)A(6MZ)CAAGGUUUC(4AC)GUAGGUG(MA6)(MA6)CCUGCGGAAGGAUCAUUA
;
9
7 'polypeptide(L)'
;GRVIRGQRKGAGSVFRAHVKHRKGAARLRAVDFAERHGYIKGIVKDIIHDPGRGAPLAKVVFRDPYRFKKRTELFIAAEG
IHTGQFVYCGKKAQLNIGNVLPVGTMPEGTIVCCLEEKPGDRGKLARASGNYATVISHNPETKKTRVKLPSGSKKVISSA
NRAVVGVVAGGGRIDKPILKAGRAYHKYKAKRNCWPRVRGVAMNPVEHPFGGGNHQHIGKPSTIRRDAPAGRKVGLIAAR
RTGRLRGT
;
A
8 'polypeptide(L)'
;SHRKFSAPRHGSLGFLPRKRSSRHRGKVKSFPKDDPSKPVHLTAFLGYKAGMTHIVREVDRPGSKVNKKEVVEAVTIVET
PPMVVVGIVGYVETPRGLRTFKTVFAEHISDECKRRFYKNWHKSKKKAFTKYCKKWQDDAGKRQLDKDFSSMKKYCQVIR
VLAHTQMRLLPLRQKKAHLMEIQVNGGTVAEKLDWARERLEQQVPVSQVFGQDEMIDVIGVTKGKGYKGVTSRWHTKKLP
RKTHRGLRKVACIGAWHPARVAFSVARAGQKGYHHRTEINKKIYKIGQGYLIKDGKLIKNNASTDYDLSDKSINPLGGFV
HYGEVTNDFVMLKGCVVGTKKRVLTLRKSLLVQTKRRALEKIDLKFIDTTSKFGHGRFQTVEEKKAFMGPLKKD
;
B
9 'polypeptide(L)'
;ACARPLISVYSEKGESSGKNVTLPAVFKAPIRPDIVNFVHTNLRKNNRQPYAVSELAGHQTSAESWGTGRAVARIPRVRG
GGTHRSGQGAFGNMCRGGRMFAPTKTWRRWHRRVNTTQKRYAICSALAASALPALVMSKGHRIEEVPELPLVVEDKVEGY
KKTKEAVLLLKKLKAWNDIKKVYASQRMRAGKGKMRNRRRIQRRGPCVIYNEDNGIVKAFRNIPGITLLNVTKLNILKLA
PGGHVGRFCIWTESAFRKLDDLYGTWRKAASLKSNYNLPMHKMLNTDLSRILKSPEIQRALRAPRKKIHRRVLKKNPLKN
LRIMLKLNPYA(MLZ)TMRRNTILRQARNHKLRVERAAAALAAK
;
C
10 'polypeptide(L)'
;FVKVVKNKAYFKRYQVKFRRRREGKTDYYARKRLVIQDKNKYNTPKYRMIVRVTNRDIICQIAYARIEGDMIVCAAYAHE
LPKYGVKVGLTNYAAAYCTGLLLARRLLNRFGMDKIYEGQVEVTGDEYNVESIDGQPGAFTCYLDAGLARTTTGNKVFGA
LKGAVDGGLSIPHSTKRFPGYDSESKEFNAEVHRKHIMGQNVADYMRYLMEEDEDAYKKQFSQYIKNNVTPDMMEEMYKK
AHAAIRENPVYEKKPKREVKKKRWNRPKMSLAQKKDRVAQKKASFLRAQER
;
D
11 'polypeptide(L)'
;GKPHCSRNPVLVRGIGRYSRSAMYSRKALYKRKYAAPKSRIERKKKREKVLATVTKPVGGDKNGGTRVVKLRKMPRYYPT
EDVPRKLLSHGKKPFSQHVRKLRASITPGTILIILTGRHRGKRVVFLKQLSSGLLLVTGPLSLNRVPLRRTHQKFVIATS
TKIDISGVKIPKHLTDAYFKKKKLRKPRHQEGEIFDTEKEKYEITEQRKVDQKAVDSQILPKIKAVPQLQGYLRSVFALT
NGVYPHKLVF
;
E
12 'polypeptide(L)'
;NFAELKIKRLRKKFAQKMLRKARRKLIYEKAKHYHKEYRQMYRTEIRMARMARKAGNFYVPAEPKLAFVIRIRGINGVSP
KVRKVLQLLRLRQIFNGTFVKLNKASINMLRIVEPYIAWGYPNLKSVNELIYKRGYGKINKKRIALTDNTLIARSLGKYN
IICMEDLIHEIYTVGKHFKEANNFLWPFKLSSPRGGMKKKTTHFVEGGDAGNREDQINRLIRRMN
;
F
13 'polypeptide(L)'
;VNPLFEKRPKNFGIGQDIQPKRDLTRFVKWPRYIRLQRQRAILYKRLKVPPAINQFTQVLDRQTATQLLKLAHKYRPETK
QEKKQRLLARAEKKAAGKGDVPTKRPPVLRAGVNTVTTLVENKKAQLVVIAHDVDPIELVVFLPALCRKMGVPYCILKGK
ARLGRLVHRKTCTTVAFTQVNSEDKGALAKLVEAIRTNYNDRYDEIRRHWGGNVLGPKSVARIAKLEKAKAKE
;
G
14 'polypeptide(L)'
;MKTILSNQTVDIPENVDISLKGRTVIVKGPRGTLRRDFNHINVELSLLGKKKKRLRVDKWWGNRKELATVRTICSHVQNM
IKGVTLGFRYKMRSVYAHFPINVVIQENGSLVEIRNFLGEKYIRRVRMRPGVACSVSQAQKDELVLEGNDIELVSNSAAL
IQQATTVKNKDIRKFLDGIYVSEKGTVQQA
;
H
15 'polypeptide(L)'
;GRRPARCYRYCKNKPYPKSRFCRGVPDAKIRIFDLGRKKAKVDEFPLCGHMVSDEYEQLSSEALEAARICANKYMVKSCG
KDGFHIRVRLHPFHVIRINKMLSCAGADRLQTGMRGAFGKPQGTVARVHIGQVIMSIRTKLQNKEHVVEALRRAKFKFPG
RQKIHISKKWGFTKFNADEFEDMVAEKRLIPDGCGVKYIPNRGPLDKWRALHS
;
I
16 'polypeptide(L)'
;ENPMRELRIRKLCLNICVGESGDRLTRAAKVLEQLTGQTPVFSKARYTVRSFGIRRNEKIAVHCTVRGAKAEEILEKGLK
VREYELRKNNFSDTGNFGFGIQEHIDLGIKYDPSIGIYGLDFYVVLGRPGFSIADKKRRTGCIGAKHRISKEEAMRWFQQ
KYDGIILPG
;
J
17 'polypeptide(L)'
;APSRNGMILKPHFHKDWQRRVATWFNQPARKIRRRKARQARARRIAPRPAAGPIRPIVRCPTVRYHTKVRAGRGFSLEEL
RVAGIHKKVARTIGISVDPRRRNKSTESLQANVQRLKEYRSKLVLFPRKPSAPKKGDSSAEELKLATQLTGPVMPIRNVF
KKEKARVITEEEKNFKAFASLRMARANARLFGIRAKRAKEAAEQDVEKKK
;
L
18 'polypeptide(L)'
;VFRRFVEVGRVAYVSFGPHAGKLVAIVDVIDQNRALVDGPCTRVRRQAMPFKCMQLTDFILKFPHSARQKYVRKAWEKAD
INTKWAATRWAKKIEARERKAKMTDFDRYKVMKAKKMRNRIIKNEVKKLQRAALLKAS
;
M
19 'polypeptide(L)'
;GAYKYIQELWRKKQSDVMRFLLRVRCWQYRQLSALHRAPRPTRPDKARRLGYKAKQGYVIYRIRVRRGGRKRPVPKGATY
GKPVHHGVNQLKFARSLQSVAEERAGRHCGALRVLNSYWVGEDSTYKFFEVILIDPFHKAIRRNPDTQWITKPVHKHREM
RGLTSAGRKSRGLGKGHKFHHTIGGSRRAAWRRRNTLQLHRYR
;
N
20 'polypeptide(L)'
;QVLVLDGRGHLLGRLAAIVAKQVLLGRKVVVVRCEGINISGNFYRNKLKYLAFLRKRMNTNPSRGPYHFRAPSRIFWRTV
RGMLPHKTKRGQAALDRLKVFDGIPPPYDKKKRMVVPAALKVVRLKPTRKFAYLGRLAHEVGWKYQAVTATLEEKRKEKA
KIHYRKKKQLMRLRKQAEKNVEKKISKFTDVLKTHGLLV
;
O
21 'polypeptide(L)'
;VRYSLDPENPTKSCKSRGSNLRVHFKNTRETAQAIKGMHIRKATKYLKDVTLKKQCVPFRRYNGGVGRCAQAKQWGWTQG
RWPKKSAEFLLHMLKNAESNAELKGLDVDSLVIEHIQVNKAPKMRRRTYRAHGRINPYMSSPCHIEMILTEKE
;
P
22 'polypeptide(L)'
;GVDIRHNKDRKVRRKEPKSQDIYLRLLVKLYRFLARRTNSTFNQVVLKRLFMSRTNRPPLSLSRMIRKMKLPGRENKTAV
VVGTVTDDVRVQEVPKLKVCALRVTSRARSRILKAGGKILTFDQLALDSPKGRGTVLLSGPRKGREVYRHFGKAPGTPHS
HTKPYVRSKGRKFERARGRRASRGYKN
;
Q
23 'polypeptide(L)'
;SMLRLQKRLASSVLRCGKKKVWLDPNETNEIANANSRQQIRKLIKDGLIIRKPVTVHSRARCRKNTLARRKGRHMGIGKR
KGTANARMPEKVTWMRRMRILRRLLRRYRESKKIDRHMYHSLYLKVKGNVFKNKRILMEHIHKLKADKARKKLLADQAEA
RRSKTKEARKRREERLQAKK
;
R
24 'polypeptide(L)'
;MKASGTLREYKVVGRCLPTPKCRTPPLYRMRIFAPNHVVAKSRFWYFVSQLKKMKKSSGEIVYCGQVFEKSPLRVKNFGI
WLRYDSRSGTHNMYREYRDLTTAGAVTQCYRDMGARHRARAHSIQIMKVEEIAASKCRRPAVKQFHDSKIKFPLPHRVLR
RQHKPRFTTKRPNTFF
;
S
25 'polypeptide(L)'
;TNTKGKRRGTRYMFSRPFRKHGVVPLATYMRIYKKGDIVDIKGMGTVQKGMPHKCYHGKTGRVYNVTQHAVGIVVNKQVK
GKILAKRINVRIEHIKHSKSRDSFLKRVKENDQKKKEAKEKGTWVQLKRQPAPPREAHFVRTNGKEPELLEPIPYEFMA
;
T
26 'polypeptide(L)'
;LLKFTLDCTHPVEDGIMDAANFEQFLQERIKVNGKAGNLGGGVVSLERSKSKITVTSEVPFSKRYLKYLTKKYLKKNNLR
DWLRVVANTKESYELRYF
;
U
27 'polypeptide(L)'
;GAKFRISLGLPVGAVINCADNTGAKNLYIISVKGIKGRLNRLPAAGVGDMVMATVKKGKPELRKKVHPAVVIRQRKSYRR
KDGVFLYFEDNAGVIVNNKGEMKGSAITGPVAKECADLWPRIASNAGSIA
;
V
28 'polypeptide(L)'
;KVELCSFSGYKIYPGHGRRYARTDGKVFQFLNAKCESAFLSKRNPRQINWTVLYRRKHKKGQSEEIQKKRTRRAVKFQRA
ITGASLADIMAKRNQ
;
W
29 'polypeptide(L)'
;KIRTSPTFRRPKTLRLRRQPKYPRKSAPRRNKLDHYAIIKFPLTTESAMKKIEDNNTLVFIVDVKANKHQIKQAVKKLYD
IDVAKVNTLIRPDGEKKAYVRLAPDYDALDVANKIGII
;
X
30 'polypeptide(L)'
;MKFNPFVTSDRSKNRKRHFNAPSHIRRKIMSSPLSKELRQKYNVRSMPIRKDDEVQVVRGHYKGQQIGKVVQVYRKKYVI
YIERVQREKANGTTVHVGIHPSKVVITRLKLDKDRKKILERKAKSRQVGKEKGK
;
Y
31 'polypeptide(L)'
;GKFMKPGKVVLVLAGRYSGRKAVIVKNIDDGTSDRPYSHALVAGIDRYPRKVTAAMGKKKIAKRSKIKSFVKVYNYNHLM
PTRYSVDIPLDKTVVNKDVFRDPALKRKARREAKVKFEERYKTGKNKWFFQKLRF
;
Z
32 'polypeptide(L)'
;PSRLRKTRKLRGHVSHGHGRIGKHRKHPGGRGNAGGMHHHRINFDKYHPGYFGKVGMRHYHLKRNQSFCPTVNLDKLWTL
VSEQTRVNAAKNKTGAAPIIDVVRSGYYKVLGKGKLPKQPVIVKAKFFSRRAEEKIKGVGGACVLVA
;
a
33 'polypeptide(L)'
;AKSKNHTTHNQSRKWHRNGIKKPRSQRYESLKGVDPKFLRNMRFAKKHNKKGLKKMQANNAKAMAARAEAIKALVKPKEV
KPTIPKGVSRKLHRLAYIAHPKLGRRARARIARGLR
;
b
34 'polypeptide(L)'
;SINSRLQLVMKSGKYVLGYKQSLKMIRQGKAKLVILANNCPALRKSEIEYYAMLAKTGVHHYSGNNIELGTACGKYYRVC
TLSIIDPGDSDIIRS
;
c
35 'polypeptide(L)'
;NEVVTREYTINIHKRIHGVGFKKRAPRALKEIRKFAMKEMGTPDVRIDTRLNKAVWAKGIRNVPYRIRVRLSRKRNEDED
SPNKLYTLVTYVPVTTFKNLQTVNVDE
;
d
36 'polypeptide(L)'
;AALRPLVKPKIVKKRTKKFIRHQSDRYVKIKRNWRKPRGIDNRVRRRFKGQILMPNIGYGSNKKTKHMLPSGFRKFLVHN
VKELEVLLMCNKSYCAEIAHNVSSKNRKAIVERAAQLAIRVTNPNARL
;
e
37 'polypeptide(L)'
;SGRLWCKAIFAGYKRGLRNQREHTALLKIEGVYARDETEFYLGKRCAYVYKAKNNTVTPGGKPNKTRVIWGKVTRAHGNS
GMVRAKFRSNLPAKAIGHRIRVMLYPSRI
;
f
38 'polypeptide(L)'
;VQRLTYRRRLSYNTASNKTRLSRTPGNRIVYLYTKKVGKAPKSACGVCPGRLRGVRAVRPKVLMRLSKTKKHVSRAYGGS
MCAKCVRDRIKRAFLIEEQKIVVKVLKAQAQSQK
;
g
39 'polypeptide(L)'
;AKIKARDLRGKKKEELLKQLDDLKVELSQLRVAKVTGGAASKLSKIRVVRKSIARVLTVINQTQKENLRKFYKGKKYKPL
DLRPKKTRAMRRRLNKHEESLKTKKQQRKERLYPLRKYAVKA
;
h
40 'polypeptide(L)'
;ALRYPMAVGLNKGHKVTKNVSKPRHSRRRGRLTKHTKFVRDMIREVCGFAPYERRAMELLKVSKDKRALKFIKKRVGTHI
RAKRKREELSSVLAAMRKAAAK
;
i
41 'polypeptide(L)'
;TKGTSSFGKRRNKTHTLCRRCGSKAYHLQKSTCGKCGYPAKRKRKYNWSAKAKRRNTTGTGRMRHLKIVYRRFRHGFREG
TTPKPK
;
j
42 'polypeptide(L)' PRKIEEIKDFLLTARRKDAKSVKIKKNKDNVKFKVRCSRYLYTLVITDKEKAEKLKQSLPPGLAVKELK k
43 'polypeptide(L)' SSHKTFRIKRFLAKKQKQNRPIPQWIWMKTGNKIRYNSKRRHWRRTKLGL l
44 'polypeptide(L)' IIEPSLRQLAQKYNCDKMICR(MLZ)CYARLHPRAVNCRKKKCGHTNNLRPKKKV m
45 'polypeptide(L)' MRAKWRKKRMRRLKRKRRKMRQRSK n
46 'polypeptide(L)'
;VNVPKTRRTFCKKCGKHQPHKVTQYKKGKDSLYAQGKRRYDRKQSGYGGQTKPIFRKKAKTTKKIVLRLECVEPNCRSKR
MLAIKRCKHFELGGDKKRKGQVI
;
o
47 'polypeptide(L)'
;AKRTKKVGIVGKYGTRYGASLRKMVKKIEISQHAKYTCSFCGKTKMKRRAVGIWHCGSCMKTVAGGAWTYNTTSAVTVKS
AIRRLKELKDQ
;
p
48 'polypeptide(L)'
;SAHLQWMVVRNCSSFLIKRNKQTYSTEPNNLKARNSFRYNGLIHRKTVGVEPAADGKGVVVVMKRRSGQRKPATSYVRTT
INKNARATLSSIRHMIRKNKYHPDLRMAAIRRASAILRSQKPVM
;
r
49 'polypeptide(L)'
;SGALDVLQMKEEDVLKFLAAGTHLGGTNLDFQMEQYIYKRKSDGIYIINLKRTWEKLLLAARAIVAIENPADVSVISSRN
TGQRAVLKFAAATGATPIAGRFTPGTFTNQIQTAFREPRLLVVTDPRADHQPLTEASYVNLPTIALCNTDSPLRYVDIAI
PCNNKGAHSVGLMWWMLAREVLRMRGTISREHPWEVMPDLYFYRDPEEIEKEEQAAA
;
AA
50 'polypeptide(L)'
;DPFSKKDWYDVKAPAMFNIRNIGKTLVTRTQGTKIASDGLKGRVFEVSLADLQNDEVAFRKFKLITEDVQGKNCLTNFHG
MDLTRDKMCSMVKKWQTMIEAHVDVKTTDGYLLRLFCVGFTKKRNNQIRKTSYAQHQQVRQIRKKMMEIMTREVQTNDLK
EVVNKLIPDSIGKDIEKACQSIYPLHDVFVRKVKMLKKPKFELGKLMELHG
;
BB
51 'polypeptide(L)'
;KEWLPVTKLGRLVKDMKIKSLEEIYLFSLPIKESEIIDFFLGASLKDEVLKIMPVQKQTRAGQRTRFKAFVAIGDYNGHV
GLGVKCSKEVATAIRGAIILAKLSIVPVRRGYWGNKIGKPHTVPCKVTGRCGSVLVRLIPAPRGTGIVSAPVPKKLLMMA
GIDDCYTSARGCTATLGNFAKATFDAISKTYSYLTPDLWKETVFTKSPYQEFTDHLVKTHT
;
CC
52 'polypeptide(L)'
;AVQISKKRKFVADGIFKAELNEFLTRELAEDGYSGVEVRVTPTRTEIIILATRTQNVLGEKGRRIRELTAVVQKRFGFPE
GSVELYAEKVATRGLCAIAQAESLRYKLLGGLAVRRACYGVLRFIMESGAKGCEVVVSGKLRGQRAKSMKFVDGLMIHSG
DPVNYYVDTAVRHVLLRQGVLGIKVKIMLPWDPSGKIGPKKPLPDHVSIVEPKDEILPTTPISEQKG
;
DD
53 'polypeptide(L)'
;ARGPKKHLKRVAAPKHWMLDKLTGVFAPRPSTGPHKLRECLPLIIFLRNRLKYALTGDEVKKICMQRFIKIDGKVRTDIT
YPAGFMDVISIDKTGENFRLIYDTKGRFAVHRITPEEAKYKLCKVRKIFVGTKGIPHLVTHDARTIRYPDPLIKVNDTIQ
IDLETGKITDFIKFDTGNLCMVTGGANLGRIGVITNRERHPGSFDVVHVKDANGNSFATRLSNIFVIGKGNKPWISLPRG
KGIRLTIAEERDKRLAAKQSSG
;
EE
54 'polypeptide(L)'
;TPDIKLFGKWSTDDVQINDISLQDYIAVKEKYAKYLPHSAGRYAAKRFRKAQCPIVERLTNSMMMHGRNNGKKLMTVRIV
KHAFEIIHLLTGENPLQVLVNAIINSGPREDSTRIGRAGTVRRQAVDVSPLRRVNQAIWLLCTGAREAAFRNIKTIAECL
ADELINAAKGSSNSYAIKKKDELERVAKSNR
;
FF
55 'polypeptide(L)'
;MKLNISFPATGCQKLIEVDDERKLRTFYEKRMATEVAADALGEEWKGYVVRISGGNDKQGFPMKQGVLTHGRVRLLLSKG
HSCYRPRRTGERKRKSVRGCIVDANLSVLNLVIVKKGEKDIPGLTDTTVPRRLGPKRASRIRKLFNLSKEDDVRQYVVRK
PLNKEGKKPRTKAPKIQRLVTPRVLQHKRRRIALKKQRTKKNKEEAAEYAKLLAKRMKEAKEKRQEQIAKRRRLSSL
;
GG
56 'polypeptide(L)'
;AKIVKPNGEKPDEFESGISQALLELEMNSDLKAQLRELNITAAKEIEVGGGRKAIIIFVPVPQLKSFQKIQVRLVRELEK
KFSGKHVVFIAQRRILPKPTRKSRTKNKQKRPRSRTLTAVHDAILEDLVFPSEIVGKRIRVKLDGSRLIKVHLDKAQQNN
VEHKVETFSGVYKKLTGKDVNFEFPEFQL
;
HH
57 'polypeptide(L)'
;GISRDNWHKRRKTGGKRKPYHKKRKYELGRPAANTKIGPRRIHTVRVRGGNKKYRALRLDVGNFSWGSECCTRKTRIIDV
VYNASNNELVRTKTLVKNCIVLIDSTPYRQWYESHYALPLGRKKGAKLTPEEEEILNKKRSKKIQKKYDERKKNAKISSL
LEEQFQQGKLLACIASRPGQCGRADGYVLEGKELEFYLRKIKARKG
;
II
58 'polypeptide(L)'
;PVARSWVCRKTYVTPRRPFEKSRLDQELKLIGEYGLRNKREVWRVKFTLAKIRKAARELLTLDEKDPRRLFEGNALLRRL
VRIGVLDEGKMKLDYILGLKIEDFLERRLQTQVFKLGLAKSIHHARVLIRQRHIRVRKQVVNIPSFIVRLDSQKHIDFSL
RSPYGGGRPGRVKRKNAKKGQGGAG
;
JJ
59 'polypeptide(L)'
;MLMPKKNRIAIYELLFKEGVMVAKKDVHMPKHPELADKNVPNLHVMKAMQSLKSRGYVKEQFAWRHFYWYLTNEGIQYLR
DYLHLPPEIVPATLRR
;
KK
60 'polypeptide(L)'
;DIQTERAYQKQPTIFQNKKRVLLGETGKEKLPRYYKNIGLGFKTPKEAIEGTYIDKKCPFTGNVSIRGRILSGVVTKMKM
QRTIVIRRDYLHYIRKYNRFEKRHKNMSVHLSPCFRDVQIGDIVTVGECRPLSKTVRFNVLKVTKAAGTKK
;
LL
61 'polypeptide(L)'
;GRMHAPGKGLSQSALPYRRSVPTWLKLTSDDVKEQIYKLAKKGLTPSQIGVILRDSHGVAQVRFVTGNKILRILKSKGLA
PDLPEDLYHLIKKAVAVRKHLERNRKDKDAKFRLILIESRIHRLARYYKTKRVLPPNWKYESSTASALV
;
NN
62 'polypeptide(L)'
;SLGPQVAEGENVFGVCHIFASFNDTFVHVTDLSGKETICRVTGGMKVKADRDESSPYAAMLAAQDVAQRCKELGITALHI
KLRATGGNRTKTPGPGAQSALRALARSGMKIGRIEDVTPIPSDSTRRKGGRRGRRL
;
OO
63 'polypeptide(L)'
;FRKFTYRGVDLDQLLDMSYEQLMQLYSARQRRRLSRGLRRKQHSLLKRLRKAKKEAPPMEKPEVVKTHLRDMIILPEMVG
SMVGVYNGKTFNQVEIKPEMIGHYLGEFSITYKPVKHGRP
;
PP
64 'polypeptide(L)'
;GPLQSVQVFGRKKTATAVAHCKRGNGLIKVNGRPLEMIEPRTLQYKLLEPVLLLGKERFAGVDIRVRVKGGGHVAQIYAI
RQSISKALVAYYQKYVDEASKKEIKDILIQYDRTLLVADPRRCESKKFGGPGARARYQKSYR
;
QQ
65 'polypeptide(L)'
;GRVRTKTVKKAARVIIEKYYTRLGNDFHTNKRVCEEIAIIPSKKLRNKIAGYVTHLMKRIQRGPVRGISIKLQEEERERR
DNYVPEVSALDQEIIEVDPDTKEMLKLLDFGSLSNLQVTQPTVGMNFKTPRG
;
RR
66 'polypeptide(L)'
;SLVIPEKFQHILRVLNTNIDGRRKIAFAITAIKGVGRRYAHVVLRKADIDLTKRAGELTEDEVERVITIMQNPRQYKIPD
WFLNRQKDVKDGKYSQVLANGLDNKLREDLERLKKIRAHRGLRHFWGLRVRGQHTKTTGRRGRT
;
SS
67 'polypeptide(L)'
;GVTVKDVNQQEFVRALAAFLKKSGKLKVPEWVDTVKLAKHKELAPYDENWFYTRAASTARHLYLRGGAGVGSMTKIYGGR
QRNGVMPSHFSRGSKSVARRVLQALEGLKMVEKDQDGGRKLTPQGQRDLDRIAGQVAAAKK
;
TT
68 'polypeptide(L)'
;HRIRITLTSRNVKSLEKVCADLIRGAKEKNLKVKGPVRMPTKTLRITTRKTPCGEGSKTWDRFQMRIHKRLIDLHSPSEI
VKQITSISIEPGVEVEVTIA
;
UU
69 'polypeptide(L)'
;MQNDAGEFVDLYVPRKCSASNRIIGAKDHASIQMNVAEVDKVTGRFNGQFKTYAICGAIRRMGESDDSILRLAKADGIVS
KNF
;
VV
70 'polypeptide(L)'
;VRMNVLADALKSINNAEKRGKRQVLIRPCSKVIVRFLTVMMKHGYIGEFEIIDDHRAGKIVVNLTGRLNKCGVISPRFDV
QLKDLEKWQNNLLPSRQFGFIVLTTSAGIMDHEEARRKHTGGKILGFFF
;
WW
71 'polypeptide(L)'
;GKCRGLRTARKLRSHRRDQKWHDKQYKKAHLGTALKANPFGGASHAKGIVLEKVGVEAKQPNSAIRKCVRVQLIKNGKKI
TAFVPNDGCLNFIEENDEVLVAGFGRKGHAVGDIPGVRFKVVKVANVSLLALYKGKKERPR
;
XX
72 'polypeptide(L)'
;TVTIRTRKFMTNRLLQRKQMVIDVLHPGKATVPKTEIREKLAKMYKTTPDVIFVFGFRTHFGGGKTTGFGMIYDSLDYAK
KNEPKHRLARHGLYEKKKTSRKQRKERKNRMKKVRGTAKANVGA
;
YY
73 'polypeptide(L)' RDKLNNLVLFDKATYDKLCKEVPNYKLITPAVVSERLKIRGSLARAALQELLSKGLIKLVSKHRAQVIYTRNTKG ZZ
74 'polypeptide(L)'
;TKKRRNNGRAKKGRGHVQPIRCTNCARCVPKDKAIKKFVIRNIVEAAAVRDISEASVFDAYVLPKLYVKLHYCVSCAIHS
KVVRNRSREARKDRTPPPRFR
;
Aa
75 'polypeptide(L)'
;PLAKDLLHPSPEEEKRKHKKKRLVQSPNSYFMDVKCPGCYKITTVFSHAQTVVLCVGCSTVLCQPTGGKARLTEGCSFRR
KQH
;
Bb
76 'polypeptide(L)' QPIKLARVTKVLGRTGSQGQCTQVRVEFMDDTSRSIIRNVKGPVREGDVLTLLESEREARRL Cc
77 'polypeptide(L)' GHQQLYWSHPRKFGQGSRSCRVCSNRHGLIRKYGLNMCRQCFRQYAKDIGFIKLD Dd
78 'polypeptide(L)' SLARVGKVRGQTLKVAKQEKKKKRTGRAKRRMQYNRRFVNVVPTFGKKKGPNANS Ee
79 'polypeptide(L)'
;TEQMTLRGTLKGHNGWVTQIATTPQFPDMILSASRDKTIIMWKLTRDETNYGIPQRALRGHSHFVSDVVISSDGQFALSG
SWDGTLRLWDLTTGTTTRRFVGHTKDVLSVAFSSDNRQIVSGSRDKTIKLWNTLGVCKYTVQDESHSEWVSCVRFSPNSS
NPIIVSCGWDKLVKVWNLANCKLKTNHIGHTGYLNTVTVSPDGSLCASGGKDGQAMLWDLNEGKHLYTLDGGDIINALCF
SPNRYWLCAATGPSIKIWDLEGKIIVDELKQEVISTSSKAEPPQCTSLAWSADGQTLFAGYTDNLVRVWQVTI
;
Gg
#
loop_
_chem_comp.id
_chem_comp.type
_chem_comp.name
_chem_comp.formula
1MA RNA linking 6-HYDRO-1-METHYLADENOSINE-5'-MONOPHOSPHATE 'C11 H16 N5 O7 P'
2MG RNA linking 2N-METHYLGUANOSINE-5'-MONOPHOSPHATE 'C11 H16 N5 O8 P'
4AC RNA linking N(4)-ACETYLCYTIDINE-5'-MONOPHOSPHATE 'C11 H16 N3 O9 P'
5MC RNA linking 5-METHYLCYTIDINE-5'-MONOPHOSPHATE 'C10 H16 N3 O8 P'
5MU RNA linking '5-METHYLURIDINE 5'-MONOPHOSPHATE' 'C10 H15 N2 O9 P'
6MZ RNA linking N6-METHYLADENOSINE-5'-MONOPHOSPHATE 'C11 H16 N5 O7 P'
7MG RNA linking 7N-METHYL-8-HYDROGUANOSINE-5'-MONOPHOSPHATE 'C11 H18 N5 O8 P'
A RNA linking ADENOSINE-5'-MONOPHOSPHATE 'C10 H14 N5 O7 P'
A2M RNA linking '2'-O-methyladenosine 5'-(dihydrogen phosphate)' 'C11 H16 N5 O7 P'
B8H RNA linking '[(2~{R},3~{S},4~{R},5~{S})-5-[1-methyl-2,4-bis(oxidanylidene)pyrimidin-5-yl]-3,4-bis(oxidanyl)oxolan-2-yl]methyl dihydrogen phosphate' 'C10 H15 N2 O9 P'
B8K RNA linking '7-acetyl, guanosine-5'-monophosphate' 'C12 H18 N5 O9 P'
B8N RNA linking '(2~{R})-2-azanyl-4-[5-[(2~{S},3~{R},4~{S},5~{R})-3,4-bis(oxidanyl)-5-(phosphonooxymethyl)oxolan-2-yl]-3-methyl-2,6-bis(oxidanylidene)pyrimidin-1-yl]butanoic acid' 'C14 H22 N3 O11 P'
B8Q RNA linking '3-methyl, cytidine-5'-monophosphate' 'C10 H18 N3 O8 P'
B8T RNA linking '4-methyl, cytidine-5'-monophosphate' 'C10 H16 N3 O8 P'
B8W RNA linking '6-methyl, guanosine-5'-monophosphate' 'C11 H16 N5 O8 P'
B9B RNA linking '6-propyl, guanosine-5'-monophosphate' 'C13 H20 N5 O8 P'
B9H RNA linking '2'-methyl, 3-propyl, cytidine-5'-monophosphate' 'C13 H24 N3 O8 P'
BGH RNA linking '[(2~{R},3~{R},4~{R},5~{R})-5-(2-azanyl-7-ethanoyl-6-oxidanylidene-1,8-dihydropurin-9-yl)-4-methoxy-3-oxidanyl-oxolan-2-yl]methyl dihydrogen phosphate' 'C13 H20 N5 O9 P'
C RNA linking CYTIDINE-5'-MONOPHOSPHATE 'C9 H14 N3 O8 P'
E6G RNA linking '6-ethyl, guanosine-5'-monophosphate' 'C12 H18 N5 O8 P'
E7G RNA linking '7-ethyl, guanosine-5'-monophosphate' 'C12 H20 N5 O8 P'
G RNA linking GUANOSINE-5'-MONOPHOSPHATE 'C10 H14 N5 O8 P'
I4U RNA linking '4-isopropyl, uridine-5'-monophosphate' 'C12 H19 N2 O9 P'
M7A RNA linking '7-methyl, adenosine-5'-monophosphate' 'C11 H18 N5 O7 P'
MA6 RNA linking 6N-DIMETHYLADENOSINE-5'-MONOPHOSHATE 'C12 H18 N5 O7 P'
MG non-polymer 'MAGNESIUM ION' 'Mg 2'
MHG RNA linking '2-methyl, 7-(3-methyl-pentane), guanosine-5'-monophosphate' 'C17 H30 N5 O8 P'
MMX RNA linking '3-ethyl-3,4,5,6-tetrahydrocytidine 5'-(dihydrogen phosphate)' 'C11 H22 N3 O8 P'
MQ6 non-polymer Harringtonine 'C28 H37 N O9'
N RNA linking 'ANY 5'-MONOPHOSPHATE NUCLEOTIDE' 'C5 H11 O7 P'
OMC RNA linking O2'-METHYLYCYTIDINE-5'-MONOPHOSPHATE 'C10 H16 N3 O8 P'
OMG RNA linking O2'-METHYLGUANOSINE-5'-MONOPHOSPHATE 'C11 H16 N5 O8 P'
OMU RNA linking 'O2'-METHYLURIDINE 5'-MONOPHOSPHATE' 'C10 H15 N2 O9 P'
P4U RNA linking '4-propyl, uridine-5'-monophosphate' 'C12 H19 N2 O9 P'
P7G RNA linking '7-propyl, guanosine-5'-monophosphate' 'C13 H22 N5 O8 P'
PSU RNA linking PSEUDOURIDINE-5'-MONOPHOSPHATE 'C9 H13 N2 O9 P'
T6A RNA linking N-[N-(9-B-D-RIBOFURANOSYLPURIN-6-YL)CARBAMOYL]THREONINE-5'-MONOPHOSPHATE 'C15 H21 N6 O11 P'
U RNA linking URIDINE-5'-MONOPHOSPHATE 'C9 H13 N2 O9 P'
UR3 RNA linking 3-METHYLURIDINE-5'-MONOPHOSHATE 'C10 H15 N2 O9 P'
ZN non-polymer 'ZINC ION' 'Zn 2'
#
# COMPACT_ATOMS: atom_id res chain seq x y z
P T6A A 37 -4.53 49.23 -3.16
OP1 T6A A 37 -5.42 48.54 -4.18
OP2 T6A A 37 -4.95 50.55 -2.56
O5' T6A A 37 -4.24 48.21 -1.95
C5' T6A A 37 -4.50 46.81 -2.07
C4' T6A A 37 -3.59 45.94 -1.21
O4' T6A A 37 -2.32 46.55 -0.96
C3' T6A A 37 -4.19 45.65 0.16
O3' T6A A 37 -5.06 44.51 0.18
C2' T6A A 37 -2.96 45.45 1.02
O2' T6A A 37 -2.48 44.11 1.00
C1' T6A A 37 -1.93 46.38 0.41
N9 T6A A 37 -1.98 47.65 1.18
C8 T6A A 37 -2.32 48.86 0.70
N7 T6A A 37 -2.30 49.80 1.68
C5 T6A A 37 -1.93 49.17 2.82
C6 T6A A 37 -1.73 49.59 4.21
N6 T6A A 37 -1.88 50.89 4.52
N1 T6A A 37 -1.35 48.63 5.08
C2 T6A A 37 -1.18 47.35 4.72
N3 T6A A 37 -1.36 46.91 3.47
C4 T6A A 37 -1.74 47.77 2.48
C10 T6A A 37 -2.03 51.45 5.74
O10 T6A A 37 -2.34 52.62 5.78
N11 T6A A 37 -1.92 50.74 6.86
C12 T6A A 37 -0.76 50.60 7.72
C13 T6A A 37 -0.71 49.22 8.34
ODA T6A A 37 -1.70 48.45 8.26
ODB T6A A 37 0.33 48.87 8.92
C14 T6A A 37 -0.74 51.71 8.79
O14 T6A A 37 0.53 51.70 9.46
C15 T6A A 37 -1.86 51.54 9.81
C2 B9B C 231 -51.51 -111.94 10.67
C5 B9B C 231 -50.49 -109.49 10.34
C6 B9B C 231 -51.24 -110.08 9.36
C8 B9B C 231 -49.29 -108.21 11.57
C1' B9B C 231 -48.99 -109.58 13.59
C2' B9B C 231 -48.02 -110.77 13.65
C3' B9B C 231 -46.66 -110.08 13.60
C4 B9B C 231 -50.25 -110.14 11.47
C4' B9B C 231 -46.91 -108.77 14.32
C5' B9B C 231 -46.02 -107.62 13.91
N1 B9B C 231 -51.75 -111.28 9.51
N2 B9B C 231 -52.11 -113.27 10.76
N3 B9B C 231 -50.77 -111.37 11.65
N7 B9B C 231 -49.88 -108.30 10.39
N9 B9B C 231 -49.51 -109.35 12.24
O2' B9B C 231 -48.19 -111.42 14.90
O3' B9B C 231 -45.63 -110.82 14.22
O4' B9B C 231 -48.29 -108.44 14.00
O5' B9B C 231 -46.78 -106.45 13.67
O6 B9B C 231 -51.76 -109.88 8.09
OP1 B9B C 231 -45.09 -105.04 12.49
OP2 B9B C 231 -46.96 -106.25 11.17
P B9B C 231 -46.51 -105.53 12.41
C61 B9B C 231 -50.79 -109.47 7.16
C62 B9B C 231 -51.40 -108.51 6.16
C63 B9B C 231 -51.61 -107.16 6.84
P OMG C 367 -15.87 -56.81 23.67
OP1 OMG C 367 -16.88 -56.93 24.76
OP2 OMG C 367 -15.07 -58.02 23.26
O5' OMG C 367 -16.60 -56.23 22.38
C5' OMG C 367 -16.98 -57.08 21.31
C4' OMG C 367 -16.39 -56.59 20.01
O4' OMG C 367 -14.94 -56.65 20.08
C3' OMG C 367 -16.73 -57.39 18.78
O3' OMG C 367 -18.03 -57.13 18.27
C2' OMG C 367 -15.60 -57.00 17.83
O2' OMG C 367 -15.81 -55.72 17.28
CM2 OMG C 367 -14.86 -55.39 16.29
C1' OMG C 367 -14.43 -56.91 18.79
N9 OMG C 367 -13.69 -58.19 18.83
C8 OMG C 367 -13.72 -59.02 19.89
N7 OMG C 367 -12.95 -60.08 19.58
C5 OMG C 367 -12.48 -59.91 18.34
C6 OMG C 367 -11.58 -60.76 17.46
O6 OMG C 367 -11.16 -61.79 17.85
N1 OMG C 367 -11.23 -60.32 16.14
C2 OMG C 367 -11.73 -59.07 15.67
N2 OMG C 367 -11.38 -58.60 14.36
N3 OMG C 367 -12.59 -58.25 16.52
C4 OMG C 367 -12.94 -58.73 17.88
P A2M C 392 -2.08 -92.98 -7.87
OP1 A2M C 392 -3.39 -92.34 -7.47
O5' A2M C 392 -1.98 -93.19 -9.49
C5' A2M C 392 -2.46 -92.21 -10.37
C4' A2M C 392 -1.75 -92.38 -11.70
O4' A2M C 392 -0.29 -93.03 -11.44
C3' A2M C 392 -2.37 -93.27 -12.42
O3' A2M C 392 -3.50 -92.67 -13.19
C2' A2M C 392 -1.26 -93.77 -13.36
O2' A2M C 392 -1.04 -92.88 -14.36
C1' A2M C 392 -0.04 -93.84 -12.44
CM' A2M C 392 -0.02 -93.27 -15.24
N9 A2M C 392 0.15 -95.21 -11.96
C8 A2M C 392 -0.45 -95.58 -10.83
N7 A2M C 392 -0.11 -96.86 -10.63
C5 A2M C 392 0.68 -97.25 -11.65
C6 A2M C 392 1.30 -98.45 -11.93
N6 A2M C 392 1.38 -99.75 -11.31
N1 A2M C 392 2.04 -98.57 -13.01
C2 A2M C 392 2.21 -97.52 -13.85
N3 A2M C 392 1.60 -96.35 -13.58
C4 A2M C 392 0.85 -96.22 -12.48
OP2 A2M C 392 -1.89 -94.29 -7.14
P 2MG C 604 -78.76 -28.90 -79.04
OP1 2MG C 604 -77.63 -28.03 -78.56
OP2 2MG C 604 -79.90 -29.19 -78.11
O5' 2MG C 604 -79.37 -28.24 -80.35
C5' 2MG C 604 -78.52 -27.65 -81.34
C4' 2MG C 604 -79.18 -27.59 -82.69
O4' 2MG C 604 -78.37 -26.76 -83.56
C3' 2MG C 604 -79.32 -28.92 -83.41
O3' 2MG C 604 -80.38 -28.85 -84.35
C2' 2MG C 604 -78.01 -29.00 -84.15
O2' 2MG C 604 -78.01 -29.90 -85.24
C1' 2MG C 604 -77.85 -27.56 -84.61
N9 2MG C 604 -76.48 -27.13 -84.89
C8 2MG C 604 -75.99 -26.48 -85.96
N7 2MG C 604 -74.67 -26.28 -85.77
C5 2MG C 604 -74.35 -26.78 -84.59
C6 2MG C 604 -73.00 -26.84 -83.85
O6 2MG C 604 -72.04 -26.37 -84.36
N1 2MG C 604 -72.92 -27.46 -82.57
C2 2MG C 604 -74.10 -28.02 -81.98
N2 2MG C 604 -73.99 -28.64 -80.68
CM2 2MG C 604 -75.16 -29.21 -80.05
N3 2MG C 604 -75.38 -27.96 -82.69
C4 2MG C 604 -75.47 -27.32 -84.03
P OMG C 876 -35.92 -54.17 -24.89
OP1 OMG C 876 -37.30 -54.76 -24.89
OP2 OMG C 876 -35.59 -52.97 -25.74
O5' OMG C 876 -35.56 -53.80 -23.39
C5' OMG C 876 -35.84 -54.70 -22.34
C4' OMG C 876 -35.17 -54.26 -21.06
O4' OMG C 876 -33.73 -54.26 -21.25
C3' OMG C 876 -35.47 -52.84 -20.62
O3' OMG C 876 -36.72 -52.71 -19.97
C2' OMG C 876 -34.29 -52.55 -19.70
O2' OMG C 876 -34.44 -53.21 -18.45
CM2 OMG C 876 -33.28 -53.16 -17.64
C1' OMG C 876 -33.15 -53.24 -20.46
N9 OMG C 876 -32.43 -52.32 -21.35
C8 OMG C 876 -32.54 -52.39 -22.68
N7 OMG C 876 -31.77 -51.43 -23.21
C5 OMG C 876 -31.18 -50.78 -22.21
C6 OMG C 876 -30.21 -49.60 -22.20
O6 OMG C 876 -29.85 -49.13 -23.21
N1 OMG C 876 -29.73 -49.09 -20.95
C2 OMG C 876 -30.17 -49.68 -19.73
N2 OMG C 876 -29.70 -49.16 -18.48
N3 OMG C 876 -31.11 -50.80 -19.76
C4 OMG C 876 -31.60 -51.33 -21.05
P 1MA C 882 -36.85 -42.64 -28.82
OP1 1MA C 882 -37.66 -43.59 -29.61
OP2 1MA C 882 -37.20 -42.36 -27.34
O5' 1MA C 882 -35.34 -43.13 -28.88
C5' 1MA C 882 -34.68 -43.29 -30.12
C4' 1MA C 882 -33.48 -44.21 -30.03
O4' 1MA C 882 -32.39 -43.51 -29.38
C3' 1MA C 882 -33.69 -45.50 -29.22
O3' 1MA C 882 -32.94 -46.54 -29.83
C2' 1MA C 882 -33.04 -45.16 -27.88
O2' 1MA C 882 -32.61 -46.29 -27.15
C1' 1MA C 882 -31.87 -44.31 -28.35
N9 1MA C 882 -31.29 -43.43 -27.33
C8 1MA C 882 -31.96 -43.51 -26.17
N7 1MA C 882 -31.33 -42.65 -25.30
C5 1MA C 882 -30.33 -42.07 -25.94
C6 1MA C 882 -29.29 -41.02 -25.50
N6 1MA C 882 -29.30 -40.56 -24.32
N1 1MA C 882 -28.30 -40.56 -26.44
CM1 1MA C 882 -27.33 -39.61 -26.06
C2 1MA C 882 -28.28 -41.09 -27.79
N3 1MA C 882 -29.28 -42.09 -28.20
C4 1MA C 882 -30.30 -42.55 -27.21
P A2M C 886 -23.43 -40.08 -26.89
OP1 A2M C 886 -24.58 -40.97 -27.25
O5' A2M C 886 -22.75 -40.50 -25.44
C5' A2M C 886 -23.06 -41.73 -24.86
C4' A2M C 886 -23.64 -41.49 -23.48
O4' A2M C 886 -25.19 -41.07 -23.64
C3' A2M C 886 -23.63 -42.58 -22.76
O3' A2M C 886 -22.43 -42.62 -21.87
C2' A2M C 886 -24.88 -42.48 -21.89
O2' A2M C 886 -24.62 -41.71 -20.80
C1' A2M C 886 -25.90 -41.77 -22.81
CM' A2M C 886 -25.75 -41.25 -20.12
N9 A2M C 886 -26.76 -42.71 -23.54
C8 A2M C 886 -26.49 -42.91 -24.82
N7 A2M C 886 -27.41 -43.78 -25.25
C5 A2M C 886 -28.22 -44.09 -24.22
C6 A2M C 886 -29.31 -44.92 -24.13
N6 A2M C 886 -30.04 -45.79 -25.03
N1 A2M C 886 -29.95 -45.05 -22.99
C2 A2M C 886 -29.54 -44.36 -21.90
N3 A2M C 886 -28.47 -43.55 -21.98
C4 A2M C 886 -27.82 -43.41 -23.15
OP2 A2M C 886 -23.87 -38.64 -26.87
C1' P4U C 908 -69.54 -58.07 -4.06
C2 P4U C 908 -68.94 -58.28 -1.57
C2' P4U C 908 -70.30 -59.38 -4.23
C3' P4U C 908 -71.66 -58.87 -4.68
C4 P4U C 908 -69.78 -56.57 0.10
C4' P4U C 908 -71.27 -57.73 -5.60
C5 P4U C 908 -70.47 -55.84 -0.99
C5' P4U C 908 -72.35 -56.71 -5.85
C6 P4U C 908 -70.37 -56.36 -2.38
N1 P4U C 908 -69.61 -57.57 -2.67
N3 P4U C 908 -69.02 -57.76 -0.18
O2 P4U C 908 -68.32 -59.27 -1.79
O2' P4U C 908 -69.67 -60.13 -5.26
O3' P4U C 908 -72.46 -59.84 -5.32
O4 P4U C 908 -69.87 -56.08 1.42
O4' P4U C 908 -70.14 -57.12 -4.92
O5' P4U C 908 -71.84 -55.39 -5.83
OP1 P4U C 908 -73.92 -53.98 -5.96
OP2 P4U C 908 -72.75 -54.45 -3.69
P P4U C 908 -72.65 -54.20 -5.16
C41 P4U C 908 -70.99 -55.27 1.64
C42 P4U C 908 -70.91 -54.68 3.05
C43 P4U C 908 -69.64 -53.85 3.17
N1 B8Q C 1012 -103.73 -47.94 -10.24
C2 B8Q C 1012 -102.62 -48.84 -10.43
C5 B8Q C 1012 -102.88 -46.61 -12.17
C1' B8Q C 1012 -104.55 -48.07 -9.02
C2' B8Q C 1012 -103.89 -47.37 -7.82
C3' B8Q C 1012 -104.60 -46.04 -7.81
C4 B8Q C 1012 -102.02 -47.81 -12.61
C4' B8Q C 1012 -106.01 -46.42 -8.22
C5' B8Q C 1012 -106.87 -45.31 -8.79
C6 B8Q C 1012 -104.02 -46.95 -11.21
C31 B8Q C 1012 -100.64 -49.76 -11.71
N3 B8Q C 1012 -101.73 -48.81 -11.59
N4 B8Q C 1012 -100.77 -47.32 -13.14
O2 B8Q C 1012 -102.41 -49.65 -9.60
O2' B8Q C 1012 -104.20 -48.11 -6.65
O3' B8Q C 1012 -104.56 -45.36 -6.58
O4' B8Q C 1012 -105.80 -47.44 -9.24
O5' B8Q C 1012 -106.32 -44.81 -10.01
OP1 B8Q C 1012 -108.44 -43.84 -10.97
OP2 B8Q C 1012 -106.57 -42.32 -9.96
P B8Q C 1012 -106.97 -43.55 -10.73
P 2MG C 1073 -41.37 -49.90 11.63
OP1 2MG C 1073 -41.99 -51.26 11.79
OP2 2MG C 1073 -40.19 -49.52 12.49
O5' 2MG C 1073 -40.92 -49.70 10.11
C5' 2MG C 1073 -40.11 -48.61 9.73
C4' 2MG C 1073 -39.18 -48.97 8.58
O4' 2MG C 1073 -38.30 -50.04 8.99
C3' 2MG C 1073 -39.86 -49.46 7.31
O3' 2MG C 1073 -39.08 -49.11 6.18
C2' 2MG C 1073 -39.88 -50.97 7.48
O2' 2MG C 1073 -39.81 -51.69 6.27
C1' 2MG C 1073 -38.65 -51.25 8.35
N9 2MG C 1073 -38.87 -52.25 9.39
C8 2MG C 1073 -38.58 -52.22 10.70
N7 2MG C 1073 -38.97 -53.39 11.26
C5 2MG C 1073 -39.48 -54.14 10.29
C6 2MG C 1073 -40.07 -55.55 10.33
O6 2MG C 1073 -40.11 -56.14 11.35
N1 2MG C 1073 -40.56 -56.15 9.13
C2 2MG C 1073 -40.50 -55.41 7.90
N2 2MG C 1073 -40.99 -56.00 6.68
CM2 2MG C 1073 -40.91 -55.24 5.45
N3 2MG C 1073 -39.93 -54.06 7.88
C4 2MG C 1073 -39.42 -53.44 9.13
P OMG C 1078 -29.61 -51.01 2.14
OP1 OMG C 1078 -28.69 -51.43 3.25
OP2 OMG C 1078 -31.05 -50.68 2.45
O5' OMG C 1078 -29.00 -49.74 1.42
C5' OMG C 1078 -27.72 -49.80 0.81
C4' OMG C 1078 -27.42 -48.53 0.06
O4' OMG C 1078 -28.40 -48.32 -1.00
C3' OMG C 1078 -27.50 -47.25 0.86
O3' OMG C 1078 -26.36 -47.06 1.68
C2' OMG C 1078 -27.67 -46.19 -0.22
O2' OMG C 1078 -26.42 -45.86 -0.81
CM2 OMG C 1078 -26.42 -44.58 -1.42
C1' OMG C 1078 -28.51 -46.94 -1.26
N9 OMG C 1078 -29.93 -46.55 -1.18
C8 OMG C 1078 -30.80 -47.22 -0.39
N7 OMG C 1078 -32.00 -46.62 -0.52
C5 OMG C 1078 -31.88 -45.61 -1.37
C6 OMG C 1078 -32.87 -44.58 -1.91
O6 OMG C 1078 -34.00 -44.62 -1.55
N1 OMG C 1078 -32.44 -43.58 -2.82
C2 OMG C 1078 -31.08 -43.54 -3.26
N2 OMG C 1078 -30.65 -42.54 -4.18
N3 OMG C 1078 -30.13 -44.52 -2.75
C4 OMG C 1078 -30.58 -45.56 -1.78
P A2M C 1080 -22.80 -42.46 5.09
OP1 A2M C 1080 -21.66 -43.44 5.07
O5' A2M C 1080 -22.24 -40.92 5.21
C5' A2M C 1080 -21.54 -40.42 4.11
C4' A2M C 1080 -21.68 -38.92 4.08
O4' A2M C 1080 -23.10 -38.48 3.46
C3' A2M C 1080 -21.72 -38.46 5.30
O3' A2M C 1080 -20.33 -38.32 5.83
C2' A2M C 1080 -22.41 -37.10 5.13
O2' A2M C 1080 -21.48 -36.13 4.89
C1' A2M C 1080 -23.31 -37.27 3.90
CM' A2M C 1080 -21.68 -34.96 5.63
N9 A2M C 1080 -24.73 -37.12 4.28
C8 A2M C 1080 -25.37 -36.04 3.85
N7 A2M C 1080 -26.61 -36.17 4.35
C5 A2M C 1080 -26.69 -37.30 5.05
C6 A2M C 1080 -27.71 -37.89 5.75
N6 A2M C 1080 -29.10 -37.58 6.03
N1 A2M C 1080 -27.52 -39.04 6.36
C2 A2M C 1080 -26.31 -39.64 6.32
N3 A2M C 1080 -25.30 -39.07 5.64
C4 A2M C 1080 -25.50 -37.90 5.01
OP2 A2M C 1080 -23.81 -42.79 6.16
P A2M C 1090 3.24 -46.59 22.90
OP1 A2M C 1090 2.97 -47.31 24.19
O5' A2M C 1090 2.74 -47.45 21.60
C5' A2M C 1090 2.93 -48.85 21.60
C4' A2M C 1090 4.04 -49.26 20.66
O4' A2M C 1090 4.20 -50.86 20.65
C3' A2M C 1090 3.79 -48.94 19.42
O3' A2M C 1090 5.08 -49.00 18.68
C2' A2M C 1090 2.93 -50.12 18.94
O2' A2M C 1090 2.97 -50.21 17.59
C1' A2M C 1090 3.68 -51.31 19.53
CM' A2M C 1090 2.25 -49.22 16.93
N9 A2M C 1090 2.82 -52.45 19.83
C8 A2M C 1090 1.84 -52.28 20.69
N7 A2M C 1090 1.23 -53.46 20.79
C5 A2M C 1090 1.87 -54.35 20.00
C6 A2M C 1090 1.66 -55.68 19.75
N6 A2M C 1090 0.71 -56.69 20.18
N1 A2M C 1090 2.44 -56.32 18.91
C2 A2M C 1090 3.45 -55.67 18.29
N3 A2M C 1090 3.67 -54.36 18.54
C4 A2M C 1090 2.87 -53.70 19.40
OP2 A2M C 1090 4.71 -46.24 22.78
C2 B9B C 1130 43.83 -21.09 18.92
C5 B9B C 1130 44.98 -23.39 19.68
C6 B9B C 1130 45.57 -22.57 18.75
C8 B9B C 1130 44.39 -24.93 21.08
C1' B9B C 1130 42.24 -24.05 21.90
C2' B9B C 1130 41.56 -25.41 21.87
C3' B9B C 1130 40.86 -25.44 23.22
C4 B9B C 1130 43.81 -23.04 20.22
C4' B9B C 1130 41.83 -24.69 24.12
C5' B9B C 1130 42.79 -25.56 24.89
N1 B9B C 1130 45.01 -21.45 18.36
N2 B9B C 1130 43.28 -19.85 18.44
N3 B9B C 1130 43.23 -21.89 19.84
N7 B9B C 1130 45.34 -24.56 20.22
N9 B9B C 1130 43.45 -23.98 21.08
O2' B9B C 1130 40.70 -25.55 20.75
O3' B9B C 1130 39.64 -24.73 23.14
O4' B9B C 1130 42.60 -23.81 23.24
O5' B9B C 1130 43.76 -26.18 24.05
O6 B9B C 1130 46.68 -22.44 17.93
OP1 B9B C 1130 45.53 -26.94 25.63
OP2 B9B C 1130 46.09 -26.42 23.14
P B9B C 1130 45.30 -26.13 24.39
C61 B9B C 1130 46.99 -23.59 17.20
C62 B9B C 1130 48.11 -23.31 16.21
C63 B9B C 1130 49.43 -23.80 16.80
N1 PSU C 1138 30.63 -37.06 9.58
C2 PSU C 1138 30.87 -37.49 10.87
N3 PSU C 1138 31.67 -38.58 11.09
C4 PSU C 1138 32.23 -39.26 10.03
C5 PSU C 1138 31.97 -38.82 8.73
C6 PSU C 1138 31.17 -37.72 8.53
O2 PSU C 1138 30.38 -36.88 11.82
O4 PSU C 1138 32.93 -40.24 10.24
C1' PSU C 1138 32.57 -39.54 7.55
C2' PSU C 1138 31.93 -40.91 7.37
O2' PSU C 1138 32.91 -41.78 6.80
C3' PSU C 1138 30.85 -40.61 6.34
C4' PSU C 1138 31.51 -39.56 5.46
O3' PSU C 1138 30.42 -41.75 5.60
O4' PSU C 1138 32.31 -38.79 6.39
C5' PSU C 1138 30.57 -38.65 4.71
O5' PSU C 1138 31.28 -37.69 3.95
P PSU C 1138 30.51 -36.52 3.20
OP1 PSU C 1138 29.86 -37.00 1.97
OP2 PSU C 1138 29.68 -35.82 4.20
P 7MG C 1161 24.14 -44.14 -5.60
OP1 7MG C 1161 25.44 -44.87 -5.49
OP2 7MG C 1161 23.30 -43.91 -4.36
O5' 7MG C 1161 24.40 -42.73 -6.28
C5' 7MG C 1161 25.26 -42.62 -7.40
C4' 7MG C 1161 24.93 -41.42 -8.25
O4' 7MG C 1161 23.51 -41.43 -8.58
C3' 7MG C 1161 25.13 -40.06 -7.60
O3' 7MG C 1161 26.49 -39.66 -7.61
C2' 7MG C 1161 24.21 -39.17 -8.41
O2' 7MG C 1161 24.81 -38.84 -9.66
C1' 7MG C 1161 23.04 -40.10 -8.66
N9 7MG C 1161 21.95 -39.93 -7.68
C8 7MG C 1161 21.66 -40.83 -6.52
N7 7MG C 1161 20.46 -40.26 -5.81
C5 7MG C 1161 20.09 -39.07 -6.52
C6 7MG C 1161 18.97 -38.08 -6.28
O6 7MG C 1161 18.22 -38.22 -5.37
N1 7MG C 1161 18.80 -36.94 -7.15
C2 7MG C 1161 19.71 -36.76 -8.28
N2 7MG C 1161 19.54 -35.63 -9.17
N3 7MG C 1161 20.80 -37.72 -8.52
C4 7MG C 1161 20.97 -38.88 -7.64
CM7 7MG C 1161 19.84 -40.82 -4.62
P OMG C 1181 -15.98 -36.86 21.97
OP1 OMG C 1181 -16.54 -38.08 22.66
OP2 OMG C 1181 -16.68 -36.32 20.76
O5' OMG C 1181 -15.87 -35.69 23.04
C5' OMG C 1181 -16.39 -34.40 22.76
C4' OMG C 1181 -15.30 -33.37 22.60
O4' OMG C 1181 -14.82 -33.42 21.23
C3' OMG C 1181 -15.73 -31.93 22.83
O3' OMG C 1181 -14.60 -31.17 23.21
C2' OMG C 1181 -16.19 -31.52 21.45
O2' OMG C 1181 -16.21 -30.12 21.24
CM2 OMG C 1181 -17.29 -29.46 21.87
C1' OMG C 1181 -15.17 -32.22 20.56
N9 OMG C 1181 -15.68 -32.59 19.24
C8 OMG C 1181 -15.73 -33.87 18.86
N7 OMG C 1181 -16.24 -33.91 17.61
C5 OMG C 1181 -16.51 -32.67 17.24
C6 OMG C 1181 -17.10 -32.09 15.95
O6 OMG C 1181 -17.39 -32.82 15.08
N1 OMG C 1181 -17.28 -30.68 15.81
C2 OMG C 1181 -16.92 -29.82 16.89
N2 OMG C 1181 -17.10 -28.40 16.76
N3 OMG C 1181 -16.36 -30.37 18.12
C4 OMG C 1181 -16.16 -31.84 18.25
C1' I4U C 1215 -39.06 -54.98 -9.89
C2 I4U C 1215 -40.31 -52.77 -9.61
C2' I4U C 1215 -40.15 -55.92 -10.41
C3' I4U C 1215 -39.50 -56.49 -11.65
C4 I4U C 1215 -39.75 -50.76 -11.06
C4' I4U C 1215 -38.04 -56.57 -11.26
C5 I4U C 1215 -38.71 -51.57 -11.76
C5' I4U C 1215 -37.05 -56.56 -12.39
C6 I4U C 1215 -38.48 -52.99 -11.36
N1 I4U C 1215 -39.28 -53.58 -10.29
N3 I4U C 1215 -40.52 -51.35 -10.01
O2 I4U C 1215 -40.95 -53.23 -8.74
O2' I4U C 1215 -40.37 -56.93 -9.44
O3' I4U C 1215 -40.03 -57.74 -12.06
O4 I4U C 1215 -39.98 -49.44 -11.42
O4' I4U C 1215 -37.83 -55.42 -10.42
O5' I4U C 1215 -37.13 -55.33 -13.11
OP1 I4U C 1215 -35.90 -56.13 -15.12
OP2 I4U C 1215 -36.44 -53.61 -14.78
P I4U C 1215 -36.05 -54.94 -14.20
C41 I4U C 1215 -39.13 -48.92 -12.42
C42 I4U C 1215 -38.18 -47.90 -11.80
C43 I4U C 1215 -39.99 -48.20 -13.45
N1 PSU C 1233 -44.35 -21.32 -3.48
C2 PSU C 1233 -45.22 -20.76 -4.39
N3 PSU C 1233 -45.70 -21.51 -5.44
C4 PSU C 1233 -45.32 -22.82 -5.57
C5 PSU C 1233 -44.45 -23.38 -4.64
C6 PSU C 1233 -43.97 -22.62 -3.60
O2 PSU C 1233 -45.56 -19.59 -4.27
O4 PSU C 1233 -45.74 -23.50 -6.50
C1' PSU C 1233 -44.03 -24.80 -4.79
C2' PSU C 1233 -42.59 -25.01 -4.34
O2' PSU C 1233 -41.68 -24.70 -5.37
C3' PSU C 1233 -42.61 -26.49 -3.93
C4' PSU C 1233 -44.02 -26.68 -3.39
O3' PSU C 1233 -42.43 -27.30 -5.09
O4' PSU C 1233 -44.82 -25.59 -3.92
C5' PSU C 1233 -44.16 -26.72 -1.89
O5' PSU C 1233 -43.22 -25.88 -1.24
P PSU C 1233 -42.75 -26.23 0.24
OP1 PSU C 1233 -43.81 -26.10 1.26
OP2 PSU C 1233 -42.06 -27.52 0.13
N1 PSU C 1239 -54.92 -32.83 -7.98
C2 PSU C 1239 -54.50 -32.26 -9.16
N3 PSU C 1239 -55.03 -31.08 -9.59
C4 PSU C 1239 -55.99 -30.44 -8.82
C5 PSU C 1239 -56.40 -31.01 -7.64
C6 PSU C 1239 -55.85 -32.22 -7.22
O2 PSU C 1239 -53.64 -32.82 -9.85
O4 PSU C 1239 -56.47 -29.38 -9.20
C1' PSU C 1239 -57.45 -30.33 -6.81
C2' PSU C 1239 -58.84 -30.64 -7.37
O2' PSU C 1239 -59.68 -29.52 -7.13
C3' PSU C 1239 -59.24 -31.81 -6.47
C4' PSU C 1239 -58.68 -31.39 -5.12
O3' PSU C 1239 -60.64 -32.06 -6.45
O4' PSU C 1239 -57.42 -30.77 -5.47
C5' PSU C 1239 -58.46 -32.49 -4.13
O5' PSU C 1239 -57.60 -33.49 -4.65
P PSU C 1239 -57.20 -34.76 -3.78
OP1 PSU C 1239 -58.42 -35.14 -3.03
OP2 PSU C 1239 -56.54 -35.75 -4.66
C1' E7G C 1330 -67.47 -17.14 -35.81
C2 E7G C 1330 -70.16 -14.08 -33.44
C2' E7G C 1330 -67.63 -17.87 -34.48
C3' E7G C 1330 -67.87 -19.30 -34.93
C4 E7G C 1330 -69.49 -15.54 -35.43
C4' E7G C 1330 -66.98 -19.40 -36.16
C5 E7G C 1330 -70.65 -15.12 -36.15
C5' E7G C 1330 -67.29 -20.51 -37.13
C6 E7G C 1330 -71.60 -14.12 -35.50
C8 E7G C 1330 -69.46 -16.64 -37.52
N1 E7G C 1330 -71.34 -13.63 -34.17
N2 E7G C 1330 -69.88 -13.58 -32.10
N3 E7G C 1330 -69.23 -15.03 -34.06
N7 E7G C 1330 -70.69 -15.75 -37.45
N9 E7G C 1330 -68.73 -16.48 -36.22
O2' E7G C 1330 -66.40 -17.77 -33.78
O3' E7G C 1330 -67.58 -20.28 -33.95
O4' E7G C 1330 -67.14 -18.11 -36.78
O5' E7G C 1330 -68.05 -20.03 -38.23
O6 E7G C 1330 -72.56 -13.76 -36.08
OP2 E7G C 1330 -69.10 -20.17 -40.50
OP1 E7G C 1330 -67.97 -22.26 -39.39
P E7G C 1330 -68.01 -20.77 -39.64
C71 E7G C 1330 -71.69 -15.58 -38.49
C72 E7G C 1330 -72.65 -16.77 -38.47
N1 B8H C 1393 -49.86 -22.08 -39.39
C2 B8H C 1393 -50.23 -21.90 -38.11
C4 B8H C 1393 -52.12 -20.87 -38.57
C1' B8H C 1393 -52.66 -20.59 -41.44
C2' B8H C 1393 -52.60 -19.07 -41.53
C3' B8H C 1393 -51.44 -18.89 -42.49
C4' B8H C 1393 -51.65 -20.02 -43.48
C5 B8H C 1393 -51.76 -21.07 -40.34
C5' B8H C 1393 -50.41 -20.53 -44.19
C6 B8H C 1393 -50.82 -21.58 -40.65
CN1 B8H C 1393 -48.59 -22.76 -39.67
N3 B8H C 1393 -51.47 -21.22 -37.76
O2 B8H C 1393 -49.50 -22.28 -37.22
O2' B8H C 1393 -53.81 -18.61 -42.11
O3' B8H C 1393 -51.41 -17.60 -43.10
O4 B8H C 1393 -53.12 -20.34 -38.22
O4' B8H C 1393 -52.22 -21.09 -42.68
O5' B8H C 1393 -49.40 -20.89 -43.26
OP1 B8H C 1393 -47.59 -20.87 -44.97
OP2 B8H C 1393 -47.12 -21.72 -42.55
P B8H C 1393 -48.05 -21.59 -43.75
P UR3 C 1399 -32.58 -7.40 -33.12
OP1 UR3 C 1399 -31.13 -6.97 -33.16
OP2 UR3 C 1399 -33.67 -6.38 -32.92
O5' UR3 C 1399 -32.89 -8.22 -34.45
C5' UR3 C 1399 -33.05 -7.55 -35.70
C4' UR3 C 1399 -32.42 -8.34 -36.83
O4' UR3 C 1399 -30.99 -8.41 -36.62
C1' UR3 C 1399 -30.49 -9.61 -37.14
N1 UR3 C 1399 -29.71 -10.29 -36.08
C6 UR3 C 1399 -29.74 -9.76 -34.72
C2 UR3 C 1399 -28.87 -11.47 -36.39
O2 UR3 C 1399 -28.85 -11.90 -37.50
N3 UR3 C 1399 -28.07 -12.13 -35.31
C3U UR3 C 1399 -27.26 -13.29 -35.60
C4 UR3 C 1399 -28.11 -11.61 -33.96
O4 UR3 C 1399 -27.46 -12.14 -33.09
C5 UR3 C 1399 -28.94 -10.41 -33.64
C2' UR3 C 1399 -31.66 -10.44 -37.64
O2' UR3 C 1399 -31.77 -10.24 -39.05
C3' UR3 C 1399 -32.84 -9.81 -36.93
O3' UR3 C 1399 -34.06 -9.97 -37.61
P A2M C 1404 -36.13 -23.22 -27.88
OP1 A2M C 1404 -35.87 -24.27 -26.84
O5' A2M C 1404 -36.81 -21.88 -27.21
C5' A2M C 1404 -36.23 -21.37 -26.04
C4' A2M C 1404 -36.96 -20.12 -25.61
O4' A2M C 1404 -36.65 -18.93 -26.67
C3' A2M C 1404 -38.25 -20.24 -25.69
O3' A2M C 1404 -38.86 -20.92 -24.51
C2' A2M C 1404 -38.69 -18.78 -25.70
O2' A2M C 1404 -38.47 -18.24 -24.49
C1' A2M C 1404 -37.72 -18.18 -26.73
CM' A2M C 1404 -38.85 -16.89 -24.37
N9 A2M C 1404 -38.33 -18.25 -28.07
C8 A2M C 1404 -37.93 -19.19 -28.91
N7 A2M C 1404 -38.65 -19.00 -30.02
C5 A2M C 1404 -39.47 -17.95 -29.83
C6 A2M C 1404 -40.39 -17.34 -30.64
N6 A2M C 1404 -40.89 -17.54 -31.99
N1 A2M C 1404 -41.07 -16.30 -30.21
C2 A2M C 1404 -40.87 -15.83 -28.96
N3 A2M C 1404 -39.96 -16.42 -28.16
C4 A2M C 1404 -39.27 -17.48 -28.60
OP2 A2M C 1404 -36.98 -23.75 -29.00
P OMG C 1416 -43.48 -47.28 -35.23
OP1 OMG C 1416 -42.75 -46.96 -33.96
OP2 OMG C 1416 -43.00 -46.68 -36.53
O5' OMG C 1416 -43.49 -48.85 -35.41
C5' OMG C 1416 -43.42 -49.44 -36.71
C4' OMG C 1416 -44.48 -50.49 -36.91
O4' OMG C 1416 -45.73 -50.07 -36.32
C3' OMG C 1416 -44.84 -50.78 -38.35
O3' OMG C 1416 -43.89 -51.60 -39.01
C2' OMG C 1416 -46.22 -51.39 -38.22
O2' OMG C 1416 -46.15 -52.74 -37.79
CM2 OMG C 1416 -47.07 -53.60 -38.46
C1' OMG C 1416 -46.81 -50.55 -37.09
N9 OMG C 1416 -47.55 -49.40 -37.62
C8 OMG C 1416 -47.33 -48.16 -37.15
N7 OMG C 1416 -48.13 -47.32 -37.83
C5 OMG C 1416 -48.82 -48.04 -38.70
C6 OMG C 1416 -49.87 -47.64 -39.74
O6 OMG C 1416 -50.17 -46.51 -39.84
N1 OMG C 1416 -50.47 -48.64 -40.58
C2 OMG C 1416 -50.08 -50.00 -40.44
N2 OMG C 1416 -50.66 -51.01 -41.27
N3 OMG C 1416 -49.07 -50.37 -39.45
C4 OMG C 1416 -48.45 -49.33 -38.58
C1' P7G C 1442 -45.37 -42.41 -55.61
C2 P7G C 1442 -46.21 -46.38 -57.97
C2' P7G C 1442 -44.09 -42.04 -56.36
C3' P7G C 1442 -44.28 -40.54 -56.49
C4 P7G C 1442 -46.65 -43.98 -57.25
C4' P7G C 1442 -44.89 -40.17 -55.15
C5 P7G C 1442 -47.82 -43.93 -58.07
C5' P7G C 1442 -45.68 -38.89 -55.11
C6 P7G C 1442 -48.20 -45.14 -58.88
C8 P7G C 1442 -47.60 -41.83 -56.98
N1 P7G C 1442 -47.39 -46.33 -58.81
N2 P7G C 1442 -45.39 -47.61 -57.92
N3 P7G C 1442 -45.83 -45.21 -57.18
N7 P7G C 1442 -48.45 -42.63 -57.95
N9 P7G C 1442 -46.47 -42.73 -56.55
O2' P7G C 1442 -42.99 -42.33 -55.52
O3' P7G C 1442 -43.08 -39.83 -56.79
O4' P7G C 1442 -45.75 -41.29 -54.84
O5' P7G C 1442 -46.83 -38.96 -55.95
O6 P7G C 1442 -49.16 -45.14 -59.58
OP1 P7G C 1442 -47.47 -36.55 -55.78
OP2 P7G C 1442 -49.11 -38.32 -56.78
P P7G C 1442 -48.04 -37.95 -55.78
C71 P7G C 1442 -49.66 -42.11 -58.63
C72 P7G C 1442 -50.95 -42.95 -58.32
C73 P7G C 1442 -51.97 -42.67 -59.43
P OMG C 1536 -25.98 -39.94 -56.56
OP1 OMG C 1536 -24.91 -38.90 -56.38
OP2 OMG C 1536 -27.14 -39.65 -57.46
O5' OMG C 1536 -25.28 -41.28 -57.05
C5' OMG C 1536 -24.32 -41.94 -56.25
C4' OMG C 1536 -24.11 -43.35 -56.71
O4' OMG C 1536 -25.33 -44.12 -56.52
C3' OMG C 1536 -23.79 -43.52 -58.19
O3' OMG C 1536 -22.43 -43.31 -58.50
C2' OMG C 1536 -24.27 -44.93 -58.49
O2' OMG C 1536 -23.33 -45.89 -58.07
CM2 OMG C 1536 -23.71 -47.23 -58.37
C1' OMG C 1536 -25.49 -45.03 -57.58
N9 OMG C 1536 -26.75 -44.74 -58.28
C8 OMG C 1536 -27.36 -43.54 -58.18
N7 OMG C 1536 -28.49 -43.59 -58.93
C5 OMG C 1536 -28.56 -44.79 -59.47
C6 OMG C 1536 -29.59 -45.43 -60.39
O6 OMG C 1536 -30.52 -44.82 -60.74
N1 OMG C 1536 -29.41 -46.78 -60.83
C2 OMG C 1536 -28.26 -47.52 -60.40
N2 OMG C 1536 -28.07 -48.87 -60.83
N3 OMG C 1536 -27.29 -46.90 -59.52
C4 OMG C 1536 -27.47 -45.51 -59.07
C1' E7G C 1639 -61.43 -84.78 0.48
C2 E7G C 1639 -60.37 -84.43 -4.12
C2' E7G C 1639 -62.22 -86.05 0.14
C3' E7G C 1639 -61.89 -86.92 1.34
C4 E7G C 1639 -59.88 -84.63 -1.62
C4' E7G C 1639 -61.80 -85.92 2.48
C5 E7G C 1639 -58.47 -84.60 -1.89
C5' E7G C 1639 -60.98 -86.34 3.67
C6 E7G C 1639 -57.99 -84.49 -3.33
C8 E7G C 1639 -58.76 -84.79 0.46
N1 E7G C 1639 -58.94 -84.40 -4.41
N2 E7G C 1639 -61.33 -84.35 -5.22
N3 E7G C 1639 -60.85 -84.54 -2.74
N7 E7G C 1639 -57.74 -84.70 -0.64
N9 E7G C 1639 -60.12 -84.74 -0.21
O2' E7G C 1639 -63.60 -85.72 0.16
O3' E7G C 1639 -62.83 -87.95 1.57
O4' E7G C 1639 -61.23 -84.75 1.87
O5' E7G C 1639 -60.50 -85.22 4.39
O6 E7G C 1639 -56.83 -84.46 -3.56
OP2 E7G C 1639 -58.28 -86.13 5.12
OP1 E7G C 1639 -60.29 -85.92 6.79
P E7G C 1639 -59.51 -85.39 5.61
C71 E7G C 1639 -56.29 -84.71 -0.47
C72 E7G C 1639 -55.92 -85.72 0.60
P A2M C 1705 5.13 -62.14 -23.93
OP1 A2M C 1705 5.94 -61.24 -24.83
O5' A2M C 1705 4.49 -61.23 -22.72
C5' A2M C 1705 4.34 -59.87 -22.95
C4' A2M C 1705 3.98 -59.16 -21.65
O4' A2M C 1705 2.72 -59.90 -20.97
C3' A2M C 1705 4.95 -59.22 -20.78
O3' A2M C 1705 5.85 -58.03 -20.92
C2' A2M C 1705 4.19 -59.08 -19.45
O2' A2M C 1705 3.95 -57.77 -19.22
C1' A2M C 1705 2.88 -59.84 -19.68
CM' A2M C 1705 3.33 -57.50 -18.00
N9 A2M C 1705 2.93 -61.21 -19.15
C8 A2M C 1705 3.02 -62.20 -20.01
N7 A2M C 1705 3.04 -63.31 -19.27
C5 A2M C 1705 2.96 -62.98 -17.98
C6 A2M C 1705 2.92 -63.73 -16.83
N6 A2M C 1705 2.98 -65.14 -16.50
N1 A2M C 1705 2.84 -63.15 -15.66
C2 A2M C 1705 2.76 -61.80 -15.58
N3 A2M C 1705 2.79 -61.05 -16.70
C4 A2M C 1705 2.88 -61.65 -17.89
OP2 A2M C 1705 5.95 -63.29 -23.42
P OMG C 1706 7.44 -58.20 -20.82
OP1 OMG C 1706 8.02 -56.85 -20.50
OP2 OMG C 1706 7.91 -58.94 -22.04
O5' OMG C 1706 7.67 -59.13 -19.55
C5' OMG C 1706 7.85 -58.58 -18.26
C4' OMG C 1706 7.41 -59.54 -17.19
O4' OMG C 1706 6.45 -60.46 -17.76
C3' OMG C 1706 8.47 -60.45 -16.61
O3' OMG C 1706 9.24 -59.81 -15.61
C2' OMG C 1706 7.67 -61.64 -16.08
O2' OMG C 1706 7.18 -61.36 -14.78
CM2 OMG C 1706 6.19 -62.28 -14.32
C1' OMG C 1706 6.48 -61.67 -17.05
N9 OMG C 1706 6.56 -62.78 -18.01
C8 OMG C 1706 6.61 -62.54 -19.35
N7 OMG C 1706 6.65 -63.74 -19.97
C5 OMG C 1706 6.63 -64.69 -19.04
C6 OMG C 1706 6.65 -66.21 -19.12
O6 OMG C 1706 6.71 -66.75 -20.18
N1 OMG C 1706 6.61 -67.00 -17.94
C2 OMG C 1706 6.54 -66.36 -16.67
N2 OMG C 1706 6.50 -67.13 -15.46
N3 OMG C 1706 6.52 -64.90 -16.59
C4 OMG C 1706 6.56 -64.09 -17.82
N1 OMC C 1707 10.36 -65.42 -15.10
C2 OMC C 1707 10.28 -66.84 -15.56
N3 OMC C 1707 10.18 -67.15 -17.01
C4 OMC C 1707 10.16 -66.10 -17.98
C5 OMC C 1707 10.24 -64.68 -17.55
C6 OMC C 1707 10.33 -64.36 -16.10
O2 OMC C 1707 10.30 -67.71 -14.76
N4 OMC C 1707 10.07 -66.41 -19.40
C1' OMC C 1707 10.46 -65.12 -13.66
C2' OMC C 1707 11.92 -65.12 -13.19
O2' OMC C 1707 11.95 -65.56 -11.84
CM2 OMC C 1707 12.50 -66.83 -11.67
C3' OMC C 1707 12.27 -63.65 -13.29
C4' OMC C 1707 10.98 -62.97 -12.87
O4' OMC C 1707 9.94 -63.84 -13.43
O3' OMC C 1707 13.38 -63.27 -12.49
C5' OMC C 1707 10.78 -61.56 -13.36
O5' OMC C 1707 10.93 -61.46 -14.76
P OMC C 1707 10.82 -60.06 -15.50
OP1 OMC C 1707 11.38 -59.02 -14.57
OP2 OMC C 1707 11.38 -60.21 -16.88
C2 B8W C 1722 15.38 -87.64 -9.48
C4 B8W C 1722 16.89 -89.01 -10.67
C5 B8W C 1722 17.37 -89.48 -9.50
C6 B8W C 1722 16.83 -89.01 -8.30
O6 B8W C 1722 17.45 -89.60 -7.09
N3 B8W C 1722 15.90 -88.09 -10.67
N2 B8W C 1722 14.30 -86.64 -9.29
N1 B8W C 1722 15.87 -88.11 -8.30
C8 B8W C 1722 18.46 -90.45 -11.08
C1' B8W C 1722 17.29 -89.35 -13.06
C2' B8W C 1722 17.95 -88.05 -13.55
C3' B8W C 1722 19.25 -88.59 -14.15
C4' B8W C 1722 18.83 -89.92 -14.74
C5' B8W C 1722 19.92 -90.95 -14.88
C61 B8W C 1722 16.50 -89.77 -5.96
N7 B8W C 1722 18.33 -90.37 -9.75
N9 B8W C 1722 17.58 -89.63 -11.65
O2' B8W C 1722 17.13 -87.49 -14.56
O3' B8W C 1722 19.82 -87.72 -15.11
O4' B8W C 1722 17.80 -90.41 -13.84
O5' B8W C 1722 19.58 -92.16 -14.24
OP1 B8W C 1722 21.82 -93.32 -14.02
OP2 B8W C 1722 20.75 -92.01 -12.02
P B8W C 1722 20.56 -92.87 -13.22
P A2M C 1743 29.30 -67.35 16.59
OP1 A2M C 1743 29.27 -68.82 16.93
O5' A2M C 1743 29.21 -66.43 17.94
C5' A2M C 1743 27.95 -66.06 18.46
C4' A2M C 1743 28.17 -65.07 19.60
O4' A2M C 1743 28.89 -63.73 19.06
C3' A2M C 1743 27.02 -64.68 20.07
O3' A2M C 1743 26.54 -65.59 21.16
C2' A2M C 1743 27.32 -63.28 20.63
O2' A2M C 1743 27.96 -63.37 21.82
C1' A2M C 1743 28.28 -62.69 19.57
CM' A2M C 1743 27.67 -62.33 22.70
N9 A2M C 1743 27.48 -62.00 18.55
C8 A2M C 1743 27.35 -62.57 17.36
N7 A2M C 1743 26.59 -61.74 16.64
C5 A2M C 1743 26.27 -60.68 17.40
C6 A2M C 1743 25.53 -59.56 17.14
N6 A2M C 1743 24.79 -59.02 16.01
N1 A2M C 1743 25.36 -58.64 18.08
C2 A2M C 1743 25.92 -58.81 19.29
N3 A2M C 1743 26.66 -59.92 19.55
C4 A2M C 1743 26.83 -60.84 18.60
OP2 A2M C 1743 28.23 -66.99 15.58
N1 OMC C 1764 13.80 -73.30 -12.08
C2 OMC C 1764 15.15 -73.94 -12.09
N3 OMC C 1764 16.16 -73.53 -11.07
C4 OMC C 1764 15.84 -72.53 -10.09
C5 OMC C 1764 14.50 -71.89 -10.08
C6 OMC C 1764 13.49 -72.29 -11.10
O2 OMC C 1764 15.42 -74.77 -12.89
N4 OMC C 1764 16.82 -72.14 -9.09
C1' OMC C 1764 12.77 -73.66 -13.08
C2' OMC C 1764 12.14 -75.03 -12.86
O2' OMC C 1764 11.86 -75.60 -14.13
CM2 OMC C 1764 13.00 -75.95 -14.86
C3' OMC C 1764 10.85 -74.68 -12.13
C4' OMC C 1764 10.48 -73.32 -12.70
O4' OMC C 1764 11.75 -72.69 -13.00
O3' OMC C 1764 9.83 -75.64 -12.34
C5' OMC C 1764 9.68 -72.42 -11.79
O5' OMC C 1764 8.56 -73.10 -11.25
P OMC C 1764 8.01 -72.74 -9.81
OP1 OMC C 1764 6.60 -73.24 -9.75
OP2 OMC C 1764 9.02 -73.23 -8.80
P OMG C 1766 12.48 -82.21 -9.67
OP1 OMG C 1766 11.77 -83.47 -10.09
OP2 OMG C 1766 12.00 -81.46 -8.47
O5' OMG C 1766 14.02 -82.55 -9.50
C5' OMG C 1766 14.46 -83.37 -8.43
C4' OMG C 1766 15.60 -82.75 -7.67
O4' OMG C 1766 15.62 -81.31 -7.91
C3' OMG C 1766 15.54 -82.87 -6.16
O3' OMG C 1766 15.97 -84.12 -5.69
C2' OMG C 1766 16.41 -81.71 -5.69
O2' OMG C 1766 17.78 -82.05 -5.77
CM2 OMG C 1766 18.57 -81.56 -4.70
C1' OMG C 1766 16.12 -80.65 -6.76
N9 OMG C 1766 15.10 -79.68 -6.33
C8 OMG C 1766 13.81 -79.81 -6.68
N7 OMG C 1766 13.13 -78.78 -6.15
C5 OMG C 1766 13.99 -78.02 -5.47
C6 OMG C 1766 13.80 -76.73 -4.67
O6 OMG C 1766 12.72 -76.26 -4.58
N1 OMG C 1766 14.92 -76.12 -4.03
C2 OMG C 1766 16.21 -76.72 -4.15
N2 OMG C 1766 17.34 -76.10 -3.51
N3 OMG C 1766 16.39 -77.95 -4.92
C4 OMG C 1766 15.22 -78.58 -5.58
N1 PSU C 1850 3.77 -48.40 49.12
C2 PSU C 1850 3.42 -47.63 48.03
N3 PSU C 1850 2.65 -48.16 47.02
C4 PSU C 1850 2.20 -49.45 47.11
C5 PSU C 1850 2.55 -50.22 48.21
C6 PSU C 1850 3.34 -49.67 49.21
O2 PSU C 1850 3.81 -46.46 47.95
O4 PSU C 1850 1.51 -49.92 46.22
C1' PSU C 1850 2.08 -51.65 48.31
C2' PSU C 1850 2.88 -52.53 47.35
O2' PSU C 1850 2.02 -53.57 46.89
C3' PSU C 1850 3.94 -53.09 48.29
C4' PSU C 1850 3.17 -53.29 49.58
O3' PSU C 1850 4.54 -54.28 47.82
O4' PSU C 1850 2.27 -52.15 49.62
C5' PSU C 1850 4.00 -53.33 50.84
O5' PSU C 1850 4.75 -52.13 51.01
P PSU C 1850 5.29 -51.71 52.44
OP1 PSU C 1850 6.02 -52.86 53.02
OP2 PSU C 1850 5.98 -50.41 52.29
P 7MG C 1864 41.13 -71.78 29.02
OP1 7MG C 1864 41.87 -71.28 27.80
OP2 7MG C 1864 39.65 -71.52 29.15
O5' 7MG C 1864 41.36 -73.34 29.14
C5' 7MG C 1864 42.65 -73.91 29.00
C4' 7MG C 1864 42.65 -75.38 29.33
O4' 7MG C 1864 42.27 -75.59 30.71
C3' 7MG C 1864 41.66 -76.24 28.55
O3' 7MG C 1864 42.09 -76.57 27.25
C2' 7MG C 1864 41.50 -77.44 29.47
O2' 7MG C 1864 42.63 -78.28 29.39
C1' 7MG C 1864 41.50 -76.76 30.83
N9 7MG C 1864 40.13 -76.39 31.24
C8 7MG C 1864 39.54 -75.01 31.21
N7 7MG C 1864 38.12 -75.12 31.72
C5 7MG C 1864 37.92 -76.51 32.03
C6 7MG C 1864 36.70 -77.23 32.57
O6 7MG C 1864 35.71 -76.64 32.82
N1 7MG C 1864 36.75 -78.65 32.81
C2 7MG C 1864 37.98 -79.40 32.52
N2 7MG C 1864 38.01 -80.84 32.75
N3 7MG C 1864 39.16 -78.71 31.98
C4 7MG C 1864 39.11 -77.26 31.75
CM7 7MG C 1864 37.16 -74.05 31.86
C2 B9B C 2096 30.55 -46.62 74.46
C5 B9B C 2096 32.33 -44.75 75.26
C6 B9B C 2096 32.49 -45.44 74.08
C8 B9B C 2096 32.45 -43.49 76.99
C1' B9B C 2096 30.44 -44.15 78.25
C2' B9B C 2096 31.15 -44.31 79.58
C3' B9B C 2096 30.20 -43.59 80.54
C4 B9B C 2096 31.27 -45.02 76.03
C4' B9B C 2096 29.58 -42.50 79.67
C5' B9B C 2096 30.11 -41.11 79.92
N1 B9B C 2096 31.63 -46.35 73.68
N2 B9B C 2096 29.67 -47.63 73.95
N3 B9B C 2096 30.38 -45.95 75.63
N7 B9B C 2096 33.06 -43.80 75.85
N9 B9B C 2096 31.34 -44.23 77.10
O2' B9B C 2096 31.38 -45.68 79.89
O3' B9B C 2096 29.18 -44.49 80.98
O4' B9B C 2096 29.87 -42.87 78.28
O5' B9B C 2096 31.49 -41.00 79.62
O6 B9B C 2096 33.31 -45.57 72.96
OP1 B9B C 2096 32.02 -38.62 79.03
OP2 B9B C 2096 33.22 -40.60 77.84
P B9B C 2096 31.98 -40.03 78.48
C61 B9B C 2096 34.60 -45.09 73.19
C62 B9B C 2096 35.57 -45.70 72.18
C63 B9B C 2096 37.00 -45.48 72.68
P OMG C 2115 40.97 -74.27 56.40
OP1 OMG C 2115 41.25 -75.30 55.34
OP2 OMG C 2115 40.28 -72.99 56.06
O5' OMG C 2115 40.12 -74.98 57.54
C5' OMG C 2115 40.43 -76.30 57.96
C4' OMG C 2115 39.56 -76.73 59.11
O4' OMG C 2115 39.44 -75.67 60.08
C3' OMG C 2115 38.12 -77.06 58.77
O3' OMG C 2115 37.97 -78.32 58.15
C2' OMG C 2115 37.44 -76.96 60.13
O2' OMG C 2115 37.64 -78.15 60.87
CM2 OMG C 2115 37.25 -78.05 62.24
C1' OMG C 2115 38.23 -75.83 60.80
N9 OMG C 2115 37.50 -74.56 60.81
C8 OMG C 2115 38.01 -73.43 60.28
N7 OMG C 2115 37.10 -72.45 60.45
C5 OMG C 2115 36.05 -72.96 61.09
C6 OMG C 2115 34.73 -72.35 61.57
O6 OMG C 2115 34.52 -71.20 61.37
N1 OMG C 2115 33.77 -73.14 62.25
C2 OMG C 2115 34.05 -74.54 62.47
N2 OMG C 2115 33.09 -75.36 63.15
N3 OMG C 2115 35.30 -75.11 62.03
C4 OMG C 2115 36.30 -74.28 61.31
C2 B9H C 2128 18.51 -62.30 17.57
C4 B9H C 2128 20.20 -63.62 18.86
C5 B9H C 2128 20.74 -64.02 17.53
C6 B9H C 2128 20.63 -63.02 16.44
C32 B9H C 2128 17.70 -61.51 20.52
C1' B9H C 2128 18.93 -61.68 15.15
C2' B9H C 2128 19.69 -60.39 14.84
C3' B9H C 2128 20.62 -60.83 13.70
C31 B9H C 2128 18.07 -62.94 20.04
C33 B9H C 2128 16.91 -61.61 21.83
C4' B9H C 2128 19.81 -61.92 13.00
C5' B9H C 2128 20.61 -62.95 12.25
N1 B9H C 2128 19.39 -62.33 16.39
N3 B9H C 2128 18.90 -62.95 18.86
N4 B9H C 2128 20.06 -64.85 19.66
O2 B9H C 2128 17.48 -61.73 17.48
O2' B9H C 2128 18.76 -59.44 14.36
O3' B9H C 2128 20.94 -59.76 12.83
O4' B9H C 2128 19.11 -62.58 14.08
O5' B9H C 2128 21.54 -63.59 13.10
OP1 B9H C 2128 22.81 -65.02 11.52
OP2 B9H C 2128 22.72 -65.58 14.05
P B9H C 2128 22.05 -65.06 12.81
C21 B9H C 2128 19.11 -58.09 14.55
N1 OMC C 2146 28.96 -55.43 20.15
C2 OMC C 2146 29.07 -56.78 19.51
N3 OMC C 2146 28.53 -56.98 18.14
C4 OMC C 2146 27.89 -55.91 17.44
C5 OMC C 2146 27.77 -54.57 18.06
C6 OMC C 2146 28.32 -54.35 19.42
O2 OMC C 2146 29.59 -57.67 20.09
N4 OMC C 2146 27.36 -56.14 16.10
C1' OMC C 2146 29.48 -55.21 21.51
C2' OMC C 2146 30.98 -54.94 21.51
O2' OMC C 2146 31.53 -55.41 22.73
CM2 OMC C 2146 31.98 -56.73 22.67
C3' OMC C 2146 31.01 -53.42 21.47
C4' OMC C 2146 29.81 -53.03 22.32
O4' OMC C 2146 28.85 -54.08 22.06
O3' OMC C 2146 32.22 -52.86 21.98
C5' OMC C 2146 29.20 -51.70 22.01
O5' OMC C 2146 28.96 -51.53 20.63
P OMC C 2146 28.31 -50.20 20.06
OP1 OMC C 2146 29.09 -49.03 20.62
OP2 OMC C 2146 28.14 -50.33 18.57
N1 OMC C 2203 36.30 -27.94 -11.01
C2 OMC C 2203 35.51 -28.06 -9.75
N3 OMC C 2203 34.46 -29.11 -9.64
C4 OMC C 2203 34.18 -30.00 -10.74
C5 OMC C 2203 34.95 -29.87 -12.00
C6 OMC C 2203 36.00 -28.83 -12.12
O2 OMC C 2203 35.72 -27.34 -8.84
N4 OMC C 2203 33.16 -31.02 -10.61
C1' OMC C 2203 37.31 -26.87 -11.18
C2' OMC C 2203 38.55 -27.03 -10.30
O2' OMC C 2203 38.88 -25.75 -9.74
CM2 OMC C 2203 37.84 -25.09 -9.09
C3' OMC C 2203 39.63 -27.45 -11.29
C4' OMC C 2203 39.18 -26.80 -12.60
O4' OMC C 2203 37.74 -26.87 -12.53
O3' OMC C 2203 40.92 -27.04 -10.91
C5' OMC C 2203 39.63 -27.49 -13.85
O5' OMC C 2203 38.95 -28.72 -14.04
P OMC C 2203 38.97 -29.47 -15.44
OP1 OMC C 2203 40.35 -29.34 -16.02
OP2 OMC C 2203 38.36 -30.84 -15.24
N1 OMC C 2348 -8.94 8.06 21.68
C2 OMC C 2348 -9.12 6.59 21.48
N3 OMC C 2348 -7.96 5.68 21.61
C4 OMC C 2348 -6.66 6.20 21.92
C5 OMC C 2348 -6.47 7.66 22.11
C6 OMC C 2348 -7.62 8.59 21.98
O2 OMC C 2348 -10.20 6.16 21.22
N4 OMC C 2348 -5.53 5.30 22.04
C1' OMC C 2348 -10.10 8.95 21.53
C2' OMC C 2348 -9.88 10.34 22.11
O2' OMC C 2348 -10.12 10.38 23.49
CM2 OMC C 2348 -9.16 11.09 24.21
C3' OMC C 2348 -10.86 11.17 21.27
C4' OMC C 2348 -10.80 10.49 19.90
O4' OMC C 2348 -10.31 9.14 20.14
O3' OMC C 2348 -12.17 11.06 21.80
C5' OMC C 2348 -9.92 11.16 18.88
O5' OMC C 2348 -8.61 11.36 19.38
P OMC C 2348 -7.89 12.78 19.25
OP1 OMC C 2348 -8.81 13.83 19.81
OP2 OMC C 2348 -6.50 12.64 19.80
N1 PSU C 2362 -32.25 4.58 37.08
C2 PSU C 2362 -31.23 3.70 37.36
N3 PSU C 2362 -30.99 2.65 36.51
C4 PSU C 2362 -31.76 2.47 35.38
C5 PSU C 2362 -32.80 3.36 35.12
C6 PSU C 2362 -33.02 4.42 35.99
O2 PSU C 2362 -30.53 3.86 38.35
O4 PSU C 2362 -31.54 1.53 34.63
C1' PSU C 2362 -33.66 3.23 33.90
C2' PSU C 2362 -34.59 2.02 33.89
O2' PSU C 2362 -34.69 1.54 32.55
C3' PSU C 2362 -35.91 2.64 34.33
C4' PSU C 2362 -35.86 4.01 33.71
O3' PSU C 2362 -37.04 1.90 33.90
O4' PSU C 2362 -34.47 4.39 33.78
C5' PSU C 2362 -36.70 5.07 34.39
O5' PSU C 2362 -36.37 5.18 35.76
P PSU C 2362 -36.55 6.56 36.53
OP1 PSU C 2362 -38.01 6.81 36.49
OP2 PSU C 2362 -35.83 6.51 37.81
P A2M C 2365 -40.01 -8.40 40.19
OP1 A2M C 2365 -41.42 -8.77 39.82
O5' A2M C 2365 -39.40 -9.45 41.30
C5' A2M C 2365 -39.54 -10.83 41.08
C4' A2M C 2365 -38.57 -11.59 41.96
O4' A2M C 2365 -37.06 -11.07 41.72
C3' A2M C 2365 -38.81 -11.36 43.22
O3' A2M C 2365 -39.87 -12.28 43.74
C2' A2M C 2365 -37.46 -11.68 43.87
O2' A2M C 2365 -37.29 -13.02 43.91
C1' A2M C 2365 -36.45 -11.05 42.88
CM' A2M C 2365 -36.01 -13.42 44.32
N9 A2M C 2365 -36.14 -9.67 43.27
C8 A2M C 2365 -36.63 -8.69 42.53
N7 A2M C 2365 -36.20 -7.55 43.09
C5 A2M C 2365 -35.45 -7.86 44.16
C6 A2M C 2365 -34.80 -7.07 45.07
N6 A2M C 2365 -34.61 -5.65 45.27
N1 A2M C 2365 -34.12 -7.64 46.05
C2 A2M C 2365 -34.08 -8.98 46.16
N3 A2M C 2365 -34.73 -9.76 45.28
C4 A2M C 2365 -35.42 -9.19 44.28
OP2 A2M C 2365 -39.94 -6.98 40.70
P A2M C 2370 -50.72 -0.50 56.61
OP1 A2M C 2370 -51.30 -0.10 57.93
O5' A2M C 2370 -51.62 0.07 55.35
C5' A2M C 2370 -52.03 1.41 55.39
C4' A2M C 2370 -52.63 1.84 54.06
O4' A2M C 2370 -51.56 1.58 52.87
C3' A2M C 2370 -53.68 1.14 53.74
O3' A2M C 2370 -54.91 1.73 54.33
C2' A2M C 2370 -53.71 1.27 52.21
O2' A2M C 2370 -54.25 2.47 51.88
C1' A2M C 2370 -52.23 1.23 51.80
CM' A2M C 2370 -54.34 2.71 50.51
N9 A2M C 2370 -51.84 -0.13 51.41
C8 A2M C 2370 -51.21 -0.87 52.31
N7 A2M C 2370 -50.98 -2.04 51.71
C5 A2M C 2370 -51.48 -2.01 50.47
C6 A2M C 2370 -51.50 -2.93 49.46
N6 A2M C 2370 -51.03 -4.30 49.29
N1 A2M C 2370 -52.07 -2.64 48.31
C2 A2M C 2370 -52.63 -1.43 48.12
N3 A2M C 2370 -52.61 -0.50 49.10
C4 A2M C 2370 -52.03 -0.81 50.27
OP2 A2M C 2370 -50.53 -2.00 56.53
N1 PSU C 2376 -53.56 -9.60 46.52
C2 PSU C 2376 -53.95 -8.44 47.14
N3 PSU C 2376 -54.85 -7.60 46.53
C4 PSU C 2376 -55.36 -7.92 45.29
C5 PSU C 2376 -54.95 -9.09 44.66
C6 PSU C 2376 -54.04 -9.92 45.31
O2 PSU C 2376 -53.50 -8.15 48.24
O4 PSU C 2376 -56.17 -7.17 44.74
C1' PSU C 2376 -55.51 -9.45 43.33
C2' PSU C 2376 -54.82 -8.70 42.19
O2' PSU C 2376 -55.77 -8.53 41.15
C3' PSU C 2376 -53.75 -9.70 41.77
C4' PSU C 2376 -54.45 -11.03 41.96
O3' PSU C 2376 -53.29 -9.50 40.45
O4' PSU C 2376 -55.31 -10.83 43.11
C5' PSU C 2376 -53.55 -12.22 42.23
O5' PSU C 2376 -53.16 -12.27 43.58
P PSU C 2376 -52.56 -13.60 44.23
OP1 PSU C 2376 -51.80 -14.22 43.13
OP2 PSU C 2376 -51.91 -13.25 45.50
N1 B8H C 2409 7.41 29.75 -20.20
C2 B8H C 2409 8.04 28.60 -19.84
C4 B8H C 2409 6.94 27.31 -21.25
C1' B8H C 2409 4.98 28.74 -22.88
C2' B8H C 2409 3.85 27.79 -22.51
C3' B8H C 2409 2.87 28.72 -21.83
C4' B8H C 2409 3.03 30.02 -22.60
C5 B8H C 2409 6.02 28.77 -21.82
C5' B8H C 2409 2.76 31.28 -21.82
C6 B8H C 2409 6.24 29.77 -21.37
CN1 B8H C 2409 7.79 31.01 -19.52
N3 B8H C 2409 7.71 27.33 -20.48
O2 B8H C 2409 8.89 28.64 -18.98
O2' B8H C 2409 3.29 27.27 -23.72
O3' B8H C 2409 1.54 28.24 -21.82
O4 B8H C 2409 6.72 26.25 -21.72
O4' B8H C 2409 4.42 30.02 -23.05
O5' B8H C 2409 3.91 32.11 -21.77
OP1 B8H C 2409 2.47 34.08 -21.19
OP2 B8H C 2409 4.51 33.42 -19.71
P B8H C 2409 3.86 33.54 -21.08
N1 PSU C 2411 3.35 27.30 -14.82
C2 PSU C 2411 4.00 28.35 -14.24
N3 PSU C 2411 5.05 28.13 -13.37
C4 PSU C 2411 5.45 26.85 -13.09
C5 PSU C 2411 4.78 25.78 -13.67
C6 PSU C 2411 3.73 26.03 -14.55
O2 PSU C 2411 3.64 29.50 -14.49
O4 PSU C 2411 6.39 26.66 -12.32
C1' PSU C 2411 5.17 24.34 -13.43
C2' PSU C 2411 4.93 23.89 -11.99
O2' PSU C 2411 5.87 22.89 -11.68
C3' PSU C 2411 3.52 23.30 -12.10
C4' PSU C 2411 3.54 22.66 -13.48
O3' PSU C 2411 3.23 22.38 -11.06
O4' PSU C 2411 4.38 23.53 -14.27
C5' PSU C 2411 2.20 22.53 -14.16
O5' PSU C 2411 2.34 22.55 -15.57
P PSU C 2411 1.37 23.43 -16.48
OP1 PSU C 2411 0.11 22.68 -16.68
OP2 PSU C 2411 1.31 24.80 -15.93
P 5MC C 2429 13.41 3.53 -3.56
OP1 5MC C 2429 14.59 2.69 -4.01
OP2 5MC C 2429 13.51 5.02 -3.59
O5' 5MC C 2429 12.15 3.08 -4.42
C5' 5MC C 2429 11.93 1.72 -4.75
C4' 5MC C 2429 10.53 1.49 -5.25
O4' 5MC C 2429 9.60 2.30 -4.49
C3' 5MC C 2429 10.26 1.89 -6.69
O3' 5MC C 2429 10.72 0.94 -7.63
C2' 5MC C 2429 8.74 2.08 -6.71
O2' 5MC C 2429 8.08 0.84 -6.87
C1' 5MC C 2429 8.47 2.59 -5.29
N1 5MC C 2429 8.25 4.06 -5.27
C2 5MC C 2429 6.96 4.62 -5.77
O2 5MC C 2429 6.12 3.90 -6.20
N3 5MC C 2429 6.73 6.08 -5.76
C4 5MC C 2429 7.76 6.97 -5.25
N4 5MC C 2429 7.52 8.40 -5.23
C5 5MC C 2429 9.04 6.42 -4.74
C6 5MC C 2429 9.28 4.94 -4.76
CM5 5MC C 2429 10.11 7.35 -4.21
P A2M C 2432 9.99 -7.04 -8.08
OP1 A2M C 2432 11.28 -7.67 -7.63
O5' A2M C 2432 8.68 -7.92 -7.61
C5' A2M C 2432 8.64 -8.43 -6.30
C4' A2M C 2432 7.36 -9.20 -6.09
O4' A2M C 2432 7.66 -10.43 -5.08
C3' A2M C 2432 6.44 -8.44 -5.53
O3' A2M C 2432 5.10 -8.60 -6.19
C2' A2M C 2432 6.36 -8.95 -4.09
O2' A2M C 2432 5.11 -8.76 -3.59
C1' A2M C 2432 6.65 -10.45 -4.26
CM' A2M C 2432 5.09 -8.05 -2.39
N9 A2M C 2432 6.97 -11.03 -2.95
C8 A2M C 2432 7.71 -10.32 -2.10
N7 A2M C 2432 7.82 -11.08 -1.01
C5 A2M C 2432 7.14 -12.22 -1.19
C6 A2M C 2432 6.92 -13.30 -0.38
N6 A2M C 2432 7.32 -13.70 0.96
N1 A2M C 2432 6.20 -14.32 -0.82
C2 A2M C 2432 5.66 -14.29 -2.04
N3 A2M C 2432 5.86 -13.22 -2.85
C4 A2M C 2432 6.59 -12.19 -2.41
OP2 A2M C 2432 9.96 -6.82 -9.56
P OMG C 2439 5.71 -0.56 -19.72
OP1 OMG C 2439 6.98 0.22 -19.91
OP2 OMG C 2439 5.53 -1.39 -18.48
O5' OMG C 2439 4.48 0.45 -19.80
C5' OMG C 2439 4.42 1.45 -20.82
C4' OMG C 2439 4.21 2.82 -20.24
O4' OMG C 2439 4.02 2.72 -18.80
C3' OMG C 2439 5.39 3.77 -20.37
O3' OMG C 2439 5.44 4.38 -21.66
C2' OMG C 2439 5.16 4.76 -19.24
O2' OMG C 2439 4.22 5.76 -19.63
CM2 OMG C 2439 3.97 6.72 -18.61
C1' OMG C 2439 4.51 3.88 -18.17
N9 OMG C 2439 5.46 3.47 -17.12
C8 OMG C 2439 5.54 2.18 -16.73
N7 OMG C 2439 6.47 2.10 -15.77
C5 OMG C 2439 6.97 3.32 -15.56
C6 OMG C 2439 8.03 3.84 -14.60
O6 OMG C 2439 8.58 3.10 -13.87
N1 OMG C 2439 8.37 5.23 -14.59
C2 OMG C 2439 7.70 6.13 -15.48
N2 OMG C 2439 8.02 7.52 -15.48
N3 OMG C 2439 6.68 5.62 -16.39
C4 OMG C 2439 6.32 4.17 -16.40
P A2M C 2472 29.37 -10.45 3.14
OP1 A2M C 2472 30.65 -10.84 2.44
O5' A2M C 2472 28.99 -11.56 4.29
C5' A2M C 2472 30.02 -12.02 5.12
C4' A2M C 2472 29.50 -13.03 6.12
O4' A2M C 2472 28.55 -12.29 7.20
C3' A2M C 2472 28.74 -13.92 5.55
O3' A2M C 2472 29.52 -15.07 5.02
C2' A2M C 2472 27.86 -14.40 6.71
O2' A2M C 2472 28.61 -15.18 7.53
C1' A2M C 2472 27.53 -13.08 7.42
CM' A2M C 2472 27.99 -15.54 8.72
N9 A2M C 2472 26.30 -12.46 6.92
C8 A2M C 2472 26.40 -11.51 6.00
N7 A2M C 2472 25.14 -11.12 5.75
C5 A2M C 2472 24.31 -11.86 6.51
C6 A2M C 2472 22.94 -11.86 6.63
N6 A2M C 2472 21.84 -11.14 6.05
N1 A2M C 2472 22.35 -12.68 7.48
C2 A2M C 2472 23.11 -13.53 8.23
N3 A2M C 2472 24.45 -13.54 8.11
C4 A2M C 2472 25.04 -12.69 7.25
OP2 A2M C 2472 28.26 -10.27 2.14
P A2M C 2514 -18.86 -62.01 -30.25
OP1 A2M C 2514 -18.70 -63.18 -31.17
O5' A2M C 2514 -17.92 -60.74 -30.72
C5' A2M C 2514 -17.17 -60.84 -31.90
C4' A2M C 2514 -17.59 -59.73 -32.84
O4' A2M C 2514 -18.42 -58.62 -32.01
C3' A2M C 2514 -16.55 -59.12 -33.34
O3' A2M C 2514 -16.21 -59.71 -34.66
C2' A2M C 2514 -17.04 -57.68 -33.56
O2' A2M C 2514 -17.62 -57.59 -34.79
C1' A2M C 2514 -18.09 -57.45 -32.46
CM' A2M C 2514 -18.29 -56.39 -35.03
N9 A2M C 2514 -17.53 -56.66 -31.37
C8 A2M C 2514 -17.31 -57.26 -30.21
N7 A2M C 2514 -16.82 -56.33 -29.40
C5 A2M C 2514 -16.73 -55.18 -30.07
C6 A2M C 2514 -16.30 -53.92 -29.70
N6 A2M C 2514 -15.77 -53.32 -28.50
N1 A2M C 2514 -16.32 -52.93 -30.57
C2 A2M C 2514 -16.78 -53.15 -31.83
N3 A2M C 2514 -17.21 -54.37 -32.19
C4 A2M C 2514 -17.18 -55.37 -31.31
OP2 A2M C 2514 -18.60 -62.38 -28.81
N1 OMC C 2516 -13.21 -52.21 -43.80
C2 OMC C 2516 -13.69 -51.60 -45.08
N3 OMC C 2516 -15.09 -51.83 -45.54
C4 OMC C 2516 -15.98 -52.64 -44.74
C5 OMC C 2516 -15.52 -53.25 -43.48
C6 OMC C 2516 -14.12 -53.03 -43.03
O2 OMC C 2516 -12.95 -50.94 -45.73
N4 OMC C 2516 -17.34 -52.86 -45.19
C1' OMC C 2516 -11.82 -51.99 -43.35
C2' OMC C 2516 -11.62 -50.58 -42.79
O2' OMC C 2516 -10.26 -50.22 -42.98
CM2 OMC C 2516 -10.03 -49.45 -44.12
C3' OMC C 2516 -11.90 -50.81 -41.32
C4' OMC C 2516 -11.27 -52.19 -41.08
O4' OMC C 2516 -11.54 -52.90 -42.31
O3' OMC C 2516 -11.36 -49.81 -40.48
C5' OMC C 2516 -11.82 -52.96 -39.91
O5' OMC C 2516 -13.23 -53.06 -39.97
P OMC C 2516 -13.98 -54.42 -39.64
OP1 OMC C 2516 -15.40 -54.28 -40.11
OP2 OMC C 2516 -13.13 -55.56 -40.13
C1' P7G C 2527 -18.06 -50.51 -36.53
C2 P7G C 2527 -20.38 -53.63 -33.72
C2' P7G C 2527 -19.29 -50.45 -37.44
C3' P7G C 2527 -19.09 -49.14 -38.21
C4 P7G C 2527 -19.08 -51.53 -34.31
C4' P7G C 2527 -17.61 -48.84 -38.06
C5 P7G C 2527 -19.12 -51.12 -32.94
C5' P7G C 2527 -17.22 -47.38 -38.11
C6 P7G C 2527 -19.80 -51.99 -31.92
C8 P7G C 2527 -17.95 -49.46 -34.14
N1 P7G C 2527 -20.41 -53.22 -32.32
N2 P7G C 2527 -21.02 -54.90 -34.10
N3 P7G C 2527 -19.72 -52.80 -34.72
N7 P7G C 2527 -18.42 -49.85 -32.78
N9 P7G C 2527 -18.38 -50.53 -35.10
O2' P7G C 2527 -19.24 -51.56 -38.32
O3' P7G C 2527 -19.48 -49.22 -39.57
O4' P7G C 2527 -17.28 -49.37 -36.78
O5' P7G C 2527 -16.83 -46.91 -36.84
O6 P7G C 2527 -19.83 -51.67 -30.78
OP1 P7G C 2527 -17.13 -45.42 -34.86
OP2 P7G C 2527 -16.36 -44.48 -37.16
P P7G C 2527 -17.20 -45.44 -36.36
C71 P7G C 2527 -18.22 -49.06 -31.54
C72 P7G C 2527 -18.96 -47.69 -31.73
C73 P7G C 2527 -19.00 -46.95 -30.39
N1 OMC C 2534 -15.70 -54.11 -52.63
C2 OMC C 2534 -16.64 -54.94 -51.85
N3 OMC C 2534 -17.47 -55.97 -52.53
C4 OMC C 2534 -17.35 -56.18 -53.95
C5 OMC C 2534 -16.40 -55.36 -54.74
C6 OMC C 2534 -15.58 -54.33 -54.07
O2 OMC C 2534 -16.75 -54.77 -50.68
N4 OMC C 2534 -18.16 -57.19 -54.60
C1' OMC C 2534 -14.88 -53.09 -51.96
C2' OMC C 2534 -13.64 -53.72 -51.30
O2' OMC C 2534 -13.28 -52.92 -50.20
CM2 OMC C 2534 -13.84 -53.33 -48.99
C3' OMC C 2534 -12.63 -53.59 -52.43
C4' OMC C 2534 -12.97 -52.23 -53.02
O4' OMC C 2534 -14.42 -52.16 -52.91
O3' OMC C 2534 -11.29 -53.70 -52.00
C5' OMC C 2534 -12.54 -52.02 -54.45
O5' OMC C 2534 -12.77 -50.69 -54.85
P OMC C 2534 -13.74 -50.35 -56.06
OP1 OMC C 2534 -12.92 -50.21 -57.31
OP2 OMC C 2534 -14.87 -51.35 -56.01
N2 B8K C 2544 -2.67 -49.73 -31.34
C2 B8K C 2544 -1.50 -49.42 -30.61
C8 B8K C 2544 2.20 -46.68 -29.05
N1 B8K C 2544 -0.88 -50.41 -29.74
C6 B8K C 2544 0.31 -50.09 -28.99
C5 B8K C 2544 0.96 -48.70 -29.11
C4 B8K C 2544 0.31 -47.73 -29.99
N3 B8K C 2544 -0.89 -48.06 -30.73
C1' B8K C 2544 0.74 -45.26 -30.70
C2' B8K C 2544 0.45 -44.09 -29.76
C3' B8K C 2544 0.82 -42.89 -30.62
C4' B8K C 2544 1.99 -43.43 -31.45
C5' B8K C 2544 3.36 -43.01 -30.97
N7 B8K C 2544 2.13 -48.11 -28.50
N9 B8K C 2544 1.05 -46.49 -29.99
O2' B8K C 2544 -0.89 -44.11 -29.33
O3' B8K C 2544 -0.27 -42.58 -31.49
O4' B8K C 2544 1.89 -44.87 -31.42
O5' B8K C 2544 3.94 -44.00 -30.11
O6 B8K C 2544 0.78 -50.95 -28.30
OP1 B8K C 2544 6.17 -44.08 -31.20
P B8K C 2544 5.11 -44.94 -30.63
C71 B8K C 2544 3.16 -48.59 -27.58
C72 B8K C 2544 3.22 -50.00 -26.98
O71 B8K C 2544 4.01 -47.83 -27.28
OP2 B8K C 2544 5.44 -45.90 -29.52
C1' BGH C 2546 -8.97 -44.44 -33.71
C2 BGH C 2546 -8.95 -48.92 -32.81
C2' BGH C 2546 -10.36 -44.21 -32.84
C3' BGH C 2546 -10.16 -43.11 -32.27
C4 BGH C 2546 -8.07 -46.55 -32.66
C4' BGH C 2546 -9.52 -42.25 -33.43
C5 BGH C 2546 -6.98 -46.95 -31.81
C5' BGH C 2546 -8.84 -41.16 -32.96
C6 BGH C 2546 -6.88 -48.43 -31.45
C8 BGH C 2546 -6.85 -44.61 -32.18
N1 BGH C 2546 -7.86 -49.37 -31.95
N2 BGH C 2546 -9.93 -49.86 -33.30
N3 BGH C 2546 -9.06 -47.51 -33.16
N7 BGH C 2546 -6.19 -45.77 -31.48
N9 BGH C 2546 -8.04 -45.14 -32.91
O2' BGH C 2546 -11.47 -44.12 -33.76
O3' BGH C 2546 -11.44 -42.56 -31.77
O4' BGH C 2546 -8.53 -43.26 -34.04
O5' BGH C 2546 -7.79 -41.58 -32.14
O6 BGH C 2546 -6.03 -48.86 -30.76
OP1 BGH C 2546 -7.31 -39.24 -31.13
OP2 BGH C 2546 -5.80 -41.11 -30.56
P BGH C 2546 -6.66 -40.50 -31.63
C71 BGH C 2546 -5.01 -45.57 -30.65
C72 BGH C 2546 -4.30 -46.68 -29.90
C6' BGH C 2546 -11.64 -45.28 -34.51
O71 BGH C 2546 -4.57 -44.48 -30.54
N1 OMC C 2556 -16.80 -28.69 -11.83
C2 OMC C 2556 -17.92 -28.44 -12.80
N3 OMC C 2556 -18.88 -29.53 -13.12
C4 OMC C 2556 -18.74 -30.83 -12.52
C5 OMC C 2556 -17.63 -31.08 -11.57
C6 OMC C 2556 -16.66 -30.00 -11.24
O2 OMC C 2556 -18.06 -27.39 -13.29
N4 OMC C 2556 -19.68 -31.88 -12.83
C1' OMC C 2556 -15.82 -27.63 -11.47
C2' OMC C 2556 -16.51 -26.33 -11.05
O2' OMC C 2556 -15.70 -25.24 -11.45
CM2 OMC C 2556 -16.21 -24.58 -12.58
C3' OMC C 2556 -16.53 -26.47 -9.53
C4' OMC C 2556 -15.23 -27.20 -9.24
O4' OMC C 2556 -15.07 -28.09 -10.37
O3' OMC C 2556 -16.63 -25.22 -8.86
C5' OMC C 2556 -15.19 -27.99 -7.97
O5' OMC C 2556 -16.39 -28.74 -7.79
P OMC C 2556 -16.70 -29.47 -6.42
OP1 OMC C 2556 -16.40 -28.53 -5.29
OP2 OMC C 2556 -18.08 -30.08 -6.52
N1 5MU C 2620 2.97 -27.70 64.04
C2 5MU C 2620 1.79 -27.44 65.03
N3 5MU C 2620 0.47 -27.60 64.62
C4 5MU C 2620 0.19 -27.96 63.46
C5 5MU C 2620 1.25 -28.27 62.30
C5M 5MU C 2620 0.84 -28.69 60.91
C6 5MU C 2620 2.66 -28.14 62.58
O2 5MU C 2620 2.03 -27.11 66.14
O4 5MU C 2620 -0.96 -28.06 63.24
C1' 5MU C 2620 4.37 -27.51 64.51
C2' 5MU C 2620 5.08 -28.84 64.77
O2' 5MU C 2620 5.99 -28.66 65.85
C3' 5MU C 2620 5.83 -29.04 63.46
C4' 5MU C 2620 6.21 -27.63 63.07
O3' 5MU C 2620 6.95 -29.90 63.57
O4' 5MU C 2620 5.09 -26.82 63.52
C5' 5MU C 2620 6.44 -27.39 61.60
O5' 5MU C 2620 5.32 -27.78 60.83
P 5MU C 2620 5.11 -27.23 59.35
OP1 5MU C 2620 6.33 -27.59 58.54
OP2 5MU C 2620 3.74 -27.65 58.88
C2 B8W C 2661 19.27 -31.40 94.17
C4 B8W C 2661 21.19 -32.69 93.72
C5 B8W C 2661 20.43 -33.61 93.11
C6 B8W C 2661 19.03 -33.42 93.04
O6 B8W C 2661 18.21 -34.46 92.35
N3 B8W C 2661 20.62 -31.58 94.25
N2 B8W C 2661 18.47 -30.26 94.70
N1 B8W C 2661 18.48 -32.33 93.56
C8 B8W C 2661 22.50 -34.27 93.02
C1' B8W C 2661 23.55 -32.27 94.24
C2' B8W C 2661 23.61 -32.35 95.77
C3' B8W C 2661 24.69 -33.41 95.98
C4' B8W C 2661 25.64 -33.15 94.83
C5' B8W C 2661 26.47 -34.32 94.40
C61 B8W C 2661 18.46 -35.88 92.63
N7 B8W C 2661 21.24 -34.58 92.68
N9 B8W C 2661 22.48 -33.10 93.66
O2' B8W C 2661 24.04 -31.09 96.26
O3' B8W C 2661 25.32 -33.31 97.24
O4' B8W C 2661 24.78 -32.73 93.74
O5' B8W C 2661 25.66 -35.45 94.10
OP1 B8W C 2661 27.59 -37.04 93.81
OP2 B8W C 2661 25.13 -37.68 93.11
P B8W C 2661 26.21 -36.65 93.23
C2 B8W C 2710 -23.92 -22.28 24.05
C4 B8W C 2710 -21.61 -22.16 23.61
C5 B8W C 2710 -21.78 -20.95 23.09
C6 B8W C 2710 -23.06 -20.38 23.03
O6 B8W C 2710 -23.14 -19.04 22.40
N3 B8W C 2710 -22.68 -22.83 24.10
N2 B8W C 2710 -25.20 -22.89 24.54
N1 B8W C 2710 -24.10 -21.05 23.50
C8 B8W C 2710 -19.67 -21.44 22.97
C1' B8W C 2710 -19.80 -23.74 24.07
C2' B8W C 2710 -20.28 -24.93 23.24
C3' B8W C 2710 -19.12 -25.10 22.28
C4' B8W C 2710 -17.92 -24.79 23.15
C5' B8W C 2710 -16.67 -24.36 22.43
C61 B8W C 2710 -22.40 -17.96 23.08
N7 B8W C 2710 -20.58 -20.52 22.68
N9 B8W C 2710 -20.30 -22.47 23.55
O2' B8W C 2710 -20.37 -26.05 24.10
O3' B8W C 2710 -19.06 -26.38 21.67
O4' B8W C 2710 -18.39 -23.72 24.01
O5' B8W C 2710 -16.86 -23.12 21.75
OP1 B8W C 2710 -14.65 -23.27 20.51
OP2 B8W C 2710 -16.13 -21.11 20.48
P B8W C 2710 -15.61 -22.29 21.21
C1' I4U C 2719 -34.86 -16.51 -13.36
C2 I4U C 2719 -33.29 -16.47 -11.37
C2' I4U C 2719 -34.37 -17.15 -14.65
C3' I4U C 2719 -35.47 -16.73 -15.62
C4 I4U C 2719 -33.22 -18.37 -9.68
C4' I4U C 2719 -36.72 -16.79 -14.74
C5 I4U C 2719 -34.28 -19.07 -10.45
C5' I4U C 2719 -37.52 -18.06 -14.85
C6 I4U C 2719 -34.83 -18.45 -11.69
N1 I4U C 2719 -34.33 -17.16 -12.15
N3 I4U C 2719 -32.75 -17.09 -10.14
O2 I4U C 2719 -32.88 -15.41 -11.72
O2' I4U C 2719 -33.08 -16.71 -15.01
O3' I4U C 2719 -35.24 -15.38 -16.02
O4 I4U C 2719 -32.67 -18.89 -8.52
O4' I4U C 2719 -36.25 -16.64 -13.37
O5' I4U C 2719 -37.03 -19.04 -13.95
OP1 I4U C 2719 -38.73 -20.80 -14.51
OP2 I4U C 2719 -37.18 -21.01 -12.42
P I4U C 2719 -38.00 -20.16 -13.36
C41 I4U C 2719 -33.08 -20.15 -8.11
C42 I4U C 2719 -32.97 -20.23 -6.59
C43 I4U C 2719 -32.20 -21.24 -8.71
P OMG C 2721 -29.41 -18.27 -19.06
OP1 OMG C 2721 -28.96 -16.85 -18.85
OP2 OMG C 2721 -28.67 -19.15 -20.03
O5' OMG C 2721 -29.41 -19.01 -17.65
C5' OMG C 2721 -30.09 -20.24 -17.46
C4' OMG C 2721 -29.32 -21.16 -16.57
O4' OMG C 2721 -27.99 -21.35 -17.09
C3' OMG C 2721 -29.07 -20.65 -15.15
O3' OMG C 2721 -30.18 -20.87 -14.30
C2' OMG C 2721 -27.84 -21.42 -14.72
O2' OMG C 2721 -28.18 -22.72 -14.26
CM2 OMG C 2721 -27.08 -23.46 -13.76
C1' OMG C 2721 -27.07 -21.57 -16.04
N9 OMG C 2721 -25.96 -20.63 -16.17
C8 OMG C 2721 -25.86 -19.79 -17.22
N7 OMG C 2721 -24.74 -19.06 -17.07
C5 OMG C 2721 -24.17 -19.43 -15.93
C6 OMG C 2721 -22.88 -18.97 -15.24
O6 OMG C 2721 -22.23 -18.12 -15.71
N1 OMG C 2721 -22.49 -19.57 -13.99
C2 OMG C 2721 -23.29 -20.60 -13.42
N2 OMG C 2721 -22.90 -21.20 -12.18
N3 OMG C 2721 -24.51 -21.03 -14.09
C4 OMG C 2721 -24.92 -20.41 -15.38
C2 6MZ C 2745 -43.46 -12.30 -25.71
C4 6MZ C 2745 -44.12 -12.95 -23.55
C5 6MZ C 2745 -45.23 -12.21 -23.70
O1P 6MZ C 2745 -46.08 -15.12 -17.07
O2P 6MZ C 2745 -47.23 -13.58 -18.84
N9 6MZ C 2745 -44.17 -13.50 -22.34
N3 6MZ C 2745 -43.23 -12.99 -24.56
N1 6MZ C 2745 -44.57 -11.56 -25.85
C6 6MZ C 2745 -45.45 -11.52 -24.87
N6 6MZ C 2745 -46.53 -10.65 -25.28
C9 6MZ C 2745 -46.82 -10.40 -26.68
N7 6MZ C 2745 -45.95 -12.31 -22.60
C8 6MZ C 2745 -45.30 -13.10 -21.75
O5' 6MZ C 2745 -45.00 -14.65 -19.28
C5' 6MZ C 2745 -44.06 -15.70 -19.32
C4' 6MZ C 2745 -42.87 -15.35 -20.17
O4' 6MZ C 2745 -43.22 -15.48 -21.58
C1' 6MZ C 2745 -42.93 -14.28 -22.25
C2' 6MZ C 2745 -41.87 -13.57 -21.42
O2' 6MZ C 2745 -40.62 -14.19 -21.66
C3' 6MZ C 2745 -42.37 -13.92 -20.01
O3' 6MZ C 2745 -41.39 -13.78 -19.01
P 6MZ C 2745 -46.38 -14.78 -18.50
N1 PSU C 2818 -77.40 1.99 7.34
C2 PSU C 2818 -78.74 1.80 7.51
N3 PSU C 2818 -79.33 1.99 8.75
C4 PSU C 2818 -78.55 2.37 9.81
C5 PSU C 2818 -77.18 2.57 9.63
C6 PSU C 2818 -76.62 2.37 8.38
O2 PSU C 2818 -79.43 1.45 6.56
O4 PSU C 2818 -79.07 2.53 10.90
C1' PSU C 2818 -76.32 2.98 10.79
C2' PSU C 2818 -76.00 1.77 11.65
O2' PSU C 2818 -75.85 2.19 12.99
C3' PSU C 2818 -74.67 1.33 11.07
C4' PSU C 2818 -74.00 2.66 10.78
O3' PSU C 2818 -73.91 0.51 11.94
O4' PSU C 2818 -75.10 3.51 10.32
C5' PSU C 2818 -72.91 2.64 9.75
O5' PSU C 2818 -73.40 2.25 8.47
P PSU C 2818 -72.41 1.81 7.31
OP1 PSU C 2818 -71.46 0.83 7.89
OP2 PSU C 2818 -73.23 1.42 6.15
N1 B8H C 2821 -79.96 -10.00 5.94
C2 B8H C 2821 -80.68 -9.88 4.81
C4 B8H C 2821 -81.92 -11.66 5.15
C1' B8H C 2821 -81.30 -13.09 7.63
C2' B8H C 2821 -80.41 -14.29 7.30
C3' B8H C 2821 -79.28 -14.11 8.30
C4' B8H C 2821 -80.00 -13.55 9.52
C5 B8H C 2821 -81.02 -11.94 6.71
C5' B8H C 2821 -79.14 -12.76 10.47
C6 B8H C 2821 -80.21 -11.25 7.02
CN1 B8H C 2821 -78.92 -9.00 6.24
N3 B8H C 2821 -81.73 -10.84 4.46
O2 B8H C 2821 -80.45 -8.96 4.06
O2' B8H C 2821 -81.13 -15.47 7.57
O3' B8H C 2821 -78.56 -15.29 8.58
O4 B8H C 2821 -82.78 -12.40 4.81
O4' B8H C 2821 -81.04 -12.71 8.97
O5' B8H C 2821 -78.07 -12.12 9.77
OP1 B8H C 2821 -76.15 -12.05 11.38
OP2 B8H C 2821 -76.43 -10.25 9.52
P B8H C 2821 -77.04 -11.19 10.55
N1 OMU C 2831 -62.70 -22.41 -3.12
C2 OMU C 2831 -61.52 -21.72 -2.51
N3 OMU C 2831 -60.68 -20.83 -3.36
C4 OMU C 2831 -61.02 -20.63 -4.76
C5 OMU C 2831 -62.19 -21.33 -5.34
C6 OMU C 2831 -63.02 -22.21 -4.50
O2 OMU C 2831 -61.27 -21.89 -1.38
O4 OMU C 2831 -60.35 -19.92 -5.43
C1' OMU C 2831 -63.54 -23.30 -2.27
C2' OMU C 2831 -64.35 -22.50 -1.25
O2' OMU C 2831 -64.57 -23.33 -0.12
CM2 OMU C 2831 -63.55 -23.27 0.84
C3' OMU C 2831 -65.64 -22.27 -2.03
C4' OMU C 2831 -65.80 -23.59 -2.75
O3' OMU C 2831 -66.74 -21.93 -1.20
O4' OMU C 2831 -64.45 -23.98 -3.10
C5' OMU C 2831 -66.67 -23.56 -3.99
O5' OMU C 2831 -66.89 -24.87 -4.49
P OMU C 2831 -68.11 -25.18 -5.46
OP1 OMU C 2831 -68.14 -26.66 -5.74
OP2 OMU C 2831 -69.35 -24.51 -4.91
P 5MC C 2860 -62.56 -4.08 -9.95
OP1 5MC C 2860 -61.77 -5.37 -9.93
OP2 5MC C 2860 -63.87 -3.99 -9.21
O5' 5MC C 2860 -61.62 -2.93 -9.39
C5' 5MC C 2860 -61.42 -2.77 -8.00
C4' 5MC C 2860 -59.96 -2.65 -7.65
O4' 5MC C 2860 -59.37 -1.57 -8.39
C3' 5MC C 2860 -59.65 -2.30 -6.20
O3' 5MC C 2860 -59.56 -3.45 -5.37
C2' 5MC C 2860 -58.34 -1.49 -6.27
O2' 5MC C 2860 -57.24 -2.28 -5.84
C1' 5MC C 2860 -58.17 -1.22 -7.77
N1 5MC C 2860 -57.86 0.20 -8.08
C2 5MC C 2860 -56.46 0.67 -7.94
O2 5MC C 2860 -55.63 -0.07 -7.57
N3 5MC C 2860 -56.10 2.07 -8.27
C4 5MC C 2860 -57.12 2.99 -8.73
N4 5MC C 2860 -56.76 4.36 -9.06
C5 5MC C 2860 -58.53 2.53 -8.88
C6 5MC C 2860 -58.88 1.11 -8.55
CM5 5MC C 2860 -59.59 3.50 -9.37
C1' E6G C 2880 -71.97 -32.12 45.89
C2 E6G C 2880 -72.41 -29.43 49.39
C2' E6G C 2880 -73.08 -31.29 45.25
C3' E6G C 2880 -72.51 -31.11 43.85
C4 E6G C 2880 -71.26 -30.47 47.62
C4' E6G C 2880 -71.89 -32.47 43.58
C5 E6G C 2880 -70.16 -29.81 47.95
C5' E6G C 2880 -70.84 -32.52 42.50
C6 E6G C 2880 -70.17 -28.92 49.03
C8 E6G C 2880 -69.71 -31.07 46.23
N1 E6G C 2880 -71.28 -28.74 49.73
N2 E6G C 2880 -73.52 -29.09 50.26
N3 E6G C 2880 -72.40 -30.28 48.33
N7 E6G C 2880 -69.19 -30.18 47.09
N9 E6G C 2880 -70.98 -31.24 46.56
O2' E6G C 2880 -74.27 -32.07 45.22
O3' E6G C 2880 -73.47 -30.73 42.89
O4' E6G C 2880 -71.31 -32.83 44.87
O5' E6G C 2880 -69.54 -32.24 43.00
O6 E6G C 2880 -68.89 -28.31 49.23
OP1 E6G C 2880 -67.16 -31.42 42.82
OP2 E6G C 2880 -68.36 -32.59 40.78
P E6G C 2880 -68.41 -31.67 42.02
C61 E6G C 2880 -68.55 -27.28 48.28
C62 E6G C 2880 -67.02 -27.11 48.22
P OMG C 2895 -56.74 -3.71 12.65
OP1 OMG C 2895 -56.12 -2.63 11.80
OP2 OMG C 2895 -57.33 -4.93 12.00
O5' OMG C 2895 -55.63 -4.19 13.68
C5' OMG C 2895 -54.93 -3.26 14.48
C4' OMG C 2895 -54.03 -3.97 15.47
O4' OMG C 2895 -54.84 -4.73 16.39
C3' OMG C 2895 -53.08 -5.01 14.88
O3' OMG C 2895 -51.93 -4.43 14.31
C2' OMG C 2895 -52.80 -5.92 16.07
O2' OMG C 2895 -51.78 -5.38 16.89
CM2 OMG C 2895 -51.02 -6.35 17.58
C1' OMG C 2895 -54.13 -5.87 16.83
N9 OMG C 2895 -54.95 -7.06 16.58
C8 OMG C 2895 -55.93 -7.06 15.66
N7 OMG C 2895 -56.50 -8.28 15.67
C5 OMG C 2895 -55.88 -9.02 16.59
C6 OMG C 2895 -56.08 -10.46 17.05
O6 OMG C 2895 -56.91 -11.13 16.56
N1 OMG C 2895 -55.24 -11.01 18.07
C2 OMG C 2895 -54.23 -10.20 18.66
N2 OMG C 2895 -53.38 -10.73 19.69
N3 OMG C 2895 -54.04 -8.81 18.22
C4 OMG C 2895 -54.91 -8.25 17.15
C1' MHG C 2896 -51.23 -9.38 10.82
C2 MHG C 2896 -52.06 -13.84 12.06
C2' MHG C 2896 -51.34 -8.03 10.15
C21 MHG C 2896 -49.65 -14.42 12.47
C3' MHG C 2896 -50.06 -7.36 10.64
C4 MHG C 2896 -52.66 -11.49 11.31
C4' MHG C 2896 -49.95 -7.89 12.08
C5 MHG C 2896 -54.05 -11.85 11.27
C5' MHG C 2896 -50.48 -6.93 13.13
C6 MHG C 2896 -54.46 -13.26 11.65
C8 MHG C 2896 -53.86 -9.57 10.62
N1 MHG C 2896 -53.46 -14.22 12.03
N2 MHG C 2896 -51.04 -14.81 12.45
N3 MHG C 2896 -51.65 -12.48 11.69
N7 MHG C 2896 -54.83 -10.72 10.85
N9 MHG C 2896 -52.48 -10.12 10.92
O2' MHG C 2896 -51.46 -8.13 8.75
O3' MHG C 2896 -48.96 -7.88 9.88
O4' MHG C 2896 -50.73 -9.12 12.11
O5' MHG C 2896 -50.37 -5.59 12.70
O6 MHG C 2896 -55.60 -13.57 11.62
OP1 MHG C 2896 -51.15 -3.26 12.23
OP2 MHG C 2896 -52.78 -5.28 12.10
P MHG C 2896 -51.61 -4.59 12.75
C71 MHG C 2896 -56.31 -10.65 10.68
C72 MHG C 2896 -56.92 -9.80 11.80
C73 MHG C 2896 -58.35 -9.44 11.41
C74 MHG C 2896 -58.87 -8.33 12.33
C75 MHG C 2896 -59.25 -10.66 11.55
C76 MHG C 2896 -59.54 -7.23 11.48
N1 PSU C 2928 -24.40 -18.59 -34.96
C2 PSU C 2928 -23.88 -19.86 -35.12
N3 PSU C 2928 -24.52 -20.75 -35.94
C4 PSU C 2928 -25.68 -20.40 -36.59
C5 PSU C 2928 -26.20 -19.11 -36.45
C6 PSU C 2928 -25.54 -18.23 -35.59
O2 PSU C 2928 -22.85 -20.19 -34.55
O4 PSU C 2928 -26.21 -21.23 -37.31
C1' PSU C 2928 -27.49 -18.67 -37.08
C2' PSU C 2928 -27.42 -17.56 -38.13
O2' PSU C 2928 -28.31 -16.53 -37.74
C3' PSU C 2928 -27.94 -18.26 -39.39
C4' PSU C 2928 -28.85 -19.36 -38.85
O3' PSU C 2928 -28.63 -17.38 -40.26
O4' PSU C 2928 -28.26 -19.73 -37.59
C5' PSU C 2928 -28.96 -20.58 -39.72
O5' PSU C 2928 -27.70 -21.24 -39.85
P PSU C 2928 -27.56 -22.59 -40.67
OP1 PSU C 2928 -28.26 -22.47 -41.97
OP2 PSU C 2928 -26.12 -22.94 -40.66
P 1MA C 2940 -23.25 9.83 -62.27
OP1 1MA C 2940 -24.67 9.53 -62.55
OP2 1MA C 2940 -22.29 10.13 -63.43
O5' 1MA C 2940 -23.19 11.07 -61.27
C5' 1MA C 2940 -21.95 11.54 -60.78
C4' 1MA C 2940 -22.11 12.31 -59.50
O4' 1MA C 2940 -22.25 11.38 -58.40
C3' 1MA C 2940 -20.95 13.19 -59.09
O3' 1MA C 2940 -20.95 14.44 -59.77
C2' 1MA C 2940 -21.13 13.31 -57.59
O2' 1MA C 2940 -22.14 14.26 -57.27
C1' 1MA C 2940 -21.64 11.91 -57.25
N9 1MA C 2940 -20.55 11.01 -56.83
C8 1MA C 2940 -20.49 9.98 -57.68
N7 1MA C 2940 -19.47 9.17 -57.26
C5 1MA C 2940 -18.93 9.72 -56.18
C6 1MA C 2940 -17.76 9.28 -55.29
N6 1MA C 2940 -17.14 8.20 -55.56
N1 1MA C 2940 -17.37 10.08 -54.17
CM1 1MA C 2940 -16.30 9.68 -53.33
C2 1MA C 2940 -18.09 11.30 -53.87
N3 1MA C 2940 -19.21 11.72 -54.74
C4 1MA C 2940 -19.60 10.87 -55.91
N1 PSU C 2967 -25.25 -20.00 -27.52
C2 PSU C 2967 -24.64 -21.12 -28.03
N3 PSU C 2967 -25.40 -22.13 -28.58
C4 PSU C 2967 -26.77 -22.01 -28.60
C5 PSU C 2967 -27.38 -20.89 -28.07
C6 PSU C 2967 -26.58 -19.87 -27.54
O2 PSU C 2967 -23.42 -21.22 -28.02
O4 PSU C 2967 -27.45 -22.91 -29.09
C1' PSU C 2967 -28.86 -20.71 -28.12
C2' PSU C 2967 -29.72 -21.63 -27.24
O2' PSU C 2967 -30.71 -22.22 -28.06
C3' PSU C 2967 -30.37 -20.65 -26.27
C4' PSU C 2967 -30.39 -19.33 -27.03
O3' PSU C 2967 -31.66 -21.03 -25.87
O4' PSU C 2967 -29.22 -19.38 -27.86
C5' PSU C 2967 -30.34 -18.09 -26.17
O5' PSU C 2967 -29.13 -18.03 -25.42
P PSU C 2967 -28.70 -16.68 -24.69
OP1 PSU C 2967 -29.86 -16.35 -23.85
OP2 PSU C 2967 -27.36 -16.85 -24.09
P 5MC C 2972 -22.77 -38.24 -19.79
OP1 5MC C 2972 -22.32 -39.65 -19.52
OP2 5MC C 2972 -24.23 -37.94 -19.96
O5' 5MC C 2972 -22.24 -37.33 -18.59
C5' 5MC C 2972 -22.70 -37.57 -17.26
C4' 5MC C 2972 -22.02 -36.68 -16.26
O4' 5MC C 2972 -22.18 -35.31 -16.64
C3' 5MC C 2972 -22.61 -36.75 -14.85
O3' 5MC C 2972 -21.97 -37.72 -14.05
C2' 5MC C 2972 -22.51 -35.30 -14.31
O2' 5MC C 2972 -21.55 -35.23 -13.27
C1' 5MC C 2972 -21.98 -34.52 -15.50
N1 5MC C 2972 -22.69 -33.24 -15.70
C2 5MC C 2972 -21.89 -31.98 -15.78
O2 5MC C 2972 -20.72 -32.04 -15.68
N3 5MC C 2972 -22.56 -30.69 -15.97
C4 5MC C 2972 -23.99 -30.61 -16.09
N4 5MC C 2972 -24.64 -29.33 -16.29
C5 5MC C 2972 -24.81 -31.86 -16.01
C6 5MC C 2972 -24.14 -33.17 -15.82
CM5 5MC C 2972 -26.32 -31.74 -16.14
N1 PSU C 2975 -18.34 -35.74 -24.52
C2 PSU C 2975 -18.23 -34.86 -25.58
N3 PSU C 2975 -17.06 -34.78 -26.30
C4 PSU C 2975 -16.00 -35.60 -25.97
C5 PSU C 2975 -16.12 -36.48 -24.92
C6 PSU C 2975 -17.30 -36.55 -24.20
O2 PSU C 2975 -19.18 -34.14 -25.87
O4 PSU C 2975 -14.96 -35.53 -26.61
C1' PSU C 2975 -14.97 -37.36 -24.55
C2' PSU C 2975 -14.33 -36.91 -23.25
O2' PSU C 2975 -13.42 -35.86 -23.45
C3' PSU C 2975 -13.69 -38.21 -22.76
C4' PSU C 2975 -14.67 -39.28 -23.23
O3' PSU C 2975 -12.44 -38.39 -23.43
O4' PSU C 2975 -15.41 -38.68 -24.33
C5' PSU C 2975 -15.64 -39.78 -22.19
O5' PSU C 2975 -16.57 -38.79 -21.80
P PSU C 2975 -17.43 -38.95 -20.47
OP1 PSU C 2975 -18.29 -37.76 -20.33
OP2 PSU C 2975 -18.04 -40.30 -20.48
C2 B8W C 2997 -3.42 -8.11 -66.39
C4 B8W C 2997 -2.59 -9.49 -68.11
C5 B8W C 2997 -1.43 -9.61 -67.47
C6 B8W C 2997 -1.25 -8.95 -66.23
O6 B8W C 2997 0.06 -9.13 -65.54
N3 B8W C 2997 -3.59 -8.74 -67.58
N2 B8W C 2997 -4.41 -7.25 -65.67
N1 B8W C 2997 -2.24 -8.23 -65.72
C8 B8W C 2997 -1.29 -10.74 -69.30
C1' B8W C 2997 -3.63 -10.25 -70.19
C2' B8W C 2997 -3.95 -8.89 -70.80
C3' B8W C 2997 -3.09 -8.92 -72.05
C4' B8W C 2997 -3.19 -10.37 -72.50
C5' B8W C 2997 -2.03 -10.90 -73.30
C61 B8W C 2997 1.28 -8.89 -66.32
N7 B8W C 2997 -0.63 -10.38 -68.20
N9 B8W C 2997 -2.50 -10.19 -69.26
O2' B8W C 2997 -5.33 -8.87 -71.15
O3' B8W C 2997 -3.52 -8.02 -73.06
O4' B8W C 2997 -3.28 -11.12 -71.25
O5' B8W C 2997 -0.80 -10.75 -72.61
OP1 B8W C 2997 0.65 -11.58 -74.53
OP2 B8W C 2997 1.59 -11.21 -72.11
P B8W C 2997 0.47 -11.62 -72.99
N1 B8T C 3008 -3.28 -5.41 -61.54
C2 B8T C 3008 -3.16 -6.12 -62.85
N3 B8T C 3008 -1.93 -6.93 -63.16
C4 B8T C 3008 -0.85 -7.02 -62.19
C5 B8T C 3008 -0.99 -6.31 -60.89
C6 B8T C 3008 -2.21 -5.51 -60.58
O2 B8T C 3008 -4.02 -6.05 -63.65
C1' B8T C 3008 -4.51 -4.64 -61.25
C2' B8T C 3008 -5.68 -5.55 -60.92
C3' B8T C 3008 -5.55 -5.66 -59.41
C4' B8T C 3008 -5.16 -4.23 -59.03
C41 B8T C 3008 1.44 -7.92 -61.53
C5' B8T C 3008 -4.49 -4.07 -57.71
N4 B8T C 3008 0.35 -7.81 -62.50
O2' B8T C 3008 -6.88 -4.89 -61.28
O3' B8T C 3008 -6.72 -6.11 -58.76
O4' B8T C 3008 -4.26 -3.84 -60.10
O5' B8T C 3008 -3.51 -5.07 -57.48
OP1 B8T C 3008 -3.16 -4.86 -55.01
OP2 B8T C 3008 -1.34 -5.93 -56.55
P B8T C 3008 -2.43 -4.91 -56.32
P OMG C 3019 13.58 -21.33 -38.62
OP1 OMG C 3019 13.74 -22.68 -37.97
OP2 OMG C 3019 12.47 -20.43 -38.17
O5' OMG C 3019 14.95 -20.55 -38.44
C5' OMG C 3019 16.19 -21.22 -38.59
C4' OMG C 3019 17.33 -20.36 -38.11
O4' OMG C 3019 17.44 -19.18 -38.95
C3' OMG C 3019 17.19 -19.80 -36.70
O3' OMG C 3019 17.58 -20.72 -35.71
C2' OMG C 3019 18.04 -18.54 -36.74
O2' OMG C 3019 19.41 -18.87 -36.62
CM2 OMG C 3019 20.27 -17.73 -36.57
C1' OMG C 3019 17.78 -18.06 -38.16
N9 OMG C 3019 16.68 -17.09 -38.23
C8 OMG C 3019 15.46 -17.46 -38.64
N7 OMG C 3019 14.66 -16.38 -38.61
C5 OMG C 3019 15.39 -15.35 -38.20
C6 OMG C 3019 15.03 -13.90 -37.95
O6 OMG C 3019 13.93 -13.52 -38.16
N1 OMG C 3019 16.03 -12.97 -37.50
C2 OMG C 3019 17.35 -13.44 -37.25
N2 OMG C 3019 18.36 -12.53 -36.79
N3 OMG C 3019 17.69 -14.84 -37.47
C4 OMG C 3019 16.65 -15.80 -37.95
N1 PSU C 3025 1.73 -12.86 -24.31
C2 PSU C 3025 0.37 -12.72 -24.13
N3 PSU C 3025 -0.44 -13.83 -24.04
C4 PSU C 3025 0.11 -15.09 -24.15
C5 PSU C 3025 1.48 -15.22 -24.32
C6 PSU C 3025 2.28 -14.09 -24.41
O2 PSU C 3025 -0.12 -11.60 -24.03
O4 PSU C 3025 -0.60 -16.08 -24.08
C1' PSU C 3025 2.07 -16.59 -24.43
C2' PSU C 3025 2.00 -17.13 -25.86
O2' PSU C 3025 1.70 -18.51 -25.80
C3' PSU C 3025 3.43 -16.91 -26.35
C4' PSU C 3025 4.24 -17.12 -25.09
O3' PSU C 3025 3.80 -17.79 -27.40
O4' PSU C 3025 3.43 -16.57 -24.05
C5' PSU C 3025 5.61 -16.50 -25.06
O5' PSU C 3025 6.65 -17.48 -25.08
P PSU C 3025 7.52 -17.78 -23.79
OP1 PSU C 3025 7.38 -17.94 -25.25
OP2 PSU C 3025 7.56 -16.48 -23.08
P A2M C 3048 -2.55 -39.31 -24.72
OP1 A2M C 3048 -2.76 -39.87 -26.10
O5' A2M C 3048 -2.05 -40.48 -23.69
C5' A2M C 3048 -0.71 -40.88 -23.81
C4' A2M C 3048 -0.47 -42.24 -23.20
O4' A2M C 3048 -1.85 -42.90 -22.68
C3' A2M C 3048 -0.05 -43.07 -24.11
O3' A2M C 3048 1.40 -42.88 -24.38
C2' A2M C 3048 -0.32 -44.41 -23.42
O2' A2M C 3048 0.58 -44.62 -22.44
C1' A2M C 3048 -1.72 -44.20 -22.80
CM' A2M C 3048 0.40 -45.82 -21.75
N9 A2M C 3048 -2.75 -44.73 -23.72
C8 A2M C 3048 -3.24 -43.94 -24.65
N7 A2M C 3048 -4.14 -44.67 -25.31
C5 A2M C 3048 -4.17 -45.91 -24.77
C6 A2M C 3048 -4.89 -47.03 -25.07
N6 A2M C 3048 -5.90 -47.38 -26.04
N1 A2M C 3048 -4.72 -48.13 -24.37
C2 A2M C 3048 -3.83 -48.17 -23.35
N3 A2M C 3048 -3.12 -47.07 -23.05
C4 A2M C 3048 -3.29 -45.94 -23.77
OP2 A2M C 3048 -3.80 -38.63 -24.20
C2 B8W C 3054 -2.70 -22.43 -19.19
C4 B8W C 3054 -0.60 -21.93 -18.23
C5 B8W C 3054 -0.32 -23.24 -18.16
C6 B8W C 3054 -1.26 -24.19 -18.63
O6 B8W C 3054 -0.94 -25.64 -18.58
N3 B8W C 3054 -1.79 -21.52 -18.73
N2 B8W C 3054 -4.05 -22.15 -19.78
N1 B8W C 3054 -2.41 -23.76 -19.13
C8 B8W C 3054 1.36 -22.13 -17.36
C1' B8W C 3054 0.44 -19.78 -17.66
C2' B8W C 3054 -0.47 -19.18 -16.59
C3' B8W C 3054 0.50 -18.99 -15.43
C4' B8W C 3054 1.82 -18.68 -16.12
C5' B8W C 3054 3.03 -19.14 -15.37
C61 B8W C 3054 -0.11 -26.19 -17.48
N7 B8W C 3054 0.90 -23.35 -17.63
N9 B8W C 3054 0.44 -21.25 -17.71
O2' B8W C 3054 -0.94 -17.93 -17.06
O3' B8W C 3054 0.11 -17.96 -14.53
O4' B8W C 3054 1.75 -19.36 -17.39
O5' B8W C 3054 2.84 -20.46 -14.89
OP1 B8W C 3054 4.26 -20.42 -12.80
OP2 B8W C 3054 3.62 -22.65 -14.01
P B8W C 3054 4.01 -21.21 -14.10
P UR3 C 3055 -0.98 -18.25 -13.39
OP1 UR3 C 3055 -0.96 -17.09 -12.42
OP2 UR3 C 3055 -0.74 -19.65 -12.88
O5' UR3 C 3055 -2.35 -18.20 -14.19
C5' UR3 C 3055 -3.58 -18.10 -13.51
C4' UR3 C 3055 -4.69 -18.78 -14.28
O4' UR3 C 3055 -4.11 -19.46 -15.44
C1' UR3 C 3055 -4.70 -20.72 -15.62
N1 UR3 C 3055 -3.69 -21.75 -15.34
C6 UR3 C 3055 -2.46 -21.43 -14.66
C2 UR3 C 3055 -3.94 -23.14 -15.77
O2 UR3 C 3055 -4.95 -23.39 -16.34
N3 UR3 C 3055 -2.94 -24.21 -15.52
C3U UR3 C 3055 -3.20 -25.55 -15.95
C4 UR3 C 3055 -1.69 -23.90 -14.83
O4 UR3 C 3055 -0.89 -24.76 -14.63
C5 UR3 C 3055 -1.43 -22.50 -14.39
C2' UR3 C 3055 -5.89 -20.80 -14.66
O2' UR3 C 3055 -7.04 -20.26 -15.31
C3' UR3 C 3055 -5.43 -19.88 -13.54
O3' UR3 C 3055 -6.49 -19.38 -12.73
N1 PSU C 3056 -7.44 -24.30 -15.89
C2 PSU C 3056 -6.94 -25.44 -16.48
N3 PSU C 3056 -6.32 -26.42 -15.73
C4 PSU C 3056 -6.21 -26.25 -14.37
C5 PSU C 3056 -6.72 -25.12 -13.78
C6 PSU C 3056 -7.33 -24.14 -14.55
O2 PSU C 3056 -7.03 -25.58 -17.71
O4 PSU C 3056 -5.66 -27.11 -13.69
C1' PSU C 3056 -6.57 -24.94 -12.29
C2' PSU C 3056 -5.26 -24.20 -12.04
O2' PSU C 3056 -4.15 -25.09 -12.06
C3' PSU C 3056 -5.53 -23.57 -10.69
C4' PSU C 3056 -7.01 -23.21 -10.78
O3' PSU C 3056 -5.34 -24.55 -9.68
O4' PSU C 3056 -7.58 -24.12 -11.75
C5' PSU C 3056 -7.30 -21.79 -11.20
O5' PSU C 3056 -6.31 -20.88 -10.73
P PSU C 3056 -6.34 -19.35 -11.14
OP1 PSU C 3056 -7.57 -18.74 -10.58
OP2 PSU C 3056 -5.02 -18.78 -10.80
N1 OMC C 3061 2.20 -13.59 0.36
C2 OMC C 3061 1.86 -13.19 -1.03
N3 OMC C 3061 0.62 -13.70 -1.66
C4 OMC C 3061 -0.26 -14.60 -0.94
C5 OMC C 3061 0.09 -15.01 0.44
C6 OMC C 3061 1.33 -14.50 1.09
O2 OMC C 3061 2.57 -12.45 -1.62
N4 OMC C 3061 -1.46 -15.09 -1.57
C1' OMC C 3061 3.43 -13.07 0.98
C2' OMC C 3061 3.24 -11.67 1.54
O2' OMC C 3061 4.50 -11.01 1.53
CM2 OMC C 3061 4.82 -10.39 0.34
C3' OMC C 3061 2.82 -11.98 2.96
C4' OMC C 3061 3.71 -13.15 3.31
O4' OMC C 3061 3.77 -13.91 2.07
O3' OMC C 3061 2.97 -10.89 3.85
C5' OMC C 3061 3.24 -14.03 4.42
O5' OMC C 3061 1.84 -14.20 4.38
P OMC C 3061 1.15 -15.32 5.27
OP1 OMC C 3061 1.26 -14.90 6.71
OP2 OMC C 3061 -0.19 -15.69 4.69
P 7MG C 3075 -3.12 -10.84 -12.57
OP1 7MG C 3075 -2.76 -10.84 -14.04
OP2 7MG C 3075 -3.89 -11.99 -11.98
O5' 7MG C 3075 -1.78 -10.65 -11.74
C5' 7MG C 3075 -0.73 -9.85 -12.24
C4' 7MG C 3075 0.25 -9.46 -11.15
O4' 7MG C 3075 -0.46 -9.06 -9.96
C3' 7MG C 3075 1.18 -10.54 -10.66
O3' 7MG C 3075 2.25 -10.82 -11.55
C2' 7MG C 3075 1.62 -9.99 -9.31
O2' 7MG C 3075 2.57 -8.95 -9.48
C1' 7MG C 3075 0.31 -9.38 -8.82
N9 7MG C 3075 -0.45 -10.34 -8.00
C8 7MG C 3075 -1.76 -10.98 -8.35
N7 7MG C 3075 -2.12 -11.89 -7.21
C5 7MG C 3075 -1.06 -11.79 -6.25
C6 7MG C 3075 -0.87 -12.48 -4.91
O6 7MG C 3075 -1.68 -13.25 -4.50
N1 7MG C 3075 0.30 -12.21 -4.12
C2 7MG C 3075 1.31 -11.26 -4.61
N2 7MG C 3075 2.48 -11.00 -3.79
N3 7MG C 3075 1.13 -10.60 -5.91
C4 7MG C 3075 -0.06 -10.88 -6.72
CM7 7MG C 3075 -3.32 -12.72 -7.13
C1' M7A C 3089 -5.07 -48.89 -38.81
C2 M7A C 3089 -1.53 -48.49 -36.07
C2' M7A C 3089 -4.44 -48.45 -40.12
C3' M7A C 3089 -5.08 -49.44 -41.08
C4 M7A C 3089 -3.23 -49.59 -37.21
C4' M7A C 3089 -6.50 -49.54 -40.55
C5 M7A C 3089 -3.10 -50.67 -36.37
C5' M7A C 3089 -7.23 -50.83 -40.84
C6 M7A C 3089 -2.18 -50.64 -35.37
C8 M7A C 3089 -4.93 -51.18 -37.83
C71 M7A C 3089 -3.55 -53.04 -37.08
N1 M7A C 3089 -1.41 -49.57 -35.22
N3 M7A C 3089 -2.45 -48.54 -37.06
N6 M7A C 3089 -1.58 -51.32 -34.24
N7 M7A C 3089 -4.10 -51.70 -36.78
N9 M7A C 3089 -4.27 -49.97 -38.19
O2' M7A C 3089 -4.86 -47.13 -40.41
O3' M7A C 3089 -5.03 -49.04 -42.44
O4' M7A C 3089 -6.35 -49.39 -39.11
O5' M7A C 3089 -6.45 -51.96 -40.46
OP1 M7A C 3089 -7.56 -53.64 -41.94
OP2 M7A C 3089 -5.98 -54.37 -40.01
P M7A C 3089 -7.03 -53.43 -40.55
P A2M C 3096 2.25 -71.50 -48.40
OP1 A2M C 3096 2.46 -72.97 -48.67
O5' A2M C 3096 0.65 -71.17 -48.21
C5' A2M C 3096 -0.06 -71.90 -47.25
C4' A2M C 3096 -1.46 -71.30 -47.16
O4' A2M C 3096 -1.31 -69.71 -46.96
C3' A2M C 3096 -2.05 -71.46 -48.31
O3' A2M C 3096 -2.87 -72.71 -48.28
C2' A2M C 3096 -2.96 -70.23 -48.46
O2' A2M C 3096 -4.17 -70.47 -47.93
C1' A2M C 3096 -2.25 -69.13 -47.65
CM' A2M C 3096 -5.04 -69.38 -48.02
N9 A2M C 3096 -1.64 -68.13 -48.53
C8 A2M C 3096 -0.34 -68.24 -48.82
N7 A2M C 3096 -0.08 -67.21 -49.62
C5 A2M C 3096 -1.19 -66.50 -49.82
C6 A2M C 3096 -1.46 -65.37 -50.56
N6 A2M C 3096 -0.70 -64.47 -51.40
N1 A2M C 3096 -2.67 -64.87 -50.58
C2 A2M C 3096 -3.67 -65.46 -49.88
N3 A2M C 3096 -3.43 -66.58 -49.16
C4 A2M C 3096 -2.19 -67.08 -49.14
OP2 A2M C 3096 2.85 -70.65 -49.47
P UR3 C 3122 31.40 -10.45 -68.15
OP1 UR3 C 3122 32.63 -9.66 -68.51
OP2 UR3 C 3122 30.28 -9.79 -67.39
O5' UR3 C 3122 30.80 -11.09 -69.48
C5' UR3 C 3122 31.62 -11.80 -70.40
C4' UR3 C 3122 30.80 -12.44 -71.49
O4' UR3 C 3122 30.02 -13.53 -70.93
C1' UR3 C 3122 28.75 -13.57 -71.53
N1 UR3 C 3122 27.72 -13.35 -70.49
C6 UR3 C 3122 28.04 -12.59 -69.28
C2 UR3 C 3122 26.39 -13.95 -70.64
O2 UR3 C 3122 26.13 -14.57 -71.62
N3 UR3 C 3122 25.35 -13.75 -69.58
C3U UR3 C 3122 24.04 -14.32 -69.74
C4 UR3 C 3122 25.65 -12.99 -68.39
O4 UR3 C 3122 24.81 -12.84 -67.54
C5 UR3 C 3122 27.00 -12.39 -68.22
C2' UR3 C 3122 28.70 -12.51 -72.62
O2' UR3 C 3122 29.12 -13.13 -73.85
C3' UR3 C 3122 29.76 -11.53 -72.13
O3' UR3 C 3122 30.30 -10.72 -73.16
N1 OMU C 3145 17.39 -27.59 -51.19
C2 OMU C 3145 16.78 -28.38 -52.30
N3 OMU C 3145 17.65 -29.00 -53.34
C4 OMU C 3145 19.09 -28.85 -53.25
C5 OMU C 3145 19.69 -28.08 -52.13
C6 OMU C 3145 18.81 -27.46 -51.11
O2 OMU C 3145 15.61 -28.49 -52.37
O4 OMU C 3145 19.80 -29.34 -54.06
C1' OMU C 3145 16.50 -26.98 -50.17
C2' OMU C 3145 16.01 -28.03 -49.18
O2' OMU C 3145 14.77 -27.59 -48.65
CM2 OMU C 3145 13.76 -27.44 -49.61
C3' OMU C 3145 17.10 -27.95 -48.13
C4' OMU C 3145 17.35 -26.45 -48.05
O3' OMU C 3145 16.75 -28.54 -46.89
O4' OMU C 3145 17.25 -26.03 -49.44
C5' OMU C 3145 18.66 -26.01 -47.46
O5' OMU C 3145 19.75 -26.69 -48.07
P OMU C 3145 21.25 -26.26 -47.77
OP1 OMU C 3145 21.41 -26.08 -46.29
OP2 OMU C 3145 22.16 -27.20 -48.50
P OMG C 3148 15.18 -40.95 -49.28
OP1 OMG C 3148 14.11 -41.78 -48.62
OP2 OMG C 3148 16.13 -40.14 -48.46
O5' OMG C 3148 16.02 -41.89 -50.24
C5' OMG C 3148 15.44 -42.45 -51.41
C4' OMG C 3148 16.49 -42.95 -52.35
O4' OMG C 3148 17.13 -41.84 -53.03
C3' OMG C 3148 17.66 -43.68 -51.71
O3' OMG C 3148 17.34 -45.01 -51.35
C2' OMG C 3148 18.74 -43.57 -52.77
O2' OMG C 3148 18.51 -44.48 -53.82
CM2 OMG C 3148 19.44 -44.39 -54.89
C1' OMG C 3148 18.48 -42.16 -53.30
N9 OMG C 3148 19.35 -41.16 -52.66
C8 OMG C 3148 18.93 -40.40 -51.62
N7 OMG C 3148 19.95 -39.59 -51.28
C5 OMG C 3148 20.98 -39.85 -52.08
C6 OMG C 3148 22.38 -39.26 -52.17
O6 OMG C 3148 22.71 -38.40 -51.43
N1 OMG C 3148 23.30 -39.73 -53.16
C2 OMG C 3148 22.88 -40.76 -54.06
N2 OMG C 3148 23.80 -41.25 -55.06
N3 OMG C 3148 21.55 -41.32 -53.98
C4 OMG C 3148 20.60 -40.83 -52.94
N1 PSU C 3153 37.26 -42.31 -47.85
C2 PSU C 3153 36.21 -41.42 -47.88
N3 PSU C 3153 36.39 -40.14 -48.37
C4 PSU C 3153 37.63 -39.75 -48.82
C5 PSU C 3153 38.68 -40.65 -48.79
C6 PSU C 3153 38.47 -41.94 -48.29
O2 PSU C 3153 35.10 -41.77 -47.48
O4 PSU C 3153 37.79 -38.62 -49.26
C1' PSU C 3153 40.04 -40.25 -49.28
C2' PSU C 3153 40.78 -39.48 -48.19
O2' PSU C 3153 41.60 -38.50 -48.82
C3' PSU C 3153 41.63 -40.57 -47.56
C4' PSU C 3153 41.96 -41.47 -48.74
O3' PSU C 3153 42.78 -40.08 -46.90
O4' PSU C 3153 40.80 -41.40 -49.59
C5' PSU C 3153 42.25 -42.92 -48.40
O5' PSU C 3153 41.09 -43.55 -47.85
P PSU C 3153 41.08 -45.11 -47.53
OP1 PSU C 3153 42.38 -45.52 -46.97
OP2 PSU C 3153 39.85 -45.40 -46.78
N1 PSU C 3161 40.62 -57.69 -21.69
C2 PSU C 3161 40.73 -56.75 -20.68
N3 PSU C 3161 40.65 -55.42 -20.97
C4 PSU C 3161 40.44 -55.01 -22.26
C5 PSU C 3161 40.32 -55.95 -23.28
C6 PSU C 3161 40.42 -57.31 -22.97
O2 PSU C 3161 40.92 -57.12 -19.52
O4 PSU C 3161 40.36 -53.81 -22.54
C1' PSU C 3161 40.12 -55.48 -24.69
C2' PSU C 3161 41.28 -55.92 -25.58
O2' PSU C 3161 41.60 -54.86 -26.47
C3' PSU C 3161 40.67 -57.09 -26.34
C4' PSU C 3161 39.22 -56.65 -26.51
O3' PSU C 3161 41.32 -57.36 -27.58
O4' PSU C 3161 38.92 -55.99 -25.26
C5' PSU C 3161 38.23 -57.76 -26.76
O5' PSU C 3161 38.56 -58.51 -27.91
P PSU C 3161 37.53 -58.74 -29.10
OP1 PSU C 3161 37.40 -60.20 -29.28
OP2 PSU C 3161 36.33 -57.90 -28.83
P OMG C 3162 42.06 -58.77 -27.80
OP1 OMG C 3162 41.12 -59.69 -28.53
OP2 OMG C 3162 42.66 -59.18 -26.49
O5' OMG C 3162 43.24 -58.41 -28.80
C5' OMG C 3162 44.12 -57.35 -28.51
C4' OMG C 3162 45.05 -57.06 -29.66
O4' OMG C 3162 44.42 -56.11 -30.55
C3' OMG C 3162 46.40 -56.45 -29.27
O3' OMG C 3162 47.42 -57.42 -29.21
C2' OMG C 3162 46.64 -55.36 -30.32
O2' OMG C 3162 47.31 -55.89 -31.44
CM2 OMG C 3162 47.54 -54.92 -32.47
C1' OMG C 3162 45.24 -54.99 -30.73
N9 OMG C 3162 44.66 -53.85 -29.98
C8 OMG C 3162 43.61 -54.03 -29.17
N7 OMG C 3162 43.28 -52.84 -28.63
C5 OMG C 3162 44.12 -51.94 -29.12
C6 OMG C 3162 44.25 -50.43 -28.88
O6 OMG C 3162 43.50 -49.89 -28.15
N1 OMG C 3162 45.26 -49.68 -29.54
C2 OMG C 3162 46.16 -50.35 -30.44
N2 OMG C 3162 47.19 -49.60 -31.10
N3 OMG C 3162 46.04 -51.79 -30.66
C4 OMG C 3162 44.99 -52.56 -29.97
N1 B8T C 3196 31.69 -34.04 -39.90
C2 B8T C 3196 32.95 -34.60 -39.34
N3 B8T C 3196 32.91 -35.46 -38.10
C4 B8T C 3196 31.65 -35.73 -37.46
C5 B8T C 3196 30.39 -35.18 -38.02
C6 B8T C 3196 30.42 -34.33 -39.26
O2 B8T C 3196 33.98 -34.38 -39.86
C1' B8T C 3196 31.74 -33.21 -41.12
C2' B8T C 3196 30.69 -33.57 -42.16
C3' B8T C 3196 30.60 -32.26 -42.95
C4' B8T C 3196 30.84 -31.20 -41.89
C41 B8T C 3196 30.33 -36.86 -35.59
C5' B8T C 3196 29.63 -30.42 -41.42
N4 B8T C 3196 31.60 -36.57 -36.24
O2' B8T C 3196 31.07 -34.69 -42.92
O3' B8T C 3196 31.65 -32.23 -43.92
O4' B8T C 3196 31.45 -31.87 -40.76
O5' B8T C 3196 28.54 -31.27 -41.08
OP1 B8T C 3196 26.28 -32.28 -41.36
OP2 B8T C 3196 26.67 -29.74 -41.77
P B8T C 3196 27.15 -31.18 -41.86
N2 B8K C 3215 -16.83 -17.08 -86.70
C2 B8K C 3215 -15.86 -16.54 -87.57
C8 B8K C 3215 -13.25 -16.20 -91.67
N1 B8K C 3215 -15.04 -15.41 -87.17
C6 B8K C 3215 -14.04 -14.87 -88.07
C5 B8K C 3215 -13.83 -15.48 -89.46
C4 B8K C 3215 -14.67 -16.62 -89.83
N3 B8K C 3215 -15.66 -17.15 -88.92
C1' B8K C 3215 -15.02 -18.21 -91.83
C2' B8K C 3215 -16.31 -17.73 -92.49
C3' B8K C 3215 -15.80 -17.36 -93.88
C4' B8K C 3215 -14.84 -18.50 -94.15
C5' B8K C 3215 -13.83 -18.31 -95.25
N7 B8K C 3215 -12.94 -15.17 -90.56
N9 B8K C 3215 -14.35 -17.10 -91.14
O2' B8K C 3215 -17.21 -18.81 -92.56
O3' B8K C 3215 -16.81 -17.23 -94.86
O4' B8K C 3215 -14.17 -18.68 -92.86
O5' B8K C 3215 -13.03 -17.16 -95.06
O6 B8K C 3215 -13.40 -13.93 -87.69
OP1 B8K C 3215 -11.88 -17.26 -97.31
P B8K C 3215 -11.68 -16.94 -95.87
C71 B8K C 3215 -11.92 -14.15 -90.77
C72 B8K C 3215 -11.51 -13.07 -89.75
O71 B8K C 3215 -11.35 -14.15 -91.80
OP2 B8K C 3215 -11.12 -15.61 -95.45
P OMG C 3307 -37.55 -48.91 -101.51
OP1 OMG C 3307 -37.97 -49.80 -102.64
OP2 OMG C 3307 -37.27 -47.46 -101.78
O5' OMG C 3307 -38.66 -49.02 -100.38
C5' OMG C 3307 -39.10 -50.28 -99.93
C4' OMG C 3307 -38.46 -50.65 -98.61
O4' OMG C 3307 -37.98 -49.44 -97.98
C3' OMG C 3307 -39.39 -51.32 -97.60
O3' OMG C 3307 -38.63 -52.15 -96.74
C2' OMG C 3307 -39.89 -50.12 -96.80
O2' OMG C 3307 -40.36 -50.43 -95.51
CM2 OMG C 3307 -41.46 -51.35 -95.49
C1' OMG C 3307 -38.62 -49.27 -96.73
N9 OMG C 3307 -38.86 -47.85 -96.52
C8 OMG C 3307 -39.14 -47.01 -97.54
N7 OMG C 3307 -39.30 -45.77 -97.02
C5 OMG C 3307 -39.12 -45.85 -95.69
C6 OMG C 3307 -39.18 -44.81 -94.58
O6 OMG C 3307 -39.42 -43.69 -94.83
N1 OMG C 3307 -38.95 -45.20 -93.22
C2 OMG C 3307 -38.66 -46.57 -92.91
N2 OMG C 3307 -38.43 -46.97 -91.56
N3 OMG C 3307 -38.60 -47.56 -93.98
C4 OMG C 3307 -38.85 -47.15 -95.39
P 2MG C 3309 -34.48 -55.21 -101.24
OP1 2MG C 3309 -33.71 -54.84 -102.48
OP2 2MG C 3309 -35.97 -54.94 -101.18
O5' 2MG C 3309 -34.25 -56.75 -100.98
C5' 2MG C 3309 -32.96 -57.33 -101.10
C4' 2MG C 3309 -33.03 -58.84 -101.11
O4' 2MG C 3309 -33.94 -59.26 -100.06
C3' 2MG C 3309 -33.57 -59.45 -102.40
O3' 2MG C 3309 -32.97 -60.73 -102.59
C2' 2MG C 3309 -35.05 -59.63 -102.09
O2' 2MG C 3309 -35.69 -60.61 -102.88
C1' 2MG C 3309 -34.98 -60.03 -100.62
N9 2MG C 3309 -36.22 -59.76 -99.88
C8 2MG C 3309 -36.77 -58.70 -99.27
N7 2MG C 3309 -37.96 -59.10 -98.76
C5 2MG C 3309 -38.13 -60.38 -99.04
C6 2MG C 3309 -39.24 -61.39 -98.74
O6 2MG C 3309 -40.19 -61.05 -98.12
N1 2MG C 3309 -39.14 -62.75 -99.20
C2 2MG C 3309 -37.97 -63.14 -99.94
N2 2MG C 3309 -37.76 -64.49 -100.45
CM2 2MG C 3309 -36.53 -64.72 -101.17
N3 2MG C 3309 -36.92 -62.18 -100.22
C4 2MG C 3309 -37.04 -60.79 -99.74
N1 OMU E 14 -15.56 -80.37 -15.86
C2 OMU E 14 -16.78 -79.58 -16.17
N3 OMU E 14 -18.02 -80.27 -16.65
C4 OMU E 14 -18.02 -81.72 -16.81
C5 OMU E 14 -16.80 -82.49 -16.50
C6 OMU E 14 -15.59 -81.81 -16.04
O2 OMU E 14 -16.78 -78.41 -16.03
O4 OMU E 14 -19.00 -82.27 -17.18
C1' OMU E 14 -14.31 -79.73 -15.42
C2' OMU E 14 -14.34 -79.21 -13.99
O2' OMU E 14 -13.77 -77.92 -13.97
CM2 OMU E 14 -13.76 -77.25 -15.20
C3' OMU E 14 -13.42 -80.20 -13.25
C4' OMU E 14 -12.49 -80.71 -14.34
O3' OMU E 14 -12.71 -79.60 -12.18
O4' OMU E 14 -13.28 -80.69 -15.53
C5' OMU E 14 -11.97 -82.11 -14.12
O5' OMU E 14 -13.04 -83.02 -13.93
P OMU E 14 -12.82 -84.59 -14.12
OP1 OMU E 14 -11.70 -85.03 -13.21
OP2 OMU E 14 -14.17 -85.25 -14.06
P A2M F 27 61.02 35.59 -30.74
OP1 A2M F 27 61.53 34.75 -31.88
O5' A2M F 27 59.40 35.88 -30.90
C5' A2M F 27 58.56 34.80 -31.14
C4' A2M F 27 57.11 35.22 -31.00
O4' A2M F 27 56.86 35.82 -29.52
C3' A2M F 27 56.83 36.21 -31.80
O3' A2M F 27 56.43 35.70 -33.15
C2' A2M F 27 55.61 36.85 -31.11
O2' A2M F 27 54.52 36.09 -31.31
C1' A2M F 27 55.99 36.79 -29.63
CM' A2M F 27 53.39 36.49 -30.58
N9 A2M F 27 56.58 38.04 -29.15
C8 A2M F 27 57.90 38.12 -29.02
N7 A2M F 27 58.15 39.35 -28.57
C5 A2M F 27 56.98 39.99 -28.43
C6 A2M F 27 56.68 41.27 -27.99
N6 A2M F 27 57.43 42.41 -27.53
N1 A2M F 27 55.43 41.67 -27.95
C2 A2M F 27 54.43 40.83 -28.31
N3 A2M F 27 54.71 39.58 -28.74
C4 A2M F 27 56.00 39.18 -28.78
OP2 A2M F 27 61.78 36.89 -30.63
N1 OMU F 116 94.78 0.38 -16.19
C2 OMU F 116 94.44 1.79 -16.55
N3 OMU F 116 94.98 2.92 -15.74
C4 OMU F 116 95.83 2.65 -14.59
C5 OMU F 116 96.16 1.25 -14.24
C6 OMU F 116 95.62 0.14 -15.05
O2 OMU F 116 93.74 2.00 -17.49
O4 OMU F 116 96.26 3.54 -13.94
C1' OMU F 116 94.25 -0.74 -16.98
C2' OMU F 116 94.93 -0.88 -18.34
O2' OMU F 116 93.99 -1.39 -19.26
CM2 OMU F 116 93.37 -0.39 -20.03
C3' OMU F 116 96.00 -1.92 -18.03
C4' OMU F 116 95.30 -2.83 -17.04
O3' OMU F 116 96.47 -2.61 -19.17
O4' OMU F 116 94.48 -1.94 -16.26
C5' OMU F 116 96.19 -3.63 -16.13
O5' OMU F 116 95.88 -3.40 -14.76
P OMU F 116 97.02 -3.28 -13.67
OP1 OMU F 116 97.91 -4.50 -13.81
OP2 OMU F 116 97.62 -1.91 -13.74
N1 PSU F 119 100.71 5.14 -25.28
C2 PSU F 119 101.02 6.10 -24.36
N3 PSU F 119 101.27 7.39 -24.76
C4 PSU F 119 101.20 7.73 -26.10
C5 PSU F 119 100.89 6.74 -27.04
C6 PSU F 119 100.64 5.45 -26.60
O2 PSU F 119 101.09 5.82 -23.17
O4 PSU F 119 101.44 8.89 -26.44
C1' PSU F 119 100.80 7.03 -28.50
C2' PSU F 119 102.13 7.52 -29.06
O2' PSU F 119 101.87 8.42 -30.12
C3' PSU F 119 102.74 6.23 -29.59
C4' PSU F 119 101.52 5.47 -30.10
O3' PSU F 119 103.72 6.42 -30.59
O4' PSU F 119 100.47 5.83 -29.17
C5' PSU F 119 101.66 3.98 -30.19
O5' PSU F 119 101.99 3.41 -28.94
P PSU F 119 101.98 1.83 -28.72
OP1 PSU F 119 102.70 1.21 -29.85
OP2 PSU F 119 102.44 1.56 -27.34
N1 OMU F 121 109.17 9.54 -24.12
C2 OMU F 121 108.99 8.73 -22.88
N3 OMU F 121 108.41 7.36 -22.96
C4 OMU F 121 108.01 6.82 -24.25
C5 OMU F 121 108.19 7.62 -25.48
C6 OMU F 121 108.78 8.98 -25.39
O2 OMU F 121 109.32 9.18 -21.83
O4 OMU F 121 107.54 5.74 -24.33
C1' OMU F 121 109.75 10.89 -24.05
C2' OMU F 121 111.28 10.85 -24.11
O2' OMU F 121 111.79 12.00 -23.47
CM2 OMU F 121 111.85 11.90 -22.07
C3' OMU F 121 111.50 10.93 -25.62
C4' OMU F 121 110.43 11.93 -26.04
O3' OMU F 121 112.81 11.32 -25.98
O4' OMU F 121 109.31 11.63 -25.16
C5' OMU F 121 110.00 11.84 -27.48
O5' OMU F 121 109.93 10.49 -27.92
P OMU F 121 109.42 10.14 -29.39
OP1 OMU F 121 110.22 10.93 -30.38
OP2 OMU F 121 109.36 8.63 -29.50
P A2M F 150 69.60 -6.54 -62.81
OP1 A2M F 150 70.59 -6.24 -63.91
O5' A2M F 150 69.12 -5.14 -62.07
C5' A2M F 150 70.01 -4.50 -61.22
C4' A2M F 150 69.34 -4.28 -59.89
O4' A2M F 150 68.24 -5.43 -59.59
C3' A2M F 150 70.22 -4.42 -58.94
O3' A2M F 150 70.86 -3.09 -58.71
C2' A2M F 150 69.41 -4.87 -57.71
O2' A2M F 150 69.06 -3.78 -56.98
C1' A2M F 150 68.17 -5.57 -58.30
CM' A2M F 150 68.00 -3.96 -56.09
N9 A2M F 150 68.15 -7.01 -57.98
C8 A2M F 150 68.13 -7.88 -58.98
N7 A2M F 150 68.12 -9.09 -58.41
C5 A2M F 150 68.12 -8.95 -57.08
C6 A2M F 150 68.12 -9.86 -56.05
N6 A2M F 150 68.10 -11.30 -55.92
N1 A2M F 150 68.13 -9.44 -54.79
C2 A2M F 150 68.15 -8.12 -54.51
N3 A2M F 150 68.16 -7.21 -55.52
C4 A2M F 150 68.14 -7.64 -56.79
OP2 A2M F 150 70.17 -7.52 -61.82
P A2M F 157 88.14 -23.58 -57.68
OP1 A2M F 157 88.15 -24.78 -56.76
O5' A2M F 157 89.37 -23.63 -58.77
C5' A2M F 157 89.49 -22.56 -59.65
C4' A2M F 157 89.67 -23.07 -61.06
O4' A2M F 157 88.66 -22.30 -62.07
C3' A2M F 157 90.89 -22.77 -61.43
O3' A2M F 157 91.75 -23.98 -61.34
C2' A2M F 157 90.80 -22.23 -62.87
O2' A2M F 157 90.99 -23.22 -63.78
C1' A2M F 157 89.37 -21.67 -62.97
CM' A2M F 157 91.93 -22.88 -64.75
N9 A2M F 157 89.41 -20.22 -62.70
C8 A2M F 157 88.64 -19.74 -61.73
N7 A2M F 157 88.89 -18.43 -61.72
C5 A2M F 157 89.80 -18.14 -62.66
C6 A2M F 157 90.40 -16.97 -63.06
N6 A2M F 157 90.33 -15.58 -62.66
N1 A2M F 157 91.27 -16.96 -64.04
C2 A2M F 157 91.60 -18.12 -64.67
N3 A2M F 157 91.03 -19.27 -64.28
C4 A2M F 157 90.13 -19.27 -63.28
OP2 A2M F 157 88.18 -22.29 -56.90
N1 OMC F 165 101.59 -15.23 -42.71
C2 OMC F 165 102.41 -16.05 -43.66
N3 OMC F 165 103.84 -15.67 -43.92
C4 OMC F 165 104.42 -14.54 -43.25
C5 OMC F 165 103.61 -13.72 -42.32
C6 OMC F 165 102.19 -14.09 -42.05
O2 OMC F 165 101.94 -16.98 -44.21
N4 OMC F 165 105.81 -14.18 -43.50
C1' OMC F 165 100.18 -15.59 -42.46
C2' OMC F 165 100.02 -16.59 -41.32
O2' OMC F 165 98.90 -17.42 -41.60
CM2 OMC F 165 98.93 -18.08 -42.83
C3' OMC F 165 99.72 -15.67 -40.16
C4' OMC F 165 98.89 -14.58 -40.80
O4' OMC F 165 99.47 -14.42 -42.12
O3' OMC F 165 99.07 -16.29 -39.07
C5' OMC F 165 98.90 -13.25 -40.09
O5' OMC F 165 100.22 -12.86 -39.77
P OMC F 165 100.53 -11.38 -39.24
OP1 OMC F 165 99.64 -11.15 -38.04
OP2 OMC F 165 102.02 -11.21 -39.11
P A2M F 409 53.65 30.59 -35.35
OP1 A2M F 409 53.50 30.83 -36.83
O5' A2M F 409 55.21 30.78 -34.86
C5' A2M F 409 55.85 31.99 -35.10
C4' A2M F 409 57.13 32.03 -34.28
O4' A2M F 409 56.75 31.95 -32.72
C3' A2M F 409 57.83 30.97 -34.56
O3' A2M F 409 58.88 31.29 -35.58
C2' A2M F 409 58.51 30.60 -33.22
O2' A2M F 409 59.71 31.20 -33.14
C1' A2M F 409 57.58 31.14 -32.12
CM' A2M F 409 60.45 30.86 -32.01
N9 A2M F 409 56.83 30.03 -31.49
C8 A2M F 409 55.74 29.58 -32.09
N7 A2M F 409 55.27 28.60 -31.32
C5 A2M F 409 56.09 28.47 -30.25
C6 A2M F 409 56.06 27.63 -29.17
N6 A2M F 409 55.21 26.55 -28.70
N1 A2M F 409 56.99 27.71 -28.24
C2 A2M F 409 57.98 28.63 -28.35
N3 A2M F 409 58.01 29.46 -29.42
C4 A2M F 409 57.06 29.38 -30.36
OP2 A2M F 409 53.10 29.24 -34.97
P OMG F 434 82.07 23.85 -35.83
OP1 OMG F 434 81.74 24.26 -34.42
OP2 OMG F 434 80.95 23.67 -36.81
O5' OMG F 434 83.09 24.92 -36.41
C5' OMG F 434 84.10 25.48 -35.58
C4' OMG F 434 85.29 25.93 -36.38
O4' OMG F 434 85.70 24.88 -37.30
C3' OMG F 434 85.08 27.13 -37.29
O3' OMG F 434 85.13 28.36 -36.59
C2' OMG F 434 86.17 26.95 -38.32
O2' OMG F 434 87.43 27.32 -37.76
CM2 OMG F 434 88.45 27.54 -38.72
C1' OMG F 434 86.17 25.44 -38.50
N9 OMG F 434 85.26 25.03 -39.59
C8 OMG F 434 84.14 24.32 -39.32
N7 OMG F 434 83.50 24.09 -40.48
C5 OMG F 434 84.22 24.65 -41.46
C6 OMG F 434 83.99 24.72 -42.97
O6 OMG F 434 83.05 24.21 -43.45
N1 OMG F 434 84.93 25.40 -43.80
C2 OMG F 434 86.07 26.01 -43.21
N2 OMG F 434 87.01 26.69 -44.04
N3 OMG F 434 86.29 25.95 -41.76
C4 OMG F 434 85.31 25.24 -40.90
N1 OMC F 442 68.15 39.08 -31.28
C2 OMC F 442 69.23 38.82 -30.29
N3 OMC F 442 70.66 38.98 -30.70
C4 OMC F 442 70.99 39.38 -32.04
C5 OMC F 442 69.92 39.64 -33.03
C6 OMC F 442 68.50 39.49 -32.63
O2 OMC F 442 68.97 38.49 -29.19
N4 OMC F 442 72.38 39.54 -32.42
C1' OMC F 442 66.74 38.92 -30.90
C2' OMC F 442 66.28 39.98 -29.89
O2' OMC F 442 65.32 39.40 -29.03
CM2 OMC F 442 65.85 38.92 -27.83
C3' OMC F 442 65.64 41.01 -30.81
C4' OMC F 442 65.00 40.15 -31.88
O4' OMC F 442 65.93 39.05 -32.05
O3' OMC F 442 64.72 41.86 -30.15
C5' OMC F 442 64.77 40.83 -33.21
O5' OMC F 442 66.01 41.14 -33.82
P OMC F 442 66.08 41.56 -35.35
OP1 OMC F 442 67.53 41.76 -35.70
OP2 OMC F 442 65.24 40.57 -36.13
C1' MMX F 493 86.74 54.68 -62.66
C2 MMX F 493 85.83 54.69 -60.18
C2' MMX F 493 87.31 53.31 -63.01
C3' MMX F 493 86.05 52.46 -63.03
C4 MMX F 493 87.42 55.54 -58.40
C4' MMX F 493 85.06 53.41 -63.66
C5 MMX F 493 88.15 56.22 -59.49
C5' MMX F 493 83.59 53.10 -63.51
C6 MMX F 493 88.16 55.50 -60.78
N1 MMX F 493 86.88 54.96 -61.21
N3 MMX F 493 86.04 54.99 -58.75
N4 MMX F 493 87.39 56.40 -57.22
O2 MMX F 493 84.79 54.25 -60.51
O2' MMX F 493 87.88 53.38 -64.32
O3' MMX F 493 86.20 51.22 -63.71
O4' MMX F 493 85.38 54.68 -63.02
O5' MMX F 493 83.32 52.17 -62.48
OP1 MMX F 493 81.96 50.48 -63.72
OP2 MMX F 493 81.82 50.66 -61.13
P MMX F 493 81.97 51.32 -62.48
C31 MMX F 493 85.00 54.71 -57.76
C32 MMX F 493 84.34 55.96 -57.19
N1 PSU F 537 28.16 64.34 -32.00
C2 PSU F 537 28.39 64.17 -30.65
N3 PSU F 537 28.18 62.95 -30.06
C4 PSU F 537 27.73 61.89 -30.81
C5 PSU F 537 27.48 62.06 -32.17
C6 PSU F 537 27.72 63.31 -32.74
O2 PSU F 537 28.79 65.12 -29.97
O4 PSU F 537 27.54 60.80 -30.27
C1' PSU F 537 27.02 60.94 -33.05
C2' PSU F 537 25.69 60.28 -32.67
O2' PSU F 537 25.83 58.88 -32.82
C3' PSU F 537 24.73 60.84 -33.71
C4' PSU F 537 25.62 61.04 -34.93
O3' PSU F 537 23.65 59.97 -33.97
O4' PSU F 537 26.91 61.39 -34.38
C5' PSU F 537 25.17 62.12 -35.88
O5' PSU F 537 25.15 63.39 -35.24
P PSU F 537 24.97 64.73 -36.09
OP1 PSU F 537 23.78 64.46 -36.92
OP2 PSU F 537 25.00 65.88 -35.16
P OMG F 569 67.58 53.20 -32.68
OP1 OMG F 569 68.87 53.98 -32.64
OP2 OMG F 569 67.61 51.71 -32.42
O5' OMG F 569 66.58 53.86 -31.63
C5' OMG F 569 65.40 53.20 -31.22
C4' OMG F 569 64.16 53.99 -31.55
O4' OMG F 569 63.74 53.67 -32.89
C3' OMG F 569 62.94 53.69 -30.69
O3' OMG F 569 62.93 54.41 -29.48
C2' OMG F 569 61.78 54.03 -31.61
O2' OMG F 569 61.56 55.42 -31.65
CM2 OMG F 569 60.41 55.79 -32.40
C1' OMG F 569 62.34 53.61 -32.97
N9 OMG F 569 61.95 52.24 -33.37
C8 OMG F 569 62.82 51.21 -33.27
N7 OMG F 569 62.19 50.12 -33.74
C5 OMG F 569 60.97 50.46 -34.12
C6 OMG F 569 59.82 49.65 -34.72
O6 OMG F 569 59.94 48.51 -34.92
N1 OMG F 569 58.59 50.30 -35.04
C2 OMG F 569 58.44 51.70 -34.80
N2 OMG F 569 57.22 52.36 -35.13
N3 OMG F 569 59.54 52.47 -34.23
C4 OMG F 569 60.82 51.79 -33.90
P A2M F 593 36.93 42.28 14.61
OP1 A2M F 593 35.64 41.55 14.38
O5' A2M F 593 37.46 42.92 13.19
C5' A2M F 593 38.76 43.42 13.16
C4' A2M F 593 39.00 44.00 11.78
O4' A2M F 593 40.00 45.25 11.95
C3' A2M F 593 39.62 43.13 11.04
O3' A2M F 593 38.61 42.40 10.21
C2' A2M F 593 40.52 43.99 10.13
O2' A2M F 593 39.94 44.09 8.90
C1' A2M F 593 40.58 45.38 10.79
CM' A2M F 593 40.61 44.92 8.00
N9 A2M F 593 41.97 45.83 11.03
C8 A2M F 593 42.91 44.92 11.24
N7 A2M F 593 44.03 45.62 11.43
C5 A2M F 593 43.76 46.93 11.35
C6 A2M F 593 44.54 48.05 11.46
N6 A2M F 593 45.94 48.34 11.71
N1 A2M F 593 43.99 49.25 11.32
C2 A2M F 593 42.68 49.38 11.06
N3 A2M F 593 41.90 48.28 10.95
C4 A2M F 593 42.45 47.06 11.09
OP2 A2M F 593 37.99 41.37 15.18
P OMG F 608 71.98 29.86 24.48
OP1 OMG F 608 72.84 31.10 24.43
OP2 OMG F 608 72.41 28.62 23.75
O5' OMG F 608 71.77 29.48 26.01
C5' OMG F 608 71.71 30.49 27.01
C4' OMG F 608 70.98 30.03 28.24
O4' OMG F 608 70.09 28.93 27.94
C3' OMG F 608 71.83 29.47 29.36
O3' OMG F 608 72.56 30.47 30.05
C2' OMG F 608 70.80 28.74 30.20
O2' OMG F 608 70.07 29.65 31.01
CM2 OMG F 608 69.67 29.13 32.26
C1' OMG F 608 69.86 28.20 29.12
N9 OMG F 608 70.10 26.77 28.85
C8 OMG F 608 70.47 26.31 27.65
N7 OMG F 608 70.61 24.97 27.75
C5 OMG F 608 70.33 24.62 29.01
C6 OMG F 608 70.33 23.27 29.73
O6 OMG F 608 70.60 22.29 29.14
N1 OMG F 608 69.99 23.20 31.12
C2 OMG F 608 69.67 24.40 31.83
N2 OMG F 608 69.32 24.34 33.22
N3 OMG F 608 69.67 25.68 31.13
C4 OMG F 608 70.02 25.75 29.70
N1 5MU F 668 83.22 36.14 -16.36
C2 5MU F 668 82.84 36.23 -14.84
N3 5MU F 668 83.81 36.06 -13.84
C4 5MU F 668 84.99 35.83 -14.15
C5 5MU F 668 85.58 35.69 -15.63
C5M 5MU F 668 87.04 35.41 -15.90
C6 5MU F 668 84.69 35.84 -16.77
O2 5MU F 668 81.73 36.46 -14.52
O4 5MU F 668 85.72 35.71 -13.22
C1' 5MU F 668 82.19 36.31 -17.39
C2' 5MU F 668 81.62 37.74 -17.41
O2' 5MU F 668 80.23 37.66 -17.69
C3' 5MU F 668 82.37 38.35 -18.57
C4' 5MU F 668 82.48 37.19 -19.54
O3' 5MU F 668 81.73 39.49 -19.13
O4' 5MU F 668 82.76 36.07 -18.66
C5' 5MU F 668 83.54 37.29 -20.60
O5' 5MU F 668 84.82 37.53 -20.05
P 5MU F 668 86.13 37.50 -20.97
OP1 5MU F 668 85.93 38.50 -22.09
OP2 5MU F 668 87.33 37.63 -20.07
N1 PSU F 676 88.25 52.08 -29.14
C2 PSU F 676 87.01 51.50 -29.09
N3 PSU F 676 86.66 50.54 -30.01
C4 PSU F 676 87.56 50.17 -30.98
C5 PSU F 676 88.81 50.78 -31.04
C6 PSU F 676 89.14 51.73 -30.08
O2 PSU F 676 86.21 51.84 -28.22
O4 PSU F 676 87.25 49.31 -31.81
C1' PSU F 676 89.82 50.38 -32.07
C2' PSU F 676 89.50 50.83 -33.49
O2' PSU F 676 89.87 49.78 -34.38
C3' PSU F 676 90.41 52.04 -33.67
C4' PSU F 676 91.60 51.73 -32.79
O3' PSU F 676 90.80 52.25 -35.03
O4' PSU F 676 91.06 50.95 -31.69
C5' PSU F 676 92.33 52.93 -32.23
O5' PSU F 676 93.16 52.58 -31.13
P PSU F 676 94.47 53.41 -30.81
OP1 PSU F 676 95.26 52.67 -29.83
OP2 PSU F 676 95.09 53.80 -32.10
N1 PSU F 677 86.39 55.86 -36.71
C2 PSU F 677 85.33 56.68 -37.02
N3 PSU F 677 85.45 58.04 -36.87
C4 PSU F 677 86.63 58.58 -36.42
C5 PSU F 677 87.69 57.75 -36.10
C6 PSU F 677 87.55 56.37 -36.26
O2 PSU F 677 84.28 56.20 -37.43
O4 PSU F 677 86.74 59.79 -36.29
C1' PSU F 677 88.97 58.34 -35.61
C2' PSU F 677 88.99 58.44 -34.09
O2' PSU F 677 89.75 59.57 -33.73
C3' PSU F 677 89.71 57.15 -33.71
C4' PSU F 677 90.74 57.00 -34.83
O3' PSU F 677 90.30 57.18 -32.43
O4' PSU F 677 90.05 57.51 -36.01
C5' PSU F 677 91.21 55.61 -35.09
O5' PSU F 677 90.14 54.68 -35.01
P PSU F 677 90.10 53.38 -35.93
OP1 PSU F 677 88.70 52.97 -36.16
OP2 PSU F 677 90.98 53.64 -37.09
P A2M F 879 44.04 10.13 27.34
OP1 A2M F 879 43.31 8.82 27.47
O5' A2M F 879 43.76 11.08 28.66
C5' A2M F 879 43.70 10.48 29.91
C4' A2M F 879 43.74 11.54 30.99
O4' A2M F 879 44.95 12.57 30.68
C3' A2M F 879 42.67 12.28 30.98
O3' A2M F 879 41.54 11.68 31.75
C2' A2M F 879 43.17 13.56 31.69
O2' A2M F 879 43.27 13.33 33.01
C1' A2M F 879 44.57 13.74 31.09
CM' A2M F 879 43.78 14.42 33.74
N9 A2M F 879 44.50 14.68 29.96
C8 A2M F 879 44.70 14.21 28.74
N7 A2M F 879 44.60 15.25 27.93
C5 A2M F 879 44.32 16.35 28.67
C6 A2M F 879 44.11 17.66 28.33
N6 A2M F 879 44.08 18.45 27.11
N1 A2M F 879 43.86 18.56 29.27
C2 A2M F 879 43.80 18.18 30.56
N3 A2M F 879 44.01 16.89 30.90
C4 A2M F 879 44.27 15.98 29.94
OP2 A2M F 879 43.69 10.83 26.07
N1 PSU F 929 33.89 20.62 24.09
C2 PSU F 929 33.00 21.16 24.99
N3 PSU F 929 31.85 21.76 24.55
C4 PSU F 929 31.59 21.82 23.20
C5 PSU F 929 32.49 21.27 22.29
C6 PSU F 929 33.64 20.67 22.77
O2 PSU F 929 33.26 21.10 26.19
O4 PSU F 929 30.55 22.36 22.83
C1' PSU F 929 32.20 21.31 20.81
C2' PSU F 929 32.12 22.72 20.23
O2' PSU F 929 30.94 22.81 19.45
C3' PSU F 929 33.35 22.79 19.33
C4' PSU F 929 33.52 21.34 18.88
O3' PSU F 929 33.20 23.67 18.24
O4' PSU F 929 33.14 20.58 20.05
C5' PSU F 929 34.90 20.94 18.42
O5' PSU F 929 35.89 21.20 19.40
P PSU F 929 36.89 20.06 19.85
OP1 PSU F 929 37.34 19.35 18.64
OP2 PSU F 929 37.91 20.65 20.75
N1 B8Q F 1067 -8.29 70.12 24.59
C2 B8Q F 1067 -8.66 71.40 25.19
C5 B8Q F 1067 -7.93 71.34 22.46
C1' B8Q F 1067 -8.52 68.80 25.20
C2' B8Q F 1067 -9.94 68.61 25.75
C3' B8Q F 1067 -10.58 67.68 24.72
C4 B8Q F 1067 -7.74 72.65 23.24
C4' B8Q F 1067 -9.40 66.87 24.21
C5' B8Q F 1067 -9.57 66.26 22.85
C6 B8Q F 1067 -7.66 70.12 23.32
C31 B8Q F 1067 -8.80 73.94 25.17
N3 B8Q F 1067 -8.41 72.68 24.54
N4 B8Q F 1067 -8.23 73.75 22.41
O2 B8Q F 1067 -9.20 71.43 26.25
O2' B8Q F 1067 -9.86 67.98 27.02
O3' B8Q F 1067 -11.58 66.84 25.29
O4' B8Q F 1067 -8.32 67.83 24.20
O5' B8Q F 1067 -9.80 67.24 21.85
OP1 B8Q F 1067 -10.83 65.67 20.21
OP2 B8Q F 1067 -10.14 68.09 19.51
P B8Q F 1067 -9.88 66.83 20.31
N1 PSU F 1091 -6.97 76.89 -23.47
C2 PSU F 1091 -6.07 77.75 -22.86
N3 PSU F 1091 -4.80 77.89 -23.36
C4 PSU F 1091 -4.43 77.16 -24.47
C5 PSU F 1091 -5.34 76.32 -25.09
C6 PSU F 1091 -6.61 76.19 -24.56
O2 PSU F 1091 -6.42 78.39 -21.87
O4 PSU F 1091 -3.29 77.29 -24.92
C1' PSU F 1091 -4.93 75.53 -26.30
C2' PSU F 1091 -4.03 74.37 -25.87
O2' PSU F 1091 -3.14 74.08 -26.93
C3' PSU F 1091 -5.05 73.25 -25.71
C4' PSU F 1091 -6.00 73.52 -26.86
O3' PSU F 1091 -4.48 71.96 -25.74
O4' PSU F 1091 -6.07 74.97 -26.93
C5' PSU F 1091 -7.40 72.95 -26.72
O5' PSU F 1091 -8.21 73.80 -25.92
P PSU F 1091 -9.20 73.17 -24.84
OP1 PSU F 1091 -8.53 72.04 -24.16
OP2 PSU F 1091 -9.70 74.30 -24.01
O5' B8N F 1096 1.26 66.81 -4.07
C5' B8N F 1096 -0.15 66.89 -3.90
C4' B8N F 1096 -0.52 66.82 -2.44
O4' B8N F 1096 0.17 65.72 -1.84
C3' B8N F 1096 -0.11 68.02 -1.61
O3' B8N F 1096 -1.07 69.07 -1.67
C2' B8N F 1096 0.03 67.45 -0.20
O2' B8N F 1096 -1.20 67.46 0.49
C1' B8N F 1096 0.40 65.99 -0.47
C5 B8N F 1096 1.89 65.58 -0.13
C6 B8N F 1096 2.78 65.42 -1.23
N1 B8N F 1096 4.22 64.99 -0.82
C2 B8N F 1096 4.57 64.79 0.69
N3 B8N F 1096 3.60 64.96 1.69
C4 B8N F 1096 2.43 65.31 1.39
C34 B8N F 1096 4.19 64.24 5.77
CN1 B8N F 1096 5.25 64.80 -1.85
N34 B8N F 1096 6.18 63.29 4.78
O2 B8N F 1096 5.68 64.47 0.98
O4 B8N F 1096 1.69 65.44 2.29
OP1 B8N F 1096 3.19 66.78 -5.66
OP2 B8N F 1096 1.91 64.59 -5.04
P B8N F 1096 1.89 66.07 -5.33
C31 B8N F 1096 3.97 64.76 3.11
C32 B8N F 1096 4.15 63.25 3.45
C33 B8N F 1096 4.76 63.14 4.87
O36 B8N F 1096 4.92 65.21 6.11
O35 B8N F 1096 3.00 64.17 6.17
P 4AC F 1185 10.06 88.91 -4.02
OP1 4AC F 1185 9.40 89.97 -3.16
OP2 4AC F 1185 11.47 88.49 -3.75
O5' 4AC F 1185 9.15 87.60 -3.99
C5' 4AC F 1185 7.75 87.69 -4.18
C4' 4AC F 1185 7.15 86.34 -4.50
O4' 4AC F 1185 7.91 85.72 -5.56
C3' 4AC F 1185 7.18 85.32 -3.39
O3' 4AC F 1185 6.17 85.51 -2.42
C2' 4AC F 1185 7.03 84.01 -4.16
O2' 4AC F 1185 5.68 83.77 -4.50
C1' 4AC F 1185 7.80 84.32 -5.44
N1 4AC F 1185 9.17 83.73 -5.42
C2 4AC F 1185 9.35 82.28 -5.62
O2 4AC F 1185 8.41 81.59 -5.82
N3 4AC F 1185 10.70 81.68 -5.59
C4 4AC F 1185 11.86 82.51 -5.35
N4 4AC F 1185 13.16 81.85 -5.33
C5 4AC F 1185 11.68 83.97 -5.13
C6 4AC F 1185 10.33 84.58 -5.16
C7 4AC F 1185 14.44 82.51 -5.11
O7 4AC F 1185 14.53 83.67 -4.91
CM7 4AC F 1185 15.71 81.66 -5.13
P 5MC F 1222 22.90 89.46 31.53
OP1 5MC F 1222 23.51 90.82 31.75
OP2 5MC F 1222 23.55 88.49 30.57
O5' 5MC F 1222 22.77 88.74 32.94
C5' 5MC F 1222 21.99 89.34 33.97
C4' 5MC F 1222 21.70 88.36 35.07
O4' 5MC F 1222 20.84 87.29 34.59
C3' 5MC F 1222 22.89 87.61 35.65
O3' 5MC F 1222 23.69 88.38 36.50
C2' 5MC F 1222 22.20 86.42 36.32
O2' 5MC F 1222 21.61 86.84 37.54
C1' 5MC F 1222 21.09 86.12 35.33
N1 5MC F 1222 21.47 85.03 34.40
C2 5MC F 1222 21.39 83.62 34.87
O2 5MC F 1222 21.03 83.39 35.97
N3 5MC F 1222 21.76 82.50 33.96
C4 5MC F 1222 22.20 82.78 32.61
N4 5MC F 1222 22.56 81.69 31.73
C5 5MC F 1222 22.29 84.19 32.14
C6 5MC F 1222 21.92 85.31 33.05
CM5 5MC F 1222 22.76 84.48 30.72
P A2M F 1516 -14.61 76.03 30.38
OP1 A2M F 1516 -14.68 74.98 31.46
O5' A2M F 1516 -13.05 76.28 29.91
C5' A2M F 1516 -12.23 75.18 29.67
C4' A2M F 1516 -10.89 75.67 29.15
O4' A2M F 1516 -11.12 76.41 27.75
C3' A2M F 1516 -10.40 76.59 29.96
O3' A2M F 1516 -9.51 75.95 30.97
C2' A2M F 1516 -9.57 77.48 29.04
O2' A2M F 1516 -8.34 76.94 28.86
C1' A2M F 1516 -10.29 77.43 27.69
CM' A2M F 1516 -7.58 77.49 27.83
N9 A2M F 1516 -11.05 78.64 27.32
C8 A2M F 1516 -12.33 78.71 27.65
N7 A2M F 1516 -12.76 79.88 27.16
C5 A2M F 1516 -11.73 80.49 26.54
C6 A2M F 1516 -11.63 81.69 25.88
N6 A2M F 1516 -12.52 82.79 25.56
N1 A2M F 1516 -10.47 82.06 25.36
C2 A2M F 1516 -9.39 81.26 25.45
N3 A2M F 1516 -9.48 80.08 26.10
C4 A2M F 1516 -10.65 79.70 26.63
OP2 A2M F 1516 -15.25 77.32 30.82
N1 OMC F 1541 17.81 49.56 3.55
C2 OMC F 1541 17.25 48.61 4.56
N3 OMC F 1541 15.80 48.26 4.50
C4 OMC F 1541 14.95 48.82 3.49
C5 OMC F 1541 15.50 49.76 2.49
C6 OMC F 1541 16.94 50.13 2.54
O2 OMC F 1541 17.94 48.15 5.39
N4 OMC F 1541 13.54 48.46 3.45
C1' OMC F 1541 19.23 49.94 3.59
C2' OMC F 1541 20.16 48.83 3.10
O2' OMC F 1541 21.37 48.90 3.85
CM2 OMC F 1541 21.24 48.48 5.18
C3' OMC F 1541 20.40 49.24 1.66
C4' OMC F 1541 20.39 50.76 1.73
O4' OMC F 1541 19.42 51.06 2.76
O3' OMC F 1541 21.61 48.73 1.12
C5' OMC F 1541 20.00 51.48 0.46
O5' OMC F 1541 18.59 51.45 0.26
P OMC F 1541 17.88 52.50 -0.71
OP1 OMC F 1541 18.83 52.80 -1.85
OP2 OMC F 1541 16.50 52.01 -1.02
N1 OMC F 1548 13.85 32.17 -14.82
C2 OMC F 1548 14.63 33.42 -14.63
N3 OMC F 1548 15.60 33.53 -13.50
C4 OMC F 1548 15.79 32.41 -12.60
C5 OMC F 1548 15.01 31.16 -12.79
C6 OMC F 1548 14.04 31.06 -13.90
O2 OMC F 1548 14.49 34.34 -15.36
N4 OMC F 1548 16.74 32.52 -11.50
C1' OMC F 1548 12.89 32.06 -15.94
C2' OMC F 1548 13.59 31.67 -17.24
O2' OMC F 1548 12.89 32.28 -18.31
CM2 OMC F 1548 13.49 33.45 -18.80
C3' OMC F 1548 13.38 30.17 -17.25
C4' OMC F 1548 11.99 30.04 -16.66
O4' OMC F 1548 11.96 31.04 -15.63
O3' OMC F 1548 13.51 29.58 -18.54
C5' OMC F 1548 11.64 28.69 -16.08
O5' OMC F 1548 12.44 28.38 -14.96
P OMC F 1548 12.10 27.13 -14.03
OP1 OMC F 1548 11.78 25.97 -14.93
OP2 OMC F 1548 13.20 26.99 -13.01
C1' M7A F 1635 47.31 -6.71 -11.51
C2 M7A F 1635 50.44 -3.80 -12.74
C2' M7A F 1635 46.99 -5.96 -10.22
C3' M7A F 1635 45.47 -6.05 -10.23
C4 M7A F 1635 48.47 -5.03 -12.94
C4' M7A F 1635 45.25 -7.47 -10.69
C5 M7A F 1635 48.49 -4.82 -14.31
C5' M7A F 1635 43.91 -7.77 -11.31
C6 M7A F 1635 49.52 -4.11 -14.86
C8 M7A F 1635 46.68 -6.31 -13.87
C71 M7A F 1635 46.35 -4.55 -15.50
N1 M7A F 1635 50.48 -3.61 -14.09
N3 M7A F 1635 49.42 -4.51 -12.17
N6 M7A F 1635 50.12 -3.58 -16.06
N7 M7A F 1635 47.31 -5.51 -14.89
N9 M7A F 1635 47.23 -5.79 -12.66
O2' M7A F 1635 47.53 -6.69 -9.13
O3' M7A F 1635 44.86 -5.74 -8.99
O4' M7A F 1635 46.31 -7.70 -11.66
O5' M7A F 1635 43.81 -7.26 -12.62
OP1 M7A F 1635 41.43 -8.03 -12.95
OP2 M7A F 1635 42.84 -7.09 -14.94
P M7A F 1635 42.76 -7.89 -13.66
P UR3 F 1659 5.13 40.47 6.44
OP1 UR3 F 1659 4.36 40.24 7.73
OP2 UR3 F 1659 4.74 41.62 5.54
O5' UR3 F 1659 6.65 40.61 6.82
C5' UR3 F 1659 7.33 39.56 7.51
C4' UR3 F 1659 8.80 39.86 7.66
O4' UR3 F 1659 9.39 40.04 6.35
C1' UR3 F 1659 10.14 41.23 6.33
N1 UR3 F 1659 10.16 41.77 4.96
C6 UR3 F 1659 11.41 42.26 4.42
C2 UR3 F 1659 8.94 41.81 4.12
O2 UR3 F 1659 7.90 41.41 4.54
N3 UR3 F 1659 9.00 42.35 2.74
C3U UR3 F 1659 7.80 42.39 1.92
C4 UR3 F 1659 10.25 42.85 2.20
O4 UR3 F 1659 10.28 43.28 1.08
C5 UR3 F 1659 11.48 42.80 3.03
C2' UR3 F 1659 9.47 42.13 7.35
O2' UR3 F 1659 10.32 43.19 7.77
C3' UR3 F 1659 9.13 41.13 8.45
O3' UR3 F 1659 10.30 40.88 9.25
C2 6MZ F 1661 19.03 45.06 7.52
C4 6MZ F 1661 17.82 43.52 8.81
C5 6MZ F 1661 16.70 43.93 8.22
O1P 6MZ F 1661 14.62 40.59 14.46
O2P 6MZ F 1661 13.59 41.63 12.31
N9 6MZ F 1661 17.49 42.55 9.69
N3 6MZ F 1661 18.99 44.08 8.45
N1 6MZ F 1661 17.90 45.48 6.92
C6 6MZ F 1661 16.75 44.92 7.27
N6 6MZ F 1661 15.75 45.58 6.45
C9 6MZ F 1661 14.34 45.33 6.67
N7 6MZ F 1661 15.68 43.23 8.72
C8 6MZ F 1661 16.18 42.38 9.62
O5' 6MZ F 1661 16.04 41.12 12.46
C5' 6MZ F 1661 17.17 40.33 12.77
C4' 6MZ F 1661 18.45 40.99 12.32
O4' 6MZ F 1661 18.57 40.86 10.88
C1' 6MZ F 1661 18.77 42.13 10.29
C2' 6MZ F 1661 19.28 43.04 11.39
O2' 6MZ F 1661 20.67 42.83 11.53
C3' 6MZ F 1661 18.54 42.49 12.60
O3' 6MZ F 1661 19.17 42.78 13.83
P 6MZ F 1661 14.58 40.70 12.95
P 4AC F 1671 25.48 33.59 15.36
OP1 4AC F 1671 26.11 33.21 14.05
OP2 4AC F 1671 24.04 33.24 15.63
O5' 4AC F 1671 26.35 32.99 16.55
C5' 4AC F 1671 27.76 32.88 16.44
C4' 4AC F 1671 28.37 32.21 17.66
O4' 4AC F 1671 27.80 32.78 18.86
C3' 4AC F 1671 28.11 30.73 17.81
O3' 4AC F 1671 28.97 29.94 16.99
C2' 4AC F 1671 28.33 30.50 19.30
O2' 4AC F 1671 29.71 30.45 19.61
C1' 4AC F 1671 27.76 31.81 19.89
N1 4AC F 1671 26.37 31.65 20.34
C2 4AC F 1671 26.06 30.83 21.53
O2 4AC F 1671 26.92 30.29 22.13
N3 4AC F 1671 24.65 30.69 21.99
C4 4AC F 1671 23.58 31.33 21.27
N4 4AC F 1671 22.22 31.15 21.77
C5 4AC F 1671 23.89 32.15 20.08
C6 4AC F 1671 25.29 32.30 19.62
C7 4AC F 1671 21.02 31.71 21.19
O7 4AC F 1671 21.05 32.40 20.23
CM7 4AC F 1671 19.68 31.42 21.84
C2 MA6 F 1679 8.63 34.28 4.09
C4 MA6 F 1679 9.39 32.08 4.17
C5 MA6 F 1679 8.50 31.81 5.12
P MA6 F 1679 10.67 26.29 5.02
OP1 MA6 F 1679 11.68 25.19 5.01
OP2 MA6 F 1679 10.02 26.69 6.30
O5' MA6 F 1679 11.35 27.59 4.41
C5' MA6 F 1679 11.83 27.60 3.07
C4' MA6 F 1679 12.28 28.98 2.68
O4' MA6 F 1679 11.13 29.77 2.24
C1' MA6 F 1679 11.10 31.01 2.90
N9 MA6 F 1679 10.07 30.95 3.95
N3 MA6 F 1679 9.47 33.29 3.65
N1 MA6 F 1679 7.72 34.01 5.06
C6 MA6 F 1679 7.65 32.81 5.58
N6 MA6 F 1679 6.55 32.99 6.55
C9 MA6 F 1679 5.97 34.36 6.82
C10 MA6 F 1679 6.02 31.79 7.27
N7 MA6 F 1679 8.63 30.52 5.48
C8 MA6 F 1679 9.59 29.99 4.74
C2' MA6 F 1679 12.49 31.23 3.47
O2' MA6 F 1679 13.31 31.75 2.44
C3' MA6 F 1679 12.90 29.80 3.80
O3' MA6 F 1679 14.30 29.61 3.91
C2 MA6 F 1680 10.47 36.77 6.81
C4 MA6 F 1680 11.65 34.76 6.71
C5 MA6 F 1680 10.80 34.22 7.58
P MA6 F 1680 14.96 29.37 5.35
OP1 MA6 F 1680 16.41 29.07 5.15
OP2 MA6 F 1680 14.11 28.40 6.09
O5' MA6 F 1680 14.85 30.77 6.08
C5' MA6 F 1680 15.97 31.64 6.16
C4' MA6 F 1680 15.63 33.02 5.67
O4' MA6 F 1680 14.30 33.03 5.09
C1' MA6 F 1680 13.61 34.20 5.47
N9 MA6 F 1680 12.55 33.83 6.41
N3 MA6 F 1680 11.50 36.03 6.33
N1 MA6 F 1680 9.59 36.22 7.68
C6 MA6 F 1680 9.75 34.98 8.07
N6 MA6 F 1680 8.60 34.86 9.00
C9 MA6 F 1680 7.81 36.09 9.43
C10 MA6 F 1680 8.22 33.52 9.53
N7 MA6 F 1680 11.17 32.95 7.80
C8 MA6 F 1680 12.26 32.71 7.08
C2' MA6 F 1680 14.64 35.13 6.11
O2' MA6 F 1680 15.29 35.85 5.09
C3' MA6 F 1680 15.57 34.11 6.74
O3' MA6 F 1680 16.84 34.62 7.07
N GLY G 1 -14.92 -24.80 18.06
CA GLY G 1 -13.47 -24.80 17.95
C GLY G 1 -12.80 -25.84 18.82
N ARG G 2 -11.56 -25.55 19.21
CA ARG G 2 -10.74 -26.45 19.99
C ARG G 2 -10.19 -25.71 21.20
N VAL G 3 -9.77 -26.47 22.20
CA VAL G 3 -9.23 -25.91 23.44
C VAL G 3 -7.85 -25.34 23.17
N ILE G 4 -7.64 -24.07 23.51
CA ILE G 4 -6.38 -23.38 23.25
C ILE G 4 -5.33 -23.85 24.24
N ARG G 5 -4.06 -23.51 24.00
CA ARG G 5 -2.98 -24.06 24.84
C ARG G 5 -2.95 -23.40 26.21
N GLY G 6 -3.18 -22.08 26.28
CA GLY G 6 -3.27 -21.43 27.56
C GLY G 6 -4.37 -22.01 28.41
N GLN G 7 -5.41 -22.55 27.76
CA GLN G 7 -6.49 -23.22 28.47
C GLN G 7 -6.13 -24.67 28.80
N ARG G 8 -5.30 -25.32 27.96
CA ARG G 8 -4.82 -26.66 28.25
C ARG G 8 -3.84 -26.68 29.42
N LYS G 9 -3.20 -25.55 29.70
CA LYS G 9 -2.16 -25.52 30.73
C LYS G 9 -2.70 -25.87 32.12
N GLY G 10 -4.01 -25.84 32.33
CA GLY G 10 -4.54 -26.04 33.67
C GLY G 10 -4.46 -27.47 34.16
N ALA G 11 -4.59 -28.44 33.25
CA ALA G 11 -4.56 -29.83 33.67
C ALA G 11 -3.17 -30.31 34.06
N GLY G 12 -2.12 -29.68 33.54
CA GLY G 12 -0.77 -30.03 33.89
C GLY G 12 -0.36 -31.43 33.48
N SER G 13 -0.70 -31.82 32.26
CA SER G 13 -0.24 -33.12 31.77
C SER G 13 1.24 -33.05 31.42
N VAL G 14 1.60 -32.19 30.47
CA VAL G 14 2.97 -31.97 30.07
C VAL G 14 3.46 -30.59 30.44
N PHE G 15 2.70 -29.87 31.26
CA PHE G 15 3.04 -28.50 31.65
C PHE G 15 3.44 -28.41 33.11
N ARG G 16 3.53 -29.53 33.82
CA ARG G 16 4.00 -29.51 35.19
C ARG G 16 5.47 -29.13 35.26
N ALA G 17 5.87 -28.55 36.39
CA ALA G 17 7.24 -28.15 36.58
C ALA G 17 8.16 -29.37 36.67
N HIS G 18 9.41 -29.18 36.26
CA HIS G 18 10.43 -30.22 36.34
C HIS G 18 11.17 -30.03 37.66
N VAL G 19 10.96 -30.95 38.60
CA VAL G 19 11.40 -30.72 39.98
C VAL G 19 12.23 -31.87 40.52
N LYS G 20 12.83 -32.70 39.66
CA LYS G 20 13.61 -33.81 40.18
C LYS G 20 14.94 -33.34 40.75
N HIS G 21 15.61 -32.42 40.09
CA HIS G 21 16.94 -32.01 40.49
C HIS G 21 16.94 -30.78 41.38
N ARG G 22 15.77 -30.30 41.79
CA ARG G 22 15.71 -29.25 42.79
C ARG G 22 16.14 -29.78 44.15
N LYS G 23 16.75 -28.90 44.93
CA LYS G 23 17.37 -29.29 46.20
C LYS G 23 16.43 -29.13 47.39
N GLY G 24 15.19 -28.74 47.18
CA GLY G 24 14.24 -28.53 48.26
C GLY G 24 13.58 -27.17 48.17
N ALA G 25 12.57 -27.00 49.03
CA ALA G 25 11.85 -25.75 49.13
C ALA G 25 12.54 -24.84 50.14
N ALA G 26 12.87 -23.62 49.72
CA ALA G 26 13.55 -22.68 50.59
C ALA G 26 12.53 -22.03 51.53
N ARG G 27 12.67 -22.28 52.82
CA ARG G 27 11.76 -21.76 53.82
C ARG G 27 12.54 -21.18 54.98
N LEU G 28 11.92 -20.24 55.68
CA LEU G 28 12.50 -19.74 56.92
C LEU G 28 12.35 -20.77 58.03
N ARG G 29 13.02 -20.51 59.15
CA ARG G 29 12.91 -21.37 60.30
C ARG G 29 11.50 -21.31 60.87
N ALA G 30 11.05 -22.42 61.45
CA ALA G 30 9.73 -22.47 62.06
C ALA G 30 9.71 -21.63 63.34
N VAL G 31 8.52 -21.17 63.70
CA VAL G 31 8.37 -20.34 64.89
C VAL G 31 8.36 -21.22 66.12
N ASP G 32 9.13 -20.83 67.13
CA ASP G 32 9.17 -21.55 68.39
C ASP G 32 9.48 -20.59 69.52
N PHE G 33 9.56 -21.14 70.74
CA PHE G 33 9.82 -20.33 71.93
C PHE G 33 11.16 -19.62 71.84
N ALA G 34 12.20 -20.34 71.37
CA ALA G 34 13.55 -19.79 71.39
C ALA G 34 13.63 -18.50 70.57
N GLU G 35 13.13 -18.53 69.34
CA GLU G 35 13.19 -17.34 68.52
C GLU G 35 12.08 -16.35 68.83
N ARG G 36 10.99 -16.79 69.46
CA ARG G 36 9.95 -15.85 69.87
C ARG G 36 10.42 -14.95 71.00
N HIS G 37 11.19 -15.50 71.94
CA HIS G 37 11.66 -14.72 73.08
C HIS G 37 13.10 -14.25 72.94
N GLY G 38 14.04 -15.18 72.77
CA GLY G 38 15.43 -14.81 72.65
C GLY G 38 15.97 -14.97 71.24
N TYR G 39 17.02 -15.77 71.08
CA TYR G 39 17.57 -16.05 69.77
C TYR G 39 18.38 -17.34 69.84
N ILE G 40 18.60 -17.95 68.68
CA ILE G 40 19.53 -19.06 68.55
C ILE G 40 20.41 -18.80 67.34
N LYS G 41 21.58 -19.43 67.34
CA LYS G 41 22.56 -19.24 66.28
C LYS G 41 22.76 -20.52 65.49
N GLY G 42 22.95 -20.38 64.20
CA GLY G 42 23.22 -21.51 63.33
C GLY G 42 24.42 -21.25 62.45
N ILE G 43 25.10 -22.32 62.11
CA ILE G 43 26.28 -22.27 61.27
C ILE G 43 25.88 -22.42 59.80
N VAL G 44 26.46 -21.60 58.94
CA VAL G 44 26.28 -21.74 57.50
C VAL G 44 27.29 -22.77 57.00
N LYS G 45 26.80 -23.78 56.30
CA LYS G 45 27.63 -24.90 55.89
C LYS G 45 27.92 -24.95 54.40
N ASP G 46 26.92 -24.78 53.55
CA ASP G 46 27.10 -24.75 52.11
C ASP G 46 26.20 -23.68 51.51
N ILE G 47 26.60 -23.22 50.32
CA ILE G 47 25.81 -22.29 49.51
C ILE G 47 25.63 -22.97 48.17
N ILE G 48 24.42 -23.43 47.89
CA ILE G 48 24.15 -24.28 46.74
C ILE G 48 23.34 -23.51 45.71
N HIS G 49 23.40 -24.01 44.47
CA HIS G 49 22.61 -23.49 43.36
C HIS G 49 21.55 -24.52 43.01
N ASP G 50 20.28 -24.13 43.12
CA ASP G 50 19.38 -25.17 42.69
C ASP G 50 18.80 -24.88 41.31
N PRO G 51 18.45 -25.92 40.57
CA PRO G 51 17.91 -25.72 39.22
C PRO G 51 16.60 -24.95 39.25
N GLY G 52 16.40 -24.11 38.23
CA GLY G 52 15.15 -23.42 38.04
C GLY G 52 14.99 -22.11 38.79
N ARG G 53 15.86 -21.84 39.76
CA ARG G 53 15.79 -20.63 40.57
C ARG G 53 17.08 -19.86 40.43
N GLY G 54 16.98 -18.56 40.13
CA GLY G 54 18.18 -17.76 39.95
C GLY G 54 18.96 -17.56 41.23
N ALA G 55 18.27 -17.29 42.33
CA ALA G 55 18.96 -17.01 43.59
C ALA G 55 19.56 -18.29 44.17
N PRO G 56 20.76 -18.23 44.74
CA PRO G 56 21.31 -19.40 45.43
C PRO G 56 20.64 -19.61 46.77
N LEU G 57 20.95 -20.75 47.38
CA LEU G 57 20.36 -21.15 48.65
C LEU G 57 21.47 -21.50 49.64
N ALA G 58 21.21 -21.25 50.92
CA ALA G 58 22.15 -21.53 51.98
C ALA G 58 21.63 -22.66 52.87
N LYS G 59 22.53 -23.55 53.26
CA LYS G 59 22.19 -24.69 54.12
C LYS G 59 22.68 -24.38 55.53
N VAL G 60 21.76 -24.08 56.43
CA VAL G 60 22.07 -23.60 57.77
C VAL G 60 21.72 -24.70 58.78
N VAL G 61 22.62 -24.93 59.73
CA VAL G 61 22.47 -25.99 60.71
C VAL G 61 22.22 -25.37 62.07
N PHE G 62 21.11 -25.73 62.69
CA PHE G 62 20.77 -25.36 64.06
C PHE G 62 20.72 -26.62 64.92
N ARG G 63 20.72 -26.41 66.23
CA ARG G 63 20.58 -27.51 67.19
C ARG G 63 19.23 -27.42 67.87
N ASP G 64 18.55 -28.56 67.97
CA ASP G 64 17.24 -28.61 68.59
C ASP G 64 17.36 -28.25 70.07
N PRO G 65 16.58 -27.30 70.57
CA PRO G 65 16.64 -26.96 72.00
C PRO G 65 15.88 -27.92 72.90
N TYR G 66 15.24 -28.95 72.35
CA TYR G 66 14.43 -29.87 73.12
C TYR G 66 14.95 -31.29 73.13
N ARG G 67 15.81 -31.66 72.20
CA ARG G 67 16.39 -32.99 72.20
C ARG G 67 17.74 -32.95 71.49
N PHE G 68 18.54 -33.98 71.73
CA PHE G 68 19.90 -34.06 71.20
C PHE G 68 19.83 -34.41 69.72
N LYS G 69 19.93 -33.38 68.88
CA LYS G 69 19.87 -33.54 67.43
C LYS G 69 20.48 -32.29 66.80
N LYS G 70 20.40 -32.23 65.47
CA LYS G 70 20.80 -31.04 64.73
C LYS G 70 19.85 -30.87 63.56
N ARG G 71 19.21 -29.71 63.47
CA ARG G 71 18.19 -29.46 62.47
C ARG G 71 18.80 -28.65 61.33
N THR G 72 18.65 -29.16 60.11
CA THR G 72 19.21 -28.54 58.92
C THR G 72 18.10 -27.87 58.13
N GLU G 73 18.32 -26.62 57.74
CA GLU G 73 17.32 -25.84 57.03
C GLU G 73 17.95 -25.15 55.84
N LEU G 74 17.12 -24.88 54.84
CA LEU G 74 17.55 -24.29 53.58
C LEU G 74 16.93 -22.90 53.46
N PHE G 75 17.78 -21.89 53.34
CA PHE G 75 17.36 -20.49 53.31
C PHE G 75 17.55 -19.91 51.92
N ILE G 76 16.96 -18.73 51.72
CA ILE G 76 17.31 -17.90 50.57
C ILE G 76 18.55 -17.11 50.93
N ALA G 77 19.60 -17.24 50.13
CA ALA G 77 20.89 -16.64 50.47
C ALA G 77 20.85 -15.14 50.23
N ALA G 78 21.25 -14.37 51.24
CA ALA G 78 21.41 -12.94 51.08
C ALA G 78 22.83 -12.61 50.68
N GLU G 79 23.00 -11.43 50.07
CA GLU G 79 24.32 -11.01 49.60
C GLU G 79 25.30 -10.90 50.76
N GLY G 80 26.53 -11.35 50.52
CA GLY G 80 27.61 -11.20 51.47
C GLY G 80 27.74 -12.34 52.47
N ILE G 81 26.81 -13.29 52.48
CA ILE G 81 26.90 -14.43 53.38
C ILE G 81 27.91 -15.43 52.86
N HIS G 82 28.78 -15.91 53.75
CA HIS G 82 29.82 -16.85 53.39
C HIS G 82 29.71 -18.09 54.26
N THR G 83 30.23 -19.21 53.75
CA THR G 83 30.19 -20.46 54.50
C THR G 83 31.03 -20.32 55.77
N GLY G 84 30.55 -20.93 56.84
CA GLY G 84 31.18 -20.79 58.13
C GLY G 84 30.75 -19.57 58.92
N GLN G 85 29.90 -18.73 58.36
CA GLN G 85 29.38 -17.58 59.08
C GLN G 85 28.37 -18.04 60.14
N PHE G 86 28.17 -17.18 61.13
CA PHE G 86 27.16 -17.38 62.16
C PHE G 86 25.97 -16.50 61.86
N VAL G 87 24.77 -17.09 61.85
CA VAL G 87 23.52 -16.37 61.66
C VAL G 87 22.64 -16.62 62.88
N TYR G 88 21.98 -15.57 63.37
CA TYR G 88 21.18 -15.63 64.58
C TYR G 88 19.74 -15.32 64.24
N CYS G 89 18.84 -16.20 64.68
CA CYS G 89 17.40 -16.05 64.45
C CYS G 89 16.71 -15.83 65.78
N GLY G 90 15.90 -14.79 65.87
CA GLY G 90 15.14 -14.56 67.08
C GLY G 90 14.61 -13.16 67.17
N LYS G 91 13.95 -12.90 68.30
CA LYS G 91 13.38 -11.57 68.55
C LYS G 91 14.44 -10.56 68.95
N LYS G 92 15.49 -10.98 69.66
CA LYS G 92 16.52 -10.07 70.13
C LYS G 92 17.89 -10.41 69.55
N ALA G 93 17.93 -10.71 68.26
CA ALA G 93 19.18 -10.85 67.53
C ALA G 93 19.56 -9.50 66.93
N GLN G 94 20.84 -9.14 67.03
CA GLN G 94 21.25 -7.83 66.55
C GLN G 94 21.07 -7.71 65.04
N LEU G 95 20.87 -6.48 64.58
CA LEU G 95 20.48 -6.20 63.21
C LEU G 95 21.74 -6.07 62.36
N ASN G 96 22.04 -7.12 61.59
CA ASN G 96 23.15 -7.12 60.66
C ASN G 96 22.90 -8.20 59.61
N ILE G 97 23.62 -8.09 58.49
CA ILE G 97 23.27 -8.86 57.29
C ILE G 97 23.28 -10.34 57.60
N GLY G 98 22.20 -11.01 57.19
CA GLY G 98 22.09 -12.45 57.36
C GLY G 98 21.07 -12.85 58.41
N ASN G 99 21.04 -12.13 59.51
CA ASN G 99 20.15 -12.48 60.61
C ASN G 99 18.70 -12.24 60.23
N VAL G 100 17.80 -12.97 60.89
CA VAL G 100 16.36 -12.87 60.68
C VAL G 100 15.71 -12.48 62.00
N LEU G 101 14.85 -11.47 61.95
CA LEU G 101 14.17 -10.97 63.14
C LEU G 101 12.91 -10.25 62.69
N PRO G 102 11.91 -10.10 63.57
CA PRO G 102 10.63 -9.54 63.16
C PRO G 102 10.75 -8.08 62.73
N VAL G 103 9.91 -7.70 61.78
CA VAL G 103 9.93 -6.33 61.26
C VAL G 103 9.50 -5.31 62.30
N GLY G 104 8.85 -5.75 63.38
CA GLY G 104 8.44 -4.82 64.41
C GLY G 104 9.56 -4.28 65.27
N THR G 105 10.76 -4.85 65.16
CA THR G 105 11.89 -4.39 65.96
C THR G 105 12.96 -3.66 65.16
N MET G 106 12.95 -3.76 63.84
CA MET G 106 13.97 -3.07 63.07
C MET G 106 13.56 -1.61 62.85
N PRO G 107 14.52 -0.69 62.86
CA PRO G 107 14.20 0.71 62.57
C PRO G 107 13.75 0.89 61.12
N GLU G 108 12.92 1.91 60.91
CA GLU G 108 12.37 2.17 59.59
C GLU G 108 13.48 2.54 58.62
N GLY G 109 13.27 2.19 57.35
CA GLY G 109 14.30 2.32 56.35
C GLY G 109 15.18 1.11 56.18
N THR G 110 14.86 0.00 56.85
CA THR G 110 15.67 -1.20 56.79
C THR G 110 15.35 -1.99 55.52
N ILE G 111 16.40 -2.49 54.89
CA ILE G 111 16.25 -3.30 53.67
C ILE G 111 16.10 -4.75 54.08
N VAL G 112 15.06 -5.40 53.57
CA VAL G 112 14.64 -6.72 54.03
C VAL G 112 14.39 -7.62 52.83
N CYS G 113 14.88 -8.86 52.92
CA CYS G 113 14.61 -9.88 51.92
C CYS G 113 13.94 -11.08 52.57
N CYS G 114 13.30 -11.89 51.74
CA CYS G 114 12.54 -13.06 52.19
C CYS G 114 11.54 -12.67 53.29
N LEU G 115 10.76 -11.63 53.00
CA LEU G 115 9.76 -11.16 53.94
C LEU G 115 8.64 -12.19 54.09
N GLU G 116 8.04 -12.23 55.28
CA GLU G 116 7.00 -13.18 55.60
C GLU G 116 5.66 -12.47 55.53
N GLU G 117 4.76 -12.93 54.66
CA GLU G 117 3.55 -12.18 54.36
C GLU G 117 2.56 -12.22 55.51
N LYS G 118 2.40 -13.38 56.15
CA LYS G 118 1.60 -13.51 57.35
C LYS G 118 2.42 -14.23 58.41
N PRO G 119 2.21 -13.93 59.69
CA PRO G 119 3.00 -14.59 60.74
C PRO G 119 2.87 -16.10 60.66
N GLY G 120 4.00 -16.79 60.79
CA GLY G 120 4.05 -18.23 60.71
C GLY G 120 4.20 -18.79 59.31
N ASP G 121 4.06 -17.97 58.27
CA ASP G 121 4.09 -18.47 56.90
C ASP G 121 5.48 -18.91 56.46
N ARG G 122 6.54 -18.49 57.18
CA ARG G 122 7.91 -18.90 56.90
C ARG G 122 8.43 -18.34 55.57
N GLY G 123 8.09 -17.09 55.27
CA GLY G 123 8.73 -16.37 54.18
C GLY G 123 8.06 -16.52 52.83
N LYS G 124 7.51 -15.43 52.30
CA LYS G 124 6.83 -15.49 51.02
C LYS G 124 7.20 -14.34 50.07
N LEU G 125 7.59 -13.20 50.62
CA LEU G 125 7.74 -11.98 49.83
C LEU G 125 9.20 -11.63 49.61
N ALA G 126 9.48 -11.03 48.45
CA ALA G 126 10.79 -10.50 48.10
C ALA G 126 11.89 -11.56 48.20
N ARG G 127 11.70 -12.65 47.44
CA ARG G 127 12.61 -13.78 47.52
C ARG G 127 13.14 -14.20 46.15
N ALA G 128 13.11 -13.30 45.17
CA ALA G 128 13.74 -13.54 43.88
C ALA G 128 15.09 -12.84 43.83
N SER G 129 15.90 -13.21 42.85
CA SER G 129 17.28 -12.74 42.80
C SER G 129 17.35 -11.24 42.66
N GLY G 130 18.06 -10.59 43.58
CA GLY G 130 18.29 -9.16 43.54
C GLY G 130 17.17 -8.31 44.10
N ASN G 131 16.10 -8.91 44.60
CA ASN G 131 14.95 -8.15 45.10
C ASN G 131 15.06 -7.96 46.61
N TYR G 132 14.30 -6.99 47.11
CA TYR G 132 14.26 -6.72 48.55
C TYR G 132 13.00 -5.92 48.85
N ALA G 133 12.76 -5.72 50.14
CA ALA G 133 11.66 -4.91 50.64
C ALA G 133 12.19 -3.95 51.70
N THR G 134 11.43 -2.88 51.95
CA THR G 134 11.88 -1.82 52.84
C THR G 134 10.81 -1.53 53.87
N VAL G 135 11.20 -1.49 55.15
CA VAL G 135 10.29 -1.08 56.21
C VAL G 135 10.06 0.41 56.12
N ILE G 136 8.80 0.82 56.16
CA ILE G 136 8.44 2.22 55.95
C ILE G 136 8.11 2.90 57.27
N SER G 137 7.13 2.37 57.99
CA SER G 137 6.72 2.99 59.25
C SER G 137 6.07 1.93 60.14
N HIS G 138 6.08 2.21 61.44
CA HIS G 138 5.52 1.33 62.45
C HIS G 138 4.26 1.93 63.05
N ASN G 139 3.34 1.06 63.44
CA ASN G 139 2.16 1.45 64.20
C ASN G 139 2.20 0.70 65.53
N PRO G 140 2.70 1.32 66.60
CA PRO G 140 2.84 0.58 67.87
C PRO G 140 1.55 -0.01 68.38
N GLU G 141 0.43 0.70 68.23
CA GLU G 141 -0.86 0.08 68.52
C GLU G 141 -1.33 -0.72 67.31
N THR G 142 -2.16 -1.73 67.58
CA THR G 142 -2.72 -2.63 66.58
C THR G 142 -1.66 -3.56 66.00
N LYS G 143 -0.39 -3.33 66.37
CA LYS G 143 0.73 -4.19 66.00
C LYS G 143 0.78 -4.42 64.48
N LYS G 144 1.00 -3.33 63.75
CA LYS G 144 1.12 -3.40 62.30
C LYS G 144 2.24 -2.48 61.83
N THR G 145 2.83 -2.85 60.69
CA THR G 145 3.89 -2.07 60.06
C THR G 145 3.61 -2.00 58.56
N ARG G 146 4.18 -0.98 57.92
CA ARG G 146 4.01 -0.73 56.50
C ARG G 146 5.31 -1.01 55.77
N VAL G 147 5.24 -1.76 54.68
CA VAL G 147 6.41 -2.13 53.89
C VAL G 147 6.16 -1.80 52.43
N LYS G 148 7.25 -1.63 51.68
CA LYS G 148 7.20 -1.38 50.25
C LYS G 148 7.71 -2.61 49.52
N LEU G 149 6.84 -3.23 48.72
CA LEU G 149 7.19 -4.42 47.98
C LEU G 149 7.99 -4.08 46.74
N PRO G 150 8.75 -5.04 46.20
CA PRO G 150 9.59 -4.75 45.03
C PRO G 150 8.81 -4.28 43.80
N SER G 151 7.51 -4.54 43.71
CA SER G 151 6.72 -4.00 42.62
C SER G 151 6.33 -2.54 42.84
N GLY G 152 6.63 -1.98 44.02
CA GLY G 152 6.29 -0.62 44.33
C GLY G 152 5.05 -0.46 45.20
N SER G 153 4.24 -1.50 45.32
CA SER G 153 3.06 -1.42 46.17
C SER G 153 3.47 -1.34 47.63
N LYS G 154 2.69 -0.59 48.41
CA LYS G 154 2.89 -0.48 49.85
C LYS G 154 1.82 -1.33 50.56
N LYS G 155 2.28 -2.22 51.43
CA LYS G 155 1.41 -3.21 52.06
C LYS G 155 1.58 -3.14 53.57
N VAL G 156 0.48 -3.39 54.27
CA VAL G 156 0.45 -3.38 55.74
C VAL G 156 0.46 -4.82 56.23
N ILE G 157 1.41 -5.14 57.11
CA ILE G 157 1.55 -6.48 57.66
C ILE G 157 1.62 -6.40 59.18
N SER G 158 1.37 -7.53 59.82
CA SER G 158 1.54 -7.62 61.26
C SER G 158 3.03 -7.61 61.62
N SER G 159 3.37 -6.82 62.63
CA SER G 159 4.76 -6.64 63.05
C SER G 159 5.35 -7.87 63.73
N ALA G 160 4.58 -8.95 63.88
CA ALA G 160 5.01 -10.12 64.61
C ALA G 160 5.55 -11.21 63.70
N ASN G 161 5.88 -10.88 62.45
CA ASN G 161 6.37 -11.85 61.48
C ASN G 161 7.82 -11.59 61.12
N ARG G 162 8.59 -12.67 61.01
CA ARG G 162 10.03 -12.61 60.82
C ARG G 162 10.38 -12.19 59.40
N ALA G 163 11.64 -11.83 59.19
CA ALA G 163 12.12 -11.40 57.89
C ALA G 163 13.63 -11.33 57.90
N VAL G 164 14.26 -11.83 56.83
CA VAL G 164 15.71 -11.80 56.73
C VAL G 164 16.18 -10.38 56.45
N VAL G 165 17.34 -10.03 57.00
CA VAL G 165 17.93 -8.71 56.81
C VAL G 165 18.91 -8.77 55.64
N GLY G 166 18.74 -7.87 54.68
CA GLY G 166 19.62 -7.82 53.54
C GLY G 166 18.90 -7.89 52.21
N VAL G 167 19.64 -8.18 51.14
CA VAL G 167 19.11 -8.25 49.79
C VAL G 167 19.49 -9.60 49.20
N VAL G 168 18.57 -10.19 48.43
CA VAL G 168 18.78 -11.54 47.90
C VAL G 168 19.97 -11.55 46.96
N ALA G 169 20.80 -12.59 47.07
CA ALA G 169 21.99 -12.71 46.27
C ALA G 169 21.66 -13.06 44.83
N GLY G 170 22.54 -12.64 43.92
CA GLY G 170 22.36 -12.92 42.51
C GLY G 170 21.69 -11.78 41.77
N GLY G 171 22.05 -10.55 42.12
CA GLY G 171 21.44 -9.40 41.48
C GLY G 171 21.99 -9.15 40.09
N GLY G 172 21.18 -8.47 39.28
CA GLY G 172 21.59 -8.13 37.94
C GLY G 172 21.64 -9.30 36.98
N ARG G 173 20.91 -10.37 37.27
CA ARG G 173 20.91 -11.53 36.38
C ARG G 173 20.29 -11.18 35.03
N ILE G 174 19.31 -10.28 35.01
CA ILE G 174 18.65 -9.89 33.78
C ILE G 174 19.53 -9.01 32.90
N ASP G 175 20.64 -8.50 33.44
CA ASP G 175 21.49 -7.60 32.67
C ASP G 175 22.05 -8.28 31.42
N LYS G 176 22.53 -9.51 31.55
CA LYS G 176 23.13 -10.20 30.43
C LYS G 176 22.05 -10.62 29.45
N PRO G 177 22.15 -10.27 28.17
CA PRO G 177 21.14 -10.70 27.19
C PRO G 177 21.37 -12.15 26.79
N ILE G 178 20.30 -12.95 26.84
CA ILE G 178 20.34 -14.24 26.17
C ILE G 178 20.60 -13.98 24.70
N LEU G 179 21.69 -14.52 24.18
CA LEU G 179 21.98 -14.26 22.77
C LEU G 179 21.33 -15.27 21.84
N LYS G 180 20.94 -16.44 22.33
CA LYS G 180 20.48 -17.46 21.41
C LYS G 180 19.37 -18.31 21.98
N ALA G 181 18.58 -18.86 21.04
CA ALA G 181 17.51 -19.77 21.39
C ALA G 181 18.04 -20.97 22.15
N GLY G 182 19.31 -21.32 21.97
CA GLY G 182 19.88 -22.40 22.76
C GLY G 182 19.92 -22.06 24.23
N ARG G 183 20.38 -20.86 24.58
CA ARG G 183 20.41 -20.45 25.97
C ARG G 183 18.99 -20.34 26.52
N ALA G 184 18.06 -19.80 25.73
CA ALA G 184 16.68 -19.72 26.19
C ALA G 184 16.09 -21.12 26.44
N TYR G 185 16.40 -22.05 25.54
CA TYR G 185 15.92 -23.43 25.66
C TYR G 185 16.46 -24.07 26.93
N HIS G 186 17.75 -23.89 27.21
CA HIS G 186 18.32 -24.44 28.42
C HIS G 186 17.76 -23.77 29.67
N LYS G 187 17.42 -22.49 29.56
CA LYS G 187 16.80 -21.80 30.69
C LYS G 187 15.45 -22.42 31.04
N TYR G 188 14.58 -22.55 30.05
CA TYR G 188 13.23 -23.02 30.37
C TYR G 188 13.12 -24.54 30.50
N LYS G 189 14.12 -25.29 30.05
CA LYS G 189 14.09 -26.74 30.24
C LYS G 189 14.16 -27.11 31.72
N ALA G 190 14.80 -26.27 32.54
CA ALA G 190 14.89 -26.52 33.97
C ALA G 190 13.69 -25.97 34.73
N LYS G 191 12.73 -25.36 34.05
CA LYS G 191 11.55 -24.81 34.71
C LYS G 191 10.28 -25.54 34.30
N ARG G 192 9.93 -25.55 33.01
CA ARG G 192 8.66 -26.12 32.56
C ARG G 192 8.59 -26.00 31.05
N ASN G 193 7.60 -26.67 30.47
CA ASN G 193 7.40 -26.68 29.03
C ASN G 193 6.53 -25.49 28.66
N CYS G 194 7.18 -24.34 28.45
CA CYS G 194 6.46 -23.15 28.03
C CYS G 194 7.22 -22.27 27.05
N TRP G 195 8.41 -22.65 26.61
CA TRP G 195 9.26 -21.67 25.95
C TRP G 195 8.87 -21.33 24.52
N PRO G 196 8.83 -22.29 23.57
CA PRO G 196 8.66 -21.89 22.18
C PRO G 196 7.25 -21.39 21.90
N ARG G 197 7.02 -20.13 22.26
CA ARG G 197 5.68 -19.56 22.19
C ARG G 197 5.29 -19.29 20.74
N VAL G 198 4.12 -19.80 20.35
CA VAL G 198 3.60 -19.62 18.99
C VAL G 198 2.50 -18.57 19.03
N ARG G 199 2.60 -17.58 18.14
CA ARG G 199 1.66 -16.47 18.13
C ARG G 199 0.26 -16.94 17.76
N GLY G 200 -0.74 -16.24 18.30
CA GLY G 200 -2.11 -16.56 17.96
C GLY G 200 -2.44 -16.27 16.52
N VAL G 201 -1.94 -15.16 15.98
CA VAL G 201 -2.24 -14.77 14.61
C VAL G 201 -1.71 -15.81 13.62
N ALA G 202 -0.64 -16.51 13.99
CA ALA G 202 -0.11 -17.56 13.13
C ALA G 202 -0.91 -18.86 13.19
N MET G 203 -1.90 -18.95 14.07
CA MET G 203 -2.70 -20.15 14.25
C MET G 203 -3.90 -20.13 13.31
N ASN G 204 -4.76 -21.13 13.46
CA ASN G 204 -6.02 -21.29 12.75
C ASN G 204 -7.19 -20.89 13.64
N PRO G 205 -8.29 -20.42 13.06
CA PRO G 205 -9.40 -19.95 13.91
C PRO G 205 -9.97 -21.02 14.83
N VAL G 206 -9.89 -22.30 14.44
CA VAL G 206 -10.33 -23.37 15.32
C VAL G 206 -9.45 -23.47 16.56
N GLU G 207 -8.26 -22.88 16.52
CA GLU G 207 -7.24 -23.06 17.54
C GLU G 207 -7.07 -21.86 18.45
N HIS G 208 -7.49 -20.67 18.03
CA HIS G 208 -7.24 -19.44 18.75
C HIS G 208 -8.25 -18.41 18.28
N PRO G 209 -8.72 -17.51 19.15
CA PRO G 209 -9.64 -16.47 18.69
C PRO G 209 -9.02 -15.46 17.72
N PHE G 210 -7.70 -15.50 17.53
CA PHE G 210 -7.03 -14.59 16.61
C PHE G 210 -6.67 -15.23 15.28
N GLY G 211 -6.66 -16.56 15.20
CA GLY G 211 -6.16 -17.21 14.01
C GLY G 211 -7.12 -17.10 12.84
N GLY G 212 -6.55 -17.15 11.64
CA GLY G 212 -7.32 -17.15 10.41
C GLY G 212 -7.07 -15.90 9.59
N GLY G 213 -7.72 -15.87 8.43
CA GLY G 213 -7.65 -14.74 7.53
C GLY G 213 -6.58 -14.92 6.46
N ASN G 214 -6.74 -14.14 5.39
CA ASN G 214 -5.75 -14.12 4.33
C ASN G 214 -4.56 -13.25 4.67
N HIS G 215 -4.67 -12.41 5.70
CA HIS G 215 -3.56 -11.63 6.24
C HIS G 215 -3.44 -11.92 7.72
N GLN G 216 -2.21 -11.87 8.23
CA GLN G 216 -1.98 -12.08 9.66
C GLN G 216 -2.35 -10.81 10.41
N HIS G 217 -3.62 -10.73 10.81
CA HIS G 217 -4.12 -9.61 11.58
C HIS G 217 -5.04 -10.14 12.66
N ILE G 218 -5.05 -9.45 13.81
CA ILE G 218 -5.87 -9.90 14.93
C ILE G 218 -7.35 -9.82 14.57
N GLY G 219 -7.76 -8.73 13.92
CA GLY G 219 -9.13 -8.60 13.44
C GLY G 219 -10.15 -8.14 14.45
N LYS G 220 -9.75 -7.96 15.71
CA LYS G 220 -10.66 -7.51 16.76
C LYS G 220 -9.83 -6.87 17.85
N PRO G 221 -10.43 -6.01 18.67
CA PRO G 221 -9.65 -5.32 19.72
C PRO G 221 -8.93 -6.32 20.62
N SER G 222 -7.66 -6.02 20.90
CA SER G 222 -6.83 -6.92 21.69
C SER G 222 -7.16 -6.86 23.17
N THR G 223 -7.80 -5.80 23.63
CA THR G 223 -8.16 -5.67 25.03
C THR G 223 -9.47 -6.38 25.29
N ILE G 224 -9.40 -7.47 26.05
CA ILE G 224 -10.58 -8.25 26.41
C ILE G 224 -10.92 -7.95 27.86
N ARG G 225 -12.22 -8.00 28.17
CA ARG G 225 -12.68 -7.67 29.51
C ARG G 225 -12.21 -8.72 30.50
N ARG G 226 -12.25 -8.34 31.78
CA ARG G 226 -11.82 -9.27 32.83
C ARG G 226 -12.75 -10.47 32.91
N ASP G 227 -14.06 -10.25 32.78
CA ASP G 227 -15.03 -11.33 32.91
C ASP G 227 -15.30 -12.03 31.59
N ALA G 228 -14.24 -12.45 30.91
CA ALA G 228 -14.44 -13.22 29.70
C ALA G 228 -14.16 -14.70 29.96
N PRO G 229 -14.94 -15.59 29.36
CA PRO G 229 -14.76 -17.02 29.64
C PRO G 229 -13.42 -17.53 29.14
N ALA G 230 -12.92 -18.57 29.82
CA ALA G 230 -11.69 -19.20 29.39
C ALA G 230 -11.85 -19.77 27.99
N GLY G 231 -10.84 -19.56 27.16
CA GLY G 231 -10.92 -19.82 25.74
C GLY G 231 -11.16 -18.57 24.91
N ARG G 232 -11.60 -17.50 25.54
CA ARG G 232 -11.74 -16.18 24.92
C ARG G 232 -10.82 -15.15 25.56
N LYS G 233 -10.49 -15.31 26.83
CA LYS G 233 -9.70 -14.34 27.59
C LYS G 233 -8.23 -14.46 27.17
N VAL G 234 -7.93 -13.86 26.02
CA VAL G 234 -6.56 -13.77 25.51
C VAL G 234 -6.28 -12.31 25.18
N GLY G 235 -5.04 -12.04 24.79
CA GLY G 235 -4.64 -10.69 24.45
C GLY G 235 -4.20 -9.91 25.67
N LEU G 236 -4.57 -8.63 25.73
CA LEU G 236 -4.25 -7.79 26.88
C LEU G 236 -5.41 -7.87 27.86
N ILE G 237 -5.17 -8.50 29.02
CA ILE G 237 -6.24 -8.90 29.92
C ILE G 237 -6.69 -7.67 30.71
N ALA G 238 -7.85 -7.12 30.35
CA ALA G 238 -8.48 -6.02 31.10
C ALA G 238 -7.52 -4.85 31.27
N ALA G 239 -6.97 -4.39 30.14
CA ALA G 239 -5.95 -3.36 30.17
C ALA G 239 -6.57 -2.01 30.54
N ARG G 240 -6.04 -1.40 31.60
CA ARG G 240 -6.46 -0.04 31.96
C ARG G 240 -6.02 0.96 30.90
N ARG G 241 -4.84 0.75 30.33
CA ARG G 241 -4.29 1.60 29.28
C ARG G 241 -3.44 0.73 28.37
N THR G 242 -3.08 1.25 27.21
CA THR G 242 -2.22 0.54 26.27
C THR G 242 -1.23 1.50 25.65
N GLY G 243 -0.28 0.95 24.90
CA GLY G 243 0.67 1.75 24.17
C GLY G 243 1.94 2.05 24.93
N ARG G 244 2.80 2.83 24.28
CA ARG G 244 4.07 3.22 24.87
C ARG G 244 3.84 4.17 26.04
N LEU G 245 4.55 3.92 27.15
CA LEU G 245 4.43 4.79 28.31
C LEU G 245 5.09 6.13 28.07
N ARG G 246 4.45 7.19 28.56
CA ARG G 246 4.96 8.56 28.47
C ARG G 246 4.96 9.15 29.87
N GLY G 247 6.06 8.96 30.59
CA GLY G 247 6.17 9.50 31.93
C GLY G 247 6.10 8.43 33.01
N THR G 248 5.63 8.80 34.20
CA THR G 248 5.50 7.88 35.32
C THR G 248 4.62 6.69 34.98
N SER H 1 -5.60 -26.91 -36.17
CA SER H 1 -4.92 -25.74 -36.70
C SER H 1 -3.77 -26.18 -37.58
N HIS H 2 -3.17 -25.22 -38.30
CA HIS H 2 -2.15 -25.55 -39.27
C HIS H 2 -0.79 -25.76 -38.60
N ARG H 3 0.17 -26.21 -39.41
CA ARG H 3 1.55 -26.30 -38.98
C ARG H 3 2.16 -24.91 -38.99
N LYS H 4 2.67 -24.47 -37.84
CA LYS H 4 3.06 -23.07 -37.71
C LYS H 4 4.18 -22.70 -38.68
N PHE H 5 5.17 -23.56 -38.83
CA PHE H 5 6.32 -23.28 -39.68
C PHE H 5 6.38 -24.29 -40.81
N SER H 6 6.60 -23.81 -42.02
CA SER H 6 6.72 -24.69 -43.16
C SER H 6 7.99 -25.52 -43.06
N ALA H 7 7.90 -26.77 -43.49
CA ALA H 7 9.03 -27.66 -43.47
C ALA H 7 8.81 -28.74 -44.53
N PRO H 8 9.79 -29.00 -45.39
CA PRO H 8 9.62 -30.06 -46.38
C PRO H 8 9.55 -31.44 -45.74
N ARG H 9 8.79 -32.31 -46.38
CA ARG H 9 8.61 -33.70 -45.95
C ARG H 9 9.93 -34.42 -45.76
N HIS H 10 9.96 -35.42 -44.88
CA HIS H 10 11.13 -36.27 -44.66
C HIS H 10 10.97 -37.57 -45.43
N GLY H 11 11.89 -37.84 -46.34
CA GLY H 11 11.85 -39.04 -47.14
C GLY H 11 10.92 -38.91 -48.34
N SER H 12 11.08 -39.84 -49.27
CA SER H 12 10.36 -39.81 -50.53
C SER H 12 9.37 -40.96 -50.61
N LEU H 13 8.18 -40.66 -51.14
CA LEU H 13 7.18 -41.68 -51.39
C LEU H 13 7.38 -42.39 -52.73
N GLY H 14 8.37 -41.99 -53.51
CA GLY H 14 8.64 -42.65 -54.77
C GLY H 14 9.37 -43.96 -54.66
N PHE H 15 9.84 -44.31 -53.47
CA PHE H 15 10.46 -45.58 -53.16
C PHE H 15 9.70 -46.26 -52.02
N LEU H 16 8.38 -46.06 -51.99
CA LEU H 16 7.62 -46.27 -50.76
C LEU H 16 7.65 -47.70 -50.23
N PRO H 17 7.38 -48.75 -51.02
CA PRO H 17 7.31 -50.08 -50.41
C PRO H 17 8.67 -50.50 -49.89
N ARG H 18 9.05 -49.90 -48.75
CA ARG H 18 10.38 -50.04 -48.20
C ARG H 18 10.56 -51.42 -47.60
N LYS H 19 10.52 -52.44 -48.45
CA LYS H 19 10.62 -53.83 -48.05
C LYS H 19 11.90 -54.43 -48.61
N ARG H 20 12.23 -55.63 -48.14
CA ARG H 20 13.36 -56.35 -48.68
C ARG H 20 13.09 -56.69 -50.15
N SER H 21 14.13 -56.60 -50.96
CA SER H 21 13.99 -56.99 -52.36
C SER H 21 13.69 -58.47 -52.47
N SER H 22 12.79 -58.82 -53.39
CA SER H 22 12.44 -60.21 -53.61
C SER H 22 13.48 -60.96 -54.42
N ARG H 23 14.43 -60.25 -55.03
CA ARG H 23 15.48 -60.84 -55.84
C ARG H 23 16.84 -60.41 -55.29
N HIS H 24 17.81 -61.31 -55.38
CA HIS H 24 19.16 -60.98 -54.91
C HIS H 24 19.97 -60.23 -55.95
N ARG H 25 19.66 -60.39 -57.23
CA ARG H 25 20.33 -59.65 -58.29
C ARG H 25 19.37 -58.64 -58.90
N GLY H 26 19.87 -57.46 -59.25
CA GLY H 26 19.02 -56.42 -59.79
C GLY H 26 18.59 -56.75 -61.20
N LYS H 27 17.29 -56.65 -61.46
CA LYS H 27 16.76 -56.92 -62.78
C LYS H 27 16.61 -55.63 -63.57
N VAL H 28 16.61 -55.76 -64.90
CA VAL H 28 16.46 -54.62 -65.79
C VAL H 28 14.96 -54.36 -65.96
N LYS H 29 14.48 -53.29 -65.34
CA LYS H 29 13.07 -52.95 -65.44
C LYS H 29 12.69 -52.45 -66.82
N SER H 30 13.66 -51.97 -67.61
CA SER H 30 13.37 -51.51 -68.95
C SER H 30 14.69 -51.39 -69.72
N PHE H 31 14.66 -51.78 -70.99
CA PHE H 31 15.77 -51.70 -71.92
C PHE H 31 15.61 -50.51 -72.84
N PRO H 32 16.69 -50.04 -73.47
CA PRO H 32 16.57 -48.90 -74.39
C PRO H 32 15.63 -49.24 -75.55
N LYS H 33 14.99 -48.19 -76.07
CA LYS H 33 14.07 -48.37 -77.19
C LYS H 33 14.83 -48.79 -78.44
N ASP H 34 14.34 -49.82 -79.10
CA ASP H 34 15.02 -50.36 -80.28
C ASP H 34 14.95 -49.37 -81.45
N ASP H 35 15.87 -49.56 -82.39
CA ASP H 35 15.91 -48.78 -83.62
C ASP H 35 16.65 -49.58 -84.69
N PRO H 36 16.03 -49.85 -85.84
CA PRO H 36 16.66 -50.71 -86.85
C PRO H 36 17.86 -50.10 -87.54
N SER H 37 18.21 -48.84 -87.25
CA SER H 37 19.36 -48.23 -87.91
C SER H 37 20.67 -48.79 -87.36
N LYS H 38 20.78 -48.93 -86.05
CA LYS H 38 22.04 -49.35 -85.45
C LYS H 38 22.27 -50.84 -85.67
N PRO H 39 23.53 -51.26 -85.78
CA PRO H 39 23.82 -52.69 -85.91
C PRO H 39 23.52 -53.44 -84.62
N VAL H 40 23.27 -54.74 -84.76
CA VAL H 40 22.88 -55.56 -83.61
C VAL H 40 23.99 -55.56 -82.56
N HIS H 41 23.59 -55.47 -81.31
CA HIS H 41 24.53 -55.38 -80.18
C HIS H 41 23.80 -55.87 -78.93
N LEU H 42 24.45 -55.69 -77.78
CA LEU H 42 23.87 -56.07 -76.49
C LEU H 42 23.71 -54.83 -75.61
N THR H 43 22.75 -54.89 -74.70
CA THR H 43 22.38 -53.73 -73.90
C THR H 43 22.63 -53.91 -72.41
N ALA H 44 23.26 -55.00 -71.99
CA ALA H 44 23.45 -55.24 -70.56
C ALA H 44 24.63 -56.17 -70.34
N PHE H 45 25.16 -56.12 -69.12
CA PHE H 45 26.24 -57.01 -68.72
C PHE H 45 26.18 -57.14 -67.20
N LEU H 46 26.75 -58.23 -66.69
CA LEU H 46 26.68 -58.56 -65.28
C LEU H 46 28.08 -58.56 -64.67
N GLY H 47 28.26 -57.83 -63.58
CA GLY H 47 29.54 -57.72 -62.92
C GLY H 47 29.41 -57.97 -61.42
N TYR H 48 30.56 -57.85 -60.75
CA TYR H 48 30.65 -58.00 -59.31
C TYR H 48 31.48 -56.86 -58.74
N LYS H 49 30.95 -56.20 -57.71
CA LYS H 49 31.64 -55.07 -57.11
C LYS H 49 32.88 -55.55 -56.36
N ALA H 50 33.99 -54.84 -56.56
CA ALA H 50 35.27 -55.22 -55.97
C ALA H 50 35.76 -54.23 -54.91
N GLY H 51 35.85 -52.95 -55.23
CA GLY H 51 36.39 -52.00 -54.29
C GLY H 51 36.47 -50.61 -54.89
N MET H 52 37.06 -49.69 -54.14
CA MET H 52 37.17 -48.30 -54.53
C MET H 52 38.62 -47.84 -54.49
N THR H 53 38.90 -46.73 -55.18
CA THR H 53 40.26 -46.33 -55.52
C THR H 53 40.27 -44.83 -55.81
N HIS H 54 41.46 -44.24 -55.82
CA HIS H 54 41.68 -42.87 -56.29
C HIS H 54 42.08 -42.85 -57.76
N ILE H 55 41.81 -41.71 -58.39
CA ILE H 55 42.22 -41.39 -59.75
C ILE H 55 42.68 -39.94 -59.79
N VAL H 56 43.75 -39.68 -60.54
CA VAL H 56 44.20 -38.33 -60.83
C VAL H 56 44.11 -38.13 -62.34
N ARG H 57 43.54 -37.00 -62.75
CA ARG H 57 43.37 -36.74 -64.18
C ARG H 57 43.26 -35.24 -64.40
N GLU H 58 43.46 -34.84 -65.64
CA GLU H 58 43.20 -33.47 -66.06
C GLU H 58 41.70 -33.26 -66.31
N VAL H 59 41.27 -32.01 -66.20
CA VAL H 59 39.90 -31.61 -66.44
C VAL H 59 39.89 -30.67 -67.62
N ASP H 60 39.05 -30.96 -68.61
CA ASP H 60 38.96 -30.18 -69.84
C ASP H 60 37.54 -29.63 -69.97
N ARG H 61 37.30 -28.48 -69.35
CA ARG H 61 36.04 -27.77 -69.53
C ARG H 61 36.30 -26.27 -69.47
N PRO H 62 36.32 -25.59 -70.61
CA PRO H 62 36.60 -24.15 -70.59
C PRO H 62 35.57 -23.38 -69.79
N GLY H 63 36.04 -22.36 -69.07
CA GLY H 63 35.19 -21.56 -68.22
C GLY H 63 35.05 -22.05 -66.80
N SER H 64 35.75 -23.12 -66.43
CA SER H 64 35.66 -23.69 -65.10
C SER H 64 36.87 -23.30 -64.26
N LYS H 65 36.73 -23.47 -62.95
CA LYS H 65 37.81 -23.15 -62.02
C LYS H 65 38.92 -24.19 -62.01
N VAL H 66 38.63 -25.43 -62.36
CA VAL H 66 39.63 -26.49 -62.38
C VAL H 66 39.93 -26.94 -63.81
N ASN H 67 39.67 -26.09 -64.79
CA ASN H 67 40.04 -26.39 -66.16
C ASN H 67 41.56 -26.52 -66.28
N LYS H 68 42.01 -27.60 -66.92
CA LYS H 68 43.43 -27.88 -67.11
C LYS H 68 44.18 -27.93 -65.78
N LYS H 69 43.56 -28.56 -64.79
CA LYS H 69 44.17 -28.86 -63.50
C LYS H 69 44.02 -30.35 -63.23
N GLU H 70 44.63 -30.82 -62.14
CA GLU H 70 44.60 -32.22 -61.75
C GLU H 70 43.71 -32.36 -60.53
N VAL H 71 42.74 -33.27 -60.61
CA VAL H 71 41.76 -33.49 -59.54
C VAL H 71 41.78 -34.96 -59.17
N VAL H 72 41.34 -35.24 -57.95
CA VAL H 72 41.24 -36.60 -57.43
C VAL H 72 39.77 -36.99 -57.41
N GLU H 73 39.48 -38.16 -57.97
CA GLU H 73 38.11 -38.65 -58.10
C GLU H 73 38.05 -40.11 -57.67
N ALA H 74 37.17 -40.40 -56.71
CA ALA H 74 36.99 -41.77 -56.27
C ALA H 74 36.25 -42.59 -57.32
N VAL H 75 36.70 -43.83 -57.51
CA VAL H 75 36.14 -44.72 -58.53
C VAL H 75 35.87 -46.08 -57.90
N THR H 76 35.08 -46.89 -58.60
CA THR H 76 34.70 -48.22 -58.16
C THR H 76 35.11 -49.24 -59.21
N ILE H 77 35.62 -50.38 -58.76
CA ILE H 77 36.07 -51.46 -59.63
C ILE H 77 35.02 -52.55 -59.65
N VAL H 78 34.57 -52.94 -60.84
CA VAL H 78 33.62 -54.03 -61.01
C VAL H 78 34.28 -55.09 -61.86
N GLU H 79 34.39 -56.30 -61.32
CA GLU H 79 35.07 -57.40 -61.98
C GLU H 79 34.09 -58.13 -62.90
N THR H 80 34.33 -58.06 -64.21
CA THR H 80 33.39 -58.56 -65.21
C THR H 80 34.08 -59.58 -66.12
N PRO H 81 34.06 -60.85 -65.75
CA PRO H 81 34.52 -61.90 -66.67
C PRO H 81 33.56 -62.02 -67.85
N PRO H 82 34.01 -62.54 -68.98
CA PRO H 82 33.13 -62.62 -70.16
C PRO H 82 31.93 -63.52 -69.92
N MET H 83 30.80 -63.13 -70.51
CA MET H 83 29.58 -63.92 -70.44
C MET H 83 29.51 -64.90 -71.60
N VAL H 84 28.83 -66.01 -71.37
CA VAL H 84 28.62 -67.04 -72.40
C VAL H 84 27.13 -67.19 -72.65
N VAL H 85 26.73 -67.12 -73.90
CA VAL H 85 25.34 -67.23 -74.30
C VAL H 85 24.89 -68.68 -74.20
N VAL H 86 23.71 -68.91 -73.66
CA VAL H 86 23.15 -70.26 -73.59
C VAL H 86 21.78 -70.39 -74.23
N GLY H 87 21.01 -69.32 -74.40
CA GLY H 87 19.68 -69.46 -74.96
C GLY H 87 19.21 -68.21 -75.66
N ILE H 88 18.14 -68.37 -76.42
CA ILE H 88 17.46 -67.27 -77.10
C ILE H 88 15.97 -67.35 -76.76
N VAL H 89 15.39 -66.22 -76.35
CA VAL H 89 13.97 -66.15 -76.05
C VAL H 89 13.36 -65.06 -76.93
N GLY H 90 12.15 -65.32 -77.40
CA GLY H 90 11.43 -64.33 -78.18
C GLY H 90 10.19 -63.84 -77.47
N TYR H 91 9.76 -62.64 -77.81
CA TYR H 91 8.54 -62.07 -77.25
C TYR H 91 7.67 -61.55 -78.39
N VAL H 92 6.35 -61.66 -78.21
CA VAL H 92 5.38 -61.16 -79.17
C VAL H 92 4.51 -60.12 -78.47
N GLU H 93 4.30 -58.99 -79.13
CA GLU H 93 3.49 -57.92 -78.56
C GLU H 93 2.02 -58.29 -78.62
N THR H 94 1.35 -58.16 -77.47
CA THR H 94 -0.06 -58.48 -77.32
C THR H 94 -0.77 -57.26 -76.76
N PRO H 95 -2.09 -57.16 -76.96
CA PRO H 95 -2.84 -56.08 -76.31
C PRO H 95 -2.83 -56.16 -74.79
N ARG H 96 -2.45 -57.30 -74.21
CA ARG H 96 -2.35 -57.44 -72.77
C ARG H 96 -0.93 -57.24 -72.25
N GLY H 97 0.02 -56.93 -73.12
CA GLY H 97 1.40 -56.78 -72.69
C GLY H 97 2.41 -57.35 -73.66
N LEU H 98 3.27 -58.24 -73.17
CA LEU H 98 4.35 -58.78 -73.99
C LEU H 98 4.69 -60.17 -73.45
N ARG H 99 4.17 -61.21 -74.10
CA ARG H 99 4.33 -62.57 -73.59
C ARG H 99 5.49 -63.28 -74.28
N THR H 100 6.07 -64.23 -73.56
CA THR H 100 7.16 -65.02 -74.11
C THR H 100 6.62 -65.96 -75.18
N PHE H 101 7.18 -65.91 -76.37
CA PHE H 101 6.72 -66.75 -77.46
C PHE H 101 7.38 -68.12 -77.45
N LYS H 102 8.71 -68.15 -77.35
CA LYS H 102 9.43 -69.42 -77.46
C LYS H 102 10.81 -69.26 -76.85
N THR H 103 11.31 -70.36 -76.28
CA THR H 103 12.63 -70.40 -75.66
C THR H 103 13.43 -71.55 -76.25
N VAL H 104 14.63 -71.24 -76.73
CA VAL H 104 15.54 -72.23 -77.32
C VAL H 104 16.85 -72.17 -76.56
N PHE H 105 17.35 -73.32 -76.14
CA PHE H 105 18.59 -73.40 -75.38
C PHE H 105 19.70 -74.00 -76.23
N ALA H 106 20.93 -73.87 -75.74
CA ALA H 106 22.09 -74.44 -76.39
C ALA H 106 22.16 -75.93 -76.14
N GLU H 107 22.84 -76.63 -77.06
CA GLU H 107 23.02 -78.07 -76.88
C GLU H 107 23.83 -78.38 -75.64
N HIS H 108 24.95 -77.68 -75.46
CA HIS H 108 25.82 -77.87 -74.30
C HIS H 108 25.64 -76.71 -73.34
N ILE H 109 25.38 -77.03 -72.08
CA ILE H 109 25.30 -76.04 -71.01
C ILE H 109 26.18 -76.53 -69.88
N SER H 110 27.09 -75.66 -69.42
CA SER H 110 28.07 -76.07 -68.43
C SER H 110 27.40 -76.30 -67.06
N ASP H 111 28.09 -77.09 -66.23
CA ASP H 111 27.61 -77.32 -64.87
C ASP H 111 27.50 -76.03 -64.07
N GLU H 112 28.24 -75.00 -64.46
CA GLU H 112 28.09 -73.70 -63.81
C GLU H 112 26.66 -73.20 -63.92
N CYS H 113 26.10 -73.24 -65.13
CA CYS H 113 24.71 -72.83 -65.31
C CYS H 113 23.74 -73.90 -64.84
N LYS H 114 24.14 -75.17 -64.89
CA LYS H 114 23.27 -76.23 -64.38
C LYS H 114 23.03 -76.09 -62.89
N ARG H 115 24.03 -75.57 -62.14
CA ARG H 115 23.86 -75.38 -60.72
C ARG H 115 22.71 -74.43 -60.39
N ARG H 116 22.41 -73.51 -61.31
CA ARG H 116 21.32 -72.55 -61.09
C ARG H 116 19.98 -73.25 -60.93
N PHE H 117 19.80 -74.38 -61.60
CA PHE H 117 18.50 -75.04 -61.66
C PHE H 117 18.19 -75.92 -60.46
N TYR H 118 19.11 -76.02 -59.50
CA TYR H 118 18.94 -76.91 -58.36
C TYR H 118 19.07 -76.13 -57.06
N LYS H 119 18.17 -76.41 -56.12
CA LYS H 119 18.32 -75.86 -54.78
C LYS H 119 19.30 -76.66 -53.92
N ASN H 120 19.53 -77.93 -54.26
CA ASN H 120 20.51 -78.76 -53.55
C ASN H 120 21.26 -79.56 -54.61
N TRP H 121 22.38 -78.99 -55.07
CA TRP H 121 23.19 -79.62 -56.11
C TRP H 121 23.94 -80.84 -55.59
N HIS H 122 24.17 -80.92 -54.28
CA HIS H 122 24.91 -82.04 -53.72
C HIS H 122 24.09 -83.33 -53.74
N LYS H 123 22.78 -83.22 -53.48
CA LYS H 123 21.92 -84.39 -53.40
C LYS H 123 21.25 -84.75 -54.71
N SER H 124 21.40 -83.94 -55.75
CA SER H 124 20.70 -84.18 -56.99
C SER H 124 21.47 -85.17 -57.87
N LYS H 125 20.83 -85.57 -58.97
CA LYS H 125 21.43 -86.43 -59.97
C LYS H 125 21.89 -85.66 -61.20
N LYS H 126 21.71 -84.34 -61.21
CA LYS H 126 22.15 -83.49 -62.31
C LYS H 126 21.50 -83.91 -63.63
N LYS H 127 20.17 -84.02 -63.61
CA LYS H 127 19.40 -84.51 -64.75
C LYS H 127 18.81 -83.39 -65.59
N ALA H 128 19.04 -82.13 -65.24
CA ALA H 128 18.46 -81.03 -66.00
C ALA H 128 19.02 -81.01 -67.42
N PHE H 129 18.13 -80.90 -68.39
CA PHE H 129 18.42 -80.83 -69.83
C PHE H 129 19.01 -82.12 -70.39
N THR H 130 19.02 -83.20 -69.61
CA THR H 130 19.58 -84.46 -70.11
C THR H 130 18.75 -85.05 -71.23
N LYS H 131 17.44 -84.81 -71.23
CA LYS H 131 16.58 -85.26 -72.32
C LYS H 131 16.37 -84.18 -73.36
N TYR H 132 16.59 -82.92 -73.01
CA TYR H 132 16.48 -81.85 -74.00
C TYR H 132 17.68 -81.78 -74.92
N CYS H 133 18.87 -82.12 -74.43
CA CYS H 133 20.08 -81.99 -75.24
C CYS H 133 20.03 -82.87 -76.49
N LYS H 134 19.17 -83.90 -76.50
CA LYS H 134 19.11 -84.81 -77.64
C LYS H 134 18.42 -84.19 -78.84
N LYS H 135 17.70 -83.08 -78.67
CA LYS H 135 17.06 -82.43 -79.80
C LYS H 135 18.06 -81.94 -80.83
N TRP H 136 19.32 -81.74 -80.44
CA TRP H 136 20.31 -81.17 -81.33
C TRP H 136 21.02 -82.22 -82.17
N GLN H 137 21.25 -83.42 -81.64
CA GLN H 137 22.01 -84.44 -82.33
C GLN H 137 21.16 -85.32 -83.24
N ASP H 138 19.85 -85.10 -83.28
CA ASP H 138 18.94 -85.91 -84.08
C ASP H 138 18.42 -85.09 -85.25
N ASP H 139 18.21 -85.76 -86.38
CA ASP H 139 17.81 -85.07 -87.60
C ASP H 139 16.45 -84.41 -87.45
N ALA H 140 15.44 -85.19 -87.02
CA ALA H 140 14.11 -84.63 -86.83
C ALA H 140 14.13 -83.56 -85.75
N GLY H 141 14.93 -83.76 -84.70
CA GLY H 141 15.00 -82.77 -83.64
C GLY H 141 15.55 -81.43 -84.12
N LYS H 142 16.62 -81.47 -84.91
CA LYS H 142 17.18 -80.20 -85.39
C LYS H 142 16.31 -79.60 -86.49
N ARG H 143 15.57 -80.42 -87.23
CA ARG H 143 14.57 -79.86 -88.14
C ARG H 143 13.50 -79.11 -87.38
N GLN H 144 13.01 -79.69 -86.28
CA GLN H 144 12.04 -79.00 -85.44
C GLN H 144 12.63 -77.73 -84.84
N LEU H 145 13.91 -77.78 -84.46
CA LEU H 145 14.56 -76.59 -83.93
C LEU H 145 14.63 -75.48 -84.97
N ASP H 146 14.96 -75.83 -86.21
CA ASP H 146 14.98 -74.83 -87.27
C ASP H 146 13.58 -74.30 -87.56
N LYS H 147 12.56 -75.15 -87.44
CA LYS H 147 11.18 -74.68 -87.55
C LYS H 147 10.86 -73.69 -86.44
N ASP H 148 11.32 -73.96 -85.22
CA ASP H 148 11.11 -73.03 -84.11
C ASP H 148 11.81 -71.71 -84.37
N PHE H 149 13.03 -71.76 -84.90
CA PHE H 149 13.74 -70.53 -85.22
C PHE H 149 13.01 -69.74 -86.31
N SER H 150 12.47 -70.44 -87.32
CA SER H 150 11.69 -69.77 -88.35
C SER H 150 10.45 -69.11 -87.76
N SER H 151 9.77 -69.81 -86.85
CA SER H 151 8.59 -69.23 -86.22
C SER H 151 8.94 -67.98 -85.42
N MET H 152 10.01 -68.04 -84.63
CA MET H 152 10.46 -66.87 -83.89
C MET H 152 10.81 -65.73 -84.85
N LYS H 153 11.43 -66.05 -85.97
CA LYS H 153 11.79 -65.04 -86.95
C LYS H 153 10.55 -64.37 -87.54
N LYS H 154 9.51 -65.14 -87.80
CA LYS H 154 8.33 -64.59 -88.46
C LYS H 154 7.31 -63.99 -87.52
N TYR H 155 7.42 -64.23 -86.21
CA TYR H 155 6.38 -63.76 -85.31
C TYR H 155 6.85 -62.75 -84.28
N CYS H 156 8.01 -62.95 -83.67
CA CYS H 156 8.40 -62.17 -82.51
C CYS H 156 8.74 -60.73 -82.90
N GLN H 157 8.83 -59.88 -81.88
CA GLN H 157 9.17 -58.47 -82.07
C GLN H 157 10.46 -58.08 -81.37
N VAL H 158 10.64 -58.46 -80.10
CA VAL H 158 11.88 -58.21 -79.37
C VAL H 158 12.53 -59.54 -79.09
N ILE H 159 13.85 -59.59 -79.24
CA ILE H 159 14.64 -60.80 -79.02
C ILE H 159 15.58 -60.54 -77.85
N ARG H 160 15.55 -61.41 -76.86
CA ARG H 160 16.41 -61.33 -75.69
C ARG H 160 17.24 -62.59 -75.61
N VAL H 161 18.53 -62.44 -75.37
CA VAL H 161 19.45 -63.56 -75.32
C VAL H 161 19.71 -63.93 -73.87
N LEU H 162 19.85 -65.22 -73.60
CA LEU H 162 20.13 -65.72 -72.27
C LEU H 162 21.62 -65.98 -72.14
N ALA H 163 22.25 -65.34 -71.16
CA ALA H 163 23.67 -65.50 -70.92
C ALA H 163 23.93 -65.57 -69.42
N HIS H 164 24.96 -66.32 -69.04
CA HIS H 164 25.33 -66.49 -67.65
C HIS H 164 26.81 -66.22 -67.46
N THR H 165 27.16 -65.74 -66.26
CA THR H 165 28.53 -65.42 -65.95
C THR H 165 29.32 -66.70 -65.67
N GLN H 166 30.64 -66.60 -65.85
CA GLN H 166 31.55 -67.68 -65.54
C GLN H 166 32.13 -67.44 -64.14
N MET H 167 31.65 -68.21 -63.17
CA MET H 167 32.02 -68.01 -61.77
C MET H 167 33.22 -68.85 -61.35
N ARG H 168 33.81 -69.60 -62.28
CA ARG H 168 35.06 -70.30 -61.98
C ARG H 168 36.28 -69.40 -62.12
N LEU H 169 36.11 -68.19 -62.65
CA LEU H 169 37.18 -67.22 -62.78
C LEU H 169 37.14 -66.16 -61.69
N LEU H 170 36.47 -66.44 -60.58
CA LEU H 170 36.23 -65.44 -59.55
C LEU H 170 36.73 -65.92 -58.20
N PRO H 171 37.12 -65.00 -57.31
CA PRO H 171 37.54 -65.39 -55.96
C PRO H 171 36.39 -65.69 -55.02
N LEU H 172 35.15 -65.54 -55.47
CA LEU H 172 33.99 -65.72 -54.61
C LEU H 172 33.86 -67.18 -54.18
N ARG H 173 33.17 -67.38 -53.06
CA ARG H 173 32.95 -68.73 -52.55
C ARG H 173 31.97 -69.49 -53.43
N GLN H 174 30.90 -68.83 -53.86
CA GLN H 174 29.84 -69.55 -54.55
C GLN H 174 30.25 -69.89 -55.98
N LYS H 175 29.71 -71.01 -56.46
CA LYS H 175 30.04 -71.54 -57.77
C LYS H 175 28.84 -71.62 -58.69
N LYS H 176 27.67 -71.17 -58.23
CA LYS H 176 26.45 -71.19 -59.00
C LYS H 176 26.35 -69.92 -59.83
N ALA H 177 26.26 -70.08 -61.15
CA ALA H 177 26.31 -68.94 -62.06
C ALA H 177 25.02 -68.13 -62.00
N HIS H 178 25.13 -66.86 -62.38
CA HIS H 178 23.98 -65.95 -62.45
C HIS H 178 23.53 -65.83 -63.89
N LEU H 179 22.30 -66.25 -64.17
CA LEU H 179 21.74 -66.28 -65.51
C LEU H 179 20.72 -65.17 -65.66
N MET H 180 20.86 -64.36 -66.71
CA MET H 180 19.93 -63.27 -66.96
C MET H 180 19.57 -63.22 -68.43
N GLU H 181 18.58 -62.38 -68.73
CA GLU H 181 18.17 -62.11 -70.11
C GLU H 181 18.71 -60.75 -70.51
N ILE H 182 19.44 -60.71 -71.62
CA ILE H 182 19.95 -59.46 -72.18
C ILE H 182 19.27 -59.24 -73.52
N GLN H 183 18.66 -58.07 -73.70
CA GLN H 183 17.96 -57.78 -74.94
C GLN H 183 18.96 -57.50 -76.06
N VAL H 184 18.56 -57.86 -77.27
CA VAL H 184 19.35 -57.63 -78.47
C VAL H 184 18.69 -56.48 -79.22
N ASN H 185 19.40 -55.37 -79.38
CA ASN H 185 18.92 -54.22 -80.12
C ASN H 185 19.71 -54.07 -81.41
N GLY H 186 19.00 -53.87 -82.51
CA GLY H 186 19.67 -53.74 -83.79
C GLY H 186 18.69 -53.62 -84.94
N GLY H 187 19.00 -54.29 -86.06
CA GLY H 187 18.17 -54.19 -87.24
C GLY H 187 16.95 -55.08 -87.21
N THR H 188 16.70 -55.78 -88.30
CA THR H 188 15.49 -56.59 -88.40
C THR H 188 15.55 -57.80 -87.48
N VAL H 189 14.37 -58.36 -87.19
CA VAL H 189 14.28 -59.50 -86.30
C VAL H 189 15.01 -60.71 -86.87
N ALA H 190 14.95 -60.88 -88.19
CA ALA H 190 15.63 -62.01 -88.82
C ALA H 190 17.13 -61.94 -88.59
N GLU H 191 17.73 -60.77 -88.79
CA GLU H 191 19.17 -60.67 -88.59
C GLU H 191 19.54 -60.64 -87.11
N LYS H 192 18.65 -60.14 -86.25
CA LYS H 192 18.88 -60.28 -84.81
C LYS H 192 18.98 -61.75 -84.42
N LEU H 193 18.04 -62.56 -84.91
CA LEU H 193 18.05 -63.98 -84.57
C LEU H 193 19.25 -64.69 -85.19
N ASP H 194 19.62 -64.31 -86.41
CA ASP H 194 20.79 -64.92 -87.03
C ASP H 194 22.05 -64.60 -86.24
N TRP H 195 22.22 -63.35 -85.83
CA TRP H 195 23.36 -62.98 -84.99
C TRP H 195 23.35 -63.74 -83.67
N ALA H 196 22.18 -63.84 -83.04
CA ALA H 196 22.09 -64.54 -81.77
C ALA H 196 22.47 -66.01 -81.91
N ARG H 197 21.97 -66.67 -82.95
CA ARG H 197 22.29 -68.08 -83.16
C ARG H 197 23.76 -68.26 -83.54
N GLU H 198 24.32 -67.32 -84.31
CA GLU H 198 25.72 -67.44 -84.69
C GLU H 198 26.66 -67.26 -83.51
N ARG H 199 26.31 -66.40 -82.55
CA ARG H 199 27.10 -66.22 -81.35
C ARG H 199 26.62 -67.07 -80.19
N LEU H 200 25.64 -67.95 -80.42
CA LEU H 200 25.16 -68.83 -79.36
C LEU H 200 26.26 -69.79 -78.92
N GLU H 201 26.32 -70.01 -77.60
CA GLU H 201 27.26 -70.95 -76.99
C GLU H 201 28.71 -70.51 -77.23
N GLN H 202 29.01 -69.27 -76.86
CA GLN H 202 30.39 -68.78 -76.89
C GLN H 202 30.46 -67.50 -76.08
N GLN H 203 31.69 -67.11 -75.73
CA GLN H 203 31.92 -66.01 -74.81
C GLN H 203 31.62 -64.66 -75.46
N VAL H 204 31.31 -63.69 -74.61
CA VAL H 204 30.99 -62.33 -75.03
C VAL H 204 31.69 -61.34 -74.11
N PRO H 205 32.76 -60.69 -74.56
CA PRO H 205 33.51 -59.79 -73.68
C PRO H 205 32.83 -58.43 -73.57
N VAL H 206 33.37 -57.60 -72.67
CA VAL H 206 32.77 -56.29 -72.40
C VAL H 206 33.16 -55.23 -73.41
N SER H 207 34.21 -55.45 -74.20
CA SER H 207 34.62 -54.44 -75.17
C SER H 207 33.53 -54.19 -76.22
N GLN H 208 32.89 -55.27 -76.68
CA GLN H 208 31.85 -55.14 -77.69
C GLN H 208 30.57 -54.56 -77.12
N VAL H 209 30.43 -54.50 -75.79
CA VAL H 209 29.19 -54.03 -75.18
C VAL H 209 29.35 -52.58 -74.75
N PHE H 210 30.29 -52.32 -73.85
CA PHE H 210 30.49 -51.00 -73.26
C PHE H 210 31.77 -50.39 -73.78
N GLY H 211 31.69 -49.16 -74.27
CA GLY H 211 32.84 -48.47 -74.82
C GLY H 211 33.50 -47.53 -73.81
N GLN H 212 34.56 -46.90 -74.27
CA GLN H 212 35.32 -45.97 -73.44
C GLN H 212 34.51 -44.69 -73.21
N ASP H 213 34.78 -44.04 -72.08
CA ASP H 213 34.13 -42.81 -71.61
C ASP H 213 32.67 -42.70 -72.05
N GLU H 214 31.91 -43.75 -71.76
CA GLU H 214 30.47 -43.75 -71.89
C GLU H 214 29.81 -43.66 -70.52
N MET H 215 28.55 -43.27 -70.52
CA MET H 215 27.77 -43.18 -69.29
C MET H 215 26.71 -44.28 -69.29
N ILE H 216 26.68 -45.05 -68.21
CA ILE H 216 25.80 -46.22 -68.13
C ILE H 216 24.87 -46.05 -66.93
N ASP H 217 24.02 -47.04 -66.72
CA ASP H 217 23.17 -47.12 -65.54
C ASP H 217 23.55 -48.36 -64.74
N VAL H 218 23.53 -48.23 -63.41
CA VAL H 218 23.95 -49.30 -62.51
C VAL H 218 22.74 -49.73 -61.70
N ILE H 219 22.44 -51.02 -61.75
CA ILE H 219 21.25 -51.58 -61.10
C ILE H 219 21.70 -52.65 -60.13
N GLY H 220 21.16 -52.60 -58.91
CA GLY H 220 21.52 -53.59 -57.92
C GLY H 220 20.71 -53.41 -56.66
N VAL H 221 20.98 -54.27 -55.68
CA VAL H 221 20.33 -54.24 -54.38
C VAL H 221 21.32 -53.65 -53.38
N THR H 222 20.85 -52.71 -52.56
CA THR H 222 21.72 -52.01 -51.64
C THR H 222 22.09 -52.90 -50.45
N LYS H 223 22.98 -52.40 -49.61
CA LYS H 223 23.41 -53.13 -48.42
C LYS H 223 22.26 -53.26 -47.43
N GLY H 224 22.12 -54.45 -46.85
CA GLY H 224 21.10 -54.65 -45.84
C GLY H 224 21.52 -54.12 -44.48
N LYS H 225 20.54 -53.65 -43.72
CA LYS H 225 20.83 -53.02 -42.44
C LYS H 225 19.90 -53.46 -41.32
N GLY H 226 18.92 -54.31 -41.60
CA GLY H 226 18.06 -54.85 -40.57
C GLY H 226 16.93 -53.93 -40.18
N TYR H 227 16.33 -54.26 -39.04
CA TYR H 227 15.20 -53.52 -38.50
C TYR H 227 15.71 -52.25 -37.85
N LYS H 228 15.31 -51.10 -38.39
CA LYS H 228 15.77 -49.81 -37.89
C LYS H 228 14.58 -48.94 -37.47
N GLY H 229 14.87 -47.99 -36.59
CA GLY H 229 13.86 -47.06 -36.13
C GLY H 229 13.67 -45.89 -37.08
N VAL H 230 12.73 -45.01 -36.71
CA VAL H 230 12.35 -43.92 -37.59
C VAL H 230 13.50 -42.94 -37.77
N THR H 231 14.18 -42.58 -36.68
CA THR H 231 15.22 -41.56 -36.76
C THR H 231 16.40 -41.99 -37.62
N SER H 232 16.59 -43.28 -37.83
CA SER H 232 17.64 -43.77 -38.70
C SER H 232 17.14 -44.20 -40.07
N ARG H 233 15.84 -44.45 -40.21
CA ARG H 233 15.25 -44.90 -41.46
C ARG H 233 14.77 -43.75 -42.32
N TRP H 234 13.96 -42.85 -41.75
CA TRP H 234 13.46 -41.68 -42.45
C TRP H 234 14.16 -40.41 -42.02
N HIS H 235 15.09 -40.50 -41.06
CA HIS H 235 15.91 -39.36 -40.61
C HIS H 235 15.06 -38.24 -40.03
N THR H 236 14.05 -38.62 -39.25
CA THR H 236 13.28 -37.64 -38.50
C THR H 236 14.12 -37.05 -37.38
N LYS H 237 13.82 -35.82 -37.01
CA LYS H 237 14.57 -35.16 -35.95
C LYS H 237 14.29 -35.80 -34.61
N LYS H 238 15.33 -35.94 -33.79
CA LYS H 238 15.20 -36.55 -32.48
C LYS H 238 14.42 -35.64 -31.54
N LEU H 239 13.76 -36.27 -30.56
CA LEU H 239 13.07 -35.54 -29.52
C LEU H 239 14.05 -35.09 -28.45
N PRO H 240 13.68 -34.11 -27.62
CA PRO H 240 14.62 -33.61 -26.60
C PRO H 240 14.96 -34.67 -25.56
N ARG H 241 15.91 -34.32 -24.69
CA ARG H 241 16.38 -35.25 -23.68
C ARG H 241 15.32 -35.52 -22.61
N LYS H 242 14.39 -34.59 -22.41
CA LYS H 242 13.39 -34.70 -21.36
C LYS H 242 12.28 -35.69 -21.69
N THR H 243 12.21 -36.20 -22.91
CA THR H 243 11.10 -37.06 -23.31
C THR H 243 11.04 -38.32 -22.45
N HIS H 244 9.84 -38.66 -22.00
CA HIS H 244 9.67 -39.75 -21.04
C HIS H 244 9.81 -41.11 -21.71
N ARG H 245 8.95 -41.40 -22.68
CA ARG H 245 8.89 -42.73 -23.27
C ARG H 245 9.78 -42.86 -24.50
N GLY H 246 11.05 -42.49 -24.35
CA GLY H 246 12.00 -42.63 -25.44
C GLY H 246 11.98 -41.46 -26.40
N LEU H 247 13.14 -41.14 -26.97
CA LEU H 247 13.28 -39.95 -27.79
C LEU H 247 13.56 -40.24 -29.27
N ARG H 248 14.02 -41.44 -29.61
CA ARG H 248 14.29 -41.75 -31.00
C ARG H 248 13.00 -42.20 -31.70
N LYS H 249 11.95 -41.40 -31.58
CA LYS H 249 10.64 -41.70 -32.12
C LYS H 249 10.12 -40.48 -32.88
N VAL H 250 8.92 -40.64 -33.44
CA VAL H 250 8.19 -39.54 -34.06
C VAL H 250 6.97 -39.25 -33.19
N ALA H 251 6.78 -37.97 -32.85
CA ALA H 251 5.85 -37.62 -31.79
C ALA H 251 4.39 -37.76 -32.21
N CYS H 252 4.04 -37.30 -33.40
CA CYS H 252 2.65 -37.30 -33.85
C CYS H 252 2.50 -38.26 -35.02
N ILE H 253 1.61 -39.25 -34.86
CA ILE H 253 1.36 -40.26 -35.88
C ILE H 253 0.21 -39.88 -36.80
N GLY H 254 -0.60 -38.92 -36.43
CA GLY H 254 -1.69 -38.50 -37.28
C GLY H 254 -2.66 -37.63 -36.50
N ALA H 255 -3.60 -37.05 -37.25
CA ALA H 255 -4.64 -36.24 -36.65
C ALA H 255 -5.73 -37.14 -36.07
N TRP H 256 -6.75 -36.51 -35.48
CA TRP H 256 -7.86 -37.27 -34.93
C TRP H 256 -8.84 -37.69 -36.02
N HIS H 257 -9.35 -36.73 -36.80
CA HIS H 257 -10.56 -36.93 -37.58
C HIS H 257 -10.43 -38.03 -38.62
N PRO H 258 -9.33 -38.12 -39.39
CA PRO H 258 -9.09 -39.37 -40.11
C PRO H 258 -8.70 -40.44 -39.11
N ALA H 259 -9.62 -41.34 -38.82
CA ALA H 259 -9.46 -42.23 -37.67
C ALA H 259 -8.45 -43.30 -37.88
N ARG H 260 -7.65 -43.19 -38.94
CA ARG H 260 -6.62 -44.15 -39.26
C ARG H 260 -5.30 -43.41 -39.46
N VAL H 261 -4.20 -44.15 -39.33
CA VAL H 261 -2.87 -43.62 -39.60
C VAL H 261 -2.53 -43.86 -41.06
N ALA H 262 -2.01 -42.83 -41.71
CA ALA H 262 -1.83 -42.83 -43.16
C ALA H 262 -0.54 -43.55 -43.55
N PHE H 263 -0.42 -43.83 -44.85
CA PHE H 263 0.77 -44.48 -45.38
C PHE H 263 1.95 -43.53 -45.46
N SER H 264 1.74 -42.23 -45.37
CA SER H 264 2.79 -41.24 -45.53
C SER H 264 3.49 -40.91 -44.22
N VAL H 265 3.14 -41.58 -43.13
CA VAL H 265 3.75 -41.35 -41.83
C VAL H 265 4.96 -42.28 -41.69
N ALA H 266 6.08 -41.72 -41.23
CA ALA H 266 7.30 -42.49 -41.09
C ALA H 266 7.15 -43.51 -39.97
N ARG H 267 7.47 -44.77 -40.27
CA ARG H 267 7.39 -45.86 -39.31
C ARG H 267 8.69 -46.65 -39.32
N ALA H 268 8.87 -47.46 -38.29
CA ALA H 268 10.07 -48.27 -38.14
C ALA H 268 9.90 -49.60 -38.85
N GLY H 269 10.97 -50.07 -39.48
CA GLY H 269 10.92 -51.33 -40.20
C GLY H 269 12.24 -51.63 -40.85
N GLN H 270 12.18 -52.48 -41.87
CA GLN H 270 13.40 -52.88 -42.58
C GLN H 270 14.03 -51.69 -43.29
N LYS H 271 15.34 -51.57 -43.18
CA LYS H 271 16.12 -50.59 -43.91
C LYS H 271 17.22 -51.31 -44.67
N GLY H 272 17.47 -50.87 -45.89
CA GLY H 272 18.49 -51.48 -46.72
C GLY H 272 17.97 -52.68 -47.48
N TYR H 273 18.85 -53.26 -48.29
CA TYR H 273 18.53 -54.39 -49.14
C TYR H 273 17.33 -54.06 -50.03
N HIS H 274 17.40 -52.90 -50.67
CA HIS H 274 16.36 -52.43 -51.58
C HIS H 274 16.90 -52.43 -53.01
N HIS H 275 16.02 -52.78 -53.94
CA HIS H 275 16.36 -52.74 -55.36
C HIS H 275 16.39 -51.28 -55.82
N ARG H 276 17.54 -50.84 -56.31
CA ARG H 276 17.70 -49.47 -56.78
C ARG H 276 18.32 -49.48 -58.17
N THR H 277 17.93 -48.50 -58.96
CA THR H 277 18.52 -48.24 -60.28
C THR H 277 19.10 -46.84 -60.28
N GLU H 278 20.38 -46.72 -60.63
CA GLU H 278 21.07 -45.45 -60.61
C GLU H 278 21.72 -45.20 -61.97
N ILE H 279 21.56 -43.97 -62.47
CA ILE H 279 21.92 -43.65 -63.85
C ILE H 279 23.16 -42.77 -63.87
N ASN H 280 23.70 -42.59 -65.08
CA ASN H 280 24.77 -41.65 -65.37
C ASN H 280 26.05 -41.99 -64.59
N LYS H 281 26.48 -43.24 -64.70
CA LYS H 281 27.76 -43.68 -64.18
C LYS H 281 28.75 -43.76 -65.34
N LYS H 282 29.80 -42.95 -65.28
CA LYS H 282 30.75 -42.84 -66.37
C LYS H 282 31.81 -43.92 -66.29
N ILE H 283 32.19 -44.46 -67.44
CA ILE H 283 33.27 -45.43 -67.52
C ILE H 283 34.57 -44.66 -67.67
N TYR H 284 35.47 -44.84 -66.71
CA TYR H 284 36.78 -44.20 -66.76
C TYR H 284 37.79 -45.02 -67.55
N LYS H 285 38.00 -46.27 -67.14
CA LYS H 285 38.94 -47.15 -67.80
C LYS H 285 38.38 -48.55 -67.81
N ILE H 286 38.39 -49.18 -69.00
CA ILE H 286 38.09 -50.60 -69.13
C ILE H 286 39.44 -51.32 -69.20
N GLY H 287 39.58 -52.37 -68.41
CA GLY H 287 40.86 -53.03 -68.21
C GLY H 287 40.87 -54.44 -68.77
N GLN H 288 42.05 -54.88 -69.19
CA GLN H 288 42.25 -56.26 -69.62
C GLN H 288 42.80 -57.07 -68.45
N GLY H 289 42.38 -58.34 -68.39
CA GLY H 289 42.77 -59.20 -67.31
C GLY H 289 44.20 -59.72 -67.49
N TYR H 290 44.54 -60.68 -66.65
CA TYR H 290 45.85 -61.31 -66.69
C TYR H 290 45.94 -62.18 -67.93
N LEU H 291 46.71 -61.73 -68.91
CA LEU H 291 46.98 -62.53 -70.10
C LEU H 291 48.42 -63.01 -70.06
N ILE H 292 48.62 -64.29 -70.37
CA ILE H 292 49.93 -64.91 -70.34
C ILE H 292 50.52 -64.89 -71.74
N LYS H 293 51.80 -64.57 -71.83
CA LYS H 293 52.49 -64.54 -73.12
C LYS H 293 53.95 -64.91 -72.92
N ASP H 294 54.38 -65.95 -73.62
CA ASP H 294 55.78 -66.40 -73.60
C ASP H 294 56.23 -66.74 -72.17
N GLY H 295 55.35 -67.37 -71.41
CA GLY H 295 55.67 -67.76 -70.06
C GLY H 295 55.83 -66.63 -69.08
N LYS H 296 55.52 -65.40 -69.47
CA LYS H 296 55.64 -64.23 -68.62
C LYS H 296 54.25 -63.62 -68.47
N LEU H 297 53.79 -63.48 -67.23
CA LEU H 297 52.45 -63.00 -66.96
C LEU H 297 52.42 -61.47 -67.03
N ILE H 298 51.58 -60.93 -67.92
CA ILE H 298 51.40 -59.50 -68.05
C ILE H 298 50.25 -59.08 -67.14
N LYS H 299 50.52 -58.16 -66.22
CA LYS H 299 49.52 -57.79 -65.23
C LYS H 299 49.44 -56.28 -64.99
N ASN H 300 50.03 -55.45 -65.84
CA ASN H 300 50.07 -54.00 -65.59
C ASN H 300 48.75 -53.37 -66.01
N ASN H 301 47.69 -53.75 -65.28
CA ASN H 301 46.38 -53.16 -65.51
C ASN H 301 46.38 -51.69 -65.10
N ALA H 302 46.97 -51.37 -63.96
CA ALA H 302 46.91 -50.04 -63.38
C ALA H 302 48.01 -49.12 -63.90
N SER H 303 48.63 -49.46 -65.03
CA SER H 303 49.70 -48.66 -65.58
C SER H 303 49.15 -47.71 -66.62
N THR H 304 49.44 -46.42 -66.46
CA THR H 304 49.07 -45.40 -67.42
C THR H 304 50.28 -45.05 -68.27
N ASP H 305 50.13 -44.03 -69.12
CA ASP H 305 51.25 -43.55 -69.91
C ASP H 305 52.04 -42.46 -69.21
N TYR H 306 51.58 -41.99 -68.05
CA TYR H 306 52.37 -41.11 -67.20
C TYR H 306 53.03 -41.85 -66.05
N ASP H 307 52.84 -43.16 -65.95
CA ASP H 307 53.36 -43.96 -64.84
C ASP H 307 54.33 -45.03 -65.30
N LEU H 308 53.94 -45.85 -66.28
CA LEU H 308 54.83 -46.82 -66.92
C LEU H 308 55.44 -47.79 -65.91
N SER H 309 54.61 -48.27 -64.99
CA SER H 309 55.01 -49.31 -64.05
C SER H 309 54.35 -50.62 -64.41
N ASP H 310 54.58 -51.64 -63.59
CA ASP H 310 53.98 -52.96 -63.79
C ASP H 310 53.06 -53.33 -62.64
N LYS H 311 52.34 -52.35 -62.10
CA LYS H 311 51.41 -52.63 -61.01
C LYS H 311 50.03 -52.98 -61.54
N SER H 312 49.38 -53.93 -60.89
CA SER H 312 48.03 -54.32 -61.25
C SER H 312 47.02 -53.43 -60.54
N ILE H 313 45.74 -53.60 -60.91
CA ILE H 313 44.68 -52.85 -60.25
C ILE H 313 44.54 -53.26 -58.79
N ASN H 314 45.11 -54.39 -58.42
CA ASN H 314 44.99 -54.89 -57.05
C ASN H 314 45.91 -54.11 -56.13
N PRO H 315 45.40 -53.55 -55.03
CA PRO H 315 46.28 -52.92 -54.05
C PRO H 315 46.99 -53.97 -53.22
N LEU H 316 47.91 -53.51 -52.37
CA LEU H 316 48.63 -54.42 -51.50
C LEU H 316 47.67 -55.12 -50.54
N GLY H 317 47.80 -56.44 -50.45
CA GLY H 317 46.90 -57.24 -49.66
C GLY H 317 45.61 -57.62 -50.33
N GLY H 318 45.37 -57.15 -51.55
CA GLY H 318 44.15 -57.45 -52.26
C GLY H 318 42.99 -56.58 -51.80
N PHE H 319 41.91 -56.65 -52.57
CA PHE H 319 40.69 -55.92 -52.19
C PHE H 319 40.12 -56.51 -50.91
N VAL H 320 39.94 -55.68 -49.90
CA VAL H 320 39.49 -56.16 -48.60
C VAL H 320 38.12 -56.80 -48.75
N HIS H 321 37.96 -57.98 -48.17
CA HIS H 321 36.72 -58.75 -48.13
C HIS H 321 36.25 -59.21 -49.50
N TYR H 322 37.05 -59.00 -50.55
CA TYR H 322 36.67 -59.47 -51.88
C TYR H 322 37.63 -60.53 -52.43
N GLY H 323 38.93 -60.22 -52.51
CA GLY H 323 39.86 -61.14 -53.13
C GLY H 323 40.77 -60.46 -54.13
N GLU H 324 41.27 -61.22 -55.10
CA GLU H 324 42.18 -60.72 -56.11
C GLU H 324 41.46 -60.64 -57.46
N VAL H 325 41.56 -59.48 -58.10
CA VAL H 325 40.98 -59.27 -59.42
C VAL H 325 42.02 -59.65 -60.46
N THR H 326 41.74 -60.71 -61.23
CA THR H 326 42.69 -61.23 -62.20
C THR H 326 42.23 -61.13 -63.64
N ASN H 327 40.96 -60.85 -63.88
CA ASN H 327 40.41 -60.74 -65.23
C ASN H 327 39.80 -59.35 -65.43
N ASP H 328 39.07 -59.19 -66.53
CA ASP H 328 38.62 -57.88 -66.99
C ASP H 328 37.82 -57.14 -65.92
N PHE H 329 37.82 -55.82 -66.03
CA PHE H 329 37.13 -54.97 -65.06
C PHE H 329 36.76 -53.66 -65.73
N VAL H 330 35.85 -52.92 -65.08
CA VAL H 330 35.44 -51.61 -65.53
C VAL H 330 35.60 -50.63 -64.38
N MET H 331 36.10 -49.43 -64.69
CA MET H 331 36.30 -48.37 -63.70
C MET H 331 35.17 -47.36 -63.85
N LEU H 332 34.37 -47.21 -62.79
CA LEU H 332 33.22 -46.33 -62.80
C LEU H 332 33.43 -45.16 -61.85
N LYS H 333 32.93 -44.00 -62.25
CA LYS H 333 33.08 -42.78 -61.47
C LYS H 333 32.13 -42.81 -60.28
N GLY H 334 32.68 -42.71 -59.08
CA GLY H 334 31.86 -42.60 -57.88
C GLY H 334 31.52 -43.93 -57.26
N CYS H 335 30.50 -43.90 -56.43
CA CYS H 335 30.04 -45.06 -55.67
C CYS H 335 28.81 -45.67 -56.30
N VAL H 336 28.65 -46.97 -56.10
CA VAL H 336 27.51 -47.71 -56.62
C VAL H 336 26.88 -48.51 -55.47
N VAL H 337 25.64 -48.93 -55.68
CA VAL H 337 24.87 -49.63 -54.66
C VAL H 337 25.47 -50.99 -54.37
N GLY H 338 25.09 -51.58 -53.25
CA GLY H 338 25.50 -52.93 -52.90
C GLY H 338 26.67 -52.96 -51.95
N THR H 339 27.06 -54.17 -51.59
CA THR H 339 28.22 -54.44 -50.78
C THR H 339 29.27 -55.15 -51.64
N LYS H 340 30.40 -55.49 -51.03
CA LYS H 340 31.43 -56.22 -51.75
C LYS H 340 30.90 -57.60 -52.14
N LYS H 341 31.39 -58.09 -53.28
CA LYS H 341 31.00 -59.39 -53.83
C LYS H 341 29.52 -59.45 -54.20
N ARG H 342 28.91 -58.30 -54.48
CA ARG H 342 27.52 -58.25 -54.86
C ARG H 342 27.41 -58.22 -56.38
N VAL H 343 26.63 -59.15 -56.93
CA VAL H 343 26.40 -59.16 -58.37
C VAL H 343 25.72 -57.86 -58.78
N LEU H 344 26.22 -57.25 -59.84
CA LEU H 344 25.82 -55.89 -60.21
C LEU H 344 25.46 -55.88 -61.68
N THR H 345 24.26 -55.40 -61.99
CA THR H 345 23.78 -55.35 -63.36
C THR H 345 24.13 -54.01 -63.99
N LEU H 346 24.73 -54.04 -65.17
CA LEU H 346 25.05 -52.85 -65.92
C LEU H 346 24.12 -52.73 -67.12
N ARG H 347 23.82 -51.50 -67.52
CA ARG H 347 22.85 -51.27 -68.58
C ARG H 347 23.27 -50.07 -69.41
N LYS H 348 22.97 -50.14 -70.71
CA LYS H 348 23.14 -48.98 -71.57
C LYS H 348 22.20 -47.87 -71.14
N SER H 349 22.64 -46.63 -71.32
CA SER H 349 21.81 -45.49 -70.98
C SER H 349 20.59 -45.41 -71.88
N LEU H 350 19.44 -45.08 -71.30
CA LEU H 350 18.20 -44.97 -72.06
C LEU H 350 18.10 -43.63 -72.78
N LEU H 351 18.12 -42.54 -72.02
CA LEU H 351 18.08 -41.21 -72.60
C LEU H 351 19.39 -40.90 -73.31
N VAL H 352 19.35 -39.91 -74.19
CA VAL H 352 20.49 -39.55 -75.01
C VAL H 352 21.34 -38.53 -74.30
N GLN H 353 22.66 -38.74 -74.33
CA GLN H 353 23.62 -37.92 -73.58
C GLN H 353 24.25 -36.92 -74.54
N THR H 354 23.81 -35.68 -74.48
CA THR H 354 24.36 -34.57 -75.26
C THR H 354 24.65 -33.43 -74.28
N LYS H 355 25.82 -33.47 -73.67
CA LYS H 355 26.20 -32.45 -72.71
C LYS H 355 27.71 -32.48 -72.55
N ARG H 356 28.26 -31.39 -72.01
CA ARG H 356 29.71 -31.31 -71.82
C ARG H 356 30.21 -32.39 -70.87
N ARG H 357 29.56 -32.50 -69.71
CA ARG H 357 29.97 -33.49 -68.72
C ARG H 357 29.69 -34.92 -69.17
N ALA H 358 28.79 -35.12 -70.13
CA ALA H 358 28.52 -36.46 -70.63
C ALA H 358 29.45 -36.84 -71.77
N LEU H 359 29.97 -35.86 -72.51
CA LEU H 359 30.85 -36.12 -73.64
C LEU H 359 32.30 -35.83 -73.32
N GLU H 360 32.63 -35.51 -72.06
CA GLU H 360 34.02 -35.32 -71.68
C GLU H 360 34.82 -36.60 -71.92
N LYS H 361 36.05 -36.42 -72.38
CA LYS H 361 36.98 -37.54 -72.60
C LYS H 361 37.96 -37.63 -71.44
N ILE H 362 38.18 -38.84 -70.96
CA ILE H 362 38.97 -39.08 -69.74
C ILE H 362 40.32 -39.65 -70.15
N ASP H 363 41.38 -39.12 -69.54
CA ASP H 363 42.74 -39.63 -69.70
C ASP H 363 43.38 -39.71 -68.31
N LEU H 364 43.45 -40.92 -67.77
CA LEU H 364 43.92 -41.10 -66.40
C LEU H 364 45.42 -40.80 -66.30
N LYS H 365 45.80 -40.14 -65.22
CA LYS H 365 47.20 -39.84 -64.93
C LYS H 365 47.81 -40.80 -63.91
N PHE H 366 47.04 -41.21 -62.92
CA PHE H 366 47.57 -42.03 -61.84
C PHE H 366 46.45 -42.82 -61.19
N ILE H 367 46.74 -44.05 -60.80
CA ILE H 367 45.80 -44.90 -60.08
C ILE H 367 46.47 -45.35 -58.79
N ASP H 368 45.74 -45.22 -57.68
CA ASP H 368 46.29 -45.52 -56.36
C ASP H 368 46.15 -47.01 -56.05
N THR H 369 47.26 -47.65 -55.71
CA THR H 369 47.24 -49.06 -55.33
C THR H 369 47.77 -49.28 -53.92
N THR H 370 47.76 -48.26 -53.08
CA THR H 370 48.13 -48.43 -51.69
C THR H 370 47.13 -49.34 -50.99
N SER H 371 47.57 -49.93 -49.88
CA SER H 371 46.72 -50.88 -49.18
C SER H 371 45.51 -50.18 -48.59
N LYS H 372 44.32 -50.75 -48.82
CA LYS H 372 43.09 -50.25 -48.22
C LYS H 372 42.80 -50.91 -46.89
N PHE H 373 43.61 -51.88 -46.48
CA PHE H 373 43.47 -52.54 -45.19
C PHE H 373 44.26 -51.80 -44.11
N GLY H 374 44.03 -50.51 -44.00
CA GLY H 374 44.74 -49.65 -43.09
C GLY H 374 45.20 -48.41 -43.80
N HIS H 375 46.22 -47.76 -43.24
CA HIS H 375 46.81 -46.56 -43.82
C HIS H 375 48.08 -46.97 -44.57
N GLY H 376 47.90 -47.35 -45.84
CA GLY H 376 49.03 -47.80 -46.63
C GLY H 376 49.82 -46.62 -47.21
N ARG H 377 51.14 -46.79 -47.24
CA ARG H 377 52.04 -45.72 -47.67
C ARG H 377 52.75 -46.01 -48.98
N PHE H 378 52.74 -47.25 -49.46
CA PHE H 378 53.50 -47.64 -50.64
C PHE H 378 52.57 -48.23 -51.68
N GLN H 379 52.78 -47.84 -52.93
CA GLN H 379 51.95 -48.32 -54.03
C GLN H 379 52.31 -49.75 -54.43
N THR H 380 53.54 -50.18 -54.19
CA THR H 380 53.99 -51.49 -54.62
C THR H 380 54.94 -52.09 -53.58
N VAL H 381 55.02 -53.41 -53.58
CA VAL H 381 55.92 -54.10 -52.66
C VAL H 381 57.38 -53.80 -53.00
N GLU H 382 57.70 -53.68 -54.28
CA GLU H 382 59.06 -53.34 -54.66
C GLU H 382 59.44 -51.95 -54.17
N GLU H 383 58.52 -50.99 -54.28
CA GLU H 383 58.77 -49.66 -53.74
C GLU H 383 58.92 -49.69 -52.22
N LYS H 384 58.06 -50.46 -51.55
CA LYS H 384 58.15 -50.56 -50.09
C LYS H 384 59.48 -51.15 -49.66
N LYS H 385 59.93 -52.20 -50.34
CA LYS H 385 61.20 -52.83 -49.98
C LYS H 385 62.38 -51.91 -50.30
N ALA H 386 62.30 -51.17 -51.40
CA ALA H 386 63.36 -50.23 -51.73
C ALA H 386 63.46 -49.12 -50.69
N PHE H 387 62.32 -48.66 -50.18
CA PHE H 387 62.34 -47.63 -49.15
C PHE H 387 62.88 -48.18 -47.83
N MET H 388 62.38 -49.34 -47.40
CA MET H 388 62.72 -49.82 -46.07
C MET H 388 64.14 -50.38 -45.99
N GLY H 389 64.58 -51.11 -47.00
CA GLY H 389 65.83 -51.82 -46.92
C GLY H 389 65.65 -53.19 -46.31
N PRO H 390 66.74 -53.92 -46.08
CA PRO H 390 66.63 -55.30 -45.60
C PRO H 390 66.08 -55.36 -44.19
N LEU H 391 65.12 -56.25 -43.98
CA LEU H 391 64.51 -56.46 -42.67
C LEU H 391 65.27 -57.55 -41.92
N LYS H 392 64.71 -57.99 -40.79
CA LYS H 392 65.34 -59.05 -40.01
C LYS H 392 64.93 -60.43 -40.49
N LYS H 393 63.72 -60.57 -41.04
CA LYS H 393 63.17 -61.89 -41.34
C LYS H 393 63.91 -62.61 -42.45
N ASP H 394 64.79 -61.94 -43.18
CA ASP H 394 65.54 -62.60 -44.25
C ASP H 394 67.00 -62.85 -43.87
N ALA I 1 -89.29 -81.03 1.81
CA ALA I 1 -90.72 -81.25 1.76
C ALA I 1 -91.28 -81.53 3.15
N CYS I 2 -92.58 -81.84 3.20
CA CYS I 2 -93.26 -82.16 4.45
C CYS I 2 -93.52 -83.64 4.63
N ALA I 3 -93.32 -84.45 3.61
CA ALA I 3 -93.57 -85.89 3.70
C ALA I 3 -92.39 -86.57 4.38
N ARG I 4 -92.60 -87.05 5.60
CA ARG I 4 -91.55 -87.71 6.36
C ARG I 4 -91.87 -89.19 6.50
N PRO I 5 -91.13 -90.08 5.84
CA PRO I 5 -91.41 -91.52 5.98
C PRO I 5 -90.93 -92.09 7.30
N LEU I 6 -91.05 -93.40 7.45
CA LEU I 6 -90.61 -94.11 8.65
C LEU I 6 -89.40 -94.96 8.32
N ILE I 7 -88.41 -94.93 9.20
CA ILE I 7 -87.18 -95.70 9.04
C ILE I 7 -87.14 -96.78 10.11
N SER I 8 -86.91 -98.02 9.69
CA SER I 8 -86.87 -99.13 10.63
C SER I 8 -85.50 -99.24 11.29
N VAL I 9 -85.50 -99.68 12.55
CA VAL I 9 -84.29 -99.85 13.33
C VAL I 9 -83.82 -101.29 13.16
N TYR I 10 -82.63 -101.45 12.61
CA TYR I 10 -82.13 -102.78 12.26
C TYR I 10 -81.47 -103.46 13.45
N SER I 11 -81.68 -104.78 13.53
CA SER I 11 -81.10 -105.58 14.59
C SER I 11 -79.61 -105.81 14.35
N GLU I 12 -78.96 -106.33 15.38
CA GLU I 12 -77.53 -106.65 15.29
C GLU I 12 -77.24 -107.71 14.25
N LYS I 13 -78.24 -108.49 13.85
CA LYS I 13 -78.08 -109.56 12.89
C LYS I 13 -78.14 -109.07 11.45
N GLY I 14 -78.36 -107.78 11.23
CA GLY I 14 -78.48 -107.22 9.91
C GLY I 14 -79.88 -107.17 9.36
N GLU I 15 -80.84 -107.83 10.01
CA GLU I 15 -82.22 -107.87 9.58
C GLU I 15 -83.07 -106.92 10.43
N SER I 16 -84.15 -106.44 9.82
CA SER I 16 -84.96 -105.40 10.42
C SER I 16 -85.76 -105.92 11.61
N SER I 17 -85.76 -105.15 12.69
CA SER I 17 -86.64 -105.40 13.82
C SER I 17 -87.99 -104.72 13.57
N GLY I 18 -88.94 -104.94 14.47
CA GLY I 18 -90.25 -104.36 14.29
C GLY I 18 -90.30 -102.86 14.52
N LYS I 19 -89.34 -102.31 15.25
CA LYS I 19 -89.34 -100.89 15.55
C LYS I 19 -89.07 -100.07 14.30
N ASN I 20 -89.65 -98.87 14.27
CA ASN I 20 -89.41 -97.91 13.19
C ASN I 20 -89.73 -96.52 13.69
N VAL I 21 -89.00 -95.53 13.18
CA VAL I 21 -89.12 -94.16 13.65
C VAL I 21 -89.30 -93.21 12.47
N THR I 22 -89.91 -92.07 12.75
CA THR I 22 -90.16 -91.06 11.74
C THR I 22 -88.87 -90.30 11.40
N LEU I 23 -88.76 -89.90 10.14
CA LEU I 23 -87.60 -89.15 9.69
C LEU I 23 -87.61 -87.77 10.30
N PRO I 24 -86.58 -87.37 11.06
CA PRO I 24 -86.52 -86.01 11.56
C PRO I 24 -86.39 -84.99 10.44
N ALA I 25 -86.96 -83.80 10.67
CA ALA I 25 -87.01 -82.76 9.66
C ALA I 25 -85.64 -82.24 9.27
N VAL I 26 -84.61 -82.51 10.06
CA VAL I 26 -83.26 -82.07 9.73
C VAL I 26 -82.84 -82.66 8.39
N PHE I 27 -83.22 -83.91 8.13
CA PHE I 27 -82.94 -84.52 6.84
C PHE I 27 -83.75 -83.92 5.72
N LYS I 28 -84.81 -83.16 6.02
CA LYS I 28 -85.55 -82.42 5.03
C LYS I 28 -85.11 -80.96 4.94
N ALA I 29 -84.19 -80.54 5.79
CA ALA I 29 -83.66 -79.17 5.73
C ALA I 29 -82.93 -78.93 4.41
N PRO I 30 -82.83 -77.67 3.97
CA PRO I 30 -82.18 -77.39 2.68
C PRO I 30 -80.69 -77.67 2.71
N ILE I 31 -80.18 -78.12 1.56
CA ILE I 31 -78.77 -78.42 1.38
C ILE I 31 -78.12 -77.24 0.67
N ARG I 32 -77.11 -76.65 1.30
CA ARG I 32 -76.40 -75.50 0.73
C ARG I 32 -74.91 -75.80 0.70
N PRO I 33 -74.44 -76.50 -0.34
CA PRO I 33 -73.02 -76.84 -0.42
C PRO I 33 -72.09 -75.64 -0.41
N ASP I 34 -72.50 -74.51 -0.99
CA ASP I 34 -71.62 -73.35 -1.02
C ASP I 34 -71.29 -72.86 0.38
N ILE I 35 -72.31 -72.75 1.23
CA ILE I 35 -72.04 -72.27 2.58
C ILE I 35 -71.50 -73.37 3.48
N VAL I 36 -71.77 -74.64 3.17
CA VAL I 36 -71.07 -75.71 3.89
C VAL I 36 -69.57 -75.63 3.62
N ASN I 37 -69.19 -75.42 2.36
CA ASN I 37 -67.78 -75.24 2.02
C ASN I 37 -67.20 -74.00 2.68
N PHE I 38 -67.96 -72.90 2.70
CA PHE I 38 -67.51 -71.67 3.35
C PHE I 38 -67.21 -71.90 4.83
N VAL I 39 -68.17 -72.51 5.54
CA VAL I 39 -68.01 -72.76 6.97
C VAL I 39 -66.85 -73.71 7.22
N HIS I 40 -66.73 -74.75 6.38
CA HIS I 40 -65.62 -75.69 6.55
C HIS I 40 -64.28 -75.00 6.36
N THR I 41 -64.17 -74.16 5.33
CA THR I 41 -62.93 -73.42 5.09
C THR I 41 -62.57 -72.54 6.28
N ASN I 42 -63.56 -71.84 6.83
CA ASN I 42 -63.25 -70.89 7.89
C ASN I 42 -63.08 -71.55 9.25
N LEU I 43 -63.57 -72.78 9.43
CA LEU I 43 -63.38 -73.46 10.71
C LEU I 43 -62.17 -74.38 10.72
N ARG I 44 -61.70 -74.82 9.54
CA ARG I 44 -60.50 -75.64 9.50
C ARG I 44 -59.24 -74.84 9.79
N LYS I 45 -59.33 -73.51 9.86
CA LYS I 45 -58.20 -72.65 10.16
C LYS I 45 -57.97 -72.47 11.66
N ASN I 46 -58.88 -72.93 12.50
CA ASN I 46 -58.81 -72.64 13.93
C ASN I 46 -57.93 -73.61 14.70
N ASN I 47 -57.49 -74.70 14.08
CA ASN I 47 -56.61 -75.65 14.73
C ASN I 47 -55.16 -75.51 14.30
N ARG I 48 -54.83 -74.43 13.57
CA ARG I 48 -53.47 -74.24 13.06
C ARG I 48 -52.55 -73.71 14.15
N GLN I 49 -51.34 -74.26 14.21
CA GLN I 49 -50.31 -73.70 15.07
C GLN I 49 -49.56 -72.60 14.32
N PRO I 50 -49.07 -71.60 15.04
CA PRO I 50 -48.32 -70.52 14.40
C PRO I 50 -46.92 -70.95 13.98
N TYR I 51 -46.35 -70.19 13.06
CA TYR I 51 -44.96 -70.32 12.67
C TYR I 51 -44.44 -68.96 12.23
N ALA I 52 -43.13 -68.77 12.38
CA ALA I 52 -42.51 -67.50 12.04
C ALA I 52 -41.00 -67.67 12.09
N VAL I 53 -40.30 -66.97 11.21
CA VAL I 53 -38.85 -66.97 11.27
C VAL I 53 -38.38 -66.19 12.50
N SER I 54 -37.12 -66.39 12.86
CA SER I 54 -36.59 -65.71 14.02
C SER I 54 -36.52 -64.20 13.78
N GLU I 55 -36.92 -63.43 14.80
CA GLU I 55 -36.97 -61.99 14.65
C GLU I 55 -35.59 -61.37 14.47
N LEU I 56 -34.54 -61.99 14.98
CA LEU I 56 -33.18 -61.50 14.81
C LEU I 56 -32.41 -62.29 13.78
N ALA I 57 -33.08 -63.15 13.01
CA ALA I 57 -32.42 -63.92 11.98
C ALA I 57 -31.97 -63.01 10.84
N GLY I 58 -30.71 -63.14 10.44
CA GLY I 58 -30.16 -62.31 9.39
C GLY I 58 -29.68 -60.95 9.81
N HIS I 59 -29.69 -60.65 11.11
CA HIS I 59 -29.23 -59.35 11.62
C HIS I 59 -28.12 -59.49 12.64
N GLN I 60 -27.52 -60.69 12.76
CA GLN I 60 -26.49 -60.89 13.78
C GLN I 60 -25.27 -60.02 13.52
N THR I 61 -24.95 -59.79 12.25
CA THR I 61 -23.69 -59.17 11.89
C THR I 61 -23.73 -57.66 12.06
N SER I 62 -22.54 -57.08 12.21
CA SER I 62 -22.33 -55.64 12.10
C SER I 62 -21.73 -55.38 10.73
N ALA I 63 -22.50 -54.77 9.84
CA ALA I 63 -22.07 -54.57 8.47
C ALA I 63 -22.57 -53.23 7.98
N GLU I 64 -21.72 -52.52 7.24
CA GLU I 64 -22.08 -51.25 6.65
C GLU I 64 -21.65 -51.22 5.20
N SER I 65 -22.34 -50.39 4.42
CA SER I 65 -22.03 -50.27 3.00
C SER I 65 -20.62 -49.71 2.81
N TRP I 66 -19.95 -50.18 1.76
CA TRP I 66 -18.64 -49.63 1.41
C TRP I 66 -18.74 -48.25 0.79
N GLY I 67 -19.96 -47.80 0.46
CA GLY I 67 -20.14 -46.50 -0.16
C GLY I 67 -19.89 -46.54 -1.66
N THR I 68 -19.99 -45.36 -2.26
CA THR I 68 -19.70 -45.23 -3.68
C THR I 68 -18.19 -45.24 -3.91
N GLY I 69 -17.80 -45.65 -5.10
CA GLY I 69 -16.41 -45.93 -5.37
C GLY I 69 -16.10 -47.39 -5.10
N ARG I 70 -14.86 -47.77 -5.38
CA ARG I 70 -14.31 -49.10 -5.14
C ARG I 70 -14.99 -50.18 -5.97
N ALA I 71 -15.88 -49.81 -6.92
CA ALA I 71 -16.41 -50.73 -7.93
C ALA I 71 -17.18 -51.89 -7.30
N VAL I 72 -17.99 -51.60 -6.28
CA VAL I 72 -18.89 -52.58 -5.69
C VAL I 72 -20.29 -51.98 -5.68
N ALA I 73 -21.28 -52.82 -5.37
CA ALA I 73 -22.67 -52.53 -5.70
C ALA I 73 -23.46 -51.91 -4.55
N ARG I 74 -22.80 -51.15 -3.67
CA ARG I 74 -23.45 -50.32 -2.65
C ARG I 74 -24.31 -51.11 -1.67
N ILE I 75 -24.25 -52.45 -1.70
CA ILE I 75 -24.92 -53.28 -0.72
C ILE I 75 -24.05 -53.25 0.53
N PRO I 76 -24.59 -53.45 1.74
CA PRO I 76 -23.72 -53.58 2.90
C PRO I 76 -22.75 -54.75 2.77
N ARG I 77 -21.55 -54.56 3.31
CA ARG I 77 -20.51 -55.57 3.32
C ARG I 77 -20.12 -55.88 4.76
N VAL I 78 -19.75 -57.14 5.02
CA VAL I 78 -19.25 -57.49 6.34
C VAL I 78 -17.94 -56.77 6.62
N ARG I 79 -17.69 -56.47 7.89
CA ARG I 79 -16.57 -55.61 8.28
C ARG I 79 -15.31 -56.43 8.45
N GLY I 80 -14.27 -56.08 7.68
CA GLY I 80 -12.92 -56.59 7.86
C GLY I 80 -12.78 -58.09 8.01
N GLY I 81 -11.70 -58.52 8.65
CA GLY I 81 -11.51 -59.92 8.98
C GLY I 81 -10.75 -60.72 7.95
N GLY I 82 -9.89 -61.62 8.42
CA GLY I 82 -9.19 -62.54 7.55
C GLY I 82 -9.93 -63.85 7.39
N THR I 83 -11.05 -63.83 6.69
CA THR I 83 -11.86 -65.01 6.47
C THR I 83 -12.62 -64.86 5.17
N HIS I 84 -13.25 -65.95 4.74
CA HIS I 84 -14.07 -65.90 3.54
C HIS I 84 -15.26 -64.98 3.72
N ARG I 85 -15.85 -64.99 4.92
CA ARG I 85 -16.98 -64.13 5.25
C ARG I 85 -16.42 -62.75 5.61
N SER I 86 -16.09 -61.98 4.59
CA SER I 86 -15.48 -60.67 4.80
C SER I 86 -15.76 -59.80 3.58
N GLY I 87 -16.45 -58.69 3.79
CA GLY I 87 -16.85 -57.86 2.68
C GLY I 87 -17.72 -58.59 1.68
N GLN I 88 -18.65 -59.40 2.17
CA GLN I 88 -19.38 -60.34 1.32
C GLN I 88 -20.80 -59.92 1.02
N GLY I 89 -21.45 -59.14 1.89
CA GLY I 89 -22.83 -58.79 1.66
C GLY I 89 -23.73 -59.40 2.72
N ALA I 90 -24.32 -58.56 3.58
CA ALA I 90 -24.95 -59.04 4.79
C ALA I 90 -26.45 -58.82 4.82
N PHE I 91 -26.92 -57.59 4.68
CA PHE I 91 -28.34 -57.29 4.85
C PHE I 91 -29.03 -57.20 3.50
N GLY I 92 -30.30 -57.57 3.49
CA GLY I 92 -31.07 -57.52 2.28
C GLY I 92 -31.52 -58.89 1.83
N ASN I 93 -32.70 -58.94 1.22
CA ASN I 93 -33.30 -60.21 0.82
C ASN I 93 -32.55 -60.88 -0.33
N MET I 94 -31.81 -60.12 -1.12
CA MET I 94 -31.12 -60.67 -2.29
C MET I 94 -29.76 -61.26 -1.97
N CYS I 95 -29.27 -61.08 -0.75
CA CYS I 95 -27.96 -61.58 -0.38
C CYS I 95 -28.05 -62.96 0.25
N ARG I 96 -26.96 -63.72 0.13
CA ARG I 96 -26.86 -64.99 0.81
C ARG I 96 -26.60 -64.75 2.29
N GLY I 97 -27.42 -65.34 3.15
CA GLY I 97 -27.52 -64.88 4.51
C GLY I 97 -28.43 -63.67 4.56
N GLY I 98 -28.54 -63.08 5.75
CA GLY I 98 -29.36 -61.90 5.86
C GLY I 98 -30.85 -62.19 5.84
N ARG I 99 -31.65 -61.18 6.16
CA ARG I 99 -33.09 -61.36 6.32
C ARG I 99 -33.74 -61.64 4.97
N MET I 100 -35.00 -62.07 5.02
CA MET I 100 -35.81 -62.24 3.82
C MET I 100 -36.70 -61.00 3.65
N PHE I 101 -37.56 -61.03 2.64
CA PHE I 101 -38.30 -59.83 2.23
C PHE I 101 -39.16 -59.28 3.34
N ALA I 102 -40.18 -60.04 3.74
CA ALA I 102 -41.10 -59.63 4.79
C ALA I 102 -41.15 -60.75 5.81
N PRO I 103 -40.30 -60.70 6.83
CA PRO I 103 -40.21 -61.82 7.78
C PRO I 103 -41.57 -62.12 8.39
N THR I 104 -41.90 -63.40 8.44
CA THR I 104 -43.18 -63.82 8.99
C THR I 104 -43.23 -63.57 10.49
N LYS I 105 -44.41 -63.23 10.98
CA LYS I 105 -44.62 -62.91 12.38
C LYS I 105 -45.63 -63.85 12.99
N THR I 106 -45.53 -64.04 14.31
CA THR I 106 -46.47 -64.95 14.98
C THR I 106 -47.86 -64.35 15.12
N TRP I 107 -48.00 -63.04 14.97
CA TRP I 107 -49.30 -62.39 15.14
C TRP I 107 -50.04 -62.18 13.82
N ARG I 108 -49.79 -63.05 12.84
CA ARG I 108 -50.69 -63.16 11.72
C ARG I 108 -52.05 -63.66 12.20
N ARG I 109 -53.12 -63.21 11.56
CA ARG I 109 -54.45 -63.64 11.97
C ARG I 109 -54.68 -65.10 11.59
N TRP I 110 -54.35 -66.02 12.51
CA TRP I 110 -54.45 -67.44 12.20
C TRP I 110 -55.89 -67.93 12.19
N HIS I 111 -56.69 -67.52 13.15
CA HIS I 111 -58.01 -68.08 13.37
C HIS I 111 -59.09 -67.22 12.71
N ARG I 112 -60.24 -67.83 12.49
CA ARG I 112 -61.38 -67.18 11.86
C ARG I 112 -62.61 -67.29 12.75
N ARG I 113 -63.65 -66.55 12.36
CA ARG I 113 -64.85 -66.41 13.16
C ARG I 113 -66.07 -66.63 12.27
N VAL I 114 -66.96 -67.51 12.69
CA VAL I 114 -68.17 -67.83 11.91
C VAL I 114 -69.38 -67.71 12.84
N ASN I 115 -70.47 -67.20 12.29
CA ASN I 115 -71.69 -67.03 13.08
C ASN I 115 -72.29 -68.39 13.47
N THR I 116 -72.86 -68.44 14.67
CA THR I 116 -73.49 -69.66 15.16
C THR I 116 -74.65 -70.07 14.28
N THR I 117 -75.43 -69.10 13.79
CA THR I 117 -76.59 -69.43 12.98
C THR I 117 -76.19 -70.16 11.71
N GLN I 118 -75.15 -69.69 11.04
CA GLN I 118 -74.74 -70.36 9.81
C GLN I 118 -73.89 -71.59 10.06
N LYS I 119 -73.23 -71.70 11.21
CA LYS I 119 -72.63 -72.98 11.59
C LYS I 119 -73.70 -74.06 11.74
N ARG I 120 -74.79 -73.74 12.43
CA ARG I 120 -75.89 -74.68 12.56
C ARG I 120 -76.57 -74.93 11.22
N TYR I 121 -76.65 -73.90 10.38
CA TYR I 121 -77.15 -74.07 9.02
C TYR I 121 -76.34 -75.13 8.28
N ALA I 122 -75.01 -75.02 8.36
CA ALA I 122 -74.14 -75.97 7.66
C ALA I 122 -74.29 -77.38 8.21
N ILE I 123 -74.42 -77.51 9.54
CA ILE I 123 -74.64 -78.84 10.11
C ILE I 123 -75.93 -79.43 9.59
N CYS I 124 -77.00 -78.64 9.57
CA CYS I 124 -78.28 -79.13 9.06
C CYS I 124 -78.17 -79.54 7.59
N SER I 125 -77.48 -78.74 6.78
CA SER I 125 -77.31 -79.08 5.37
C SER I 125 -76.54 -80.38 5.20
N ALA I 126 -75.47 -80.57 5.99
CA ALA I 126 -74.69 -81.79 5.88
C ALA I 126 -75.52 -83.01 6.27
N LEU I 127 -76.31 -82.90 7.36
CA LEU I 127 -77.15 -84.00 7.76
C LEU I 127 -78.20 -84.31 6.69
N ALA I 128 -78.78 -83.28 6.08
CA ALA I 128 -79.77 -83.49 5.03
C ALA I 128 -79.15 -84.17 3.82
N ALA I 129 -77.92 -83.79 3.47
CA ALA I 129 -77.26 -84.42 2.33
C ALA I 129 -76.87 -85.86 2.63
N SER I 130 -76.57 -86.17 3.89
CA SER I 130 -76.15 -87.51 4.27
C SER I 130 -77.28 -88.52 4.24
N ALA I 131 -78.46 -88.19 3.73
CA ALA I 131 -79.58 -89.12 3.64
C ALA I 131 -80.00 -89.37 2.19
N LEU I 132 -79.13 -89.05 1.24
CA LEU I 132 -79.42 -89.24 -0.17
C LEU I 132 -78.42 -90.22 -0.77
N PRO I 133 -78.87 -91.36 -1.28
CA PRO I 133 -77.91 -92.35 -1.83
C PRO I 133 -77.07 -91.79 -2.97
N ALA I 134 -77.64 -90.92 -3.80
CA ALA I 134 -76.86 -90.31 -4.87
C ALA I 134 -75.70 -89.50 -4.32
N LEU I 135 -75.96 -88.69 -3.30
CA LEU I 135 -74.89 -87.86 -2.73
C LEU I 135 -73.85 -88.72 -2.01
N VAL I 136 -74.28 -89.76 -1.31
CA VAL I 136 -73.32 -90.60 -0.60
C VAL I 136 -72.44 -91.37 -1.59
N MET I 137 -73.04 -91.95 -2.62
CA MET I 137 -72.24 -92.66 -3.62
C MET I 137 -71.37 -91.71 -4.41
N SER I 138 -71.81 -90.47 -4.60
CA SER I 138 -70.95 -89.48 -5.24
C SER I 138 -69.76 -89.14 -4.36
N LYS I 139 -69.97 -89.05 -3.04
CA LYS I 139 -68.84 -88.91 -2.12
C LYS I 139 -67.94 -90.14 -2.18
N GLY I 140 -68.48 -91.28 -2.58
CA GLY I 140 -67.67 -92.44 -2.90
C GLY I 140 -67.83 -93.65 -1.99
N HIS I 141 -68.78 -93.63 -1.05
CA HIS I 141 -68.94 -94.75 -0.15
C HIS I 141 -69.59 -95.94 -0.85
N ARG I 142 -69.18 -97.14 -0.46
CA ARG I 142 -69.67 -98.38 -1.07
C ARG I 142 -70.92 -98.85 -0.31
N ILE I 143 -71.99 -98.08 -0.50
CA ILE I 143 -73.23 -98.29 0.24
C ILE I 143 -74.25 -99.07 -0.59
N GLU I 144 -73.82 -99.81 -1.60
CA GLU I 144 -74.77 -100.44 -2.51
C GLU I 144 -75.59 -101.52 -1.81
N GLU I 145 -74.96 -102.31 -0.94
CA GLU I 145 -75.66 -103.37 -0.24
C GLU I 145 -76.31 -102.90 1.06
N VAL I 146 -76.18 -101.64 1.41
CA VAL I 146 -76.77 -101.16 2.67
C VAL I 146 -78.30 -101.19 2.55
N PRO I 147 -79.00 -101.78 3.52
CA PRO I 147 -80.46 -101.88 3.40
C PRO I 147 -81.17 -100.54 3.26
N GLU I 148 -80.99 -99.64 4.23
CA GLU I 148 -81.61 -98.32 4.19
C GLU I 148 -80.58 -97.28 4.57
N LEU I 149 -80.53 -96.19 3.81
CA LEU I 149 -79.41 -95.25 3.96
C LEU I 149 -79.37 -94.58 5.33
N PRO I 150 -80.45 -94.02 5.87
CA PRO I 150 -80.37 -93.57 7.26
C PRO I 150 -80.28 -94.80 8.17
N LEU I 151 -79.09 -95.40 8.20
CA LEU I 151 -78.90 -96.69 8.85
C LEU I 151 -79.00 -96.52 10.35
N VAL I 152 -80.04 -97.10 10.95
CA VAL I 152 -80.28 -97.03 12.39
C VAL I 152 -80.22 -98.44 12.96
N VAL I 153 -79.46 -98.59 14.03
CA VAL I 153 -79.34 -99.86 14.73
C VAL I 153 -79.79 -99.66 16.17
N GLU I 154 -80.14 -100.77 16.82
CA GLU I 154 -80.68 -100.68 18.17
C GLU I 154 -79.62 -100.21 19.15
N ASP I 155 -80.05 -99.98 20.39
CA ASP I 155 -79.17 -99.43 21.42
C ASP I 155 -78.25 -100.49 22.03
N LYS I 156 -78.45 -101.76 21.71
CA LYS I 156 -77.53 -102.80 22.20
C LYS I 156 -76.14 -102.64 21.61
N VAL I 157 -76.03 -102.01 20.43
CA VAL I 157 -74.72 -101.78 19.82
C VAL I 157 -73.87 -100.89 20.70
N GLU I 158 -74.49 -99.92 21.38
CA GLU I 158 -73.75 -98.98 22.20
C GLU I 158 -73.03 -99.65 23.36
N GLY I 159 -73.42 -100.88 23.70
CA GLY I 159 -72.78 -101.63 24.76
C GLY I 159 -71.68 -102.59 24.32
N TYR I 160 -71.29 -102.58 23.05
CA TYR I 160 -70.20 -103.43 22.60
C TYR I 160 -68.88 -103.01 23.22
N LYS I 161 -67.99 -103.98 23.39
CA LYS I 161 -66.68 -103.74 23.96
C LYS I 161 -65.56 -104.47 23.25
N LYS I 162 -65.83 -105.13 22.11
CA LYS I 162 -64.81 -105.86 21.38
C LYS I 162 -64.79 -105.40 19.92
N THR I 163 -63.58 -105.10 19.44
CA THR I 163 -63.42 -104.79 18.02
C THR I 163 -63.90 -105.94 17.15
N LYS I 164 -63.77 -107.18 17.64
CA LYS I 164 -64.23 -108.33 16.87
C LYS I 164 -65.73 -108.28 16.62
N GLU I 165 -66.51 -107.99 17.68
CA GLU I 165 -67.95 -107.95 17.50
C GLU I 165 -68.39 -106.68 16.78
N ALA I 166 -67.63 -105.59 16.91
CA ALA I 166 -67.90 -104.43 16.07
C ALA I 166 -67.72 -104.77 14.59
N VAL I 167 -66.66 -105.51 14.28
CA VAL I 167 -66.41 -105.94 12.90
C VAL I 167 -67.54 -106.84 12.42
N LEU I 168 -68.00 -107.74 13.29
CA LEU I 168 -69.12 -108.61 12.92
C LEU I 168 -70.38 -107.80 12.64
N LEU I 169 -70.64 -106.78 13.46
CA LEU I 169 -71.79 -105.91 13.24
C LEU I 169 -71.69 -105.22 11.88
N LEU I 170 -70.50 -104.72 11.55
CA LEU I 170 -70.31 -104.07 10.25
C LEU I 170 -70.52 -105.06 9.11
N LYS I 171 -70.00 -106.29 9.27
CA LYS I 171 -70.17 -107.30 8.22
C LYS I 171 -71.64 -107.62 8.00
N LYS I 172 -72.40 -107.79 9.09
CA LYS I 172 -73.82 -108.09 8.96
C LYS I 172 -74.59 -106.93 8.34
N LEU I 173 -74.25 -105.70 8.72
CA LEU I 173 -74.86 -104.53 8.11
C LEU I 173 -74.41 -104.30 6.68
N LYS I 174 -73.38 -105.00 6.23
CA LYS I 174 -72.88 -104.90 4.86
C LYS I 174 -72.27 -103.53 4.59
N ALA I 175 -71.59 -102.98 5.59
CA ALA I 175 -70.79 -101.78 5.43
C ALA I 175 -69.30 -102.09 5.42
N TRP I 176 -68.92 -103.36 5.29
CA TRP I 176 -67.51 -103.75 5.36
C TRP I 176 -66.75 -103.40 4.09
N ASN I 177 -67.45 -103.26 2.97
CA ASN I 177 -66.78 -102.89 1.73
C ASN I 177 -66.15 -101.50 1.82
N ASP I 178 -66.72 -100.61 2.62
CA ASP I 178 -66.13 -99.28 2.76
C ASP I 178 -64.81 -99.36 3.54
N ILE I 179 -64.75 -100.17 4.58
CA ILE I 179 -63.49 -100.35 5.30
C ILE I 179 -62.47 -101.05 4.42
N LYS I 180 -62.92 -101.99 3.58
CA LYS I 180 -61.99 -102.59 2.63
C LYS I 180 -61.48 -101.58 1.61
N LYS I 181 -62.33 -100.64 1.20
CA LYS I 181 -61.86 -99.54 0.35
C LYS I 181 -60.83 -98.69 1.08
N VAL I 182 -61.02 -98.46 2.38
CA VAL I 182 -60.03 -97.72 3.15
C VAL I 182 -58.71 -98.48 3.18
N TYR I 183 -58.78 -99.80 3.38
CA TYR I 183 -57.58 -100.63 3.35
C TYR I 183 -56.85 -100.50 2.02
N ALA I 184 -57.61 -100.53 0.92
CA ALA I 184 -57.00 -100.33 -0.40
C ALA I 184 -56.39 -98.95 -0.51
N SER I 185 -57.03 -97.94 0.07
CA SER I 185 -56.61 -96.56 -0.06
C SER I 185 -55.43 -96.20 0.82
N GLN I 186 -55.06 -97.05 1.79
CA GLN I 186 -53.87 -96.78 2.59
C GLN I 186 -52.62 -96.78 1.73
N ARG I 187 -51.97 -95.62 1.60
CA ARG I 187 -50.70 -95.54 0.89
C ARG I 187 -49.85 -94.46 1.54
N MET I 188 -48.78 -94.04 0.87
CA MET I 188 -47.76 -93.17 1.44
C MET I 188 -47.89 -91.79 0.83
N ARG I 189 -47.89 -90.76 1.69
CA ARG I 189 -48.13 -89.39 1.24
C ARG I 189 -46.97 -88.89 0.37
N ALA I 190 -47.30 -88.00 -0.57
CA ALA I 190 -46.33 -87.45 -1.50
C ALA I 190 -45.84 -86.10 -1.03
N GLY I 191 -44.53 -85.88 -1.14
CA GLY I 191 -43.94 -84.58 -0.84
C GLY I 191 -43.23 -84.55 0.49
N LYS I 192 -42.87 -83.35 0.90
CA LYS I 192 -42.11 -83.12 2.13
C LYS I 192 -42.93 -83.28 3.38
N GLY I 193 -44.16 -83.80 3.29
CA GLY I 193 -44.94 -84.05 4.49
C GLY I 193 -44.50 -85.24 5.28
N LYS I 194 -43.73 -86.15 4.67
CA LYS I 194 -43.24 -87.32 5.39
C LYS I 194 -42.31 -86.93 6.52
N MET I 195 -41.48 -85.93 6.31
CA MET I 195 -40.53 -85.48 7.32
C MET I 195 -41.17 -84.67 8.41
N ARG I 196 -42.51 -84.62 8.46
CA ARG I 196 -43.20 -83.78 9.42
C ARG I 196 -44.34 -84.53 10.10
N ASN I 197 -44.18 -85.84 10.29
CA ASN I 197 -45.13 -86.71 10.99
C ASN I 197 -46.46 -86.83 10.26
N ARG I 198 -46.48 -86.62 8.96
CA ARG I 198 -47.68 -86.84 8.15
C ARG I 198 -47.38 -87.89 7.08
N ARG I 199 -46.70 -88.96 7.50
CA ARG I 199 -46.16 -89.92 6.55
C ARG I 199 -47.25 -90.68 5.81
N ARG I 200 -48.22 -91.24 6.54
CA ARG I 200 -49.21 -92.13 5.97
C ARG I 200 -50.56 -91.43 5.83
N ILE I 201 -51.26 -91.75 4.75
CA ILE I 201 -52.59 -91.21 4.48
C ILE I 201 -53.54 -92.36 4.17
N GLN I 202 -54.83 -92.09 4.33
CA GLN I 202 -55.85 -93.07 4.02
C GLN I 202 -57.19 -92.36 3.88
N ARG I 203 -58.17 -93.09 3.38
CA ARG I 203 -59.49 -92.57 3.08
C ARG I 203 -60.37 -92.57 4.32
N ARG I 204 -61.27 -91.59 4.39
CA ARG I 204 -62.24 -91.52 5.47
C ARG I 204 -63.37 -92.50 5.21
N GLY I 205 -63.78 -93.21 6.25
CA GLY I 205 -64.81 -94.21 6.12
C GLY I 205 -66.11 -93.81 6.77
N PRO I 206 -66.97 -94.78 7.05
CA PRO I 206 -68.26 -94.47 7.66
C PRO I 206 -68.12 -93.89 9.05
N CYS I 207 -69.12 -93.09 9.43
CA CYS I 207 -69.15 -92.39 10.70
C CYS I 207 -70.23 -92.97 11.60
N VAL I 208 -69.89 -93.21 12.86
CA VAL I 208 -70.81 -93.78 13.84
C VAL I 208 -71.24 -92.69 14.81
N ILE I 209 -72.55 -92.58 15.02
CA ILE I 209 -73.13 -91.57 15.91
C ILE I 209 -73.82 -92.29 17.05
N TYR I 210 -73.39 -92.00 18.28
CA TYR I 210 -73.94 -92.63 19.47
C TYR I 210 -74.53 -91.57 20.39
N ASN I 211 -75.62 -91.94 21.07
CA ASN I 211 -76.23 -91.04 22.05
C ASN I 211 -75.38 -90.92 23.31
N GLU I 212 -74.90 -92.05 23.83
CA GLU I 212 -74.08 -92.04 25.02
C GLU I 212 -73.24 -93.32 25.05
N ASP I 213 -72.12 -93.24 25.75
CA ASP I 213 -71.02 -94.19 25.61
C ASP I 213 -71.10 -95.30 26.65
N ASN I 214 -71.01 -96.54 26.19
CA ASN I 214 -70.90 -97.71 27.06
C ASN I 214 -69.84 -98.67 26.53
N GLY I 215 -68.76 -98.12 26.00
CA GLY I 215 -67.72 -98.92 25.37
C GLY I 215 -67.74 -98.90 23.85
N ILE I 216 -68.62 -98.10 23.24
CA ILE I 216 -68.71 -98.06 21.78
C ILE I 216 -67.42 -97.53 21.18
N VAL I 217 -66.85 -96.47 21.77
CA VAL I 217 -65.60 -95.93 21.24
C VAL I 217 -64.46 -96.90 21.46
N LYS I 218 -64.43 -97.59 22.60
CA LYS I 218 -63.41 -98.61 22.83
C LYS I 218 -63.50 -99.71 21.78
N ALA I 219 -64.72 -100.14 21.45
CA ALA I 219 -64.89 -101.20 20.47
C ALA I 219 -64.48 -100.76 19.08
N PHE I 220 -64.84 -99.53 18.68
CA PHE I 220 -64.68 -99.14 17.29
C PHE I 220 -63.39 -98.39 16.97
N ARG I 221 -62.68 -97.87 17.97
CA ARG I 221 -61.57 -96.95 17.67
C ARG I 221 -60.41 -97.63 16.95
N ASN I 222 -60.27 -98.95 17.04
CA ASN I 222 -59.16 -99.61 16.38
C ASN I 222 -59.39 -99.77 14.88
N ILE I 223 -60.63 -99.80 14.44
CA ILE I 223 -60.92 -100.03 13.02
C ILE I 223 -60.58 -98.78 12.22
N PRO I 224 -59.88 -98.89 11.09
CA PRO I 224 -59.48 -97.69 10.35
C PRO I 224 -60.65 -97.04 9.65
N GLY I 225 -60.62 -95.70 9.61
CA GLY I 225 -61.60 -94.92 8.89
C GLY I 225 -62.89 -94.65 9.64
N ILE I 226 -63.05 -95.17 10.84
CA ILE I 226 -64.29 -95.01 11.60
C ILE I 226 -64.15 -93.79 12.50
N THR I 227 -65.14 -92.91 12.46
CA THR I 227 -65.18 -91.70 13.27
C THR I 227 -66.35 -91.80 14.23
N LEU I 228 -66.05 -91.89 15.53
CA LEU I 228 -67.07 -91.94 16.56
C LEU I 228 -67.49 -90.53 16.94
N LEU I 229 -68.80 -90.27 16.97
CA LEU I 229 -69.32 -88.94 17.21
C LEU I 229 -70.45 -88.98 18.21
N ASN I 230 -70.44 -88.01 19.13
CA ASN I 230 -71.59 -87.79 19.99
C ASN I 230 -72.67 -87.03 19.22
N VAL I 231 -73.93 -87.41 19.45
CA VAL I 231 -75.02 -86.75 18.74
C VAL I 231 -75.13 -85.29 19.13
N THR I 232 -74.83 -84.96 20.38
CA THR I 232 -74.99 -83.60 20.87
C THR I 232 -73.81 -82.69 20.55
N LYS I 233 -72.75 -83.23 19.93
CA LYS I 233 -71.53 -82.48 19.65
C LYS I 233 -71.07 -82.73 18.22
N LEU I 234 -71.99 -82.64 17.27
CA LEU I 234 -71.63 -82.83 15.86
C LEU I 234 -70.84 -81.64 15.35
N ASN I 235 -69.73 -81.91 14.66
CA ASN I 235 -68.92 -80.87 14.05
C ASN I 235 -68.85 -81.09 12.54
N ILE I 236 -68.96 -79.98 11.80
CA ILE I 236 -68.95 -80.06 10.34
C ILE I 236 -67.62 -80.58 9.83
N LEU I 237 -66.54 -80.39 10.60
CA LEU I 237 -65.22 -80.85 10.17
C LEU I 237 -65.18 -82.35 9.97
N LYS I 238 -65.91 -83.11 10.79
CA LYS I 238 -65.96 -84.56 10.66
C LYS I 238 -67.23 -85.05 9.99
N LEU I 239 -68.31 -84.25 10.00
CA LEU I 239 -69.51 -84.65 9.29
C LEU I 239 -69.36 -84.50 7.77
N ALA I 240 -68.66 -83.46 7.31
CA ALA I 240 -68.51 -83.18 5.89
C ALA I 240 -67.04 -82.99 5.56
N PRO I 241 -66.26 -84.09 5.56
CA PRO I 241 -64.81 -83.97 5.35
C PRO I 241 -64.48 -83.36 4.00
N GLY I 242 -63.45 -82.51 3.99
CA GLY I 242 -62.96 -81.95 2.75
C GLY I 242 -63.80 -80.86 2.14
N GLY I 243 -64.84 -80.41 2.82
CA GLY I 243 -65.76 -79.43 2.26
C GLY I 243 -66.88 -80.01 1.43
N HIS I 244 -67.01 -81.32 1.36
CA HIS I 244 -68.02 -81.98 0.56
C HIS I 244 -69.06 -82.64 1.46
N VAL I 245 -70.29 -82.70 0.97
CA VAL I 245 -71.41 -83.21 1.76
C VAL I 245 -71.70 -84.65 1.33
N GLY I 246 -72.30 -85.41 2.23
CA GLY I 246 -72.70 -86.77 1.94
C GLY I 246 -71.79 -87.86 2.47
N ARG I 247 -71.42 -87.78 3.75
CA ARG I 247 -70.66 -88.85 4.37
C ARG I 247 -71.60 -89.95 4.85
N PHE I 248 -71.18 -91.20 4.66
CA PHE I 248 -71.97 -92.34 5.08
C PHE I 248 -72.05 -92.38 6.60
N CYS I 249 -73.26 -92.50 7.13
CA CYS I 249 -73.49 -92.43 8.57
C CYS I 249 -74.26 -93.65 9.04
N ILE I 250 -73.83 -94.20 10.18
CA ILE I 250 -74.57 -95.22 10.90
C ILE I 250 -75.06 -94.62 12.21
N TRP I 251 -76.35 -94.71 12.46
CA TRP I 251 -76.96 -94.14 13.64
C TRP I 251 -77.41 -95.23 14.60
N THR I 252 -77.57 -94.85 15.85
CA THR I 252 -78.22 -95.67 16.85
C THR I 252 -79.61 -95.11 17.12
N GLU I 253 -80.49 -95.97 17.64
CA GLU I 253 -81.89 -95.59 17.78
C GLU I 253 -82.06 -94.39 18.70
N SER I 254 -81.36 -94.38 19.83
CA SER I 254 -81.52 -93.31 20.79
C SER I 254 -81.01 -91.98 20.26
N ALA I 255 -79.83 -91.98 19.62
CA ALA I 255 -79.31 -90.77 19.02
C ALA I 255 -80.21 -90.27 17.91
N PHE I 256 -80.73 -91.20 17.10
CA PHE I 256 -81.63 -90.82 16.01
C PHE I 256 -82.90 -90.18 16.54
N ARG I 257 -83.44 -90.71 17.63
CA ARG I 257 -84.60 -90.09 18.26
C ARG I 257 -84.26 -88.71 18.81
N LYS I 258 -83.09 -88.57 19.44
CA LYS I 258 -82.74 -87.30 20.07
C LYS I 258 -82.41 -86.21 19.06
N LEU I 259 -81.98 -86.58 17.85
CA LEU I 259 -81.61 -85.58 16.85
C LEU I 259 -82.76 -84.62 16.55
N ASP I 260 -83.98 -85.15 16.49
CA ASP I 260 -85.14 -84.31 16.23
C ASP I 260 -85.30 -83.27 17.32
N ASP I 261 -85.19 -83.68 18.59
CA ASP I 261 -85.27 -82.73 19.69
C ASP I 261 -84.10 -81.73 19.63
N LEU I 262 -82.93 -82.21 19.20
CA LEU I 262 -81.74 -81.36 19.15
C LEU I 262 -81.93 -80.20 18.19
N TYR I 263 -82.36 -80.47 16.96
CA TYR I 263 -82.40 -79.44 15.94
C TYR I 263 -83.81 -78.90 15.65
N GLY I 264 -84.82 -79.36 16.39
CA GLY I 264 -86.16 -78.86 16.20
C GLY I 264 -86.81 -79.25 14.88
N THR I 265 -88.13 -79.12 14.81
CA THR I 265 -88.86 -79.37 13.58
C THR I 265 -89.32 -78.06 12.98
N TRP I 266 -90.10 -78.16 11.91
CA TRP I 266 -90.65 -76.96 11.27
C TRP I 266 -91.61 -76.25 12.21
N ARG I 267 -92.47 -77.00 12.90
CA ARG I 267 -93.41 -76.41 13.84
C ARG I 267 -92.82 -76.24 15.23
N LYS I 268 -92.09 -77.24 15.72
CA LYS I 268 -91.54 -77.22 17.07
C LYS I 268 -90.08 -76.79 17.01
N ALA I 269 -89.75 -75.73 17.74
CA ALA I 269 -88.38 -75.26 17.80
C ALA I 269 -87.51 -76.20 18.62
N ALA I 270 -86.21 -76.10 18.43
CA ALA I 270 -85.27 -76.94 19.16
C ALA I 270 -85.39 -76.67 20.66
N SER I 271 -85.46 -77.74 21.45
CA SER I 271 -85.59 -77.61 22.89
C SER I 271 -84.24 -77.58 23.60
N LEU I 272 -83.21 -78.19 23.02
CA LEU I 272 -81.88 -78.16 23.60
C LEU I 272 -81.03 -77.01 23.09
N LYS I 273 -81.62 -76.12 22.30
CA LYS I 273 -81.02 -74.85 21.92
C LYS I 273 -81.86 -73.74 22.52
N SER I 274 -81.21 -72.69 23.00
CA SER I 274 -81.93 -71.63 23.70
C SER I 274 -82.97 -70.99 22.79
N ASN I 275 -82.61 -70.72 21.54
CA ASN I 275 -83.57 -70.22 20.56
C ASN I 275 -83.05 -70.62 19.18
N TYR I 276 -83.61 -71.70 18.62
CA TYR I 276 -83.21 -72.16 17.31
C TYR I 276 -84.38 -72.81 16.61
N ASN I 277 -84.48 -72.58 15.31
CA ASN I 277 -85.47 -73.23 14.46
C ASN I 277 -84.85 -73.49 13.10
N LEU I 278 -85.38 -74.50 12.41
CA LEU I 278 -84.77 -74.94 11.17
C LEU I 278 -84.86 -73.86 10.09
N PRO I 279 -83.84 -73.77 9.24
CA PRO I 279 -83.89 -72.80 8.13
C PRO I 279 -84.92 -73.17 7.08
N MET I 280 -85.44 -72.14 6.43
CA MET I 280 -86.57 -72.28 5.51
C MET I 280 -86.09 -72.48 4.07
N HIS I 281 -87.03 -72.82 3.21
CA HIS I 281 -86.75 -73.13 1.81
C HIS I 281 -87.17 -71.97 0.92
N LYS I 282 -86.26 -71.52 0.05
CA LYS I 282 -86.61 -70.44 -0.87
C LYS I 282 -87.53 -70.93 -1.98
N MET I 283 -87.38 -72.18 -2.41
CA MET I 283 -88.32 -72.80 -3.33
C MET I 283 -88.65 -74.19 -2.81
N LEU I 284 -89.93 -74.52 -2.79
CA LEU I 284 -90.36 -75.80 -2.24
C LEU I 284 -90.23 -76.92 -3.27
N ASN I 285 -90.95 -76.82 -4.37
CA ASN I 285 -90.94 -77.85 -5.40
C ASN I 285 -89.67 -77.69 -6.22
N THR I 286 -88.69 -78.56 -5.96
CA THR I 286 -87.42 -78.55 -6.68
C THR I 286 -87.43 -79.48 -7.89
N ASP I 287 -88.58 -80.07 -8.22
CA ASP I 287 -88.71 -80.93 -9.40
C ASP I 287 -88.98 -80.02 -10.59
N LEU I 288 -87.89 -79.51 -11.17
CA LEU I 288 -88.01 -78.52 -12.25
C LEU I 288 -88.68 -79.11 -13.48
N SER I 289 -88.33 -80.35 -13.84
CA SER I 289 -88.95 -80.98 -15.00
C SER I 289 -90.44 -81.15 -14.79
N ARG I 290 -90.85 -81.60 -13.60
CA ARG I 290 -92.26 -81.74 -13.30
C ARG I 290 -92.98 -80.39 -13.37
N ILE I 291 -92.35 -79.34 -12.86
CA ILE I 291 -92.94 -78.01 -12.95
C ILE I 291 -93.10 -77.58 -14.40
N LEU I 292 -92.07 -77.81 -15.22
CA LEU I 292 -92.10 -77.34 -16.59
C LEU I 292 -93.16 -78.07 -17.41
N LYS I 293 -93.22 -79.40 -17.30
CA LYS I 293 -94.22 -80.14 -18.07
C LYS I 293 -95.50 -80.36 -17.27
N SER I 294 -96.05 -79.26 -16.75
CA SER I 294 -97.33 -79.28 -16.06
C SER I 294 -98.39 -78.57 -16.90
N PRO I 295 -99.66 -78.94 -16.76
CA PRO I 295 -100.69 -78.33 -17.63
C PRO I 295 -100.82 -76.83 -17.47
N GLU I 296 -100.78 -76.34 -16.23
CA GLU I 296 -101.02 -74.91 -16.00
C GLU I 296 -99.97 -74.06 -16.67
N ILE I 297 -98.71 -74.49 -16.63
CA ILE I 297 -97.66 -73.73 -17.29
C ILE I 297 -97.70 -73.97 -18.79
N GLN I 298 -97.74 -75.24 -19.21
CA GLN I 298 -97.71 -75.58 -20.63
C GLN I 298 -98.83 -74.91 -21.40
N ARG I 299 -99.92 -74.55 -20.72
CA ARG I 299 -100.99 -73.82 -21.38
C ARG I 299 -100.54 -72.45 -21.83
N ALA I 300 -99.81 -71.73 -20.98
CA ALA I 300 -99.47 -70.32 -21.24
C ALA I 300 -98.05 -70.19 -21.78
N LEU I 301 -97.82 -70.77 -22.95
CA LEU I 301 -96.60 -70.55 -23.72
C LEU I 301 -96.93 -70.32 -25.19
N ARG I 302 -96.01 -69.65 -25.87
CA ARG I 302 -96.04 -69.51 -27.31
C ARG I 302 -95.34 -70.71 -27.95
N ALA I 303 -95.67 -70.95 -29.21
CA ALA I 303 -95.13 -72.10 -29.92
C ALA I 303 -93.61 -71.96 -30.10
N PRO I 304 -92.85 -73.02 -29.89
CA PRO I 304 -91.40 -72.92 -30.03
C PRO I 304 -90.97 -72.71 -31.48
N ARG I 305 -89.87 -71.98 -31.63
CA ARG I 305 -89.23 -71.77 -32.92
C ARG I 305 -87.94 -72.58 -32.93
N LYS I 306 -87.95 -73.68 -33.69
CA LYS I 306 -86.79 -74.56 -33.81
C LYS I 306 -86.42 -74.76 -35.27
N LYS I 307 -86.61 -73.74 -36.08
CA LYS I 307 -86.25 -73.75 -37.50
C LYS I 307 -84.96 -72.94 -37.65
N ILE I 308 -83.87 -73.62 -37.95
CA ILE I 308 -82.56 -72.97 -38.05
C ILE I 308 -82.48 -72.25 -39.39
N HIS I 309 -82.22 -70.96 -39.36
CA HIS I 309 -82.15 -70.12 -40.55
C HIS I 309 -80.70 -69.69 -40.72
N ARG I 310 -79.93 -70.51 -41.43
CA ARG I 310 -78.53 -70.19 -41.68
C ARG I 310 -78.41 -69.09 -42.72
N ARG I 311 -77.21 -68.51 -42.79
CA ARG I 311 -76.98 -67.43 -43.73
C ARG I 311 -77.04 -67.93 -45.16
N VAL I 312 -77.73 -67.21 -46.01
CA VAL I 312 -77.87 -67.57 -47.41
C VAL I 312 -76.72 -66.96 -48.19
N LEU I 313 -76.38 -67.58 -49.31
CA LEU I 313 -75.34 -67.06 -50.19
C LEU I 313 -75.97 -66.07 -51.16
N LYS I 314 -75.45 -64.84 -51.17
CA LYS I 314 -75.97 -63.83 -52.07
C LYS I 314 -75.52 -64.11 -53.50
N LYS I 315 -76.46 -64.03 -54.43
CA LYS I 315 -76.18 -64.23 -55.85
C LYS I 315 -76.54 -62.97 -56.62
N ASN I 316 -75.70 -62.60 -57.57
CA ASN I 316 -75.88 -61.35 -58.31
C ASN I 316 -77.05 -61.49 -59.27
N PRO I 317 -78.11 -60.70 -59.13
CA PRO I 317 -79.23 -60.80 -60.07
C PRO I 317 -78.92 -60.28 -61.46
N LEU I 318 -77.92 -59.39 -61.61
CA LEU I 318 -77.54 -58.93 -62.94
C LEU I 318 -77.00 -60.06 -63.79
N LYS I 319 -76.47 -61.11 -63.15
CA LYS I 319 -75.91 -62.25 -63.86
C LYS I 319 -76.73 -63.53 -63.69
N ASN I 320 -77.65 -63.57 -62.72
CA ASN I 320 -78.39 -64.79 -62.41
C ASN I 320 -79.86 -64.55 -62.74
N LEU I 321 -80.33 -65.20 -63.80
CA LEU I 321 -81.66 -64.91 -64.33
C LEU I 321 -82.75 -65.29 -63.36
N ARG I 322 -82.65 -66.47 -62.74
CA ARG I 322 -83.72 -66.91 -61.84
C ARG I 322 -83.76 -66.09 -60.57
N ILE I 323 -82.61 -65.63 -60.07
CA ILE I 323 -82.61 -64.71 -58.93
C ILE I 323 -83.27 -63.39 -59.33
N MET I 324 -82.95 -62.89 -60.53
CA MET I 324 -83.58 -61.67 -60.99
C MET I 324 -85.08 -61.83 -61.10
N LEU I 325 -85.55 -63.00 -61.53
CA LEU I 325 -86.98 -63.23 -61.60
C LEU I 325 -87.60 -63.36 -60.22
N LYS I 326 -86.86 -63.94 -59.27
CA LYS I 326 -87.35 -64.06 -57.91
C LYS I 326 -87.53 -62.70 -57.25
N LEU I 327 -86.69 -61.72 -57.62
CA LEU I 327 -86.85 -60.38 -57.08
C LEU I 327 -87.70 -59.45 -57.95
N ASN I 328 -87.91 -59.78 -59.22
CA ASN I 328 -88.69 -58.94 -60.11
C ASN I 328 -89.20 -59.79 -61.27
N PRO I 329 -90.42 -60.32 -61.20
CA PRO I 329 -90.89 -61.24 -62.24
C PRO I 329 -91.05 -60.59 -63.60
N TYR I 330 -91.12 -59.26 -63.69
CA TYR I 330 -91.33 -58.61 -64.98
C TYR I 330 -90.07 -58.62 -65.84
N ALA I 331 -88.92 -58.91 -65.25
CA ALA I 331 -87.65 -58.93 -65.97
C ALA I 331 -87.68 -59.94 -67.09
N MLZ I 332 -88.39 -61.04 -66.88
CA MLZ I 332 -88.51 -62.08 -67.90
CB MLZ I 332 -89.34 -63.26 -67.43
CG MLZ I 332 -88.84 -64.56 -68.02
CD MLZ I 332 -89.86 -65.66 -67.89
CE MLZ I 332 -89.48 -66.82 -68.79
NZ MLZ I 332 -89.73 -68.13 -68.21
CM MLZ I 332 -89.75 -69.19 -69.19
C MLZ I 332 -89.14 -61.55 -69.22
O MLZ I 332 -88.53 -61.70 -70.32
N THR I 333 -90.31 -60.95 -69.13
CA THR I 333 -90.99 -60.41 -70.30
C THR I 333 -90.21 -59.23 -70.87
N MET I 334 -89.61 -58.42 -70.00
CA MET I 334 -88.81 -57.31 -70.49
C MET I 334 -87.66 -57.81 -71.36
N ARG I 335 -86.95 -58.84 -70.88
CA ARG I 335 -85.81 -59.37 -71.63
C ARG I 335 -86.28 -60.07 -72.90
N ARG I 336 -87.41 -60.78 -72.85
CA ARG I 336 -87.91 -61.43 -74.05
C ARG I 336 -88.27 -60.40 -75.13
N ASN I 337 -88.93 -59.32 -74.73
CA ASN I 337 -89.24 -58.26 -75.67
C ASN I 337 -87.97 -57.65 -76.24
N THR I 338 -86.97 -57.44 -75.40
CA THR I 338 -85.70 -56.88 -75.88
C THR I 338 -85.06 -57.79 -76.92
N ILE I 339 -85.02 -59.10 -76.64
CA ILE I 339 -84.37 -60.03 -77.56
C ILE I 339 -85.11 -60.08 -78.88
N LEU I 340 -86.45 -60.18 -78.83
CA LEU I 340 -87.22 -60.24 -80.06
C LEU I 340 -87.06 -58.97 -80.89
N ARG I 341 -87.09 -57.80 -80.23
CA ARG I 341 -86.94 -56.55 -80.94
C ARG I 341 -85.57 -56.44 -81.58
N GLN I 342 -84.52 -56.87 -80.87
CA GLN I 342 -83.18 -56.82 -81.43
C GLN I 342 -83.05 -57.74 -82.63
N ALA I 343 -83.63 -58.94 -82.55
CA ALA I 343 -83.60 -59.85 -83.69
C ALA I 343 -84.30 -59.25 -84.90
N ARG I 344 -85.49 -58.68 -84.69
CA ARG I 344 -86.22 -58.08 -85.80
C ARG I 344 -85.45 -56.91 -86.40
N ASN I 345 -84.87 -56.06 -85.55
CA ASN I 345 -84.11 -54.92 -86.05
C ASN I 345 -82.90 -55.37 -86.85
N HIS I 346 -82.21 -56.41 -86.39
CA HIS I 346 -81.08 -56.93 -87.14
C HIS I 346 -81.51 -57.46 -88.49
N LYS I 347 -82.61 -58.20 -88.53
CA LYS I 347 -83.10 -58.71 -89.81
C LYS I 347 -83.47 -57.58 -90.76
N LEU I 348 -84.16 -56.55 -90.25
CA LEU I 348 -84.50 -55.41 -91.10
C LEU I 348 -83.25 -54.73 -91.63
N ARG I 349 -82.24 -54.53 -90.78
CA ARG I 349 -81.02 -53.89 -91.22
C ARG I 349 -80.33 -54.70 -92.31
N VAL I 350 -80.23 -56.01 -92.13
CA VAL I 350 -79.51 -56.83 -93.11
C VAL I 350 -80.27 -56.90 -94.42
N GLU I 351 -81.61 -56.98 -94.38
CA GLU I 351 -82.35 -57.01 -95.63
C GLU I 351 -82.32 -55.65 -96.34
N ARG I 352 -82.34 -54.56 -95.58
CA ARG I 352 -82.22 -53.24 -96.20
C ARG I 352 -80.87 -53.07 -96.86
N ALA I 353 -79.80 -53.53 -96.21
CA ALA I 353 -78.47 -53.46 -96.83
C ALA I 353 -78.40 -54.33 -98.08
N ALA I 354 -79.00 -55.52 -98.03
CA ALA I 354 -79.00 -56.40 -99.20
C ALA I 354 -79.75 -55.77 -100.36
N ALA I 355 -80.91 -55.17 -100.08
CA ALA I 355 -81.67 -54.50 -101.14
C ALA I 355 -80.91 -53.31 -101.70
N ALA I 356 -80.25 -52.54 -100.83
CA ALA I 356 -79.47 -51.39 -101.30
C ALA I 356 -78.32 -51.82 -102.20
N LEU I 357 -77.60 -52.88 -101.80
CA LEU I 357 -76.47 -53.32 -102.61
C LEU I 357 -76.94 -53.96 -103.91
N ALA I 358 -78.10 -54.61 -103.90
CA ALA I 358 -78.67 -55.09 -105.15
C ALA I 358 -79.06 -53.94 -106.07
N ALA I 359 -79.64 -52.88 -105.50
CA ALA I 359 -80.06 -51.73 -106.30
C ALA I 359 -78.86 -50.92 -106.80
N LYS I 360 -77.70 -51.05 -106.15
CA LYS I 360 -76.49 -50.38 -106.62
C LYS I 360 -76.16 -50.74 -108.06
N PHE J 1 -56.82 35.40 -38.74
CA PHE J 1 -58.21 35.67 -38.40
C PHE J 1 -58.64 34.90 -37.16
N VAL J 2 -59.87 34.42 -37.18
CA VAL J 2 -60.40 33.55 -36.13
C VAL J 2 -60.77 32.21 -36.76
N LYS J 3 -60.43 31.13 -36.07
CA LYS J 3 -60.77 29.81 -36.57
C LYS J 3 -62.26 29.56 -36.39
N VAL J 4 -62.91 29.11 -37.48
CA VAL J 4 -64.35 28.89 -37.44
C VAL J 4 -64.65 27.63 -36.65
N VAL J 5 -65.58 27.72 -35.70
CA VAL J 5 -65.90 26.58 -34.87
C VAL J 5 -66.97 25.71 -35.52
N LYS J 6 -67.98 26.33 -36.13
CA LYS J 6 -69.10 25.59 -36.73
C LYS J 6 -68.80 25.39 -38.21
N ASN J 7 -68.05 24.33 -38.49
CA ASN J 7 -67.70 23.92 -39.84
C ASN J 7 -68.27 22.52 -40.10
N LYS J 8 -67.86 21.93 -41.22
CA LYS J 8 -68.40 20.63 -41.62
C LYS J 8 -68.14 19.58 -40.55
N ALA J 9 -66.94 19.56 -39.97
CA ALA J 9 -66.64 18.59 -38.93
C ALA J 9 -67.55 18.79 -37.73
N TYR J 10 -67.77 20.04 -37.33
CA TYR J 10 -68.66 20.32 -36.21
C TYR J 10 -70.06 19.81 -36.49
N PHE J 11 -70.58 20.07 -37.69
CA PHE J 11 -71.96 19.70 -37.98
C PHE J 11 -72.11 18.19 -38.16
N LYS J 12 -71.08 17.51 -38.62
CA LYS J 12 -71.18 16.06 -38.80
C LYS J 12 -70.81 15.29 -37.54
N ARG J 13 -70.28 15.95 -36.52
CA ARG J 13 -70.12 15.33 -35.22
C ARG J 13 -71.14 15.81 -34.20
N TYR J 14 -71.98 16.77 -34.56
CA TYR J 14 -73.01 17.27 -33.65
C TYR J 14 -74.02 16.17 -33.33
N GLN J 15 -74.51 16.19 -32.09
CA GLN J 15 -75.55 15.26 -31.65
C GLN J 15 -76.58 16.05 -30.87
N VAL J 16 -77.82 16.00 -31.33
CA VAL J 16 -78.87 16.87 -30.83
C VAL J 16 -79.53 16.26 -29.60
N LYS J 17 -80.05 17.13 -28.73
CA LYS J 17 -80.87 16.69 -27.62
C LYS J 17 -82.18 16.12 -28.14
N PHE J 18 -83.01 15.61 -27.23
CA PHE J 18 -84.34 15.17 -27.60
C PHE J 18 -85.14 16.36 -28.12
N ARG J 19 -86.19 16.07 -28.90
CA ARG J 19 -86.97 17.15 -29.49
C ARG J 19 -87.61 18.02 -28.42
N ARG J 20 -88.17 17.39 -27.38
CA ARG J 20 -88.80 18.16 -26.31
C ARG J 20 -87.79 19.04 -25.57
N ARG J 21 -86.59 18.52 -25.34
CA ARG J 21 -85.55 19.34 -24.70
C ARG J 21 -85.11 20.47 -25.61
N ARG J 22 -85.04 20.21 -26.92
CA ARG J 22 -84.68 21.26 -27.87
C ARG J 22 -85.70 22.38 -27.85
N GLU J 23 -86.98 22.04 -27.85
CA GLU J 23 -88.02 23.06 -27.75
C GLU J 23 -88.18 23.58 -26.34
N GLY J 24 -87.53 22.98 -25.35
CA GLY J 24 -87.62 23.43 -23.98
C GLY J 24 -88.86 22.98 -23.24
N LYS J 25 -89.65 22.08 -23.82
CA LYS J 25 -90.95 21.76 -23.22
C LYS J 25 -90.81 20.93 -21.95
N THR J 26 -89.94 19.91 -21.95
CA THR J 26 -89.94 18.94 -20.87
C THR J 26 -88.57 18.85 -20.20
N ASP J 27 -88.57 18.23 -19.02
CA ASP J 27 -87.37 17.98 -18.21
C ASP J 27 -87.28 16.47 -18.04
N TYR J 28 -86.36 15.84 -18.77
CA TYR J 28 -86.35 14.38 -18.84
C TYR J 28 -85.85 13.72 -17.57
N TYR J 29 -85.03 14.40 -16.77
CA TYR J 29 -84.64 13.88 -15.46
C TYR J 29 -85.87 13.59 -14.61
N ALA J 30 -86.67 14.63 -14.33
CA ALA J 30 -87.89 14.45 -13.56
C ALA J 30 -88.90 13.58 -14.30
N ARG J 31 -88.93 13.66 -15.63
CA ARG J 31 -89.80 12.80 -16.41
C ARG J 31 -89.54 11.33 -16.11
N LYS J 32 -88.28 10.91 -16.18
CA LYS J 32 -87.92 9.54 -15.89
C LYS J 32 -88.21 9.19 -14.44
N ARG J 33 -87.91 10.10 -13.51
CA ARG J 33 -88.14 9.79 -12.12
C ARG J 33 -89.62 9.73 -11.75
N LEU J 34 -90.50 10.34 -12.55
CA LEU J 34 -91.89 10.50 -12.17
C LEU J 34 -92.87 9.61 -12.93
N VAL J 35 -92.58 9.26 -14.19
CA VAL J 35 -93.56 8.53 -14.98
C VAL J 35 -93.32 7.02 -15.01
N ILE J 36 -92.14 6.56 -14.63
CA ILE J 36 -91.77 5.16 -14.81
C ILE J 36 -92.47 4.32 -13.74
N GLN J 37 -93.19 3.30 -14.18
CA GLN J 37 -93.84 2.37 -13.26
C GLN J 37 -92.88 1.26 -12.86
N ASP J 38 -93.02 0.81 -11.61
CA ASP J 38 -92.16 -0.23 -11.10
C ASP J 38 -92.40 -1.54 -11.84
N LYS J 39 -91.35 -2.36 -11.95
CA LYS J 39 -91.41 -3.52 -12.84
C LYS J 39 -92.35 -4.60 -12.33
N ASN J 40 -92.30 -4.92 -11.04
CA ASN J 40 -93.19 -5.97 -10.57
C ASN J 40 -94.62 -5.49 -10.39
N LYS J 41 -94.91 -4.23 -10.76
CA LYS J 41 -96.27 -3.76 -10.83
C LYS J 41 -96.99 -4.18 -12.12
N TYR J 42 -96.23 -4.57 -13.15
CA TYR J 42 -96.76 -5.25 -14.33
C TYR J 42 -97.83 -4.40 -15.03
N ASN J 43 -97.36 -3.28 -15.57
CA ASN J 43 -98.16 -2.40 -16.44
C ASN J 43 -99.39 -1.83 -15.72
N THR J 44 -99.36 -1.85 -14.40
CA THR J 44 -100.32 -1.06 -13.63
C THR J 44 -100.11 0.42 -13.93
N PRO J 45 -101.15 1.16 -14.30
CA PRO J 45 -100.94 2.56 -14.68
C PRO J 45 -100.47 3.40 -13.50
N LYS J 46 -99.55 4.32 -13.79
CA LYS J 46 -99.05 5.28 -12.83
C LYS J 46 -99.50 6.67 -13.28
N TYR J 47 -100.23 7.37 -12.44
CA TYR J 47 -100.95 8.57 -12.84
C TYR J 47 -100.19 9.83 -12.47
N ARG J 48 -100.39 10.87 -13.29
CA ARG J 48 -99.83 12.19 -13.05
C ARG J 48 -100.94 13.23 -13.11
N MET J 49 -100.80 14.26 -12.29
CA MET J 49 -101.62 15.46 -12.42
C MET J 49 -100.72 16.54 -13.00
N ILE J 50 -100.89 16.82 -14.28
CA ILE J 50 -100.15 17.89 -14.94
C ILE J 50 -100.84 19.22 -14.64
N VAL J 51 -100.09 20.19 -14.16
CA VAL J 51 -100.60 21.54 -13.92
C VAL J 51 -99.69 22.50 -14.67
N ARG J 52 -100.22 23.15 -15.69
CA ARG J 52 -99.45 24.09 -16.49
C ARG J 52 -100.16 25.44 -16.48
N VAL J 53 -99.43 26.48 -16.09
CA VAL J 53 -99.98 27.83 -16.01
C VAL J 53 -99.51 28.60 -17.23
N THR J 54 -100.46 28.99 -18.07
CA THR J 54 -100.17 29.73 -19.30
C THR J 54 -100.36 31.23 -19.04
N ASN J 55 -99.98 32.04 -20.03
CA ASN J 55 -100.13 33.49 -19.89
C ASN J 55 -101.59 33.92 -19.78
N ARG J 56 -102.53 33.09 -20.22
CA ARG J 56 -103.93 33.51 -20.25
C ARG J 56 -104.91 32.47 -19.72
N ASP J 57 -104.46 31.31 -19.27
CA ASP J 57 -105.35 30.31 -18.67
C ASP J 57 -104.48 29.27 -17.96
N ILE J 58 -105.14 28.23 -17.45
CA ILE J 58 -104.48 27.16 -16.71
C ILE J 58 -104.93 25.83 -17.30
N ILE J 59 -103.98 24.91 -17.47
CA ILE J 59 -104.24 23.58 -18.03
C ILE J 59 -103.97 22.55 -16.94
N CYS J 60 -104.96 21.72 -16.66
CA CYS J 60 -104.83 20.62 -15.72
C CYS J 60 -105.26 19.33 -16.40
N GLN J 61 -104.42 18.29 -16.29
CA GLN J 61 -104.70 17.01 -16.92
C GLN J 61 -104.29 15.88 -15.99
N ILE J 62 -104.97 14.76 -16.12
CA ILE J 62 -104.61 13.51 -15.45
C ILE J 62 -104.21 12.53 -16.53
N ALA J 63 -102.98 12.02 -16.45
CA ALA J 63 -102.45 11.16 -17.50
C ALA J 63 -101.61 10.05 -16.90
N TYR J 64 -101.46 8.98 -17.68
CA TYR J 64 -100.51 7.92 -17.39
C TYR J 64 -99.72 7.63 -18.65
N ALA J 65 -98.49 7.15 -18.47
CA ALA J 65 -97.55 6.99 -19.58
C ALA J 65 -97.72 5.63 -20.24
N ARG J 66 -97.69 5.64 -21.58
CA ARG J 66 -97.67 4.43 -22.37
C ARG J 66 -96.63 4.59 -23.46
N ILE J 67 -96.21 3.47 -24.05
CA ILE J 67 -95.11 3.49 -25.00
C ILE J 67 -95.48 4.31 -26.23
N GLU J 68 -96.70 4.16 -26.72
CA GLU J 68 -97.11 4.90 -27.91
C GLU J 68 -97.23 6.39 -27.67
N GLY J 69 -97.32 6.81 -26.42
CA GLY J 69 -97.49 8.20 -26.07
C GLY J 69 -98.35 8.31 -24.82
N ASP J 70 -98.24 9.44 -24.15
CA ASP J 70 -98.98 9.67 -22.93
C ASP J 70 -100.49 9.63 -23.20
N MET J 71 -101.22 8.92 -22.36
CA MET J 71 -102.67 8.82 -22.48
C MET J 71 -103.30 9.66 -21.38
N ILE J 72 -104.20 10.55 -21.78
CA ILE J 72 -104.82 11.53 -20.88
C ILE J 72 -106.26 11.09 -20.62
N VAL J 73 -106.59 10.90 -19.35
CA VAL J 73 -107.91 10.39 -19.00
C VAL J 73 -108.91 11.49 -18.63
N CYS J 74 -108.43 12.67 -18.27
CA CYS J 74 -109.33 13.78 -17.94
C CYS J 74 -108.56 15.09 -18.06
N ALA J 75 -109.28 16.13 -18.46
CA ALA J 75 -108.68 17.45 -18.64
C ALA J 75 -109.71 18.51 -18.30
N ALA J 76 -109.25 19.55 -17.59
CA ALA J 76 -110.12 20.65 -17.18
C ALA J 76 -109.36 21.95 -17.31
N TYR J 77 -109.84 22.82 -18.18
CA TYR J 77 -109.18 24.09 -18.48
C TYR J 77 -109.85 25.23 -17.74
N ALA J 78 -109.08 26.31 -17.54
CA ALA J 78 -109.61 27.49 -16.87
C ALA J 78 -110.52 28.32 -17.76
N HIS J 79 -110.40 28.21 -19.08
CA HIS J 79 -111.18 29.04 -19.97
C HIS J 79 -112.66 28.64 -20.02
N GLU J 80 -113.02 27.49 -19.46
CA GLU J 80 -114.41 27.07 -19.41
C GLU J 80 -115.09 27.47 -18.11
N LEU J 81 -114.39 28.21 -17.24
CA LEU J 81 -114.94 28.72 -15.99
C LEU J 81 -116.03 29.77 -16.18
N PRO J 82 -116.01 30.57 -17.25
CA PRO J 82 -117.16 31.45 -17.51
C PRO J 82 -118.48 30.71 -17.63
N LYS J 83 -118.45 29.43 -18.00
CA LYS J 83 -119.67 28.62 -17.95
C LYS J 83 -120.19 28.51 -16.52
N TYR J 84 -119.28 28.38 -15.56
CA TYR J 84 -119.66 28.24 -14.16
C TYR J 84 -119.81 29.56 -13.44
N GLY J 85 -119.42 30.67 -14.04
CA GLY J 85 -119.66 31.99 -13.50
C GLY J 85 -118.44 32.86 -13.30
N VAL J 86 -117.23 32.30 -13.21
CA VAL J 86 -116.02 33.10 -13.05
C VAL J 86 -115.75 33.79 -14.39
N LYS J 87 -115.95 35.09 -14.44
CA LYS J 87 -115.81 35.82 -15.69
C LYS J 87 -114.36 36.23 -15.95
N VAL J 88 -113.67 36.72 -14.93
CA VAL J 88 -112.34 37.29 -15.10
C VAL J 88 -111.43 36.79 -13.99
N GLY J 89 -110.13 36.87 -14.22
CA GLY J 89 -109.15 36.40 -13.26
C GLY J 89 -108.86 34.93 -13.47
N LEU J 90 -108.75 34.53 -14.73
CA LEU J 90 -108.62 33.13 -15.10
C LEU J 90 -107.19 32.61 -14.99
N THR J 91 -106.29 33.36 -14.35
CA THR J 91 -104.92 32.89 -14.17
C THR J 91 -104.39 33.23 -12.79
N ASN J 92 -105.26 33.37 -11.80
CA ASN J 92 -104.84 33.64 -10.44
C ASN J 92 -104.96 32.38 -9.59
N TYR J 93 -104.67 32.54 -8.29
CA TYR J 93 -104.71 31.41 -7.37
C TYR J 93 -106.12 30.85 -7.25
N ALA J 94 -107.12 31.72 -7.21
CA ALA J 94 -108.50 31.26 -7.11
C ALA J 94 -108.90 30.46 -8.34
N ALA J 95 -108.52 30.92 -9.53
CA ALA J 95 -108.81 30.16 -10.74
C ALA J 95 -108.07 28.83 -10.75
N ALA J 96 -106.84 28.81 -10.24
CA ALA J 96 -106.10 27.56 -10.16
C ALA J 96 -106.81 26.55 -9.25
N TYR J 97 -107.25 27.02 -8.08
CA TYR J 97 -107.98 26.16 -7.18
C TYR J 97 -109.26 25.64 -7.84
N CYS J 98 -109.99 26.53 -8.51
CA CYS J 98 -111.26 26.15 -9.13
C CYS J 98 -111.05 25.12 -10.24
N THR J 99 -110.04 25.31 -11.09
CA THR J 99 -109.83 24.37 -12.19
C THR J 99 -109.32 23.03 -11.67
N GLY J 100 -108.52 23.04 -10.61
CA GLY J 100 -108.14 21.78 -9.99
C GLY J 100 -109.33 21.03 -9.42
N LEU J 101 -110.21 21.75 -8.72
CA LEU J 101 -111.42 21.15 -8.19
C LEU J 101 -112.31 20.59 -9.30
N LEU J 102 -112.42 21.34 -10.39
CA LEU J 102 -113.22 20.88 -11.52
C LEU J 102 -112.64 19.60 -12.11
N LEU J 103 -111.32 19.53 -12.26
CA LEU J 103 -110.69 18.31 -12.77
C LEU J 103 -110.96 17.13 -11.84
N ALA J 104 -110.83 17.35 -10.53
CA ALA J 104 -111.07 16.26 -9.58
C ALA J 104 -112.51 15.77 -9.67
N ARG J 105 -113.46 16.69 -9.68
CA ARG J 105 -114.86 16.29 -9.74
C ARG J 105 -115.20 15.61 -11.06
N ARG J 106 -114.62 16.08 -12.18
CA ARG J 106 -114.89 15.45 -13.45
C ARG J 106 -114.35 14.03 -13.50
N LEU J 107 -113.14 13.82 -12.97
CA LEU J 107 -112.60 12.47 -12.92
C LEU J 107 -113.44 11.56 -12.04
N LEU J 108 -113.88 12.06 -10.89
CA LEU J 108 -114.73 11.25 -10.01
C LEU J 108 -116.04 10.90 -10.69
N ASN J 109 -116.65 11.85 -11.39
CA ASN J 109 -117.89 11.58 -12.11
C ASN J 109 -117.67 10.56 -13.22
N ARG J 110 -116.55 10.64 -13.91
CA ARG J 110 -116.24 9.65 -14.94
C ARG J 110 -116.12 8.25 -14.34
N PHE J 111 -115.41 8.14 -13.22
CA PHE J 111 -115.15 6.81 -12.65
C PHE J 111 -116.34 6.29 -11.83
N GLY J 112 -117.30 7.13 -11.49
CA GLY J 112 -118.42 6.68 -10.71
C GLY J 112 -118.21 6.71 -9.21
N MET J 113 -117.11 7.31 -8.75
CA MET J 113 -116.83 7.48 -7.33
C MET J 113 -117.10 8.91 -6.86
N ASP J 114 -118.05 9.59 -7.50
CA ASP J 114 -118.26 11.00 -7.19
C ASP J 114 -119.17 11.22 -5.99
N LYS J 115 -120.13 10.32 -5.77
CA LYS J 115 -120.96 10.42 -4.57
C LYS J 115 -120.14 10.09 -3.33
N ILE J 116 -119.34 9.04 -3.39
CA ILE J 116 -118.38 8.72 -2.34
C ILE J 116 -117.25 9.72 -2.50
N TYR J 117 -116.44 9.92 -1.46
CA TYR J 117 -115.29 10.81 -1.53
C TYR J 117 -115.69 12.21 -1.97
N GLU J 118 -116.44 12.88 -1.12
CA GLU J 118 -116.87 14.25 -1.40
C GLU J 118 -115.78 15.27 -1.11
N GLY J 119 -114.72 14.89 -0.41
CA GLY J 119 -113.65 15.83 -0.12
C GLY J 119 -114.12 16.92 0.83
N GLN J 120 -113.64 18.14 0.58
CA GLN J 120 -113.99 19.30 1.38
C GLN J 120 -115.08 20.09 0.68
N VAL J 121 -116.31 19.97 1.15
CA VAL J 121 -117.40 20.80 0.63
C VAL J 121 -117.21 22.24 1.06
N GLU J 122 -116.89 22.44 2.33
CA GLU J 122 -116.61 23.76 2.90
C GLU J 122 -115.11 23.87 3.13
N VAL J 123 -114.44 24.69 2.32
CA VAL J 123 -113.00 24.81 2.40
C VAL J 123 -112.61 25.58 3.65
N THR J 124 -111.62 25.06 4.38
CA THR J 124 -111.11 25.70 5.58
C THR J 124 -109.68 26.16 5.44
N GLY J 125 -108.99 25.79 4.37
CA GLY J 125 -107.63 26.22 4.12
C GLY J 125 -106.56 25.29 4.67
N ASP J 126 -106.79 24.68 5.82
CA ASP J 126 -105.77 23.86 6.45
C ASP J 126 -105.65 22.52 5.74
N GLU J 127 -104.79 21.65 6.28
CA GLU J 127 -104.47 20.39 5.60
C GLU J 127 -105.69 19.48 5.54
N TYR J 128 -105.81 18.76 4.43
CA TYR J 128 -106.81 17.71 4.30
C TYR J 128 -106.30 16.69 3.30
N ASN J 129 -106.65 15.43 3.52
CA ASN J 129 -106.29 14.37 2.59
C ASN J 129 -107.31 13.25 2.69
N VAL J 130 -107.89 12.89 1.55
CA VAL J 130 -108.99 11.92 1.54
C VAL J 130 -108.47 10.55 1.97
N GLU J 131 -109.22 9.92 2.86
CA GLU J 131 -108.85 8.61 3.40
C GLU J 131 -109.76 7.57 2.77
N SER J 132 -109.16 6.54 2.17
CA SER J 132 -109.93 5.51 1.49
C SER J 132 -110.81 4.76 2.48
N ILE J 133 -112.09 4.66 2.14
CA ILE J 133 -113.07 4.02 3.02
C ILE J 133 -113.23 2.56 2.61
N ASP J 134 -113.32 1.68 3.60
CA ASP J 134 -113.37 0.26 3.36
C ASP J 134 -114.73 -0.18 2.85
N GLY J 135 -114.75 -1.28 2.14
CA GLY J 135 -115.96 -1.78 1.49
C GLY J 135 -116.18 -1.17 0.14
N GLN J 136 -116.21 0.16 0.06
CA GLN J 136 -116.34 0.88 -1.18
C GLN J 136 -115.02 0.89 -1.94
N PRO J 137 -115.04 1.18 -3.24
CA PRO J 137 -113.80 1.19 -4.02
C PRO J 137 -112.80 2.20 -3.46
N GLY J 138 -111.52 1.83 -3.54
CA GLY J 138 -110.48 2.66 -2.97
C GLY J 138 -110.32 3.98 -3.70
N ALA J 139 -109.76 4.95 -2.99
CA ALA J 139 -109.63 6.30 -3.51
C ALA J 139 -108.61 6.36 -4.64
N PHE J 140 -108.83 7.30 -5.56
CA PHE J 140 -107.90 7.52 -6.66
C PHE J 140 -106.64 8.20 -6.17
N THR J 141 -105.49 7.73 -6.66
CA THR J 141 -104.19 8.23 -6.24
C THR J 141 -103.38 8.66 -7.45
N CYS J 142 -102.80 9.85 -7.38
CA CYS J 142 -101.95 10.38 -8.44
C CYS J 142 -100.85 11.21 -7.82
N TYR J 143 -100.02 11.81 -8.67
CA TYR J 143 -98.87 12.59 -8.21
C TYR J 143 -98.78 13.87 -9.03
N LEU J 144 -98.10 14.86 -8.47
CA LEU J 144 -98.04 16.20 -9.06
C LEU J 144 -96.87 16.31 -10.03
N ASP J 145 -97.15 16.80 -11.23
CA ASP J 145 -96.15 17.07 -12.25
C ASP J 145 -95.98 18.59 -12.33
N ALA J 146 -94.93 19.11 -11.72
CA ALA J 146 -94.72 20.55 -11.66
C ALA J 146 -94.06 21.11 -12.90
N GLY J 147 -93.56 20.26 -13.81
CA GLY J 147 -92.93 20.77 -15.01
C GLY J 147 -91.63 21.48 -14.71
N LEU J 148 -91.40 22.59 -15.39
CA LEU J 148 -90.21 23.40 -15.21
C LEU J 148 -90.40 24.55 -14.24
N ALA J 149 -91.57 24.68 -13.64
CA ALA J 149 -91.85 25.80 -12.76
C ALA J 149 -91.06 25.69 -11.47
N ARG J 150 -90.71 26.85 -10.90
CA ARG J 150 -90.00 26.91 -9.63
C ARG J 150 -90.99 26.71 -8.50
N THR J 151 -90.87 25.57 -7.81
CA THR J 151 -91.84 25.20 -6.78
C THR J 151 -91.47 25.88 -5.45
N THR J 152 -91.65 27.19 -5.44
CA THR J 152 -91.46 27.99 -4.25
C THR J 152 -92.81 28.23 -3.58
N THR J 153 -92.76 28.83 -2.39
CA THR J 153 -93.97 28.99 -1.58
C THR J 153 -94.97 29.90 -2.30
N GLY J 154 -96.24 29.53 -2.20
CA GLY J 154 -97.29 30.30 -2.84
C GLY J 154 -97.26 30.19 -4.35
N ASN J 155 -97.58 29.02 -4.87
CA ASN J 155 -97.53 28.75 -6.30
C ASN J 155 -98.87 28.20 -6.78
N LYS J 156 -99.25 28.61 -7.99
CA LYS J 156 -100.56 28.24 -8.51
C LYS J 156 -100.66 26.75 -8.82
N VAL J 157 -99.53 26.08 -9.05
CA VAL J 157 -99.57 24.63 -9.18
C VAL J 157 -100.03 24.00 -7.87
N PHE J 158 -99.55 24.53 -6.74
CA PHE J 158 -100.00 24.03 -5.45
C PHE J 158 -101.44 24.45 -5.16
N GLY J 159 -101.86 25.60 -5.69
CA GLY J 159 -103.27 25.95 -5.61
C GLY J 159 -104.16 24.95 -6.33
N ALA J 160 -103.76 24.55 -7.54
CA ALA J 160 -104.49 23.53 -8.28
C ALA J 160 -104.46 22.20 -7.54
N LEU J 161 -103.32 21.87 -6.92
CA LEU J 161 -103.24 20.66 -6.11
C LEU J 161 -104.24 20.69 -4.97
N LYS J 162 -104.34 21.82 -4.29
CA LYS J 162 -105.31 21.93 -3.19
C LYS J 162 -106.73 21.82 -3.70
N GLY J 163 -107.01 22.42 -4.86
CA GLY J 163 -108.33 22.26 -5.46
C GLY J 163 -108.66 20.80 -5.74
N ALA J 164 -107.72 20.06 -6.30
CA ALA J 164 -107.95 18.64 -6.57
C ALA J 164 -108.10 17.83 -5.28
N VAL J 165 -107.32 18.17 -4.26
CA VAL J 165 -107.42 17.47 -2.99
C VAL J 165 -108.79 17.69 -2.36
N ASP J 166 -109.27 18.92 -2.38
CA ASP J 166 -110.63 19.19 -1.93
C ASP J 166 -111.66 18.48 -2.79
N GLY J 167 -111.37 18.32 -4.08
CA GLY J 167 -112.24 17.55 -4.95
C GLY J 167 -112.35 16.10 -4.53
N GLY J 168 -111.23 15.51 -4.10
CA GLY J 168 -111.29 14.17 -3.54
C GLY J 168 -110.26 13.17 -3.99
N LEU J 169 -109.21 13.61 -4.68
CA LEU J 169 -108.11 12.73 -5.03
C LEU J 169 -107.10 12.69 -3.89
N SER J 170 -106.40 11.55 -3.77
CA SER J 170 -105.43 11.35 -2.70
C SER J 170 -104.03 11.62 -3.24
N ILE J 171 -103.69 12.91 -3.34
CA ILE J 171 -102.39 13.35 -3.82
C ILE J 171 -101.48 13.55 -2.61
N PRO J 172 -100.34 12.88 -2.53
CA PRO J 172 -99.41 13.15 -1.42
C PRO J 172 -98.82 14.55 -1.55
N HIS J 173 -98.67 15.21 -0.41
CA HIS J 173 -98.20 16.59 -0.37
C HIS J 173 -97.95 16.98 1.07
N SER J 174 -97.39 18.18 1.24
CA SER J 174 -97.20 18.78 2.55
C SER J 174 -97.65 20.23 2.49
N THR J 175 -98.16 20.74 3.60
CA THR J 175 -98.61 22.12 3.65
C THR J 175 -97.47 23.07 3.99
N LYS J 176 -96.37 22.95 3.25
CA LYS J 176 -95.22 23.82 3.40
C LYS J 176 -95.11 24.82 2.27
N ARG J 177 -95.55 24.47 1.07
CA ARG J 177 -95.50 25.36 -0.07
C ARG J 177 -96.84 26.02 -0.37
N PHE J 178 -97.86 25.76 0.44
CA PHE J 178 -99.11 26.50 0.31
C PHE J 178 -98.90 27.93 0.77
N PRO J 179 -99.53 28.91 0.10
CA PRO J 179 -99.36 30.30 0.52
C PRO J 179 -99.96 30.54 1.90
N GLY J 180 -99.08 30.81 2.87
CA GLY J 180 -99.51 30.97 4.24
C GLY J 180 -98.57 30.32 5.23
N TYR J 181 -97.63 29.53 4.73
CA TYR J 181 -96.59 28.95 5.56
C TYR J 181 -95.49 29.99 5.75
N ASP J 182 -95.25 30.35 7.00
CA ASP J 182 -94.27 31.39 7.32
C ASP J 182 -92.93 30.71 7.61
N SER J 183 -91.96 30.94 6.73
CA SER J 183 -90.69 30.22 6.82
C SER J 183 -89.89 30.62 8.06
N GLU J 184 -89.87 31.91 8.39
CA GLU J 184 -89.07 32.37 9.52
C GLU J 184 -89.63 31.86 10.85
N SER J 185 -90.89 31.43 10.88
CA SER J 185 -91.50 30.92 12.10
C SER J 185 -91.86 29.44 12.04
N LYS J 186 -92.10 28.90 10.85
CA LYS J 186 -92.31 27.45 10.64
C LYS J 186 -93.63 26.97 11.22
N GLU J 187 -94.70 27.74 10.99
CA GLU J 187 -96.06 27.24 11.18
C GLU J 187 -96.90 27.64 9.97
N PHE J 188 -98.13 27.16 9.95
CA PHE J 188 -99.03 27.34 8.82
C PHE J 188 -100.41 27.70 9.34
N ASN J 189 -100.90 28.88 8.98
CA ASN J 189 -102.24 29.29 9.31
C ASN J 189 -103.14 29.14 8.09
N ALA J 190 -104.42 28.86 8.34
CA ALA J 190 -105.34 28.49 7.28
C ALA J 190 -106.21 29.63 6.78
N GLU J 191 -106.39 30.70 7.57
CA GLU J 191 -107.27 31.78 7.13
C GLU J 191 -106.65 32.56 5.98
N VAL J 192 -105.32 32.69 5.97
CA VAL J 192 -104.65 33.34 4.85
C VAL J 192 -104.76 32.48 3.59
N HIS J 193 -104.71 31.16 3.74
CA HIS J 193 -104.93 30.28 2.60
C HIS J 193 -106.36 30.41 2.10
N ARG J 194 -107.32 30.56 3.00
CA ARG J 194 -108.70 30.78 2.58
C ARG J 194 -108.82 32.09 1.81
N LYS J 195 -108.16 33.14 2.28
CA LYS J 195 -108.19 34.41 1.56
C LYS J 195 -107.60 34.26 0.17
N HIS J 196 -106.48 33.55 0.04
CA HIS J 196 -105.88 33.35 -1.27
C HIS J 196 -106.77 32.49 -2.17
N ILE J 197 -107.49 31.53 -1.59
CA ILE J 197 -108.38 30.70 -2.39
C ILE J 197 -109.57 31.52 -2.88
N MET J 198 -110.08 32.42 -2.05
CA MET J 198 -111.25 33.21 -2.41
C MET J 198 -110.93 34.49 -3.16
N GLY J 199 -109.66 34.84 -3.33
CA GLY J 199 -109.31 36.04 -4.06
C GLY J 199 -109.28 37.29 -3.23
N GLN J 200 -109.15 37.15 -1.91
CA GLN J 200 -109.20 38.32 -1.04
C GLN J 200 -107.98 39.20 -1.21
N ASN J 201 -106.84 38.63 -1.59
CA ASN J 201 -105.67 39.47 -1.87
C ASN J 201 -105.93 40.35 -3.10
N VAL J 202 -106.56 39.80 -4.13
CA VAL J 202 -106.92 40.59 -5.30
C VAL J 202 -107.93 41.67 -4.93
N ALA J 203 -108.92 41.31 -4.12
CA ALA J 203 -109.91 42.30 -3.70
C ALA J 203 -109.28 43.42 -2.90
N ASP J 204 -108.37 43.08 -1.98
CA ASP J 204 -107.66 44.09 -1.21
C ASP J 204 -106.82 44.98 -2.11
N TYR J 205 -106.20 44.38 -3.14
CA TYR J 205 -105.47 45.19 -4.12
C TYR J 205 -106.40 46.19 -4.80
N MET J 206 -107.58 45.74 -5.20
CA MET J 206 -108.50 46.66 -5.89
C MET J 206 -108.94 47.78 -4.96
N ARG J 207 -109.27 47.45 -3.71
CA ARG J 207 -109.65 48.49 -2.76
C ARG J 207 -108.53 49.50 -2.59
N TYR J 208 -107.32 49.01 -2.32
CA TYR J 208 -106.15 49.86 -2.10
C TYR J 208 -105.87 50.74 -3.30
N LEU J 209 -105.96 50.17 -4.51
CA LEU J 209 -105.57 50.89 -5.71
C LEU J 209 -106.60 51.94 -6.09
N MET J 210 -107.90 51.60 -5.97
CA MET J 210 -108.92 52.61 -6.25
C MET J 210 -108.97 53.66 -5.15
N GLU J 211 -108.52 53.33 -3.93
CA GLU J 211 -108.42 54.33 -2.89
C GLU J 211 -107.29 55.30 -3.17
N GLU J 212 -106.17 54.82 -3.69
CA GLU J 212 -105.05 55.71 -3.97
C GLU J 212 -105.26 56.52 -5.25
N ASP J 213 -105.37 55.83 -6.39
CA ASP J 213 -105.42 56.51 -7.68
C ASP J 213 -106.31 55.76 -8.66
N GLU J 214 -107.38 56.42 -9.11
CA GLU J 214 -108.36 55.77 -9.98
C GLU J 214 -107.79 55.52 -11.37
N ASP J 215 -106.84 56.33 -11.83
CA ASP J 215 -106.23 56.07 -13.13
C ASP J 215 -105.51 54.73 -13.13
N ALA J 216 -104.66 54.50 -12.13
CA ALA J 216 -103.97 53.22 -12.02
C ALA J 216 -104.97 52.10 -11.78
N TYR J 217 -106.02 52.36 -11.00
CA TYR J 217 -107.02 51.32 -10.76
C TYR J 217 -107.68 50.89 -12.07
N LYS J 218 -108.09 51.86 -12.90
CA LYS J 218 -108.71 51.54 -14.17
C LYS J 218 -107.72 50.82 -15.10
N LYS J 219 -106.47 51.26 -15.11
CA LYS J 219 -105.49 50.62 -15.97
C LYS J 219 -105.26 49.16 -15.56
N GLN J 220 -105.18 48.91 -14.25
CA GLN J 220 -104.93 47.56 -13.76
C GLN J 220 -106.16 46.67 -13.82
N PHE J 221 -107.36 47.23 -13.86
CA PHE J 221 -108.58 46.44 -13.99
C PHE J 221 -109.51 47.17 -14.96
N SER J 222 -109.62 46.66 -16.19
CA SER J 222 -110.57 47.17 -17.15
C SER J 222 -111.64 46.14 -17.50
N GLN J 223 -111.24 44.90 -17.79
CA GLN J 223 -112.23 43.85 -17.99
C GLN J 223 -112.96 43.53 -16.69
N TYR J 224 -112.31 43.74 -15.54
CA TYR J 224 -113.01 43.65 -14.26
C TYR J 224 -114.17 44.65 -14.21
N ILE J 225 -113.89 45.91 -14.53
CA ILE J 225 -114.94 46.93 -14.51
C ILE J 225 -116.01 46.60 -15.55
N LYS J 226 -115.59 46.08 -16.70
CA LYS J 226 -116.55 45.70 -17.73
C LYS J 226 -117.52 44.64 -17.23
N ASN J 227 -116.99 43.58 -16.61
CA ASN J 227 -117.81 42.55 -16.00
C ASN J 227 -118.28 42.94 -14.60
N ASN J 228 -118.19 44.23 -14.27
CA ASN J 228 -118.72 44.88 -13.06
C ASN J 228 -118.64 43.99 -11.83
N VAL J 229 -117.45 43.44 -11.58
CA VAL J 229 -117.17 42.69 -10.36
C VAL J 229 -116.38 43.58 -9.42
N THR J 230 -116.85 43.68 -8.18
CA THR J 230 -116.28 44.54 -7.16
C THR J 230 -115.57 43.71 -6.10
N PRO J 231 -114.77 44.35 -5.23
CA PRO J 231 -114.10 43.59 -4.17
C PRO J 231 -115.06 42.90 -3.21
N ASP J 232 -116.30 43.37 -3.09
CA ASP J 232 -117.24 42.82 -2.13
C ASP J 232 -118.07 41.66 -2.68
N MET J 233 -117.81 41.23 -3.92
CA MET J 233 -118.55 40.13 -4.52
C MET J 233 -117.72 38.87 -4.74
N MET J 234 -116.40 38.95 -4.60
CA MET J 234 -115.54 37.84 -5.02
C MET J 234 -115.73 36.60 -4.16
N GLU J 235 -115.83 36.77 -2.84
CA GLU J 235 -116.00 35.60 -1.99
C GLU J 235 -117.29 34.86 -2.33
N GLU J 236 -118.39 35.60 -2.46
CA GLU J 236 -119.66 34.98 -2.80
C GLU J 236 -119.61 34.32 -4.17
N MET J 237 -119.02 34.99 -5.17
CA MET J 237 -119.05 34.43 -6.52
C MET J 237 -118.15 33.21 -6.63
N TYR J 238 -117.01 33.20 -5.92
CA TYR J 238 -116.16 32.02 -5.95
C TYR J 238 -116.79 30.86 -5.19
N LYS J 239 -117.53 31.16 -4.11
CA LYS J 239 -118.28 30.09 -3.45
C LYS J 239 -119.35 29.52 -4.38
N LYS J 240 -120.04 30.40 -5.12
CA LYS J 240 -121.02 29.92 -6.09
C LYS J 240 -120.36 29.08 -7.17
N ALA J 241 -119.16 29.48 -7.61
CA ALA J 241 -118.43 28.70 -8.61
C ALA J 241 -118.08 27.33 -8.07
N HIS J 242 -117.62 27.26 -6.81
CA HIS J 242 -117.33 25.97 -6.20
C HIS J 242 -118.57 25.09 -6.15
N ALA J 243 -119.69 25.66 -5.72
CA ALA J 243 -120.93 24.88 -5.63
C ALA J 243 -121.38 24.40 -7.00
N ALA J 244 -121.30 25.26 -8.01
CA ALA J 244 -121.71 24.87 -9.36
C ALA J 244 -120.81 23.77 -9.91
N ILE J 245 -119.49 23.88 -9.69
CA ILE J 245 -118.57 22.86 -10.16
C ILE J 245 -118.89 21.53 -9.49
N ARG J 246 -119.11 21.55 -8.16
CA ARG J 246 -119.49 20.33 -7.46
C ARG J 246 -120.83 19.80 -7.94
N GLU J 247 -121.69 20.66 -8.47
CA GLU J 247 -123.00 20.22 -8.92
C GLU J 247 -122.95 19.54 -10.28
N ASN J 248 -122.38 20.22 -11.28
CA ASN J 248 -122.38 19.75 -12.67
C ASN J 248 -120.94 19.72 -13.20
N PRO J 249 -120.15 18.70 -12.84
CA PRO J 249 -118.75 18.67 -13.27
C PRO J 249 -118.53 18.05 -14.63
N VAL J 250 -119.56 17.51 -15.29
CA VAL J 250 -119.36 16.84 -16.56
C VAL J 250 -118.95 17.85 -17.62
N TYR J 251 -118.24 17.37 -18.64
CA TYR J 251 -117.82 18.20 -19.76
C TYR J 251 -118.53 17.75 -21.02
N GLU J 252 -119.10 18.69 -21.75
CA GLU J 252 -119.76 18.42 -23.01
C GLU J 252 -118.94 19.02 -24.15
N LYS J 253 -118.58 18.20 -25.12
CA LYS J 253 -117.70 18.64 -26.19
C LYS J 253 -118.41 19.63 -27.10
N LYS J 254 -117.64 20.55 -27.66
CA LYS J 254 -118.18 21.42 -28.70
C LYS J 254 -118.48 20.59 -29.94
N PRO J 255 -119.64 20.82 -30.57
CA PRO J 255 -119.97 20.03 -31.77
C PRO J 255 -118.99 20.29 -32.90
N LYS J 256 -118.70 19.24 -33.66
CA LYS J 256 -117.80 19.35 -34.80
C LYS J 256 -118.44 20.17 -35.91
N ARG J 257 -117.62 20.94 -36.62
CA ARG J 257 -118.11 21.89 -37.62
C ARG J 257 -117.64 21.49 -39.01
N GLU J 258 -118.44 21.84 -40.01
CA GLU J 258 -118.09 21.59 -41.40
C GLU J 258 -116.86 22.41 -41.80
N VAL J 259 -116.10 21.88 -42.75
CA VAL J 259 -114.87 22.51 -43.21
C VAL J 259 -114.96 22.75 -44.71
N LYS J 260 -114.57 23.94 -45.14
CA LYS J 260 -114.51 24.27 -46.55
C LYS J 260 -113.15 23.95 -47.16
N LYS J 261 -112.21 23.44 -46.36
CA LYS J 261 -110.92 22.93 -46.83
C LYS J 261 -110.15 23.99 -47.62
N LYS J 262 -109.80 25.07 -46.93
CA LYS J 262 -108.97 26.12 -47.49
C LYS J 262 -107.59 26.06 -46.84
N ARG J 263 -106.57 25.86 -47.67
CA ARG J 263 -105.20 25.81 -47.18
C ARG J 263 -104.69 27.22 -46.91
N TRP J 264 -104.06 27.40 -45.75
CA TRP J 264 -103.53 28.70 -45.38
C TRP J 264 -102.01 28.79 -45.53
N ASN J 265 -101.32 27.67 -45.61
CA ASN J 265 -99.88 27.63 -45.76
C ASN J 265 -99.52 27.47 -47.24
N ARG J 266 -98.24 27.20 -47.50
CA ARG J 266 -97.76 27.00 -48.86
C ARG J 266 -97.28 25.56 -49.02
N PRO J 267 -97.78 24.83 -50.00
CA PRO J 267 -97.28 23.47 -50.22
C PRO J 267 -95.82 23.47 -50.66
N LYS J 268 -95.14 22.36 -50.38
CA LYS J 268 -93.73 22.23 -50.71
C LYS J 268 -93.53 22.25 -52.23
N MET J 269 -92.50 22.96 -52.67
CA MET J 269 -92.18 23.03 -54.09
C MET J 269 -91.63 21.70 -54.58
N SER J 270 -91.84 21.42 -55.86
CA SER J 270 -91.50 20.12 -56.44
C SER J 270 -90.12 20.16 -57.08
N LEU J 271 -89.61 18.95 -57.37
CA LEU J 271 -88.25 18.80 -57.88
C LEU J 271 -88.07 19.50 -59.21
N ALA J 272 -88.94 19.22 -60.17
CA ALA J 272 -88.84 19.87 -61.48
C ALA J 272 -89.05 21.37 -61.35
N GLN J 273 -89.91 21.79 -60.42
CA GLN J 273 -90.16 23.21 -60.24
C GLN J 273 -88.89 23.93 -59.80
N LYS J 274 -88.18 23.39 -58.81
CA LYS J 274 -86.97 24.07 -58.37
C LYS J 274 -85.82 23.91 -59.36
N LYS J 275 -85.76 22.79 -60.08
CA LYS J 275 -84.73 22.63 -61.10
C LYS J 275 -84.91 23.66 -62.22
N ASP J 276 -86.15 23.87 -62.65
CA ASP J 276 -86.39 24.86 -63.70
C ASP J 276 -86.27 26.28 -63.16
N ARG J 277 -86.51 26.48 -61.87
CA ARG J 277 -86.19 27.78 -61.28
C ARG J 277 -84.70 28.07 -61.36
N VAL J 278 -83.86 27.09 -61.04
CA VAL J 278 -82.41 27.29 -61.16
C VAL J 278 -82.03 27.53 -62.62
N ALA J 279 -82.65 26.78 -63.53
CA ALA J 279 -82.36 26.97 -64.96
C ALA J 279 -82.72 28.38 -65.41
N GLN J 280 -83.88 28.88 -64.98
CA GLN J 280 -84.28 30.24 -65.33
C GLN J 280 -83.32 31.26 -64.75
N LYS J 281 -82.88 31.05 -63.51
CA LYS J 281 -81.92 31.99 -62.92
C LYS J 281 -80.62 32.02 -63.70
N LYS J 282 -80.12 30.85 -64.11
CA LYS J 282 -78.89 30.81 -64.90
C LYS J 282 -79.08 31.51 -66.25
N ALA J 283 -80.21 31.24 -66.91
CA ALA J 283 -80.46 31.86 -68.20
C ALA J 283 -80.55 33.37 -68.08
N SER J 284 -81.25 33.86 -67.05
CA SER J 284 -81.38 35.30 -66.86
C SER J 284 -80.05 35.95 -66.55
N PHE J 285 -79.23 35.32 -65.70
CA PHE J 285 -77.93 35.89 -65.39
C PHE J 285 -77.05 35.95 -66.63
N LEU J 286 -77.04 34.89 -67.43
CA LEU J 286 -76.23 34.90 -68.64
C LEU J 286 -76.74 35.92 -69.65
N ARG J 287 -78.07 36.09 -69.73
CA ARG J 287 -78.65 37.10 -70.60
C ARG J 287 -78.23 38.50 -70.19
N ALA J 288 -78.26 38.77 -68.88
CA ALA J 288 -77.81 40.07 -68.40
C ALA J 288 -76.32 40.28 -68.65
N GLN J 289 -75.52 39.22 -68.47
CA GLN J 289 -74.09 39.32 -68.70
C GLN J 289 -73.79 39.62 -70.16
N GLU J 290 -74.51 38.99 -71.08
CA GLU J 290 -74.33 39.29 -72.50
C GLU J 290 -74.79 40.71 -72.80
N ARG J 291 -75.95 41.09 -72.29
CA ARG J 291 -76.50 42.43 -72.49
C ARG J 291 -75.59 43.50 -71.91
N GLY K 1 -102.46 -90.59 -72.49
CA GLY K 1 -102.30 -89.59 -73.52
C GLY K 1 -100.96 -89.66 -74.22
N LYS K 2 -100.93 -89.28 -75.49
CA LYS K 2 -99.69 -89.31 -76.25
C LYS K 2 -98.91 -88.02 -76.03
N PRO K 3 -97.64 -88.11 -75.62
CA PRO K 3 -96.87 -86.88 -75.35
C PRO K 3 -96.65 -86.06 -76.62
N HIS K 4 -96.50 -84.77 -76.43
CA HIS K 4 -96.26 -83.83 -77.51
C HIS K 4 -94.95 -83.10 -77.27
N CYS K 5 -94.24 -82.79 -78.35
CA CYS K 5 -93.06 -81.94 -78.24
C CYS K 5 -93.43 -80.58 -77.67
N SER K 6 -92.52 -80.00 -76.90
CA SER K 6 -92.79 -78.74 -76.22
C SER K 6 -93.22 -77.67 -77.22
N ARG K 7 -94.32 -76.99 -76.91
CA ARG K 7 -94.86 -75.97 -77.79
C ARG K 7 -94.19 -74.62 -77.62
N ASN K 8 -93.23 -74.51 -76.72
CA ASN K 8 -92.55 -73.24 -76.42
C ASN K 8 -91.11 -73.33 -76.89
N PRO K 9 -90.81 -72.87 -78.10
CA PRO K 9 -89.42 -72.85 -78.56
C PRO K 9 -88.57 -71.95 -77.67
N VAL K 10 -87.33 -72.36 -77.47
CA VAL K 10 -86.44 -71.58 -76.62
C VAL K 10 -85.87 -70.40 -77.40
N LEU K 11 -85.77 -69.26 -76.73
CA LEU K 11 -85.10 -68.09 -77.29
C LEU K 11 -83.64 -68.06 -76.84
N VAL K 12 -83.42 -68.05 -75.53
CA VAL K 12 -82.14 -68.35 -74.92
C VAL K 12 -82.39 -69.39 -73.83
N ARG K 13 -81.34 -69.77 -73.12
CA ARG K 13 -81.51 -70.73 -72.04
C ARG K 13 -82.35 -70.11 -70.94
N GLY K 14 -83.48 -70.77 -70.64
CA GLY K 14 -84.35 -70.35 -69.55
C GLY K 14 -85.49 -69.44 -69.95
N ILE K 15 -85.49 -68.90 -71.17
CA ILE K 15 -86.52 -67.98 -71.62
C ILE K 15 -87.22 -68.59 -72.83
N GLY K 16 -88.52 -68.87 -72.68
CA GLY K 16 -89.30 -69.31 -73.81
C GLY K 16 -89.70 -68.17 -74.72
N ARG K 17 -90.00 -68.51 -75.97
CA ARG K 17 -90.28 -67.49 -76.97
C ARG K 17 -91.65 -66.86 -76.77
N TYR K 18 -92.62 -67.60 -76.26
CA TYR K 18 -93.99 -67.11 -76.14
C TYR K 18 -94.33 -66.78 -74.70
N SER K 19 -95.29 -65.86 -74.56
CA SER K 19 -95.73 -65.38 -73.25
C SER K 19 -96.59 -66.44 -72.55
N ARG K 20 -96.98 -66.13 -71.32
CA ARG K 20 -97.75 -67.09 -70.52
C ARG K 20 -99.13 -67.33 -71.13
N SER K 21 -99.83 -66.26 -71.49
CA SER K 21 -101.15 -66.46 -72.07
C SER K 21 -101.07 -66.93 -73.52
N ALA K 22 -99.99 -66.59 -74.22
CA ALA K 22 -99.77 -67.16 -75.54
C ALA K 22 -99.66 -68.68 -75.45
N MET K 23 -98.92 -69.18 -74.45
CA MET K 23 -98.86 -70.62 -74.23
C MET K 23 -100.20 -71.17 -73.76
N TYR K 24 -100.94 -70.40 -72.96
CA TYR K 24 -102.28 -70.82 -72.57
C TYR K 24 -103.15 -71.07 -73.81
N SER K 25 -103.12 -70.13 -74.76
CA SER K 25 -103.88 -70.28 -76.00
C SER K 25 -103.38 -71.47 -76.81
N ARG K 26 -102.06 -71.60 -76.94
CA ARG K 26 -101.51 -72.68 -77.75
C ARG K 26 -101.84 -74.04 -77.18
N LYS K 27 -101.75 -74.19 -75.85
CA LYS K 27 -102.14 -75.43 -75.19
C LYS K 27 -103.65 -75.61 -75.19
N ALA K 28 -104.42 -74.54 -75.44
CA ALA K 28 -105.88 -74.59 -75.42
C ALA K 28 -106.40 -75.07 -74.07
N LEU K 29 -105.95 -74.40 -73.01
CA LEU K 29 -106.40 -74.72 -71.67
C LEU K 29 -107.82 -74.23 -71.39
N TYR K 30 -108.39 -73.41 -72.27
CA TYR K 30 -109.75 -72.93 -72.07
C TYR K 30 -110.76 -74.06 -72.20
N LYS K 31 -110.52 -75.03 -73.09
CA LYS K 31 -111.42 -76.14 -73.30
C LYS K 31 -110.96 -77.42 -72.62
N ARG K 32 -109.85 -77.37 -71.89
CA ARG K 32 -109.37 -78.51 -71.11
C ARG K 32 -109.61 -78.31 -69.61
N LYS K 33 -110.53 -77.41 -69.26
CA LYS K 33 -110.80 -77.13 -67.85
C LYS K 33 -111.31 -78.37 -67.15
N TYR K 34 -110.74 -78.66 -65.98
CA TYR K 34 -111.07 -79.84 -65.20
C TYR K 34 -111.50 -79.42 -63.79
N ALA K 35 -112.19 -80.33 -63.11
CA ALA K 35 -112.73 -80.02 -61.78
C ALA K 35 -112.71 -81.28 -60.93
N ALA K 36 -112.80 -81.07 -59.62
CA ALA K 36 -112.78 -82.17 -58.66
C ALA K 36 -114.12 -82.90 -58.64
N LEU K 51 -97.62 -106.40 -48.58
CA LEU K 51 -96.49 -105.57 -48.99
C LEU K 51 -95.30 -105.77 -48.06
N ALA K 52 -95.51 -105.47 -46.77
CA ALA K 52 -94.41 -105.52 -45.81
C ALA K 52 -93.98 -106.96 -45.52
N THR K 53 -94.95 -107.84 -45.26
CA THR K 53 -94.67 -109.22 -44.91
C THR K 53 -95.51 -110.15 -45.75
N VAL K 54 -94.91 -111.28 -46.14
CA VAL K 54 -95.58 -112.30 -46.94
C VAL K 54 -95.64 -113.58 -46.12
N THR K 55 -96.79 -114.27 -46.18
CA THR K 55 -97.02 -115.49 -45.42
C THR K 55 -96.42 -116.66 -46.18
N LYS K 56 -95.36 -117.25 -45.63
CA LYS K 56 -94.71 -118.41 -46.22
C LYS K 56 -95.09 -119.65 -45.43
N PRO K 57 -95.75 -120.63 -46.03
CA PRO K 57 -96.17 -121.82 -45.25
C PRO K 57 -94.97 -122.61 -44.76
N VAL K 58 -95.15 -123.24 -43.60
CA VAL K 58 -94.11 -124.04 -42.97
C VAL K 58 -94.70 -125.38 -42.57
N GLY K 59 -93.85 -126.39 -42.47
CA GLY K 59 -94.29 -127.73 -42.10
C GLY K 59 -94.08 -128.04 -40.63
N GLY K 64 -95.54 -125.89 -36.98
CA GLY K 64 -96.94 -126.27 -36.97
C GLY K 64 -97.88 -125.14 -37.32
N GLY K 65 -98.24 -125.04 -38.60
CA GLY K 65 -99.12 -124.00 -39.07
C GLY K 65 -98.54 -123.20 -40.21
N THR K 66 -98.40 -121.89 -40.03
CA THR K 66 -97.73 -121.05 -41.00
C THR K 66 -97.03 -119.91 -40.26
N ARG K 67 -95.97 -119.39 -40.87
CA ARG K 67 -95.21 -118.29 -40.32
C ARG K 67 -95.35 -117.05 -41.19
N VAL K 68 -95.16 -115.89 -40.58
CA VAL K 68 -95.14 -114.62 -41.30
C VAL K 68 -93.69 -114.15 -41.41
N VAL K 69 -93.20 -114.06 -42.63
CA VAL K 69 -91.82 -113.70 -42.89
C VAL K 69 -91.73 -112.19 -43.08
N LYS K 70 -90.70 -111.58 -42.53
CA LYS K 70 -90.45 -110.15 -42.67
C LYS K 70 -89.45 -109.92 -43.81
N LEU K 71 -89.87 -109.18 -44.83
CA LEU K 71 -88.99 -108.92 -45.95
C LEU K 71 -87.87 -107.97 -45.56
N ARG K 72 -88.08 -107.16 -44.52
CA ARG K 72 -87.06 -106.30 -43.94
C ARG K 72 -86.82 -106.71 -42.51
N LYS K 73 -85.56 -106.93 -42.15
CA LYS K 73 -85.18 -107.28 -40.79
C LYS K 73 -84.38 -106.14 -40.19
N MET K 74 -84.59 -105.89 -38.90
CA MET K 74 -83.92 -104.80 -38.23
C MET K 74 -82.41 -105.06 -38.19
N PRO K 75 -81.59 -104.01 -38.19
CA PRO K 75 -80.14 -104.21 -38.11
C PRO K 75 -79.76 -104.97 -36.86
N ARG K 76 -78.77 -105.86 -37.00
CA ARG K 76 -78.28 -106.66 -35.89
C ARG K 76 -77.08 -106.04 -35.19
N TYR K 77 -76.55 -104.93 -35.72
CA TYR K 77 -75.44 -104.24 -35.10
C TYR K 77 -75.54 -102.76 -35.42
N TYR K 78 -75.41 -101.93 -34.40
CA TYR K 78 -75.39 -100.49 -34.55
C TYR K 78 -74.01 -99.96 -34.22
N PRO K 79 -73.43 -99.11 -35.06
CA PRO K 79 -72.10 -98.57 -34.75
C PRO K 79 -72.14 -97.68 -33.53
N THR K 80 -70.96 -97.33 -33.03
CA THR K 80 -70.86 -96.48 -31.86
C THR K 80 -71.47 -95.11 -32.11
N GLU K 81 -71.24 -94.55 -33.30
CA GLU K 81 -71.83 -93.27 -33.67
C GLU K 81 -72.03 -93.25 -35.17
N ASP K 82 -72.92 -92.38 -35.63
CA ASP K 82 -73.25 -92.29 -37.05
C ASP K 82 -73.31 -90.82 -37.43
N VAL K 83 -73.00 -90.53 -38.69
CA VAL K 83 -73.00 -89.17 -39.20
C VAL K 83 -74.43 -88.71 -39.44
N PRO K 84 -74.72 -87.42 -39.30
CA PRO K 84 -76.02 -86.89 -39.70
C PRO K 84 -76.11 -86.79 -41.22
N ARG K 85 -77.34 -86.59 -41.69
CA ARG K 85 -77.57 -86.45 -43.12
C ARG K 85 -77.02 -85.13 -43.63
N LYS K 86 -76.98 -85.01 -44.94
CA LYS K 86 -76.42 -83.83 -45.60
C LYS K 86 -77.53 -82.95 -46.15
N LEU K 87 -77.35 -81.64 -46.04
CA LEU K 87 -78.20 -80.71 -46.75
C LEU K 87 -78.09 -80.97 -48.25
N LEU K 88 -79.22 -81.03 -48.93
CA LEU K 88 -79.27 -81.46 -50.32
C LEU K 88 -79.37 -80.25 -51.25
N SER K 89 -78.54 -80.27 -52.30
CA SER K 89 -78.46 -79.22 -53.30
C SER K 89 -79.20 -79.67 -54.56
N HIS K 90 -79.09 -78.90 -55.63
CA HIS K 90 -79.92 -79.18 -56.79
C HIS K 90 -79.16 -79.35 -58.09
N GLY K 91 -78.09 -78.60 -58.31
CA GLY K 91 -77.48 -78.56 -59.63
C GLY K 91 -76.45 -79.61 -59.93
N LYS K 92 -76.21 -80.54 -59.02
CA LYS K 92 -75.09 -81.47 -59.12
C LYS K 92 -75.56 -82.76 -59.78
N LYS K 93 -74.83 -83.20 -60.80
CA LYS K 93 -75.19 -84.34 -61.62
C LYS K 93 -74.05 -85.33 -61.69
N PRO K 94 -74.33 -86.59 -61.97
CA PRO K 94 -73.25 -87.56 -62.21
C PRO K 94 -72.58 -87.30 -63.55
N PHE K 95 -71.39 -87.86 -63.70
CA PHE K 95 -70.60 -87.61 -64.91
C PHE K 95 -71.31 -88.12 -66.16
N SER K 96 -72.21 -89.09 -66.02
CA SER K 96 -72.82 -89.72 -67.18
C SER K 96 -73.68 -88.76 -67.99
N GLN K 97 -74.20 -87.69 -67.39
CA GLN K 97 -75.15 -86.83 -68.07
C GLN K 97 -74.77 -85.36 -68.03
N HIS K 98 -73.48 -85.05 -68.07
CA HIS K 98 -73.05 -83.69 -68.33
C HIS K 98 -73.15 -83.39 -69.81
N VAL K 99 -73.57 -82.17 -70.14
CA VAL K 99 -73.56 -81.74 -71.53
C VAL K 99 -72.13 -81.65 -72.02
N ARG K 100 -71.86 -82.25 -73.17
CA ARG K 100 -70.50 -82.39 -73.68
C ARG K 100 -70.30 -81.49 -74.90
N LYS K 101 -69.19 -80.77 -74.90
CA LYS K 101 -68.90 -79.76 -75.91
C LYS K 101 -67.64 -80.14 -76.69
N LEU K 102 -67.54 -79.59 -77.89
CA LEU K 102 -66.41 -79.84 -78.77
C LEU K 102 -65.96 -78.51 -79.38
N ARG K 103 -64.67 -78.38 -79.62
CA ARG K 103 -64.15 -77.16 -80.21
C ARG K 103 -64.58 -77.05 -81.67
N ALA K 104 -64.81 -75.81 -82.11
CA ALA K 104 -65.24 -75.58 -83.49
C ALA K 104 -64.17 -76.00 -84.49
N SER K 105 -62.90 -75.89 -84.11
CA SER K 105 -61.81 -76.27 -85.00
C SER K 105 -61.71 -77.78 -85.19
N ILE K 106 -62.45 -78.57 -84.43
CA ILE K 106 -62.42 -80.03 -84.51
C ILE K 106 -63.71 -80.49 -85.16
N THR K 107 -63.58 -81.09 -86.34
CA THR K 107 -64.67 -81.71 -87.07
C THR K 107 -64.18 -83.05 -87.56
N PRO K 108 -65.08 -84.00 -87.83
CA PRO K 108 -64.64 -85.32 -88.30
C PRO K 108 -63.79 -85.20 -89.55
N GLY K 109 -62.60 -85.80 -89.50
CA GLY K 109 -61.66 -85.77 -90.60
C GLY K 109 -60.50 -84.81 -90.44
N THR K 110 -60.52 -83.96 -89.42
CA THR K 110 -59.41 -83.05 -89.21
C THR K 110 -58.18 -83.80 -88.71
N ILE K 111 -57.02 -83.21 -88.93
CA ILE K 111 -55.75 -83.79 -88.50
C ILE K 111 -55.39 -83.19 -87.15
N LEU K 112 -55.17 -84.04 -86.15
CA LEU K 112 -54.82 -83.63 -84.80
C LEU K 112 -53.37 -83.95 -84.52
N ILE K 113 -52.85 -83.35 -83.44
CA ILE K 113 -51.49 -83.59 -82.98
C ILE K 113 -51.58 -84.05 -81.53
N ILE K 114 -51.16 -85.28 -81.25
CA ILE K 114 -51.18 -85.80 -79.90
C ILE K 114 -50.05 -85.18 -79.11
N LEU K 115 -50.33 -84.81 -77.86
CA LEU K 115 -49.39 -84.02 -77.08
C LEU K 115 -48.98 -84.63 -75.75
N THR K 116 -49.64 -85.68 -75.26
CA THR K 116 -49.36 -86.20 -73.93
C THR K 116 -48.77 -87.60 -73.93
N GLY K 117 -49.46 -88.58 -74.52
CA GLY K 117 -49.14 -89.96 -74.27
C GLY K 117 -47.84 -90.42 -74.89
N ARG K 118 -47.68 -91.73 -74.94
CA ARG K 118 -46.51 -92.32 -75.58
C ARG K 118 -46.47 -92.02 -77.07
N HIS K 119 -47.60 -91.60 -77.66
CA HIS K 119 -47.68 -91.20 -79.05
C HIS K 119 -47.58 -89.70 -79.23
N ARG K 120 -46.84 -89.01 -78.37
CA ARG K 120 -46.80 -87.56 -78.40
C ARG K 120 -46.17 -87.06 -79.69
N GLY K 121 -46.78 -86.03 -80.27
CA GLY K 121 -46.25 -85.39 -81.45
C GLY K 121 -46.56 -86.06 -82.76
N LYS K 122 -47.46 -87.04 -82.77
CA LYS K 122 -47.79 -87.78 -83.99
C LYS K 122 -49.08 -87.26 -84.58
N ARG K 123 -49.03 -86.89 -85.86
CA ARG K 123 -50.23 -86.46 -86.57
C ARG K 123 -51.15 -87.65 -86.81
N VAL K 124 -52.44 -87.43 -86.59
CA VAL K 124 -53.45 -88.48 -86.60
C VAL K 124 -54.72 -87.93 -87.25
N VAL K 125 -55.73 -88.79 -87.38
CA VAL K 125 -56.99 -88.45 -88.03
C VAL K 125 -58.12 -88.55 -87.01
N PHE K 126 -59.00 -87.55 -87.02
CA PHE K 126 -60.16 -87.53 -86.16
C PHE K 126 -61.35 -88.19 -86.86
N LEU K 127 -62.09 -89.00 -86.10
CA LEU K 127 -63.24 -89.72 -86.63
C LEU K 127 -64.55 -89.23 -86.00
N LYS K 128 -64.67 -89.30 -84.68
CA LYS K 128 -65.91 -89.01 -83.99
C LYS K 128 -65.61 -88.74 -82.53
N GLN K 129 -66.61 -88.21 -81.84
CA GLN K 129 -66.55 -88.00 -80.39
C GLN K 129 -67.45 -89.00 -79.71
N LEU K 130 -66.90 -89.69 -78.69
CA LEU K 130 -67.63 -90.75 -78.03
C LEU K 130 -68.59 -90.17 -76.99
N SER K 131 -69.39 -91.04 -76.38
CA SER K 131 -70.38 -90.61 -75.41
C SER K 131 -69.77 -90.12 -74.10
N SER K 132 -68.48 -90.35 -73.88
CA SER K 132 -67.79 -89.85 -72.70
C SER K 132 -67.02 -88.57 -72.97
N GLY K 133 -67.21 -87.96 -74.14
CA GLY K 133 -66.50 -86.75 -74.48
C GLY K 133 -65.07 -86.94 -74.94
N LEU K 134 -64.58 -88.18 -74.98
CA LEU K 134 -63.23 -88.45 -75.45
C LEU K 134 -63.25 -88.64 -76.96
N LEU K 135 -62.33 -87.97 -77.64
CA LEU K 135 -62.24 -88.09 -79.09
C LEU K 135 -61.83 -89.50 -79.49
N LEU K 136 -62.40 -89.97 -80.59
CA LEU K 136 -62.02 -91.26 -81.17
C LEU K 136 -61.05 -91.00 -82.32
N VAL K 137 -59.79 -91.31 -82.09
CA VAL K 137 -58.74 -91.13 -83.08
C VAL K 137 -58.39 -92.48 -83.68
N THR K 138 -58.14 -92.51 -85.00
CA THR K 138 -57.73 -93.77 -85.59
C THR K 138 -56.23 -93.88 -85.78
N GLY K 139 -55.63 -93.01 -86.59
CA GLY K 139 -54.26 -93.17 -86.97
C GLY K 139 -54.14 -94.33 -87.93
N PRO K 140 -53.35 -94.19 -88.99
CA PRO K 140 -53.08 -95.36 -89.83
C PRO K 140 -51.87 -96.13 -89.32
N LEU K 141 -52.06 -97.42 -89.06
CA LEU K 141 -50.95 -98.26 -88.58
C LEU K 141 -49.84 -98.33 -89.61
N SER K 142 -50.20 -98.45 -90.89
CA SER K 142 -49.21 -98.44 -91.94
C SER K 142 -48.48 -97.11 -92.06
N LEU K 143 -48.99 -96.06 -91.42
CA LEU K 143 -48.39 -94.73 -91.51
C LEU K 143 -47.63 -94.33 -90.26
N ASN K 144 -48.28 -94.35 -89.08
CA ASN K 144 -47.63 -93.87 -87.88
C ASN K 144 -47.85 -94.75 -86.66
N ARG K 145 -48.35 -95.98 -86.83
CA ARG K 145 -48.49 -96.95 -85.74
C ARG K 145 -49.33 -96.41 -84.58
N VAL K 146 -50.40 -95.70 -84.92
CA VAL K 146 -51.39 -95.25 -83.94
C VAL K 146 -52.66 -96.07 -84.17
N PRO K 147 -53.10 -96.86 -83.21
CA PRO K 147 -54.30 -97.68 -83.42
C PRO K 147 -55.58 -96.96 -83.05
N LEU K 148 -56.72 -97.64 -83.17
CA LEU K 148 -57.99 -97.08 -82.71
C LEU K 148 -57.88 -96.75 -81.24
N ARG K 149 -57.90 -95.46 -80.90
CA ARG K 149 -57.57 -95.01 -79.57
C ARG K 149 -58.48 -93.86 -79.18
N ARG K 150 -58.67 -93.71 -77.87
CA ARG K 150 -59.34 -92.55 -77.33
C ARG K 150 -58.31 -91.51 -76.92
N THR K 151 -58.69 -90.23 -77.05
CA THR K 151 -57.85 -89.14 -76.61
C THR K 151 -58.73 -88.08 -75.98
N HIS K 152 -58.10 -87.16 -75.26
CA HIS K 152 -58.82 -86.08 -74.62
C HIS K 152 -58.81 -84.83 -75.49
N GLN K 153 -59.96 -84.18 -75.57
CA GLN K 153 -60.12 -83.01 -76.42
C GLN K 153 -59.13 -81.91 -76.07
N LYS K 154 -58.73 -81.82 -74.81
CA LYS K 154 -57.87 -80.72 -74.39
C LYS K 154 -56.43 -80.94 -74.82
N PHE K 155 -55.94 -82.16 -74.75
CA PHE K 155 -54.52 -82.44 -75.02
C PHE K 155 -54.27 -82.79 -76.48
N VAL K 156 -54.79 -81.96 -77.39
CA VAL K 156 -54.55 -82.11 -78.82
C VAL K 156 -54.50 -80.72 -79.44
N ILE K 157 -53.93 -80.65 -80.64
CA ILE K 157 -53.92 -79.44 -81.45
C ILE K 157 -54.62 -79.75 -82.76
N ALA K 158 -55.60 -78.93 -83.13
CA ALA K 158 -56.38 -79.14 -84.35
C ALA K 158 -55.73 -78.35 -85.47
N THR K 159 -55.06 -79.05 -86.39
CA THR K 159 -54.52 -78.40 -87.56
C THR K 159 -55.64 -78.07 -88.54
N SER K 160 -55.34 -77.18 -89.49
CA SER K 160 -56.32 -76.76 -90.48
C SER K 160 -56.26 -77.64 -91.74
N THR K 161 -56.33 -78.95 -91.55
CA THR K 161 -56.31 -79.90 -92.65
C THR K 161 -57.41 -80.92 -92.46
N LYS K 162 -58.31 -81.02 -93.43
CA LYS K 162 -59.49 -81.86 -93.34
C LYS K 162 -59.44 -82.98 -94.37
N ILE K 163 -60.23 -84.02 -94.09
CA ILE K 163 -60.38 -85.17 -94.96
C ILE K 163 -61.87 -85.39 -95.18
N ASP K 164 -62.26 -85.61 -96.44
CA ASP K 164 -63.67 -85.84 -96.79
C ASP K 164 -64.07 -87.22 -96.28
N ILE K 165 -64.29 -87.30 -94.98
CA ILE K 165 -64.53 -88.56 -94.28
C ILE K 165 -66.02 -88.88 -94.19
N SER K 166 -66.89 -88.00 -94.67
CA SER K 166 -68.33 -88.20 -94.52
C SER K 166 -68.80 -89.47 -95.19
N GLY K 167 -68.10 -89.94 -96.21
CA GLY K 167 -68.45 -91.19 -96.86
C GLY K 167 -67.74 -92.39 -96.25
N VAL K 168 -67.64 -92.41 -94.93
CA VAL K 168 -67.00 -93.50 -94.20
C VAL K 168 -67.93 -93.92 -93.06
N LYS K 169 -68.10 -95.23 -92.88
CA LYS K 169 -69.00 -95.78 -91.87
C LYS K 169 -68.18 -96.42 -90.76
N ILE K 170 -68.37 -95.94 -89.54
CA ILE K 170 -67.68 -96.49 -88.37
C ILE K 170 -68.60 -97.49 -87.68
N PRO K 171 -68.13 -98.70 -87.40
CA PRO K 171 -68.99 -99.71 -86.78
C PRO K 171 -69.57 -99.22 -85.45
N LYS K 172 -70.85 -99.50 -85.24
CA LYS K 172 -71.55 -98.99 -84.06
C LYS K 172 -71.04 -99.63 -82.78
N HIS K 173 -70.64 -100.90 -82.82
CA HIS K 173 -70.36 -101.65 -81.60
C HIS K 173 -69.17 -101.06 -80.83
N LEU K 174 -68.33 -100.28 -81.47
CA LEU K 174 -67.14 -99.73 -80.81
C LEU K 174 -67.51 -98.46 -80.05
N THR K 175 -67.33 -98.50 -78.73
CA THR K 175 -67.75 -97.42 -77.84
C THR K 175 -66.79 -97.36 -76.66
N ASP K 176 -67.17 -96.54 -75.66
CA ASP K 176 -66.35 -96.38 -74.47
C ASP K 176 -66.22 -97.69 -73.70
N ALA K 177 -67.31 -98.45 -73.62
CA ALA K 177 -67.25 -99.76 -72.99
C ALA K 177 -66.28 -100.68 -73.70
N TYR K 178 -66.21 -100.59 -75.03
CA TYR K 178 -65.23 -101.34 -75.79
C TYR K 178 -63.81 -100.90 -75.43
N PHE K 179 -63.56 -99.59 -75.46
CA PHE K 179 -62.20 -99.10 -75.36
C PHE K 179 -61.65 -99.08 -73.93
N LYS K 180 -62.51 -99.22 -72.93
CA LYS K 180 -62.05 -99.12 -71.54
C LYS K 180 -61.10 -100.25 -71.18
N LYS K 181 -60.09 -99.93 -70.36
CA LYS K 181 -59.16 -100.94 -69.90
C LYS K 181 -59.88 -102.03 -69.12
N LYS K 182 -59.41 -103.26 -69.26
CA LYS K 182 -60.06 -104.40 -68.62
C LYS K 182 -59.50 -104.67 -67.23
N LYS K 183 -58.20 -104.86 -67.12
CA LYS K 183 -57.58 -105.16 -65.83
C LYS K 183 -56.27 -104.41 -65.68
N LYS K 201 -50.12 -108.80 -68.60
CA LYS K 201 -49.61 -108.32 -69.87
C LYS K 201 -50.74 -108.25 -70.90
N TYR K 202 -50.71 -107.21 -71.73
CA TYR K 202 -51.81 -106.90 -72.64
C TYR K 202 -51.60 -107.60 -73.99
N GLU K 203 -52.64 -108.27 -74.46
CA GLU K 203 -52.64 -108.94 -75.76
C GLU K 203 -53.70 -108.32 -76.66
N ILE K 204 -53.34 -108.13 -77.92
CA ILE K 204 -54.25 -107.54 -78.89
C ILE K 204 -55.22 -108.60 -79.39
N THR K 205 -56.52 -108.32 -79.27
CA THR K 205 -57.52 -109.30 -79.65
C THR K 205 -57.78 -109.26 -81.15
N GLU K 206 -58.24 -110.39 -81.69
CA GLU K 206 -58.60 -110.45 -83.09
C GLU K 206 -59.77 -109.53 -83.41
N GLN K 207 -60.67 -109.32 -82.46
CA GLN K 207 -61.75 -108.36 -82.67
C GLN K 207 -61.20 -106.96 -82.89
N ARG K 208 -60.24 -106.55 -82.05
CA ARG K 208 -59.60 -105.25 -82.24
C ARG K 208 -58.88 -105.19 -83.57
N LYS K 209 -58.17 -106.26 -83.94
CA LYS K 209 -57.42 -106.25 -85.19
C LYS K 209 -58.34 -106.14 -86.40
N VAL K 210 -59.46 -106.86 -86.40
CA VAL K 210 -60.36 -106.81 -87.56
C VAL K 210 -61.11 -105.49 -87.61
N ASP K 211 -61.48 -104.93 -86.45
CA ASP K 211 -62.10 -103.61 -86.44
C ASP K 211 -61.15 -102.57 -87.01
N GLN K 212 -59.88 -102.63 -86.57
CA GLN K 212 -58.88 -101.71 -87.09
C GLN K 212 -58.66 -101.91 -88.58
N LYS K 213 -58.66 -103.16 -89.04
CA LYS K 213 -58.49 -103.44 -90.46
C LYS K 213 -59.61 -102.82 -91.27
N ALA K 214 -60.86 -103.00 -90.82
CA ALA K 214 -61.99 -102.43 -91.54
C ALA K 214 -61.89 -100.92 -91.61
N VAL K 215 -61.71 -100.26 -90.46
CA VAL K 215 -61.69 -98.81 -90.43
C VAL K 215 -60.52 -98.27 -91.24
N ASP K 216 -59.34 -98.89 -91.11
CA ASP K 216 -58.14 -98.38 -91.77
C ASP K 216 -58.22 -98.60 -93.27
N SER K 217 -58.76 -99.74 -93.70
CA SER K 217 -58.96 -99.97 -95.13
C SER K 217 -59.98 -98.99 -95.71
N GLN K 218 -60.96 -98.59 -94.90
CA GLN K 218 -61.91 -97.58 -95.37
C GLN K 218 -61.26 -96.21 -95.46
N ILE K 219 -60.36 -95.88 -94.55
CA ILE K 219 -59.84 -94.52 -94.49
C ILE K 219 -58.62 -94.28 -95.38
N LEU K 220 -57.82 -95.31 -95.64
CA LEU K 220 -56.55 -95.09 -96.36
C LEU K 220 -56.74 -94.50 -97.75
N PRO K 221 -57.59 -95.03 -98.63
CA PRO K 221 -57.69 -94.44 -99.98
C PRO K 221 -58.09 -92.97 -99.98
N LYS K 222 -58.91 -92.54 -99.02
CA LYS K 222 -59.37 -91.16 -99.02
C LYS K 222 -58.24 -90.19 -98.69
N ILE K 223 -57.24 -90.63 -97.92
CA ILE K 223 -56.10 -89.76 -97.66
C ILE K 223 -54.95 -90.00 -98.65
N LYS K 224 -54.98 -91.10 -99.39
CA LYS K 224 -54.06 -91.23 -100.51
C LYS K 224 -54.40 -90.28 -101.65
N ALA K 225 -55.60 -89.70 -101.64
CA ALA K 225 -56.00 -88.78 -102.70
C ALA K 225 -55.43 -87.39 -102.52
N VAL K 226 -54.90 -87.06 -101.35
CA VAL K 226 -54.28 -85.77 -101.09
C VAL K 226 -52.78 -85.95 -101.22
N PRO K 227 -52.11 -85.25 -102.14
CA PRO K 227 -50.67 -85.45 -102.32
C PRO K 227 -49.90 -85.14 -101.06
N GLN K 228 -48.86 -85.93 -100.79
CA GLN K 228 -47.91 -85.78 -99.70
C GLN K 228 -48.56 -85.93 -98.33
N LEU K 229 -49.87 -86.18 -98.27
CA LEU K 229 -50.55 -86.27 -96.98
C LEU K 229 -50.09 -87.49 -96.19
N GLN K 230 -49.81 -88.59 -96.86
CA GLN K 230 -49.31 -89.77 -96.14
C GLN K 230 -47.97 -89.49 -95.49
N GLY K 231 -47.08 -88.79 -96.20
CA GLY K 231 -45.81 -88.42 -95.60
C GLY K 231 -45.98 -87.44 -94.45
N TYR K 232 -46.89 -86.48 -94.59
CA TYR K 232 -47.16 -85.55 -93.50
C TYR K 232 -47.67 -86.27 -92.27
N LEU K 233 -48.59 -87.22 -92.45
CA LEU K 233 -49.10 -88.01 -91.34
C LEU K 233 -48.01 -88.90 -90.74
N ARG K 234 -47.09 -89.38 -91.57
CA ARG K 234 -46.03 -90.26 -91.09
C ARG K 234 -44.97 -89.49 -90.30
N SER K 235 -44.78 -88.21 -90.61
CA SER K 235 -43.78 -87.41 -89.90
C SER K 235 -44.26 -87.08 -88.48
N VAL K 236 -43.37 -86.46 -87.72
CA VAL K 236 -43.61 -86.12 -86.32
C VAL K 236 -43.40 -84.64 -86.12
N PHE K 237 -44.35 -84.00 -85.43
CA PHE K 237 -44.25 -82.57 -85.14
C PHE K 237 -43.30 -82.31 -83.99
N ALA K 238 -42.51 -81.23 -84.11
CA ALA K 238 -41.57 -80.85 -83.07
C ALA K 238 -41.26 -79.37 -83.20
N LEU K 239 -40.70 -78.81 -82.13
CA LEU K 239 -40.34 -77.40 -82.08
C LEU K 239 -38.84 -77.25 -82.26
N THR K 240 -38.44 -76.32 -83.12
CA THR K 240 -37.03 -76.07 -83.42
C THR K 240 -36.68 -74.64 -83.03
N ASN K 241 -35.41 -74.28 -83.28
CA ASN K 241 -34.92 -72.97 -82.89
C ASN K 241 -35.67 -71.86 -83.63
N GLY K 242 -36.08 -70.84 -82.87
CA GLY K 242 -36.73 -69.68 -83.45
C GLY K 242 -38.17 -69.87 -83.83
N VAL K 243 -38.70 -71.08 -83.73
CA VAL K 243 -40.08 -71.36 -84.11
C VAL K 243 -40.97 -71.14 -82.91
N TYR K 244 -41.89 -70.17 -83.02
CA TYR K 244 -42.68 -69.72 -81.89
C TYR K 244 -44.13 -70.15 -82.05
N PRO K 245 -44.68 -70.91 -81.10
CA PRO K 245 -46.04 -71.44 -81.27
C PRO K 245 -47.11 -70.38 -81.42
N HIS K 246 -46.96 -69.23 -80.76
CA HIS K 246 -47.97 -68.19 -80.80
C HIS K 246 -47.94 -67.39 -82.09
N LYS K 247 -46.90 -67.55 -82.92
CA LYS K 247 -46.80 -66.84 -84.18
C LYS K 247 -47.21 -67.68 -85.38
N LEU K 248 -47.17 -69.01 -85.27
CA LEU K 248 -47.43 -69.88 -86.41
C LEU K 248 -48.89 -70.29 -86.43
N VAL K 249 -49.52 -70.15 -87.59
CA VAL K 249 -50.88 -70.64 -87.80
C VAL K 249 -50.83 -72.15 -87.91
N PHE K 250 -51.51 -72.83 -87.00
CA PHE K 250 -51.52 -74.29 -87.01
C PHE K 250 -52.43 -74.80 -88.12
N ASN L 1 -110.80 -88.20 -34.75
CA ASN L 1 -111.31 -88.32 -36.11
C ASN L 1 -110.32 -87.85 -37.18
N PHE L 2 -109.91 -86.58 -37.12
CA PHE L 2 -108.81 -86.03 -37.91
C PHE L 2 -109.20 -85.88 -39.38
N ALA L 3 -110.36 -86.41 -39.75
CA ALA L 3 -110.77 -86.41 -41.16
C ALA L 3 -111.03 -85.01 -41.66
N GLU L 4 -111.72 -84.18 -40.87
CA GLU L 4 -111.93 -82.79 -41.23
C GLU L 4 -110.79 -81.89 -40.81
N LEU L 5 -110.00 -82.28 -39.80
CA LEU L 5 -108.85 -81.48 -39.42
C LEU L 5 -107.81 -81.45 -40.53
N LYS L 6 -107.58 -82.59 -41.17
CA LYS L 6 -106.68 -82.63 -42.31
C LYS L 6 -107.16 -81.71 -43.43
N ILE L 7 -108.46 -81.73 -43.72
CA ILE L 7 -108.98 -80.89 -44.80
C ILE L 7 -108.91 -79.42 -44.41
N LYS L 8 -109.10 -79.09 -43.13
CA LYS L 8 -108.94 -77.71 -42.68
C LYS L 8 -107.51 -77.23 -42.89
N ARG L 9 -106.53 -78.07 -42.54
CA ARG L 9 -105.14 -77.70 -42.77
C ARG L 9 -104.85 -77.51 -44.25
N LEU L 10 -105.37 -78.40 -45.10
CA LEU L 10 -105.15 -78.26 -46.53
C LEU L 10 -105.78 -76.98 -47.08
N ARG L 11 -106.98 -76.64 -46.59
CA ARG L 11 -107.61 -75.39 -47.01
C ARG L 11 -106.78 -74.18 -46.59
N LYS L 12 -106.20 -74.23 -45.39
CA LYS L 12 -105.34 -73.14 -44.95
C LYS L 12 -104.14 -72.98 -45.88
N LYS L 13 -103.50 -74.10 -46.23
CA LYS L 13 -102.35 -74.02 -47.13
C LYS L 13 -102.76 -73.46 -48.49
N PHE L 14 -103.93 -73.88 -48.99
CA PHE L 14 -104.42 -73.36 -50.26
C PHE L 14 -104.64 -71.85 -50.19
N ALA L 15 -105.18 -71.37 -49.06
CA ALA L 15 -105.37 -69.94 -48.88
C ALA L 15 -104.04 -69.19 -48.92
N GLN L 16 -103.01 -69.72 -48.23
CA GLN L 16 -101.70 -69.09 -48.28
C GLN L 16 -101.18 -69.02 -49.71
N LYS L 17 -101.33 -70.12 -50.47
CA LYS L 17 -100.83 -70.14 -51.84
C LYS L 17 -101.55 -69.12 -52.72
N MET L 18 -102.87 -69.01 -52.57
CA MET L 18 -103.61 -68.02 -53.35
C MET L 18 -103.19 -66.60 -53.00
N LEU L 19 -102.99 -66.32 -51.72
CA LEU L 19 -102.53 -65.00 -51.33
C LEU L 19 -101.15 -64.69 -51.91
N ARG L 20 -100.26 -65.68 -51.90
CA ARG L 20 -98.93 -65.46 -52.48
C ARG L 20 -99.01 -65.18 -53.96
N LYS L 21 -99.87 -65.91 -54.68
CA LYS L 21 -100.04 -65.66 -56.11
C LYS L 21 -100.57 -64.27 -56.37
N ALA L 22 -101.54 -63.83 -55.55
CA ALA L 22 -102.06 -62.47 -55.69
C ALA L 22 -100.96 -61.43 -55.50
N ARG L 23 -100.13 -61.63 -54.48
CA ARG L 23 -99.03 -60.68 -54.25
C ARG L 23 -98.06 -60.66 -55.41
N ARG L 24 -97.76 -61.84 -55.99
CA ARG L 24 -96.86 -61.89 -57.13
C ARG L 24 -97.42 -61.12 -58.31
N LYS L 25 -98.71 -61.31 -58.61
CA LYS L 25 -99.31 -60.56 -59.71
C LYS L 25 -99.28 -59.06 -59.45
N LEU L 26 -99.53 -58.67 -58.19
CA LEU L 26 -99.51 -57.24 -57.85
C LEU L 26 -98.13 -56.64 -58.10
N ILE L 27 -97.07 -57.32 -57.65
CA ILE L 27 -95.73 -56.75 -57.83
C ILE L 27 -95.34 -56.76 -59.31
N TYR L 28 -95.76 -57.77 -60.07
CA TYR L 28 -95.47 -57.78 -61.51
C TYR L 28 -96.11 -56.59 -62.21
N GLU L 29 -97.39 -56.34 -61.93
CA GLU L 29 -98.07 -55.19 -62.55
C GLU L 29 -97.46 -53.87 -62.10
N LYS L 30 -97.06 -53.78 -60.83
CA LYS L 30 -96.41 -52.56 -60.37
C LYS L 30 -95.09 -52.33 -61.12
N ALA L 31 -94.32 -53.38 -61.35
CA ALA L 31 -93.08 -53.24 -62.10
C ALA L 31 -93.35 -52.75 -63.52
N LYS L 32 -94.37 -53.30 -64.18
CA LYS L 32 -94.72 -52.85 -65.52
C LYS L 32 -95.12 -51.37 -65.52
N HIS L 33 -95.92 -50.97 -64.55
CA HIS L 33 -96.33 -49.57 -64.42
C HIS L 33 -95.12 -48.66 -64.25
N TYR L 34 -94.16 -49.08 -63.42
CA TYR L 34 -92.97 -48.27 -63.21
C TYR L 34 -92.16 -48.15 -64.48
N HIS L 35 -92.09 -49.23 -65.28
CA HIS L 35 -91.40 -49.15 -66.56
C HIS L 35 -92.03 -48.09 -67.45
N LYS L 36 -93.35 -48.10 -67.57
CA LYS L 36 -94.00 -47.11 -68.41
C LYS L 36 -93.79 -45.70 -67.87
N GLU L 37 -93.81 -45.55 -66.55
CA GLU L 37 -93.62 -44.23 -65.95
C GLU L 37 -92.23 -43.69 -66.23
N TYR L 38 -91.21 -44.57 -66.15
CA TYR L 38 -89.85 -44.17 -66.49
C TYR L 38 -89.75 -43.75 -67.96
N ARG L 39 -90.39 -44.50 -68.85
CA ARG L 39 -90.33 -44.14 -70.26
C ARG L 39 -90.94 -42.76 -70.50
N GLN L 40 -92.08 -42.50 -69.88
CA GLN L 40 -92.70 -41.17 -70.01
C GLN L 40 -91.79 -40.09 -69.47
N MET L 41 -91.17 -40.32 -68.31
CA MET L 41 -90.23 -39.34 -67.76
C MET L 41 -89.12 -39.04 -68.74
N TYR L 42 -88.56 -40.08 -69.35
CA TYR L 42 -87.40 -39.87 -70.20
C TYR L 42 -87.76 -39.16 -71.50
N ARG L 43 -88.94 -39.46 -72.07
CA ARG L 43 -89.30 -38.78 -73.31
C ARG L 43 -89.78 -37.35 -73.09
N THR L 44 -90.35 -37.05 -71.91
CA THR L 44 -90.94 -35.74 -71.70
C THR L 44 -89.91 -34.62 -71.76
N GLU L 45 -88.75 -34.81 -71.13
CA GLU L 45 -87.73 -33.77 -71.11
C GLU L 45 -87.20 -33.51 -72.52
N ILE L 46 -86.99 -34.57 -73.30
CA ILE L 46 -86.53 -34.41 -74.67
C ILE L 46 -87.57 -33.65 -75.49
N ARG L 47 -88.85 -33.98 -75.31
CA ARG L 47 -89.90 -33.28 -76.06
C ARG L 47 -89.93 -31.81 -75.70
N MET L 48 -89.82 -31.49 -74.41
CA MET L 48 -89.85 -30.08 -74.00
C MET L 48 -88.66 -29.32 -74.56
N ALA L 49 -87.47 -29.93 -74.53
CA ALA L 49 -86.30 -29.28 -75.10
C ALA L 49 -86.47 -29.05 -76.60
N ARG L 50 -87.03 -30.04 -77.31
CA ARG L 50 -87.24 -29.88 -78.74
C ARG L 50 -88.23 -28.76 -79.04
N MET L 51 -89.31 -28.66 -78.28
CA MET L 51 -90.28 -27.59 -78.53
C MET L 51 -89.69 -26.23 -78.20
N ALA L 52 -88.85 -26.14 -77.17
CA ALA L 52 -88.17 -24.88 -76.88
C ALA L 52 -87.24 -24.48 -78.01
N ARG L 53 -86.46 -25.44 -78.52
CA ARG L 53 -85.54 -25.15 -79.61
C ARG L 53 -86.30 -24.70 -80.86
N LYS L 54 -87.42 -25.35 -81.16
CA LYS L 54 -88.24 -24.94 -82.29
C LYS L 54 -88.76 -23.52 -82.10
N ALA L 55 -89.26 -23.21 -80.90
CA ALA L 55 -89.73 -21.85 -80.63
C ALA L 55 -88.61 -20.84 -80.58
N GLY L 56 -87.35 -21.28 -80.51
CA GLY L 56 -86.22 -20.38 -80.49
C GLY L 56 -85.75 -19.98 -79.10
N ASN L 57 -86.45 -20.40 -78.05
CA ASN L 57 -86.07 -20.07 -76.69
C ASN L 57 -85.26 -21.23 -76.10
N PHE L 58 -85.01 -21.17 -74.79
CA PHE L 58 -84.27 -22.21 -74.10
C PHE L 58 -85.16 -22.84 -73.04
N TYR L 59 -84.98 -24.14 -72.83
CA TYR L 59 -85.67 -24.89 -71.80
C TYR L 59 -84.63 -25.35 -70.78
N VAL L 60 -84.71 -24.81 -69.57
CA VAL L 60 -83.80 -25.17 -68.49
C VAL L 60 -84.45 -26.31 -67.70
N PRO L 61 -83.88 -27.50 -67.72
CA PRO L 61 -84.48 -28.61 -66.98
C PRO L 61 -84.37 -28.40 -65.48
N ALA L 62 -85.28 -29.05 -64.76
CA ALA L 62 -85.26 -28.98 -63.30
C ALA L 62 -83.96 -29.53 -62.76
N GLU L 63 -83.33 -28.79 -61.85
CA GLU L 63 -82.07 -29.24 -61.30
C GLU L 63 -82.27 -30.51 -60.47
N PRO L 64 -81.34 -31.45 -60.52
CA PRO L 64 -81.59 -32.76 -59.92
C PRO L 64 -81.77 -32.69 -58.42
N LYS L 65 -82.62 -33.58 -57.91
CA LYS L 65 -82.95 -33.63 -56.49
C LYS L 65 -82.34 -34.83 -55.78
N LEU L 66 -81.65 -35.70 -56.50
CA LEU L 66 -81.01 -36.87 -55.92
C LEU L 66 -79.51 -36.80 -56.18
N ALA L 67 -78.72 -37.25 -55.21
CA ALA L 67 -77.27 -37.28 -55.35
C ALA L 67 -76.72 -38.58 -54.77
N PHE L 68 -75.62 -39.04 -55.34
CA PHE L 68 -74.86 -40.16 -54.83
C PHE L 68 -73.50 -39.67 -54.38
N VAL L 69 -73.14 -39.99 -53.14
CA VAL L 69 -71.94 -39.45 -52.50
C VAL L 69 -71.02 -40.60 -52.13
N ILE L 70 -69.73 -40.43 -52.43
CA ILE L 70 -68.71 -41.45 -52.17
C ILE L 70 -67.59 -40.81 -51.37
N ARG L 71 -67.18 -41.48 -50.30
CA ARG L 71 -66.06 -40.99 -49.49
C ARG L 71 -64.74 -41.37 -50.14
N ILE L 72 -63.90 -40.37 -50.40
CA ILE L 72 -62.69 -40.56 -51.19
C ILE L 72 -61.46 -40.73 -50.32
N ARG L 73 -61.28 -39.86 -49.33
CA ARG L 73 -60.11 -39.91 -48.47
C ARG L 73 -60.38 -40.76 -47.23
N GLY L 74 -59.30 -41.08 -46.53
CA GLY L 74 -59.34 -42.03 -45.43
C GLY L 74 -59.69 -41.41 -44.09
N ILE L 75 -59.34 -42.14 -43.03
CA ILE L 75 -59.76 -41.80 -41.68
C ILE L 75 -58.74 -40.94 -40.94
N ASN L 76 -57.49 -40.95 -41.37
CA ASN L 76 -56.42 -40.28 -40.63
C ASN L 76 -56.38 -38.79 -40.94
N GLY L 77 -56.28 -37.97 -39.89
CA GLY L 77 -56.12 -36.54 -40.03
C GLY L 77 -57.33 -35.83 -40.59
N VAL L 78 -58.42 -35.79 -39.83
CA VAL L 78 -59.67 -35.18 -40.26
C VAL L 78 -60.09 -34.15 -39.22
N SER L 79 -60.54 -32.99 -39.70
CA SER L 79 -61.04 -31.94 -38.82
C SER L 79 -62.29 -32.43 -38.10
N PRO L 80 -62.52 -31.96 -36.87
CA PRO L 80 -63.71 -32.42 -36.13
C PRO L 80 -65.03 -32.13 -36.83
N LYS L 81 -65.15 -30.96 -37.46
CA LYS L 81 -66.39 -30.61 -38.13
C LYS L 81 -66.61 -31.48 -39.37
N VAL L 82 -65.56 -31.68 -40.16
CA VAL L 82 -65.66 -32.58 -41.31
C VAL L 82 -66.01 -33.98 -40.85
N ARG L 83 -65.42 -34.43 -39.75
CA ARG L 83 -65.70 -35.75 -39.21
C ARG L 83 -67.17 -35.88 -38.82
N LYS L 84 -67.70 -34.85 -38.14
CA LYS L 84 -69.10 -34.90 -37.73
C LYS L 84 -70.03 -34.94 -38.93
N VAL L 85 -69.75 -34.13 -39.96
CA VAL L 85 -70.65 -34.12 -41.10
C VAL L 85 -70.56 -35.42 -41.89
N LEU L 86 -69.37 -36.02 -41.97
CA LEU L 86 -69.26 -37.34 -42.60
C LEU L 86 -70.03 -38.40 -41.82
N GLN L 87 -69.95 -38.36 -40.49
CA GLN L 87 -70.71 -39.30 -39.68
C GLN L 87 -72.20 -39.12 -39.90
N LEU L 88 -72.66 -37.89 -40.02
CA LEU L 88 -74.08 -37.64 -40.29
C LEU L 88 -74.47 -38.09 -41.69
N LEU L 89 -73.54 -38.00 -42.65
CA LEU L 89 -73.81 -38.48 -44.01
C LEU L 89 -73.66 -39.98 -44.14
N ARG L 90 -73.20 -40.67 -43.10
CA ARG L 90 -73.08 -42.13 -43.07
C ARG L 90 -71.95 -42.62 -43.97
N LEU L 91 -70.84 -41.88 -43.99
CA LEU L 91 -69.63 -42.31 -44.68
C LEU L 91 -68.51 -42.37 -43.64
N ARG L 92 -68.43 -43.49 -42.94
CA ARG L 92 -67.45 -43.70 -41.87
C ARG L 92 -66.24 -44.49 -42.33
N GLN L 93 -66.18 -44.86 -43.59
CA GLN L 93 -65.08 -45.66 -44.13
C GLN L 93 -64.83 -45.22 -45.56
N ILE L 94 -63.63 -45.49 -46.06
CA ILE L 94 -63.28 -45.06 -47.40
C ILE L 94 -64.10 -45.85 -48.41
N PHE L 95 -64.54 -45.16 -49.47
CA PHE L 95 -65.29 -45.74 -50.59
C PHE L 95 -66.66 -46.27 -50.18
N ASN L 96 -67.34 -45.60 -49.25
CA ASN L 96 -68.75 -45.86 -49.01
C ASN L 96 -69.60 -44.92 -49.85
N GLY L 97 -70.67 -45.46 -50.42
CA GLY L 97 -71.62 -44.69 -51.20
C GLY L 97 -72.92 -44.54 -50.45
N THR L 98 -73.65 -43.46 -50.75
CA THR L 98 -74.94 -43.21 -50.13
C THR L 98 -75.73 -42.23 -50.98
N PHE L 99 -76.98 -42.56 -51.27
CA PHE L 99 -77.86 -41.61 -51.92
C PHE L 99 -78.23 -40.49 -50.96
N VAL L 100 -78.29 -39.26 -51.49
CA VAL L 100 -78.66 -38.09 -50.70
C VAL L 100 -79.63 -37.26 -51.53
N LYS L 101 -80.72 -36.82 -50.90
CA LYS L 101 -81.65 -35.91 -51.56
C LYS L 101 -81.19 -34.48 -51.35
N LEU L 102 -81.29 -33.68 -52.41
CA LEU L 102 -80.60 -32.41 -52.50
C LEU L 102 -81.55 -31.26 -52.16
N ASN L 103 -81.25 -30.56 -51.08
CA ASN L 103 -81.91 -29.30 -50.72
C ASN L 103 -80.83 -28.35 -50.24
N LYS L 104 -81.24 -27.22 -49.68
CA LYS L 104 -80.28 -26.20 -49.27
C LYS L 104 -79.36 -26.73 -48.16
N ALA L 105 -79.95 -27.37 -47.14
CA ALA L 105 -79.17 -27.85 -46.02
C ALA L 105 -78.17 -28.94 -46.45
N SER L 106 -78.65 -29.91 -47.23
CA SER L 106 -77.76 -30.97 -47.68
C SER L 106 -76.67 -30.43 -48.60
N ILE L 107 -77.01 -29.47 -49.45
CA ILE L 107 -76.01 -28.90 -50.35
C ILE L 107 -74.93 -28.18 -49.56
N ASN L 108 -75.31 -27.46 -48.51
CA ASN L 108 -74.32 -26.79 -47.67
C ASN L 108 -73.44 -27.80 -46.95
N MET L 109 -74.03 -28.88 -46.45
CA MET L 109 -73.23 -29.93 -45.81
C MET L 109 -72.22 -30.52 -46.80
N LEU L 110 -72.66 -30.79 -48.03
CA LEU L 110 -71.75 -31.33 -49.04
C LEU L 110 -70.66 -30.33 -49.39
N ARG L 111 -70.98 -29.04 -49.40
CA ARG L 111 -69.95 -28.02 -49.62
C ARG L 111 -68.91 -28.07 -48.52
N ILE L 112 -69.35 -28.30 -47.28
CA ILE L 112 -68.40 -28.45 -46.18
C ILE L 112 -67.49 -29.66 -46.42
N VAL L 113 -68.08 -30.77 -46.87
CA VAL L 113 -67.32 -32.01 -47.00
C VAL L 113 -66.67 -32.12 -48.38
N GLU L 114 -66.67 -31.03 -49.13
CA GLU L 114 -66.17 -31.05 -50.51
C GLU L 114 -64.81 -31.73 -50.69
N PRO L 115 -63.78 -31.45 -49.89
CA PRO L 115 -62.48 -32.10 -50.14
C PRO L 115 -62.48 -33.61 -49.90
N TYR L 116 -63.44 -34.16 -49.17
CA TYR L 116 -63.39 -35.54 -48.72
C TYR L 116 -64.34 -36.46 -49.47
N ILE L 117 -65.07 -35.95 -50.47
CA ILE L 117 -66.07 -36.73 -51.19
C ILE L 117 -66.01 -36.43 -52.67
N ALA L 118 -66.49 -37.38 -53.46
CA ALA L 118 -66.83 -37.18 -54.87
C ALA L 118 -68.30 -37.54 -55.02
N TRP L 119 -69.07 -36.66 -55.64
CA TRP L 119 -70.51 -36.89 -55.72
C TRP L 119 -71.06 -36.34 -57.02
N GLY L 120 -72.26 -36.77 -57.34
CA GLY L 120 -72.89 -36.38 -58.57
C GLY L 120 -74.34 -36.79 -58.63
N TYR L 121 -74.87 -36.84 -59.84
CA TYR L 121 -76.28 -37.16 -60.07
C TYR L 121 -76.38 -38.52 -60.72
N PRO L 122 -76.89 -39.54 -60.02
CA PRO L 122 -76.90 -40.89 -60.58
C PRO L 122 -78.01 -41.10 -61.60
N ASN L 123 -77.77 -42.07 -62.47
CA ASN L 123 -78.73 -42.50 -63.48
C ASN L 123 -79.66 -43.57 -62.92
N LEU L 124 -80.72 -43.84 -63.68
CA LEU L 124 -81.60 -44.95 -63.32
C LEU L 124 -80.88 -46.27 -63.36
N LYS L 125 -80.02 -46.46 -64.38
CA LYS L 125 -79.19 -47.66 -64.42
C LYS L 125 -78.24 -47.73 -63.23
N SER L 126 -77.69 -46.59 -62.83
CA SER L 126 -76.81 -46.56 -61.66
C SER L 126 -77.56 -47.00 -60.42
N VAL L 127 -78.78 -46.49 -60.24
CA VAL L 127 -79.59 -46.89 -59.09
C VAL L 127 -79.87 -48.38 -59.13
N ASN L 128 -80.24 -48.90 -60.30
CA ASN L 128 -80.54 -50.32 -60.43
C ASN L 128 -79.34 -51.18 -60.07
N GLU L 129 -78.17 -50.86 -60.66
CA GLU L 129 -76.98 -51.67 -60.42
C GLU L 129 -76.55 -51.60 -58.96
N LEU L 130 -76.59 -50.42 -58.36
CA LEU L 130 -76.24 -50.30 -56.95
C LEU L 130 -77.18 -51.10 -56.06
N ILE L 131 -78.48 -51.06 -56.36
CA ILE L 131 -79.44 -51.72 -55.49
C ILE L 131 -79.35 -53.24 -55.63
N TYR L 132 -79.32 -53.74 -56.86
CA TYR L 132 -79.28 -55.19 -57.04
C TYR L 132 -77.93 -55.78 -56.65
N LYS L 133 -76.84 -55.15 -57.10
CA LYS L 133 -75.53 -55.76 -56.95
C LYS L 133 -75.02 -55.68 -55.52
N ARG L 134 -75.23 -54.54 -54.86
CA ARG L 134 -74.65 -54.31 -53.53
C ARG L 134 -75.68 -53.74 -52.58
N GLY L 135 -76.92 -54.23 -52.65
CA GLY L 135 -77.97 -53.72 -51.80
C GLY L 135 -78.22 -54.54 -50.56
N TYR L 136 -77.95 -53.97 -49.39
CA TYR L 136 -78.14 -54.63 -48.11
C TYR L 136 -79.13 -53.84 -47.28
N GLY L 137 -79.80 -54.52 -46.36
CA GLY L 137 -80.80 -53.88 -45.54
C GLY L 137 -80.39 -53.73 -44.09
N LYS L 138 -81.07 -52.86 -43.35
CA LYS L 138 -80.84 -52.67 -41.93
C LYS L 138 -82.06 -53.22 -41.20
N ILE L 139 -82.00 -54.50 -40.83
CA ILE L 139 -83.11 -55.20 -40.21
C ILE L 139 -82.66 -55.61 -38.81
N ASN L 140 -83.36 -55.10 -37.79
CA ASN L 140 -82.97 -55.28 -36.40
C ASN L 140 -81.51 -54.87 -36.21
N LYS L 141 -81.19 -53.68 -36.70
CA LYS L 141 -79.83 -53.11 -36.71
C LYS L 141 -78.78 -54.17 -37.11
N LYS L 142 -79.11 -54.92 -38.16
CA LYS L 142 -78.20 -55.89 -38.75
C LYS L 142 -78.12 -55.64 -40.25
N ARG L 143 -76.95 -55.95 -40.82
CA ARG L 143 -76.73 -55.76 -42.25
C ARG L 143 -77.09 -57.06 -42.96
N ILE L 144 -78.29 -57.10 -43.53
CA ILE L 144 -78.84 -58.31 -44.14
C ILE L 144 -78.98 -58.09 -45.64
N ALA L 145 -78.47 -59.04 -46.41
CA ALA L 145 -78.60 -58.97 -47.86
C ALA L 145 -80.05 -59.16 -48.29
N LEU L 146 -80.46 -58.39 -49.29
CA LEU L 146 -81.83 -58.43 -49.81
C LEU L 146 -81.92 -59.55 -50.83
N THR L 147 -82.16 -60.77 -50.35
CA THR L 147 -82.23 -61.94 -51.21
C THR L 147 -83.66 -62.33 -51.57
N ASP L 148 -84.64 -61.55 -51.16
CA ASP L 148 -86.04 -61.80 -51.51
C ASP L 148 -86.87 -60.58 -51.13
N ASN L 149 -88.06 -60.49 -51.71
CA ASN L 149 -88.90 -59.31 -51.53
C ASN L 149 -89.52 -59.24 -50.14
N THR L 150 -89.57 -60.36 -49.41
CA THR L 150 -90.23 -60.34 -48.11
C THR L 150 -89.43 -59.54 -47.08
N LEU L 151 -88.11 -59.48 -47.23
CA LEU L 151 -87.31 -58.66 -46.33
C LEU L 151 -87.67 -57.19 -46.47
N ILE L 152 -87.87 -56.74 -47.71
CA ILE L 152 -88.28 -55.36 -47.94
C ILE L 152 -89.71 -55.15 -47.49
N ALA L 153 -90.58 -56.12 -47.73
CA ALA L 153 -91.99 -55.96 -47.36
C ALA L 153 -92.16 -55.86 -45.84
N ARG L 154 -91.50 -56.73 -45.09
CA ARG L 154 -91.69 -56.76 -43.65
C ARG L 154 -91.19 -55.48 -42.99
N SER L 155 -90.21 -54.81 -43.58
CA SER L 155 -89.61 -53.63 -42.97
C SER L 155 -90.06 -52.32 -43.60
N LEU L 156 -90.75 -52.37 -44.74
CA LEU L 156 -91.18 -51.15 -45.41
C LEU L 156 -92.58 -51.24 -45.97
N GLY L 157 -93.31 -52.33 -45.73
CA GLY L 157 -94.66 -52.43 -46.23
C GLY L 157 -95.58 -51.37 -45.66
N LYS L 158 -95.30 -50.93 -44.43
CA LYS L 158 -96.10 -49.87 -43.81
C LYS L 158 -96.09 -48.60 -44.65
N TYR L 159 -95.05 -48.41 -45.46
CA TYR L 159 -94.96 -47.28 -46.37
C TYR L 159 -95.42 -47.64 -47.78
N ASN L 160 -96.01 -48.82 -47.94
CA ASN L 160 -96.63 -49.25 -49.19
C ASN L 160 -95.61 -49.43 -50.30
N ILE L 161 -94.38 -49.78 -49.94
CA ILE L 161 -93.37 -50.25 -50.89
C ILE L 161 -93.06 -51.70 -50.56
N ILE L 162 -93.37 -52.58 -51.51
CA ILE L 162 -93.40 -54.01 -51.24
C ILE L 162 -92.20 -54.75 -51.81
N CYS L 163 -91.65 -54.29 -52.92
CA CYS L 163 -90.60 -55.01 -53.61
C CYS L 163 -89.38 -54.12 -53.82
N MET L 164 -88.33 -54.73 -54.37
CA MET L 164 -87.16 -53.95 -54.69
C MET L 164 -87.42 -53.04 -55.89
N GLU L 165 -88.42 -53.36 -56.71
CA GLU L 165 -88.75 -52.49 -57.83
C GLU L 165 -89.25 -51.12 -57.35
N ASP L 166 -90.21 -51.11 -56.42
CA ASP L 166 -90.65 -49.81 -55.93
C ASP L 166 -89.72 -49.23 -54.87
N LEU L 167 -88.85 -50.05 -54.27
CA LEU L 167 -87.75 -49.46 -53.51
C LEU L 167 -86.85 -48.62 -54.43
N ILE L 168 -86.47 -49.18 -55.57
CA ILE L 168 -85.69 -48.45 -56.57
C ILE L 168 -86.49 -47.24 -57.07
N HIS L 169 -87.80 -47.40 -57.22
CA HIS L 169 -88.63 -46.28 -57.66
C HIS L 169 -88.57 -45.12 -56.67
N GLU L 170 -88.72 -45.42 -55.38
CA GLU L 170 -88.64 -44.37 -54.36
C GLU L 170 -87.28 -43.69 -54.40
N ILE L 171 -86.21 -44.48 -54.43
CA ILE L 171 -84.87 -43.91 -54.40
C ILE L 171 -84.63 -43.03 -55.62
N TYR L 172 -85.04 -43.49 -56.80
CA TYR L 172 -84.79 -42.74 -58.02
C TYR L 172 -85.65 -41.48 -58.08
N THR L 173 -86.97 -41.65 -58.04
CA THR L 173 -87.90 -40.52 -57.94
C THR L 173 -88.29 -40.42 -56.47
N VAL L 174 -87.44 -39.74 -55.70
CA VAL L 174 -87.63 -39.49 -54.27
C VAL L 174 -89.08 -39.11 -53.99
N GLY L 175 -89.68 -39.80 -53.03
CA GLY L 175 -91.08 -39.60 -52.74
C GLY L 175 -91.34 -39.10 -51.34
N LYS L 176 -92.46 -39.51 -50.76
CA LYS L 176 -92.80 -39.09 -49.42
C LYS L 176 -92.03 -39.86 -48.35
N HIS L 177 -91.49 -41.02 -48.69
CA HIS L 177 -90.81 -41.88 -47.74
C HIS L 177 -89.39 -42.22 -48.19
N PHE L 178 -88.77 -41.30 -48.95
CA PHE L 178 -87.39 -41.49 -49.34
C PHE L 178 -86.48 -41.54 -48.11
N LYS L 179 -86.78 -40.75 -47.09
CA LYS L 179 -85.96 -40.77 -45.88
C LYS L 179 -85.97 -42.16 -45.26
N GLU L 180 -87.15 -42.75 -45.12
CA GLU L 180 -87.25 -44.09 -44.55
C GLU L 180 -86.57 -45.13 -45.42
N ALA L 181 -86.74 -45.02 -46.75
CA ALA L 181 -86.10 -45.98 -47.65
C ALA L 181 -84.58 -45.91 -47.56
N ASN L 182 -84.03 -44.68 -47.59
CA ASN L 182 -82.59 -44.52 -47.49
C ASN L 182 -82.06 -44.99 -46.14
N ASN L 183 -82.78 -44.71 -45.06
CA ASN L 183 -82.35 -45.18 -43.76
C ASN L 183 -82.41 -46.70 -43.65
N PHE L 184 -83.37 -47.33 -44.33
CA PHE L 184 -83.38 -48.78 -44.40
C PHE L 184 -82.18 -49.31 -45.15
N LEU L 185 -81.79 -48.63 -46.23
CA LEU L 185 -80.64 -49.06 -47.01
C LEU L 185 -79.35 -48.88 -46.21
N TRP L 186 -78.60 -49.95 -46.06
CA TRP L 186 -77.28 -49.86 -45.45
C TRP L 186 -76.32 -49.16 -46.39
N PRO L 187 -75.34 -48.41 -45.86
CA PRO L 187 -74.38 -47.74 -46.74
C PRO L 187 -73.67 -48.71 -47.67
N PHE L 188 -73.58 -48.32 -48.94
CA PHE L 188 -73.01 -49.20 -49.95
C PHE L 188 -71.49 -49.28 -49.78
N LYS L 189 -70.96 -50.50 -49.78
CA LYS L 189 -69.53 -50.72 -49.60
C LYS L 189 -68.92 -51.01 -50.96
N LEU L 190 -68.62 -49.92 -51.68
CA LEU L 190 -68.04 -50.06 -53.00
C LEU L 190 -66.59 -50.51 -52.90
N SER L 191 -66.05 -50.96 -54.03
CA SER L 191 -64.68 -51.44 -54.08
C SER L 191 -63.76 -50.32 -54.54
N SER L 192 -62.49 -50.64 -54.76
CA SER L 192 -61.57 -49.66 -55.29
C SER L 192 -61.89 -49.36 -56.75
N PRO L 193 -61.65 -48.14 -57.20
CA PRO L 193 -61.99 -47.79 -58.58
C PRO L 193 -61.06 -48.44 -59.59
N ARG L 194 -61.56 -49.44 -60.30
CA ARG L 194 -60.77 -50.10 -61.33
C ARG L 194 -60.42 -49.10 -62.43
N GLY L 195 -59.20 -49.21 -62.95
CA GLY L 195 -58.71 -48.27 -63.93
C GLY L 195 -58.02 -47.06 -63.35
N GLY L 196 -58.05 -46.89 -62.04
CA GLY L 196 -57.29 -45.83 -61.41
C GLY L 196 -58.07 -44.53 -61.29
N MET L 197 -57.67 -43.73 -60.32
CA MET L 197 -58.18 -42.38 -60.15
C MET L 197 -57.24 -41.37 -60.80
N LYS L 198 -57.73 -40.15 -60.96
CA LYS L 198 -56.90 -39.10 -61.55
C LYS L 198 -56.04 -38.43 -60.48
N LYS L 199 -56.67 -37.86 -59.46
CA LYS L 199 -55.94 -37.33 -58.31
C LYS L 199 -56.91 -37.21 -57.15
N LYS L 200 -56.62 -37.94 -56.07
CA LYS L 200 -57.52 -37.96 -54.92
C LYS L 200 -57.58 -36.61 -54.23
N THR L 201 -56.50 -35.85 -54.23
CA THR L 201 -56.35 -34.68 -53.39
C THR L 201 -56.85 -33.39 -54.02
N THR L 202 -57.48 -33.45 -55.19
CA THR L 202 -57.79 -32.24 -55.94
C THR L 202 -59.21 -32.31 -56.48
N HIS L 203 -59.80 -31.13 -56.68
CA HIS L 203 -61.16 -31.01 -57.18
C HIS L 203 -61.25 -31.52 -58.62
N PHE L 204 -62.46 -31.93 -59.00
CA PHE L 204 -62.68 -32.47 -60.34
C PHE L 204 -62.35 -31.45 -61.42
N VAL L 205 -62.65 -30.17 -61.16
CA VAL L 205 -62.45 -29.14 -62.18
C VAL L 205 -60.96 -28.96 -62.48
N GLU L 206 -60.11 -29.08 -61.46
CA GLU L 206 -58.67 -29.03 -61.67
C GLU L 206 -58.06 -30.36 -62.09
N GLY L 207 -58.86 -31.31 -62.58
CA GLY L 207 -58.33 -32.58 -63.01
C GLY L 207 -58.18 -33.62 -61.92
N GLY L 208 -58.61 -33.32 -60.70
CA GLY L 208 -58.59 -34.29 -59.62
C GLY L 208 -59.87 -35.09 -59.55
N ASP L 209 -60.18 -35.57 -58.35
CA ASP L 209 -61.36 -36.39 -58.13
C ASP L 209 -62.32 -35.86 -57.08
N ALA L 210 -61.94 -34.85 -56.31
CA ALA L 210 -62.87 -34.27 -55.36
C ALA L 210 -63.93 -33.46 -56.10
N GLY L 211 -64.89 -32.93 -55.35
CA GLY L 211 -65.86 -32.03 -55.93
C GLY L 211 -67.10 -32.74 -56.44
N ASN L 212 -67.80 -32.03 -57.32
CA ASN L 212 -69.09 -32.46 -57.86
C ASN L 212 -68.95 -32.70 -59.36
N ARG L 213 -68.74 -33.96 -59.75
CA ARG L 213 -68.99 -34.35 -61.13
C ARG L 213 -70.49 -34.29 -61.37
N GLU L 214 -70.90 -33.64 -62.45
CA GLU L 214 -72.34 -33.56 -62.70
C GLU L 214 -72.92 -34.94 -62.95
N ASP L 215 -72.51 -35.59 -64.03
CA ASP L 215 -73.00 -36.93 -64.36
C ASP L 215 -71.87 -37.86 -64.78
N GLN L 216 -70.64 -37.55 -64.41
CA GLN L 216 -69.53 -38.48 -64.51
C GLN L 216 -69.51 -39.47 -63.35
N ILE L 217 -70.33 -39.21 -62.33
CA ILE L 217 -70.47 -40.15 -61.23
C ILE L 217 -70.98 -41.48 -61.73
N ASN L 218 -71.68 -41.51 -62.86
CA ASN L 218 -72.13 -42.78 -63.41
C ASN L 218 -70.96 -43.59 -63.93
N ARG L 219 -70.00 -42.94 -64.59
CA ARG L 219 -68.77 -43.62 -64.98
C ARG L 219 -68.01 -44.10 -63.76
N LEU L 220 -67.93 -43.26 -62.73
CA LEU L 220 -67.24 -43.66 -61.51
C LEU L 220 -67.91 -44.89 -60.88
N ILE L 221 -69.24 -44.94 -60.89
CA ILE L 221 -69.95 -46.08 -60.34
C ILE L 221 -69.71 -47.33 -61.18
N ARG L 222 -69.72 -47.19 -62.51
CA ARG L 222 -69.42 -48.33 -63.36
C ARG L 222 -68.05 -48.91 -63.03
N ARG L 223 -67.07 -48.03 -62.78
CA ARG L 223 -65.74 -48.53 -62.47
C ARG L 223 -65.65 -49.12 -61.05
N MET L 224 -66.33 -48.51 -60.09
CA MET L 224 -66.22 -48.96 -58.70
C MET L 224 -67.05 -50.20 -58.40
N ASN L 225 -68.02 -50.53 -59.25
CA ASN L 225 -68.68 -51.83 -59.13
C ASN L 225 -67.96 -52.88 -59.95
N VAL M 1 33.45 -36.18 103.51
CA VAL M 1 32.91 -36.47 102.19
C VAL M 1 34.05 -36.46 101.17
N ASN M 2 33.91 -37.28 100.13
CA ASN M 2 34.92 -37.32 99.08
C ASN M 2 34.99 -35.98 98.36
N PRO M 3 36.18 -35.39 98.20
CA PRO M 3 36.28 -34.13 97.47
C PRO M 3 35.94 -34.25 96.00
N LEU M 4 35.92 -35.47 95.46
CA LEU M 4 35.51 -35.68 94.08
C LEU M 4 34.05 -35.29 93.88
N PHE M 5 33.19 -35.64 94.82
CA PHE M 5 31.78 -35.32 94.72
C PHE M 5 31.58 -33.81 94.62
N GLU M 6 30.85 -33.38 93.61
CA GLU M 6 30.66 -31.96 93.36
C GLU M 6 29.45 -31.79 92.46
N LYS M 7 28.63 -30.79 92.75
CA LYS M 7 27.43 -30.54 91.95
C LYS M 7 27.79 -30.04 90.56
N ARG M 8 26.97 -30.41 89.58
CA ARG M 8 27.17 -30.04 88.19
C ARG M 8 25.88 -29.40 87.69
N PRO M 9 25.63 -28.15 88.07
CA PRO M 9 24.33 -27.54 87.77
C PRO M 9 24.10 -27.38 86.28
N LYS M 10 22.83 -27.49 85.89
CA LYS M 10 22.40 -27.40 84.51
C LYS M 10 21.72 -26.06 84.28
N ASN M 11 22.13 -25.36 83.22
CA ASN M 11 21.66 -24.01 82.94
C ASN M 11 20.68 -24.06 81.78
N PHE M 12 19.39 -23.97 82.08
CA PHE M 12 18.34 -24.05 81.07
C PHE M 12 17.97 -22.68 80.53
N GLY M 13 18.96 -21.92 80.09
CA GLY M 13 18.70 -20.67 79.41
C GLY M 13 18.31 -20.91 77.97
N ILE M 14 17.90 -19.83 77.31
CA ILE M 14 17.51 -19.94 75.90
C ILE M 14 18.74 -20.31 75.08
N GLY M 15 18.65 -21.43 74.36
CA GLY M 15 19.71 -21.82 73.46
C GLY M 15 21.00 -22.24 74.11
N GLN M 16 21.03 -22.43 75.43
CA GLN M 16 22.25 -22.87 76.08
C GLN M 16 22.29 -24.38 76.25
N ASP M 17 21.33 -24.94 76.97
CA ASP M 17 21.35 -26.36 77.28
C ASP M 17 19.99 -26.96 76.99
N ILE M 18 19.99 -28.26 76.66
CA ILE M 18 18.78 -28.92 76.19
C ILE M 18 17.74 -28.94 77.30
N GLN M 19 16.51 -28.58 76.95
CA GLN M 19 15.45 -28.45 77.94
C GLN M 19 15.13 -29.80 78.58
N PRO M 20 14.69 -29.80 79.84
CA PRO M 20 14.31 -31.06 80.48
C PRO M 20 12.94 -31.51 80.03
N LYS M 21 12.65 -32.79 80.28
CA LYS M 21 11.35 -33.36 79.96
C LYS M 21 10.37 -32.93 81.04
N ARG M 22 9.70 -31.81 80.81
CA ARG M 22 8.70 -31.29 81.72
C ARG M 22 7.31 -31.72 81.24
N ASP M 23 6.29 -31.28 81.97
CA ASP M 23 4.92 -31.67 81.66
C ASP M 23 4.42 -30.94 80.43
N LEU M 24 3.90 -31.69 79.47
CA LEU M 24 3.38 -31.13 78.22
C LEU M 24 1.90 -31.42 78.03
N THR M 25 1.17 -31.72 79.11
CA THR M 25 -0.21 -32.16 78.98
C THR M 25 -1.13 -31.07 78.47
N ARG M 26 -0.73 -29.80 78.55
CA ARG M 26 -1.56 -28.72 78.05
C ARG M 26 -1.40 -28.50 76.55
N PHE M 27 -0.39 -29.10 75.92
CA PHE M 27 -0.12 -28.87 74.50
C PHE M 27 -0.20 -30.13 73.67
N VAL M 28 -0.75 -31.22 74.22
CA VAL M 28 -0.82 -32.48 73.48
C VAL M 28 -1.89 -32.40 72.42
N LYS M 29 -1.60 -32.97 71.25
CA LYS M 29 -2.59 -33.11 70.19
C LYS M 29 -3.50 -34.26 70.55
N TRP M 30 -4.61 -33.95 71.21
CA TRP M 30 -5.54 -34.98 71.65
C TRP M 30 -6.32 -35.53 70.46
N PRO M 31 -6.77 -36.78 70.55
CA PRO M 31 -7.61 -37.33 69.48
C PRO M 31 -8.94 -36.62 69.36
N ARG M 32 -9.61 -36.91 68.25
CA ARG M 32 -10.80 -36.15 67.87
C ARG M 32 -11.92 -36.30 68.89
N TYR M 33 -12.06 -37.50 69.46
CA TYR M 33 -13.18 -37.70 70.38
C TYR M 33 -12.99 -36.92 71.68
N ILE M 34 -11.76 -36.89 72.20
CA ILE M 34 -11.48 -36.05 73.37
C ILE M 34 -11.69 -34.59 73.03
N ARG M 35 -11.21 -34.16 71.86
CA ARG M 35 -11.37 -32.76 71.47
C ARG M 35 -12.85 -32.39 71.39
N LEU M 36 -13.67 -33.27 70.83
CA LEU M 36 -15.10 -33.01 70.72
C LEU M 36 -15.76 -32.95 72.09
N GLN M 37 -15.46 -33.93 72.95
CA GLN M 37 -16.13 -33.96 74.24
C GLN M 37 -15.66 -32.87 75.18
N ARG M 38 -14.54 -32.22 74.89
CA ARG M 38 -14.16 -31.03 75.66
C ARG M 38 -14.74 -29.76 75.05
N GLN M 39 -14.72 -29.64 73.73
CA GLN M 39 -15.28 -28.44 73.11
C GLN M 39 -16.78 -28.35 73.31
N ARG M 40 -17.47 -29.48 73.46
CA ARG M 40 -18.89 -29.42 73.77
C ARG M 40 -19.14 -28.75 75.12
N ALA M 41 -18.34 -29.12 76.12
CA ALA M 41 -18.45 -28.46 77.42
C ALA M 41 -18.10 -26.98 77.31
N ILE M 42 -17.08 -26.64 76.52
CA ILE M 42 -16.71 -25.24 76.37
C ILE M 42 -17.87 -24.45 75.74
N LEU M 43 -18.51 -24.99 74.71
CA LEU M 43 -19.65 -24.31 74.12
C LEU M 43 -20.84 -24.25 75.06
N TYR M 44 -21.01 -25.25 75.92
CA TYR M 44 -22.07 -25.16 76.93
C TYR M 44 -21.80 -24.03 77.92
N LYS M 45 -20.53 -23.77 78.23
CA LYS M 45 -20.19 -22.59 79.00
C LYS M 45 -20.43 -21.31 78.21
N ARG M 46 -20.16 -21.35 76.90
CA ARG M 46 -20.21 -20.14 76.08
C ARG M 46 -21.65 -19.68 75.83
N LEU M 47 -22.45 -20.54 75.23
CA LEU M 47 -23.79 -20.18 74.78
C LEU M 47 -24.69 -19.88 75.96
N LYS M 48 -25.69 -19.03 75.73
CA LYS M 48 -26.68 -18.72 76.76
C LYS M 48 -27.65 -19.89 76.85
N VAL M 49 -27.42 -20.76 77.82
CA VAL M 49 -28.29 -21.94 78.01
C VAL M 49 -29.67 -21.46 78.46
N PRO M 50 -30.74 -21.91 77.82
CA PRO M 50 -32.07 -21.51 78.26
C PRO M 50 -32.36 -22.06 79.64
N PRO M 51 -33.22 -21.38 80.41
CA PRO M 51 -33.49 -21.83 81.78
C PRO M 51 -34.02 -23.24 81.87
N ALA M 52 -34.77 -23.69 80.86
CA ALA M 52 -35.32 -25.04 80.89
C ALA M 52 -34.23 -26.09 81.02
N ILE M 53 -33.02 -25.80 80.55
CA ILE M 53 -31.88 -26.69 80.69
C ILE M 53 -31.00 -26.27 81.86
N ASN M 54 -30.87 -24.96 82.09
CA ASN M 54 -30.03 -24.49 83.18
C ASN M 54 -30.54 -24.95 84.53
N GLN M 55 -31.83 -25.25 84.64
CA GLN M 55 -32.39 -25.67 85.92
C GLN M 55 -31.76 -26.97 86.43
N PHE M 56 -31.15 -27.76 85.56
CA PHE M 56 -30.52 -29.00 85.97
C PHE M 56 -29.12 -28.81 86.52
N THR M 57 -28.52 -27.63 86.32
CA THR M 57 -27.20 -27.37 86.88
C THR M 57 -27.28 -27.13 88.39
N GLN M 58 -28.27 -26.36 88.83
CA GLN M 58 -28.47 -26.11 90.25
C GLN M 58 -28.98 -27.40 90.89
N VAL M 59 -28.10 -28.09 91.62
CA VAL M 59 -28.32 -29.47 92.03
C VAL M 59 -28.36 -29.52 93.55
N LEU M 60 -28.85 -30.66 94.06
CA LEU M 60 -28.90 -30.89 95.49
C LEU M 60 -27.50 -30.94 96.10
N ASP M 61 -27.36 -30.35 97.28
CA ASP M 61 -26.07 -30.32 97.95
C ASP M 61 -25.75 -31.70 98.53
N ARG M 62 -24.47 -31.89 98.89
CA ARG M 62 -23.96 -33.23 99.14
C ARG M 62 -24.60 -33.88 100.35
N GLN M 63 -24.81 -33.13 101.44
CA GLN M 63 -25.35 -33.73 102.65
C GLN M 63 -26.79 -34.20 102.44
N THR M 64 -27.61 -33.35 101.83
CA THR M 64 -28.99 -33.75 101.54
C THR M 64 -29.04 -34.92 100.57
N ALA M 65 -28.12 -34.95 99.60
CA ALA M 65 -28.06 -36.08 98.68
C ALA M 65 -27.72 -37.37 99.42
N THR M 66 -26.77 -37.30 100.35
CA THR M 66 -26.41 -38.49 101.12
C THR M 66 -27.59 -38.97 101.96
N GLN M 67 -28.31 -38.04 102.59
CA GLN M 67 -29.48 -38.45 103.37
C GLN M 67 -30.55 -39.07 102.48
N LEU M 68 -30.78 -38.50 101.30
CA LEU M 68 -31.76 -39.06 100.37
C LEU M 68 -31.36 -40.47 99.94
N LEU M 69 -30.07 -40.68 99.65
CA LEU M 69 -29.63 -42.00 99.23
C LEU M 69 -29.73 -43.01 100.37
N LYS M 70 -29.39 -42.60 101.59
CA LYS M 70 -29.46 -43.52 102.72
C LYS M 70 -30.90 -43.85 103.08
N LEU M 71 -31.83 -42.92 102.84
CA LEU M 71 -33.23 -43.24 103.06
C LEU M 71 -33.76 -44.15 101.97
N ALA M 72 -33.38 -43.90 100.71
CA ALA M 72 -33.86 -44.71 99.61
C ALA M 72 -33.24 -46.11 99.60
N HIS M 73 -32.10 -46.30 100.25
CA HIS M 73 -31.49 -47.62 100.32
C HIS M 73 -32.42 -48.66 100.93
N LYS M 74 -33.37 -48.23 101.75
CA LYS M 74 -34.31 -49.16 102.38
C LYS M 74 -35.40 -49.65 101.43
N TYR M 75 -35.48 -49.12 100.20
CA TYR M 75 -36.58 -49.44 99.30
C TYR M 75 -36.10 -49.84 97.91
N ARG M 76 -34.87 -50.32 97.77
CA ARG M 76 -34.37 -50.73 96.47
C ARG M 76 -35.22 -51.88 95.93
N PRO M 77 -35.56 -51.89 94.65
CA PRO M 77 -36.30 -53.02 94.09
C PRO M 77 -35.51 -54.32 94.24
N GLU M 78 -36.23 -55.40 94.50
CA GLU M 78 -35.58 -56.68 94.77
C GLU M 78 -34.84 -57.18 93.54
N THR M 79 -33.80 -57.97 93.77
CA THR M 79 -33.01 -58.52 92.69
C THR M 79 -33.69 -59.74 92.08
N LYS M 80 -33.13 -60.21 90.96
CA LYS M 80 -33.66 -61.39 90.30
C LYS M 80 -33.52 -62.63 91.17
N GLN M 81 -32.38 -62.76 91.86
CA GLN M 81 -32.20 -63.92 92.72
C GLN M 81 -33.11 -63.86 93.95
N GLU M 82 -33.34 -62.66 94.48
CA GLU M 82 -34.31 -62.52 95.57
C GLU M 82 -35.71 -62.88 95.10
N LYS M 83 -36.07 -62.49 93.88
CA LYS M 83 -37.38 -62.85 93.35
C LYS M 83 -37.49 -64.36 93.14
N LYS M 84 -36.41 -65.00 92.69
CA LYS M 84 -36.42 -66.45 92.56
C LYS M 84 -36.59 -67.13 93.91
N GLN M 85 -35.91 -66.63 94.93
CA GLN M 85 -36.08 -67.17 96.29
C GLN M 85 -37.52 -66.97 96.76
N ARG M 86 -38.11 -65.81 96.47
CA ARG M 86 -39.50 -65.57 96.86
C ARG M 86 -40.44 -66.52 96.14
N LEU M 87 -40.17 -66.80 94.86
CA LEU M 87 -40.99 -67.74 94.10
C LEU M 87 -40.92 -69.12 94.72
N LEU M 88 -39.71 -69.58 95.06
CA LEU M 88 -39.58 -70.88 95.70
C LEU M 88 -40.29 -70.91 97.05
N ALA M 89 -40.16 -69.84 97.84
CA ALA M 89 -40.80 -69.79 99.14
C ALA M 89 -42.31 -69.82 99.03
N ARG M 90 -42.87 -69.09 98.05
CA ARG M 90 -44.32 -69.05 97.92
C ARG M 90 -44.86 -70.37 97.39
N ALA M 91 -44.11 -71.03 96.49
CA ALA M 91 -44.51 -72.36 96.04
C ALA M 91 -44.50 -73.34 97.20
N GLU M 92 -43.45 -73.28 98.04
CA GLU M 92 -43.37 -74.17 99.20
C GLU M 92 -44.51 -73.92 100.17
N LYS M 93 -44.83 -72.65 100.42
CA LYS M 93 -45.91 -72.35 101.37
C LYS M 93 -47.28 -72.71 100.83
N LYS M 94 -47.50 -72.58 99.51
CA LYS M 94 -48.80 -72.94 98.97
C LYS M 94 -48.96 -74.45 98.88
N ALA M 95 -47.89 -75.18 98.57
CA ALA M 95 -47.98 -76.64 98.54
C ALA M 95 -47.96 -77.24 99.94
N ALA M 96 -47.52 -76.49 100.94
CA ALA M 96 -47.52 -76.98 102.31
C ALA M 96 -48.92 -76.92 102.92
N LYS M 104 -49.01 -59.19 101.34
CA LYS M 104 -48.81 -57.75 101.29
C LYS M 104 -47.65 -57.41 100.34
N ARG M 105 -47.70 -56.23 99.75
CA ARG M 105 -46.67 -55.75 98.83
C ARG M 105 -45.95 -54.57 99.44
N PRO M 106 -44.76 -54.75 99.99
CA PRO M 106 -44.09 -53.67 100.70
C PRO M 106 -43.77 -52.52 99.74
N PRO M 107 -43.74 -51.29 100.24
CA PRO M 107 -43.43 -50.15 99.37
C PRO M 107 -42.02 -50.26 98.81
N VAL M 108 -41.86 -49.75 97.59
CA VAL M 108 -40.62 -49.88 96.84
C VAL M 108 -40.50 -48.70 95.89
N LEU M 109 -39.27 -48.35 95.55
CA LEU M 109 -39.02 -47.27 94.62
C LEU M 109 -39.62 -47.61 93.25
N ARG M 110 -40.17 -46.61 92.59
CA ARG M 110 -40.71 -46.75 91.25
C ARG M 110 -39.78 -46.04 90.29
N ALA M 111 -39.06 -46.81 89.48
CA ALA M 111 -38.07 -46.28 88.56
C ALA M 111 -38.60 -46.26 87.14
N GLY M 112 -38.08 -45.34 86.35
CA GLY M 112 -38.50 -45.20 84.96
C GLY M 112 -39.26 -43.91 84.76
N VAL M 113 -38.96 -43.22 83.65
CA VAL M 113 -39.54 -41.91 83.42
C VAL M 113 -41.04 -42.01 83.21
N ASN M 114 -41.50 -43.05 82.51
CA ASN M 114 -42.93 -43.19 82.25
C ASN M 114 -43.70 -43.48 83.53
N THR M 115 -43.20 -44.41 84.33
CA THR M 115 -43.83 -44.69 85.62
C THR M 115 -43.86 -43.45 86.50
N VAL M 116 -42.74 -42.73 86.58
CA VAL M 116 -42.69 -41.57 87.45
C VAL M 116 -43.62 -40.47 86.95
N THR M 117 -43.69 -40.25 85.64
CA THR M 117 -44.56 -39.19 85.13
C THR M 117 -46.03 -39.53 85.31
N THR M 118 -46.40 -40.79 85.14
CA THR M 118 -47.81 -41.14 85.35
C THR M 118 -48.17 -41.07 86.84
N LEU M 119 -47.25 -41.45 87.72
CA LEU M 119 -47.51 -41.30 89.15
C LEU M 119 -47.61 -39.83 89.53
N VAL M 120 -46.78 -38.97 88.94
CA VAL M 120 -46.83 -37.55 89.24
C VAL M 120 -48.17 -36.96 88.79
N GLU M 121 -48.60 -37.28 87.57
CA GLU M 121 -49.84 -36.71 87.09
C GLU M 121 -51.07 -37.36 87.73
N ASN M 122 -50.92 -38.52 88.36
CA ASN M 122 -52.00 -39.10 89.13
C ASN M 122 -51.93 -38.75 90.63
N LYS M 123 -50.89 -38.05 91.07
CA LYS M 123 -50.70 -37.68 92.47
C LYS M 123 -50.66 -38.92 93.36
N LYS M 124 -49.60 -39.70 93.16
CA LYS M 124 -49.28 -40.84 94.02
C LYS M 124 -47.82 -40.83 94.46
N ALA M 125 -47.06 -39.80 94.12
CA ALA M 125 -45.64 -39.72 94.45
C ALA M 125 -45.42 -38.67 95.51
N GLN M 126 -44.69 -39.03 96.57
CA GLN M 126 -44.44 -38.11 97.67
C GLN M 126 -43.20 -37.25 97.44
N LEU M 127 -42.23 -37.73 96.66
CA LEU M 127 -41.21 -36.86 96.09
C LEU M 127 -40.66 -37.53 94.84
N VAL M 128 -39.94 -36.74 94.05
CA VAL M 128 -39.37 -37.19 92.78
C VAL M 128 -37.89 -36.86 92.78
N VAL M 129 -37.08 -37.81 92.33
CA VAL M 129 -35.64 -37.63 92.14
C VAL M 129 -35.36 -37.66 90.65
N ILE M 130 -34.65 -36.65 90.16
CA ILE M 130 -34.35 -36.51 88.74
C ILE M 130 -32.85 -36.46 88.55
N ALA M 131 -32.36 -37.16 87.53
CA ALA M 131 -30.97 -37.04 87.13
C ALA M 131 -30.75 -35.72 86.40
N HIS M 132 -29.48 -35.32 86.31
CA HIS M 132 -29.14 -34.06 85.69
C HIS M 132 -28.38 -34.19 84.38
N ASP M 133 -27.96 -35.40 84.01
CA ASP M 133 -27.10 -35.60 82.85
C ASP M 133 -27.66 -36.63 81.89
N VAL M 134 -28.99 -36.64 81.69
CA VAL M 134 -29.58 -37.49 80.67
C VAL M 134 -29.16 -36.99 79.30
N ASP M 135 -28.57 -37.86 78.50
CA ASP M 135 -27.84 -37.39 77.32
C ASP M 135 -28.71 -36.88 76.17
N PRO M 136 -30.00 -37.28 75.99
CA PRO M 136 -30.99 -36.27 75.59
C PRO M 136 -31.67 -35.65 76.80
N ILE M 137 -31.44 -34.36 77.06
CA ILE M 137 -32.06 -33.73 78.22
C ILE M 137 -33.57 -33.67 78.07
N GLU M 138 -34.09 -33.77 76.85
CA GLU M 138 -35.51 -33.64 76.60
C GLU M 138 -36.34 -34.79 77.13
N LEU M 139 -35.70 -35.88 77.58
CA LEU M 139 -36.45 -36.94 78.24
C LEU M 139 -37.03 -36.48 79.57
N VAL M 140 -36.38 -35.52 80.24
CA VAL M 140 -36.80 -35.06 81.55
C VAL M 140 -36.93 -33.55 81.65
N VAL M 141 -36.69 -32.81 80.56
CA VAL M 141 -36.74 -31.35 80.63
C VAL M 141 -38.14 -30.87 80.99
N PHE M 142 -39.18 -31.63 80.64
CA PHE M 142 -40.54 -31.23 80.96
C PHE M 142 -40.90 -31.48 82.42
N LEU M 143 -40.20 -32.39 83.08
CA LEU M 143 -40.63 -32.98 84.35
C LEU M 143 -40.75 -31.99 85.49
N PRO M 144 -39.78 -31.09 85.72
CA PRO M 144 -39.92 -30.16 86.85
C PRO M 144 -41.19 -29.33 86.81
N ALA M 145 -41.58 -28.82 85.63
CA ALA M 145 -42.80 -28.03 85.55
C ALA M 145 -44.03 -28.87 85.86
N LEU M 146 -44.07 -30.10 85.35
CA LEU M 146 -45.17 -31.01 85.64
C LEU M 146 -45.28 -31.26 87.14
N CYS M 147 -44.15 -31.56 87.78
CA CYS M 147 -44.15 -31.86 89.21
C CYS M 147 -44.58 -30.64 90.01
N ARG M 148 -44.13 -29.45 89.63
CA ARG M 148 -44.57 -28.25 90.34
C ARG M 148 -46.06 -28.04 90.18
N LYS M 149 -46.58 -28.20 88.96
CA LYS M 149 -48.01 -27.95 88.74
C LYS M 149 -48.87 -28.94 89.52
N MET M 150 -48.47 -30.21 89.55
CA MET M 150 -49.21 -31.18 90.34
C MET M 150 -48.97 -31.03 91.83
N GLY M 151 -47.90 -30.36 92.24
CA GLY M 151 -47.64 -30.09 93.64
C GLY M 151 -46.61 -30.97 94.31
N VAL M 152 -46.26 -32.10 93.71
CA VAL M 152 -45.35 -33.05 94.36
C VAL M 152 -43.95 -32.46 94.39
N PRO M 153 -43.20 -32.65 95.48
CA PRO M 153 -41.82 -32.14 95.51
C PRO M 153 -40.90 -32.93 94.60
N TYR M 154 -39.90 -32.23 94.06
CA TYR M 154 -38.94 -32.83 93.15
C TYR M 154 -37.54 -32.30 93.45
N CYS M 155 -36.54 -33.16 93.22
CA CYS M 155 -35.16 -32.81 93.49
C CYS M 155 -34.29 -33.28 92.33
N ILE M 156 -33.13 -32.62 92.17
CA ILE M 156 -32.14 -32.98 91.17
C ILE M 156 -30.95 -33.58 91.90
N LEU M 157 -30.58 -34.80 91.54
CA LEU M 157 -29.50 -35.53 92.20
C LEU M 157 -28.34 -35.74 91.24
N LYS M 158 -27.13 -35.44 91.69
CA LYS M 158 -25.93 -35.58 90.87
C LYS M 158 -25.65 -37.04 90.53
N GLY M 159 -25.88 -37.43 89.28
CA GLY M 159 -25.46 -38.74 88.82
C GLY M 159 -26.56 -39.73 88.53
N LYS M 160 -26.90 -39.88 87.25
CA LYS M 160 -27.80 -40.95 86.85
C LYS M 160 -27.19 -42.31 87.13
N ALA M 161 -25.86 -42.41 87.13
CA ALA M 161 -25.22 -43.68 87.43
C ALA M 161 -25.46 -44.08 88.88
N ARG M 162 -25.21 -43.16 89.82
CA ARG M 162 -25.49 -43.47 91.22
C ARG M 162 -26.97 -43.67 91.44
N LEU M 163 -27.82 -42.98 90.68
CA LEU M 163 -29.26 -43.19 90.79
C LEU M 163 -29.64 -44.59 90.35
N GLY M 164 -29.04 -45.08 89.27
CA GLY M 164 -29.26 -46.44 88.82
C GLY M 164 -28.59 -47.50 89.66
N ARG M 165 -27.66 -47.10 90.54
CA ARG M 165 -27.12 -48.06 91.51
C ARG M 165 -28.18 -48.51 92.51
N LEU M 166 -29.17 -47.68 92.81
CA LEU M 166 -30.21 -48.07 93.75
C LEU M 166 -30.99 -49.28 93.22
N VAL M 167 -31.48 -49.18 91.99
CA VAL M 167 -31.98 -50.35 91.28
C VAL M 167 -30.76 -51.16 90.89
N HIS M 168 -30.96 -52.39 90.42
CA HIS M 168 -29.83 -53.18 89.96
C HIS M 168 -29.70 -53.11 88.44
N ARG M 169 -29.45 -51.88 87.98
CA ARG M 169 -29.31 -51.57 86.56
C ARG M 169 -28.16 -50.59 86.37
N LYS M 170 -27.74 -50.43 85.13
CA LYS M 170 -26.59 -49.57 84.85
C LYS M 170 -26.91 -48.10 85.09
N THR M 171 -28.14 -47.68 84.78
CA THR M 171 -28.48 -46.27 84.85
C THR M 171 -29.99 -46.12 84.89
N CYS M 172 -30.46 -45.12 85.62
CA CYS M 172 -31.88 -44.77 85.66
C CYS M 172 -32.01 -43.26 85.67
N THR M 173 -32.98 -42.75 84.90
CA THR M 173 -33.15 -41.31 84.79
C THR M 173 -33.82 -40.73 86.04
N THR M 174 -34.87 -41.37 86.53
CA THR M 174 -35.62 -40.81 87.64
C THR M 174 -36.27 -41.92 88.44
N VAL M 175 -36.43 -41.67 89.75
CA VAL M 175 -37.16 -42.55 90.65
C VAL M 175 -38.05 -41.70 91.53
N ALA M 176 -39.06 -42.34 92.12
CA ALA M 176 -40.05 -41.63 92.93
C ALA M 176 -40.46 -42.48 94.12
N PHE M 177 -40.70 -41.80 95.25
CA PHE M 177 -41.25 -42.43 96.44
C PHE M 177 -42.77 -42.38 96.36
N THR M 178 -43.41 -43.54 96.31
CA THR M 178 -44.87 -43.57 96.32
C THR M 178 -45.45 -43.73 97.72
N GLN M 179 -44.78 -44.50 98.60
CA GLN M 179 -45.24 -44.69 99.95
C GLN M 179 -44.08 -45.18 100.78
N VAL M 180 -44.08 -44.85 102.07
CA VAL M 180 -43.02 -45.22 102.99
C VAL M 180 -43.63 -45.87 104.22
N ASN M 181 -42.78 -46.14 105.20
CA ASN M 181 -43.16 -46.88 106.40
C ASN M 181 -43.20 -45.96 107.61
N SER M 182 -43.79 -46.49 108.69
CA SER M 182 -44.00 -45.70 109.90
C SER M 182 -42.68 -45.22 110.48
N GLU M 183 -41.66 -46.06 110.48
CA GLU M 183 -40.36 -45.70 111.01
C GLU M 183 -39.63 -44.68 110.15
N ASP M 184 -40.14 -44.38 108.96
CA ASP M 184 -39.49 -43.43 108.06
C ASP M 184 -40.35 -42.22 107.73
N LYS M 185 -41.58 -42.14 108.24
CA LYS M 185 -42.43 -40.98 107.93
C LYS M 185 -41.76 -39.67 108.30
N GLY M 186 -41.20 -39.57 109.51
CA GLY M 186 -40.64 -38.30 109.94
C GLY M 186 -39.42 -37.87 109.14
N ALA M 187 -38.51 -38.82 108.89
CA ALA M 187 -37.33 -38.50 108.09
C ALA M 187 -37.73 -38.10 106.68
N LEU M 188 -38.69 -38.82 106.09
CA LEU M 188 -39.14 -38.46 104.76
C LEU M 188 -39.76 -37.07 104.77
N ALA M 189 -40.58 -36.76 105.78
CA ALA M 189 -41.24 -35.46 105.83
C ALA M 189 -40.22 -34.33 105.94
N LYS M 190 -39.20 -34.50 106.77
CA LYS M 190 -38.16 -33.49 106.87
C LYS M 190 -37.45 -33.30 105.53
N LEU M 191 -37.10 -34.41 104.87
CA LEU M 191 -36.44 -34.33 103.57
C LEU M 191 -37.33 -33.64 102.55
N VAL M 192 -38.62 -34.01 102.53
CA VAL M 192 -39.58 -33.39 101.63
C VAL M 192 -39.65 -31.89 101.84
N GLU M 193 -39.69 -31.45 103.10
CA GLU M 193 -39.83 -30.02 103.32
C GLU M 193 -38.57 -29.27 102.90
N ALA M 194 -37.40 -29.86 103.15
CA ALA M 194 -36.17 -29.22 102.68
C ALA M 194 -36.15 -29.11 101.16
N ILE M 195 -36.51 -30.19 100.47
CA ILE M 195 -36.53 -30.20 99.01
C ILE M 195 -37.55 -29.20 98.48
N ARG M 196 -38.73 -29.14 99.11
CA ARG M 196 -39.75 -28.21 98.65
C ARG M 196 -39.31 -26.76 98.82
N THR M 197 -38.66 -26.44 99.94
CA THR M 197 -38.12 -25.10 100.11
C THR M 197 -37.07 -24.78 99.05
N ASN M 198 -36.21 -25.75 98.73
CA ASN M 198 -35.13 -25.45 97.79
C ASN M 198 -35.58 -25.41 96.34
N TYR M 199 -36.56 -26.23 95.95
CA TYR M 199 -36.88 -26.42 94.54
C TYR M 199 -38.28 -25.93 94.18
N ASN M 200 -39.32 -26.42 94.86
CA ASN M 200 -40.69 -26.17 94.42
C ASN M 200 -41.06 -24.70 94.57
N ASP M 201 -40.62 -24.06 95.65
CA ASP M 201 -41.02 -22.69 95.94
C ASP M 201 -40.18 -21.64 95.21
N ARG M 202 -39.05 -22.04 94.64
CA ARG M 202 -38.17 -21.12 93.92
C ARG M 202 -38.40 -21.15 92.42
N TYR M 203 -39.47 -21.80 91.97
CA TYR M 203 -39.62 -22.10 90.55
C TYR M 203 -39.74 -20.86 89.69
N ASP M 204 -40.17 -19.72 90.23
CA ASP M 204 -40.27 -18.52 89.40
C ASP M 204 -38.90 -18.07 88.91
N GLU M 205 -37.95 -17.88 89.82
CA GLU M 205 -36.61 -17.51 89.39
C GLU M 205 -35.87 -18.68 88.77
N ILE M 206 -36.24 -19.92 89.10
CA ILE M 206 -35.69 -21.05 88.35
C ILE M 206 -36.09 -20.96 86.88
N ARG M 207 -37.35 -20.67 86.62
CA ARG M 207 -37.87 -20.61 85.25
C ARG M 207 -37.38 -19.39 84.50
N ARG M 208 -37.05 -18.30 85.20
CA ARG M 208 -36.52 -17.12 84.53
C ARG M 208 -35.01 -16.97 84.69
N HIS M 209 -34.31 -17.99 85.18
CA HIS M 209 -32.87 -17.93 85.39
C HIS M 209 -32.14 -18.47 84.16
N TRP M 210 -31.62 -17.57 83.33
CA TRP M 210 -30.82 -17.97 82.18
C TRP M 210 -29.43 -18.41 82.62
N GLY M 211 -28.78 -19.19 81.77
CA GLY M 211 -27.48 -19.75 82.05
C GLY M 211 -26.44 -19.42 81.00
N GLY M 212 -25.25 -20.00 81.20
CA GLY M 212 -24.16 -19.79 80.27
C GLY M 212 -23.75 -18.34 80.19
N ASN M 213 -23.33 -17.93 78.99
CA ASN M 213 -23.00 -16.54 78.68
C ASN M 213 -21.82 -16.05 79.54
N VAL M 214 -20.76 -16.86 79.57
CA VAL M 214 -19.53 -16.51 80.26
C VAL M 214 -18.37 -16.71 79.31
N LEU M 215 -17.45 -15.75 79.29
CA LEU M 215 -16.35 -15.74 78.34
C LEU M 215 -15.16 -16.54 78.87
N GLY M 216 -14.12 -16.65 78.04
CA GLY M 216 -12.94 -17.38 78.40
C GLY M 216 -12.04 -16.64 79.37
N PRO M 217 -11.12 -17.36 79.99
CA PRO M 217 -10.22 -16.71 80.97
C PRO M 217 -9.34 -15.64 80.35
N LYS M 218 -8.77 -15.90 79.18
CA LYS M 218 -7.94 -14.90 78.52
C LYS M 218 -8.77 -13.69 78.10
N SER M 219 -9.99 -13.93 77.61
CA SER M 219 -10.86 -12.83 77.21
C SER M 219 -11.20 -11.95 78.40
N VAL M 220 -11.61 -12.56 79.52
CA VAL M 220 -11.96 -11.75 80.67
C VAL M 220 -10.73 -11.06 81.24
N ALA M 221 -9.56 -11.69 81.16
CA ALA M 221 -8.34 -11.06 81.63
C ALA M 221 -8.02 -9.80 80.84
N ARG M 222 -8.11 -9.89 79.51
CA ARG M 222 -7.81 -8.71 78.71
C ARG M 222 -8.88 -7.63 78.85
N ILE M 223 -10.15 -8.02 79.04
CA ILE M 223 -11.18 -7.03 79.33
C ILE M 223 -10.89 -6.33 80.66
N ALA M 224 -10.45 -7.10 81.66
CA ALA M 224 -10.10 -6.51 82.94
C ALA M 224 -8.93 -5.54 82.79
N LYS M 225 -7.92 -5.90 82.01
CA LYS M 225 -6.80 -5.00 81.78
C LYS M 225 -7.28 -3.70 81.13
N LEU M 226 -8.14 -3.82 80.12
CA LEU M 226 -8.66 -2.63 79.43
C LEU M 226 -9.44 -1.74 80.39
N GLU M 227 -10.35 -2.32 81.18
CA GLU M 227 -11.15 -1.51 82.07
C GLU M 227 -10.31 -0.89 83.18
N LYS M 228 -9.29 -1.61 83.67
CA LYS M 228 -8.42 -1.03 84.69
C LYS M 228 -7.64 0.15 84.12
N ALA M 229 -7.14 0.02 82.90
CA ALA M 229 -6.47 1.15 82.26
C ALA M 229 -7.43 2.32 82.09
N LYS M 230 -8.66 2.05 81.69
CA LYS M 230 -9.65 3.12 81.52
C LYS M 230 -9.96 3.81 82.84
N ALA M 231 -10.09 3.03 83.92
CA ALA M 231 -10.36 3.61 85.22
C ALA M 231 -9.19 4.45 85.71
N LYS M 232 -7.96 4.02 85.40
CA LYS M 232 -6.81 4.86 85.72
C LYS M 232 -6.82 6.16 84.92
N GLU M 233 -7.17 6.08 83.64
CA GLU M 233 -7.24 7.27 82.80
C GLU M 233 -8.11 7.03 81.56
N MET N 1 -37.88 -21.53 -84.80
CA MET N 1 -38.47 -21.83 -86.10
C MET N 1 -37.49 -22.56 -87.01
N LYS N 2 -37.93 -23.70 -87.54
CA LYS N 2 -37.12 -24.47 -88.48
C LYS N 2 -37.49 -24.06 -89.90
N THR N 3 -36.57 -23.40 -90.59
CA THR N 3 -36.79 -22.98 -91.96
C THR N 3 -36.83 -24.19 -92.88
N ILE N 4 -37.67 -24.11 -93.91
CA ILE N 4 -37.86 -25.26 -94.80
C ILE N 4 -36.62 -25.48 -95.67
N LEU N 5 -36.09 -24.41 -96.25
CA LEU N 5 -34.97 -24.56 -97.19
C LEU N 5 -34.11 -23.31 -97.20
N SER N 6 -32.80 -23.53 -97.16
CA SER N 6 -31.82 -22.46 -97.35
C SER N 6 -30.76 -22.97 -98.32
N ASN N 7 -30.49 -22.21 -99.37
CA ASN N 7 -29.63 -22.67 -100.44
C ASN N 7 -28.83 -21.51 -101.03
N GLN N 8 -27.70 -21.87 -101.64
CA GLN N 8 -26.87 -20.92 -102.36
C GLN N 8 -26.18 -21.64 -103.51
N THR N 9 -25.79 -20.87 -104.52
CA THR N 9 -25.09 -21.40 -105.69
C THR N 9 -23.83 -20.60 -105.94
N VAL N 10 -22.88 -21.24 -106.61
CA VAL N 10 -21.60 -20.62 -106.96
C VAL N 10 -21.31 -20.92 -108.42
N ASP N 11 -20.73 -19.93 -109.11
CA ASP N 11 -20.43 -20.06 -110.53
C ASP N 11 -19.00 -20.57 -110.69
N ILE N 12 -18.86 -21.73 -111.31
CA ILE N 12 -17.57 -22.39 -111.49
C ILE N 12 -16.93 -21.84 -112.76
N PRO N 13 -15.73 -21.26 -112.69
CA PRO N 13 -15.10 -20.74 -113.91
C PRO N 13 -14.80 -21.87 -114.90
N GLU N 14 -14.58 -21.46 -116.15
CA GLU N 14 -14.57 -22.42 -117.26
C GLU N 14 -13.37 -23.37 -117.20
N ASN N 15 -12.19 -22.85 -116.89
CA ASN N 15 -10.97 -23.65 -116.96
C ASN N 15 -10.76 -24.53 -115.73
N VAL N 16 -11.64 -24.47 -114.74
CA VAL N 16 -11.56 -25.33 -113.57
C VAL N 16 -12.76 -26.25 -113.56
N ASP N 17 -12.58 -27.45 -113.03
CA ASP N 17 -13.65 -28.43 -112.93
C ASP N 17 -13.72 -28.97 -111.50
N ILE N 18 -14.91 -29.42 -111.12
CA ILE N 18 -15.17 -29.90 -109.77
C ILE N 18 -15.83 -31.27 -109.86
N SER N 19 -15.39 -32.19 -108.99
CA SER N 19 -15.98 -33.51 -108.88
C SER N 19 -16.40 -33.76 -107.44
N LEU N 20 -17.57 -34.36 -107.26
CA LEU N 20 -18.16 -34.56 -105.95
C LEU N 20 -18.27 -36.05 -105.65
N LYS N 21 -17.84 -36.44 -104.45
CA LYS N 21 -18.02 -37.80 -103.93
C LYS N 21 -18.57 -37.62 -102.51
N GLY N 22 -19.89 -37.75 -102.38
CA GLY N 22 -20.52 -37.45 -101.10
C GLY N 22 -20.37 -35.99 -100.75
N ARG N 23 -19.80 -35.72 -99.58
CA ARG N 23 -19.61 -34.35 -99.11
C ARG N 23 -18.17 -33.87 -99.25
N THR N 24 -17.32 -34.61 -99.95
CA THR N 24 -15.97 -34.15 -100.21
C THR N 24 -15.94 -33.36 -101.52
N VAL N 25 -15.03 -32.41 -101.59
CA VAL N 25 -14.92 -31.50 -102.74
C VAL N 25 -13.56 -31.68 -103.37
N ILE N 26 -13.56 -31.95 -104.69
CA ILE N 26 -12.34 -32.11 -105.47
C ILE N 26 -12.34 -31.05 -106.54
N VAL N 27 -11.29 -30.23 -106.57
CA VAL N 27 -11.20 -29.12 -107.52
C VAL N 27 -9.87 -29.22 -108.25
N LYS N 28 -9.92 -29.40 -109.56
CA LYS N 28 -8.74 -29.52 -110.41
C LYS N 28 -8.63 -28.29 -111.30
N GLY N 29 -7.51 -27.58 -111.21
CA GLY N 29 -7.31 -26.40 -111.99
C GLY N 29 -5.92 -26.33 -112.60
N PRO N 30 -5.57 -25.18 -113.18
CA PRO N 30 -4.25 -25.03 -113.80
C PRO N 30 -3.09 -25.23 -112.84
N ARG N 31 -3.23 -24.83 -111.57
CA ARG N 31 -2.12 -24.85 -110.64
C ARG N 31 -2.07 -26.11 -109.78
N GLY N 32 -2.98 -27.06 -109.99
CA GLY N 32 -2.91 -28.30 -109.23
C GLY N 32 -4.26 -28.82 -108.78
N THR N 33 -4.28 -29.49 -107.63
CA THR N 33 -5.49 -30.07 -107.08
C THR N 33 -5.45 -29.97 -105.57
N LEU N 34 -6.64 -30.03 -104.96
CA LEU N 34 -6.75 -29.97 -103.51
C LEU N 34 -8.14 -30.42 -103.11
N ARG N 35 -8.22 -31.05 -101.94
CA ARG N 35 -9.44 -31.69 -101.46
C ARG N 35 -9.82 -31.15 -100.10
N ARG N 36 -11.12 -31.16 -99.82
CA ARG N 36 -11.64 -30.82 -98.50
C ARG N 36 -12.85 -31.70 -98.24
N ASP N 37 -12.99 -32.16 -97.00
CA ASP N 37 -14.08 -33.05 -96.61
C ASP N 37 -15.02 -32.25 -95.72
N PHE N 38 -16.32 -32.34 -96.03
CA PHE N 38 -17.35 -31.60 -95.30
C PHE N 38 -18.35 -32.55 -94.63
N ASN N 39 -17.91 -33.75 -94.28
CA ASN N 39 -18.80 -34.71 -93.62
C ASN N 39 -19.21 -34.28 -92.23
N HIS N 40 -18.75 -33.12 -91.75
CA HIS N 40 -19.06 -32.63 -90.41
C HIS N 40 -20.10 -31.52 -90.43
N ILE N 41 -20.80 -31.34 -91.54
CA ILE N 41 -21.78 -30.28 -91.66
C ILE N 41 -23.16 -30.79 -92.03
N ASN N 42 -23.28 -31.94 -92.68
CA ASN N 42 -24.55 -32.62 -92.91
C ASN N 42 -25.49 -31.76 -93.77
N VAL N 43 -25.03 -31.49 -95.00
CA VAL N 43 -25.80 -30.73 -95.98
C VAL N 43 -25.95 -31.57 -97.24
N GLU N 44 -26.56 -30.99 -98.27
CA GLU N 44 -26.73 -31.66 -99.56
C GLU N 44 -25.97 -30.86 -100.62
N LEU N 45 -24.91 -31.47 -101.16
CA LEU N 45 -24.09 -30.84 -102.20
C LEU N 45 -24.46 -31.46 -103.54
N SER N 46 -24.90 -30.63 -104.48
CA SER N 46 -25.24 -31.10 -105.82
C SER N 46 -24.61 -30.20 -106.86
N LEU N 47 -24.16 -30.80 -107.95
CA LEU N 47 -23.50 -30.11 -109.05
C LEU N 47 -24.47 -30.13 -110.23
N LEU N 48 -25.31 -29.10 -110.30
CA LEU N 48 -26.43 -29.10 -111.23
C LEU N 48 -26.02 -28.51 -112.58
N GLY N 49 -26.81 -28.84 -113.60
CA GLY N 49 -26.59 -28.31 -114.94
C GLY N 49 -25.52 -29.07 -115.69
N LYS N 50 -25.74 -29.31 -116.98
CA LYS N 50 -24.73 -29.96 -117.79
C LYS N 50 -23.52 -29.02 -117.96
N LYS N 51 -22.41 -29.61 -118.39
CA LYS N 51 -21.06 -29.01 -118.37
C LYS N 51 -20.70 -28.47 -116.99
N LYS N 52 -21.47 -28.90 -115.99
CA LYS N 52 -21.19 -28.69 -114.56
C LYS N 52 -20.93 -27.21 -114.26
N LYS N 53 -21.88 -26.36 -114.68
CA LYS N 53 -21.70 -24.93 -114.57
C LYS N 53 -21.65 -24.45 -113.12
N ARG N 54 -22.50 -24.99 -112.26
CA ARG N 54 -22.71 -24.41 -110.93
C ARG N 54 -22.81 -25.51 -109.88
N LEU N 55 -22.56 -25.11 -108.64
CA LEU N 55 -22.63 -25.97 -107.47
C LEU N 55 -23.65 -25.39 -106.51
N ARG N 56 -24.56 -26.23 -106.01
CA ARG N 56 -25.64 -25.79 -105.15
C ARG N 56 -25.52 -26.45 -103.78
N VAL N 57 -25.64 -25.64 -102.73
CA VAL N 57 -25.53 -26.09 -101.35
C VAL N 57 -26.83 -25.73 -100.65
N ASP N 58 -27.63 -26.75 -100.31
CA ASP N 58 -28.93 -26.51 -99.69
C ASP N 58 -29.10 -27.38 -98.45
N LYS N 59 -29.77 -26.81 -97.45
CA LYS N 59 -30.08 -27.51 -96.21
C LYS N 59 -31.57 -27.45 -95.94
N TRP N 60 -32.17 -28.59 -95.61
CA TRP N 60 -33.59 -28.69 -95.30
C TRP N 60 -33.79 -28.81 -93.80
N TRP N 61 -34.80 -28.10 -93.29
CA TRP N 61 -35.25 -28.21 -91.90
C TRP N 61 -34.10 -27.89 -90.94
N GLY N 62 -33.64 -26.66 -90.99
CA GLY N 62 -32.56 -26.21 -90.15
C GLY N 62 -32.90 -24.93 -89.41
N ASN N 63 -32.35 -24.79 -88.23
CA ASN N 63 -32.50 -23.59 -87.44
C ASN N 63 -31.25 -22.73 -87.56
N ARG N 64 -31.23 -21.62 -86.81
CA ARG N 64 -30.27 -20.53 -87.05
C ARG N 64 -28.84 -21.04 -87.14
N LYS N 65 -28.43 -21.85 -86.17
CA LYS N 65 -27.04 -22.29 -86.10
C LYS N 65 -26.67 -23.12 -87.32
N GLU N 66 -27.56 -24.02 -87.74
CA GLU N 66 -27.21 -24.92 -88.83
C GLU N 66 -27.56 -24.41 -90.21
N LEU N 67 -28.25 -23.27 -90.37
CA LEU N 67 -28.18 -22.64 -91.68
C LEU N 67 -27.18 -21.51 -91.74
N ALA N 68 -26.52 -21.19 -90.61
CA ALA N 68 -25.39 -20.27 -90.69
C ALA N 68 -24.20 -20.85 -91.44
N THR N 69 -24.19 -22.14 -91.74
CA THR N 69 -23.03 -22.83 -92.30
C THR N 69 -23.06 -22.93 -93.82
N VAL N 70 -24.18 -22.59 -94.46
CA VAL N 70 -24.27 -22.70 -95.92
C VAL N 70 -23.29 -21.74 -96.59
N ARG N 71 -23.34 -20.47 -96.18
CA ARG N 71 -22.41 -19.50 -96.76
C ARG N 71 -20.97 -19.81 -96.36
N THR N 72 -20.76 -20.47 -95.22
CA THR N 72 -19.42 -20.91 -94.86
C THR N 72 -18.90 -21.93 -95.87
N ILE N 73 -19.72 -22.90 -96.24
CA ILE N 73 -19.30 -23.90 -97.22
C ILE N 73 -19.05 -23.22 -98.57
N CYS N 74 -19.93 -22.32 -98.98
CA CYS N 74 -19.74 -21.64 -100.25
C CYS N 74 -18.46 -20.81 -100.26
N SER N 75 -18.18 -20.12 -99.15
CA SER N 75 -16.94 -19.35 -99.05
C SER N 75 -15.73 -20.24 -99.11
N HIS N 76 -15.78 -21.40 -98.45
CA HIS N 76 -14.66 -22.33 -98.52
C HIS N 76 -14.43 -22.81 -99.94
N VAL N 77 -15.50 -23.13 -100.66
CA VAL N 77 -15.35 -23.58 -102.04
C VAL N 77 -14.78 -22.46 -102.91
N GLN N 78 -15.23 -21.22 -102.70
CA GLN N 78 -14.73 -20.11 -103.50
C GLN N 78 -13.24 -19.87 -103.22
N ASN N 79 -12.85 -19.91 -101.94
CA ASN N 79 -11.43 -19.77 -101.60
C ASN N 79 -10.61 -20.89 -102.23
N MET N 80 -11.16 -22.10 -102.24
CA MET N 80 -10.48 -23.23 -102.87
C MET N 80 -10.29 -23.01 -104.37
N ILE N 81 -11.34 -22.53 -105.05
CA ILE N 81 -11.23 -22.26 -106.49
C ILE N 81 -10.22 -21.17 -106.76
N LYS N 82 -10.24 -20.10 -105.97
CA LYS N 82 -9.26 -19.04 -106.16
C LYS N 82 -7.84 -19.56 -105.95
N GLY N 83 -7.64 -20.40 -104.93
CA GLY N 83 -6.32 -20.95 -104.70
C GLY N 83 -5.84 -21.82 -105.84
N VAL N 84 -6.72 -22.67 -106.38
CA VAL N 84 -6.28 -23.57 -107.45
C VAL N 84 -6.14 -22.84 -108.78
N THR N 85 -6.81 -21.71 -108.97
CA THR N 85 -6.71 -21.00 -110.23
C THR N 85 -5.60 -19.96 -110.22
N LEU N 86 -5.66 -18.99 -109.29
CA LEU N 86 -4.67 -17.92 -109.25
C LEU N 86 -3.62 -18.11 -108.16
N GLY N 87 -3.87 -18.94 -107.16
CA GLY N 87 -2.96 -19.08 -106.04
C GLY N 87 -3.11 -17.96 -105.03
N PHE N 88 -2.47 -18.15 -103.89
CA PHE N 88 -2.50 -17.18 -102.81
C PHE N 88 -1.09 -16.75 -102.45
N ARG N 89 -0.89 -15.44 -102.31
CA ARG N 89 0.41 -14.88 -101.99
C ARG N 89 0.26 -13.90 -100.84
N TYR N 90 1.08 -14.07 -99.81
CA TYR N 90 1.00 -13.27 -98.59
C TYR N 90 2.30 -12.49 -98.44
N LYS N 91 2.23 -11.18 -98.67
CA LYS N 91 3.39 -10.31 -98.45
C LYS N 91 3.54 -10.06 -96.96
N MET N 92 4.72 -10.30 -96.43
CA MET N 92 4.98 -10.16 -95.01
C MET N 92 6.19 -9.26 -94.81
N ARG N 93 6.04 -8.24 -93.97
CA ARG N 93 7.07 -7.23 -93.78
C ARG N 93 7.62 -7.32 -92.37
N SER N 94 8.94 -7.18 -92.26
CA SER N 94 9.64 -7.23 -90.98
C SER N 94 10.00 -5.82 -90.58
N VAL N 95 9.45 -5.35 -89.47
CA VAL N 95 9.70 -4.01 -88.98
C VAL N 95 10.68 -4.09 -87.82
N TYR N 96 11.53 -3.07 -87.69
CA TYR N 96 12.47 -3.04 -86.58
C TYR N 96 12.88 -1.60 -86.33
N ALA N 97 13.26 -1.32 -85.08
CA ALA N 97 13.68 0.02 -84.67
C ALA N 97 15.19 0.19 -84.67
N HIS N 98 15.91 -0.71 -84.01
CA HIS N 98 17.36 -0.64 -83.94
C HIS N 98 18.04 -1.87 -84.51
N PHE N 99 17.61 -3.06 -84.13
CA PHE N 99 18.28 -4.29 -84.53
C PHE N 99 17.64 -4.84 -85.80
N PRO N 100 18.38 -4.94 -86.91
CA PRO N 100 17.81 -5.51 -88.13
C PRO N 100 17.43 -6.97 -87.92
N ILE N 101 16.38 -7.39 -88.61
CA ILE N 101 15.88 -8.76 -88.54
C ILE N 101 16.48 -9.55 -89.68
N ASN N 102 17.46 -10.40 -89.37
CA ASN N 102 18.09 -11.23 -90.39
C ASN N 102 17.24 -12.48 -90.60
N VAL N 103 16.79 -12.67 -91.85
CA VAL N 103 15.95 -13.81 -92.21
C VAL N 103 16.71 -14.60 -93.28
N VAL N 104 16.89 -15.89 -93.04
CA VAL N 104 17.53 -16.79 -93.98
C VAL N 104 16.62 -17.99 -94.23
N ILE N 105 16.45 -18.35 -95.49
CA ILE N 105 15.51 -19.39 -95.90
C ILE N 105 16.32 -20.61 -96.33
N GLN N 106 16.08 -21.74 -95.67
CA GLN N 106 16.73 -23.00 -96.01
C GLN N 106 15.68 -24.06 -96.28
N GLU N 107 16.15 -25.27 -96.54
CA GLU N 107 15.30 -26.43 -96.85
C GLU N 107 14.35 -26.13 -98.00
N ASN N 108 14.87 -25.47 -99.03
CA ASN N 108 14.12 -25.17 -100.25
C ASN N 108 12.83 -24.43 -99.95
N GLY N 109 12.90 -23.43 -99.07
CA GLY N 109 11.76 -22.62 -98.71
C GLY N 109 10.85 -23.22 -97.66
N SER N 110 11.16 -24.40 -97.14
CA SER N 110 10.33 -25.04 -96.15
C SER N 110 10.68 -24.64 -94.72
N LEU N 111 11.81 -23.98 -94.50
CA LEU N 111 12.23 -23.61 -93.15
C LEU N 111 12.71 -22.17 -93.15
N VAL N 112 12.44 -21.47 -92.06
CA VAL N 112 12.80 -20.08 -91.88
C VAL N 112 13.59 -19.94 -90.58
N GLU N 113 14.71 -19.22 -90.64
CA GLU N 113 15.48 -18.88 -89.46
C GLU N 113 15.49 -17.38 -89.27
N ILE N 114 15.23 -16.94 -88.05
CA ILE N 114 15.17 -15.53 -87.69
C ILE N 114 16.27 -15.27 -86.67
N ARG N 115 17.14 -14.30 -86.97
CA ARG N 115 18.30 -14.02 -86.15
C ARG N 115 18.36 -12.53 -85.83
N ASN N 116 19.03 -12.22 -84.73
CA ASN N 116 19.24 -10.85 -84.27
C ASN N 116 17.90 -10.12 -84.09
N PHE N 117 16.91 -10.83 -83.58
CA PHE N 117 15.63 -10.22 -83.27
C PHE N 117 15.71 -9.56 -81.90
N LEU N 118 15.51 -8.25 -81.85
CA LEU N 118 15.68 -7.47 -80.63
C LEU N 118 17.09 -7.59 -80.06
N GLY N 119 18.05 -7.94 -80.93
CA GLY N 119 19.42 -8.15 -80.49
C GLY N 119 19.68 -9.49 -79.84
N GLU N 120 18.69 -10.38 -79.81
CA GLU N 120 18.86 -11.66 -79.14
C GLU N 120 19.83 -12.55 -79.90
N LYS N 121 20.40 -13.51 -79.18
CA LYS N 121 21.29 -14.49 -79.77
C LYS N 121 20.58 -15.79 -80.12
N TYR N 122 19.38 -16.02 -79.60
CA TYR N 122 18.64 -17.23 -79.92
C TYR N 122 18.17 -17.19 -81.37
N ILE N 123 18.20 -18.35 -82.02
CA ILE N 123 17.80 -18.49 -83.40
C ILE N 123 16.43 -19.16 -83.44
N ARG N 124 15.48 -18.52 -84.10
CA ARG N 124 14.11 -19.00 -84.20
C ARG N 124 13.94 -19.76 -85.50
N ARG N 125 13.33 -20.94 -85.42
CA ARG N 125 13.13 -21.80 -86.58
C ARG N 125 11.66 -22.09 -86.76
N VAL N 126 11.15 -21.80 -87.96
CA VAL N 126 9.74 -22.00 -88.30
C VAL N 126 9.67 -22.88 -89.53
N ARG N 127 8.81 -23.90 -89.49
CA ARG N 127 8.64 -24.83 -90.59
C ARG N 127 7.32 -24.56 -91.30
N MET N 128 7.36 -24.49 -92.63
CA MET N 128 6.17 -24.20 -93.41
C MET N 128 5.28 -25.44 -93.51
N ARG N 129 3.97 -25.20 -93.53
CA ARG N 129 3.04 -26.28 -93.77
C ARG N 129 3.24 -26.83 -95.18
N PRO N 130 2.99 -28.12 -95.40
CA PRO N 130 3.28 -28.71 -96.71
C PRO N 130 2.52 -28.01 -97.83
N GLY N 131 3.18 -27.84 -98.97
CA GLY N 131 2.61 -27.13 -100.08
C GLY N 131 2.71 -25.63 -100.00
N VAL N 132 3.42 -25.09 -99.01
CA VAL N 132 3.59 -23.66 -98.84
C VAL N 132 5.08 -23.36 -98.88
N ALA N 133 5.46 -22.36 -99.67
CA ALA N 133 6.84 -21.99 -99.86
C ALA N 133 7.08 -20.55 -99.42
N CYS N 134 8.28 -20.29 -98.95
CA CYS N 134 8.68 -18.95 -98.50
C CYS N 134 9.92 -18.53 -99.27
N SER N 135 9.83 -17.39 -99.95
CA SER N 135 10.93 -16.86 -100.75
C SER N 135 11.14 -15.40 -100.40
N VAL N 136 12.39 -15.04 -100.11
CA VAL N 136 12.73 -13.65 -99.83
C VAL N 136 12.51 -12.82 -101.08
N SER N 137 12.04 -11.59 -100.90
CA SER N 137 11.58 -10.79 -102.02
C SER N 137 12.75 -10.09 -102.72
N GLN N 138 12.44 -9.50 -103.87
CA GLN N 138 13.37 -8.65 -104.61
C GLN N 138 12.73 -7.28 -104.82
N ALA N 139 13.57 -6.29 -105.09
CA ALA N 139 13.14 -4.90 -105.27
C ALA N 139 12.41 -4.39 -104.02
N GLN N 140 12.74 -4.96 -102.86
CA GLN N 140 12.20 -4.53 -101.59
C GLN N 140 13.19 -4.95 -100.52
N LYS N 141 13.36 -4.10 -99.51
CA LYS N 141 14.44 -4.28 -98.55
C LYS N 141 14.24 -5.54 -97.71
N ASP N 142 13.14 -5.60 -96.96
CA ASP N 142 12.91 -6.68 -95.99
C ASP N 142 11.45 -7.15 -96.06
N GLU N 143 11.20 -8.12 -96.92
CA GLU N 143 9.84 -8.56 -97.21
C GLU N 143 9.86 -10.06 -97.47
N LEU N 144 8.82 -10.74 -97.00
CA LEU N 144 8.68 -12.19 -97.16
C LEU N 144 7.44 -12.48 -97.99
N VAL N 145 7.56 -13.44 -98.90
CA VAL N 145 6.46 -13.86 -99.76
C VAL N 145 6.10 -15.30 -99.41
N LEU N 146 4.82 -15.55 -99.16
CA LEU N 146 4.31 -16.88 -98.86
C LEU N 146 3.55 -17.38 -100.08
N GLU N 147 3.97 -18.51 -100.61
CA GLU N 147 3.38 -19.08 -101.83
C GLU N 147 2.70 -20.39 -101.50
N GLY N 148 1.42 -20.50 -101.87
CA GLY N 148 0.70 -21.74 -101.63
C GLY N 148 -0.67 -21.81 -102.25
N ASN N 149 -1.09 -23.01 -102.64
CA ASN N 149 -2.42 -23.19 -103.22
C ASN N 149 -3.52 -23.23 -102.18
N ASP N 150 -3.19 -23.34 -100.90
CA ASP N 150 -4.19 -23.47 -99.84
C ASP N 150 -4.12 -22.25 -98.93
N ILE N 151 -5.23 -21.51 -98.85
CA ILE N 151 -5.26 -20.30 -98.05
C ILE N 151 -5.11 -20.63 -96.57
N GLU N 152 -5.72 -21.73 -96.12
CA GLU N 152 -5.58 -22.14 -94.73
C GLU N 152 -4.12 -22.35 -94.36
N LEU N 153 -3.40 -23.13 -95.16
CA LEU N 153 -2.00 -23.41 -94.85
C LEU N 153 -1.12 -22.17 -94.96
N VAL N 154 -1.35 -21.35 -95.98
CA VAL N 154 -0.54 -20.14 -96.14
C VAL N 154 -0.74 -19.20 -94.96
N SER N 155 -1.99 -18.96 -94.57
CA SER N 155 -2.26 -18.06 -93.46
C SER N 155 -1.80 -18.66 -92.13
N ASN N 156 -1.88 -19.98 -91.98
CA ASN N 156 -1.35 -20.62 -90.79
C ASN N 156 0.16 -20.41 -90.67
N SER N 157 0.89 -20.59 -91.78
CA SER N 157 2.33 -20.34 -91.74
C SER N 157 2.62 -18.88 -91.42
N ALA N 158 1.88 -17.96 -92.04
CA ALA N 158 2.09 -16.55 -91.77
C ALA N 158 1.88 -16.25 -90.29
N ALA N 159 0.82 -16.80 -89.70
CA ALA N 159 0.58 -16.63 -88.28
C ALA N 159 1.71 -17.23 -87.46
N LEU N 160 2.24 -18.37 -87.91
CA LEU N 160 3.36 -18.99 -87.20
C LEU N 160 4.54 -18.03 -87.08
N ILE N 161 4.98 -17.45 -88.20
CA ILE N 161 6.08 -16.48 -88.08
C ILE N 161 5.66 -15.27 -87.26
N GLN N 162 4.47 -14.74 -87.52
CA GLN N 162 4.06 -13.49 -86.90
C GLN N 162 4.04 -13.59 -85.37
N GLN N 163 3.55 -14.71 -84.84
CA GLN N 163 3.53 -14.88 -83.40
C GLN N 163 4.78 -15.58 -82.87
N ALA N 164 5.67 -16.08 -83.74
CA ALA N 164 6.96 -16.56 -83.27
C ALA N 164 7.93 -15.42 -83.06
N THR N 165 7.76 -14.32 -83.78
CA THR N 165 8.58 -13.12 -83.56
C THR N 165 7.88 -12.13 -82.62
N THR N 166 7.62 -12.60 -81.40
CA THR N 166 6.81 -11.86 -80.44
C THR N 166 7.68 -11.36 -79.29
N VAL N 167 7.51 -10.08 -78.95
CA VAL N 167 8.20 -9.50 -77.81
C VAL N 167 7.58 -10.01 -76.52
N LYS N 168 8.34 -9.97 -75.43
CA LYS N 168 7.88 -10.44 -74.15
C LYS N 168 8.22 -9.44 -73.05
N ASN N 169 7.45 -9.52 -71.96
CA ASN N 169 7.62 -8.76 -70.72
C ASN N 169 8.19 -7.36 -70.96
N LYS N 170 7.55 -6.63 -71.86
CA LYS N 170 7.91 -5.24 -72.15
C LYS N 170 6.66 -4.48 -72.55
N ASP N 171 6.86 -3.26 -73.02
CA ASP N 171 5.78 -2.41 -73.52
C ASP N 171 5.70 -2.61 -75.03
N ILE N 172 4.81 -3.50 -75.47
CA ILE N 172 4.66 -3.77 -76.89
C ILE N 172 4.04 -2.60 -77.63
N ARG N 173 3.51 -1.60 -76.91
CA ARG N 173 3.04 -0.39 -77.56
C ARG N 173 4.21 0.45 -78.07
N LYS N 174 5.38 0.31 -77.46
CA LYS N 174 6.60 0.99 -77.89
C LYS N 174 7.51 0.09 -78.70
N PHE N 175 7.77 -1.12 -78.22
CA PHE N 175 8.70 -2.03 -78.89
C PHE N 175 7.96 -2.71 -80.04
N LEU N 176 7.81 -1.96 -81.14
CA LEU N 176 7.13 -2.44 -82.34
C LEU N 176 8.16 -3.09 -83.25
N ASP N 177 8.46 -4.35 -82.96
CA ASP N 177 9.42 -5.11 -83.74
C ASP N 177 8.86 -6.49 -84.02
N GLY N 178 9.27 -7.06 -85.14
CA GLY N 178 8.80 -8.35 -85.59
C GLY N 178 8.42 -8.29 -87.05
N ILE N 179 7.80 -9.37 -87.51
CA ILE N 179 7.40 -9.51 -88.91
C ILE N 179 5.88 -9.61 -88.94
N TYR N 180 5.24 -8.71 -89.67
CA TYR N 180 3.78 -8.63 -89.71
C TYR N 180 3.29 -8.80 -91.14
N VAL N 181 2.10 -9.38 -91.28
CA VAL N 181 1.48 -9.53 -92.58
C VAL N 181 1.09 -8.14 -93.09
N SER N 182 1.51 -7.83 -94.31
CA SER N 182 1.31 -6.51 -94.89
C SER N 182 0.15 -6.47 -95.88
N GLU N 183 0.05 -7.44 -96.78
CA GLU N 183 -1.08 -7.52 -97.70
C GLU N 183 -1.28 -8.96 -98.13
N LYS N 184 -2.53 -9.30 -98.43
CA LYS N 184 -2.91 -10.62 -98.88
C LYS N 184 -3.37 -10.51 -100.33
N GLY N 185 -2.77 -11.32 -101.21
CA GLY N 185 -3.10 -11.25 -102.61
C GLY N 185 -2.99 -12.57 -103.35
N THR N 186 -3.12 -12.51 -104.67
CA THR N 186 -3.03 -13.69 -105.51
C THR N 186 -1.67 -13.77 -106.20
N VAL N 187 -1.24 -14.99 -106.50
CA VAL N 187 0.02 -15.20 -107.20
C VAL N 187 -0.10 -14.73 -108.65
N GLN N 188 -1.18 -15.11 -109.32
CA GLN N 188 -1.46 -14.68 -110.68
C GLN N 188 -2.56 -13.62 -110.62
N GLN N 189 -2.23 -12.40 -111.04
CA GLN N 189 -3.18 -11.29 -110.99
C GLN N 189 -3.90 -11.23 -112.32
N ALA N 190 -5.03 -11.94 -112.40
CA ALA N 190 -5.85 -11.94 -113.60
C ALA N 190 -6.89 -10.84 -113.55
N GLY O 1 -22.73 3.59 -38.21
CA GLY O 1 -22.54 2.16 -38.08
C GLY O 1 -23.85 1.41 -37.89
N ARG O 2 -24.61 1.29 -38.97
CA ARG O 2 -25.89 0.62 -38.95
C ARG O 2 -25.80 -0.73 -39.65
N ARG O 3 -26.75 -1.61 -39.32
CA ARG O 3 -26.77 -2.95 -39.85
C ARG O 3 -27.14 -2.92 -41.33
N PRO O 4 -26.75 -3.95 -42.09
CA PRO O 4 -27.17 -4.03 -43.49
C PRO O 4 -28.69 -4.07 -43.61
N ALA O 5 -29.20 -3.46 -44.68
CA ALA O 5 -30.63 -3.32 -44.84
C ALA O 5 -31.35 -4.65 -44.93
N ARG O 6 -30.63 -5.74 -45.22
CA ARG O 6 -31.27 -7.05 -45.30
C ARG O 6 -31.80 -7.50 -43.95
N CYS O 7 -31.32 -6.91 -42.86
CA CYS O 7 -31.83 -7.26 -41.54
C CYS O 7 -33.22 -6.68 -41.30
N TYR O 8 -33.52 -5.57 -41.97
CA TYR O 8 -34.75 -4.81 -41.73
C TYR O 8 -35.58 -4.63 -42.99
N ARG O 9 -35.32 -5.43 -44.02
CA ARG O 9 -35.98 -5.24 -45.31
C ARG O 9 -37.36 -5.90 -45.41
N TYR O 10 -37.78 -6.66 -44.41
CA TYR O 10 -39.05 -7.37 -44.47
C TYR O 10 -40.04 -6.79 -43.47
N CYS O 11 -41.31 -6.76 -43.88
CA CYS O 11 -42.39 -6.22 -43.04
C CYS O 11 -42.82 -7.30 -42.04
N LYS O 12 -42.04 -7.43 -40.98
CA LYS O 12 -42.24 -8.49 -40.01
C LYS O 12 -43.05 -8.06 -38.79
N ASN O 13 -42.84 -6.85 -38.30
CA ASN O 13 -43.49 -6.37 -37.09
C ASN O 13 -44.70 -5.50 -37.42
N LYS O 14 -45.55 -5.30 -36.42
CA LYS O 14 -46.70 -4.43 -36.58
C LYS O 14 -46.23 -2.99 -36.80
N PRO O 15 -47.01 -2.19 -37.52
CA PRO O 15 -46.64 -0.79 -37.72
C PRO O 15 -46.44 -0.10 -36.38
N TYR O 16 -45.34 0.65 -36.28
CA TYR O 16 -44.80 1.08 -34.99
C TYR O 16 -44.30 2.50 -35.17
N PRO O 17 -45.15 3.49 -34.95
CA PRO O 17 -44.78 4.88 -35.24
C PRO O 17 -44.17 5.58 -34.03
N LYS O 18 -43.59 6.75 -34.30
CA LYS O 18 -43.05 7.62 -33.25
C LYS O 18 -44.22 8.34 -32.59
N SER O 19 -44.56 7.93 -31.37
CA SER O 19 -45.70 8.48 -30.66
C SER O 19 -45.30 8.70 -29.20
N ARG O 20 -46.30 8.93 -28.35
CA ARG O 20 -46.04 9.15 -26.94
C ARG O 20 -45.64 7.88 -26.20
N PHE O 21 -45.69 6.73 -26.86
CA PHE O 21 -45.14 5.51 -26.30
C PHE O 21 -43.71 5.27 -26.76
N CYS O 22 -43.42 5.49 -28.03
CA CYS O 22 -42.08 5.31 -28.58
C CYS O 22 -41.40 6.67 -28.66
N ARG O 23 -40.45 6.91 -27.76
CA ARG O 23 -39.73 8.16 -27.68
C ARG O 23 -38.24 7.90 -27.78
N GLY O 24 -37.48 8.98 -27.96
CA GLY O 24 -36.05 8.85 -28.16
C GLY O 24 -35.64 8.45 -29.55
N VAL O 25 -36.53 8.53 -30.51
CA VAL O 25 -36.24 8.10 -31.89
C VAL O 25 -35.39 9.17 -32.57
N PRO O 26 -34.25 8.80 -33.15
CA PRO O 26 -33.50 9.77 -33.97
C PRO O 26 -34.28 10.14 -35.22
N ASP O 27 -34.05 11.37 -35.69
CA ASP O 27 -34.79 11.87 -36.84
C ASP O 27 -34.35 11.18 -38.12
N ALA O 28 -35.22 11.24 -39.13
CA ALA O 28 -34.97 10.59 -40.40
C ALA O 28 -33.87 11.31 -41.18
N LYS O 29 -33.27 10.57 -42.11
CA LYS O 29 -32.24 11.16 -42.96
C LYS O 29 -32.85 12.03 -44.05
N ILE O 30 -34.05 11.69 -44.52
CA ILE O 30 -34.74 12.46 -45.55
C ILE O 30 -35.62 13.50 -44.88
N ARG O 31 -35.32 14.77 -45.11
CA ARG O 31 -36.11 15.87 -44.57
C ARG O 31 -36.74 16.75 -45.63
N ILE O 32 -36.42 16.54 -46.91
CA ILE O 32 -37.03 17.26 -48.02
C ILE O 32 -37.63 16.24 -48.96
N PHE O 33 -38.90 16.42 -49.31
CA PHE O 33 -39.61 15.51 -50.20
C PHE O 33 -39.96 16.11 -51.54
N ASP O 34 -40.16 17.43 -51.61
CA ASP O 34 -40.47 18.12 -52.85
C ASP O 34 -39.30 19.03 -53.22
N LEU O 35 -38.93 19.01 -54.50
CA LEU O 35 -37.84 19.82 -55.00
C LEU O 35 -38.00 19.99 -56.51
N GLY O 36 -37.02 20.63 -57.13
CA GLY O 36 -37.18 21.10 -58.49
C GLY O 36 -37.81 22.48 -58.50
N ARG O 37 -38.59 22.76 -59.54
CA ARG O 37 -39.37 23.98 -59.60
C ARG O 37 -40.79 23.66 -59.18
N LYS O 38 -41.03 23.73 -57.87
CA LYS O 38 -42.34 23.40 -57.31
C LYS O 38 -43.28 24.59 -57.29
N LYS O 39 -42.86 25.75 -57.78
CA LYS O 39 -43.72 26.91 -57.93
C LYS O 39 -44.38 26.96 -59.30
N ALA O 40 -44.36 25.85 -60.04
CA ALA O 40 -44.81 25.83 -61.42
C ALA O 40 -46.30 25.50 -61.49
N LYS O 41 -46.97 26.10 -62.48
CA LYS O 41 -48.39 25.86 -62.68
C LYS O 41 -48.60 24.48 -63.29
N VAL O 42 -49.81 23.94 -63.08
CA VAL O 42 -50.15 22.62 -63.58
C VAL O 42 -50.16 22.59 -65.11
N ASP O 43 -50.25 23.75 -65.75
CA ASP O 43 -50.40 23.81 -67.20
C ASP O 43 -49.13 23.36 -67.91
N GLU O 44 -47.95 23.67 -67.34
CA GLU O 44 -46.71 23.60 -68.07
C GLU O 44 -45.88 22.34 -67.79
N PHE O 45 -46.35 21.45 -66.93
CA PHE O 45 -45.70 20.17 -66.66
C PHE O 45 -46.70 19.04 -66.86
N PRO O 46 -47.01 18.69 -68.11
CA PRO O 46 -48.06 17.68 -68.35
C PRO O 46 -47.59 16.26 -68.07
N LEU O 47 -46.35 15.95 -68.42
CA LEU O 47 -45.85 14.59 -68.31
C LEU O 47 -45.61 14.20 -66.87
N CYS O 48 -45.94 12.96 -66.52
CA CYS O 48 -45.73 12.42 -65.20
C CYS O 48 -45.09 11.04 -65.30
N GLY O 49 -44.17 10.75 -64.38
CA GLY O 49 -43.52 9.46 -64.35
C GLY O 49 -43.39 8.92 -62.94
N HIS O 50 -43.62 7.62 -62.76
CA HIS O 50 -43.68 7.01 -61.44
C HIS O 50 -42.63 5.91 -61.30
N MET O 51 -42.32 5.60 -60.05
CA MET O 51 -41.49 4.45 -59.69
C MET O 51 -42.37 3.51 -58.88
N VAL O 52 -42.99 2.55 -59.55
CA VAL O 52 -44.00 1.69 -58.94
C VAL O 52 -43.29 0.52 -58.28
N SER O 53 -43.61 0.29 -57.01
CA SER O 53 -43.01 -0.81 -56.26
C SER O 53 -43.61 -2.14 -56.69
N ASP O 54 -42.79 -3.19 -56.62
CA ASP O 54 -43.21 -4.52 -57.03
C ASP O 54 -43.15 -5.53 -55.89
N GLU O 55 -42.78 -5.11 -54.68
CA GLU O 55 -42.72 -6.03 -53.54
C GLU O 55 -43.28 -5.34 -52.30
N TYR O 56 -43.69 -6.18 -51.35
CA TYR O 56 -44.17 -5.74 -50.04
C TYR O 56 -42.99 -5.84 -49.08
N GLU O 57 -42.35 -4.71 -48.81
CA GLU O 57 -41.11 -4.70 -48.05
C GLU O 57 -40.94 -3.33 -47.42
N GLN O 58 -39.78 -3.11 -46.80
CA GLN O 58 -39.48 -1.86 -46.10
C GLN O 58 -38.31 -1.15 -46.76
N LEU O 59 -38.43 0.16 -46.90
CA LEU O 59 -37.39 0.98 -47.49
C LEU O 59 -36.84 1.94 -46.43
N SER O 60 -35.53 2.12 -46.43
CA SER O 60 -34.91 2.96 -45.42
C SER O 60 -34.89 4.42 -45.85
N SER O 61 -34.91 5.31 -44.86
CA SER O 61 -34.82 6.73 -45.13
C SER O 61 -33.50 7.07 -45.82
N GLU O 62 -32.42 6.36 -45.48
CA GLU O 62 -31.16 6.57 -46.17
C GLU O 62 -31.26 6.23 -47.64
N ALA O 63 -31.92 5.11 -47.97
CA ALA O 63 -32.12 4.75 -49.36
C ALA O 63 -33.00 5.76 -50.08
N LEU O 64 -34.05 6.23 -49.41
CA LEU O 64 -34.93 7.23 -50.02
C LEU O 64 -34.17 8.51 -50.32
N GLU O 65 -33.33 8.96 -49.38
CA GLU O 65 -32.53 10.16 -49.61
C GLU O 65 -31.52 9.95 -50.74
N ALA O 66 -30.88 8.79 -50.78
CA ALA O 66 -29.91 8.52 -51.82
C ALA O 66 -30.56 8.54 -53.20
N ALA O 67 -31.73 7.90 -53.33
CA ALA O 67 -32.43 7.90 -54.61
C ALA O 67 -32.90 9.30 -54.98
N ARG O 68 -33.39 10.06 -54.00
CA ARG O 68 -33.78 11.45 -54.25
C ARG O 68 -32.61 12.24 -54.81
N ILE O 69 -31.43 12.11 -54.17
CA ILE O 69 -30.26 12.85 -54.61
C ILE O 69 -29.85 12.45 -56.02
N CYS O 70 -29.85 11.15 -56.30
CA CYS O 70 -29.47 10.67 -57.64
C CYS O 70 -30.41 11.21 -58.70
N ALA O 71 -31.72 11.11 -58.45
CA ALA O 71 -32.70 11.59 -59.42
C ALA O 71 -32.58 13.09 -59.65
N ASN O 72 -32.42 13.86 -58.57
CA ASN O 72 -32.26 15.30 -58.73
C ASN O 72 -31.00 15.64 -59.51
N LYS O 73 -29.90 14.93 -59.23
CA LYS O 73 -28.65 15.24 -59.93
C LYS O 73 -28.78 14.99 -61.42
N TYR O 74 -29.33 13.82 -61.80
CA TYR O 74 -29.47 13.53 -63.22
C TYR O 74 -30.46 14.49 -63.88
N MET O 75 -31.56 14.82 -63.19
CA MET O 75 -32.53 15.73 -63.79
C MET O 75 -31.94 17.13 -63.97
N VAL O 76 -31.15 17.59 -63.01
CA VAL O 76 -30.49 18.89 -63.16
C VAL O 76 -29.53 18.85 -64.35
N LYS O 77 -28.78 17.76 -64.49
CA LYS O 77 -27.84 17.66 -65.59
C LYS O 77 -28.55 17.64 -66.94
N SER O 78 -29.69 16.95 -67.02
CA SER O 78 -30.31 16.67 -68.31
C SER O 78 -31.38 17.69 -68.69
N CYS O 79 -32.40 17.85 -67.83
CA CYS O 79 -33.57 18.66 -68.14
C CYS O 79 -33.44 20.11 -67.68
N GLY O 80 -32.22 20.58 -67.44
CA GLY O 80 -32.03 21.90 -66.90
C GLY O 80 -32.19 21.94 -65.39
N LYS O 81 -31.95 23.12 -64.83
CA LYS O 81 -31.97 23.27 -63.38
C LYS O 81 -33.40 23.30 -62.84
N ASP O 82 -34.34 23.87 -63.60
CA ASP O 82 -35.70 24.05 -63.12
C ASP O 82 -36.72 23.67 -64.17
N GLY O 83 -36.38 22.69 -65.00
CA GLY O 83 -37.29 22.15 -65.99
C GLY O 83 -38.04 20.92 -65.57
N PHE O 84 -38.06 20.59 -64.28
CA PHE O 84 -38.69 19.36 -63.79
C PHE O 84 -39.25 19.61 -62.41
N HIS O 85 -39.79 18.54 -61.81
CA HIS O 85 -40.30 18.56 -60.45
C HIS O 85 -40.31 17.13 -59.95
N ILE O 86 -39.75 16.90 -58.76
CA ILE O 86 -39.67 15.57 -58.17
C ILE O 86 -40.42 15.58 -56.85
N ARG O 87 -41.30 14.60 -56.66
CA ARG O 87 -42.04 14.43 -55.42
C ARG O 87 -41.82 13.01 -54.90
N VAL O 88 -41.16 12.90 -53.76
CA VAL O 88 -41.03 11.61 -53.09
C VAL O 88 -42.31 11.37 -52.29
N ARG O 89 -42.99 10.26 -52.60
CA ARG O 89 -44.30 9.99 -52.02
C ARG O 89 -44.25 8.88 -50.98
N LEU O 90 -43.14 8.78 -50.24
CA LEU O 90 -43.01 7.86 -49.13
C LEU O 90 -42.43 8.62 -47.94
N HIS O 91 -43.06 8.46 -46.78
CA HIS O 91 -42.58 9.09 -45.56
C HIS O 91 -42.25 8.01 -44.54
N PRO O 92 -41.02 7.95 -44.05
CA PRO O 92 -40.67 6.89 -43.09
C PRO O 92 -41.30 7.12 -41.73
N PHE O 93 -42.32 6.34 -41.41
CA PHE O 93 -42.98 6.41 -40.11
C PHE O 93 -42.72 5.21 -39.23
N HIS O 94 -42.47 4.04 -39.81
CA HIS O 94 -42.15 2.85 -39.03
C HIS O 94 -40.74 2.95 -38.50
N VAL O 95 -40.58 2.79 -37.19
CA VAL O 95 -39.28 2.88 -36.53
C VAL O 95 -38.83 1.48 -36.16
N ILE O 96 -37.58 1.15 -36.48
CA ILE O 96 -37.01 -0.17 -36.22
C ILE O 96 -36.21 -0.13 -34.92
N ARG O 97 -36.07 -1.29 -34.30
CA ARG O 97 -35.48 -1.41 -32.97
C ARG O 97 -34.25 -2.32 -33.04
N ILE O 98 -33.20 -1.93 -32.34
CA ILE O 98 -31.96 -2.72 -32.28
C ILE O 98 -31.71 -3.11 -30.82
N ASN O 99 -31.41 -4.39 -30.60
CA ASN O 99 -30.96 -4.88 -29.31
C ASN O 99 -29.44 -4.90 -29.36
N LYS O 100 -28.81 -3.91 -28.75
CA LYS O 100 -27.36 -3.77 -28.83
C LYS O 100 -26.69 -4.70 -27.83
N MET O 101 -25.72 -5.47 -28.30
CA MET O 101 -24.96 -6.40 -27.47
C MET O 101 -23.57 -5.85 -27.22
N LEU O 102 -22.98 -6.27 -26.11
CA LEU O 102 -21.63 -5.90 -25.69
C LEU O 102 -21.31 -4.43 -25.90
N GLN O 111 -22.80 -9.06 -20.71
CA GLN O 111 -23.39 -10.11 -21.54
C GLN O 111 -24.71 -10.59 -20.96
N THR O 112 -25.77 -9.80 -21.17
CA THR O 112 -27.06 -10.14 -20.59
C THR O 112 -27.73 -11.29 -21.33
N GLY O 113 -27.50 -11.43 -22.63
CA GLY O 113 -28.17 -12.45 -23.40
C GLY O 113 -29.52 -11.98 -23.89
N MET O 114 -30.50 -12.88 -23.88
CA MET O 114 -31.85 -12.52 -24.28
C MET O 114 -32.74 -12.12 -23.11
N ARG O 115 -32.21 -12.00 -21.91
CA ARG O 115 -33.00 -11.47 -20.80
C ARG O 115 -33.26 -9.99 -21.03
N GLY O 116 -34.52 -9.59 -20.91
CA GLY O 116 -34.91 -8.20 -21.15
C GLY O 116 -34.51 -7.72 -22.52
N ALA O 117 -34.77 -8.53 -23.53
CA ALA O 117 -34.28 -8.28 -24.88
C ALA O 117 -35.33 -7.54 -25.71
N PHE O 118 -35.54 -6.28 -25.36
CA PHE O 118 -36.39 -5.39 -26.14
C PHE O 118 -35.54 -4.22 -26.62
N GLY O 119 -35.56 -3.98 -27.94
CA GLY O 119 -34.62 -3.05 -28.52
C GLY O 119 -35.00 -1.60 -28.32
N LYS O 120 -34.01 -0.74 -28.46
CA LYS O 120 -34.16 0.70 -28.52
C LYS O 120 -34.36 1.16 -29.95
N PRO O 121 -34.96 2.33 -30.16
CA PRO O 121 -35.13 2.82 -31.53
C PRO O 121 -33.79 3.02 -32.21
N GLN O 122 -33.73 2.65 -33.49
CA GLN O 122 -32.54 2.79 -34.31
C GLN O 122 -32.71 3.81 -35.43
N GLY O 123 -33.73 3.64 -36.24
CA GLY O 123 -34.01 4.55 -37.33
C GLY O 123 -35.43 4.34 -37.81
N THR O 124 -35.76 4.96 -38.93
CA THR O 124 -37.10 4.89 -39.49
C THR O 124 -37.05 4.32 -40.89
N VAL O 125 -38.02 3.46 -41.21
CA VAL O 125 -38.17 2.88 -42.53
C VAL O 125 -39.62 3.06 -42.96
N ALA O 126 -39.84 2.91 -44.26
CA ALA O 126 -41.17 3.05 -44.85
C ALA O 126 -41.65 1.71 -45.36
N ARG O 127 -42.85 1.31 -44.94
CA ARG O 127 -43.46 0.07 -45.42
C ARG O 127 -44.20 0.36 -46.71
N VAL O 128 -43.94 -0.47 -47.73
CA VAL O 128 -44.42 -0.23 -49.08
C VAL O 128 -45.21 -1.44 -49.54
N HIS O 129 -46.26 -1.21 -50.31
CA HIS O 129 -47.14 -2.25 -50.82
C HIS O 129 -46.92 -2.45 -52.31
N ILE O 130 -47.59 -3.48 -52.85
CA ILE O 130 -47.51 -3.77 -54.26
C ILE O 130 -48.23 -2.67 -55.04
N GLY O 131 -47.56 -2.14 -56.07
CA GLY O 131 -48.18 -1.11 -56.86
C GLY O 131 -48.30 0.23 -56.19
N GLN O 132 -47.46 0.50 -55.19
CA GLN O 132 -47.46 1.79 -54.50
C GLN O 132 -46.33 2.65 -55.04
N VAL O 133 -46.65 3.90 -55.38
CA VAL O 133 -45.67 4.79 -55.96
C VAL O 133 -44.62 5.14 -54.92
N ILE O 134 -43.35 5.11 -55.34
CA ILE O 134 -42.24 5.53 -54.50
C ILE O 134 -41.80 6.95 -54.82
N MET O 135 -41.65 7.27 -56.10
CA MET O 135 -41.23 8.59 -56.53
C MET O 135 -42.04 9.00 -57.75
N SER O 136 -42.16 10.32 -57.94
CA SER O 136 -42.87 10.88 -59.07
C SER O 136 -42.10 12.07 -59.62
N ILE O 137 -42.07 12.19 -60.93
CA ILE O 137 -41.41 13.31 -61.60
C ILE O 137 -42.42 14.00 -62.51
N ARG O 138 -42.48 15.32 -62.41
CA ARG O 138 -43.39 16.14 -63.20
C ARG O 138 -42.54 17.10 -64.03
N THR O 139 -42.64 16.99 -65.35
CA THR O 139 -41.79 17.80 -66.21
C THR O 139 -42.48 17.98 -67.56
N LYS O 140 -41.74 18.53 -68.52
CA LYS O 140 -42.28 18.80 -69.85
C LYS O 140 -42.54 17.51 -70.59
N LEU O 141 -43.36 17.61 -71.64
CA LEU O 141 -43.70 16.44 -72.44
C LEU O 141 -42.50 15.92 -73.24
N GLN O 142 -41.55 16.78 -73.56
CA GLN O 142 -40.41 16.40 -74.39
C GLN O 142 -39.37 15.57 -73.63
N ASN O 143 -39.37 15.62 -72.30
CA ASN O 143 -38.32 15.03 -71.49
C ASN O 143 -38.65 13.60 -71.05
N LYS O 144 -39.39 12.86 -71.87
CA LYS O 144 -39.84 11.52 -71.47
C LYS O 144 -38.66 10.59 -71.22
N GLU O 145 -37.72 10.53 -72.17
CA GLU O 145 -36.60 9.61 -72.01
C GLU O 145 -35.67 10.05 -70.89
N HIS O 146 -35.55 11.35 -70.66
CA HIS O 146 -34.74 11.83 -69.54
C HIS O 146 -35.36 11.40 -68.21
N VAL O 147 -36.68 11.49 -68.09
CA VAL O 147 -37.35 11.02 -66.89
C VAL O 147 -37.14 9.52 -66.71
N VAL O 148 -37.31 8.75 -67.79
CA VAL O 148 -37.16 7.31 -67.69
C VAL O 148 -35.74 6.96 -67.24
N GLU O 149 -34.73 7.62 -67.80
CA GLU O 149 -33.37 7.30 -67.43
C GLU O 149 -33.05 7.73 -65.99
N ALA O 150 -33.61 8.87 -65.55
CA ALA O 150 -33.40 9.29 -64.17
C ALA O 150 -33.99 8.28 -63.20
N LEU O 151 -35.20 7.79 -63.48
CA LEU O 151 -35.79 6.78 -62.62
C LEU O 151 -35.00 5.48 -62.68
N ARG O 152 -34.52 5.11 -63.86
CA ARG O 152 -33.70 3.90 -63.96
C ARG O 152 -32.45 4.00 -63.10
N ARG O 153 -31.79 5.17 -63.11
CA ARG O 153 -30.63 5.36 -62.26
C ARG O 153 -30.99 5.37 -60.78
N ALA O 154 -32.14 5.94 -60.42
CA ALA O 154 -32.54 5.95 -59.02
C ALA O 154 -32.97 4.57 -58.53
N LYS O 155 -33.29 3.66 -59.46
CA LYS O 155 -33.77 2.34 -59.06
C LYS O 155 -32.71 1.55 -58.30
N PHE O 156 -31.45 1.66 -58.70
CA PHE O 156 -30.40 0.81 -58.13
C PHE O 156 -30.17 1.06 -56.66
N LYS O 157 -30.65 2.17 -56.11
CA LYS O 157 -30.42 2.48 -54.71
C LYS O 157 -31.44 1.84 -53.78
N PHE O 158 -32.42 1.12 -54.32
CA PHE O 158 -33.48 0.47 -53.55
C PHE O 158 -33.38 -1.05 -53.66
N PRO O 159 -33.62 -1.77 -52.58
CA PRO O 159 -33.68 -3.23 -52.66
C PRO O 159 -34.92 -3.68 -53.41
N GLY O 160 -34.87 -4.92 -53.87
CA GLY O 160 -36.05 -5.49 -54.47
C GLY O 160 -36.30 -5.00 -55.89
N ARG O 161 -37.51 -5.26 -56.37
CA ARG O 161 -37.91 -4.98 -57.74
C ARG O 161 -38.84 -3.78 -57.78
N GLN O 162 -38.57 -2.87 -58.71
CA GLN O 162 -39.45 -1.76 -59.02
C GLN O 162 -39.58 -1.67 -60.53
N LYS O 163 -40.55 -0.90 -61.00
CA LYS O 163 -40.70 -0.71 -62.43
C LYS O 163 -41.12 0.73 -62.72
N ILE O 164 -40.68 1.24 -63.86
CA ILE O 164 -41.01 2.59 -64.29
C ILE O 164 -42.23 2.55 -65.18
N HIS O 165 -43.23 3.38 -64.86
CA HIS O 165 -44.46 3.43 -65.61
C HIS O 165 -44.85 4.89 -65.79
N ILE O 166 -45.24 5.24 -67.00
CA ILE O 166 -45.64 6.61 -67.32
C ILE O 166 -47.15 6.73 -67.13
N SER O 167 -47.56 7.66 -66.28
CA SER O 167 -48.96 7.75 -65.88
C SER O 167 -49.81 8.36 -66.99
N LYS O 168 -51.09 7.97 -67.00
CA LYS O 168 -52.05 8.52 -67.95
C LYS O 168 -52.57 9.89 -67.50
N LYS O 169 -52.42 10.24 -66.24
CA LYS O 169 -52.96 11.48 -65.72
C LYS O 169 -52.14 12.68 -66.21
N TRP O 170 -52.57 13.87 -65.80
CA TRP O 170 -51.93 15.11 -66.18
C TRP O 170 -51.17 15.65 -64.98
N GLY O 171 -49.85 15.63 -65.05
CA GLY O 171 -49.04 16.13 -63.96
C GLY O 171 -49.28 15.35 -62.69
N PHE O 172 -49.25 16.06 -61.56
CA PHE O 172 -49.54 15.44 -60.27
C PHE O 172 -51.01 15.60 -59.90
N THR O 173 -51.90 15.22 -60.81
CA THR O 173 -53.33 15.29 -60.60
C THR O 173 -53.94 13.91 -60.83
N LYS O 174 -55.23 13.80 -60.52
CA LYS O 174 -55.97 12.57 -60.71
C LYS O 174 -56.88 12.59 -61.93
N PHE O 175 -56.73 13.58 -62.80
CA PHE O 175 -57.55 13.72 -63.99
C PHE O 175 -56.73 13.40 -65.23
N ASN O 176 -57.37 12.75 -66.20
CA ASN O 176 -56.67 12.26 -67.38
C ASN O 176 -56.20 13.42 -68.26
N ALA O 177 -55.04 13.22 -68.89
CA ALA O 177 -54.41 14.29 -69.68
C ALA O 177 -55.25 14.64 -70.90
N ASP O 178 -55.87 13.66 -71.54
CA ASP O 178 -56.64 13.93 -72.75
C ASP O 178 -57.83 14.83 -72.46
N GLU O 179 -58.52 14.59 -71.36
CA GLU O 179 -59.70 15.36 -71.01
C GLU O 179 -59.41 16.54 -70.10
N PHE O 180 -58.16 16.72 -69.68
CA PHE O 180 -57.82 17.81 -68.78
C PHE O 180 -58.12 19.16 -69.40
N GLU O 181 -57.68 19.38 -70.64
CA GLU O 181 -57.92 20.66 -71.30
C GLU O 181 -59.40 20.89 -71.54
N ASP O 182 -60.12 19.84 -71.94
CA ASP O 182 -61.57 19.95 -72.14
C ASP O 182 -62.23 20.42 -70.86
N MET O 183 -61.91 19.78 -69.73
CA MET O 183 -62.60 20.09 -68.49
C MET O 183 -62.21 21.47 -67.96
N VAL O 184 -60.94 21.86 -68.12
CA VAL O 184 -60.54 23.18 -67.65
C VAL O 184 -61.17 24.26 -68.51
N ALA O 185 -61.36 24.01 -69.81
CA ALA O 185 -62.06 24.98 -70.65
C ALA O 185 -63.53 25.06 -70.26
N GLU O 186 -64.15 23.90 -70.00
CA GLU O 186 -65.57 23.85 -69.65
C GLU O 186 -65.82 24.27 -68.20
N LYS O 187 -64.75 24.61 -67.47
CA LYS O 187 -64.81 25.31 -66.19
C LYS O 187 -65.20 24.40 -65.02
N ARG O 188 -64.92 23.11 -65.14
CA ARG O 188 -64.98 22.25 -63.96
C ARG O 188 -63.68 22.23 -63.19
N LEU O 189 -62.60 22.78 -63.74
CA LEU O 189 -61.29 22.77 -63.11
C LEU O 189 -60.77 24.19 -62.97
N ILE O 190 -60.35 24.56 -61.77
CA ILE O 190 -59.74 25.84 -61.50
C ILE O 190 -58.30 25.61 -61.05
N PRO O 191 -57.31 25.93 -61.86
CA PRO O 191 -55.91 25.74 -61.45
C PRO O 191 -55.61 26.50 -60.16
N ASP O 192 -54.91 25.85 -59.25
CA ASP O 192 -54.61 26.42 -57.94
C ASP O 192 -53.16 26.14 -57.54
N GLY O 193 -52.25 26.30 -58.49
CA GLY O 193 -50.83 26.13 -58.21
C GLY O 193 -50.30 24.82 -58.77
N CYS O 194 -49.73 23.99 -57.89
CA CYS O 194 -49.24 22.69 -58.33
C CYS O 194 -50.38 21.81 -58.82
N GLY O 195 -51.53 21.87 -58.16
CA GLY O 195 -52.67 21.06 -58.50
C GLY O 195 -53.84 21.88 -59.03
N VAL O 196 -54.98 21.21 -59.15
CA VAL O 196 -56.18 21.81 -59.71
C VAL O 196 -57.34 21.50 -58.77
N LYS O 197 -58.36 22.35 -58.82
CA LYS O 197 -59.54 22.21 -57.98
C LYS O 197 -60.74 21.84 -58.85
N TYR O 198 -61.44 20.78 -58.47
CA TYR O 198 -62.61 20.31 -59.20
C TYR O 198 -63.86 20.99 -58.68
N ILE O 199 -64.63 21.58 -59.59
CA ILE O 199 -65.79 22.39 -59.23
C ILE O 199 -67.05 21.58 -59.49
N PRO O 200 -67.78 21.17 -58.47
CA PRO O 200 -69.02 20.42 -58.68
C PRO O 200 -70.17 21.37 -58.99
N ASN O 201 -71.32 20.79 -59.31
CA ASN O 201 -72.52 21.52 -59.69
C ASN O 201 -73.57 21.45 -58.57
N ARG O 202 -73.12 21.57 -57.32
CA ARG O 202 -73.95 21.32 -56.17
C ARG O 202 -73.81 22.36 -55.07
N GLY O 203 -73.05 23.42 -55.29
CA GLY O 203 -72.97 24.50 -54.32
C GLY O 203 -74.07 25.51 -54.53
N PRO O 204 -74.03 26.61 -53.79
CA PRO O 204 -74.90 27.75 -54.13
C PRO O 204 -74.48 28.32 -55.48
N LEU O 205 -75.47 28.81 -56.23
CA LEU O 205 -75.15 29.35 -57.54
C LEU O 205 -74.48 30.71 -57.48
N ASP O 206 -74.35 31.29 -56.29
CA ASP O 206 -73.54 32.49 -56.15
C ASP O 206 -72.09 32.21 -56.53
N LYS O 207 -71.56 31.07 -56.10
CA LYS O 207 -70.21 30.69 -56.52
C LYS O 207 -70.15 30.43 -58.02
N TRP O 208 -71.20 29.84 -58.58
CA TRP O 208 -71.24 29.59 -60.01
C TRP O 208 -71.16 30.89 -60.80
N ARG O 209 -71.96 31.88 -60.40
CA ARG O 209 -71.93 33.16 -61.12
C ARG O 209 -70.63 33.91 -60.86
N ALA O 210 -70.04 33.76 -59.67
CA ALA O 210 -68.74 34.36 -59.42
C ALA O 210 -67.68 33.78 -60.34
N LEU O 211 -67.70 32.46 -60.54
CA LEU O 211 -66.78 31.84 -61.48
C LEU O 211 -67.05 32.28 -62.91
N HIS O 212 -68.32 32.41 -63.28
CA HIS O 212 -68.70 32.76 -64.64
C HIS O 212 -68.72 34.27 -64.87
N SER O 213 -68.26 35.06 -63.92
CA SER O 213 -68.20 36.50 -64.10
C SER O 213 -66.96 37.10 -63.47
N GLU P 1 -93.64 52.43 -38.64
CA GLU P 1 -92.59 51.65 -37.98
C GLU P 1 -93.15 50.88 -36.78
N ASN P 2 -92.70 49.65 -36.63
CA ASN P 2 -93.23 48.79 -35.56
C ASN P 2 -92.77 49.30 -34.20
N PRO P 3 -93.69 49.45 -33.23
CA PRO P 3 -93.26 49.94 -31.91
C PRO P 3 -92.27 49.02 -31.22
N MET P 4 -92.36 47.72 -31.44
CA MET P 4 -91.59 46.75 -30.68
C MET P 4 -90.14 46.61 -31.15
N ARG P 5 -89.67 47.50 -32.02
CA ARG P 5 -88.27 47.53 -32.42
C ARG P 5 -87.51 48.70 -31.81
N GLU P 6 -88.15 49.45 -30.91
CA GLU P 6 -87.53 50.65 -30.34
C GLU P 6 -86.39 50.27 -29.41
N LEU P 7 -85.25 50.96 -29.56
CA LEU P 7 -84.12 50.73 -28.69
C LEU P 7 -84.42 51.22 -27.28
N ARG P 8 -83.84 50.52 -26.30
CA ARG P 8 -83.98 50.90 -24.90
C ARG P 8 -82.78 50.37 -24.13
N ILE P 9 -82.56 50.94 -22.95
CA ILE P 9 -81.44 50.55 -22.10
C ILE P 9 -81.90 49.40 -21.22
N ARG P 10 -81.35 48.21 -21.45
CA ARG P 10 -81.64 47.09 -20.56
C ARG P 10 -81.10 47.36 -19.16
N LYS P 11 -79.82 47.70 -19.06
CA LYS P 11 -79.22 47.98 -17.76
C LYS P 11 -77.91 48.73 -17.97
N LEU P 12 -77.50 49.45 -16.92
CA LEU P 12 -76.21 50.13 -16.88
C LEU P 12 -75.38 49.50 -15.79
N CYS P 13 -74.17 49.06 -16.15
CA CYS P 13 -73.31 48.30 -15.25
C CYS P 13 -72.15 49.18 -14.80
N LEU P 14 -72.03 49.34 -13.48
CA LEU P 14 -71.00 50.17 -12.87
C LEU P 14 -70.09 49.30 -12.02
N ASN P 15 -68.79 49.56 -12.07
CA ASN P 15 -67.87 48.85 -11.20
C ASN P 15 -66.61 49.68 -10.97
N ILE P 16 -65.99 49.45 -9.83
CA ILE P 16 -64.69 50.01 -9.48
C ILE P 16 -63.80 48.86 -9.06
N CYS P 17 -62.67 48.68 -9.75
CA CYS P 17 -61.70 47.65 -9.40
C CYS P 17 -60.56 48.33 -8.65
N VAL P 18 -60.67 48.34 -7.32
CA VAL P 18 -59.65 48.96 -6.50
C VAL P 18 -58.36 48.15 -6.48
N GLY P 19 -58.43 46.85 -6.75
CA GLY P 19 -57.25 46.01 -6.83
C GLY P 19 -56.79 45.39 -5.53
N GLU P 20 -57.49 45.63 -4.42
CA GLU P 20 -57.10 45.04 -3.14
C GLU P 20 -58.35 44.93 -2.27
N SER P 21 -58.17 44.47 -1.04
CA SER P 21 -59.27 44.19 -0.13
C SER P 21 -59.15 45.03 1.14
N GLY P 22 -60.30 45.37 1.71
CA GLY P 22 -60.36 45.97 3.04
C GLY P 22 -61.08 47.32 3.01
N ASP P 23 -60.49 48.28 3.72
CA ASP P 23 -61.16 49.55 3.96
C ASP P 23 -61.37 50.33 2.67
N ARG P 24 -60.37 50.33 1.77
CA ARG P 24 -60.54 51.04 0.50
C ARG P 24 -61.64 50.43 -0.34
N LEU P 25 -61.71 49.11 -0.37
CA LEU P 25 -62.78 48.44 -1.12
C LEU P 25 -64.15 48.79 -0.52
N THR P 26 -64.24 48.81 0.81
CA THR P 26 -65.50 49.22 1.43
C THR P 26 -65.84 50.66 1.09
N ARG P 27 -64.83 51.53 1.05
CA ARG P 27 -65.06 52.93 0.66
C ARG P 27 -65.60 53.03 -0.75
N ALA P 28 -65.04 52.24 -1.68
CA ALA P 28 -65.54 52.25 -3.05
C ALA P 28 -66.97 51.73 -3.13
N ALA P 29 -67.28 50.70 -2.35
CA ALA P 29 -68.64 50.20 -2.30
C ALA P 29 -69.58 51.28 -1.81
N LYS P 30 -69.18 52.03 -0.78
CA LYS P 30 -69.99 53.15 -0.32
C LYS P 30 -70.14 54.21 -1.40
N VAL P 31 -69.07 54.47 -2.16
CA VAL P 31 -69.15 55.40 -3.28
C VAL P 31 -70.30 55.02 -4.20
N LEU P 32 -70.25 53.81 -4.74
CA LEU P 32 -71.26 53.50 -5.76
C LEU P 32 -72.63 53.25 -5.15
N GLU P 33 -72.69 52.86 -3.86
CA GLU P 33 -73.97 52.73 -3.20
C GLU P 33 -74.66 54.08 -3.04
N GLN P 34 -73.91 55.10 -2.61
CA GLN P 34 -74.46 56.44 -2.55
C GLN P 34 -74.78 56.96 -3.96
N LEU P 35 -74.00 56.55 -4.95
CA LEU P 35 -74.24 56.99 -6.33
C LEU P 35 -75.56 56.44 -6.85
N THR P 36 -75.78 55.14 -6.72
CA THR P 36 -76.94 54.49 -7.33
C THR P 36 -78.16 54.53 -6.41
N GLY P 37 -78.04 53.94 -5.22
CA GLY P 37 -79.20 53.78 -4.38
C GLY P 37 -79.55 52.32 -4.17
N GLN P 38 -78.55 51.46 -4.15
CA GLN P 38 -78.73 50.05 -3.83
C GLN P 38 -77.40 49.48 -3.36
N THR P 39 -77.46 48.52 -2.44
CA THR P 39 -76.26 47.92 -1.89
C THR P 39 -75.54 47.10 -2.96
N PRO P 40 -74.24 47.27 -3.14
CA PRO P 40 -73.51 46.54 -4.19
C PRO P 40 -73.11 45.15 -3.73
N VAL P 41 -72.35 44.48 -4.59
CA VAL P 41 -71.78 43.17 -4.30
C VAL P 41 -70.29 43.19 -4.62
N PHE P 42 -69.55 42.33 -3.94
CA PHE P 42 -68.10 42.26 -4.06
C PHE P 42 -67.70 41.10 -4.97
N SER P 43 -66.72 41.35 -5.83
CA SER P 43 -66.18 40.33 -6.72
C SER P 43 -64.85 39.85 -6.19
N LYS P 44 -64.57 38.56 -6.39
CA LYS P 44 -63.34 37.95 -5.92
C LYS P 44 -62.37 37.74 -7.08
N ALA P 45 -61.09 37.63 -6.72
CA ALA P 45 -60.05 37.35 -7.70
C ALA P 45 -59.92 35.86 -7.91
N ARG P 46 -59.91 35.45 -9.18
CA ARG P 46 -59.96 34.03 -9.51
C ARG P 46 -58.57 33.39 -9.59
N TYR P 47 -57.54 34.15 -9.90
CA TYR P 47 -56.18 33.66 -9.95
C TYR P 47 -55.34 34.45 -8.94
N THR P 48 -54.04 34.19 -8.96
CA THR P 48 -53.09 34.86 -8.07
C THR P 48 -51.97 35.45 -8.92
N VAL P 49 -51.85 36.77 -8.90
CA VAL P 49 -50.82 37.48 -9.64
C VAL P 49 -49.94 38.20 -8.62
N ARG P 50 -48.70 37.73 -8.48
CA ARG P 50 -47.79 38.35 -7.53
C ARG P 50 -47.48 39.79 -7.93
N SER P 51 -47.31 40.05 -9.23
CA SER P 51 -46.98 41.39 -9.69
C SER P 51 -48.14 42.36 -9.46
N PHE P 52 -49.39 41.89 -9.58
CA PHE P 52 -50.55 42.72 -9.32
C PHE P 52 -50.90 42.81 -7.85
N GLY P 53 -50.32 41.96 -7.01
CA GLY P 53 -50.65 41.95 -5.59
C GLY P 53 -52.07 41.51 -5.30
N ILE P 54 -52.55 40.49 -6.00
CA ILE P 54 -53.86 39.91 -5.75
C ILE P 54 -53.71 38.40 -5.63
N ARG P 55 -54.43 37.81 -4.69
CA ARG P 55 -54.43 36.38 -4.48
C ARG P 55 -55.77 35.78 -4.86
N ARG P 56 -55.78 34.45 -4.99
CA ARG P 56 -57.00 33.75 -5.38
C ARG P 56 -58.08 33.96 -4.33
N ASN P 57 -59.32 34.14 -4.78
CA ASN P 57 -60.49 34.29 -3.92
C ASN P 57 -60.39 35.52 -3.02
N GLU P 58 -59.72 36.57 -3.49
CA GLU P 58 -59.60 37.81 -2.76
C GLU P 58 -60.56 38.84 -3.34
N LYS P 59 -61.31 39.51 -2.47
CA LYS P 59 -62.25 40.54 -2.92
C LYS P 59 -61.47 41.79 -3.34
N ILE P 60 -61.56 42.14 -4.63
CA ILE P 60 -60.73 43.20 -5.17
C ILE P 60 -61.56 44.24 -5.92
N ALA P 61 -62.82 43.93 -6.19
CA ALA P 61 -63.64 44.80 -7.00
C ALA P 61 -65.07 44.78 -6.50
N VAL P 62 -65.81 45.85 -6.81
CA VAL P 62 -67.21 46.00 -6.44
C VAL P 62 -67.98 46.50 -7.66
N HIS P 63 -69.16 45.92 -7.89
CA HIS P 63 -69.94 46.26 -9.07
C HIS P 63 -71.43 46.25 -8.74
N CYS P 64 -72.20 46.93 -9.58
CA CYS P 64 -73.65 47.00 -9.45
C CYS P 64 -74.27 47.20 -10.82
N THR P 65 -75.54 46.85 -10.94
CA THR P 65 -76.30 47.02 -12.17
C THR P 65 -77.58 47.78 -11.87
N VAL P 66 -77.87 48.80 -12.66
CA VAL P 66 -79.02 49.68 -12.46
C VAL P 66 -79.91 49.58 -13.69
N ARG P 67 -81.22 49.49 -13.46
CA ARG P 67 -82.20 49.30 -14.53
C ARG P 67 -83.30 50.33 -14.43
N GLY P 68 -83.62 50.98 -15.56
CA GLY P 68 -84.78 51.83 -15.63
C GLY P 68 -84.52 53.33 -15.60
N ALA P 69 -85.39 54.06 -14.89
CA ALA P 69 -85.25 55.50 -14.81
C ALA P 69 -83.97 55.89 -14.08
N LYS P 70 -83.63 55.16 -13.03
CA LYS P 70 -82.36 55.41 -12.36
C LYS P 70 -81.19 55.17 -13.31
N ALA P 71 -81.28 54.12 -14.12
CA ALA P 71 -80.22 53.85 -15.09
C ALA P 71 -80.08 55.01 -16.07
N GLU P 72 -81.19 55.50 -16.62
CA GLU P 72 -81.10 56.56 -17.61
C GLU P 72 -80.59 57.86 -17.00
N GLU P 73 -81.01 58.17 -15.76
CA GLU P 73 -80.53 59.41 -15.16
C GLU P 73 -79.04 59.32 -14.80
N ILE P 74 -78.57 58.16 -14.35
CA ILE P 74 -77.15 58.03 -14.03
C ILE P 74 -76.32 58.07 -15.31
N LEU P 75 -76.82 57.46 -16.39
CA LEU P 75 -76.13 57.55 -17.67
C LEU P 75 -76.09 58.98 -18.17
N GLU P 76 -77.18 59.73 -17.96
CA GLU P 76 -77.18 61.15 -18.33
C GLU P 76 -76.14 61.92 -17.54
N LYS P 77 -76.02 61.65 -16.24
CA LYS P 77 -74.98 62.30 -15.45
C LYS P 77 -73.58 61.96 -15.97
N GLY P 78 -73.34 60.69 -16.28
CA GLY P 78 -72.03 60.30 -16.77
C GLY P 78 -71.68 60.95 -18.10
N LEU P 79 -72.66 60.98 -19.02
CA LEU P 79 -72.41 61.61 -20.31
C LEU P 79 -72.31 63.12 -20.19
N LYS P 80 -72.98 63.72 -19.21
CA LYS P 80 -72.77 65.13 -18.93
C LYS P 80 -71.35 65.39 -18.45
N VAL P 81 -70.82 64.51 -17.61
CA VAL P 81 -69.43 64.62 -17.19
C VAL P 81 -68.50 64.51 -18.40
N ARG P 82 -68.76 63.55 -19.27
CA ARG P 82 -67.94 63.36 -20.46
C ARG P 82 -68.40 64.20 -21.64
N GLU P 83 -69.19 65.25 -21.38
CA GLU P 83 -69.71 66.20 -22.37
C GLU P 83 -70.10 65.54 -23.69
N TYR P 84 -70.77 64.39 -23.61
CA TYR P 84 -71.38 63.74 -24.77
C TYR P 84 -70.36 63.46 -25.88
N GLU P 85 -69.16 63.06 -25.50
CA GLU P 85 -68.07 62.84 -26.45
C GLU P 85 -67.61 61.40 -26.37
N LEU P 86 -67.95 60.61 -27.38
CA LEU P 86 -67.53 59.22 -27.46
C LEU P 86 -66.80 58.97 -28.77
N ARG P 87 -65.84 58.05 -28.73
CA ARG P 87 -65.15 57.65 -29.94
C ARG P 87 -66.02 56.68 -30.73
N LYS P 88 -65.59 56.42 -31.97
CA LYS P 88 -66.26 55.41 -32.78
C LYS P 88 -66.03 54.01 -32.23
N ASN P 89 -64.84 53.76 -31.68
CA ASN P 89 -64.51 52.42 -31.19
C ASN P 89 -65.04 52.14 -29.79
N ASN P 90 -65.62 53.14 -29.12
CA ASN P 90 -66.25 52.91 -27.82
C ASN P 90 -67.46 52.00 -27.92
N PHE P 91 -67.99 51.75 -29.12
CA PHE P 91 -69.21 51.00 -29.30
C PHE P 91 -68.88 49.56 -29.68
N SER P 92 -69.42 48.62 -28.92
CA SER P 92 -69.22 47.21 -29.20
C SER P 92 -69.99 46.80 -30.46
N ASP P 93 -69.42 45.84 -31.18
CA ASP P 93 -70.04 45.38 -32.43
C ASP P 93 -71.36 44.65 -32.20
N THR P 94 -71.69 44.30 -30.95
CA THR P 94 -72.93 43.63 -30.64
C THR P 94 -74.05 44.61 -30.28
N GLY P 95 -73.73 45.89 -30.15
CA GLY P 95 -74.74 46.90 -29.88
C GLY P 95 -74.64 47.60 -28.54
N ASN P 96 -73.52 47.46 -27.83
CA ASN P 96 -73.33 48.11 -26.55
C ASN P 96 -72.16 49.07 -26.63
N PHE P 97 -72.00 49.86 -25.57
CA PHE P 97 -70.88 50.79 -25.47
C PHE P 97 -70.66 51.12 -24.00
N GLY P 98 -69.53 51.74 -23.73
CA GLY P 98 -69.20 52.09 -22.36
C GLY P 98 -68.04 53.06 -22.32
N PHE P 99 -67.82 53.61 -21.13
CA PHE P 99 -66.75 54.58 -20.91
C PHE P 99 -66.40 54.57 -19.44
N GLY P 100 -65.32 55.30 -19.11
CA GLY P 100 -64.87 55.45 -17.74
C GLY P 100 -64.84 56.91 -17.34
N ILE P 101 -64.69 57.12 -16.04
CA ILE P 101 -64.55 58.45 -15.45
C ILE P 101 -63.41 58.39 -14.45
N GLN P 102 -62.48 59.34 -14.54
CA GLN P 102 -61.31 59.32 -13.68
C GLN P 102 -61.53 59.92 -12.30
N GLU P 103 -62.64 60.65 -12.10
CA GLU P 103 -62.94 61.26 -10.81
C GLU P 103 -64.46 61.31 -10.66
N HIS P 104 -64.97 60.69 -9.59
CA HIS P 104 -66.40 60.50 -9.45
C HIS P 104 -67.13 61.71 -8.89
N ILE P 105 -66.41 62.68 -8.33
CA ILE P 105 -67.08 63.89 -7.84
C ILE P 105 -67.74 64.64 -8.99
N ASP P 106 -67.17 64.54 -10.20
CA ASP P 106 -67.70 65.26 -11.35
C ASP P 106 -69.15 64.88 -11.63
N LEU P 107 -69.58 63.69 -11.18
CA LEU P 107 -70.96 63.27 -11.38
C LEU P 107 -71.95 64.18 -10.67
N GLY P 108 -71.51 64.87 -9.61
CA GLY P 108 -72.40 65.75 -8.88
C GLY P 108 -72.82 65.20 -7.54
N ILE P 109 -71.88 64.58 -6.84
CA ILE P 109 -72.11 64.03 -5.52
C ILE P 109 -71.12 64.64 -4.54
N LYS P 110 -71.59 64.94 -3.34
CA LYS P 110 -70.77 65.63 -2.35
C LYS P 110 -69.56 64.80 -1.97
N TYR P 111 -68.46 65.49 -1.69
CA TYR P 111 -67.24 64.84 -1.23
C TYR P 111 -67.22 64.80 0.30
N ASP P 112 -66.91 63.63 0.84
CA ASP P 112 -66.70 63.47 2.28
C ASP P 112 -65.34 62.82 2.48
N PRO P 113 -64.44 63.45 3.25
CA PRO P 113 -63.05 62.96 3.30
C PRO P 113 -62.91 61.53 3.76
N SER P 114 -63.85 61.02 4.55
CA SER P 114 -63.78 59.63 5.02
C SER P 114 -64.05 58.62 3.91
N ILE P 115 -64.20 59.07 2.66
CA ILE P 115 -64.41 58.19 1.52
C ILE P 115 -63.33 58.40 0.48
N GLY P 116 -63.17 59.64 0.02
CA GLY P 116 -62.08 59.96 -0.87
C GLY P 116 -62.42 60.01 -2.35
N ILE P 117 -61.48 59.61 -3.19
CA ILE P 117 -61.57 59.74 -4.64
C ILE P 117 -61.53 58.36 -5.26
N TYR P 118 -62.47 58.08 -6.17
CA TYR P 118 -62.50 56.84 -6.91
C TYR P 118 -62.92 57.11 -8.35
N GLY P 119 -62.45 56.26 -9.25
CA GLY P 119 -62.85 56.32 -10.65
C GLY P 119 -63.87 55.23 -10.96
N LEU P 120 -64.75 55.51 -11.91
CA LEU P 120 -65.85 54.63 -12.25
C LEU P 120 -65.59 53.94 -13.58
N ASP P 121 -66.57 53.13 -14.00
CA ASP P 121 -66.50 52.46 -15.28
C ASP P 121 -67.94 52.21 -15.72
N PHE P 122 -68.42 53.01 -16.66
CA PHE P 122 -69.79 52.92 -17.14
C PHE P 122 -69.88 51.96 -18.32
N TYR P 123 -70.95 51.19 -18.37
CA TYR P 123 -71.18 50.28 -19.49
C TYR P 123 -72.67 50.01 -19.60
N VAL P 124 -73.29 50.49 -20.67
CA VAL P 124 -74.72 50.31 -20.90
C VAL P 124 -74.92 49.23 -21.96
N VAL P 125 -76.00 48.49 -21.82
CA VAL P 125 -76.40 47.48 -22.81
C VAL P 125 -77.75 47.88 -23.37
N LEU P 126 -77.80 48.08 -24.68
CA LEU P 126 -79.04 48.47 -25.32
C LEU P 126 -79.92 47.26 -25.55
N GLY P 127 -81.23 47.48 -25.49
CA GLY P 127 -82.20 46.42 -25.61
C GLY P 127 -83.19 46.67 -26.73
N ARG P 128 -84.15 45.74 -26.82
CA ARG P 128 -85.21 45.78 -27.81
C ARG P 128 -86.28 44.84 -27.28
N PRO P 129 -87.56 45.20 -27.37
CA PRO P 129 -88.60 44.36 -26.77
C PRO P 129 -88.56 42.94 -27.31
N GLY P 130 -88.69 41.98 -26.39
CA GLY P 130 -88.60 40.58 -26.73
C GLY P 130 -87.27 39.91 -26.45
N PHE P 131 -86.31 40.64 -25.89
CA PHE P 131 -85.00 40.07 -25.58
C PHE P 131 -85.04 39.10 -24.41
N SER P 132 -86.11 39.11 -23.61
CA SER P 132 -86.17 38.30 -22.42
C SER P 132 -86.36 36.81 -22.71
N ILE P 133 -86.67 36.45 -23.96
CA ILE P 133 -86.83 35.04 -24.28
C ILE P 133 -85.50 34.32 -24.33
N ALA P 134 -84.39 35.06 -24.46
CA ALA P 134 -83.07 34.44 -24.45
C ALA P 134 -82.64 34.01 -23.06
N ASP P 135 -83.17 34.62 -22.01
CA ASP P 135 -82.80 34.26 -20.64
C ASP P 135 -83.99 33.79 -19.82
N LYS P 136 -85.18 33.66 -20.41
CA LYS P 136 -86.27 33.04 -19.68
C LYS P 136 -86.10 31.53 -19.65
N LYS P 137 -86.86 30.88 -18.78
CA LYS P 137 -86.63 29.47 -18.49
C LYS P 137 -87.43 28.54 -19.37
N ARG P 138 -88.76 28.68 -19.38
CA ARG P 138 -89.63 27.59 -19.84
C ARG P 138 -89.38 27.25 -21.30
N ARG P 139 -89.42 28.25 -22.20
CA ARG P 139 -89.14 27.98 -23.60
C ARG P 139 -88.12 29.01 -24.10
N THR P 140 -86.84 28.71 -23.86
CA THR P 140 -85.78 29.62 -24.23
C THR P 140 -85.52 29.52 -25.73
N GLY P 141 -85.18 30.65 -26.34
CA GLY P 141 -84.87 30.69 -27.76
C GLY P 141 -83.81 31.72 -28.05
N CYS P 142 -83.49 31.86 -29.33
CA CYS P 142 -82.62 32.93 -29.78
C CYS P 142 -83.43 34.22 -29.83
N ILE P 143 -82.85 35.28 -30.39
CA ILE P 143 -83.55 36.54 -30.55
C ILE P 143 -83.67 36.98 -32.00
N GLY P 144 -83.48 36.07 -32.95
CA GLY P 144 -83.61 36.41 -34.35
C GLY P 144 -82.37 37.12 -34.89
N ALA P 145 -82.36 37.30 -36.21
CA ALA P 145 -81.24 37.95 -36.88
C ALA P 145 -81.54 39.40 -37.23
N LYS P 146 -82.75 39.70 -37.70
CA LYS P 146 -83.13 41.08 -37.95
C LYS P 146 -83.29 41.85 -36.65
N HIS P 147 -83.82 41.19 -35.61
CA HIS P 147 -84.12 41.81 -34.33
C HIS P 147 -82.87 42.24 -33.57
N ARG P 148 -81.69 41.83 -34.00
CA ARG P 148 -80.48 42.14 -33.26
C ARG P 148 -80.08 43.60 -33.44
N ILE P 149 -79.30 44.10 -32.49
CA ILE P 149 -78.79 45.46 -32.48
C ILE P 149 -77.37 45.44 -33.01
N SER P 150 -77.06 46.36 -33.92
CA SER P 150 -75.73 46.46 -34.50
C SER P 150 -75.02 47.69 -33.99
N LYS P 151 -73.72 47.75 -34.28
CA LYS P 151 -72.91 48.88 -33.87
C LYS P 151 -73.42 50.18 -34.50
N GLU P 152 -73.74 50.14 -35.78
CA GLU P 152 -74.23 51.33 -36.46
C GLU P 152 -75.55 51.79 -35.86
N GLU P 153 -76.45 50.84 -35.58
CA GLU P 153 -77.72 51.21 -34.96
C GLU P 153 -77.53 51.81 -33.58
N ALA P 154 -76.63 51.25 -32.77
CA ALA P 154 -76.38 51.81 -31.45
C ALA P 154 -75.81 53.22 -31.55
N MET P 155 -74.87 53.43 -32.47
CA MET P 155 -74.29 54.76 -32.66
C MET P 155 -75.36 55.76 -33.07
N ARG P 156 -76.20 55.39 -34.04
CA ARG P 156 -77.24 56.31 -34.51
C ARG P 156 -78.23 56.61 -33.40
N TRP P 157 -78.63 55.59 -32.63
CA TRP P 157 -79.53 55.81 -31.51
C TRP P 157 -78.92 56.78 -30.51
N PHE P 158 -77.65 56.62 -30.19
CA PHE P 158 -76.99 57.52 -29.26
C PHE P 158 -76.99 58.95 -29.78
N GLN P 159 -76.60 59.13 -31.04
CA GLN P 159 -76.44 60.48 -31.56
C GLN P 159 -77.79 61.15 -31.82
N GLN P 160 -78.87 60.38 -31.95
CA GLN P 160 -80.17 61.01 -32.15
C GLN P 160 -80.91 61.21 -30.84
N LYS P 161 -80.59 60.42 -29.81
CA LYS P 161 -81.32 60.55 -28.56
C LYS P 161 -80.61 61.47 -27.57
N TYR P 162 -79.33 61.22 -27.30
CA TYR P 162 -78.55 62.13 -26.48
C TYR P 162 -77.89 63.23 -27.29
N ASP P 163 -78.38 63.48 -28.51
CA ASP P 163 -77.94 64.51 -29.44
C ASP P 163 -76.44 64.77 -29.34
N GLY P 164 -75.66 63.69 -29.34
CA GLY P 164 -74.25 63.76 -29.05
C GLY P 164 -73.39 63.77 -30.31
N ILE P 165 -72.08 63.60 -30.09
CA ILE P 165 -71.08 63.67 -31.15
C ILE P 165 -70.19 62.45 -31.03
N ILE P 166 -69.86 61.85 -32.17
CA ILE P 166 -68.96 60.70 -32.23
C ILE P 166 -67.73 61.11 -33.03
N LEU P 167 -66.56 61.00 -32.41
CA LEU P 167 -65.27 61.31 -33.03
C LEU P 167 -64.60 60.04 -33.50
N PRO P 168 -64.10 60.00 -34.74
CA PRO P 168 -63.42 58.79 -35.20
C PRO P 168 -62.12 58.54 -34.44
N GLY P 169 -61.67 57.29 -34.48
CA GLY P 169 -60.43 56.92 -33.84
C GLY P 169 -60.61 56.20 -32.52
N ALA Q 1 -50.64 -38.84 2.37
CA ALA Q 1 -51.38 -37.96 1.47
C ALA Q 1 -52.82 -38.42 1.33
N PRO Q 2 -53.76 -37.59 1.76
CA PRO Q 2 -55.18 -37.90 1.56
C PRO Q 2 -55.53 -37.89 0.08
N SER Q 3 -56.48 -38.76 -0.28
CA SER Q 3 -56.94 -38.88 -1.67
C SER Q 3 -58.45 -38.93 -1.67
N ARG Q 4 -59.07 -37.92 -2.26
CA ARG Q 4 -60.53 -37.86 -2.44
C ARG Q 4 -61.25 -37.94 -1.10
N ASN Q 5 -62.53 -38.31 -1.14
CA ASN Q 5 -63.33 -38.37 0.08
C ASN Q 5 -62.93 -39.58 0.90
N GLY Q 6 -62.40 -39.33 2.09
CA GLY Q 6 -62.08 -40.38 3.04
C GLY Q 6 -62.27 -39.82 4.43
N MET Q 7 -61.96 -40.63 5.42
CA MET Q 7 -62.01 -40.20 6.81
C MET Q 7 -60.59 -40.21 7.37
N ILE Q 8 -60.10 -39.03 7.75
CA ILE Q 8 -58.72 -38.93 8.20
C ILE Q 8 -58.58 -39.52 9.59
N LEU Q 9 -57.56 -40.36 9.75
CA LEU Q 9 -57.42 -41.24 10.90
C LEU Q 9 -56.16 -40.90 11.68
N LYS Q 10 -56.11 -41.38 12.93
CA LYS Q 10 -55.00 -41.12 13.83
C LYS Q 10 -54.55 -42.44 14.45
N PRO Q 11 -53.79 -43.25 13.71
CA PRO Q 11 -53.30 -44.51 14.26
C PRO Q 11 -52.21 -44.27 15.29
N HIS Q 12 -52.34 -44.92 16.45
CA HIS Q 12 -51.38 -44.79 17.53
C HIS Q 12 -50.27 -45.85 17.40
N PHE Q 13 -49.57 -45.78 16.28
CA PHE Q 13 -48.52 -46.75 15.96
C PHE Q 13 -47.18 -46.05 15.72
N HIS Q 14 -46.94 -44.94 16.41
CA HIS Q 14 -45.69 -44.20 16.22
C HIS Q 14 -44.64 -44.55 17.28
N LYS Q 15 -44.99 -45.39 18.24
CA LYS Q 15 -44.02 -45.87 19.22
C LYS Q 15 -43.43 -47.19 18.74
N ASP Q 16 -42.67 -47.88 19.60
CA ASP Q 16 -42.07 -49.16 19.24
C ASP Q 16 -43.06 -50.28 19.57
N TRP Q 17 -44.17 -50.27 18.82
CA TRP Q 17 -45.29 -51.12 19.17
C TRP Q 17 -45.03 -52.60 18.91
N GLN Q 18 -44.12 -52.92 18.01
CA GLN Q 18 -43.85 -54.33 17.71
C GLN Q 18 -43.06 -55.01 18.82
N ARG Q 19 -42.41 -54.25 19.69
CA ARG Q 19 -41.71 -54.83 20.82
C ARG Q 19 -42.67 -55.33 21.89
N ARG Q 20 -43.84 -54.70 22.02
CA ARG Q 20 -44.88 -55.12 22.96
C ARG Q 20 -46.11 -55.53 22.16
N VAL Q 21 -46.23 -56.81 21.85
CA VAL Q 21 -47.41 -57.37 21.19
C VAL Q 21 -47.78 -58.63 21.97
N ALA Q 22 -48.80 -58.54 22.80
CA ALA Q 22 -49.20 -59.65 23.67
C ALA Q 22 -50.18 -60.53 22.91
N THR Q 23 -49.70 -61.68 22.45
CA THR Q 23 -50.54 -62.65 21.76
C THR Q 23 -51.32 -63.49 22.76
N TRP Q 24 -52.33 -64.19 22.25
CA TRP Q 24 -53.23 -64.98 23.08
C TRP Q 24 -53.25 -66.45 22.64
N PHE Q 25 -52.10 -66.98 22.25
CA PHE Q 25 -52.04 -68.38 21.83
C PHE Q 25 -52.16 -69.34 23.00
N ASN Q 26 -51.85 -68.90 24.21
CA ASN Q 26 -51.99 -69.72 25.40
C ASN Q 26 -53.34 -69.55 26.07
N GLN Q 27 -54.33 -68.98 25.37
CA GLN Q 27 -55.65 -68.81 25.95
C GLN Q 27 -56.34 -70.13 26.28
N PRO Q 28 -56.41 -71.13 25.39
CA PRO Q 28 -57.03 -72.40 25.79
C PRO Q 28 -56.29 -73.08 26.93
N ALA Q 29 -54.96 -73.00 26.94
CA ALA Q 29 -54.20 -73.57 28.05
C ALA Q 29 -54.53 -72.87 29.35
N ARG Q 30 -54.67 -71.55 29.32
CA ARG Q 30 -55.04 -70.80 30.53
C ARG Q 30 -56.43 -71.19 31.00
N LYS Q 31 -57.37 -71.37 30.08
CA LYS Q 31 -58.71 -71.79 30.48
C LYS Q 31 -58.68 -73.17 31.12
N ILE Q 32 -57.93 -74.09 30.55
CA ILE Q 32 -57.80 -75.43 31.12
C ILE Q 32 -57.19 -75.37 32.51
N ARG Q 33 -56.14 -74.56 32.67
CA ARG Q 33 -55.48 -74.43 33.97
C ARG Q 33 -56.43 -73.84 35.01
N ARG Q 34 -57.19 -72.81 34.63
CA ARG Q 34 -58.13 -72.20 35.55
C ARG Q 34 -59.20 -73.19 35.97
N ARG Q 35 -59.74 -73.96 35.02
CA ARG Q 35 -60.77 -74.93 35.35
C ARG Q 35 -60.22 -76.05 36.23
N LYS Q 36 -58.98 -76.47 35.98
CA LYS Q 36 -58.38 -77.51 36.81
C LYS Q 36 -58.13 -77.03 38.23
N ALA Q 37 -57.65 -75.79 38.38
CA ALA Q 37 -57.48 -75.23 39.71
C ALA Q 37 -58.80 -75.06 40.42
N ARG Q 38 -59.85 -74.68 39.68
CA ARG Q 38 -61.18 -74.57 40.24
C ARG Q 38 -61.66 -75.91 40.78
N GLN Q 39 -61.49 -76.97 40.00
CA GLN Q 39 -61.88 -78.30 40.45
C GLN Q 39 -61.06 -78.74 41.66
N ALA Q 40 -59.76 -78.44 41.66
CA ALA Q 40 -58.91 -78.82 42.78
C ALA Q 40 -59.37 -78.14 44.06
N ARG Q 41 -59.65 -76.84 44.00
CA ARG Q 41 -60.12 -76.13 45.18
C ARG Q 41 -61.47 -76.66 45.64
N ALA Q 42 -62.38 -76.92 44.70
CA ALA Q 42 -63.69 -77.42 45.06
C ALA Q 42 -63.60 -78.77 45.76
N ARG Q 43 -62.74 -79.66 45.26
CA ARG Q 43 -62.60 -80.96 45.91
C ARG Q 43 -61.86 -80.86 47.23
N ARG Q 44 -60.96 -79.87 47.36
CA ARG Q 44 -60.26 -79.67 48.62
C ARG Q 44 -61.21 -79.26 49.73
N ILE Q 45 -62.04 -78.24 49.47
CA ILE Q 45 -63.07 -77.86 50.44
C ILE Q 45 -64.26 -78.78 50.21
N ALA Q 46 -64.33 -79.86 51.00
CA ALA Q 46 -65.14 -81.01 50.61
C ALA Q 46 -66.63 -80.71 50.60
N PRO Q 47 -67.28 -80.37 51.73
CA PRO Q 47 -68.72 -80.17 51.70
C PRO Q 47 -69.16 -78.72 51.53
N ARG Q 48 -68.24 -77.77 51.64
CA ARG Q 48 -68.58 -76.36 51.62
C ARG Q 48 -69.03 -75.95 50.22
N PRO Q 49 -69.82 -74.88 50.13
CA PRO Q 49 -70.22 -74.38 48.80
C PRO Q 49 -69.01 -74.10 47.92
N ALA Q 50 -69.08 -74.54 46.67
CA ALA Q 50 -67.95 -74.41 45.77
C ALA Q 50 -67.65 -72.96 45.42
N ALA Q 51 -68.63 -72.07 45.53
CA ALA Q 51 -68.45 -70.67 45.18
C ALA Q 51 -68.18 -69.79 46.39
N GLY Q 52 -67.61 -70.34 47.46
CA GLY Q 52 -67.19 -69.57 48.59
C GLY Q 52 -68.34 -69.05 49.42
N PRO Q 53 -68.09 -68.00 50.20
CA PRO Q 53 -69.11 -67.50 51.13
C PRO Q 53 -70.28 -66.85 50.41
N ILE Q 54 -71.37 -66.67 51.17
CA ILE Q 54 -72.52 -65.93 50.67
C ILE Q 54 -72.21 -64.44 50.69
N ARG Q 55 -72.90 -63.69 49.83
CA ARG Q 55 -72.67 -62.26 49.70
C ARG Q 55 -74.00 -61.53 49.62
N PRO Q 56 -74.03 -60.24 50.00
CA PRO Q 56 -75.32 -59.56 50.21
C PRO Q 56 -75.92 -58.92 48.96
N ILE Q 57 -77.08 -58.30 49.12
CA ILE Q 57 -77.74 -57.58 48.06
C ILE Q 57 -77.17 -56.17 48.00
N VAL Q 58 -76.87 -55.70 46.80
CA VAL Q 58 -76.20 -54.41 46.62
C VAL Q 58 -76.82 -53.67 45.44
N ARG Q 59 -77.14 -52.40 45.65
CA ARG Q 59 -77.56 -51.53 44.55
C ARG Q 59 -76.35 -50.96 43.84
N CYS Q 60 -76.43 -50.89 42.52
CA CYS Q 60 -75.34 -50.31 41.75
C CYS Q 60 -75.27 -48.80 41.98
N PRO Q 61 -74.07 -48.22 42.00
CA PRO Q 61 -73.93 -46.82 42.45
C PRO Q 61 -74.61 -45.77 41.59
N THR Q 62 -74.27 -45.71 40.31
CA THR Q 62 -74.58 -44.52 39.54
C THR Q 62 -76.02 -44.55 39.04
N VAL Q 63 -76.51 -43.38 38.59
CA VAL Q 63 -77.87 -43.26 38.06
C VAL Q 63 -78.08 -44.19 36.88
N ARG Q 64 -77.03 -44.48 36.11
CA ARG Q 64 -77.20 -45.34 34.95
C ARG Q 64 -77.55 -46.77 35.36
N TYR Q 65 -77.07 -47.23 36.52
CA TYR Q 65 -77.30 -48.61 36.92
C TYR Q 65 -78.04 -48.75 38.25
N HIS Q 66 -78.54 -47.65 38.82
CA HIS Q 66 -79.10 -47.70 40.17
C HIS Q 66 -80.46 -48.39 40.23
N THR Q 67 -80.93 -49.00 39.15
CA THR Q 67 -82.15 -49.78 39.16
C THR Q 67 -81.88 -51.28 39.23
N LYS Q 68 -80.64 -51.69 39.45
CA LYS Q 68 -80.25 -53.09 39.40
C LYS Q 68 -79.56 -53.48 40.69
N VAL Q 69 -79.77 -54.72 41.13
CA VAL Q 69 -79.08 -55.26 42.29
C VAL Q 69 -77.98 -56.19 41.81
N ARG Q 70 -77.02 -56.45 42.70
CA ARG Q 70 -75.91 -57.34 42.40
C ARG Q 70 -75.35 -57.85 43.73
N ALA Q 71 -74.26 -58.60 43.64
CA ALA Q 71 -73.57 -59.13 44.81
C ALA Q 71 -72.42 -58.21 45.18
N GLY Q 72 -72.31 -57.87 46.46
CA GLY Q 72 -71.30 -56.96 46.93
C GLY Q 72 -70.11 -57.67 47.53
N ARG Q 73 -69.40 -56.95 48.40
CA ARG Q 73 -68.16 -57.42 48.99
C ARG Q 73 -68.45 -58.32 50.20
N GLY Q 74 -69.17 -57.78 51.18
CA GLY Q 74 -69.55 -58.55 52.36
C GLY Q 74 -70.71 -57.86 53.06
N PHE Q 75 -71.24 -58.56 54.06
CA PHE Q 75 -72.30 -57.98 54.87
C PHE Q 75 -71.74 -56.93 55.82
N SER Q 76 -72.58 -55.98 56.18
CA SER Q 76 -72.15 -54.87 57.03
C SER Q 76 -72.39 -55.19 58.50
N LEU Q 77 -71.65 -54.47 59.36
CA LEU Q 77 -71.66 -54.78 60.79
C LEU Q 77 -73.02 -54.52 61.40
N GLU Q 78 -73.73 -53.51 60.91
CA GLU Q 78 -75.10 -53.29 61.38
C GLU Q 78 -75.99 -54.47 61.03
N GLU Q 79 -75.85 -55.00 59.82
CA GLU Q 79 -76.63 -56.17 59.43
C GLU Q 79 -76.28 -57.37 60.29
N LEU Q 80 -75.00 -57.58 60.59
CA LEU Q 80 -74.61 -58.68 61.47
C LEU Q 80 -75.20 -58.52 62.87
N ARG Q 81 -75.10 -57.33 63.46
CA ARG Q 81 -75.59 -57.17 64.82
C ARG Q 81 -77.11 -57.16 64.88
N VAL Q 82 -77.79 -56.89 63.77
CA VAL Q 82 -79.24 -57.04 63.78
C VAL Q 82 -79.64 -58.49 63.54
N ALA Q 83 -78.86 -59.23 62.76
CA ALA Q 83 -79.15 -60.65 62.55
C ALA Q 83 -78.80 -61.50 63.75
N GLY Q 84 -77.88 -61.04 64.60
CA GLY Q 84 -77.49 -61.78 65.79
C GLY Q 84 -76.19 -62.56 65.68
N ILE Q 85 -75.52 -62.50 64.55
CA ILE Q 85 -74.28 -63.24 64.33
C ILE Q 85 -73.11 -62.39 64.77
N HIS Q 86 -72.04 -63.04 65.22
CA HIS Q 86 -70.87 -62.34 65.71
C HIS Q 86 -69.89 -62.06 64.57
N LYS Q 87 -69.17 -60.94 64.72
CA LYS Q 87 -68.26 -60.48 63.68
C LYS Q 87 -67.20 -61.53 63.35
N LYS Q 88 -66.63 -62.16 64.37
CA LYS Q 88 -65.54 -63.10 64.17
C LYS Q 88 -66.02 -64.53 63.95
N VAL Q 89 -67.31 -64.79 64.10
CA VAL Q 89 -67.87 -66.13 63.91
C VAL Q 89 -68.48 -66.24 62.53
N ALA Q 90 -68.91 -65.10 61.97
CA ALA Q 90 -69.52 -65.10 60.65
C ALA Q 90 -68.56 -65.64 59.60
N ARG Q 91 -67.31 -65.21 59.64
CA ARG Q 91 -66.34 -65.67 58.65
C ARG Q 91 -66.03 -67.14 58.81
N THR Q 92 -65.99 -67.62 60.06
CA THR Q 92 -65.76 -69.04 60.30
C THR Q 92 -66.88 -69.89 59.74
N ILE Q 93 -68.14 -69.45 59.92
CA ILE Q 93 -69.26 -70.23 59.42
C ILE Q 93 -69.59 -69.94 57.97
N GLY Q 94 -68.88 -69.01 57.33
CA GLY Q 94 -68.98 -68.85 55.89
C GLY Q 94 -69.83 -67.68 55.41
N ILE Q 95 -69.66 -66.52 56.04
CA ILE Q 95 -70.39 -65.31 55.67
C ILE Q 95 -69.39 -64.20 55.42
N SER Q 96 -69.50 -63.56 54.26
CA SER Q 96 -68.59 -62.48 53.92
C SER Q 96 -68.92 -61.23 54.73
N VAL Q 97 -67.90 -60.59 55.29
CA VAL Q 97 -68.06 -59.44 56.17
C VAL Q 97 -67.11 -58.34 55.71
N ASP Q 98 -67.61 -57.11 55.67
CA ASP Q 98 -66.74 -55.96 55.51
C ASP Q 98 -67.14 -54.84 56.46
N PRO Q 99 -66.19 -54.23 57.16
CA PRO Q 99 -66.50 -53.11 58.05
C PRO Q 99 -66.60 -51.76 57.34
N ARG Q 100 -66.43 -51.72 56.02
CA ARG Q 100 -66.49 -50.48 55.28
C ARG Q 100 -67.90 -50.05 54.91
N ARG Q 101 -68.83 -51.00 54.80
CA ARG Q 101 -70.14 -50.69 54.23
C ARG Q 101 -71.02 -49.95 55.23
N ARG Q 102 -71.61 -48.85 54.78
CA ARG Q 102 -72.59 -48.09 55.54
C ARG Q 102 -73.99 -48.57 55.20
N ASN Q 103 -74.97 -48.11 55.99
CA ASN Q 103 -76.37 -48.45 55.77
C ASN Q 103 -77.17 -47.16 55.85
N LYS Q 104 -77.50 -46.58 54.69
CA LYS Q 104 -78.17 -45.30 54.65
C LYS Q 104 -79.69 -45.41 54.71
N SER Q 105 -80.25 -46.61 54.56
CA SER Q 105 -81.70 -46.79 54.62
C SER Q 105 -82.02 -48.14 55.23
N THR Q 106 -83.26 -48.27 55.72
CA THR Q 106 -83.70 -49.47 56.40
C THR Q 106 -84.07 -50.61 55.45
N GLU Q 107 -84.43 -50.31 54.21
CA GLU Q 107 -84.91 -51.35 53.31
C GLU Q 107 -83.80 -52.32 52.94
N SER Q 108 -82.63 -51.81 52.56
CA SER Q 108 -81.50 -52.68 52.26
C SER Q 108 -81.05 -53.45 53.49
N LEU Q 109 -81.03 -52.78 54.65
CA LEU Q 109 -80.63 -53.44 55.88
C LEU Q 109 -81.55 -54.60 56.21
N GLN Q 110 -82.86 -54.39 56.07
CA GLN Q 110 -83.81 -55.46 56.38
C GLN Q 110 -83.75 -56.58 55.35
N ALA Q 111 -83.57 -56.24 54.07
CA ALA Q 111 -83.43 -57.28 53.05
C ALA Q 111 -82.21 -58.14 53.34
N ASN Q 112 -81.09 -57.53 53.72
CA ASN Q 112 -79.90 -58.30 54.02
C ASN Q 112 -80.04 -59.10 55.31
N VAL Q 113 -80.75 -58.56 56.30
CA VAL Q 113 -80.99 -59.32 57.53
C VAL Q 113 -81.83 -60.55 57.22
N GLN Q 114 -82.87 -60.39 56.41
CA GLN Q 114 -83.68 -61.54 56.03
C GLN Q 114 -82.87 -62.56 55.23
N ARG Q 115 -81.98 -62.08 54.36
CA ARG Q 115 -81.11 -63.00 53.61
C ARG Q 115 -80.19 -63.77 54.54
N LEU Q 116 -79.62 -63.10 55.54
CA LEU Q 116 -78.78 -63.78 56.52
C LEU Q 116 -79.58 -64.80 57.31
N LYS Q 117 -80.81 -64.47 57.69
CA LYS Q 117 -81.62 -65.41 58.43
C LYS Q 117 -81.94 -66.64 57.59
N GLU Q 118 -82.25 -66.43 56.30
CA GLU Q 118 -82.49 -67.58 55.42
C GLU Q 118 -81.25 -68.45 55.30
N TYR Q 119 -80.09 -67.84 55.09
CA TYR Q 119 -78.86 -68.63 54.99
C TYR Q 119 -78.57 -69.39 56.28
N ARG Q 120 -78.81 -68.74 57.43
CA ARG Q 120 -78.54 -69.39 58.71
C ARG Q 120 -79.49 -70.55 58.94
N SER Q 121 -80.74 -70.41 58.52
CA SER Q 121 -81.66 -71.55 58.57
C SER Q 121 -81.29 -72.61 57.55
N LYS Q 122 -80.49 -72.25 56.53
CA LYS Q 122 -80.20 -73.18 55.46
C LYS Q 122 -78.93 -74.00 55.68
N LEU Q 123 -77.90 -73.48 56.34
CA LEU Q 123 -76.65 -74.24 56.35
C LEU Q 123 -76.74 -75.42 57.31
N VAL Q 124 -75.80 -76.35 57.12
CA VAL Q 124 -75.66 -77.54 57.96
C VAL Q 124 -74.28 -77.52 58.59
N LEU Q 125 -74.21 -77.68 59.90
CA LEU Q 125 -72.95 -77.64 60.62
C LEU Q 125 -72.55 -79.03 61.09
N PHE Q 126 -71.25 -79.35 60.93
CA PHE Q 126 -70.57 -80.59 61.24
C PHE Q 126 -69.88 -80.48 62.60
N PRO Q 127 -69.80 -81.59 63.35
CA PRO Q 127 -69.01 -81.59 64.59
C PRO Q 127 -67.52 -81.70 64.28
N ARG Q 128 -66.74 -80.73 64.75
CA ARG Q 128 -65.32 -80.75 64.47
C ARG Q 128 -64.62 -81.91 65.15
N LYS Q 129 -65.23 -82.52 66.15
CA LYS Q 129 -64.87 -83.85 66.62
C LYS Q 129 -66.06 -84.78 66.37
N PRO Q 130 -66.03 -85.60 65.32
CA PRO Q 130 -67.25 -86.32 64.91
C PRO Q 130 -67.85 -87.19 66.01
N SER Q 131 -67.01 -87.78 66.86
CA SER Q 131 -67.48 -88.64 67.93
C SER Q 131 -68.20 -87.88 69.04
N ALA Q 132 -68.18 -86.55 69.01
CA ALA Q 132 -68.83 -85.73 70.04
C ALA Q 132 -69.66 -84.64 69.37
N PRO Q 133 -70.98 -84.74 69.43
CA PRO Q 133 -71.83 -83.64 68.93
C PRO Q 133 -71.81 -82.46 69.90
N LYS Q 134 -72.50 -81.40 69.50
CA LYS Q 134 -72.56 -80.17 70.29
C LYS Q 134 -73.98 -79.64 70.26
N LYS Q 135 -74.15 -78.40 70.73
CA LYS Q 135 -75.48 -77.84 70.91
C LYS Q 135 -76.12 -77.46 69.58
N GLY Q 136 -75.48 -76.55 68.85
CA GLY Q 136 -76.02 -76.07 67.60
C GLY Q 136 -75.72 -76.92 66.39
N ASP Q 137 -75.20 -78.12 66.60
CA ASP Q 137 -74.78 -78.98 65.51
C ASP Q 137 -75.95 -79.81 65.01
N SER Q 138 -75.88 -80.18 63.74
CA SER Q 138 -76.96 -80.90 63.08
C SER Q 138 -76.87 -82.39 63.41
N SER Q 139 -77.88 -83.14 62.97
CA SER Q 139 -77.97 -84.57 63.26
C SER Q 139 -77.61 -85.40 62.04
N ALA Q 140 -77.31 -86.68 62.29
CA ALA Q 140 -76.78 -87.55 61.24
C ALA Q 140 -77.72 -87.65 60.05
N GLU Q 141 -79.02 -87.44 60.25
CA GLU Q 141 -79.97 -87.54 59.16
C GLU Q 141 -79.65 -86.53 58.05
N GLU Q 142 -79.29 -85.30 58.42
CA GLU Q 142 -78.87 -84.31 57.43
C GLU Q 142 -77.37 -84.32 57.17
N LEU Q 143 -76.57 -84.77 58.15
CA LEU Q 143 -75.15 -84.97 57.90
C LEU Q 143 -74.93 -85.93 56.74
N LYS Q 144 -75.80 -86.94 56.60
CA LYS Q 144 -75.70 -87.86 55.48
C LYS Q 144 -76.11 -87.19 54.17
N LEU Q 145 -77.04 -86.24 54.22
CA LEU Q 145 -77.58 -85.62 53.02
C LEU Q 145 -76.78 -84.42 52.55
N ALA Q 146 -75.84 -83.92 53.35
CA ALA Q 146 -75.07 -82.74 52.97
C ALA Q 146 -74.27 -82.98 51.69
N THR Q 147 -74.36 -82.02 50.76
CA THR Q 147 -73.66 -82.06 49.48
C THR Q 147 -73.35 -80.64 49.02
N GLN Q 148 -72.35 -80.52 48.15
CA GLN Q 148 -72.02 -79.21 47.59
C GLN Q 148 -73.06 -78.77 46.57
N LEU Q 149 -73.23 -77.46 46.46
CA LEU Q 149 -74.06 -76.86 45.42
C LEU Q 149 -73.17 -76.07 44.48
N THR Q 150 -73.54 -76.07 43.20
CA THR Q 150 -72.82 -75.31 42.20
C THR Q 150 -73.33 -73.88 42.16
N GLY Q 151 -72.52 -72.99 41.59
CA GLY Q 151 -72.89 -71.60 41.43
C GLY Q 151 -72.94 -70.86 42.75
N PRO Q 152 -73.44 -69.63 42.72
CA PRO Q 152 -73.56 -68.87 43.96
C PRO Q 152 -74.56 -69.49 44.91
N VAL Q 153 -74.35 -69.26 46.20
CA VAL Q 153 -75.12 -69.96 47.22
C VAL Q 153 -76.60 -69.61 47.14
N MET Q 154 -76.92 -68.33 47.26
CA MET Q 154 -78.29 -67.84 47.14
C MET Q 154 -78.32 -66.81 46.03
N PRO Q 155 -78.65 -67.20 44.80
CA PRO Q 155 -78.50 -66.28 43.66
C PRO Q 155 -79.28 -64.99 43.85
N ILE Q 156 -78.67 -63.89 43.42
CA ILE Q 156 -79.26 -62.57 43.54
C ILE Q 156 -79.94 -62.24 42.22
N ARG Q 157 -81.26 -62.29 42.22
CA ARG Q 157 -82.08 -62.04 41.04
C ARG Q 157 -82.99 -60.87 41.32
N ASN Q 158 -83.02 -59.90 40.41
CA ASN Q 158 -83.91 -58.76 40.55
C ASN Q 158 -85.29 -59.07 40.00
N VAL Q 159 -86.32 -58.74 40.77
CA VAL Q 159 -87.70 -59.02 40.41
C VAL Q 159 -88.45 -57.71 40.31
N PHE Q 160 -89.53 -57.74 39.53
CA PHE Q 160 -90.37 -56.57 39.32
C PHE Q 160 -91.73 -56.81 39.95
N LYS Q 161 -92.20 -55.86 40.74
CA LYS Q 161 -93.52 -55.96 41.34
C LYS Q 161 -94.59 -56.02 40.25
N LYS Q 162 -95.51 -56.96 40.39
CA LYS Q 162 -96.59 -57.10 39.42
C LYS Q 162 -97.60 -55.99 39.63
N GLU Q 163 -97.90 -55.24 38.58
CA GLU Q 163 -98.82 -54.13 38.64
C GLU Q 163 -100.00 -54.41 37.73
N LYS Q 164 -101.20 -54.43 38.30
CA LYS Q 164 -102.41 -54.79 37.56
C LYS Q 164 -103.09 -53.55 37.01
N ALA Q 165 -103.97 -53.77 36.03
CA ALA Q 165 -104.65 -52.66 35.37
C ALA Q 165 -105.57 -51.93 36.33
N ARG Q 166 -105.71 -50.62 36.10
CA ARG Q 166 -106.51 -49.77 36.95
C ARG Q 166 -107.38 -48.86 36.08
N VAL Q 167 -108.52 -48.44 36.64
CA VAL Q 167 -109.30 -47.38 36.02
C VAL Q 167 -108.65 -46.04 36.37
N ILE Q 168 -108.55 -45.17 35.38
CA ILE Q 168 -107.78 -43.93 35.52
C ILE Q 168 -108.69 -42.87 36.14
N THR Q 169 -108.19 -42.20 37.17
CA THR Q 169 -108.94 -41.17 37.85
C THR Q 169 -108.73 -39.82 37.18
N GLU Q 170 -109.67 -38.90 37.44
CA GLU Q 170 -109.65 -37.62 36.73
C GLU Q 170 -108.45 -36.76 37.13
N GLU Q 171 -107.99 -36.89 38.38
CA GLU Q 171 -106.79 -36.16 38.77
C GLU Q 171 -105.57 -36.64 38.00
N GLU Q 172 -105.44 -37.96 37.82
CA GLU Q 172 -104.39 -38.49 36.98
C GLU Q 172 -104.54 -38.03 35.53
N LYS Q 173 -105.77 -37.99 35.04
CA LYS Q 173 -106.00 -37.53 33.68
C LYS Q 173 -105.65 -36.06 33.50
N ASN Q 174 -105.81 -35.25 34.55
CA ASN Q 174 -105.59 -33.82 34.44
C ASN Q 174 -104.22 -33.36 34.92
N PHE Q 175 -103.38 -34.27 35.43
CA PHE Q 175 -102.02 -33.91 35.79
C PHE Q 175 -101.22 -33.47 34.55
N LYS Q 176 -100.33 -32.49 34.75
CA LYS Q 176 -99.46 -31.95 33.69
C LYS Q 176 -98.01 -32.30 34.01
N ALA Q 177 -97.55 -33.46 33.52
CA ALA Q 177 -96.21 -33.93 33.84
C ALA Q 177 -95.14 -33.01 33.27
N PHE Q 178 -95.29 -32.60 32.01
CA PHE Q 178 -94.28 -31.73 31.39
C PHE Q 178 -94.19 -30.39 32.11
N ALA Q 179 -95.34 -29.78 32.41
CA ALA Q 179 -95.33 -28.52 33.13
C ALA Q 179 -94.72 -28.67 34.51
N SER Q 180 -95.04 -29.76 35.21
CA SER Q 180 -94.47 -29.97 36.54
C SER Q 180 -92.95 -30.11 36.46
N LEU Q 181 -92.45 -30.83 35.46
CA LEU Q 181 -91.01 -30.98 35.31
C LEU Q 181 -90.34 -29.63 35.03
N ARG Q 182 -90.94 -28.84 34.13
CA ARG Q 182 -90.33 -27.55 33.81
C ARG Q 182 -90.32 -26.62 35.01
N MET Q 183 -91.43 -26.57 35.76
CA MET Q 183 -91.46 -25.69 36.92
C MET Q 183 -90.53 -26.18 38.03
N ALA Q 184 -90.38 -27.51 38.17
CA ALA Q 184 -89.41 -28.03 39.13
C ALA Q 184 -88.00 -27.59 38.76
N ARG Q 185 -87.64 -27.71 37.48
CA ARG Q 185 -86.33 -27.27 37.02
C ARG Q 185 -86.12 -25.79 37.30
N ALA Q 186 -87.11 -24.96 36.97
CA ALA Q 186 -86.98 -23.52 37.16
C ALA Q 186 -86.85 -23.16 38.63
N ASN Q 187 -87.64 -23.80 39.49
CA ASN Q 187 -87.57 -23.51 40.92
C ASN Q 187 -86.21 -23.90 41.49
N ALA Q 188 -85.72 -25.08 41.12
CA ALA Q 188 -84.40 -25.50 41.60
C ALA Q 188 -83.31 -24.56 41.08
N ARG Q 189 -83.49 -24.00 39.89
CA ARG Q 189 -82.49 -23.10 39.34
C ARG Q 189 -82.53 -21.71 39.97
N LEU Q 190 -83.71 -21.25 40.41
CA LEU Q 190 -83.88 -19.87 40.87
C LEU Q 190 -84.00 -19.75 42.38
N PHE Q 191 -83.96 -20.86 43.13
CA PHE Q 191 -84.21 -20.82 44.57
C PHE Q 191 -83.26 -19.88 45.29
N GLY Q 192 -81.96 -20.04 45.08
CA GLY Q 192 -80.99 -19.28 45.86
C GLY Q 192 -81.06 -17.79 45.59
N ILE Q 193 -81.16 -17.42 44.31
CA ILE Q 193 -81.24 -16.00 43.98
C ILE Q 193 -82.55 -15.41 44.48
N ARG Q 194 -83.65 -16.17 44.45
CA ARG Q 194 -84.89 -15.65 45.00
C ARG Q 194 -84.78 -15.40 46.49
N ALA Q 195 -84.15 -16.33 47.22
CA ALA Q 195 -83.92 -16.12 48.65
C ALA Q 195 -83.08 -14.87 48.89
N LYS Q 196 -82.03 -14.69 48.09
CA LYS Q 196 -81.18 -13.50 48.24
C LYS Q 196 -81.98 -12.22 48.01
N ARG Q 197 -82.76 -12.18 46.93
CA ARG Q 197 -83.55 -10.99 46.62
C ARG Q 197 -84.54 -10.68 47.72
N ALA Q 198 -85.19 -11.72 48.26
CA ALA Q 198 -86.07 -11.52 49.39
C ALA Q 198 -85.31 -10.96 50.59
N LYS Q 199 -84.07 -11.42 50.80
CA LYS Q 199 -83.25 -10.91 51.90
C LYS Q 199 -82.99 -9.42 51.76
N GLU Q 200 -82.50 -8.98 50.59
CA GLU Q 200 -82.24 -7.55 50.44
C GLU Q 200 -83.52 -6.73 50.44
N ALA Q 201 -84.61 -7.28 49.89
CA ALA Q 201 -85.89 -6.55 49.94
C ALA Q 201 -86.32 -6.33 51.39
N ALA Q 202 -86.20 -7.36 52.22
CA ALA Q 202 -86.50 -7.18 53.64
C ALA Q 202 -85.50 -6.24 54.29
N GLU Q 203 -84.29 -6.17 53.76
CA GLU Q 203 -83.30 -5.22 54.29
C GLU Q 203 -83.76 -3.78 54.06
N GLN Q 204 -84.18 -3.45 52.84
CA GLN Q 204 -84.74 -2.12 52.62
C GLN Q 204 -86.03 -1.92 53.42
N ASP Q 205 -86.81 -2.99 53.60
CA ASP Q 205 -88.04 -2.88 54.38
C ASP Q 205 -87.74 -2.47 55.82
N VAL Q 206 -86.81 -3.16 56.47
CA VAL Q 206 -86.46 -2.79 57.84
C VAL Q 206 -85.75 -1.44 57.90
N GLU Q 207 -84.96 -1.11 56.87
CA GLU Q 207 -84.32 0.21 56.85
C GLU Q 207 -85.36 1.32 56.85
N LYS Q 208 -86.43 1.15 56.08
CA LYS Q 208 -87.50 2.13 56.06
C LYS Q 208 -88.39 2.07 57.30
N LYS Q 209 -88.54 0.90 57.91
CA LYS Q 209 -89.46 0.72 59.02
C LYS Q 209 -88.80 0.88 60.39
N LYS Q 210 -87.50 1.18 60.45
CA LYS Q 210 -86.86 1.42 61.73
C LYS Q 210 -86.48 2.88 61.90
N VAL R 1 -28.06 -36.72 -101.57
CA VAL R 1 -29.04 -36.19 -102.51
C VAL R 1 -30.34 -36.98 -102.40
N PHE R 2 -31.47 -36.27 -102.43
CA PHE R 2 -32.77 -36.87 -102.17
C PHE R 2 -33.52 -37.12 -103.47
N ARG R 3 -34.34 -38.16 -103.45
CA ARG R 3 -35.13 -38.57 -104.61
C ARG R 3 -36.63 -38.51 -104.38
N ARG R 4 -37.10 -38.72 -103.15
CA ARG R 4 -38.51 -38.61 -102.81
C ARG R 4 -38.75 -37.33 -102.01
N PHE R 5 -39.82 -36.61 -102.33
CA PHE R 5 -40.13 -35.35 -101.70
C PHE R 5 -41.58 -35.35 -101.25
N VAL R 6 -41.87 -34.56 -100.23
CA VAL R 6 -43.23 -34.42 -99.72
C VAL R 6 -43.81 -33.17 -100.36
N GLU R 7 -44.44 -33.35 -101.52
CA GLU R 7 -45.17 -32.28 -102.18
C GLU R 7 -46.60 -32.71 -102.40
N VAL R 8 -47.42 -31.79 -102.89
CA VAL R 8 -48.83 -32.07 -103.09
C VAL R 8 -48.97 -33.07 -104.23
N GLY R 9 -49.58 -34.21 -103.95
CA GLY R 9 -49.91 -35.20 -104.96
C GLY R 9 -49.16 -36.51 -104.85
N ARG R 10 -48.01 -36.54 -104.18
CA ARG R 10 -47.28 -37.78 -104.05
C ARG R 10 -48.04 -38.75 -103.15
N VAL R 11 -48.19 -39.99 -103.61
CA VAL R 11 -48.86 -41.01 -102.82
C VAL R 11 -47.86 -41.57 -101.83
N ALA R 12 -48.35 -42.06 -100.70
CA ALA R 12 -47.49 -42.56 -99.63
C ALA R 12 -48.09 -43.83 -99.05
N TYR R 13 -47.22 -44.62 -98.42
CA TYR R 13 -47.60 -45.87 -97.80
C TYR R 13 -47.63 -45.71 -96.29
N VAL R 14 -48.72 -46.14 -95.67
CA VAL R 14 -48.89 -46.01 -94.22
C VAL R 14 -48.29 -47.25 -93.57
N SER R 15 -47.25 -47.03 -92.74
CA SER R 15 -46.51 -48.14 -92.17
C SER R 15 -47.18 -48.70 -90.92
N PHE R 16 -47.67 -47.83 -90.05
CA PHE R 16 -48.38 -48.26 -88.85
C PHE R 16 -49.55 -47.30 -88.60
N GLY R 17 -50.26 -47.55 -87.52
CA GLY R 17 -51.42 -46.76 -87.17
C GLY R 17 -52.69 -47.49 -87.52
N PRO R 18 -53.82 -46.77 -87.50
CA PRO R 18 -55.09 -47.43 -87.84
C PRO R 18 -55.15 -47.93 -89.27
N HIS R 19 -54.84 -47.06 -90.24
CA HIS R 19 -54.90 -47.43 -91.65
C HIS R 19 -53.55 -47.93 -92.17
N ALA R 20 -52.98 -48.92 -91.48
CA ALA R 20 -51.70 -49.46 -91.90
C ALA R 20 -51.85 -50.30 -93.15
N GLY R 21 -50.80 -50.28 -93.98
CA GLY R 21 -50.80 -51.07 -95.19
C GLY R 21 -51.70 -50.57 -96.29
N LYS R 22 -52.09 -49.30 -96.24
CA LYS R 22 -52.93 -48.70 -97.27
C LYS R 22 -52.22 -47.48 -97.82
N LEU R 23 -52.56 -47.13 -99.07
CA LEU R 23 -51.91 -46.04 -99.78
C LEU R 23 -52.71 -44.76 -99.62
N VAL R 24 -52.03 -43.68 -99.25
CA VAL R 24 -52.66 -42.37 -99.13
C VAL R 24 -51.88 -41.40 -100.00
N ALA R 25 -52.54 -40.30 -100.36
CA ALA R 25 -51.94 -39.26 -101.17
C ALA R 25 -51.89 -37.96 -100.38
N ILE R 26 -50.79 -37.22 -100.52
CA ILE R 26 -50.67 -35.94 -99.85
C ILE R 26 -51.58 -34.92 -100.54
N VAL R 27 -52.54 -34.39 -99.80
CA VAL R 27 -53.46 -33.40 -100.32
C VAL R 27 -52.98 -31.98 -100.01
N ASP R 28 -52.50 -31.75 -98.79
CA ASP R 28 -51.97 -30.46 -98.39
C ASP R 28 -51.06 -30.65 -97.19
N VAL R 29 -50.11 -29.75 -97.04
CA VAL R 29 -49.15 -29.78 -95.95
C VAL R 29 -49.63 -28.83 -94.87
N ILE R 30 -49.87 -29.36 -93.67
CA ILE R 30 -50.39 -28.56 -92.57
C ILE R 30 -49.26 -27.85 -91.84
N ASP R 31 -48.22 -28.59 -91.46
CA ASP R 31 -47.13 -28.02 -90.67
C ASP R 31 -45.89 -28.89 -90.84
N GLN R 32 -44.91 -28.72 -89.95
CA GLN R 32 -43.66 -29.45 -90.06
C GLN R 32 -43.87 -30.96 -89.93
N ASN R 33 -44.78 -31.38 -89.06
CA ASN R 33 -44.94 -32.80 -88.76
C ASN R 33 -46.39 -33.24 -88.82
N ARG R 34 -47.15 -32.71 -89.77
CA ARG R 34 -48.53 -33.13 -89.97
C ARG R 34 -48.94 -32.84 -91.40
N ALA R 35 -49.61 -33.80 -92.03
CA ALA R 35 -50.03 -33.69 -93.42
C ALA R 35 -51.50 -34.09 -93.55
N LEU R 36 -52.14 -33.57 -94.59
CA LEU R 36 -53.51 -33.92 -94.93
C LEU R 36 -53.49 -34.96 -96.03
N VAL R 37 -54.06 -36.13 -95.75
CA VAL R 37 -54.01 -37.25 -96.68
C VAL R 37 -55.42 -37.72 -96.98
N ASP R 38 -55.54 -38.50 -98.05
CA ASP R 38 -56.84 -38.98 -98.51
C ASP R 38 -56.64 -40.17 -99.43
N GLY R 39 -57.25 -41.30 -99.09
CA GLY R 39 -57.32 -42.41 -100.00
C GLY R 39 -58.72 -42.60 -100.55
N PRO R 40 -58.95 -42.16 -101.78
CA PRO R 40 -60.31 -42.23 -102.34
C PRO R 40 -60.68 -43.62 -102.82
N CYS R 41 -59.72 -44.34 -103.41
CA CYS R 41 -59.96 -45.66 -103.96
C CYS R 41 -59.42 -46.77 -103.08
N THR R 42 -59.04 -46.46 -101.83
CA THR R 42 -58.40 -47.45 -100.99
C THR R 42 -58.86 -47.38 -99.53
N ARG R 43 -60.08 -46.88 -99.26
CA ARG R 43 -60.70 -46.96 -97.94
C ARG R 43 -59.93 -46.16 -96.89
N VAL R 44 -59.72 -44.87 -97.17
CA VAL R 44 -59.12 -43.95 -96.20
C VAL R 44 -59.84 -42.61 -96.32
N ARG R 45 -60.40 -42.14 -95.21
CA ARG R 45 -61.07 -40.85 -95.20
C ARG R 45 -60.05 -39.72 -95.20
N ARG R 46 -60.53 -38.50 -95.47
CA ARG R 46 -59.67 -37.33 -95.43
C ARG R 46 -59.40 -36.95 -93.98
N GLN R 47 -58.12 -36.90 -93.62
CA GLN R 47 -57.75 -36.68 -92.23
C GLN R 47 -56.33 -36.15 -92.16
N ALA R 48 -56.00 -35.55 -91.04
CA ALA R 48 -54.62 -35.20 -90.75
C ALA R 48 -53.86 -36.44 -90.32
N MET R 49 -52.63 -36.57 -90.81
CA MET R 49 -51.84 -37.75 -90.51
C MET R 49 -50.37 -37.36 -90.36
N PRO R 50 -49.71 -37.82 -89.31
CA PRO R 50 -48.31 -37.44 -89.11
C PRO R 50 -47.40 -38.02 -90.18
N PHE R 51 -46.28 -37.31 -90.41
CA PHE R 51 -45.28 -37.79 -91.35
C PHE R 51 -44.58 -39.05 -90.83
N LYS R 52 -44.56 -39.24 -89.51
CA LYS R 52 -43.76 -40.32 -88.94
C LYS R 52 -44.35 -41.69 -89.26
N CYS R 53 -45.65 -41.78 -89.52
CA CYS R 53 -46.27 -43.06 -89.82
C CYS R 53 -46.37 -43.34 -91.32
N MET R 54 -45.88 -42.44 -92.16
CA MET R 54 -45.90 -42.64 -93.61
C MET R 54 -44.50 -42.91 -94.12
N GLN R 55 -44.43 -43.27 -95.41
CA GLN R 55 -43.16 -43.45 -96.11
C GLN R 55 -43.43 -43.39 -97.60
N LEU R 56 -42.72 -42.50 -98.29
CA LEU R 56 -43.08 -42.12 -99.63
C LEU R 56 -42.75 -43.22 -100.63
N THR R 57 -43.42 -43.15 -101.79
CA THR R 57 -43.21 -44.04 -102.91
C THR R 57 -42.79 -43.22 -104.13
N ASP R 58 -42.52 -43.91 -105.23
CA ASP R 58 -42.13 -43.24 -106.47
C ASP R 58 -43.33 -43.00 -107.38
N PHE R 59 -44.39 -42.42 -106.85
CA PHE R 59 -45.59 -42.13 -107.63
C PHE R 59 -46.09 -40.73 -107.27
N ILE R 60 -46.40 -39.94 -108.29
CA ILE R 60 -46.95 -38.61 -108.12
C ILE R 60 -48.15 -38.48 -109.06
N LEU R 61 -49.30 -38.11 -108.51
CA LEU R 61 -50.48 -37.83 -109.31
C LEU R 61 -50.98 -36.44 -108.99
N LYS R 62 -51.41 -35.72 -110.02
CA LYS R 62 -51.56 -34.27 -109.97
C LYS R 62 -52.99 -33.87 -109.63
N PHE R 63 -53.12 -33.01 -108.63
CA PHE R 63 -54.37 -32.30 -108.36
C PHE R 63 -54.00 -30.99 -107.69
N PRO R 64 -54.93 -30.03 -107.64
CA PRO R 64 -54.65 -28.80 -106.90
C PRO R 64 -54.48 -29.08 -105.41
N HIS R 65 -53.80 -28.15 -104.74
CA HIS R 65 -53.43 -28.37 -103.35
C HIS R 65 -54.61 -28.39 -102.40
N SER R 66 -55.81 -28.05 -102.87
CA SER R 66 -57.01 -28.11 -102.04
C SER R 66 -58.17 -28.74 -102.78
N ALA R 67 -57.88 -29.64 -103.73
CA ALA R 67 -58.92 -30.25 -104.54
C ALA R 67 -59.83 -31.11 -103.67
N ARG R 68 -60.89 -31.62 -104.30
CA ARG R 68 -61.91 -32.35 -103.58
C ARG R 68 -61.79 -33.86 -103.81
N GLN R 69 -62.67 -34.58 -103.13
CA GLN R 69 -62.65 -36.04 -103.16
C GLN R 69 -62.83 -36.57 -104.57
N LYS R 70 -63.77 -36.00 -105.32
CA LYS R 70 -64.04 -36.45 -106.68
C LYS R 70 -62.82 -36.29 -107.57
N TYR R 71 -62.12 -35.16 -107.43
CA TYR R 71 -60.98 -34.88 -108.30
C TYR R 71 -59.79 -35.74 -107.93
N VAL R 72 -59.55 -35.94 -106.63
CA VAL R 72 -58.49 -36.86 -106.24
C VAL R 72 -58.79 -38.27 -106.76
N ARG R 73 -60.05 -38.69 -106.65
CA ARG R 73 -60.44 -40.02 -107.12
C ARG R 73 -60.20 -40.17 -108.62
N LYS R 74 -60.60 -39.15 -109.40
CA LYS R 74 -60.45 -39.28 -110.84
C LYS R 74 -58.99 -39.27 -111.24
N ALA R 75 -58.16 -38.47 -110.55
CA ALA R 75 -56.73 -38.51 -110.82
C ALA R 75 -56.15 -39.89 -110.50
N TRP R 76 -56.57 -40.48 -109.38
CA TRP R 76 -56.12 -41.81 -109.00
C TRP R 76 -56.48 -42.83 -110.07
N GLU R 77 -57.73 -42.81 -110.53
CA GLU R 77 -58.19 -43.80 -111.51
C GLU R 77 -57.52 -43.58 -112.86
N LYS R 78 -57.25 -42.33 -113.23
CA LYS R 78 -56.51 -42.06 -114.46
C LYS R 78 -55.09 -42.58 -114.36
N ALA R 79 -54.44 -42.41 -113.21
CA ALA R 79 -53.05 -42.85 -113.05
C ALA R 79 -52.90 -44.36 -112.90
N ASP R 80 -53.94 -45.06 -112.45
CA ASP R 80 -53.91 -46.52 -112.29
C ASP R 80 -52.92 -46.95 -111.21
N ILE R 81 -52.99 -46.24 -110.07
CA ILE R 81 -52.05 -46.46 -108.98
C ILE R 81 -52.20 -47.86 -108.39
N ASN R 82 -53.43 -48.38 -108.34
CA ASN R 82 -53.62 -49.71 -107.78
C ASN R 82 -52.85 -50.76 -108.58
N THR R 83 -53.02 -50.76 -109.90
CA THR R 83 -52.31 -51.71 -110.74
C THR R 83 -50.80 -51.49 -110.69
N LYS R 84 -50.36 -50.24 -110.73
CA LYS R 84 -48.92 -49.98 -110.69
C LYS R 84 -48.30 -50.44 -109.37
N TRP R 85 -48.97 -50.16 -108.25
CA TRP R 85 -48.49 -50.59 -106.96
C TRP R 85 -48.47 -52.11 -106.87
N ALA R 86 -49.51 -52.77 -107.39
CA ALA R 86 -49.50 -54.23 -107.40
C ALA R 86 -48.31 -54.77 -108.17
N ALA R 87 -47.97 -54.12 -109.29
CA ALA R 87 -46.79 -54.54 -110.05
C ALA R 87 -45.49 -54.27 -109.30
N THR R 88 -45.48 -53.26 -108.43
CA THR R 88 -44.25 -52.86 -107.76
C THR R 88 -43.63 -53.98 -106.93
N ARG R 89 -42.29 -54.07 -106.94
CA ARG R 89 -41.59 -55.06 -106.14
C ARG R 89 -41.81 -54.84 -104.65
N TRP R 90 -42.05 -53.60 -104.24
CA TRP R 90 -42.38 -53.32 -102.84
C TRP R 90 -43.63 -54.10 -102.42
N ALA R 91 -44.71 -53.97 -103.19
CA ALA R 91 -45.92 -54.71 -102.86
C ALA R 91 -45.73 -56.21 -103.04
N LYS R 92 -44.90 -56.62 -104.00
CA LYS R 92 -44.60 -58.04 -104.14
C LYS R 92 -43.96 -58.59 -102.87
N LYS R 93 -42.99 -57.86 -102.31
CA LYS R 93 -42.35 -58.29 -101.07
C LYS R 93 -43.35 -58.29 -99.92
N ILE R 94 -44.21 -57.28 -99.88
CA ILE R 94 -45.21 -57.21 -98.82
C ILE R 94 -46.11 -58.45 -98.85
N GLU R 95 -46.64 -58.77 -100.03
CA GLU R 95 -47.57 -59.89 -100.12
C GLU R 95 -46.85 -61.23 -99.91
N ALA R 96 -45.57 -61.32 -100.29
CA ALA R 96 -44.81 -62.53 -99.98
C ALA R 96 -44.69 -62.71 -98.48
N ARG R 97 -44.41 -61.63 -97.75
CA ARG R 97 -44.35 -61.71 -96.29
C ARG R 97 -45.70 -62.12 -95.71
N GLU R 98 -46.79 -61.54 -96.22
CA GLU R 98 -48.13 -61.91 -95.74
C GLU R 98 -48.39 -63.39 -95.96
N ARG R 99 -48.05 -63.90 -97.15
CA ARG R 99 -48.29 -65.29 -97.47
C ARG R 99 -47.46 -66.21 -96.58
N LYS R 100 -46.20 -65.86 -96.34
CA LYS R 100 -45.37 -66.66 -95.45
C LYS R 100 -45.92 -66.70 -94.04
N ALA R 101 -46.45 -65.56 -93.56
CA ALA R 101 -47.09 -65.56 -92.24
C ALA R 101 -48.32 -66.46 -92.24
N LYS R 102 -49.12 -66.38 -93.30
CA LYS R 102 -50.35 -67.16 -93.40
C LYS R 102 -50.10 -68.66 -93.63
N MET R 103 -48.87 -69.04 -93.96
CA MET R 103 -48.54 -70.44 -94.20
C MET R 103 -48.87 -71.32 -93.00
N THR R 104 -49.40 -72.51 -93.27
CA THR R 104 -49.87 -73.44 -92.23
C THR R 104 -48.91 -74.62 -92.09
N ASP R 105 -49.30 -75.59 -91.27
CA ASP R 105 -48.42 -76.72 -90.95
C ASP R 105 -48.18 -77.61 -92.16
N PHE R 106 -49.26 -78.00 -92.85
CA PHE R 106 -49.11 -78.84 -94.03
C PHE R 106 -48.28 -78.13 -95.10
N ASP R 107 -48.54 -76.83 -95.29
CA ASP R 107 -47.72 -76.05 -96.22
C ASP R 107 -46.28 -76.00 -95.76
N ARG R 108 -46.04 -75.92 -94.45
CA ARG R 108 -44.67 -75.92 -93.94
C ARG R 108 -43.97 -77.23 -94.27
N TYR R 109 -44.66 -78.35 -94.11
CA TYR R 109 -44.06 -79.63 -94.45
C TYR R 109 -43.76 -79.72 -95.95
N LYS R 110 -44.68 -79.23 -96.78
CA LYS R 110 -44.45 -79.22 -98.22
C LYS R 110 -43.22 -78.38 -98.57
N VAL R 111 -43.11 -77.19 -97.99
CA VAL R 111 -42.00 -76.30 -98.30
C VAL R 111 -40.68 -76.91 -97.84
N MET R 112 -40.68 -77.54 -96.66
CA MET R 112 -39.48 -78.20 -96.18
C MET R 112 -39.03 -79.29 -97.15
N LYS R 113 -39.97 -80.15 -97.56
CA LYS R 113 -39.62 -81.24 -98.46
C LYS R 113 -39.11 -80.71 -99.80
N ALA R 114 -39.73 -79.65 -100.32
CA ALA R 114 -39.31 -79.12 -101.61
C ALA R 114 -37.93 -78.48 -101.53
N LYS R 115 -37.71 -77.63 -100.53
CA LYS R 115 -36.42 -76.94 -100.45
C LYS R 115 -35.29 -77.89 -100.10
N LYS R 116 -35.58 -79.02 -99.44
CA LYS R 116 -34.55 -80.04 -99.26
C LYS R 116 -33.93 -80.43 -100.59
N MET R 117 -34.77 -80.82 -101.55
CA MET R 117 -34.28 -81.25 -102.86
C MET R 117 -33.69 -80.07 -103.64
N ARG R 118 -34.31 -78.90 -103.54
CA ARG R 118 -33.79 -77.76 -104.29
C ARG R 118 -32.37 -77.41 -103.84
N ASN R 119 -32.14 -77.34 -102.53
CA ASN R 119 -30.79 -77.11 -102.03
C ASN R 119 -29.84 -78.23 -102.42
N ARG R 120 -30.29 -79.48 -102.35
CA ARG R 120 -29.41 -80.59 -102.73
C ARG R 120 -28.92 -80.43 -104.17
N ILE R 121 -29.86 -80.19 -105.09
CA ILE R 121 -29.50 -80.10 -106.50
C ILE R 121 -28.60 -78.89 -106.76
N ILE R 122 -28.93 -77.74 -106.17
CA ILE R 122 -28.12 -76.55 -106.39
C ILE R 122 -26.72 -76.73 -105.82
N LYS R 123 -26.60 -77.39 -104.66
CA LYS R 123 -25.28 -77.65 -104.09
C LYS R 123 -24.45 -78.56 -104.98
N ASN R 124 -25.09 -79.58 -105.56
CA ASN R 124 -24.36 -80.47 -106.47
C ASN R 124 -23.85 -79.69 -107.68
N GLU R 125 -24.71 -78.86 -108.27
CA GLU R 125 -24.26 -78.09 -109.43
C GLU R 125 -23.20 -77.06 -109.06
N VAL R 126 -23.25 -76.53 -107.83
CA VAL R 126 -22.21 -75.63 -107.35
C VAL R 126 -20.88 -76.36 -107.28
N LYS R 127 -20.90 -77.60 -106.78
CA LYS R 127 -19.67 -78.40 -106.77
C LYS R 127 -19.15 -78.60 -108.18
N LYS R 128 -20.07 -78.88 -109.12
CA LYS R 128 -19.66 -79.05 -110.52
C LYS R 128 -18.97 -77.79 -111.05
N LEU R 129 -19.55 -76.62 -110.78
CA LEU R 129 -18.95 -75.37 -111.24
C LEU R 129 -17.60 -75.13 -110.58
N GLN R 130 -17.48 -75.47 -109.29
CA GLN R 130 -16.19 -75.34 -108.62
C GLN R 130 -15.13 -76.20 -109.28
N ARG R 131 -15.49 -77.44 -109.61
CA ARG R 131 -14.52 -78.34 -110.26
C ARG R 131 -14.14 -77.81 -111.64
N ALA R 132 -15.11 -77.25 -112.39
CA ALA R 132 -14.80 -76.70 -113.70
C ALA R 132 -13.84 -75.52 -113.59
N ALA R 133 -14.14 -74.58 -112.69
CA ALA R 133 -13.27 -73.42 -112.53
C ALA R 133 -11.88 -73.83 -112.06
N LEU R 134 -11.81 -74.78 -111.13
CA LEU R 134 -10.51 -75.22 -110.64
C LEU R 134 -9.69 -75.86 -111.75
N LEU R 135 -10.32 -76.71 -112.57
CA LEU R 135 -9.56 -77.38 -113.63
C LEU R 135 -9.12 -76.38 -114.70
N LYS R 136 -9.96 -75.39 -115.01
CA LYS R 136 -9.55 -74.41 -116.01
C LYS R 136 -8.53 -73.41 -115.45
N ALA R 137 -8.43 -73.30 -114.11
CA ALA R 137 -7.45 -72.40 -113.53
C ALA R 137 -6.13 -73.09 -113.19
N SER R 138 -6.13 -74.42 -113.10
CA SER R 138 -4.92 -75.17 -112.80
C SER R 138 -4.14 -75.49 -114.06
N GLY S 1 -47.62 -40.74 80.35
CA GLY S 1 -46.45 -41.19 79.63
C GLY S 1 -45.58 -40.04 79.14
N ALA S 2 -44.26 -40.21 79.27
CA ALA S 2 -43.33 -39.16 78.86
C ALA S 2 -43.20 -39.06 77.35
N TYR S 3 -43.59 -40.11 76.63
CA TYR S 3 -43.41 -40.13 75.19
C TYR S 3 -44.26 -39.06 74.52
N LYS S 4 -45.47 -38.82 75.03
CA LYS S 4 -46.31 -37.77 74.45
C LYS S 4 -45.70 -36.40 74.69
N TYR S 5 -45.17 -36.16 75.89
CA TYR S 5 -44.50 -34.90 76.14
C TYR S 5 -43.32 -34.71 75.19
N ILE S 6 -42.53 -35.75 74.99
CA ILE S 6 -41.41 -35.65 74.06
C ILE S 6 -41.92 -35.37 72.64
N GLN S 7 -43.07 -35.95 72.30
CA GLN S 7 -43.67 -35.72 70.99
C GLN S 7 -43.99 -34.24 70.78
N GLU S 8 -44.65 -33.61 71.76
CA GLU S 8 -44.91 -32.18 71.61
C GLU S 8 -43.64 -31.32 71.67
N LEU S 9 -42.65 -31.69 72.47
CA LEU S 9 -41.37 -31.00 72.38
C LEU S 9 -40.84 -31.00 70.95
N TRP S 10 -40.75 -32.19 70.34
CA TRP S 10 -40.19 -32.26 69.00
C TRP S 10 -41.11 -31.68 67.94
N ARG S 11 -42.39 -31.48 68.26
CA ARG S 11 -43.24 -30.71 67.35
C ARG S 11 -42.99 -29.21 67.49
N LYS S 12 -42.56 -28.76 68.66
CA LYS S 12 -42.25 -27.33 68.86
C LYS S 12 -40.76 -27.08 68.60
N LYS S 13 -40.35 -27.33 67.36
CA LYS S 13 -38.95 -27.17 66.99
C LYS S 13 -38.51 -25.72 66.94
N GLN S 14 -39.45 -24.79 66.98
CA GLN S 14 -39.16 -23.39 66.74
C GLN S 14 -38.85 -22.62 68.02
N SER S 15 -39.07 -23.21 69.18
CA SER S 15 -38.84 -22.53 70.44
C SER S 15 -37.34 -22.41 70.71
N ASP S 16 -37.01 -21.61 71.72
CA ASP S 16 -35.60 -21.36 72.05
C ASP S 16 -34.93 -22.62 72.58
N VAL S 17 -35.65 -23.43 73.36
CA VAL S 17 -35.08 -24.67 73.88
C VAL S 17 -34.64 -25.57 72.73
N MET S 18 -35.57 -25.83 71.80
CA MET S 18 -35.24 -26.71 70.69
C MET S 18 -34.24 -26.06 69.76
N ARG S 19 -34.23 -24.74 69.64
CA ARG S 19 -33.20 -24.08 68.85
C ARG S 19 -31.81 -24.36 69.43
N PHE S 20 -31.68 -24.24 70.75
CA PHE S 20 -30.40 -24.56 71.40
C PHE S 20 -30.03 -26.01 71.13
N LEU S 21 -30.98 -26.94 71.31
CA LEU S 21 -30.68 -28.35 71.12
C LEU S 21 -30.23 -28.65 69.70
N LEU S 22 -30.98 -28.15 68.70
CA LEU S 22 -30.62 -28.42 67.32
C LEU S 22 -29.28 -27.79 66.95
N ARG S 23 -29.01 -26.57 67.43
CA ARG S 23 -27.71 -25.97 67.18
C ARG S 23 -26.58 -26.84 67.70
N VAL S 24 -26.68 -27.26 68.98
CA VAL S 24 -25.59 -28.03 69.59
C VAL S 24 -25.43 -29.38 68.90
N ARG S 25 -26.55 -30.09 68.68
CA ARG S 25 -26.47 -31.42 68.06
C ARG S 25 -25.93 -31.33 66.65
N CYS S 26 -26.36 -30.31 65.89
CA CYS S 26 -25.85 -30.17 64.53
C CYS S 26 -24.36 -29.91 64.52
N TRP S 27 -23.88 -29.07 65.43
CA TRP S 27 -22.44 -28.83 65.52
C TRP S 27 -21.70 -30.13 65.83
N GLN S 28 -22.22 -30.92 66.76
CA GLN S 28 -21.54 -32.15 67.16
C GLN S 28 -21.51 -33.16 66.01
N TYR S 29 -22.66 -33.38 65.36
CA TYR S 29 -22.70 -34.31 64.25
C TYR S 29 -21.86 -33.82 63.08
N ARG S 30 -21.70 -32.51 62.92
CA ARG S 30 -20.83 -31.98 61.88
C ARG S 30 -19.37 -32.28 62.20
N GLN S 31 -18.98 -32.16 63.47
CA GLN S 31 -17.62 -32.53 63.86
C GLN S 31 -17.38 -34.02 63.61
N LEU S 32 -18.37 -34.85 63.90
CA LEU S 32 -18.23 -36.29 63.65
C LEU S 32 -18.12 -36.57 62.16
N SER S 33 -17.93 -37.84 61.81
CA SER S 33 -17.76 -38.24 60.42
C SER S 33 -19.11 -38.34 59.73
N ALA S 34 -19.11 -38.81 58.48
CA ALA S 34 -20.32 -38.87 57.67
C ALA S 34 -21.06 -40.20 57.77
N LEU S 35 -20.48 -41.20 58.45
CA LEU S 35 -21.13 -42.49 58.59
C LEU S 35 -20.58 -43.15 59.85
N HIS S 36 -21.39 -43.17 60.90
CA HIS S 36 -20.97 -43.76 62.17
C HIS S 36 -22.19 -44.32 62.88
N ARG S 37 -21.92 -45.21 63.85
CA ARG S 37 -22.99 -45.88 64.57
C ARG S 37 -23.33 -45.10 65.84
N ALA S 38 -24.61 -44.77 65.99
CA ALA S 38 -25.07 -44.15 67.22
C ALA S 38 -25.37 -45.24 68.27
N PRO S 39 -24.81 -45.13 69.47
CA PRO S 39 -25.12 -46.13 70.50
C PRO S 39 -26.59 -46.18 70.89
N ARG S 40 -27.29 -45.04 70.88
CA ARG S 40 -28.69 -44.99 71.24
C ARG S 40 -29.39 -44.07 70.25
N PRO S 41 -30.67 -44.31 69.96
CA PRO S 41 -31.41 -43.36 69.12
C PRO S 41 -31.55 -42.02 69.82
N THR S 42 -31.35 -40.95 69.05
CA THR S 42 -31.45 -39.60 69.62
C THR S 42 -32.90 -39.24 69.91
N ARG S 43 -33.84 -39.85 69.21
CA ARG S 43 -35.27 -39.62 69.43
C ARG S 43 -35.92 -40.97 69.68
N PRO S 44 -35.90 -41.44 70.92
CA PRO S 44 -36.48 -42.77 71.21
C PRO S 44 -37.94 -42.88 70.84
N ASP S 45 -38.72 -41.83 71.07
CA ASP S 45 -40.15 -41.87 70.72
C ASP S 45 -40.33 -42.01 69.22
N LYS S 46 -39.58 -41.24 68.44
CA LYS S 46 -39.72 -41.29 66.98
C LYS S 46 -39.26 -42.64 66.43
N ALA S 47 -38.13 -43.14 66.92
CA ALA S 47 -37.68 -44.45 66.47
C ALA S 47 -38.68 -45.54 66.84
N ARG S 48 -39.26 -45.45 68.04
CA ARG S 48 -40.23 -46.44 68.47
C ARG S 48 -41.49 -46.40 67.60
N ARG S 49 -41.97 -45.19 67.27
CA ARG S 49 -43.14 -45.08 66.42
C ARG S 49 -42.83 -45.43 64.98
N LEU S 50 -41.55 -45.43 64.58
CA LEU S 50 -41.17 -45.93 63.28
C LEU S 50 -40.92 -47.42 63.27
N GLY S 51 -40.77 -48.05 64.42
CA GLY S 51 -40.69 -49.50 64.49
C GLY S 51 -39.52 -50.06 65.27
N TYR S 52 -38.81 -49.21 65.99
CA TYR S 52 -37.63 -49.62 66.74
C TYR S 52 -38.04 -50.22 68.09
N LYS S 53 -37.22 -51.16 68.57
CA LYS S 53 -37.41 -51.76 69.88
C LYS S 53 -36.05 -51.90 70.56
N ALA S 54 -36.05 -51.77 71.89
CA ALA S 54 -34.83 -51.88 72.68
C ALA S 54 -34.51 -53.36 72.91
N LYS S 55 -34.08 -54.02 71.83
CA LYS S 55 -33.70 -55.42 71.85
C LYS S 55 -32.27 -55.58 71.34
N GLN S 56 -31.87 -56.82 71.13
CA GLN S 56 -30.59 -57.15 70.55
C GLN S 56 -30.81 -57.48 69.08
N GLY S 57 -30.01 -56.86 68.21
CA GLY S 57 -30.20 -56.97 66.77
C GLY S 57 -30.73 -55.72 66.12
N TYR S 58 -31.10 -54.70 66.89
CA TYR S 58 -31.46 -53.39 66.37
C TYR S 58 -30.26 -52.46 66.54
N VAL S 59 -29.91 -51.75 65.46
CA VAL S 59 -28.80 -50.81 65.49
C VAL S 59 -29.26 -49.50 64.85
N ILE S 60 -28.61 -48.40 65.25
CA ILE S 60 -28.93 -47.07 64.74
C ILE S 60 -27.65 -46.49 64.16
N TYR S 61 -27.72 -46.03 62.91
CA TYR S 61 -26.61 -45.40 62.23
C TYR S 61 -26.95 -43.95 61.95
N ARG S 62 -26.09 -43.04 62.39
CA ARG S 62 -26.25 -41.62 62.16
C ARG S 62 -25.35 -41.22 61.00
N ILE S 63 -25.94 -40.68 59.93
CA ILE S 63 -25.22 -40.40 58.70
C ILE S 63 -25.58 -39.02 58.20
N ARG S 64 -24.68 -38.46 57.38
CA ARG S 64 -24.73 -37.08 56.94
C ARG S 64 -24.81 -37.02 55.44
N VAL S 65 -25.72 -36.19 54.93
CA VAL S 65 -25.96 -36.06 53.49
C VAL S 65 -25.72 -34.61 53.09
N ARG S 66 -24.87 -34.41 52.09
CA ARG S 66 -24.61 -33.06 51.62
C ARG S 66 -25.85 -32.47 50.99
N ARG S 67 -26.18 -31.24 51.37
CA ARG S 67 -27.46 -30.61 51.07
C ARG S 67 -27.42 -29.92 49.70
N GLY S 68 -28.61 -29.77 49.13
CA GLY S 68 -28.79 -29.02 47.90
C GLY S 68 -29.43 -29.87 46.81
N GLY S 69 -29.41 -29.32 45.60
CA GLY S 69 -29.93 -30.00 44.44
C GLY S 69 -28.90 -30.87 43.75
N ARG S 70 -29.24 -31.30 42.53
CA ARG S 70 -28.36 -32.14 41.72
C ARG S 70 -28.14 -31.47 40.38
N LYS S 71 -26.88 -31.28 40.02
CA LYS S 71 -26.54 -30.71 38.72
C LYS S 71 -26.13 -31.83 37.76
N ARG S 72 -26.39 -31.61 36.48
CA ARG S 72 -26.16 -32.65 35.49
C ARG S 72 -24.67 -32.85 35.28
N PRO S 73 -24.14 -34.06 35.52
CA PRO S 73 -22.70 -34.29 35.30
C PRO S 73 -22.33 -34.33 33.83
N VAL S 74 -22.27 -33.16 33.20
CA VAL S 74 -21.96 -33.06 31.78
C VAL S 74 -20.68 -32.25 31.62
N PRO S 75 -19.74 -32.67 30.76
CA PRO S 75 -18.46 -31.96 30.64
C PRO S 75 -18.61 -30.52 30.17
N LYS S 76 -18.28 -29.57 31.04
CA LYS S 76 -18.28 -28.14 30.72
C LYS S 76 -19.65 -27.66 30.26
N GLY S 77 -20.71 -28.27 30.78
CA GLY S 77 -22.07 -27.84 30.47
C GLY S 77 -22.40 -27.87 29.00
N ALA S 78 -22.02 -28.96 28.31
CA ALA S 78 -22.23 -29.08 26.87
C ALA S 78 -23.12 -30.30 26.63
N THR S 79 -24.43 -30.09 26.67
CA THR S 79 -25.40 -31.14 26.40
C THR S 79 -25.67 -31.15 24.90
N TYR S 80 -25.01 -32.05 24.18
CA TYR S 80 -25.15 -32.15 22.73
C TYR S 80 -26.55 -32.65 22.42
N GLY S 81 -27.43 -31.76 22.01
CA GLY S 81 -28.81 -32.14 21.74
C GLY S 81 -29.67 -30.92 21.50
N LYS S 82 -30.96 -31.10 21.72
CA LYS S 82 -31.93 -30.04 21.50
C LYS S 82 -31.96 -29.07 22.67
N PRO S 83 -32.40 -27.83 22.45
CA PRO S 83 -32.39 -26.84 23.53
C PRO S 83 -33.20 -27.22 24.75
N VAL S 84 -34.20 -28.08 24.59
CA VAL S 84 -35.06 -28.44 25.72
C VAL S 84 -34.26 -29.15 26.80
N HIS S 85 -33.15 -29.79 26.43
CA HIS S 85 -32.36 -30.59 27.36
C HIS S 85 -31.04 -29.90 27.75
N HIS S 86 -30.95 -28.58 27.58
CA HIS S 86 -29.69 -27.87 27.79
C HIS S 86 -29.41 -27.55 29.26
N GLY S 87 -30.39 -27.67 30.14
CA GLY S 87 -30.18 -27.24 31.51
C GLY S 87 -29.33 -28.22 32.30
N VAL S 88 -28.44 -27.67 33.14
CA VAL S 88 -27.62 -28.51 33.99
C VAL S 88 -27.63 -28.01 35.44
N ASN S 89 -28.10 -26.78 35.67
CA ASN S 89 -28.00 -26.20 37.01
C ASN S 89 -29.24 -26.46 37.87
N GLN S 90 -30.41 -26.00 37.42
CA GLN S 90 -31.57 -25.99 38.30
C GLN S 90 -32.29 -27.32 38.36
N LEU S 91 -31.62 -28.43 38.03
CA LEU S 91 -32.26 -29.73 38.02
C LEU S 91 -32.43 -30.26 39.45
N LYS S 92 -33.33 -31.23 39.59
CA LYS S 92 -33.62 -31.85 40.88
C LYS S 92 -33.54 -33.37 40.76
N PHE S 93 -33.28 -34.02 41.88
CA PHE S 93 -33.21 -35.47 41.96
C PHE S 93 -34.59 -36.04 42.26
N ALA S 94 -34.93 -37.14 41.58
CA ALA S 94 -36.24 -37.74 41.75
C ALA S 94 -36.48 -38.24 43.17
N ARG S 95 -35.47 -38.86 43.77
CA ARG S 95 -35.60 -39.38 45.13
C ARG S 95 -35.27 -38.31 46.16
N SER S 96 -35.67 -38.56 47.39
CA SER S 96 -35.47 -37.60 48.48
C SER S 96 -34.13 -37.85 49.17
N LEU S 97 -33.66 -36.82 49.88
CA LEU S 97 -32.39 -36.91 50.57
C LEU S 97 -32.45 -37.96 51.68
N GLN S 98 -33.59 -38.12 52.33
CA GLN S 98 -33.74 -39.18 53.32
C GLN S 98 -33.58 -40.54 52.68
N SER S 99 -34.17 -40.74 51.50
CA SER S 99 -34.03 -42.00 50.79
C SER S 99 -32.58 -42.25 50.40
N VAL S 100 -31.88 -41.20 49.94
CA VAL S 100 -30.47 -41.34 49.60
C VAL S 100 -29.67 -41.75 50.83
N ALA S 101 -29.97 -41.14 51.97
CA ALA S 101 -29.31 -41.50 53.22
C ALA S 101 -29.51 -42.96 53.55
N GLU S 102 -30.77 -43.42 53.56
CA GLU S 102 -31.03 -44.83 53.84
C GLU S 102 -30.30 -45.73 52.85
N GLU S 103 -30.25 -45.32 51.58
CA GLU S 103 -29.61 -46.13 50.56
C GLU S 103 -28.13 -46.34 50.87
N ARG S 104 -27.41 -45.26 51.17
CA ARG S 104 -25.98 -45.43 51.42
C ARG S 104 -25.71 -46.11 52.76
N ALA S 105 -26.58 -45.89 53.76
CA ALA S 105 -26.44 -46.60 55.02
C ALA S 105 -26.55 -48.10 54.82
N GLY S 106 -27.60 -48.54 54.12
CA GLY S 106 -27.74 -49.96 53.82
C GLY S 106 -26.64 -50.48 52.92
N ARG S 107 -26.15 -49.67 51.99
CA ARG S 107 -25.07 -50.11 51.13
C ARG S 107 -23.82 -50.42 51.93
N HIS S 108 -23.47 -49.55 52.89
CA HIS S 108 -22.33 -49.86 53.74
C HIS S 108 -22.62 -51.08 54.62
N CYS S 109 -23.82 -51.15 55.21
CA CYS S 109 -24.18 -52.26 56.10
C CYS S 109 -24.88 -53.34 55.27
N GLY S 110 -24.06 -54.13 54.58
CA GLY S 110 -24.61 -55.11 53.66
C GLY S 110 -25.38 -56.24 54.32
N ALA S 111 -24.90 -56.71 55.47
CA ALA S 111 -25.52 -57.84 56.14
C ALA S 111 -26.76 -57.46 56.94
N LEU S 112 -26.96 -56.18 57.21
CA LEU S 112 -28.11 -55.71 57.97
C LEU S 112 -29.24 -55.30 57.04
N ARG S 113 -30.42 -55.09 57.62
CA ARG S 113 -31.61 -54.74 56.86
C ARG S 113 -32.20 -53.45 57.41
N VAL S 114 -32.55 -52.53 56.51
CA VAL S 114 -32.99 -51.19 56.88
C VAL S 114 -34.49 -51.19 57.09
N LEU S 115 -34.93 -50.65 58.23
CA LEU S 115 -36.35 -50.56 58.52
C LEU S 115 -36.94 -49.20 58.12
N ASN S 116 -36.46 -48.13 58.76
CA ASN S 116 -36.90 -46.77 58.49
C ASN S 116 -35.79 -45.81 58.90
N SER S 117 -36.13 -44.52 58.92
CA SER S 117 -35.18 -43.48 59.31
C SER S 117 -35.97 -42.23 59.67
N TYR S 118 -35.32 -41.35 60.44
CA TYR S 118 -35.95 -40.10 60.84
C TYR S 118 -34.93 -38.97 60.76
N TRP S 119 -35.41 -37.76 61.04
CA TRP S 119 -34.67 -36.52 60.88
C TRP S 119 -34.16 -36.05 62.23
N VAL S 120 -32.87 -35.74 62.31
CA VAL S 120 -32.27 -35.31 63.57
C VAL S 120 -31.63 -33.93 63.50
N GLY S 121 -31.38 -33.37 62.32
CA GLY S 121 -30.84 -32.03 62.25
C GLY S 121 -30.50 -31.66 60.82
N GLU S 122 -30.22 -30.37 60.65
CA GLU S 122 -29.82 -29.85 59.34
C GLU S 122 -29.16 -28.50 59.52
N ASP S 123 -28.16 -28.24 58.69
CA ASP S 123 -27.57 -26.91 58.58
C ASP S 123 -27.59 -26.48 57.13
N SER S 124 -26.86 -25.42 56.78
CA SER S 124 -26.90 -24.90 55.41
C SER S 124 -26.43 -25.94 54.41
N THR S 125 -25.38 -26.69 54.74
CA THR S 125 -24.72 -27.56 53.78
C THR S 125 -24.93 -29.04 54.04
N TYR S 126 -25.59 -29.43 55.13
CA TYR S 126 -25.76 -30.85 55.44
C TYR S 126 -27.13 -31.09 56.05
N LYS S 127 -27.58 -32.33 55.94
CA LYS S 127 -28.72 -32.86 56.68
C LYS S 127 -28.29 -34.12 57.39
N PHE S 128 -28.94 -34.43 58.51
CA PHE S 128 -28.58 -35.58 59.32
C PHE S 128 -29.80 -36.46 59.55
N PHE S 129 -29.60 -37.77 59.41
CA PHE S 129 -30.67 -38.75 59.64
C PHE S 129 -30.11 -39.92 60.42
N GLU S 130 -30.99 -40.60 61.13
CA GLU S 130 -30.65 -41.83 61.83
C GLU S 130 -31.46 -42.97 61.23
N VAL S 131 -30.75 -43.96 60.69
CA VAL S 131 -31.37 -45.09 60.01
C VAL S 131 -31.47 -46.25 60.98
N ILE S 132 -32.64 -46.89 61.02
CA ILE S 132 -32.88 -48.01 61.92
C ILE S 132 -32.65 -49.30 61.15
N LEU S 133 -31.61 -50.03 61.53
CA LEU S 133 -31.25 -51.27 60.86
C LEU S 133 -31.48 -52.45 61.80
N ILE S 134 -31.67 -53.63 61.20
CA ILE S 134 -31.93 -54.85 61.94
C ILE S 134 -30.99 -55.94 61.43
N ASP S 135 -30.34 -56.63 62.35
CA ASP S 135 -29.55 -57.79 61.99
C ASP S 135 -30.47 -58.99 61.84
N PRO S 136 -30.59 -59.58 60.64
CA PRO S 136 -31.60 -60.62 60.43
C PRO S 136 -31.23 -61.98 60.95
N PHE S 137 -29.96 -62.25 61.25
CA PHE S 137 -29.54 -63.56 61.69
C PHE S 137 -29.35 -63.66 63.20
N HIS S 138 -29.62 -62.60 63.94
CA HIS S 138 -29.66 -62.70 65.39
C HIS S 138 -30.87 -63.51 65.81
N LYS S 139 -30.67 -64.45 66.73
CA LYS S 139 -31.75 -65.36 67.08
C LYS S 139 -32.87 -64.64 67.81
N ALA S 140 -32.56 -63.56 68.54
CA ALA S 140 -33.60 -62.77 69.17
C ALA S 140 -34.57 -62.17 68.15
N ILE S 141 -34.13 -62.01 66.90
CA ILE S 141 -35.01 -61.58 65.84
C ILE S 141 -35.62 -62.77 65.12
N ARG S 142 -34.83 -63.82 64.89
CA ARG S 142 -35.32 -64.97 64.14
C ARG S 142 -36.47 -65.66 64.86
N ARG S 143 -36.43 -65.73 66.19
CA ARG S 143 -37.41 -66.46 66.96
C ARG S 143 -38.64 -65.64 67.32
N ASN S 144 -38.70 -64.38 66.92
CA ASN S 144 -39.88 -63.56 67.21
C ASN S 144 -40.86 -63.66 66.05
N PRO S 145 -42.07 -64.16 66.27
CA PRO S 145 -42.97 -64.42 65.13
C PRO S 145 -43.54 -63.15 64.50
N ASP S 146 -43.46 -62.00 65.18
CA ASP S 146 -43.99 -60.76 64.64
C ASP S 146 -42.94 -59.90 63.95
N THR S 147 -41.67 -60.28 64.01
CA THR S 147 -40.64 -59.52 63.31
C THR S 147 -39.67 -60.42 62.56
N GLN S 148 -40.03 -61.68 62.31
CA GLN S 148 -39.23 -62.55 61.47
C GLN S 148 -39.62 -62.43 60.00
N TRP S 149 -40.55 -61.53 59.67
CA TRP S 149 -40.82 -61.24 58.26
C TRP S 149 -39.64 -60.56 57.60
N ILE S 150 -38.80 -59.86 58.38
CA ILE S 150 -37.64 -59.17 57.82
C ILE S 150 -36.54 -60.16 57.44
N THR S 151 -36.61 -61.40 57.94
CA THR S 151 -35.59 -62.38 57.60
C THR S 151 -35.82 -63.03 56.25
N LYS S 152 -36.99 -62.85 55.64
CA LYS S 152 -37.27 -63.45 54.36
C LYS S 152 -36.39 -62.84 53.28
N PRO S 153 -35.93 -63.63 52.30
CA PRO S 153 -35.06 -63.09 51.26
C PRO S 153 -35.73 -62.04 50.38
N VAL S 154 -37.06 -62.00 50.33
CA VAL S 154 -37.75 -61.04 49.48
C VAL S 154 -37.58 -59.60 49.97
N HIS S 155 -37.18 -59.41 51.22
CA HIS S 155 -36.99 -58.08 51.78
C HIS S 155 -35.53 -57.66 51.75
N LYS S 156 -34.71 -58.35 50.99
CA LYS S 156 -33.29 -58.03 50.91
C LYS S 156 -33.10 -56.70 50.20
N HIS S 157 -32.46 -55.75 50.87
CA HIS S 157 -32.18 -54.42 50.32
C HIS S 157 -33.47 -53.71 49.90
N ARG S 158 -34.32 -53.46 50.90
CA ARG S 158 -35.55 -52.72 50.66
C ARG S 158 -35.26 -51.30 50.19
N GLU S 159 -34.29 -50.64 50.83
CA GLU S 159 -33.95 -49.26 50.52
C GLU S 159 -33.37 -49.10 49.12
N MET S 160 -32.84 -50.18 48.53
CA MET S 160 -32.33 -50.11 47.18
C MET S 160 -33.46 -50.13 46.15
N ARG S 161 -34.51 -50.89 46.43
CA ARG S 161 -35.65 -51.01 45.54
C ARG S 161 -36.77 -50.05 45.90
N GLY S 162 -36.57 -49.19 46.89
CA GLY S 162 -37.56 -48.18 47.22
C GLY S 162 -38.79 -48.75 47.87
N LEU S 163 -38.59 -49.63 48.84
CA LEU S 163 -39.69 -50.20 49.61
C LEU S 163 -39.87 -49.54 50.97
N THR S 164 -38.84 -48.91 51.50
CA THR S 164 -38.97 -48.15 52.73
C THR S 164 -39.88 -46.95 52.49
N SER S 165 -40.28 -46.29 53.59
CA SER S 165 -41.25 -45.21 53.49
C SER S 165 -40.73 -44.07 52.62
N ALA S 166 -39.47 -43.70 52.80
CA ALA S 166 -38.90 -42.61 52.01
C ALA S 166 -38.83 -42.99 50.53
N GLY S 167 -38.50 -44.25 50.24
CA GLY S 167 -38.50 -44.69 48.85
C GLY S 167 -39.89 -44.71 48.23
N ARG S 168 -40.89 -45.11 49.02
CA ARG S 168 -42.26 -45.13 48.53
C ARG S 168 -42.79 -43.73 48.29
N LYS S 169 -42.33 -42.75 49.05
CA LYS S 169 -42.83 -41.39 48.89
C LYS S 169 -42.59 -40.84 47.49
N SER S 170 -41.46 -41.20 46.88
CA SER S 170 -41.10 -40.65 45.57
C SER S 170 -41.59 -41.52 44.41
N ARG S 171 -42.39 -42.55 44.68
CA ARG S 171 -42.91 -43.41 43.63
C ARG S 171 -44.29 -43.01 43.15
N GLY S 172 -44.93 -42.04 43.81
CA GLY S 172 -46.24 -41.57 43.36
C GLY S 172 -47.31 -42.64 43.36
N LEU S 173 -47.34 -43.48 44.39
CA LEU S 173 -48.31 -44.55 44.49
C LEU S 173 -49.27 -44.29 45.65
N GLY S 174 -50.51 -44.69 45.45
CA GLY S 174 -51.53 -44.56 46.47
C GLY S 174 -52.91 -44.56 45.85
N LYS S 175 -53.91 -44.74 46.71
CA LYS S 175 -55.30 -44.73 46.27
C LYS S 175 -55.70 -43.35 45.78
N GLY S 176 -56.64 -43.32 44.86
CA GLY S 176 -57.34 -42.10 44.54
C GLY S 176 -57.10 -41.63 43.11
N HIS S 177 -57.86 -40.60 42.74
CA HIS S 177 -57.83 -40.03 41.41
C HIS S 177 -56.59 -39.19 41.15
N LYS S 178 -55.81 -38.88 42.17
CA LYS S 178 -54.58 -38.13 41.95
C LYS S 178 -53.48 -39.03 41.40
N PHE S 179 -53.43 -40.28 41.85
CA PHE S 179 -52.40 -41.22 41.40
C PHE S 179 -52.95 -42.16 40.32
N HIS S 180 -53.32 -41.60 39.18
CA HIS S 180 -53.84 -42.44 38.10
C HIS S 180 -52.72 -43.05 37.26
N HIS S 181 -51.56 -42.42 37.20
CA HIS S 181 -50.45 -42.92 36.42
C HIS S 181 -49.62 -43.95 37.16
N THR S 182 -50.19 -44.58 38.18
CA THR S 182 -49.51 -45.63 38.93
C THR S 182 -50.40 -46.86 39.09
N ILE S 183 -51.64 -46.82 38.59
CA ILE S 183 -52.56 -47.94 38.75
C ILE S 183 -51.94 -49.21 38.20
N GLY S 184 -51.92 -50.24 39.00
CA GLY S 184 -51.06 -51.39 38.80
C GLY S 184 -49.97 -51.44 39.84
N GLY S 185 -48.94 -52.23 39.53
CA GLY S 185 -47.83 -52.34 40.45
C GLY S 185 -47.09 -51.03 40.66
N SER S 186 -46.79 -50.33 39.58
CA SER S 186 -45.94 -49.14 39.65
C SER S 186 -46.19 -48.30 38.41
N ARG S 187 -45.42 -47.21 38.29
CA ARG S 187 -45.51 -46.36 37.11
C ARG S 187 -45.11 -47.12 35.86
N ARG S 188 -44.01 -47.88 35.92
CA ARG S 188 -43.59 -48.67 34.77
C ARG S 188 -44.63 -49.71 34.43
N ALA S 189 -45.24 -50.33 35.45
CA ALA S 189 -46.27 -51.34 35.21
C ALA S 189 -47.48 -50.74 34.52
N ALA S 190 -47.92 -49.57 34.97
CA ALA S 190 -49.05 -48.90 34.32
C ALA S 190 -48.70 -48.55 32.88
N TRP S 191 -47.50 -48.01 32.65
CA TRP S 191 -47.09 -47.67 31.30
C TRP S 191 -47.07 -48.90 30.40
N ARG S 192 -46.58 -50.02 30.92
CA ARG S 192 -46.48 -51.23 30.12
C ARG S 192 -47.85 -51.82 29.83
N ARG S 193 -48.77 -51.75 30.80
CA ARG S 193 -50.13 -52.23 30.55
C ARG S 193 -50.83 -51.37 29.50
N ARG S 194 -50.60 -50.06 29.54
CA ARG S 194 -51.28 -49.19 28.58
C ARG S 194 -50.66 -49.25 27.19
N ASN S 195 -49.33 -49.38 27.11
CA ASN S 195 -48.63 -49.44 25.83
C ASN S 195 -48.33 -50.88 25.45
N THR S 196 -49.39 -51.61 25.13
CA THR S 196 -49.24 -52.98 24.65
C THR S 196 -50.45 -53.30 23.79
N LEU S 197 -50.19 -53.88 22.62
CA LEU S 197 -51.25 -54.19 21.66
C LEU S 197 -51.76 -55.60 21.97
N GLN S 198 -52.92 -55.68 22.62
CA GLN S 198 -53.54 -56.97 22.88
C GLN S 198 -54.14 -57.49 21.59
N LEU S 199 -53.61 -58.61 21.10
CA LEU S 199 -54.07 -59.23 19.87
C LEU S 199 -54.67 -60.58 20.23
N HIS S 200 -56.00 -60.61 20.38
CA HIS S 200 -56.69 -61.85 20.64
C HIS S 200 -56.59 -62.78 19.43
N ARG S 201 -56.85 -64.06 19.67
CA ARG S 201 -56.83 -65.02 18.59
C ARG S 201 -57.89 -64.69 17.54
N TYR S 202 -59.07 -64.25 17.98
CA TYR S 202 -60.13 -63.85 17.09
C TYR S 202 -60.29 -62.34 17.01
N ARG S 203 -59.47 -61.59 17.74
CA ARG S 203 -59.55 -60.13 17.80
C ARG S 203 -60.91 -59.61 18.25
N GLN T 1 -25.16 -69.88 -78.76
CA GLN T 1 -26.03 -69.39 -77.71
C GLN T 1 -25.42 -68.15 -77.05
N VAL T 2 -24.12 -67.97 -77.22
CA VAL T 2 -23.42 -66.83 -76.64
C VAL T 2 -23.68 -65.60 -77.48
N LEU T 3 -24.09 -64.52 -76.83
CA LEU T 3 -24.43 -63.27 -77.51
C LEU T 3 -23.15 -62.46 -77.68
N VAL T 4 -22.75 -62.26 -78.93
CA VAL T 4 -21.54 -61.51 -79.26
C VAL T 4 -21.95 -60.20 -79.91
N LEU T 5 -21.54 -59.08 -79.33
CA LEU T 5 -21.95 -57.77 -79.78
C LEU T 5 -20.72 -56.94 -80.16
N ASP T 6 -20.81 -56.28 -81.31
CA ASP T 6 -19.74 -55.40 -81.79
C ASP T 6 -19.93 -54.02 -81.17
N GLY T 7 -18.97 -53.58 -80.37
CA GLY T 7 -19.12 -52.35 -79.62
C GLY T 7 -18.91 -51.08 -80.42
N ARG T 8 -18.39 -51.17 -81.64
CA ARG T 8 -18.15 -49.97 -82.42
C ARG T 8 -19.47 -49.31 -82.81
N GLY T 9 -19.58 -48.02 -82.52
CA GLY T 9 -20.78 -47.27 -82.84
C GLY T 9 -21.86 -47.29 -81.77
N HIS T 10 -21.63 -47.97 -80.66
CA HIS T 10 -22.62 -48.05 -79.59
C HIS T 10 -22.34 -47.02 -78.51
N LEU T 11 -23.41 -46.62 -77.81
CA LEU T 11 -23.30 -45.71 -76.68
C LEU T 11 -23.09 -46.50 -75.40
N LEU T 12 -22.23 -45.98 -74.53
CA LEU T 12 -21.74 -46.73 -73.37
C LEU T 12 -22.86 -47.14 -72.41
N GLY T 13 -23.54 -46.16 -71.83
CA GLY T 13 -24.52 -46.47 -70.79
C GLY T 13 -25.70 -47.28 -71.30
N ARG T 14 -26.21 -46.94 -72.49
CA ARG T 14 -27.38 -47.63 -73.00
C ARG T 14 -27.06 -49.08 -73.37
N LEU T 15 -25.88 -49.32 -73.96
CA LEU T 15 -25.48 -50.70 -74.20
C LEU T 15 -25.26 -51.45 -72.90
N ALA T 16 -24.68 -50.77 -71.90
CA ALA T 16 -24.40 -51.43 -70.63
C ALA T 16 -25.68 -51.85 -69.91
N ALA T 17 -26.71 -51.02 -69.95
CA ALA T 17 -27.97 -51.36 -69.30
C ALA T 17 -28.57 -52.63 -69.88
N ILE T 18 -28.61 -52.71 -71.21
CA ILE T 18 -29.17 -53.89 -71.88
C ILE T 18 -28.31 -55.12 -71.60
N VAL T 19 -26.98 -54.95 -71.62
CA VAL T 19 -26.10 -56.08 -71.31
C VAL T 19 -26.35 -56.59 -69.90
N ALA T 20 -26.47 -55.68 -68.93
CA ALA T 20 -26.70 -56.09 -67.56
C ALA T 20 -28.03 -56.82 -67.42
N LYS T 21 -29.08 -56.31 -68.08
CA LYS T 21 -30.38 -56.97 -67.99
C LYS T 21 -30.33 -58.38 -68.59
N GLN T 22 -29.72 -58.52 -69.77
CA GLN T 22 -29.62 -59.83 -70.40
C GLN T 22 -28.81 -60.80 -69.55
N VAL T 23 -27.69 -60.32 -69.00
CA VAL T 23 -26.83 -61.18 -68.19
C VAL T 23 -27.54 -61.60 -66.91
N LEU T 24 -28.33 -60.69 -66.31
CA LEU T 24 -29.17 -61.07 -65.18
C LEU T 24 -30.18 -62.13 -65.57
N LEU T 25 -30.77 -61.98 -66.76
CA LEU T 25 -31.70 -62.97 -67.26
C LEU T 25 -31.04 -64.34 -67.41
N GLY T 26 -29.75 -64.38 -67.75
CA GLY T 26 -29.02 -65.63 -67.77
C GLY T 26 -28.23 -65.90 -69.03
N ARG T 27 -28.23 -65.02 -70.02
CA ARG T 27 -27.43 -65.24 -71.21
C ARG T 27 -25.96 -65.00 -70.92
N LYS T 28 -25.11 -65.68 -71.68
CA LYS T 28 -23.68 -65.40 -71.68
C LYS T 28 -23.41 -64.40 -72.80
N VAL T 29 -22.85 -63.25 -72.44
CA VAL T 29 -22.70 -62.13 -73.36
C VAL T 29 -21.23 -61.78 -73.46
N VAL T 30 -20.76 -61.61 -74.70
CA VAL T 30 -19.40 -61.17 -74.97
C VAL T 30 -19.49 -59.87 -75.77
N VAL T 31 -18.93 -58.80 -75.21
CA VAL T 31 -18.87 -57.51 -75.87
C VAL T 31 -17.46 -57.33 -76.42
N VAL T 32 -17.35 -56.99 -77.70
CA VAL T 32 -16.09 -57.00 -78.39
C VAL T 32 -15.88 -55.64 -79.04
N ARG T 33 -14.61 -55.26 -79.21
CA ARG T 33 -14.22 -53.93 -79.70
C ARG T 33 -14.78 -52.82 -78.80
N CYS T 34 -14.29 -52.83 -77.57
CA CYS T 34 -14.68 -51.80 -76.61
C CYS T 34 -13.97 -50.47 -76.84
N GLU T 35 -12.92 -50.45 -77.66
CA GLU T 35 -12.29 -49.18 -77.99
C GLU T 35 -13.14 -48.34 -78.93
N GLY T 36 -14.10 -48.95 -79.60
CA GLY T 36 -15.00 -48.26 -80.50
C GLY T 36 -16.27 -47.73 -79.90
N ILE T 37 -16.44 -47.86 -78.58
CA ILE T 37 -17.65 -47.36 -77.94
C ILE T 37 -17.58 -45.84 -77.85
N ASN T 38 -18.72 -45.20 -78.08
CA ASN T 38 -18.83 -43.75 -78.01
C ASN T 38 -19.54 -43.34 -76.73
N ILE T 39 -19.39 -42.06 -76.37
CA ILE T 39 -20.08 -41.46 -75.24
C ILE T 39 -20.56 -40.09 -75.67
N SER T 40 -21.79 -39.74 -75.33
CA SER T 40 -22.32 -38.44 -75.69
C SER T 40 -21.59 -37.33 -74.94
N GLY T 41 -21.52 -36.16 -75.56
CA GLY T 41 -20.78 -35.07 -74.97
C GLY T 41 -19.35 -35.02 -75.46
N ASN T 42 -18.77 -33.82 -75.44
CA ASN T 42 -17.47 -33.63 -76.05
C ASN T 42 -16.35 -34.21 -75.19
N PHE T 43 -15.19 -34.36 -75.84
CA PHE T 43 -14.08 -35.11 -75.27
C PHE T 43 -13.55 -34.45 -74.01
N TYR T 44 -13.48 -33.12 -74.00
CA TYR T 44 -12.98 -32.43 -72.83
C TYR T 44 -13.87 -32.69 -71.62
N ARG T 45 -15.18 -32.57 -71.79
CA ARG T 45 -16.11 -32.90 -70.72
C ARG T 45 -15.89 -34.33 -70.22
N ASN T 46 -15.80 -35.28 -71.15
CA ASN T 46 -15.69 -36.67 -70.70
C ASN T 46 -14.38 -36.92 -69.98
N LYS T 47 -13.29 -36.28 -70.43
CA LYS T 47 -12.02 -36.55 -69.78
C LYS T 47 -11.93 -35.88 -68.42
N LEU T 48 -12.58 -34.73 -68.23
CA LEU T 48 -12.67 -34.19 -66.87
C LEU T 48 -13.54 -35.06 -65.96
N LYS T 49 -14.61 -35.65 -66.49
CA LYS T 49 -15.35 -36.62 -65.68
C LYS T 49 -14.44 -37.74 -65.22
N TYR T 50 -13.67 -38.32 -66.15
CA TYR T 50 -12.80 -39.41 -65.77
C TYR T 50 -11.65 -38.95 -64.88
N LEU T 51 -11.17 -37.71 -65.05
CA LEU T 51 -10.11 -37.22 -64.20
C LEU T 51 -10.59 -36.98 -62.77
N ALA T 52 -11.83 -36.54 -62.60
CA ALA T 52 -12.40 -36.46 -61.26
C ALA T 52 -12.53 -37.84 -60.64
N PHE T 53 -12.97 -38.82 -61.44
CA PHE T 53 -12.99 -40.20 -60.95
C PHE T 53 -11.59 -40.65 -60.55
N LEU T 54 -10.58 -40.26 -61.32
CA LEU T 54 -9.20 -40.59 -61.00
C LEU T 54 -8.76 -39.93 -59.71
N ARG T 55 -9.21 -38.69 -59.48
CA ARG T 55 -8.85 -37.98 -58.26
C ARG T 55 -9.47 -38.64 -57.03
N LYS T 56 -10.66 -39.22 -57.16
CA LYS T 56 -11.23 -39.99 -56.06
C LYS T 56 -10.25 -41.06 -55.61
N ARG T 57 -9.88 -41.03 -54.32
CA ARG T 57 -8.82 -41.89 -53.83
C ARG T 57 -8.87 -41.91 -52.31
N MET T 58 -8.48 -43.03 -51.72
CA MET T 58 -8.51 -43.19 -50.28
C MET T 58 -7.28 -42.53 -49.66
N ASN T 59 -7.51 -41.54 -48.79
CA ASN T 59 -6.42 -40.75 -48.24
C ASN T 59 -5.47 -41.61 -47.40
N THR T 60 -6.03 -42.48 -46.56
CA THR T 60 -5.21 -43.21 -45.59
C THR T 60 -4.30 -44.22 -46.28
N ASN T 61 -4.81 -44.93 -47.29
CA ASN T 61 -4.03 -45.95 -47.99
C ASN T 61 -4.59 -46.10 -49.39
N PRO T 62 -3.98 -45.46 -50.38
CA PRO T 62 -4.53 -45.52 -51.75
C PRO T 62 -4.56 -46.91 -52.35
N SER T 63 -3.73 -47.83 -51.88
CA SER T 63 -3.71 -49.18 -52.42
C SER T 63 -4.98 -49.96 -52.11
N ARG T 64 -5.79 -49.47 -51.17
CA ARG T 64 -7.05 -50.11 -50.82
C ARG T 64 -8.27 -49.38 -51.39
N GLY T 65 -8.07 -48.18 -51.92
CA GLY T 65 -9.16 -47.35 -52.39
C GLY T 65 -9.67 -47.80 -53.74
N PRO T 66 -10.40 -46.92 -54.42
CA PRO T 66 -10.94 -47.28 -55.73
C PRO T 66 -9.84 -47.62 -56.71
N TYR T 67 -10.10 -48.61 -57.55
CA TYR T 67 -9.18 -49.01 -58.61
C TYR T 67 -9.68 -48.40 -59.91
N HIS T 68 -8.84 -47.60 -60.56
CA HIS T 68 -9.21 -46.86 -61.76
C HIS T 68 -8.59 -47.56 -62.96
N PHE T 69 -9.29 -48.54 -63.50
CA PHE T 69 -8.81 -49.26 -64.67
C PHE T 69 -8.78 -48.34 -65.88
N ARG T 70 -7.74 -48.49 -66.70
CA ARG T 70 -7.54 -47.64 -67.86
C ARG T 70 -7.97 -48.30 -69.16
N ALA T 71 -8.07 -49.61 -69.21
CA ALA T 71 -8.49 -50.29 -70.43
C ALA T 71 -9.96 -49.98 -70.73
N PRO T 72 -10.30 -49.70 -72.00
CA PRO T 72 -11.70 -49.45 -72.33
C PRO T 72 -12.61 -50.63 -71.99
N SER T 73 -12.10 -51.85 -72.15
CA SER T 73 -12.88 -53.03 -71.78
C SER T 73 -13.19 -53.01 -70.29
N ARG T 74 -12.22 -52.64 -69.47
CA ARG T 74 -12.46 -52.56 -68.02
C ARG T 74 -13.37 -51.41 -67.66
N ILE T 75 -13.32 -50.31 -68.42
CA ILE T 75 -14.26 -49.22 -68.18
C ILE T 75 -15.69 -49.68 -68.43
N PHE T 76 -15.91 -50.36 -69.56
CA PHE T 76 -17.24 -50.89 -69.85
C PHE T 76 -17.67 -51.91 -68.79
N TRP T 77 -16.74 -52.77 -68.39
CA TRP T 77 -17.04 -53.78 -67.38
C TRP T 77 -17.44 -53.13 -66.06
N ARG T 78 -16.75 -52.05 -65.68
CA ARG T 78 -17.09 -51.38 -64.44
C ARG T 78 -18.45 -50.69 -64.52
N THR T 79 -18.79 -50.13 -65.68
CA THR T 79 -20.12 -49.55 -65.83
C THR T 79 -21.19 -50.62 -65.66
N VAL T 80 -21.00 -51.78 -66.30
CA VAL T 80 -21.95 -52.87 -66.14
C VAL T 80 -22.01 -53.34 -64.69
N ARG T 81 -20.85 -53.38 -64.02
CA ARG T 81 -20.82 -53.78 -62.62
C ARG T 81 -21.63 -52.82 -61.76
N GLY T 82 -21.51 -51.52 -62.02
CA GLY T 82 -22.32 -50.55 -61.31
C GLY T 82 -23.80 -50.71 -61.57
N MET T 83 -24.16 -51.14 -62.78
CA MET T 83 -25.58 -51.43 -63.03
C MET T 83 -26.02 -52.77 -62.46
N LEU T 84 -25.10 -53.64 -62.08
CA LEU T 84 -25.47 -54.92 -61.50
C LEU T 84 -25.47 -54.86 -59.98
N PRO T 85 -26.27 -55.73 -59.32
CA PRO T 85 -26.19 -55.88 -57.85
C PRO T 85 -25.03 -56.78 -57.43
N HIS T 86 -23.82 -56.23 -57.54
CA HIS T 86 -22.62 -57.05 -57.50
C HIS T 86 -22.20 -57.51 -56.11
N LYS T 87 -22.87 -57.05 -55.06
CA LYS T 87 -22.51 -57.44 -53.71
C LYS T 87 -23.22 -58.71 -53.26
N THR T 88 -23.90 -59.40 -54.17
CA THR T 88 -24.61 -60.64 -53.87
C THR T 88 -24.11 -61.75 -54.78
N LYS T 89 -24.50 -62.98 -54.43
CA LYS T 89 -24.11 -64.14 -55.25
C LYS T 89 -24.71 -64.06 -56.64
N ARG T 90 -25.95 -63.57 -56.75
CA ARG T 90 -26.58 -63.42 -58.05
C ARG T 90 -25.81 -62.45 -58.92
N GLY T 91 -25.43 -61.30 -58.35
CA GLY T 91 -24.67 -60.32 -59.11
C GLY T 91 -23.29 -60.83 -59.49
N GLN T 92 -22.65 -61.57 -58.59
CA GLN T 92 -21.34 -62.11 -58.91
C GLN T 92 -21.42 -63.16 -60.01
N ALA T 93 -22.46 -63.99 -59.99
CA ALA T 93 -22.65 -64.96 -61.06
C ALA T 93 -22.91 -64.26 -62.39
N ALA T 94 -23.68 -63.18 -62.35
CA ALA T 94 -23.91 -62.38 -63.56
C ALA T 94 -22.60 -61.82 -64.10
N LEU T 95 -21.79 -61.23 -63.22
CA LEU T 95 -20.50 -60.70 -63.65
C LEU T 95 -19.63 -61.80 -64.22
N ASP T 96 -19.70 -63.00 -63.64
CA ASP T 96 -18.93 -64.13 -64.15
C ASP T 96 -19.37 -64.51 -65.55
N ARG T 97 -20.69 -64.53 -65.81
CA ARG T 97 -21.12 -64.88 -67.17
C ARG T 97 -20.95 -63.74 -68.15
N LEU T 98 -20.62 -62.54 -67.70
CA LEU T 98 -20.24 -61.46 -68.62
C LEU T 98 -18.76 -61.53 -68.95
N LYS T 99 -18.43 -61.30 -70.23
CA LYS T 99 -17.05 -61.28 -70.69
C LYS T 99 -16.86 -60.11 -71.65
N VAL T 100 -15.76 -59.36 -71.46
CA VAL T 100 -15.51 -58.13 -72.20
C VAL T 100 -14.08 -58.14 -72.71
N PHE T 101 -13.89 -57.68 -73.95
CA PHE T 101 -12.60 -57.72 -74.62
C PHE T 101 -12.28 -56.40 -75.28
N ASP T 102 -10.99 -56.21 -75.58
CA ASP T 102 -10.50 -55.10 -76.39
C ASP T 102 -10.04 -55.65 -77.74
N GLY T 103 -10.38 -54.93 -78.81
CA GLY T 103 -10.12 -55.48 -80.13
C GLY T 103 -11.07 -56.63 -80.39
N ILE T 104 -10.62 -57.60 -81.18
CA ILE T 104 -11.36 -58.83 -81.39
C ILE T 104 -10.41 -60.02 -81.27
N PRO T 105 -10.42 -60.73 -80.14
CA PRO T 105 -9.53 -61.88 -79.99
C PRO T 105 -9.92 -62.99 -80.95
N PRO T 106 -8.99 -63.91 -81.24
CA PRO T 106 -9.28 -64.95 -82.21
C PRO T 106 -9.86 -66.21 -81.60
N PRO T 107 -10.80 -66.11 -80.64
CA PRO T 107 -11.91 -67.06 -80.65
C PRO T 107 -13.09 -66.50 -81.43
N TYR T 108 -13.19 -65.18 -81.48
CA TYR T 108 -14.36 -64.50 -82.00
C TYR T 108 -14.10 -63.74 -83.30
N ASP T 109 -12.87 -63.71 -83.79
CA ASP T 109 -12.63 -63.01 -85.06
C ASP T 109 -13.38 -63.66 -86.21
N LYS T 110 -13.80 -64.92 -86.07
CA LYS T 110 -14.41 -65.68 -87.14
C LYS T 110 -15.92 -65.86 -86.94
N LYS T 111 -16.52 -65.11 -86.02
CA LYS T 111 -17.93 -65.23 -85.72
C LYS T 111 -18.65 -63.93 -86.01
N LYS T 112 -19.89 -64.04 -86.44
CA LYS T 112 -20.70 -62.87 -86.78
C LYS T 112 -21.05 -62.10 -85.51
N ARG T 113 -20.92 -60.78 -85.55
CA ARG T 113 -21.19 -59.93 -84.41
C ARG T 113 -22.55 -59.26 -84.54
N MET T 114 -23.27 -59.19 -83.44
CA MET T 114 -24.58 -58.55 -83.39
C MET T 114 -24.43 -57.09 -82.98
N VAL T 115 -25.48 -56.32 -83.25
CA VAL T 115 -25.56 -54.93 -82.82
C VAL T 115 -26.89 -54.71 -82.12
N VAL T 116 -26.95 -53.65 -81.33
CA VAL T 116 -28.13 -53.28 -80.57
C VAL T 116 -28.58 -51.90 -81.04
N PRO T 117 -29.55 -51.84 -81.95
CA PRO T 117 -29.97 -50.53 -82.50
C PRO T 117 -30.52 -49.58 -81.46
N ALA T 118 -31.00 -50.07 -80.32
CA ALA T 118 -31.47 -49.18 -79.27
C ALA T 118 -30.33 -48.40 -78.60
N ALA T 119 -29.08 -48.76 -78.85
CA ALA T 119 -27.94 -48.14 -78.20
C ALA T 119 -26.89 -47.67 -79.20
N LEU T 120 -27.33 -47.35 -80.42
CA LEU T 120 -26.42 -46.86 -81.45
C LEU T 120 -26.37 -45.34 -81.44
N LYS T 121 -25.17 -44.80 -81.68
CA LYS T 121 -25.00 -43.34 -81.70
C LYS T 121 -25.84 -42.70 -82.80
N VAL T 122 -25.84 -43.29 -84.00
CA VAL T 122 -26.52 -42.69 -85.13
C VAL T 122 -28.03 -42.67 -84.92
N VAL T 123 -28.55 -43.53 -84.05
CA VAL T 123 -29.99 -43.58 -83.81
C VAL T 123 -30.37 -42.75 -82.59
N ARG T 124 -29.53 -42.72 -81.57
CA ARG T 124 -29.90 -42.06 -80.32
C ARG T 124 -29.47 -40.61 -80.23
N LEU T 125 -28.40 -40.21 -80.92
CA LEU T 125 -27.86 -38.87 -80.82
C LEU T 125 -28.26 -38.03 -82.03
N LYS T 126 -28.57 -36.76 -81.79
CA LYS T 126 -28.79 -35.83 -82.88
C LYS T 126 -27.49 -35.65 -83.66
N PRO T 127 -27.55 -35.53 -84.99
CA PRO T 127 -26.31 -35.41 -85.76
C PRO T 127 -25.48 -34.17 -85.43
N THR T 128 -26.11 -33.12 -84.91
CA THR T 128 -25.37 -31.91 -84.57
C THR T 128 -24.66 -32.00 -83.23
N ARG T 129 -25.03 -32.97 -82.40
CA ARG T 129 -24.41 -33.11 -81.09
C ARG T 129 -23.01 -33.73 -81.21
N LYS T 130 -22.21 -33.51 -80.17
CA LYS T 130 -20.84 -34.01 -80.14
C LYS T 130 -20.78 -35.34 -79.40
N PHE T 131 -19.63 -36.00 -79.48
CA PHE T 131 -19.40 -37.26 -78.80
C PHE T 131 -17.90 -37.48 -78.67
N ALA T 132 -17.52 -38.54 -77.97
CA ALA T 132 -16.14 -38.88 -77.72
C ALA T 132 -15.92 -40.36 -77.96
N TYR T 133 -14.66 -40.71 -78.25
CA TYR T 133 -14.28 -42.09 -78.49
C TYR T 133 -13.60 -42.66 -77.26
N LEU T 134 -14.08 -43.82 -76.81
CA LEU T 134 -13.56 -44.42 -75.59
C LEU T 134 -12.10 -44.81 -75.72
N GLY T 135 -11.67 -45.24 -76.90
CA GLY T 135 -10.26 -45.57 -77.08
C GLY T 135 -9.36 -44.37 -76.88
N ARG T 136 -9.73 -43.25 -77.49
CA ARG T 136 -8.96 -42.01 -77.31
C ARG T 136 -8.99 -41.55 -75.87
N LEU T 137 -10.16 -41.64 -75.22
CA LEU T 137 -10.27 -41.24 -73.82
C LEU T 137 -9.35 -42.09 -72.95
N ALA T 138 -9.36 -43.41 -73.15
CA ALA T 138 -8.52 -44.29 -72.35
C ALA T 138 -7.04 -44.03 -72.62
N HIS T 139 -6.67 -43.79 -73.87
CA HIS T 139 -5.27 -43.50 -74.16
C HIS T 139 -4.83 -42.23 -73.47
N GLU T 140 -5.67 -41.19 -73.48
CA GLU T 140 -5.29 -39.95 -72.83
C GLU T 140 -5.33 -40.05 -71.31
N VAL T 141 -6.05 -41.04 -70.76
CA VAL T 141 -6.03 -41.25 -69.32
C VAL T 141 -4.89 -42.17 -68.86
N GLY T 142 -4.34 -42.98 -69.76
CA GLY T 142 -3.23 -43.83 -69.34
C GLY T 142 -3.16 -45.21 -69.95
N TRP T 143 -4.11 -45.55 -70.83
CA TRP T 143 -4.04 -46.82 -71.54
C TRP T 143 -2.83 -46.82 -72.46
N LYS T 144 -2.13 -47.96 -72.51
CA LYS T 144 -0.82 -48.04 -73.15
C LYS T 144 -0.78 -48.97 -74.35
N TYR T 145 -1.90 -49.47 -74.82
CA TYR T 145 -1.92 -50.45 -75.90
C TYR T 145 -2.84 -50.03 -77.02
N GLN T 146 -2.83 -48.72 -77.33
CA GLN T 146 -3.69 -48.23 -78.40
C GLN T 146 -3.15 -48.60 -79.78
N ALA T 147 -1.84 -48.46 -79.99
CA ALA T 147 -1.26 -48.73 -81.30
C ALA T 147 -1.16 -50.22 -81.59
N VAL T 148 -0.79 -51.01 -80.58
CA VAL T 148 -0.71 -52.46 -80.76
C VAL T 148 -2.04 -53.02 -81.22
N THR T 149 -3.12 -52.63 -80.53
CA THR T 149 -4.44 -53.10 -80.89
C THR T 149 -4.82 -52.64 -82.30
N ALA T 150 -4.38 -51.43 -82.68
CA ALA T 150 -4.69 -50.93 -84.02
C ALA T 150 -4.02 -51.78 -85.09
N THR T 151 -2.75 -52.12 -84.91
CA THR T 151 -2.06 -52.96 -85.90
C THR T 151 -2.67 -54.35 -85.97
N LEU T 152 -2.97 -54.94 -84.82
CA LEU T 152 -3.62 -56.25 -84.83
C LEU T 152 -4.99 -56.18 -85.49
N GLU T 153 -5.70 -55.08 -85.31
CA GLU T 153 -7.03 -54.94 -85.89
C GLU T 153 -6.96 -54.77 -87.40
N GLU T 154 -5.93 -54.06 -87.90
CA GLU T 154 -5.81 -53.95 -89.35
C GLU T 154 -5.40 -55.28 -89.98
N LYS T 155 -4.59 -56.08 -89.27
CA LYS T 155 -4.33 -57.43 -89.74
C LYS T 155 -5.63 -58.24 -89.85
N ARG T 156 -6.44 -58.19 -88.78
CA ARG T 156 -7.72 -58.88 -88.81
C ARG T 156 -8.60 -58.38 -89.95
N LYS T 157 -8.59 -57.07 -90.19
CA LYS T 157 -9.41 -56.50 -91.24
C LYS T 157 -8.99 -56.99 -92.61
N GLU T 158 -7.68 -57.09 -92.87
CA GLU T 158 -7.23 -57.60 -94.16
C GLU T 158 -7.62 -59.06 -94.35
N LYS T 159 -7.46 -59.87 -93.30
CA LYS T 159 -7.86 -61.28 -93.42
C LYS T 159 -9.36 -61.40 -93.67
N ALA T 160 -10.17 -60.59 -92.98
CA ALA T 160 -11.61 -60.60 -93.18
C ALA T 160 -11.99 -60.13 -94.59
N LYS T 161 -11.27 -59.15 -95.12
CA LYS T 161 -11.53 -58.71 -96.49
C LYS T 161 -11.27 -59.83 -97.48
N ILE T 162 -10.18 -60.57 -97.31
CA ILE T 162 -9.89 -61.70 -98.19
C ILE T 162 -11.00 -62.74 -98.10
N HIS T 163 -11.43 -63.06 -96.87
CA HIS T 163 -12.50 -64.04 -96.69
C HIS T 163 -13.79 -63.57 -97.34
N TYR T 164 -14.12 -62.29 -97.20
CA TYR T 164 -15.36 -61.77 -97.76
C TYR T 164 -15.34 -61.81 -99.28
N ARG T 165 -14.19 -61.50 -99.87
CA ARG T 165 -14.08 -61.61 -101.33
C ARG T 165 -14.28 -63.05 -101.78
N LYS T 166 -13.69 -64.01 -101.06
CA LYS T 166 -13.90 -65.41 -101.40
C LYS T 166 -15.37 -65.80 -101.30
N LYS T 167 -16.04 -65.36 -100.22
CA LYS T 167 -17.44 -65.69 -100.03
C LYS T 167 -18.31 -65.07 -101.12
N LYS T 168 -18.00 -63.84 -101.51
CA LYS T 168 -18.74 -63.19 -102.59
C LYS T 168 -18.61 -63.96 -103.89
N GLN T 169 -17.38 -64.38 -104.23
CA GLN T 169 -17.19 -65.20 -105.42
C GLN T 169 -17.99 -66.50 -105.32
N LEU T 170 -17.94 -67.14 -104.16
CA LEU T 170 -18.60 -68.43 -103.99
C LEU T 170 -20.11 -68.31 -104.18
N MET T 171 -20.72 -67.30 -103.58
CA MET T 171 -22.18 -67.23 -103.67
C MET T 171 -22.65 -66.63 -104.99
N ARG T 172 -21.81 -65.83 -105.66
CA ARG T 172 -22.09 -65.50 -107.06
C ARG T 172 -22.08 -66.76 -107.91
N LEU T 173 -21.13 -67.67 -107.66
CA LEU T 173 -21.13 -68.96 -108.34
C LEU T 173 -22.40 -69.74 -108.04
N ARG T 174 -22.86 -69.69 -106.80
CA ARG T 174 -24.12 -70.38 -106.44
C ARG T 174 -25.30 -69.82 -107.21
N LYS T 175 -25.38 -68.49 -107.34
CA LYS T 175 -26.45 -67.88 -108.12
C LYS T 175 -26.37 -68.30 -109.58
N GLN T 176 -25.15 -68.37 -110.13
CA GLN T 176 -25.01 -68.83 -111.51
C GLN T 176 -25.49 -70.28 -111.62
N ALA T 177 -25.18 -71.10 -110.62
CA ALA T 177 -25.62 -72.49 -110.63
C ALA T 177 -27.14 -72.60 -110.60
N GLU T 178 -27.81 -71.79 -109.78
CA GLU T 178 -29.26 -71.86 -109.73
C GLU T 178 -29.87 -71.39 -111.05
N LYS T 179 -29.28 -70.36 -111.68
CA LYS T 179 -29.73 -69.98 -113.01
C LYS T 179 -29.51 -71.10 -114.02
N ASN T 180 -28.45 -71.87 -113.84
CA ASN T 180 -28.16 -72.98 -114.74
C ASN T 180 -29.20 -74.08 -114.62
N VAL T 181 -29.59 -74.42 -113.38
CA VAL T 181 -30.40 -75.60 -113.13
C VAL T 181 -31.87 -75.21 -112.85
N GLU T 182 -32.23 -73.96 -113.13
CA GLU T 182 -33.60 -73.52 -112.95
C GLU T 182 -34.61 -74.41 -113.69
N LYS T 183 -34.25 -74.91 -114.87
CA LYS T 183 -35.18 -75.77 -115.60
C LYS T 183 -35.52 -77.01 -114.78
N LYS T 184 -34.52 -77.59 -114.09
CA LYS T 184 -34.76 -78.77 -113.28
C LYS T 184 -35.44 -78.44 -111.95
N ILE T 185 -35.15 -77.27 -111.37
CA ILE T 185 -35.63 -76.97 -110.02
C ILE T 185 -36.88 -76.09 -110.04
N SER T 186 -37.46 -75.84 -111.21
CA SER T 186 -38.70 -75.07 -111.28
C SER T 186 -39.82 -75.72 -110.47
N LYS T 187 -39.84 -77.05 -110.45
CA LYS T 187 -40.90 -77.77 -109.76
C LYS T 187 -40.93 -77.47 -108.26
N PHE T 188 -39.83 -76.96 -107.71
CA PHE T 188 -39.80 -76.52 -106.33
C PHE T 188 -39.74 -75.01 -106.16
N THR T 189 -39.17 -74.30 -107.14
CA THR T 189 -39.22 -72.84 -107.08
C THR T 189 -40.65 -72.34 -107.12
N ASP T 190 -41.52 -73.02 -107.88
CA ASP T 190 -42.91 -72.59 -107.94
C ASP T 190 -43.63 -72.81 -106.61
N VAL T 191 -43.37 -73.94 -105.95
CA VAL T 191 -44.04 -74.21 -104.69
C VAL T 191 -43.44 -73.39 -103.55
N LEU T 192 -42.24 -72.85 -103.73
CA LEU T 192 -41.73 -71.89 -102.76
C LEU T 192 -42.25 -70.47 -103.03
N LYS T 193 -42.42 -70.10 -104.31
CA LYS T 193 -42.99 -68.81 -104.64
C LYS T 193 -44.48 -68.74 -104.34
N THR T 194 -45.16 -69.89 -104.27
CA THR T 194 -46.57 -69.89 -103.89
C THR T 194 -46.76 -69.84 -102.38
N HIS T 195 -45.67 -69.88 -101.61
CA HIS T 195 -45.75 -69.73 -100.17
C HIS T 195 -44.86 -68.60 -99.65
N GLY T 196 -44.21 -67.86 -100.54
CA GLY T 196 -43.54 -66.64 -100.14
C GLY T 196 -42.09 -66.80 -99.71
N LEU T 197 -41.51 -67.98 -99.86
CA LEU T 197 -40.10 -68.16 -99.56
C LEU T 197 -39.19 -67.55 -100.62
N LEU T 198 -39.72 -67.22 -101.80
CA LEU T 198 -38.92 -66.63 -102.87
C LEU T 198 -39.55 -65.32 -103.32
N VAL T 199 -38.70 -64.35 -103.61
CA VAL T 199 -39.09 -63.03 -104.11
C VAL T 199 -40.02 -62.32 -103.12
N VAL U 1 -10.72 -97.22 -17.66
CA VAL U 1 -11.99 -97.34 -16.95
C VAL U 1 -13.14 -97.26 -17.93
N ARG U 2 -13.30 -96.09 -18.56
CA ARG U 2 -14.38 -95.83 -19.51
C ARG U 2 -13.83 -94.86 -20.56
N TYR U 3 -13.44 -95.39 -21.70
CA TYR U 3 -12.77 -94.60 -22.72
C TYR U 3 -13.79 -93.94 -23.65
N SER U 4 -13.37 -92.83 -24.26
CA SER U 4 -14.27 -92.02 -25.07
C SER U 4 -14.69 -92.75 -26.34
N LEU U 5 -13.75 -93.34 -27.06
CA LEU U 5 -14.00 -93.93 -28.37
C LEU U 5 -13.56 -95.39 -28.33
N ASP U 6 -14.54 -96.29 -28.22
CA ASP U 6 -14.24 -97.70 -28.06
C ASP U 6 -13.56 -98.26 -29.32
N PRO U 7 -12.66 -99.23 -29.16
CA PRO U 7 -11.96 -99.78 -30.33
C PRO U 7 -12.90 -100.56 -31.23
N GLU U 8 -12.53 -100.62 -32.52
CA GLU U 8 -13.37 -101.32 -33.49
C GLU U 8 -13.25 -102.83 -33.35
N ASN U 9 -12.05 -103.33 -33.09
CA ASN U 9 -11.80 -104.76 -32.91
C ASN U 9 -10.99 -104.93 -31.64
N PRO U 10 -11.65 -105.12 -30.51
CA PRO U 10 -10.92 -105.13 -29.22
C PRO U 10 -9.88 -106.22 -29.10
N THR U 11 -10.00 -107.30 -29.88
CA THR U 11 -9.02 -108.38 -29.80
C THR U 11 -7.66 -107.99 -30.36
N LYS U 12 -7.59 -106.89 -31.11
CA LYS U 12 -6.34 -106.43 -31.71
C LYS U 12 -5.93 -105.04 -31.25
N SER U 13 -6.39 -104.62 -30.07
CA SER U 13 -6.13 -103.28 -29.59
C SER U 13 -5.81 -103.30 -28.10
N CYS U 14 -5.00 -102.33 -27.67
CA CYS U 14 -4.60 -102.20 -26.28
C CYS U 14 -4.79 -100.74 -25.85
N LYS U 15 -4.91 -100.54 -24.54
CA LYS U 15 -5.26 -99.23 -23.99
C LYS U 15 -4.25 -98.81 -22.95
N SER U 16 -4.14 -97.50 -22.75
CA SER U 16 -3.36 -96.91 -21.68
C SER U 16 -4.01 -95.60 -21.26
N ARG U 17 -3.68 -95.14 -20.06
CA ARG U 17 -4.39 -94.02 -19.47
C ARG U 17 -3.49 -93.31 -18.47
N GLY U 18 -3.82 -92.05 -18.19
CA GLY U 18 -3.12 -91.27 -17.19
C GLY U 18 -3.97 -90.14 -16.64
N SER U 19 -3.92 -89.92 -15.32
CA SER U 19 -4.75 -88.91 -14.67
C SER U 19 -3.89 -88.00 -13.80
N ASN U 20 -4.19 -86.71 -13.84
CA ASN U 20 -3.55 -85.70 -12.99
C ASN U 20 -2.04 -85.70 -13.16
N LEU U 21 -1.60 -85.36 -14.37
CA LEU U 21 -0.19 -85.28 -14.71
C LEU U 21 0.25 -83.82 -14.79
N ARG U 22 1.35 -83.49 -14.10
CA ARG U 22 1.84 -82.12 -14.02
C ARG U 22 2.52 -81.74 -15.33
N VAL U 23 1.70 -81.53 -16.36
CA VAL U 23 2.20 -81.12 -17.66
C VAL U 23 1.16 -80.20 -18.29
N HIS U 24 1.63 -79.30 -19.15
CA HIS U 24 0.77 -78.26 -19.69
C HIS U 24 -0.22 -78.82 -20.69
N PHE U 25 -1.50 -78.48 -20.49
CA PHE U 25 -2.57 -79.07 -21.29
C PHE U 25 -2.42 -78.71 -22.77
N LYS U 26 -2.12 -77.44 -23.06
CA LYS U 26 -2.09 -77.00 -24.45
C LYS U 26 -0.93 -77.64 -25.22
N ASN U 27 0.26 -77.65 -24.61
CA ASN U 27 1.41 -78.29 -25.25
C ASN U 27 1.15 -79.78 -25.45
N THR U 28 0.58 -80.44 -24.44
CA THR U 28 0.31 -81.86 -24.57
C THR U 28 -0.72 -82.13 -25.65
N ARG U 29 -1.74 -81.29 -25.76
CA ARG U 29 -2.75 -81.46 -26.79
C ARG U 29 -2.16 -81.32 -28.17
N GLU U 30 -1.32 -80.30 -28.38
CA GLU U 30 -0.70 -80.12 -29.69
C GLU U 30 0.22 -81.29 -30.03
N THR U 31 0.98 -81.79 -29.05
CA THR U 31 1.86 -82.92 -29.31
C THR U 31 1.06 -84.18 -29.64
N ALA U 32 -0.04 -84.41 -28.91
CA ALA U 32 -0.89 -85.57 -29.20
C ALA U 32 -1.48 -85.48 -30.60
N GLN U 33 -1.92 -84.28 -31.01
CA GLN U 33 -2.39 -84.11 -32.37
C GLN U 33 -1.28 -84.36 -33.38
N ALA U 34 -0.06 -83.97 -33.03
CA ALA U 34 1.07 -84.23 -33.92
C ALA U 34 1.28 -85.72 -34.13
N ILE U 35 1.15 -86.51 -33.06
CA ILE U 35 1.40 -87.95 -33.15
C ILE U 35 0.10 -88.76 -33.16
N LYS U 36 -1.00 -88.16 -33.63
CA LYS U 36 -2.30 -88.82 -33.54
C LYS U 36 -2.32 -90.15 -34.32
N GLY U 37 -1.93 -90.13 -35.59
CA GLY U 37 -2.09 -91.27 -36.44
C GLY U 37 -0.86 -92.10 -36.74
N MET U 38 0.23 -91.92 -36.01
CA MET U 38 1.50 -92.51 -36.41
C MET U 38 1.59 -93.97 -36.01
N HIS U 39 2.44 -94.70 -36.75
CA HIS U 39 2.93 -95.99 -36.30
C HIS U 39 3.78 -95.78 -35.05
N ILE U 40 3.77 -96.78 -34.16
CA ILE U 40 4.32 -96.57 -32.82
C ILE U 40 5.83 -96.35 -32.86
N ARG U 41 6.54 -97.08 -33.74
CA ARG U 41 7.98 -96.86 -33.86
C ARG U 41 8.28 -95.44 -34.33
N LYS U 42 7.58 -94.99 -35.36
CA LYS U 42 7.78 -93.63 -35.85
C LYS U 42 7.44 -92.60 -34.78
N ALA U 43 6.38 -92.86 -34.01
CA ALA U 43 6.01 -91.93 -32.95
C ALA U 43 7.09 -91.84 -31.88
N THR U 44 7.65 -92.97 -31.47
CA THR U 44 8.72 -92.95 -30.47
C THR U 44 9.94 -92.20 -30.99
N LYS U 45 10.31 -92.47 -32.25
CA LYS U 45 11.46 -91.79 -32.84
C LYS U 45 11.21 -90.28 -32.93
N TYR U 46 10.00 -89.88 -33.33
CA TYR U 46 9.68 -88.47 -33.46
C TYR U 46 9.67 -87.77 -32.10
N LEU U 47 9.16 -88.45 -31.06
CA LEU U 47 9.17 -87.85 -29.73
C LEU U 47 10.59 -87.68 -29.22
N LYS U 48 11.46 -88.67 -29.46
CA LYS U 48 12.85 -88.50 -29.05
C LYS U 48 13.51 -87.34 -29.81
N ASP U 49 13.18 -87.21 -31.10
CA ASP U 49 13.75 -86.09 -31.86
C ASP U 49 13.21 -84.75 -31.39
N VAL U 50 11.96 -84.71 -30.93
CA VAL U 50 11.43 -83.49 -30.33
C VAL U 50 12.21 -83.16 -29.06
N THR U 51 12.46 -84.16 -28.23
CA THR U 51 13.25 -83.93 -27.03
C THR U 51 14.65 -83.42 -27.37
N LEU U 52 15.24 -83.93 -28.44
CA LEU U 52 16.55 -83.48 -28.90
C LEU U 52 16.48 -82.25 -29.78
N LYS U 53 15.30 -81.68 -29.97
CA LYS U 53 15.12 -80.43 -30.71
C LYS U 53 15.48 -80.56 -32.19
N LYS U 54 15.28 -81.74 -32.76
CA LYS U 54 15.50 -81.94 -34.19
C LYS U 54 14.24 -81.87 -35.02
N GLN U 55 13.07 -82.13 -34.42
CA GLN U 55 11.79 -81.98 -35.08
C GLN U 55 10.85 -81.22 -34.16
N CYS U 56 9.87 -80.54 -34.75
CA CYS U 56 9.03 -79.61 -34.01
C CYS U 56 7.58 -80.05 -34.03
N VAL U 57 6.87 -79.68 -32.97
CA VAL U 57 5.43 -79.86 -32.90
C VAL U 57 4.78 -78.60 -33.46
N PRO U 58 3.93 -78.71 -34.49
CA PRO U 58 3.25 -77.52 -35.01
C PRO U 58 2.11 -77.11 -34.09
N PHE U 59 2.16 -75.86 -33.62
CA PHE U 59 1.11 -75.32 -32.76
C PHE U 59 0.05 -74.68 -33.65
N ARG U 60 -1.16 -75.25 -33.63
CA ARG U 60 -2.20 -74.87 -34.56
C ARG U 60 -3.40 -74.20 -33.90
N ARG U 61 -3.87 -74.72 -32.78
CA ARG U 61 -4.98 -74.08 -32.09
C ARG U 61 -4.50 -73.09 -31.04
N TYR U 62 -3.57 -73.52 -30.18
CA TYR U 62 -3.04 -72.67 -29.12
C TYR U 62 -1.70 -72.06 -29.56
N ASN U 63 -1.77 -71.20 -30.56
CA ASN U 63 -0.59 -70.65 -31.19
C ASN U 63 -0.39 -69.16 -30.91
N GLY U 64 -1.06 -68.61 -29.91
CA GLY U 64 -0.93 -67.20 -29.63
C GLY U 64 0.41 -66.83 -29.01
N GLY U 65 1.22 -66.09 -29.76
CA GLY U 65 2.53 -65.68 -29.30
C GLY U 65 3.64 -66.68 -29.51
N VAL U 66 3.36 -67.80 -30.17
CA VAL U 66 4.38 -68.81 -30.42
C VAL U 66 5.18 -68.42 -31.66
N GLY U 67 6.50 -68.42 -31.53
CA GLY U 67 7.36 -67.97 -32.60
C GLY U 67 7.42 -68.94 -33.76
N ARG U 68 8.03 -68.46 -34.83
CA ARG U 68 8.19 -69.23 -36.06
C ARG U 68 9.47 -70.05 -36.00
N CYS U 69 9.50 -71.13 -36.80
CA CYS U 69 10.67 -71.98 -36.88
C CYS U 69 10.73 -72.60 -38.27
N ALA U 70 11.94 -73.02 -38.65
CA ALA U 70 12.13 -73.60 -39.97
C ALA U 70 11.57 -75.00 -40.11
N GLN U 71 11.37 -75.70 -38.99
CA GLN U 71 11.01 -77.11 -39.04
C GLN U 71 9.51 -77.35 -39.16
N ALA U 72 8.69 -76.31 -39.04
CA ALA U 72 7.25 -76.49 -39.23
C ALA U 72 6.85 -76.54 -40.70
N LYS U 73 7.78 -76.26 -41.61
CA LYS U 73 7.45 -76.30 -43.03
C LYS U 73 7.07 -77.71 -43.48
N GLN U 74 7.73 -78.73 -42.95
CA GLN U 74 7.35 -80.10 -43.32
C GLN U 74 5.99 -80.47 -42.74
N TRP U 75 5.65 -79.93 -41.57
CA TRP U 75 4.29 -80.06 -41.04
C TRP U 75 3.30 -79.17 -41.77
N GLY U 76 3.77 -78.31 -42.67
CA GLY U 76 2.87 -77.42 -43.39
C GLY U 76 2.27 -76.35 -42.52
N TRP U 77 3.07 -75.78 -41.63
CA TRP U 77 2.63 -74.73 -40.73
C TRP U 77 3.71 -73.65 -40.70
N THR U 78 3.55 -72.70 -39.80
CA THR U 78 4.52 -71.61 -39.67
C THR U 78 5.08 -71.48 -38.27
N GLN U 79 4.31 -71.88 -37.25
CA GLN U 79 4.74 -71.78 -35.86
C GLN U 79 4.97 -73.18 -35.30
N GLY U 80 5.99 -73.32 -34.46
CA GLY U 80 6.30 -74.60 -33.86
C GLY U 80 7.17 -74.44 -32.63
N ARG U 81 7.22 -75.48 -31.82
CA ARG U 81 7.98 -75.47 -30.59
C ARG U 81 8.41 -76.89 -30.26
N TRP U 82 9.07 -77.04 -29.11
CA TRP U 82 9.69 -78.31 -28.71
C TRP U 82 9.36 -78.63 -27.27
N PRO U 83 8.13 -79.05 -26.97
CA PRO U 83 7.78 -79.33 -25.57
C PRO U 83 8.41 -80.61 -25.03
N LYS U 84 9.48 -80.45 -24.24
CA LYS U 84 10.28 -81.58 -23.81
C LYS U 84 9.55 -82.47 -22.82
N LYS U 85 8.96 -81.88 -21.78
CA LYS U 85 8.33 -82.69 -20.76
C LYS U 85 7.02 -83.29 -21.25
N SER U 86 6.31 -82.59 -22.14
CA SER U 86 5.15 -83.19 -22.79
C SER U 86 5.57 -84.40 -23.63
N ALA U 87 6.66 -84.25 -24.38
CA ALA U 87 7.16 -85.37 -25.19
C ALA U 87 7.52 -86.57 -24.32
N GLU U 88 8.19 -86.33 -23.19
CA GLU U 88 8.62 -87.47 -22.39
C GLU U 88 7.47 -88.08 -21.59
N PHE U 89 6.46 -87.29 -21.19
CA PHE U 89 5.26 -87.89 -20.63
C PHE U 89 4.58 -88.80 -21.64
N LEU U 90 4.48 -88.35 -22.90
CA LEU U 90 3.88 -89.20 -23.91
C LEU U 90 4.73 -90.43 -24.19
N LEU U 91 6.06 -90.31 -24.08
CA LEU U 91 6.91 -91.49 -24.22
C LEU U 91 6.64 -92.50 -23.11
N HIS U 92 6.45 -92.01 -21.88
CA HIS U 92 6.11 -92.91 -20.78
C HIS U 92 4.82 -93.66 -21.07
N MET U 93 3.80 -92.94 -21.53
CA MET U 93 2.53 -93.60 -21.81
C MET U 93 2.63 -94.56 -23.00
N LEU U 94 3.42 -94.21 -24.01
CA LEU U 94 3.64 -95.11 -25.14
C LEU U 94 4.32 -96.39 -24.69
N LYS U 95 5.32 -96.28 -23.81
CA LYS U 95 5.98 -97.48 -23.30
C LYS U 95 5.02 -98.34 -22.48
N ASN U 96 4.15 -97.69 -21.69
CA ASN U 96 3.15 -98.45 -20.94
C ASN U 96 2.19 -99.19 -21.87
N ALA U 97 1.77 -98.54 -22.95
CA ALA U 97 0.91 -99.21 -23.92
C ALA U 97 1.63 -100.35 -24.61
N GLU U 98 2.93 -100.18 -24.88
CA GLU U 98 3.75 -101.26 -25.42
C GLU U 98 3.72 -102.47 -24.48
N SER U 99 3.94 -102.22 -23.19
CA SER U 99 3.92 -103.32 -22.23
C SER U 99 2.56 -103.98 -22.16
N ASN U 100 1.49 -103.19 -22.21
CA ASN U 100 0.15 -103.75 -22.17
C ASN U 100 -0.11 -104.65 -23.37
N ALA U 101 0.27 -104.19 -24.57
CA ALA U 101 0.10 -105.01 -25.76
C ALA U 101 0.93 -106.28 -25.69
N GLU U 102 2.18 -106.18 -25.23
CA GLU U 102 3.04 -107.35 -25.13
C GLU U 102 2.47 -108.38 -24.16
N LEU U 103 1.93 -107.92 -23.03
CA LEU U 103 1.29 -108.84 -22.09
C LEU U 103 0.04 -109.45 -22.70
N LYS U 104 -0.73 -108.66 -23.45
CA LYS U 104 -1.94 -109.18 -24.09
C LYS U 104 -1.61 -110.23 -25.14
N GLY U 105 -0.45 -110.11 -25.78
CA GLY U 105 -0.05 -111.07 -26.80
C GLY U 105 -0.30 -110.58 -28.21
N LEU U 106 0.08 -109.33 -28.48
CA LEU U 106 -0.11 -108.69 -29.76
C LEU U 106 1.25 -108.41 -30.40
N ASP U 107 1.25 -108.20 -31.70
CA ASP U 107 2.48 -107.88 -32.41
C ASP U 107 2.81 -106.41 -32.24
N VAL U 108 3.97 -106.13 -31.64
CA VAL U 108 4.38 -104.75 -31.40
C VAL U 108 4.62 -104.02 -32.72
N ASP U 109 5.27 -104.68 -33.68
CA ASP U 109 5.69 -104.02 -34.92
C ASP U 109 4.51 -103.66 -35.83
N SER U 110 3.26 -103.83 -35.42
CA SER U 110 2.11 -103.44 -36.22
C SER U 110 1.23 -102.41 -35.54
N LEU U 111 1.53 -102.04 -34.30
CA LEU U 111 0.63 -101.19 -33.54
C LEU U 111 0.58 -99.78 -34.11
N VAL U 112 -0.61 -99.18 -34.12
CA VAL U 112 -0.84 -97.83 -34.62
C VAL U 112 -1.68 -97.09 -33.60
N ILE U 113 -1.35 -95.82 -33.37
CA ILE U 113 -2.17 -94.95 -32.53
C ILE U 113 -3.44 -94.62 -33.31
N GLU U 114 -4.56 -95.26 -32.98
CA GLU U 114 -5.78 -94.91 -33.69
C GLU U 114 -6.53 -93.78 -33.00
N HIS U 115 -6.48 -93.73 -31.67
CA HIS U 115 -7.19 -92.74 -30.89
C HIS U 115 -6.25 -92.18 -29.84
N ILE U 116 -6.35 -90.87 -29.61
CA ILE U 116 -5.61 -90.23 -28.52
C ILE U 116 -6.34 -88.94 -28.16
N GLN U 117 -6.48 -88.70 -26.86
CA GLN U 117 -7.24 -87.55 -26.38
C GLN U 117 -6.62 -87.03 -25.10
N VAL U 118 -6.57 -85.71 -24.98
CA VAL U 118 -6.10 -85.03 -23.78
C VAL U 118 -7.25 -84.26 -23.18
N ASN U 119 -7.48 -84.42 -21.88
CA ASN U 119 -8.53 -83.72 -21.16
C ASN U 119 -7.91 -82.73 -20.18
N LYS U 120 -8.75 -81.90 -19.59
CA LYS U 120 -8.31 -80.85 -18.69
C LYS U 120 -8.61 -81.28 -17.26
N ALA U 121 -7.55 -81.54 -16.50
CA ALA U 121 -7.65 -82.06 -15.15
C ALA U 121 -7.98 -80.95 -14.16
N PRO U 122 -8.44 -81.29 -12.95
CA PRO U 122 -8.70 -80.26 -11.94
C PRO U 122 -7.46 -79.42 -11.64
N LYS U 123 -7.67 -78.11 -11.52
CA LYS U 123 -6.59 -77.17 -11.35
C LYS U 123 -6.26 -77.00 -9.87
N MET U 124 -4.97 -76.87 -9.58
CA MET U 124 -4.48 -76.65 -8.23
C MET U 124 -3.97 -75.23 -8.08
N ARG U 125 -3.91 -74.76 -6.84
CA ARG U 125 -3.77 -73.35 -6.53
C ARG U 125 -2.43 -73.02 -5.90
N ARG U 126 -1.81 -71.95 -6.40
CA ARG U 126 -0.70 -71.30 -5.73
C ARG U 126 -0.93 -69.79 -5.78
N ARG U 127 -0.09 -69.05 -5.10
CA ARG U 127 -0.31 -67.62 -4.89
C ARG U 127 0.87 -66.80 -5.41
N THR U 128 0.55 -65.67 -6.02
CA THR U 128 1.55 -64.71 -6.46
C THR U 128 1.20 -63.34 -5.89
N TYR U 129 2.20 -62.48 -5.78
CA TYR U 129 2.05 -61.19 -5.12
C TYR U 129 2.25 -60.07 -6.13
N ARG U 130 1.25 -59.22 -6.27
CA ARG U 130 1.28 -58.08 -7.16
C ARG U 130 1.51 -56.81 -6.34
N ALA U 131 1.65 -55.69 -7.04
CA ALA U 131 1.90 -54.42 -6.40
C ALA U 131 0.70 -53.98 -5.56
N HIS U 132 0.95 -53.05 -4.65
CA HIS U 132 -0.08 -52.43 -3.82
C HIS U 132 -0.76 -53.44 -2.91
N GLY U 133 -0.02 -54.43 -2.43
CA GLY U 133 -0.57 -55.37 -1.48
C GLY U 133 -1.69 -56.23 -2.00
N ARG U 134 -1.56 -56.70 -3.24
CA ARG U 134 -2.56 -57.54 -3.89
C ARG U 134 -2.01 -58.95 -4.06
N ILE U 135 -2.92 -59.92 -4.08
CA ILE U 135 -2.58 -61.33 -4.22
C ILE U 135 -3.41 -61.90 -5.36
N ASN U 136 -2.77 -62.67 -6.24
CA ASN U 136 -3.42 -63.21 -7.40
C ASN U 136 -3.21 -64.72 -7.49
N PRO U 137 -4.12 -65.43 -8.15
CA PRO U 137 -3.94 -66.87 -8.34
C PRO U 137 -2.78 -67.19 -9.26
N TYR U 138 -2.21 -68.38 -9.05
CA TYR U 138 -1.07 -68.92 -9.79
C TYR U 138 -1.35 -70.35 -10.20
N MET U 139 -2.53 -70.57 -10.80
CA MET U 139 -3.07 -71.90 -11.02
C MET U 139 -2.22 -72.71 -12.00
N SER U 140 -2.28 -74.03 -11.84
CA SER U 140 -1.66 -74.98 -12.74
C SER U 140 -2.72 -75.70 -13.54
N SER U 141 -2.34 -76.24 -14.69
CA SER U 141 -3.27 -76.86 -15.63
C SER U 141 -2.81 -78.27 -15.99
N PRO U 142 -3.04 -79.24 -15.12
CA PRO U 142 -2.69 -80.62 -15.45
C PRO U 142 -3.65 -81.21 -16.48
N CYS U 143 -3.48 -82.49 -16.84
CA CYS U 143 -4.27 -83.06 -17.90
C CYS U 143 -4.48 -84.55 -17.69
N HIS U 144 -5.57 -85.07 -18.26
CA HIS U 144 -5.78 -86.50 -18.42
C HIS U 144 -5.41 -86.89 -19.85
N ILE U 145 -4.84 -88.07 -20.02
CA ILE U 145 -4.42 -88.54 -21.33
C ILE U 145 -4.86 -89.99 -21.49
N GLU U 146 -5.34 -90.32 -22.69
CA GLU U 146 -5.72 -91.69 -23.01
C GLU U 146 -5.44 -91.93 -24.49
N MET U 147 -4.95 -93.12 -24.80
CA MET U 147 -4.71 -93.51 -26.19
C MET U 147 -5.07 -94.97 -26.36
N ILE U 148 -5.35 -95.34 -27.61
CA ILE U 148 -5.69 -96.71 -27.96
C ILE U 148 -4.83 -97.12 -29.16
N LEU U 149 -3.97 -98.11 -28.96
CA LEU U 149 -3.21 -98.71 -30.04
C LEU U 149 -4.08 -99.74 -30.75
N THR U 150 -3.76 -99.98 -32.03
CA THR U 150 -4.49 -100.97 -32.80
C THR U 150 -3.55 -101.58 -33.82
N GLU U 151 -3.93 -102.75 -34.33
CA GLU U 151 -3.07 -103.57 -35.16
C GLU U 151 -3.48 -103.42 -36.62
N LYS U 152 -2.56 -102.93 -37.45
CA LYS U 152 -2.77 -102.81 -38.88
C LYS U 152 -1.45 -103.09 -39.60
N GLU U 153 -1.52 -103.83 -40.69
CA GLU U 153 -0.34 -104.20 -41.45
C GLU U 153 -0.54 -103.98 -42.95
N GLY V 1 -60.28 -49.79 -41.53
CA GLY V 1 -60.20 -48.34 -41.49
C GLY V 1 -61.55 -47.69 -41.25
N VAL V 2 -62.18 -48.04 -40.14
CA VAL V 2 -63.50 -47.55 -39.78
C VAL V 2 -63.36 -46.50 -38.68
N ASP V 3 -64.15 -45.43 -38.78
CA ASP V 3 -64.09 -44.33 -37.82
C ASP V 3 -65.18 -44.54 -36.77
N ILE V 4 -64.89 -45.43 -35.82
CA ILE V 4 -65.78 -45.71 -34.71
C ILE V 4 -64.98 -45.75 -33.42
N ARG V 5 -65.67 -45.59 -32.30
CA ARG V 5 -65.08 -45.66 -30.98
C ARG V 5 -65.64 -46.86 -30.24
N HIS V 6 -64.77 -47.59 -29.55
CA HIS V 6 -65.13 -48.81 -28.86
C HIS V 6 -65.23 -48.64 -27.35
N ASN V 7 -65.45 -47.41 -26.89
CA ASN V 7 -65.57 -47.17 -25.45
C ASN V 7 -66.78 -47.89 -24.87
N LYS V 8 -67.95 -47.69 -25.47
CA LYS V 8 -69.21 -48.13 -24.89
C LYS V 8 -69.82 -49.31 -25.65
N ASP V 9 -69.01 -50.05 -26.40
CA ASP V 9 -69.53 -51.19 -27.16
C ASP V 9 -70.01 -52.28 -26.22
N ARG V 10 -69.31 -52.49 -25.11
CA ARG V 10 -69.60 -53.58 -24.19
C ARG V 10 -70.54 -53.08 -23.09
N LYS V 11 -71.74 -53.67 -23.01
CA LYS V 11 -72.65 -53.37 -21.93
C LYS V 11 -72.19 -54.05 -20.65
N VAL V 12 -72.68 -53.54 -19.52
CA VAL V 12 -72.14 -53.92 -18.22
C VAL V 12 -73.16 -54.70 -17.37
N ARG V 13 -74.40 -54.82 -17.82
CA ARG V 13 -75.47 -55.47 -17.06
C ARG V 13 -75.14 -56.89 -16.65
N ARG V 14 -75.90 -57.43 -15.70
CA ARG V 14 -75.69 -58.77 -15.20
C ARG V 14 -76.42 -59.80 -16.04
N LYS V 15 -75.68 -60.79 -16.53
CA LYS V 15 -76.24 -61.86 -17.34
C LYS V 15 -76.66 -63.07 -16.52
N GLU V 16 -76.21 -63.17 -15.27
CA GLU V 16 -76.48 -64.28 -14.39
C GLU V 16 -76.24 -63.83 -12.96
N PRO V 17 -76.82 -64.52 -11.97
CA PRO V 17 -76.53 -64.17 -10.59
C PRO V 17 -75.06 -64.39 -10.26
N LYS V 18 -74.51 -63.51 -9.41
CA LYS V 18 -73.16 -63.71 -8.91
C LYS V 18 -73.08 -64.81 -7.86
N SER V 19 -74.20 -65.11 -7.21
CA SER V 19 -74.21 -66.09 -6.14
C SER V 19 -74.06 -67.51 -6.69
N GLN V 20 -73.71 -68.43 -5.80
CA GLN V 20 -73.62 -69.84 -6.11
C GLN V 20 -74.74 -70.65 -5.45
N ASP V 21 -75.78 -69.96 -4.95
CA ASP V 21 -76.92 -70.63 -4.35
C ASP V 21 -77.61 -71.51 -5.38
N ILE V 22 -77.65 -72.81 -5.10
CA ILE V 22 -78.23 -73.76 -6.04
C ILE V 22 -79.74 -73.56 -6.17
N TYR V 23 -80.40 -73.20 -5.06
CA TYR V 23 -81.84 -72.93 -5.12
C TYR V 23 -82.12 -71.69 -5.97
N LEU V 24 -81.33 -70.64 -5.80
CA LEU V 24 -81.48 -69.45 -6.62
C LEU V 24 -81.20 -69.76 -8.08
N ARG V 25 -80.24 -70.64 -8.35
CA ARG V 25 -79.95 -71.01 -9.73
C ARG V 25 -81.09 -71.82 -10.34
N LEU V 26 -81.73 -72.68 -9.55
CA LEU V 26 -82.91 -73.40 -10.05
C LEU V 26 -84.04 -72.43 -10.38
N LEU V 27 -84.26 -71.45 -9.51
CA LEU V 27 -85.26 -70.42 -9.80
C LEU V 27 -84.91 -69.65 -11.06
N VAL V 28 -83.63 -69.35 -11.25
CA VAL V 28 -83.19 -68.60 -12.42
C VAL V 28 -83.42 -69.42 -13.68
N LYS V 29 -83.15 -70.73 -13.63
CA LYS V 29 -83.44 -71.59 -14.77
C LYS V 29 -84.92 -71.56 -15.12
N LEU V 30 -85.78 -71.74 -14.11
CA LEU V 30 -87.21 -71.74 -14.35
C LEU V 30 -87.67 -70.43 -14.99
N TYR V 31 -87.24 -69.31 -14.42
CA TYR V 31 -87.74 -68.02 -14.90
C TYR V 31 -87.09 -67.61 -16.21
N ARG V 32 -85.87 -68.07 -16.50
CA ARG V 32 -85.32 -67.90 -17.83
C ARG V 32 -86.20 -68.57 -18.87
N PHE V 33 -86.60 -69.82 -18.60
CA PHE V 33 -87.48 -70.49 -19.54
C PHE V 33 -88.81 -69.75 -19.67
N LEU V 34 -89.38 -69.32 -18.54
CA LEU V 34 -90.67 -68.65 -18.57
C LEU V 34 -90.61 -67.36 -19.39
N ALA V 35 -89.59 -66.53 -19.13
CA ALA V 35 -89.50 -65.25 -19.82
C ALA V 35 -89.12 -65.42 -21.28
N ARG V 36 -88.42 -66.49 -21.64
CA ARG V 36 -88.14 -66.73 -23.06
C ARG V 36 -89.37 -67.23 -23.80
N ARG V 37 -90.19 -68.06 -23.14
CA ARG V 37 -91.28 -68.72 -23.83
C ARG V 37 -92.62 -68.03 -23.66
N THR V 38 -92.70 -66.93 -22.93
CA THR V 38 -93.93 -66.16 -22.83
C THR V 38 -93.70 -64.73 -23.31
N ASN V 39 -94.80 -64.02 -23.56
CA ASN V 39 -94.76 -62.63 -24.00
C ASN V 39 -95.18 -61.67 -22.90
N SER V 40 -94.96 -62.07 -21.65
CA SER V 40 -95.25 -61.22 -20.49
C SER V 40 -93.95 -60.69 -19.93
N THR V 41 -93.89 -59.37 -19.75
CA THR V 41 -92.68 -58.73 -19.24
C THR V 41 -92.55 -58.83 -17.73
N PHE V 42 -93.57 -59.35 -17.04
CA PHE V 42 -93.44 -59.59 -15.61
C PHE V 42 -92.30 -60.56 -15.33
N ASN V 43 -92.20 -61.63 -16.12
CA ASN V 43 -91.13 -62.61 -15.93
C ASN V 43 -89.76 -61.99 -16.22
N GLN V 44 -89.68 -61.13 -17.24
CA GLN V 44 -88.42 -60.47 -17.55
C GLN V 44 -87.96 -59.60 -16.39
N VAL V 45 -88.88 -58.81 -15.82
CA VAL V 45 -88.55 -57.99 -14.66
C VAL V 45 -88.16 -58.87 -13.48
N VAL V 46 -88.87 -59.98 -13.29
CA VAL V 46 -88.60 -60.84 -12.13
C VAL V 46 -87.20 -61.44 -12.21
N LEU V 47 -86.80 -61.94 -13.39
CA LEU V 47 -85.46 -62.52 -13.45
C LEU V 47 -84.38 -61.45 -13.46
N LYS V 48 -84.68 -60.27 -14.03
CA LYS V 48 -83.77 -59.14 -13.88
C LYS V 48 -83.48 -58.87 -12.41
N ARG V 49 -84.52 -58.90 -11.58
CA ARG V 49 -84.32 -58.65 -10.15
C ARG V 49 -83.67 -59.84 -9.45
N LEU V 50 -83.94 -61.05 -9.91
CA LEU V 50 -83.26 -62.23 -9.35
C LEU V 50 -81.75 -62.15 -9.60
N PHE V 51 -81.35 -61.53 -10.70
CA PHE V 51 -79.92 -61.40 -10.99
C PHE V 51 -79.22 -60.43 -10.05
N MET V 52 -79.93 -59.48 -9.47
CA MET V 52 -79.32 -58.32 -8.84
C MET V 52 -78.65 -58.69 -7.52
N SER V 53 -77.81 -57.76 -7.04
CA SER V 53 -77.11 -57.91 -5.78
C SER V 53 -78.03 -57.56 -4.61
N ARG V 54 -77.59 -57.89 -3.40
CA ARG V 54 -78.41 -57.67 -2.22
C ARG V 54 -78.72 -56.20 -2.03
N THR V 55 -77.77 -55.32 -2.33
CA THR V 55 -78.02 -53.90 -2.17
C THR V 55 -79.02 -53.38 -3.18
N ASN V 56 -79.16 -54.05 -4.32
CA ASN V 56 -80.12 -53.64 -5.34
C ASN V 56 -81.47 -54.34 -5.19
N ARG V 57 -81.65 -55.17 -4.15
CA ARG V 57 -82.96 -55.69 -3.78
C ARG V 57 -83.11 -55.56 -2.27
N PRO V 58 -83.41 -54.35 -1.78
CA PRO V 58 -83.50 -54.12 -0.34
C PRO V 58 -84.74 -54.76 0.25
N PRO V 59 -84.76 -54.98 1.57
CA PRO V 59 -85.95 -55.59 2.19
C PRO V 59 -87.16 -54.68 2.15
N LEU V 60 -88.33 -55.30 2.06
CA LEU V 60 -89.60 -54.59 2.04
C LEU V 60 -90.37 -54.91 3.32
N SER V 61 -90.93 -53.88 3.95
CA SER V 61 -91.53 -54.03 5.26
C SER V 61 -93.04 -54.21 5.16
N LEU V 62 -93.62 -54.72 6.26
CA LEU V 62 -95.07 -54.89 6.32
C LEU V 62 -95.79 -53.56 6.18
N SER V 63 -95.21 -52.48 6.69
CA SER V 63 -95.87 -51.19 6.60
C SER V 63 -96.08 -50.78 5.14
N ARG V 64 -95.00 -50.80 4.36
CA ARG V 64 -95.09 -50.48 2.94
C ARG V 64 -96.00 -51.47 2.22
N MET V 65 -95.87 -52.75 2.55
CA MET V 65 -96.69 -53.76 1.88
C MET V 65 -98.17 -53.52 2.11
N ILE V 66 -98.55 -53.25 3.36
CA ILE V 66 -99.95 -53.01 3.70
C ILE V 66 -100.45 -51.74 3.04
N ARG V 67 -99.66 -50.66 3.07
CA ARG V 67 -100.09 -49.42 2.45
C ARG V 67 -100.32 -49.61 0.95
N LYS V 68 -99.33 -50.21 0.26
CA LYS V 68 -99.43 -50.37 -1.17
C LYS V 68 -100.50 -51.37 -1.59
N MET V 69 -100.82 -52.35 -0.74
CA MET V 69 -101.92 -53.26 -1.04
C MET V 69 -103.28 -52.70 -0.66
N LYS V 70 -103.34 -51.75 0.28
CA LYS V 70 -104.59 -51.10 0.62
C LYS V 70 -104.86 -49.87 -0.24
N LEU V 71 -103.94 -49.53 -1.14
CA LEU V 71 -104.28 -48.54 -2.16
C LEU V 71 -105.51 -49.01 -2.94
N PRO V 72 -106.38 -48.09 -3.36
CA PRO V 72 -107.66 -48.50 -3.95
C PRO V 72 -107.48 -49.18 -5.31
N GLY V 73 -108.40 -50.08 -5.60
CA GLY V 73 -108.43 -50.73 -6.89
C GLY V 73 -107.75 -52.09 -6.93
N ARG V 74 -106.64 -52.21 -6.20
CA ARG V 74 -105.84 -53.44 -6.20
C ARG V 74 -106.19 -54.32 -5.00
N GLU V 75 -107.43 -54.77 -4.98
CA GLU V 75 -107.90 -55.65 -3.91
C GLU V 75 -107.59 -57.10 -4.25
N ASN V 76 -107.40 -57.90 -3.18
CA ASN V 76 -107.11 -59.33 -3.20
C ASN V 76 -106.23 -59.76 -4.38
N LYS V 77 -105.16 -59.02 -4.62
CA LYS V 77 -104.13 -59.42 -5.56
C LYS V 77 -102.92 -59.96 -4.78
N THR V 78 -101.97 -60.51 -5.52
CA THR V 78 -100.77 -61.10 -4.93
C THR V 78 -99.61 -60.11 -5.04
N ALA V 79 -99.00 -59.78 -3.91
CA ALA V 79 -97.85 -58.89 -3.87
C ALA V 79 -96.58 -59.70 -4.03
N VAL V 80 -95.73 -59.30 -4.96
CA VAL V 80 -94.53 -60.05 -5.32
C VAL V 80 -93.32 -59.20 -5.00
N VAL V 81 -92.41 -59.75 -4.19
CA VAL V 81 -91.17 -59.09 -3.82
C VAL V 81 -90.02 -60.02 -4.15
N VAL V 82 -88.98 -59.50 -4.81
CA VAL V 82 -87.83 -60.32 -5.16
C VAL V 82 -86.80 -60.14 -4.05
N GLY V 83 -87.23 -59.51 -2.96
CA GLY V 83 -86.35 -59.32 -1.82
C GLY V 83 -86.85 -60.02 -0.57
N THR V 84 -86.63 -59.41 0.59
CA THR V 84 -87.03 -59.95 1.87
C THR V 84 -88.20 -59.15 2.43
N VAL V 85 -89.18 -59.85 2.97
CA VAL V 85 -90.30 -59.23 3.66
C VAL V 85 -90.03 -59.29 5.15
N THR V 86 -90.02 -58.14 5.80
CA THR V 86 -89.55 -58.00 7.17
C THR V 86 -90.67 -57.51 8.07
N ASP V 87 -90.66 -57.97 9.32
CA ASP V 87 -91.70 -57.59 10.26
C ASP V 87 -91.52 -56.15 10.71
N ASP V 88 -92.65 -55.45 10.85
CA ASP V 88 -92.66 -54.07 11.32
C ASP V 88 -93.40 -54.02 12.64
N VAL V 89 -92.80 -53.36 13.63
CA VAL V 89 -93.31 -53.45 14.99
C VAL V 89 -94.31 -52.35 15.33
N ARG V 90 -94.22 -51.18 14.69
CA ARG V 90 -95.20 -50.13 14.98
C ARG V 90 -96.38 -50.17 14.01
N VAL V 91 -96.93 -51.37 13.84
CA VAL V 91 -98.18 -51.58 13.13
C VAL V 91 -99.03 -52.52 13.97
N GLN V 92 -100.34 -52.27 13.99
CA GLN V 92 -101.24 -52.99 14.88
C GLN V 92 -102.16 -53.97 14.17
N GLU V 93 -102.75 -53.59 13.05
CA GLU V 93 -103.71 -54.42 12.33
C GLU V 93 -103.11 -54.87 11.01
N VAL V 94 -103.11 -56.17 10.78
CA VAL V 94 -102.58 -56.80 9.57
C VAL V 94 -103.76 -57.35 8.78
N PRO V 95 -103.97 -56.92 7.54
CA PRO V 95 -105.06 -57.47 6.73
C PRO V 95 -104.67 -58.82 6.16
N LYS V 96 -105.68 -59.52 5.63
CA LYS V 96 -105.43 -60.78 4.95
C LYS V 96 -104.65 -60.52 3.67
N LEU V 97 -103.37 -60.83 3.68
CA LEU V 97 -102.47 -60.54 2.58
C LEU V 97 -102.10 -61.81 1.84
N LYS V 98 -101.62 -61.64 0.61
CA LYS V 98 -101.18 -62.74 -0.23
C LYS V 98 -99.78 -62.38 -0.74
N VAL V 99 -98.77 -63.10 -0.26
CA VAL V 99 -97.38 -62.68 -0.38
C VAL V 99 -96.59 -63.75 -1.11
N CYS V 100 -95.70 -63.31 -2.01
CA CYS V 100 -94.68 -64.16 -2.59
C CYS V 100 -93.35 -63.44 -2.46
N ALA V 101 -92.35 -64.09 -1.88
CA ALA V 101 -91.06 -63.46 -1.66
C ALA V 101 -89.99 -64.53 -1.57
N LEU V 102 -88.74 -64.11 -1.77
CA LEU V 102 -87.62 -65.03 -1.64
C LEU V 102 -87.51 -65.56 -0.21
N ARG V 103 -87.69 -64.69 0.78
CA ARG V 103 -87.70 -65.14 2.17
C ARG V 103 -88.45 -64.12 3.01
N VAL V 104 -89.17 -64.62 4.02
CA VAL V 104 -89.88 -63.79 4.98
C VAL V 104 -89.31 -64.09 6.36
N THR V 105 -89.03 -63.04 7.13
CA THR V 105 -88.55 -63.22 8.48
C THR V 105 -89.57 -64.00 9.30
N SER V 106 -89.09 -64.62 10.40
CA SER V 106 -89.93 -65.54 11.15
C SER V 106 -91.13 -64.82 11.76
N ARG V 107 -90.90 -63.66 12.36
CA ARG V 107 -92.00 -62.96 13.02
C ARG V 107 -93.00 -62.40 12.00
N ALA V 108 -92.50 -61.93 10.85
CA ALA V 108 -93.41 -61.48 9.80
C ALA V 108 -94.25 -62.64 9.27
N ARG V 109 -93.63 -63.81 9.11
CA ARG V 109 -94.38 -65.00 8.70
C ARG V 109 -95.47 -65.32 9.70
N SER V 110 -95.12 -65.28 10.99
CA SER V 110 -96.11 -65.55 12.02
C SER V 110 -97.26 -64.55 11.97
N ARG V 111 -96.94 -63.27 11.81
CA ARG V 111 -97.99 -62.24 11.74
C ARG V 111 -98.91 -62.47 10.55
N ILE V 112 -98.32 -62.73 9.38
CA ILE V 112 -99.14 -62.92 8.18
C ILE V 112 -100.05 -64.12 8.33
N LEU V 113 -99.49 -65.24 8.80
CA LEU V 113 -100.29 -66.45 8.93
C LEU V 113 -101.40 -66.28 9.98
N LYS V 114 -101.07 -65.69 11.14
CA LYS V 114 -102.08 -65.50 12.16
C LYS V 114 -103.16 -64.53 11.72
N ALA V 115 -102.81 -63.53 10.91
CA ALA V 115 -103.84 -62.70 10.30
C ALA V 115 -104.73 -63.53 9.39
N GLY V 116 -104.13 -64.45 8.63
CA GLY V 116 -104.93 -65.38 7.87
C GLY V 116 -104.63 -65.39 6.39
N GLY V 117 -103.47 -64.89 6.01
CA GLY V 117 -103.05 -64.85 4.63
C GLY V 117 -102.30 -66.09 4.21
N LYS V 118 -101.63 -65.99 3.06
CA LYS V 118 -100.86 -67.09 2.52
C LYS V 118 -99.51 -66.56 2.06
N ILE V 119 -98.48 -67.37 2.23
CA ILE V 119 -97.13 -67.04 1.79
C ILE V 119 -96.68 -68.09 0.78
N LEU V 120 -96.12 -67.63 -0.34
CA LEU V 120 -95.74 -68.51 -1.44
C LEU V 120 -94.25 -68.40 -1.71
N THR V 121 -93.73 -69.41 -2.39
CA THR V 121 -92.42 -69.35 -3.02
C THR V 121 -92.60 -69.09 -4.51
N PHE V 122 -91.49 -68.81 -5.19
CA PHE V 122 -91.59 -68.38 -6.58
C PHE V 122 -92.01 -69.53 -7.50
N ASP V 123 -91.67 -70.77 -7.16
CA ASP V 123 -92.16 -71.89 -7.95
C ASP V 123 -93.67 -72.05 -7.81
N GLN V 124 -94.19 -71.89 -6.59
CA GLN V 124 -95.63 -71.89 -6.39
C GLN V 124 -96.28 -70.74 -7.14
N LEU V 125 -95.62 -69.57 -7.17
CA LEU V 125 -96.14 -68.45 -7.94
C LEU V 125 -96.20 -68.78 -9.42
N ALA V 126 -95.17 -69.44 -9.94
CA ALA V 126 -95.15 -69.80 -11.35
C ALA V 126 -96.24 -70.81 -11.67
N LEU V 127 -96.52 -71.72 -10.74
CA LEU V 127 -97.62 -72.67 -10.97
C LEU V 127 -98.98 -71.97 -10.89
N ASP V 128 -99.13 -71.05 -9.95
CA ASP V 128 -100.43 -70.38 -9.76
C ASP V 128 -100.74 -69.45 -10.93
N SER V 129 -99.78 -68.61 -11.30
CA SER V 129 -99.96 -67.64 -12.38
C SER V 129 -98.66 -67.57 -13.18
N PRO V 130 -98.55 -68.37 -14.25
CA PRO V 130 -97.31 -68.36 -15.04
C PRO V 130 -97.00 -67.02 -15.66
N LYS V 131 -98.00 -66.25 -16.06
CA LYS V 131 -97.79 -64.95 -16.68
C LYS V 131 -97.75 -63.82 -15.67
N GLY V 132 -97.90 -64.11 -14.38
CA GLY V 132 -97.95 -63.04 -13.39
C GLY V 132 -99.21 -62.22 -13.46
N ARG V 133 -100.30 -62.79 -13.99
CA ARG V 133 -101.55 -62.08 -14.12
C ARG V 133 -102.21 -61.96 -12.76
N GLY V 134 -102.58 -60.74 -12.39
CA GLY V 134 -103.19 -60.50 -11.09
C GLY V 134 -102.16 -60.41 -9.99
N THR V 135 -101.11 -59.64 -10.21
CA THR V 135 -100.02 -59.50 -9.26
C THR V 135 -99.67 -58.02 -9.07
N VAL V 136 -99.06 -57.73 -7.93
CA VAL V 136 -98.59 -56.38 -7.62
C VAL V 136 -97.10 -56.50 -7.31
N LEU V 137 -96.28 -55.89 -8.15
CA LEU V 137 -94.83 -55.99 -8.05
C LEU V 137 -94.28 -54.80 -7.25
N LEU V 138 -93.68 -55.09 -6.10
CA LEU V 138 -93.15 -54.06 -5.20
C LEU V 138 -91.67 -54.28 -4.96
N SER V 139 -91.04 -53.29 -4.35
CA SER V 139 -89.65 -53.38 -3.96
C SER V 139 -89.41 -52.39 -2.82
N GLY V 140 -88.45 -52.74 -1.96
CA GLY V 140 -88.12 -51.91 -0.82
C GLY V 140 -87.38 -50.66 -1.22
N PRO V 141 -87.21 -49.73 -0.29
CA PRO V 141 -86.51 -48.49 -0.59
C PRO V 141 -85.06 -48.73 -0.95
N ARG V 142 -84.70 -48.47 -2.22
CA ARG V 142 -83.34 -48.76 -2.64
C ARG V 142 -82.33 -47.82 -2.00
N LYS V 143 -82.75 -46.61 -1.63
CA LYS V 143 -81.87 -45.61 -1.04
C LYS V 143 -82.03 -45.51 0.47
N GLY V 144 -82.42 -46.61 1.12
CA GLY V 144 -82.46 -46.63 2.57
C GLY V 144 -81.11 -46.81 3.22
N ARG V 145 -80.12 -47.29 2.47
CA ARG V 145 -78.80 -47.53 3.01
C ARG V 145 -78.16 -46.21 3.44
N GLU V 146 -77.33 -46.30 4.49
CA GLU V 146 -76.72 -45.10 5.07
C GLU V 146 -75.58 -44.56 4.21
N VAL V 147 -75.10 -45.32 3.24
CA VAL V 147 -74.02 -44.84 2.39
C VAL V 147 -74.48 -43.70 1.50
N TYR V 148 -75.79 -43.58 1.24
CA TYR V 148 -76.28 -42.55 0.33
C TYR V 148 -76.30 -41.17 0.97
N ARG V 149 -76.17 -41.07 2.28
CA ARG V 149 -76.03 -39.78 2.93
C ARG V 149 -74.62 -39.23 2.83
N HIS V 150 -73.69 -40.00 2.26
CA HIS V 150 -72.32 -39.54 2.03
C HIS V 150 -72.06 -39.22 0.57
N PHE V 151 -72.97 -39.54 -0.33
CA PHE V 151 -72.80 -39.29 -1.75
C PHE V 151 -73.37 -37.94 -2.14
N GLY V 152 -72.97 -37.47 -3.31
CA GLY V 152 -73.51 -36.24 -3.85
C GLY V 152 -72.49 -35.12 -3.93
N LYS V 153 -72.94 -33.89 -3.81
CA LYS V 153 -72.03 -32.76 -3.74
C LYS V 153 -71.22 -32.86 -2.45
N ALA V 154 -69.91 -32.61 -2.56
CA ALA V 154 -69.04 -32.78 -1.41
C ALA V 154 -69.39 -31.77 -0.33
N PRO V 155 -69.20 -32.11 0.94
CA PRO V 155 -69.37 -31.12 2.01
C PRO V 155 -68.34 -30.01 1.88
N GLY V 156 -68.46 -29.00 2.72
CA GLY V 156 -67.60 -27.85 2.57
C GLY V 156 -67.79 -27.13 1.25
N THR V 157 -68.97 -27.30 0.65
CA THR V 157 -69.36 -26.69 -0.60
C THR V 157 -70.76 -26.14 -0.39
N PRO V 158 -71.05 -24.94 -0.89
CA PRO V 158 -72.36 -24.33 -0.61
C PRO V 158 -73.52 -25.20 -1.05
N HIS V 159 -74.56 -25.23 -0.21
CA HIS V 159 -75.81 -25.93 -0.51
C HIS V 159 -75.60 -27.42 -0.73
N SER V 160 -74.68 -28.02 0.02
CA SER V 160 -74.45 -29.46 -0.01
C SER V 160 -74.70 -30.01 1.39
N HIS V 161 -75.80 -30.72 1.57
CA HIS V 161 -76.12 -31.32 2.85
C HIS V 161 -75.63 -32.76 2.92
N THR V 162 -74.36 -32.96 2.63
CA THR V 162 -73.74 -34.28 2.57
C THR V 162 -73.03 -34.57 3.89
N LYS V 163 -73.30 -35.75 4.44
CA LYS V 163 -72.67 -36.13 5.69
C LYS V 163 -71.17 -36.30 5.51
N PRO V 164 -70.34 -35.76 6.41
CA PRO V 164 -68.91 -36.00 6.32
C PRO V 164 -68.50 -37.30 7.00
N TYR V 165 -67.32 -37.78 6.64
CA TYR V 165 -66.73 -38.96 7.28
C TYR V 165 -65.94 -38.50 8.50
N VAL V 166 -66.47 -38.75 9.68
CA VAL V 166 -65.84 -38.40 10.94
C VAL V 166 -65.78 -39.62 11.83
N ARG V 167 -64.68 -39.77 12.57
CA ARG V 167 -64.55 -40.94 13.45
C ARG V 167 -65.54 -40.90 14.59
N SER V 168 -65.98 -39.72 15.00
CA SER V 168 -66.92 -39.59 16.11
C SER V 168 -67.61 -38.25 16.02
N LYS V 169 -68.84 -38.20 16.52
CA LYS V 169 -69.65 -36.98 16.53
C LYS V 169 -69.56 -36.32 17.90
N GLY V 170 -69.18 -35.06 17.92
CA GLY V 170 -69.03 -34.35 19.18
C GLY V 170 -68.62 -32.92 18.93
N ARG V 171 -68.41 -32.20 20.04
CA ARG V 171 -68.12 -30.78 19.96
C ARG V 171 -66.77 -30.52 19.30
N LYS V 172 -65.77 -31.35 19.57
CA LYS V 172 -64.41 -31.10 19.11
C LYS V 172 -64.13 -31.66 17.73
N PHE V 173 -65.10 -32.28 17.08
CA PHE V 173 -64.86 -33.04 15.85
C PHE V 173 -65.49 -32.32 14.67
N GLU V 174 -64.67 -31.54 13.96
CA GLU V 174 -65.01 -30.99 12.66
C GLU V 174 -66.26 -30.10 12.73
N ARG V 175 -66.15 -29.03 13.51
CA ARG V 175 -67.25 -28.09 13.65
C ARG V 175 -66.84 -26.62 13.67
N ALA V 176 -65.55 -26.30 13.52
CA ALA V 176 -65.09 -24.94 13.81
C ALA V 176 -64.87 -24.09 12.56
N ARG V 177 -63.94 -24.47 11.68
CA ARG V 177 -63.41 -23.50 10.73
C ARG V 177 -64.33 -23.31 9.53
N GLY V 178 -64.69 -24.38 8.85
CA GLY V 178 -65.60 -24.22 7.74
C GLY V 178 -67.06 -24.16 8.08
N ARG V 179 -67.43 -24.36 9.34
CA ARG V 179 -68.84 -24.45 9.74
C ARG V 179 -69.34 -23.21 10.46
N ARG V 180 -68.47 -22.43 11.09
CA ARG V 180 -68.85 -21.23 11.79
C ARG V 180 -68.65 -20.02 10.90
N ALA V 181 -69.43 -18.98 11.16
CA ALA V 181 -69.14 -17.67 10.59
C ALA V 181 -68.09 -16.93 11.40
N SER V 182 -67.97 -17.22 12.69
CA SER V 182 -66.96 -16.59 13.53
C SER V 182 -65.56 -17.14 13.27
N ARG V 183 -65.47 -18.39 12.84
CA ARG V 183 -64.17 -19.03 12.58
C ARG V 183 -63.83 -18.97 11.09
N GLY V 184 -63.64 -17.76 10.59
CA GLY V 184 -63.29 -17.61 9.19
C GLY V 184 -64.50 -17.49 8.30
N TYR V 185 -64.91 -18.61 7.70
CA TYR V 185 -65.95 -18.62 6.69
C TYR V 185 -66.95 -19.73 6.97
N LYS V 186 -68.17 -19.54 6.47
CA LYS V 186 -69.15 -20.60 6.35
C LYS V 186 -69.55 -20.71 4.88
N ASN V 187 -69.50 -21.92 4.33
CA ASN V 187 -69.75 -22.12 2.91
C ASN V 187 -71.18 -21.71 2.53
N SER W 1 26.24 -90.04 0.80
CA SER W 1 27.44 -89.33 1.20
C SER W 1 27.28 -87.83 0.93
N MET W 2 27.10 -87.05 1.99
CA MET W 2 26.86 -85.62 1.87
C MET W 2 27.92 -84.79 2.58
N LEU W 3 28.28 -85.16 3.81
CA LEU W 3 29.53 -84.79 4.46
C LEU W 3 29.59 -83.35 4.96
N ARG W 4 28.50 -82.59 4.92
CA ARG W 4 28.59 -81.25 5.50
C ARG W 4 28.69 -81.33 7.03
N LEU W 5 28.06 -82.34 7.63
CA LEU W 5 28.26 -82.59 9.05
C LEU W 5 29.72 -82.87 9.35
N GLN W 6 30.37 -83.68 8.51
CA GLN W 6 31.78 -83.98 8.70
C GLN W 6 32.63 -82.74 8.58
N LYS W 7 32.33 -81.88 7.59
CA LYS W 7 33.13 -80.67 7.44
C LYS W 7 32.95 -79.73 8.62
N ARG W 8 31.71 -79.57 9.09
CA ARG W 8 31.47 -78.72 10.25
C ARG W 8 32.16 -79.25 11.49
N LEU W 9 32.07 -80.57 11.74
CA LEU W 9 32.70 -81.15 12.92
C LEU W 9 34.21 -81.06 12.82
N ALA W 10 34.78 -81.23 11.63
CA ALA W 10 36.22 -81.11 11.46
C ALA W 10 36.68 -79.67 11.72
N SER W 11 35.92 -78.69 11.24
CA SER W 11 36.28 -77.31 11.53
C SER W 11 36.23 -77.03 13.02
N SER W 12 35.18 -77.51 13.69
CA SER W 12 35.06 -77.29 15.13
C SER W 12 36.18 -77.96 15.89
N VAL W 13 36.56 -79.18 15.50
CA VAL W 13 37.60 -79.91 16.22
C VAL W 13 38.96 -79.26 16.00
N LEU W 14 39.28 -78.92 14.75
CA LEU W 14 40.56 -78.29 14.45
C LEU W 14 40.63 -76.84 14.90
N ARG W 15 39.51 -76.25 15.30
CA ARG W 15 39.46 -74.85 15.76
C ARG W 15 39.90 -73.89 14.65
N CYS W 16 39.33 -74.10 13.46
CA CYS W 16 39.55 -73.23 12.32
C CYS W 16 38.22 -73.08 11.60
N GLY W 17 38.24 -72.48 10.42
CA GLY W 17 37.04 -72.35 9.63
C GLY W 17 36.88 -73.47 8.62
N LYS W 18 35.66 -73.62 8.10
CA LYS W 18 35.43 -74.58 7.02
C LYS W 18 36.22 -74.22 5.78
N LYS W 19 36.68 -72.97 5.69
CA LYS W 19 37.57 -72.56 4.62
C LYS W 19 38.84 -73.40 4.58
N LYS W 20 39.26 -73.94 5.73
CA LYS W 20 40.56 -74.58 5.87
C LYS W 20 40.47 -76.07 6.15
N VAL W 21 39.35 -76.70 5.82
CA VAL W 21 39.17 -78.14 6.05
C VAL W 21 39.23 -78.84 4.70
N TRP W 22 40.09 -79.86 4.62
CA TRP W 22 40.30 -80.62 3.38
C TRP W 22 39.88 -82.06 3.62
N LEU W 23 38.81 -82.49 2.97
CA LEU W 23 38.35 -83.87 3.01
C LEU W 23 38.81 -84.58 1.75
N ASP W 24 39.59 -85.63 1.91
CA ASP W 24 40.16 -86.34 0.77
C ASP W 24 39.06 -86.89 -0.12
N PRO W 25 39.05 -86.58 -1.43
CA PRO W 25 37.96 -87.05 -2.28
C PRO W 25 38.01 -88.53 -2.58
N ASN W 26 39.01 -89.26 -2.11
CA ASN W 26 39.13 -90.67 -2.41
C ASN W 26 38.35 -91.54 -1.44
N GLU W 27 38.61 -91.39 -0.14
CA GLU W 27 37.87 -92.16 0.87
C GLU W 27 36.67 -91.38 1.40
N THR W 28 35.82 -90.91 0.49
CA THR W 28 34.62 -90.21 0.90
C THR W 28 33.67 -91.15 1.64
N ASN W 29 33.56 -92.40 1.18
CA ASN W 29 32.72 -93.37 1.89
C ASN W 29 33.24 -93.62 3.30
N GLU W 30 34.55 -93.67 3.46
CA GLU W 30 35.13 -93.88 4.78
C GLU W 30 34.90 -92.66 5.68
N ILE W 31 35.01 -91.45 5.13
CA ILE W 31 34.77 -90.25 5.92
C ILE W 31 33.30 -90.14 6.31
N ALA W 32 32.39 -90.57 5.42
CA ALA W 32 30.97 -90.38 5.65
C ALA W 32 30.45 -91.11 6.89
N ASN W 33 31.20 -92.07 7.41
CA ASN W 33 30.83 -92.76 8.65
C ASN W 33 31.45 -92.12 9.88
N ALA W 34 31.89 -90.86 9.78
CA ALA W 34 32.57 -90.20 10.90
C ALA W 34 31.62 -90.07 12.09
N ASN W 35 30.53 -89.33 11.93
CA ASN W 35 29.37 -89.43 12.83
C ASN W 35 29.63 -88.87 14.22
N SER W 36 30.87 -88.53 14.55
CA SER W 36 31.16 -88.12 15.92
C SER W 36 32.51 -87.42 15.98
N ARG W 37 32.70 -86.65 17.05
CA ARG W 37 33.93 -85.87 17.21
C ARG W 37 35.14 -86.76 17.46
N GLN W 38 34.97 -87.83 18.25
CA GLN W 38 36.09 -88.72 18.51
C GLN W 38 36.57 -89.40 17.23
N GLN W 39 35.64 -89.84 16.39
CA GLN W 39 36.02 -90.44 15.12
C GLN W 39 36.52 -89.40 14.13
N ILE W 40 36.07 -88.15 14.22
CA ILE W 40 36.68 -87.08 13.45
C ILE W 40 38.14 -86.91 13.84
N ARG W 41 38.43 -86.93 15.14
CA ARG W 41 39.81 -86.82 15.62
C ARG W 41 40.64 -88.02 15.17
N LYS W 42 40.05 -89.20 15.20
CA LYS W 42 40.75 -90.39 14.71
C LYS W 42 41.11 -90.25 13.23
N LEU W 43 40.17 -89.74 12.43
CA LEU W 43 40.45 -89.53 11.01
C LEU W 43 41.53 -88.47 10.81
N ILE W 44 41.51 -87.41 11.60
CA ILE W 44 42.53 -86.37 11.50
C ILE W 44 43.91 -86.96 11.80
N LYS W 45 43.99 -87.76 12.87
CA LYS W 45 45.26 -88.41 13.19
C LYS W 45 45.69 -89.40 12.12
N ASP W 46 44.71 -90.04 11.46
CA ASP W 46 45.03 -90.98 10.38
C ASP W 46 45.40 -90.28 9.08
N GLY W 47 45.14 -88.98 8.95
CA GLY W 47 45.49 -88.25 7.76
C GLY W 47 44.38 -88.07 6.76
N LEU W 48 43.20 -88.64 7.02
CA LEU W 48 42.06 -88.45 6.14
C LEU W 48 41.65 -86.99 6.08
N ILE W 49 41.74 -86.28 7.20
CA ILE W 49 41.35 -84.88 7.29
C ILE W 49 42.57 -84.09 7.76
N ILE W 50 42.91 -83.04 7.02
CA ILE W 50 44.01 -82.16 7.39
C ILE W 50 43.53 -80.72 7.34
N ARG W 51 44.36 -79.82 7.86
CA ARG W 51 44.09 -78.40 7.83
C ARG W 51 44.97 -77.73 6.77
N LYS W 52 44.34 -76.97 5.89
CA LYS W 52 45.08 -76.28 4.84
C LYS W 52 45.78 -75.05 5.41
N PRO W 53 46.95 -74.71 4.88
CA PRO W 53 47.70 -73.57 5.41
C PRO W 53 47.07 -72.24 5.02
N VAL W 54 47.49 -71.20 5.75
CA VAL W 54 46.99 -69.85 5.50
C VAL W 54 47.40 -69.38 4.11
N THR W 55 46.47 -68.71 3.43
CA THR W 55 46.79 -68.11 2.14
C THR W 55 47.89 -67.07 2.29
N VAL W 56 48.85 -67.10 1.38
CA VAL W 56 50.05 -66.27 1.52
C VAL W 56 49.69 -64.80 1.30
N HIS W 57 50.10 -63.96 2.25
CA HIS W 57 50.00 -62.51 2.15
C HIS W 57 51.36 -61.97 2.58
N SER W 58 52.26 -61.80 1.63
CA SER W 58 53.61 -61.34 1.93
C SER W 58 53.65 -59.83 2.07
N ARG W 59 54.43 -59.35 3.04
CA ARG W 59 54.65 -57.94 3.26
C ARG W 59 55.98 -57.47 2.70
N ALA W 60 56.62 -58.27 1.84
CA ALA W 60 57.93 -57.90 1.34
C ALA W 60 57.88 -56.62 0.52
N ARG W 61 56.84 -56.46 -0.29
CA ARG W 61 56.66 -55.24 -1.06
C ARG W 61 56.51 -54.04 -0.13
N CYS W 62 55.71 -54.19 0.92
CA CYS W 62 55.51 -53.10 1.87
C CYS W 62 56.83 -52.73 2.55
N ARG W 63 57.61 -53.74 2.95
CA ARG W 63 58.87 -53.47 3.64
C ARG W 63 59.88 -52.79 2.72
N LYS W 64 59.97 -53.25 1.46
CA LYS W 64 60.88 -52.61 0.52
C LYS W 64 60.48 -51.16 0.25
N ASN W 65 59.18 -50.92 0.05
CA ASN W 65 58.72 -49.55 -0.16
C ASN W 65 58.95 -48.69 1.07
N THR W 66 58.81 -49.28 2.26
CA THR W 66 59.08 -48.54 3.48
C THR W 66 60.56 -48.19 3.62
N LEU W 67 61.45 -49.11 3.21
CA LEU W 67 62.86 -48.80 3.22
C LEU W 67 63.19 -47.68 2.25
N ALA W 68 62.59 -47.71 1.06
CA ALA W 68 62.78 -46.61 0.11
C ALA W 68 62.28 -45.30 0.68
N ARG W 69 61.12 -45.32 1.34
CA ARG W 69 60.58 -44.11 1.94
C ARG W 69 61.47 -43.59 3.06
N ARG W 70 62.04 -44.50 3.86
CA ARG W 70 62.97 -44.10 4.90
C ARG W 70 64.21 -43.45 4.30
N LYS W 71 64.70 -43.98 3.18
CA LYS W 71 65.75 -43.30 2.44
C LYS W 71 65.28 -41.96 1.90
N GLY W 72 63.98 -41.79 1.68
CA GLY W 72 63.42 -40.50 1.30
C GLY W 72 62.59 -40.49 0.03
N ARG W 73 62.55 -41.58 -0.73
CA ARG W 73 61.83 -41.57 -2.01
C ARG W 73 60.31 -41.62 -1.77
N HIS W 74 59.57 -41.39 -2.85
CA HIS W 74 58.11 -41.45 -2.88
C HIS W 74 57.45 -40.40 -1.99
N MET W 75 58.22 -39.47 -1.43
CA MET W 75 57.66 -38.54 -0.47
C MET W 75 57.85 -37.09 -0.92
N GLY W 76 57.62 -36.83 -2.20
CA GLY W 76 57.73 -35.50 -2.75
C GLY W 76 56.44 -34.71 -2.61
N ILE W 77 56.40 -33.57 -3.31
CA ILE W 77 55.21 -32.72 -3.30
C ILE W 77 54.03 -33.45 -3.89
N GLY W 78 54.24 -34.18 -4.99
CA GLY W 78 53.14 -34.85 -5.65
C GLY W 78 52.45 -35.87 -4.78
N LYS W 79 53.20 -36.59 -3.96
CA LYS W 79 52.64 -37.66 -3.13
C LYS W 79 52.29 -37.15 -1.73
N ARG W 80 51.43 -36.13 -1.70
CA ARG W 80 50.96 -35.55 -0.45
C ARG W 80 49.50 -35.19 -0.61
N LYS W 81 48.67 -35.66 0.31
CA LYS W 81 47.24 -35.39 0.26
C LYS W 81 46.74 -34.60 1.46
N GLY W 82 47.32 -34.81 2.63
CA GLY W 82 46.94 -34.05 3.80
C GLY W 82 47.84 -32.85 4.02
N THR W 83 47.35 -31.93 4.84
CA THR W 83 48.09 -30.71 5.11
C THR W 83 49.34 -31.02 5.93
N ALA W 84 50.26 -30.05 5.96
CA ALA W 84 51.49 -30.23 6.71
C ALA W 84 51.20 -30.43 8.20
N ASN W 85 50.21 -29.70 8.74
CA ASN W 85 49.84 -29.90 10.13
C ASN W 85 49.20 -31.25 10.36
N ALA W 86 48.42 -31.74 9.38
CA ALA W 86 47.85 -33.07 9.49
C ALA W 86 48.93 -34.14 9.47
N ARG W 87 50.01 -33.91 8.72
CA ARG W 87 51.09 -34.89 8.65
C ARG W 87 51.95 -34.87 9.91
N MET W 88 52.39 -33.69 10.34
CA MET W 88 53.23 -33.55 11.52
C MET W 88 52.76 -32.33 12.31
N PRO W 89 52.02 -32.55 13.39
CA PRO W 89 51.39 -31.41 14.08
C PRO W 89 52.40 -30.47 14.73
N GLU W 90 52.08 -29.17 14.63
CA GLU W 90 52.94 -28.15 15.22
C GLU W 90 52.90 -28.20 16.73
N LYS W 91 51.77 -28.61 17.32
CA LYS W 91 51.72 -28.74 18.76
C LYS W 91 52.68 -29.81 19.25
N VAL W 92 52.74 -30.94 18.56
CA VAL W 92 53.69 -31.99 18.92
C VAL W 92 55.12 -31.52 18.71
N THR W 93 55.37 -30.81 17.61
CA THR W 93 56.72 -30.26 17.40
C THR W 93 57.14 -29.35 18.55
N TRP W 94 56.28 -28.41 18.93
CA TRP W 94 56.60 -27.49 20.01
C TRP W 94 56.77 -28.20 21.34
N MET W 95 55.90 -29.19 21.60
CA MET W 95 56.03 -30.00 22.80
C MET W 95 57.40 -30.65 22.88
N ARG W 96 57.80 -31.32 21.80
CA ARG W 96 59.08 -32.02 21.79
C ARG W 96 60.23 -31.04 22.00
N ARG W 97 60.18 -29.89 21.32
CA ARG W 97 61.25 -28.91 21.46
C ARG W 97 61.35 -28.38 22.89
N MET W 98 60.21 -28.05 23.50
CA MET W 98 60.23 -27.55 24.87
C MET W 98 60.77 -28.59 25.83
N ARG W 99 60.36 -29.86 25.67
CA ARG W 99 60.87 -30.90 26.54
C ARG W 99 62.38 -31.03 26.41
N ILE W 100 62.89 -31.03 25.17
CA ILE W 100 64.33 -31.16 24.95
C ILE W 100 65.07 -30.01 25.61
N LEU W 101 64.61 -28.78 25.38
CA LEU W 101 65.35 -27.63 25.89
C LEU W 101 65.30 -27.55 27.40
N ARG W 102 64.13 -27.81 27.99
CA ARG W 102 64.03 -27.77 29.45
C ARG W 102 64.86 -28.86 30.10
N ARG W 103 64.92 -30.04 29.48
CA ARG W 103 65.78 -31.09 30.00
C ARG W 103 67.25 -30.65 29.97
N LEU W 104 67.68 -30.05 28.86
CA LEU W 104 69.06 -29.55 28.80
C LEU W 104 69.33 -28.52 29.88
N LEU W 105 68.39 -27.60 30.09
CA LEU W 105 68.57 -26.56 31.09
C LEU W 105 68.70 -27.16 32.49
N ARG W 106 67.87 -28.15 32.80
CA ARG W 106 67.97 -28.80 34.10
C ARG W 106 69.31 -29.51 34.27
N ARG W 107 69.76 -30.20 33.22
CA ARG W 107 71.04 -30.90 33.34
C ARG W 107 72.18 -29.93 33.56
N TYR W 108 72.17 -28.79 32.88
CA TYR W 108 73.19 -27.77 33.13
C TYR W 108 73.09 -27.23 34.56
N ARG W 109 71.87 -26.95 35.02
CA ARG W 109 71.70 -26.35 36.33
C ARG W 109 72.21 -27.27 37.43
N GLU W 110 71.91 -28.57 37.35
CA GLU W 110 72.44 -29.48 38.35
C GLU W 110 73.87 -29.94 38.08
N SER W 111 74.40 -29.69 36.88
CA SER W 111 75.83 -29.87 36.67
C SER W 111 76.63 -28.64 37.07
N LYS W 112 75.94 -27.57 37.49
CA LYS W 112 76.53 -26.36 38.03
C LYS W 112 77.25 -25.53 36.99
N LYS W 113 76.99 -25.79 35.71
CA LYS W 113 77.53 -24.93 34.66
C LYS W 113 76.94 -23.53 34.75
N ILE W 114 75.63 -23.44 34.97
CA ILE W 114 74.93 -22.16 35.03
C ILE W 114 74.30 -22.01 36.41
N ASP W 115 74.13 -20.75 36.82
CA ASP W 115 73.50 -20.44 38.10
C ASP W 115 71.98 -20.41 37.94
N ARG W 116 71.28 -20.43 39.07
CA ARG W 116 69.82 -20.50 39.01
C ARG W 116 69.21 -19.23 38.43
N HIS W 117 69.83 -18.07 38.65
CA HIS W 117 69.28 -16.83 38.12
C HIS W 117 69.31 -16.83 36.60
N MET W 118 70.47 -17.16 36.02
CA MET W 118 70.57 -17.28 34.57
C MET W 118 69.70 -18.40 34.05
N TYR W 119 69.57 -19.49 34.82
CA TYR W 119 68.71 -20.59 34.42
C TYR W 119 67.26 -20.12 34.28
N HIS W 120 66.77 -19.37 35.26
CA HIS W 120 65.40 -18.85 35.20
C HIS W 120 65.23 -17.87 34.04
N SER W 121 66.21 -16.99 33.85
CA SER W 121 66.11 -16.02 32.76
C SER W 121 65.99 -16.71 31.41
N LEU W 122 66.91 -17.63 31.13
CA LEU W 122 66.84 -18.27 29.81
C LEU W 122 65.80 -19.39 29.74
N TYR W 123 65.25 -19.83 30.87
CA TYR W 123 64.05 -20.65 30.84
C TYR W 123 62.87 -19.84 30.31
N LEU W 124 62.69 -18.63 30.84
CA LEU W 124 61.64 -17.77 30.31
C LEU W 124 61.89 -17.41 28.86
N LYS W 125 63.16 -17.24 28.47
CA LYS W 125 63.47 -16.98 27.06
C LYS W 125 63.13 -18.18 26.17
N VAL W 126 63.45 -19.39 26.62
CA VAL W 126 63.08 -20.59 25.87
C VAL W 126 61.58 -20.65 25.69
N LYS W 127 60.82 -20.41 26.76
CA LYS W 127 59.37 -20.41 26.64
C LYS W 127 58.91 -19.32 25.66
N GLY W 128 59.59 -18.18 25.67
CA GLY W 128 59.32 -17.11 24.74
C GLY W 128 59.86 -17.33 23.35
N ASN W 129 60.45 -18.48 23.08
CA ASN W 129 60.83 -18.90 21.73
C ASN W 129 61.90 -18.01 21.12
N VAL W 130 63.08 -17.97 21.74
CA VAL W 130 64.23 -17.33 21.13
C VAL W 130 65.30 -18.33 20.73
N PHE W 131 65.26 -19.56 21.22
CA PHE W 131 66.25 -20.59 20.92
C PHE W 131 65.57 -21.68 20.11
N LYS W 132 65.94 -21.78 18.83
CA LYS W 132 65.32 -22.74 17.93
C LYS W 132 65.83 -24.16 18.17
N ASN W 133 67.09 -24.33 18.53
CA ASN W 133 67.69 -25.65 18.60
C ASN W 133 68.52 -25.81 19.85
N LYS W 134 68.79 -27.08 20.17
CA LYS W 134 69.68 -27.42 21.28
C LYS W 134 71.06 -26.81 21.08
N ARG W 135 71.59 -26.89 19.86
CA ARG W 135 72.90 -26.32 19.57
C ARG W 135 72.91 -24.81 19.76
N ILE W 136 71.88 -24.14 19.25
CA ILE W 136 71.82 -22.68 19.34
C ILE W 136 71.75 -22.25 20.80
N LEU W 137 70.90 -22.92 21.58
CA LEU W 137 70.81 -22.61 23.00
C LEU W 137 72.14 -22.84 23.69
N MET W 138 72.84 -23.92 23.34
CA MET W 138 74.10 -24.25 23.98
C MET W 138 75.18 -23.20 23.68
N GLU W 139 75.26 -22.74 22.44
CA GLU W 139 76.21 -21.68 22.12
C GLU W 139 75.85 -20.37 22.82
N HIS W 140 74.56 -20.07 22.94
CA HIS W 140 74.18 -18.88 23.70
C HIS W 140 74.65 -18.99 25.14
N ILE W 141 74.51 -20.19 25.74
CA ILE W 141 74.97 -20.39 27.11
C ILE W 141 76.47 -20.18 27.21
N HIS W 142 77.23 -20.71 26.25
CA HIS W 142 78.68 -20.54 26.28
C HIS W 142 79.07 -19.06 26.20
N LYS W 143 78.43 -18.31 25.29
CA LYS W 143 78.76 -16.89 25.16
C LYS W 143 78.42 -16.12 26.43
N LEU W 144 77.26 -16.43 27.03
CA LEU W 144 76.88 -15.77 28.28
C LEU W 144 77.88 -16.07 29.38
N LYS W 145 78.30 -17.34 29.50
CA LYS W 145 79.27 -17.68 30.54
C LYS W 145 80.59 -16.97 30.31
N ALA W 146 81.03 -16.84 29.06
CA ALA W 146 82.29 -16.14 28.77
C ALA W 146 82.21 -14.68 29.20
N ASP W 147 81.13 -13.99 28.80
CA ASP W 147 81.00 -12.58 29.18
C ASP W 147 80.91 -12.43 30.68
N LYS W 148 80.17 -13.31 31.35
CA LYS W 148 80.07 -13.25 32.80
C LYS W 148 81.43 -13.44 33.46
N ALA W 149 82.22 -14.39 32.96
CA ALA W 149 83.54 -14.64 33.53
C ALA W 149 84.44 -13.42 33.39
N ARG W 150 84.40 -12.77 32.22
CA ARG W 150 85.21 -11.56 32.03
C ARG W 150 84.79 -10.46 33.01
N LYS W 151 83.49 -10.22 33.13
CA LYS W 151 83.01 -9.18 34.04
C LYS W 151 83.39 -9.51 35.49
N LYS W 152 83.28 -10.77 35.86
CA LYS W 152 83.62 -11.18 37.23
C LYS W 152 85.11 -10.99 37.51
N LEU W 153 85.97 -11.32 36.55
CA LEU W 153 87.40 -11.11 36.73
C LEU W 153 87.73 -9.63 36.90
N LEU W 154 87.14 -8.78 36.05
CA LEU W 154 87.37 -7.34 36.18
C LEU W 154 86.90 -6.84 37.54
N ALA W 155 85.72 -7.27 37.99
CA ALA W 155 85.22 -6.83 39.28
C ALA W 155 86.12 -7.29 40.42
N ASP W 156 86.63 -8.52 40.34
CA ASP W 156 87.51 -9.02 41.40
C ASP W 156 88.79 -8.21 41.50
N GLN W 157 89.42 -7.92 40.35
CA GLN W 157 90.66 -7.13 40.46
C GLN W 157 90.38 -5.71 40.93
N ALA W 158 89.27 -5.11 40.50
CA ALA W 158 88.92 -3.78 40.96
C ALA W 158 88.72 -3.75 42.48
N GLU W 159 87.97 -4.72 43.00
CA GLU W 159 87.72 -4.72 44.43
C GLU W 159 88.96 -5.08 45.23
N ALA W 160 89.86 -5.87 44.65
CA ALA W 160 91.15 -6.12 45.30
C ALA W 160 91.95 -4.84 45.43
N ARG W 161 92.00 -4.03 44.36
CA ARG W 161 92.68 -2.75 44.44
C ARG W 161 92.06 -1.84 45.49
N ARG W 162 90.72 -1.76 45.50
CA ARG W 162 90.03 -0.91 46.46
C ARG W 162 90.33 -1.33 47.89
N SER W 163 90.26 -2.64 48.17
CA SER W 163 90.53 -3.12 49.52
C SER W 163 91.98 -2.87 49.92
N LYS W 164 92.91 -3.08 48.98
CA LYS W 164 94.31 -2.86 49.28
C LYS W 164 94.56 -1.41 49.68
N THR W 165 94.07 -0.46 48.88
CA THR W 165 94.33 0.93 49.23
C THR W 165 93.58 1.34 50.50
N LYS W 166 92.40 0.78 50.74
CA LYS W 166 91.67 1.10 51.97
C LYS W 166 92.45 0.66 53.19
N GLU W 167 92.96 -0.58 53.17
CA GLU W 167 93.71 -1.06 54.33
C GLU W 167 95.05 -0.36 54.46
N ALA W 168 95.66 0.09 53.35
CA ALA W 168 96.90 0.85 53.44
C ALA W 168 96.65 2.21 54.10
N ARG W 169 95.56 2.89 53.71
CA ARG W 169 95.22 4.15 54.37
C ARG W 169 94.91 3.93 55.85
N LYS W 170 94.19 2.85 56.16
CA LYS W 170 93.91 2.52 57.56
C LYS W 170 95.20 2.27 58.33
N ARG W 171 96.17 1.63 57.70
CA ARG W 171 97.46 1.38 58.33
C ARG W 171 98.20 2.67 58.59
N ARG W 172 98.19 3.60 57.64
CA ARG W 172 98.78 4.91 57.86
C ARG W 172 98.12 5.61 59.04
N GLU W 173 96.78 5.58 59.09
CA GLU W 173 96.07 6.23 60.18
C GLU W 173 96.43 5.62 61.53
N GLU W 174 96.47 4.29 61.61
CA GLU W 174 96.72 3.66 62.90
C GLU W 174 98.16 3.85 63.34
N ARG W 175 99.11 3.86 62.40
CA ARG W 175 100.49 4.12 62.81
C ARG W 175 100.69 5.58 63.20
N LEU W 176 99.94 6.50 62.58
CA LEU W 176 99.96 7.89 63.05
C LEU W 176 99.43 7.99 64.47
N GLN W 177 98.32 7.29 64.76
CA GLN W 177 97.75 7.33 66.10
C GLN W 177 98.66 6.67 67.13
N ALA W 178 99.42 5.65 66.72
CA ALA W 178 100.41 5.06 67.63
C ALA W 178 101.59 6.01 67.84
N LYS W 179 102.00 6.72 66.80
CA LYS W 179 103.07 7.71 66.94
C LYS W 179 102.65 8.83 67.88
N LYS W 180 101.35 9.14 67.91
CA LYS W 180 100.83 10.05 68.91
C LYS W 180 99.97 9.31 69.94
N MET X 1 -58.39 -24.66 -64.07
CA MET X 1 -58.68 -25.54 -65.20
C MET X 1 -57.40 -26.20 -65.66
N LYS X 2 -57.53 -27.40 -66.22
CA LYS X 2 -56.38 -28.20 -66.66
C LYS X 2 -56.55 -28.55 -68.12
N ALA X 3 -55.55 -28.24 -68.93
CA ALA X 3 -55.63 -28.53 -70.36
C ALA X 3 -55.44 -30.01 -70.61
N SER X 4 -56.40 -30.82 -70.17
CA SER X 4 -56.27 -32.26 -70.24
C SER X 4 -56.70 -32.76 -71.61
N GLY X 5 -55.80 -33.46 -72.30
CA GLY X 5 -56.12 -33.99 -73.60
C GLY X 5 -56.36 -32.89 -74.61
N THR X 6 -57.14 -33.24 -75.63
CA THR X 6 -57.56 -32.26 -76.61
C THR X 6 -58.83 -31.55 -76.14
N LEU X 7 -58.84 -30.23 -76.24
CA LEU X 7 -59.94 -29.45 -75.71
C LEU X 7 -61.13 -29.50 -76.65
N ARG X 8 -62.25 -28.97 -76.17
CA ARG X 8 -63.46 -28.80 -76.96
C ARG X 8 -64.00 -27.41 -76.69
N GLU X 9 -64.65 -26.84 -77.70
CA GLU X 9 -65.23 -25.51 -77.57
C GLU X 9 -66.69 -25.62 -77.17
N TYR X 10 -67.07 -24.86 -76.15
CA TYR X 10 -68.41 -24.94 -75.56
C TYR X 10 -69.06 -23.57 -75.61
N LYS X 11 -70.32 -23.54 -76.02
CA LYS X 11 -71.15 -22.34 -75.93
C LYS X 11 -71.95 -22.39 -74.64
N VAL X 12 -71.71 -21.43 -73.75
CA VAL X 12 -72.39 -21.36 -72.48
C VAL X 12 -73.17 -20.05 -72.42
N VAL X 13 -74.46 -20.14 -72.10
CA VAL X 13 -75.33 -18.98 -71.96
C VAL X 13 -75.93 -19.00 -70.55
N GLY X 14 -75.77 -17.89 -69.83
CA GLY X 14 -76.29 -17.80 -68.48
C GLY X 14 -76.89 -16.44 -68.22
N ARG X 15 -77.65 -16.35 -67.13
CA ARG X 15 -78.29 -15.11 -66.73
C ARG X 15 -78.49 -15.11 -65.23
N CYS X 16 -78.81 -13.94 -64.68
CA CYS X 16 -79.13 -13.82 -63.28
C CYS X 16 -80.52 -14.37 -62.99
N LEU X 17 -80.84 -14.50 -61.72
CA LEU X 17 -82.20 -14.88 -61.37
C LEU X 17 -83.13 -13.68 -61.44
N PRO X 18 -84.34 -13.86 -61.96
CA PRO X 18 -85.30 -12.75 -62.00
C PRO X 18 -85.63 -12.25 -60.60
N THR X 19 -85.78 -10.94 -60.47
CA THR X 19 -86.03 -10.28 -59.20
C THR X 19 -87.03 -9.16 -59.43
N PRO X 20 -87.63 -8.63 -58.36
CA PRO X 20 -88.48 -7.43 -58.51
C PRO X 20 -87.78 -6.26 -59.17
N LYS X 21 -86.45 -6.15 -59.00
CA LYS X 21 -85.72 -5.07 -59.65
C LYS X 21 -85.79 -5.17 -61.17
N CYS X 22 -85.65 -6.38 -61.71
CA CYS X 22 -85.75 -6.61 -63.15
C CYS X 22 -86.49 -7.91 -63.39
N ARG X 23 -87.62 -7.83 -64.10
CA ARG X 23 -88.45 -9.00 -64.31
C ARG X 23 -87.70 -10.10 -65.03
N THR X 24 -86.89 -9.74 -66.03
CA THR X 24 -86.10 -10.74 -66.75
C THR X 24 -84.73 -10.18 -67.11
N PRO X 25 -83.66 -10.69 -66.51
CA PRO X 25 -82.33 -10.17 -66.78
C PRO X 25 -81.89 -10.48 -68.19
N PRO X 26 -80.93 -9.72 -68.72
CA PRO X 26 -80.39 -10.05 -70.04
C PRO X 26 -79.61 -11.35 -70.03
N LEU X 27 -79.49 -11.95 -71.21
CA LEU X 27 -78.75 -13.19 -71.38
C LEU X 27 -77.32 -12.90 -71.81
N TYR X 28 -76.38 -13.67 -71.27
CA TYR X 28 -74.96 -13.49 -71.56
C TYR X 28 -74.38 -14.81 -72.04
N ARG X 29 -73.68 -14.79 -73.16
CA ARG X 29 -73.06 -15.99 -73.71
C ARG X 29 -71.56 -15.79 -73.88
N MET X 30 -70.83 -16.90 -73.92
CA MET X 30 -69.38 -16.84 -73.95
C MET X 30 -68.84 -18.10 -74.62
N ARG X 31 -67.63 -18.00 -75.17
CA ARG X 31 -66.92 -19.11 -75.77
C ARG X 31 -65.90 -19.66 -74.78
N ILE X 32 -65.87 -20.98 -74.63
CA ILE X 32 -65.02 -21.62 -73.63
C ILE X 32 -64.39 -22.86 -74.24
N PHE X 33 -63.09 -23.01 -74.05
CA PHE X 33 -62.33 -24.19 -74.48
C PHE X 33 -61.97 -24.97 -73.23
N ALA X 34 -62.69 -26.06 -72.99
CA ALA X 34 -62.54 -26.83 -71.77
C ALA X 34 -62.57 -28.32 -72.08
N PRO X 35 -61.97 -29.15 -71.22
CA PRO X 35 -62.03 -30.60 -71.46
C PRO X 35 -63.43 -31.18 -71.48
N ASN X 36 -64.36 -30.64 -70.69
CA ASN X 36 -65.71 -31.16 -70.66
C ASN X 36 -66.65 -30.10 -70.10
N HIS X 37 -67.95 -30.42 -70.07
CA HIS X 37 -68.95 -29.40 -69.80
C HIS X 37 -68.92 -28.93 -68.34
N VAL X 38 -68.51 -29.79 -67.41
CA VAL X 38 -68.48 -29.38 -66.00
C VAL X 38 -67.46 -28.27 -65.81
N VAL X 39 -66.23 -28.50 -66.27
CA VAL X 39 -65.21 -27.47 -66.16
C VAL X 39 -65.54 -26.29 -67.06
N ALA X 40 -66.28 -26.53 -68.16
CA ALA X 40 -66.71 -25.40 -68.99
C ALA X 40 -67.64 -24.48 -68.22
N LYS X 41 -68.58 -25.04 -67.47
CA LYS X 41 -69.47 -24.23 -66.64
C LYS X 41 -68.68 -23.52 -65.55
N SER X 42 -67.69 -24.19 -64.97
CA SER X 42 -66.85 -23.54 -63.97
C SER X 42 -66.12 -22.34 -64.55
N ARG X 43 -65.54 -22.50 -65.75
CA ARG X 43 -64.85 -21.38 -66.39
C ARG X 43 -65.82 -20.26 -66.75
N PHE X 44 -67.03 -20.61 -67.19
CA PHE X 44 -68.02 -19.59 -67.49
C PHE X 44 -68.31 -18.77 -66.24
N TRP X 45 -68.52 -19.44 -65.11
CA TRP X 45 -68.83 -18.71 -63.89
C TRP X 45 -67.65 -17.83 -63.47
N TYR X 46 -66.42 -18.36 -63.60
CA TYR X 46 -65.24 -17.56 -63.28
C TYR X 46 -65.18 -16.29 -64.11
N PHE X 47 -65.29 -16.43 -65.43
CA PHE X 47 -65.18 -15.27 -66.31
C PHE X 47 -66.32 -14.29 -66.10
N VAL X 48 -67.55 -14.78 -65.93
CA VAL X 48 -68.67 -13.86 -65.81
C VAL X 48 -68.65 -13.15 -64.47
N SER X 49 -68.16 -13.81 -63.41
CA SER X 49 -67.99 -13.12 -62.14
C SER X 49 -66.90 -12.07 -62.22
N GLN X 50 -65.83 -12.38 -62.96
CA GLN X 50 -64.77 -11.40 -63.15
C GLN X 50 -65.27 -10.19 -63.94
N LEU X 51 -66.14 -10.42 -64.92
CA LEU X 51 -66.61 -9.32 -65.77
C LEU X 51 -67.73 -8.53 -65.11
N LYS X 52 -68.86 -9.18 -64.86
CA LYS X 52 -70.05 -8.54 -64.32
C LYS X 52 -70.25 -8.95 -62.86
N LYS X 53 -71.25 -8.36 -62.23
CA LYS X 53 -71.52 -8.62 -60.82
C LYS X 53 -72.44 -9.84 -60.68
N MET X 54 -71.93 -10.97 -61.14
CA MET X 54 -72.66 -12.23 -61.14
C MET X 54 -71.92 -13.28 -60.34
N LYS X 55 -72.69 -14.23 -59.82
CA LYS X 55 -72.13 -15.32 -59.04
C LYS X 55 -72.95 -16.57 -59.31
N LYS X 56 -72.33 -17.73 -59.04
CA LYS X 56 -73.02 -19.00 -59.28
C LYS X 56 -74.27 -19.14 -58.43
N SER X 57 -74.28 -18.51 -57.25
CA SER X 57 -75.46 -18.58 -56.39
C SER X 57 -76.60 -17.70 -56.87
N SER X 58 -76.28 -16.55 -57.47
CA SER X 58 -77.28 -15.61 -57.94
C SER X 58 -77.53 -15.71 -59.44
N GLY X 59 -76.96 -16.71 -60.11
CA GLY X 59 -77.15 -16.90 -61.53
C GLY X 59 -77.58 -18.31 -61.85
N GLU X 60 -77.78 -18.55 -63.14
CA GLU X 60 -78.14 -19.88 -63.61
C GLU X 60 -77.57 -20.08 -65.01
N ILE X 61 -77.43 -21.34 -65.39
CA ILE X 61 -76.98 -21.73 -66.72
C ILE X 61 -78.19 -22.04 -67.57
N VAL X 62 -78.28 -21.39 -68.73
CA VAL X 62 -79.44 -21.52 -69.60
C VAL X 62 -79.19 -22.51 -70.73
N TYR X 63 -77.98 -22.54 -71.27
CA TYR X 63 -77.65 -23.49 -72.33
C TYR X 63 -76.14 -23.74 -72.34
N CYS X 64 -75.77 -25.01 -72.43
CA CYS X 64 -74.37 -25.40 -72.56
C CYS X 64 -74.27 -26.55 -73.56
N GLY X 65 -73.56 -26.31 -74.66
CA GLY X 65 -73.42 -27.34 -75.67
C GLY X 65 -72.11 -27.19 -76.41
N GLN X 66 -71.53 -28.32 -76.78
CA GLN X 66 -70.31 -28.33 -77.57
C GLN X 66 -70.58 -27.79 -78.97
N VAL X 67 -69.70 -26.90 -79.43
CA VAL X 67 -69.79 -26.34 -80.77
C VAL X 67 -68.83 -27.09 -81.67
N PHE X 68 -69.36 -27.73 -82.71
CA PHE X 68 -68.53 -28.39 -83.69
C PHE X 68 -67.97 -27.37 -84.68
N GLU X 69 -67.12 -27.84 -85.58
CA GLU X 69 -66.51 -26.96 -86.58
C GLU X 69 -67.24 -27.10 -87.91
N LYS X 70 -67.47 -25.97 -88.56
CA LYS X 70 -68.23 -25.97 -89.81
C LYS X 70 -67.49 -26.64 -90.97
N SER X 71 -66.18 -26.85 -90.85
CA SER X 71 -65.43 -27.49 -91.93
C SER X 71 -64.14 -28.10 -91.42
N PRO X 72 -64.20 -29.23 -90.71
CA PRO X 72 -62.98 -29.80 -90.11
C PRO X 72 -62.00 -30.40 -91.11
N LEU X 73 -62.24 -30.23 -92.41
CA LEU X 73 -61.44 -30.91 -93.42
C LEU X 73 -60.56 -29.99 -94.25
N ARG X 74 -60.55 -28.68 -94.00
CA ARG X 74 -59.63 -27.78 -94.69
C ARG X 74 -58.72 -27.12 -93.67
N VAL X 75 -57.44 -27.01 -94.02
CA VAL X 75 -56.45 -26.41 -93.13
C VAL X 75 -56.64 -24.90 -93.09
N LYS X 76 -56.59 -24.34 -91.89
CA LYS X 76 -56.88 -22.93 -91.68
C LYS X 76 -55.81 -22.29 -90.81
N ASN X 77 -55.77 -20.96 -90.87
CA ASN X 77 -54.86 -20.16 -90.07
C ASN X 77 -55.63 -19.53 -88.92
N PHE X 78 -55.15 -19.72 -87.70
CA PHE X 78 -55.84 -19.24 -86.51
C PHE X 78 -54.99 -18.21 -85.81
N GLY X 79 -55.57 -17.04 -85.53
CA GLY X 79 -54.96 -16.04 -84.69
C GLY X 79 -55.58 -16.09 -83.30
N ILE X 80 -54.72 -15.97 -82.29
CA ILE X 80 -55.13 -16.08 -80.89
C ILE X 80 -54.61 -14.88 -80.13
N TRP X 81 -55.49 -14.22 -79.38
CA TRP X 81 -55.12 -13.20 -78.41
C TRP X 81 -55.32 -13.78 -77.01
N LEU X 82 -54.30 -13.64 -76.16
CA LEU X 82 -54.38 -14.18 -74.81
C LEU X 82 -53.64 -13.25 -73.86
N ARG X 83 -53.91 -13.45 -72.57
CA ARG X 83 -53.14 -12.84 -71.50
C ARG X 83 -52.77 -13.93 -70.52
N TYR X 84 -51.60 -13.79 -69.90
CA TYR X 84 -51.14 -14.79 -68.95
C TYR X 84 -50.27 -14.12 -67.90
N ASP X 85 -50.22 -14.75 -66.73
CA ASP X 85 -49.35 -14.30 -65.65
C ASP X 85 -48.00 -14.99 -65.76
N SER X 86 -46.94 -14.22 -65.56
CA SER X 86 -45.60 -14.76 -65.46
C SER X 86 -45.19 -14.79 -63.99
N ARG X 87 -43.92 -15.12 -63.74
CA ARG X 87 -43.42 -15.04 -62.37
C ARG X 87 -43.38 -13.61 -61.86
N SER X 88 -43.48 -12.63 -62.75
CA SER X 88 -43.48 -11.22 -62.34
C SER X 88 -44.34 -10.45 -63.35
N GLY X 89 -45.61 -10.24 -62.99
CA GLY X 89 -46.52 -9.49 -63.83
C GLY X 89 -47.29 -10.38 -64.79
N THR X 90 -48.14 -9.73 -65.58
CA THR X 90 -48.97 -10.39 -66.58
C THR X 90 -48.90 -9.64 -67.89
N HIS X 91 -48.99 -10.38 -68.99
CA HIS X 91 -48.65 -9.88 -70.31
C HIS X 91 -49.74 -10.26 -71.31
N ASN X 92 -50.01 -9.38 -72.25
CA ASN X 92 -50.85 -9.72 -73.39
C ASN X 92 -49.98 -10.28 -74.51
N MET X 93 -50.57 -11.18 -75.30
CA MET X 93 -49.79 -11.90 -76.29
C MET X 93 -50.68 -12.29 -77.46
N TYR X 94 -50.14 -12.22 -78.67
CA TYR X 94 -50.82 -12.66 -79.88
C TYR X 94 -50.00 -13.73 -80.57
N ARG X 95 -50.61 -14.90 -80.78
CA ARG X 95 -49.93 -16.04 -81.36
C ARG X 95 -50.73 -16.59 -82.52
N GLU X 96 -50.04 -17.17 -83.49
CA GLU X 96 -50.66 -17.75 -84.66
C GLU X 96 -50.35 -19.24 -84.74
N TYR X 97 -51.38 -20.03 -85.02
CA TYR X 97 -51.23 -21.46 -85.24
C TYR X 97 -51.94 -21.82 -86.54
N ARG X 98 -51.72 -23.06 -86.99
CA ARG X 98 -52.19 -23.47 -88.31
C ARG X 98 -52.58 -24.94 -88.23
N ASP X 99 -53.88 -25.21 -88.15
CA ASP X 99 -54.37 -26.57 -88.04
C ASP X 99 -55.81 -26.63 -88.53
N LEU X 100 -56.50 -27.72 -88.23
CA LEU X 100 -57.81 -28.01 -88.78
C LEU X 100 -58.95 -27.43 -87.94
N THR X 101 -58.91 -27.61 -86.62
CA THR X 101 -60.02 -27.25 -85.76
C THR X 101 -59.62 -26.13 -84.79
N THR X 102 -60.61 -25.34 -84.40
CA THR X 102 -60.38 -24.28 -83.43
C THR X 102 -59.97 -24.83 -82.08
N ALA X 103 -60.63 -25.90 -81.63
CA ALA X 103 -60.26 -26.53 -80.37
C ALA X 103 -58.85 -27.10 -80.44
N GLY X 104 -58.50 -27.70 -81.57
CA GLY X 104 -57.13 -28.19 -81.75
C GLY X 104 -56.11 -27.07 -81.70
N ALA X 105 -56.42 -25.95 -82.34
CA ALA X 105 -55.52 -24.81 -82.31
C ALA X 105 -55.35 -24.29 -80.89
N VAL X 106 -56.44 -24.24 -80.12
CA VAL X 106 -56.36 -23.69 -78.76
C VAL X 106 -55.57 -24.62 -77.85
N THR X 107 -55.81 -25.94 -77.93
CA THR X 107 -55.01 -26.85 -77.11
C THR X 107 -53.55 -26.85 -77.54
N GLN X 108 -53.30 -26.66 -78.84
CA GLN X 108 -51.94 -26.48 -79.31
C GLN X 108 -51.30 -25.24 -78.69
N CYS X 109 -52.07 -24.16 -78.58
CA CYS X 109 -51.57 -22.95 -77.94
C CYS X 109 -51.25 -23.20 -76.47
N TYR X 110 -52.08 -23.98 -75.79
CA TYR X 110 -51.82 -24.31 -74.39
C TYR X 110 -50.50 -25.07 -74.26
N ARG X 111 -50.31 -26.08 -75.10
CA ARG X 111 -49.05 -26.82 -75.09
C ARG X 111 -47.88 -25.91 -75.38
N ASP X 112 -48.03 -25.00 -76.34
CA ASP X 112 -46.93 -24.14 -76.74
C ASP X 112 -46.56 -23.15 -75.64
N MET X 113 -47.54 -22.58 -74.96
CA MET X 113 -47.25 -21.72 -73.82
C MET X 113 -46.56 -22.49 -72.71
N GLY X 114 -47.03 -23.72 -72.43
CA GLY X 114 -46.35 -24.53 -71.45
C GLY X 114 -44.91 -24.81 -71.82
N ALA X 115 -44.64 -25.01 -73.11
CA ALA X 115 -43.29 -25.34 -73.55
C ALA X 115 -42.37 -24.13 -73.52
N ARG X 116 -42.84 -22.98 -73.99
CA ARG X 116 -41.95 -21.84 -74.20
C ARG X 116 -41.88 -20.88 -73.02
N HIS X 117 -42.98 -20.68 -72.28
CA HIS X 117 -42.97 -19.71 -71.20
C HIS X 117 -43.21 -20.35 -69.83
N ARG X 118 -43.29 -21.68 -69.77
CA ARG X 118 -43.55 -22.40 -68.53
C ARG X 118 -44.84 -21.91 -67.87
N ALA X 119 -45.80 -21.48 -68.68
CA ALA X 119 -47.09 -21.02 -68.19
C ALA X 119 -48.08 -22.16 -68.18
N ARG X 120 -49.04 -22.08 -67.27
CA ARG X 120 -49.90 -23.20 -66.96
C ARG X 120 -51.36 -22.81 -67.13
N ALA X 121 -52.20 -23.82 -67.32
CA ALA X 121 -53.59 -23.59 -67.70
C ALA X 121 -54.31 -22.68 -66.72
N HIS X 122 -53.92 -22.68 -65.45
CA HIS X 122 -54.57 -21.80 -64.49
C HIS X 122 -54.14 -20.36 -64.67
N SER X 123 -52.95 -20.12 -65.24
CA SER X 123 -52.51 -18.76 -65.50
C SER X 123 -52.96 -18.26 -66.87
N ILE X 124 -53.18 -19.16 -67.82
CA ILE X 124 -53.53 -18.76 -69.18
C ILE X 124 -54.96 -18.23 -69.20
N GLN X 125 -55.21 -17.25 -70.07
CA GLN X 125 -56.55 -16.67 -70.23
C GLN X 125 -56.75 -16.33 -71.71
N ILE X 126 -57.71 -17.00 -72.34
CA ILE X 126 -58.00 -16.82 -73.75
C ILE X 126 -59.02 -15.70 -73.91
N MET X 127 -58.77 -14.81 -74.88
CA MET X 127 -59.66 -13.68 -75.10
C MET X 127 -60.38 -13.75 -76.44
N LYS X 128 -59.65 -14.00 -77.53
CA LYS X 128 -60.25 -13.98 -78.86
C LYS X 128 -59.53 -14.98 -79.75
N VAL X 129 -60.29 -15.67 -80.59
CA VAL X 129 -59.74 -16.58 -81.59
C VAL X 129 -60.51 -16.38 -82.88
N GLU X 130 -59.79 -16.29 -84.00
CA GLU X 130 -60.41 -16.01 -85.28
C GLU X 130 -59.64 -16.68 -86.40
N GLU X 131 -60.38 -17.16 -87.41
CA GLU X 131 -59.75 -17.62 -88.62
C GLU X 131 -59.18 -16.44 -89.39
N ILE X 132 -57.92 -16.56 -89.82
CA ILE X 132 -57.20 -15.47 -90.45
C ILE X 132 -56.88 -15.85 -91.89
N ALA X 133 -57.16 -14.93 -92.82
CA ALA X 133 -56.81 -15.14 -94.22
C ALA X 133 -55.29 -15.16 -94.37
N ALA X 134 -54.82 -15.96 -95.33
CA ALA X 134 -53.39 -16.19 -95.49
C ALA X 134 -52.62 -14.93 -95.83
N SER X 135 -53.29 -13.88 -96.29
CA SER X 135 -52.62 -12.61 -96.56
C SER X 135 -52.48 -11.73 -95.33
N LYS X 136 -53.21 -12.03 -94.25
CA LYS X 136 -53.14 -11.25 -93.02
C LYS X 136 -52.33 -11.93 -91.93
N CYS X 137 -51.60 -12.99 -92.26
CA CYS X 137 -50.74 -13.62 -91.27
C CYS X 137 -49.54 -12.74 -90.96
N ARG X 138 -48.94 -12.99 -89.81
CA ARG X 138 -47.82 -12.19 -89.32
C ARG X 138 -46.60 -13.01 -88.93
N ARG X 139 -46.80 -14.20 -88.37
CA ARG X 139 -45.69 -15.00 -87.90
C ARG X 139 -45.04 -15.75 -89.06
N PRO X 140 -43.73 -15.59 -89.28
CA PRO X 140 -43.09 -16.28 -90.42
C PRO X 140 -43.18 -17.79 -90.33
N ALA X 141 -43.21 -18.36 -89.12
CA ALA X 141 -43.32 -19.81 -88.98
C ALA X 141 -44.59 -20.32 -89.63
N VAL X 142 -45.68 -19.56 -89.56
CA VAL X 142 -46.90 -19.94 -90.24
C VAL X 142 -46.84 -19.52 -91.71
N LYS X 143 -46.33 -18.32 -91.98
CA LYS X 143 -46.36 -17.79 -93.34
C LYS X 143 -45.50 -18.62 -94.31
N GLN X 144 -44.53 -19.36 -93.80
CA GLN X 144 -43.63 -20.10 -94.69
C GLN X 144 -44.31 -21.26 -95.40
N PHE X 145 -45.51 -21.64 -94.96
CA PHE X 145 -46.28 -22.72 -95.58
C PHE X 145 -47.25 -22.20 -96.63
N HIS X 146 -47.21 -20.91 -96.96
CA HIS X 146 -48.14 -20.33 -97.93
C HIS X 146 -47.54 -20.32 -99.34
N ASP X 147 -47.22 -21.52 -99.82
CA ASP X 147 -46.76 -21.71 -101.18
C ASP X 147 -47.59 -22.83 -101.81
N SER X 148 -48.14 -22.56 -102.99
CA SER X 148 -48.92 -23.57 -103.68
C SER X 148 -48.08 -24.78 -104.05
N LYS X 149 -46.86 -24.54 -104.54
CA LYS X 149 -45.94 -25.62 -104.90
C LYS X 149 -44.95 -25.88 -103.78
N ILE X 150 -45.49 -26.23 -102.60
CA ILE X 150 -44.64 -26.58 -101.47
C ILE X 150 -44.01 -27.96 -101.70
N LYS X 151 -42.78 -28.12 -101.22
CA LYS X 151 -42.01 -29.32 -101.54
C LYS X 151 -40.82 -29.39 -100.60
N PHE X 152 -40.62 -30.56 -99.99
CA PHE X 152 -39.46 -30.81 -99.13
C PHE X 152 -39.32 -32.30 -98.94
N PRO X 153 -38.09 -32.78 -98.74
CA PRO X 153 -37.91 -34.22 -98.44
C PRO X 153 -37.98 -34.50 -96.95
N LEU X 154 -37.74 -35.76 -96.57
CA LEU X 154 -37.58 -36.13 -95.17
C LEU X 154 -36.12 -36.51 -94.96
N PRO X 155 -35.30 -35.64 -94.39
CA PRO X 155 -33.84 -35.84 -94.43
C PRO X 155 -33.30 -37.01 -93.63
N HIS X 156 -33.65 -37.08 -92.34
CA HIS X 156 -32.98 -37.99 -91.40
C HIS X 156 -34.06 -38.77 -90.64
N ARG X 157 -34.49 -39.89 -91.21
CA ARG X 157 -35.52 -40.71 -90.60
C ARG X 157 -34.89 -41.57 -89.51
N VAL X 158 -34.99 -41.12 -88.26
CA VAL X 158 -34.43 -41.89 -87.16
C VAL X 158 -35.22 -43.17 -86.98
N LEU X 159 -34.53 -44.23 -86.55
CA LEU X 159 -35.14 -45.54 -86.45
C LEU X 159 -36.07 -45.60 -85.24
N ARG X 160 -37.35 -45.81 -85.50
CA ARG X 160 -38.29 -46.18 -84.44
C ARG X 160 -38.42 -47.69 -84.40
N ARG X 161 -39.07 -48.19 -83.35
CA ARG X 161 -39.20 -49.63 -83.11
C ARG X 161 -37.82 -50.25 -82.97
N GLN X 162 -37.10 -49.75 -81.96
CA GLN X 162 -35.74 -50.15 -81.67
C GLN X 162 -35.66 -51.38 -80.79
N HIS X 163 -36.79 -51.97 -80.41
CA HIS X 163 -36.81 -53.09 -79.50
C HIS X 163 -37.52 -54.32 -80.04
N LYS X 164 -38.10 -54.26 -81.24
CA LYS X 164 -38.68 -55.47 -81.81
C LYS X 164 -37.60 -56.40 -82.33
N PRO X 165 -36.72 -56.00 -83.28
CA PRO X 165 -35.48 -56.75 -83.46
C PRO X 165 -34.41 -56.17 -82.55
N ARG X 166 -34.48 -56.50 -81.27
CA ARG X 166 -33.60 -55.87 -80.29
C ARG X 166 -32.13 -56.12 -80.62
N PHE X 167 -31.79 -57.34 -81.00
CA PHE X 167 -30.44 -57.71 -81.39
C PHE X 167 -30.47 -58.10 -82.86
N THR X 168 -29.92 -57.25 -83.72
CA THR X 168 -29.93 -57.46 -85.15
C THR X 168 -28.51 -57.54 -85.68
N THR X 169 -28.37 -58.22 -86.81
CA THR X 169 -27.05 -58.42 -87.42
C THR X 169 -26.66 -57.31 -88.37
N LYS X 170 -27.57 -56.40 -88.68
CA LYS X 170 -27.35 -55.38 -89.70
C LYS X 170 -27.57 -54.00 -89.10
N ARG X 171 -26.63 -53.09 -89.37
CA ARG X 171 -26.78 -51.72 -88.92
C ARG X 171 -27.99 -51.09 -89.60
N PRO X 172 -28.82 -50.37 -88.88
CA PRO X 172 -30.01 -49.76 -89.51
C PRO X 172 -29.62 -48.66 -90.48
N ASN X 173 -30.49 -48.46 -91.47
CA ASN X 173 -30.32 -47.42 -92.47
C ASN X 173 -31.27 -46.26 -92.16
N THR X 174 -30.77 -45.03 -92.34
CA THR X 174 -31.56 -43.83 -92.11
C THR X 174 -32.03 -43.15 -93.38
N PHE X 175 -31.25 -43.21 -94.46
CA PHE X 175 -31.61 -42.55 -95.70
C PHE X 175 -32.75 -43.30 -96.38
N PHE X 176 -33.75 -42.55 -96.84
CA PHE X 176 -34.84 -43.12 -97.61
C PHE X 176 -35.28 -42.16 -98.72
N THR Y 1 -49.33 -12.28 -17.87
CA THR Y 1 -50.70 -12.54 -17.46
C THR Y 1 -51.51 -11.26 -17.40
N ASN Y 2 -52.74 -11.32 -17.89
CA ASN Y 2 -53.63 -10.16 -17.79
C ASN Y 2 -54.13 -10.00 -16.37
N THR Y 3 -54.83 -8.89 -16.13
CA THR Y 3 -55.44 -8.68 -14.83
C THR Y 3 -56.78 -9.41 -14.76
N LYS Y 4 -57.32 -9.47 -13.54
CA LYS Y 4 -58.63 -10.06 -13.31
C LYS Y 4 -59.70 -9.01 -13.07
N GLY Y 5 -59.56 -7.85 -13.70
CA GLY Y 5 -60.51 -6.78 -13.47
C GLY Y 5 -61.88 -7.12 -14.02
N LYS Y 6 -62.90 -6.52 -13.41
CA LYS Y 6 -64.27 -6.83 -13.78
C LYS Y 6 -64.67 -6.20 -15.10
N ARG Y 7 -64.00 -5.13 -15.53
CA ARG Y 7 -64.35 -4.45 -16.77
C ARG Y 7 -63.18 -4.42 -17.76
N ARG Y 8 -62.23 -5.34 -17.62
CA ARG Y 8 -61.10 -5.39 -18.53
C ARG Y 8 -61.56 -5.79 -19.93
N GLY Y 9 -61.11 -5.05 -20.92
CA GLY Y 9 -61.46 -5.36 -22.30
C GLY Y 9 -62.85 -4.97 -22.72
N THR Y 10 -63.50 -4.07 -21.99
CA THR Y 10 -64.84 -3.60 -22.33
C THR Y 10 -64.83 -2.22 -22.97
N ARG Y 11 -63.65 -1.76 -23.40
CA ARG Y 11 -63.50 -0.39 -23.90
C ARG Y 11 -64.52 -0.07 -25.00
N TYR Y 12 -64.66 -0.96 -25.97
CA TYR Y 12 -65.68 -0.80 -27.00
C TYR Y 12 -66.97 -1.55 -26.68
N MET Y 13 -66.90 -2.56 -25.81
CA MET Y 13 -68.08 -3.35 -25.52
C MET Y 13 -69.15 -2.52 -24.80
N PHE Y 14 -68.73 -1.68 -23.85
CA PHE Y 14 -69.67 -0.90 -23.07
C PHE Y 14 -69.75 0.55 -23.51
N SER Y 15 -69.20 0.87 -24.68
CA SER Y 15 -69.23 2.24 -25.19
C SER Y 15 -70.49 2.47 -26.01
N ARG Y 16 -70.97 3.70 -25.97
CA ARG Y 16 -72.18 4.09 -26.69
C ARG Y 16 -71.89 4.26 -28.19
N PRO Y 17 -72.88 4.00 -29.04
CA PRO Y 17 -72.68 4.19 -30.48
C PRO Y 17 -72.49 5.66 -30.83
N PHE Y 18 -71.96 5.88 -32.02
CA PHE Y 18 -71.67 7.24 -32.47
C PHE Y 18 -72.93 8.09 -32.48
N ARG Y 19 -72.83 9.28 -31.89
CA ARG Y 19 -73.93 10.24 -31.85
C ARG Y 19 -75.17 9.66 -31.18
N LYS Y 20 -74.97 8.84 -30.15
CA LYS Y 20 -76.08 8.29 -29.38
C LYS Y 20 -75.79 8.29 -27.89
N HIS Y 21 -75.02 9.26 -27.41
CA HIS Y 21 -74.77 9.41 -26.00
C HIS Y 21 -75.90 10.20 -25.34
N GLY Y 22 -75.81 10.35 -24.02
CA GLY Y 22 -76.74 11.22 -23.31
C GLY Y 22 -77.85 10.50 -22.59
N VAL Y 23 -79.04 11.11 -22.58
CA VAL Y 23 -80.17 10.62 -21.81
C VAL Y 23 -80.72 9.36 -22.47
N VAL Y 24 -81.14 8.40 -21.64
CA VAL Y 24 -81.67 7.13 -22.10
C VAL Y 24 -83.13 7.32 -22.51
N PRO Y 25 -83.55 6.78 -23.65
CA PRO Y 25 -84.97 6.85 -24.01
C PRO Y 25 -85.82 6.07 -23.02
N LEU Y 26 -87.06 6.55 -22.82
CA LEU Y 26 -87.90 6.07 -21.73
C LEU Y 26 -88.62 4.76 -22.05
N ALA Y 27 -88.75 4.41 -23.32
CA ALA Y 27 -89.48 3.20 -23.67
C ALA Y 27 -88.81 1.96 -23.08
N THR Y 28 -87.47 2.00 -22.96
CA THR Y 28 -86.76 0.86 -22.37
C THR Y 28 -87.21 0.62 -20.94
N TYR Y 29 -87.32 1.68 -20.14
CA TYR Y 29 -87.84 1.55 -18.79
C TYR Y 29 -89.30 1.16 -18.80
N MET Y 30 -90.04 1.58 -19.82
CA MET Y 30 -91.47 1.36 -19.86
C MET Y 30 -91.88 0.00 -20.40
N ARG Y 31 -90.93 -0.80 -20.91
CA ARG Y 31 -91.26 -2.17 -21.27
C ARG Y 31 -91.57 -3.00 -20.03
N ILE Y 32 -92.46 -3.97 -20.19
CA ILE Y 32 -92.87 -4.87 -19.12
C ILE Y 32 -92.35 -6.27 -19.42
N TYR Y 33 -91.80 -6.93 -18.39
CA TYR Y 33 -91.14 -8.22 -18.54
C TYR Y 33 -91.79 -9.23 -17.60
N LYS Y 34 -92.58 -10.15 -18.17
CA LYS Y 34 -93.13 -11.24 -17.39
C LYS Y 34 -92.05 -12.29 -17.12
N LYS Y 35 -92.38 -13.25 -16.26
CA LYS Y 35 -91.45 -14.32 -15.94
C LYS Y 35 -91.59 -15.46 -16.94
N GLY Y 36 -90.46 -16.03 -17.33
CA GLY Y 36 -90.41 -17.01 -18.41
C GLY Y 36 -90.12 -16.43 -19.77
N ASP Y 37 -90.00 -15.11 -19.89
CA ASP Y 37 -89.72 -14.48 -21.17
C ASP Y 37 -88.29 -14.75 -21.60
N ILE Y 38 -88.03 -14.60 -22.90
CA ILE Y 38 -86.70 -14.74 -23.46
C ILE Y 38 -86.15 -13.34 -23.71
N VAL Y 39 -84.92 -13.11 -23.25
CA VAL Y 39 -84.33 -11.78 -23.17
C VAL Y 39 -82.90 -11.81 -23.72
N ASP Y 40 -82.57 -10.81 -24.52
CA ASP Y 40 -81.20 -10.62 -25.00
C ASP Y 40 -80.46 -9.66 -24.09
N ILE Y 41 -79.27 -10.06 -23.65
CA ILE Y 41 -78.44 -9.27 -22.75
C ILE Y 41 -77.52 -8.39 -23.57
N LYS Y 42 -77.46 -7.10 -23.23
CA LYS Y 42 -76.54 -6.18 -23.88
C LYS Y 42 -76.25 -5.04 -22.91
N GLY Y 43 -75.00 -4.92 -22.50
CA GLY Y 43 -74.65 -3.91 -21.51
C GLY Y 43 -74.67 -2.51 -22.11
N MET Y 44 -75.14 -1.55 -21.32
CA MET Y 44 -75.18 -0.16 -21.72
C MET Y 44 -74.35 0.65 -20.74
N GLY Y 45 -73.39 1.42 -21.26
CA GLY Y 45 -72.42 2.08 -20.42
C GLY Y 45 -72.94 3.30 -19.69
N THR Y 46 -74.08 3.85 -20.13
CA THR Y 46 -74.61 5.05 -19.48
C THR Y 46 -74.99 4.80 -18.03
N VAL Y 47 -75.47 3.60 -17.73
CA VAL Y 47 -75.91 3.22 -16.38
C VAL Y 47 -74.91 2.23 -15.82
N GLN Y 48 -74.41 2.51 -14.62
CA GLN Y 48 -73.39 1.69 -13.98
C GLN Y 48 -73.97 0.74 -12.93
N LYS Y 49 -75.28 0.73 -12.74
CA LYS Y 49 -75.90 -0.12 -11.73
C LYS Y 49 -76.49 -1.35 -12.39
N GLY Y 50 -76.35 -2.50 -11.73
CA GLY Y 50 -76.87 -3.74 -12.27
C GLY Y 50 -76.23 -4.15 -13.58
N MET Y 51 -75.00 -3.73 -13.82
CA MET Y 51 -74.33 -4.03 -15.08
C MET Y 51 -73.95 -5.50 -15.12
N PRO Y 52 -74.32 -6.23 -16.17
CA PRO Y 52 -73.92 -7.64 -16.26
C PRO Y 52 -72.43 -7.76 -16.52
N HIS Y 53 -71.90 -8.91 -16.14
CA HIS Y 53 -70.49 -9.20 -16.45
C HIS Y 53 -70.30 -9.27 -17.96
N LYS Y 54 -69.07 -9.01 -18.40
CA LYS Y 54 -68.80 -8.95 -19.83
C LYS Y 54 -68.96 -10.29 -20.52
N CYS Y 55 -68.97 -11.39 -19.77
CA CYS Y 55 -69.13 -12.70 -20.40
C CYS Y 55 -70.56 -12.93 -20.86
N TYR Y 56 -71.54 -12.32 -20.20
CA TYR Y 56 -72.95 -12.48 -20.56
C TYR Y 56 -73.39 -11.53 -21.66
N HIS Y 57 -72.61 -10.49 -21.93
CA HIS Y 57 -72.96 -9.54 -22.99
C HIS Y 57 -73.08 -10.28 -24.32
N GLY Y 58 -74.19 -10.07 -25.01
CA GLY Y 58 -74.45 -10.75 -26.25
C GLY Y 58 -75.17 -12.08 -26.12
N LYS Y 59 -75.42 -12.54 -24.89
CA LYS Y 59 -76.11 -13.81 -24.69
C LYS Y 59 -77.61 -13.58 -24.55
N THR Y 60 -78.34 -14.69 -24.50
CA THR Y 60 -79.79 -14.68 -24.39
C THR Y 60 -80.22 -15.57 -23.23
N GLY Y 61 -81.10 -15.03 -22.38
CA GLY Y 61 -81.51 -15.75 -21.19
C GLY Y 61 -83.01 -15.85 -21.00
N ARG Y 62 -83.43 -16.29 -19.82
CA ARG Y 62 -84.84 -16.47 -19.50
C ARG Y 62 -85.13 -15.86 -18.14
N VAL Y 63 -86.16 -15.01 -18.08
CA VAL Y 63 -86.51 -14.34 -16.83
C VAL Y 63 -87.14 -15.33 -15.86
N TYR Y 64 -86.70 -15.29 -14.60
CA TYR Y 64 -87.30 -16.10 -13.55
C TYR Y 64 -87.75 -15.29 -12.34
N ASN Y 65 -87.33 -14.04 -12.19
CA ASN Y 65 -87.66 -13.25 -11.00
C ASN Y 65 -87.68 -11.79 -11.40
N VAL Y 66 -88.82 -11.13 -11.22
CA VAL Y 66 -88.99 -9.73 -11.58
C VAL Y 66 -89.00 -8.91 -10.30
N THR Y 67 -88.27 -7.81 -10.30
CA THR Y 67 -87.95 -7.07 -9.09
C THR Y 67 -88.25 -5.59 -9.36
N GLN Y 68 -87.91 -4.71 -8.42
CA GLN Y 68 -88.26 -3.29 -8.51
C GLN Y 68 -87.63 -2.64 -9.74
N HIS Y 69 -86.32 -2.81 -9.92
CA HIS Y 69 -85.60 -2.18 -11.00
C HIS Y 69 -84.85 -3.16 -11.88
N ALA Y 70 -84.86 -4.45 -11.55
CA ALA Y 70 -84.07 -5.44 -12.27
C ALA Y 70 -84.87 -6.73 -12.39
N VAL Y 71 -84.32 -7.66 -13.16
CA VAL Y 71 -84.91 -8.97 -13.36
C VAL Y 71 -83.83 -10.02 -13.11
N GLY Y 72 -84.24 -11.14 -12.53
CA GLY Y 72 -83.36 -12.29 -12.42
C GLY Y 72 -83.56 -13.17 -13.64
N ILE Y 73 -82.46 -13.50 -14.30
CA ILE Y 73 -82.50 -14.26 -15.55
C ILE Y 73 -81.51 -15.40 -15.49
N VAL Y 74 -81.92 -16.54 -16.05
CA VAL Y 74 -81.10 -17.75 -16.06
C VAL Y 74 -80.45 -17.85 -17.42
N VAL Y 75 -79.11 -17.86 -17.44
CA VAL Y 75 -78.35 -17.91 -18.69
C VAL Y 75 -77.41 -19.11 -18.66
N ASN Y 76 -77.04 -19.56 -19.85
CA ASN Y 76 -76.11 -20.65 -20.01
C ASN Y 76 -74.70 -20.09 -20.17
N LYS Y 77 -73.77 -20.61 -19.36
CA LYS Y 77 -72.38 -20.18 -19.42
C LYS Y 77 -71.50 -21.42 -19.55
N GLN Y 78 -70.61 -21.42 -20.53
CA GLN Y 78 -69.70 -22.53 -20.75
C GLN Y 78 -68.37 -22.24 -20.07
N VAL Y 79 -67.96 -23.13 -19.16
CA VAL Y 79 -66.65 -23.06 -18.54
C VAL Y 79 -65.94 -24.39 -18.75
N LYS Y 80 -64.75 -24.34 -19.34
CA LYS Y 80 -64.00 -25.52 -19.74
C LYS Y 80 -64.87 -26.51 -20.52
N GLY Y 81 -65.07 -27.70 -19.96
CA GLY Y 81 -65.77 -28.75 -20.66
C GLY Y 81 -67.20 -28.97 -20.23
N LYS Y 82 -67.77 -28.00 -19.51
CA LYS Y 82 -69.14 -28.13 -19.02
C LYS Y 82 -69.85 -26.80 -19.17
N ILE Y 83 -71.19 -26.87 -19.18
CA ILE Y 83 -72.03 -25.69 -19.30
C ILE Y 83 -72.88 -25.57 -18.04
N LEU Y 84 -72.81 -24.41 -17.40
CA LEU Y 84 -73.56 -24.12 -16.19
C LEU Y 84 -74.66 -23.11 -16.49
N ALA Y 85 -75.88 -23.41 -16.04
CA ALA Y 85 -77.01 -22.50 -16.18
C ALA Y 85 -77.14 -21.73 -14.88
N LYS Y 86 -76.60 -20.51 -14.87
CA LYS Y 86 -76.50 -19.74 -13.64
C LYS Y 86 -77.33 -18.46 -13.70
N ARG Y 87 -77.69 -17.98 -12.51
CA ARG Y 87 -78.67 -16.91 -12.34
C ARG Y 87 -77.95 -15.59 -12.05
N ILE Y 88 -78.35 -14.53 -12.75
CA ILE Y 88 -77.78 -13.21 -12.57
C ILE Y 88 -78.89 -12.20 -12.39
N ASN Y 89 -78.51 -11.01 -11.90
CA ASN Y 89 -79.42 -9.89 -11.72
C ASN Y 89 -78.98 -8.77 -12.66
N VAL Y 90 -79.88 -8.32 -13.52
CA VAL Y 90 -79.58 -7.31 -14.53
C VAL Y 90 -80.66 -6.24 -14.49
N ARG Y 91 -80.24 -4.98 -14.48
CA ARG Y 91 -81.19 -3.87 -14.51
C ARG Y 91 -81.85 -3.77 -15.88
N ILE Y 92 -82.97 -3.06 -15.91
CA ILE Y 92 -83.82 -2.99 -17.09
C ILE Y 92 -83.12 -2.33 -18.28
N GLU Y 93 -82.14 -1.46 -18.04
CA GLU Y 93 -81.48 -0.76 -19.14
C GLU Y 93 -80.72 -1.74 -20.03
N HIS Y 94 -80.12 -2.77 -19.45
CA HIS Y 94 -79.27 -3.70 -20.18
C HIS Y 94 -80.06 -4.85 -20.79
N ILE Y 95 -81.34 -4.64 -21.06
CA ILE Y 95 -82.26 -5.71 -21.42
C ILE Y 95 -83.07 -5.29 -22.64
N LYS Y 96 -83.22 -6.23 -23.59
CA LYS Y 96 -84.16 -6.07 -24.69
C LYS Y 96 -84.89 -7.39 -24.91
N HIS Y 97 -86.10 -7.30 -25.45
CA HIS Y 97 -86.81 -8.51 -25.83
C HIS Y 97 -86.20 -9.11 -27.09
N SER Y 98 -86.48 -10.40 -27.30
CA SER Y 98 -85.97 -11.13 -28.45
C SER Y 98 -87.11 -11.46 -29.39
N LYS Y 99 -86.93 -11.16 -30.67
CA LYS Y 99 -87.94 -11.42 -31.69
C LYS Y 99 -87.88 -12.86 -32.20
N SER Y 100 -86.85 -13.61 -31.82
CA SER Y 100 -86.72 -15.00 -32.25
C SER Y 100 -87.90 -15.83 -31.77
N ARG Y 101 -88.33 -15.61 -30.53
CA ARG Y 101 -89.47 -16.36 -30.01
C ARG Y 101 -90.78 -15.83 -30.58
N ASP Y 102 -90.85 -14.52 -30.86
CA ASP Y 102 -92.06 -13.93 -31.41
C ASP Y 102 -92.36 -14.49 -32.79
N SER Y 103 -91.32 -14.73 -33.59
CA SER Y 103 -91.53 -15.36 -34.90
C SER Y 103 -92.21 -16.72 -34.75
N PHE Y 104 -91.73 -17.53 -33.80
CA PHE Y 104 -92.32 -18.86 -33.62
C PHE Y 104 -93.72 -18.77 -33.04
N LEU Y 105 -93.99 -17.78 -32.17
CA LEU Y 105 -95.34 -17.58 -31.68
C LEU Y 105 -96.30 -17.24 -32.81
N LYS Y 106 -95.89 -16.34 -33.71
CA LYS Y 106 -96.73 -16.04 -34.86
C LYS Y 106 -96.96 -17.28 -35.70
N ARG Y 107 -95.91 -18.08 -35.92
CA ARG Y 107 -96.06 -19.28 -36.73
C ARG Y 107 -97.00 -20.29 -36.08
N VAL Y 108 -96.91 -20.47 -34.76
CA VAL Y 108 -97.76 -21.45 -34.10
C VAL Y 108 -99.22 -20.98 -34.09
N LYS Y 109 -99.44 -19.68 -33.91
CA LYS Y 109 -100.81 -19.17 -34.01
C LYS Y 109 -101.38 -19.41 -35.40
N GLU Y 110 -100.61 -19.12 -36.44
CA GLU Y 110 -101.08 -19.37 -37.79
C GLU Y 110 -101.30 -20.86 -38.03
N ASN Y 111 -100.45 -21.69 -37.44
CA ASN Y 111 -100.58 -23.14 -37.61
C ASN Y 111 -101.87 -23.65 -37.00
N ASP Y 112 -102.20 -23.20 -35.80
CA ASP Y 112 -103.47 -23.62 -35.20
C ASP Y 112 -104.66 -23.07 -35.97
N GLN Y 113 -104.55 -21.84 -36.48
CA GLN Y 113 -105.61 -21.29 -37.32
C GLN Y 113 -105.82 -22.14 -38.58
N LYS Y 114 -104.73 -22.52 -39.22
CA LYS Y 114 -104.79 -23.29 -40.46
C LYS Y 114 -105.11 -24.75 -40.22
N LYS Y 115 -104.98 -25.22 -38.97
CA LYS Y 115 -105.47 -26.54 -38.63
C LYS Y 115 -106.97 -26.53 -38.41
N LYS Y 116 -107.49 -25.53 -37.68
CA LYS Y 116 -108.93 -25.48 -37.47
C LYS Y 116 -109.66 -25.13 -38.76
N GLU Y 117 -109.01 -24.40 -39.66
CA GLU Y 117 -109.48 -24.26 -41.02
C GLU Y 117 -108.97 -25.43 -41.86
N ALA Y 118 -109.64 -25.69 -42.97
CA ALA Y 118 -109.30 -26.78 -43.88
C ALA Y 118 -109.28 -28.14 -43.17
N LYS Y 119 -110.07 -28.27 -42.12
CA LYS Y 119 -110.29 -29.55 -41.46
C LYS Y 119 -111.75 -29.99 -41.53
N GLU Y 120 -112.69 -29.07 -41.31
CA GLU Y 120 -114.08 -29.33 -41.63
C GLU Y 120 -114.27 -29.50 -43.13
N LYS Y 121 -113.37 -28.93 -43.93
CA LYS Y 121 -113.43 -29.05 -45.38
C LYS Y 121 -112.84 -30.37 -45.87
N GLY Y 122 -112.08 -31.07 -45.03
CA GLY Y 122 -111.55 -32.37 -45.36
C GLY Y 122 -110.27 -32.37 -46.16
N THR Y 123 -109.75 -31.22 -46.55
CA THR Y 123 -108.56 -31.16 -47.38
C THR Y 123 -107.28 -31.19 -46.53
N TRP Y 124 -106.20 -31.67 -47.13
CA TRP Y 124 -104.92 -31.79 -46.46
C TRP Y 124 -104.10 -30.53 -46.68
N VAL Y 125 -103.43 -30.07 -45.62
CA VAL Y 125 -102.64 -28.84 -45.68
C VAL Y 125 -101.26 -29.12 -45.08
N GLN Y 126 -100.22 -28.69 -45.79
CA GLN Y 126 -98.85 -28.81 -45.29
C GLN Y 126 -98.64 -27.86 -44.11
N LEU Y 127 -97.98 -28.35 -43.08
CA LEU Y 127 -97.65 -27.52 -41.92
C LEU Y 127 -96.15 -27.39 -41.66
N LYS Y 128 -95.36 -28.40 -41.98
CA LYS Y 128 -93.93 -28.33 -41.74
C LYS Y 128 -93.26 -27.42 -42.77
N ARG Y 129 -92.08 -26.93 -42.40
CA ARG Y 129 -91.27 -26.09 -43.28
C ARG Y 129 -90.30 -26.98 -44.05
N GLN Y 130 -90.36 -26.92 -45.34
CA GLN Y 130 -89.37 -27.72 -46.03
C GLN Y 130 -88.20 -26.84 -46.48
N PRO Y 131 -87.00 -27.41 -46.59
CA PRO Y 131 -85.85 -26.62 -47.04
C PRO Y 131 -86.05 -26.14 -48.47
N ALA Y 132 -85.18 -25.22 -48.88
CA ALA Y 132 -85.27 -24.59 -50.19
C ALA Y 132 -85.28 -25.65 -51.29
N PRO Y 133 -86.40 -25.85 -51.96
CA PRO Y 133 -86.50 -26.94 -52.92
C PRO Y 133 -85.69 -26.62 -54.17
N PRO Y 134 -85.18 -27.63 -54.86
CA PRO Y 134 -84.46 -27.37 -56.11
C PRO Y 134 -85.37 -26.71 -57.13
N ARG Y 135 -84.78 -25.83 -57.94
CA ARG Y 135 -85.54 -25.09 -58.93
C ARG Y 135 -86.24 -26.04 -59.91
N GLU Y 136 -87.51 -25.78 -60.17
CA GLU Y 136 -88.26 -26.59 -61.11
C GLU Y 136 -87.91 -26.22 -62.54
N ALA Y 137 -88.31 -27.07 -63.47
CA ALA Y 137 -88.04 -26.82 -64.89
C ALA Y 137 -88.82 -25.62 -65.37
N HIS Y 138 -88.16 -24.79 -66.18
CA HIS Y 138 -88.78 -23.59 -66.69
C HIS Y 138 -88.15 -23.24 -68.03
N PHE Y 139 -88.84 -22.39 -68.79
CA PHE Y 139 -88.36 -21.89 -70.06
C PHE Y 139 -87.77 -20.50 -69.90
N VAL Y 140 -86.86 -20.16 -70.80
CA VAL Y 140 -86.24 -18.83 -70.83
C VAL Y 140 -86.43 -18.26 -72.23
N ARG Y 141 -87.15 -17.16 -72.33
CA ARG Y 141 -87.53 -16.57 -73.61
C ARG Y 141 -86.46 -15.59 -74.07
N THR Y 142 -85.80 -15.91 -75.19
CA THR Y 142 -84.92 -14.95 -75.85
C THR Y 142 -85.68 -14.31 -77.01
N ASN Y 143 -86.63 -13.44 -76.64
CA ASN Y 143 -87.54 -12.86 -77.60
C ASN Y 143 -86.84 -11.80 -78.45
N GLY Y 144 -86.28 -12.23 -79.57
CA GLY Y 144 -85.60 -11.31 -80.47
C GLY Y 144 -84.10 -11.23 -80.23
N LYS Y 145 -83.68 -10.22 -79.48
CA LYS Y 145 -82.27 -9.99 -79.21
C LYS Y 145 -81.61 -11.23 -78.61
N GLU Y 146 -80.40 -11.52 -79.09
CA GLU Y 146 -79.56 -12.66 -78.77
C GLU Y 146 -78.57 -12.32 -77.66
N PRO Y 147 -78.12 -13.32 -76.91
CA PRO Y 147 -77.14 -13.07 -75.85
C PRO Y 147 -75.84 -12.51 -76.43
N GLU Y 148 -75.37 -11.41 -75.86
CA GLU Y 148 -74.18 -10.76 -76.37
C GLU Y 148 -72.92 -11.52 -75.95
N LEU Y 149 -71.88 -11.41 -76.76
CA LEU Y 149 -70.65 -12.15 -76.53
C LEU Y 149 -69.79 -11.41 -75.52
N LEU Y 150 -69.30 -12.15 -74.52
CA LEU Y 150 -68.44 -11.62 -73.49
C LEU Y 150 -67.07 -12.29 -73.61
N GLU Y 151 -66.03 -11.47 -73.69
CA GLU Y 151 -64.66 -11.96 -73.71
C GLU Y 151 -63.82 -11.14 -72.73
N PRO Y 152 -62.81 -11.76 -72.12
CA PRO Y 152 -61.98 -11.02 -71.16
C PRO Y 152 -61.27 -9.86 -71.83
N ILE Y 153 -61.14 -8.77 -71.09
CA ILE Y 153 -60.53 -7.56 -71.62
C ILE Y 153 -59.01 -7.74 -71.62
N PRO Y 154 -58.28 -7.07 -72.51
CA PRO Y 154 -56.81 -7.10 -72.41
C PRO Y 154 -56.34 -6.41 -71.15
N TYR Y 155 -55.23 -6.91 -70.62
CA TYR Y 155 -54.70 -6.35 -69.38
C TYR Y 155 -53.91 -5.08 -69.66
N GLU Y 156 -54.07 -4.09 -68.80
CA GLU Y 156 -53.20 -2.94 -68.75
C GLU Y 156 -53.10 -2.47 -67.31
N PHE Y 157 -51.93 -1.93 -66.95
CA PHE Y 157 -51.63 -1.57 -65.57
C PHE Y 157 -52.21 -0.17 -65.35
N MET Y 158 -53.41 -0.12 -64.76
CA MET Y 158 -54.11 1.16 -64.61
C MET Y 158 -53.29 2.15 -63.79
N ALA Y 159 -52.85 1.75 -62.61
CA ALA Y 159 -52.12 2.65 -61.72
C ALA Y 159 -50.76 3.02 -62.29
N LEU Z 1 81.01 -71.11 18.96
CA LEU Z 1 81.27 -72.39 18.32
C LEU Z 1 80.00 -73.23 18.25
N LEU Z 2 79.37 -73.27 17.08
CA LEU Z 2 78.16 -74.04 16.87
C LEU Z 2 78.40 -75.13 15.85
N LYS Z 3 77.81 -76.30 16.09
CA LYS Z 3 78.00 -77.48 15.27
C LYS Z 3 76.65 -77.87 14.68
N PHE Z 4 76.60 -78.06 13.37
CA PHE Z 4 75.37 -78.48 12.70
C PHE Z 4 75.68 -79.66 11.79
N THR Z 5 74.77 -80.64 11.78
CA THR Z 5 75.02 -81.94 11.18
C THR Z 5 73.84 -82.35 10.32
N LEU Z 6 74.14 -82.96 9.17
CA LEU Z 6 73.11 -83.42 8.24
C LEU Z 6 73.30 -84.91 7.98
N ASP Z 7 72.22 -85.68 8.14
CA ASP Z 7 72.27 -87.13 7.98
C ASP Z 7 71.60 -87.51 6.67
N CYS Z 8 72.40 -87.97 5.71
CA CYS Z 8 71.91 -88.42 4.41
C CYS Z 8 72.12 -89.91 4.21
N THR Z 9 72.01 -90.68 5.30
CA THR Z 9 72.34 -92.10 5.24
C THR Z 9 71.34 -92.86 4.37
N HIS Z 10 70.05 -92.64 4.58
CA HIS Z 10 69.06 -93.35 3.75
C HIS Z 10 69.18 -93.01 2.27
N PRO Z 11 69.24 -91.73 1.85
CA PRO Z 11 69.42 -91.47 0.42
C PRO Z 11 70.73 -91.97 -0.14
N VAL Z 12 71.82 -91.93 0.64
CA VAL Z 12 73.09 -92.40 0.09
C VAL Z 12 73.09 -93.91 -0.08
N GLU Z 13 72.46 -94.64 0.86
CA GLU Z 13 72.44 -96.10 0.75
C GLU Z 13 71.45 -96.53 -0.32
N ASP Z 14 70.41 -95.75 -0.58
CA ASP Z 14 69.56 -96.02 -1.73
C ASP Z 14 70.21 -95.57 -3.04
N GLY Z 15 71.24 -94.72 -2.97
CA GLY Z 15 72.02 -94.36 -4.13
C GLY Z 15 71.51 -93.17 -4.92
N ILE Z 16 70.37 -92.60 -4.55
CA ILE Z 16 69.78 -91.53 -5.35
C ILE Z 16 70.49 -90.19 -5.19
N MET Z 17 71.42 -90.07 -4.24
CA MET Z 17 72.21 -88.86 -4.11
C MET Z 17 73.59 -89.23 -3.57
N ASP Z 18 74.52 -88.29 -3.68
CA ASP Z 18 75.88 -88.48 -3.21
C ASP Z 18 76.33 -87.24 -2.45
N ALA Z 19 77.33 -87.43 -1.58
CA ALA Z 19 77.75 -86.36 -0.68
C ALA Z 19 78.83 -85.47 -1.28
N ALA Z 20 79.54 -85.91 -2.31
CA ALA Z 20 80.55 -85.07 -2.93
C ALA Z 20 79.91 -83.84 -3.56
N ASN Z 21 78.82 -84.03 -4.29
CA ASN Z 21 78.13 -82.89 -4.89
C ASN Z 21 77.59 -81.97 -3.81
N PHE Z 22 77.13 -82.53 -2.69
CA PHE Z 22 76.58 -81.70 -1.61
C PHE Z 22 77.67 -80.86 -0.96
N GLU Z 23 78.82 -81.46 -0.66
CA GLU Z 23 79.91 -80.69 -0.06
C GLU Z 23 80.42 -79.63 -1.04
N GLN Z 24 80.47 -79.96 -2.33
CA GLN Z 24 80.80 -78.96 -3.33
C GLN Z 24 79.80 -77.81 -3.31
N PHE Z 25 78.51 -78.14 -3.19
CA PHE Z 25 77.45 -77.14 -3.16
C PHE Z 25 77.65 -76.17 -2.00
N LEU Z 26 77.82 -76.72 -0.78
CA LEU Z 26 77.99 -75.86 0.38
C LEU Z 26 79.28 -75.06 0.28
N GLN Z 27 80.38 -75.68 -0.14
CA GLN Z 27 81.63 -74.95 -0.31
C GLN Z 27 81.46 -73.79 -1.27
N GLU Z 28 80.69 -73.98 -2.34
CA GLU Z 28 80.53 -72.94 -3.34
C GLU Z 28 79.60 -71.82 -2.89
N ARG Z 29 78.56 -72.13 -2.11
CA ARG Z 29 77.55 -71.09 -1.87
C ARG Z 29 77.13 -70.99 -0.40
N ILE Z 30 78.06 -71.19 0.53
CA ILE Z 30 77.85 -70.66 1.88
C ILE Z 30 78.17 -69.17 1.85
N LYS Z 31 77.22 -68.35 2.28
CA LYS Z 31 77.39 -66.90 2.31
C LYS Z 31 77.71 -66.48 3.74
N VAL Z 32 78.94 -66.02 3.97
CA VAL Z 32 79.36 -65.50 5.26
C VAL Z 32 79.52 -64.00 5.13
N ASN Z 33 78.76 -63.25 5.91
CA ASN Z 33 78.75 -61.79 5.86
C ASN Z 33 78.47 -61.28 4.46
N GLY Z 34 77.49 -61.90 3.80
CA GLY Z 34 77.01 -61.45 2.52
C GLY Z 34 77.83 -61.85 1.32
N LYS Z 35 78.90 -62.62 1.51
CA LYS Z 35 79.77 -63.05 0.41
C LYS Z 35 79.82 -64.57 0.37
N ALA Z 36 79.44 -65.15 -0.77
CA ALA Z 36 79.44 -66.60 -0.91
C ALA Z 36 80.85 -67.16 -1.12
N GLY Z 37 81.73 -66.40 -1.75
CA GLY Z 37 83.01 -66.94 -2.16
C GLY Z 37 83.91 -67.26 -0.98
N ASN Z 38 84.91 -68.10 -1.28
CA ASN Z 38 86.00 -68.48 -0.38
C ASN Z 38 85.52 -68.86 1.02
N LEU Z 39 84.28 -69.33 1.14
CA LEU Z 39 83.70 -69.79 2.40
C LEU Z 39 83.78 -68.74 3.51
N GLY Z 40 83.94 -67.47 3.15
CA GLY Z 40 84.19 -66.45 4.14
C GLY Z 40 85.60 -66.45 4.69
N GLY Z 41 86.49 -67.26 4.12
CA GLY Z 41 87.85 -67.37 4.60
C GLY Z 41 88.09 -68.66 5.36
N GLY Z 42 88.50 -68.54 6.62
CA GLY Z 42 88.72 -69.70 7.46
C GLY Z 42 87.93 -69.63 8.75
N VAL Z 43 86.71 -69.12 8.66
CA VAL Z 43 85.86 -68.91 9.83
C VAL Z 43 84.85 -70.03 9.95
N VAL Z 44 84.50 -70.65 8.82
CA VAL Z 44 83.52 -71.73 8.77
C VAL Z 44 84.21 -72.98 8.25
N SER Z 45 84.05 -74.09 8.96
CA SER Z 45 84.71 -75.34 8.63
C SER Z 45 83.67 -76.38 8.27
N LEU Z 46 83.85 -77.01 7.10
CA LEU Z 46 82.97 -78.06 6.62
C LEU Z 46 83.75 -79.36 6.57
N GLU Z 47 83.45 -80.27 7.48
CA GLU Z 47 84.12 -81.56 7.54
C GLU Z 47 83.12 -82.67 7.23
N ARG Z 48 83.44 -83.47 6.22
CA ARG Z 48 82.57 -84.53 5.76
C ARG Z 48 83.04 -85.86 6.35
N SER Z 49 82.22 -86.45 7.20
CA SER Z 49 82.48 -87.79 7.70
C SER Z 49 81.90 -88.79 6.70
N LYS Z 50 81.91 -90.07 7.06
CA LYS Z 50 81.34 -91.10 6.20
C LYS Z 50 79.84 -90.88 6.07
N SER Z 51 79.40 -90.49 4.87
CA SER Z 51 78.00 -90.25 4.55
C SER Z 51 77.34 -89.19 5.42
N LYS Z 52 78.12 -88.28 6.00
CA LYS Z 52 77.58 -87.24 6.87
C LYS Z 52 78.39 -85.97 6.69
N ILE Z 53 77.70 -84.83 6.73
CA ILE Z 53 78.32 -83.52 6.54
C ILE Z 53 78.10 -82.70 7.80
N THR Z 54 79.16 -82.02 8.24
CA THR Z 54 79.13 -81.23 9.47
C THR Z 54 79.61 -79.82 9.18
N VAL Z 55 78.96 -78.84 9.79
CA VAL Z 55 79.30 -77.43 9.64
C VAL Z 55 79.78 -76.91 10.99
N THR Z 56 80.96 -76.29 11.00
CA THR Z 56 81.54 -75.71 12.20
C THR Z 56 81.87 -74.25 11.93
N SER Z 57 81.54 -73.38 12.88
CA SER Z 57 81.78 -71.95 12.72
C SER Z 57 81.81 -71.29 14.08
N GLU Z 58 82.35 -70.08 14.11
CA GLU Z 58 82.32 -69.22 15.29
C GLU Z 58 81.46 -67.98 15.12
N VAL Z 59 81.41 -67.41 13.91
CA VAL Z 59 80.50 -66.29 13.66
C VAL Z 59 79.06 -66.80 13.79
N PRO Z 60 78.11 -66.00 14.29
CA PRO Z 60 76.72 -66.45 14.35
C PRO Z 60 76.20 -66.99 13.02
N PHE Z 61 75.82 -68.26 13.02
CA PHE Z 61 75.41 -68.98 11.83
C PHE Z 61 74.12 -69.73 12.15
N SER Z 62 73.15 -69.68 11.25
CA SER Z 62 71.83 -70.22 11.51
C SER Z 62 71.65 -71.60 10.91
N LYS Z 63 70.99 -72.48 11.67
CA LYS Z 63 70.67 -73.83 11.20
C LYS Z 63 69.59 -73.79 10.12
N ARG Z 64 68.67 -72.85 10.20
CA ARG Z 64 67.68 -72.69 9.14
C ARG Z 64 68.34 -72.30 7.82
N TYR Z 65 69.52 -71.68 7.86
CA TYR Z 65 70.25 -71.42 6.63
C TYR Z 65 70.68 -72.73 5.96
N LEU Z 66 71.16 -73.68 6.75
CA LEU Z 66 71.50 -74.99 6.18
C LEU Z 66 70.26 -75.70 5.67
N LYS Z 67 69.13 -75.55 6.37
CA LYS Z 67 67.89 -76.15 5.87
C LYS Z 67 67.51 -75.55 4.51
N TYR Z 68 67.63 -74.23 4.38
CA TYR Z 68 67.35 -73.55 3.12
C TYR Z 68 68.28 -74.03 2.01
N LEU Z 69 69.57 -74.15 2.30
CA LEU Z 69 70.50 -74.55 1.26
C LEU Z 69 70.33 -76.02 0.88
N THR Z 70 69.95 -76.86 1.84
CA THR Z 70 69.66 -78.26 1.52
C THR Z 70 68.44 -78.37 0.61
N LYS Z 71 67.40 -77.58 0.90
CA LYS Z 71 66.25 -77.56 0.00
C LYS Z 71 66.64 -77.04 -1.38
N LYS Z 72 67.50 -76.02 -1.42
CA LYS Z 72 68.05 -75.54 -2.68
C LYS Z 72 68.68 -76.69 -3.45
N TYR Z 73 69.53 -77.47 -2.78
CA TYR Z 73 70.26 -78.56 -3.44
C TYR Z 73 69.30 -79.62 -3.96
N LEU Z 74 68.30 -79.98 -3.15
CA LEU Z 74 67.34 -81.01 -3.56
C LEU Z 74 66.53 -80.55 -4.76
N LYS Z 75 66.10 -79.28 -4.78
CA LYS Z 75 65.39 -78.77 -5.94
C LYS Z 75 66.30 -78.76 -7.16
N LYS Z 76 67.58 -78.41 -6.97
CA LYS Z 76 68.50 -78.36 -8.09
C LYS Z 76 68.70 -79.74 -8.72
N ASN Z 77 68.79 -80.77 -7.88
CA ASN Z 77 68.93 -82.13 -8.40
C ASN Z 77 67.60 -82.82 -8.67
N ASN Z 78 66.49 -82.12 -8.51
CA ASN Z 78 65.18 -82.59 -8.95
C ASN Z 78 64.68 -83.80 -8.15
N LEU Z 79 65.21 -83.99 -6.94
CA LEU Z 79 64.73 -85.05 -6.06
C LEU Z 79 64.00 -84.47 -4.85
N ARG Z 80 63.55 -83.22 -4.95
CA ARG Z 80 62.71 -82.63 -3.92
C ARG Z 80 61.39 -83.37 -3.78
N ASP Z 81 60.94 -84.02 -4.86
CA ASP Z 81 59.68 -84.74 -4.84
C ASP Z 81 59.73 -86.04 -4.04
N TRP Z 82 60.91 -86.43 -3.55
CA TRP Z 82 61.08 -87.67 -2.80
C TRP Z 82 61.45 -87.47 -1.34
N LEU Z 83 62.30 -86.48 -1.03
CA LEU Z 83 62.88 -86.36 0.29
C LEU Z 83 62.33 -85.15 1.03
N ARG Z 84 62.51 -85.15 2.34
CA ARG Z 84 62.18 -84.01 3.19
C ARG Z 84 63.24 -83.87 4.27
N VAL Z 85 63.47 -82.64 4.70
CA VAL Z 85 64.45 -82.32 5.72
C VAL Z 85 63.70 -82.12 7.03
N VAL Z 86 63.98 -82.96 8.01
CA VAL Z 86 63.37 -82.86 9.33
C VAL Z 86 64.48 -82.90 10.37
N ALA Z 87 64.32 -82.13 11.44
CA ALA Z 87 65.30 -82.07 12.51
C ALA Z 87 65.07 -83.25 13.44
N ASN Z 88 65.95 -84.27 13.37
CA ASN Z 88 65.85 -85.38 14.31
C ASN Z 88 66.12 -84.94 15.73
N THR Z 89 67.14 -84.12 15.92
CA THR Z 89 67.43 -83.45 17.19
C THR Z 89 67.74 -81.99 16.89
N LYS Z 90 68.12 -81.25 17.91
CA LYS Z 90 68.61 -79.91 17.66
C LYS Z 90 70.03 -79.98 17.10
N GLU Z 91 70.50 -78.85 16.59
CA GLU Z 91 71.81 -78.72 15.94
C GLU Z 91 72.11 -79.90 15.00
N SER Z 92 71.07 -80.42 14.36
CA SER Z 92 71.22 -81.51 13.40
C SER Z 92 69.92 -81.69 12.64
N TYR Z 93 70.04 -82.09 11.38
CA TYR Z 93 68.92 -82.42 10.51
C TYR Z 93 69.05 -83.89 10.10
N GLU Z 94 68.16 -84.30 9.18
CA GLU Z 94 68.20 -85.63 8.61
C GLU Z 94 67.29 -85.67 7.40
N LEU Z 95 67.73 -86.35 6.34
CA LEU Z 95 66.96 -86.49 5.12
C LEU Z 95 66.20 -87.80 5.17
N ARG Z 96 64.88 -87.73 4.96
CA ARG Z 96 64.02 -88.89 5.18
C ARG Z 96 63.08 -89.04 3.99
N TYR Z 97 62.25 -90.07 4.05
CA TYR Z 97 61.30 -90.40 2.98
C TYR Z 97 59.88 -90.11 3.45
N PHE Z 98 59.02 -89.81 2.49
CA PHE Z 98 57.61 -89.57 2.76
C PHE Z 98 56.93 -90.85 3.22
N GLY AA 1 35.29 -18.30 -63.31
CA GLY AA 1 34.76 -19.48 -62.65
C GLY AA 1 34.05 -19.16 -61.34
N ALA AA 2 33.43 -20.19 -60.76
CA ALA AA 2 32.67 -20.04 -59.52
C ALA AA 2 33.24 -20.96 -58.46
N LYS AA 3 33.25 -20.48 -57.21
CA LYS AA 3 33.80 -21.24 -56.11
C LYS AA 3 33.02 -22.52 -55.88
N PHE AA 4 33.73 -23.63 -55.74
CA PHE AA 4 33.09 -24.90 -55.42
C PHE AA 4 32.68 -24.93 -53.96
N ARG AA 5 31.82 -25.89 -53.62
CA ARG AA 5 31.34 -26.00 -52.25
C ARG AA 5 32.46 -26.43 -51.32
N ILE AA 6 32.43 -25.91 -50.09
CA ILE AA 6 33.42 -26.23 -49.08
C ILE AA 6 32.71 -26.65 -47.81
N SER AA 7 33.45 -27.32 -46.94
CA SER AA 7 32.91 -27.76 -45.65
C SER AA 7 32.82 -26.56 -44.73
N LEU AA 8 31.75 -25.79 -44.90
CA LEU AA 8 31.54 -24.61 -44.08
C LEU AA 8 31.29 -25.00 -42.63
N GLY AA 9 32.01 -24.35 -41.71
CA GLY AA 9 31.99 -24.77 -40.32
C GLY AA 9 31.95 -23.65 -39.29
N LEU AA 10 31.32 -22.53 -39.61
CA LEU AA 10 31.20 -21.40 -38.68
C LEU AA 10 29.75 -21.00 -38.53
N PRO AA 11 29.03 -21.61 -37.60
CA PRO AA 11 27.62 -21.26 -37.42
C PRO AA 11 27.45 -19.88 -36.82
N VAL AA 12 26.24 -19.33 -37.00
CA VAL AA 12 25.89 -18.09 -36.34
C VAL AA 12 26.07 -18.25 -34.83
N GLY AA 13 26.81 -17.34 -34.22
CA GLY AA 13 27.16 -17.41 -32.82
C GLY AA 13 28.64 -17.63 -32.56
N ALA AA 14 29.44 -17.80 -33.60
CA ALA AA 14 30.87 -17.99 -33.44
C ALA AA 14 31.58 -16.64 -33.31
N VAL AA 15 32.66 -16.64 -32.52
CA VAL AA 15 33.50 -15.47 -32.35
C VAL AA 15 34.85 -15.78 -32.98
N ILE AA 16 35.25 -14.98 -33.96
CA ILE AA 16 36.46 -15.22 -34.72
C ILE AA 16 37.39 -14.02 -34.60
N ASN AA 17 38.67 -14.27 -34.83
CA ASN AA 17 39.66 -13.21 -34.73
C ASN AA 17 39.51 -12.22 -35.88
N CYS AA 18 39.89 -10.97 -35.61
CA CYS AA 18 39.81 -9.90 -36.59
C CYS AA 18 41.22 -9.66 -37.12
N ALA AA 19 41.47 -10.09 -38.36
CA ALA AA 19 42.83 -10.10 -38.91
C ALA AA 19 43.08 -8.89 -39.80
N ASP AA 20 42.98 -7.70 -39.19
CA ASP AA 20 43.40 -6.47 -39.83
C ASP AA 20 43.60 -5.42 -38.74
N ASN AA 21 43.96 -4.21 -39.15
CA ASN AA 21 44.35 -3.18 -38.21
C ASN AA 21 43.27 -2.12 -37.98
N THR AA 22 41.99 -2.52 -38.11
CA THR AA 22 40.91 -1.57 -37.88
C THR AA 22 40.72 -1.24 -36.41
N GLY AA 23 41.34 -2.01 -35.51
CA GLY AA 23 41.16 -1.83 -34.09
C GLY AA 23 40.25 -2.85 -33.43
N ALA AA 24 39.55 -3.67 -34.21
CA ALA AA 24 38.71 -4.71 -33.64
C ALA AA 24 39.52 -5.94 -33.29
N LYS AA 25 39.15 -6.61 -32.21
CA LYS AA 25 39.79 -7.83 -31.77
C LYS AA 25 38.88 -9.05 -31.86
N ASN AA 26 37.59 -8.86 -32.14
CA ASN AA 26 36.66 -9.96 -32.27
C ASN AA 26 35.68 -9.67 -33.41
N LEU AA 27 35.02 -10.72 -33.88
CA LEU AA 27 33.95 -10.60 -34.86
C LEU AA 27 32.89 -11.63 -34.53
N TYR AA 28 31.74 -11.17 -34.05
CA TYR AA 28 30.64 -12.05 -33.65
C TYR AA 28 29.70 -12.22 -34.82
N ILE AA 29 29.68 -13.41 -35.41
CA ILE AA 29 28.87 -13.66 -36.59
C ILE AA 29 27.40 -13.69 -36.20
N ILE AA 30 26.61 -12.79 -36.78
CA ILE AA 30 25.18 -12.75 -36.50
C ILE AA 30 24.34 -13.33 -37.63
N SER AA 31 24.89 -13.44 -38.84
CA SER AA 31 24.17 -14.02 -39.97
C SER AA 31 25.15 -14.18 -41.13
N VAL AA 32 24.71 -14.94 -42.13
CA VAL AA 32 25.52 -15.25 -43.31
C VAL AA 32 24.75 -14.79 -44.54
N LYS AA 33 25.47 -14.21 -45.50
CA LYS AA 33 24.84 -13.72 -46.72
C LYS AA 33 24.68 -14.83 -47.74
N GLY AA 34 23.47 -14.98 -48.26
CA GLY AA 34 23.18 -15.95 -49.29
C GLY AA 34 22.55 -17.25 -48.80
N ILE AA 35 22.17 -17.33 -47.54
CA ILE AA 35 21.61 -18.56 -46.97
C ILE AA 35 20.10 -18.43 -46.99
N LYS AA 36 19.44 -19.27 -47.78
CA LYS AA 36 17.98 -19.30 -47.79
C LYS AA 36 17.44 -19.71 -46.43
N GLY AA 37 17.72 -20.94 -46.02
CA GLY AA 37 17.35 -21.39 -44.70
C GLY AA 37 16.57 -22.68 -44.65
N ARG AA 38 16.76 -23.43 -43.58
CA ARG AA 38 16.01 -24.64 -43.29
C ARG AA 38 15.57 -24.58 -41.84
N LEU AA 39 14.41 -25.18 -41.56
CA LEU AA 39 13.89 -25.18 -40.20
C LEU AA 39 14.90 -25.77 -39.23
N ASN AA 40 15.15 -25.03 -38.14
CA ASN AA 40 16.10 -25.44 -37.09
C ASN AA 40 17.49 -25.73 -37.65
N ARG AA 41 17.89 -24.97 -38.67
CA ARG AA 41 19.19 -25.16 -39.30
C ARG AA 41 19.99 -23.87 -39.12
N LEU AA 42 21.05 -23.95 -38.31
CA LEU AA 42 21.87 -22.77 -38.06
C LEU AA 42 22.56 -22.33 -39.35
N PRO AA 43 22.46 -21.06 -39.73
CA PRO AA 43 23.28 -20.56 -40.84
C PRO AA 43 24.76 -20.68 -40.52
N ALA AA 44 25.53 -21.10 -41.50
CA ALA AA 44 26.96 -21.33 -41.33
C ALA AA 44 27.73 -20.64 -42.45
N ALA AA 45 28.99 -20.35 -42.18
CA ALA AA 45 29.87 -19.70 -43.13
C ALA AA 45 31.15 -20.50 -43.29
N GLY AA 46 31.61 -20.60 -44.54
CA GLY AA 46 32.92 -21.16 -44.84
C GLY AA 46 33.92 -20.07 -45.15
N VAL AA 47 35.11 -20.50 -45.55
CA VAL AA 47 36.17 -19.55 -45.87
C VAL AA 47 35.81 -18.85 -47.18
N GLY AA 48 35.96 -17.52 -47.20
CA GLY AA 48 35.65 -16.74 -48.38
C GLY AA 48 34.23 -16.23 -48.46
N ASP AA 49 33.35 -16.62 -47.55
CA ASP AA 49 31.96 -16.17 -47.57
C ASP AA 49 31.81 -14.88 -46.78
N MET AA 50 30.94 -14.00 -47.27
CA MET AA 50 30.72 -12.70 -46.67
C MET AA 50 29.57 -12.79 -45.67
N VAL AA 51 29.80 -12.29 -44.46
CA VAL AA 51 28.84 -12.39 -43.37
C VAL AA 51 28.64 -11.02 -42.74
N MET AA 52 27.63 -10.92 -41.90
CA MET AA 52 27.39 -9.73 -41.08
C MET AA 52 27.80 -10.05 -39.64
N ALA AA 53 28.65 -9.21 -39.07
CA ALA AA 53 29.21 -9.49 -37.76
C ALA AA 53 29.27 -8.22 -36.93
N THR AA 54 29.27 -8.39 -35.61
CA THR AA 54 29.50 -7.31 -34.66
C THR AA 54 30.84 -7.54 -33.97
N VAL AA 55 31.30 -6.52 -33.25
CA VAL AA 55 32.60 -6.53 -32.61
C VAL AA 55 32.40 -6.57 -31.10
N LYS AA 56 32.96 -7.60 -30.46
CA LYS AA 56 32.84 -7.75 -29.02
C LYS AA 56 33.99 -7.11 -28.24
N LYS AA 57 35.19 -7.08 -28.83
CA LYS AA 57 36.34 -6.45 -28.21
C LYS AA 57 37.01 -5.53 -29.22
N GLY AA 58 37.40 -4.36 -28.76
CA GLY AA 58 38.01 -3.37 -29.63
C GLY AA 58 37.71 -1.98 -29.12
N LYS AA 59 38.23 -1.00 -29.86
CA LYS AA 59 38.00 0.39 -29.49
C LYS AA 59 36.56 0.79 -29.80
N PRO AA 60 35.98 1.68 -28.97
CA PRO AA 60 34.52 1.80 -28.94
C PRO AA 60 33.86 2.23 -30.24
N GLU AA 61 34.51 3.09 -31.04
CA GLU AA 61 33.79 3.75 -32.12
C GLU AA 61 33.32 2.79 -33.20
N LEU AA 62 33.83 1.56 -33.25
CA LEU AA 62 33.36 0.56 -34.20
C LEU AA 62 32.59 -0.57 -33.53
N ARG AA 63 32.30 -0.44 -32.23
CA ARG AA 63 31.47 -1.41 -31.54
C ARG AA 63 30.01 -0.99 -31.62
N LYS AA 64 29.13 -1.82 -31.05
CA LYS AA 64 27.71 -1.53 -30.90
C LYS AA 64 26.99 -1.36 -32.23
N LYS AA 65 27.50 -1.97 -33.30
CA LYS AA 65 26.85 -1.88 -34.60
C LYS AA 65 27.22 -3.10 -35.43
N VAL AA 66 26.55 -3.25 -36.56
CA VAL AA 66 26.68 -4.42 -37.41
C VAL AA 66 27.63 -4.10 -38.57
N HIS AA 67 28.62 -4.95 -38.77
CA HIS AA 67 29.62 -4.77 -39.81
C HIS AA 67 29.64 -5.97 -40.75
N PRO AA 68 29.61 -5.76 -42.07
CA PRO AA 68 29.85 -6.89 -42.98
C PRO AA 68 31.32 -7.29 -42.97
N ALA AA 69 31.56 -8.60 -42.93
CA ALA AA 69 32.90 -9.14 -42.84
C ALA AA 69 33.05 -10.31 -43.79
N VAL AA 70 34.30 -10.74 -43.99
CA VAL AA 70 34.65 -11.86 -44.85
C VAL AA 70 35.57 -12.79 -44.07
N VAL AA 71 35.28 -14.08 -44.11
CA VAL AA 71 36.13 -15.06 -43.43
C VAL AA 71 37.32 -15.41 -44.32
N ILE AA 72 38.52 -15.37 -43.75
CA ILE AA 72 39.73 -15.62 -44.51
C ILE AA 72 40.48 -16.87 -44.05
N ARG AA 73 40.26 -17.35 -42.83
CA ARG AA 73 40.81 -18.61 -42.37
C ARG AA 73 39.74 -19.33 -41.56
N GLN AA 74 39.95 -20.62 -41.34
CA GLN AA 74 39.03 -21.40 -40.53
C GLN AA 74 39.75 -22.61 -39.97
N ARG AA 75 39.22 -23.14 -38.87
CA ARG AA 75 39.81 -24.31 -38.24
C ARG AA 75 39.23 -25.62 -38.75
N LYS AA 76 38.02 -25.59 -39.31
CA LYS AA 76 37.43 -26.78 -39.90
C LYS AA 76 38.11 -27.10 -41.22
N SER AA 77 38.60 -28.33 -41.37
CA SER AA 77 39.35 -28.70 -42.56
C SER AA 77 38.40 -28.94 -43.72
N TYR AA 78 38.59 -28.17 -44.79
CA TYR AA 78 37.80 -28.31 -46.00
C TYR AA 78 38.64 -28.99 -47.07
N ARG AA 79 37.97 -29.76 -47.93
CA ARG AA 79 38.63 -30.56 -48.95
C ARG AA 79 38.71 -29.76 -50.24
N ARG AA 80 39.94 -29.49 -50.70
CA ARG AA 80 40.11 -28.90 -52.00
C ARG AA 80 39.82 -29.95 -53.09
N LYS AA 81 39.43 -29.47 -54.26
CA LYS AA 81 39.14 -30.39 -55.35
C LYS AA 81 40.40 -31.02 -55.92
N ASP AA 82 41.57 -30.49 -55.58
CA ASP AA 82 42.83 -31.11 -55.98
C ASP AA 82 43.11 -32.36 -55.13
N GLY AA 83 42.36 -32.57 -54.07
CA GLY AA 83 42.51 -33.74 -53.24
C GLY AA 83 43.24 -33.57 -51.94
N VAL AA 84 43.36 -32.35 -51.43
CA VAL AA 84 44.06 -32.06 -50.19
C VAL AA 84 43.08 -31.48 -49.18
N PHE AA 85 43.29 -31.83 -47.92
CA PHE AA 85 42.51 -31.27 -46.81
C PHE AA 85 43.38 -30.24 -46.09
N LEU AA 86 42.86 -29.03 -45.95
CA LEU AA 86 43.60 -27.91 -45.39
C LEU AA 86 42.84 -27.31 -44.22
N TYR AA 87 43.56 -27.03 -43.13
CA TYR AA 87 42.95 -26.33 -42.00
C TYR AA 87 44.01 -25.46 -41.33
N PHE AA 88 43.54 -24.42 -40.67
CA PHE AA 88 44.41 -23.37 -40.14
C PHE AA 88 44.52 -23.48 -38.62
N GLU AA 89 45.31 -22.59 -38.04
CA GLU AA 89 45.48 -22.55 -36.59
C GLU AA 89 44.29 -21.96 -35.88
N ASP AA 90 43.59 -21.00 -36.50
CA ASP AA 90 42.51 -20.30 -35.84
C ASP AA 90 41.58 -19.71 -36.88
N ASN AA 91 40.40 -19.28 -36.43
CA ASN AA 91 39.44 -18.60 -37.28
C ASN AA 91 39.81 -17.13 -37.38
N ALA AA 92 39.57 -16.54 -38.55
CA ALA AA 92 39.88 -15.14 -38.76
C ALA AA 92 38.91 -14.53 -39.76
N GLY AA 93 38.80 -13.20 -39.71
CA GLY AA 93 37.97 -12.48 -40.64
C GLY AA 93 38.39 -11.02 -40.69
N VAL AA 94 38.02 -10.36 -41.78
CA VAL AA 94 38.35 -8.95 -41.99
C VAL AA 94 37.07 -8.17 -42.25
N ILE AA 95 36.99 -6.97 -41.69
CA ILE AA 95 35.83 -6.10 -41.87
C ILE AA 95 35.92 -5.44 -43.23
N VAL AA 96 34.88 -5.60 -44.04
CA VAL AA 96 34.83 -4.99 -45.36
C VAL AA 96 33.57 -4.13 -45.46
N ASN AA 97 33.40 -3.44 -46.58
CA ASN AA 97 32.17 -2.73 -46.85
C ASN AA 97 31.33 -3.56 -47.82
N ASN AA 98 30.22 -3.00 -48.28
CA ASN AA 98 29.26 -3.78 -49.05
C ASN AA 98 29.84 -4.25 -50.39
N LYS AA 99 30.73 -3.46 -51.00
CA LYS AA 99 31.25 -3.81 -52.32
C LYS AA 99 32.66 -4.41 -52.28
N GLY AA 100 33.16 -4.78 -51.11
CA GLY AA 100 34.35 -5.58 -50.99
C GLY AA 100 35.60 -4.87 -50.48
N GLU AA 101 35.66 -3.54 -50.56
CA GLU AA 101 36.84 -2.84 -50.07
C GLU AA 101 36.97 -3.00 -48.56
N MET AA 102 38.21 -3.23 -48.11
CA MET AA 102 38.49 -3.41 -46.71
C MET AA 102 38.28 -2.11 -45.93
N LYS AA 103 38.17 -2.25 -44.61
CA LYS AA 103 38.18 -1.09 -43.73
C LYS AA 103 39.57 -0.74 -43.26
N GLY AA 104 40.45 -1.74 -43.11
CA GLY AA 104 41.82 -1.54 -42.75
C GLY AA 104 42.73 -1.48 -43.96
N SER AA 105 44.02 -1.74 -43.71
CA SER AA 105 45.00 -1.63 -44.78
C SER AA 105 45.84 -2.90 -44.93
N ALA AA 106 46.15 -3.56 -43.81
CA ALA AA 106 47.04 -4.71 -43.82
C ALA AA 106 46.37 -5.91 -43.16
N ILE AA 107 46.63 -7.10 -43.71
CA ILE AA 107 46.09 -8.34 -43.19
C ILE AA 107 47.24 -9.15 -42.62
N THR AA 108 47.13 -9.52 -41.34
CA THR AA 108 48.11 -10.40 -40.72
C THR AA 108 47.73 -11.85 -40.97
N GLY AA 109 48.74 -12.69 -41.11
CA GLY AA 109 48.53 -14.10 -41.34
C GLY AA 109 48.18 -14.40 -42.78
N PRO AA 110 48.07 -15.68 -43.12
CA PRO AA 110 47.77 -16.06 -44.50
C PRO AA 110 46.28 -15.97 -44.80
N VAL AA 111 45.98 -15.85 -46.09
CA VAL AA 111 44.61 -15.80 -46.59
C VAL AA 111 44.41 -16.99 -47.51
N ALA AA 112 43.31 -17.73 -47.28
CA ALA AA 112 43.02 -18.89 -48.12
C ALA AA 112 42.81 -18.45 -49.56
N LYS AA 113 43.26 -19.30 -50.50
CA LYS AA 113 43.26 -18.87 -51.90
C LYS AA 113 41.85 -18.78 -52.47
N GLU AA 114 40.88 -19.49 -51.90
CA GLU AA 114 39.50 -19.27 -52.33
C GLU AA 114 39.05 -17.85 -52.03
N CYS AA 115 39.33 -17.37 -50.82
CA CYS AA 115 39.01 -15.99 -50.48
C CYS AA 115 39.81 -15.01 -51.34
N ALA AA 116 41.08 -15.32 -51.58
CA ALA AA 116 41.90 -14.44 -52.41
C ALA AA 116 41.37 -14.35 -53.83
N ASP AA 117 40.92 -15.48 -54.39
CA ASP AA 117 40.39 -15.49 -55.74
C ASP AA 117 39.05 -14.76 -55.81
N LEU AA 118 38.17 -14.98 -54.83
CA LEU AA 118 36.88 -14.31 -54.85
C LEU AA 118 37.02 -12.80 -54.68
N TRP AA 119 37.87 -12.38 -53.75
CA TRP AA 119 37.99 -10.96 -53.42
C TRP AA 119 39.39 -10.47 -53.74
N PRO AA 120 39.60 -9.86 -54.91
CA PRO AA 120 40.94 -9.33 -55.23
C PRO AA 120 41.39 -8.26 -54.27
N ARG AA 121 40.45 -7.52 -53.69
CA ARG AA 121 40.82 -6.47 -52.74
C ARG AA 121 41.37 -7.08 -51.45
N ILE AA 122 40.79 -8.19 -51.00
CA ILE AA 122 41.37 -8.93 -49.88
C ILE AA 122 42.74 -9.48 -50.28
N ALA AA 123 42.83 -10.05 -51.49
CA ALA AA 123 44.07 -10.69 -51.92
C ALA AA 123 45.22 -9.71 -51.98
N SER AA 124 44.98 -8.49 -52.46
CA SER AA 124 46.05 -7.51 -52.59
C SER AA 124 46.64 -7.16 -51.23
N ASN AA 125 45.79 -7.01 -50.21
CA ASN AA 125 46.27 -6.72 -48.87
C ASN AA 125 46.83 -7.95 -48.17
N ALA AA 126 46.51 -9.15 -48.64
CA ALA AA 126 47.06 -10.35 -48.06
C ALA AA 126 48.57 -10.40 -48.25
N GLY AA 127 49.26 -10.87 -47.21
CA GLY AA 127 50.71 -11.02 -47.28
C GLY AA 127 51.11 -12.34 -47.91
N SER AA 128 50.40 -13.41 -47.56
CA SER AA 128 50.65 -14.72 -48.12
C SER AA 128 49.33 -15.40 -48.40
N ILE AA 129 49.35 -16.31 -49.38
CA ILE AA 129 48.16 -17.00 -49.84
C ILE AA 129 48.25 -18.47 -49.43
N ALA AA 130 47.25 -18.94 -48.69
CA ALA AA 130 47.18 -20.32 -48.22
C ALA AA 130 48.38 -20.70 -47.35
N LYS BA 1 52.19 -33.85 -58.14
CA LYS BA 1 53.47 -34.27 -57.58
C LYS BA 1 53.28 -34.89 -56.20
N VAL BA 2 54.39 -35.25 -55.55
CA VAL BA 2 54.38 -35.90 -54.26
C VAL BA 2 55.20 -35.07 -53.28
N GLU BA 3 54.72 -34.95 -52.05
CA GLU BA 3 55.37 -34.18 -51.00
C GLU BA 3 55.81 -35.10 -49.87
N LEU BA 4 56.47 -34.53 -48.88
CA LEU BA 4 57.02 -35.28 -47.76
C LEU BA 4 56.34 -34.89 -46.45
N CYS BA 5 56.07 -35.89 -45.62
CA CYS BA 5 55.48 -35.63 -44.31
C CYS BA 5 56.44 -34.80 -43.47
N SER BA 6 55.90 -33.75 -42.86
CA SER BA 6 56.74 -32.85 -42.08
C SER BA 6 57.32 -33.53 -40.85
N PHE BA 7 56.62 -34.51 -40.29
CA PHE BA 7 57.04 -35.16 -39.05
C PHE BA 7 57.80 -36.46 -39.29
N SER BA 8 57.29 -37.32 -40.18
CA SER BA 8 57.87 -38.64 -40.36
C SER BA 8 58.82 -38.75 -41.54
N GLY BA 9 58.71 -37.86 -42.52
CA GLY BA 9 59.59 -37.90 -43.67
C GLY BA 9 59.20 -38.88 -44.75
N TYR BA 10 58.00 -39.45 -44.69
CA TYR BA 10 57.54 -40.36 -45.74
C TYR BA 10 57.09 -39.56 -46.95
N LYS BA 11 56.51 -40.24 -47.93
CA LYS BA 11 55.97 -39.58 -49.12
C LYS BA 11 54.46 -39.59 -49.02
N ILE BA 12 53.84 -38.43 -49.22
CA ILE BA 12 52.39 -38.28 -49.19
C ILE BA 12 51.89 -38.28 -50.63
N TYR BA 13 51.08 -39.27 -50.97
CA TYR BA 13 50.53 -39.36 -52.30
C TYR BA 13 49.29 -38.48 -52.42
N PRO BA 14 48.85 -38.16 -53.65
CA PRO BA 14 47.81 -37.12 -53.80
C PRO BA 14 46.54 -37.38 -53.01
N GLY BA 15 46.12 -38.63 -52.87
CA GLY BA 15 44.88 -38.90 -52.17
C GLY BA 15 44.93 -38.64 -50.67
N HIS BA 16 46.01 -39.07 -50.03
CA HIS BA 16 46.04 -39.17 -48.58
C HIS BA 16 46.49 -37.87 -47.92
N GLY BA 17 46.35 -37.83 -46.59
CA GLY BA 17 46.99 -36.81 -45.77
C GLY BA 17 46.13 -35.58 -45.53
N ARG BA 18 46.63 -34.73 -44.63
CA ARG BA 18 46.05 -33.42 -44.36
C ARG BA 18 47.15 -32.37 -44.34
N ARG BA 19 46.81 -31.18 -44.81
CA ARG BA 19 47.74 -30.06 -44.84
C ARG BA 19 47.35 -29.04 -43.78
N TYR BA 20 48.35 -28.55 -43.04
CA TYR BA 20 48.12 -27.74 -41.86
C TYR BA 20 48.92 -26.46 -41.96
N ALA BA 21 48.23 -25.33 -42.01
CA ALA BA 21 48.85 -24.02 -42.06
C ALA BA 21 48.75 -23.36 -40.69
N ARG BA 22 49.81 -22.65 -40.30
CA ARG BA 22 49.85 -21.93 -39.05
C ARG BA 22 49.67 -20.43 -39.29
N THR BA 23 49.40 -19.70 -38.21
CA THR BA 23 49.14 -18.28 -38.32
C THR BA 23 50.40 -17.52 -38.72
N ASP BA 24 51.57 -17.97 -38.28
CA ASP BA 24 52.81 -17.28 -38.60
C ASP BA 24 53.17 -17.35 -40.08
N GLY BA 25 52.51 -18.21 -40.85
CA GLY BA 25 52.77 -18.37 -42.26
C GLY BA 25 53.37 -19.69 -42.65
N LYS BA 26 53.99 -20.41 -41.70
CA LYS BA 26 54.54 -21.72 -42.00
C LYS BA 26 53.43 -22.72 -42.24
N VAL BA 27 53.60 -23.55 -43.27
CA VAL BA 27 52.62 -24.57 -43.63
C VAL BA 27 53.27 -25.93 -43.46
N PHE BA 28 52.52 -26.86 -42.88
CA PHE BA 28 52.96 -28.23 -42.68
C PHE BA 28 51.99 -29.19 -43.35
N GLN BA 29 52.48 -30.37 -43.68
CA GLN BA 29 51.64 -31.43 -44.21
C GLN BA 29 52.05 -32.77 -43.59
N PHE BA 30 51.06 -33.60 -43.30
CA PHE BA 30 51.26 -34.81 -42.52
C PHE BA 30 50.76 -36.02 -43.29
N LEU BA 31 51.45 -37.15 -43.08
CA LEU BA 31 51.03 -38.39 -43.73
C LEU BA 31 49.70 -38.87 -43.19
N ASN BA 32 49.48 -38.77 -41.88
CA ASN BA 32 48.25 -39.26 -41.28
C ASN BA 32 48.10 -38.68 -39.88
N ALA BA 33 46.98 -39.04 -39.24
CA ALA BA 33 46.61 -38.44 -37.97
C ALA BA 33 47.57 -38.79 -36.84
N LYS BA 34 48.28 -39.91 -36.94
CA LYS BA 34 49.27 -40.26 -35.93
C LYS BA 34 50.43 -39.26 -35.92
N CYS BA 35 51.02 -39.01 -37.09
CA CYS BA 35 52.06 -38.00 -37.20
C CYS BA 35 51.52 -36.62 -36.86
N GLU BA 36 50.28 -36.34 -37.27
CA GLU BA 36 49.68 -35.04 -36.95
C GLU BA 36 49.54 -34.84 -35.44
N SER BA 37 49.06 -35.87 -34.74
CA SER BA 37 48.90 -35.77 -33.30
C SER BA 37 50.24 -35.61 -32.61
N ALA BA 38 51.27 -36.32 -33.08
CA ALA BA 38 52.60 -36.12 -32.51
C ALA BA 38 53.09 -34.69 -32.73
N PHE BA 39 52.89 -34.15 -33.94
CA PHE BA 39 53.37 -32.80 -34.23
C PHE BA 39 52.66 -31.77 -33.35
N LEU BA 40 51.34 -31.88 -33.20
CA LEU BA 40 50.63 -30.94 -32.34
C LEU BA 40 50.90 -31.19 -30.85
N SER BA 41 51.30 -32.39 -30.47
CA SER BA 41 51.74 -32.63 -29.10
C SER BA 41 53.19 -32.22 -28.90
N LYS BA 42 53.86 -31.75 -29.96
CA LYS BA 42 55.21 -31.16 -29.87
C LYS BA 42 56.25 -32.21 -29.49
N ARG BA 43 56.24 -33.31 -30.22
CA ARG BA 43 57.26 -34.34 -30.08
C ARG BA 43 58.37 -34.07 -31.09
N ASN BA 44 59.60 -34.00 -30.60
CA ASN BA 44 60.73 -33.87 -31.50
C ASN BA 44 60.91 -35.18 -32.24
N PRO BA 45 60.83 -35.20 -33.57
CA PRO BA 45 60.89 -36.47 -34.30
C PRO BA 45 62.18 -37.25 -34.07
N ARG BA 46 63.29 -36.56 -33.84
CA ARG BA 46 64.59 -37.21 -33.71
C ARG BA 46 64.67 -38.12 -32.49
N GLN BA 47 63.59 -38.16 -31.71
CA GLN BA 47 63.50 -39.00 -30.52
C GLN BA 47 62.50 -40.13 -30.68
N ILE BA 48 61.94 -40.33 -31.86
CA ILE BA 48 60.92 -41.33 -32.10
C ILE BA 48 61.42 -42.32 -33.13
N ASN BA 49 61.40 -43.60 -32.78
CA ASN BA 49 62.20 -44.61 -33.48
C ASN BA 49 61.82 -44.75 -34.94
N TRP BA 50 60.53 -44.74 -35.25
CA TRP BA 50 60.08 -45.06 -36.60
C TRP BA 50 60.18 -43.88 -37.57
N THR BA 51 60.97 -42.86 -37.24
CA THR BA 51 61.05 -41.65 -38.04
C THR BA 51 62.30 -41.65 -38.90
N VAL BA 52 62.17 -41.11 -40.11
CA VAL BA 52 63.32 -40.99 -41.00
C VAL BA 52 64.42 -40.15 -40.36
N LEU BA 53 64.02 -39.08 -39.66
CA LEU BA 53 65.01 -38.26 -38.96
C LEU BA 53 65.75 -39.06 -37.90
N TYR BA 54 65.04 -39.88 -37.14
CA TYR BA 54 65.68 -40.70 -36.12
C TYR BA 54 66.64 -41.70 -36.75
N ARG BA 55 66.18 -42.37 -37.81
CA ARG BA 55 67.02 -43.39 -38.43
C ARG BA 55 68.25 -42.77 -39.08
N ARG BA 56 68.12 -41.55 -39.62
CA ARG BA 56 69.26 -40.88 -40.20
C ARG BA 56 70.22 -40.39 -39.13
N LYS BA 57 69.69 -39.90 -38.01
CA LYS BA 57 70.55 -39.44 -36.92
C LYS BA 57 71.32 -40.59 -36.29
N HIS BA 58 70.68 -41.75 -36.15
CA HIS BA 58 71.33 -42.91 -35.57
C HIS BA 58 72.07 -43.76 -36.60
N LYS BA 59 71.97 -43.42 -37.88
CA LYS BA 59 72.69 -44.13 -38.95
C LYS BA 59 72.33 -45.60 -38.97
N LYS BA 60 71.05 -45.91 -38.79
CA LYS BA 60 70.60 -47.30 -38.77
C LYS BA 60 70.37 -47.80 -40.19
N GLY BA 61 70.70 -49.07 -40.41
CA GLY BA 61 70.54 -49.66 -41.72
C GLY BA 61 71.57 -49.16 -42.71
N GLN BA 62 71.11 -48.56 -43.80
CA GLN BA 62 71.94 -48.01 -44.88
C GLN BA 62 73.17 -48.86 -45.20
N GLN BA 78 103.54 -29.05 -65.39
CA GLN BA 78 103.97 -27.67 -65.56
C GLN BA 78 103.31 -27.04 -66.77
N ARG BA 79 103.41 -25.72 -66.88
CA ARG BA 79 102.79 -24.99 -67.98
C ARG BA 79 103.71 -23.85 -68.39
N ALA BA 80 103.63 -23.48 -69.66
CA ALA BA 80 104.39 -22.34 -70.16
C ALA BA 80 103.90 -21.05 -69.52
N ILE BA 81 104.80 -20.07 -69.47
CA ILE BA 81 104.49 -18.76 -68.94
C ILE BA 81 104.55 -17.75 -70.08
N THR BA 82 104.17 -16.50 -69.78
CA THR BA 82 104.18 -15.46 -70.80
C THR BA 82 105.59 -15.18 -71.31
N GLY BA 83 106.56 -15.05 -70.39
CA GLY BA 83 107.91 -14.70 -70.79
C GLY BA 83 108.60 -15.79 -71.59
N ALA BA 84 108.40 -17.04 -71.22
CA ALA BA 84 109.11 -18.16 -71.82
C ALA BA 84 108.14 -19.24 -72.25
N SER BA 85 108.42 -19.86 -73.40
CA SER BA 85 107.54 -20.89 -73.94
C SER BA 85 107.70 -22.19 -73.15
N LEU BA 86 106.90 -23.19 -73.56
CA LEU BA 86 106.89 -24.47 -72.85
C LEU BA 86 108.27 -25.14 -72.90
N ALA BA 87 108.87 -25.19 -74.09
CA ALA BA 87 110.17 -25.84 -74.21
C ALA BA 87 111.29 -25.01 -73.62
N ASP BA 88 111.13 -23.69 -73.59
CA ASP BA 88 112.16 -22.82 -73.05
C ASP BA 88 112.45 -23.14 -71.59
N ILE BA 89 111.40 -23.41 -70.81
CA ILE BA 89 111.58 -23.76 -69.40
C ILE BA 89 112.36 -25.07 -69.29
N MET BA 90 111.93 -26.09 -70.03
CA MET BA 90 112.60 -27.38 -69.98
C MET BA 90 114.04 -27.29 -70.46
N ALA BA 91 114.28 -26.52 -71.53
CA ALA BA 91 115.63 -26.39 -72.07
C ALA BA 91 116.59 -25.78 -71.07
N LYS BA 92 116.11 -24.83 -70.26
CA LYS BA 92 116.91 -24.24 -69.20
C LYS BA 92 116.82 -25.01 -67.89
N ARG BA 93 116.08 -26.12 -67.86
CA ARG BA 93 115.94 -26.94 -66.67
C ARG BA 93 116.65 -28.28 -66.77
N ASN BA 94 116.68 -28.90 -67.95
CA ASN BA 94 117.13 -30.27 -68.11
C ASN BA 94 118.63 -30.40 -68.33
N GLN BA 95 119.35 -29.28 -68.37
CA GLN BA 95 120.80 -29.34 -68.56
C GLN BA 95 121.51 -29.50 -67.22
N LYS CA 1 -0.15 -39.65 85.57
CA LYS CA 1 1.21 -39.44 85.08
C LYS CA 1 1.26 -38.24 84.13
N ILE CA 2 2.37 -37.52 84.16
CA ILE CA 2 2.57 -36.38 83.28
C ILE CA 2 2.98 -36.87 81.89
N ARG CA 3 2.71 -36.05 80.88
CA ARG CA 3 3.09 -36.35 79.51
C ARG CA 3 4.33 -35.54 79.16
N THR CA 4 5.30 -36.19 78.53
CA THR CA 4 6.52 -35.55 78.10
C THR CA 4 6.61 -35.33 76.59
N SER CA 5 5.78 -36.03 75.82
CA SER CA 5 5.74 -35.80 74.38
C SER CA 5 4.40 -35.21 73.98
N PRO CA 6 4.39 -34.24 73.07
CA PRO CA 6 3.13 -33.60 72.67
C PRO CA 6 2.27 -34.42 71.72
N THR CA 7 2.59 -35.68 71.51
CA THR CA 7 1.80 -36.56 70.66
C THR CA 7 1.02 -37.55 71.52
N PHE CA 8 -0.09 -38.02 70.98
CA PHE CA 8 -0.88 -39.07 71.61
C PHE CA 8 -0.82 -40.30 70.72
N ARG CA 9 -0.35 -41.41 71.27
CA ARG CA 9 -0.25 -42.66 70.55
C ARG CA 9 -1.27 -43.65 71.12
N ARG CA 10 -1.75 -44.53 70.26
CA ARG CA 10 -2.70 -45.54 70.70
C ARG CA 10 -2.03 -46.47 71.69
N PRO CA 11 -2.59 -46.65 72.89
CA PRO CA 11 -1.98 -47.57 73.85
C PRO CA 11 -2.08 -49.01 73.38
N LYS CA 12 -1.06 -49.79 73.75
CA LYS CA 12 -0.98 -51.18 73.36
C LYS CA 12 -1.86 -52.01 74.30
N THR CA 13 -2.85 -52.69 73.74
CA THR CA 13 -3.80 -53.46 74.52
C THR CA 13 -3.51 -54.95 74.42
N LEU CA 14 -4.21 -55.72 75.25
CA LEU CA 14 -4.01 -57.17 75.31
C LEU CA 14 -4.67 -57.83 74.11
N ARG CA 15 -3.87 -58.55 73.34
CA ARG CA 15 -4.36 -59.26 72.16
C ARG CA 15 -4.41 -60.75 72.47
N LEU CA 16 -5.61 -61.26 72.70
CA LEU CA 16 -5.77 -62.66 73.08
C LEU CA 16 -5.57 -63.56 71.86
N ARG CA 17 -5.20 -64.81 72.12
CA ARG CA 17 -4.80 -65.74 71.07
C ARG CA 17 -5.96 -66.66 70.71
N ARG CA 18 -6.05 -67.00 69.42
CA ARG CA 18 -7.14 -67.81 68.92
C ARG CA 18 -7.22 -69.16 69.64
N GLN CA 19 -8.44 -69.52 70.04
CA GLN CA 19 -8.75 -70.89 70.44
C GLN CA 19 -10.07 -71.27 69.77
N PRO CA 20 -10.05 -72.10 68.73
CA PRO CA 20 -11.29 -72.38 68.00
C PRO CA 20 -12.16 -73.38 68.77
N LYS CA 21 -13.44 -73.04 68.91
CA LYS CA 21 -14.38 -73.95 69.55
C LYS CA 21 -14.60 -75.22 68.74
N TYR CA 22 -14.27 -75.19 67.45
CA TYR CA 22 -14.28 -76.37 66.59
C TYR CA 22 -13.32 -76.12 65.45
N PRO CA 23 -12.59 -77.13 64.98
CA PRO CA 23 -11.71 -76.92 63.84
C PRO CA 23 -12.50 -76.53 62.59
N ARG CA 24 -11.93 -75.63 61.80
CA ARG CA 24 -12.62 -75.18 60.60
C ARG CA 24 -12.82 -76.34 59.63
N LYS CA 25 -11.79 -77.19 59.48
CA LYS CA 25 -11.83 -78.34 58.60
C LYS CA 25 -11.87 -79.62 59.42
N SER CA 26 -12.48 -80.66 58.84
CA SER CA 26 -12.74 -81.88 59.59
C SER CA 26 -11.46 -82.63 59.92
N ALA CA 27 -10.60 -82.84 58.93
CA ALA CA 27 -9.36 -83.56 59.10
C ALA CA 27 -8.25 -82.87 58.31
N PRO CA 28 -6.99 -83.01 58.74
CA PRO CA 28 -5.90 -82.46 57.94
C PRO CA 28 -5.81 -83.14 56.58
N ARG CA 29 -5.46 -82.36 55.57
CA ARG CA 29 -5.39 -82.89 54.21
C ARG CA 29 -4.24 -83.87 54.06
N ARG CA 30 -4.38 -84.76 53.08
CA ARG CA 30 -3.36 -85.75 52.80
C ARG CA 30 -2.27 -85.18 51.90
N ASN CA 31 -1.01 -85.50 52.22
CA ASN CA 31 0.11 -85.08 51.41
C ASN CA 31 0.06 -85.84 50.09
N LYS CA 32 -0.38 -85.17 49.03
CA LYS CA 32 -0.45 -85.81 47.72
C LYS CA 32 0.87 -85.76 46.96
N LEU CA 33 1.83 -84.98 47.44
CA LEU CA 33 3.17 -84.95 46.85
C LEU CA 33 4.12 -85.77 47.72
N ASP CA 34 4.01 -87.09 47.59
CA ASP CA 34 4.88 -87.99 48.32
C ASP CA 34 5.97 -88.55 47.40
N HIS CA 35 6.75 -89.51 47.91
CA HIS CA 35 7.90 -90.00 47.16
C HIS CA 35 7.48 -90.68 45.86
N TYR CA 36 6.39 -91.46 45.90
CA TYR CA 36 5.96 -92.15 44.69
C TYR CA 36 5.40 -91.18 43.66
N ALA CA 37 4.62 -90.21 44.11
CA ALA CA 37 4.00 -89.25 43.19
C ALA CA 37 4.94 -88.13 42.77
N ILE CA 38 6.13 -88.04 43.36
CA ILE CA 38 7.06 -86.98 43.00
C ILE CA 38 8.00 -87.40 41.88
N ILE CA 39 8.22 -88.70 41.69
CA ILE CA 39 9.09 -89.22 40.64
C ILE CA 39 8.25 -90.08 39.71
N LYS CA 40 8.36 -89.82 38.42
CA LYS CA 40 7.48 -90.45 37.44
C LYS CA 40 8.15 -91.62 36.72
N PHE CA 41 9.27 -91.37 36.07
CA PHE CA 41 10.02 -92.43 35.39
C PHE CA 41 11.40 -91.93 35.02
N PRO CA 42 12.39 -92.80 34.88
CA PRO CA 42 13.72 -92.36 34.49
C PRO CA 42 13.91 -92.38 32.97
N LEU CA 43 14.62 -91.37 32.47
CA LEU CA 43 14.87 -91.28 31.04
C LEU CA 43 15.77 -92.42 30.59
N THR CA 44 15.54 -92.90 29.38
CA THR CA 44 16.27 -94.02 28.81
C THR CA 44 16.71 -93.68 27.38
N THR CA 45 17.29 -92.49 27.22
CA THR CA 45 17.85 -92.08 25.94
C THR CA 45 19.35 -92.29 25.94
N GLU CA 46 19.95 -92.09 24.76
CA GLU CA 46 21.40 -92.27 24.64
C GLU CA 46 22.15 -91.28 25.52
N SER CA 47 21.63 -90.05 25.64
CA SER CA 47 22.24 -89.08 26.54
C SER CA 47 22.17 -89.55 27.98
N ALA CA 48 21.02 -90.12 28.38
CA ALA CA 48 20.88 -90.62 29.74
C ALA CA 48 21.85 -91.76 30.00
N MET CA 49 22.00 -92.69 29.05
CA MET CA 49 22.94 -93.79 29.23
C MET CA 49 24.38 -93.28 29.33
N LYS CA 50 24.74 -92.31 28.47
CA LYS CA 50 26.08 -91.75 28.55
C LYS CA 50 26.32 -91.09 29.90
N LYS CA 51 25.32 -90.36 30.41
CA LYS CA 51 25.47 -89.71 31.71
C LYS CA 51 25.62 -90.74 32.83
N ILE CA 52 24.80 -91.79 32.82
CA ILE CA 52 24.87 -92.75 33.92
C ILE CA 52 26.18 -93.51 33.88
N GLU CA 53 26.73 -93.73 32.67
CA GLU CA 53 27.99 -94.45 32.58
C GLU CA 53 29.18 -93.57 32.95
N ASP CA 54 29.15 -92.28 32.59
CA ASP CA 54 30.31 -91.42 32.74
C ASP CA 54 30.29 -90.59 34.02
N ASN CA 55 29.24 -89.77 34.22
CA ASN CA 55 29.22 -88.83 35.33
C ASN CA 55 28.66 -89.44 36.60
N ASN CA 56 28.32 -90.72 36.60
CA ASN CA 56 27.77 -91.39 37.78
C ASN CA 56 26.48 -90.72 38.25
N THR CA 57 25.68 -90.25 37.29
CA THR CA 57 24.42 -89.59 37.56
C THR CA 57 23.26 -90.49 37.17
N LEU CA 58 22.08 -90.16 37.68
CA LEU CA 58 20.84 -90.82 37.32
C LEU CA 58 19.85 -89.77 36.82
N VAL CA 59 19.23 -90.03 35.67
CA VAL CA 59 18.34 -89.07 35.03
C VAL CA 59 16.91 -89.48 35.31
N PHE CA 60 16.13 -88.58 35.91
CA PHE CA 60 14.73 -88.82 36.21
C PHE CA 60 13.89 -87.67 35.67
N ILE CA 61 12.62 -87.96 35.44
CA ILE CA 61 11.64 -86.94 35.10
C ILE CA 61 10.63 -86.87 36.25
N VAL CA 62 10.53 -85.69 36.87
CA VAL CA 62 9.69 -85.48 38.04
C VAL CA 62 8.63 -84.45 37.68
N ASP CA 63 7.75 -84.14 38.63
CA ASP CA 63 6.73 -83.16 38.36
C ASP CA 63 7.24 -81.74 38.64
N VAL CA 64 6.50 -80.76 38.13
CA VAL CA 64 6.96 -79.38 38.14
C VAL CA 64 6.96 -78.75 39.52
N LYS CA 65 6.29 -79.35 40.50
CA LYS CA 65 6.20 -78.77 41.83
C LYS CA 65 7.28 -79.27 42.78
N ALA CA 66 8.21 -80.08 42.30
CA ALA CA 66 9.26 -80.63 43.14
C ALA CA 66 10.49 -79.72 43.14
N ASN CA 67 11.12 -79.59 44.29
CA ASN CA 67 12.39 -78.90 44.42
C ASN CA 67 13.50 -79.91 44.70
N LYS CA 68 14.73 -79.41 44.71
CA LYS CA 68 15.89 -80.30 44.79
C LYS CA 68 15.92 -81.07 46.10
N HIS CA 69 15.53 -80.43 47.21
CA HIS CA 69 15.52 -81.12 48.49
C HIS CA 69 14.55 -82.30 48.47
N GLN CA 70 13.33 -82.08 47.97
CA GLN CA 70 12.35 -83.16 47.91
C GLN CA 70 12.81 -84.26 46.95
N ILE CA 71 13.42 -83.89 45.82
CA ILE CA 71 13.90 -84.90 44.89
C ILE CA 71 14.99 -85.75 45.53
N LYS CA 72 15.91 -85.11 46.25
CA LYS CA 72 16.98 -85.86 46.90
C LYS CA 72 16.43 -86.81 47.96
N GLN CA 73 15.50 -86.32 48.78
CA GLN CA 73 14.92 -87.18 49.81
C GLN CA 73 14.14 -88.33 49.18
N ALA CA 74 13.41 -88.07 48.10
CA ALA CA 74 12.62 -89.11 47.46
C ALA CA 74 13.52 -90.18 46.85
N VAL CA 75 14.62 -89.78 46.22
CA VAL CA 75 15.54 -90.78 45.68
C VAL CA 75 16.16 -91.60 46.81
N LYS CA 76 16.56 -90.93 47.89
CA LYS CA 76 17.11 -91.66 49.04
C LYS CA 76 16.11 -92.66 49.59
N LYS CA 77 14.83 -92.27 49.67
CA LYS CA 77 13.82 -93.16 50.22
C LYS CA 77 13.54 -94.34 49.29
N LEU CA 78 13.34 -94.06 48.00
CA LEU CA 78 12.92 -95.12 47.09
C LEU CA 78 14.04 -96.10 46.78
N TYR CA 79 15.27 -95.62 46.59
CA TYR CA 79 16.33 -96.47 46.08
C TYR CA 79 17.43 -96.75 47.10
N ASP CA 80 17.34 -96.21 48.31
CA ASP CA 80 18.27 -96.50 49.39
C ASP CA 80 19.71 -96.20 48.97
N ILE CA 81 19.92 -95.00 48.43
CA ILE CA 81 21.23 -94.56 47.98
C ILE CA 81 21.49 -93.16 48.51
N ASP CA 82 22.77 -92.77 48.46
CA ASP CA 82 23.17 -91.45 48.89
C ASP CA 82 23.35 -90.54 47.68
N VAL CA 83 22.94 -89.29 47.82
CA VAL CA 83 22.86 -88.34 46.71
C VAL CA 83 23.82 -87.20 46.98
N ALA CA 84 24.68 -86.90 46.01
CA ALA CA 84 25.63 -85.80 46.15
C ALA CA 84 24.98 -84.47 45.83
N LYS CA 85 24.51 -84.30 44.59
CA LYS CA 85 23.93 -83.04 44.16
C LYS CA 85 22.90 -83.31 43.07
N VAL CA 86 22.02 -82.34 42.88
CA VAL CA 86 20.90 -82.44 41.94
C VAL CA 86 20.91 -81.22 41.02
N ASN CA 87 20.85 -81.46 39.72
CA ASN CA 87 20.58 -80.43 38.73
C ASN CA 87 19.16 -80.62 38.21
N THR CA 88 18.45 -79.51 37.99
CA THR CA 88 17.08 -79.55 37.51
C THR CA 88 16.90 -78.58 36.37
N LEU CA 89 16.05 -78.96 35.41
CA LEU CA 89 15.59 -78.06 34.38
C LEU CA 89 14.19 -78.47 33.97
N ILE CA 90 13.45 -77.53 33.39
CA ILE CA 90 12.11 -77.78 32.89
C ILE CA 90 12.20 -77.89 31.37
N ARG CA 91 11.78 -79.03 30.84
CA ARG CA 91 11.89 -79.29 29.42
C ARG CA 91 10.90 -78.43 28.64
N PRO CA 92 11.14 -78.23 27.34
CA PRO CA 92 10.16 -77.47 26.54
C PRO CA 92 8.81 -78.16 26.44
N ASP CA 93 8.74 -79.45 26.76
CA ASP CA 93 7.46 -80.15 26.76
C ASP CA 93 6.62 -79.82 27.97
N GLY CA 94 7.25 -79.54 29.11
CA GLY CA 94 6.52 -79.23 30.32
C GLY CA 94 6.95 -80.07 31.50
N GLU CA 95 7.51 -81.24 31.22
CA GLU CA 95 8.04 -82.10 32.28
C GLU CA 95 9.37 -81.55 32.78
N LYS CA 96 9.65 -81.82 34.05
CA LYS CA 96 10.86 -81.31 34.70
C LYS CA 96 11.88 -82.45 34.83
N LYS CA 97 12.93 -82.38 34.03
CA LYS CA 97 14.00 -83.37 34.10
C LYS CA 97 14.87 -83.12 35.32
N ALA CA 98 15.50 -84.20 35.81
CA ALA CA 98 16.38 -84.12 36.95
C ALA CA 98 17.64 -84.92 36.68
N TYR CA 99 18.79 -84.33 36.97
CA TYR CA 99 20.07 -85.01 36.92
C TYR CA 99 20.52 -85.23 38.37
N VAL CA 100 20.58 -86.48 38.77
CA VAL CA 100 20.90 -86.84 40.15
C VAL CA 100 22.25 -87.55 40.16
N ARG CA 101 23.26 -86.89 40.71
CA ARG CA 101 24.57 -87.50 40.88
C ARG CA 101 24.64 -88.19 42.23
N LEU CA 102 25.29 -89.35 42.26
CA LEU CA 102 25.36 -90.18 43.44
C LEU CA 102 26.69 -90.01 44.16
N ALA CA 103 26.71 -90.46 45.41
CA ALA CA 103 27.95 -90.46 46.18
C ALA CA 103 28.97 -91.37 45.51
N PRO CA 104 30.27 -91.07 45.65
CA PRO CA 104 31.28 -91.81 44.87
C PRO CA 104 31.34 -93.30 45.16
N ASP CA 105 30.85 -93.75 46.31
CA ASP CA 105 30.93 -95.17 46.64
C ASP CA 105 29.75 -95.98 46.15
N TYR CA 106 28.72 -95.36 45.58
CA TYR CA 106 27.70 -96.10 44.84
C TYR CA 106 28.03 -96.13 43.37
N ASP CA 107 27.48 -97.12 42.67
CA ASP CA 107 27.75 -97.33 41.25
C ASP CA 107 26.45 -97.14 40.47
N ALA CA 108 26.44 -96.15 39.58
CA ALA CA 108 25.23 -95.83 38.83
C ALA CA 108 24.81 -96.98 37.92
N LEU CA 109 25.77 -97.73 37.39
CA LEU CA 109 25.43 -98.91 36.60
C LEU CA 109 24.65 -99.92 37.42
N ASP CA 110 25.09 -100.17 38.65
CA ASP CA 110 24.37 -101.11 39.51
C ASP CA 110 23.00 -100.59 39.90
N VAL CA 111 22.91 -99.29 40.20
CA VAL CA 111 21.60 -98.73 40.53
C VAL CA 111 20.64 -98.85 39.36
N ALA CA 112 21.12 -98.56 38.15
CA ALA CA 112 20.29 -98.71 36.96
C ALA CA 112 19.89 -100.17 36.75
N ASN CA 113 20.82 -101.10 36.98
CA ASN CA 113 20.50 -102.52 36.87
C ASN CA 113 19.38 -102.90 37.82
N LYS CA 114 19.43 -102.43 39.06
CA LYS CA 114 18.42 -102.82 40.02
C LYS CA 114 17.09 -102.12 39.76
N ILE CA 115 17.12 -100.85 39.34
CA ILE CA 115 15.87 -100.14 39.10
C ILE CA 115 15.17 -100.70 37.87
N GLY CA 116 15.92 -101.12 36.85
CA GLY CA 116 15.29 -101.76 35.71
C GLY CA 116 15.56 -101.12 34.37
N ILE CA 117 16.39 -100.08 34.33
CA ILE CA 117 16.74 -99.41 33.08
C ILE CA 117 18.14 -99.83 32.68
N ILE CA 118 18.32 -100.12 31.39
CA ILE CA 118 19.61 -100.53 30.88
C ILE CA 118 19.62 -100.42 29.36
N MET DA 1 -53.78 -96.46 17.99
CA MET DA 1 -53.42 -95.07 18.21
C MET DA 1 -52.78 -94.91 19.59
N LYS DA 2 -51.86 -93.95 19.71
CA LYS DA 2 -51.15 -93.70 20.94
C LYS DA 2 -51.82 -92.56 21.69
N PHE DA 3 -52.13 -92.78 22.97
CA PHE DA 3 -52.85 -91.82 23.79
C PHE DA 3 -52.02 -91.23 24.92
N ASN DA 4 -50.86 -91.79 25.20
CA ASN DA 4 -50.02 -91.29 26.28
C ASN DA 4 -49.43 -89.95 25.88
N PRO DA 5 -49.65 -88.88 26.64
CA PRO DA 5 -49.13 -87.57 26.24
C PRO DA 5 -47.68 -87.35 26.62
N PHE DA 6 -46.95 -88.41 26.94
CA PHE DA 6 -45.56 -88.28 27.37
C PHE DA 6 -44.61 -89.17 26.57
N VAL DA 7 -45.03 -89.67 25.42
CA VAL DA 7 -44.13 -90.34 24.49
C VAL DA 7 -44.39 -89.78 23.10
N THR DA 8 -43.33 -89.74 22.30
CA THR DA 8 -43.38 -89.06 21.01
C THR DA 8 -43.80 -90.00 19.89
N SER DA 9 -44.46 -89.41 18.90
CA SER DA 9 -44.55 -89.98 17.56
C SER DA 9 -43.54 -89.34 16.62
N ASP DA 10 -42.62 -88.54 17.16
CA ASP DA 10 -41.67 -87.80 16.34
C ASP DA 10 -40.66 -88.77 15.73
N ARG DA 11 -40.62 -88.79 14.40
CA ARG DA 11 -39.69 -89.67 13.70
C ARG DA 11 -38.24 -89.35 14.06
N SER DA 12 -37.90 -88.06 14.08
CA SER DA 12 -36.52 -87.67 14.39
C SER DA 12 -36.15 -88.06 15.81
N LYS DA 13 -37.05 -87.85 16.77
CA LYS DA 13 -36.75 -88.21 18.15
C LYS DA 13 -36.60 -89.71 18.32
N ASN DA 14 -37.46 -90.50 17.67
CA ASN DA 14 -37.32 -91.94 17.77
C ASN DA 14 -36.02 -92.43 17.16
N ARG DA 15 -35.64 -91.88 15.99
CA ARG DA 15 -34.38 -92.26 15.37
C ARG DA 15 -33.19 -91.88 16.24
N LYS DA 16 -33.22 -90.67 16.81
CA LYS DA 16 -32.12 -90.24 17.68
C LYS DA 16 -31.99 -91.15 18.89
N ARG DA 17 -33.11 -91.47 19.53
CA ARG DA 17 -33.06 -92.35 20.69
C ARG DA 17 -32.54 -93.73 20.31
N HIS DA 18 -33.02 -94.28 19.19
CA HIS DA 18 -32.58 -95.62 18.80
C HIS DA 18 -31.09 -95.65 18.49
N PHE DA 19 -30.58 -94.64 17.79
CA PHE DA 19 -29.18 -94.65 17.40
C PHE DA 19 -28.24 -94.14 18.49
N ASN DA 20 -28.77 -93.56 19.57
CA ASN DA 20 -27.93 -93.13 20.69
C ASN DA 20 -28.22 -93.90 21.97
N ALA DA 21 -29.00 -94.97 21.90
CA ALA DA 21 -29.29 -95.75 23.09
C ALA DA 21 -28.01 -96.30 23.71
N PRO DA 22 -27.90 -96.31 25.04
CA PRO DA 22 -26.74 -96.93 25.69
C PRO DA 22 -26.78 -98.44 25.57
N SER DA 23 -25.72 -99.08 26.07
CA SER DA 23 -25.52 -100.51 25.84
C SER DA 23 -26.64 -101.35 26.45
N HIS DA 24 -27.08 -101.03 27.66
CA HIS DA 24 -28.11 -101.83 28.29
C HIS DA 24 -29.48 -101.63 27.64
N ILE DA 25 -29.64 -100.61 26.79
CA ILE DA 25 -30.82 -100.50 25.96
C ILE DA 25 -30.61 -101.20 24.62
N ARG DA 26 -29.38 -101.17 24.09
CA ARG DA 26 -29.04 -101.96 22.91
C ARG DA 26 -29.35 -103.43 23.15
N ARG DA 27 -29.10 -103.91 24.36
CA ARG DA 27 -29.42 -105.30 24.67
C ARG DA 27 -30.91 -105.57 24.52
N LYS DA 28 -31.75 -104.66 25.01
CA LYS DA 28 -33.19 -104.84 24.90
C LYS DA 28 -33.65 -104.75 23.44
N ILE DA 29 -33.04 -103.85 22.67
CA ILE DA 29 -33.39 -103.73 21.25
C ILE DA 29 -33.01 -104.99 20.50
N MET DA 30 -31.86 -105.57 20.83
CA MET DA 30 -31.35 -106.77 20.17
C MET DA 30 -32.07 -108.00 20.73
N SER DA 31 -33.31 -108.17 20.31
CA SER DA 31 -34.14 -109.29 20.74
C SER DA 31 -34.53 -110.13 19.52
N SER DA 32 -34.60 -111.44 19.72
CA SER DA 32 -34.96 -112.35 18.65
C SER DA 32 -36.06 -113.28 19.12
N PRO DA 33 -36.91 -113.75 18.21
CA PRO DA 33 -37.99 -114.66 18.62
C PRO DA 33 -37.49 -116.08 18.80
N LEU DA 34 -38.02 -116.74 19.82
CA LEU DA 34 -37.70 -118.14 20.03
C LEU DA 34 -38.40 -119.00 18.98
N SER DA 35 -37.87 -120.21 18.80
CA SER DA 35 -38.46 -121.15 17.86
C SER DA 35 -39.87 -121.53 18.31
N LYS DA 36 -40.57 -122.26 17.46
CA LYS DA 36 -41.93 -122.68 17.81
C LYS DA 36 -41.93 -123.59 19.03
N GLU DA 37 -40.99 -124.54 19.09
CA GLU DA 37 -40.97 -125.50 20.18
C GLU DA 37 -40.60 -124.81 21.50
N LEU DA 38 -39.57 -123.96 21.49
CA LEU DA 38 -39.21 -123.23 22.69
C LEU DA 38 -40.31 -122.27 23.12
N ARG DA 39 -40.95 -121.61 22.16
CA ARG DA 39 -42.04 -120.71 22.51
C ARG DA 39 -43.18 -121.46 23.16
N GLN DA 40 -43.50 -122.64 22.65
CA GLN DA 40 -44.56 -123.45 23.25
C GLN DA 40 -44.18 -123.92 24.65
N LYS DA 41 -42.93 -124.31 24.84
CA LYS DA 41 -42.52 -124.87 26.13
C LYS DA 41 -42.17 -123.83 27.19
N TYR DA 42 -42.02 -122.55 26.81
CA TYR DA 42 -41.74 -121.49 27.77
C TYR DA 42 -42.80 -120.42 27.87
N ASN DA 43 -43.78 -120.37 26.95
CA ASN DA 43 -44.80 -119.33 26.92
C ASN DA 43 -44.21 -117.93 26.80
N VAL DA 44 -43.01 -117.83 26.22
CA VAL DA 44 -42.32 -116.57 26.02
C VAL DA 44 -42.02 -116.43 24.54
N ARG DA 45 -42.34 -115.26 23.97
CA ARG DA 45 -42.23 -115.06 22.53
C ARG DA 45 -40.85 -114.62 22.08
N SER DA 46 -40.12 -113.88 22.91
CA SER DA 46 -38.84 -113.32 22.49
C SER DA 46 -37.88 -113.25 23.67
N MET DA 47 -36.59 -113.18 23.35
CA MET DA 47 -35.53 -113.14 24.34
C MET DA 47 -34.40 -112.32 23.76
N PRO DA 48 -33.85 -111.34 24.49
CA PRO DA 48 -32.65 -110.66 24.01
C PRO DA 48 -31.52 -111.65 23.75
N ILE DA 49 -30.83 -111.44 22.63
CA ILE DA 49 -29.85 -112.41 22.17
C ILE DA 49 -28.64 -112.42 23.10
N ARG DA 50 -27.98 -113.58 23.20
CA ARG DA 50 -26.79 -113.75 24.00
C ARG DA 50 -25.65 -114.23 23.11
N LYS DA 51 -24.47 -114.36 23.72
CA LYS DA 51 -23.26 -114.64 22.95
C LYS DA 51 -23.19 -116.08 22.46
N ASP DA 52 -23.85 -117.02 23.12
CA ASP DA 52 -23.61 -118.44 22.87
C ASP DA 52 -24.93 -119.21 22.73
N ASP DA 53 -25.82 -118.71 21.88
CA ASP DA 53 -27.08 -119.37 21.59
C ASP DA 53 -27.06 -119.94 20.18
N GLU DA 54 -27.66 -121.12 20.00
CA GLU DA 54 -27.82 -121.68 18.67
C GLU DA 54 -29.02 -121.04 18.00
N VAL DA 55 -28.84 -120.60 16.75
CA VAL DA 55 -29.83 -119.78 16.05
C VAL DA 55 -29.92 -120.23 14.60
N GLN DA 56 -30.92 -119.69 13.90
CA GLN DA 56 -31.07 -119.86 12.47
C GLN DA 56 -31.20 -118.49 11.80
N VAL DA 57 -30.83 -118.44 10.52
CA VAL DA 57 -30.98 -117.25 9.70
C VAL DA 57 -32.21 -117.42 8.84
N VAL DA 58 -33.13 -116.46 8.90
CA VAL DA 58 -34.43 -116.59 8.27
C VAL DA 58 -34.55 -115.80 6.98
N ARG DA 59 -33.81 -114.71 6.81
CA ARG DA 59 -33.92 -113.87 5.64
C ARG DA 59 -32.54 -113.55 5.08
N GLY DA 60 -32.51 -113.22 3.80
CA GLY DA 60 -31.31 -112.73 3.16
C GLY DA 60 -30.61 -113.75 2.28
N HIS DA 61 -29.35 -113.46 2.00
CA HIS DA 61 -28.54 -114.35 1.18
C HIS DA 61 -28.10 -115.60 1.92
N TYR DA 62 -28.10 -115.56 3.25
CA TYR DA 62 -27.63 -116.67 4.07
C TYR DA 62 -28.76 -117.45 4.71
N LYS DA 63 -29.99 -117.24 4.27
CA LYS DA 63 -31.12 -117.95 4.88
C LYS DA 63 -31.01 -119.44 4.61
N GLY DA 64 -31.48 -120.23 5.56
CA GLY DA 64 -31.41 -121.67 5.43
C GLY DA 64 -32.00 -122.35 6.64
N GLN DA 65 -31.69 -123.63 6.80
CA GLN DA 65 -32.19 -124.42 7.92
C GLN DA 65 -31.08 -124.91 8.83
N GLN DA 66 -29.87 -124.40 8.67
CA GLN DA 66 -28.75 -124.85 9.49
C GLN DA 66 -28.74 -124.15 10.84
N ILE DA 67 -28.28 -124.86 11.85
CA ILE DA 67 -28.23 -124.36 13.22
C ILE DA 67 -26.82 -123.81 13.45
N GLY DA 68 -26.74 -122.52 13.75
CA GLY DA 68 -25.46 -121.86 13.97
C GLY DA 68 -25.36 -121.28 15.36
N LYS DA 69 -24.18 -121.36 15.94
CA LYS DA 69 -23.91 -120.82 17.27
C LYS DA 69 -23.43 -119.39 17.16
N VAL DA 70 -24.03 -118.50 17.95
CA VAL DA 70 -23.59 -117.11 17.97
C VAL DA 70 -22.14 -117.03 18.46
N VAL DA 71 -21.36 -116.17 17.83
CA VAL DA 71 -19.96 -115.97 18.21
C VAL DA 71 -19.80 -114.75 19.09
N GLN DA 72 -20.25 -113.59 18.61
CA GLN DA 72 -20.19 -112.36 19.38
C GLN DA 72 -21.37 -111.48 19.01
N VAL DA 73 -21.79 -110.66 19.96
CA VAL DA 73 -22.89 -109.73 19.77
C VAL DA 73 -22.26 -108.34 19.71
N TYR DA 74 -22.28 -107.74 18.53
CA TYR DA 74 -21.55 -106.49 18.29
C TYR DA 74 -22.55 -105.35 18.45
N ARG DA 75 -22.79 -104.95 19.70
CA ARG DA 75 -23.88 -104.01 19.98
C ARG DA 75 -23.68 -102.66 19.33
N LYS DA 76 -22.43 -102.26 19.04
CA LYS DA 76 -22.19 -100.95 18.46
C LYS DA 76 -22.79 -100.83 17.06
N LYS DA 77 -22.67 -101.89 16.25
CA LYS DA 77 -23.17 -101.88 14.88
C LYS DA 77 -24.52 -102.58 14.76
N TYR DA 78 -25.14 -102.97 15.86
CA TYR DA 78 -26.47 -103.59 15.87
C TYR DA 78 -26.50 -104.91 15.10
N VAL DA 79 -25.39 -105.65 15.07
CA VAL DA 79 -25.34 -106.92 14.37
C VAL DA 79 -24.77 -107.99 15.29
N ILE DA 80 -25.02 -109.25 14.93
CA ILE DA 80 -24.51 -110.41 15.65
C ILE DA 80 -23.78 -111.31 14.65
N TYR DA 81 -22.82 -112.08 15.16
CA TYR DA 81 -22.01 -112.96 14.34
C TYR DA 81 -22.31 -114.42 14.69
N ILE DA 82 -22.44 -115.25 13.66
CA ILE DA 82 -22.73 -116.66 13.83
C ILE DA 82 -21.52 -117.44 13.36
N GLU DA 83 -21.39 -118.69 13.83
CA GLU DA 83 -20.16 -119.44 13.70
C GLU DA 83 -19.86 -119.92 12.28
N ARG DA 84 -20.86 -120.00 11.40
CA ARG DA 84 -20.57 -120.36 10.02
C ARG DA 84 -21.29 -119.47 9.00
N VAL DA 85 -21.66 -118.26 9.38
CA VAL DA 85 -22.21 -117.28 8.44
C VAL DA 85 -21.07 -116.31 8.16
N GLN DA 86 -20.33 -116.57 7.09
CA GLN DA 86 -19.16 -115.77 6.77
C GLN DA 86 -18.87 -115.88 5.28
N ARG DA 87 -18.21 -114.86 4.74
CA ARG DA 87 -17.86 -114.82 3.32
C ARG DA 87 -16.34 -114.86 3.19
N GLU DA 88 -15.87 -114.73 1.95
CA GLU DA 88 -14.46 -114.83 1.61
C GLU DA 88 -13.96 -113.46 1.17
N LYS DA 89 -12.88 -112.99 1.79
CA LYS DA 89 -12.29 -111.72 1.39
C LYS DA 89 -11.40 -111.91 0.17
N ALA DA 90 -10.75 -110.83 -0.26
CA ALA DA 90 -9.93 -110.88 -1.47
C ALA DA 90 -8.68 -111.72 -1.25
N ASN DA 91 -7.95 -111.46 -0.15
CA ASN DA 91 -6.68 -112.14 0.05
C ASN DA 91 -6.87 -113.62 0.39
N GLY DA 92 -7.95 -113.96 1.08
CA GLY DA 92 -8.17 -115.34 1.49
C GLY DA 92 -8.60 -115.45 2.92
N THR DA 93 -8.84 -114.32 3.57
CA THR DA 93 -9.29 -114.27 4.95
C THR DA 93 -10.81 -114.36 5.01
N THR DA 94 -11.32 -115.14 5.96
CA THR DA 94 -12.76 -115.29 6.15
C THR DA 94 -13.19 -114.39 7.31
N VAL DA 95 -14.06 -113.43 7.00
CA VAL DA 95 -14.61 -112.52 7.99
C VAL DA 95 -16.10 -112.78 8.10
N HIS DA 96 -16.67 -112.42 9.25
CA HIS DA 96 -18.07 -112.69 9.51
C HIS DA 96 -18.95 -111.61 8.89
N VAL DA 97 -20.17 -112.00 8.53
CA VAL DA 97 -21.15 -111.11 7.97
C VAL DA 97 -22.19 -110.82 9.05
N GLY DA 98 -22.38 -109.55 9.37
CA GLY DA 98 -23.32 -109.18 10.41
C GLY DA 98 -24.76 -109.40 9.97
N ILE DA 99 -25.59 -109.83 10.91
CA ILE DA 99 -27.01 -110.06 10.66
C ILE DA 99 -27.80 -109.46 11.83
N HIS DA 100 -28.90 -108.80 11.51
CA HIS DA 100 -29.70 -108.19 12.56
C HIS DA 100 -30.45 -109.27 13.35
N PRO DA 101 -30.54 -109.12 14.67
CA PRO DA 101 -31.19 -110.17 15.48
C PRO DA 101 -32.66 -110.34 15.19
N SER DA 102 -33.32 -109.36 14.58
CA SER DA 102 -34.74 -109.50 14.28
C SER DA 102 -34.99 -110.47 13.13
N LYS DA 103 -33.96 -110.81 12.35
CA LYS DA 103 -34.07 -111.75 11.24
C LYS DA 103 -33.54 -113.13 11.61
N VAL DA 104 -33.38 -113.39 12.90
CA VAL DA 104 -32.78 -114.61 13.41
C VAL DA 104 -33.70 -115.22 14.45
N VAL DA 105 -33.84 -116.53 14.43
CA VAL DA 105 -34.71 -117.25 15.35
C VAL DA 105 -33.86 -118.15 16.25
N ILE DA 106 -34.07 -118.05 17.55
CA ILE DA 106 -33.28 -118.77 18.53
C ILE DA 106 -33.73 -120.22 18.61
N THR DA 107 -32.77 -121.14 18.69
CA THR DA 107 -33.05 -122.56 18.72
C THR DA 107 -32.82 -123.21 20.08
N ARG DA 108 -31.73 -122.89 20.78
CA ARG DA 108 -31.50 -123.45 22.11
C ARG DA 108 -30.82 -122.39 22.95
N LEU DA 109 -31.47 -121.96 24.02
CA LEU DA 109 -30.98 -120.88 24.86
C LEU DA 109 -29.81 -121.34 25.72
N LYS DA 110 -29.00 -120.37 26.14
CA LYS DA 110 -27.95 -120.60 27.12
C LYS DA 110 -28.51 -120.26 28.49
N LEU DA 111 -28.88 -121.27 29.26
CA LEU DA 111 -29.59 -121.07 30.52
C LEU DA 111 -28.62 -120.85 31.65
N ASP DA 112 -28.89 -119.83 32.46
CA ASP DA 112 -28.29 -119.67 33.78
C ASP DA 112 -29.38 -119.11 34.68
N LYS DA 113 -29.01 -118.75 35.91
CA LYS DA 113 -30.02 -118.34 36.89
C LYS DA 113 -30.74 -117.08 36.43
N ASP DA 114 -30.00 -116.10 35.91
CA ASP DA 114 -30.64 -114.84 35.54
C ASP DA 114 -31.50 -115.00 34.30
N ARG DA 115 -31.04 -115.80 33.33
CA ARG DA 115 -31.87 -116.07 32.15
C ARG DA 115 -33.15 -116.78 32.56
N LYS DA 116 -33.05 -117.77 33.45
CA LYS DA 116 -34.25 -118.46 33.92
C LYS DA 116 -35.18 -117.52 34.64
N LYS DA 117 -34.62 -116.58 35.42
CA LYS DA 117 -35.45 -115.59 36.10
C LYS DA 117 -36.20 -114.72 35.10
N ILE DA 118 -35.51 -114.31 34.02
CA ILE DA 118 -36.18 -113.52 32.98
C ILE DA 118 -37.32 -114.32 32.34
N LEU DA 119 -37.05 -115.60 32.02
CA LEU DA 119 -38.10 -116.43 31.41
C LEU DA 119 -39.31 -116.58 32.32
N GLU DA 120 -39.07 -116.84 33.62
CA GLU DA 120 -40.21 -117.03 34.51
C GLU DA 120 -40.96 -115.73 34.73
N ARG DA 121 -40.26 -114.59 34.73
CA ARG DA 121 -40.94 -113.31 34.85
C ARG DA 121 -41.85 -113.06 33.66
N LYS DA 122 -41.33 -113.28 32.45
CA LYS DA 122 -42.14 -113.07 31.25
C LYS DA 122 -43.33 -114.02 31.22
N ALA DA 123 -43.11 -115.28 31.61
CA ALA DA 123 -44.20 -116.24 31.64
C ALA DA 123 -45.29 -115.82 32.62
N LYS DA 124 -44.90 -115.37 33.81
CA LYS DA 124 -45.88 -114.92 34.79
C LYS DA 124 -46.65 -113.71 34.29
N SER DA 125 -45.96 -112.78 33.62
CA SER DA 125 -46.65 -111.63 33.07
C SER DA 125 -47.67 -112.03 32.02
N ARG DA 126 -47.30 -112.95 31.14
CA ARG DA 126 -48.28 -113.39 30.15
C ARG DA 126 -49.44 -114.15 30.78
N GLN DA 127 -49.17 -114.93 31.83
CA GLN DA 127 -50.26 -115.65 32.51
C GLN DA 127 -51.24 -114.67 33.16
N VAL DA 128 -50.73 -113.66 33.85
CA VAL DA 128 -51.63 -112.69 34.48
C VAL DA 128 -52.38 -111.89 33.42
N GLY DA 129 -51.71 -111.57 32.30
CA GLY DA 129 -52.39 -110.87 31.23
C GLY DA 129 -53.51 -111.70 30.63
N LYS DA 130 -53.27 -112.99 30.43
CA LYS DA 130 -54.31 -113.86 29.87
C LYS DA 130 -55.46 -114.03 30.86
N GLU DA 131 -55.16 -114.15 32.15
CA GLU DA 131 -56.23 -114.23 33.15
C GLU DA 131 -57.07 -112.96 33.14
N LYS DA 132 -56.43 -111.80 33.05
CA LYS DA 132 -57.18 -110.54 32.99
C LYS DA 132 -58.03 -110.48 31.72
N GLY DA 133 -57.44 -110.86 30.58
CA GLY DA 133 -58.16 -110.76 29.32
C GLY DA 133 -59.37 -111.67 29.24
N LYS DA 134 -59.23 -112.90 29.73
CA LYS DA 134 -60.34 -113.83 29.74
C LYS DA 134 -61.06 -113.78 31.08
N GLY EA 1 59.32 -14.29 77.91
CA GLY EA 1 60.21 -15.23 78.57
C GLY EA 1 59.82 -16.67 78.32
N LYS EA 2 60.78 -17.57 78.47
CA LYS EA 2 60.51 -18.99 78.25
C LYS EA 2 59.53 -19.51 79.29
N PHE EA 3 58.64 -20.39 78.86
CA PHE EA 3 57.59 -20.91 79.72
C PHE EA 3 57.41 -22.42 79.67
N MET EA 4 57.88 -23.10 78.62
CA MET EA 4 57.75 -24.55 78.52
C MET EA 4 58.76 -25.19 79.45
N LYS EA 5 58.44 -25.17 80.73
CA LYS EA 5 59.28 -25.67 81.81
C LYS EA 5 58.64 -26.91 82.45
N PRO EA 6 59.41 -27.66 83.24
CA PRO EA 6 58.84 -28.81 83.93
C PRO EA 6 57.68 -28.40 84.84
N GLY EA 7 56.70 -29.30 84.95
CA GLY EA 7 55.51 -29.03 85.73
C GLY EA 7 54.40 -28.35 84.99
N LYS EA 8 54.61 -27.94 83.74
CA LYS EA 8 53.60 -27.28 82.95
C LYS EA 8 52.68 -28.31 82.31
N VAL EA 9 51.38 -28.03 82.36
CA VAL EA 9 50.40 -28.87 81.70
C VAL EA 9 50.30 -28.47 80.23
N VAL EA 10 50.35 -29.46 79.34
CA VAL EA 10 50.26 -29.22 77.91
C VAL EA 10 49.20 -30.13 77.29
N LEU EA 11 48.69 -29.71 76.14
CA LEU EA 11 47.77 -30.51 75.35
C LEU EA 11 48.51 -31.13 74.19
N VAL EA 12 48.08 -32.32 73.79
CA VAL EA 12 48.71 -33.03 72.69
C VAL EA 12 47.90 -32.80 71.43
N LEU EA 13 48.58 -32.42 70.35
CA LEU EA 13 47.92 -32.08 69.10
C LEU EA 13 48.05 -33.13 68.02
N ALA EA 14 49.06 -33.98 68.08
CA ALA EA 14 49.32 -34.94 67.02
C ALA EA 14 49.59 -36.31 67.62
N GLY EA 15 49.33 -37.34 66.82
CA GLY EA 15 49.63 -38.69 67.21
C GLY EA 15 48.45 -39.43 67.81
N ARG EA 16 48.76 -40.60 68.37
CA ARG EA 16 47.74 -41.46 68.93
C ARG EA 16 47.05 -40.81 70.13
N TYR EA 17 47.82 -40.17 70.99
CA TYR EA 17 47.26 -39.56 72.19
C TYR EA 17 46.85 -38.10 71.96
N SER EA 18 46.09 -37.86 70.89
CA SER EA 18 45.67 -36.51 70.57
C SER EA 18 44.57 -36.06 71.51
N GLY EA 19 44.67 -34.83 72.00
CA GLY EA 19 43.65 -34.27 72.86
C GLY EA 19 43.76 -34.64 74.32
N ARG EA 20 44.78 -35.41 74.71
CA ARG EA 20 44.97 -35.78 76.10
C ARG EA 20 45.88 -34.79 76.81
N LYS EA 21 45.56 -34.49 78.06
CA LYS EA 21 46.34 -33.59 78.87
C LYS EA 21 47.61 -34.29 79.36
N ALA EA 22 48.68 -33.51 79.52
CA ALA EA 22 49.97 -34.07 79.88
C ALA EA 22 50.83 -33.00 80.53
N VAL EA 23 51.77 -33.43 81.37
CA VAL EA 23 52.61 -32.55 82.17
C VAL EA 23 54.06 -32.80 81.80
N ILE EA 24 54.80 -31.71 81.56
CA ILE EA 24 56.19 -31.80 81.13
C ILE EA 24 57.06 -32.17 82.31
N VAL EA 25 57.86 -33.22 82.15
CA VAL EA 25 58.82 -33.62 83.17
C VAL EA 25 60.27 -33.35 82.78
N LYS EA 26 60.54 -33.05 81.52
CA LYS EA 26 61.90 -32.74 81.09
C LYS EA 26 61.80 -31.97 79.77
N ASN EA 27 62.18 -30.70 79.78
CA ASN EA 27 62.13 -29.86 78.59
C ASN EA 27 63.54 -29.68 78.04
N ILE EA 28 63.64 -29.70 76.71
CA ILE EA 28 64.93 -29.62 76.01
C ILE EA 28 64.77 -28.56 74.92
N ASP EA 29 65.15 -27.32 75.22
CA ASP EA 29 64.95 -26.24 74.25
C ASP EA 29 65.90 -26.35 73.06
N ASP EA 30 67.12 -26.83 73.30
CA ASP EA 30 68.09 -27.03 72.24
C ASP EA 30 68.14 -28.51 71.87
N GLY EA 31 67.87 -28.81 70.60
CA GLY EA 31 67.80 -30.19 70.18
C GLY EA 31 69.13 -30.90 70.33
N THR EA 32 69.06 -32.19 70.66
CA THR EA 32 70.25 -33.01 70.79
C THR EA 32 70.70 -33.50 69.41
N SER EA 33 71.77 -34.30 69.40
CA SER EA 33 72.28 -34.82 68.13
C SER EA 33 71.28 -35.76 67.47
N ASP EA 34 70.60 -36.58 68.26
CA ASP EA 34 69.64 -37.53 67.68
C ASP EA 34 68.37 -36.82 67.23
N ARG EA 35 67.92 -35.82 67.99
CA ARG EA 35 66.72 -35.06 67.66
C ARG EA 35 67.10 -33.60 67.42
N PRO EA 36 67.27 -33.18 66.17
CA PRO EA 36 67.63 -31.78 65.91
C PRO EA 36 66.60 -30.77 66.40
N TYR EA 37 65.31 -31.10 66.33
CA TYR EA 37 64.27 -30.18 66.74
C TYR EA 37 64.23 -30.06 68.26
N SER EA 38 63.53 -29.04 68.74
CA SER EA 38 63.36 -28.82 70.17
C SER EA 38 62.18 -29.65 70.67
N HIS EA 39 62.44 -30.50 71.67
CA HIS EA 39 61.48 -31.48 72.13
C HIS EA 39 61.40 -31.44 73.65
N ALA EA 40 60.48 -32.24 74.21
CA ALA EA 40 60.32 -32.32 75.65
C ALA EA 40 59.78 -33.70 76.02
N LEU EA 41 60.34 -34.27 77.08
CA LEU EA 41 59.81 -35.52 77.62
C LEU EA 41 58.62 -35.22 78.51
N VAL EA 42 57.48 -35.83 78.22
CA VAL EA 42 56.23 -35.48 78.87
C VAL EA 42 55.56 -36.77 79.33
N ALA EA 43 54.70 -36.65 80.34
CA ALA EA 43 53.99 -37.79 80.92
C ALA EA 43 52.52 -37.43 81.06
N GLY EA 44 51.68 -38.06 80.24
CA GLY EA 44 50.26 -37.76 80.26
C GLY EA 44 49.42 -38.93 80.70
N ILE EA 45 48.10 -38.83 80.55
CA ILE EA 45 47.18 -39.89 80.92
C ILE EA 45 46.35 -40.25 79.70
N ASP EA 46 46.22 -41.56 79.46
CA ASP EA 46 45.50 -42.07 78.30
C ASP EA 46 44.02 -42.21 78.58
N ARG EA 47 43.66 -42.99 79.60
CA ARG EA 47 42.27 -43.20 79.96
C ARG EA 47 41.94 -42.40 81.22
N TYR EA 48 41.04 -41.44 81.08
CA TYR EA 48 40.64 -40.62 82.21
C TYR EA 48 39.77 -41.43 83.17
N PRO EA 49 39.82 -41.12 84.47
CA PRO EA 49 38.92 -41.80 85.41
C PRO EA 49 37.47 -41.44 85.12
N ARG EA 50 36.62 -42.45 85.18
CA ARG EA 50 35.21 -42.23 84.90
C ARG EA 50 34.56 -41.40 86.00
N LYS EA 51 33.44 -40.76 85.64
CA LYS EA 51 32.74 -39.89 86.58
C LYS EA 51 32.29 -40.66 87.80
N VAL EA 52 32.49 -40.07 88.98
CA VAL EA 52 32.13 -40.67 90.25
C VAL EA 52 31.18 -39.73 90.97
N THR EA 53 30.04 -40.27 91.40
CA THR EA 53 29.01 -39.49 92.07
C THR EA 53 28.68 -40.12 93.42
N ALA EA 54 27.98 -39.37 94.25
CA ALA EA 54 27.49 -39.90 95.52
C ALA EA 54 26.39 -40.92 95.24
N ALA EA 55 26.01 -41.66 96.30
CA ALA EA 55 25.08 -42.78 96.17
C ALA EA 55 25.58 -43.79 95.15
N MET EA 56 26.88 -44.05 95.20
CA MET EA 56 27.53 -45.04 94.35
C MET EA 56 28.38 -45.94 95.22
N GLY EA 57 28.46 -47.23 94.85
CA GLY EA 57 29.14 -48.19 95.70
C GLY EA 57 30.61 -47.87 95.86
N LYS EA 58 31.15 -48.24 97.02
CA LYS EA 58 32.58 -48.03 97.28
C LYS EA 58 33.44 -48.79 96.29
N LYS EA 59 33.09 -50.05 96.03
CA LYS EA 59 33.86 -50.82 95.05
C LYS EA 59 33.69 -50.26 93.65
N LYS EA 60 32.50 -49.75 93.33
CA LYS EA 60 32.31 -49.12 92.02
C LYS EA 60 33.21 -47.89 91.87
N ILE EA 61 33.28 -47.07 92.92
CA ILE EA 61 34.14 -45.89 92.89
C ILE EA 61 35.59 -46.32 92.73
N ALA EA 62 36.01 -47.33 93.50
CA ALA EA 62 37.40 -47.78 93.44
C ALA EA 62 37.74 -48.32 92.05
N LYS EA 63 36.84 -49.08 91.45
CA LYS EA 63 37.12 -49.68 90.15
C LYS EA 63 37.11 -48.63 89.03
N ARG EA 64 36.19 -47.67 89.09
CA ARG EA 64 36.08 -46.70 88.01
C ARG EA 64 37.00 -45.49 88.18
N SER EA 65 37.63 -45.33 89.34
CA SER EA 65 38.59 -44.25 89.53
C SER EA 65 40.01 -44.72 89.26
N LYS EA 66 40.25 -45.28 88.08
CA LYS EA 66 41.57 -45.74 87.68
C LYS EA 66 42.06 -44.95 86.49
N ILE EA 67 43.37 -44.71 86.45
CA ILE EA 67 43.99 -43.87 85.43
C ILE EA 67 45.00 -44.72 84.67
N LYS EA 68 44.95 -44.65 83.34
CA LYS EA 68 45.96 -45.25 82.48
C LYS EA 68 46.80 -44.14 81.87
N SER EA 69 48.11 -44.26 81.99
CA SER EA 69 49.03 -43.17 81.66
C SER EA 69 49.92 -43.55 80.49
N PHE EA 70 50.63 -42.56 79.97
CA PHE EA 70 51.58 -42.75 78.88
C PHE EA 70 52.74 -41.80 79.05
N VAL EA 71 53.88 -42.18 78.49
CA VAL EA 71 55.08 -41.35 78.47
C VAL EA 71 55.67 -41.39 77.07
N LYS EA 72 55.98 -40.20 76.53
CA LYS EA 72 56.44 -40.10 75.15
C LYS EA 72 57.15 -38.78 74.95
N VAL EA 73 58.29 -38.83 74.27
CA VAL EA 73 58.97 -37.61 73.84
C VAL EA 73 58.17 -36.99 72.71
N TYR EA 74 57.91 -35.69 72.82
CA TYR EA 74 57.05 -34.99 71.87
C TYR EA 74 57.78 -33.76 71.33
N ASN EA 75 57.32 -33.30 70.17
CA ASN EA 75 57.82 -32.08 69.57
C ASN EA 75 57.06 -30.87 70.09
N TYR EA 76 57.76 -29.74 70.20
CA TYR EA 76 57.11 -28.51 70.66
C TYR EA 76 55.99 -28.10 69.72
N ASN EA 77 56.16 -28.32 68.41
CA ASN EA 77 55.11 -27.99 67.47
C ASN EA 77 53.87 -28.83 67.72
N HIS EA 78 54.05 -30.11 68.05
CA HIS EA 78 52.93 -30.99 68.31
C HIS EA 78 52.38 -30.86 69.72
N LEU EA 79 53.05 -30.10 70.59
CA LEU EA 79 52.53 -29.78 71.90
C LEU EA 79 51.86 -28.41 71.91
N MET EA 80 50.97 -28.22 72.87
CA MET EA 80 50.30 -26.93 73.06
C MET EA 80 50.33 -26.57 74.54
N PRO EA 81 50.98 -25.48 74.92
CA PRO EA 81 51.08 -25.14 76.34
C PRO EA 81 49.80 -24.51 76.86
N THR EA 82 49.47 -24.84 78.09
CA THR EA 82 48.35 -24.24 78.80
C THR EA 82 48.88 -23.26 79.84
N ARG EA 83 47.96 -22.55 80.49
CA ARG EA 83 48.35 -21.63 81.55
C ARG EA 83 48.37 -22.30 82.92
N TYR EA 84 47.96 -23.56 83.01
CA TYR EA 84 47.93 -24.28 84.28
C TYR EA 84 49.28 -24.92 84.57
N SER EA 85 49.42 -25.42 85.79
CA SER EA 85 50.63 -26.12 86.20
C SER EA 85 50.25 -27.12 87.29
N VAL EA 86 50.85 -28.30 87.23
CA VAL EA 86 50.66 -29.35 88.21
C VAL EA 86 52.03 -29.83 88.67
N ASP EA 87 52.23 -29.89 89.98
CA ASP EA 87 53.54 -30.20 90.57
C ASP EA 87 53.46 -31.57 91.25
N ILE EA 88 53.75 -32.60 90.48
CA ILE EA 88 53.79 -33.97 90.97
C ILE EA 88 55.26 -34.40 91.06
N PRO EA 89 55.76 -34.82 92.21
CA PRO EA 89 57.19 -35.18 92.33
C PRO EA 89 57.52 -36.53 91.72
N LEU EA 90 57.66 -36.54 90.39
CA LEU EA 90 58.09 -37.74 89.69
C LEU EA 90 59.55 -38.04 89.99
N ASP EA 91 59.92 -39.31 89.87
CA ASP EA 91 61.30 -39.75 90.08
C ASP EA 91 62.02 -39.76 88.74
N LYS EA 92 62.97 -38.84 88.57
CA LYS EA 92 63.73 -38.77 87.33
C LYS EA 92 64.59 -40.00 87.10
N THR EA 93 64.89 -40.77 88.16
CA THR EA 93 65.71 -41.97 88.01
C THR EA 93 64.96 -43.07 87.27
N VAL EA 94 63.63 -43.08 87.38
CA VAL EA 94 62.82 -44.06 86.67
C VAL EA 94 62.09 -43.46 85.47
N VAL EA 95 61.86 -42.15 85.46
CA VAL EA 95 61.26 -41.50 84.29
C VAL EA 95 62.32 -40.59 83.68
N ASN EA 96 63.06 -41.11 82.70
CA ASN EA 96 64.09 -40.35 82.02
C ASN EA 96 64.00 -40.66 80.54
N LYS EA 97 64.68 -39.85 79.73
CA LYS EA 97 64.57 -40.00 78.28
C LYS EA 97 65.20 -41.30 77.78
N ASP EA 98 66.11 -41.90 78.54
CA ASP EA 98 66.74 -43.14 78.12
C ASP EA 98 65.87 -44.35 78.46
N VAL EA 99 64.61 -44.12 78.83
CA VAL EA 99 63.70 -45.23 79.13
C VAL EA 99 63.21 -45.88 77.85
N PHE EA 100 63.23 -45.17 76.73
CA PHE EA 100 62.55 -45.59 75.51
C PHE EA 100 63.31 -46.66 74.73
N ARG EA 101 64.29 -47.33 75.34
CA ARG EA 101 64.99 -48.42 74.67
C ARG EA 101 64.58 -49.80 75.16
N ASP EA 102 64.03 -49.92 76.37
CA ASP EA 102 63.62 -51.21 76.89
C ASP EA 102 62.16 -51.17 77.32
N PRO EA 103 61.33 -52.09 76.83
CA PRO EA 103 59.91 -52.10 77.23
C PRO EA 103 59.69 -52.29 78.72
N ALA EA 104 60.55 -53.06 79.41
CA ALA EA 104 60.37 -53.23 80.85
C ALA EA 104 60.58 -51.92 81.58
N LEU EA 105 61.61 -51.16 81.22
CA LEU EA 105 61.81 -49.85 81.81
C LEU EA 105 60.65 -48.91 81.48
N LYS EA 106 60.14 -48.97 80.25
CA LYS EA 106 59.01 -48.13 79.89
C LYS EA 106 57.78 -48.48 80.72
N ARG EA 107 57.54 -49.77 80.94
CA ARG EA 107 56.42 -50.18 81.78
C ARG EA 107 56.59 -49.68 83.21
N LYS EA 108 57.82 -49.75 83.73
CA LYS EA 108 58.07 -49.24 85.07
C LYS EA 108 57.80 -47.74 85.15
N ALA EA 109 58.24 -46.98 84.14
CA ALA EA 109 58.01 -45.54 84.12
C ALA EA 109 56.51 -45.23 84.05
N ARG EA 110 55.77 -45.96 83.22
CA ARG EA 110 54.34 -45.77 83.14
C ARG EA 110 53.66 -46.06 84.47
N ARG EA 111 54.08 -47.14 85.14
CA ARG EA 111 53.53 -47.48 86.44
C ARG EA 111 53.80 -46.38 87.46
N GLU EA 112 55.03 -45.84 87.46
CA GLU EA 112 55.40 -44.82 88.42
C GLU EA 112 54.62 -43.53 88.20
N ALA EA 113 54.39 -43.17 86.93
CA ALA EA 113 53.54 -42.02 86.66
C ALA EA 113 52.09 -42.29 87.07
N LYS EA 114 51.61 -43.51 86.80
CA LYS EA 114 50.22 -43.85 87.06
C LYS EA 114 49.89 -43.79 88.55
N VAL EA 115 50.78 -44.30 89.39
CA VAL EA 115 50.48 -44.33 90.83
C VAL EA 115 50.38 -42.91 91.39
N LYS EA 116 51.30 -42.03 90.99
CA LYS EA 116 51.23 -40.64 91.45
C LYS EA 116 49.99 -39.93 90.91
N PHE EA 117 49.63 -40.20 89.65
CA PHE EA 117 48.41 -39.60 89.09
C PHE EA 117 47.19 -40.04 89.89
N GLU EA 118 47.10 -41.33 90.20
CA GLU EA 118 45.98 -41.84 90.99
C GLU EA 118 45.94 -41.21 92.36
N GLU EA 119 47.09 -41.10 93.01
CA GLU EA 119 47.12 -40.52 94.36
C GLU EA 119 46.65 -39.07 94.34
N ARG EA 120 47.15 -38.28 93.39
CA ARG EA 120 46.72 -36.88 93.31
C ARG EA 120 45.23 -36.77 93.01
N TYR EA 121 44.72 -37.59 92.09
CA TYR EA 121 43.32 -37.53 91.75
C TYR EA 121 42.44 -37.90 92.93
N LYS EA 122 42.84 -38.92 93.69
CA LYS EA 122 42.05 -39.30 94.87
C LYS EA 122 42.12 -38.22 95.94
N THR EA 123 43.27 -37.55 96.07
CA THR EA 123 43.36 -36.43 97.01
C THR EA 123 42.40 -35.31 96.61
N GLY EA 124 42.29 -35.03 95.32
CA GLY EA 124 41.22 -34.17 94.87
C GLY EA 124 41.63 -32.78 94.42
N LYS EA 125 42.78 -32.67 93.78
CA LYS EA 125 43.26 -31.41 93.21
C LYS EA 125 43.35 -31.55 91.70
N ASN EA 126 43.56 -30.41 91.04
CA ASN EA 126 43.76 -30.37 89.59
C ASN EA 126 42.58 -30.99 88.84
N LYS EA 127 41.38 -30.47 89.15
CA LYS EA 127 40.17 -31.00 88.53
C LYS EA 127 40.19 -30.81 87.02
N TRP EA 128 40.65 -29.65 86.57
CA TRP EA 128 40.75 -29.42 85.13
C TRP EA 128 41.71 -30.41 84.48
N PHE EA 129 42.82 -30.68 85.16
CA PHE EA 129 43.79 -31.65 84.63
C PHE EA 129 43.17 -33.03 84.52
N PHE EA 130 42.39 -33.44 85.52
CA PHE EA 130 41.92 -34.82 85.56
C PHE EA 130 40.57 -35.03 84.86
N GLN EA 131 39.92 -33.97 84.42
CA GLN EA 131 38.74 -34.12 83.56
C GLN EA 131 39.16 -34.06 82.10
N LYS EA 132 38.47 -34.84 81.26
CA LYS EA 132 38.85 -34.94 79.87
C LYS EA 132 38.40 -33.70 79.08
N LEU EA 133 39.08 -33.45 77.97
CA LEU EA 133 38.78 -32.31 77.11
C LEU EA 133 37.70 -32.70 76.12
N ARG EA 134 36.61 -31.95 76.11
CA ARG EA 134 35.49 -32.20 75.20
C ARG EA 134 35.77 -31.47 73.89
N PHE EA 135 35.97 -32.22 72.82
CA PHE EA 135 36.18 -31.65 71.51
C PHE EA 135 35.60 -32.56 70.44
N PRO FA 1 -56.37 -65.16 0.74
CA PRO FA 1 -55.98 -65.83 -0.51
C PRO FA 1 -55.14 -64.94 -1.41
N SER FA 2 -53.82 -65.14 -1.39
CA SER FA 2 -52.93 -64.35 -2.22
C SER FA 2 -53.00 -64.74 -3.69
N ARG FA 3 -53.64 -65.87 -4.02
CA ARG FA 3 -53.75 -66.28 -5.41
C ARG FA 3 -54.80 -65.48 -6.17
N LEU FA 4 -55.65 -64.73 -5.48
CA LEU FA 4 -56.67 -63.91 -6.10
C LEU FA 4 -56.30 -62.44 -6.17
N ARG FA 5 -55.11 -62.06 -5.72
CA ARG FA 5 -54.78 -60.65 -5.61
C ARG FA 5 -54.10 -60.13 -6.87
N LYS FA 6 -53.95 -58.80 -6.90
CA LYS FA 6 -53.45 -58.09 -8.06
C LYS FA 6 -51.96 -58.29 -8.26
N THR FA 7 -51.24 -58.78 -7.25
CA THR FA 7 -49.81 -58.94 -7.37
C THR FA 7 -49.44 -60.09 -8.30
N ARG FA 8 -50.33 -61.08 -8.46
CA ARG FA 8 -50.03 -62.21 -9.33
C ARG FA 8 -50.17 -61.85 -10.80
N LYS FA 9 -51.00 -60.87 -11.13
CA LYS FA 9 -51.16 -60.42 -12.49
C LYS FA 9 -50.12 -59.39 -12.92
N LEU FA 10 -49.34 -58.86 -11.98
CA LEU FA 10 -48.33 -57.86 -12.28
C LEU FA 10 -46.95 -58.46 -12.46
N ARG FA 11 -46.83 -59.79 -12.42
CA ARG FA 11 -45.55 -60.44 -12.64
C ARG FA 11 -45.17 -60.34 -14.11
N GLY FA 12 -44.04 -59.68 -14.39
CA GLY FA 12 -43.59 -59.51 -15.76
C GLY FA 12 -43.60 -58.06 -16.20
N HIS FA 13 -44.64 -57.33 -15.79
CA HIS FA 13 -44.68 -55.90 -16.04
C HIS FA 13 -43.64 -55.20 -15.17
N VAL FA 14 -42.92 -54.25 -15.76
CA VAL FA 14 -41.71 -53.73 -15.12
C VAL FA 14 -42.05 -52.94 -13.85
N SER FA 15 -43.00 -52.03 -13.94
CA SER FA 15 -43.22 -51.05 -12.89
C SER FA 15 -44.17 -51.51 -11.80
N HIS FA 16 -44.71 -52.73 -11.91
CA HIS FA 16 -45.64 -53.27 -10.92
C HIS FA 16 -46.85 -52.36 -10.72
N GLY FA 17 -47.33 -51.77 -11.81
CA GLY FA 17 -48.56 -51.00 -11.76
C GLY FA 17 -48.45 -49.60 -11.20
N HIS FA 18 -47.25 -49.03 -11.15
CA HIS FA 18 -47.04 -47.73 -10.54
C HIS FA 18 -46.41 -46.72 -11.50
N GLY FA 19 -46.34 -47.04 -12.79
CA GLY FA 19 -45.89 -46.07 -13.77
C GLY FA 19 -44.40 -45.89 -13.84
N ARG FA 20 -43.90 -45.56 -15.02
CA ARG FA 20 -42.47 -45.34 -15.23
C ARG FA 20 -42.07 -43.89 -14.97
N ILE FA 21 -42.91 -42.94 -15.35
CA ILE FA 21 -42.52 -41.53 -15.27
C ILE FA 21 -42.38 -41.09 -13.82
N GLY FA 22 -43.46 -41.16 -13.05
CA GLY FA 22 -43.41 -40.90 -11.63
C GLY FA 22 -43.33 -42.20 -10.87
N LYS FA 23 -42.14 -42.55 -10.42
CA LYS FA 23 -41.93 -43.84 -9.78
C LYS FA 23 -42.74 -43.95 -8.49
N HIS FA 24 -42.78 -45.16 -7.94
CA HIS FA 24 -43.28 -45.35 -6.59
C HIS FA 24 -42.17 -44.96 -5.63
N ARG FA 25 -42.21 -43.72 -5.15
CA ARG FA 25 -41.26 -43.26 -4.15
C ARG FA 25 -41.80 -43.61 -2.77
N LYS FA 26 -41.13 -43.13 -1.71
CA LYS FA 26 -41.42 -43.62 -0.37
C LYS FA 26 -42.55 -42.83 0.28
N HIS FA 27 -42.36 -41.53 0.48
CA HIS FA 27 -43.38 -40.65 1.07
C HIS FA 27 -43.36 -39.31 0.37
N PRO FA 28 -43.87 -39.26 -0.87
CA PRO FA 28 -43.77 -38.04 -1.67
C PRO FA 28 -44.71 -36.91 -1.28
N GLY FA 29 -45.45 -37.05 -0.18
CA GLY FA 29 -46.33 -35.96 0.24
C GLY FA 29 -46.24 -35.66 1.72
N GLY FA 30 -45.52 -36.48 2.46
CA GLY FA 30 -45.41 -36.30 3.89
C GLY FA 30 -46.07 -37.44 4.65
N ARG FA 31 -45.54 -37.73 5.83
CA ARG FA 31 -46.06 -38.82 6.63
C ARG FA 31 -47.39 -38.45 7.26
N GLY FA 32 -48.30 -39.42 7.32
CA GLY FA 32 -49.58 -39.19 7.98
C GLY FA 32 -50.42 -38.19 7.21
N ASN FA 33 -51.11 -37.33 7.96
CA ASN FA 33 -51.99 -36.32 7.38
C ASN FA 33 -51.45 -34.91 7.61
N ALA FA 34 -50.13 -34.76 7.50
CA ALA FA 34 -49.51 -33.46 7.58
C ALA FA 34 -49.78 -32.67 6.29
N GLY FA 35 -49.51 -31.36 6.36
CA GLY FA 35 -49.78 -30.50 5.24
C GLY FA 35 -51.22 -30.11 5.08
N GLY FA 36 -52.04 -30.34 6.10
CA GLY FA 36 -53.46 -30.05 5.99
C GLY FA 36 -53.77 -28.58 5.81
N MET FA 37 -52.81 -27.71 6.07
CA MET FA 37 -53.00 -26.28 5.87
C MET FA 37 -52.25 -25.73 4.67
N HIS FA 38 -51.28 -26.46 4.12
CA HIS FA 38 -50.40 -25.91 3.10
C HIS FA 38 -50.57 -26.55 1.74
N HIS FA 39 -50.35 -27.85 1.60
CA HIS FA 39 -50.43 -28.47 0.29
C HIS FA 39 -51.50 -29.54 0.19
N HIS FA 40 -52.20 -29.85 1.28
CA HIS FA 40 -53.43 -30.63 1.24
C HIS FA 40 -54.61 -29.79 1.70
N ARG FA 41 -54.45 -28.46 1.64
CA ARG FA 41 -55.43 -27.56 2.21
C ARG FA 41 -56.78 -27.69 1.55
N ILE FA 42 -56.81 -27.82 0.21
CA ILE FA 42 -58.10 -27.81 -0.45
C ILE FA 42 -58.79 -29.16 -0.36
N ASN FA 43 -58.03 -30.26 -0.21
CA ASN FA 43 -58.65 -31.52 0.17
C ASN FA 43 -59.32 -31.39 1.53
N PHE FA 44 -58.61 -30.83 2.50
CA PHE FA 44 -59.18 -30.69 3.83
C PHE FA 44 -60.39 -29.77 3.83
N ASP FA 45 -60.39 -28.74 2.98
CA ASP FA 45 -61.53 -27.84 2.92
C ASP FA 45 -62.71 -28.46 2.20
N LYS FA 46 -62.45 -29.25 1.14
CA LYS FA 46 -63.50 -29.82 0.32
C LYS FA 46 -64.13 -31.05 0.93
N TYR FA 47 -63.45 -31.72 1.86
CA TYR FA 47 -64.04 -32.92 2.45
C TYR FA 47 -64.11 -32.91 3.96
N HIS FA 48 -63.42 -31.99 4.64
CA HIS FA 48 -63.45 -31.91 6.09
C HIS FA 48 -63.61 -30.45 6.52
N PRO FA 49 -64.76 -29.85 6.26
CA PRO FA 49 -64.98 -28.46 6.71
C PRO FA 49 -65.16 -28.41 8.22
N GLY FA 50 -64.46 -27.47 8.85
CA GLY FA 50 -64.51 -27.32 10.29
C GLY FA 50 -63.45 -28.09 11.05
N TYR FA 51 -62.44 -28.62 10.35
CA TYR FA 51 -61.49 -29.51 11.01
C TYR FA 51 -60.50 -28.75 11.90
N PHE FA 52 -60.20 -27.50 11.56
CA PHE FA 52 -59.26 -26.69 12.35
C PHE FA 52 -60.00 -25.72 13.24
N GLY FA 53 -59.39 -25.38 14.37
CA GLY FA 53 -59.90 -24.36 15.27
C GLY FA 53 -60.44 -24.97 16.55
N LYS FA 54 -60.97 -24.07 17.39
CA LYS FA 54 -61.61 -24.42 18.65
C LYS FA 54 -63.03 -23.88 18.66
N VAL FA 55 -63.90 -24.55 19.42
CA VAL FA 55 -65.28 -24.10 19.53
C VAL FA 55 -65.88 -24.68 20.80
N GLY FA 56 -66.72 -23.90 21.47
CA GLY FA 56 -67.43 -24.36 22.64
C GLY FA 56 -66.60 -24.30 23.90
N MET FA 57 -67.20 -24.80 24.98
CA MET FA 57 -66.58 -24.82 26.30
C MET FA 57 -65.86 -26.15 26.53
N ARG FA 58 -65.13 -26.21 27.63
CA ARG FA 58 -64.41 -27.41 28.04
C ARG FA 58 -65.03 -27.96 29.31
N HIS FA 59 -65.10 -29.28 29.41
CA HIS FA 59 -65.56 -29.99 30.59
C HIS FA 59 -64.42 -30.90 31.06
N TYR FA 60 -64.00 -30.73 32.32
CA TYR FA 60 -62.75 -31.34 32.75
C TYR FA 60 -62.91 -32.81 33.08
N HIS FA 61 -63.93 -33.16 33.86
CA HIS FA 61 -64.11 -34.54 34.34
C HIS FA 61 -65.53 -34.95 34.01
N LEU FA 62 -65.72 -35.46 32.79
CA LEU FA 62 -67.04 -35.83 32.30
C LEU FA 62 -67.42 -37.22 32.79
N LYS FA 63 -68.73 -37.43 32.96
CA LYS FA 63 -69.26 -38.74 33.36
C LYS FA 63 -70.46 -39.09 32.50
N ARG FA 64 -70.20 -39.97 31.52
CA ARG FA 64 -71.26 -40.45 30.65
C ARG FA 64 -72.36 -41.13 31.46
N ASN FA 65 -71.99 -41.82 32.54
CA ASN FA 65 -72.98 -42.39 33.44
C ASN FA 65 -73.87 -41.31 34.02
N GLN FA 66 -73.29 -40.17 34.36
CA GLN FA 66 -74.10 -39.05 34.86
C GLN FA 66 -75.07 -38.56 33.79
N SER FA 67 -74.61 -38.50 32.53
CA SER FA 67 -75.42 -37.96 31.46
C SER FA 67 -76.30 -39.00 30.76
N PHE FA 68 -76.33 -40.24 31.27
CA PHE FA 68 -77.01 -41.33 30.58
C PHE FA 68 -78.53 -41.13 30.61
N CYS FA 69 -79.16 -41.22 29.43
CA CYS FA 69 -80.60 -41.04 29.28
C CYS FA 69 -81.11 -41.69 28.00
N PRO FA 70 -81.61 -42.92 28.06
CA PRO FA 70 -82.19 -43.55 26.87
C PRO FA 70 -83.61 -43.06 26.60
N THR FA 71 -83.99 -43.11 25.33
CA THR FA 71 -85.28 -42.57 24.90
C THR FA 71 -86.05 -43.62 24.11
N VAL FA 72 -87.38 -43.53 24.16
CA VAL FA 72 -88.26 -44.42 23.44
C VAL FA 72 -89.38 -43.58 22.82
N ASN FA 73 -90.01 -44.12 21.79
CA ASN FA 73 -91.07 -43.43 21.08
C ASN FA 73 -92.40 -44.15 21.28
N LEU FA 74 -93.49 -43.40 21.07
CA LEU FA 74 -94.81 -44.00 21.17
C LEU FA 74 -95.04 -45.08 20.12
N ASP FA 75 -94.30 -45.04 19.03
CA ASP FA 75 -94.38 -46.09 18.03
C ASP FA 75 -93.96 -47.44 18.61
N LYS FA 76 -92.87 -47.43 19.38
CA LYS FA 76 -92.35 -48.64 19.99
C LYS FA 76 -92.91 -48.87 21.38
N LEU FA 77 -93.74 -47.95 21.88
CA LEU FA 77 -94.17 -48.00 23.27
C LEU FA 77 -94.94 -49.28 23.59
N TRP FA 78 -95.89 -49.64 22.73
CA TRP FA 78 -96.72 -50.81 23.00
C TRP FA 78 -95.99 -52.13 22.80
N THR FA 79 -94.80 -52.11 22.20
CA THR FA 79 -94.02 -53.33 22.03
C THR FA 79 -93.28 -53.73 23.29
N LEU FA 80 -93.30 -52.91 24.33
CA LEU FA 80 -92.56 -53.21 25.54
C LEU FA 80 -93.26 -54.20 26.45
N VAL FA 81 -94.51 -54.53 26.17
CA VAL FA 81 -95.29 -55.48 26.96
C VAL FA 81 -95.83 -56.54 26.02
N SER FA 82 -96.26 -57.66 26.61
CA SER FA 82 -96.85 -58.74 25.83
C SER FA 82 -98.14 -58.27 25.17
N GLU FA 83 -98.30 -58.62 23.89
CA GLU FA 83 -99.52 -58.23 23.17
C GLU FA 83 -100.75 -58.87 23.76
N GLN FA 84 -100.59 -59.90 24.59
CA GLN FA 84 -101.70 -60.40 25.40
C GLN FA 84 -102.29 -59.28 26.24
N THR FA 85 -101.43 -58.41 26.79
CA THR FA 85 -101.92 -57.27 27.57
C THR FA 85 -102.78 -56.35 26.73
N ARG FA 86 -102.31 -56.04 25.52
CA ARG FA 86 -103.07 -55.16 24.64
C ARG FA 86 -104.40 -55.78 24.25
N VAL FA 87 -104.41 -57.08 23.95
CA VAL FA 87 -105.64 -57.76 23.57
C VAL FA 87 -106.63 -57.74 24.74
N ASN FA 88 -106.16 -58.05 25.94
CA ASN FA 88 -107.03 -58.04 27.11
C ASN FA 88 -107.58 -56.64 27.37
N ALA FA 89 -106.74 -55.61 27.22
CA ALA FA 89 -107.19 -54.26 27.49
C ALA FA 89 -108.21 -53.79 26.47
N ALA FA 90 -107.99 -54.09 25.19
CA ALA FA 90 -108.97 -53.72 24.17
C ALA FA 90 -110.21 -54.60 24.19
N LYS FA 91 -110.16 -55.73 24.91
CA LYS FA 91 -111.31 -56.62 25.00
C LYS FA 91 -112.19 -56.33 26.20
N ASN FA 92 -111.61 -55.96 27.34
CA ASN FA 92 -112.38 -55.80 28.56
C ASN FA 92 -113.30 -54.59 28.47
N LYS FA 93 -114.30 -54.58 29.36
CA LYS FA 93 -115.32 -53.53 29.37
C LYS FA 93 -115.30 -52.67 30.62
N THR FA 94 -114.57 -53.07 31.68
CA THR FA 94 -114.48 -52.25 32.87
C THR FA 94 -113.80 -50.91 32.58
N GLY FA 95 -112.80 -50.92 31.70
CA GLY FA 95 -112.05 -49.72 31.38
C GLY FA 95 -110.68 -49.65 32.02
N ALA FA 96 -110.28 -50.66 32.79
CA ALA FA 96 -108.98 -50.66 33.43
C ALA FA 96 -107.87 -50.61 32.39
N ALA FA 97 -106.86 -49.80 32.64
CA ALA FA 97 -105.80 -49.57 31.68
C ALA FA 97 -104.49 -50.20 32.15
N PRO FA 98 -103.75 -50.83 31.25
CA PRO FA 98 -102.48 -51.46 31.64
C PRO FA 98 -101.43 -50.43 32.03
N ILE FA 99 -100.46 -50.90 32.81
CA ILE FA 99 -99.39 -50.07 33.34
C ILE FA 99 -98.11 -50.39 32.57
N ILE FA 100 -97.41 -49.36 32.12
CA ILE FA 100 -96.17 -49.51 31.37
C ILE FA 100 -95.03 -48.90 32.15
N ASP FA 101 -93.93 -49.64 32.28
CA ASP FA 101 -92.74 -49.21 33.00
C ASP FA 101 -91.57 -49.12 32.01
N VAL FA 102 -91.39 -47.96 31.41
CA VAL FA 102 -90.27 -47.78 30.50
C VAL FA 102 -88.96 -47.82 31.27
N VAL FA 103 -88.97 -47.43 32.55
CA VAL FA 103 -87.78 -47.57 33.38
C VAL FA 103 -87.41 -49.03 33.55
N ARG FA 104 -88.40 -49.87 33.80
CA ARG FA 104 -88.17 -51.31 33.91
C ARG FA 104 -87.65 -51.86 32.59
N SER FA 105 -88.21 -51.42 31.47
CA SER FA 105 -87.76 -51.90 30.18
C SER FA 105 -86.32 -51.46 29.90
N GLY FA 106 -85.94 -50.27 30.33
CA GLY FA 106 -84.61 -49.76 30.09
C GLY FA 106 -84.58 -48.42 29.38
N TYR FA 107 -85.67 -47.66 29.50
CA TYR FA 107 -85.75 -46.33 28.93
C TYR FA 107 -86.09 -45.32 30.02
N TYR FA 108 -85.74 -44.07 29.77
CA TYR FA 108 -85.93 -43.01 30.76
C TYR FA 108 -86.88 -41.92 30.30
N LYS FA 109 -86.75 -41.46 29.07
CA LYS FA 109 -87.59 -40.39 28.52
C LYS FA 109 -88.48 -40.94 27.42
N VAL FA 110 -89.70 -40.44 27.34
CA VAL FA 110 -90.67 -40.87 26.34
C VAL FA 110 -90.90 -39.72 25.37
N LEU FA 111 -90.54 -39.95 24.11
CA LEU FA 111 -90.78 -39.00 23.03
C LEU FA 111 -91.96 -39.46 22.21
N GLY FA 112 -92.79 -38.52 21.76
CA GLY FA 112 -93.93 -38.91 20.96
C GLY FA 112 -93.75 -38.69 19.48
N LYS FA 113 -93.45 -39.74 18.72
CA LYS FA 113 -93.13 -39.60 17.31
C LYS FA 113 -94.30 -39.91 16.38
N GLY FA 114 -95.08 -40.95 16.66
CA GLY FA 114 -96.12 -41.31 15.72
C GLY FA 114 -97.48 -41.57 16.31
N LYS FA 115 -98.30 -42.33 15.58
CA LYS FA 115 -99.63 -42.68 16.05
C LYS FA 115 -99.55 -43.55 17.29
N LEU FA 116 -100.58 -43.43 18.12
CA LEU FA 116 -100.79 -44.31 19.26
C LEU FA 116 -102.17 -44.94 19.13
N PRO FA 117 -102.29 -46.27 19.24
CA PRO FA 117 -103.60 -46.89 19.12
C PRO FA 117 -104.56 -46.38 20.18
N LYS FA 118 -105.82 -46.21 19.79
CA LYS FA 118 -106.81 -45.60 20.67
C LYS FA 118 -107.21 -46.54 21.78
N GLN FA 119 -106.45 -46.52 22.87
CA GLN FA 119 -106.62 -47.46 23.97
C GLN FA 119 -106.03 -46.85 25.25
N PRO FA 120 -106.83 -46.69 26.30
CA PRO FA 120 -106.32 -46.04 27.52
C PRO FA 120 -105.13 -46.78 28.11
N VAL FA 121 -104.15 -46.00 28.59
CA VAL FA 121 -102.94 -46.53 29.19
C VAL FA 121 -102.53 -45.65 30.36
N ILE FA 122 -101.59 -46.15 31.14
CA ILE FA 122 -100.86 -45.36 32.13
C ILE FA 122 -99.38 -45.62 31.90
N VAL FA 123 -98.60 -44.57 31.73
CA VAL FA 123 -97.19 -44.66 31.41
C VAL FA 123 -96.39 -44.19 32.62
N LYS FA 124 -95.49 -45.05 33.11
CA LYS FA 124 -94.62 -44.73 34.24
C LYS FA 124 -93.24 -44.46 33.68
N ALA FA 125 -92.92 -43.20 33.44
CA ALA FA 125 -91.64 -42.79 32.90
C ALA FA 125 -90.96 -41.81 33.85
N LYS FA 126 -89.67 -41.60 33.61
CA LYS FA 126 -88.88 -40.64 34.38
C LYS FA 126 -89.00 -39.24 33.81
N PHE FA 127 -89.03 -39.10 32.49
CA PHE FA 127 -89.21 -37.84 31.81
C PHE FA 127 -90.20 -38.00 30.67
N PHE FA 128 -90.86 -36.90 30.31
CA PHE FA 128 -91.79 -36.87 29.20
C PHE FA 128 -91.49 -35.67 28.32
N SER FA 129 -91.99 -35.72 27.09
CA SER FA 129 -91.99 -34.57 26.21
C SER FA 129 -93.43 -34.06 26.07
N ARG FA 130 -93.54 -32.79 25.69
CA ARG FA 130 -94.85 -32.15 25.63
C ARG FA 130 -95.77 -32.87 24.65
N ARG FA 131 -95.27 -33.20 23.46
CA ARG FA 131 -96.11 -33.86 22.47
C ARG FA 131 -96.43 -35.30 22.85
N ALA FA 132 -95.49 -36.00 23.50
CA ALA FA 132 -95.79 -37.35 23.98
C ALA FA 132 -96.89 -37.32 25.02
N GLU FA 133 -96.82 -36.38 25.95
CA GLU FA 133 -97.87 -36.25 26.95
C GLU FA 133 -99.20 -35.87 26.29
N GLU FA 134 -99.16 -34.97 25.31
CA GLU FA 134 -100.38 -34.57 24.62
C GLU FA 134 -101.02 -35.74 23.90
N LYS FA 135 -100.22 -36.58 23.24
CA LYS FA 135 -100.78 -37.72 22.52
C LYS FA 135 -101.33 -38.77 23.48
N ILE FA 136 -100.66 -38.98 24.61
CA ILE FA 136 -101.18 -39.90 25.61
C ILE FA 136 -102.52 -39.41 26.14
N LYS FA 137 -102.61 -38.11 26.44
CA LYS FA 137 -103.88 -37.55 26.90
C LYS FA 137 -104.96 -37.67 25.83
N GLY FA 138 -104.62 -37.39 24.58
CA GLY FA 138 -105.59 -37.50 23.50
C GLY FA 138 -106.10 -38.92 23.32
N VAL FA 139 -105.24 -39.91 23.54
CA VAL FA 139 -105.72 -41.29 23.63
C VAL FA 139 -106.64 -41.45 24.82
N GLY FA 140 -106.33 -40.75 25.92
CA GLY FA 140 -107.09 -40.85 27.14
C GLY FA 140 -106.37 -41.71 28.13
N GLY FA 141 -105.66 -41.08 29.06
CA GLY FA 141 -104.78 -41.81 29.95
C GLY FA 141 -103.91 -40.84 30.72
N ALA FA 142 -103.08 -41.42 31.58
CA ALA FA 142 -102.28 -40.64 32.51
C ALA FA 142 -100.80 -40.83 32.24
N CYS FA 143 -100.03 -39.81 32.61
CA CYS FA 143 -98.59 -39.87 32.67
C CYS FA 143 -98.18 -39.62 34.10
N VAL FA 144 -97.43 -40.54 34.70
CA VAL FA 144 -96.95 -40.40 36.06
C VAL FA 144 -95.43 -40.33 36.02
N LEU FA 145 -94.85 -39.68 37.02
CA LEU FA 145 -93.41 -39.50 37.09
C LEU FA 145 -92.84 -40.41 38.18
N VAL FA 146 -91.67 -40.98 37.91
CA VAL FA 146 -91.02 -41.90 38.83
C VAL FA 146 -89.58 -41.47 39.01
N ALA FA 147 -88.96 -41.95 40.08
CA ALA FA 147 -87.56 -41.65 40.34
C ALA FA 147 -86.79 -42.92 40.71
N ALA GA 1 -33.62 -23.79 -16.12
CA ALA GA 1 -34.63 -24.76 -15.71
C ALA GA 1 -36.03 -24.26 -16.04
N LYS GA 2 -36.12 -23.36 -17.02
CA LYS GA 2 -37.41 -22.83 -17.41
C LYS GA 2 -38.28 -23.92 -18.05
N SER GA 3 -39.59 -23.78 -17.87
CA SER GA 3 -40.57 -24.74 -18.37
C SER GA 3 -41.70 -23.98 -19.05
N LYS GA 4 -42.65 -24.72 -19.61
CA LYS GA 4 -43.79 -24.10 -20.27
C LYS GA 4 -44.70 -23.44 -19.24
N ASN GA 5 -45.36 -22.35 -19.64
CA ASN GA 5 -46.10 -21.50 -18.73
C ASN GA 5 -47.61 -21.75 -18.77
N HIS GA 6 -48.23 -21.63 -19.94
CA HIS GA 6 -49.66 -21.83 -20.07
C HIS GA 6 -49.96 -22.41 -21.44
N THR GA 7 -50.97 -23.27 -21.51
CA THR GA 7 -51.37 -23.89 -22.76
C THR GA 7 -52.78 -24.42 -22.63
N THR GA 8 -53.50 -24.43 -23.74
CA THR GA 8 -54.82 -25.06 -23.86
C THR GA 8 -54.88 -25.91 -25.12
N HIS GA 9 -53.86 -26.75 -25.31
CA HIS GA 9 -53.72 -27.46 -26.57
C HIS GA 9 -54.70 -28.60 -26.70
N ASN GA 10 -54.62 -29.60 -25.82
CA ASN GA 10 -55.42 -30.81 -25.92
C ASN GA 10 -56.79 -30.66 -25.27
N GLN GA 11 -57.13 -29.46 -24.81
CA GLN GA 11 -58.28 -29.32 -23.92
C GLN GA 11 -59.60 -29.51 -24.65
N SER GA 12 -59.70 -29.03 -25.89
CA SER GA 12 -60.95 -29.20 -26.63
C SER GA 12 -61.24 -30.67 -26.91
N ARG GA 13 -60.21 -31.44 -27.27
CA ARG GA 13 -60.39 -32.87 -27.44
C ARG GA 13 -60.75 -33.53 -26.11
N LYS GA 14 -60.11 -33.10 -25.02
CA LYS GA 14 -60.44 -33.65 -23.71
C LYS GA 14 -61.89 -33.38 -23.35
N TRP GA 15 -62.41 -32.23 -23.76
CA TRP GA 15 -63.80 -31.88 -23.45
C TRP GA 15 -64.77 -32.66 -24.31
N HIS GA 16 -64.50 -32.78 -25.60
CA HIS GA 16 -65.44 -33.47 -26.47
C HIS GA 16 -65.25 -34.97 -26.48
N ARG GA 17 -64.28 -35.49 -25.72
CA ARG GA 17 -64.21 -36.94 -25.50
C ARG GA 17 -65.45 -37.44 -24.78
N ASN GA 18 -65.92 -36.69 -23.78
CA ASN GA 18 -67.17 -37.01 -23.11
C ASN GA 18 -68.30 -36.06 -23.50
N GLY GA 19 -68.02 -35.03 -24.27
CA GLY GA 19 -69.11 -34.23 -24.82
C GLY GA 19 -69.46 -33.05 -23.93
N ILE GA 20 -69.93 -31.98 -24.56
CA ILE GA 20 -70.34 -30.77 -23.87
C ILE GA 20 -71.84 -30.90 -23.63
N LYS GA 21 -72.21 -31.30 -22.42
CA LYS GA 21 -73.60 -31.58 -22.10
C LYS GA 21 -74.29 -30.31 -21.61
N LYS GA 22 -75.44 -30.01 -22.22
CA LYS GA 22 -76.23 -28.87 -21.79
C LYS GA 22 -76.77 -29.11 -20.38
N PRO GA 23 -77.07 -28.04 -19.64
CA PRO GA 23 -77.52 -28.22 -18.26
C PRO GA 23 -78.82 -29.02 -18.20
N ARG GA 24 -78.89 -29.90 -17.20
CA ARG GA 24 -80.07 -30.74 -17.03
C ARG GA 24 -81.28 -29.88 -16.67
N SER GA 25 -82.44 -30.23 -17.25
CA SER GA 25 -83.64 -29.43 -17.10
C SER GA 25 -84.78 -30.29 -16.56
N GLN GA 26 -85.66 -29.64 -15.80
CA GLN GA 26 -86.82 -30.27 -15.20
C GLN GA 26 -88.04 -29.40 -15.43
N ARG GA 27 -89.23 -30.01 -15.40
CA ARG GA 27 -90.45 -29.26 -15.62
C ARG GA 27 -90.63 -28.17 -14.57
N TYR GA 28 -90.41 -28.51 -13.30
CA TYR GA 28 -90.52 -27.56 -12.21
C TYR GA 28 -89.14 -27.20 -11.71
N GLU GA 29 -88.92 -25.90 -11.52
CA GLU GA 29 -87.65 -25.39 -11.02
C GLU GA 29 -87.82 -24.89 -9.59
N SER GA 30 -86.72 -24.88 -8.86
CA SER GA 30 -86.74 -24.40 -7.48
C SER GA 30 -87.14 -22.93 -7.45
N LEU GA 31 -87.81 -22.55 -6.36
CA LEU GA 31 -88.23 -21.16 -6.14
C LEU GA 31 -87.26 -20.40 -5.27
N LYS GA 32 -85.96 -20.71 -5.38
CA LYS GA 32 -84.94 -20.02 -4.62
C LYS GA 32 -84.48 -18.77 -5.36
N GLY GA 33 -84.16 -17.74 -4.60
CA GLY GA 33 -83.64 -16.50 -5.15
C GLY GA 33 -84.68 -15.51 -5.61
N VAL GA 34 -85.96 -15.88 -5.61
CA VAL GA 34 -87.03 -14.97 -6.02
C VAL GA 34 -87.45 -14.11 -4.84
N ASP GA 35 -88.28 -13.10 -5.11
CA ASP GA 35 -88.59 -12.07 -4.13
C ASP GA 35 -89.21 -12.66 -2.87
N PRO GA 36 -88.67 -12.36 -1.69
CA PRO GA 36 -89.27 -12.90 -0.45
C PRO GA 36 -90.71 -12.49 -0.23
N LYS GA 37 -91.08 -11.24 -0.54
CA LYS GA 37 -92.45 -10.81 -0.39
C LYS GA 37 -93.39 -11.60 -1.28
N PHE GA 38 -92.98 -11.81 -2.53
CA PHE GA 38 -93.79 -12.56 -3.48
C PHE GA 38 -93.91 -14.02 -3.06
N LEU GA 39 -92.83 -14.61 -2.55
CA LEU GA 39 -92.93 -15.95 -1.98
C LEU GA 39 -93.88 -16.01 -0.80
N ARG GA 40 -93.81 -15.02 0.10
CA ARG GA 40 -94.69 -15.03 1.25
C ARG GA 40 -96.16 -15.01 0.82
N ASN GA 41 -96.48 -14.15 -0.15
CA ASN GA 41 -97.85 -14.12 -0.63
C ASN GA 41 -98.25 -15.40 -1.35
N MET GA 42 -97.35 -15.97 -2.15
CA MET GA 42 -97.66 -17.23 -2.84
C MET GA 42 -97.95 -18.33 -1.83
N ARG GA 43 -97.14 -18.40 -0.77
CA ARG GA 43 -97.36 -19.41 0.26
C ARG GA 43 -98.68 -19.19 0.98
N PHE GA 44 -99.03 -17.94 1.27
CA PHE GA 44 -100.33 -17.67 1.87
C PHE GA 44 -101.46 -18.12 0.96
N ALA GA 45 -101.35 -17.83 -0.34
CA ALA GA 45 -102.39 -18.22 -1.28
C ALA GA 45 -102.52 -19.74 -1.36
N LYS GA 46 -101.40 -20.45 -1.41
CA LYS GA 46 -101.45 -21.91 -1.40
C LYS GA 46 -102.08 -22.44 -0.12
N LYS GA 47 -101.73 -21.84 1.02
CA LYS GA 47 -102.24 -22.31 2.29
C LYS GA 47 -103.74 -22.13 2.39
N HIS GA 48 -104.26 -21.01 1.90
CA HIS GA 48 -105.70 -20.74 1.97
C HIS GA 48 -106.46 -21.24 0.76
N ASN GA 49 -105.79 -21.84 -0.22
CA ASN GA 49 -106.47 -22.37 -1.39
C ASN GA 49 -107.51 -23.42 -1.02
N LYS GA 50 -107.32 -24.11 0.11
CA LYS GA 50 -108.16 -25.24 0.46
C LYS GA 50 -109.63 -24.86 0.64
N LYS GA 51 -109.89 -23.61 1.03
CA LYS GA 51 -111.23 -23.22 1.47
C LYS GA 51 -112.18 -22.87 0.33
N GLY GA 52 -111.73 -22.95 -0.92
CA GLY GA 52 -112.64 -22.77 -2.03
C GLY GA 52 -113.00 -24.08 -2.71
N LEU GA 53 -112.72 -25.18 -2.01
CA LEU GA 53 -112.83 -26.51 -2.62
C LEU GA 53 -114.27 -26.85 -2.99
N LYS GA 54 -115.22 -26.59 -2.09
CA LYS GA 54 -116.61 -26.94 -2.37
C LYS GA 54 -117.15 -26.16 -3.57
N LYS GA 55 -116.88 -24.85 -3.61
CA LYS GA 55 -117.32 -24.04 -4.74
C LYS GA 55 -116.66 -24.50 -6.03
N MET GA 56 -115.37 -24.84 -5.97
CA MET GA 56 -114.69 -25.35 -7.16
C MET GA 56 -115.34 -26.62 -7.66
N GLN GA 57 -115.63 -27.54 -6.75
CA GLN GA 57 -116.24 -28.81 -7.15
C GLN GA 57 -117.63 -28.59 -7.75
N ALA GA 58 -118.42 -27.70 -7.14
CA ALA GA 58 -119.76 -27.43 -7.67
C ALA GA 58 -119.69 -26.82 -9.07
N ASN GA 59 -118.81 -25.83 -9.25
CA ASN GA 59 -118.68 -25.21 -10.57
C ASN GA 59 -118.19 -26.22 -11.59
N ASN GA 60 -117.25 -27.09 -11.20
CA ASN GA 60 -116.75 -28.10 -12.11
C ASN GA 60 -117.83 -29.08 -12.51
N ALA GA 61 -118.66 -29.49 -11.54
CA ALA GA 61 -119.77 -30.40 -11.85
C ALA GA 61 -120.76 -29.75 -12.81
N LYS GA 62 -121.09 -28.49 -12.57
CA LYS GA 62 -122.02 -27.79 -13.46
C LYS GA 62 -121.44 -27.67 -14.87
N ALA GA 63 -120.17 -27.30 -14.99
CA ALA GA 63 -119.56 -27.16 -16.30
C ALA GA 63 -119.45 -28.51 -17.01
N MET GA 64 -119.14 -29.57 -16.26
CA MET GA 64 -119.09 -30.90 -16.85
C MET GA 64 -120.45 -31.32 -17.38
N ALA GA 65 -121.51 -31.07 -16.61
CA ALA GA 65 -122.84 -31.39 -17.09
C ALA GA 65 -123.19 -30.59 -18.34
N ALA GA 66 -122.81 -29.30 -18.37
CA ALA GA 66 -123.12 -28.46 -19.52
C ALA GA 66 -122.40 -28.95 -20.77
N ARG GA 67 -121.10 -29.25 -20.66
CA ARG GA 67 -120.37 -29.72 -21.82
C ARG GA 67 -120.89 -31.07 -22.30
N ALA GA 68 -121.23 -31.95 -21.36
CA ALA GA 68 -121.80 -33.24 -21.74
C ALA GA 68 -123.11 -33.06 -22.49
N GLU GA 69 -123.97 -32.17 -21.99
CA GLU GA 69 -125.25 -31.94 -22.65
C GLU GA 69 -125.05 -31.36 -24.06
N ALA GA 70 -124.12 -30.42 -24.20
CA ALA GA 70 -123.89 -29.83 -25.52
C ALA GA 70 -123.34 -30.85 -26.51
N ILE GA 71 -122.36 -31.66 -26.10
CA ILE GA 71 -121.81 -32.64 -27.02
C ILE GA 71 -122.83 -33.72 -27.34
N LYS GA 72 -123.67 -34.11 -26.38
CA LYS GA 72 -124.71 -35.09 -26.65
C LYS GA 72 -125.77 -34.52 -27.60
N ALA GA 73 -126.08 -33.23 -27.48
CA ALA GA 73 -126.96 -32.59 -28.43
C ALA GA 73 -126.35 -32.61 -29.83
N LEU GA 74 -125.04 -32.37 -29.93
CA LEU GA 74 -124.38 -32.46 -31.22
C LEU GA 74 -124.27 -33.90 -31.71
N VAL GA 75 -124.45 -34.89 -30.83
CA VAL GA 75 -124.49 -36.29 -31.25
C VAL GA 75 -125.73 -36.54 -32.09
N VAL GA 88 -103.00 -45.31 -58.31
CA VAL GA 88 -102.93 -44.69 -59.63
C VAL GA 88 -103.94 -45.33 -60.56
N SER GA 89 -103.53 -46.40 -61.23
CA SER GA 89 -104.42 -47.10 -62.14
C SER GA 89 -105.48 -47.88 -61.37
N ARG GA 90 -106.67 -47.99 -61.98
CA ARG GA 90 -107.71 -48.81 -61.38
C ARG GA 90 -107.32 -50.29 -61.37
N LYS GA 91 -106.54 -50.73 -62.36
CA LYS GA 91 -106.04 -52.09 -62.34
C LYS GA 91 -105.15 -52.34 -61.14
N LEU GA 92 -104.25 -51.40 -60.84
CA LEU GA 92 -103.40 -51.52 -59.66
C LEU GA 92 -104.23 -51.44 -58.39
N HIS GA 93 -105.26 -50.59 -58.37
CA HIS GA 93 -106.13 -50.50 -57.21
C HIS GA 93 -106.80 -51.85 -56.96
N ARG GA 94 -107.35 -52.46 -58.01
CA ARG GA 94 -108.02 -53.75 -57.85
C ARG GA 94 -107.04 -54.83 -57.41
N LEU GA 95 -105.84 -54.84 -57.97
CA LEU GA 95 -104.88 -55.88 -57.59
C LEU GA 95 -104.42 -55.70 -56.16
N ALA GA 96 -104.20 -54.46 -55.71
CA ALA GA 96 -103.85 -54.23 -54.32
C ALA GA 96 -104.98 -54.65 -53.39
N TYR GA 97 -106.23 -54.34 -53.76
CA TYR GA 97 -107.36 -54.73 -52.94
C TYR GA 97 -107.46 -56.24 -52.84
N ILE GA 98 -107.28 -56.94 -53.96
CA ILE GA 98 -107.31 -58.40 -53.95
C ILE GA 98 -106.18 -58.95 -53.08
N ALA GA 99 -104.98 -58.37 -53.20
CA ALA GA 99 -103.85 -58.81 -52.42
C ALA GA 99 -104.01 -58.53 -50.93
N HIS GA 100 -104.87 -57.59 -50.56
CA HIS GA 100 -105.10 -57.32 -49.15
C HIS GA 100 -105.65 -58.56 -48.46
N PRO GA 101 -105.09 -58.98 -47.32
CA PRO GA 101 -105.58 -60.22 -46.69
C PRO GA 101 -107.01 -60.11 -46.18
N LYS GA 102 -107.31 -59.08 -45.40
CA LYS GA 102 -108.65 -58.95 -44.81
C LYS GA 102 -109.69 -58.57 -45.87
N LEU GA 103 -109.40 -57.58 -46.69
CA LEU GA 103 -110.38 -57.06 -47.65
C LEU GA 103 -110.51 -57.94 -48.87
N GLY GA 104 -109.44 -58.58 -49.31
CA GLY GA 104 -109.45 -59.36 -50.52
C GLY GA 104 -109.79 -60.82 -50.36
N ARG GA 105 -110.18 -61.26 -49.16
CA ARG GA 105 -110.45 -62.68 -48.95
C ARG GA 105 -111.66 -63.15 -49.75
N ARG GA 106 -112.73 -62.35 -49.77
CA ARG GA 106 -113.91 -62.74 -50.55
C ARG GA 106 -113.60 -62.77 -52.04
N ALA GA 107 -112.85 -61.80 -52.53
CA ALA GA 107 -112.48 -61.78 -53.95
C ALA GA 107 -111.62 -62.99 -54.30
N ARG GA 108 -110.65 -63.33 -53.45
CA ARG GA 108 -109.81 -64.50 -53.71
C ARG GA 108 -110.64 -65.78 -53.65
N ALA GA 109 -111.60 -65.83 -52.74
CA ALA GA 109 -112.50 -66.98 -52.67
C ALA GA 109 -113.28 -67.13 -53.97
N ARG GA 110 -113.80 -66.02 -54.50
CA ARG GA 110 -114.55 -66.08 -55.75
C ARG GA 110 -113.64 -66.49 -56.91
N ILE GA 111 -112.41 -66.01 -56.91
CA ILE GA 111 -111.45 -66.42 -57.95
C ILE GA 111 -111.20 -67.93 -57.89
N ALA GA 112 -110.98 -68.45 -56.68
CA ALA GA 112 -110.75 -69.88 -56.53
C ALA GA 112 -111.96 -70.69 -56.97
N ARG GA 113 -113.17 -70.27 -56.57
CA ARG GA 113 -114.37 -70.96 -56.98
C ARG GA 113 -114.54 -70.93 -58.50
N GLY GA 114 -114.21 -69.79 -59.11
CA GLY GA 114 -114.27 -69.71 -60.56
C GLY GA 114 -113.29 -70.64 -61.24
N LEU GA 115 -112.07 -70.73 -60.71
CA LEU GA 115 -111.09 -71.66 -61.27
C LEU GA 115 -111.59 -73.10 -61.16
N ARG GA 116 -112.05 -73.48 -59.96
CA ARG GA 116 -112.64 -74.80 -59.70
C ARG GA 116 -111.90 -75.96 -60.36
N SER HA 1 52.87 7.31 61.69
CA SER HA 1 52.14 6.05 61.77
C SER HA 1 53.08 4.89 62.06
N ILE HA 2 52.52 3.69 62.19
CA ILE HA 2 53.32 2.50 62.46
C ILE HA 2 54.18 2.12 61.26
N ASN HA 3 53.70 2.38 60.04
CA ASN HA 3 54.49 2.09 58.86
C ASN HA 3 55.81 2.84 58.85
N SER HA 4 55.83 4.05 59.40
CA SER HA 4 57.08 4.82 59.46
C SER HA 4 58.11 4.13 60.35
N ARG HA 5 57.69 3.67 61.52
CA ARG HA 5 58.59 2.96 62.42
C ARG HA 5 58.93 1.58 61.87
N LEU HA 6 57.97 0.91 61.23
CA LEU HA 6 58.18 -0.45 60.79
C LEU HA 6 59.19 -0.52 59.66
N GLN HA 7 59.24 0.50 58.80
CA GLN HA 7 60.27 0.54 57.77
C GLN HA 7 61.66 0.66 58.37
N LEU HA 8 61.77 1.24 59.56
CA LEU HA 8 63.07 1.41 60.19
C LEU HA 8 63.56 0.11 60.81
N VAL HA 9 62.65 -0.73 61.30
CA VAL HA 9 63.03 -1.99 61.92
C VAL HA 9 63.72 -2.90 60.91
N MET HA 10 63.16 -3.00 59.71
CA MET HA 10 63.64 -3.98 58.75
C MET HA 10 64.86 -3.49 57.98
N LYS HA 11 65.40 -2.33 58.33
CA LYS HA 11 66.71 -1.89 57.88
C LYS HA 11 67.77 -2.03 58.96
N SER HA 12 67.37 -1.93 60.23
CA SER HA 12 68.29 -1.90 61.36
C SER HA 12 68.10 -3.01 62.37
N GLY HA 13 66.89 -3.57 62.48
CA GLY HA 13 66.60 -4.58 63.47
C GLY HA 13 66.51 -5.98 62.89
N LYS HA 14 66.04 -6.90 63.73
CA LYS HA 14 65.84 -8.30 63.36
C LYS HA 14 64.37 -8.66 63.50
N TYR HA 15 63.93 -9.60 62.67
CA TYR HA 15 62.51 -9.93 62.58
C TYR HA 15 62.39 -11.33 61.98
N VAL HA 16 61.21 -11.93 62.17
CA VAL HA 16 60.84 -13.17 61.49
C VAL HA 16 59.45 -12.98 60.91
N LEU HA 17 59.30 -13.21 59.61
CA LEU HA 17 58.00 -13.14 58.95
C LEU HA 17 57.48 -14.55 58.77
N GLY HA 18 56.32 -14.83 59.36
CA GLY HA 18 55.67 -16.11 59.20
C GLY HA 18 55.12 -16.71 60.48
N TYR HA 19 54.09 -17.54 60.32
CA TYR HA 19 53.38 -18.12 61.46
C TYR HA 19 54.29 -19.05 62.26
N LYS HA 20 54.81 -20.10 61.62
CA LYS HA 20 55.56 -21.12 62.33
C LYS HA 20 56.83 -20.54 62.94
N GLN HA 21 57.55 -19.74 62.17
CA GLN HA 21 58.79 -19.17 62.64
C GLN HA 21 58.54 -18.16 63.76
N SER HA 22 57.42 -17.43 63.66
CA SER HA 22 57.05 -16.50 64.72
C SER HA 22 56.77 -17.23 66.03
N LEU HA 23 56.02 -18.34 65.98
CA LEU HA 23 55.81 -19.13 67.20
C LEU HA 23 57.08 -19.79 67.70
N LYS HA 24 58.01 -20.17 66.81
CA LYS HA 24 59.29 -20.67 67.30
C LYS HA 24 59.98 -19.60 68.13
N MET HA 25 59.97 -18.36 67.65
CA MET HA 25 60.56 -17.28 68.43
C MET HA 25 59.81 -17.03 69.74
N ILE HA 26 58.48 -17.11 69.71
CA ILE HA 26 57.69 -16.94 70.93
C ILE HA 26 58.06 -18.00 71.96
N ARG HA 27 58.12 -19.25 71.52
CA ARG HA 27 58.38 -20.35 72.45
C ARG HA 27 59.80 -20.27 73.01
N GLN HA 28 60.76 -19.83 72.19
CA GLN HA 28 62.09 -19.62 72.74
C GLN HA 28 62.21 -18.33 73.54
N GLY HA 29 61.20 -17.47 73.51
CA GLY HA 29 61.21 -16.27 74.32
C GLY HA 29 62.02 -15.12 73.79
N LYS HA 30 62.39 -15.14 72.51
CA LYS HA 30 63.23 -14.11 71.92
C LYS HA 30 62.45 -12.98 71.27
N ALA HA 31 61.12 -13.00 71.33
CA ALA HA 31 60.29 -12.07 70.59
C ALA HA 31 59.77 -10.97 71.51
N LYS HA 32 59.88 -9.72 71.05
CA LYS HA 32 59.47 -8.56 71.84
C LYS HA 32 58.06 -8.09 71.51
N LEU HA 33 57.67 -8.15 70.23
CA LEU HA 33 56.38 -7.66 69.79
C LEU HA 33 55.89 -8.49 68.61
N VAL HA 34 54.59 -8.74 68.56
CA VAL HA 34 53.97 -9.52 67.50
C VAL HA 34 52.88 -8.67 66.85
N ILE HA 35 52.86 -8.65 65.53
CA ILE HA 35 51.91 -7.85 64.75
C ILE HA 35 51.08 -8.79 63.88
N LEU HA 36 49.77 -8.68 63.98
CA LEU HA 36 48.82 -9.50 63.23
C LEU HA 36 47.96 -8.63 62.33
N ALA HA 37 47.72 -9.09 61.12
CA ALA HA 37 46.81 -8.41 60.21
C ALA HA 37 45.36 -8.67 60.63
N ASN HA 38 44.44 -7.91 60.03
CA ASN HA 38 43.04 -7.99 60.40
C ASN HA 38 42.29 -9.12 59.69
N ASN HA 39 42.92 -9.79 58.72
CA ASN HA 39 42.28 -10.91 58.05
C ASN HA 39 43.00 -12.23 58.28
N CYS HA 40 43.90 -12.29 59.26
CA CYS HA 40 44.44 -13.58 59.66
C CYS HA 40 43.36 -14.40 60.33
N PRO HA 41 43.42 -15.74 60.22
CA PRO HA 41 42.34 -16.57 60.75
C PRO HA 41 42.12 -16.33 62.24
N ALA HA 42 40.86 -16.37 62.65
CA ALA HA 42 40.51 -16.00 64.01
C ALA HA 42 41.13 -16.96 65.03
N LEU HA 43 41.10 -18.26 64.73
CA LEU HA 43 41.71 -19.23 65.62
C LEU HA 43 43.21 -18.99 65.74
N ARG HA 44 43.88 -18.71 64.62
CA ARG HA 44 45.31 -18.45 64.66
C ARG HA 44 45.62 -17.20 65.48
N LYS HA 45 44.83 -16.15 65.33
CA LYS HA 45 45.11 -14.93 66.08
C LYS HA 45 44.82 -15.12 67.57
N SER HA 46 43.81 -15.93 67.90
CA SER HA 46 43.58 -16.26 69.30
C SER HA 46 44.74 -17.06 69.88
N GLU HA 47 45.32 -17.96 69.08
CA GLU HA 47 46.52 -18.66 69.51
C GLU HA 47 47.67 -17.70 69.74
N ILE HA 48 47.87 -16.74 68.85
CA ILE HA 48 48.95 -15.79 69.02
C ILE HA 48 48.76 -15.00 70.31
N GLU HA 49 47.53 -14.55 70.57
CA GLU HA 49 47.26 -13.82 71.80
C GLU HA 49 47.51 -14.67 73.04
N TYR HA 50 47.09 -15.94 73.00
CA TYR HA 50 47.31 -16.81 74.17
C TYR HA 50 48.79 -17.07 74.39
N TYR HA 51 49.54 -17.32 73.32
CA TYR HA 51 50.97 -17.53 73.46
C TYR HA 51 51.67 -16.30 74.00
N ALA HA 52 51.25 -15.11 73.55
CA ALA HA 52 51.83 -13.88 74.08
C ALA HA 52 51.45 -13.66 75.53
N MET HA 53 50.25 -14.07 75.93
CA MET HA 53 49.88 -14.04 77.34
C MET HA 53 50.80 -14.94 78.16
N LEU HA 54 51.07 -16.14 77.65
CA LEU HA 54 51.94 -17.07 78.36
C LEU HA 54 53.37 -16.54 78.45
N ALA HA 55 53.86 -15.93 77.38
CA ALA HA 55 55.24 -15.46 77.29
C ALA HA 55 55.44 -14.06 77.84
N LYS HA 56 54.37 -13.37 78.23
CA LYS HA 56 54.43 -11.99 78.71
C LYS HA 56 55.07 -11.08 77.67
N THR HA 57 54.40 -11.01 76.51
CA THR HA 57 54.89 -10.30 75.35
C THR HA 57 53.77 -9.44 74.78
N GLY HA 58 54.16 -8.32 74.17
CA GLY HA 58 53.17 -7.44 73.58
C GLY HA 58 52.65 -7.95 72.25
N VAL HA 59 51.40 -7.60 71.96
CA VAL HA 59 50.77 -7.94 70.68
C VAL HA 59 50.15 -6.66 70.13
N HIS HA 60 50.16 -6.55 68.80
CA HIS HA 60 49.64 -5.37 68.12
C HIS HA 60 48.83 -5.81 66.91
N HIS HA 61 47.65 -5.21 66.73
CA HIS HA 61 46.78 -5.52 65.60
C HIS HA 61 46.98 -4.49 64.50
N TYR HA 62 47.57 -4.92 63.39
CA TYR HA 62 47.79 -4.02 62.27
C TYR HA 62 46.47 -3.57 61.66
N SER HA 63 46.49 -2.42 61.01
CA SER HA 63 45.31 -1.81 60.41
C SER HA 63 45.22 -2.08 58.91
N GLY HA 64 45.67 -3.24 58.47
CA GLY HA 64 45.58 -3.60 57.06
C GLY HA 64 45.68 -5.10 56.91
N ASN HA 65 45.12 -5.61 55.81
CA ASN HA 65 45.17 -7.05 55.56
C ASN HA 65 46.59 -7.49 55.26
N ASN HA 66 46.76 -8.78 54.99
CA ASN HA 66 48.10 -9.32 54.85
C ASN HA 66 48.83 -8.78 53.63
N ILE HA 67 48.11 -8.39 52.57
CA ILE HA 67 48.79 -7.73 51.44
C ILE HA 67 49.41 -6.43 51.90
N GLU HA 68 48.64 -5.62 52.63
CA GLU HA 68 49.13 -4.33 53.09
C GLU HA 68 50.21 -4.48 54.15
N LEU HA 69 50.15 -5.53 54.96
CA LEU HA 69 51.22 -5.76 55.92
C LEU HA 69 52.50 -6.18 55.22
N GLY HA 70 52.41 -7.01 54.19
CA GLY HA 70 53.59 -7.31 53.40
C GLY HA 70 54.18 -6.08 52.76
N THR HA 71 53.32 -5.20 52.24
CA THR HA 71 53.81 -3.94 51.68
C THR HA 71 54.49 -3.09 52.76
N ALA HA 72 53.88 -3.01 53.94
CA ALA HA 72 54.46 -2.24 55.04
C ALA HA 72 55.81 -2.80 55.45
N CYS HA 73 55.96 -4.13 55.38
CA CYS HA 73 57.26 -4.74 55.58
C CYS HA 73 58.20 -4.47 54.42
N GLY HA 74 57.65 -4.12 53.25
CA GLY HA 74 58.45 -3.90 52.07
C GLY HA 74 58.65 -5.12 51.21
N LYS HA 75 58.23 -6.28 51.69
CA LYS HA 75 58.36 -7.53 50.95
C LYS HA 75 57.22 -7.66 49.94
N TYR HA 76 57.50 -8.39 48.87
CA TYR HA 76 56.56 -8.54 47.76
C TYR HA 76 55.64 -9.73 47.93
N TYR HA 77 55.35 -10.12 49.18
CA TYR HA 77 54.47 -11.23 49.47
C TYR HA 77 53.66 -10.90 50.71
N ARG HA 78 52.66 -11.73 50.99
CA ARG HA 78 51.74 -11.50 52.10
C ARG HA 78 52.35 -11.99 53.41
N VAL HA 79 52.10 -11.24 54.47
CA VAL HA 79 52.48 -11.65 55.82
C VAL HA 79 51.30 -11.40 56.76
N CYS HA 80 50.94 -12.40 57.55
CA CYS HA 80 49.90 -12.26 58.56
C CYS HA 80 50.46 -12.15 59.97
N THR HA 81 51.69 -12.60 60.19
CA THR HA 81 52.30 -12.59 61.50
C THR HA 81 53.77 -12.25 61.35
N LEU HA 82 54.27 -11.39 62.22
CA LEU HA 82 55.70 -11.12 62.28
C LEU HA 82 56.06 -10.84 63.72
N SER HA 83 57.31 -11.12 64.07
CA SER HA 83 57.80 -10.95 65.42
C SER HA 83 59.09 -10.15 65.38
N ILE HA 84 59.18 -9.11 66.20
CA ILE HA 84 60.38 -8.30 66.30
C ILE HA 84 61.27 -8.92 67.37
N ILE HA 85 62.51 -9.23 66.99
CA ILE HA 85 63.44 -9.86 67.91
C ILE HA 85 64.30 -8.76 68.53
N ASP HA 86 65.06 -8.06 67.70
CA ASP HA 86 65.77 -6.86 68.11
C ASP HA 86 65.22 -5.69 67.32
N PRO HA 87 64.70 -4.64 67.97
CA PRO HA 87 64.09 -3.53 67.22
C PRO HA 87 65.09 -2.65 66.49
N GLY HA 88 66.37 -2.99 66.50
CA GLY HA 88 67.36 -2.11 65.91
C GLY HA 88 67.44 -0.83 66.71
N ASP HA 89 67.23 0.30 66.03
CA ASP HA 89 67.21 1.60 66.68
C ASP HA 89 65.86 2.28 66.46
N SER HA 90 64.79 1.53 66.66
CA SER HA 90 63.44 2.04 66.48
C SER HA 90 62.71 2.05 67.81
N ASP HA 91 61.88 3.08 68.01
CA ASP HA 91 61.10 3.22 69.23
C ASP HA 91 59.69 2.65 69.03
N ILE HA 92 59.64 1.37 68.69
CA ILE HA 92 58.36 0.74 68.38
C ILE HA 92 57.77 0.05 69.60
N ILE HA 93 58.58 -0.56 70.46
CA ILE HA 93 58.05 -1.18 71.68
C ILE HA 93 57.58 -0.11 72.67
N ARG HA 94 58.33 0.98 72.79
CA ARG HA 94 57.99 2.06 73.72
C ARG HA 94 56.84 2.90 73.14
N SER HA 95 55.67 2.28 73.06
CA SER HA 95 54.48 2.92 72.54
C SER HA 95 53.79 3.75 73.62
N ASN IA 1 42.77 -96.16 -35.49
CA ASN IA 1 41.38 -96.42 -35.87
C ASN IA 1 40.45 -96.04 -34.73
N GLU IA 2 40.12 -97.01 -33.89
CA GLU IA 2 39.24 -96.76 -32.74
C GLU IA 2 39.96 -96.08 -31.59
N VAL IA 3 41.24 -96.38 -31.38
CA VAL IA 3 42.02 -95.80 -30.30
C VAL IA 3 43.20 -95.08 -30.94
N VAL IA 4 43.06 -93.77 -31.15
CA VAL IA 4 44.11 -92.96 -31.73
C VAL IA 4 44.26 -91.69 -30.90
N THR IA 5 45.47 -91.14 -30.90
CA THR IA 5 45.80 -89.94 -30.15
C THR IA 5 46.55 -88.98 -31.06
N ARG IA 6 46.17 -87.70 -31.00
CA ARG IA 6 46.74 -86.68 -31.88
C ARG IA 6 46.98 -85.41 -31.08
N GLU IA 7 47.73 -84.49 -31.68
CA GLU IA 7 48.01 -83.19 -31.08
C GLU IA 7 47.53 -82.09 -32.02
N TYR IA 8 46.82 -81.11 -31.46
CA TYR IA 8 46.34 -79.97 -32.21
C TYR IA 8 46.74 -78.68 -31.50
N THR IA 9 46.50 -77.56 -32.17
CA THR IA 9 46.56 -76.24 -31.56
C THR IA 9 45.30 -75.49 -31.94
N ILE IA 10 44.70 -74.81 -30.96
CA ILE IA 10 43.38 -74.21 -31.10
C ILE IA 10 43.51 -72.69 -31.00
N ASN IA 11 42.95 -71.99 -31.97
CA ASN IA 11 42.95 -70.52 -31.97
C ASN IA 11 41.75 -70.04 -31.17
N ILE IA 12 41.92 -70.05 -29.84
CA ILE IA 12 40.86 -69.60 -28.96
C ILE IA 12 40.52 -68.15 -29.23
N HIS IA 13 41.52 -67.33 -29.52
CA HIS IA 13 41.28 -65.92 -29.83
C HIS IA 13 40.31 -65.79 -30.99
N LYS IA 14 40.57 -66.52 -32.07
CA LYS IA 14 39.66 -66.53 -33.21
C LYS IA 14 38.27 -67.03 -32.82
N ARG IA 15 38.20 -68.08 -32.02
CA ARG IA 15 36.90 -68.71 -31.76
C ARG IA 15 36.04 -67.89 -30.80
N ILE IA 16 36.65 -67.12 -29.90
CA ILE IA 16 35.86 -66.35 -28.93
C ILE IA 16 35.94 -64.86 -29.21
N HIS IA 17 36.46 -64.45 -30.36
CA HIS IA 17 36.46 -63.03 -30.71
C HIS IA 17 35.05 -62.47 -30.71
N GLY IA 18 34.75 -61.57 -29.76
CA GLY IA 18 33.50 -60.85 -29.77
C GLY IA 18 32.53 -61.16 -28.64
N VAL IA 19 32.88 -62.02 -27.70
CA VAL IA 19 31.98 -62.38 -26.62
C VAL IA 19 32.30 -61.53 -25.40
N GLY IA 20 31.38 -61.52 -24.44
CA GLY IA 20 31.50 -60.63 -23.30
C GLY IA 20 32.61 -61.03 -22.35
N PHE IA 21 33.01 -60.04 -21.54
CA PHE IA 21 34.11 -60.25 -20.60
C PHE IA 21 33.78 -61.35 -19.61
N LYS IA 22 32.56 -61.35 -19.07
CA LYS IA 22 32.12 -62.36 -18.13
C LYS IA 22 31.70 -63.66 -18.80
N LYS IA 23 32.03 -63.83 -20.08
CA LYS IA 23 31.69 -65.06 -20.78
C LYS IA 23 32.82 -65.60 -21.65
N ARG IA 24 33.96 -64.92 -21.72
CA ARG IA 24 35.02 -65.36 -22.62
C ARG IA 24 35.55 -66.74 -22.25
N ALA IA 25 35.90 -66.96 -20.98
CA ALA IA 25 36.47 -68.24 -20.58
C ALA IA 25 35.49 -69.39 -20.68
N PRO IA 26 34.26 -69.31 -20.16
CA PRO IA 26 33.32 -70.43 -20.37
C PRO IA 26 33.05 -70.70 -21.84
N ARG IA 27 32.96 -69.64 -22.65
CA ARG IA 27 32.83 -69.84 -24.09
C ARG IA 27 34.05 -70.52 -24.66
N ALA IA 28 35.24 -70.25 -24.11
CA ALA IA 28 36.43 -70.97 -24.54
C ALA IA 28 36.30 -72.46 -24.25
N LEU IA 29 35.81 -72.82 -23.07
CA LEU IA 29 35.60 -74.24 -22.77
C LEU IA 29 34.60 -74.87 -23.73
N LYS IA 30 33.50 -74.17 -24.00
CA LYS IA 30 32.50 -74.73 -24.91
C LYS IA 30 33.05 -74.89 -26.32
N GLU IA 31 33.87 -73.93 -26.76
CA GLU IA 31 34.46 -74.02 -28.09
C GLU IA 31 35.47 -75.15 -28.17
N ILE IA 32 36.21 -75.39 -27.08
CA ILE IA 32 37.15 -76.52 -27.07
C ILE IA 32 36.39 -77.84 -27.15
N ARG IA 33 35.28 -77.95 -26.40
CA ARG IA 33 34.48 -79.16 -26.47
C ARG IA 33 33.89 -79.37 -27.86
N LYS IA 34 33.42 -78.29 -28.49
CA LYS IA 34 32.89 -78.38 -29.85
C LYS IA 34 33.97 -78.77 -30.84
N PHE IA 35 35.17 -78.22 -30.69
CA PHE IA 35 36.30 -78.57 -31.55
C PHE IA 35 36.64 -80.05 -31.42
N ALA IA 36 36.66 -80.55 -30.18
CA ALA IA 36 36.94 -81.97 -29.98
C ALA IA 36 35.87 -82.84 -30.63
N MET IA 37 34.60 -82.48 -30.47
CA MET IA 37 33.53 -83.26 -31.09
C MET IA 37 33.64 -83.24 -32.61
N LYS IA 38 34.01 -82.10 -33.19
CA LYS IA 38 34.14 -82.01 -34.63
C LYS IA 38 35.31 -82.86 -35.13
N GLU IA 39 36.46 -82.75 -34.47
CA GLU IA 39 37.64 -83.47 -34.91
C GLU IA 39 37.47 -84.98 -34.75
N MET IA 40 37.06 -85.43 -33.58
CA MET IA 40 36.84 -86.85 -33.31
C MET IA 40 35.36 -87.04 -33.02
N GLY IA 41 34.68 -87.83 -33.85
CA GLY IA 41 33.24 -87.87 -33.80
C GLY IA 41 32.67 -88.62 -32.62
N THR IA 42 32.96 -88.12 -31.41
CA THR IA 42 32.46 -88.69 -30.18
C THR IA 42 31.61 -87.67 -29.43
N PRO IA 43 30.37 -88.00 -29.09
CA PRO IA 43 29.53 -87.06 -28.33
C PRO IA 43 29.92 -86.91 -26.88
N ASP IA 44 30.91 -87.66 -26.40
CA ASP IA 44 31.36 -87.61 -25.02
C ASP IA 44 32.79 -87.08 -25.02
N VAL IA 45 32.94 -85.80 -24.68
CA VAL IA 45 34.24 -85.16 -24.62
C VAL IA 45 34.46 -84.72 -23.17
N ARG IA 46 35.47 -85.30 -22.53
CA ARG IA 46 35.80 -84.97 -21.15
C ARG IA 46 37.10 -84.18 -21.12
N ILE IA 47 37.08 -83.08 -20.35
CA ILE IA 47 38.14 -82.10 -20.33
C ILE IA 47 38.93 -82.24 -19.04
N ASP IA 48 40.25 -82.38 -19.15
CA ASP IA 48 41.09 -82.54 -17.98
C ASP IA 48 41.06 -81.27 -17.13
N THR IA 49 41.11 -81.47 -15.81
CA THR IA 49 41.17 -80.33 -14.90
C THR IA 49 42.39 -79.47 -15.16
N ARG IA 50 43.50 -80.08 -15.60
CA ARG IA 50 44.69 -79.30 -15.90
C ARG IA 50 44.44 -78.37 -17.09
N LEU IA 51 43.75 -78.84 -18.12
CA LEU IA 51 43.40 -77.98 -19.24
C LEU IA 51 42.42 -76.89 -18.81
N ASN IA 52 41.48 -77.22 -17.92
CA ASN IA 52 40.58 -76.20 -17.40
C ASN IA 52 41.36 -75.11 -16.68
N LYS IA 53 42.34 -75.50 -15.85
CA LYS IA 53 43.19 -74.52 -15.18
C LYS IA 53 43.99 -73.70 -16.18
N ALA IA 54 44.50 -74.35 -17.23
CA ALA IA 54 45.26 -73.63 -18.25
C ALA IA 54 44.41 -72.56 -18.92
N VAL IA 55 43.14 -72.89 -19.20
CA VAL IA 55 42.25 -71.89 -19.79
C VAL IA 55 41.97 -70.76 -18.79
N TRP IA 56 41.68 -71.10 -17.54
CA TRP IA 56 41.32 -70.11 -16.55
C TRP IA 56 42.53 -69.50 -15.83
N ALA IA 57 43.73 -69.64 -16.41
CA ALA IA 57 44.93 -69.11 -15.76
C ALA IA 57 44.91 -67.59 -15.67
N LYS IA 58 44.39 -66.91 -16.69
CA LYS IA 58 44.47 -65.46 -16.78
C LYS IA 58 43.14 -64.75 -16.51
N GLY IA 59 42.29 -65.33 -15.68
CA GLY IA 59 41.03 -64.71 -15.33
C GLY IA 59 39.87 -65.17 -16.19
N ILE IA 60 38.83 -64.35 -16.19
CA ILE IA 60 37.60 -64.69 -16.92
C ILE IA 60 37.58 -63.98 -18.27
N ARG IA 61 38.19 -62.80 -18.35
CA ARG IA 61 38.11 -62.00 -19.56
C ARG IA 61 39.40 -61.96 -20.36
N ASN IA 62 40.49 -62.52 -19.83
CA ASN IA 62 41.74 -62.63 -20.58
C ASN IA 62 42.06 -64.11 -20.73
N VAL IA 63 42.09 -64.59 -21.97
CA VAL IA 63 42.24 -66.01 -22.25
C VAL IA 63 43.48 -66.17 -23.12
N PRO IA 64 44.26 -67.25 -22.97
CA PRO IA 64 45.40 -67.46 -23.86
C PRO IA 64 44.97 -67.46 -25.32
N TYR IA 65 45.80 -66.85 -26.17
CA TYR IA 65 45.44 -66.73 -27.58
C TYR IA 65 45.34 -68.09 -28.24
N ARG IA 66 46.37 -68.92 -28.07
CA ARG IA 66 46.38 -70.27 -28.59
C ARG IA 66 46.62 -71.24 -27.44
N ILE IA 67 46.40 -72.52 -27.70
CA ILE IA 67 46.62 -73.55 -26.69
C ILE IA 67 46.91 -74.86 -27.41
N ARG IA 68 47.91 -75.58 -26.93
CA ARG IA 68 48.35 -76.82 -27.55
C ARG IA 68 47.72 -77.96 -26.77
N VAL IA 69 46.89 -78.77 -27.44
CA VAL IA 69 46.11 -79.80 -26.76
C VAL IA 69 46.36 -81.15 -27.43
N ARG IA 70 46.11 -82.20 -26.65
CA ARG IA 70 46.18 -83.57 -27.14
C ARG IA 70 44.79 -84.19 -27.05
N LEU IA 71 44.32 -84.72 -28.17
CA LEU IA 71 43.01 -85.36 -28.27
C LEU IA 71 43.20 -86.86 -28.37
N SER IA 72 42.66 -87.59 -27.40
CA SER IA 72 42.86 -89.04 -27.30
C SER IA 72 41.50 -89.73 -27.31
N ARG IA 73 41.09 -90.24 -28.47
CA ARG IA 73 39.86 -91.01 -28.56
C ARG IA 73 40.11 -92.42 -28.06
N LYS IA 74 39.21 -92.92 -27.21
CA LYS IA 74 39.39 -94.23 -26.61
C LYS IA 74 38.03 -94.82 -26.27
N ARG IA 75 37.99 -96.14 -26.14
CA ARG IA 75 36.75 -96.85 -25.85
C ARG IA 75 36.25 -96.53 -24.45
N ASN IA 76 34.93 -96.60 -24.28
CA ASN IA 76 34.29 -96.25 -23.03
C ASN IA 76 34.22 -97.45 -22.10
N GLU IA 77 34.70 -97.28 -20.87
CA GLU IA 77 34.70 -98.38 -19.92
C GLU IA 77 33.29 -98.67 -19.41
N ASP IA 78 32.53 -97.63 -19.08
CA ASP IA 78 31.17 -97.80 -18.57
C ASP IA 78 30.29 -98.37 -19.66
N GLU IA 79 29.91 -99.65 -19.51
CA GLU IA 79 29.26 -100.35 -20.61
C GLU IA 79 27.83 -99.86 -20.85
N ASP IA 80 27.11 -99.50 -19.79
CA ASP IA 80 25.73 -99.07 -19.94
C ASP IA 80 25.60 -97.70 -20.60
N SER IA 81 26.69 -96.95 -20.71
CA SER IA 81 26.65 -95.68 -21.42
C SER IA 81 26.43 -95.95 -22.91
N PRO IA 82 25.66 -95.10 -23.60
CA PRO IA 82 25.33 -95.39 -25.00
C PRO IA 82 26.50 -95.27 -25.95
N ASN IA 83 27.52 -94.47 -25.61
CA ASN IA 83 28.61 -94.19 -26.53
C ASN IA 83 29.77 -95.14 -26.26
N LYS IA 84 30.12 -95.92 -27.29
CA LYS IA 84 31.25 -96.84 -27.17
C LYS IA 84 32.57 -96.11 -27.04
N LEU IA 85 32.66 -94.90 -27.60
CA LEU IA 85 33.90 -94.15 -27.66
C LEU IA 85 33.73 -92.79 -26.99
N TYR IA 86 34.78 -92.36 -26.29
CA TYR IA 86 34.83 -91.03 -25.70
C TYR IA 86 36.21 -90.44 -25.89
N THR IA 87 36.29 -89.11 -25.83
CA THR IA 87 37.51 -88.37 -26.15
C THR IA 87 37.94 -87.57 -24.94
N LEU IA 88 39.21 -87.71 -24.55
CA LEU IA 88 39.79 -86.98 -23.44
C LEU IA 88 40.75 -85.93 -23.98
N VAL IA 89 40.60 -84.68 -23.52
CA VAL IA 89 41.39 -83.57 -24.00
C VAL IA 89 42.33 -83.14 -22.88
N THR IA 90 43.63 -83.18 -23.16
CA THR IA 90 44.66 -82.83 -22.18
C THR IA 90 45.46 -81.63 -22.65
N TYR IA 91 46.16 -81.02 -21.70
CA TYR IA 91 46.91 -79.78 -21.93
C TYR IA 91 48.38 -80.10 -22.19
N VAL IA 92 48.93 -79.53 -23.24
CA VAL IA 92 50.31 -79.74 -23.65
C VAL IA 92 51.03 -78.40 -23.64
N PRO IA 93 51.82 -78.11 -22.60
CA PRO IA 93 52.51 -76.82 -22.54
C PRO IA 93 53.59 -76.71 -23.60
N VAL IA 94 53.58 -75.60 -24.32
CA VAL IA 94 54.61 -75.28 -25.32
C VAL IA 94 55.04 -73.83 -25.10
N THR IA 95 56.35 -73.59 -25.24
CA THR IA 95 56.87 -72.26 -24.99
C THR IA 95 56.53 -71.30 -26.13
N THR IA 96 56.51 -71.78 -27.36
CA THR IA 96 56.16 -70.97 -28.52
C THR IA 96 55.20 -71.74 -29.41
N PHE IA 97 54.22 -71.04 -29.96
CA PHE IA 97 53.29 -71.61 -30.94
C PHE IA 97 53.74 -71.34 -32.36
N LYS IA 98 54.99 -71.66 -32.68
CA LYS IA 98 55.56 -71.33 -33.98
C LYS IA 98 55.88 -72.62 -34.73
N ASN IA 99 55.41 -72.71 -35.97
CA ASN IA 99 55.65 -73.86 -36.85
C ASN IA 99 55.21 -75.17 -36.22
N LEU IA 100 54.17 -75.14 -35.40
CA LEU IA 100 53.63 -76.35 -34.79
C LEU IA 100 52.56 -76.91 -35.70
N GLN IA 101 52.85 -78.05 -36.32
CA GLN IA 101 51.88 -78.76 -37.13
C GLN IA 101 50.99 -79.61 -36.24
N THR IA 102 49.91 -80.13 -36.81
CA THR IA 102 49.12 -81.13 -36.11
C THR IA 102 49.84 -82.48 -36.21
N VAL IA 103 50.18 -83.05 -35.06
CA VAL IA 103 51.10 -84.18 -34.97
C VAL IA 103 50.33 -85.41 -34.54
N ASN IA 104 50.56 -86.52 -35.24
CA ASN IA 104 49.90 -87.79 -34.91
C ASN IA 104 50.82 -88.58 -33.99
N VAL IA 105 50.76 -88.25 -32.70
CA VAL IA 105 51.60 -88.91 -31.71
C VAL IA 105 51.15 -90.36 -31.54
N ASP IA 106 52.11 -91.26 -31.40
CA ASP IA 106 51.82 -92.68 -31.28
C ASP IA 106 51.41 -93.02 -29.84
N GLU IA 107 51.23 -94.31 -29.59
CA GLU IA 107 50.79 -94.78 -28.28
C GLU IA 107 51.83 -94.52 -27.20
N ALA JA 1 -53.90 -103.25 -40.46
CA ALA JA 1 -55.14 -102.50 -40.67
C ALA JA 1 -55.46 -101.62 -39.46
N ALA JA 2 -54.93 -100.41 -39.45
CA ALA JA 2 -55.18 -99.48 -38.36
C ALA JA 2 -56.65 -99.06 -38.36
N LEU JA 3 -57.14 -98.71 -37.18
CA LEU JA 3 -58.53 -98.31 -37.02
C LEU JA 3 -58.74 -96.92 -37.59
N ARG JA 4 -59.92 -96.70 -38.16
CA ARG JA 4 -60.16 -95.38 -38.71
C ARG JA 4 -61.16 -94.60 -37.87
N PRO JA 5 -61.07 -93.28 -37.84
CA PRO JA 5 -62.09 -92.48 -37.14
C PRO JA 5 -63.38 -92.40 -37.93
N LEU JA 6 -64.40 -91.76 -37.36
CA LEU JA 6 -65.67 -91.61 -38.06
C LEU JA 6 -65.49 -90.77 -39.33
N VAL JA 7 -64.84 -89.61 -39.19
CA VAL JA 7 -64.57 -88.72 -40.31
C VAL JA 7 -63.16 -88.17 -40.19
N LYS JA 8 -62.52 -87.92 -41.33
CA LYS JA 8 -61.15 -87.44 -41.38
C LYS JA 8 -61.08 -86.21 -42.26
N PRO JA 9 -61.44 -85.04 -41.73
CA PRO JA 9 -61.32 -83.81 -42.51
C PRO JA 9 -59.88 -83.40 -42.70
N LYS JA 10 -59.67 -82.51 -43.67
CA LYS JA 10 -58.33 -82.02 -43.98
C LYS JA 10 -57.94 -80.98 -42.95
N ILE JA 11 -57.04 -81.35 -42.04
CA ILE JA 11 -56.65 -80.46 -40.94
C ILE JA 11 -55.77 -79.34 -41.50
N VAL JA 12 -56.14 -78.11 -41.17
CA VAL JA 12 -55.43 -76.92 -41.63
C VAL JA 12 -54.88 -76.19 -40.41
N LYS JA 13 -53.58 -75.97 -40.39
CA LYS JA 13 -52.92 -75.24 -39.31
C LYS JA 13 -52.37 -73.94 -39.86
N LYS JA 14 -52.77 -72.82 -39.25
CA LYS JA 14 -52.35 -71.52 -39.73
C LYS JA 14 -50.86 -71.28 -39.55
N ARG JA 15 -50.19 -72.10 -38.75
CA ARG JA 15 -48.75 -71.96 -38.54
C ARG JA 15 -48.22 -73.27 -37.99
N THR JA 16 -47.04 -73.66 -38.45
CA THR JA 16 -46.39 -74.87 -37.97
C THR JA 16 -45.12 -74.62 -37.19
N LYS JA 17 -44.44 -73.51 -37.44
CA LYS JA 17 -43.31 -73.12 -36.62
C LYS JA 17 -43.78 -72.67 -35.25
N LYS JA 18 -42.87 -72.72 -34.28
CA LYS JA 18 -43.17 -72.29 -32.92
C LYS JA 18 -42.74 -70.85 -32.72
N PHE JA 19 -43.43 -70.17 -31.81
CA PHE JA 19 -43.09 -68.80 -31.44
C PHE JA 19 -41.99 -68.85 -30.40
N ILE JA 20 -40.78 -68.48 -30.80
CA ILE JA 20 -39.62 -68.52 -29.92
C ILE JA 20 -39.50 -67.17 -29.21
N ARG JA 21 -39.00 -67.20 -27.98
CA ARG JA 21 -38.80 -65.97 -27.24
C ARG JA 21 -37.75 -65.10 -27.92
N HIS JA 22 -37.99 -63.79 -27.89
CA HIS JA 22 -37.09 -62.86 -28.56
C HIS JA 22 -35.67 -62.95 -28.01
N GLN JA 23 -34.71 -62.93 -28.93
CA GLN JA 23 -33.29 -62.84 -28.60
C GLN JA 23 -32.79 -64.06 -27.83
N SER JA 24 -33.53 -65.17 -27.88
CA SER JA 24 -33.12 -66.41 -27.25
C SER JA 24 -32.04 -67.14 -28.02
N ASP JA 25 -31.78 -66.75 -29.27
CA ASP JA 25 -30.70 -67.36 -30.04
C ASP JA 25 -29.34 -66.83 -29.60
N ARG JA 26 -29.29 -65.63 -29.03
CA ARG JA 26 -28.04 -64.99 -28.65
C ARG JA 26 -27.60 -65.33 -27.23
N TYR JA 27 -28.44 -66.02 -26.46
CA TYR JA 27 -28.11 -66.33 -25.07
C TYR JA 27 -28.53 -67.76 -24.75
N VAL JA 28 -27.92 -68.32 -23.72
CA VAL JA 28 -28.23 -69.67 -23.27
C VAL JA 28 -29.10 -69.58 -22.01
N LYS JA 29 -28.95 -68.48 -21.26
CA LYS JA 29 -29.80 -68.27 -20.10
C LYS JA 29 -31.25 -68.04 -20.50
N ILE JA 30 -31.50 -67.73 -21.77
CA ILE JA 30 -32.83 -67.42 -22.26
C ILE JA 30 -33.33 -68.66 -23.00
N LYS JA 31 -34.37 -69.27 -22.47
CA LYS JA 31 -35.03 -70.38 -23.14
C LYS JA 31 -35.91 -69.85 -24.26
N ARG JA 32 -36.43 -70.77 -25.08
CA ARG JA 32 -37.30 -70.33 -26.16
C ARG JA 32 -38.74 -70.17 -25.72
N ASN JA 33 -39.05 -70.46 -24.46
CA ASN JA 33 -40.40 -70.30 -23.94
C ASN JA 33 -40.85 -68.84 -24.10
N TRP JA 34 -41.98 -68.64 -24.76
CA TRP JA 34 -42.37 -67.31 -25.20
C TRP JA 34 -42.67 -66.40 -24.02
N ARG JA 35 -42.01 -65.24 -24.00
CA ARG JA 35 -42.31 -64.18 -23.06
C ARG JA 35 -42.60 -62.91 -23.85
N LYS JA 36 -43.65 -62.21 -23.47
CA LYS JA 36 -44.04 -61.03 -24.23
C LYS JA 36 -43.04 -59.89 -24.01
N PRO JA 37 -42.48 -59.32 -25.08
CA PRO JA 37 -41.54 -58.20 -24.90
C PRO JA 37 -42.25 -56.95 -24.41
N ARG JA 38 -41.70 -56.33 -23.37
CA ARG JA 38 -42.31 -55.17 -22.74
C ARG JA 38 -41.41 -53.94 -22.76
N GLY JA 39 -40.30 -53.99 -23.48
CA GLY JA 39 -39.39 -52.86 -23.50
C GLY JA 39 -40.00 -51.66 -24.20
N ILE JA 40 -39.53 -50.47 -23.82
CA ILE JA 40 -40.05 -49.25 -24.42
C ILE JA 40 -39.58 -49.12 -25.86
N ASP JA 41 -38.40 -49.64 -26.18
CA ASP JA 41 -37.81 -49.50 -27.51
C ASP JA 41 -37.79 -50.81 -28.28
N ASN JA 42 -38.53 -51.82 -27.84
CA ASN JA 42 -38.43 -53.15 -28.44
C ASN JA 42 -39.09 -53.18 -29.81
N ARG JA 43 -38.30 -53.44 -30.85
CA ARG JA 43 -38.86 -53.48 -32.19
C ARG JA 43 -39.77 -54.67 -32.39
N VAL JA 44 -39.53 -55.77 -31.68
CA VAL JA 44 -40.44 -56.92 -31.76
C VAL JA 44 -41.81 -56.53 -31.21
N ARG JA 45 -41.84 -55.86 -30.06
CA ARG JA 45 -43.10 -55.39 -29.50
C ARG JA 45 -43.75 -54.36 -30.43
N ARG JA 46 -42.96 -53.45 -30.99
CA ARG JA 46 -43.51 -52.44 -31.87
C ARG JA 46 -43.87 -52.99 -33.25
N ARG JA 47 -43.58 -54.25 -33.52
CA ARG JA 47 -43.99 -54.94 -34.75
C ARG JA 47 -43.32 -54.33 -35.96
N PHE JA 48 -41.99 -54.20 -35.89
CA PHE JA 48 -41.22 -53.73 -37.02
C PHE JA 48 -41.17 -54.80 -38.11
N LYS JA 49 -40.78 -54.38 -39.30
CA LYS JA 49 -40.71 -55.29 -40.44
C LYS JA 49 -39.57 -56.30 -40.26
N GLY JA 50 -39.85 -57.55 -40.62
CA GLY JA 50 -38.80 -58.56 -40.64
C GLY JA 50 -38.34 -59.05 -39.29
N GLN JA 51 -39.16 -58.91 -38.26
CA GLN JA 51 -38.80 -59.31 -36.90
C GLN JA 51 -39.55 -60.57 -36.52
N ILE JA 52 -39.32 -61.02 -35.29
CA ILE JA 52 -40.02 -62.19 -34.75
C ILE JA 52 -41.50 -61.85 -34.57
N LEU JA 53 -42.35 -62.81 -34.92
CA LEU JA 53 -43.80 -62.64 -34.81
C LEU JA 53 -44.26 -62.92 -33.38
N MET JA 54 -45.45 -62.42 -33.05
CA MET JA 54 -46.03 -62.65 -31.73
C MET JA 54 -47.32 -63.46 -31.84
N PRO JA 55 -47.64 -64.24 -30.81
CA PRO JA 55 -48.81 -65.12 -30.88
C PRO JA 55 -50.14 -64.41 -30.75
N ASN JA 56 -50.67 -63.91 -31.86
CA ASN JA 56 -51.99 -63.32 -31.88
C ASN JA 56 -53.07 -64.38 -31.69
N ILE JA 57 -54.28 -63.92 -31.35
CA ILE JA 57 -55.42 -64.83 -31.27
C ILE JA 57 -55.90 -65.24 -32.65
N GLY JA 58 -55.51 -64.51 -33.69
CA GLY JA 58 -55.91 -64.85 -35.05
C GLY JA 58 -55.27 -66.11 -35.58
N TYR JA 59 -54.31 -66.69 -34.85
CA TYR JA 59 -53.68 -67.94 -35.22
C TYR JA 59 -54.45 -69.15 -34.72
N GLY JA 60 -55.54 -68.95 -33.98
CA GLY JA 60 -56.25 -70.07 -33.39
C GLY JA 60 -56.77 -71.01 -34.45
N SER JA 61 -56.68 -72.31 -34.17
CA SER JA 61 -57.05 -73.33 -35.14
C SER JA 61 -58.56 -73.50 -35.19
N ASN JA 62 -59.01 -74.17 -36.24
CA ASN JA 62 -60.43 -74.49 -36.40
C ASN JA 62 -60.94 -75.31 -35.22
N LYS JA 63 -62.13 -74.97 -34.74
CA LYS JA 63 -62.70 -75.74 -33.63
C LYS JA 63 -63.07 -77.14 -34.05
N LYS JA 64 -63.34 -77.35 -35.35
CA LYS JA 64 -63.71 -78.69 -35.79
C LYS JA 64 -62.52 -79.65 -35.80
N THR JA 65 -61.31 -79.11 -35.96
CA THR JA 65 -60.11 -79.93 -36.04
C THR JA 65 -59.15 -79.69 -34.87
N LYS JA 66 -59.53 -78.85 -33.91
CA LYS JA 66 -58.64 -78.55 -32.80
C LYS JA 66 -58.36 -79.80 -31.98
N HIS JA 67 -57.09 -80.01 -31.65
CA HIS JA 67 -56.54 -81.11 -30.84
C HIS JA 67 -56.57 -82.44 -31.59
N MET JA 68 -56.99 -82.47 -32.85
CA MET JA 68 -57.01 -83.71 -33.60
C MET JA 68 -55.60 -84.13 -33.96
N LEU JA 69 -55.25 -85.37 -33.61
CA LEU JA 69 -53.99 -85.94 -34.03
C LEU JA 69 -54.01 -86.16 -35.54
N PRO JA 70 -52.84 -86.30 -36.17
CA PRO JA 70 -52.82 -86.60 -37.60
C PRO JA 70 -53.55 -87.88 -37.98
N SER JA 71 -53.76 -88.80 -37.02
CA SER JA 71 -54.56 -89.99 -37.29
C SER JA 71 -56.04 -89.67 -37.36
N GLY JA 72 -56.48 -88.52 -36.83
CA GLY JA 72 -57.87 -88.15 -36.81
C GLY JA 72 -58.57 -88.35 -35.50
N PHE JA 73 -57.87 -88.82 -34.47
CA PHE JA 73 -58.44 -89.05 -33.16
C PHE JA 73 -58.00 -87.95 -32.20
N ARG JA 74 -58.56 -87.96 -31.00
CA ARG JA 74 -58.15 -87.10 -29.91
C ARG JA 74 -57.65 -87.96 -28.75
N LYS JA 75 -56.55 -87.52 -28.14
CA LYS JA 75 -55.86 -88.30 -27.13
C LYS JA 75 -56.62 -88.31 -25.82
N PHE JA 76 -56.46 -89.39 -25.05
CA PHE JA 76 -56.95 -89.47 -23.68
C PHE JA 76 -56.00 -90.31 -22.85
N LEU JA 77 -55.46 -89.71 -21.78
CA LEU JA 77 -54.52 -90.42 -20.92
C LEU JA 77 -55.26 -91.39 -20.02
N VAL JA 78 -54.79 -92.64 -20.00
CA VAL JA 78 -55.39 -93.70 -19.19
C VAL JA 78 -54.30 -94.35 -18.36
N HIS JA 79 -54.63 -94.68 -17.11
CA HIS JA 79 -53.68 -95.26 -16.18
C HIS JA 79 -53.93 -96.73 -15.86
N ASN JA 80 -55.12 -97.24 -16.10
CA ASN JA 80 -55.43 -98.63 -15.80
C ASN JA 80 -56.57 -99.08 -16.69
N VAL JA 81 -57.00 -100.34 -16.49
CA VAL JA 81 -57.99 -100.94 -17.36
C VAL JA 81 -59.37 -100.30 -17.17
N LYS JA 82 -59.70 -99.90 -15.95
CA LYS JA 82 -61.05 -99.39 -15.67
C LYS JA 82 -61.34 -98.09 -16.41
N GLU JA 83 -60.33 -97.41 -16.92
CA GLU JA 83 -60.51 -96.16 -17.65
C GLU JA 83 -60.66 -96.37 -19.16
N LEU JA 84 -60.79 -97.61 -19.62
CA LEU JA 84 -61.06 -97.89 -21.03
C LEU JA 84 -62.53 -98.08 -21.33
N GLU JA 85 -63.31 -98.57 -20.36
CA GLU JA 85 -64.75 -98.57 -20.52
C GLU JA 85 -65.30 -97.16 -20.66
N VAL JA 86 -64.53 -96.15 -20.23
CA VAL JA 86 -64.89 -94.77 -20.48
C VAL JA 86 -64.92 -94.48 -21.97
N LEU JA 87 -63.89 -94.94 -22.69
CA LEU JA 87 -63.80 -94.75 -24.14
C LEU JA 87 -64.56 -95.81 -24.91
N LEU JA 88 -65.15 -96.78 -24.21
CA LEU JA 88 -65.98 -97.78 -24.88
C LEU JA 88 -66.99 -97.16 -25.82
N MET JA 89 -67.70 -96.13 -25.38
CA MET JA 89 -68.76 -95.54 -26.18
C MET JA 89 -68.32 -94.33 -26.98
N CYS JA 90 -67.11 -93.83 -26.75
CA CYS JA 90 -66.46 -92.88 -27.66
C CYS JA 90 -65.50 -93.60 -28.60
N ASN JA 91 -65.98 -94.64 -29.28
CA ASN JA 91 -65.09 -95.57 -29.96
C ASN JA 91 -64.40 -94.93 -31.17
N LYS JA 92 -65.17 -94.26 -32.02
CA LYS JA 92 -64.68 -93.80 -33.31
C LYS JA 92 -64.09 -92.38 -33.28
N SER JA 93 -64.16 -91.70 -32.14
CA SER JA 93 -63.70 -90.32 -32.07
C SER JA 93 -62.49 -90.12 -31.18
N TYR JA 94 -62.21 -91.04 -30.26
CA TYR JA 94 -61.25 -90.81 -29.20
C TYR JA 94 -60.37 -92.03 -29.03
N CYS JA 95 -59.06 -91.82 -28.93
CA CYS JA 95 -58.12 -92.90 -28.70
C CYS JA 95 -57.57 -92.83 -27.28
N ALA JA 96 -56.85 -93.87 -26.90
CA ALA JA 96 -56.32 -94.02 -25.55
C ALA JA 96 -54.82 -93.76 -25.55
N GLU JA 97 -54.29 -93.48 -24.36
CA GLU JA 97 -52.90 -93.13 -24.19
C GLU JA 97 -52.45 -93.59 -22.81
N ILE JA 98 -51.51 -94.52 -22.77
CA ILE JA 98 -51.05 -95.09 -21.51
C ILE JA 98 -49.96 -94.21 -20.92
N ALA JA 99 -50.03 -93.95 -19.63
CA ALA JA 99 -49.08 -93.08 -18.96
C ALA JA 99 -47.69 -93.71 -18.96
N HIS JA 100 -46.67 -92.84 -18.83
CA HIS JA 100 -45.29 -93.30 -18.80
C HIS JA 100 -44.99 -94.10 -17.54
N ASN JA 101 -45.78 -93.94 -16.48
CA ASN JA 101 -45.48 -94.58 -15.21
C ASN JA 101 -45.99 -96.01 -15.13
N VAL JA 102 -46.94 -96.39 -15.98
CA VAL JA 102 -47.47 -97.74 -15.94
C VAL JA 102 -46.36 -98.74 -16.31
N SER JA 103 -46.33 -99.85 -15.58
CA SER JA 103 -45.31 -100.87 -15.80
C SER JA 103 -45.75 -101.82 -16.92
N SER JA 104 -44.79 -102.64 -17.37
CA SER JA 104 -45.02 -103.48 -18.56
C SER JA 104 -46.13 -104.49 -18.35
N LYS JA 105 -46.19 -105.10 -17.18
CA LYS JA 105 -47.20 -106.13 -16.93
C LYS JA 105 -48.61 -105.56 -17.01
N ASN JA 106 -48.80 -104.30 -16.63
CA ASN JA 106 -50.10 -103.67 -16.74
C ASN JA 106 -50.34 -103.07 -18.12
N ARG JA 107 -49.27 -102.64 -18.81
CA ARG JA 107 -49.43 -102.17 -20.18
C ARG JA 107 -49.92 -103.29 -21.08
N LYS JA 108 -49.42 -104.50 -20.87
CA LYS JA 108 -49.90 -105.63 -21.66
C LYS JA 108 -51.41 -105.83 -21.48
N ALA JA 109 -51.87 -105.78 -20.23
CA ALA JA 109 -53.30 -105.97 -19.97
C ALA JA 109 -54.14 -104.84 -20.56
N ILE JA 110 -53.67 -103.59 -20.43
CA ILE JA 110 -54.40 -102.48 -21.01
C ILE JA 110 -54.51 -102.63 -22.52
N VAL JA 111 -53.41 -103.00 -23.17
CA VAL JA 111 -53.41 -103.15 -24.62
C VAL JA 111 -54.33 -104.27 -25.03
N GLU JA 112 -54.33 -105.38 -24.29
CA GLU JA 112 -55.22 -106.50 -24.63
C GLU JA 112 -56.68 -106.09 -24.50
N ARG JA 113 -57.03 -105.41 -23.41
CA ARG JA 113 -58.41 -104.98 -23.23
C ARG JA 113 -58.83 -103.98 -24.32
N ALA JA 114 -57.93 -103.06 -24.67
CA ALA JA 114 -58.24 -102.10 -25.72
C ALA JA 114 -58.43 -102.78 -27.07
N ALA JA 115 -57.60 -103.79 -27.36
CA ALA JA 115 -57.79 -104.55 -28.59
C ALA JA 115 -59.13 -105.26 -28.59
N GLN JA 116 -59.53 -105.80 -27.44
CA GLN JA 116 -60.86 -106.41 -27.33
C GLN JA 116 -61.95 -105.40 -27.60
N LEU JA 117 -61.83 -104.20 -27.03
CA LEU JA 117 -62.87 -103.19 -27.09
C LEU JA 117 -62.79 -102.33 -28.36
N ALA JA 118 -61.82 -102.58 -29.24
CA ALA JA 118 -61.62 -101.83 -30.46
C ALA JA 118 -61.34 -100.35 -30.21
N ILE JA 119 -60.68 -100.04 -29.10
CA ILE JA 119 -60.23 -98.68 -28.83
C ILE JA 119 -58.78 -98.56 -29.29
N ARG JA 120 -58.50 -97.52 -30.07
CA ARG JA 120 -57.15 -97.32 -30.59
C ARG JA 120 -56.20 -96.87 -29.48
N VAL JA 121 -54.97 -97.39 -29.53
CA VAL JA 121 -53.92 -97.02 -28.60
C VAL JA 121 -52.77 -96.44 -29.41
N THR JA 122 -52.31 -95.25 -29.03
CA THR JA 122 -51.28 -94.57 -29.78
C THR JA 122 -49.87 -95.06 -29.45
N ASN JA 123 -49.67 -95.68 -28.30
CA ASN JA 123 -48.38 -96.26 -27.91
C ASN JA 123 -48.60 -97.71 -27.49
N PRO JA 124 -48.94 -98.58 -28.43
CA PRO JA 124 -49.32 -99.96 -28.06
C PRO JA 124 -48.15 -100.88 -27.81
N ASN JA 125 -46.97 -100.60 -28.38
CA ASN JA 125 -45.83 -101.49 -28.22
C ASN JA 125 -44.67 -100.75 -27.55
N ALA JA 126 -44.96 -100.03 -26.47
CA ALA JA 126 -43.97 -99.14 -25.89
C ALA JA 126 -42.84 -99.91 -25.22
N ARG JA 127 -43.14 -100.68 -24.18
CA ARG JA 127 -42.11 -101.29 -23.37
C ARG JA 127 -41.85 -102.75 -23.72
N LEU JA 128 -42.89 -103.58 -23.76
CA LEU JA 128 -42.75 -105.01 -24.02
C LEU JA 128 -41.77 -105.66 -23.05
N SER KA 1 -40.31 -86.86 -81.66
CA SER KA 1 -38.86 -87.01 -81.53
C SER KA 1 -38.18 -85.65 -81.52
N GLY KA 2 -38.64 -84.78 -80.64
CA GLY KA 2 -38.05 -83.46 -80.52
C GLY KA 2 -38.62 -82.74 -79.32
N ARG KA 3 -38.42 -81.42 -79.31
CA ARG KA 3 -38.93 -80.60 -78.22
C ARG KA 3 -40.42 -80.35 -78.39
N LEU KA 4 -41.18 -80.53 -77.31
CA LEU KA 4 -42.61 -80.25 -77.30
C LEU KA 4 -42.96 -79.22 -76.23
N TRP KA 5 -41.96 -78.50 -75.74
CA TRP KA 5 -42.12 -77.52 -74.67
C TRP KA 5 -41.37 -76.25 -75.00
N CYS KA 6 -42.01 -75.12 -74.72
CA CYS KA 6 -41.42 -73.81 -74.98
C CYS KA 6 -40.45 -73.43 -73.89
N LYS KA 7 -39.61 -72.44 -74.17
CA LYS KA 7 -38.54 -72.04 -73.28
C LYS KA 7 -38.94 -70.79 -72.51
N ALA KA 8 -38.80 -70.83 -71.19
CA ALA KA 8 -39.11 -69.70 -70.33
C ALA KA 8 -38.04 -69.58 -69.25
N ILE KA 9 -37.87 -68.37 -68.75
CA ILE KA 9 -36.88 -68.05 -67.72
C ILE KA 9 -37.59 -67.57 -66.48
N PHE KA 10 -37.25 -68.14 -65.33
CA PHE KA 10 -37.81 -67.74 -64.04
C PHE KA 10 -37.11 -66.44 -63.63
N ALA KA 11 -37.73 -65.31 -63.99
CA ALA KA 11 -37.10 -64.02 -63.76
C ALA KA 11 -37.03 -63.69 -62.27
N GLY KA 12 -38.14 -63.83 -61.56
CA GLY KA 12 -38.15 -63.54 -60.14
C GLY KA 12 -39.54 -63.69 -59.58
N TYR KA 13 -39.71 -63.20 -58.36
CA TYR KA 13 -40.97 -63.31 -57.65
C TYR KA 13 -41.82 -62.06 -57.84
N LYS KA 14 -43.12 -62.21 -57.60
CA LYS KA 14 -43.99 -61.05 -57.48
C LYS KA 14 -43.53 -60.20 -56.31
N ARG KA 15 -43.27 -58.91 -56.58
CA ARG KA 15 -42.67 -58.08 -55.55
C ARG KA 15 -42.90 -56.61 -55.84
N GLY KA 16 -42.76 -55.80 -54.81
CA GLY KA 16 -42.49 -54.40 -54.95
C GLY KA 16 -41.00 -54.15 -54.87
N LEU KA 17 -40.64 -52.93 -54.50
CA LEU KA 17 -39.22 -52.64 -54.33
C LEU KA 17 -38.66 -53.24 -53.05
N ARG KA 18 -39.48 -53.39 -52.01
CA ARG KA 18 -38.98 -53.78 -50.70
C ARG KA 18 -39.76 -54.93 -50.07
N ASN KA 19 -40.70 -55.53 -50.80
CA ASN KA 19 -41.49 -56.64 -50.29
C ASN KA 19 -41.56 -57.73 -51.36
N GLN KA 20 -41.44 -58.99 -50.94
CA GLN KA 20 -41.43 -60.12 -51.85
C GLN KA 20 -42.57 -61.07 -51.51
N ARG KA 21 -43.35 -61.43 -52.52
CA ARG KA 21 -44.45 -62.41 -52.39
C ARG KA 21 -44.00 -63.67 -53.12
N GLU KA 22 -43.62 -64.69 -52.36
CA GLU KA 22 -42.98 -65.86 -52.95
C GLU KA 22 -43.96 -66.76 -53.70
N HIS KA 23 -45.26 -66.63 -53.48
CA HIS KA 23 -46.20 -67.58 -54.07
C HIS KA 23 -46.47 -67.32 -55.55
N THR KA 24 -45.98 -66.23 -56.12
CA THR KA 24 -46.17 -65.93 -57.53
C THR KA 24 -44.82 -65.73 -58.20
N ALA KA 25 -44.67 -66.28 -59.40
CA ALA KA 25 -43.42 -66.23 -60.14
C ALA KA 25 -43.59 -65.46 -61.44
N LEU KA 26 -42.51 -64.82 -61.86
CA LEU KA 26 -42.47 -64.04 -63.09
C LEU KA 26 -41.64 -64.80 -64.13
N LEU KA 27 -42.16 -64.91 -65.35
CA LEU KA 27 -41.51 -65.70 -66.38
C LEU KA 27 -41.33 -64.90 -67.67
N LYS KA 28 -40.17 -65.06 -68.29
CA LYS KA 28 -39.90 -64.60 -69.65
C LYS KA 28 -39.99 -65.78 -70.61
N ILE KA 29 -41.02 -65.81 -71.43
CA ILE KA 29 -41.06 -66.74 -72.56
C ILE KA 29 -40.39 -66.07 -73.75
N GLU KA 30 -39.53 -66.81 -74.45
CA GLU KA 30 -38.84 -66.23 -75.60
C GLU KA 30 -39.81 -66.01 -76.74
N GLY KA 31 -39.56 -64.97 -77.52
CA GLY KA 31 -40.34 -64.67 -78.70
C GLY KA 31 -41.63 -63.92 -78.44
N VAL KA 32 -42.05 -63.81 -77.19
CA VAL KA 32 -43.23 -63.04 -76.84
C VAL KA 32 -42.79 -61.78 -76.10
N TYR KA 33 -43.13 -60.62 -76.65
CA TYR KA 33 -42.68 -59.34 -76.12
C TYR KA 33 -43.82 -58.33 -76.15
N ALA KA 34 -45.03 -58.76 -75.80
CA ALA KA 34 -46.17 -57.87 -75.80
C ALA KA 34 -47.31 -58.50 -75.01
N ARG KA 35 -48.02 -57.65 -74.26
CA ARG KA 35 -49.17 -58.12 -73.48
C ARG KA 35 -50.22 -58.77 -74.36
N ASP KA 36 -50.54 -58.12 -75.47
CA ASP KA 36 -51.50 -58.69 -76.42
C ASP KA 36 -50.97 -59.92 -77.13
N GLU KA 37 -49.67 -60.20 -77.02
CA GLU KA 37 -49.09 -61.40 -77.59
C GLU KA 37 -49.01 -62.55 -76.60
N THR KA 38 -49.09 -62.26 -75.30
CA THR KA 38 -49.05 -63.30 -74.28
C THR KA 38 -50.33 -64.13 -74.19
N GLU KA 39 -51.39 -63.77 -74.92
CA GLU KA 39 -52.68 -64.42 -74.73
C GLU KA 39 -52.62 -65.92 -74.99
N PHE KA 40 -51.72 -66.38 -75.87
CA PHE KA 40 -51.65 -67.79 -76.20
C PHE KA 40 -51.32 -68.65 -74.97
N TYR KA 41 -50.57 -68.11 -74.01
CA TYR KA 41 -49.98 -68.91 -72.96
C TYR KA 41 -50.77 -68.91 -71.66
N LEU KA 42 -51.90 -68.21 -71.59
CA LEU KA 42 -52.67 -68.20 -70.36
C LEU KA 42 -53.30 -69.58 -70.14
N GLY KA 43 -53.10 -70.12 -68.94
CA GLY KA 43 -53.63 -71.42 -68.60
C GLY KA 43 -52.75 -72.60 -68.94
N LYS KA 44 -51.71 -72.39 -69.75
CA LYS KA 44 -50.76 -73.46 -70.01
C LYS KA 44 -50.02 -73.82 -68.74
N ARG KA 45 -49.81 -75.12 -68.53
CA ARG KA 45 -49.11 -75.57 -67.34
C ARG KA 45 -47.61 -75.62 -67.61
N CYS KA 46 -46.84 -75.20 -66.61
CA CYS KA 46 -45.39 -75.12 -66.72
C CYS KA 46 -44.74 -75.98 -65.65
N ALA KA 47 -43.51 -76.41 -65.92
CA ALA KA 47 -42.78 -77.29 -65.03
C ALA KA 47 -41.35 -76.82 -64.86
N TYR KA 48 -40.81 -77.05 -63.68
CA TYR KA 48 -39.40 -76.82 -63.38
C TYR KA 48 -38.76 -78.18 -63.15
N VAL KA 49 -37.71 -78.48 -63.91
CA VAL KA 49 -37.06 -79.78 -63.88
C VAL KA 49 -35.65 -79.59 -63.32
N TYR KA 50 -35.31 -80.37 -62.31
CA TYR KA 50 -33.98 -80.33 -61.69
C TYR KA 50 -33.55 -81.72 -61.30
N LYS KA 51 -32.30 -81.84 -60.87
CA LYS KA 51 -31.72 -83.10 -60.47
C LYS KA 51 -31.31 -83.07 -59.00
N ALA KA 52 -31.37 -84.23 -58.35
CA ALA KA 52 -30.97 -84.33 -56.96
C ALA KA 52 -29.95 -85.46 -56.76
N LYS KA 53 -29.65 -85.77 -55.50
CA LYS KA 53 -28.63 -86.78 -55.23
C LYS KA 53 -29.15 -88.19 -55.48
N ASN KA 54 -30.21 -88.58 -54.77
CA ASN KA 54 -30.70 -89.95 -54.84
C ASN KA 54 -32.00 -90.02 -55.65
N ASN KA 55 -32.36 -91.26 -55.99
CA ASN KA 55 -33.39 -91.50 -56.99
C ASN KA 55 -34.79 -91.24 -56.46
N THR KA 56 -35.71 -90.95 -57.37
CA THR KA 56 -37.12 -90.85 -57.09
C THR KA 56 -37.89 -91.56 -58.19
N VAL KA 57 -39.08 -92.06 -57.84
CA VAL KA 57 -39.88 -92.79 -58.81
C VAL KA 57 -40.36 -91.86 -59.91
N THR KA 58 -40.52 -92.42 -61.11
CA THR KA 58 -41.01 -91.68 -62.26
C THR KA 58 -42.21 -92.39 -62.88
N PRO KA 59 -43.20 -91.65 -63.36
CA PRO KA 59 -44.35 -92.27 -64.02
C PRO KA 59 -43.93 -92.94 -65.33
N GLY KA 60 -44.13 -94.26 -65.40
CA GLY KA 60 -43.77 -95.01 -66.59
C GLY KA 60 -42.29 -95.17 -66.84
N GLY KA 61 -41.52 -95.49 -65.81
CA GLY KA 61 -40.11 -95.77 -66.00
C GLY KA 61 -39.45 -96.19 -64.71
N LYS KA 62 -38.17 -96.50 -64.81
CA LYS KA 62 -37.39 -96.79 -63.62
C LYS KA 62 -36.93 -95.50 -62.96
N PRO KA 63 -36.75 -95.52 -61.64
CA PRO KA 63 -36.39 -94.28 -60.93
C PRO KA 63 -35.05 -93.72 -61.42
N ASN KA 64 -34.96 -92.39 -61.39
CA ASN KA 64 -33.78 -91.68 -61.85
C ASN KA 64 -33.57 -90.48 -60.95
N LYS KA 65 -32.70 -89.57 -61.36
CA LYS KA 65 -32.32 -88.43 -60.54
C LYS KA 65 -33.22 -87.21 -60.71
N THR KA 66 -34.15 -87.23 -61.66
CA THR KA 66 -34.91 -86.05 -62.01
C THR KA 66 -36.10 -85.83 -61.08
N ARG KA 67 -36.39 -84.56 -60.79
CA ARG KA 67 -37.52 -84.15 -59.98
C ARG KA 67 -38.15 -82.93 -60.63
N VAL KA 68 -39.45 -82.76 -60.41
CA VAL KA 68 -40.21 -81.71 -61.08
C VAL KA 68 -41.18 -81.06 -60.10
N ILE KA 69 -41.25 -79.73 -60.16
CA ILE KA 69 -42.29 -78.96 -59.49
C ILE KA 69 -43.20 -78.39 -60.56
N TRP KA 70 -44.50 -78.67 -60.46
CA TRP KA 70 -45.45 -78.28 -61.49
C TRP KA 70 -46.07 -76.92 -61.18
N GLY KA 71 -46.51 -76.23 -62.24
CA GLY KA 71 -47.13 -74.93 -62.09
C GLY KA 71 -48.20 -74.67 -63.12
N LYS KA 72 -48.52 -73.40 -63.34
CA LYS KA 72 -49.56 -73.01 -64.29
C LYS KA 72 -49.46 -71.51 -64.53
N VAL KA 73 -49.58 -71.10 -65.78
CA VAL KA 73 -49.51 -69.68 -66.13
C VAL KA 73 -50.88 -69.05 -65.86
N THR KA 74 -50.90 -68.05 -64.97
CA THR KA 74 -52.16 -67.49 -64.50
C THR KA 74 -52.61 -66.29 -65.33
N ARG KA 75 -51.77 -65.26 -65.41
CA ARG KA 75 -52.15 -64.05 -66.14
C ARG KA 75 -50.89 -63.26 -66.48
N ALA KA 76 -51.07 -62.30 -67.38
CA ALA KA 76 -49.95 -61.53 -67.89
C ALA KA 76 -49.45 -60.53 -66.85
N HIS KA 77 -48.31 -59.91 -67.16
CA HIS KA 77 -47.62 -59.04 -66.22
C HIS KA 77 -46.91 -57.94 -66.99
N GLY KA 78 -47.18 -56.70 -66.65
CA GLY KA 78 -46.55 -55.60 -67.34
C GLY KA 78 -46.99 -55.50 -68.80
N ASN KA 79 -46.14 -54.86 -69.58
CA ASN KA 79 -46.39 -54.66 -71.01
C ASN KA 79 -45.41 -55.40 -71.91
N SER KA 80 -44.30 -55.92 -71.37
CA SER KA 80 -43.21 -56.45 -72.18
C SER KA 80 -43.29 -57.95 -72.41
N GLY KA 81 -44.31 -58.62 -71.89
CA GLY KA 81 -44.48 -60.04 -72.14
C GLY KA 81 -44.32 -60.95 -70.95
N MET KA 82 -44.06 -60.42 -69.75
CA MET KA 82 -44.11 -61.23 -68.54
C MET KA 82 -45.46 -61.90 -68.39
N VAL KA 83 -45.44 -63.03 -67.68
CA VAL KA 83 -46.64 -63.71 -67.21
C VAL KA 83 -46.43 -64.06 -65.74
N ARG KA 84 -47.53 -64.39 -65.07
CA ARG KA 84 -47.49 -64.80 -63.69
C ARG KA 84 -47.77 -66.30 -63.62
N ALA KA 85 -46.97 -67.02 -62.84
CA ALA KA 85 -47.13 -68.45 -62.69
C ALA KA 85 -47.27 -68.81 -61.22
N LYS KA 86 -48.12 -69.79 -60.94
CA LYS KA 86 -48.37 -70.27 -59.59
C LYS KA 86 -48.06 -71.75 -59.53
N PHE KA 87 -47.08 -72.12 -58.73
CA PHE KA 87 -46.63 -73.49 -58.61
C PHE KA 87 -47.15 -74.10 -57.32
N ARG KA 88 -47.42 -75.41 -57.34
CA ARG KA 88 -47.93 -76.04 -56.15
C ARG KA 88 -46.92 -76.05 -55.00
N SER KA 89 -45.66 -75.76 -55.28
CA SER KA 89 -44.68 -75.45 -54.25
C SER KA 89 -43.86 -74.25 -54.75
N ASN KA 90 -43.60 -73.31 -53.85
CA ASN KA 90 -42.90 -72.09 -54.25
C ASN KA 90 -41.53 -72.43 -54.83
N LEU KA 91 -41.22 -71.82 -55.97
CA LEU KA 91 -39.98 -72.13 -56.66
C LEU KA 91 -38.78 -71.75 -55.79
N PRO KA 92 -37.76 -72.59 -55.71
CA PRO KA 92 -36.58 -72.23 -54.93
C PRO KA 92 -35.85 -71.05 -55.54
N ALA KA 93 -35.22 -70.26 -54.67
CA ALA KA 93 -34.54 -69.05 -55.13
C ALA KA 93 -33.26 -69.33 -55.90
N LYS KA 94 -32.78 -70.57 -55.91
CA LYS KA 94 -31.64 -70.92 -56.74
C LYS KA 94 -32.00 -71.06 -58.20
N ALA KA 95 -33.29 -71.08 -58.54
CA ALA KA 95 -33.75 -71.23 -59.90
C ALA KA 95 -33.91 -69.91 -60.63
N ILE KA 96 -33.46 -68.80 -60.03
CA ILE KA 96 -33.52 -67.51 -60.71
C ILE KA 96 -32.66 -67.57 -61.96
N GLY KA 97 -33.24 -67.15 -63.09
CA GLY KA 97 -32.52 -67.16 -64.35
C GLY KA 97 -32.18 -68.54 -64.88
N HIS KA 98 -33.06 -69.51 -64.66
CA HIS KA 98 -32.91 -70.85 -65.22
C HIS KA 98 -34.12 -71.20 -66.08
N ARG KA 99 -34.01 -72.31 -66.79
CA ARG KA 99 -35.03 -72.68 -67.77
C ARG KA 99 -36.26 -73.25 -67.07
N ILE KA 100 -37.43 -72.76 -67.45
CA ILE KA 100 -38.72 -73.31 -67.03
C ILE KA 100 -39.43 -73.80 -68.29
N ARG KA 101 -39.83 -75.07 -68.30
CA ARG KA 101 -40.55 -75.61 -69.43
C ARG KA 101 -42.00 -75.16 -69.41
N VAL KA 102 -42.47 -74.60 -70.51
CA VAL KA 102 -43.87 -74.20 -70.67
C VAL KA 102 -44.50 -75.12 -71.70
N MET KA 103 -45.49 -75.89 -71.28
CA MET KA 103 -46.09 -76.89 -72.14
C MET KA 103 -47.13 -76.29 -73.06
N LEU KA 104 -47.66 -77.13 -73.95
CA LEU KA 104 -48.66 -76.72 -74.92
C LEU KA 104 -50.02 -77.38 -74.72
N TYR KA 105 -50.08 -78.53 -74.05
CA TYR KA 105 -51.25 -79.39 -74.14
C TYR KA 105 -52.52 -78.87 -73.47
N PRO KA 106 -52.48 -78.01 -72.43
CA PRO KA 106 -53.75 -77.42 -71.99
C PRO KA 106 -54.27 -76.43 -73.03
N SER KA 107 -54.54 -76.93 -74.23
CA SER KA 107 -54.72 -76.09 -75.40
C SER KA 107 -56.19 -75.82 -75.66
N ARG KA 108 -56.47 -74.65 -76.24
CA ARG KA 108 -57.82 -74.19 -76.54
C ARG KA 108 -57.89 -73.64 -77.96
N ILE KA 109 -56.97 -74.07 -78.82
CA ILE KA 109 -56.92 -73.62 -80.20
C ILE KA 109 -58.13 -74.16 -80.97
N VAL LA 1 43.47 -60.50 13.27
CA VAL LA 1 43.51 -60.57 14.73
C VAL LA 1 42.29 -61.33 15.24
N GLN LA 2 42.36 -61.73 16.51
CA GLN LA 2 41.27 -62.48 17.14
C GLN LA 2 40.36 -61.49 17.85
N ARG LA 3 39.29 -61.08 17.18
CA ARG LA 3 38.32 -60.16 17.76
C ARG LA 3 37.21 -60.95 18.42
N LEU LA 4 36.75 -60.46 19.56
CA LEU LA 4 36.06 -61.29 20.53
C LEU LA 4 34.73 -60.68 20.94
N THR LA 5 34.00 -61.41 21.78
CA THR LA 5 32.61 -61.12 22.10
C THR LA 5 32.41 -61.05 23.61
N TYR LA 6 31.24 -60.56 24.01
CA TYR LA 6 30.84 -60.60 25.41
C TYR LA 6 30.60 -62.03 25.86
N ARG LA 7 30.57 -62.23 27.18
CA ARG LA 7 30.31 -63.53 27.76
C ARG LA 7 29.05 -63.56 28.61
N ARG LA 8 28.27 -62.49 28.60
CA ARG LA 8 27.01 -62.42 29.34
C ARG LA 8 25.90 -61.98 28.40
N ARG LA 9 24.68 -62.00 28.91
CA ARG LA 9 23.51 -61.61 28.13
C ARG LA 9 23.27 -60.10 28.15
N LEU LA 10 24.27 -59.32 28.52
CA LEU LA 10 24.20 -57.86 28.48
C LEU LA 10 25.14 -57.37 27.40
N SER LA 11 24.61 -56.59 26.46
CA SER LA 11 25.36 -56.20 25.27
C SER LA 11 25.54 -54.70 25.15
N TYR LA 12 25.27 -53.93 26.19
CA TYR LA 12 25.39 -52.49 26.15
C TYR LA 12 26.54 -52.03 27.04
N ASN LA 13 27.23 -50.97 26.62
CA ASN LA 13 28.43 -50.50 27.29
C ASN LA 13 28.06 -49.62 28.49
N THR LA 14 27.32 -50.20 29.42
CA THR LA 14 26.86 -49.49 30.60
C THR LA 14 27.94 -49.52 31.68
N ALA LA 15 27.62 -48.92 32.83
CA ALA LA 15 28.60 -48.80 33.90
C ALA LA 15 28.99 -50.16 34.46
N SER LA 16 28.04 -51.09 34.52
CA SER LA 16 28.33 -52.41 35.07
C SER LA 16 28.93 -53.36 34.05
N ASN LA 17 28.86 -53.04 32.77
CA ASN LA 17 29.37 -53.91 31.71
C ASN LA 17 30.76 -53.47 31.26
N LYS LA 18 31.72 -53.51 32.18
CA LYS LA 18 33.07 -53.03 31.93
C LYS LA 18 34.05 -54.19 32.03
N THR LA 19 34.96 -54.28 31.06
CA THR LA 19 35.79 -55.46 30.85
C THR LA 19 37.25 -55.05 30.75
N ARG LA 20 38.10 -56.06 30.59
CA ARG LA 20 39.52 -55.87 30.33
C ARG LA 20 40.05 -57.15 29.70
N LEU LA 21 40.98 -57.01 28.75
CA LEU LA 21 41.49 -58.15 28.01
C LEU LA 21 42.54 -58.89 28.81
N SER LA 22 42.48 -60.22 28.77
CA SER LA 22 43.42 -61.07 29.48
C SER LA 22 43.77 -62.27 28.62
N ARG LA 23 44.98 -62.78 28.78
CA ARG LA 23 45.47 -63.92 28.01
C ARG LA 23 45.47 -65.15 28.91
N THR LA 24 44.63 -66.13 28.58
CA THR LA 24 44.49 -67.34 29.37
C THR LA 24 45.65 -68.30 29.11
N PRO LA 25 45.85 -69.28 29.99
CA PRO LA 25 46.85 -70.32 29.71
C PRO LA 25 46.59 -71.11 28.45
N GLY LA 26 45.35 -71.15 27.98
CA GLY LA 26 45.06 -71.78 26.71
C GLY LA 26 45.41 -70.95 25.50
N ASN LA 27 46.08 -69.82 25.72
CA ASN LA 27 46.51 -68.91 24.65
C ASN LA 27 45.31 -68.37 23.87
N ARG LA 28 44.41 -67.70 24.60
CA ARG LA 28 43.28 -67.02 24.01
C ARG LA 28 43.06 -65.72 24.74
N ILE LA 29 42.57 -64.72 24.01
CA ILE LA 29 42.26 -63.41 24.58
C ILE LA 29 40.77 -63.37 24.85
N VAL LA 30 40.40 -63.18 26.11
CA VAL LA 30 39.01 -63.12 26.54
C VAL LA 30 38.80 -61.82 27.31
N TYR LA 31 37.53 -61.46 27.49
CA TYR LA 31 37.19 -60.41 28.44
C TYR LA 31 37.15 -60.94 29.86
N LEU LA 32 37.24 -60.01 30.79
CA LEU LA 32 37.17 -60.30 32.21
C LEU LA 32 36.54 -59.09 32.88
N TYR LA 33 35.42 -59.30 33.55
CA TYR LA 33 34.57 -58.19 33.97
C TYR LA 33 35.16 -57.56 35.23
N THR LA 34 35.62 -56.32 35.10
CA THR LA 34 36.25 -55.62 36.20
C THR LA 34 35.20 -55.15 37.21
N LYS LA 35 35.66 -54.89 38.42
CA LYS LA 35 34.84 -54.31 39.47
C LYS LA 35 34.99 -52.79 39.45
N LYS LA 36 33.96 -52.11 39.93
CA LYS LA 36 33.99 -50.65 39.94
C LYS LA 36 35.03 -50.15 40.93
N VAL LA 37 35.69 -49.05 40.58
CA VAL LA 37 36.74 -48.52 41.43
C VAL LA 37 36.12 -47.87 42.66
N GLY LA 38 36.68 -48.18 43.83
CA GLY LA 38 36.20 -47.60 45.06
C GLY LA 38 36.77 -46.22 45.31
N LYS LA 39 36.25 -45.57 46.34
CA LYS LA 39 36.69 -44.25 46.74
C LYS LA 39 36.97 -44.21 48.23
N ALA LA 40 38.03 -43.52 48.62
CA ALA LA 40 38.33 -43.33 50.03
C ALA LA 40 37.32 -42.38 50.65
N PRO LA 41 37.11 -42.48 51.96
CA PRO LA 41 36.15 -41.58 52.60
C PRO LA 41 36.59 -40.13 52.59
N LYS LA 42 35.61 -39.24 52.52
CA LYS LA 42 35.83 -37.82 52.66
C LYS LA 42 35.92 -37.43 54.13
N SER LA 43 36.68 -36.38 54.41
CA SER LA 43 36.81 -35.91 55.79
C SER LA 43 35.51 -35.27 56.26
N ALA LA 44 35.12 -35.58 57.49
CA ALA LA 44 33.88 -35.06 58.06
C ALA LA 44 33.94 -33.57 58.35
N CYS LA 45 35.12 -32.95 58.26
CA CYS LA 45 35.22 -31.51 58.49
C CYS LA 45 34.43 -30.72 57.46
N GLY LA 46 34.36 -31.22 56.22
CA GLY LA 46 33.60 -30.58 55.18
C GLY LA 46 34.31 -29.49 54.42
N VAL LA 47 35.55 -29.16 54.78
CA VAL LA 47 36.30 -28.11 54.13
C VAL LA 47 37.44 -28.67 53.28
N CYS LA 48 38.14 -29.68 53.79
CA CYS LA 48 39.28 -30.23 53.07
C CYS LA 48 38.78 -31.01 51.85
N PRO LA 49 39.38 -30.81 50.67
CA PRO LA 49 38.94 -31.55 49.49
C PRO LA 49 39.56 -32.93 49.35
N GLY LA 50 40.67 -33.21 50.05
CA GLY LA 50 41.34 -34.48 49.89
C GLY LA 50 40.62 -35.62 50.58
N ARG LA 51 40.97 -36.83 50.18
CA ARG LA 51 40.47 -38.04 50.80
C ARG LA 51 41.34 -38.43 51.99
N LEU LA 52 40.76 -39.23 52.88
CA LEU LA 52 41.50 -39.64 54.06
C LEU LA 52 42.59 -40.65 53.69
N ARG LA 53 43.53 -40.83 54.61
CA ARG LA 53 44.70 -41.65 54.38
C ARG LA 53 44.76 -42.77 55.42
N GLY LA 54 45.32 -43.90 55.00
CA GLY LA 54 45.36 -45.08 55.84
C GLY LA 54 44.14 -45.95 55.76
N VAL LA 55 43.12 -45.56 55.00
CA VAL LA 55 41.89 -46.33 54.84
C VAL LA 55 41.86 -46.89 53.43
N ARG LA 56 41.53 -48.18 53.30
CA ARG LA 56 41.43 -48.81 51.99
C ARG LA 56 40.31 -48.18 51.18
N ALA LA 57 40.52 -48.08 49.87
CA ALA LA 57 39.53 -47.53 48.95
C ALA LA 57 38.85 -48.70 48.24
N VAL LA 58 37.71 -49.12 48.79
CA VAL LA 58 36.95 -50.25 48.27
C VAL LA 58 35.48 -49.87 48.23
N ARG LA 59 34.69 -50.74 47.60
CA ARG LA 59 33.26 -50.51 47.50
C ARG LA 59 32.61 -50.67 48.87
N PRO LA 60 31.45 -50.03 49.08
CA PRO LA 60 30.87 -50.01 50.44
C PRO LA 60 30.59 -51.38 51.02
N LYS LA 61 30.14 -52.34 50.22
CA LYS LA 61 29.83 -53.65 50.76
C LYS LA 61 31.05 -54.54 50.90
N VAL LA 62 32.21 -54.14 50.36
CA VAL LA 62 33.44 -54.86 50.59
C VAL LA 62 33.96 -54.64 52.01
N LEU LA 63 33.60 -53.51 52.64
CA LEU LA 63 34.11 -53.18 53.95
C LEU LA 63 33.63 -54.13 55.04
N MET LA 64 32.62 -54.97 54.77
CA MET LA 64 32.27 -56.03 55.71
C MET LA 64 33.43 -57.00 55.88
N ARG LA 65 34.10 -57.35 54.78
CA ARG LA 65 35.16 -58.35 54.84
C ARG LA 65 36.42 -57.80 55.52
N LEU LA 66 36.70 -56.51 55.35
CA LEU LA 66 37.92 -55.94 55.86
C LEU LA 66 37.88 -55.88 57.39
N SER LA 67 39.05 -55.66 57.99
CA SER LA 67 39.18 -55.55 59.42
C SER LA 67 39.26 -54.10 59.86
N LYS LA 68 39.03 -53.86 61.15
CA LYS LA 68 38.96 -52.50 61.65
C LYS LA 68 40.29 -51.78 61.48
N THR LA 69 41.40 -52.49 61.67
CA THR LA 69 42.70 -51.86 61.51
C THR LA 69 42.89 -51.33 60.09
N LYS LA 70 42.49 -52.11 59.09
CA LYS LA 70 42.57 -51.63 57.71
C LYS LA 70 41.50 -50.60 57.41
N LYS LA 71 40.45 -50.52 58.21
CA LYS LA 71 39.40 -49.54 57.95
C LYS LA 71 39.63 -48.18 58.57
N HIS LA 72 40.41 -48.08 59.65
CA HIS LA 72 40.57 -46.80 60.36
C HIS LA 72 42.03 -46.60 60.73
N VAL LA 73 42.31 -45.47 61.36
CA VAL LA 73 43.65 -45.13 61.84
C VAL LA 73 43.59 -44.88 63.34
N SER LA 74 44.71 -45.10 64.01
CA SER LA 74 44.78 -45.05 65.47
C SER LA 74 44.94 -43.61 65.92
N ARG LA 75 43.81 -42.93 66.11
CA ARG LA 75 43.75 -41.56 66.59
C ARG LA 75 42.30 -41.26 66.92
N ALA LA 76 42.09 -40.18 67.66
CA ALA LA 76 40.73 -39.68 67.84
C ALA LA 76 40.16 -39.25 66.50
N TYR LA 77 38.88 -39.57 66.28
CA TYR LA 77 38.22 -39.37 64.99
C TYR LA 77 38.97 -40.07 63.86
N GLY LA 78 39.70 -41.13 64.20
CA GLY LA 78 40.52 -41.84 63.23
C GLY LA 78 39.73 -42.47 62.10
N GLY LA 79 40.11 -42.17 60.87
CA GLY LA 79 39.37 -42.67 59.74
C GLY LA 79 38.09 -41.93 59.45
N SER LA 80 37.83 -40.82 60.14
CA SER LA 80 36.64 -40.02 59.92
C SER LA 80 36.90 -38.53 59.74
N MET LA 81 38.09 -38.04 60.11
CA MET LA 81 38.39 -36.62 60.01
C MET LA 81 39.89 -36.46 59.92
N CYS LA 82 40.34 -35.52 59.09
CA CYS LA 82 41.76 -35.34 58.86
C CYS LA 82 42.46 -34.78 60.09
N ALA LA 83 43.75 -35.09 60.20
CA ALA LA 83 44.52 -34.69 61.39
C ALA LA 83 44.60 -33.18 61.53
N LYS LA 84 44.67 -32.46 60.41
CA LYS LA 84 44.69 -31.01 60.46
C LYS LA 84 43.47 -30.47 61.18
N CYS LA 85 42.28 -30.91 60.76
CA CYS LA 85 41.07 -30.41 61.38
C CYS LA 85 40.88 -30.97 62.78
N VAL LA 86 41.44 -32.14 63.06
CA VAL LA 86 41.41 -32.66 64.43
C VAL LA 86 42.17 -31.72 65.36
N ARG LA 87 43.41 -31.37 64.99
CA ARG LA 87 44.19 -30.50 65.87
C ARG LA 87 43.60 -29.10 65.94
N ASP LA 88 43.04 -28.62 64.82
CA ASP LA 88 42.36 -27.32 64.86
C ASP LA 88 41.17 -27.36 65.79
N ARG LA 89 40.43 -28.47 65.80
CA ARG LA 89 39.29 -28.61 66.70
C ARG LA 89 39.73 -28.62 68.16
N ILE LA 90 40.82 -29.32 68.45
CA ILE LA 90 41.32 -29.36 69.82
C ILE LA 90 41.70 -27.96 70.28
N LYS LA 91 42.45 -27.24 69.45
CA LYS LA 91 42.89 -25.90 69.82
C LYS LA 91 41.69 -24.96 69.97
N ARG LA 92 40.72 -25.06 69.06
CA ARG LA 92 39.52 -24.23 69.16
C ARG LA 92 38.78 -24.49 70.46
N ALA LA 93 38.61 -25.75 70.82
CA ALA LA 93 37.89 -26.07 72.06
C ALA LA 93 38.62 -25.49 73.26
N PHE LA 94 39.93 -25.68 73.33
CA PHE LA 94 40.67 -25.19 74.49
C PHE LA 94 40.59 -23.67 74.58
N LEU LA 95 40.72 -22.98 73.46
CA LEU LA 95 40.74 -21.52 73.50
C LEU LA 95 39.35 -20.96 73.80
N ILE LA 96 38.30 -21.58 73.28
CA ILE LA 96 36.95 -21.12 73.61
C ILE LA 96 36.69 -21.29 75.09
N GLU LA 97 37.10 -22.43 75.67
CA GLU LA 97 36.90 -22.61 77.11
C GLU LA 97 37.68 -21.58 77.91
N GLU LA 98 38.92 -21.29 77.49
CA GLU LA 98 39.71 -20.31 78.22
C GLU LA 98 39.06 -18.92 78.18
N GLN LA 99 38.57 -18.51 77.01
CA GLN LA 99 37.92 -17.21 76.94
C GLN LA 99 36.59 -17.20 77.68
N LYS LA 100 35.90 -18.33 77.75
CA LYS LA 100 34.70 -18.41 78.58
C LYS LA 100 35.03 -18.18 80.04
N ILE LA 101 36.13 -18.78 80.52
CA ILE LA 101 36.58 -18.54 81.88
C ILE LA 101 36.89 -17.06 82.09
N VAL LA 102 37.59 -16.45 81.14
CA VAL LA 102 37.94 -15.03 81.25
C VAL LA 102 36.68 -14.17 81.33
N VAL LA 103 35.71 -14.45 80.45
CA VAL LA 103 34.48 -13.65 80.43
C VAL LA 103 33.72 -13.83 81.74
N LYS LA 104 33.65 -15.07 82.24
CA LYS LA 104 32.95 -15.30 83.50
C LYS LA 104 33.60 -14.53 84.65
N VAL LA 105 34.93 -14.57 84.73
CA VAL LA 105 35.60 -13.89 85.85
C VAL LA 105 35.45 -12.38 85.73
N LEU LA 106 35.55 -11.83 84.52
CA LEU LA 106 35.37 -10.39 84.34
C LEU LA 106 33.94 -9.97 84.66
N LYS LA 107 32.96 -10.76 84.23
CA LYS LA 107 31.56 -10.45 84.53
C LYS LA 107 31.31 -10.48 86.03
N ALA LA 108 31.84 -11.49 86.71
CA ALA LA 108 31.64 -11.57 88.16
C ALA LA 108 32.34 -10.42 88.88
N GLN LA 109 33.52 -10.03 88.39
CA GLN LA 109 34.22 -8.90 89.00
C GLN LA 109 33.44 -7.60 88.81
N ALA LA 110 32.87 -7.39 87.62
CA ALA LA 110 32.05 -6.21 87.39
C ALA LA 110 30.81 -6.21 88.28
N GLN LA 111 30.16 -7.37 88.41
CA GLN LA 111 29.00 -7.48 89.27
C GLN LA 111 29.35 -7.18 90.72
N SER LA 112 30.48 -7.70 91.19
CA SER LA 112 30.94 -7.41 92.54
C SER LA 112 31.24 -5.92 92.72
N GLN LA 113 31.86 -5.30 91.72
CA GLN LA 113 32.16 -3.87 91.82
C GLN LA 113 30.88 -3.03 91.89
N LYS LA 114 29.89 -3.35 91.07
CA LYS LA 114 28.64 -2.60 91.08
C LYS LA 114 27.84 -2.89 92.34
N ALA MA 1 -5.44 -111.54 44.42
CA ALA MA 1 -5.94 -111.59 43.04
C ALA MA 1 -6.62 -110.27 42.68
N LYS MA 2 -7.87 -110.36 42.23
CA LYS MA 2 -8.64 -109.18 41.86
C LYS MA 2 -9.00 -108.41 43.13
N ILE MA 3 -8.37 -107.25 43.33
CA ILE MA 3 -8.63 -106.43 44.50
C ILE MA 3 -10.01 -105.78 44.34
N LYS MA 4 -10.93 -106.11 45.23
CA LYS MA 4 -12.26 -105.54 45.26
C LYS MA 4 -12.39 -104.66 46.50
N ALA MA 5 -13.61 -104.14 46.72
CA ALA MA 5 -13.85 -103.23 47.83
C ALA MA 5 -14.63 -103.85 48.98
N ARG MA 6 -15.38 -104.92 48.74
CA ARG MA 6 -16.12 -105.56 49.82
C ARG MA 6 -15.19 -106.17 50.85
N ASP MA 7 -14.07 -106.76 50.41
CA ASP MA 7 -13.13 -107.41 51.30
C ASP MA 7 -12.12 -106.43 51.92
N LEU MA 8 -12.38 -105.13 51.84
CA LEU MA 8 -11.49 -104.13 52.43
C LEU MA 8 -12.13 -103.33 53.55
N ARG MA 9 -13.46 -103.37 53.68
CA ARG MA 9 -14.12 -102.61 54.74
C ARG MA 9 -13.74 -103.14 56.13
N GLY MA 10 -13.65 -104.47 56.28
CA GLY MA 10 -13.35 -105.04 57.57
C GLY MA 10 -11.89 -105.01 57.97
N LYS MA 11 -11.01 -104.51 57.11
CA LYS MA 11 -9.58 -104.52 57.37
C LYS MA 11 -9.23 -103.38 58.33
N LYS MA 12 -7.94 -103.13 58.50
CA LYS MA 12 -7.44 -102.13 59.42
C LYS MA 12 -6.48 -101.20 58.68
N LYS MA 13 -6.41 -99.96 59.17
CA LYS MA 13 -5.77 -98.88 58.43
C LYS MA 13 -4.32 -99.20 58.10
N GLU MA 14 -3.62 -99.92 58.97
CA GLU MA 14 -2.20 -100.14 58.73
C GLU MA 14 -1.97 -101.10 57.57
N GLU MA 15 -2.73 -102.20 57.50
CA GLU MA 15 -2.56 -103.07 56.35
C GLU MA 15 -3.15 -102.44 55.09
N LEU MA 16 -4.15 -101.58 55.23
CA LEU MA 16 -4.60 -100.81 54.08
C LEU MA 16 -3.46 -99.96 53.53
N LEU MA 17 -2.74 -99.27 54.41
CA LEU MA 17 -1.61 -98.45 53.97
C LEU MA 17 -0.51 -99.28 53.34
N LYS MA 18 -0.19 -100.44 53.93
CA LYS MA 18 0.89 -101.24 53.36
C LYS MA 18 0.50 -101.82 52.00
N GLN MA 19 -0.77 -102.22 51.86
CA GLN MA 19 -1.24 -102.67 50.55
C GLN MA 19 -1.17 -101.54 49.52
N LEU MA 20 -1.54 -100.33 49.94
CA LEU MA 20 -1.45 -99.18 49.04
C LEU MA 20 -0.01 -98.93 48.61
N ASP MA 21 0.93 -99.02 49.55
CA ASP MA 21 2.33 -98.80 49.21
C ASP MA 21 2.85 -99.88 48.25
N ASP MA 22 2.49 -101.14 48.48
CA ASP MA 22 2.88 -102.19 47.56
C ASP MA 22 2.32 -101.94 46.16
N LEU MA 23 1.06 -101.52 46.09
CA LEU MA 23 0.46 -101.23 44.79
C LEU MA 23 1.15 -100.06 44.11
N LYS MA 24 1.54 -99.04 44.86
CA LYS MA 24 2.27 -97.91 44.28
C LYS MA 24 3.63 -98.36 43.74
N VAL MA 25 4.32 -99.22 44.48
CA VAL MA 25 5.60 -99.75 43.99
C VAL MA 25 5.40 -100.52 42.69
N GLU MA 26 4.36 -101.34 42.63
CA GLU MA 26 4.08 -102.07 41.39
C GLU MA 26 3.80 -101.13 40.24
N LEU MA 27 3.04 -100.06 40.49
CA LEU MA 27 2.75 -99.09 39.45
C LEU MA 27 4.01 -98.40 38.96
N SER MA 28 4.90 -98.05 39.88
CA SER MA 28 6.17 -97.43 39.48
C SER MA 28 6.98 -98.36 38.60
N GLN MA 29 7.06 -99.65 38.97
CA GLN MA 29 7.77 -100.60 38.12
C GLN MA 29 7.13 -100.70 36.74
N LEU MA 30 5.79 -100.72 36.69
CA LEU MA 30 5.10 -100.79 35.41
C LEU MA 30 5.41 -99.57 34.55
N ARG MA 31 5.46 -98.38 35.15
CA ARG MA 31 5.77 -97.18 34.38
C ARG MA 31 7.20 -97.20 33.86
N VAL MA 32 8.14 -97.71 34.67
CA VAL MA 32 9.51 -97.87 34.18
C VAL MA 32 9.54 -98.82 32.99
N ALA MA 33 8.82 -99.94 33.10
CA ALA MA 33 8.76 -100.89 31.98
C ALA MA 33 8.16 -100.23 30.75
N LYS MA 34 7.15 -99.39 30.93
CA LYS MA 34 6.53 -98.70 29.81
C LYS MA 34 7.51 -97.78 29.12
N VAL MA 35 8.24 -96.97 29.88
CA VAL MA 35 9.14 -96.00 29.27
C VAL MA 35 10.31 -96.71 28.60
N THR MA 36 10.81 -97.81 29.19
CA THR MA 36 11.90 -98.53 28.56
C THR MA 36 11.44 -99.38 27.37
N GLY MA 37 10.16 -99.72 27.30
CA GLY MA 37 9.67 -100.57 26.23
C GLY MA 37 9.48 -101.99 26.73
N GLY MA 38 8.24 -102.37 27.02
CA GLY MA 38 7.94 -103.65 27.63
C GLY MA 38 6.81 -104.36 26.92
N ALA MA 39 6.09 -105.16 27.68
CA ALA MA 39 5.06 -106.03 27.15
C ALA MA 39 3.68 -105.38 27.26
N ALA MA 40 2.86 -105.62 26.22
CA ALA MA 40 1.49 -105.11 26.22
C ALA MA 40 0.71 -105.61 27.43
N SER MA 41 1.08 -106.76 27.98
CA SER MA 41 0.44 -107.24 29.19
C SER MA 41 0.65 -106.27 30.35
N LYS MA 42 1.90 -105.87 30.59
CA LYS MA 42 2.18 -104.92 31.65
C LYS MA 42 1.55 -103.56 31.34
N LEU MA 43 1.62 -103.14 30.08
CA LEU MA 43 1.01 -101.88 29.68
C LEU MA 43 -0.48 -101.87 30.01
N SER MA 44 -1.15 -103.01 29.82
CA SER MA 44 -2.57 -103.09 30.16
C SER MA 44 -2.78 -103.18 31.66
N LYS MA 45 -1.87 -103.84 32.40
CA LYS MA 45 -2.02 -103.94 33.84
C LYS MA 45 -1.81 -102.60 34.55
N ILE MA 46 -1.21 -101.62 33.86
CA ILE MA 46 -1.02 -100.30 34.47
C ILE MA 46 -2.36 -99.73 34.93
N ARG MA 47 -3.38 -99.79 34.08
CA ARG MA 47 -4.68 -99.22 34.42
C ARG MA 47 -5.33 -99.98 35.57
N VAL MA 48 -5.17 -101.30 35.60
CA VAL MA 48 -5.72 -102.11 36.69
C VAL MA 48 -5.09 -101.67 38.01
N VAL MA 49 -3.77 -101.47 38.02
CA VAL MA 49 -3.09 -101.05 39.24
C VAL MA 49 -3.57 -99.66 39.66
N ARG MA 50 -3.76 -98.76 38.69
CA ARG MA 50 -4.24 -97.42 39.02
C ARG MA 50 -5.62 -97.47 39.66
N LYS MA 51 -6.52 -98.28 39.12
CA LYS MA 51 -7.85 -98.39 39.70
C LYS MA 51 -7.81 -99.02 41.08
N SER MA 52 -6.91 -99.98 41.30
CA SER MA 52 -6.74 -100.55 42.64
C SER MA 52 -6.29 -99.48 43.63
N ILE MA 53 -5.34 -98.64 43.22
CA ILE MA 53 -4.94 -97.50 44.06
C ILE MA 53 -6.15 -96.65 44.41
N ALA MA 54 -6.95 -96.33 43.40
CA ALA MA 54 -8.10 -95.46 43.61
C ALA MA 54 -9.06 -96.04 44.64
N ARG MA 55 -9.37 -97.33 44.51
CA ARG MA 55 -10.35 -97.91 45.42
C ARG MA 55 -9.80 -98.09 46.82
N VAL MA 56 -8.51 -98.39 46.97
CA VAL MA 56 -7.93 -98.44 48.31
C VAL MA 56 -8.03 -97.08 48.99
N LEU MA 57 -7.68 -96.02 48.25
CA LEU MA 57 -7.72 -94.68 48.82
C LEU MA 57 -9.16 -94.27 49.18
N THR MA 58 -10.13 -94.62 48.33
CA THR MA 58 -11.50 -94.23 48.65
C THR MA 58 -12.04 -95.00 49.84
N VAL MA 59 -11.66 -96.27 50.02
CA VAL MA 59 -12.08 -96.99 51.21
C VAL MA 59 -11.49 -96.35 52.46
N ILE MA 60 -10.21 -95.98 52.41
CA ILE MA 60 -9.58 -95.31 53.55
C ILE MA 60 -10.32 -94.03 53.89
N ASN MA 61 -10.59 -93.21 52.88
CA ASN MA 61 -11.24 -91.92 53.11
C ASN MA 61 -12.64 -92.10 53.69
N GLN MA 62 -13.40 -93.06 53.14
CA GLN MA 62 -14.77 -93.27 53.61
C GLN MA 62 -14.79 -93.72 55.07
N THR MA 63 -13.91 -94.66 55.43
CA THR MA 63 -13.87 -95.11 56.80
C THR MA 63 -13.47 -93.97 57.75
N GLN MA 64 -12.47 -93.19 57.36
CA GLN MA 64 -12.05 -92.08 58.21
C GLN MA 64 -13.18 -91.08 58.42
N LYS MA 65 -13.88 -90.72 57.34
CA LYS MA 65 -14.91 -89.71 57.47
C LYS MA 65 -16.13 -90.21 58.23
N GLU MA 66 -16.50 -91.49 58.07
CA GLU MA 66 -17.63 -92.00 58.84
C GLU MA 66 -17.28 -92.06 60.33
N ASN MA 67 -16.03 -92.44 60.65
CA ASN MA 67 -15.62 -92.40 62.06
C ASN MA 67 -15.69 -90.99 62.61
N LEU MA 68 -15.25 -90.01 61.82
CA LEU MA 68 -15.25 -88.63 62.29
C LEU MA 68 -16.67 -88.09 62.46
N ARG MA 69 -17.59 -88.49 61.57
CA ARG MA 69 -18.98 -88.12 61.74
C ARG MA 69 -19.55 -88.72 63.02
N LYS MA 70 -19.23 -89.98 63.32
CA LYS MA 70 -19.67 -90.55 64.59
C LYS MA 70 -19.10 -89.76 65.77
N PHE MA 71 -17.84 -89.34 65.66
CA PHE MA 71 -17.22 -88.56 66.73
C PHE MA 71 -17.96 -87.25 66.97
N TYR MA 72 -18.30 -86.53 65.89
CA TYR MA 72 -18.93 -85.23 66.01
C TYR MA 72 -20.44 -85.28 66.01
N LYS MA 73 -21.04 -86.47 66.06
CA LYS MA 73 -22.49 -86.58 65.93
C LYS MA 73 -23.22 -85.85 67.06
N GLY MA 74 -22.73 -86.01 68.30
CA GLY MA 74 -23.43 -85.42 69.43
C GLY MA 74 -23.12 -83.97 69.69
N LYS MA 75 -22.08 -83.42 69.06
CA LYS MA 75 -21.65 -82.07 69.39
C LYS MA 75 -22.52 -81.03 68.69
N LYS MA 76 -22.47 -79.80 69.22
CA LYS MA 76 -23.25 -78.69 68.67
C LYS MA 76 -22.49 -77.96 67.57
N TYR MA 77 -21.17 -77.80 67.75
CA TYR MA 77 -20.31 -77.21 66.74
C TYR MA 77 -19.50 -78.30 66.07
N LYS MA 78 -19.55 -78.36 64.75
CA LYS MA 78 -18.87 -79.38 63.98
C LYS MA 78 -18.31 -78.75 62.71
N PRO MA 79 -17.29 -79.37 62.11
CA PRO MA 79 -16.63 -78.76 60.96
C PRO MA 79 -17.59 -78.54 59.79
N LEU MA 80 -17.26 -77.54 58.98
CA LEU MA 80 -18.07 -77.23 57.80
C LEU MA 80 -18.14 -78.40 56.85
N ASP MA 81 -17.12 -79.27 56.87
CA ASP MA 81 -17.18 -80.49 56.08
C ASP MA 81 -18.30 -81.41 56.55
N LEU MA 82 -18.47 -81.51 57.87
CA LEU MA 82 -19.49 -82.38 58.44
C LEU MA 82 -20.85 -81.72 58.55
N ARG MA 83 -20.94 -80.42 58.33
CA ARG MA 83 -22.24 -79.77 58.22
C ARG MA 83 -22.89 -80.16 56.89
N PRO MA 84 -24.22 -80.15 56.82
CA PRO MA 84 -24.90 -80.49 55.57
C PRO MA 84 -24.70 -79.41 54.52
N LYS MA 85 -24.26 -79.83 53.33
CA LYS MA 85 -23.99 -78.89 52.25
C LYS MA 85 -25.17 -78.90 51.28
N LYS MA 86 -26.25 -78.25 51.69
CA LYS MA 86 -27.34 -77.96 50.76
C LYS MA 86 -27.00 -76.66 50.03
N THR MA 87 -27.98 -76.10 49.32
CA THR MA 87 -27.72 -74.83 48.67
C THR MA 87 -27.61 -73.70 49.70
N ARG MA 88 -26.99 -72.59 49.27
CA ARG MA 88 -26.77 -71.47 50.17
C ARG MA 88 -28.08 -70.92 50.69
N ALA MA 89 -29.08 -70.76 49.83
CA ALA MA 89 -30.37 -70.24 50.26
C ALA MA 89 -31.02 -71.16 51.29
N MET MA 90 -30.97 -72.48 51.04
CA MET MA 90 -31.56 -73.42 51.99
C MET MA 90 -30.77 -73.49 53.29
N ARG MA 91 -29.51 -73.09 53.28
CA ARG MA 91 -28.81 -72.95 54.55
C ARG MA 91 -29.20 -71.67 55.27
N ARG MA 92 -29.55 -70.61 54.53
CA ARG MA 92 -29.95 -69.36 55.16
C ARG MA 92 -31.42 -69.31 55.56
N ARG MA 93 -32.25 -70.24 55.10
CA ARG MA 93 -33.67 -70.14 55.38
C ARG MA 93 -33.98 -70.43 56.84
N LEU MA 94 -35.15 -69.97 57.29
CA LEU MA 94 -35.61 -70.22 58.65
C LEU MA 94 -35.80 -71.71 58.87
N ASN MA 95 -35.32 -72.20 60.02
CA ASN MA 95 -35.41 -73.63 60.26
C ASN MA 95 -36.84 -74.01 60.65
N LYS MA 96 -37.07 -75.33 60.72
CA LYS MA 96 -38.42 -75.87 60.76
C LYS MA 96 -39.18 -75.41 62.01
N HIS MA 97 -38.51 -75.43 63.17
CA HIS MA 97 -39.19 -75.06 64.41
C HIS MA 97 -39.55 -73.58 64.42
N GLU MA 98 -38.58 -72.72 64.11
CA GLU MA 98 -38.80 -71.29 64.26
C GLU MA 98 -39.58 -70.67 63.11
N GLU MA 99 -39.75 -71.35 61.99
CA GLU MA 99 -40.69 -70.83 61.01
C GLU MA 99 -42.11 -71.34 61.26
N SER MA 100 -42.29 -72.19 62.27
CA SER MA 100 -43.61 -72.68 62.65
C SER MA 100 -44.11 -72.12 63.97
N LEU MA 101 -43.22 -71.67 64.85
CA LEU MA 101 -43.68 -71.04 66.09
C LEU MA 101 -44.43 -69.75 65.79
N LYS MA 102 -45.37 -69.42 66.67
CA LYS MA 102 -46.35 -68.38 66.39
C LYS MA 102 -46.65 -67.57 67.64
N THR MA 103 -47.26 -66.41 67.43
CA THR MA 103 -47.57 -65.49 68.53
C THR MA 103 -48.79 -65.94 69.32
N LYS MA 104 -48.76 -65.59 70.61
CA LYS MA 104 -49.83 -65.99 71.52
C LYS MA 104 -51.16 -65.38 71.10
N LYS MA 105 -51.16 -64.13 70.64
CA LYS MA 105 -52.40 -63.48 70.27
C LYS MA 105 -53.10 -64.22 69.13
N GLN MA 106 -52.37 -64.49 68.04
CA GLN MA 106 -53.04 -65.11 66.91
C GLN MA 106 -53.28 -66.60 67.14
N GLN MA 107 -52.50 -67.25 68.00
CA GLN MA 107 -52.84 -68.63 68.37
C GLN MA 107 -54.11 -68.66 69.22
N ARG MA 108 -54.31 -67.68 70.09
CA ARG MA 108 -55.57 -67.55 70.80
C ARG MA 108 -56.72 -67.29 69.84
N LYS MA 109 -56.48 -66.44 68.83
CA LYS MA 109 -57.50 -66.20 67.81
C LYS MA 109 -57.88 -67.49 67.10
N GLU MA 110 -56.89 -68.31 66.73
CA GLU MA 110 -57.17 -69.58 66.06
C GLU MA 110 -57.93 -70.52 66.97
N ARG MA 111 -57.57 -70.57 68.25
CA ARG MA 111 -58.25 -71.49 69.16
C ARG MA 111 -59.65 -71.02 69.53
N LEU MA 112 -59.93 -69.72 69.43
CA LEU MA 112 -61.26 -69.22 69.72
C LEU MA 112 -62.18 -69.25 68.51
N TYR MA 113 -61.64 -69.12 67.30
CA TYR MA 113 -62.45 -69.10 66.08
C TYR MA 113 -61.87 -70.09 65.06
N PRO MA 114 -61.99 -71.38 65.32
CA PRO MA 114 -61.57 -72.37 64.32
C PRO MA 114 -62.47 -72.34 63.10
N LEU MA 115 -61.86 -72.62 61.94
CA LEU MA 115 -62.62 -72.63 60.70
C LEU MA 115 -63.49 -73.88 60.64
N ARG MA 116 -64.80 -73.68 60.56
CA ARG MA 116 -65.77 -74.75 60.71
C ARG MA 116 -65.95 -75.54 59.43
N LYS MA 117 -66.66 -76.67 59.55
CA LYS MA 117 -67.06 -77.50 58.42
C LYS MA 117 -68.56 -77.38 58.27
N TYR MA 118 -69.01 -76.96 57.09
CA TYR MA 118 -70.42 -76.67 56.90
C TYR MA 118 -70.83 -76.99 55.46
N ALA MA 119 -72.13 -77.19 55.28
CA ALA MA 119 -72.71 -77.38 53.96
C ALA MA 119 -74.01 -76.59 53.89
N VAL MA 120 -74.41 -76.26 52.67
CA VAL MA 120 -75.62 -75.48 52.42
C VAL MA 120 -76.57 -76.31 51.58
N LYS MA 121 -77.81 -76.43 52.04
CA LYS MA 121 -78.82 -77.15 51.28
C LYS MA 121 -79.11 -76.43 49.97
N ALA MA 122 -79.31 -77.20 48.91
CA ALA MA 122 -79.52 -76.65 47.58
C ALA MA 122 -80.78 -75.77 47.52
N ALA NA 1 -104.95 -32.47 44.02
CA ALA NA 1 -103.58 -32.02 43.81
C ALA NA 1 -102.60 -33.15 44.08
N LEU NA 2 -102.64 -34.18 43.25
CA LEU NA 2 -101.73 -35.30 43.40
C LEU NA 2 -100.32 -34.89 43.00
N ARG NA 3 -99.34 -35.49 43.66
CA ARG NA 3 -97.94 -35.15 43.45
C ARG NA 3 -97.12 -36.43 43.36
N TYR NA 4 -96.19 -36.46 42.42
CA TYR NA 4 -95.30 -37.58 42.21
C TYR NA 4 -93.85 -37.19 42.49
N PRO NA 5 -93.00 -38.14 42.87
CA PRO NA 5 -91.57 -37.86 42.93
C PRO NA 5 -91.02 -37.59 41.54
N MET NA 6 -89.97 -36.78 41.48
CA MET NA 6 -89.33 -36.44 40.21
C MET NA 6 -87.84 -36.70 40.32
N ALA NA 7 -87.19 -36.71 39.16
CA ALA NA 7 -85.74 -36.79 39.08
C ALA NA 7 -85.08 -35.42 39.12
N VAL NA 8 -85.87 -34.35 39.21
CA VAL NA 8 -85.38 -32.98 39.22
C VAL NA 8 -86.08 -32.22 40.32
N GLY NA 9 -85.50 -31.09 40.70
CA GLY NA 9 -86.09 -30.21 41.69
C GLY NA 9 -85.40 -30.34 43.04
N LEU NA 10 -85.92 -29.57 44.00
CA LEU NA 10 -85.35 -29.56 45.35
C LEU NA 10 -85.52 -30.92 46.01
N ASN NA 11 -86.70 -31.50 45.91
CA ASN NA 11 -87.01 -32.80 46.52
C ASN NA 11 -87.10 -33.81 45.39
N LYS NA 12 -85.95 -34.38 45.02
CA LYS NA 12 -85.83 -35.28 43.89
C LYS NA 12 -85.29 -36.62 44.34
N GLY NA 13 -85.31 -37.58 43.42
CA GLY NA 13 -84.73 -38.88 43.66
C GLY NA 13 -85.73 -39.86 44.24
N HIS NA 14 -85.40 -41.14 44.09
CA HIS NA 14 -86.22 -42.20 44.67
C HIS NA 14 -86.25 -42.05 46.18
N LYS NA 15 -87.44 -42.17 46.75
CA LYS NA 15 -87.66 -41.85 48.16
C LYS NA 15 -87.57 -43.12 49.01
N VAL NA 16 -86.66 -43.11 49.97
CA VAL NA 16 -86.48 -44.19 50.92
C VAL NA 16 -86.56 -43.60 52.32
N THR NA 17 -86.72 -44.48 53.30
CA THR NA 17 -86.67 -44.08 54.71
C THR NA 17 -85.31 -44.45 55.29
N LYS NA 18 -84.64 -43.46 55.87
CA LYS NA 18 -83.29 -43.64 56.35
C LYS NA 18 -83.27 -44.06 57.81
N ASN NA 19 -82.20 -44.74 58.21
CA ASN NA 19 -82.03 -45.19 59.57
C ASN NA 19 -81.01 -44.31 60.29
N VAL NA 20 -81.16 -44.23 61.61
CA VAL NA 20 -80.23 -43.50 62.46
C VAL NA 20 -79.17 -44.47 62.96
N SER NA 21 -77.91 -44.10 62.78
CA SER NA 21 -76.78 -44.97 63.11
C SER NA 21 -75.79 -44.19 63.95
N LYS NA 22 -75.29 -44.83 65.01
CA LYS NA 22 -74.27 -44.22 65.83
C LYS NA 22 -73.04 -43.90 64.97
N PRO NA 23 -72.41 -42.74 65.15
CA PRO NA 23 -71.33 -42.35 64.25
C PRO NA 23 -70.15 -43.31 64.34
N ARG NA 24 -69.48 -43.48 63.21
CA ARG NA 24 -68.30 -44.34 63.17
C ARG NA 24 -67.22 -43.78 64.09
N HIS NA 25 -66.47 -44.68 64.73
CA HIS NA 25 -65.46 -44.24 65.67
C HIS NA 25 -64.33 -43.49 64.97
N SER NA 26 -64.09 -43.79 63.69
CA SER NA 26 -63.05 -43.07 62.96
C SER NA 26 -63.39 -41.59 62.82
N ARG NA 27 -64.67 -41.25 62.79
CA ARG NA 27 -65.09 -39.86 62.64
C ARG NA 27 -64.71 -39.01 63.84
N ARG NA 28 -64.30 -39.64 64.95
CA ARG NA 28 -63.99 -38.93 66.18
C ARG NA 28 -62.59 -38.32 66.19
N ARG NA 29 -61.70 -38.75 65.30
CA ARG NA 29 -60.32 -38.31 65.37
C ARG NA 29 -60.22 -36.79 65.20
N GLY NA 30 -59.28 -36.20 65.93
CA GLY NA 30 -59.09 -34.77 65.95
C GLY NA 30 -59.74 -34.07 67.13
N ARG NA 31 -60.72 -34.70 67.77
CA ARG NA 31 -61.35 -34.09 68.93
C ARG NA 31 -60.36 -33.98 70.08
N LEU NA 32 -60.39 -32.84 70.76
CA LEU NA 32 -59.46 -32.60 71.86
C LEU NA 32 -59.93 -33.31 73.11
N THR NA 33 -59.02 -34.07 73.72
CA THR NA 33 -59.26 -34.67 75.03
C THR NA 33 -58.64 -33.81 76.11
N LYS NA 34 -59.18 -33.94 77.33
CA LYS NA 34 -58.69 -33.11 78.43
C LYS NA 34 -57.23 -33.42 78.75
N HIS NA 35 -56.85 -34.70 78.70
CA HIS NA 35 -55.46 -35.07 78.96
C HIS NA 35 -54.54 -34.47 77.90
N THR NA 36 -54.94 -34.53 76.63
CA THR NA 36 -54.13 -33.96 75.58
C THR NA 36 -54.02 -32.44 75.73
N LYS NA 37 -55.11 -31.79 76.13
CA LYS NA 37 -55.06 -30.35 76.36
C LYS NA 37 -54.10 -30.01 77.49
N PHE NA 38 -54.13 -30.80 78.57
CA PHE NA 38 -53.23 -30.58 79.68
C PHE NA 38 -51.78 -30.74 79.24
N VAL NA 39 -51.49 -31.80 78.48
CA VAL NA 39 -50.12 -31.99 77.99
C VAL NA 39 -49.70 -30.82 77.12
N ARG NA 40 -50.57 -30.40 76.19
CA ARG NA 40 -50.18 -29.40 75.21
C ARG NA 40 -49.96 -28.04 75.86
N ASP NA 41 -50.84 -27.60 76.77
CA ASP NA 41 -50.58 -26.32 77.38
C ASP NA 41 -49.47 -26.38 78.42
N MET NA 42 -49.21 -27.55 79.01
CA MET NA 42 -47.99 -27.67 79.81
C MET NA 42 -46.75 -27.48 78.96
N ILE NA 43 -46.73 -28.09 77.76
CA ILE NA 43 -45.58 -27.93 76.89
C ILE NA 43 -45.46 -26.48 76.44
N ARG NA 44 -46.61 -25.82 76.24
CA ARG NA 44 -46.61 -24.41 75.91
C ARG NA 44 -45.93 -23.58 77.00
N GLU NA 45 -46.30 -23.81 78.26
CA GLU NA 45 -45.67 -23.07 79.35
C GLU NA 45 -44.19 -23.43 79.49
N VAL NA 46 -43.82 -24.68 79.20
CA VAL NA 46 -42.42 -25.07 79.29
C VAL NA 46 -41.58 -24.37 78.22
N CYS NA 47 -42.09 -24.31 76.99
CA CYS NA 47 -41.28 -23.82 75.88
C CYS NA 47 -41.45 -22.32 75.66
N GLY NA 48 -42.68 -21.88 75.35
CA GLY NA 48 -42.95 -20.48 75.05
C GLY NA 48 -43.60 -20.32 73.68
N PHE NA 49 -43.17 -19.31 72.94
CA PHE NA 49 -43.74 -18.96 71.65
C PHE NA 49 -42.64 -18.87 70.61
N ALA NA 50 -43.07 -18.88 69.34
CA ALA NA 50 -42.28 -18.76 68.13
C ALA NA 50 -42.09 -17.29 67.76
N PRO NA 51 -40.99 -16.95 67.08
CA PRO NA 51 -40.75 -15.54 66.74
C PRO NA 51 -41.85 -14.90 65.91
N TYR NA 52 -42.43 -15.63 64.96
CA TYR NA 52 -43.49 -15.03 64.15
C TYR NA 52 -44.75 -14.84 64.97
N GLU NA 53 -45.05 -15.76 65.88
CA GLU NA 53 -46.17 -15.57 66.80
C GLU NA 53 -45.93 -14.37 67.71
N ARG NA 54 -44.68 -14.15 68.12
CA ARG NA 54 -44.38 -12.97 68.93
C ARG NA 54 -44.58 -11.68 68.16
N ARG NA 55 -44.13 -11.64 66.90
CA ARG NA 55 -44.37 -10.44 66.10
C ARG NA 55 -45.86 -10.22 65.86
N ALA NA 56 -46.61 -11.31 65.64
CA ALA NA 56 -48.06 -11.18 65.49
C ALA NA 56 -48.70 -10.65 66.76
N MET NA 57 -48.25 -11.13 67.92
CA MET NA 57 -48.82 -10.66 69.18
C MET NA 57 -48.52 -9.19 69.41
N GLU NA 58 -47.31 -8.74 69.08
CA GLU NA 58 -47.04 -7.31 69.25
C GLU NA 58 -47.81 -6.47 68.23
N LEU NA 59 -48.06 -7.01 67.03
CA LEU NA 59 -48.95 -6.34 66.10
C LEU NA 59 -50.36 -6.22 66.66
N LEU NA 60 -50.86 -7.29 67.28
CA LEU NA 60 -52.19 -7.25 67.89
C LEU NA 60 -52.21 -6.25 69.05
N LYS NA 61 -51.11 -6.15 69.80
CA LYS NA 61 -51.03 -5.16 70.87
C LYS NA 61 -51.08 -3.74 70.33
N VAL NA 62 -50.38 -3.50 69.21
CA VAL NA 62 -50.48 -2.21 68.52
C VAL NA 62 -51.87 -2.02 67.92
N SER NA 63 -52.61 -3.12 67.78
CA SER NA 63 -54.00 -3.12 67.29
C SER NA 63 -54.06 -2.76 65.81
N LYS NA 64 -53.28 -3.48 65.00
CA LYS NA 64 -53.38 -3.44 63.54
C LYS NA 64 -53.73 -4.85 63.09
N ASP NA 65 -55.03 -5.17 63.13
CA ASP NA 65 -55.45 -6.56 62.99
C ASP NA 65 -55.35 -7.04 61.56
N LYS NA 66 -55.63 -6.17 60.59
CA LYS NA 66 -55.54 -6.57 59.19
C LYS NA 66 -54.10 -6.88 58.82
N ARG NA 67 -53.16 -6.02 59.23
CA ARG NA 67 -51.76 -6.29 58.95
C ARG NA 67 -51.27 -7.52 59.71
N ALA NA 68 -51.75 -7.72 60.94
CA ALA NA 68 -51.38 -8.92 61.68
C ALA NA 68 -51.85 -10.18 60.96
N LEU NA 69 -53.08 -10.17 60.45
CA LEU NA 69 -53.60 -11.33 59.74
C LEU NA 69 -52.84 -11.55 58.43
N LYS NA 70 -52.48 -10.46 57.75
CA LYS NA 70 -51.70 -10.61 56.52
C LYS NA 70 -50.34 -11.23 56.81
N PHE NA 71 -49.69 -10.80 57.89
CA PHE NA 71 -48.41 -11.38 58.29
C PHE NA 71 -48.57 -12.86 58.61
N ILE NA 72 -49.60 -13.20 59.39
CA ILE NA 72 -49.80 -14.59 59.77
C ILE NA 72 -50.09 -15.45 58.55
N LYS NA 73 -50.88 -14.94 57.61
CA LYS NA 73 -51.13 -15.69 56.38
C LYS NA 73 -49.84 -15.91 55.61
N LYS NA 74 -49.02 -14.86 55.48
CA LYS NA 74 -47.76 -15.02 54.75
C LYS NA 74 -46.88 -16.08 55.40
N ARG NA 75 -46.84 -16.13 56.74
CA ARG NA 75 -45.98 -17.10 57.39
C ARG NA 75 -46.57 -18.51 57.41
N VAL NA 76 -47.89 -18.65 57.44
CA VAL NA 76 -48.53 -19.95 57.63
C VAL NA 76 -48.93 -20.60 56.31
N GLY NA 77 -49.64 -19.87 55.45
CA GLY NA 77 -49.93 -20.39 54.13
C GLY NA 77 -51.35 -20.20 53.63
N THR NA 78 -52.35 -20.25 54.52
CA THR NA 78 -53.74 -20.20 54.09
C THR NA 78 -54.55 -19.27 54.98
N HIS NA 79 -55.63 -18.76 54.41
CA HIS NA 79 -56.48 -17.78 55.10
C HIS NA 79 -57.14 -18.38 56.33
N ILE NA 80 -57.67 -19.62 56.21
CA ILE NA 80 -58.38 -20.21 57.33
C ILE NA 80 -57.43 -20.52 58.49
N ARG NA 81 -56.23 -21.03 58.18
CA ARG NA 81 -55.24 -21.27 59.21
C ARG NA 81 -54.78 -19.97 59.84
N ALA NA 82 -54.63 -18.92 59.03
CA ALA NA 82 -54.27 -17.62 59.58
C ALA NA 82 -55.35 -17.10 60.53
N LYS NA 83 -56.61 -17.26 60.16
CA LYS NA 83 -57.71 -16.86 61.04
C LYS NA 83 -57.65 -17.61 62.36
N ARG NA 84 -57.50 -18.93 62.30
CA ARG NA 84 -57.48 -19.72 63.53
C ARG NA 84 -56.29 -19.34 64.41
N LYS NA 85 -55.12 -19.15 63.80
CA LYS NA 85 -53.93 -18.79 64.57
C LYS NA 85 -54.10 -17.41 65.20
N ARG NA 86 -54.65 -16.45 64.46
CA ARG NA 86 -54.86 -15.12 65.01
C ARG NA 86 -55.84 -15.15 66.19
N GLU NA 87 -56.89 -15.95 66.07
CA GLU NA 87 -57.84 -16.07 67.18
C GLU NA 87 -57.20 -16.69 68.41
N GLU NA 88 -56.37 -17.72 68.22
CA GLU NA 88 -55.69 -18.35 69.35
C GLU NA 88 -54.72 -17.37 70.01
N LEU NA 89 -53.98 -16.60 69.20
CA LEU NA 89 -53.09 -15.60 69.74
C LEU NA 89 -53.86 -14.52 70.50
N SER NA 90 -55.00 -14.10 69.98
CA SER NA 90 -55.80 -13.09 70.66
C SER NA 90 -56.31 -13.60 72.00
N SER NA 91 -56.73 -14.87 72.06
CA SER NA 91 -57.14 -15.43 73.33
C SER NA 91 -55.98 -15.47 74.33
N VAL NA 92 -54.80 -15.84 73.85
CA VAL NA 92 -53.62 -15.84 74.72
C VAL NA 92 -53.35 -14.44 75.25
N LEU NA 93 -53.42 -13.43 74.38
CA LEU NA 93 -53.14 -12.06 74.77
C LEU NA 93 -54.18 -11.55 75.77
N ALA NA 94 -55.45 -11.88 75.55
CA ALA NA 94 -56.49 -11.49 76.49
C ALA NA 94 -56.27 -12.12 77.86
N ALA NA 95 -55.94 -13.41 77.89
CA ALA NA 95 -55.66 -14.05 79.17
C ALA NA 95 -54.47 -13.41 79.86
N MET NA 96 -53.43 -13.08 79.09
CA MET NA 96 -52.24 -12.44 79.66
C MET NA 96 -52.57 -11.07 80.26
N ARG NA 97 -53.35 -10.25 79.55
CA ARG NA 97 -53.68 -8.95 80.12
C ARG NA 97 -54.60 -9.09 81.34
N LYS NA 98 -55.51 -10.07 81.32
CA LYS NA 98 -56.36 -10.28 82.49
C LYS NA 98 -55.54 -10.69 83.70
N ALA NA 99 -54.59 -11.61 83.51
CA ALA NA 99 -53.74 -12.02 84.62
C ALA NA 99 -52.89 -10.88 85.14
N ALA NA 100 -52.35 -10.06 84.23
CA ALA NA 100 -51.57 -8.89 84.64
C ALA NA 100 -52.43 -7.91 85.43
N ALA NA 101 -53.66 -7.68 84.97
CA ALA NA 101 -54.55 -6.75 85.66
C ALA NA 101 -54.90 -7.25 87.06
N LYS NA 102 -55.21 -8.54 87.19
CA LYS NA 102 -55.52 -9.08 88.51
C LYS NA 102 -54.55 -10.20 88.90
N THR OA 1 6.90 -43.05 4.77
CA THR OA 1 7.21 -43.85 5.95
C THR OA 1 5.96 -44.04 6.79
N LYS OA 2 4.81 -43.76 6.19
CA LYS OA 2 3.55 -43.84 6.91
C LYS OA 2 3.09 -45.28 7.09
N GLY OA 3 3.43 -46.17 6.15
CA GLY OA 3 2.98 -47.54 6.18
C GLY OA 3 4.06 -48.57 6.39
N THR OA 4 4.51 -49.17 5.27
CA THR OA 4 5.40 -50.33 5.31
C THR OA 4 6.63 -50.08 6.17
N SER OA 5 7.28 -48.92 5.98
CA SER OA 5 8.48 -48.63 6.74
C SER OA 5 8.20 -48.55 8.23
N SER OA 6 7.08 -47.94 8.60
CA SER OA 6 6.75 -47.78 10.02
C SER OA 6 6.22 -49.06 10.65
N PHE OA 7 5.75 -50.02 9.86
CA PHE OA 7 5.32 -51.29 10.42
C PHE OA 7 6.48 -52.09 11.00
N GLY OA 8 7.72 -51.75 10.64
CA GLY OA 8 8.87 -52.49 11.13
C GLY OA 8 9.33 -52.13 12.53
N LYS OA 9 8.86 -51.02 13.07
CA LYS OA 9 9.29 -50.56 14.38
C LYS OA 9 8.43 -51.13 15.51
N ARG OA 10 7.47 -51.99 15.18
CA ARG OA 10 6.56 -52.56 16.18
C ARG OA 10 7.20 -53.82 16.75
N ARG OA 11 7.78 -53.72 17.94
CA ARG OA 11 8.50 -54.84 18.53
C ARG OA 11 8.23 -55.07 20.00
N ASN OA 12 7.40 -54.25 20.66
CA ASN OA 12 7.04 -54.47 22.05
C ASN OA 12 5.54 -54.31 22.22
N LYS OA 13 4.93 -55.22 22.98
CA LYS OA 13 3.49 -55.35 23.01
C LYS OA 13 2.86 -54.48 24.08
N THR OA 14 1.57 -54.21 23.92
CA THR OA 14 0.77 -53.44 24.86
C THR OA 14 -0.18 -54.28 25.68
N HIS OA 15 -0.37 -55.55 25.33
CA HIS OA 15 -1.31 -56.41 26.04
C HIS OA 15 -0.66 -57.75 26.36
N THR OA 16 -1.04 -58.31 27.50
CA THR OA 16 -0.64 -59.65 27.91
C THR OA 16 -1.89 -60.40 28.37
N LEU OA 17 -1.71 -61.67 28.70
CA LEU OA 17 -2.83 -62.49 29.16
C LEU OA 17 -3.17 -62.15 30.59
N CYS OA 18 -4.46 -62.09 30.89
CA CYS OA 18 -4.91 -61.74 32.23
C CYS OA 18 -5.33 -62.98 33.00
N ARG OA 19 -5.29 -62.87 34.33
CA ARG OA 19 -5.55 -64.01 35.19
C ARG OA 19 -7.02 -64.43 35.17
N ARG OA 20 -7.94 -63.47 35.03
CA ARG OA 20 -9.35 -63.79 35.18
C ARG OA 20 -9.92 -64.50 33.96
N CYS OA 21 -9.90 -63.84 32.80
CA CYS OA 21 -10.57 -64.36 31.61
C CYS OA 21 -9.61 -64.97 30.59
N GLY OA 22 -8.30 -64.88 30.81
CA GLY OA 22 -7.36 -65.56 29.96
C GLY OA 22 -7.27 -65.05 28.53
N SER OA 23 -7.74 -63.84 28.28
CA SER OA 23 -7.63 -63.24 26.96
C SER OA 23 -6.49 -62.23 26.94
N LYS OA 24 -5.87 -62.09 25.77
CA LYS OA 24 -4.76 -61.15 25.62
C LYS OA 24 -5.32 -59.73 25.57
N ALA OA 25 -5.85 -59.26 26.70
CA ALA OA 25 -6.40 -57.91 26.76
C ALA OA 25 -6.06 -57.22 28.07
N TYR OA 26 -5.03 -57.68 28.78
CA TYR OA 26 -4.59 -57.04 30.02
C TYR OA 26 -3.60 -55.95 29.66
N HIS OA 27 -4.05 -54.69 29.74
CA HIS OA 27 -3.17 -53.58 29.47
C HIS OA 27 -2.07 -53.51 30.53
N LEU OA 28 -0.83 -53.34 30.08
CA LEU OA 28 0.29 -53.41 31.01
C LEU OA 28 0.49 -52.09 31.74
N GLN OA 29 0.50 -50.97 31.02
CA GLN OA 29 0.68 -49.68 31.67
C GLN OA 29 -0.56 -49.28 32.44
N LYS OA 30 -1.75 -49.62 31.94
CA LYS OA 30 -2.97 -49.33 32.67
C LYS OA 30 -3.21 -50.34 33.79
N SER OA 31 -2.68 -51.56 33.64
CA SER OA 31 -2.92 -52.64 34.59
C SER OA 31 -4.41 -52.95 34.71
N THR OA 32 -5.12 -52.91 33.58
CA THR OA 32 -6.54 -53.21 33.54
C THR OA 32 -6.81 -54.08 32.32
N CYS OA 33 -7.81 -54.95 32.43
CA CYS OA 33 -8.17 -55.83 31.33
C CYS OA 33 -9.16 -55.14 30.41
N GLY OA 34 -8.91 -55.23 29.10
CA GLY OA 34 -9.80 -54.62 28.13
C GLY OA 34 -11.09 -55.37 27.92
N LYS OA 35 -11.14 -56.65 28.25
CA LYS OA 35 -12.31 -57.46 28.02
C LYS OA 35 -13.20 -57.62 29.25
N CYS OA 36 -12.62 -57.89 30.42
CA CYS OA 36 -13.40 -58.12 31.63
C CYS OA 36 -13.12 -57.14 32.75
N GLY OA 37 -12.11 -56.28 32.63
CA GLY OA 37 -11.76 -55.38 33.71
C GLY OA 37 -11.34 -56.12 34.96
N TYR OA 38 -10.22 -56.85 34.88
CA TYR OA 38 -9.86 -57.78 35.94
C TYR OA 38 -9.74 -57.14 37.32
N PRO OA 39 -9.03 -56.02 37.51
CA PRO OA 39 -8.91 -55.47 38.86
C PRO OA 39 -10.25 -55.12 39.48
N ALA OA 40 -11.23 -54.72 38.67
CA ALA OA 40 -12.56 -54.46 39.19
C ALA OA 40 -13.18 -55.74 39.73
N LYS OA 41 -13.95 -55.62 40.80
CA LYS OA 41 -14.59 -56.79 41.39
C LYS OA 41 -15.66 -57.35 40.47
N ARG OA 42 -16.32 -56.49 39.69
CA ARG OA 42 -17.44 -56.91 38.86
C ARG OA 42 -16.97 -57.20 37.44
N LYS OA 43 -17.62 -58.18 36.82
CA LYS OA 43 -17.36 -58.52 35.43
C LYS OA 43 -17.79 -57.38 34.51
N ARG OA 44 -16.99 -57.13 33.48
CA ARG OA 44 -17.30 -56.09 32.50
C ARG OA 44 -18.21 -56.67 31.43
N LYS OA 45 -19.45 -56.17 31.37
CA LYS OA 45 -20.46 -56.70 30.48
C LYS OA 45 -21.37 -55.55 30.06
N TYR OA 46 -21.70 -55.51 28.77
CA TYR OA 46 -22.48 -54.41 28.21
C TYR OA 46 -23.61 -54.96 27.35
N ASN OA 47 -24.70 -54.20 27.29
CA ASN OA 47 -25.90 -54.64 26.60
C ASN OA 47 -25.93 -54.25 25.14
N TRP OA 48 -24.92 -53.55 24.65
CA TRP OA 48 -24.85 -53.21 23.23
C TRP OA 48 -24.10 -54.23 22.40
N SER OA 49 -23.63 -55.32 23.02
CA SER OA 49 -22.95 -56.40 22.29
C SER OA 49 -23.53 -57.73 22.76
N ALA OA 50 -24.59 -58.17 22.08
CA ALA OA 50 -25.18 -59.47 22.38
C ALA OA 50 -24.24 -60.60 22.03
N LYS OA 51 -23.48 -60.46 20.94
CA LYS OA 51 -22.51 -61.49 20.60
C LYS OA 51 -21.44 -61.63 21.68
N ALA OA 52 -20.93 -60.51 22.19
CA ALA OA 52 -19.97 -60.57 23.28
C ALA OA 52 -20.61 -61.15 24.54
N LYS OA 53 -21.88 -60.83 24.78
CA LYS OA 53 -22.54 -61.40 25.95
C LYS OA 53 -22.65 -62.91 25.85
N ARG OA 54 -22.95 -63.44 24.67
CA ARG OA 54 -23.14 -64.87 24.53
C ARG OA 54 -21.84 -65.63 24.29
N ARG OA 55 -20.74 -64.94 23.96
CA ARG OA 55 -19.50 -65.65 23.71
C ARG OA 55 -18.95 -66.31 24.97
N ASN OA 56 -19.08 -65.65 26.12
CA ASN OA 56 -18.62 -66.19 27.39
C ASN OA 56 -19.64 -65.94 28.50
N THR OA 57 -20.60 -66.87 28.62
CA THR OA 57 -21.62 -66.80 29.64
C THR OA 57 -21.71 -68.18 30.28
N THR OA 58 -22.74 -68.37 31.13
CA THR OA 58 -22.86 -69.62 31.88
C THR OA 58 -23.01 -70.82 30.95
N GLY OA 59 -23.51 -70.63 29.74
CA GLY OA 59 -23.68 -71.77 28.86
C GLY OA 59 -22.44 -72.24 28.12
N THR OA 60 -21.33 -71.51 28.25
CA THR OA 60 -20.18 -71.77 27.39
C THR OA 60 -19.11 -72.64 28.02
N GLY OA 61 -19.05 -72.71 29.34
CA GLY OA 61 -17.97 -73.40 30.03
C GLY OA 61 -18.33 -74.80 30.50
N ARG OA 62 -17.69 -75.21 31.58
CA ARG OA 62 -17.74 -76.60 32.03
C ARG OA 62 -18.93 -76.93 32.90
N MET OA 63 -19.46 -75.95 33.65
CA MET OA 63 -20.64 -76.14 34.48
C MET OA 63 -20.35 -77.06 35.67
N ARG OA 64 -19.11 -77.02 36.17
CA ARG OA 64 -18.59 -78.04 37.09
C ARG OA 64 -19.52 -78.26 38.28
N HIS OA 65 -19.91 -77.18 38.95
CA HIS OA 65 -20.78 -77.29 40.10
C HIS OA 65 -22.26 -77.25 39.74
N LEU OA 66 -22.62 -76.45 38.75
CA LEU OA 66 -24.03 -76.14 38.55
C LEU OA 66 -24.76 -77.30 37.85
N LYS OA 67 -24.05 -78.09 37.04
CA LYS OA 67 -24.71 -79.29 36.47
C LYS OA 67 -25.00 -80.31 37.57
N ILE OA 68 -24.07 -80.49 38.51
CA ILE OA 68 -24.34 -81.37 39.64
C ILE OA 68 -25.48 -80.82 40.47
N VAL OA 69 -25.57 -79.49 40.57
CA VAL OA 69 -26.68 -78.88 41.28
C VAL OA 69 -28.01 -79.24 40.62
N TYR OA 70 -28.08 -79.17 39.29
CA TYR OA 70 -29.30 -79.55 38.58
C TYR OA 70 -29.64 -81.01 38.84
N ARG OA 71 -28.63 -81.89 38.76
CA ARG OA 71 -28.86 -83.31 38.96
C ARG OA 71 -29.39 -83.59 40.36
N ARG OA 72 -28.84 -82.90 41.37
CA ARG OA 72 -29.30 -83.11 42.73
C ARG OA 72 -30.68 -82.52 42.96
N PHE OA 73 -30.99 -81.39 42.32
CA PHE OA 73 -32.32 -80.82 42.45
C PHE OA 73 -33.37 -81.76 41.90
N ARG OA 74 -33.04 -82.51 40.84
CA ARG OA 74 -34.02 -83.44 40.28
C ARG OA 74 -34.54 -84.40 41.33
N HIS OA 75 -33.73 -84.72 42.35
CA HIS OA 75 -34.16 -85.59 43.43
C HIS OA 75 -34.43 -84.87 44.74
N GLY OA 76 -34.15 -83.57 44.82
CA GLY OA 76 -34.52 -82.79 45.97
C GLY OA 76 -33.41 -82.50 46.97
N PHE OA 77 -32.15 -82.61 46.57
CA PHE OA 77 -31.00 -82.34 47.44
C PHE OA 77 -31.00 -83.27 48.67
N ARG OA 78 -30.91 -84.56 48.40
CA ARG OA 78 -30.82 -85.55 49.47
C ARG OA 78 -29.40 -85.63 50.00
N GLU OA 79 -29.28 -85.90 51.30
CA GLU OA 79 -27.97 -86.04 51.93
C GLU OA 79 -28.07 -87.08 53.03
N GLY OA 80 -26.90 -87.65 53.38
CA GLY OA 80 -26.79 -88.49 54.55
C GLY OA 80 -27.28 -89.91 54.37
N THR OA 81 -28.13 -90.14 53.38
CA THR OA 81 -28.72 -91.45 53.17
C THR OA 81 -28.03 -92.17 52.01
N THR OA 82 -28.15 -93.50 52.03
CA THR OA 82 -27.62 -94.36 50.98
C THR OA 82 -28.70 -95.32 50.53
N PRO OA 83 -28.63 -95.80 49.28
CA PRO OA 83 -29.63 -96.76 48.82
C PRO OA 83 -29.58 -98.05 49.61
N LYS OA 84 -30.72 -98.72 49.69
CA LYS OA 84 -30.88 -99.93 50.49
C LYS OA 84 -29.84 -100.96 50.10
N PRO OA 85 -28.94 -101.35 51.00
CA PRO OA 85 -27.93 -102.36 50.64
C PRO OA 85 -28.56 -103.70 50.33
N LYS OA 86 -27.94 -104.42 49.41
CA LYS OA 86 -28.40 -105.75 49.03
C LYS OA 86 -28.15 -106.76 50.14
N PRO PA 1 46.19 -70.54 46.09
CA PRO PA 1 47.03 -71.37 46.95
C PRO PA 1 48.01 -70.55 47.78
N ARG PA 2 48.80 -71.24 48.58
CA ARG PA 2 49.79 -70.59 49.44
C ARG PA 2 51.15 -71.22 49.20
N LYS PA 3 52.19 -70.50 49.62
CA LYS PA 3 53.56 -70.95 49.52
C LYS PA 3 54.12 -71.05 50.93
N ILE PA 4 54.66 -72.22 51.28
CA ILE PA 4 55.28 -72.45 52.57
C ILE PA 4 56.78 -72.41 52.39
N GLU PA 5 57.45 -71.51 53.12
CA GLU PA 5 58.87 -71.28 52.96
C GLU PA 5 59.71 -72.01 54.01
N GLU PA 6 59.11 -72.82 54.86
CA GLU PA 6 59.83 -73.51 55.92
C GLU PA 6 59.42 -74.97 55.94
N ILE PA 7 60.12 -75.77 56.74
CA ILE PA 7 59.95 -77.21 56.78
C ILE PA 7 59.02 -77.65 57.90
N LYS PA 8 59.25 -77.19 59.13
CA LYS PA 8 58.49 -77.73 60.25
C LYS PA 8 57.04 -77.25 60.24
N ASP PA 9 56.78 -76.01 59.81
CA ASP PA 9 55.40 -75.55 59.68
C ASP PA 9 54.67 -76.33 58.60
N PHE PA 10 55.34 -76.61 57.49
CA PHE PA 10 54.75 -77.48 56.46
C PHE PA 10 54.46 -78.86 57.04
N LEU PA 11 55.35 -79.36 57.89
CA LEU PA 11 55.13 -80.66 58.51
C LEU PA 11 53.89 -80.62 59.41
N LEU PA 12 53.72 -79.54 60.17
CA LEU PA 12 52.52 -79.40 60.99
C LEU PA 12 51.27 -79.37 60.13
N THR PA 13 51.30 -78.64 59.01
CA THR PA 13 50.17 -78.65 58.10
C THR PA 13 49.89 -80.05 57.57
N ALA PA 14 50.95 -80.83 57.33
CA ALA PA 14 50.78 -82.22 56.93
C ALA PA 14 50.10 -83.05 58.02
N ARG PA 15 50.51 -82.86 59.27
CA ARG PA 15 49.82 -83.53 60.39
C ARG PA 15 48.42 -83.01 60.63
N ARG PA 16 48.03 -81.89 60.02
CA ARG PA 16 46.67 -81.40 60.21
C ARG PA 16 45.66 -82.44 59.75
N LYS PA 17 44.53 -82.49 60.46
CA LYS PA 17 43.53 -83.53 60.20
C LYS PA 17 42.93 -83.37 58.81
N ASP PA 18 42.70 -82.14 58.37
CA ASP PA 18 42.05 -81.89 57.10
C ASP PA 18 42.91 -82.23 55.90
N ALA PA 19 44.19 -82.52 56.10
CA ALA PA 19 45.07 -82.85 54.98
C ALA PA 19 44.61 -84.14 54.31
N LYS PA 20 44.17 -84.03 53.06
CA LYS PA 20 43.62 -85.17 52.35
C LYS PA 20 44.66 -85.96 51.56
N SER PA 21 45.72 -85.30 51.10
CA SER PA 21 46.77 -85.98 50.36
C SER PA 21 47.96 -85.06 50.23
N VAL PA 22 49.07 -85.61 49.75
CA VAL PA 22 50.25 -84.86 49.37
C VAL PA 22 50.71 -85.37 48.01
N LYS PA 23 51.17 -84.46 47.16
CA LYS PA 23 51.68 -84.79 45.85
C LYS PA 23 53.10 -84.26 45.73
N ILE PA 24 53.95 -85.01 45.03
CA ILE PA 24 55.36 -84.64 44.85
C ILE PA 24 55.62 -84.50 43.36
N LYS PA 25 55.86 -83.28 42.91
CA LYS PA 25 56.20 -83.00 41.53
C LYS PA 25 57.71 -82.78 41.45
N LYS PA 26 58.40 -83.72 40.81
CA LYS PA 26 59.86 -83.71 40.75
C LYS PA 26 60.29 -83.13 39.40
N ASN PA 27 60.34 -81.80 39.33
CA ASN PA 27 60.85 -81.13 38.16
C ASN PA 27 62.30 -80.74 38.40
N LYS PA 28 62.88 -79.96 37.48
CA LYS PA 28 64.29 -79.63 37.54
C LYS PA 28 64.52 -78.44 38.46
N ASP PA 29 65.53 -78.56 39.33
CA ASP PA 29 65.96 -77.52 40.26
C ASP PA 29 64.97 -77.32 41.40
N ASN PA 30 63.82 -77.97 41.31
CA ASN PA 30 62.79 -77.86 42.34
C ASN PA 30 62.20 -79.23 42.63
N VAL PA 31 61.75 -79.41 43.87
CA VAL PA 31 60.85 -80.49 44.24
C VAL PA 31 59.73 -79.88 45.04
N LYS PA 32 58.50 -80.06 44.58
CA LYS PA 32 57.34 -79.38 45.16
C LYS PA 32 56.48 -80.38 45.91
N PHE PA 33 56.26 -80.13 47.19
CA PHE PA 33 55.36 -80.93 48.01
C PHE PA 33 54.05 -80.17 48.18
N LYS PA 34 52.99 -80.67 47.57
CA LYS PA 34 51.69 -80.00 47.55
C LYS PA 34 50.73 -80.77 48.43
N VAL PA 35 50.34 -80.16 49.56
CA VAL PA 35 49.42 -80.76 50.51
C VAL PA 35 48.04 -80.17 50.31
N ARG PA 36 47.06 -81.02 50.07
CA ARG PA 36 45.70 -80.59 49.76
C ARG PA 36 44.88 -80.58 51.06
N CYS PA 37 44.58 -79.37 51.54
CA CYS PA 37 43.77 -79.20 52.73
C CYS PA 37 42.35 -78.78 52.34
N SER PA 38 41.52 -78.49 53.34
CA SER PA 38 40.12 -78.21 53.08
C SER PA 38 39.93 -76.97 52.21
N ARG PA 39 40.70 -75.91 52.48
CA ARG PA 39 40.52 -74.63 51.82
C ARG PA 39 41.64 -74.29 50.85
N TYR PA 40 42.90 -74.42 51.28
CA TYR PA 40 44.03 -74.04 50.46
C TYR PA 40 44.86 -75.25 50.04
N LEU PA 41 45.67 -75.03 49.00
CA LEU PA 41 46.71 -75.97 48.60
C LEU PA 41 48.04 -75.38 49.03
N TYR PA 42 48.79 -76.13 49.82
CA TYR PA 42 50.05 -75.65 50.38
C TYR PA 42 51.20 -76.29 49.61
N THR PA 43 52.08 -75.47 49.08
CA THR PA 43 53.23 -75.93 48.30
C THR PA 43 54.51 -75.48 48.99
N LEU PA 44 55.40 -76.45 49.24
CA LEU PA 44 56.74 -76.18 49.73
C LEU PA 44 57.72 -76.56 48.64
N VAL PA 45 58.56 -75.61 48.22
CA VAL PA 45 59.49 -75.82 47.12
C VAL PA 45 60.91 -75.79 47.68
N ILE PA 46 61.71 -76.78 47.30
CA ILE PA 46 63.09 -76.87 47.71
C ILE PA 46 63.95 -77.18 46.50
N THR PA 47 65.22 -76.80 46.58
CA THR PA 47 66.16 -76.94 45.48
C THR PA 47 67.27 -77.93 45.81
N ASP PA 48 66.94 -79.04 46.47
CA ASP PA 48 67.93 -80.05 46.79
C ASP PA 48 67.26 -81.41 46.88
N LYS PA 49 67.68 -82.32 45.99
CA LYS PA 49 67.07 -83.64 45.93
C LYS PA 49 67.30 -84.44 47.22
N GLU PA 50 68.39 -84.18 47.93
CA GLU PA 50 68.60 -84.93 49.17
C GLU PA 50 67.70 -84.43 50.29
N LYS PA 51 67.47 -83.12 50.36
CA LYS PA 51 66.37 -82.64 51.21
C LYS PA 51 65.05 -83.25 50.79
N ALA PA 52 64.83 -83.37 49.49
CA ALA PA 52 63.56 -83.93 49.00
C ALA PA 52 63.36 -85.35 49.49
N GLU PA 53 64.40 -86.19 49.37
CA GLU PA 53 64.26 -87.59 49.78
C GLU PA 53 64.15 -87.72 51.29
N LYS PA 54 64.93 -86.94 52.05
CA LYS PA 54 64.81 -87.05 53.50
C LYS PA 54 63.43 -86.57 53.96
N LEU PA 55 62.89 -85.54 53.32
CA LEU PA 55 61.53 -85.11 53.64
C LEU PA 55 60.50 -86.17 53.25
N LYS PA 56 60.75 -86.85 52.13
CA LYS PA 56 59.81 -87.89 51.71
C LYS PA 56 59.77 -89.04 52.70
N GLN PA 57 60.92 -89.42 53.26
CA GLN PA 57 60.88 -90.41 54.34
C GLN PA 57 60.30 -89.83 55.63
N SER PA 58 60.45 -88.53 55.88
CA SER PA 58 59.93 -87.93 57.10
C SER PA 58 58.47 -87.48 56.97
N LEU PA 59 57.82 -87.75 55.84
CA LEU PA 59 56.42 -87.41 55.68
C LEU PA 59 55.54 -88.25 56.62
N PRO PA 60 54.34 -87.78 56.93
CA PRO PA 60 53.44 -88.55 57.80
C PRO PA 60 53.11 -89.90 57.19
N PRO PA 61 52.93 -90.93 58.01
CA PRO PA 61 52.71 -92.28 57.48
C PRO PA 61 51.30 -92.50 56.95
N GLY PA 62 50.30 -91.94 57.63
CA GLY PA 62 48.93 -92.13 57.22
C GLY PA 62 48.45 -91.25 56.10
N LEU PA 63 49.29 -90.37 55.60
CA LEU PA 63 48.93 -89.45 54.54
C LEU PA 63 49.01 -90.15 53.19
N ALA PA 64 48.01 -89.89 52.34
CA ALA PA 64 47.98 -90.49 51.01
C ALA PA 64 48.93 -89.72 50.10
N VAL PA 65 50.06 -90.34 49.75
CA VAL PA 65 51.08 -89.73 48.92
C VAL PA 65 51.06 -90.37 47.55
N LYS PA 66 51.12 -89.55 46.50
CA LYS PA 66 51.19 -90.04 45.13
C LYS PA 66 52.22 -89.22 44.36
N GLU PA 67 53.12 -89.91 43.68
CA GLU PA 67 54.06 -89.24 42.79
C GLU PA 67 53.45 -89.10 41.41
N LEU PA 68 53.62 -87.93 40.81
CA LEU PA 68 53.00 -87.63 39.53
C LEU PA 68 54.05 -87.09 38.57
N LYS PA 69 53.76 -87.22 37.28
CA LYS PA 69 54.65 -86.75 36.22
C LYS PA 69 53.89 -86.63 34.91
N SER QA 1 11.92 -64.86 22.73
CA SER QA 1 13.15 -64.45 23.39
C SER QA 1 13.62 -65.52 24.35
N SER QA 2 14.91 -65.51 24.68
CA SER QA 2 15.44 -66.46 25.64
C SER QA 2 14.96 -66.17 27.05
N HIS QA 3 14.62 -64.93 27.36
CA HIS QA 3 14.13 -64.54 28.68
C HIS QA 3 12.63 -64.76 28.69
N LYS QA 4 12.19 -65.80 29.39
CA LYS QA 4 10.79 -66.18 29.45
C LYS QA 4 10.26 -66.05 30.86
N THR QA 5 8.94 -66.11 30.98
CA THR QA 5 8.27 -66.32 32.25
C THR QA 5 7.74 -67.74 32.30
N PHE QA 6 7.50 -68.21 33.53
CA PHE QA 6 7.02 -69.58 33.70
C PHE QA 6 5.69 -69.80 32.99
N ARG QA 7 4.79 -68.82 33.12
CA ARG QA 7 3.47 -68.95 32.50
C ARG QA 7 3.58 -69.03 30.98
N ILE QA 8 4.39 -68.16 30.38
CA ILE QA 8 4.48 -68.16 28.91
C ILE QA 8 5.16 -69.43 28.43
N LYS QA 9 6.16 -69.91 29.18
CA LYS QA 9 6.82 -71.16 28.80
C LYS QA 9 5.84 -72.33 28.86
N ARG QA 10 5.00 -72.37 29.90
CA ARG QA 10 4.02 -73.44 30.01
C ARG QA 10 3.00 -73.38 28.88
N PHE QA 11 2.56 -72.17 28.53
CA PHE QA 11 1.63 -72.01 27.41
C PHE QA 11 2.24 -72.49 26.09
N LEU QA 12 3.49 -72.10 25.85
CA LEU QA 12 4.17 -72.56 24.63
C LEU QA 12 4.33 -74.07 24.63
N ALA QA 13 4.63 -74.66 25.79
CA ALA QA 13 4.73 -76.11 25.90
C ALA QA 13 3.44 -76.78 25.49
N LYS QA 14 2.30 -76.27 25.98
CA LYS QA 14 1.03 -76.88 25.62
C LYS QA 14 0.74 -76.75 24.13
N LYS QA 15 0.99 -75.58 23.55
CA LYS QA 15 0.74 -75.43 22.12
C LYS QA 15 1.62 -76.36 21.29
N GLN QA 16 2.89 -76.52 21.70
CA GLN QA 16 3.77 -77.44 20.99
C GLN QA 16 3.27 -78.87 21.13
N LYS QA 17 2.79 -79.24 22.31
CA LYS QA 17 2.24 -80.59 22.48
C LYS QA 17 1.05 -80.82 21.55
N GLN QA 18 0.17 -79.84 21.43
CA GLN QA 18 -1.03 -80.07 20.61
C GLN QA 18 -0.79 -79.87 19.13
N ASN QA 19 0.36 -79.35 18.73
CA ASN QA 19 0.71 -79.28 17.30
C ASN QA 19 1.24 -80.65 16.87
N ARG QA 20 0.33 -81.52 16.41
CA ARG QA 20 0.68 -82.91 16.12
C ARG QA 20 -0.32 -83.52 15.14
N PRO QA 21 0.13 -84.37 14.21
CA PRO QA 21 -0.81 -85.09 13.34
C PRO QA 21 -1.53 -86.19 14.10
N ILE QA 22 -2.67 -86.60 13.54
CA ILE QA 22 -3.53 -87.61 14.15
C ILE QA 22 -2.91 -89.00 13.98
N PRO QA 23 -3.12 -89.91 14.94
CA PRO QA 23 -2.71 -91.30 14.71
C PRO QA 23 -3.64 -92.00 13.74
N GLN QA 24 -3.08 -92.91 12.96
CA GLN QA 24 -3.86 -93.57 11.91
C GLN QA 24 -4.86 -94.57 12.45
N TRP QA 25 -4.67 -95.09 13.66
CA TRP QA 25 -5.60 -96.08 14.17
C TRP QA 25 -6.95 -95.49 14.53
N ILE QA 26 -7.07 -94.17 14.62
CA ILE QA 26 -8.39 -93.56 14.78
C ILE QA 26 -9.14 -93.53 13.46
N TRP QA 27 -8.43 -93.53 12.33
CA TRP QA 27 -9.07 -93.48 11.02
C TRP QA 27 -9.95 -94.70 10.75
N MET QA 28 -9.79 -95.78 11.51
CA MET QA 28 -10.52 -97.01 11.27
C MET QA 28 -11.69 -97.22 12.24
N LYS QA 29 -12.05 -96.21 13.02
CA LYS QA 29 -13.19 -96.33 13.90
C LYS QA 29 -14.48 -96.41 13.09
N THR QA 30 -15.58 -96.73 13.77
CA THR QA 30 -16.85 -96.92 13.07
C THR QA 30 -17.43 -95.59 12.61
N GLY QA 31 -17.81 -94.73 13.56
CA GLY QA 31 -18.36 -93.44 13.22
C GLY QA 31 -17.31 -92.34 13.20
N ASN QA 32 -16.32 -92.47 12.33
CA ASN QA 32 -15.22 -91.51 12.25
C ASN QA 32 -15.29 -90.75 10.94
N LYS QA 33 -15.31 -89.42 11.04
CA LYS QA 33 -15.30 -88.55 9.88
C LYS QA 33 -14.01 -87.78 9.71
N ILE QA 34 -13.13 -87.78 10.71
CA ILE QA 34 -11.88 -87.04 10.65
C ILE QA 34 -10.95 -87.71 9.65
N ARG QA 35 -10.34 -86.91 8.78
CA ARG QA 35 -9.36 -87.38 7.82
C ARG QA 35 -7.95 -86.85 8.08
N TYR QA 36 -7.83 -85.63 8.59
CA TYR QA 36 -6.55 -85.09 9.01
C TYR QA 36 -6.80 -84.05 10.09
N ASN QA 37 -5.72 -83.62 10.73
CA ASN QA 37 -5.81 -82.58 11.75
C ASN QA 37 -5.85 -81.22 11.06
N SER QA 38 -7.03 -80.59 11.08
CA SER QA 38 -7.21 -79.32 10.40
C SER QA 38 -6.84 -78.13 11.27
N LYS QA 39 -6.37 -78.36 12.50
CA LYS QA 39 -5.93 -77.29 13.39
C LYS QA 39 -4.42 -77.30 13.56
N ARG QA 40 -3.68 -77.65 12.50
CA ARG QA 40 -2.24 -77.56 12.53
C ARG QA 40 -1.81 -76.10 12.59
N ARG QA 41 -0.51 -75.88 12.81
CA ARG QA 41 0.01 -74.53 12.99
C ARG QA 41 1.49 -74.53 12.64
N HIS QA 42 1.83 -73.93 11.50
CA HIS QA 42 3.23 -73.73 11.14
C HIS QA 42 3.73 -72.41 11.69
N TRP QA 43 4.94 -72.44 12.24
CA TRP QA 43 5.47 -71.25 12.93
C TRP QA 43 5.60 -70.07 11.99
N ARG QA 44 6.09 -70.30 10.76
CA ARG QA 44 6.27 -69.20 9.82
C ARG QA 44 4.94 -68.59 9.42
N ARG QA 45 3.95 -69.43 9.14
CA ARG QA 45 2.69 -68.93 8.57
C ARG QA 45 1.80 -68.29 9.64
N THR QA 46 1.38 -69.08 10.62
CA THR QA 46 0.51 -68.59 11.68
C THR QA 46 1.38 -68.22 12.88
N LYS QA 47 1.13 -67.04 13.46
CA LYS QA 47 2.00 -66.49 14.49
C LYS QA 47 1.41 -66.59 15.89
N LEU QA 48 0.33 -67.36 16.07
CA LEU QA 48 -0.09 -67.81 17.40
C LEU QA 48 -0.55 -66.66 18.29
N GLY QA 49 -0.51 -65.43 17.78
CA GLY QA 49 -0.90 -64.30 18.59
C GLY QA 49 0.20 -63.92 19.55
N LEU QA 50 -0.17 -63.78 20.83
CA LEU QA 50 0.73 -63.39 21.91
C LEU QA 50 1.28 -61.97 21.73
N ILE RA 1 13.22 6.95 -87.10
CA ILE RA 1 13.69 5.67 -86.58
C ILE RA 1 12.92 4.52 -87.22
N ILE RA 2 11.61 4.70 -87.38
CA ILE RA 2 10.74 3.72 -88.05
C ILE RA 2 9.95 4.48 -89.11
N GLU RA 3 9.96 3.95 -90.34
CA GLU RA 3 9.23 4.59 -91.41
C GLU RA 3 7.73 4.54 -91.13
N PRO RA 4 7.01 5.64 -91.34
CA PRO RA 4 5.62 5.70 -90.85
C PRO RA 4 4.70 4.61 -91.37
N SER RA 5 4.89 4.14 -92.60
CA SER RA 5 4.03 3.06 -93.10
C SER RA 5 4.23 1.79 -92.27
N LEU RA 6 5.48 1.40 -92.04
CA LEU RA 6 5.76 0.24 -91.18
C LEU RA 6 5.28 0.49 -89.77
N ARG RA 7 5.38 1.74 -89.30
CA ARG RA 7 4.92 2.07 -87.95
C ARG RA 7 3.42 1.82 -87.82
N GLN RA 8 2.63 2.29 -88.79
CA GLN RA 8 1.19 2.05 -88.77
C GLN RA 8 0.89 0.56 -88.90
N LEU RA 9 1.65 -0.15 -89.73
CA LEU RA 9 1.46 -1.59 -89.87
C LEU RA 9 1.65 -2.30 -88.53
N ALA RA 10 2.67 -1.91 -87.77
CA ALA RA 10 2.91 -2.53 -86.47
C ALA RA 10 1.83 -2.12 -85.46
N GLN RA 11 1.42 -0.85 -85.49
CA GLN RA 11 0.39 -0.40 -84.55
C GLN RA 11 -0.93 -1.12 -84.77
N LYS RA 12 -1.24 -1.44 -86.04
CA LYS RA 12 -2.47 -2.18 -86.32
C LYS RA 12 -2.54 -3.47 -85.51
N TYR RA 13 -1.44 -4.21 -85.47
CA TYR RA 13 -1.41 -5.48 -84.76
C TYR RA 13 -1.04 -5.33 -83.29
N ASN RA 14 -0.63 -4.14 -82.85
CA ASN RA 14 -0.20 -3.97 -81.48
C ASN RA 14 -1.07 -3.02 -80.67
N CYS RA 15 -1.36 -1.83 -81.18
CA CYS RA 15 -1.89 -0.75 -80.35
C CYS RA 15 -3.42 -0.60 -80.44
N ASP RA 16 -3.95 -0.32 -81.64
CA ASP RA 16 -5.35 0.06 -81.74
C ASP RA 16 -6.21 -1.18 -81.57
N LYS RA 17 -6.68 -1.38 -80.34
CA LYS RA 17 -7.55 -2.50 -80.02
C LYS RA 17 -8.68 -2.04 -79.11
N MET RA 18 -9.43 -2.99 -78.57
CA MET RA 18 -10.45 -2.75 -77.57
C MET RA 18 -10.28 -3.80 -76.49
N ILE RA 19 -10.46 -3.42 -75.23
CA ILE RA 19 -10.25 -4.37 -74.15
C ILE RA 19 -11.38 -4.28 -73.14
N CYS RA 20 -11.64 -5.41 -72.49
CA CYS RA 20 -12.80 -5.55 -71.61
C CYS RA 20 -12.49 -4.98 -70.23
N ARG RA 21 -13.42 -4.21 -69.71
CA ARG RA 21 -13.27 -3.62 -68.38
C ARG RA 21 -13.34 -4.68 -67.28
N MLZ RA 22 -13.83 -5.87 -67.62
CA MLZ RA 22 -13.98 -6.93 -66.64
CB MLZ RA 22 -15.37 -7.56 -66.72
CG MLZ RA 22 -16.46 -6.61 -66.28
CD MLZ RA 22 -17.85 -7.19 -66.49
CE MLZ RA 22 -18.25 -8.06 -65.30
NZ MLZ RA 22 -19.68 -8.24 -65.15
CM MLZ RA 22 -20.03 -9.34 -64.30
C MLZ RA 22 -12.95 -8.09 -66.70
O MLZ RA 22 -12.69 -8.73 -65.64
N CYS RA 23 -12.36 -8.35 -67.86
CA CYS RA 23 -11.43 -9.46 -68.00
C CYS RA 23 -10.18 -9.12 -68.80
N TYR RA 24 -10.03 -7.85 -69.17
CA TYR RA 24 -8.83 -7.32 -69.80
C TYR RA 24 -8.48 -8.00 -71.12
N ALA RA 25 -9.42 -8.72 -71.73
CA ALA RA 25 -9.13 -9.42 -72.96
C ALA RA 25 -8.91 -8.43 -74.10
N ARG RA 26 -8.05 -8.79 -75.04
CA ARG RA 26 -7.71 -7.93 -76.17
C ARG RA 26 -8.64 -8.23 -77.33
N LEU RA 27 -9.42 -7.23 -77.75
CA LEU RA 27 -10.48 -7.41 -78.72
C LEU RA 27 -10.25 -6.50 -79.93
N HIS RA 28 -10.90 -6.86 -81.03
CA HIS RA 28 -10.78 -6.07 -82.25
C HIS RA 28 -11.44 -4.70 -82.06
N PRO RA 29 -10.96 -3.67 -82.77
CA PRO RA 29 -11.38 -2.30 -82.44
C PRO RA 29 -12.88 -2.05 -82.53
N ARG RA 30 -13.55 -2.56 -83.55
CA ARG RA 30 -14.99 -2.28 -83.70
C ARG RA 30 -15.84 -3.37 -83.06
N ALA RA 31 -15.53 -3.70 -81.82
CA ALA RA 31 -16.26 -4.71 -81.06
C ALA RA 31 -17.26 -4.04 -80.13
N VAL RA 32 -18.31 -4.78 -79.78
CA VAL RA 32 -19.31 -4.30 -78.85
C VAL RA 32 -19.50 -5.23 -77.65
N ASN RA 33 -19.17 -6.51 -77.77
CA ASN RA 33 -19.29 -7.45 -76.66
C ASN RA 33 -18.02 -8.30 -76.58
N CYS RA 34 -17.65 -8.66 -75.36
CA CYS RA 34 -16.42 -9.42 -75.16
C CYS RA 34 -16.54 -10.82 -75.72
N ARG RA 35 -15.41 -11.34 -76.19
CA ARG RA 35 -15.34 -12.68 -76.75
C ARG RA 35 -15.36 -13.75 -75.68
N LYS RA 36 -14.93 -13.41 -74.47
CA LYS RA 36 -14.68 -14.41 -73.43
C LYS RA 36 -15.94 -14.77 -72.69
N LYS RA 37 -16.04 -16.04 -72.29
CA LYS RA 37 -17.12 -16.52 -71.43
C LYS RA 37 -16.88 -16.19 -69.97
N LYS RA 38 -15.65 -15.83 -69.61
CA LYS RA 38 -15.32 -15.58 -68.21
C LYS RA 38 -16.09 -14.40 -67.64
N CYS RA 39 -16.39 -13.39 -68.46
CA CYS RA 39 -17.13 -12.22 -68.01
C CYS RA 39 -18.58 -12.22 -68.50
N GLY RA 40 -19.04 -13.31 -69.11
CA GLY RA 40 -20.38 -13.37 -69.63
C GLY RA 40 -20.64 -12.46 -70.83
N HIS RA 41 -19.67 -12.36 -71.73
CA HIS RA 41 -19.83 -11.59 -72.97
C HIS RA 41 -20.29 -10.18 -72.70
N THR RA 42 -19.69 -9.55 -71.70
CA THR RA 42 -20.14 -8.26 -71.21
C THR RA 42 -20.05 -7.19 -72.29
N ASN RA 43 -20.64 -6.03 -72.00
CA ASN RA 43 -20.80 -4.95 -72.95
C ASN RA 43 -19.81 -3.81 -72.75
N ASN RA 44 -19.45 -3.51 -71.52
CA ASN RA 44 -18.60 -2.36 -71.22
C ASN RA 44 -17.18 -2.59 -71.71
N LEU RA 45 -16.84 -1.94 -72.82
CA LEU RA 45 -15.50 -2.00 -73.41
C LEU RA 45 -14.89 -0.60 -73.41
N ARG RA 46 -13.57 -0.54 -73.29
CA ARG RA 46 -12.84 0.71 -73.34
C ARG RA 46 -11.62 0.53 -74.23
N PRO RA 47 -11.22 1.57 -74.95
CA PRO RA 47 -10.12 1.44 -75.90
C PRO RA 47 -8.79 1.19 -75.21
N LYS RA 48 -7.91 0.47 -75.90
CA LYS RA 48 -6.55 0.31 -75.43
C LYS RA 48 -5.82 1.64 -75.51
N LYS RA 49 -5.18 2.02 -74.41
CA LYS RA 49 -4.66 3.38 -74.28
C LYS RA 49 -3.48 3.62 -75.23
N LYS RA 50 -3.43 4.84 -75.76
CA LYS RA 50 -2.36 5.26 -76.66
C LYS RA 50 -1.23 5.87 -75.86
N VAL RA 51 0.01 5.58 -76.28
CA VAL RA 51 1.18 6.11 -75.60
C VAL RA 51 1.32 7.60 -75.86
N MET SA 1 20.47 36.20 6.64
CA MET SA 1 20.63 34.86 7.16
C MET SA 1 21.88 34.80 8.04
N ARG SA 2 21.67 34.62 9.34
CA ARG SA 2 22.79 34.57 10.27
C ARG SA 2 23.57 33.27 10.10
N ALA SA 3 24.85 33.33 10.49
CA ALA SA 3 25.75 32.20 10.27
C ALA SA 3 25.25 30.94 10.94
N LYS SA 4 24.53 31.08 12.05
CA LYS SA 4 23.97 29.90 12.72
C LYS SA 4 23.04 29.13 11.80
N TRP SA 5 22.07 29.83 11.21
CA TRP SA 5 21.12 29.16 10.33
C TRP SA 5 21.77 28.76 9.01
N ARG SA 6 22.75 29.53 8.55
CA ARG SA 6 23.47 29.14 7.35
C ARG SA 6 24.18 27.80 7.55
N LYS SA 7 24.84 27.63 8.70
CA LYS SA 7 25.53 26.38 8.94
C LYS SA 7 24.56 25.24 9.25
N LYS SA 8 23.40 25.56 9.82
CA LYS SA 8 22.37 24.53 10.00
C LYS SA 8 21.88 24.01 8.64
N ARG SA 9 21.63 24.93 7.70
CA ARG SA 9 21.24 24.55 6.36
C ARG SA 9 22.34 23.74 5.68
N MET SA 10 23.59 24.15 5.87
CA MET SA 10 24.71 23.42 5.28
C MET SA 10 24.80 22.01 5.84
N ARG SA 11 24.56 21.86 7.15
CA ARG SA 11 24.58 20.52 7.76
C ARG SA 11 23.49 19.65 7.18
N ARG SA 12 22.28 20.19 7.01
CA ARG SA 12 21.21 19.41 6.40
C ARG SA 12 21.57 18.98 4.99
N LEU SA 13 22.13 19.90 4.21
CA LEU SA 13 22.52 19.58 2.84
C LEU SA 13 23.60 18.50 2.81
N LYS SA 14 24.58 18.59 3.71
CA LYS SA 14 25.63 17.57 3.76
C LYS SA 14 25.06 16.22 4.16
N ARG SA 15 24.11 16.21 5.10
CA ARG SA 15 23.50 14.94 5.48
C ARG SA 15 22.78 14.29 4.30
N LYS SA 16 22.04 15.07 3.52
CA LYS SA 16 21.39 14.51 2.34
C LYS SA 16 22.41 14.03 1.31
N ARG SA 17 23.49 14.79 1.10
CA ARG SA 17 24.53 14.36 0.17
C ARG SA 17 25.14 13.04 0.60
N ARG SA 18 25.45 12.90 1.89
CA ARG SA 18 26.04 11.68 2.39
C ARG SA 18 25.09 10.50 2.23
N LYS SA 19 23.81 10.70 2.55
CA LYS SA 19 22.84 9.63 2.37
C LYS SA 19 22.74 9.20 0.91
N MET SA 20 22.72 10.18 0.00
CA MET SA 20 22.59 9.85 -1.42
C MET SA 20 23.84 9.15 -1.95
N ARG SA 21 25.01 9.49 -1.41
CA ARG SA 21 26.22 8.80 -1.83
C ARG SA 21 26.28 7.37 -1.29
N GLN SA 22 25.87 7.18 -0.04
CA GLN SA 22 25.83 5.84 0.54
C GLN SA 22 24.75 4.99 -0.12
N ARG SA 23 23.76 5.63 -0.74
CA ARG SA 23 22.78 4.88 -1.52
C ARG SA 23 23.44 4.18 -2.72
N SER SA 24 24.46 4.81 -3.29
CA SER SA 24 25.10 4.27 -4.49
C SER SA 24 26.34 3.45 -4.19
N LYS SA 25 27.03 3.70 -3.08
CA LYS SA 25 28.26 2.97 -2.80
C LYS SA 25 27.98 1.48 -2.62
N VAL TA 1 -58.20 11.79 8.35
CA VAL TA 1 -59.54 12.28 8.11
C VAL TA 1 -60.02 13.12 9.28
N ASN TA 2 -61.26 13.59 9.21
CA ASN TA 2 -61.86 14.39 10.27
C ASN TA 2 -63.25 13.85 10.55
N VAL TA 3 -63.54 13.59 11.82
CA VAL TA 3 -64.83 13.03 12.22
C VAL TA 3 -65.39 13.85 13.38
N PRO TA 4 -66.62 14.34 13.29
CA PRO TA 4 -67.19 15.14 14.38
C PRO TA 4 -67.40 14.29 15.62
N LYS TA 5 -67.39 14.97 16.77
CA LYS TA 5 -67.47 14.28 18.05
C LYS TA 5 -68.86 13.75 18.37
N THR TA 6 -69.89 14.23 17.69
CA THR TA 6 -71.26 13.81 17.94
C THR TA 6 -71.90 13.34 16.64
N ARG TA 7 -72.65 12.24 16.73
CA ARG TA 7 -73.30 11.66 15.56
C ARG TA 7 -74.64 11.07 15.96
N ARG TA 8 -75.64 11.22 15.09
CA ARG TA 8 -76.95 10.63 15.28
C ARG TA 8 -77.05 9.38 14.41
N THR TA 9 -77.20 8.22 15.06
CA THR TA 9 -77.25 6.96 14.33
C THR TA 9 -78.03 5.94 15.15
N PHE TA 10 -78.21 4.75 14.58
CA PHE TA 10 -79.03 3.72 15.18
C PHE TA 10 -78.46 3.25 16.52
N CYS TA 11 -79.34 2.99 17.47
CA CYS TA 11 -78.99 2.42 18.77
C CYS TA 11 -79.69 1.08 18.93
N LYS TA 12 -78.93 0.07 19.33
CA LYS TA 12 -79.49 -1.28 19.40
C LYS TA 12 -80.41 -1.47 20.59
N LYS TA 13 -80.07 -0.88 21.74
CA LYS TA 13 -80.89 -1.07 22.93
C LYS TA 13 -82.18 -0.26 22.85
N CYS TA 14 -82.10 0.97 22.35
CA CYS TA 14 -83.30 1.78 22.20
C CYS TA 14 -84.13 1.33 21.01
N GLY TA 15 -83.49 0.85 19.95
CA GLY TA 15 -84.20 0.42 18.77
C GLY TA 15 -84.55 1.52 17.80
N LYS TA 16 -83.88 2.67 17.88
CA LYS TA 16 -84.12 3.75 16.94
C LYS TA 16 -82.92 4.69 16.97
N HIS TA 17 -82.93 5.66 16.05
CA HIS TA 17 -81.80 6.56 15.89
C HIS TA 17 -81.69 7.51 17.07
N GLN TA 18 -80.49 7.63 17.61
CA GLN TA 18 -80.20 8.50 18.75
C GLN TA 18 -78.87 9.21 18.51
N PRO TA 19 -78.69 10.39 19.09
CA PRO TA 19 -77.36 11.01 19.09
C PRO TA 19 -76.39 10.20 19.93
N HIS TA 20 -75.12 10.23 19.53
CA HIS TA 20 -74.07 9.44 20.14
C HIS TA 20 -72.83 10.29 20.37
N LYS TA 21 -72.00 9.84 21.30
CA LYS TA 21 -70.69 10.44 21.54
C LYS TA 21 -69.63 9.56 20.89
N VAL TA 22 -68.76 10.19 20.09
CA VAL TA 22 -67.78 9.47 19.28
C VAL TA 22 -66.39 9.73 19.85
N THR TA 23 -65.70 8.66 20.26
CA THR TA 23 -64.31 8.72 20.67
C THR TA 23 -63.55 7.57 20.01
N GLN TA 24 -62.25 7.77 19.85
CA GLN TA 24 -61.41 6.76 19.22
C GLN TA 24 -61.16 5.60 20.18
N TYR TA 25 -61.16 4.39 19.63
CA TYR TA 25 -60.99 3.19 20.44
C TYR TA 25 -59.52 2.90 20.68
N LYS TA 26 -59.17 2.60 21.92
CA LYS TA 26 -57.81 2.28 22.32
C LYS TA 26 -57.76 0.92 22.98
N LYS TA 27 -56.76 0.12 22.61
CA LYS TA 27 -56.67 -1.24 23.09
C LYS TA 27 -56.41 -1.29 24.59
N GLY TA 28 -57.07 -2.21 25.27
CA GLY TA 28 -56.89 -2.37 26.69
C GLY TA 28 -55.58 -3.04 27.04
N LYS TA 29 -55.28 -3.04 28.35
CA LYS TA 29 -54.06 -3.65 28.84
C LYS TA 29 -54.20 -5.17 28.89
N ASP TA 30 -53.15 -5.87 28.48
CA ASP TA 30 -53.18 -7.33 28.47
C ASP TA 30 -53.35 -7.88 29.87
N SER TA 31 -54.30 -8.80 30.03
CA SER TA 31 -54.53 -9.43 31.32
C SER TA 31 -53.45 -10.47 31.60
N LEU TA 32 -53.15 -10.64 32.88
CA LEU TA 32 -52.18 -11.63 33.31
C LEU TA 32 -52.81 -12.98 33.61
N TYR TA 33 -54.15 -13.05 33.63
CA TYR TA 33 -54.85 -14.28 34.00
C TYR TA 33 -55.80 -14.76 32.91
N ALA TA 34 -55.62 -14.29 31.68
CA ALA TA 34 -56.33 -14.89 30.56
C ALA TA 34 -55.81 -16.29 30.31
N GLN TA 35 -56.67 -17.14 29.76
CA GLN TA 35 -56.32 -18.53 29.53
C GLN TA 35 -55.10 -18.66 28.63
N GLY TA 36 -55.10 -17.92 27.52
CA GLY TA 36 -53.96 -17.95 26.63
C GLY TA 36 -52.69 -17.46 27.31
N LYS TA 37 -52.80 -16.40 28.11
CA LYS TA 37 -51.62 -15.84 28.76
C LYS TA 37 -51.02 -16.84 29.72
N ARG TA 38 -51.84 -17.49 30.55
CA ARG TA 38 -51.25 -18.40 31.52
C ARG TA 38 -50.80 -19.70 30.89
N ARG TA 39 -51.48 -20.18 29.84
CA ARG TA 39 -50.95 -21.33 29.11
C ARG TA 39 -49.58 -21.01 28.52
N TYR TA 40 -49.44 -19.84 27.90
CA TYR TA 40 -48.17 -19.43 27.32
C TYR TA 40 -47.10 -19.28 28.40
N ASP TA 41 -47.47 -18.73 29.56
CA ASP TA 41 -46.51 -18.55 30.65
C ASP TA 41 -46.01 -19.89 31.15
N ARG TA 42 -46.91 -20.85 31.34
CA ARG TA 42 -46.47 -22.16 31.81
C ARG TA 42 -45.61 -22.86 30.76
N LYS TA 43 -45.97 -22.73 29.48
CA LYS TA 43 -45.17 -23.34 28.43
C LYS TA 43 -43.77 -22.73 28.39
N GLN TA 44 -43.67 -21.41 28.58
CA GLN TA 44 -42.37 -20.75 28.53
C GLN TA 44 -41.52 -21.06 29.77
N SER TA 45 -42.15 -21.26 30.92
CA SER TA 45 -41.40 -21.57 32.13
C SER TA 45 -40.64 -22.88 31.96
N GLY TA 46 -39.36 -22.87 32.33
CA GLY TA 46 -38.51 -24.04 32.25
C GLY TA 46 -37.39 -23.84 31.24
N TYR TA 47 -36.95 -24.96 30.67
CA TYR TA 47 -35.91 -24.95 29.65
C TYR TA 47 -36.53 -25.20 28.29
N GLY TA 48 -35.82 -24.78 27.24
CA GLY TA 48 -36.31 -24.99 25.90
C GLY TA 48 -36.37 -23.74 25.05
N GLY TA 49 -36.18 -22.59 25.65
CA GLY TA 49 -36.14 -21.35 24.89
C GLY TA 49 -37.52 -20.82 24.54
N GLN TA 50 -37.62 -20.23 23.36
CA GLN TA 50 -38.88 -19.66 22.89
C GLN TA 50 -39.75 -20.76 22.30
N THR TA 51 -41.01 -20.81 22.76
CA THR TA 51 -41.92 -21.90 22.41
C THR TA 51 -42.97 -21.51 21.37
N LYS TA 52 -43.20 -20.23 21.17
CA LYS TA 52 -44.19 -19.72 20.22
C LYS TA 52 -43.52 -18.80 19.22
N PRO TA 53 -44.08 -18.63 18.03
CA PRO TA 53 -43.47 -17.74 17.04
C PRO TA 53 -43.54 -16.29 17.48
N ILE TA 54 -42.59 -15.50 17.00
CA ILE TA 54 -42.55 -14.06 17.21
C ILE TA 54 -42.55 -13.38 15.86
N PHE TA 55 -43.54 -12.52 15.63
CA PHE TA 55 -43.67 -11.87 14.34
C PHE TA 55 -42.58 -10.82 14.16
N ARG TA 56 -41.95 -10.81 12.98
CA ARG TA 56 -40.82 -9.94 12.71
C ARG TA 56 -40.99 -9.07 11.47
N LYS TA 57 -41.70 -9.55 10.45
CA LYS TA 57 -41.73 -8.88 9.14
C LYS TA 57 -42.98 -8.01 9.02
N LYS TA 58 -42.89 -6.81 9.60
CA LYS TA 58 -43.95 -5.83 9.43
C LYS TA 58 -44.02 -5.39 7.97
N ALA TA 59 -45.24 -5.15 7.49
CA ALA TA 59 -45.43 -4.72 6.12
C ALA TA 59 -46.33 -3.49 6.03
N LYS TA 60 -47.27 -3.37 6.96
CA LYS TA 60 -48.27 -2.31 6.94
C LYS TA 60 -47.84 -1.15 7.82
N THR TA 61 -48.07 0.07 7.32
CA THR TA 61 -47.76 1.29 8.04
C THR TA 61 -49.02 2.05 8.45
N THR TA 62 -50.15 1.38 8.49
CA THR TA 62 -51.42 2.00 8.85
C THR TA 62 -52.28 0.96 9.57
N LYS TA 63 -53.14 1.44 10.46
CA LYS TA 63 -54.09 0.59 11.17
C LYS TA 63 -55.50 1.12 10.99
N LYS TA 64 -56.46 0.21 10.87
CA LYS TA 64 -57.86 0.62 10.73
C LYS TA 64 -58.30 1.39 11.97
N ILE TA 65 -58.99 2.50 11.74
CA ILE TA 65 -59.47 3.35 12.81
C ILE TA 65 -60.85 2.86 13.25
N VAL TA 66 -61.03 2.66 14.54
CA VAL TA 66 -62.27 2.16 15.11
C VAL TA 66 -62.83 3.20 16.06
N LEU TA 67 -64.10 3.51 15.90
CA LEU TA 67 -64.77 4.52 16.69
C LEU TA 67 -65.61 3.87 17.79
N ARG TA 68 -65.70 4.54 18.93
CA ARG TA 68 -66.50 4.08 20.06
C ARG TA 68 -67.73 4.97 20.17
N LEU TA 69 -68.89 4.43 19.81
CA LEU TA 69 -70.14 5.17 19.83
C LEU TA 69 -70.87 4.86 21.13
N GLU TA 70 -71.20 5.91 21.89
CA GLU TA 70 -71.91 5.77 23.15
C GLU TA 70 -73.22 6.52 23.07
N CYS TA 71 -74.33 5.82 23.29
CA CYS TA 71 -75.64 6.46 23.26
C CYS TA 71 -75.76 7.46 24.40
N VAL TA 72 -76.10 8.71 24.06
CA VAL TA 72 -76.11 9.79 25.04
C VAL TA 72 -77.33 9.73 25.95
N GLU TA 73 -78.26 8.82 25.69
CA GLU TA 73 -79.44 8.69 26.53
C GLU TA 73 -79.05 8.35 27.96
N PRO TA 74 -79.56 9.08 28.96
CA PRO TA 74 -79.07 8.89 30.34
C PRO TA 74 -79.21 7.48 30.87
N ASN TA 75 -80.28 6.77 30.54
CA ASN TA 75 -80.55 5.45 31.10
C ASN TA 75 -80.29 4.31 30.13
N CYS TA 76 -79.67 4.60 28.97
CA CYS TA 76 -79.29 3.56 28.03
C CYS TA 76 -77.81 3.23 28.10
N ARG TA 77 -76.94 4.22 27.86
CA ARG TA 77 -75.49 4.05 27.92
C ARG TA 77 -75.03 2.84 27.12
N SER TA 78 -75.59 2.66 25.94
CA SER TA 78 -75.19 1.58 25.06
C SER TA 78 -73.95 1.98 24.27
N LYS TA 79 -73.14 0.98 23.92
CA LYS TA 79 -71.89 1.21 23.22
C LYS TA 79 -71.78 0.29 22.02
N ARG TA 80 -71.11 0.76 20.97
CA ARG TA 80 -70.83 -0.05 19.80
C ARG TA 80 -69.42 0.28 19.31
N MET TA 81 -68.94 -0.53 18.37
CA MET TA 81 -67.69 -0.29 17.69
C MET TA 81 -67.96 -0.10 16.21
N LEU TA 82 -67.47 1.01 15.65
CA LEU TA 82 -67.66 1.33 14.25
C LEU TA 82 -66.31 1.52 13.59
N ALA TA 83 -65.96 0.64 12.66
CA ALA TA 83 -64.67 0.66 12.00
C ALA TA 83 -64.77 1.39 10.67
N ILE TA 84 -63.82 2.28 10.42
CA ILE TA 84 -63.73 2.98 9.15
C ILE TA 84 -62.47 2.51 8.43
N LYS TA 85 -62.30 2.95 7.19
CA LYS TA 85 -61.16 2.54 6.40
C LYS TA 85 -59.86 3.06 7.00
N ARG TA 86 -58.77 2.35 6.72
CA ARG TA 86 -57.47 2.72 7.27
C ARG TA 86 -57.00 4.06 6.72
N CYS TA 87 -56.39 4.86 7.57
CA CYS TA 87 -55.95 6.20 7.21
C CYS TA 87 -54.72 6.57 8.03
N LYS TA 88 -53.85 7.39 7.44
CA LYS TA 88 -52.63 7.79 8.13
C LYS TA 88 -52.90 8.80 9.23
N HIS TA 89 -53.76 9.78 8.94
CA HIS TA 89 -54.06 10.86 9.87
C HIS TA 89 -55.53 10.84 10.25
N PHE TA 90 -55.80 10.95 11.54
CA PHE TA 90 -57.17 10.90 12.06
C PHE TA 90 -57.31 11.88 13.22
N GLU TA 91 -58.44 12.60 13.24
CA GLU TA 91 -58.72 13.54 14.32
C GLU TA 91 -60.22 13.60 14.54
N LEU TA 92 -60.61 13.93 15.77
CA LEU TA 92 -62.00 14.06 16.16
C LEU TA 92 -62.34 15.52 16.40
N GLY TA 93 -63.42 15.97 15.79
CA GLY TA 93 -63.86 17.35 16.00
C GLY TA 93 -62.92 18.39 15.46
N GLY TA 94 -62.35 18.15 14.28
CA GLY TA 94 -61.54 19.16 13.64
C GLY TA 94 -62.39 20.28 13.07
N ASP TA 95 -61.75 21.41 12.82
CA ASP TA 95 -62.46 22.56 12.26
C ASP TA 95 -62.91 22.26 10.83
N LYS TA 96 -64.13 22.65 10.51
CA LYS TA 96 -64.69 22.37 9.20
C LYS TA 96 -63.90 23.09 8.12
N LYS TA 97 -63.72 22.43 6.98
CA LYS TA 97 -63.03 23.04 5.85
C LYS TA 97 -64.02 23.84 5.02
N ARG TA 98 -63.66 25.07 4.70
CA ARG TA 98 -64.54 26.01 4.02
C ARG TA 98 -63.90 26.48 2.72
N LYS TA 99 -64.72 26.65 1.69
CA LYS TA 99 -64.24 27.09 0.39
C LYS TA 99 -64.57 28.57 0.18
N GLY TA 100 -64.01 29.13 -0.89
CA GLY TA 100 -64.16 30.54 -1.17
C GLY TA 100 -63.46 31.44 -0.19
N GLN TA 101 -62.29 31.03 0.28
CA GLN TA 101 -61.49 31.79 1.25
C GLN TA 101 -60.11 32.03 0.68
N VAL TA 102 -59.46 33.09 1.16
CA VAL TA 102 -58.10 33.37 0.75
C VAL TA 102 -57.15 32.44 1.50
N ILE TA 103 -56.29 31.76 0.75
CA ILE TA 103 -55.36 30.81 1.34
C ILE TA 103 -54.23 31.54 2.08
N ALA UA 1 51.14 -10.67 20.05
CA ALA UA 1 50.61 -9.65 19.16
C ALA UA 1 49.12 -9.44 19.40
N LYS UA 2 48.66 -8.20 19.27
CA LYS UA 2 47.24 -7.90 19.43
C LYS UA 2 46.47 -8.57 18.31
N ARG UA 3 45.71 -9.60 18.65
CA ARG UA 3 45.06 -10.42 17.63
C ARG UA 3 43.83 -9.74 17.04
N THR UA 4 43.08 -8.99 17.84
CA THR UA 4 41.89 -8.31 17.34
C THR UA 4 41.89 -6.86 17.78
N LYS UA 5 41.24 -6.01 16.98
CA LYS UA 5 41.21 -4.58 17.25
C LYS UA 5 40.16 -4.23 18.31
N LYS UA 6 38.89 -4.49 18.01
CA LYS UA 6 37.80 -4.11 18.91
C LYS UA 6 37.29 -5.30 19.71
N VAL UA 7 36.86 -6.37 19.05
CA VAL UA 7 36.28 -7.50 19.74
C VAL UA 7 37.32 -8.17 20.63
N GLY UA 8 36.92 -8.53 21.84
CA GLY UA 8 37.82 -9.20 22.76
C GLY UA 8 37.36 -10.59 23.10
N ILE UA 9 36.81 -10.74 24.32
CA ILE UA 9 36.28 -12.02 24.74
C ILE UA 9 35.14 -12.48 23.84
N VAL UA 10 34.41 -11.54 23.23
CA VAL UA 10 33.26 -11.88 22.40
C VAL UA 10 33.70 -12.14 20.96
N GLY UA 11 35.01 -12.24 20.74
CA GLY UA 11 35.48 -12.66 19.44
C GLY UA 11 35.04 -14.07 19.08
N LYS UA 12 34.74 -14.89 20.08
CA LYS UA 12 34.23 -16.24 19.88
C LYS UA 12 32.83 -16.26 19.28
N TYR UA 13 32.15 -15.12 19.23
CA TYR UA 13 30.79 -15.04 18.74
C TYR UA 13 30.71 -14.71 17.25
N GLY UA 14 31.84 -14.53 16.58
CA GLY UA 14 31.82 -14.38 15.13
C GLY UA 14 31.09 -13.14 14.69
N THR UA 15 30.36 -13.27 13.58
CA THR UA 15 29.60 -12.17 12.99
C THR UA 15 28.12 -12.30 13.29
N ARG UA 16 27.78 -12.73 14.50
CA ARG UA 16 26.41 -13.04 14.87
C ARG UA 16 25.95 -12.17 16.03
N TYR UA 17 24.62 -12.05 16.15
CA TYR UA 17 23.87 -11.49 17.27
C TYR UA 17 23.87 -9.97 17.32
N GLY UA 18 24.59 -9.28 16.45
CA GLY UA 18 24.54 -7.84 16.44
C GLY UA 18 25.65 -7.15 17.21
N ALA UA 19 26.13 -6.03 16.66
CA ALA UA 19 27.26 -5.33 17.26
C ALA UA 19 26.93 -4.80 18.65
N SER UA 20 25.75 -4.21 18.81
CA SER UA 20 25.37 -3.66 20.11
C SER UA 20 25.23 -4.75 21.15
N LEU UA 21 24.60 -5.87 20.80
CA LEU UA 21 24.45 -6.97 21.75
C LEU UA 21 25.80 -7.54 22.15
N ARG UA 22 26.71 -7.70 21.19
CA ARG UA 22 28.03 -8.24 21.53
C ARG UA 22 28.80 -7.27 22.40
N LYS UA 23 28.74 -5.96 22.10
CA LYS UA 23 29.39 -4.98 22.95
C LYS UA 23 28.83 -4.99 24.36
N MET UA 24 27.51 -5.14 24.48
CA MET UA 24 26.88 -5.13 25.80
C MET UA 24 27.26 -6.38 26.61
N VAL UA 25 27.34 -7.53 25.94
CA VAL UA 25 27.68 -8.75 26.67
C VAL UA 25 29.17 -8.86 26.97
N LYS UA 26 30.01 -8.07 26.27
CA LYS UA 26 31.45 -8.18 26.46
C LYS UA 26 31.87 -7.86 27.90
N LYS UA 27 31.35 -6.76 28.45
CA LYS UA 27 31.74 -6.35 29.80
C LYS UA 27 31.29 -7.37 30.83
N ILE UA 28 30.07 -7.90 30.68
CA ILE UA 28 29.58 -8.90 31.60
C ILE UA 28 30.42 -10.18 31.52
N GLU UA 29 30.79 -10.58 30.31
CA GLU UA 29 31.66 -11.75 30.15
C GLU UA 29 32.98 -11.55 30.86
N ILE UA 30 33.60 -10.38 30.67
CA ILE UA 30 34.88 -10.10 31.31
C ILE UA 30 34.73 -10.15 32.83
N SER UA 31 33.68 -9.53 33.35
CA SER UA 31 33.49 -9.47 34.80
C SER UA 31 33.25 -10.86 35.38
N GLN UA 32 32.48 -11.70 34.69
CA GLN UA 32 32.15 -13.00 35.24
C GLN UA 32 33.23 -14.05 35.02
N HIS UA 33 34.17 -13.82 34.10
CA HIS UA 33 35.28 -14.74 33.93
C HIS UA 33 36.58 -14.21 34.53
N ALA UA 34 36.55 -13.01 35.10
CA ALA UA 34 37.72 -12.51 35.82
C ALA UA 34 37.87 -13.21 37.15
N LYS UA 35 39.09 -13.19 37.68
CA LYS UA 35 39.41 -13.74 38.98
C LYS UA 35 39.58 -12.61 39.98
N TYR UA 36 38.95 -12.76 41.14
CA TYR UA 36 38.95 -11.72 42.16
C TYR UA 36 39.83 -12.13 43.33
N THR UA 37 39.95 -11.24 44.30
CA THR UA 37 40.81 -11.42 45.46
C THR UA 37 39.97 -11.85 46.66
N CYS UA 38 40.39 -12.92 47.31
CA CYS UA 38 39.68 -13.43 48.49
C CYS UA 38 39.92 -12.51 49.67
N SER UA 39 38.87 -11.86 50.14
CA SER UA 39 39.01 -10.98 51.29
C SER UA 39 39.24 -11.73 52.59
N PHE UA 40 39.44 -13.04 52.53
CA PHE UA 40 39.75 -13.86 53.70
C PHE UA 40 41.20 -14.30 53.75
N CYS UA 41 41.78 -14.69 52.61
CA CYS UA 41 43.18 -15.07 52.57
C CYS UA 41 44.05 -14.11 51.77
N GLY UA 42 43.46 -13.29 50.90
CA GLY UA 42 44.21 -12.35 50.11
C GLY UA 42 44.70 -12.86 48.78
N LYS UA 43 44.69 -14.18 48.56
CA LYS UA 43 45.06 -14.72 47.26
C LYS UA 43 43.99 -14.39 46.23
N THR UA 44 44.43 -14.13 45.00
CA THR UA 44 43.51 -13.83 43.90
C THR UA 44 43.04 -15.16 43.30
N LYS UA 45 42.14 -15.81 44.03
CA LYS UA 45 41.61 -17.10 43.60
C LYS UA 45 40.10 -17.19 43.78
N MET UA 46 39.39 -16.07 43.75
CA MET UA 46 37.94 -16.07 43.91
C MET UA 46 37.29 -16.26 42.54
N LYS UA 47 36.70 -17.42 42.33
CA LYS UA 47 36.10 -17.78 41.06
C LYS UA 47 34.59 -17.86 41.19
N ARG UA 48 33.91 -17.86 40.05
CA ARG UA 48 32.47 -18.04 40.00
C ARG UA 48 32.17 -19.51 39.74
N ARG UA 49 31.32 -20.10 40.57
CA ARG UA 49 30.89 -21.48 40.37
C ARG UA 49 29.63 -21.54 39.51
N ALA UA 50 28.57 -20.87 39.96
CA ALA UA 50 27.33 -20.73 39.21
C ALA UA 50 26.88 -19.29 39.34
N VAL UA 51 25.64 -19.02 38.94
CA VAL UA 51 25.13 -17.65 39.05
C VAL UA 51 24.92 -17.32 40.51
N GLY UA 52 25.60 -16.28 40.99
CA GLY UA 52 25.46 -15.83 42.35
C GLY UA 52 26.28 -16.58 43.38
N ILE UA 53 27.10 -17.54 42.97
CA ILE UA 53 27.90 -18.33 43.90
C ILE UA 53 29.37 -18.11 43.56
N TRP UA 54 30.14 -17.65 44.54
CA TRP UA 54 31.56 -17.37 44.35
C TRP UA 54 32.37 -18.20 45.34
N HIS UA 55 33.40 -18.86 44.84
CA HIS UA 55 34.19 -19.81 45.61
C HIS UA 55 35.67 -19.47 45.52
N CYS UA 56 36.36 -19.59 46.64
CA CYS UA 56 37.81 -19.41 46.68
C CYS UA 56 38.50 -20.76 46.61
N GLY UA 57 39.54 -20.85 45.77
CA GLY UA 57 40.20 -22.11 45.55
C GLY UA 57 41.12 -22.55 46.68
N SER UA 58 41.60 -21.62 47.49
CA SER UA 58 42.54 -21.96 48.56
C SER UA 58 41.85 -22.11 49.91
N CYS UA 59 41.04 -21.13 50.31
CA CYS UA 59 40.30 -21.24 51.57
C CYS UA 59 39.22 -22.31 51.55
N MET UA 60 38.75 -22.69 50.36
CA MET UA 60 37.55 -23.50 50.22
C MET UA 60 36.35 -22.81 50.88
N LYS UA 61 36.30 -21.49 50.76
CA LYS UA 61 35.24 -20.68 51.33
C LYS UA 61 34.37 -20.13 50.21
N THR UA 62 33.06 -20.31 50.34
CA THR UA 62 32.10 -19.89 49.32
C THR UA 62 31.33 -18.68 49.82
N VAL UA 63 31.14 -17.70 48.94
CA VAL UA 63 30.49 -16.44 49.28
C VAL UA 63 29.36 -16.21 48.29
N ALA UA 64 28.19 -15.82 48.80
CA ALA UA 64 27.04 -15.51 47.96
C ALA UA 64 27.14 -14.06 47.50
N GLY UA 65 27.40 -13.86 46.21
CA GLY UA 65 27.55 -12.54 45.66
C GLY UA 65 26.57 -12.22 44.55
N GLY UA 66 27.07 -11.64 43.47
CA GLY UA 66 26.24 -11.24 42.35
C GLY UA 66 26.28 -12.23 41.19
N ALA UA 67 25.43 -11.97 40.21
CA ALA UA 67 25.33 -12.86 39.06
C ALA UA 67 26.58 -12.79 38.20
N TRP UA 68 27.03 -11.58 37.86
CA TRP UA 68 28.15 -11.39 36.96
C TRP UA 68 29.33 -10.71 37.62
N THR UA 69 29.22 -10.30 38.88
CA THR UA 69 30.32 -9.71 39.63
C THR UA 69 30.38 -10.36 40.99
N TYR UA 70 31.51 -10.17 41.68
CA TYR UA 70 31.67 -10.73 43.01
C TYR UA 70 30.75 -10.04 44.01
N ASN UA 71 30.56 -8.73 43.86
CA ASN UA 71 29.65 -7.98 44.71
C ASN UA 71 28.97 -6.90 43.88
N THR UA 72 27.80 -6.47 44.35
CA THR UA 72 27.01 -5.49 43.64
C THR UA 72 26.91 -4.20 44.46
N THR UA 73 26.81 -3.09 43.73
CA THR UA 73 26.69 -1.79 44.38
C THR UA 73 25.45 -1.72 45.25
N SER UA 74 24.36 -2.38 44.84
CA SER UA 74 23.19 -2.45 45.70
C SER UA 74 23.51 -3.15 47.00
N ALA UA 75 24.26 -4.26 46.94
CA ALA UA 75 24.62 -4.98 48.15
C ALA UA 75 25.49 -4.14 49.06
N VAL UA 76 26.48 -3.42 48.50
CA VAL UA 76 27.38 -2.66 49.36
C VAL UA 76 26.66 -1.48 49.99
N THR UA 77 25.78 -0.81 49.24
CA THR UA 77 25.04 0.30 49.83
C THR UA 77 24.04 -0.18 50.88
N VAL UA 78 23.43 -1.35 50.68
CA VAL UA 78 22.57 -1.92 51.71
C VAL UA 78 23.37 -2.26 52.95
N LYS UA 79 24.57 -2.81 52.78
CA LYS UA 79 25.41 -3.11 53.94
C LYS UA 79 25.76 -1.85 54.71
N SER UA 80 26.14 -0.79 54.00
CA SER UA 80 26.42 0.48 54.67
C SER UA 80 25.20 1.02 55.39
N ALA UA 81 24.04 0.98 54.75
CA ALA UA 81 22.82 1.49 55.37
C ALA UA 81 22.45 0.68 56.60
N ILE UA 82 22.61 -0.65 56.55
CA ILE UA 82 22.30 -1.49 57.69
C ILE UA 82 23.25 -1.21 58.84
N ARG UA 83 24.54 -1.04 58.55
CA ARG UA 83 25.49 -0.70 59.60
C ARG UA 83 25.12 0.62 60.26
N ARG UA 84 24.78 1.63 59.44
CA ARG UA 84 24.42 2.92 60.01
C ARG UA 84 23.15 2.84 60.84
N LEU UA 85 22.16 2.06 60.39
CA LEU UA 85 20.94 1.91 61.16
C LEU UA 85 21.18 1.19 62.48
N LYS UA 86 22.06 0.18 62.49
CA LYS UA 86 22.41 -0.47 63.73
C LYS UA 86 23.06 0.52 64.70
N GLU UA 87 24.01 1.30 64.20
CA GLU UA 87 24.65 2.33 65.02
C GLU UA 87 23.65 3.35 65.53
N LEU UA 88 22.67 3.74 64.72
CA LEU UA 88 21.65 4.68 65.16
C LEU UA 88 20.77 4.08 66.26
N LYS UA 89 20.36 2.83 66.09
CA LYS UA 89 19.50 2.20 67.09
C LYS UA 89 20.23 2.03 68.41
N ASP UA 90 21.51 1.67 68.38
CA ASP UA 90 22.27 1.55 69.62
C ASP UA 90 22.90 2.87 70.06
N GLN UA 91 22.65 3.96 69.33
CA GLN UA 91 23.10 5.30 69.69
C GLN UA 91 24.62 5.40 69.72
N SER VA 1 -84.46 -83.83 -4.90
CA SER VA 1 -84.92 -84.16 -6.25
C SER VA 1 -83.74 -84.31 -7.21
N ALA VA 2 -84.06 -84.69 -8.45
CA ALA VA 2 -83.02 -84.97 -9.43
C ALA VA 2 -82.24 -83.70 -9.78
N HIS VA 3 -82.94 -82.59 -9.98
CA HIS VA 3 -82.26 -81.35 -10.34
C HIS VA 3 -81.39 -80.83 -9.20
N LEU VA 4 -81.88 -80.94 -7.97
CA LEU VA 4 -81.07 -80.52 -6.83
C LEU VA 4 -79.84 -81.39 -6.67
N GLN VA 5 -80.01 -82.71 -6.78
CA GLN VA 5 -78.86 -83.60 -6.67
C GLN VA 5 -77.85 -83.32 -7.77
N TRP VA 6 -78.33 -83.05 -8.99
CA TRP VA 6 -77.43 -82.68 -10.08
C TRP VA 6 -76.70 -81.39 -9.76
N MET VA 7 -77.38 -80.40 -9.20
CA MET VA 7 -76.72 -79.15 -8.85
C MET VA 7 -75.67 -79.36 -7.79
N VAL VA 8 -75.82 -80.40 -6.97
CA VAL VA 8 -74.78 -80.71 -5.98
C VAL VA 8 -73.60 -81.42 -6.64
N VAL VA 9 -73.86 -82.40 -7.52
CA VAL VA 9 -72.81 -83.31 -7.97
C VAL VA 9 -72.26 -82.96 -9.34
N ARG VA 10 -72.70 -81.87 -9.97
CA ARG VA 10 -72.31 -81.59 -11.35
C ARG VA 10 -70.82 -81.35 -11.50
N ASN VA 11 -70.13 -80.91 -10.45
CA ASN VA 11 -68.71 -80.59 -10.57
C ASN VA 11 -67.89 -81.12 -9.41
N CYS VA 12 -68.49 -81.76 -8.42
CA CYS VA 12 -67.82 -82.18 -7.19
C CYS VA 12 -68.18 -83.61 -6.84
N SER VA 13 -68.08 -84.51 -7.82
CA SER VA 13 -68.32 -85.93 -7.60
C SER VA 13 -67.02 -86.70 -7.68
N SER VA 14 -67.06 -87.95 -7.21
CA SER VA 14 -65.89 -88.82 -7.21
C SER VA 14 -65.81 -89.69 -8.45
N PHE VA 15 -66.79 -89.61 -9.35
CA PHE VA 15 -66.76 -90.33 -10.61
C PHE VA 15 -66.33 -89.45 -11.77
N LEU VA 16 -65.80 -88.26 -11.49
CA LEU VA 16 -65.60 -87.24 -12.50
C LEU VA 16 -64.14 -87.21 -12.95
N ILE VA 17 -63.91 -87.34 -14.25
CA ILE VA 17 -62.59 -87.31 -14.84
C ILE VA 17 -62.52 -86.09 -15.76
N LYS VA 18 -61.55 -85.21 -15.52
CA LYS VA 18 -61.38 -83.98 -16.29
C LYS VA 18 -59.94 -83.88 -16.75
N ARG VA 19 -59.66 -84.42 -17.93
CA ARG VA 19 -58.33 -84.29 -18.52
C ARG VA 19 -58.44 -84.32 -20.03
N ASN VA 20 -57.42 -83.77 -20.68
CA ASN VA 20 -57.34 -83.72 -22.15
C ASN VA 20 -58.55 -83.02 -22.76
N LYS VA 21 -59.04 -81.99 -22.08
CA LYS VA 21 -60.19 -81.20 -22.54
C LYS VA 21 -61.41 -82.08 -22.75
N GLN VA 22 -61.54 -83.14 -21.97
CA GLN VA 22 -62.69 -84.05 -22.03
C GLN VA 22 -63.16 -84.33 -20.62
N THR VA 23 -64.44 -84.59 -20.48
CA THR VA 23 -65.06 -84.84 -19.19
C THR VA 23 -65.82 -86.16 -19.24
N TYR VA 24 -65.66 -86.98 -18.20
CA TYR VA 24 -66.27 -88.29 -18.17
C TYR VA 24 -66.74 -88.63 -16.76
N SER VA 25 -67.77 -89.46 -16.69
CA SER VA 25 -68.35 -89.90 -15.43
C SER VA 25 -68.36 -91.42 -15.40
N THR VA 26 -67.94 -92.00 -14.28
CA THR VA 26 -67.74 -93.44 -14.19
C THR VA 26 -68.71 -94.14 -13.24
N GLU VA 27 -69.88 -93.55 -12.99
CA GLU VA 27 -70.86 -94.25 -12.18
C GLU VA 27 -71.42 -95.44 -12.95
N PRO VA 28 -71.94 -96.45 -12.24
CA PRO VA 28 -72.25 -97.72 -12.92
C PRO VA 28 -73.29 -97.61 -14.02
N ASN VA 29 -74.41 -96.95 -13.77
CA ASN VA 29 -75.57 -97.00 -14.67
C ASN VA 29 -75.57 -95.84 -15.67
N ASN VA 30 -74.40 -95.36 -16.05
CA ASN VA 30 -74.28 -94.22 -16.96
C ASN VA 30 -73.94 -94.73 -18.35
N LEU VA 31 -74.93 -94.77 -19.23
CA LEU VA 31 -74.65 -95.02 -20.63
C LEU VA 31 -73.89 -93.84 -21.22
N LYS VA 32 -72.98 -94.14 -22.15
CA LYS VA 32 -72.15 -93.14 -22.83
C LYS VA 32 -71.08 -92.57 -21.91
N ALA VA 33 -71.15 -92.90 -20.62
CA ALA VA 33 -70.12 -92.58 -19.63
C ALA VA 33 -69.71 -91.11 -19.71
N ARG VA 34 -70.70 -90.22 -19.77
CA ARG VA 34 -70.44 -88.80 -19.89
C ARG VA 34 -71.11 -88.03 -18.74
N ASN VA 35 -70.46 -86.97 -18.30
CA ASN VA 35 -70.98 -86.10 -17.24
C ASN VA 35 -72.12 -85.28 -17.82
N SER VA 36 -73.35 -85.71 -17.53
CA SER VA 36 -74.53 -85.10 -18.13
C SER VA 36 -75.71 -85.34 -17.21
N PHE VA 37 -76.65 -84.40 -17.22
CA PHE VA 37 -77.84 -84.57 -16.39
C PHE VA 37 -78.72 -85.70 -16.93
N ARG VA 38 -78.91 -85.76 -18.25
CA ARG VA 38 -79.75 -86.78 -18.84
C ARG VA 38 -79.18 -88.18 -18.62
N TYR VA 39 -77.87 -88.33 -18.80
CA TYR VA 39 -77.23 -89.64 -18.77
C TYR VA 39 -76.65 -90.00 -17.42
N ASN VA 40 -76.82 -89.17 -16.41
CA ASN VA 40 -76.35 -89.53 -15.07
C ASN VA 40 -77.15 -90.73 -14.55
N GLY VA 41 -76.44 -91.66 -13.92
CA GLY VA 41 -77.02 -92.90 -13.47
C GLY VA 41 -77.35 -92.98 -12.00
N LEU VA 42 -77.25 -91.88 -11.26
CA LEU VA 42 -77.47 -91.91 -9.82
C LEU VA 42 -78.60 -91.03 -9.36
N ILE VA 43 -78.81 -89.87 -10.00
CA ILE VA 43 -79.73 -88.86 -9.48
C ILE VA 43 -81.17 -89.06 -9.92
N HIS VA 44 -81.44 -89.98 -10.84
CA HIS VA 44 -82.77 -90.10 -11.41
C HIS VA 44 -83.57 -91.17 -10.67
N ARG VA 45 -84.90 -91.03 -10.76
CA ARG VA 45 -85.77 -92.05 -10.17
C ARG VA 45 -85.71 -93.36 -10.95
N LYS VA 46 -85.51 -93.27 -12.26
CA LYS VA 46 -85.49 -94.46 -13.09
C LYS VA 46 -84.41 -94.35 -14.15
N THR VA 47 -83.49 -95.31 -14.15
CA THR VA 47 -82.40 -95.40 -15.11
C THR VA 47 -82.27 -96.83 -15.58
N VAL VA 48 -81.45 -97.04 -16.61
CA VAL VA 48 -81.09 -98.39 -17.03
C VAL VA 48 -79.57 -98.44 -17.19
N GLY VA 49 -79.05 -99.66 -17.15
CA GLY VA 49 -77.63 -99.87 -17.32
C GLY VA 49 -77.32 -101.16 -18.04
N VAL VA 50 -76.56 -101.09 -19.12
CA VAL VA 50 -76.20 -102.25 -19.92
C VAL VA 50 -74.76 -102.60 -19.59
N GLU VA 51 -74.55 -103.75 -18.96
CA GLU VA 51 -73.24 -104.21 -18.56
C GLU VA 51 -73.02 -105.64 -19.03
N PRO VA 52 -71.79 -106.00 -19.36
CA PRO VA 52 -71.51 -107.38 -19.76
C PRO VA 52 -71.66 -108.33 -18.58
N ALA VA 53 -72.14 -109.54 -18.88
CA ALA VA 53 -72.30 -110.56 -17.86
C ALA VA 53 -70.94 -111.04 -17.38
N ALA VA 54 -70.86 -111.38 -16.09
CA ALA VA 54 -69.62 -111.88 -15.52
C ALA VA 54 -69.25 -113.23 -16.13
N ASP VA 55 -70.21 -113.94 -16.70
CA ASP VA 55 -69.91 -115.18 -17.41
C ASP VA 55 -69.05 -114.93 -18.64
N GLY VA 56 -69.10 -113.72 -19.18
CA GLY VA 56 -68.40 -113.38 -20.40
C GLY VA 56 -69.21 -113.49 -21.66
N LYS VA 57 -70.49 -113.87 -21.56
CA LYS VA 57 -71.36 -113.99 -22.70
C LYS VA 57 -72.69 -113.30 -22.42
N GLY VA 58 -73.18 -112.53 -23.39
CA GLY VA 58 -74.42 -111.81 -23.23
C GLY VA 58 -74.25 -110.50 -22.50
N VAL VA 59 -75.39 -109.93 -22.10
CA VAL VA 59 -75.43 -108.65 -21.41
C VAL VA 59 -76.35 -108.77 -20.20
N VAL VA 60 -76.19 -107.83 -19.27
CA VAL VA 60 -77.05 -107.70 -18.10
C VAL VA 60 -77.72 -106.34 -18.15
N VAL VA 61 -79.05 -106.32 -18.06
CA VAL VA 61 -79.83 -105.09 -18.15
C VAL VA 61 -80.39 -104.77 -16.78
N VAL VA 62 -80.00 -103.62 -16.25
CA VAL VA 62 -80.39 -103.19 -14.90
C VAL VA 62 -81.52 -102.18 -15.01
N MET VA 63 -82.59 -102.41 -14.26
CA MET VA 63 -83.70 -101.48 -14.16
C MET VA 63 -83.85 -101.04 -12.72
N LYS VA 64 -84.13 -99.76 -12.51
CA LYS VA 64 -84.37 -99.22 -11.19
C LYS VA 64 -85.86 -99.18 -10.93
N ARG VA 65 -86.28 -99.71 -9.78
CA ARG VA 65 -87.69 -99.86 -9.49
C ARG VA 65 -88.28 -98.52 -9.04
N ARG VA 66 -89.53 -98.53 -8.59
CA ARG VA 66 -90.25 -97.32 -8.24
C ARG VA 66 -90.29 -97.05 -6.74
N SER VA 67 -90.33 -98.09 -5.91
CA SER VA 67 -90.62 -97.91 -4.49
C SER VA 67 -89.37 -97.52 -3.70
N GLY VA 68 -88.36 -98.38 -3.70
CA GLY VA 68 -87.23 -98.20 -2.81
C GLY VA 68 -86.18 -97.20 -3.28
N GLN VA 69 -86.48 -95.90 -3.19
CA GLN VA 69 -85.47 -94.90 -3.52
C GLN VA 69 -84.39 -94.83 -2.46
N ARG VA 70 -84.78 -94.85 -1.18
CA ARG VA 70 -83.85 -94.74 -0.08
C ARG VA 70 -83.35 -96.10 0.41
N LYS VA 71 -83.67 -97.17 -0.30
CA LYS VA 71 -83.22 -98.52 0.06
C LYS VA 71 -82.33 -99.04 -1.06
N PRO VA 72 -81.01 -98.81 -0.98
CA PRO VA 72 -80.14 -99.18 -2.10
C PRO VA 72 -80.08 -100.66 -2.39
N ALA VA 73 -80.20 -101.51 -1.36
CA ALA VA 73 -79.96 -102.94 -1.55
C ALA VA 73 -80.97 -103.57 -2.50
N THR VA 74 -82.22 -103.13 -2.43
CA THR VA 74 -83.31 -103.71 -3.22
C THR VA 74 -83.88 -102.68 -4.18
N SER VA 75 -83.01 -101.91 -4.83
CA SER VA 75 -83.44 -100.85 -5.73
C SER VA 75 -83.28 -101.20 -7.20
N TYR VA 76 -82.26 -101.96 -7.56
CA TYR VA 76 -81.99 -102.32 -8.93
C TYR VA 76 -82.33 -103.79 -9.15
N VAL VA 77 -83.10 -104.08 -10.19
CA VAL VA 77 -83.42 -105.45 -10.58
C VAL VA 77 -82.65 -105.76 -11.85
N ARG VA 78 -81.89 -106.86 -11.82
CA ARG VA 78 -81.02 -107.24 -12.91
C ARG VA 78 -81.66 -108.29 -13.80
N THR VA 79 -81.50 -108.12 -15.10
CA THR VA 79 -82.01 -109.07 -16.10
C THR VA 79 -80.83 -109.53 -16.94
N THR VA 80 -80.45 -110.80 -16.83
CA THR VA 80 -79.38 -111.35 -17.64
C THR VA 80 -79.98 -111.85 -18.96
N ILE VA 81 -79.34 -111.48 -20.07
CA ILE VA 81 -79.81 -111.83 -21.39
C ILE VA 81 -78.64 -112.44 -22.15
N ASN VA 82 -78.78 -113.71 -22.54
CA ASN VA 82 -77.76 -114.41 -23.31
C ASN VA 82 -78.49 -115.02 -24.51
N LYS VA 83 -78.56 -114.26 -25.59
CA LYS VA 83 -79.26 -114.64 -26.81
C LYS VA 83 -78.43 -114.17 -27.99
N ASN VA 84 -79.02 -114.18 -29.18
CA ASN VA 84 -78.34 -113.63 -30.33
C ASN VA 84 -78.54 -112.10 -30.37
N ALA VA 85 -77.77 -111.45 -31.24
CA ALA VA 85 -77.67 -109.99 -31.18
C ALA VA 85 -79.00 -109.32 -31.48
N ARG VA 86 -79.68 -109.74 -32.56
CA ARG VA 86 -80.90 -109.07 -32.96
C ARG VA 86 -81.98 -109.19 -31.89
N ALA VA 87 -82.13 -110.38 -31.32
CA ALA VA 87 -83.17 -110.56 -30.31
C ALA VA 87 -82.80 -109.93 -28.97
N THR VA 88 -81.52 -109.84 -28.63
CA THR VA 88 -81.14 -109.06 -27.45
C THR VA 88 -81.50 -107.60 -27.64
N LEU VA 89 -81.21 -107.05 -28.82
CA LEU VA 89 -81.59 -105.67 -29.10
C LEU VA 89 -83.09 -105.49 -29.03
N SER VA 90 -83.85 -106.43 -29.59
CA SER VA 90 -85.30 -106.34 -29.55
C SER VA 90 -85.82 -106.40 -28.12
N SER VA 91 -85.24 -107.26 -27.29
CA SER VA 91 -85.67 -107.37 -25.91
C SER VA 91 -85.43 -106.07 -25.16
N ILE VA 92 -84.25 -105.48 -25.32
CA ILE VA 92 -83.96 -104.21 -24.66
C ILE VA 92 -84.91 -103.12 -25.16
N ARG VA 93 -85.12 -103.07 -26.47
CA ARG VA 93 -85.98 -102.04 -27.06
C ARG VA 93 -87.40 -102.16 -26.53
N HIS VA 94 -87.91 -103.39 -26.39
CA HIS VA 94 -89.24 -103.57 -25.83
C HIS VA 94 -89.27 -103.17 -24.36
N MET VA 95 -88.28 -103.62 -23.57
CA MET VA 95 -88.25 -103.26 -22.16
C MET VA 95 -88.32 -101.76 -21.96
N ILE VA 96 -87.69 -100.99 -22.84
CA ILE VA 96 -87.73 -99.54 -22.69
C ILE VA 96 -89.04 -98.97 -23.24
N ARG VA 97 -89.31 -99.21 -24.53
CA ARG VA 97 -90.41 -98.52 -25.19
C ARG VA 97 -91.77 -98.94 -24.64
N LYS VA 98 -92.02 -100.25 -24.55
CA LYS VA 98 -93.34 -100.71 -24.15
C LYS VA 98 -93.66 -100.29 -22.72
N ASN VA 99 -92.69 -100.41 -21.82
CA ASN VA 99 -92.88 -99.95 -20.45
C ASN VA 99 -92.90 -98.43 -20.32
N LYS VA 100 -92.42 -97.71 -21.35
CA LYS VA 100 -92.24 -96.26 -21.25
C LYS VA 100 -91.36 -95.92 -20.06
N TYR VA 101 -90.25 -96.65 -19.96
CA TYR VA 101 -89.32 -96.55 -18.84
C TYR VA 101 -88.18 -95.63 -19.25
N HIS VA 102 -88.38 -94.33 -19.02
CA HIS VA 102 -87.38 -93.29 -19.27
C HIS VA 102 -86.94 -93.40 -20.72
N PRO VA 103 -87.81 -93.09 -21.69
CA PRO VA 103 -87.51 -93.39 -23.09
C PRO VA 103 -86.50 -92.47 -23.73
N ASP VA 104 -85.89 -91.57 -22.97
CA ASP VA 104 -84.92 -90.62 -23.53
C ASP VA 104 -83.67 -91.30 -24.06
N LEU VA 105 -83.45 -92.57 -23.72
CA LEU VA 105 -82.15 -93.19 -23.92
C LEU VA 105 -82.21 -94.64 -24.43
N ARG VA 106 -83.29 -95.03 -25.12
CA ARG VA 106 -83.34 -96.38 -25.65
C ARG VA 106 -82.28 -96.60 -26.74
N MET VA 107 -82.06 -95.60 -27.59
CA MET VA 107 -81.06 -95.74 -28.64
C MET VA 107 -79.66 -95.86 -28.03
N ALA VA 108 -79.39 -95.07 -26.99
CA ALA VA 108 -78.10 -95.19 -26.32
C ALA VA 108 -77.94 -96.57 -25.69
N ALA VA 109 -79.02 -97.09 -25.09
CA ALA VA 109 -78.96 -98.42 -24.49
C ALA VA 109 -78.64 -99.49 -25.52
N ILE VA 110 -79.29 -99.43 -26.69
CA ILE VA 110 -79.02 -100.47 -27.67
C ILE VA 110 -77.67 -100.26 -28.35
N ARG VA 111 -77.18 -99.02 -28.45
CA ARG VA 111 -75.81 -98.82 -28.90
C ARG VA 111 -74.82 -99.47 -27.97
N ARG VA 112 -75.01 -99.27 -26.66
CA ARG VA 112 -74.12 -99.90 -25.69
C ARG VA 112 -74.22 -101.42 -25.76
N ALA VA 113 -75.43 -101.95 -25.93
CA ALA VA 113 -75.60 -103.39 -26.04
C ALA VA 113 -74.88 -103.94 -27.26
N SER VA 114 -75.01 -103.28 -28.41
CA SER VA 114 -74.31 -103.72 -29.61
C SER VA 114 -72.81 -103.68 -29.41
N ALA VA 115 -72.31 -102.63 -28.76
CA ALA VA 115 -70.87 -102.54 -28.51
C ALA VA 115 -70.39 -103.68 -27.61
N ILE VA 116 -71.15 -103.99 -26.56
CA ILE VA 116 -70.76 -105.05 -25.65
C ILE VA 116 -70.79 -106.41 -26.35
N LEU VA 117 -71.79 -106.64 -27.20
CA LEU VA 117 -71.87 -107.90 -27.94
C LEU VA 117 -70.71 -108.02 -28.92
N ARG VA 118 -70.38 -106.94 -29.62
CA ARG VA 118 -69.21 -106.96 -30.48
C ARG VA 118 -67.95 -107.28 -29.69
N SER VA 119 -67.81 -106.69 -28.50
CA SER VA 119 -66.63 -106.95 -27.68
C SER VA 119 -66.56 -108.40 -27.24
N GLN VA 120 -67.70 -108.98 -26.89
CA GLN VA 120 -67.72 -110.39 -26.51
C GLN VA 120 -67.40 -111.29 -27.69
N LYS VA 121 -67.73 -110.85 -28.91
CA LYS VA 121 -67.33 -111.61 -30.09
C LYS VA 121 -65.81 -111.67 -30.18
N PRO VA 122 -65.22 -112.86 -30.40
CA PRO VA 122 -63.76 -112.96 -30.39
C PRO VA 122 -63.12 -112.15 -31.50
N VAL VA 123 -61.90 -111.69 -31.24
CA VAL VA 123 -61.18 -110.84 -32.19
C VAL VA 123 -60.59 -111.69 -33.31
N MET VA 124 -60.37 -111.04 -34.46
CA MET VA 124 -59.81 -111.75 -35.61
C MET VA 124 -58.28 -111.66 -35.60
N SER WA 1 69.22 80.08 52.51
CA SER WA 1 69.86 80.71 53.66
C SER WA 1 71.35 80.89 53.43
N GLY WA 2 72.01 79.84 52.93
CA GLY WA 2 73.43 79.91 52.68
C GLY WA 2 74.30 79.86 53.91
N ALA WA 3 73.75 79.41 55.04
CA ALA WA 3 74.48 79.35 56.31
C ALA WA 3 75.04 80.72 56.69
N LEU WA 4 74.26 81.77 56.44
CA LEU WA 4 74.65 83.13 56.78
C LEU WA 4 73.88 83.56 58.02
N ASP WA 5 74.62 84.05 59.02
CA ASP WA 5 74.00 84.35 60.32
C ASP WA 5 72.96 85.46 60.21
N VAL WA 6 73.11 86.34 59.21
CA VAL WA 6 72.12 87.39 59.02
C VAL WA 6 70.78 86.81 58.58
N LEU WA 7 70.81 85.76 57.77
CA LEU WA 7 69.62 85.20 57.16
C LEU WA 7 68.97 84.09 57.97
N GLN WA 8 69.57 83.67 59.08
CA GLN WA 8 69.01 82.59 59.87
C GLN WA 8 67.68 82.99 60.49
N MET WA 9 66.80 82.00 60.66
CA MET WA 9 65.50 82.23 61.27
C MET WA 9 65.68 82.66 62.72
N LYS WA 10 64.99 83.73 63.12
CA LYS WA 10 65.10 84.28 64.45
C LYS WA 10 63.97 83.76 65.34
N GLU WA 11 63.99 84.18 66.61
CA GLU WA 11 63.01 83.69 67.56
C GLU WA 11 61.62 84.24 67.28
N GLU WA 12 61.53 85.54 66.97
CA GLU WA 12 60.23 86.13 66.68
C GLU WA 12 59.61 85.53 65.42
N ASP WA 13 60.42 85.07 64.48
CA ASP WA 13 59.89 84.41 63.30
C ASP WA 13 59.16 83.12 63.66
N VAL WA 14 59.75 82.32 64.55
CA VAL WA 14 59.17 81.02 64.89
C VAL WA 14 57.84 81.21 65.60
N LEU WA 15 57.74 82.22 66.46
CA LEU WA 15 56.50 82.43 67.21
C LEU WA 15 55.36 82.82 66.29
N LYS WA 16 55.63 83.60 65.26
CA LYS WA 16 54.61 83.90 64.26
C LYS WA 16 54.13 82.63 63.57
N PHE WA 17 55.06 81.73 63.23
CA PHE WA 17 54.70 80.49 62.58
C PHE WA 17 53.81 79.62 63.45
N LEU WA 18 54.16 79.50 64.74
CA LEU WA 18 53.39 78.61 65.62
C LEU WA 18 52.02 79.18 65.94
N ALA WA 19 51.89 80.50 66.01
CA ALA WA 19 50.58 81.10 66.23
C ALA WA 19 49.69 80.94 65.02
N ALA WA 20 50.25 81.12 63.82
CA ALA WA 20 49.47 81.05 62.59
C ALA WA 20 49.17 79.63 62.16
N GLY WA 21 49.71 78.62 62.84
CA GLY WA 21 49.47 77.25 62.46
C GLY WA 21 50.05 76.87 61.11
N THR WA 22 51.24 77.38 60.79
CA THR WA 22 51.88 77.04 59.53
C THR WA 22 52.44 75.62 59.55
N HIS WA 23 53.04 75.22 60.68
CA HIS WA 23 53.68 73.91 60.77
C HIS WA 23 52.69 72.76 60.67
N LEU WA 24 51.42 72.99 61.02
CA LEU WA 24 50.41 71.94 60.93
C LEU WA 24 49.95 71.83 59.48
N GLY WA 25 50.36 70.77 58.81
CA GLY WA 25 50.03 70.59 57.41
C GLY WA 25 48.71 69.90 57.17
N GLY WA 26 48.72 68.81 56.39
CA GLY WA 26 47.51 68.12 56.05
C GLY WA 26 47.63 66.63 56.26
N THR WA 27 46.49 65.96 56.25
CA THR WA 27 46.45 64.52 56.50
C THR WA 27 47.08 63.74 55.36
N ASN WA 28 46.86 64.17 54.12
CA ASN WA 28 47.39 63.45 52.96
C ASN WA 28 48.75 64.00 52.57
N LEU WA 29 49.46 63.22 51.76
CA LEU WA 29 50.84 63.54 51.38
C LEU WA 29 51.13 62.94 50.03
N ASP WA 30 51.59 63.77 49.09
CA ASP WA 30 52.07 63.25 47.82
C ASP WA 30 53.52 62.81 47.96
N PHE WA 31 54.04 62.16 46.91
CA PHE WA 31 55.38 61.61 46.97
C PHE WA 31 56.47 62.66 46.76
N GLN WA 32 56.12 63.84 46.29
CA GLN WA 32 57.09 64.91 46.08
C GLN WA 32 57.29 65.78 47.32
N MET WA 33 56.53 65.56 48.38
CA MET WA 33 56.65 66.31 49.61
C MET WA 33 57.16 65.46 50.77
N GLU WA 34 57.79 64.32 50.46
CA GLU WA 34 58.26 63.44 51.52
C GLU WA 34 59.39 64.05 52.32
N GLN WA 35 60.25 64.85 51.69
CA GLN WA 35 61.44 65.39 52.36
C GLN WA 35 61.20 66.73 53.03
N TYR WA 36 60.04 67.34 52.83
CA TYR WA 36 59.68 68.57 53.54
C TYR WA 36 58.98 68.31 54.86
N ILE WA 37 58.81 67.04 55.24
CA ILE WA 37 57.97 66.66 56.37
C ILE WA 37 58.85 66.12 57.47
N TYR WA 38 58.62 66.58 58.70
CA TYR WA 38 59.37 66.05 59.84
C TYR WA 38 58.90 64.64 60.17
N LYS WA 39 57.63 64.49 60.54
CA LYS WA 39 57.02 63.18 60.76
C LYS WA 39 55.51 63.39 60.84
N ARG WA 40 54.79 62.34 61.21
CA ARG WA 40 53.34 62.34 61.24
C ARG WA 40 52.84 62.27 62.67
N LYS WA 41 51.84 63.09 62.99
CA LYS WA 41 51.22 63.06 64.30
C LYS WA 41 50.38 61.79 64.47
N SER WA 42 50.00 61.52 65.71
CA SER WA 42 49.02 60.48 65.98
C SER WA 42 47.62 60.90 65.56
N ASP WA 43 47.40 62.20 65.36
CA ASP WA 43 46.12 62.73 64.92
C ASP WA 43 45.93 62.62 63.40
N GLY WA 44 46.97 62.19 62.68
CA GLY WA 44 46.91 62.09 61.24
C GLY WA 44 47.39 63.31 60.49
N ILE WA 45 47.68 64.42 61.19
CA ILE WA 45 48.16 65.63 60.56
C ILE WA 45 49.68 65.58 60.46
N TYR WA 46 50.19 65.70 59.24
CA TYR WA 46 51.63 65.74 59.04
C TYR WA 46 52.18 67.08 59.51
N ILE WA 47 53.43 67.08 59.94
CA ILE WA 47 54.12 68.26 60.44
C ILE WA 47 55.20 68.64 59.44
N ILE WA 48 55.22 69.90 59.06
CA ILE WA 48 56.24 70.41 58.15
C ILE WA 48 57.43 70.88 58.97
N ASN WA 49 58.64 70.62 58.45
CA ASN WA 49 59.86 71.08 59.08
C ASN WA 49 60.02 72.57 58.80
N LEU WA 50 59.88 73.39 59.85
CA LEU WA 50 59.92 74.84 59.68
C LEU WA 50 61.27 75.33 59.15
N LYS WA 51 62.35 74.60 59.40
CA LYS WA 51 63.64 74.97 58.83
C LYS WA 51 63.59 74.93 57.30
N ARG WA 52 63.07 73.84 56.75
CA ARG WA 52 62.99 73.71 55.29
C ARG WA 52 62.16 74.82 54.68
N THR WA 53 61.13 75.28 55.39
CA THR WA 53 60.34 76.41 54.90
C THR WA 53 61.19 77.65 54.69
N TRP WA 54 62.22 77.85 55.52
CA TRP WA 54 63.01 79.07 55.45
C TRP WA 54 63.81 79.16 54.15
N GLU WA 55 64.55 78.10 53.81
CA GLU WA 55 65.36 78.15 52.60
C GLU WA 55 64.49 78.29 51.35
N LYS WA 56 63.38 77.56 51.30
CA LYS WA 56 62.47 77.71 50.18
C LYS WA 56 61.86 79.09 50.13
N LEU WA 57 61.71 79.73 51.30
CA LEU WA 57 61.24 81.12 51.32
C LEU WA 57 62.33 82.08 50.86
N LEU WA 58 63.57 81.86 51.31
CA LEU WA 58 64.67 82.72 50.88
C LEU WA 58 65.04 82.46 49.43
N LEU WA 59 65.00 81.20 48.99
CA LEU WA 59 65.28 80.90 47.59
C LEU WA 59 64.24 81.54 46.68
N ALA WA 60 62.97 81.49 47.08
CA ALA WA 60 61.93 82.19 46.34
C ALA WA 60 62.14 83.70 46.39
N ALA WA 61 62.59 84.21 47.54
CA ALA WA 61 62.87 85.64 47.65
C ALA WA 61 64.01 86.06 46.74
N ARG WA 62 65.02 85.20 46.59
CA ARG WA 62 66.12 85.51 45.68
C ARG WA 62 65.63 85.60 44.24
N ALA WA 63 64.73 84.70 43.84
CA ALA WA 63 64.25 84.69 42.46
C ALA WA 63 63.50 85.98 42.13
N ILE WA 64 62.68 86.46 43.06
CA ILE WA 64 61.92 87.69 42.82
C ILE WA 64 62.86 88.88 42.72
N VAL WA 65 63.87 88.94 43.58
CA VAL WA 65 64.83 90.04 43.55
C VAL WA 65 65.61 90.04 42.25
N ALA WA 66 65.89 88.86 41.69
CA ALA WA 66 66.62 88.75 40.43
C ALA WA 66 65.84 89.32 39.25
N ILE WA 67 64.56 89.60 39.40
CA ILE WA 67 63.75 90.20 38.35
C ILE WA 67 63.91 91.71 38.45
N GLU WA 68 64.51 92.33 37.42
CA GLU WA 68 64.83 93.75 37.48
C GLU WA 68 63.56 94.59 37.58
N ASN WA 69 62.62 94.38 36.65
CA ASN WA 69 61.42 95.19 36.62
C ASN WA 69 60.40 94.62 37.58
N PRO WA 70 60.06 95.34 38.65
CA PRO WA 70 59.17 94.79 39.67
C PRO WA 70 57.73 94.65 39.24
N ALA WA 71 57.35 95.21 38.09
CA ALA WA 71 55.95 95.21 37.66
C ALA WA 71 55.59 94.00 36.80
N ASP WA 72 56.56 93.16 36.45
CA ASP WA 72 56.30 91.98 35.61
C ASP WA 72 56.50 90.67 36.37
N VAL WA 73 56.26 90.68 37.68
CA VAL WA 73 56.21 89.47 38.49
C VAL WA 73 54.79 89.34 39.03
N SER WA 74 54.02 88.45 38.44
CA SER WA 74 52.60 88.35 38.73
C SER WA 74 52.33 87.39 39.87
N VAL WA 75 51.32 87.71 40.67
CA VAL WA 75 50.91 86.92 41.82
C VAL WA 75 49.43 86.62 41.70
N ILE WA 76 49.05 85.38 42.01
CA ILE WA 76 47.72 84.85 41.74
C ILE WA 76 47.12 84.28 43.02
N SER WA 77 45.83 84.53 43.24
CA SER WA 77 45.09 83.82 44.29
C SER WA 77 43.61 83.88 43.94
N SER WA 78 43.08 82.76 43.43
CA SER WA 78 41.65 82.70 43.16
C SER WA 78 40.84 82.53 44.43
N ARG WA 79 41.36 81.76 45.39
CA ARG WA 79 40.65 81.53 46.63
C ARG WA 79 40.60 82.80 47.48
N ASN WA 80 39.49 82.98 48.20
CA ASN WA 80 39.29 84.19 48.99
C ASN WA 80 40.31 84.32 50.10
N THR WA 81 40.86 83.21 50.58
CA THR WA 81 41.77 83.23 51.72
C THR WA 81 43.09 83.93 51.43
N GLY WA 82 43.39 84.24 50.17
CA GLY WA 82 44.65 84.86 49.85
C GLY WA 82 44.54 86.11 49.01
N GLN WA 83 43.32 86.51 48.65
CA GLN WA 83 43.16 87.68 47.78
C GLN WA 83 43.66 88.95 48.45
N ARG WA 84 43.30 89.16 49.71
CA ARG WA 84 43.74 90.37 50.41
C ARG WA 84 45.26 90.39 50.55
N ALA WA 85 45.86 89.24 50.84
CA ALA WA 85 47.31 89.17 50.95
C ALA WA 85 47.99 89.50 49.63
N VAL WA 86 47.40 89.06 48.51
CA VAL WA 86 47.96 89.35 47.19
C VAL WA 86 47.97 90.85 46.93
N LEU WA 87 46.86 91.53 47.26
CA LEU WA 87 46.80 92.97 47.02
C LEU WA 87 47.84 93.71 47.86
N LYS WA 88 48.05 93.27 49.10
CA LYS WA 88 49.02 93.93 49.97
C LYS WA 88 50.44 93.62 49.54
N PHE WA 89 50.72 92.38 49.14
CA PHE WA 89 52.06 92.02 48.70
C PHE WA 89 52.45 92.80 47.45
N ALA WA 90 51.51 92.95 46.51
CA ALA WA 90 51.80 93.67 45.28
C ALA WA 90 52.09 95.14 45.56
N ALA WA 91 51.32 95.76 46.46
CA ALA WA 91 51.53 97.17 46.78
C ALA WA 91 52.91 97.41 47.40
N ALA WA 92 53.32 96.52 48.31
CA ALA WA 92 54.60 96.70 48.98
C ALA WA 92 55.77 96.42 48.05
N THR WA 93 55.60 95.52 47.08
CA THR WA 93 56.69 95.12 46.19
C THR WA 93 56.65 95.81 44.83
N GLY WA 94 55.48 96.20 44.36
CA GLY WA 94 55.33 96.72 43.02
C GLY WA 94 54.94 95.69 41.99
N ALA WA 95 54.52 94.50 42.42
CA ALA WA 95 54.14 93.44 41.53
C ALA WA 95 52.76 93.70 40.93
N THR WA 96 52.38 92.85 39.98
CA THR WA 96 51.06 92.95 39.36
C THR WA 96 50.16 91.88 39.96
N PRO WA 97 49.10 92.26 40.68
CA PRO WA 97 48.23 91.26 41.30
C PRO WA 97 47.06 90.85 40.41
N ILE WA 98 46.65 89.61 40.58
CA ILE WA 98 45.45 89.07 39.93
C ILE WA 98 44.66 88.33 41.00
N ALA WA 99 43.54 88.91 41.42
CA ALA WA 99 42.67 88.33 42.42
C ALA WA 99 41.34 87.96 41.80
N GLY WA 100 40.91 86.73 42.01
CA GLY WA 100 39.59 86.29 41.55
C GLY WA 100 39.67 85.53 40.24
N ARG WA 101 38.78 85.86 39.32
CA ARG WA 101 38.65 85.12 38.07
C ARG WA 101 39.87 85.34 37.18
N PHE WA 102 40.53 84.25 36.80
CA PHE WA 102 41.65 84.28 35.87
C PHE WA 102 41.12 83.84 34.52
N THR WA 103 40.84 84.79 33.64
CA THR WA 103 40.28 84.46 32.34
C THR WA 103 41.31 83.72 31.52
N PRO WA 104 41.02 82.51 31.04
CA PRO WA 104 42.01 81.76 30.26
C PRO WA 104 42.44 82.53 29.03
N GLY WA 105 43.72 82.46 28.72
CA GLY WA 105 44.28 83.17 27.59
C GLY WA 105 44.91 84.51 27.90
N THR WA 106 45.05 84.87 29.18
CA THR WA 106 45.76 86.11 29.50
C THR WA 106 47.25 85.99 29.27
N PHE WA 107 47.78 84.77 29.16
CA PHE WA 107 49.19 84.57 28.85
C PHE WA 107 49.43 84.07 27.43
N THR WA 108 48.38 83.71 26.70
CA THR WA 108 48.52 83.12 25.38
C THR WA 108 47.84 83.87 24.26
N ASN WA 109 46.79 84.65 24.55
CA ASN WA 109 45.99 85.29 23.52
C ASN WA 109 46.43 86.75 23.40
N GLN WA 110 47.27 87.02 22.39
CA GLN WA 110 47.82 88.36 22.22
C GLN WA 110 46.79 89.37 21.76
N ILE WA 111 45.71 88.92 21.10
CA ILE WA 111 44.67 89.84 20.67
C ILE WA 111 43.75 90.23 21.82
N GLN WA 112 43.70 89.41 22.87
CA GLN WA 112 42.84 89.68 24.02
C GLN WA 112 43.21 91.00 24.67
N THR WA 113 42.19 91.71 25.16
CA THR WA 113 42.41 93.05 25.70
C THR WA 113 43.34 93.03 26.91
N ALA WA 114 43.02 92.18 27.89
CA ALA WA 114 43.83 92.09 29.10
C ALA WA 114 44.96 91.06 28.94
N PHE WA 115 45.73 91.20 27.87
CA PHE WA 115 46.85 90.30 27.61
C PHE WA 115 48.10 90.85 28.27
N ARG WA 116 48.78 89.99 29.02
CA ARG WA 116 50.01 90.37 29.69
C ARG WA 116 50.90 89.15 29.82
N GLU WA 117 52.21 89.36 29.71
CA GLU WA 117 53.17 88.28 29.91
C GLU WA 117 54.16 88.68 30.99
N PRO WA 118 54.21 87.98 32.11
CA PRO WA 118 55.21 88.27 33.13
C PRO WA 118 56.48 87.45 32.94
N ARG WA 119 57.44 87.63 33.85
CA ARG WA 119 58.64 86.80 33.87
C ARG WA 119 58.66 85.83 35.04
N LEU WA 120 57.70 85.92 35.95
CA LEU WA 120 57.63 85.03 37.09
C LEU WA 120 56.21 85.05 37.65
N LEU WA 121 55.76 83.89 38.13
CA LEU WA 121 54.48 83.75 38.79
C LEU WA 121 54.67 83.30 40.23
N VAL WA 122 53.85 83.85 41.13
CA VAL WA 122 53.70 83.34 42.47
C VAL WA 122 52.24 82.96 42.66
N VAL WA 123 51.99 81.80 43.27
CA VAL WA 123 50.66 81.21 43.34
C VAL WA 123 50.38 80.76 44.75
N THR WA 124 49.18 81.09 45.25
CA THR WA 124 48.81 80.71 46.61
C THR WA 124 48.61 79.21 46.73
N ASP WA 125 47.85 78.60 45.82
CA ASP WA 125 47.54 77.19 45.92
C ASP WA 125 47.60 76.57 44.52
N PRO WA 126 48.45 75.57 44.30
CA PRO WA 126 48.52 74.96 42.96
C PRO WA 126 47.20 74.35 42.50
N ARG WA 127 46.44 73.74 43.41
CA ARG WA 127 45.17 73.13 43.02
C ARG WA 127 44.14 74.19 42.65
N ALA WA 128 43.98 75.21 43.49
CA ALA WA 128 43.00 76.25 43.21
C ALA WA 128 43.37 77.05 41.97
N ASP WA 129 44.66 77.27 41.74
CA ASP WA 129 45.15 78.09 40.65
C ASP WA 129 45.87 77.26 39.61
N HIS WA 130 45.31 76.09 39.28
CA HIS WA 130 45.89 75.26 38.24
C HIS WA 130 45.89 75.96 36.89
N GLN WA 131 44.91 76.82 36.63
CA GLN WA 131 44.80 77.45 35.33
C GLN WA 131 45.99 78.34 34.99
N PRO WA 132 46.44 79.26 35.86
CA PRO WA 132 47.65 80.01 35.52
C PRO WA 132 48.87 79.12 35.33
N LEU WA 133 48.97 78.02 36.08
CA LEU WA 133 50.09 77.11 35.92
C LEU WA 133 50.08 76.48 34.53
N THR WA 134 48.91 76.05 34.06
CA THR WA 134 48.82 75.43 32.74
C THR WA 134 49.18 76.42 31.64
N GLU WA 135 48.83 77.70 31.82
CA GLU WA 135 49.23 78.70 30.86
C GLU WA 135 50.74 78.87 30.82
N ALA WA 136 51.39 78.75 31.98
CA ALA WA 136 52.83 78.94 32.07
C ALA WA 136 53.62 77.88 31.31
N SER WA 137 52.98 76.80 30.89
CA SER WA 137 53.64 75.81 30.06
C SER WA 137 53.69 76.22 28.59
N TYR WA 138 52.89 77.20 28.18
CA TYR WA 138 52.85 77.61 26.78
C TYR WA 138 53.80 78.75 26.48
N VAL WA 139 54.15 79.56 27.47
CA VAL WA 139 55.12 80.63 27.34
C VAL WA 139 56.17 80.45 28.43
N ASN WA 140 57.43 80.55 28.03
CA ASN WA 140 58.55 80.24 28.93
C ASN WA 140 58.58 81.24 30.07
N LEU WA 141 58.16 80.81 31.26
CA LEU WA 141 58.27 81.61 32.47
C LEU WA 141 58.18 80.69 33.67
N PRO WA 142 59.07 80.83 34.65
CA PRO WA 142 59.04 79.95 35.83
C PRO WA 142 57.89 80.33 36.75
N THR WA 143 57.81 79.62 37.88
CA THR WA 143 56.71 79.83 38.80
C THR WA 143 57.17 79.55 40.23
N ILE WA 144 56.43 80.13 41.17
CA ILE WA 144 56.60 79.90 42.60
C ILE WA 144 55.22 79.63 43.18
N ALA WA 145 55.10 78.59 44.00
CA ALA WA 145 53.81 78.24 44.58
C ALA WA 145 53.96 77.96 46.06
N LEU WA 146 53.07 78.52 46.86
CA LEU WA 146 52.90 78.07 48.23
C LEU WA 146 52.16 76.74 48.21
N CYS WA 147 52.80 75.69 48.72
CA CYS WA 147 52.28 74.34 48.56
C CYS WA 147 52.06 73.68 49.90
N ASN WA 148 51.03 72.85 49.96
CA ASN WA 148 50.71 72.07 51.15
C ASN WA 148 51.38 70.70 51.05
N THR WA 149 51.06 69.81 51.99
CA THR WA 149 51.63 68.47 51.95
C THR WA 149 51.15 67.70 50.73
N ASP WA 150 49.87 67.83 50.39
CA ASP WA 150 49.25 67.04 49.33
C ASP WA 150 49.05 67.81 48.04
N SER WA 151 49.51 69.04 47.96
CA SER WA 151 49.35 69.81 46.73
C SER WA 151 50.29 69.26 45.66
N PRO WA 152 49.78 68.93 44.48
CA PRO WA 152 50.64 68.43 43.41
C PRO WA 152 51.61 69.49 42.93
N LEU WA 153 52.78 69.05 42.48
CA LEU WA 153 53.87 69.94 42.13
C LEU WA 153 54.09 70.02 40.62
N ARG WA 154 53.12 69.60 39.83
CA ARG WA 154 53.21 69.72 38.37
C ARG WA 154 53.35 71.18 37.97
N TYR WA 155 54.34 71.45 37.11
CA TYR WA 155 54.67 72.81 36.67
C TYR WA 155 54.95 73.74 37.85
N VAL WA 156 55.65 73.24 38.86
CA VAL WA 156 56.01 74.03 40.04
C VAL WA 156 57.52 73.99 40.17
N ASP WA 157 58.14 75.17 40.20
CA ASP WA 157 59.60 75.30 40.21
C ASP WA 157 60.17 75.56 41.59
N ILE WA 158 59.48 76.35 42.42
CA ILE WA 158 59.93 76.66 43.77
C ILE WA 158 58.74 76.43 44.68
N ALA WA 159 58.68 75.27 45.31
CA ALA WA 159 57.57 74.90 46.17
C ALA WA 159 57.90 75.30 47.61
N ILE WA 160 57.13 76.25 48.14
CA ILE WA 160 57.31 76.72 49.52
C ILE WA 160 56.34 75.95 50.39
N PRO WA 161 56.80 75.05 51.26
CA PRO WA 161 55.87 74.25 52.06
C PRO WA 161 55.27 75.09 53.18
N CYS WA 162 53.95 75.02 53.32
CA CYS WA 162 53.23 75.78 54.33
C CYS WA 162 51.83 75.18 54.47
N ASN WA 163 50.97 75.88 55.20
CA ASN WA 163 49.57 75.54 55.30
C ASN WA 163 48.81 76.58 54.48
N ASN WA 164 48.48 76.22 53.24
CA ASN WA 164 47.86 77.17 52.33
C ASN WA 164 46.34 77.18 52.41
N LYS WA 165 45.74 76.42 53.33
CA LYS WA 165 44.30 76.45 53.52
C LYS WA 165 43.90 77.16 54.81
N GLY WA 166 44.83 77.79 55.51
CA GLY WA 166 44.52 78.57 56.69
C GLY WA 166 44.51 80.05 56.35
N ALA WA 167 43.53 80.77 56.90
CA ALA WA 167 43.42 82.20 56.64
C ALA WA 167 44.61 82.95 57.23
N HIS WA 168 45.01 82.60 58.46
CA HIS WA 168 46.14 83.27 59.09
C HIS WA 168 47.46 82.87 58.42
N SER WA 169 47.64 81.56 58.20
CA SER WA 169 48.92 81.07 57.68
C SER WA 169 49.19 81.59 56.28
N VAL WA 170 48.17 81.67 55.44
CA VAL WA 170 48.35 82.22 54.09
C VAL WA 170 48.77 83.67 54.17
N GLY WA 171 48.11 84.45 55.03
CA GLY WA 171 48.48 85.85 55.17
C GLY WA 171 49.89 86.03 55.70
N LEU WA 172 50.33 85.15 56.58
CA LEU WA 172 51.68 85.26 57.13
C LEU WA 172 52.73 85.01 56.07
N MET WA 173 52.57 83.95 55.27
CA MET WA 173 53.56 83.65 54.24
C MET WA 173 53.64 84.76 53.21
N TRP WA 174 52.49 85.31 52.82
CA TRP WA 174 52.50 86.44 51.91
C TRP WA 174 53.13 87.67 52.54
N TRP WA 175 52.80 87.95 53.81
CA TRP WA 175 53.33 89.12 54.48
C TRP WA 175 54.85 89.06 54.59
N MET WA 176 55.38 87.91 55.02
CA MET WA 176 56.80 87.86 55.32
C MET WA 176 57.63 87.57 54.09
N LEU WA 177 57.08 86.90 53.08
CA LEU WA 177 57.77 86.83 51.80
C LEU WA 177 58.06 88.21 51.26
N ALA WA 178 57.16 89.16 51.49
CA ALA WA 178 57.43 90.54 51.15
C ALA WA 178 58.49 91.17 52.05
N ARG WA 179 58.72 90.60 53.23
CA ARG WA 179 59.69 91.19 54.14
C ARG WA 179 61.12 90.99 53.64
N GLU WA 180 61.47 89.77 53.23
CA GLU WA 180 62.84 89.55 52.77
C GLU WA 180 63.09 90.14 51.39
N VAL WA 181 62.07 90.18 50.53
CA VAL WA 181 62.29 90.76 49.20
C VAL WA 181 62.58 92.25 49.33
N LEU WA 182 61.95 92.93 50.29
CA LEU WA 182 62.30 94.34 50.52
C LEU WA 182 63.63 94.46 51.23
N ARG WA 183 63.90 93.56 52.18
CA ARG WA 183 65.19 93.57 52.87
C ARG WA 183 66.34 93.25 51.92
N MET WA 184 66.08 92.45 50.89
CA MET WA 184 67.16 92.06 49.98
C MET WA 184 67.44 93.12 48.92
N ARG WA 185 66.43 93.89 48.52
CA ARG WA 185 66.66 94.98 47.58
C ARG WA 185 67.22 96.23 48.24
N GLY WA 186 67.18 96.31 49.57
CA GLY WA 186 67.80 97.41 50.29
C GLY WA 186 66.86 98.50 50.74
N THR WA 187 65.58 98.44 50.38
CA THR WA 187 64.67 99.50 50.78
C THR WA 187 64.33 99.44 52.26
N ILE WA 188 64.45 98.27 52.87
CA ILE WA 188 64.20 98.07 54.29
C ILE WA 188 65.44 97.43 54.91
N SER WA 189 65.74 97.84 56.14
CA SER WA 189 66.89 97.30 56.87
C SER WA 189 66.46 96.14 57.76
N ARG WA 190 67.45 95.37 58.20
CA ARG WA 190 67.23 94.22 59.06
C ARG WA 190 67.40 94.53 60.54
N GLU WA 191 67.68 95.79 60.89
CA GLU WA 191 67.94 96.12 62.29
C GLU WA 191 66.67 96.03 63.13
N HIS WA 192 65.58 96.62 62.65
CA HIS WA 192 64.37 96.66 63.46
C HIS WA 192 63.23 95.96 62.75
N PRO WA 193 62.28 95.37 63.52
CA PRO WA 193 61.18 94.66 62.88
C PRO WA 193 60.33 95.58 62.02
N TRP WA 194 59.82 95.01 60.93
CA TRP WA 194 58.99 95.78 60.01
C TRP WA 194 57.73 96.26 60.71
N GLU WA 195 57.35 97.52 60.44
CA GLU WA 195 56.18 98.09 61.09
C GLU WA 195 54.88 97.57 60.50
N VAL WA 196 54.90 97.06 59.28
CA VAL WA 196 53.68 96.57 58.63
C VAL WA 196 53.28 95.28 59.33
N MET WA 197 52.23 95.36 60.14
CA MET WA 197 51.81 94.21 60.93
C MET WA 197 51.24 93.13 60.00
N PRO WA 198 51.58 91.85 60.22
CA PRO WA 198 51.05 90.78 59.38
C PRO WA 198 49.53 90.62 59.45
N ASP WA 199 48.84 91.43 60.24
CA ASP WA 199 47.38 91.40 60.27
C ASP WA 199 46.75 92.16 59.11
N LEU WA 200 47.55 92.93 58.37
CA LEU WA 200 47.05 93.58 57.16
C LEU WA 200 46.85 92.61 56.01
N TYR WA 201 47.29 91.37 56.15
CA TYR WA 201 47.19 90.38 55.09
C TYR WA 201 46.14 89.31 55.38
N PHE WA 202 45.62 89.24 56.61
CA PHE WA 202 44.69 88.18 56.98
C PHE WA 202 43.35 88.38 56.28
N TYR WA 203 42.77 87.27 55.81
CA TYR WA 203 41.45 87.33 55.21
C TYR WA 203 40.40 87.48 56.29
N ARG WA 204 39.48 88.43 56.09
CA ARG WA 204 38.45 88.76 57.07
C ARG WA 204 37.09 88.55 56.42
N ASP WA 205 36.45 87.43 56.70
CA ASP WA 205 35.13 87.17 56.16
C ASP WA 205 34.10 88.07 56.85
N PRO WA 206 33.00 88.40 56.16
CA PRO WA 206 32.03 89.35 56.73
C PRO WA 206 31.43 88.91 58.06
N GLU WA 207 31.49 87.61 58.37
CA GLU WA 207 30.93 87.13 59.64
C GLU WA 207 31.62 87.81 60.83
N GLU WA 208 32.95 87.91 60.78
CA GLU WA 208 33.69 88.61 61.83
C GLU WA 208 33.81 90.10 61.57
N ILE WA 209 33.58 90.55 60.33
CA ILE WA 209 33.68 91.98 60.03
C ILE WA 209 32.59 92.75 60.78
N GLU WA 210 31.37 92.23 60.76
CA GLU WA 210 30.27 92.93 61.43
C GLU WA 210 30.42 92.91 62.94
N LYS WA 211 31.00 91.84 63.50
CA LYS WA 211 31.29 91.83 64.92
C LYS WA 211 32.27 92.92 65.30
N GLU WA 212 33.32 93.10 64.48
CA GLU WA 212 34.32 94.12 64.78
C GLU WA 212 33.82 95.53 64.47
N GLU WA 213 32.92 95.67 63.50
CA GLU WA 213 32.41 97.00 63.16
C GLU WA 213 31.64 97.60 64.34
N GLN WA 214 30.76 96.80 64.95
CA GLN WA 214 29.98 97.27 66.09
C GLN WA 214 30.82 97.32 67.37
N ALA WA 215 31.84 96.48 67.47
CA ALA WA 215 32.71 96.52 68.64
C ALA WA 215 33.45 97.85 68.73
N ALA WA 216 33.92 98.37 67.60
CA ALA WA 216 34.59 99.65 67.55
C ALA WA 216 33.61 100.82 67.40
N ALA WA 217 32.32 100.55 67.33
CA ALA WA 217 31.31 101.60 67.22
C ALA WA 217 30.52 101.72 68.52
N ASP XA 1 -28.40 28.74 56.88
CA ASP XA 1 -27.35 29.38 57.68
C ASP XA 1 -26.74 28.40 58.66
N PRO XA 2 -25.58 27.84 58.31
CA PRO XA 2 -24.91 26.90 59.22
C PRO XA 2 -24.50 27.52 60.55
N PHE XA 3 -24.27 28.83 60.58
CA PHE XA 3 -23.76 29.48 61.78
C PHE XA 3 -24.77 29.51 62.92
N SER XA 4 -26.03 29.16 62.65
CA SER XA 4 -27.01 29.08 63.73
C SER XA 4 -26.74 27.90 64.66
N LYS XA 5 -26.26 26.79 64.12
CA LYS XA 5 -25.96 25.61 64.92
C LYS XA 5 -24.51 25.58 65.41
N LYS XA 6 -23.86 26.74 65.49
CA LYS XA 6 -22.48 26.83 65.93
C LYS XA 6 -22.42 27.57 67.26
N ASP XA 7 -21.74 26.98 68.24
CA ASP XA 7 -21.55 27.60 69.54
C ASP XA 7 -20.09 28.00 69.71
N TRP XA 8 -19.81 28.75 70.77
CA TRP XA 8 -18.51 29.36 71.00
C TRP XA 8 -17.83 28.74 72.21
N TYR XA 9 -16.52 28.54 72.10
CA TYR XA 9 -15.72 27.96 73.17
C TYR XA 9 -14.59 28.91 73.52
N ASP XA 10 -14.32 29.06 74.81
CA ASP XA 10 -13.21 29.88 75.28
C ASP XA 10 -11.93 29.06 75.26
N VAL XA 11 -10.81 29.76 75.07
CA VAL XA 11 -9.49 29.14 74.98
C VAL XA 11 -8.62 29.68 76.10
N LYS XA 12 -8.02 28.77 76.87
CA LYS XA 12 -7.22 29.13 78.03
C LYS XA 12 -5.77 28.73 77.80
N ALA XA 13 -4.86 29.66 78.03
CA ALA XA 13 -3.43 29.40 77.92
C ALA XA 13 -2.92 28.70 79.18
N PRO XA 14 -1.78 28.03 79.10
CA PRO XA 14 -1.22 27.38 80.29
C PRO XA 14 -0.83 28.39 81.36
N ALA XA 15 -0.71 27.89 82.59
CA ALA XA 15 -0.48 28.75 83.75
C ALA XA 15 0.84 29.50 83.66
N MET XA 16 1.79 29.00 82.88
CA MET XA 16 3.11 29.61 82.79
C MET XA 16 3.09 31.00 82.16
N PHE XA 17 2.00 31.40 81.52
CA PHE XA 17 1.85 32.76 81.04
C PHE XA 17 1.01 33.59 82.00
N ASN XA 18 1.15 34.91 81.89
CA ASN XA 18 0.38 35.82 82.75
C ASN XA 18 -1.08 35.88 82.31
N ILE XA 19 -1.33 36.34 81.10
CA ILE XA 19 -2.69 36.45 80.58
C ILE XA 19 -3.21 35.07 80.22
N ARG XA 20 -4.48 34.82 80.56
CA ARG XA 20 -5.10 33.52 80.43
C ARG XA 20 -5.95 33.37 79.17
N ASN XA 21 -6.63 34.43 78.76
CA ASN XA 21 -7.60 34.35 77.68
C ASN XA 21 -6.91 34.62 76.35
N ILE XA 22 -6.95 33.63 75.45
CA ILE XA 22 -6.49 33.85 74.08
C ILE XA 22 -7.59 34.48 73.25
N GLY XA 23 -8.79 33.90 73.28
CA GLY XA 23 -9.91 34.41 72.52
C GLY XA 23 -11.11 33.48 72.54
N LYS XA 24 -11.73 33.29 71.38
CA LYS XA 24 -12.90 32.43 71.25
C LYS XA 24 -12.80 31.65 69.94
N THR XA 25 -13.45 30.48 69.92
CA THR XA 25 -13.46 29.61 68.77
C THR XA 25 -14.87 29.11 68.49
N LEU XA 26 -15.11 28.76 67.23
CA LEU XA 26 -16.38 28.23 66.77
C LEU XA 26 -16.27 26.74 66.50
N VAL XA 27 -17.42 26.08 66.51
CA VAL XA 27 -17.52 24.66 66.18
C VAL XA 27 -18.98 24.32 65.93
N THR XA 28 -19.24 23.36 65.04
CA THR XA 28 -20.59 22.85 64.86
C THR XA 28 -20.93 21.93 66.01
N ARG XA 29 -22.09 22.14 66.62
CA ARG XA 29 -22.47 21.40 67.81
C ARG XA 29 -22.60 19.91 67.52
N THR XA 30 -22.46 19.11 68.57
CA THR XA 30 -22.49 17.66 68.42
C THR XA 30 -23.80 17.22 67.77
N GLN XA 31 -23.67 16.52 66.64
CA GLN XA 31 -24.84 16.09 65.87
C GLN XA 31 -24.52 14.71 65.29
N GLY XA 32 -24.97 13.68 66.00
CA GLY XA 32 -24.74 12.32 65.52
C GLY XA 32 -23.32 11.89 65.77
N THR XA 33 -22.62 11.52 64.68
CA THR XA 33 -21.25 11.03 64.81
C THR XA 33 -20.26 12.16 65.09
N LYS XA 34 -20.49 13.34 64.51
CA LYS XA 34 -19.55 14.45 64.64
C LYS XA 34 -19.66 15.04 66.04
N ILE XA 35 -18.68 14.75 66.88
CA ILE XA 35 -18.62 15.30 68.24
C ILE XA 35 -17.97 16.66 68.18
N ALA XA 36 -18.51 17.62 68.94
CA ALA XA 36 -17.92 18.95 68.99
C ALA XA 36 -16.52 18.95 69.59
N SER XA 37 -16.18 17.95 70.41
CA SER XA 37 -14.89 17.94 71.06
C SER XA 37 -13.77 17.63 70.06
N ASP XA 38 -13.96 16.59 69.23
CA ASP XA 38 -12.89 16.17 68.33
C ASP XA 38 -12.56 17.24 67.29
N GLY XA 39 -13.51 18.12 66.96
CA GLY XA 39 -13.21 19.21 66.06
C GLY XA 39 -12.32 20.27 66.67
N LEU XA 40 -12.26 20.35 67.98
CA LEU XA 40 -11.44 21.34 68.68
C LEU XA 40 -10.15 20.75 69.24
N LYS XA 41 -9.87 19.47 69.00
CA LYS XA 41 -8.71 18.83 69.61
C LYS XA 41 -7.41 19.14 68.89
N GLY XA 42 -7.46 19.63 67.65
CA GLY XA 42 -6.25 19.86 66.90
C GLY XA 42 -6.07 21.29 66.44
N ARG XA 43 -6.72 22.23 67.11
CA ARG XA 43 -6.59 23.63 66.77
C ARG XA 43 -5.23 24.15 67.21
N VAL XA 44 -4.58 24.92 66.34
CA VAL XA 44 -3.28 25.53 66.62
C VAL XA 44 -3.43 27.03 66.54
N PHE XA 45 -2.94 27.73 67.56
CA PHE XA 45 -3.09 29.17 67.67
C PHE XA 45 -1.74 29.84 67.64
N GLU XA 46 -1.57 30.80 66.73
CA GLU XA 46 -0.35 31.60 66.63
C GLU XA 46 -0.60 32.90 67.38
N VAL XA 47 -0.08 32.99 68.60
CA VAL XA 47 -0.27 34.15 69.47
C VAL XA 47 1.09 34.77 69.74
N SER XA 48 1.18 36.08 69.56
CA SER XA 48 2.41 36.79 69.87
C SER XA 48 2.63 36.83 71.38
N LEU XA 49 3.90 36.92 71.77
CA LEU XA 49 4.23 36.92 73.19
C LEU XA 49 3.73 38.18 73.89
N ALA XA 50 3.71 39.32 73.18
CA ALA XA 50 3.20 40.54 73.80
C ALA XA 50 1.74 40.40 74.17
N ASP XA 51 1.01 39.49 73.52
CA ASP XA 51 -0.38 39.23 73.88
C ASP XA 51 -0.46 38.43 75.18
N LEU XA 52 0.45 37.47 75.38
CA LEU XA 52 0.40 36.61 76.55
C LEU XA 52 1.04 37.26 77.77
N GLN XA 53 2.25 37.79 77.62
CA GLN XA 53 2.88 38.53 78.70
C GLN XA 53 2.27 39.92 78.81
N ASN XA 54 2.24 40.43 80.05
CA ASN XA 54 1.67 41.75 80.29
C ASN XA 54 2.46 42.84 79.57
N ASP XA 55 3.78 42.71 79.54
CA ASP XA 55 4.63 43.71 78.88
C ASP XA 55 5.93 43.01 78.44
N GLU XA 56 6.01 42.68 77.16
CA GLU XA 56 7.19 42.04 76.60
C GLU XA 56 7.32 42.40 75.13
N VAL XA 57 8.24 41.70 74.45
CA VAL XA 57 8.50 42.00 73.05
C VAL XA 57 7.35 41.49 72.18
N ALA XA 58 7.16 42.16 71.05
CA ALA XA 58 6.05 41.84 70.14
C ALA XA 58 6.51 41.07 68.91
N PHE XA 59 7.78 40.73 68.83
CA PHE XA 59 8.32 40.04 67.66
C PHE XA 59 8.51 38.55 67.89
N ARG XA 60 7.98 37.99 68.97
CA ARG XA 60 8.07 36.58 69.25
C ARG XA 60 6.67 35.99 69.36
N LYS XA 61 6.45 34.86 68.70
CA LYS XA 61 5.15 34.21 68.67
C LYS XA 61 5.27 32.79 69.19
N PHE XA 62 4.15 32.27 69.70
CA PHE XA 62 4.08 30.92 70.22
C PHE XA 62 2.90 30.20 69.60
N LYS XA 63 3.11 28.93 69.24
CA LYS XA 63 2.04 28.10 68.72
C LYS XA 63 1.44 27.30 69.88
N LEU XA 64 0.16 27.51 70.14
CA LEU XA 64 -0.54 26.84 71.23
C LEU XA 64 -1.61 25.94 70.62
N ILE XA 65 -1.53 24.65 70.90
CA ILE XA 65 -2.46 23.66 70.36
C ILE XA 65 -3.39 23.22 71.48
N THR XA 66 -4.70 23.28 71.21
CA THR XA 66 -5.67 22.79 72.17
C THR XA 66 -5.46 21.31 72.40
N GLU XA 67 -5.49 20.89 73.66
CA GLU XA 67 -5.32 19.49 74.00
C GLU XA 67 -6.60 18.83 74.46
N ASP XA 68 -7.36 19.48 75.34
CA ASP XA 68 -8.62 18.94 75.85
C ASP XA 68 -9.69 20.01 75.89
N VAL XA 69 -10.94 19.56 75.94
CA VAL XA 69 -12.09 20.43 76.12
C VAL XA 69 -12.79 19.99 77.40
N GLN XA 70 -12.80 20.85 78.41
CA GLN XA 70 -13.43 20.55 79.69
C GLN XA 70 -14.82 21.15 79.83
N GLY XA 71 -15.44 21.55 78.72
CA GLY XA 71 -16.76 22.14 78.77
C GLY XA 71 -16.70 23.65 78.64
N LYS XA 72 -16.94 24.15 77.43
CA LYS XA 72 -16.86 25.57 77.09
C LYS XA 72 -15.48 26.15 77.36
N ASN XA 73 -14.48 25.32 77.66
CA ASN XA 73 -13.12 25.78 77.94
C ASN XA 73 -12.15 24.83 77.24
N CYS XA 74 -11.45 25.34 76.23
CA CYS XA 74 -10.43 24.57 75.54
C CYS XA 74 -9.10 24.74 76.27
N LEU XA 75 -8.34 23.64 76.37
CA LEU XA 75 -7.10 23.63 77.13
C LEU XA 75 -5.95 23.46 76.16
N THR XA 76 -4.99 24.38 76.21
CA THR XA 76 -3.90 24.42 75.25
C THR XA 76 -2.59 24.03 75.88
N ASN XA 77 -1.61 23.76 75.02
CA ASN XA 77 -0.27 23.35 75.42
C ASN XA 77 0.72 23.95 74.44
N PHE XA 78 1.99 24.03 74.86
CA PHE XA 78 3.03 24.53 73.98
C PHE XA 78 3.24 23.56 72.82
N HIS XA 79 3.33 24.11 71.62
CA HIS XA 79 3.52 23.33 70.40
C HIS XA 79 4.73 23.76 69.61
N GLY XA 80 4.98 25.05 69.50
CA GLY XA 80 6.14 25.53 68.78
C GLY XA 80 6.35 27.00 69.04
N MET XA 81 7.56 27.46 68.71
CA MET XA 81 7.93 28.86 68.85
C MET XA 81 8.35 29.38 67.49
N ASP XA 82 8.17 30.68 67.28
CA ASP XA 82 8.37 31.26 65.97
C ASP XA 82 8.73 32.73 66.14
N LEU XA 83 9.51 33.24 65.20
CA LEU XA 83 9.96 34.62 65.20
C LEU XA 83 9.35 35.33 64.00
N THR XA 84 8.78 36.51 64.23
CA THR XA 84 7.99 37.17 63.19
C THR XA 84 8.87 37.49 61.98
N ARG XA 85 8.25 37.46 60.80
CA ARG XA 85 9.01 37.66 59.57
C ARG XA 85 9.54 39.08 59.46
N ASP XA 86 8.80 40.06 59.99
CA ASP XA 86 9.27 41.44 59.93
C ASP XA 86 10.60 41.60 60.63
N LYS XA 87 10.70 41.12 61.87
CA LYS XA 87 11.97 41.21 62.60
C LYS XA 87 13.04 40.33 61.95
N MET XA 88 12.65 39.14 61.50
CA MET XA 88 13.61 38.22 60.91
C MET XA 88 14.26 38.81 59.66
N CYS XA 89 13.45 39.42 58.81
CA CYS XA 89 13.97 40.03 57.58
C CYS XA 89 14.75 41.30 57.85
N SER XA 90 14.58 41.92 59.02
CA SER XA 90 15.28 43.16 59.33
C SER XA 90 16.68 42.92 59.88
N MET XA 91 16.92 41.77 60.51
CA MET XA 91 18.25 41.52 61.07
C MET XA 91 19.26 41.18 59.99
N VAL XA 92 18.80 40.71 58.83
CA VAL XA 92 19.68 40.27 57.75
C VAL XA 92 20.03 41.49 56.91
N LYS XA 93 21.26 41.97 57.05
CA LYS XA 93 21.73 43.10 56.26
C LYS XA 93 23.13 42.80 55.74
N LYS XA 94 23.50 43.52 54.69
CA LYS XA 94 24.74 43.27 53.97
C LYS XA 94 25.95 43.65 54.82
N TRP XA 95 27.12 43.18 54.38
CA TRP XA 95 28.41 43.46 55.04
C TRP XA 95 28.43 42.93 56.47
N GLN XA 96 28.07 41.67 56.63
CA GLN XA 96 28.19 40.96 57.90
C GLN XA 96 27.94 39.49 57.63
N THR XA 97 28.14 38.67 58.66
CA THR XA 97 28.09 37.23 58.53
C THR XA 97 26.89 36.66 59.27
N MET XA 98 26.11 35.83 58.58
CA MET XA 98 25.04 35.07 59.19
C MET XA 98 25.56 33.73 59.68
N ILE XA 99 25.25 33.39 60.92
CA ILE XA 99 25.63 32.10 61.50
C ILE XA 99 24.36 31.41 61.97
N GLU XA 100 24.19 30.15 61.55
CA GLU XA 100 22.98 29.40 61.87
C GLU XA 100 23.36 28.03 62.42
N ALA XA 101 22.52 27.52 63.32
CA ALA XA 101 22.74 26.20 63.90
C ALA XA 101 21.40 25.64 64.35
N HIS XA 102 21.35 24.31 64.44
CA HIS XA 102 20.15 23.61 64.87
C HIS XA 102 20.56 22.35 65.62
N VAL XA 103 19.74 21.94 66.57
CA VAL XA 103 20.02 20.77 67.40
C VAL XA 103 18.73 19.98 67.61
N ASP XA 104 18.89 18.67 67.78
CA ASP XA 104 17.79 17.77 68.11
C ASP XA 104 18.03 17.24 69.50
N VAL XA 105 17.05 17.42 70.38
CA VAL XA 105 17.25 17.15 71.80
C VAL XA 105 15.92 16.74 72.42
N LYS XA 106 15.98 15.79 73.36
CA LYS XA 106 14.82 15.31 74.08
C LYS XA 106 14.91 15.73 75.54
N THR XA 107 13.86 16.39 76.02
CA THR XA 107 13.81 16.82 77.42
C THR XA 107 13.69 15.60 78.33
N THR XA 108 13.64 15.86 79.64
CA THR XA 108 13.56 14.76 80.61
C THR XA 108 12.29 13.93 80.37
N ASP XA 109 11.17 14.59 80.17
CA ASP XA 109 10.00 13.92 79.64
C ASP XA 109 10.09 13.82 78.12
N GLY XA 110 9.31 12.91 77.56
CA GLY XA 110 9.50 12.50 76.18
C GLY XA 110 9.12 13.54 75.14
N TYR XA 111 9.74 14.71 75.19
CA TYR XA 111 9.48 15.79 74.25
C TYR XA 111 10.72 15.99 73.38
N LEU XA 112 10.56 15.82 72.07
CA LEU XA 112 11.65 15.98 71.11
C LEU XA 112 11.47 17.31 70.37
N LEU XA 113 12.54 18.10 70.34
CA LEU XA 113 12.46 19.46 69.83
C LEU XA 113 13.57 19.72 68.81
N ARG XA 114 13.25 20.54 67.82
CA ARG XA 114 14.24 21.19 66.97
C ARG XA 114 14.33 22.65 67.38
N LEU XA 115 15.55 23.13 67.59
CA LEU XA 115 15.78 24.52 67.97
C LEU XA 115 16.69 25.16 66.93
N PHE XA 116 16.14 26.09 66.16
CA PHE XA 116 16.92 26.87 65.21
C PHE XA 116 17.31 28.20 65.82
N CYS XA 117 18.56 28.58 65.63
CA CYS XA 117 19.11 29.78 66.24
C CYS XA 117 19.91 30.56 65.21
N VAL XA 118 20.02 31.87 65.41
CA VAL XA 118 20.66 32.75 64.45
C VAL XA 118 21.51 33.77 65.20
N GLY XA 119 22.57 34.23 64.56
CA GLY XA 119 23.42 35.27 65.12
C GLY XA 119 24.21 35.94 64.04
N PHE XA 120 24.49 37.22 64.24
CA PHE XA 120 25.14 38.06 63.23
C PHE XA 120 26.34 38.76 63.84
N THR XA 121 27.44 38.80 63.08
CA THR XA 121 28.64 39.48 63.55
C THR XA 121 28.41 40.98 63.66
N LYS XA 122 28.94 41.58 64.72
CA LYS XA 122 28.69 42.97 65.05
C LYS XA 122 29.90 43.84 64.73
N LYS XA 123 29.64 45.03 64.21
CA LYS XA 123 30.69 45.98 63.85
C LYS XA 123 31.08 46.83 65.05
N ARG XA 124 32.37 47.12 65.18
CA ARG XA 124 32.84 47.94 66.29
C ARG XA 124 32.31 49.36 66.17
N ASN XA 125 32.19 50.03 67.32
CA ASN XA 125 31.99 51.47 67.32
C ASN XA 125 33.20 52.16 66.73
N ASN XA 126 34.39 51.66 67.04
CA ASN XA 126 35.65 52.19 66.55
C ASN XA 126 35.95 51.79 65.11
N GLN XA 127 35.24 50.79 64.57
CA GLN XA 127 35.62 50.19 63.30
C GLN XA 127 35.55 51.18 62.15
N ILE XA 128 36.55 51.13 61.28
CA ILE XA 128 36.61 51.97 60.08
C ILE XA 128 36.27 51.17 58.83
N ARG XA 129 36.72 49.92 58.76
CA ARG XA 129 36.45 49.08 57.60
C ARG XA 129 34.96 48.79 57.49
N LYS XA 130 34.56 48.29 56.32
CA LYS XA 130 33.16 48.10 55.99
C LYS XA 130 32.70 46.65 56.09
N THR XA 131 33.59 45.70 55.77
CA THR XA 131 33.17 44.31 55.55
C THR XA 131 32.60 43.70 56.83
N SER XA 132 33.43 43.59 57.87
CA SER XA 132 33.03 42.98 59.14
C SER XA 132 32.55 41.54 58.95
N TYR XA 133 33.44 40.72 58.40
CA TYR XA 133 33.19 39.31 58.18
C TYR XA 133 33.94 38.48 59.21
N ALA XA 134 33.80 37.16 59.10
CA ALA XA 134 34.48 36.23 59.99
C ALA XA 134 35.07 35.10 59.17
N GLN XA 135 36.22 34.59 59.64
CA GLN XA 135 36.84 33.44 58.99
C GLN XA 135 35.91 32.23 59.07
N HIS XA 136 36.12 31.29 58.17
CA HIS XA 136 35.31 30.07 58.20
C HIS XA 136 35.54 29.29 59.50
N GLN XA 137 36.80 29.20 59.95
CA GLN XA 137 37.07 28.43 61.15
C GLN XA 137 36.52 29.13 62.40
N GLN XA 138 36.43 30.46 62.38
CA GLN XA 138 35.76 31.16 63.47
C GLN XA 138 34.27 30.88 63.45
N VAL XA 139 33.67 30.82 62.26
CA VAL XA 139 32.25 30.53 62.14
C VAL XA 139 31.96 29.13 62.68
N ARG XA 140 32.83 28.17 62.37
CA ARG XA 140 32.60 26.80 62.82
C ARG XA 140 32.62 26.70 64.34
N GLN XA 141 33.62 27.32 64.97
CA GLN XA 141 33.73 27.22 66.43
C GLN XA 141 32.68 28.04 67.15
N ILE XA 142 32.12 29.07 66.51
CA ILE XA 142 30.99 29.77 67.11
C ILE XA 142 29.75 28.88 67.12
N ARG XA 143 29.47 28.20 66.00
CA ARG XA 143 28.24 27.44 65.95
C ARG XA 143 28.35 26.15 66.75
N LYS XA 144 29.54 25.55 66.84
CA LYS XA 144 29.68 24.40 67.72
C LYS XA 144 29.58 24.81 69.19
N LYS XA 145 30.04 26.03 69.51
CA LYS XA 145 29.71 26.62 70.80
C LYS XA 145 28.22 26.86 70.91
N MET XA 146 27.59 27.24 69.79
CA MET XA 146 26.17 27.59 69.78
C MET XA 146 25.28 26.36 69.87
N MET XA 147 25.73 25.21 69.33
CA MET XA 147 25.01 23.96 69.55
C MET XA 147 25.22 23.43 70.96
N GLU XA 148 26.47 23.46 71.44
CA GLU XA 148 26.77 22.84 72.72
C GLU XA 148 26.15 23.58 73.90
N ILE XA 149 25.82 24.85 73.73
CA ILE XA 149 25.10 25.58 74.78
C ILE XA 149 23.64 25.18 74.78
N MET XA 150 22.98 25.36 73.63
CA MET XA 150 21.52 25.21 73.57
C MET XA 150 21.05 23.83 74.02
N THR XA 151 21.90 22.81 73.88
CA THR XA 151 21.51 21.47 74.30
C THR XA 151 21.51 21.29 75.81
N ARG XA 152 22.11 22.20 76.56
CA ARG XA 152 22.25 21.98 78.00
C ARG XA 152 21.12 22.61 78.82
N GLU XA 153 20.45 23.65 78.32
CA GLU XA 153 19.30 24.20 79.05
C GLU XA 153 17.99 23.55 78.63
N VAL XA 154 18.04 22.47 77.85
CA VAL XA 154 16.83 21.80 77.37
C VAL XA 154 16.78 20.34 77.81
N GLN XA 155 17.90 19.62 77.71
CA GLN XA 155 17.92 18.21 78.08
C GLN XA 155 18.03 17.99 79.58
N THR XA 156 18.35 19.04 80.34
CA THR XA 156 18.50 18.93 81.78
C THR XA 156 17.20 19.16 82.54
N ASN XA 157 16.13 19.57 81.86
CA ASN XA 157 14.88 19.90 82.52
C ASN XA 157 13.72 19.50 81.61
N ASP XA 158 12.51 19.87 82.02
CA ASP XA 158 11.29 19.42 81.37
C ASP XA 158 10.73 20.51 80.44
N LEU XA 159 9.54 20.26 79.91
CA LEU XA 159 8.94 21.19 78.96
C LEU XA 159 8.53 22.48 79.63
N LYS XA 160 8.13 22.42 80.90
CA LYS XA 160 7.72 23.64 81.60
C LYS XA 160 8.87 24.63 81.70
N GLU XA 161 10.07 24.15 82.04
CA GLU XA 161 11.19 25.03 82.31
C GLU XA 161 11.80 25.60 81.02
N VAL XA 162 11.79 24.85 79.93
CA VAL XA 162 12.37 25.36 78.69
C VAL XA 162 11.55 26.51 78.14
N VAL XA 163 10.22 26.43 78.27
CA VAL XA 163 9.39 27.54 77.83
C VAL XA 163 9.59 28.76 78.72
N ASN XA 164 9.80 28.52 80.01
CA ASN XA 164 10.16 29.63 80.91
C ASN XA 164 11.45 30.29 80.45
N LYS XA 165 12.41 29.48 80.00
CA LYS XA 165 13.63 30.05 79.44
C LYS XA 165 13.37 30.71 78.08
N LEU XA 166 12.36 30.25 77.35
CA LEU XA 166 12.04 30.83 76.06
C LEU XA 166 11.32 32.17 76.16
N ILE XA 167 10.63 32.45 77.27
CA ILE XA 167 9.93 33.72 77.41
C ILE XA 167 10.91 34.89 77.38
N PRO XA 168 12.00 34.90 78.16
CA PRO XA 168 13.09 35.83 77.85
C PRO XA 168 13.98 35.26 76.76
N ASP XA 169 15.08 35.93 76.46
CA ASP XA 169 16.04 35.46 75.46
C ASP XA 169 17.26 34.85 76.15
N SER XA 170 17.03 34.13 77.24
CA SER XA 170 18.13 33.60 78.05
C SER XA 170 19.04 32.69 77.24
N ILE XA 171 18.45 31.82 76.41
CA ILE XA 171 19.25 30.96 75.55
C ILE XA 171 20.09 31.80 74.59
N GLY XA 172 19.48 32.81 73.98
CA GLY XA 172 20.22 33.68 73.09
C GLY XA 172 21.25 34.52 73.82
N LYS XA 173 20.94 34.93 75.05
CA LYS XA 173 21.87 35.78 75.80
C LYS XA 173 23.16 35.02 76.14
N ASP XA 174 23.04 33.76 76.57
CA ASP XA 174 24.22 32.99 76.93
C ASP XA 174 25.10 32.76 75.71
N ILE XA 175 24.49 32.52 74.54
CA ILE XA 175 25.26 32.38 73.31
C ILE XA 175 26.04 33.65 73.02
N GLU XA 176 25.40 34.80 73.21
CA GLU XA 176 26.09 36.08 73.04
C GLU XA 176 27.30 36.19 73.96
N LYS XA 177 27.11 35.86 75.23
CA LYS XA 177 28.17 36.05 76.21
C LYS XA 177 29.35 35.12 75.94
N ALA XA 178 29.08 33.88 75.54
CA ALA XA 178 30.16 32.91 75.36
C ALA XA 178 30.96 33.19 74.08
N CYS XA 179 30.28 33.60 73.01
CA CYS XA 179 30.91 33.71 71.70
C CYS XA 179 31.58 35.05 71.46
N GLN XA 180 31.50 35.99 72.40
CA GLN XA 180 32.14 37.29 72.19
C GLN XA 180 33.65 37.16 72.17
N SER XA 181 34.21 36.17 72.86
CA SER XA 181 35.65 35.98 72.87
C SER XA 181 36.20 35.49 71.53
N ILE XA 182 35.35 34.90 70.69
CA ILE XA 182 35.77 34.42 69.37
C ILE XA 182 35.51 35.51 68.35
N TYR XA 183 34.24 35.87 68.17
CA TYR XA 183 33.85 37.02 67.36
C TYR XA 183 32.60 37.63 67.97
N PRO XA 184 32.66 38.88 68.41
CA PRO XA 184 31.47 39.50 69.03
C PRO XA 184 30.33 39.61 68.04
N LEU XA 185 29.19 39.04 68.41
CA LEU XA 185 28.00 38.99 67.58
C LEU XA 185 26.82 39.48 68.40
N HIS XA 186 25.90 40.21 67.76
CA HIS XA 186 24.93 41.01 68.47
C HIS XA 186 23.51 40.51 68.40
N ASP XA 187 22.97 40.28 67.21
CA ASP XA 187 21.54 39.95 67.08
C ASP XA 187 21.39 38.43 67.13
N VAL XA 188 21.37 37.91 68.36
CA VAL XA 188 21.30 36.47 68.62
C VAL XA 188 19.90 36.17 69.15
N PHE XA 189 19.24 35.21 68.52
CA PHE XA 189 17.92 34.76 68.97
C PHE XA 189 17.77 33.28 68.66
N VAL XA 190 16.83 32.66 69.36
CA VAL XA 190 16.35 31.34 68.98
C VAL XA 190 15.28 31.54 67.92
N ARG XA 191 15.62 31.27 66.66
CA ARG XA 191 14.79 31.69 65.55
C ARG XA 191 13.48 30.92 65.49
N LYS XA 192 13.50 29.64 65.82
CA LYS XA 192 12.34 28.78 65.63
C LYS XA 192 12.51 27.53 66.47
N VAL XA 193 11.42 27.07 67.07
CA VAL XA 193 11.41 25.84 67.85
C VAL XA 193 10.32 24.94 67.31
N LYS XA 194 10.71 23.92 66.55
CA LYS XA 194 9.78 22.90 66.09
C LYS XA 194 9.78 21.76 67.08
N MET XA 195 8.60 21.20 67.32
CA MET XA 195 8.45 20.08 68.23
C MET XA 195 8.08 18.86 67.40
N LEU XA 196 8.88 17.80 67.52
CA LEU XA 196 8.80 16.65 66.64
C LEU XA 196 7.87 15.56 67.17
N LYS XA 197 8.11 15.05 68.37
CA LYS XA 197 7.32 13.97 68.93
C LYS XA 197 6.82 14.36 70.32
N LYS XA 198 5.56 14.03 70.58
CA LYS XA 198 4.94 14.16 71.88
C LYS XA 198 5.03 12.85 72.64
N PRO XA 199 5.03 12.89 73.97
CA PRO XA 199 4.82 11.67 74.75
C PRO XA 199 3.35 11.27 74.72
N LYS XA 200 3.09 10.04 75.15
CA LYS XA 200 1.71 9.58 75.23
C LYS XA 200 0.95 10.48 76.20
N PHE XA 201 -0.25 10.87 75.80
CA PHE XA 201 -0.97 11.89 76.54
C PHE XA 201 -1.49 11.36 77.87
N GLU XA 202 -1.36 12.17 78.92
CA GLU XA 202 -1.85 11.81 80.24
C GLU XA 202 -2.54 13.04 80.83
N LEU XA 203 -3.85 12.93 81.06
CA LEU XA 203 -4.65 14.09 81.43
C LEU XA 203 -4.17 14.72 82.74
N GLY XA 204 -3.61 13.92 83.64
CA GLY XA 204 -3.12 14.46 84.89
C GLY XA 204 -2.03 15.49 84.68
N LYS XA 205 -1.11 15.23 83.75
CA LYS XA 205 -0.03 16.16 83.48
C LYS XA 205 -0.55 17.49 82.97
N LEU XA 206 -1.56 17.46 82.09
CA LEU XA 206 -2.09 18.70 81.51
C LEU XA 206 -2.66 19.61 82.59
N MET XA 207 -3.35 19.04 83.57
CA MET XA 207 -3.96 19.85 84.61
C MET XA 207 -2.93 20.52 85.51
N GLU XA 208 -1.70 20.03 85.53
CA GLU XA 208 -0.62 20.76 86.18
C GLU XA 208 -0.15 21.95 85.34
N LEU XA 209 -0.18 21.81 84.02
CA LEU XA 209 0.19 22.91 83.14
C LEU XA 209 -0.84 24.03 83.18
N HIS XA 210 -2.03 23.79 83.72
CA HIS XA 210 -3.09 24.78 83.78
C HIS XA 210 -3.51 25.09 85.21
N GLY XA 211 -2.68 24.74 86.19
CA GLY XA 211 -3.02 24.97 87.58
C GLY XA 211 -4.04 24.00 88.12
N LYS YA 1 49.58 100.04 6.57
CA LYS YA 1 50.76 99.36 6.05
C LYS YA 1 51.80 99.18 7.15
N GLU YA 2 51.67 100.00 8.19
CA GLU YA 2 52.58 99.94 9.33
C GLU YA 2 52.37 98.66 10.12
N TRP YA 3 53.45 98.21 10.76
CA TRP YA 3 53.40 97.07 11.67
C TRP YA 3 53.55 97.58 13.09
N LEU YA 4 52.53 97.36 13.91
CA LEU YA 4 52.55 97.77 15.30
C LEU YA 4 52.72 96.55 16.18
N PRO YA 5 53.88 96.35 16.80
CA PRO YA 5 54.08 95.16 17.63
C PRO YA 5 53.16 95.16 18.85
N VAL YA 6 52.73 93.96 19.22
CA VAL YA 6 51.87 93.79 20.38
C VAL YA 6 52.52 92.95 21.48
N THR YA 7 53.59 92.23 21.19
CA THR YA 7 54.30 91.41 22.16
C THR YA 7 55.62 92.06 22.52
N LYS YA 8 56.19 91.64 23.66
CA LYS YA 8 57.50 92.14 24.05
C LYS YA 8 58.56 91.77 23.02
N LEU YA 9 58.52 90.53 22.53
CA LEU YA 9 59.49 90.10 21.53
C LEU YA 9 59.32 90.88 20.23
N GLY YA 10 58.08 91.11 19.81
CA GLY YA 10 57.85 91.90 18.62
C GLY YA 10 58.30 93.34 18.77
N ARG YA 11 58.24 93.86 20.00
CA ARG YA 11 58.69 95.23 20.25
C ARG YA 11 60.20 95.34 20.04
N LEU YA 12 60.96 94.36 20.54
CA LEU YA 12 62.41 94.40 20.41
C LEU YA 12 62.85 94.24 18.97
N VAL YA 13 62.14 93.42 18.19
CA VAL YA 13 62.53 93.16 16.81
C VAL YA 13 62.44 94.43 15.97
N LYS YA 14 61.34 95.19 16.12
CA LYS YA 14 61.20 96.42 15.36
C LYS YA 14 62.24 97.46 15.77
N ASP YA 15 62.76 97.37 16.99
CA ASP YA 15 63.72 98.33 17.49
C ASP YA 15 65.14 98.06 17.02
N MET YA 16 65.35 97.00 16.25
CA MET YA 16 66.65 96.68 15.66
C MET YA 16 67.70 96.39 16.74
N LYS YA 17 67.25 95.81 17.86
CA LYS YA 17 68.14 95.47 18.95
C LYS YA 17 68.54 94.00 18.98
N ILE YA 18 67.73 93.11 18.41
CA ILE YA 18 68.06 91.69 18.30
C ILE YA 18 68.66 91.46 16.92
N LYS YA 19 69.86 90.88 16.88
CA LYS YA 19 70.59 90.78 15.62
C LYS YA 19 69.93 89.79 14.67
N SER YA 20 69.49 88.64 15.17
CA SER YA 20 68.95 87.61 14.29
C SER YA 20 68.03 86.70 15.10
N LEU YA 21 67.13 86.02 14.38
CA LEU YA 21 66.24 85.07 15.02
C LEU YA 21 66.98 83.82 15.48
N GLU YA 22 68.21 83.63 15.01
CA GLU YA 22 69.04 82.55 15.57
C GLU YA 22 69.21 82.73 17.07
N GLU YA 23 69.12 83.96 17.55
CA GLU YA 23 69.25 84.23 18.98
C GLU YA 23 68.01 83.78 19.74
N ILE YA 24 66.82 84.05 19.21
CA ILE YA 24 65.60 83.76 19.95
C ILE YA 24 65.30 82.28 19.97
N TYR YA 25 65.80 81.51 19.00
CA TYR YA 25 65.68 80.07 19.07
C TYR YA 25 66.47 79.50 20.23
N LEU YA 26 67.56 80.17 20.62
CA LEU YA 26 68.38 79.67 21.73
C LEU YA 26 67.58 79.65 23.02
N PHE YA 27 66.75 80.66 23.25
CA PHE YA 27 65.93 80.72 24.45
C PHE YA 27 64.55 80.10 24.26
N SER YA 28 64.27 79.56 23.07
CA SER YA 28 63.05 78.81 22.79
C SER YA 28 61.79 79.64 23.03
N LEU YA 29 61.88 80.95 22.80
CA LEU YA 29 60.74 81.81 23.01
C LEU YA 29 59.68 81.54 21.95
N PRO YA 30 58.40 81.69 22.29
CA PRO YA 30 57.33 81.47 21.30
C PRO YA 30 57.16 82.68 20.40
N ILE YA 31 57.19 82.44 19.10
CA ILE YA 31 56.99 83.49 18.11
C ILE YA 31 55.51 83.55 17.79
N LYS YA 32 54.91 84.74 17.95
CA LYS YA 32 53.48 84.90 17.75
C LYS YA 32 53.12 85.97 16.72
N GLU YA 33 54.08 86.76 16.25
CA GLU YA 33 53.83 87.79 15.26
C GLU YA 33 54.40 87.38 13.91
N SER YA 34 53.60 87.48 12.86
CA SER YA 34 54.03 87.11 11.53
C SER YA 34 55.08 88.05 10.96
N GLU YA 35 55.31 89.19 11.59
CA GLU YA 35 56.28 90.15 11.09
C GLU YA 35 57.68 89.95 11.67
N ILE YA 36 57.80 89.19 12.76
CA ILE YA 36 59.12 88.88 13.31
C ILE YA 36 59.88 87.99 12.34
N ILE YA 37 59.18 87.09 11.65
CA ILE YA 37 59.82 86.15 10.75
C ILE YA 37 60.35 86.88 9.51
N ASP YA 38 59.45 87.55 8.78
CA ASP YA 38 59.86 88.19 7.53
C ASP YA 38 60.74 89.41 7.74
N PHE YA 39 60.88 89.88 8.98
CA PHE YA 39 61.85 90.93 9.27
C PHE YA 39 63.26 90.44 9.03
N PHE YA 40 63.57 89.20 9.42
CA PHE YA 40 64.90 88.63 9.28
C PHE YA 40 65.14 87.96 7.94
N LEU YA 41 64.18 87.18 7.45
CA LEU YA 41 64.38 86.34 6.28
C LEU YA 41 63.42 86.67 5.14
N GLY YA 42 62.60 87.72 5.28
CA GLY YA 42 61.58 88.00 4.28
C GLY YA 42 62.12 88.28 2.90
N ALA YA 43 63.42 88.60 2.80
CA ALA YA 43 64.03 88.79 1.50
C ALA YA 43 64.30 87.49 0.77
N SER YA 44 64.25 86.35 1.47
CA SER YA 44 64.63 85.07 0.87
C SER YA 44 63.70 83.93 1.27
N LEU YA 45 62.49 84.23 1.74
CA LEU YA 45 61.54 83.19 2.11
C LEU YA 45 60.70 82.81 0.90
N LYS YA 46 60.87 81.58 0.43
CA LYS YA 46 60.17 81.08 -0.75
C LYS YA 46 59.02 80.19 -0.32
N ASP YA 47 57.83 80.50 -0.82
CA ASP YA 47 56.62 79.77 -0.48
C ASP YA 47 56.17 78.87 -1.64
N GLU YA 48 55.29 77.93 -1.32
CA GLU YA 48 54.67 77.04 -2.29
C GLU YA 48 53.47 76.39 -1.64
N VAL YA 49 52.56 75.88 -2.47
CA VAL YA 49 51.36 75.23 -1.99
C VAL YA 49 51.49 73.73 -2.24
N LEU YA 50 51.46 72.95 -1.16
CA LEU YA 50 51.57 71.50 -1.29
C LEU YA 50 50.35 70.92 -2.01
N LYS YA 51 49.15 71.26 -1.55
CA LYS YA 51 47.93 70.76 -2.15
C LYS YA 51 46.75 71.61 -1.64
N ILE YA 52 45.63 71.49 -2.34
CA ILE YA 52 44.37 72.07 -1.93
C ILE YA 52 43.42 70.92 -1.65
N MET YA 53 42.91 70.84 -0.42
CA MET YA 53 42.14 69.69 0.03
C MET YA 53 40.72 70.12 0.37
N PRO YA 54 39.72 69.75 -0.44
CA PRO YA 54 38.31 70.16 -0.21
C PRO YA 54 37.50 69.27 0.73
N VAL YA 55 37.68 69.48 2.04
CA VAL YA 55 36.85 68.78 3.00
C VAL YA 55 35.45 69.39 3.02
N GLN YA 56 34.51 68.67 3.64
CA GLN YA 56 33.15 69.16 3.70
C GLN YA 56 32.40 68.48 4.84
N LYS YA 57 31.46 69.22 5.43
CA LYS YA 57 30.68 68.78 6.58
C LYS YA 57 29.23 68.62 6.17
N GLN YA 58 28.67 67.44 6.39
CA GLN YA 58 27.26 67.19 6.09
C GLN YA 58 26.39 67.97 7.06
N THR YA 59 25.33 68.58 6.54
CA THR YA 59 24.39 69.32 7.36
C THR YA 59 22.98 69.12 6.82
N ARG YA 60 22.03 69.86 7.39
CA ARG YA 60 20.63 69.66 7.05
C ARG YA 60 20.33 70.00 5.60
N ALA YA 61 20.86 71.13 5.12
CA ALA YA 61 20.62 71.60 3.76
C ALA YA 61 21.86 71.28 2.93
N GLY YA 62 21.91 70.05 2.41
CA GLY YA 62 23.09 69.65 1.67
C GLY YA 62 24.29 69.54 2.58
N GLN YA 63 25.48 69.66 1.98
CA GLN YA 63 26.73 69.65 2.72
C GLN YA 63 27.55 70.87 2.34
N ARG YA 64 28.18 71.48 3.33
CA ARG YA 64 28.91 72.73 3.14
C ARG YA 64 30.40 72.42 3.02
N THR YA 65 31.05 73.04 2.03
CA THR YA 65 32.40 72.71 1.63
C THR YA 65 33.35 73.80 2.09
N ARG YA 66 34.46 73.40 2.71
CA ARG YA 66 35.48 74.32 3.16
C ARG YA 66 36.84 73.80 2.71
N PHE YA 67 37.74 74.72 2.34
CA PHE YA 67 38.97 74.35 1.68
C PHE YA 67 40.16 74.41 2.64
N LYS YA 68 41.00 73.38 2.57
CA LYS YA 68 42.19 73.27 3.39
C LYS YA 68 43.42 73.29 2.50
N ALA YA 69 44.42 74.09 2.88
CA ALA YA 69 45.61 74.27 2.07
C ALA YA 69 46.86 74.06 2.90
N PHE YA 70 47.85 73.41 2.32
CA PHE YA 70 49.15 73.17 2.96
C PHE YA 70 50.19 74.00 2.23
N VAL YA 71 50.93 74.83 2.97
CA VAL YA 71 51.95 75.68 2.40
C VAL YA 71 53.23 75.50 3.20
N ALA YA 72 54.32 75.17 2.50
CA ALA YA 72 55.64 75.06 3.11
C ALA YA 72 56.52 76.20 2.61
N ILE YA 73 57.20 76.86 3.53
CA ILE YA 73 58.07 77.97 3.17
C ILE YA 73 59.48 77.70 3.69
N GLY YA 74 60.38 78.63 3.43
CA GLY YA 74 61.71 78.56 4.00
C GLY YA 74 62.80 78.97 3.03
N ASP YA 75 63.80 79.70 3.54
CA ASP YA 75 64.99 79.94 2.74
C ASP YA 75 65.69 78.62 2.45
N TYR YA 76 66.62 78.65 1.49
CA TYR YA 76 67.26 77.42 1.05
C TYR YA 76 68.51 77.10 1.85
N ASN YA 77 68.57 77.53 3.11
CA ASN YA 77 69.62 77.08 4.02
C ASN YA 77 69.14 77.25 5.46
N GLY YA 78 68.89 76.14 6.13
CA GLY YA 78 68.75 76.12 7.58
C GLY YA 78 67.41 76.51 8.16
N HIS YA 79 66.40 76.78 7.35
CA HIS YA 79 65.11 77.20 7.90
C HIS YA 79 63.98 76.68 7.03
N VAL YA 80 62.99 76.02 7.66
CA VAL YA 80 61.77 75.60 7.00
C VAL YA 80 60.58 75.81 7.92
N GLY YA 81 59.41 75.98 7.32
CA GLY YA 81 58.17 75.99 8.06
C GLY YA 81 57.09 75.27 7.27
N LEU YA 82 56.02 74.94 7.96
CA LEU YA 82 54.90 74.25 7.34
C LEU YA 82 53.63 74.60 8.11
N GLY YA 83 52.64 75.12 7.40
CA GLY YA 83 51.40 75.52 8.03
C GLY YA 83 50.21 75.06 7.21
N VAL YA 84 49.11 74.79 7.90
CA VAL YA 84 47.87 74.35 7.29
C VAL YA 84 46.74 75.24 7.80
N LYS YA 85 45.93 75.76 6.88
CA LYS YA 85 44.80 76.62 7.21
C LYS YA 85 43.59 76.12 6.45
N CYS YA 86 42.43 76.18 7.11
CA CYS YA 86 41.19 75.63 6.57
C CYS YA 86 40.15 76.75 6.61
N SER YA 87 39.59 77.10 5.45
CA SER YA 87 38.65 78.20 5.39
C SER YA 87 37.72 78.02 4.19
N LYS YA 88 36.72 78.91 4.12
CA LYS YA 88 35.71 78.82 3.06
C LYS YA 88 36.31 79.09 1.69
N GLU YA 89 37.17 80.09 1.57
CA GLU YA 89 37.72 80.49 0.28
C GLU YA 89 39.13 79.95 0.11
N VAL YA 90 39.43 79.48 -1.10
CA VAL YA 90 40.78 79.03 -1.39
C VAL YA 90 41.77 80.18 -1.30
N ALA YA 91 41.35 81.37 -1.74
CA ALA YA 91 42.23 82.54 -1.72
C ALA YA 91 42.65 82.89 -0.29
N THR YA 92 41.70 82.86 0.64
CA THR YA 92 42.04 83.17 2.03
C THR YA 92 42.64 82.00 2.77
N ALA YA 93 42.50 80.78 2.24
CA ALA YA 93 43.13 79.62 2.87
C ALA YA 93 44.62 79.60 2.63
N ILE YA 94 45.05 79.93 1.42
CA ILE YA 94 46.47 79.97 1.11
C ILE YA 94 47.15 81.11 1.83
N ARG YA 95 46.51 82.29 1.86
CA ARG YA 95 47.08 83.43 2.56
C ARG YA 95 47.23 83.14 4.06
N GLY YA 96 46.22 82.51 4.65
CA GLY YA 96 46.31 82.16 6.05
C GLY YA 96 47.39 81.12 6.33
N ALA YA 97 47.58 80.19 5.38
CA ALA YA 97 48.56 79.12 5.59
C ALA YA 97 49.98 79.68 5.60
N ILE YA 98 50.26 80.69 4.78
CA ILE YA 98 51.59 81.29 4.77
C ILE YA 98 51.88 81.95 6.11
N ILE YA 99 50.87 82.56 6.72
CA ILE YA 99 51.06 83.15 8.05
C ILE YA 99 51.41 82.06 9.06
N LEU YA 100 50.69 80.94 9.02
CA LEU YA 100 51.00 79.84 9.92
C LEU YA 100 52.35 79.20 9.59
N ALA YA 101 52.70 79.15 8.29
CA ALA YA 101 53.99 78.59 7.91
C ALA YA 101 55.14 79.42 8.47
N LYS YA 102 55.00 80.74 8.45
CA LYS YA 102 56.05 81.61 8.96
C LYS YA 102 56.26 81.42 10.46
N LEU YA 103 55.18 81.31 11.23
CA LEU YA 103 55.30 81.24 12.68
C LEU YA 103 55.85 79.91 13.18
N SER YA 104 55.95 78.91 12.31
CA SER YA 104 56.40 77.59 12.72
C SER YA 104 57.77 77.24 12.16
N ILE YA 105 58.59 78.24 11.84
CA ILE YA 105 59.90 77.98 11.27
C ILE YA 105 60.85 77.51 12.36
N VAL YA 106 61.51 76.38 12.10
CA VAL YA 106 62.49 75.81 13.03
C VAL YA 106 63.84 75.76 12.31
N PRO YA 107 64.95 75.78 13.04
CA PRO YA 107 66.26 75.66 12.38
C PRO YA 107 66.57 74.21 12.04
N VAL YA 108 67.34 74.03 10.98
CA VAL YA 108 67.71 72.71 10.49
C VAL YA 108 69.22 72.55 10.65
N ARG YA 109 69.62 71.51 11.38
CA ARG YA 109 71.04 71.21 11.56
C ARG YA 109 71.51 70.29 10.46
N ARG YA 110 72.55 70.70 9.75
CA ARG YA 110 73.12 69.94 8.66
C ARG YA 110 74.47 69.37 9.07
N GLY YA 111 74.69 68.10 8.78
CA GLY YA 111 75.91 67.43 9.20
C GLY YA 111 76.81 67.04 8.04
N TYR YA 112 77.66 66.04 8.26
CA TYR YA 112 78.61 65.58 7.27
C TYR YA 112 78.47 64.07 7.07
N TRP YA 113 78.80 63.63 5.87
CA TRP YA 113 78.96 62.21 5.57
C TRP YA 113 80.44 61.95 5.39
N GLY YA 114 81.00 61.08 6.23
CA GLY YA 114 82.42 60.84 6.14
C GLY YA 114 83.21 62.08 6.52
N ASN YA 115 84.25 62.36 5.74
CA ASN YA 115 85.18 63.44 6.09
C ASN YA 115 84.48 64.79 6.07
N LYS YA 116 84.88 65.65 7.00
CA LYS YA 116 84.21 66.93 7.25
C LYS YA 116 84.99 68.04 6.55
N ILE YA 117 84.71 68.21 5.26
CA ILE YA 117 85.37 69.20 4.42
C ILE YA 117 84.32 70.16 3.89
N GLY YA 118 84.59 71.45 3.96
CA GLY YA 118 83.70 72.44 3.41
C GLY YA 118 82.48 72.74 4.26
N LYS YA 119 81.33 72.86 3.63
CA LYS YA 119 80.08 73.13 4.33
C LYS YA 119 79.29 71.84 4.53
N PRO YA 120 78.45 71.79 5.56
CA PRO YA 120 77.58 70.63 5.74
C PRO YA 120 76.58 70.51 4.59
N HIS YA 121 76.22 69.27 4.27
CA HIS YA 121 75.35 68.99 3.14
C HIS YA 121 74.23 68.01 3.42
N THR YA 122 74.27 67.26 4.52
CA THR YA 122 73.26 66.27 4.82
C THR YA 122 72.87 66.35 6.29
N VAL YA 123 71.95 65.49 6.71
CA VAL YA 123 71.50 65.43 8.10
C VAL YA 123 72.64 64.92 8.96
N PRO YA 124 72.76 65.38 10.21
CA PRO YA 124 73.88 64.91 11.04
C PRO YA 124 73.85 63.42 11.33
N CYS YA 125 72.67 62.84 11.47
CA CYS YA 125 72.53 61.42 11.79
C CYS YA 125 71.15 60.97 11.32
N LYS YA 126 70.77 59.77 11.73
CA LYS YA 126 69.48 59.18 11.34
C LYS YA 126 68.40 59.70 12.27
N VAL YA 127 67.45 60.46 11.72
CA VAL YA 127 66.34 61.00 12.49
C VAL YA 127 65.05 60.46 11.91
N THR YA 128 64.04 60.34 12.77
CA THR YA 128 62.75 59.77 12.40
C THR YA 128 61.63 60.70 12.83
N GLY YA 129 60.65 60.89 11.94
CA GLY YA 129 59.49 61.71 12.25
C GLY YA 129 58.23 60.90 12.11
N ARG YA 130 57.23 61.23 12.93
CA ARG YA 130 55.97 60.50 12.92
C ARG YA 130 54.80 61.46 13.10
N CYS YA 131 53.68 61.09 12.50
CA CYS YA 131 52.37 61.65 12.79
C CYS YA 131 51.33 60.77 12.12
N GLY YA 132 50.25 60.49 12.82
CA GLY YA 132 49.30 59.51 12.31
C GLY YA 132 49.97 58.15 12.22
N SER YA 133 49.85 57.51 11.07
CA SER YA 133 50.50 56.24 10.82
C SER YA 133 51.72 56.36 9.93
N VAL YA 134 52.08 57.58 9.51
CA VAL YA 134 53.16 57.79 8.56
C VAL YA 134 54.47 57.93 9.33
N LEU YA 135 55.47 57.17 8.92
CA LEU YA 135 56.80 57.21 9.50
C LEU YA 135 57.80 57.61 8.42
N VAL YA 136 58.60 58.63 8.68
CA VAL YA 136 59.61 59.09 7.74
C VAL YA 136 60.98 58.99 8.41
N ARG YA 137 61.90 58.33 7.73
CA ARG YA 137 63.28 58.19 8.19
C ARG YA 137 64.22 58.92 7.24
N LEU YA 138 65.19 59.62 7.81
CA LEU YA 138 66.18 60.37 7.03
C LEU YA 138 67.57 59.82 7.33
N ILE YA 139 68.29 59.44 6.28
CA ILE YA 139 69.60 58.82 6.39
C ILE YA 139 70.62 59.73 5.73
N PRO YA 140 71.76 60.01 6.37
CA PRO YA 140 72.78 60.83 5.72
C PRO YA 140 73.32 60.15 4.46
N ALA YA 141 73.69 60.97 3.49
CA ALA YA 141 74.13 60.52 2.19
C ALA YA 141 75.44 61.19 1.80
N PRO YA 142 76.26 60.57 0.97
CA PRO YA 142 77.50 61.20 0.52
C PRO YA 142 77.21 62.38 -0.40
N ARG YA 143 78.20 63.26 -0.50
CA ARG YA 143 78.04 64.48 -1.28
C ARG YA 143 77.73 64.14 -2.74
N GLY YA 144 76.81 64.90 -3.33
CA GLY YA 144 76.42 64.70 -4.71
C GLY YA 144 75.34 63.66 -4.93
N THR YA 145 74.89 62.97 -3.87
CA THR YA 145 73.87 61.94 -4.04
C THR YA 145 72.53 62.56 -4.45
N GLY YA 146 72.19 63.70 -3.88
CA GLY YA 146 70.88 64.30 -4.07
C GLY YA 146 69.87 63.75 -3.08
N ILE YA 147 68.71 64.40 -3.05
CA ILE YA 147 67.63 64.02 -2.14
C ILE YA 147 66.82 62.93 -2.84
N VAL YA 148 67.10 61.68 -2.50
CA VAL YA 148 66.41 60.54 -3.09
C VAL YA 148 65.21 60.24 -2.20
N SER YA 149 64.01 60.57 -2.70
CA SER YA 149 62.82 60.51 -1.86
C SER YA 149 61.59 60.68 -2.74
N ALA YA 150 60.43 60.76 -2.09
CA ALA YA 150 59.18 61.00 -2.77
C ALA YA 150 59.07 62.47 -3.14
N PRO YA 151 58.17 62.82 -4.07
CA PRO YA 151 58.08 64.23 -4.51
C PRO YA 151 57.76 65.22 -3.41
N VAL YA 152 56.92 64.86 -2.44
CA VAL YA 152 56.49 65.84 -1.45
C VAL YA 152 57.51 66.06 -0.33
N PRO YA 153 58.22 65.06 0.22
CA PRO YA 153 59.26 65.40 1.19
C PRO YA 153 60.54 65.92 0.54
N LYS YA 154 60.72 65.66 -0.76
CA LYS YA 154 61.89 66.20 -1.45
C LYS YA 154 61.86 67.72 -1.47
N LYS YA 155 60.70 68.29 -1.77
CA LYS YA 155 60.60 69.75 -1.83
C LYS YA 155 60.51 70.40 -0.45
N LEU YA 156 60.18 69.62 0.58
CA LEU YA 156 60.38 70.11 1.94
C LEU YA 156 61.84 70.03 2.35
N LEU YA 157 62.53 68.96 1.94
CA LEU YA 157 63.95 68.82 2.25
C LEU YA 157 64.81 69.71 1.37
N MET YA 158 64.35 70.00 0.15
CA MET YA 158 65.14 70.84 -0.75
C MET YA 158 65.34 72.23 -0.18
N MET YA 159 64.27 72.86 0.29
CA MET YA 159 64.34 74.21 0.85
C MET YA 159 64.67 74.22 2.34
N ALA YA 160 65.27 73.16 2.86
CA ALA YA 160 65.85 73.16 4.19
C ALA YA 160 67.35 73.40 4.17
N GLY YA 161 67.94 73.57 2.99
CA GLY YA 161 69.37 73.62 2.85
C GLY YA 161 70.03 72.28 2.62
N ILE YA 162 69.32 71.18 2.87
CA ILE YA 162 69.87 69.86 2.61
C ILE YA 162 69.83 69.59 1.11
N ASP YA 163 70.92 69.03 0.58
CA ASP YA 163 71.00 68.76 -0.84
C ASP YA 163 71.31 67.30 -1.16
N ASP YA 164 71.39 66.43 -0.15
CA ASP YA 164 71.56 65.00 -0.38
C ASP YA 164 71.19 64.23 0.89
N CYS YA 165 70.38 63.20 0.73
CA CYS YA 165 69.84 62.46 1.86
C CYS YA 165 69.10 61.23 1.34
N TYR YA 166 69.19 60.14 2.10
CA TYR YA 166 68.39 58.94 1.85
C TYR YA 166 67.16 58.96 2.75
N THR YA 167 66.04 58.49 2.22
CA THR YA 167 64.78 58.53 2.95
C THR YA 167 64.11 57.17 2.92
N SER YA 168 63.25 56.94 3.90
CA SER YA 168 62.38 55.78 3.93
C SER YA 168 61.05 56.19 4.54
N ALA YA 169 59.96 55.63 4.02
CA ALA YA 169 58.63 56.00 4.47
C ALA YA 169 57.79 54.76 4.69
N ARG YA 170 57.09 54.72 5.81
CA ARG YA 170 56.12 53.68 6.14
C ARG YA 170 54.78 54.33 6.40
N GLY YA 171 53.71 53.58 6.18
CA GLY YA 171 52.37 54.05 6.44
C GLY YA 171 51.67 54.51 5.19
N CYS YA 172 50.52 55.15 5.40
CA CYS YA 172 49.69 55.64 4.29
C CYS YA 172 50.22 57.01 3.84
N THR YA 173 51.35 56.97 3.13
CA THR YA 173 51.96 58.18 2.61
C THR YA 173 51.10 58.88 1.56
N ALA YA 174 50.08 58.19 1.02
CA ALA YA 174 49.14 58.87 0.13
C ALA YA 174 48.39 59.98 0.84
N THR YA 175 48.27 59.90 2.15
CA THR YA 175 47.74 61.02 2.94
C THR YA 175 48.80 62.11 2.97
N LEU YA 176 48.61 63.14 2.14
CA LEU YA 176 49.65 64.15 1.99
C LEU YA 176 49.84 64.96 3.27
N GLY YA 177 48.77 65.20 4.02
CA GLY YA 177 48.89 65.99 5.23
C GLY YA 177 49.86 65.39 6.22
N ASN YA 178 49.72 64.10 6.49
CA ASN YA 178 50.59 63.44 7.46
C ASN YA 178 51.98 63.22 6.88
N PHE YA 179 52.07 62.84 5.61
CA PHE YA 179 53.38 62.62 4.99
C PHE YA 179 54.18 63.92 4.92
N ALA YA 180 53.50 65.07 4.80
CA ALA YA 180 54.20 66.34 4.77
C ALA YA 180 54.73 66.71 6.15
N LYS YA 181 53.90 66.58 7.19
CA LYS YA 181 54.29 67.03 8.52
C LYS YA 181 54.92 65.93 9.36
N ALA YA 182 55.05 64.72 8.82
CA ALA YA 182 55.95 63.74 9.45
C ALA YA 182 57.39 64.08 9.14
N THR YA 183 57.68 64.49 7.90
CA THR YA 183 59.01 64.96 7.56
C THR YA 183 59.38 66.20 8.35
N PHE YA 184 58.42 67.12 8.49
CA PHE YA 184 58.65 68.32 9.29
C PHE YA 184 58.97 67.98 10.74
N ASP YA 185 58.47 66.84 11.24
CA ASP YA 185 58.82 66.43 12.59
C ASP YA 185 60.23 65.88 12.65
N ALA YA 186 60.63 65.08 11.66
CA ALA YA 186 61.99 64.55 11.63
C ALA YA 186 63.01 65.66 11.47
N ILE YA 187 62.73 66.65 10.62
CA ILE YA 187 63.65 67.76 10.42
C ILE YA 187 63.78 68.60 11.67
N SER YA 188 62.68 68.73 12.43
CA SER YA 188 62.70 69.59 13.61
C SER YA 188 63.61 69.05 14.70
N LYS YA 189 63.68 67.73 14.86
CA LYS YA 189 64.45 67.13 15.93
C LYS YA 189 65.91 66.86 15.56
N THR YA 190 66.41 67.51 14.52
CA THR YA 190 67.84 67.41 14.22
C THR YA 190 68.68 68.13 15.28
N TYR YA 191 68.20 69.28 15.76
CA TYR YA 191 68.91 69.98 16.83
C TYR YA 191 68.68 69.34 18.20
N SER YA 192 67.50 68.74 18.42
CA SER YA 192 67.22 68.12 19.70
C SER YA 192 67.99 66.82 19.92
N TYR YA 193 68.65 66.29 18.88
CA TYR YA 193 69.40 65.06 19.01
C TYR YA 193 70.78 65.38 19.58
N LEU YA 194 71.14 64.71 20.67
CA LEU YA 194 72.40 64.96 21.36
C LEU YA 194 73.51 64.16 20.68
N THR YA 195 74.62 64.84 20.41
CA THR YA 195 75.78 64.34 19.70
C THR YA 195 77.03 64.59 20.53
N PRO YA 196 78.04 63.72 20.48
CA PRO YA 196 79.23 63.90 21.32
C PRO YA 196 79.94 65.22 21.13
N ASP YA 197 79.67 65.94 20.04
CA ASP YA 197 80.28 67.25 19.86
C ASP YA 197 79.58 68.35 20.65
N LEU YA 198 78.36 68.09 21.13
CA LEU YA 198 77.62 69.05 21.95
C LEU YA 198 77.69 68.73 23.44
N TRP YA 199 78.56 67.81 23.84
CA TRP YA 199 78.68 67.45 25.25
C TRP YA 199 79.23 68.59 26.10
N LYS YA 200 79.89 69.56 25.49
CA LYS YA 200 80.47 70.67 26.24
C LYS YA 200 79.39 71.45 26.98
N GLU YA 201 79.67 71.76 28.25
CA GLU YA 201 78.67 72.43 29.09
C GLU YA 201 78.33 73.81 28.53
N THR YA 202 77.08 74.20 28.70
CA THR YA 202 76.55 75.42 28.11
C THR YA 202 76.79 76.62 29.01
N VAL YA 203 77.21 77.72 28.40
CA VAL YA 203 77.35 79.00 29.12
C VAL YA 203 76.11 79.83 28.85
N PHE YA 204 75.50 80.36 29.90
CA PHE YA 204 74.20 81.00 29.80
C PHE YA 204 74.36 82.49 29.51
N THR YA 205 73.69 82.95 28.45
CA THR YA 205 73.67 84.35 28.04
C THR YA 205 72.39 85.00 28.56
N LYS YA 206 72.47 86.30 28.85
CA LYS YA 206 71.32 87.02 29.37
C LYS YA 206 70.21 87.07 28.33
N SER YA 207 68.99 86.79 28.77
CA SER YA 207 67.85 86.70 27.87
C SER YA 207 67.48 88.08 27.32
N PRO YA 208 66.91 88.13 26.12
CA PRO YA 208 66.45 89.43 25.59
C PRO YA 208 65.41 90.11 26.46
N TYR YA 209 64.63 89.35 27.23
CA TYR YA 209 63.74 89.97 28.20
C TYR YA 209 64.51 90.54 29.38
N GLN YA 210 65.70 90.00 29.65
CA GLN YA 210 66.57 90.50 30.71
C GLN YA 210 67.59 91.50 30.19
N GLU YA 211 68.13 91.27 28.99
CA GLU YA 211 69.19 92.15 28.49
C GLU YA 211 68.62 93.52 28.11
N PHE YA 212 67.40 93.56 27.60
CA PHE YA 212 66.73 94.80 27.23
C PHE YA 212 65.55 95.08 28.15
N THR YA 213 65.71 94.78 29.45
CA THR YA 213 64.63 95.02 30.39
C THR YA 213 64.38 96.50 30.62
N ASP YA 214 65.40 97.34 30.45
CA ASP YA 214 65.22 98.77 30.63
C ASP YA 214 64.48 99.40 29.47
N HIS YA 215 64.77 98.97 28.24
CA HIS YA 215 64.17 99.57 27.06
C HIS YA 215 62.68 99.25 26.97
N LEU YA 216 62.29 98.06 27.44
CA LEU YA 216 60.88 97.67 27.33
C LEU YA 216 60.00 98.52 28.23
N VAL YA 217 60.53 98.94 29.38
CA VAL YA 217 59.75 99.76 30.31
C VAL YA 217 59.45 101.12 29.70
N LYS YA 218 60.44 101.73 29.03
CA LYS YA 218 60.25 103.05 28.47
C LYS YA 218 59.26 103.05 27.31
N THR YA 219 59.37 102.07 26.42
CA THR YA 219 58.59 102.12 25.18
C THR YA 219 57.09 101.96 25.43
N HIS YA 220 56.70 101.02 26.30
CA HIS YA 220 55.28 100.85 26.62
C HIS YA 220 55.15 99.99 27.88
N THR YA 221 54.24 100.39 28.76
CA THR YA 221 53.93 99.62 29.95
C THR YA 221 52.50 99.10 29.89
N ALA ZA 1 -4.50 121.54 -19.52
CA ALA ZA 1 -5.71 122.27 -19.12
C ALA ZA 1 -6.92 121.34 -19.06
N VAL ZA 2 -6.67 120.09 -18.68
CA VAL ZA 2 -7.73 119.10 -18.51
C VAL ZA 2 -8.11 118.92 -17.05
N GLN ZA 3 -7.44 119.61 -16.13
CA GLN ZA 3 -7.68 119.55 -14.68
C GLN ZA 3 -7.91 118.12 -14.21
N ILE ZA 4 -6.88 117.30 -14.38
CA ILE ZA 4 -6.93 115.93 -13.88
C ILE ZA 4 -6.95 115.95 -12.35
N SER ZA 5 -7.61 114.95 -11.76
CA SER ZA 5 -7.75 114.92 -10.32
C SER ZA 5 -6.41 114.68 -9.64
N LYS ZA 6 -6.33 115.08 -8.37
CA LYS ZA 6 -5.06 115.01 -7.65
C LYS ZA 6 -4.59 113.57 -7.47
N LYS ZA 7 -5.52 112.63 -7.29
CA LYS ZA 7 -5.13 111.23 -7.13
C LYS ZA 7 -4.42 110.73 -8.39
N ARG ZA 8 -4.95 111.06 -9.56
CA ARG ZA 8 -4.32 110.63 -10.81
C ARG ZA 8 -3.09 111.47 -11.14
N LYS ZA 9 -3.09 112.74 -10.78
CA LYS ZA 9 -1.93 113.58 -11.02
C LYS ZA 9 -0.71 113.07 -10.26
N PHE ZA 10 -0.87 112.85 -8.94
CA PHE ZA 10 0.24 112.36 -8.14
C PHE ZA 10 0.75 111.02 -8.63
N VAL ZA 11 -0.10 110.24 -9.29
CA VAL ZA 11 0.35 109.05 -10.00
C VAL ZA 11 1.10 109.43 -11.27
N ALA ZA 12 0.55 110.39 -12.02
CA ALA ZA 12 1.11 110.72 -13.33
C ALA ZA 12 2.52 111.28 -13.23
N ASP ZA 13 2.76 112.16 -12.26
CA ASP ZA 13 4.12 112.66 -12.07
C ASP ZA 13 5.00 111.64 -11.38
N GLY ZA 14 4.41 110.77 -10.55
CA GLY ZA 14 5.18 109.69 -9.96
C GLY ZA 14 5.65 108.68 -10.98
N ILE ZA 15 4.80 108.36 -11.96
CA ILE ZA 15 5.18 107.41 -13.01
C ILE ZA 15 6.05 108.08 -14.05
N PHE ZA 16 6.04 109.41 -14.12
CA PHE ZA 16 6.95 110.13 -15.01
C PHE ZA 16 8.40 109.91 -14.59
N LYS ZA 17 8.67 109.94 -13.28
CA LYS ZA 17 10.01 109.68 -12.78
C LYS ZA 17 10.47 108.26 -13.10
N ALA ZA 18 9.55 107.29 -12.99
CA ALA ZA 18 9.89 105.91 -13.33
C ALA ZA 18 10.23 105.77 -14.80
N GLU ZA 19 9.47 106.42 -15.68
CA GLU ZA 19 9.79 106.41 -17.10
C GLU ZA 19 11.10 107.14 -17.37
N LEU ZA 20 11.28 108.31 -16.73
CA LEU ZA 20 12.49 109.09 -16.97
C LEU ZA 20 13.74 108.33 -16.56
N ASN ZA 21 13.72 107.72 -15.37
CA ASN ZA 21 14.91 107.06 -14.85
C ASN ZA 21 15.28 105.84 -15.68
N GLU ZA 22 14.30 105.00 -15.99
CA GLU ZA 22 14.59 103.73 -16.64
C GLU ZA 22 15.22 103.95 -18.02
N PHE ZA 23 14.71 104.91 -18.78
CA PHE ZA 23 15.29 105.21 -20.08
C PHE ZA 23 16.73 105.68 -19.94
N LEU ZA 24 16.99 106.55 -18.96
CA LEU ZA 24 18.34 107.05 -18.76
C LEU ZA 24 19.31 105.97 -18.32
N THR ZA 25 18.81 104.89 -17.72
CA THR ZA 25 19.71 103.82 -17.25
C THR ZA 25 20.40 103.14 -18.42
N ARG ZA 26 19.64 102.73 -19.43
CA ARG ZA 26 20.24 102.16 -20.62
C ARG ZA 26 20.83 103.23 -21.53
N GLU ZA 27 20.65 104.50 -21.20
CA GLU ZA 27 21.36 105.59 -21.86
C GLU ZA 27 22.72 105.88 -21.24
N LEU ZA 28 22.85 105.79 -19.93
CA LEU ZA 28 24.06 106.19 -19.24
C LEU ZA 28 24.69 105.04 -18.45
N ALA ZA 29 24.42 103.81 -18.88
CA ALA ZA 29 24.95 102.65 -18.16
C ALA ZA 29 26.47 102.62 -18.21
N GLU ZA 30 27.05 103.04 -19.33
CA GLU ZA 30 28.51 103.02 -19.46
C GLU ZA 30 29.17 103.96 -18.47
N ASP ZA 31 28.59 105.15 -18.26
CA ASP ZA 31 29.28 106.25 -17.61
C ASP ZA 31 28.92 106.39 -16.14
N GLY ZA 32 28.67 105.28 -15.45
CA GLY ZA 32 28.42 105.31 -14.02
C GLY ZA 32 27.19 106.09 -13.61
N TYR ZA 33 26.08 105.86 -14.31
CA TYR ZA 33 24.82 106.50 -13.95
C TYR ZA 33 24.45 106.18 -12.51
N SER ZA 34 24.04 107.20 -11.76
CA SER ZA 34 23.62 107.04 -10.37
C SER ZA 34 22.12 107.25 -10.20
N GLY ZA 35 21.60 108.39 -10.63
CA GLY ZA 35 20.18 108.64 -10.48
C GLY ZA 35 19.81 110.01 -11.00
N VAL ZA 36 18.53 110.34 -10.87
CA VAL ZA 36 17.99 111.61 -11.32
C VAL ZA 36 16.97 112.10 -10.32
N GLU ZA 37 17.01 113.40 -10.02
CA GLU ZA 37 15.98 114.05 -9.21
C GLU ZA 37 15.34 115.17 -10.02
N VAL ZA 38 14.05 115.37 -9.80
CA VAL ZA 38 13.23 116.30 -10.58
C VAL ZA 38 12.83 117.45 -9.68
N ARG ZA 39 13.10 118.68 -10.12
CA ARG ZA 39 12.71 119.89 -9.42
C ARG ZA 39 11.73 120.64 -10.30
N VAL ZA 40 10.49 120.78 -9.85
CA VAL ZA 40 9.45 121.43 -10.61
C VAL ZA 40 9.39 122.90 -10.18
N THR ZA 41 9.62 123.78 -11.15
CA THR ZA 41 9.49 125.22 -10.98
C THR ZA 41 8.53 125.78 -12.01
N PRO ZA 42 7.86 126.89 -11.70
CA PRO ZA 42 6.89 127.46 -12.66
C PRO ZA 42 7.54 127.77 -14.00
N THR ZA 43 6.84 127.40 -15.07
CA THR ZA 43 7.15 127.65 -16.48
C THR ZA 43 8.37 126.89 -16.98
N ARG ZA 44 9.11 126.18 -16.12
CA ARG ZA 44 10.28 125.42 -16.55
C ARG ZA 44 10.66 124.45 -15.45
N THR ZA 45 10.68 123.16 -15.76
CA THR ZA 45 11.05 122.14 -14.78
C THR ZA 45 12.56 121.93 -14.77
N GLU ZA 46 13.04 121.30 -13.70
CA GLU ZA 46 14.46 121.09 -13.50
C GLU ZA 46 14.71 119.62 -13.23
N ILE ZA 47 15.53 118.99 -14.06
CA ILE ZA 47 15.97 117.61 -13.86
C ILE ZA 47 17.48 117.57 -13.92
N ILE ZA 48 18.09 116.88 -12.97
CA ILE ZA 48 19.54 116.78 -12.85
C ILE ZA 48 19.92 115.31 -12.90
N ILE ZA 49 20.95 114.99 -13.67
CA ILE ZA 49 21.45 113.62 -13.79
C ILE ZA 49 22.71 113.49 -12.94
N LEU ZA 50 22.71 112.54 -12.02
CA LEU ZA 50 23.88 112.23 -11.21
C LEU ZA 50 24.70 111.15 -11.91
N ALA ZA 51 26.02 111.32 -11.90
CA ALA ZA 51 26.91 110.37 -12.56
C ALA ZA 51 28.29 110.47 -11.91
N THR ZA 52 29.20 109.63 -12.41
CA THR ZA 52 30.56 109.59 -11.89
C THR ZA 52 31.62 110.00 -12.91
N ARG ZA 53 31.37 109.84 -14.21
CA ARG ZA 53 32.28 110.30 -15.26
C ARG ZA 53 31.46 111.22 -16.17
N THR ZA 54 31.44 112.50 -15.82
CA THR ZA 54 30.53 113.44 -16.47
C THR ZA 54 30.96 113.79 -17.89
N GLN ZA 55 32.28 113.88 -18.12
CA GLN ZA 55 32.74 114.33 -19.44
C GLN ZA 55 32.27 113.42 -20.56
N ASN ZA 56 32.00 112.14 -20.28
CA ASN ZA 56 31.40 111.27 -21.29
C ASN ZA 56 29.93 111.64 -21.53
N VAL ZA 57 29.15 111.81 -20.47
CA VAL ZA 57 27.73 112.08 -20.65
C VAL ZA 57 27.52 113.48 -21.21
N LEU ZA 58 28.33 114.45 -20.76
CA LEU ZA 58 28.20 115.80 -21.27
C LEU ZA 58 28.58 115.87 -22.75
N GLY ZA 59 29.61 115.13 -23.14
CA GLY ZA 59 30.01 115.06 -24.53
C GLY ZA 59 30.86 116.25 -24.95
N GLU ZA 60 31.15 116.29 -26.25
CA GLU ZA 60 31.91 117.39 -26.82
C GLU ZA 60 31.06 118.65 -26.85
N LYS ZA 61 31.60 119.75 -26.32
CA LYS ZA 61 30.94 121.05 -26.24
C LYS ZA 61 29.49 120.93 -25.74
N GLY ZA 62 29.23 119.91 -24.92
CA GLY ZA 62 27.88 119.62 -24.48
C GLY ZA 62 26.95 119.13 -25.58
N ARG ZA 63 27.43 118.25 -26.44
CA ARG ZA 63 26.59 117.72 -27.51
C ARG ZA 63 25.64 116.64 -26.98
N ARG ZA 64 26.19 115.64 -26.29
CA ARG ZA 64 25.38 114.52 -25.84
C ARG ZA 64 24.28 114.95 -24.88
N ILE ZA 65 24.54 115.95 -24.04
CA ILE ZA 65 23.50 116.43 -23.14
C ILE ZA 65 22.37 117.09 -23.92
N ARG ZA 66 22.70 117.79 -25.02
CA ARG ZA 66 21.68 118.52 -25.75
C ARG ZA 66 20.80 117.59 -26.56
N GLU ZA 67 21.36 116.51 -27.11
CA GLU ZA 67 20.53 115.56 -27.84
C GLU ZA 67 19.61 114.79 -26.90
N LEU ZA 68 20.02 114.60 -25.65
CA LEU ZA 68 19.12 114.02 -24.65
C LEU ZA 68 17.99 114.98 -24.30
N THR ZA 69 18.28 116.29 -24.26
CA THR ZA 69 17.22 117.25 -24.00
C THR ZA 69 16.16 117.22 -25.10
N ALA ZA 70 16.59 117.02 -26.34
CA ALA ZA 70 15.65 117.02 -27.46
C ALA ZA 70 14.67 115.84 -27.37
N VAL ZA 71 15.17 114.65 -27.04
CA VAL ZA 71 14.28 113.48 -26.97
C VAL ZA 71 13.36 113.59 -25.77
N VAL ZA 72 13.86 114.09 -24.64
CA VAL ZA 72 13.04 114.17 -23.43
C VAL ZA 72 11.86 115.10 -23.65
N GLN ZA 73 12.10 116.26 -24.27
CA GLN ZA 73 11.00 117.18 -24.51
C GLN ZA 73 10.05 116.64 -25.58
N LYS ZA 74 10.56 115.82 -26.49
CA LYS ZA 74 9.74 115.33 -27.60
C LYS ZA 74 8.78 114.24 -27.16
N ARG ZA 75 9.29 113.23 -26.43
CA ARG ZA 75 8.48 112.06 -26.09
C ARG ZA 75 7.47 112.37 -25.00
N PHE ZA 76 7.84 113.16 -24.00
CA PHE ZA 76 6.88 113.59 -22.99
C PHE ZA 76 6.01 114.75 -23.43
N GLY ZA 77 6.26 115.29 -24.63
CA GLY ZA 77 5.45 116.38 -25.13
C GLY ZA 77 5.73 117.73 -24.52
N PHE ZA 78 6.87 117.89 -23.87
CA PHE ZA 78 7.19 119.16 -23.23
C PHE ZA 78 7.33 120.26 -24.29
N PRO ZA 79 6.81 121.46 -24.02
CA PRO ZA 79 7.01 122.57 -24.95
C PRO ZA 79 8.47 122.98 -25.00
N GLU ZA 80 8.80 123.76 -26.03
CA GLU ZA 80 10.18 124.16 -26.24
C GLU ZA 80 10.70 124.97 -25.07
N GLY ZA 81 11.93 124.67 -24.65
CA GLY ZA 81 12.60 125.43 -23.61
C GLY ZA 81 12.09 125.20 -22.20
N SER ZA 82 11.11 124.32 -22.02
CA SER ZA 82 10.56 124.05 -20.70
C SER ZA 82 11.40 123.07 -19.90
N VAL ZA 83 12.38 122.42 -20.52
CA VAL ZA 83 13.23 121.44 -19.85
C VAL ZA 83 14.69 121.78 -20.13
N GLU ZA 84 15.54 121.43 -19.17
CA GLU ZA 84 16.99 121.48 -19.39
C GLU ZA 84 17.64 120.54 -18.40
N LEU ZA 85 18.78 119.99 -18.79
CA LEU ZA 85 19.42 118.89 -18.07
C LEU ZA 85 20.72 119.37 -17.43
N TYR ZA 86 20.95 118.97 -16.20
CA TYR ZA 86 22.22 119.15 -15.51
C TYR ZA 86 22.90 117.79 -15.30
N ALA ZA 87 24.22 117.81 -15.28
CA ALA ZA 87 25.02 116.64 -14.95
C ALA ZA 87 26.11 117.07 -13.98
N GLU ZA 88 26.20 116.42 -12.83
CA GLU ZA 88 27.18 116.77 -11.82
C GLU ZA 88 27.71 115.51 -11.14
N LYS ZA 89 28.90 115.65 -10.55
CA LYS ZA 89 29.59 114.53 -9.94
C LYS ZA 89 28.93 114.12 -8.63
N VAL ZA 90 29.22 112.89 -8.20
CA VAL ZA 90 28.70 112.36 -6.96
C VAL ZA 90 29.81 112.31 -5.92
N ALA ZA 91 29.42 112.26 -4.65
CA ALA ZA 91 30.36 112.22 -3.54
C ALA ZA 91 30.51 110.79 -3.05
N THR ZA 92 31.73 110.27 -3.08
CA THR ZA 92 32.06 108.91 -2.66
C THR ZA 92 31.22 107.90 -3.45
N ARG ZA 93 31.53 107.85 -4.75
CA ARG ZA 93 30.85 106.93 -5.66
C ARG ZA 93 30.85 105.49 -5.15
N GLY ZA 94 31.81 105.13 -4.30
CA GLY ZA 94 31.84 103.79 -3.75
C GLY ZA 94 30.70 103.47 -2.82
N LEU ZA 95 30.05 104.49 -2.27
CA LEU ZA 95 28.89 104.30 -1.39
C LEU ZA 95 27.57 104.31 -2.15
N CYS ZA 96 27.62 104.32 -3.49
CA CYS ZA 96 26.42 104.22 -4.30
C CYS ZA 96 26.26 102.78 -4.76
N ALA ZA 97 25.08 102.21 -4.52
CA ALA ZA 97 24.85 100.80 -4.83
C ALA ZA 97 24.68 100.57 -6.33
N ILE ZA 98 24.04 101.52 -7.02
CA ILE ZA 98 23.77 101.31 -8.45
C ILE ZA 98 24.99 101.62 -9.30
N ALA ZA 99 25.82 102.59 -8.90
CA ALA ZA 99 27.02 102.89 -9.66
C ALA ZA 99 28.02 101.73 -9.57
N GLN ZA 100 28.15 101.13 -8.39
CA GLN ZA 100 29.09 100.03 -8.23
C GLN ZA 100 28.57 98.75 -8.88
N ALA ZA 101 27.26 98.58 -8.96
CA ALA ZA 101 26.72 97.43 -9.67
C ALA ZA 101 27.09 97.50 -11.14
N GLU ZA 102 27.05 98.69 -11.74
CA GLU ZA 102 27.42 98.83 -13.14
C GLU ZA 102 28.93 98.72 -13.32
N SER ZA 103 29.70 99.24 -12.37
CA SER ZA 103 31.16 99.12 -12.48
C SER ZA 103 31.59 97.66 -12.49
N LEU ZA 104 30.97 96.83 -11.65
CA LEU ZA 104 31.23 95.40 -11.69
C LEU ZA 104 30.71 94.79 -12.99
N ARG ZA 105 29.60 95.32 -13.50
CA ARG ZA 105 29.00 94.75 -14.71
C ARG ZA 105 29.94 94.84 -15.89
N TYR ZA 106 30.60 95.98 -16.06
CA TYR ZA 106 31.51 96.15 -17.18
C TYR ZA 106 32.85 95.45 -16.98
N LYS ZA 107 33.22 95.14 -15.74
CA LYS ZA 107 34.41 94.33 -15.50
C LYS ZA 107 34.21 92.92 -16.03
N LEU ZA 108 33.06 92.30 -15.71
CA LEU ZA 108 32.79 90.95 -16.18
C LEU ZA 108 32.64 90.91 -17.69
N LEU ZA 109 32.16 91.99 -18.30
CA LEU ZA 109 32.07 92.05 -19.75
C LEU ZA 109 33.45 91.99 -20.39
N GLY ZA 110 34.49 92.39 -19.65
CA GLY ZA 110 35.86 92.28 -20.11
C GLY ZA 110 36.49 90.92 -19.94
N GLY ZA 111 35.78 89.98 -19.33
CA GLY ZA 111 36.27 88.63 -19.17
C GLY ZA 111 37.05 88.34 -17.91
N LEU ZA 112 36.96 89.19 -16.89
CA LEU ZA 112 37.69 88.97 -15.66
C LEU ZA 112 37.13 87.79 -14.89
N ALA ZA 113 37.96 87.24 -14.00
CA ALA ZA 113 37.52 86.16 -13.14
C ALA ZA 113 36.50 86.67 -12.12
N VAL ZA 114 35.48 85.85 -11.86
CA VAL ZA 114 34.39 86.27 -10.98
C VAL ZA 114 34.92 86.62 -9.60
N ARG ZA 115 35.79 85.76 -9.06
CA ARG ZA 115 36.36 86.02 -7.75
C ARG ZA 115 37.22 87.29 -7.76
N ARG ZA 116 38.05 87.46 -8.78
CA ARG ZA 116 38.88 88.66 -8.88
C ARG ZA 116 38.03 89.90 -9.09
N ALA ZA 117 37.01 89.81 -9.94
CA ALA ZA 117 36.16 90.97 -10.21
C ALA ZA 117 35.43 91.42 -8.95
N CYS ZA 118 34.89 90.48 -8.17
CA CYS ZA 118 34.10 90.85 -7.01
C CYS ZA 118 34.97 91.30 -5.84
N TYR ZA 119 36.20 90.80 -5.72
CA TYR ZA 119 37.10 91.29 -4.68
C TYR ZA 119 37.47 92.74 -4.93
N GLY ZA 120 37.72 93.10 -6.19
CA GLY ZA 120 38.10 94.47 -6.50
C GLY ZA 120 37.00 95.47 -6.17
N VAL ZA 121 35.76 95.13 -6.48
CA VAL ZA 121 34.64 96.00 -6.13
C VAL ZA 121 34.47 96.07 -4.62
N LEU ZA 122 34.47 94.92 -3.95
CA LEU ZA 122 34.23 94.88 -2.52
C LEU ZA 122 35.34 95.57 -1.75
N ARG ZA 123 36.60 95.43 -2.18
CA ARG ZA 123 37.70 96.09 -1.50
C ARG ZA 123 37.55 97.60 -1.57
N PHE ZA 124 37.17 98.12 -2.73
CA PHE ZA 124 37.10 99.57 -2.91
C PHE ZA 124 35.99 100.18 -2.07
N ILE ZA 125 34.86 99.47 -1.93
CA ILE ZA 125 33.73 100.01 -1.18
C ILE ZA 125 33.99 100.14 0.31
N MET ZA 126 34.96 99.39 0.84
CA MET ZA 126 35.26 99.48 2.26
C MET ZA 126 36.26 100.59 2.56
N GLU ZA 127 37.26 100.76 1.69
CA GLU ZA 127 38.24 101.82 1.93
C GLU ZA 127 37.64 103.21 1.80
N SER ZA 128 36.48 103.33 1.16
CA SER ZA 128 35.76 104.60 1.15
C SER ZA 128 35.03 104.85 2.46
N GLY ZA 129 34.74 103.79 3.22
CA GLY ZA 129 34.06 103.92 4.49
C GLY ZA 129 32.63 103.43 4.44
N ALA ZA 130 32.39 102.21 4.89
CA ALA ZA 130 31.07 101.61 4.87
C ALA ZA 130 31.03 100.49 5.91
N LYS ZA 131 29.97 100.48 6.71
CA LYS ZA 131 29.87 99.49 7.78
C LYS ZA 131 29.74 98.07 7.25
N GLY ZA 132 29.45 97.89 5.97
CA GLY ZA 132 29.41 96.56 5.39
C GLY ZA 132 28.83 96.62 3.99
N CYS ZA 133 28.98 95.50 3.28
CA CYS ZA 133 28.43 95.37 1.94
C CYS ZA 133 28.37 93.91 1.57
N GLU ZA 134 27.57 93.61 0.54
CA GLU ZA 134 27.51 92.28 -0.05
C GLU ZA 134 27.55 92.40 -1.56
N VAL ZA 135 28.21 91.44 -2.20
CA VAL ZA 135 28.22 91.30 -3.65
C VAL ZA 135 27.83 89.86 -3.96
N VAL ZA 136 26.72 89.70 -4.68
CA VAL ZA 136 26.20 88.38 -5.03
C VAL ZA 136 26.15 88.27 -6.54
N VAL ZA 137 26.79 87.24 -7.07
CA VAL ZA 137 26.78 86.94 -8.50
C VAL ZA 137 26.31 85.51 -8.68
N SER ZA 138 25.31 85.30 -9.53
CA SER ZA 138 24.72 83.98 -9.72
C SER ZA 138 24.40 83.78 -11.19
N GLY ZA 139 24.68 82.57 -11.68
CA GLY ZA 139 24.35 82.23 -13.05
C GLY ZA 139 25.23 81.09 -13.55
N LYS ZA 140 25.26 80.94 -14.87
CA LYS ZA 140 26.05 79.90 -15.52
C LYS ZA 140 27.52 80.30 -15.48
N LEU ZA 141 28.12 80.16 -14.30
CA LEU ZA 141 29.54 80.38 -14.10
C LEU ZA 141 30.18 79.07 -13.69
N ARG ZA 142 31.33 78.76 -14.31
CA ARG ZA 142 32.08 77.54 -14.03
C ARG ZA 142 31.20 76.30 -14.20
N GLY ZA 143 30.74 76.09 -15.43
CA GLY ZA 143 29.95 74.92 -15.73
C GLY ZA 143 28.61 75.22 -16.35
N GLN ZA 144 27.65 74.30 -16.16
CA GLN ZA 144 26.32 74.46 -16.72
C GLN ZA 144 25.23 74.49 -15.66
N ARG ZA 145 25.58 74.35 -14.39
CA ARG ZA 145 24.63 74.48 -13.29
C ARG ZA 145 24.76 75.86 -12.66
N ALA ZA 146 23.63 76.43 -12.28
CA ALA ZA 146 23.63 77.74 -11.63
C ALA ZA 146 24.30 77.65 -10.27
N LYS ZA 147 25.23 78.56 -10.02
CA LYS ZA 147 25.95 78.62 -8.75
C LYS ZA 147 26.14 80.08 -8.38
N SER ZA 148 25.91 80.40 -7.10
CA SER ZA 148 25.96 81.77 -6.62
C SER ZA 148 27.15 81.93 -5.68
N MET ZA 149 28.00 82.92 -5.98
CA MET ZA 149 29.06 83.33 -5.07
C MET ZA 149 28.60 84.54 -4.27
N LYS ZA 150 28.62 84.42 -2.96
CA LYS ZA 150 28.24 85.49 -2.04
C LYS ZA 150 29.49 86.00 -1.35
N PHE ZA 151 29.69 87.32 -1.40
CA PHE ZA 151 30.85 87.97 -0.81
C PHE ZA 151 30.37 88.93 0.26
N VAL ZA 152 30.82 88.72 1.49
CA VAL ZA 152 30.28 89.41 2.66
C VAL ZA 152 31.42 89.86 3.55
N ASP ZA 153 31.31 91.08 4.09
CA ASP ZA 153 32.14 91.54 5.19
C ASP ZA 153 31.52 92.80 5.78
N GLY ZA 154 31.74 92.99 7.08
CA GLY ZA 154 31.23 94.14 7.77
C GLY ZA 154 29.80 93.95 8.26
N LEU ZA 155 29.32 94.96 8.97
CA LEU ZA 155 27.97 94.93 9.52
C LEU ZA 155 26.93 94.93 8.41
N MET ZA 156 25.79 94.30 8.67
CA MET ZA 156 24.71 94.29 7.69
C MET ZA 156 23.38 93.96 8.36
N ILE ZA 157 22.49 94.94 8.42
CA ILE ZA 157 21.14 94.70 8.91
C ILE ZA 157 20.27 94.15 7.78
N HIS ZA 158 19.29 93.32 8.16
CA HIS ZA 158 18.39 92.70 7.20
C HIS ZA 158 16.93 93.04 7.40
N SER ZA 159 16.51 93.42 8.61
CA SER ZA 159 15.09 93.56 8.93
C SER ZA 159 14.83 94.90 9.60
N GLY ZA 160 13.58 95.36 9.48
CA GLY ZA 160 13.12 96.57 10.11
C GLY ZA 160 13.15 97.76 9.17
N ASP ZA 161 12.58 98.86 9.66
CA ASP ZA 161 12.62 100.11 8.90
C ASP ZA 161 14.02 100.63 8.62
N PRO ZA 162 14.99 100.58 9.58
CA PRO ZA 162 16.34 101.11 9.28
C PRO ZA 162 16.92 100.68 7.95
N VAL ZA 163 16.46 99.55 7.41
CA VAL ZA 163 16.90 99.11 6.09
C VAL ZA 163 16.52 100.13 5.03
N ASN ZA 164 15.43 100.87 5.25
CA ASN ZA 164 14.94 101.80 4.24
C ASN ZA 164 15.80 103.05 4.13
N TYR ZA 165 16.58 103.40 5.15
CA TYR ZA 165 17.45 104.56 5.08
C TYR ZA 165 18.89 104.27 5.49
N TYR ZA 166 19.26 103.00 5.66
CA TYR ZA 166 20.64 102.63 5.93
C TYR ZA 166 21.22 101.67 4.90
N VAL ZA 167 20.41 101.11 4.01
CA VAL ZA 167 20.86 100.09 3.07
C VAL ZA 167 20.49 100.53 1.66
N ASP ZA 168 21.43 100.42 0.74
CA ASP ZA 168 21.20 100.70 -0.67
C ASP ZA 168 21.43 99.42 -1.46
N THR ZA 169 20.51 99.12 -2.38
CA THR ZA 169 20.56 97.89 -3.15
C THR ZA 169 20.56 98.20 -4.63
N ALA ZA 170 21.03 97.25 -5.42
CA ALA ZA 170 21.01 97.37 -6.87
C ALA ZA 170 21.09 95.98 -7.49
N VAL ZA 171 20.09 95.63 -8.29
CA VAL ZA 171 20.06 94.38 -9.04
C VAL ZA 171 20.22 94.73 -10.51
N ARG ZA 172 21.18 94.08 -11.17
CA ARG ZA 172 21.46 94.40 -12.56
C ARG ZA 172 21.84 93.15 -13.33
N HIS ZA 173 21.22 93.00 -14.50
CA HIS ZA 173 21.49 91.87 -15.38
C HIS ZA 173 22.76 92.12 -16.18
N VAL ZA 174 23.45 91.03 -16.52
CA VAL ZA 174 24.62 91.10 -17.39
C VAL ZA 174 24.56 89.93 -18.37
N LEU ZA 175 24.80 90.21 -19.64
CA LEU ZA 175 24.68 89.22 -20.70
C LEU ZA 175 26.06 88.72 -21.10
N LEU ZA 176 26.27 87.42 -21.01
CA LEU ZA 176 27.52 86.79 -21.40
C LEU ZA 176 27.26 85.76 -22.49
N ARG ZA 177 28.36 85.14 -22.95
CA ARG ZA 177 28.28 84.17 -24.04
C ARG ZA 177 27.43 82.96 -23.64
N GLN ZA 178 27.62 82.46 -22.42
CA GLN ZA 178 26.87 81.30 -21.96
C GLN ZA 178 25.41 81.65 -21.73
N GLY ZA 179 25.15 82.75 -21.04
CA GLY ZA 179 23.80 83.16 -20.72
C GLY ZA 179 23.75 84.44 -19.90
N VAL ZA 180 22.73 84.59 -19.07
CA VAL ZA 180 22.54 85.80 -18.27
C VAL ZA 180 22.99 85.52 -16.84
N LEU ZA 181 23.83 86.39 -16.32
CA LEU ZA 181 24.23 86.37 -14.92
C LEU ZA 181 23.55 87.51 -14.18
N GLY ZA 182 23.44 87.38 -12.87
CA GLY ZA 182 22.84 88.38 -12.03
C GLY ZA 182 23.86 89.00 -11.09
N ILE ZA 183 23.67 90.27 -10.77
CA ILE ZA 183 24.55 91.00 -9.88
C ILE ZA 183 23.69 91.73 -8.87
N LYS ZA 184 23.95 91.51 -7.59
CA LYS ZA 184 23.26 92.20 -6.51
C LYS ZA 184 24.29 92.83 -5.60
N VAL ZA 185 24.19 94.13 -5.39
CA VAL ZA 185 25.10 94.86 -4.51
C VAL ZA 185 24.28 95.52 -3.43
N LYS ZA 186 24.59 95.23 -2.18
CA LYS ZA 186 24.01 95.90 -1.02
C LYS ZA 186 25.11 96.61 -0.28
N ILE ZA 187 24.84 97.83 0.16
CA ILE ZA 187 25.79 98.64 0.92
C ILE ZA 187 25.06 99.25 2.10
N MET ZA 188 25.72 99.26 3.26
CA MET ZA 188 25.19 99.98 4.41
C MET ZA 188 25.92 101.30 4.57
N LEU ZA 189 25.15 102.38 4.59
CA LEU ZA 189 25.73 103.72 4.64
C LEU ZA 189 26.13 104.05 6.06
N PRO ZA 190 27.31 104.62 6.28
CA PRO ZA 190 27.68 105.06 7.63
C PRO ZA 190 26.82 106.24 8.07
N TRP ZA 191 26.59 106.31 9.37
CA TRP ZA 191 25.84 107.42 9.94
C TRP ZA 191 26.75 108.64 10.14
N ASP ZA 192 26.30 109.79 9.66
CA ASP ZA 192 27.00 111.04 9.85
C ASP ZA 192 25.96 112.08 10.29
N PRO ZA 193 26.21 112.82 11.37
CA PRO ZA 193 25.22 113.82 11.82
C PRO ZA 193 24.89 114.84 10.77
N SER ZA 194 25.85 115.22 9.92
CA SER ZA 194 25.55 116.10 8.81
C SER ZA 194 24.56 115.46 7.84
N GLY ZA 195 24.57 114.13 7.75
CA GLY ZA 195 23.63 113.43 6.89
C GLY ZA 195 23.80 113.74 5.41
N LYS ZA 196 25.03 113.97 4.97
CA LYS ZA 196 25.29 114.29 3.57
C LYS ZA 196 25.80 113.10 2.77
N ILE ZA 197 26.57 112.21 3.39
CA ILE ZA 197 27.10 111.04 2.71
C ILE ZA 197 26.25 109.82 3.07
N GLY ZA 198 25.67 109.84 4.27
CA GLY ZA 198 24.81 108.77 4.73
C GLY ZA 198 23.52 109.31 5.32
N PRO ZA 199 22.86 108.51 6.14
CA PRO ZA 199 21.63 108.95 6.80
C PRO ZA 199 21.93 109.89 7.96
N LYS ZA 200 20.87 110.36 8.60
CA LYS ZA 200 20.98 111.24 9.75
C LYS ZA 200 20.62 110.57 11.07
N LYS ZA 201 19.67 109.64 11.05
CA LYS ZA 201 19.20 109.02 12.29
C LYS ZA 201 20.19 107.95 12.76
N PRO ZA 202 20.40 107.84 14.06
CA PRO ZA 202 21.22 106.74 14.59
C PRO ZA 202 20.44 105.42 14.57
N LEU ZA 203 21.17 104.34 14.78
CA LEU ZA 203 20.53 103.04 14.84
C LEU ZA 203 19.60 102.98 16.05
N PRO ZA 204 18.41 102.40 15.90
CA PRO ZA 204 17.44 102.41 17.01
C PRO ZA 204 17.90 101.65 18.24
N ASP ZA 205 18.90 100.78 18.12
CA ASP ZA 205 19.46 100.08 19.25
C ASP ZA 205 20.80 100.66 19.69
N HIS ZA 206 21.20 101.79 19.13
CA HIS ZA 206 22.48 102.41 19.45
C HIS ZA 206 22.26 103.53 20.45
N VAL ZA 207 22.67 103.30 21.69
CA VAL ZA 207 22.60 104.30 22.76
C VAL ZA 207 24.01 104.80 23.03
N SER ZA 208 24.16 106.12 23.14
CA SER ZA 208 25.44 106.73 23.45
C SER ZA 208 25.32 107.51 24.76
N ILE ZA 209 26.35 107.41 25.59
CA ILE ZA 209 26.38 108.08 26.90
C ILE ZA 209 27.51 109.10 26.86
N VAL ZA 210 27.24 110.29 27.39
CA VAL ZA 210 28.26 111.34 27.45
C VAL ZA 210 29.02 111.23 28.76
N GLU ZA 211 30.31 111.48 28.70
CA GLU ZA 211 31.15 111.38 29.88
C GLU ZA 211 30.88 112.56 30.82
N PRO ZA 212 30.73 112.31 32.12
CA PRO ZA 212 30.52 113.42 33.06
C PRO ZA 212 31.84 114.13 33.34
N LYS ZA 213 31.85 115.44 33.11
CA LYS ZA 213 33.06 116.23 33.27
C LYS ZA 213 33.53 116.21 34.71
N ASP ZA 214 34.85 116.15 34.90
CA ASP ZA 214 35.43 116.08 36.23
C ASP ZA 214 35.22 117.39 36.97
N GLU ZA 215 34.71 117.30 38.19
CA GLU ZA 215 34.53 118.46 39.05
C GLU ZA 215 34.81 118.06 40.50
N ILE ZA 216 35.64 118.85 41.17
CA ILE ZA 216 35.92 118.62 42.59
C ILE ZA 216 34.84 119.30 43.42
N LEU ZA 217 34.34 118.59 44.41
CA LEU ZA 217 33.29 119.13 45.26
C LEU ZA 217 33.88 120.18 46.20
N PRO ZA 218 33.10 121.21 46.55
CA PRO ZA 218 33.62 122.24 47.47
C PRO ZA 218 33.69 121.71 48.89
N THR ZA 219 34.91 121.70 49.46
CA THR ZA 219 35.09 121.24 50.82
C THR ZA 219 34.64 122.26 51.86
N THR ZA 220 34.71 123.54 51.55
CA THR ZA 220 34.29 124.61 52.45
C THR ZA 220 33.41 125.60 51.70
N PRO ZA 221 32.45 126.22 52.38
CA PRO ZA 221 31.61 127.23 51.73
C PRO ZA 221 32.46 128.42 51.28
N ILE ZA 222 32.12 128.96 50.12
CA ILE ZA 222 32.74 130.17 49.60
C ILE ZA 222 31.68 131.02 48.93
N SER ZA 223 31.72 132.33 49.18
CA SER ZA 223 30.69 133.25 48.68
C SER ZA 223 31.36 134.29 47.79
N GLU ZA 224 31.24 134.11 46.48
CA GLU ZA 224 31.74 135.08 45.52
C GLU ZA 224 30.74 136.23 45.39
N GLN ZA 225 31.26 137.45 45.27
CA GLN ZA 225 30.42 138.64 45.13
C GLN ZA 225 30.93 139.48 43.97
N LYS ZA 226 30.06 139.75 43.01
CA LYS ZA 226 30.42 140.55 41.84
C LYS ZA 226 29.15 141.08 41.18
N GLY ZA 227 29.23 142.30 40.67
CA GLY ZA 227 28.12 142.91 39.95
C GLY ZA 227 26.88 143.11 40.78
N ALA AB 1 84.23 11.57 -22.54
CA ALA AB 1 83.91 11.01 -23.84
C ALA AB 1 84.04 9.50 -23.83
N ARG AB 2 84.06 8.91 -25.02
CA ARG AB 2 84.14 7.46 -25.17
C ARG AB 2 85.58 6.98 -25.28
N GLY AB 3 86.55 7.88 -25.39
CA GLY AB 3 87.94 7.53 -25.49
C GLY AB 3 88.83 8.72 -25.26
N PRO AB 4 90.14 8.57 -25.46
CA PRO AB 4 91.05 9.69 -25.23
C PRO AB 4 90.75 10.86 -26.14
N LYS AB 5 90.94 12.06 -25.60
CA LYS AB 5 90.67 13.29 -26.33
C LYS AB 5 91.79 13.58 -27.33
N LYS AB 6 91.48 14.44 -28.30
CA LYS AB 6 92.48 14.85 -29.28
C LYS AB 6 92.54 16.35 -29.54
N HIS AB 7 91.52 17.13 -29.19
CA HIS AB 7 91.49 18.56 -29.45
C HIS AB 7 91.65 19.33 -28.14
N LEU AB 8 91.69 20.65 -28.26
CA LEU AB 8 91.82 21.53 -27.11
C LEU AB 8 91.35 22.92 -27.52
N LYS AB 9 90.29 23.41 -26.88
CA LYS AB 9 89.78 24.73 -27.20
C LYS AB 9 90.72 25.82 -26.69
N ARG AB 10 90.66 26.99 -27.33
CA ARG AB 10 91.55 28.09 -26.96
C ARG AB 10 91.27 28.57 -25.54
N VAL AB 11 90.00 28.77 -25.21
CA VAL AB 11 89.66 29.26 -23.88
C VAL AB 11 89.98 28.23 -22.81
N ALA AB 12 90.13 26.96 -23.18
CA ALA AB 12 90.53 25.92 -22.24
C ALA AB 12 92.04 25.76 -22.15
N ALA AB 13 92.81 26.57 -22.88
CA ALA AB 13 94.26 26.52 -22.82
C ALA AB 13 94.77 27.30 -21.62
N PRO AB 14 95.99 27.00 -21.15
CA PRO AB 14 96.54 27.73 -20.01
C PRO AB 14 96.75 29.20 -20.34
N LYS AB 15 96.63 30.03 -19.29
CA LYS AB 15 96.78 31.47 -19.46
C LYS AB 15 98.20 31.84 -19.91
N HIS AB 16 99.20 31.12 -19.41
CA HIS AB 16 100.58 31.48 -19.71
C HIS AB 16 100.94 31.26 -21.16
N TRP AB 17 100.07 30.60 -21.94
CA TRP AB 17 100.25 30.55 -23.38
C TRP AB 17 99.94 31.89 -24.05
N MET AB 18 99.12 32.72 -23.41
CA MET AB 18 98.70 34.02 -23.95
C MET AB 18 98.06 33.89 -25.33
N LEU AB 19 97.24 32.87 -25.51
CA LEU AB 19 96.44 32.75 -26.72
C LEU AB 19 95.28 33.75 -26.65
N ASP AB 20 94.99 34.39 -27.78
CA ASP AB 20 93.91 35.36 -27.85
C ASP AB 20 92.58 34.64 -28.02
N LYS AB 21 91.52 35.38 -28.32
CA LYS AB 21 90.18 34.83 -28.38
C LYS AB 21 89.55 34.87 -29.76
N LEU AB 22 90.06 35.66 -30.69
CA LEU AB 22 89.40 35.88 -31.98
C LEU AB 22 90.08 35.20 -33.15
N THR AB 23 91.27 34.65 -32.98
CA THR AB 23 92.01 34.09 -34.10
C THR AB 23 91.69 32.62 -34.36
N GLY AB 24 90.79 32.03 -33.58
CA GLY AB 24 90.40 30.66 -33.85
C GLY AB 24 89.58 30.09 -32.72
N VAL AB 25 89.11 28.87 -32.95
CA VAL AB 25 88.33 28.12 -31.97
C VAL AB 25 89.21 27.17 -31.17
N PHE AB 26 90.12 26.47 -31.83
CA PHE AB 26 90.94 25.47 -31.19
C PHE AB 26 92.31 26.02 -30.83
N ALA AB 27 92.94 25.36 -29.87
CA ALA AB 27 94.31 25.63 -29.44
C ALA AB 27 95.17 24.41 -29.73
N PRO AB 28 96.48 24.59 -29.86
CA PRO AB 28 97.35 23.44 -30.09
C PRO AB 28 97.40 22.51 -28.89
N ARG AB 29 96.87 21.31 -29.04
CA ARG AB 29 96.97 20.33 -27.97
C ARG AB 29 98.38 19.76 -27.95
N PRO AB 30 99.13 19.93 -26.86
CA PRO AB 30 100.49 19.39 -26.83
C PRO AB 30 100.47 17.87 -26.96
N SER AB 31 101.43 17.36 -27.72
CA SER AB 31 101.60 15.92 -27.80
C SER AB 31 102.13 15.38 -26.48
N THR AB 32 101.89 14.10 -26.23
CA THR AB 32 102.37 13.49 -25.01
C THR AB 32 103.89 13.51 -24.99
N GLY AB 33 104.46 13.81 -23.82
CA GLY AB 33 105.89 13.93 -23.70
C GLY AB 33 106.37 13.97 -22.27
N PRO AB 34 107.55 14.55 -22.06
CA PRO AB 34 108.13 14.55 -20.70
C PRO AB 34 107.39 15.44 -19.72
N HIS AB 35 106.70 16.47 -20.17
CA HIS AB 35 106.04 17.42 -19.28
C HIS AB 35 104.53 17.32 -19.43
N LYS AB 36 103.82 17.72 -18.39
CA LYS AB 36 102.38 17.65 -18.38
C LYS AB 36 101.78 18.70 -19.29
N LEU AB 37 100.55 18.45 -19.74
CA LEU AB 37 99.87 19.36 -20.65
C LEU AB 37 99.70 20.74 -20.02
N ARG AB 38 99.29 20.78 -18.76
CA ARG AB 38 99.00 22.05 -18.10
C ARG AB 38 100.25 22.83 -17.73
N GLU AB 39 101.43 22.24 -17.88
CA GLU AB 39 102.67 22.89 -17.50
C GLU AB 39 103.59 23.21 -18.66
N CYS AB 40 103.50 22.45 -19.75
CA CYS AB 40 104.48 22.53 -20.82
C CYS AB 40 104.25 23.78 -21.67
N LEU AB 41 105.07 23.90 -22.72
CA LEU AB 41 104.95 24.99 -23.68
C LEU AB 41 105.24 24.43 -25.07
N PRO AB 42 104.19 24.23 -25.88
CA PRO AB 42 104.40 23.63 -27.20
C PRO AB 42 105.25 24.50 -28.11
N LEU AB 43 105.97 23.85 -29.01
CA LEU AB 43 106.86 24.56 -29.93
C LEU AB 43 106.11 25.48 -30.87
N ILE AB 44 104.83 25.21 -31.11
CA ILE AB 44 104.02 26.07 -31.97
C ILE AB 44 103.94 27.50 -31.42
N ILE AB 45 103.71 27.65 -30.11
CA ILE AB 45 103.67 28.98 -29.51
C ILE AB 45 105.02 29.65 -29.61
N PHE AB 46 106.09 28.92 -29.31
CA PHE AB 46 107.42 29.53 -29.17
C PHE AB 46 107.87 30.16 -30.48
N LEU AB 47 107.68 29.47 -31.61
CA LEU AB 47 108.15 29.98 -32.89
C LEU AB 47 107.17 30.90 -33.59
N ARG AB 48 105.90 30.94 -33.16
CA ARG AB 48 104.92 31.79 -33.80
C ARG AB 48 104.47 32.96 -32.92
N ASN AB 49 104.31 32.73 -31.63
CA ASN AB 49 103.78 33.75 -30.73
C ASN AB 49 104.86 34.49 -29.96
N ARG AB 50 105.86 33.78 -29.44
CA ARG AB 50 106.90 34.42 -28.66
C ARG AB 50 107.96 35.05 -29.54
N LEU AB 51 108.64 34.24 -30.35
CA LEU AB 51 109.74 34.72 -31.17
C LEU AB 51 109.28 35.34 -32.47
N LYS AB 52 108.08 35.02 -32.94
CA LYS AB 52 107.52 35.55 -34.17
C LYS AB 52 108.38 35.22 -35.39
N TYR AB 53 109.21 34.17 -35.30
CA TYR AB 53 109.92 33.69 -36.48
C TYR AB 53 108.95 33.22 -37.57
N ALA AB 54 107.74 32.84 -37.18
CA ALA AB 54 106.72 32.41 -38.12
C ALA AB 54 105.45 33.21 -37.89
N LEU AB 55 104.50 33.06 -38.80
CA LEU AB 55 103.22 33.74 -38.72
C LEU AB 55 102.03 32.81 -38.60
N THR AB 56 102.09 31.63 -39.22
CA THR AB 56 100.98 30.70 -39.24
C THR AB 56 101.47 29.31 -38.83
N GLY AB 57 100.53 28.37 -38.72
CA GLY AB 57 100.88 27.01 -38.38
C GLY AB 57 101.57 26.24 -39.50
N ASP AB 58 101.43 26.70 -40.75
CA ASP AB 58 102.12 26.06 -41.86
C ASP AB 58 103.56 26.52 -42.02
N GLU AB 59 103.90 27.70 -41.49
CA GLU AB 59 105.28 28.17 -41.59
C GLU AB 59 106.19 27.41 -40.64
N VAL AB 60 105.72 27.10 -39.43
CA VAL AB 60 106.54 26.36 -38.48
C VAL AB 60 106.79 24.95 -38.97
N LYS AB 61 105.80 24.34 -39.63
CA LYS AB 61 105.98 22.99 -40.14
C LYS AB 61 107.12 22.94 -41.14
N LYS AB 62 107.32 24.02 -41.89
CA LYS AB 62 108.48 24.09 -42.77
C LYS AB 62 109.78 24.26 -41.98
N ILE AB 63 109.71 24.86 -40.80
CA ILE AB 63 110.90 25.02 -39.97
C ILE AB 63 111.34 23.69 -39.39
N CYS AB 64 110.41 22.92 -38.85
CA CYS AB 64 110.79 21.68 -38.16
C CYS AB 64 111.20 20.60 -39.15
N MET AB 65 110.54 20.54 -40.31
CA MET AB 65 110.91 19.55 -41.30
C MET AB 65 112.29 19.78 -41.89
N GLN AB 66 112.83 20.99 -41.73
CA GLN AB 66 114.22 21.26 -42.08
C GLN AB 66 115.16 20.90 -40.93
N ARG AB 67 114.66 20.26 -39.88
CA ARG AB 67 115.46 19.76 -38.76
C ARG AB 67 116.27 20.88 -38.11
N PHE AB 68 115.68 22.06 -38.04
CA PHE AB 68 116.39 23.21 -37.49
C PHE AB 68 116.25 23.32 -35.99
N ILE AB 69 115.09 22.98 -35.43
CA ILE AB 69 114.85 23.12 -34.01
C ILE AB 69 115.40 21.89 -33.29
N LYS AB 70 116.18 22.13 -32.24
CA LYS AB 70 116.82 21.07 -31.47
C LYS AB 70 116.47 21.26 -30.00
N ILE AB 71 115.84 20.25 -29.40
CA ILE AB 71 115.41 20.31 -28.01
C ILE AB 71 116.29 19.38 -27.19
N ASP AB 72 117.06 19.96 -26.27
CA ASP AB 72 117.91 19.20 -25.35
C ASP AB 72 118.84 18.25 -26.11
N GLY AB 73 119.39 18.73 -27.22
CA GLY AB 73 120.33 17.97 -28.01
C GLY AB 73 119.76 17.01 -29.01
N LYS AB 74 118.44 17.06 -29.25
CA LYS AB 74 117.79 16.18 -30.21
C LYS AB 74 116.90 17.00 -31.12
N VAL AB 75 116.71 16.53 -32.35
CA VAL AB 75 115.94 17.24 -33.36
C VAL AB 75 114.50 16.74 -33.33
N ARG AB 76 113.56 17.66 -33.13
CA ARG AB 76 112.16 17.32 -33.01
C ARG AB 76 111.37 18.01 -34.11
N THR AB 77 110.53 17.24 -34.80
CA THR AB 77 109.73 17.76 -35.90
C THR AB 77 108.23 17.71 -35.60
N ASP AB 78 107.85 17.67 -34.32
CA ASP AB 78 106.46 17.77 -33.91
C ASP AB 78 106.19 19.21 -33.49
N ILE AB 79 105.24 19.85 -34.18
CA ILE AB 79 104.97 21.26 -33.89
C ILE AB 79 104.35 21.43 -32.52
N THR AB 80 103.57 20.45 -32.05
CA THR AB 80 102.98 20.49 -30.72
C THR AB 80 103.77 19.67 -29.71
N TYR AB 81 105.08 19.57 -29.89
CA TYR AB 81 105.92 18.88 -28.92
C TYR AB 81 105.94 19.65 -27.60
N PRO AB 82 105.81 18.98 -26.47
CA PRO AB 82 105.80 19.66 -25.17
C PRO AB 82 107.19 20.02 -24.70
N ALA AB 83 107.49 21.31 -24.65
CA ALA AB 83 108.71 21.81 -24.03
C ALA AB 83 108.38 22.36 -22.66
N GLY AB 84 109.24 22.09 -21.69
CA GLY AB 84 108.94 22.34 -20.30
C GLY AB 84 110.02 23.16 -19.60
N PHE AB 85 110.09 22.96 -18.29
CA PHE AB 85 110.88 23.81 -17.42
C PHE AB 85 112.37 23.48 -17.55
N MET AB 86 113.19 24.51 -17.78
CA MET AB 86 114.62 24.36 -18.04
C MET AB 86 114.88 23.40 -19.20
N ASP AB 87 114.10 23.52 -20.27
CA ASP AB 87 114.46 22.87 -21.51
C ASP AB 87 115.33 23.80 -22.34
N VAL AB 88 116.26 23.21 -23.10
CA VAL AB 88 117.24 23.98 -23.86
C VAL AB 88 116.85 23.90 -25.33
N ILE AB 89 116.29 24.97 -25.85
CA ILE AB 89 115.93 25.06 -27.26
C ILE AB 89 117.10 25.68 -28.00
N SER AB 90 117.69 24.93 -28.92
CA SER AB 90 118.85 25.37 -29.67
C SER AB 90 118.53 25.41 -31.15
N ILE AB 91 118.83 26.54 -31.79
CA ILE AB 91 118.69 26.70 -33.24
C ILE AB 91 120.06 27.06 -33.78
N ASP AB 92 120.79 26.06 -34.27
CA ASP AB 92 122.16 26.28 -34.71
C ASP AB 92 122.22 27.08 -36.01
N LYS AB 93 121.13 27.09 -36.78
CA LYS AB 93 121.12 27.83 -38.03
C LYS AB 93 121.29 29.33 -37.79
N THR AB 94 120.61 29.87 -36.80
CA THR AB 94 120.70 31.28 -36.46
C THR AB 94 121.70 31.55 -35.35
N GLY AB 95 122.29 30.52 -34.76
CA GLY AB 95 123.23 30.71 -33.67
C GLY AB 95 122.60 31.31 -32.43
N GLU AB 96 121.44 30.77 -32.03
CA GLU AB 96 120.74 31.25 -30.84
C GLU AB 96 120.40 30.05 -29.94
N ASN AB 97 120.37 30.32 -28.64
CA ASN AB 97 120.00 29.31 -27.65
C ASN AB 97 119.03 29.92 -26.66
N PHE AB 98 118.10 29.10 -26.18
CA PHE AB 98 117.13 29.53 -25.18
C PHE AB 98 116.98 28.45 -24.12
N ARG AB 99 116.91 28.87 -22.87
CA ARG AB 99 116.56 27.98 -21.76
C ARG AB 99 115.22 28.43 -21.21
N LEU AB 100 114.21 27.59 -21.33
CA LEU AB 100 112.86 27.94 -20.91
C LEU AB 100 112.83 28.16 -19.41
N ILE AB 101 112.35 29.32 -18.98
CA ILE AB 101 112.38 29.72 -17.58
C ILE AB 101 111.18 30.64 -17.33
N TYR AB 102 110.61 30.55 -16.13
CA TYR AB 102 109.54 31.46 -15.76
C TYR AB 102 110.12 32.81 -15.34
N ASP AB 103 109.45 33.88 -15.74
CA ASP AB 103 109.80 35.21 -15.24
C ASP AB 103 109.20 35.37 -13.83
N THR AB 104 109.27 36.58 -13.28
CA THR AB 104 108.69 36.82 -11.96
C THR AB 104 107.19 36.61 -11.94
N LYS AB 105 106.52 36.74 -13.08
CA LYS AB 105 105.10 36.42 -13.18
C LYS AB 105 104.95 34.96 -13.58
N GLY AB 106 103.73 34.54 -13.91
CA GLY AB 106 103.49 33.14 -14.22
C GLY AB 106 103.61 32.81 -15.69
N ARG AB 107 104.53 33.44 -16.40
CA ARG AB 107 104.66 33.28 -17.84
C ARG AB 107 106.07 32.82 -18.20
N PHE AB 108 106.17 31.90 -19.15
CA PHE AB 108 107.47 31.56 -19.70
C PHE AB 108 108.06 32.77 -20.41
N ALA AB 109 109.26 33.16 -20.01
CA ALA AB 109 109.95 34.31 -20.59
C ALA AB 109 111.17 33.83 -21.37
N VAL AB 110 111.34 34.36 -22.58
CA VAL AB 110 112.50 34.01 -23.38
C VAL AB 110 113.75 34.46 -22.66
N HIS AB 111 114.69 33.54 -22.48
CA HIS AB 111 115.93 33.80 -21.75
C HIS AB 111 117.09 33.20 -22.56
N ARG AB 112 117.70 34.02 -23.41
CA ARG AB 112 118.84 33.55 -24.18
C ARG AB 112 120.00 33.22 -23.27
N ILE AB 113 120.69 32.13 -23.59
CA ILE AB 113 121.85 31.68 -22.83
C ILE AB 113 123.01 31.50 -23.79
N THR AB 114 124.22 31.52 -23.23
CA THR AB 114 125.42 31.34 -24.04
C THR AB 114 125.46 29.93 -24.61
N PRO AB 115 126.09 29.75 -25.77
CA PRO AB 115 126.25 28.39 -26.32
C PRO AB 115 127.00 27.47 -25.38
N GLU AB 116 127.89 28.01 -24.54
CA GLU AB 116 128.57 27.18 -23.54
C GLU AB 116 127.58 26.62 -22.53
N GLU AB 117 126.63 27.44 -22.08
CA GLU AB 117 125.69 27.02 -21.05
C GLU AB 117 124.67 26.02 -21.58
N ALA AB 118 124.44 25.99 -22.89
CA ALA AB 118 123.43 25.09 -23.45
C ALA AB 118 123.82 23.62 -23.33
N LYS AB 119 125.07 23.34 -22.98
CA LYS AB 119 125.53 21.94 -22.92
C LYS AB 119 124.96 21.19 -21.73
N TYR AB 120 124.52 21.89 -20.68
CA TYR AB 120 124.03 21.24 -19.48
C TYR AB 120 122.68 21.81 -19.10
N LYS AB 121 121.94 21.04 -18.28
CA LYS AB 121 120.66 21.46 -17.76
C LYS AB 121 120.44 20.79 -16.42
N LEU AB 122 119.55 21.38 -15.61
CA LEU AB 122 119.20 20.84 -14.31
C LEU AB 122 117.85 20.15 -14.36
N CYS AB 123 117.68 19.16 -13.50
CA CYS AB 123 116.45 18.39 -13.41
C CYS AB 123 116.23 17.98 -11.96
N LYS AB 124 114.96 17.89 -11.56
CA LYS AB 124 114.61 17.41 -10.23
C LYS AB 124 114.23 15.94 -10.30
N VAL AB 125 114.75 15.15 -9.37
CA VAL AB 125 114.43 13.73 -9.33
C VAL AB 125 113.03 13.54 -8.76
N ARG AB 126 112.45 12.37 -9.04
CA ARG AB 126 111.09 12.09 -8.58
C ARG AB 126 111.03 10.78 -7.81
N LYS AB 127 111.79 9.78 -8.23
CA LYS AB 127 111.74 8.47 -7.59
C LYS AB 127 113.14 7.91 -7.41
N ILE AB 128 113.29 7.05 -6.40
CA ILE AB 128 114.46 6.22 -6.22
C ILE AB 128 114.00 4.78 -6.31
N PHE AB 129 114.56 4.04 -7.27
CA PHE AB 129 114.08 2.71 -7.61
C PHE AB 129 115.28 1.78 -7.73
N VAL AB 130 115.12 0.54 -7.27
CA VAL AB 130 116.17 -0.46 -7.35
C VAL AB 130 115.84 -1.39 -8.50
N GLY AB 131 116.73 -1.46 -9.48
CA GLY AB 131 116.44 -2.16 -10.72
C GLY AB 131 116.39 -3.67 -10.62
N THR AB 132 116.60 -4.35 -11.75
CA THR AB 132 116.35 -5.79 -11.82
C THR AB 132 117.33 -6.59 -10.97
N LYS AB 133 118.58 -6.13 -10.84
CA LYS AB 133 119.62 -6.87 -10.14
C LYS AB 133 120.37 -5.97 -9.18
N GLY AB 134 119.63 -5.20 -8.38
CA GLY AB 134 120.27 -4.27 -7.48
C GLY AB 134 120.86 -3.05 -8.16
N ILE AB 135 120.36 -2.69 -9.34
CA ILE AB 135 120.84 -1.54 -10.08
C ILE AB 135 120.02 -0.33 -9.64
N PRO AB 136 120.62 0.68 -9.02
CA PRO AB 136 119.84 1.87 -8.63
C PRO AB 136 119.34 2.63 -9.85
N HIS AB 137 118.20 3.28 -9.68
CA HIS AB 137 117.60 4.11 -10.72
C HIS AB 137 117.10 5.40 -10.09
N LEU AB 138 117.02 6.46 -10.89
CA LEU AB 138 116.29 7.64 -10.50
C LEU AB 138 115.49 8.14 -11.69
N VAL AB 139 114.37 8.80 -11.41
CA VAL AB 139 113.51 9.37 -12.43
C VAL AB 139 113.48 10.88 -12.21
N THR AB 140 113.88 11.63 -13.24
CA THR AB 140 113.91 13.07 -13.14
C THR AB 140 112.50 13.62 -13.32
N HIS AB 141 112.37 14.95 -13.39
CA HIS AB 141 111.08 15.58 -13.54
C HIS AB 141 110.61 15.64 -14.99
N ASP AB 142 111.46 15.27 -15.95
CA ASP AB 142 111.09 15.27 -17.36
C ASP AB 142 111.19 13.85 -17.94
N ALA AB 143 110.72 12.88 -17.16
CA ALA AB 143 110.61 11.46 -17.52
C ALA AB 143 111.94 10.78 -17.73
N ARG AB 144 113.06 11.48 -17.59
CA ARG AB 144 114.36 10.85 -17.76
C ARG AB 144 114.61 9.86 -16.64
N THR AB 145 114.90 8.62 -17.00
CA THR AB 145 115.39 7.61 -16.07
C THR AB 145 116.82 7.27 -16.44
N ILE AB 146 117.69 7.22 -15.43
CA ILE AB 146 119.11 6.99 -15.65
C ILE AB 146 119.62 6.04 -14.58
N ARG AB 147 120.42 5.06 -14.99
CA ARG AB 147 120.92 4.04 -14.09
C ARG AB 147 122.24 4.47 -13.45
N TYR AB 148 122.56 3.83 -12.34
CA TYR AB 148 123.80 4.04 -11.61
C TYR AB 148 124.00 5.49 -11.20
N PRO AB 149 123.22 6.01 -10.26
CA PRO AB 149 123.47 7.35 -9.72
C PRO AB 149 124.34 7.29 -8.47
N ASP AB 150 124.78 8.46 -8.05
CA ASP AB 150 125.51 8.57 -6.78
C ASP AB 150 124.60 8.13 -5.64
N PRO AB 151 125.07 7.26 -4.74
CA PRO AB 151 124.21 6.84 -3.62
C PRO AB 151 123.76 7.99 -2.74
N LEU AB 152 124.42 9.14 -2.79
CA LEU AB 152 124.04 10.28 -1.97
C LEU AB 152 122.79 10.99 -2.48
N ILE AB 153 122.44 10.82 -3.76
CA ILE AB 153 121.29 11.52 -4.31
C ILE AB 153 120.01 10.94 -3.73
N LYS AB 154 119.12 11.82 -3.29
CA LYS AB 154 117.88 11.42 -2.62
C LYS AB 154 116.67 11.90 -3.43
N VAL AB 155 115.49 11.75 -2.85
CA VAL AB 155 114.25 11.80 -3.62
C VAL AB 155 113.83 13.20 -4.04
N ASN AB 156 114.39 14.25 -3.45
CA ASN AB 156 114.04 15.62 -3.84
C ASN AB 156 115.22 16.43 -4.37
N ASP AB 157 116.37 15.81 -4.55
CA ASP AB 157 117.55 16.53 -4.98
C ASP AB 157 117.44 16.89 -6.47
N THR AB 158 118.26 17.85 -6.88
CA THR AB 158 118.32 18.26 -8.28
C THR AB 158 119.73 18.01 -8.80
N ILE AB 159 119.81 17.36 -9.96
CA ILE AB 159 121.08 17.06 -10.61
C ILE AB 159 121.20 17.94 -11.84
N GLN AB 160 122.41 18.04 -12.38
CA GLN AB 160 122.60 18.60 -13.70
C GLN AB 160 123.21 17.53 -14.61
N ILE AB 161 122.72 17.50 -15.85
CA ILE AB 161 123.10 16.45 -16.78
C ILE AB 161 123.79 17.10 -17.98
N ASP AB 162 124.78 16.40 -18.51
CA ASP AB 162 125.45 16.79 -19.74
C ASP AB 162 124.64 16.23 -20.90
N LEU AB 163 124.04 17.11 -21.71
CA LEU AB 163 122.99 16.69 -22.62
C LEU AB 163 123.47 15.73 -23.70
N GLU AB 164 124.73 15.81 -24.11
CA GLU AB 164 125.21 14.92 -25.16
C GLU AB 164 125.35 13.48 -24.67
N THR AB 165 125.66 13.31 -23.39
CA THR AB 165 125.79 11.97 -22.81
C THR AB 165 124.68 11.61 -21.84
N GLY AB 166 123.94 12.60 -21.32
CA GLY AB 166 122.88 12.32 -20.37
C GLY AB 166 123.38 11.75 -19.06
N LYS AB 167 124.57 12.15 -18.63
CA LYS AB 167 125.18 11.64 -17.41
C LYS AB 167 125.19 12.72 -16.33
N ILE AB 168 125.23 12.28 -15.09
CA ILE AB 168 125.25 13.19 -13.95
C ILE AB 168 126.64 13.80 -13.81
N THR AB 169 126.69 15.11 -13.59
CA THR AB 169 127.94 15.80 -13.28
C THR AB 169 128.08 16.05 -11.78
N ASP AB 170 127.12 16.76 -11.20
CA ASP AB 170 127.06 16.95 -9.75
C ASP AB 170 125.59 17.21 -9.39
N PHE AB 171 125.35 17.52 -8.11
CA PHE AB 171 123.99 17.63 -7.62
C PHE AB 171 123.97 18.54 -6.41
N ILE AB 172 122.77 19.04 -6.10
CA ILE AB 172 122.54 19.92 -4.97
C ILE AB 172 121.55 19.24 -4.04
N LYS AB 173 121.98 18.97 -2.81
CA LYS AB 173 121.09 18.37 -1.83
C LYS AB 173 120.00 19.35 -1.42
N PHE AB 174 118.79 18.86 -1.25
CA PHE AB 174 117.68 19.69 -0.81
C PHE AB 174 117.78 19.88 0.70
N ASP AB 175 118.09 21.10 1.12
CA ASP AB 175 118.19 21.41 2.54
C ASP AB 175 118.04 22.92 2.69
N THR AB 176 117.81 23.35 3.92
CA THR AB 176 117.64 24.78 4.20
C THR AB 176 118.92 25.53 3.85
N GLY AB 177 118.75 26.76 3.34
CA GLY AB 177 119.84 27.58 2.90
C GLY AB 177 120.03 27.61 1.40
N ASN AB 178 119.70 26.52 0.72
CA ASN AB 178 119.88 26.46 -0.71
C ASN AB 178 118.88 27.35 -1.43
N LEU AB 179 119.25 27.79 -2.62
CA LEU AB 179 118.36 28.58 -3.46
C LEU AB 179 117.37 27.66 -4.17
N CYS AB 180 116.19 28.21 -4.47
CA CYS AB 180 115.14 27.41 -5.09
C CYS AB 180 114.23 28.30 -5.91
N MET AB 181 113.45 27.65 -6.77
CA MET AB 181 112.47 28.33 -7.61
C MET AB 181 111.14 27.59 -7.52
N VAL AB 182 110.05 28.35 -7.50
CA VAL AB 182 108.71 27.78 -7.40
C VAL AB 182 108.23 27.40 -8.81
N THR AB 183 108.02 26.12 -9.04
CA THR AB 183 107.52 25.64 -10.33
C THR AB 183 106.03 25.31 -10.23
N GLY AB 184 105.23 26.34 -10.02
CA GLY AB 184 103.78 26.19 -10.07
C GLY AB 184 103.09 26.90 -8.91
N GLY AB 185 101.78 27.06 -9.04
CA GLY AB 185 101.00 27.69 -8.00
C GLY AB 185 100.87 29.19 -8.19
N ALA AB 186 100.63 29.89 -7.08
CA ALA AB 186 100.51 31.33 -7.09
C ALA AB 186 101.85 32.04 -6.89
N ASN AB 187 102.94 31.28 -6.73
CA ASN AB 187 104.26 31.86 -6.52
C ASN AB 187 105.26 31.45 -7.60
N LEU AB 188 104.80 30.93 -8.74
CA LEU AB 188 105.73 30.40 -9.73
C LEU AB 188 106.58 31.52 -10.31
N GLY AB 189 107.85 31.21 -10.55
CA GLY AB 189 108.80 32.17 -11.06
C GLY AB 189 109.59 32.90 -9.99
N ARG AB 190 109.14 32.87 -8.74
CA ARG AB 190 109.86 33.52 -7.66
C ARG AB 190 111.07 32.69 -7.25
N ILE AB 191 112.04 33.36 -6.63
CA ILE AB 191 113.29 32.73 -6.22
C ILE AB 191 113.61 33.15 -4.80
N GLY AB 192 114.15 32.21 -4.01
CA GLY AB 192 114.55 32.54 -2.65
C GLY AB 192 115.34 31.41 -2.03
N VAL AB 193 115.77 31.64 -0.80
CA VAL AB 193 116.51 30.64 -0.03
C VAL AB 193 115.53 29.88 0.84
N ILE AB 194 115.62 28.55 0.80
CA ILE AB 194 114.72 27.71 1.59
C ILE AB 194 114.98 27.95 3.07
N THR AB 195 113.91 28.14 3.83
CA THR AB 195 114.00 28.54 5.22
C THR AB 195 113.61 27.43 6.19
N ASN AB 196 112.41 26.86 6.04
CA ASN AB 196 111.95 25.78 6.88
C ASN AB 196 111.40 24.64 6.03
N ARG AB 197 111.03 23.56 6.70
CA ARG AB 197 110.39 22.42 6.06
C ARG AB 197 109.44 21.82 7.10
N GLU AB 198 108.17 22.22 7.04
CA GLU AB 198 107.17 21.83 8.03
C GLU AB 198 106.48 20.57 7.53
N ARG AB 199 106.95 19.41 7.98
CA ARG AB 199 106.47 18.14 7.47
C ARG AB 199 105.17 17.74 8.15
N HIS AB 200 104.19 17.34 7.35
CA HIS AB 200 102.93 16.79 7.84
C HIS AB 200 102.82 15.35 7.38
N PRO AB 201 102.92 14.37 8.29
CA PRO AB 201 102.83 12.96 7.87
C PRO AB 201 101.49 12.67 7.22
N GLY AB 202 101.53 12.05 6.05
CA GLY AB 202 100.35 11.70 5.29
C GLY AB 202 99.90 12.72 4.25
N SER AB 203 99.93 14.00 4.60
CA SER AB 203 99.47 15.05 3.72
C SER AB 203 100.63 15.60 2.90
N PHE AB 204 100.39 16.71 2.19
CA PHE AB 204 101.42 17.36 1.40
C PHE AB 204 102.31 18.23 2.29
N ASP AB 205 103.58 18.31 1.90
CA ASP AB 205 104.60 19.01 2.67
C ASP AB 205 104.70 20.46 2.22
N VAL AB 206 104.69 21.38 3.18
CA VAL AB 206 104.84 22.80 2.91
C VAL AB 206 106.29 23.20 3.11
N VAL AB 207 106.77 24.12 2.27
CA VAL AB 207 108.16 24.56 2.29
C VAL AB 207 108.18 26.08 2.42
N HIS AB 208 108.93 26.58 3.40
CA HIS AB 208 109.05 28.00 3.66
C HIS AB 208 110.30 28.55 3.00
N VAL AB 209 110.17 29.68 2.32
CA VAL AB 209 111.25 30.27 1.55
C VAL AB 209 111.06 31.77 1.51
N LYS AB 210 112.16 32.52 1.55
CA LYS AB 210 112.13 33.96 1.47
C LYS AB 210 113.05 34.45 0.37
N ASP AB 211 112.66 35.54 -0.28
CA ASP AB 211 113.41 36.11 -1.38
C ASP AB 211 114.59 36.92 -0.84
N ALA AB 212 115.32 37.58 -1.74
CA ALA AB 212 116.45 38.39 -1.32
C ALA AB 212 116.02 39.69 -0.66
N ASN AB 213 114.78 40.12 -0.88
CA ASN AB 213 114.30 41.40 -0.35
C ASN AB 213 113.66 41.27 1.03
N GLY AB 214 113.52 40.06 1.57
CA GLY AB 214 112.92 39.89 2.86
C GLY AB 214 111.44 39.61 2.86
N ASN AB 215 110.85 39.24 1.73
CA ASN AB 215 109.44 38.88 1.66
C ASN AB 215 109.32 37.36 1.64
N SER AB 216 108.64 36.80 2.64
CA SER AB 216 108.56 35.37 2.83
C SER AB 216 107.27 34.80 2.25
N PHE AB 217 107.35 33.56 1.76
CA PHE AB 217 106.20 32.89 1.20
C PHE AB 217 106.38 31.39 1.35
N ALA AB 218 105.27 30.65 1.28
CA ALA AB 218 105.27 29.22 1.45
C ALA AB 218 104.68 28.54 0.22
N THR AB 219 105.09 27.30 0.00
CA THR AB 219 104.63 26.52 -1.14
C THR AB 219 104.71 25.05 -0.77
N ARG AB 220 103.92 24.23 -1.47
CA ARG AB 220 104.03 22.79 -1.31
C ARG AB 220 105.39 22.29 -1.77
N LEU AB 221 105.90 21.27 -1.09
CA LEU AB 221 107.20 20.71 -1.43
C LEU AB 221 107.23 20.20 -2.87
N SER AB 222 106.10 19.76 -3.39
CA SER AB 222 106.03 19.26 -4.76
C SER AB 222 106.23 20.36 -5.80
N ASN AB 223 106.23 21.62 -5.40
CA ASN AB 223 106.39 22.74 -6.33
C ASN AB 223 107.69 23.51 -6.09
N ILE AB 224 108.65 22.91 -5.41
CA ILE AB 224 109.92 23.57 -5.08
C ILE AB 224 111.04 22.88 -5.85
N PHE AB 225 111.86 23.69 -6.53
CA PHE AB 225 112.93 23.19 -7.37
C PHE AB 225 114.22 23.89 -6.98
N VAL AB 226 115.18 23.14 -6.42
CA VAL AB 226 116.46 23.72 -6.03
C VAL AB 226 117.27 24.06 -7.27
N ILE AB 227 117.86 25.26 -7.28
CA ILE AB 227 118.60 25.73 -8.45
C ILE AB 227 120.02 26.18 -8.11
N GLY AB 228 120.43 26.14 -6.85
CA GLY AB 228 121.78 26.58 -6.53
C GLY AB 228 122.11 26.30 -5.07
N LYS AB 229 123.41 26.34 -4.79
CA LYS AB 229 123.93 26.20 -3.44
C LYS AB 229 124.02 27.57 -2.79
N GLY AB 230 123.61 27.64 -1.52
CA GLY AB 230 123.57 28.93 -0.85
C GLY AB 230 122.65 29.87 -1.59
N ASN AB 231 123.13 31.09 -1.82
CA ASN AB 231 122.38 32.08 -2.60
C ASN AB 231 122.95 32.27 -3.99
N LYS AB 232 123.77 31.34 -4.46
CA LYS AB 232 124.42 31.44 -5.76
C LYS AB 232 123.79 30.47 -6.74
N PRO AB 233 123.02 30.94 -7.71
CA PRO AB 233 122.39 30.03 -8.67
C PRO AB 233 123.42 29.41 -9.60
N TRP AB 234 123.08 28.23 -10.13
CA TRP AB 234 123.92 27.54 -11.09
C TRP AB 234 123.57 27.85 -12.53
N ILE AB 235 122.53 28.67 -12.76
CA ILE AB 235 122.13 29.07 -14.10
C ILE AB 235 122.02 30.58 -14.13
N SER AB 236 122.07 31.13 -15.34
CA SER AB 236 121.85 32.57 -15.53
C SER AB 236 120.37 32.87 -15.33
N LEU AB 237 120.03 33.51 -14.22
CA LEU AB 237 118.65 33.80 -13.91
C LEU AB 237 118.10 34.83 -14.90
N PRO AB 238 116.79 34.80 -15.15
CA PRO AB 238 116.20 35.72 -16.12
C PRO AB 238 116.12 37.14 -15.57
N ARG AB 239 115.53 38.02 -16.37
CA ARG AB 239 115.40 39.42 -15.97
C ARG AB 239 114.52 39.55 -14.73
N GLY AB 240 114.92 40.45 -13.83
CA GLY AB 240 114.23 40.65 -12.58
C GLY AB 240 114.70 39.76 -11.46
N LYS AB 241 115.46 38.70 -11.77
CA LYS AB 241 116.07 37.84 -10.78
C LYS AB 241 115.06 37.23 -9.82
N GLY AB 242 113.87 36.90 -10.33
CA GLY AB 242 112.89 36.17 -9.54
C GLY AB 242 112.30 36.91 -8.36
N ILE AB 243 112.48 38.22 -8.28
CA ILE AB 243 111.88 39.02 -7.21
C ILE AB 243 110.55 39.56 -7.70
N ARG AB 244 109.50 39.40 -6.90
CA ARG AB 244 108.16 39.84 -7.27
C ARG AB 244 107.95 41.26 -6.76
N LEU AB 245 107.62 42.16 -7.68
CA LEU AB 245 107.26 43.53 -7.34
C LEU AB 245 105.75 43.66 -7.31
N THR AB 246 105.24 44.36 -6.30
CA THR AB 246 103.80 44.51 -6.18
C THR AB 246 103.28 45.49 -7.24
N ILE AB 247 101.96 45.66 -7.25
CA ILE AB 247 101.32 46.51 -8.24
C ILE AB 247 101.73 47.97 -8.04
N ALA AB 248 101.91 48.40 -6.80
CA ALA AB 248 102.10 49.82 -6.52
C ALA AB 248 103.41 50.34 -7.10
N GLU AB 249 104.52 49.68 -6.82
CA GLU AB 249 105.81 50.16 -7.26
C GLU AB 249 106.18 49.71 -8.67
N GLU AB 250 105.42 48.78 -9.26
CA GLU AB 250 105.67 48.41 -10.64
C GLU AB 250 105.36 49.56 -11.59
N ARG AB 251 104.26 50.27 -11.36
CA ARG AB 251 103.92 51.39 -12.24
C ARG AB 251 104.89 52.55 -12.06
N ASP AB 252 105.46 52.73 -10.87
CA ASP AB 252 106.46 53.77 -10.66
C ASP AB 252 107.67 53.52 -11.55
N LYS AB 253 108.13 52.26 -11.62
CA LYS AB 253 109.19 51.92 -12.55
C LYS AB 253 108.75 52.12 -13.99
N ARG AB 254 107.53 51.71 -14.32
CA ARG AB 254 107.03 51.88 -15.69
C ARG AB 254 106.91 53.35 -16.04
N LEU AB 255 106.41 54.16 -15.12
CA LEU AB 255 106.27 55.59 -15.37
C LEU AB 255 107.64 56.25 -15.55
N ALA AB 256 108.62 55.86 -14.74
CA ALA AB 256 109.94 56.44 -14.83
C ALA AB 256 110.59 56.17 -16.18
N ALA AB 257 110.43 54.94 -16.70
CA ALA AB 257 111.03 54.60 -17.98
C ALA AB 257 110.45 55.43 -19.12
N LYS AB 258 109.24 55.94 -18.96
CA LYS AB 258 108.61 56.73 -20.02
C LYS AB 258 109.29 58.09 -20.16
N GLN AB 259 109.28 58.90 -19.10
CA GLN AB 259 109.87 60.23 -19.18
C GLN AB 259 111.37 60.16 -19.43
N SER AB 260 112.05 59.21 -18.79
CA SER AB 260 113.48 59.06 -19.01
C SER AB 260 113.79 58.77 -20.47
N SER AB 261 112.90 58.07 -21.17
CA SER AB 261 112.99 57.91 -22.61
C SER AB 261 112.23 59.00 -23.37
N GLY AB 262 111.48 59.84 -22.67
CA GLY AB 262 110.72 60.90 -23.31
C GLY AB 262 109.45 61.25 -22.55
N THR BB 1 -30.18 103.28 43.00
CA THR BB 1 -31.39 102.96 43.73
C THR BB 1 -31.37 101.51 44.24
N PRO BB 2 -32.06 101.26 45.35
CA PRO BB 2 -32.17 99.88 45.85
C PRO BB 2 -33.08 99.02 45.00
N ASP BB 3 -33.32 97.80 45.47
CA ASP BB 3 -34.28 96.83 44.92
C ASP BB 3 -34.33 96.85 43.38
N ILE BB 4 -33.15 96.65 42.78
CA ILE BB 4 -33.06 96.48 41.33
C ILE BB 4 -33.76 95.16 40.99
N LYS BB 5 -34.81 95.24 40.18
CA LYS BB 5 -35.63 94.07 39.87
C LYS BB 5 -35.62 93.81 38.37
N LEU BB 6 -35.50 92.54 38.00
CA LEU BB 6 -35.36 92.15 36.60
C LEU BB 6 -36.60 92.52 35.80
N PHE BB 7 -36.39 93.10 34.63
CA PHE BB 7 -37.45 93.58 33.75
C PHE BB 7 -38.33 94.63 34.40
N GLY BB 8 -37.95 95.12 35.58
CA GLY BB 8 -38.86 95.91 36.38
C GLY BB 8 -40.07 95.15 36.86
N LYS BB 9 -40.02 93.81 36.85
CA LYS BB 9 -41.16 93.02 37.25
C LYS BB 9 -40.85 91.96 38.30
N TRP BB 10 -39.69 91.31 38.21
CA TRP BB 10 -39.32 90.22 39.10
C TRP BB 10 -38.27 90.69 40.09
N SER BB 11 -38.53 90.48 41.38
CA SER BB 11 -37.60 90.91 42.42
C SER BB 11 -36.50 89.88 42.60
N THR BB 12 -35.25 90.36 42.62
CA THR BB 12 -34.12 89.47 42.82
C THR BB 12 -33.99 89.00 44.25
N ASP BB 13 -34.48 89.77 45.22
CA ASP BB 13 -34.49 89.34 46.60
C ASP BB 13 -35.44 88.16 46.78
N ASP BB 14 -35.34 87.53 47.96
CA ASP BB 14 -36.16 86.38 48.32
C ASP BB 14 -35.85 85.17 47.44
N VAL BB 15 -34.72 85.18 46.76
CA VAL BB 15 -34.23 84.03 46.01
C VAL BB 15 -33.09 83.42 46.82
N GLN BB 16 -33.22 82.14 47.16
CA GLN BB 16 -32.29 81.48 48.06
C GLN BB 16 -31.64 80.29 47.37
N ILE BB 17 -30.32 80.25 47.39
CA ILE BB 17 -29.55 79.13 46.87
C ILE BB 17 -29.39 78.12 48.01
N ASN BB 18 -30.03 76.96 47.86
CA ASN BB 18 -30.00 75.97 48.93
C ASN BB 18 -28.67 75.23 48.99
N ASP BB 19 -28.02 75.00 47.84
CA ASP BB 19 -26.78 74.23 47.80
C ASP BB 19 -25.59 75.17 47.93
N ILE BB 20 -24.85 75.01 49.03
CA ILE BB 20 -23.69 75.85 49.27
C ILE BB 20 -22.55 75.53 48.30
N SER BB 21 -22.61 74.38 47.64
CA SER BB 21 -21.56 74.01 46.70
C SER BB 21 -21.47 75.01 45.55
N LEU BB 22 -22.61 75.51 45.07
CA LEU BB 22 -22.64 76.42 43.93
C LEU BB 22 -23.07 77.83 44.33
N GLN BB 23 -22.96 78.17 45.62
CA GLN BB 23 -23.43 79.47 46.07
C GLN BB 23 -22.65 80.61 45.42
N ASP BB 24 -21.32 80.48 45.36
CA ASP BB 24 -20.46 81.55 44.90
C ASP BB 24 -20.33 81.61 43.38
N TYR BB 25 -20.94 80.68 42.66
CA TYR BB 25 -20.87 80.65 41.22
C TYR BB 25 -22.20 80.99 40.55
N ILE BB 26 -23.16 81.50 41.31
CA ILE BB 26 -24.44 81.95 40.76
C ILE BB 26 -24.68 83.37 41.24
N ALA BB 27 -24.80 84.30 40.30
CA ALA BB 27 -24.88 85.73 40.61
C ALA BB 27 -26.33 86.18 40.45
N VAL BB 28 -27.04 86.25 41.58
CA VAL BB 28 -28.44 86.69 41.58
C VAL BB 28 -28.61 87.89 42.50
N LYS BB 29 -27.73 88.01 43.50
CA LYS BB 29 -27.99 88.88 44.64
C LYS BB 29 -27.71 90.34 44.31
N GLU BB 30 -27.66 91.16 45.37
CA GLU BB 30 -27.73 92.61 45.21
C GLU BB 30 -26.59 93.16 44.36
N LYS BB 31 -25.41 92.58 44.46
CA LYS BB 31 -24.29 93.11 43.68
C LYS BB 31 -24.46 92.86 42.19
N TYR BB 32 -25.22 91.83 41.82
CA TYR BB 32 -25.41 91.45 40.43
C TYR BB 32 -26.87 91.57 39.99
N ALA BB 33 -27.66 92.37 40.70
CA ALA BB 33 -29.05 92.58 40.33
C ALA BB 33 -29.14 93.68 39.28
N LYS BB 34 -29.66 93.36 38.10
CA LYS BB 34 -29.69 94.28 36.98
C LYS BB 34 -31.09 94.33 36.39
N TYR BB 35 -31.42 95.47 35.79
CA TYR BB 35 -32.75 95.64 35.20
C TYR BB 35 -32.93 94.81 33.95
N LEU BB 36 -31.84 94.48 33.25
CA LEU BB 36 -31.93 93.79 31.98
C LEU BB 36 -30.96 92.61 31.94
N PRO BB 37 -31.30 91.55 31.19
CA PRO BB 37 -30.37 90.43 31.03
C PRO BB 37 -29.34 90.72 29.96
N HIS BB 38 -29.20 91.99 29.61
CA HIS BB 38 -28.21 92.47 28.65
C HIS BB 38 -27.12 93.23 29.40
N SER BB 39 -25.88 93.02 29.00
CA SER BB 39 -24.75 93.69 29.64
C SER BB 39 -23.69 93.96 28.59
N ALA BB 40 -22.74 94.83 28.94
CA ALA BB 40 -21.68 95.20 28.01
C ALA BB 40 -20.85 93.98 27.63
N GLY BB 41 -20.14 93.41 28.61
CA GLY BB 41 -19.29 92.27 28.34
C GLY BB 41 -18.08 92.18 29.23
N ARG BB 42 -16.91 91.95 28.62
CA ARG BB 42 -15.63 91.84 29.34
C ARG BB 42 -15.63 90.72 30.37
N TYR BB 43 -16.36 89.63 30.10
CA TYR BB 43 -16.42 88.51 31.02
C TYR BB 43 -15.51 87.35 30.61
N ALA BB 44 -15.03 87.34 29.37
CA ALA BB 44 -14.16 86.29 28.89
C ALA BB 44 -12.69 86.70 28.85
N ALA BB 45 -12.35 87.82 29.50
CA ALA BB 45 -10.97 88.30 29.45
C ALA BB 45 -10.05 87.46 30.33
N LYS BB 46 -10.51 87.07 31.51
CA LYS BB 46 -9.74 86.26 32.44
C LYS BB 46 -10.49 84.97 32.74
N ARG BB 47 -9.87 84.11 33.55
CA ARG BB 47 -10.36 82.74 33.69
C ARG BB 47 -11.62 82.65 34.54
N PHE BB 48 -11.74 83.46 35.60
CA PHE BB 48 -12.86 83.32 36.52
C PHE BB 48 -13.74 84.56 36.58
N ARG BB 49 -13.59 85.51 35.66
CA ARG BB 49 -14.55 86.60 35.58
C ARG BB 49 -15.91 86.11 35.12
N LYS BB 50 -15.97 84.92 34.53
CA LYS BB 50 -17.24 84.36 34.08
C LYS BB 50 -18.23 84.19 35.24
N ALA BB 51 -17.73 83.91 36.44
CA ALA BB 51 -18.58 83.71 37.60
C ALA BB 51 -19.19 85.00 38.12
N GLN BB 52 -18.70 86.15 37.70
CA GLN BB 52 -19.26 87.43 38.10
C GLN BB 52 -20.30 87.95 37.12
N CYS BB 53 -20.58 87.21 36.06
CA CYS BB 53 -21.66 87.53 35.14
C CYS BB 53 -22.98 87.11 35.76
N PRO BB 54 -24.03 87.94 35.68
CA PRO BB 54 -25.33 87.52 36.21
C PRO BB 54 -25.84 86.28 35.51
N ILE BB 55 -26.50 85.41 36.29
CA ILE BB 55 -26.90 84.10 35.77
C ILE BB 55 -27.91 84.23 34.63
N VAL BB 56 -28.79 85.22 34.71
CA VAL BB 56 -29.76 85.43 33.62
C VAL BB 56 -29.04 85.85 32.34
N GLU BB 57 -27.97 86.63 32.47
CA GLU BB 57 -27.15 86.96 31.29
C GLU BB 57 -26.52 85.71 30.70
N ARG BB 58 -26.04 84.81 31.56
CA ARG BB 58 -25.42 83.58 31.07
C ARG BB 58 -26.42 82.70 30.34
N LEU BB 59 -27.70 82.77 30.71
CA LEU BB 59 -28.72 82.00 30.00
C LEU BB 59 -29.02 82.61 28.64
N THR BB 60 -29.06 83.93 28.56
CA THR BB 60 -29.29 84.59 27.28
C THR BB 60 -28.17 84.30 26.30
N ASN BB 61 -26.93 84.31 26.77
CA ASN BB 61 -25.79 84.00 25.91
C ASN BB 61 -25.78 82.55 25.45
N SER BB 62 -26.49 81.66 26.16
CA SER BB 62 -26.62 80.28 25.77
C SER BB 62 -27.84 80.03 24.88
N MET BB 63 -28.36 81.08 24.24
CA MET BB 63 -29.52 80.96 23.37
C MET BB 63 -29.25 81.44 21.95
N MET BB 64 -28.05 81.94 21.67
CA MET BB 64 -27.67 82.32 20.31
C MET BB 64 -26.91 81.18 19.63
N MET BB 65 -27.59 80.06 19.47
CA MET BB 65 -26.96 78.83 19.04
C MET BB 65 -27.57 78.32 17.74
N HIS BB 66 -26.78 77.52 17.02
CA HIS BB 66 -27.19 76.86 15.77
C HIS BB 66 -27.41 77.85 14.64
N GLY BB 67 -26.40 78.69 14.40
CA GLY BB 67 -26.21 79.30 13.10
C GLY BB 67 -27.19 80.37 12.66
N ARG BB 68 -28.48 80.02 12.61
CA ARG BB 68 -29.48 80.94 12.12
C ARG BB 68 -29.55 82.22 12.94
N ASN BB 69 -29.09 82.18 14.19
CA ASN BB 69 -29.32 83.30 15.10
C ASN BB 69 -28.12 83.58 15.99
N ASN BB 70 -26.90 83.43 15.46
CA ASN BB 70 -25.73 83.92 16.17
C ASN BB 70 -25.76 85.44 16.23
N GLY BB 71 -25.36 85.97 17.39
CA GLY BB 71 -25.31 87.41 17.55
C GLY BB 71 -26.63 88.12 17.42
N LYS BB 72 -27.72 87.48 17.83
CA LYS BB 72 -29.04 88.11 17.86
C LYS BB 72 -29.46 88.18 19.33
N LYS BB 73 -28.98 89.21 20.01
CA LYS BB 73 -29.23 89.33 21.44
C LYS BB 73 -30.64 89.83 21.72
N LEU BB 74 -31.15 90.72 20.87
CA LEU BB 74 -32.46 91.31 21.12
C LEU BB 74 -33.56 90.26 21.05
N MET BB 75 -33.47 89.34 20.11
CA MET BB 75 -34.48 88.28 20.03
C MET BB 75 -34.37 87.33 21.21
N THR BB 76 -33.14 87.04 21.66
CA THR BB 76 -32.99 86.14 22.79
C THR BB 76 -33.46 86.78 24.08
N VAL BB 77 -33.23 88.09 24.25
CA VAL BB 77 -33.66 88.78 25.46
C VAL BB 77 -35.18 88.74 25.58
N ARG BB 78 -35.89 89.00 24.49
CA ARG BB 78 -37.35 88.98 24.55
C ARG BB 78 -37.88 87.58 24.74
N ILE BB 79 -37.13 86.56 24.32
CA ILE BB 79 -37.57 85.18 24.54
C ILE BB 79 -37.55 84.85 26.02
N VAL BB 80 -36.47 85.24 26.72
CA VAL BB 80 -36.38 84.99 28.15
C VAL BB 80 -37.45 85.78 28.89
N LYS BB 81 -37.73 87.00 28.45
CA LYS BB 81 -38.75 87.81 29.10
C LYS BB 81 -40.12 87.14 29.04
N HIS BB 82 -40.53 86.70 27.85
CA HIS BB 82 -41.81 86.02 27.71
C HIS BB 82 -41.81 84.68 28.43
N ALA BB 83 -40.66 83.99 28.46
CA ALA BB 83 -40.58 82.73 29.18
C ALA BB 83 -40.72 82.94 30.68
N PHE BB 84 -40.09 83.98 31.22
CA PHE BB 84 -40.22 84.28 32.63
C PHE BB 84 -41.64 84.69 32.99
N GLU BB 85 -42.36 85.31 32.06
CA GLU BB 85 -43.74 85.70 32.32
C GLU BB 85 -44.62 84.47 32.52
N ILE BB 86 -44.46 83.45 31.67
CA ILE BB 86 -45.35 82.30 31.71
C ILE BB 86 -44.87 81.21 32.64
N ILE BB 87 -43.64 81.29 33.14
CA ILE BB 87 -43.26 80.45 34.27
C ILE BB 87 -43.97 80.91 35.53
N HIS BB 88 -44.13 82.22 35.69
CA HIS BB 88 -44.75 82.77 36.90
C HIS BB 88 -46.22 82.38 36.99
N LEU BB 89 -46.97 82.57 35.91
CA LEU BB 89 -48.40 82.32 35.92
C LEU BB 89 -48.73 80.84 35.73
N LEU BB 90 -47.72 79.98 35.62
CA LEU BB 90 -47.93 78.54 35.60
C LEU BB 90 -47.42 77.85 36.86
N THR BB 91 -46.54 78.50 37.62
CA THR BB 91 -45.99 77.95 38.85
C THR BB 91 -46.39 78.74 40.08
N GLY BB 92 -46.40 80.07 40.00
CA GLY BB 92 -46.96 80.90 41.05
C GLY BB 92 -45.97 81.65 41.92
N GLU BB 93 -44.69 81.69 41.56
CA GLU BB 93 -43.71 82.44 42.33
C GLU BB 93 -42.69 83.04 41.37
N ASN BB 94 -41.67 83.68 41.93
CA ASN BB 94 -40.66 84.38 41.16
C ASN BB 94 -39.90 83.39 40.29
N PRO BB 95 -39.83 83.60 38.97
CA PRO BB 95 -39.12 82.65 38.10
C PRO BB 95 -37.65 82.50 38.43
N LEU BB 96 -37.03 83.50 39.08
CA LEU BB 96 -35.63 83.38 39.45
C LEU BB 96 -35.41 82.17 40.35
N GLN BB 97 -36.32 81.95 41.30
CA GLN BB 97 -36.24 80.75 42.13
C GLN BB 97 -36.41 79.48 41.30
N VAL BB 98 -37.21 79.55 40.23
CA VAL BB 98 -37.38 78.40 39.35
C VAL BB 98 -36.10 78.14 38.56
N LEU BB 99 -35.52 79.19 37.99
CA LEU BB 99 -34.30 79.03 37.20
C LEU BB 99 -33.14 78.54 38.07
N VAL BB 100 -32.98 79.12 39.27
CA VAL BB 100 -31.87 78.73 40.13
C VAL BB 100 -32.01 77.27 40.55
N ASN BB 101 -33.21 76.85 40.91
CA ASN BB 101 -33.43 75.46 41.32
C ASN BB 101 -33.11 74.50 40.19
N ALA BB 102 -33.43 74.88 38.95
CA ALA BB 102 -33.10 74.03 37.81
C ALA BB 102 -31.60 73.88 37.65
N ILE BB 103 -30.86 74.97 37.85
CA ILE BB 103 -29.40 74.91 37.73
C ILE BB 103 -28.82 73.95 38.76
N ILE BB 104 -29.33 74.00 39.99
CA ILE BB 104 -28.82 73.13 41.05
C ILE BB 104 -29.06 71.67 40.72
N ASN BB 105 -30.24 71.34 40.20
CA ASN BB 105 -30.62 69.95 39.97
C ASN BB 105 -30.15 69.41 38.63
N SER BB 106 -29.71 70.26 37.71
CA SER BB 106 -29.37 69.80 36.36
C SER BB 106 -27.88 69.65 36.11
N GLY BB 107 -27.04 70.39 36.82
CA GLY BB 107 -25.61 70.27 36.65
C GLY BB 107 -25.08 68.95 37.18
N PRO BB 108 -24.53 68.13 36.29
CA PRO BB 108 -24.02 66.82 36.72
C PRO BB 108 -22.87 66.97 37.70
N ARG BB 109 -22.77 66.02 38.61
CA ARG BB 109 -21.80 66.08 39.69
C ARG BB 109 -20.64 65.10 39.52
N GLU BB 110 -20.59 64.38 38.40
CA GLU BB 110 -19.52 63.43 38.17
C GLU BB 110 -19.49 63.07 36.70
N ASP BB 111 -18.28 62.93 36.14
CA ASP BB 111 -18.11 62.64 34.73
C ASP BB 111 -16.96 61.65 34.57
N SER BB 112 -16.75 61.21 33.34
CA SER BB 112 -15.68 60.27 33.00
C SER BB 112 -14.76 60.89 31.95
N THR BB 113 -13.49 60.51 32.02
CA THR BB 113 -12.48 61.02 31.09
C THR BB 113 -11.45 59.93 30.80
N ARG BB 114 -10.80 60.06 29.66
CA ARG BB 114 -9.71 59.17 29.28
C ARG BB 114 -8.47 59.51 30.08
N ILE BB 115 -7.94 58.53 30.80
CA ILE BB 115 -6.76 58.75 31.63
C ILE BB 115 -5.56 58.02 31.05
N ARG BB 122 -11.76 52.09 28.22
CA ARG BB 122 -11.73 52.35 29.65
C ARG BB 122 -11.64 53.84 29.97
N ARG BB 123 -12.43 54.26 30.95
CA ARG BB 123 -12.50 55.65 31.38
C ARG BB 123 -12.56 55.71 32.89
N GLN BB 124 -12.02 56.77 33.47
CA GLN BB 124 -11.98 56.95 34.91
C GLN BB 124 -13.05 57.94 35.35
N ALA BB 125 -13.63 57.70 36.52
CA ALA BB 125 -14.69 58.55 37.06
C ALA BB 125 -14.07 59.67 37.88
N VAL BB 126 -14.37 60.92 37.51
CA VAL BB 126 -13.88 62.09 38.22
C VAL BB 126 -15.07 62.99 38.52
N ASP BB 127 -14.95 63.78 39.58
CA ASP BB 127 -16.03 64.70 39.90
C ASP BB 127 -15.85 66.01 39.14
N VAL BB 128 -16.88 66.85 39.20
CA VAL BB 128 -16.95 68.06 38.41
C VAL BB 128 -16.75 69.27 39.33
N SER BB 129 -15.94 70.22 38.88
CA SER BB 129 -15.73 71.44 39.63
C SER BB 129 -17.02 72.26 39.66
N PRO BB 130 -17.19 73.12 40.67
CA PRO BB 130 -18.44 73.90 40.76
C PRO BB 130 -18.70 74.78 39.55
N LEU BB 131 -17.67 75.36 38.95
CA LEU BB 131 -17.89 76.24 37.81
C LEU BB 131 -18.46 75.48 36.61
N ARG BB 132 -17.90 74.30 36.32
CA ARG BB 132 -18.40 73.52 35.20
C ARG BB 132 -19.83 73.02 35.46
N ARG BB 133 -20.18 72.82 36.73
CA ARG BB 133 -21.55 72.41 37.05
C ARG BB 133 -22.55 73.46 36.60
N VAL BB 134 -22.22 74.75 36.78
CA VAL BB 134 -23.08 75.80 36.28
C VAL BB 134 -23.09 75.81 34.76
N ASN BB 135 -21.93 75.65 34.13
CA ASN BB 135 -21.84 75.69 32.67
C ASN BB 135 -22.67 74.57 32.04
N GLN BB 136 -22.55 73.36 32.59
CA GLN BB 136 -23.31 72.22 32.05
C GLN BB 136 -24.80 72.42 32.23
N ALA BB 137 -25.22 73.01 33.36
CA ALA BB 137 -26.64 73.22 33.59
C ALA BB 137 -27.24 74.15 32.54
N ILE BB 138 -26.61 75.30 32.32
CA ILE BB 138 -27.12 76.25 31.33
C ILE BB 138 -27.09 75.63 29.94
N TRP BB 139 -26.04 74.87 29.64
CA TRP BB 139 -25.94 74.22 28.34
C TRP BB 139 -27.07 73.20 28.17
N LEU BB 140 -27.33 72.40 29.19
CA LEU BB 140 -28.33 71.33 29.06
C LEU BB 140 -29.74 71.89 29.02
N LEU BB 141 -30.03 72.90 29.84
CA LEU BB 141 -31.38 73.45 29.87
C LEU BB 141 -31.75 74.10 28.54
N CYS BB 142 -30.80 74.78 27.90
CA CYS BB 142 -31.11 75.46 26.66
C CYS BB 142 -31.25 74.49 25.49
N THR BB 143 -30.38 73.47 25.43
CA THR BB 143 -30.46 72.54 24.31
C THR BB 143 -31.71 71.69 24.36
N GLY BB 144 -32.26 71.48 25.55
CA GLY BB 144 -33.55 70.80 25.64
C GLY BB 144 -34.67 71.63 25.04
N ALA BB 145 -34.71 72.93 25.37
CA ALA BB 145 -35.72 73.80 24.81
C ALA BB 145 -35.57 73.93 23.30
N ARG BB 146 -34.34 73.96 22.82
CA ARG BB 146 -34.11 74.12 21.38
C ARG BB 146 -34.68 72.93 20.61
N GLU BB 147 -34.43 71.71 21.09
CA GLU BB 147 -34.91 70.54 20.39
C GLU BB 147 -36.41 70.31 20.56
N ALA BB 148 -37.00 70.81 21.65
CA ALA BB 148 -38.43 70.66 21.85
C ALA BB 148 -39.24 71.65 21.01
N ALA BB 149 -38.60 72.69 20.49
CA ALA BB 149 -39.27 73.72 19.72
C ALA BB 149 -39.05 73.59 18.22
N PHE BB 150 -38.18 72.67 17.79
CA PHE BB 150 -37.86 72.52 16.38
C PHE BB 150 -38.95 71.72 15.68
N ARG BB 151 -39.45 72.27 14.56
CA ARG BB 151 -40.52 71.64 13.79
C ARG BB 151 -41.74 71.34 14.66
N ASN BB 152 -42.06 72.28 15.55
CA ASN BB 152 -43.20 72.13 16.44
C ASN BB 152 -43.97 73.43 16.50
N ILE BB 153 -45.29 73.32 16.70
CA ILE BB 153 -46.14 74.50 16.68
C ILE BB 153 -45.84 75.41 17.87
N LYS BB 154 -45.58 74.82 19.04
CA LYS BB 154 -45.37 75.63 20.23
C LYS BB 154 -44.09 76.46 20.10
N THR BB 155 -44.12 77.67 20.65
CA THR BB 155 -43.04 78.62 20.47
C THR BB 155 -41.82 78.23 21.30
N ILE BB 156 -40.70 78.89 21.00
CA ILE BB 156 -39.47 78.67 21.75
C ILE BB 156 -39.62 79.11 23.21
N ALA BB 157 -40.50 80.09 23.47
CA ALA BB 157 -40.61 80.65 24.81
C ALA BB 157 -41.16 79.62 25.80
N GLU BB 158 -42.26 78.96 25.45
CA GLU BB 158 -42.84 77.98 26.36
C GLU BB 158 -42.07 76.68 26.40
N CYS BB 159 -41.34 76.35 25.34
CA CYS BB 159 -40.40 75.22 25.42
C CYS BB 159 -39.32 75.49 26.45
N LEU BB 160 -38.86 76.74 26.53
CA LEU BB 160 -37.90 77.11 27.56
C LEU BB 160 -38.56 77.19 28.92
N ALA BB 161 -39.85 77.55 28.97
CA ALA BB 161 -40.54 77.68 30.24
C ALA BB 161 -40.69 76.34 30.94
N ASP BB 162 -41.20 75.33 30.23
CA ASP BB 162 -41.45 74.05 30.89
C ASP BB 162 -40.17 73.30 31.18
N GLU BB 163 -39.12 73.54 30.39
CA GLU BB 163 -37.83 72.91 30.67
C GLU BB 163 -37.26 73.38 32.00
N LEU BB 164 -37.40 74.67 32.30
CA LEU BB 164 -37.00 75.17 33.61
C LEU BB 164 -37.92 74.64 34.71
N ILE BB 165 -39.23 74.57 34.43
CA ILE BB 165 -40.18 74.10 35.43
C ILE BB 165 -39.95 72.63 35.72
N ASN BB 166 -39.86 71.81 34.68
CA ASN BB 166 -39.68 70.37 34.88
C ASN BB 166 -38.36 70.06 35.57
N ALA BB 167 -37.29 70.76 35.19
CA ALA BB 167 -35.99 70.51 35.81
C ALA BB 167 -35.96 70.97 37.26
N ALA BB 168 -36.66 72.07 37.58
CA ALA BB 168 -36.66 72.56 38.96
C ALA BB 168 -37.28 71.53 39.90
N LYS BB 169 -38.38 70.89 39.49
CA LYS BB 169 -38.98 69.84 40.28
C LYS BB 169 -38.24 68.53 40.19
N GLY BB 170 -37.26 68.41 39.31
CA GLY BB 170 -36.56 67.15 39.12
C GLY BB 170 -37.47 66.02 38.71
N SER BB 171 -38.45 66.31 37.85
CA SER BB 171 -39.47 65.32 37.50
C SER BB 171 -38.94 64.21 36.60
N SER BB 172 -37.75 64.36 36.05
CA SER BB 172 -37.10 63.41 35.13
C SER BB 172 -37.70 63.45 33.73
N ASN BB 173 -38.75 64.22 33.50
CA ASN BB 173 -39.32 64.36 32.17
C ASN BB 173 -38.68 65.47 31.36
N SER BB 174 -37.76 66.23 31.96
CA SER BB 174 -37.04 67.27 31.24
C SER BB 174 -35.79 66.70 30.60
N TYR BB 175 -35.37 67.32 29.50
CA TYR BB 175 -34.22 66.82 28.76
C TYR BB 175 -32.93 66.94 29.57
N ALA BB 176 -32.80 68.01 30.35
CA ALA BB 176 -31.56 68.23 31.11
C ALA BB 176 -31.34 67.13 32.13
N ILE BB 177 -32.39 66.73 32.84
CA ILE BB 177 -32.24 65.71 33.88
C ILE BB 177 -31.97 64.34 33.25
N LYS BB 178 -32.63 64.04 32.13
CA LYS BB 178 -32.38 62.77 31.45
C LYS BB 178 -30.94 62.62 31.01
N LYS BB 179 -30.21 63.73 30.83
CA LYS BB 179 -28.80 63.66 30.51
C LYS BB 179 -27.93 63.60 31.76
N LYS BB 180 -28.34 64.26 32.84
CA LYS BB 180 -27.54 64.25 34.06
C LYS BB 180 -27.43 62.85 34.63
N ASP BB 181 -28.56 62.17 34.84
CA ASP BB 181 -28.51 60.83 35.41
C ASP BB 181 -27.79 59.87 34.49
N GLU BB 182 -27.97 60.04 33.17
CA GLU BB 182 -27.20 59.25 32.20
C GLU BB 182 -25.70 59.41 32.45
N LEU BB 183 -25.24 60.65 32.59
CA LEU BB 183 -23.81 60.89 32.78
C LEU BB 183 -23.32 60.36 34.12
N GLU BB 184 -24.13 60.50 35.17
CA GLU BB 184 -23.72 60.01 36.48
C GLU BB 184 -23.83 58.50 36.58
N ARG BB 185 -24.75 57.88 35.83
CA ARG BB 185 -24.83 56.43 35.81
C ARG BB 185 -23.66 55.82 35.04
N VAL BB 186 -23.27 56.45 33.93
CA VAL BB 186 -22.09 55.99 33.20
C VAL BB 186 -20.84 56.16 34.04
N ALA BB 187 -20.72 57.30 34.72
CA ALA BB 187 -19.54 57.56 35.55
C ALA BB 187 -19.41 56.52 36.65
N LYS BB 188 -20.52 56.14 37.28
CA LYS BB 188 -20.48 55.14 38.33
C LYS BB 188 -20.03 53.80 37.79
N SER BB 189 -20.47 53.44 36.58
CA SER BB 189 -20.01 52.19 35.97
C SER BB 189 -18.54 52.25 35.60
N ASN BB 190 -18.02 53.45 35.33
CA ASN BB 190 -16.61 53.62 35.03
C ASN BB 190 -15.74 53.80 36.27
N ARG BB 191 -16.34 53.67 37.45
CA ARG BB 191 -15.60 53.82 38.70
C ARG BB 191 -14.94 52.50 39.09
N MET CB 1 69.64 -24.43 -67.43
CA MET CB 1 70.75 -24.65 -66.49
C MET CB 1 72.09 -24.62 -67.22
N LYS CB 2 72.80 -23.51 -67.07
CA LYS CB 2 74.10 -23.34 -67.71
C LYS CB 2 75.12 -24.30 -67.09
N LEU CB 3 76.26 -24.44 -67.77
CA LEU CB 3 77.37 -25.24 -67.27
C LEU CB 3 78.65 -24.43 -67.43
N ASN CB 4 79.41 -24.31 -66.35
CA ASN CB 4 80.68 -23.57 -66.33
C ASN CB 4 81.79 -24.57 -66.07
N ILE CB 5 82.42 -25.07 -67.13
CA ILE CB 5 83.48 -26.07 -67.02
C ILE CB 5 84.81 -25.40 -67.28
N SER CB 6 85.76 -25.59 -66.37
CA SER CB 6 87.11 -25.04 -66.49
C SER CB 6 88.11 -26.19 -66.55
N PHE CB 7 89.19 -25.97 -67.29
CA PHE CB 7 90.23 -26.99 -67.46
C PHE CB 7 91.52 -26.47 -66.85
N PRO CB 8 91.97 -27.01 -65.72
CA PRO CB 8 93.10 -26.40 -65.00
C PRO CB 8 94.46 -26.70 -65.60
N ALA CB 9 94.56 -27.81 -66.34
CA ALA CB 9 95.87 -28.21 -66.89
C ALA CB 9 96.39 -27.18 -67.89
N THR CB 10 95.50 -26.64 -68.73
CA THR CB 10 95.88 -25.61 -69.68
C THR CB 10 95.34 -24.23 -69.30
N GLY CB 11 94.45 -24.16 -68.31
CA GLY CB 11 93.90 -22.87 -67.91
C GLY CB 11 92.85 -22.30 -68.83
N CYS CB 12 92.07 -23.15 -69.48
CA CYS CB 12 91.02 -22.71 -70.40
C CYS CB 12 89.67 -23.16 -69.88
N GLN CB 13 88.65 -22.35 -70.17
CA GLN CB 13 87.29 -22.65 -69.74
C GLN CB 13 86.31 -22.23 -70.83
N LYS CB 14 85.08 -22.71 -70.71
CA LYS CB 14 84.05 -22.42 -71.69
C LYS CB 14 82.70 -22.53 -71.03
N LEU CB 15 81.73 -21.80 -71.57
CA LEU CB 15 80.35 -21.85 -71.10
C LEU CB 15 79.57 -22.80 -72.00
N ILE CB 16 78.88 -23.75 -71.38
CA ILE CB 16 78.16 -24.80 -72.09
C ILE CB 16 76.70 -24.75 -71.66
N GLU CB 17 75.80 -24.62 -72.62
CA GLU CB 17 74.37 -24.58 -72.35
C GLU CB 17 73.75 -25.92 -72.71
N VAL CB 18 73.09 -26.54 -71.73
CA VAL CB 18 72.42 -27.82 -71.92
C VAL CB 18 71.04 -27.74 -71.30
N ASP CB 19 70.05 -28.33 -71.98
CA ASP CB 19 68.68 -28.36 -71.49
C ASP CB 19 68.08 -29.75 -71.54
N ASP CB 20 68.83 -30.75 -72.00
CA ASP CB 20 68.34 -32.13 -72.03
C ASP CB 20 68.45 -32.68 -70.62
N GLU CB 21 67.32 -32.69 -69.91
CA GLU CB 21 67.31 -33.09 -68.51
C GLU CB 21 67.83 -34.52 -68.32
N ARG CB 22 67.70 -35.36 -69.34
CA ARG CB 22 68.18 -36.74 -69.23
C ARG CB 22 69.69 -36.78 -69.03
N LYS CB 23 70.40 -35.79 -69.55
CA LYS CB 23 71.85 -35.70 -69.34
C LYS CB 23 72.22 -35.20 -67.95
N LEU CB 24 71.24 -34.75 -67.17
CA LEU CB 24 71.51 -34.08 -65.91
C LEU CB 24 71.27 -34.96 -64.69
N ARG CB 25 70.75 -36.17 -64.87
CA ARG CB 25 70.54 -37.05 -63.72
C ARG CB 25 71.85 -37.44 -63.05
N THR CB 26 72.94 -37.48 -63.80
CA THR CB 26 74.22 -37.92 -63.26
C THR CB 26 74.83 -36.90 -62.30
N PHE CB 27 74.29 -35.69 -62.23
CA PHE CB 27 74.76 -34.69 -61.27
C PHE CB 27 73.82 -34.51 -60.09
N TYR CB 28 72.56 -34.89 -60.22
CA TYR CB 28 71.58 -34.60 -59.19
C TYR CB 28 71.85 -35.41 -57.93
N GLU CB 29 71.45 -34.84 -56.79
CA GLU CB 29 71.53 -35.50 -55.49
C GLU CB 29 72.99 -35.83 -55.14
N LYS CB 30 73.88 -34.90 -55.49
CA LYS CB 30 75.31 -35.08 -55.27
C LYS CB 30 75.87 -33.90 -54.48
N ARG CB 31 76.89 -34.18 -53.69
CA ARG CB 31 77.48 -33.20 -52.80
C ARG CB 31 78.63 -32.48 -53.50
N MET CB 32 79.08 -31.38 -52.91
CA MET CB 32 80.16 -30.58 -53.45
C MET CB 32 81.46 -31.37 -53.47
N ALA CB 33 82.32 -31.02 -54.43
CA ALA CB 33 83.71 -31.48 -54.46
C ALA CB 33 83.80 -33.02 -54.48
N THR CB 34 82.95 -33.65 -55.28
CA THR CB 34 83.04 -35.07 -55.54
C THR CB 34 83.38 -35.29 -57.01
N GLU CB 35 84.23 -36.29 -57.27
CA GLU CB 35 84.56 -36.65 -58.64
C GLU CB 35 83.40 -37.43 -59.25
N VAL CB 36 82.78 -36.87 -60.29
CA VAL CB 36 81.68 -37.51 -60.98
C VAL CB 36 82.05 -37.64 -62.45
N ALA CB 37 81.83 -38.82 -63.01
CA ALA CB 37 82.14 -39.06 -64.42
C ALA CB 37 81.20 -38.24 -65.30
N ALA CB 38 81.76 -37.57 -66.30
CA ALA CB 38 81.00 -36.68 -67.17
C ALA CB 38 80.57 -37.37 -68.46
N ASP CB 39 80.39 -38.69 -68.44
CA ASP CB 39 80.12 -39.43 -69.68
C ASP CB 39 78.80 -39.01 -70.30
N ALA CB 40 77.78 -38.82 -69.48
CA ALA CB 40 76.42 -38.57 -69.99
C ALA CB 40 76.20 -37.15 -70.48
N LEU CB 41 77.24 -36.31 -70.49
CA LEU CB 41 77.07 -34.95 -71.01
C LEU CB 41 76.97 -34.92 -72.52
N GLY CB 42 77.61 -35.87 -73.21
CA GLY CB 42 77.55 -35.86 -74.65
C GLY CB 42 78.29 -37.05 -75.23
N GLU CB 43 78.22 -37.15 -76.56
CA GLU CB 43 78.88 -38.24 -77.26
C GLU CB 43 80.40 -38.17 -77.08
N GLU CB 44 80.97 -36.98 -77.20
CA GLU CB 44 82.41 -36.82 -77.05
C GLU CB 44 82.86 -36.89 -75.59
N TRP CB 45 81.97 -36.60 -74.65
CA TRP CB 45 82.33 -36.70 -73.24
C TRP CB 45 82.44 -38.17 -72.85
N LYS CB 46 83.64 -38.73 -72.94
CA LYS CB 46 83.89 -40.10 -72.53
C LYS CB 46 85.17 -40.16 -71.71
N GLY CB 47 85.12 -40.91 -70.62
CA GLY CB 47 86.22 -40.95 -69.68
C GLY CB 47 86.50 -39.65 -68.97
N TYR CB 48 85.77 -38.57 -69.30
CA TYR CB 48 85.96 -37.29 -68.65
C TYR CB 48 85.31 -37.31 -67.28
N VAL CB 49 86.06 -36.89 -66.26
CA VAL CB 49 85.55 -36.76 -64.91
C VAL CB 49 85.79 -35.33 -64.45
N VAL CB 50 84.75 -34.72 -63.88
CA VAL CB 50 84.82 -33.34 -63.43
C VAL CB 50 84.44 -33.27 -61.96
N ARG CB 51 84.96 -32.26 -61.28
CA ARG CB 51 84.65 -32.04 -59.87
C ARG CB 51 83.56 -30.99 -59.71
N ILE CB 52 82.62 -31.26 -58.81
CA ILE CB 52 81.58 -30.29 -58.49
C ILE CB 52 82.24 -29.15 -57.72
N SER CB 53 82.42 -28.00 -58.36
CA SER CB 53 83.04 -26.86 -57.72
C SER CB 53 82.05 -25.77 -57.35
N GLY CB 54 80.75 -26.01 -57.56
CA GLY CB 54 79.72 -25.16 -57.02
C GLY CB 54 79.41 -23.90 -57.81
N GLY CB 55 78.13 -23.66 -58.04
CA GLY CB 55 77.70 -22.48 -58.77
C GLY CB 55 76.69 -21.65 -58.01
N ASN CB 56 75.89 -20.88 -58.73
CA ASN CB 56 74.96 -19.93 -58.14
C ASN CB 56 73.52 -20.39 -58.34
N ASP CB 57 72.65 -19.94 -57.45
CA ASP CB 57 71.24 -20.31 -57.47
C ASP CB 57 70.52 -19.56 -58.59
N LYS CB 58 69.24 -19.93 -58.79
CA LYS CB 58 68.43 -19.26 -59.81
C LYS CB 58 68.22 -17.78 -59.51
N GLN CB 59 68.37 -17.36 -58.25
CA GLN CB 59 68.36 -15.96 -57.89
C GLN CB 59 69.77 -15.41 -57.68
N GLY CB 60 70.79 -16.14 -58.13
CA GLY CB 60 72.16 -15.66 -58.08
C GLY CB 60 72.90 -15.94 -56.79
N PHE CB 61 72.27 -16.54 -55.81
CA PHE CB 61 72.96 -16.82 -54.55
C PHE CB 61 74.00 -17.90 -54.75
N PRO CB 62 75.24 -17.69 -54.32
CA PRO CB 62 76.26 -18.74 -54.43
C PRO CB 62 75.98 -19.91 -53.51
N MET CB 63 76.41 -21.09 -53.93
CA MET CB 63 76.50 -22.23 -53.03
C MET CB 63 77.85 -22.22 -52.34
N LYS CB 64 77.87 -22.74 -51.11
CA LYS CB 64 79.12 -22.78 -50.35
C LYS CB 64 79.25 -24.13 -49.66
N GLN CB 65 80.50 -24.49 -49.38
CA GLN CB 65 80.81 -25.78 -48.80
C GLN CB 65 80.26 -25.91 -47.39
N GLY CB 66 79.76 -27.10 -47.07
CA GLY CB 66 79.41 -27.46 -45.71
C GLY CB 66 78.00 -27.16 -45.26
N VAL CB 67 77.18 -26.54 -46.09
CA VAL CB 67 75.83 -26.21 -45.66
C VAL CB 67 74.97 -27.46 -45.52
N LEU CB 68 75.05 -28.36 -46.51
CA LEU CB 68 74.41 -29.68 -46.44
C LEU CB 68 72.89 -29.60 -46.23
N THR CB 69 72.26 -28.61 -46.85
CA THR CB 69 70.81 -28.54 -46.84
C THR CB 69 70.29 -28.52 -48.27
N HIS CB 70 68.97 -28.65 -48.40
CA HIS CB 70 68.36 -28.70 -49.72
C HIS CB 70 68.42 -27.35 -50.42
N GLY CB 71 68.06 -26.28 -49.71
CA GLY CB 71 67.82 -24.99 -50.35
C GLY CB 71 68.54 -23.86 -49.63
N ARG CB 72 67.79 -22.78 -49.40
CA ARG CB 72 68.34 -21.49 -49.00
C ARG CB 72 68.28 -21.31 -47.49
N VAL CB 73 69.38 -20.87 -46.90
CA VAL CB 73 69.48 -20.55 -45.49
C VAL CB 73 70.15 -19.20 -45.32
N ARG CB 74 70.06 -18.65 -44.12
CA ARG CB 74 70.74 -17.42 -43.76
C ARG CB 74 71.86 -17.73 -42.79
N LEU CB 75 73.03 -17.16 -43.04
CA LEU CB 75 74.21 -17.43 -42.22
C LEU CB 75 74.90 -16.12 -41.88
N LEU CB 76 75.53 -16.09 -40.70
CA LEU CB 76 76.27 -14.93 -40.23
C LEU CB 76 77.70 -15.06 -40.76
N LEU CB 77 77.89 -14.64 -42.00
CA LEU CB 77 79.21 -14.73 -42.64
C LEU CB 77 80.16 -13.72 -42.02
N SER CB 78 81.41 -14.14 -41.86
CA SER CB 78 82.43 -13.34 -41.19
C SER CB 78 83.72 -13.41 -42.00
N LYS CB 79 84.81 -12.93 -41.42
CA LYS CB 79 86.06 -12.81 -42.15
C LYS CB 79 86.63 -14.19 -42.47
N GLY CB 80 87.14 -14.33 -43.69
CA GLY CB 80 87.72 -15.57 -44.17
C GLY CB 80 86.73 -16.53 -44.77
N HIS CB 81 85.44 -16.35 -44.48
CA HIS CB 81 84.40 -17.22 -45.00
C HIS CB 81 84.27 -17.03 -46.51
N SER CB 82 83.53 -17.94 -47.13
CA SER CB 82 83.21 -17.82 -48.54
C SER CB 82 82.05 -16.85 -48.73
N CYS CB 83 81.87 -16.44 -49.99
CA CYS CB 83 80.74 -15.60 -50.43
C CYS CB 83 80.50 -14.42 -49.48
N TYR CB 84 81.59 -13.78 -49.05
CA TYR CB 84 81.48 -12.62 -48.18
C TYR CB 84 82.82 -11.88 -48.17
N ARG CB 85 82.76 -10.55 -48.25
CA ARG CB 85 83.94 -9.71 -48.16
C ARG CB 85 83.65 -8.59 -47.17
N PRO CB 86 84.21 -8.65 -45.95
CA PRO CB 86 83.91 -7.62 -44.95
C PRO CB 86 84.44 -6.26 -45.36
N ARG CB 87 83.66 -5.22 -45.06
CA ARG CB 87 84.07 -3.86 -45.38
C ARG CB 87 84.95 -3.28 -44.27
N ARG CB 88 84.52 -3.42 -43.02
CA ARG CB 88 85.29 -2.99 -41.87
C ARG CB 88 85.93 -4.18 -41.18
N THR CB 89 86.91 -3.90 -40.33
CA THR CB 89 87.51 -4.95 -39.52
C THR CB 89 86.52 -5.40 -38.45
N GLY CB 90 86.49 -6.69 -38.18
CA GLY CB 90 85.58 -7.23 -37.19
C GLY CB 90 84.14 -7.23 -37.61
N GLU CB 91 83.84 -6.95 -38.87
CA GLU CB 91 82.46 -6.87 -39.33
C GLU CB 91 81.90 -8.24 -39.62
N ARG CB 92 80.64 -8.46 -39.24
CA ARG CB 92 79.90 -9.67 -39.56
C ARG CB 92 78.56 -9.28 -40.14
N LYS CB 93 78.02 -10.14 -41.00
CA LYS CB 93 76.78 -9.82 -41.68
C LYS CB 93 76.05 -11.11 -42.03
N ARG CB 94 74.72 -11.01 -42.14
CA ARG CB 94 73.90 -12.14 -42.53
C ARG CB 94 73.60 -12.05 -44.02
N LYS CB 95 73.85 -13.14 -44.74
CA LYS CB 95 73.61 -13.21 -46.17
C LYS CB 95 72.87 -14.49 -46.49
N SER CB 96 72.16 -14.48 -47.61
CA SER CB 96 71.47 -15.66 -48.10
C SER CB 96 72.40 -16.45 -49.01
N VAL CB 97 72.43 -17.77 -48.83
CA VAL CB 97 73.23 -18.67 -49.62
C VAL CB 97 72.37 -19.86 -50.02
N ARG CB 98 72.98 -20.81 -50.72
CA ARG CB 98 72.31 -22.04 -51.11
C ARG CB 98 73.08 -23.23 -50.54
N GLY CB 99 72.33 -24.29 -50.23
CA GLY CB 99 72.91 -25.47 -49.62
C GLY CB 99 73.97 -26.14 -50.49
N CYS CB 100 74.63 -27.12 -49.87
CA CYS CB 100 75.75 -27.79 -50.52
C CYS CB 100 75.28 -28.69 -51.66
N ILE CB 101 74.20 -29.43 -51.46
CA ILE CB 101 73.75 -30.39 -52.46
C ILE CB 101 73.28 -29.68 -53.71
N VAL CB 102 73.41 -30.35 -54.84
CA VAL CB 102 73.02 -29.80 -56.14
C VAL CB 102 71.78 -30.54 -56.64
N ASP CB 103 70.79 -29.76 -57.07
CA ASP CB 103 69.54 -30.27 -57.61
C ASP CB 103 69.22 -29.50 -58.88
N ALA CB 104 68.00 -29.69 -59.38
CA ALA CB 104 67.57 -29.08 -60.63
C ALA CB 104 67.19 -27.62 -60.48
N ASN CB 105 67.52 -26.98 -59.36
CA ASN CB 105 67.14 -25.59 -59.10
C ASN CB 105 68.43 -24.80 -58.94
N LEU CB 106 68.93 -24.26 -60.05
CA LEU CB 106 70.03 -23.30 -60.08
C LEU CB 106 70.24 -22.89 -61.53
N SER CB 107 71.08 -21.87 -61.73
CA SER CB 107 71.34 -21.30 -63.04
C SER CB 107 72.66 -21.77 -63.64
N VAL CB 108 73.73 -21.76 -62.85
CA VAL CB 108 75.07 -22.07 -63.33
C VAL CB 108 75.70 -23.11 -62.43
N LEU CB 109 76.26 -24.15 -63.02
CA LEU CB 109 77.03 -25.15 -62.31
C LEU CB 109 78.49 -25.06 -62.74
N ASN CB 110 79.39 -25.02 -61.76
CA ASN CB 110 80.81 -24.87 -62.02
C ASN CB 110 81.48 -26.24 -61.93
N LEU CB 111 82.19 -26.62 -62.98
CA LEU CB 111 82.85 -27.91 -63.07
C LEU CB 111 84.30 -27.71 -63.46
N VAL CB 112 85.15 -28.64 -63.03
CA VAL CB 112 86.57 -28.59 -63.34
C VAL CB 112 87.10 -30.01 -63.54
N ILE CB 113 87.91 -30.19 -64.57
CA ILE CB 113 88.45 -31.51 -64.89
C ILE CB 113 89.58 -31.86 -63.94
N VAL CB 114 89.50 -33.03 -63.33
CA VAL CB 114 90.60 -33.56 -62.54
C VAL CB 114 91.39 -34.64 -63.29
N LYS CB 115 90.74 -35.41 -64.16
CA LYS CB 115 91.38 -36.44 -64.95
C LYS CB 115 90.83 -36.41 -66.36
N LYS CB 116 91.73 -36.47 -67.34
CA LYS CB 116 91.34 -36.35 -68.75
C LYS CB 116 90.96 -37.71 -69.32
N GLY CB 117 90.13 -37.68 -70.36
CA GLY CB 117 89.67 -38.88 -71.02
C GLY CB 117 90.59 -39.31 -72.15
N GLU CB 118 90.03 -39.46 -73.36
CA GLU CB 118 90.79 -39.98 -74.48
C GLU CB 118 90.90 -39.04 -75.67
N LYS CB 119 89.92 -38.15 -75.88
CA LYS CB 119 89.87 -37.35 -77.09
C LYS CB 119 89.85 -35.86 -76.76
N ASP CB 120 90.28 -35.07 -77.72
CA ASP CB 120 90.34 -33.63 -77.54
C ASP CB 120 88.94 -33.02 -77.46
N ILE CB 121 88.90 -31.78 -77.00
CA ILE CB 121 87.67 -31.01 -76.87
C ILE CB 121 87.85 -29.72 -77.66
N PRO CB 122 86.89 -29.32 -78.49
CA PRO CB 122 87.09 -28.12 -79.33
C PRO CB 122 87.03 -26.81 -78.58
N GLY CB 123 86.89 -26.83 -77.25
CA GLY CB 123 86.79 -25.58 -76.54
C GLY CB 123 87.81 -25.35 -75.43
N LEU CB 124 88.36 -26.42 -74.87
CA LEU CB 124 89.18 -26.30 -73.67
C LEU CB 124 90.64 -26.68 -73.91
N THR CB 125 90.91 -27.90 -74.38
CA THR CB 125 92.29 -28.37 -74.49
C THR CB 125 92.98 -27.89 -75.76
N ASP CB 126 92.21 -27.49 -76.78
CA ASP CB 126 92.81 -27.08 -78.04
C ASP CB 126 93.68 -25.84 -77.87
N THR CB 127 93.21 -24.87 -77.10
CA THR CB 127 93.92 -23.61 -76.89
C THR CB 127 94.46 -23.58 -75.46
N THR CB 128 95.76 -23.34 -75.33
CA THR CB 128 96.44 -23.28 -74.04
C THR CB 128 96.89 -21.84 -73.78
N VAL CB 129 96.66 -21.37 -72.56
CA VAL CB 129 97.09 -20.03 -72.16
C VAL CB 129 98.34 -20.16 -71.28
N PRO CB 130 99.21 -19.17 -71.26
CA PRO CB 130 100.39 -19.25 -70.40
C PRO CB 130 100.17 -18.58 -69.04
N ARG CB 131 101.00 -18.98 -68.08
CA ARG CB 131 100.98 -18.35 -66.77
C ARG CB 131 101.51 -16.92 -66.89
N ARG CB 132 100.67 -15.94 -66.56
CA ARG CB 132 101.00 -14.56 -66.87
C ARG CB 132 102.18 -14.07 -66.03
N LEU CB 133 102.26 -14.49 -64.77
CA LEU CB 133 103.31 -14.03 -63.87
C LEU CB 133 104.23 -15.18 -63.51
N GLY CB 134 105.53 -14.92 -63.52
CA GLY CB 134 106.52 -15.91 -63.20
C GLY CB 134 107.01 -15.79 -61.77
N PRO CB 135 107.86 -16.71 -61.34
CA PRO CB 135 108.36 -16.68 -59.96
C PRO CB 135 109.09 -15.38 -59.67
N LYS CB 136 108.89 -14.87 -58.46
CA LYS CB 136 109.48 -13.61 -58.00
C LYS CB 136 110.29 -13.75 -56.74
N ARG CB 137 109.86 -14.62 -55.82
CA ARG CB 137 110.68 -14.94 -54.66
C ARG CB 137 111.92 -15.71 -55.09
N ALA CB 138 113.05 -15.41 -54.45
CA ALA CB 138 114.31 -16.04 -54.84
C ALA CB 138 114.26 -17.55 -54.65
N SER CB 139 113.59 -18.00 -53.60
CA SER CB 139 113.59 -19.43 -53.29
C SER CB 139 112.76 -20.24 -54.28
N ARG CB 140 111.70 -19.64 -54.84
CA ARG CB 140 110.88 -20.36 -55.81
C ARG CB 140 111.54 -20.44 -57.17
N ILE CB 141 112.37 -19.46 -57.53
CA ILE CB 141 113.12 -19.53 -58.78
C ILE CB 141 114.10 -20.69 -58.74
N ARG CB 142 114.76 -20.89 -57.59
CA ARG CB 142 115.69 -22.00 -57.44
C ARG CB 142 114.98 -23.34 -57.63
N LYS CB 143 113.77 -23.48 -57.08
CA LYS CB 143 113.05 -24.74 -57.21
C LYS CB 143 112.63 -25.00 -58.65
N LEU CB 144 112.12 -23.97 -59.34
CA LEU CB 144 111.56 -24.17 -60.67
C LEU CB 144 112.62 -24.66 -61.65
N PHE CB 145 113.74 -23.95 -61.74
CA PHE CB 145 114.83 -24.35 -62.61
C PHE CB 145 115.64 -25.51 -62.04
N ASN CB 146 115.34 -25.94 -60.81
CA ASN CB 146 116.09 -26.97 -60.11
C ASN CB 146 117.56 -26.56 -59.99
N LEU CB 147 117.76 -25.40 -59.37
CA LEU CB 147 119.09 -24.85 -59.18
C LEU CB 147 119.64 -25.29 -57.82
N SER CB 148 120.86 -24.87 -57.53
CA SER CB 148 121.52 -25.16 -56.27
C SER CB 148 121.84 -23.85 -55.55
N LYS CB 149 122.27 -23.98 -54.30
CA LYS CB 149 122.49 -22.80 -53.45
C LYS CB 149 123.59 -21.91 -54.01
N GLU CB 150 124.65 -22.49 -54.55
CA GLU CB 150 125.84 -21.71 -54.89
C GLU CB 150 125.60 -20.80 -56.09
N ASP CB 151 124.90 -21.30 -57.11
CA ASP CB 151 124.70 -20.51 -58.32
C ASP CB 151 123.67 -19.42 -58.06
N ASP CB 152 124.02 -18.18 -58.43
CA ASP CB 152 123.10 -17.08 -58.24
C ASP CB 152 121.97 -17.13 -59.26
N VAL CB 153 120.83 -16.54 -58.88
CA VAL CB 153 119.61 -16.62 -59.67
C VAL CB 153 119.34 -15.36 -60.46
N ARG CB 154 120.19 -14.34 -60.35
CA ARG CB 154 119.98 -13.11 -61.10
C ARG CB 154 120.13 -13.32 -62.60
N GLN CB 155 120.83 -14.37 -63.03
CA GLN CB 155 120.87 -14.69 -64.45
C GLN CB 155 119.66 -15.49 -64.90
N TYR CB 156 118.87 -16.02 -63.97
CA TYR CB 156 117.84 -17.00 -64.30
C TYR CB 156 116.43 -16.49 -64.11
N VAL CB 157 116.25 -15.29 -63.57
CA VAL CB 157 114.90 -14.76 -63.40
C VAL CB 157 114.27 -14.49 -64.76
N VAL CB 158 113.00 -14.89 -64.90
CA VAL CB 158 112.34 -14.77 -66.19
C VAL CB 158 112.12 -13.30 -66.52
N ARG CB 159 112.54 -12.91 -67.71
CA ARG CB 159 112.41 -11.54 -68.19
C ARG CB 159 111.36 -11.51 -69.29
N LYS CB 160 110.31 -10.74 -69.07
CA LYS CB 160 109.15 -10.77 -69.96
C LYS CB 160 109.38 -9.86 -71.17
N PRO CB 161 109.19 -10.35 -72.39
CA PRO CB 161 109.22 -9.47 -73.57
C PRO CB 161 107.93 -8.67 -73.67
N LEU CB 162 108.05 -7.35 -73.55
CA LEU CB 162 106.91 -6.45 -73.50
C LEU CB 162 106.84 -5.66 -74.80
N ASN CB 163 105.80 -5.91 -75.60
CA ASN CB 163 105.67 -5.32 -76.91
C ASN CB 163 104.26 -4.76 -77.08
N LYS CB 164 104.15 -3.57 -77.65
CA LYS CB 164 102.88 -2.96 -77.98
C LYS CB 164 103.05 -2.08 -79.21
N GLU CB 165 101.94 -1.55 -79.71
CA GLU CB 165 101.94 -0.76 -80.93
C GLU CB 165 102.47 0.66 -80.68
N GLY CB 166 103.28 1.15 -81.61
CA GLY CB 166 103.72 2.53 -81.62
C GLY CB 166 104.76 2.89 -80.59
N LYS CB 167 105.37 1.91 -79.91
CA LYS CB 167 106.35 2.20 -78.88
C LYS CB 167 107.49 1.20 -78.98
N LYS CB 168 108.65 1.63 -78.47
CA LYS CB 168 109.85 0.80 -78.54
C LYS CB 168 109.69 -0.43 -77.67
N PRO CB 169 109.91 -1.64 -78.21
CA PRO CB 169 109.82 -2.84 -77.39
C PRO CB 169 110.92 -2.89 -76.35
N ARG CB 170 110.59 -3.47 -75.20
CA ARG CB 170 111.54 -3.60 -74.10
C ARG CB 170 111.16 -4.82 -73.27
N THR CB 171 112.10 -5.27 -72.45
CA THR CB 171 111.94 -6.47 -71.64
C THR CB 171 112.00 -6.09 -70.16
N LYS CB 172 111.01 -6.55 -69.39
CA LYS CB 172 110.83 -6.17 -68.00
C LYS CB 172 110.87 -7.41 -67.12
N ALA CB 173 111.57 -7.31 -66.00
CA ALA CB 173 111.70 -8.40 -65.05
C ALA CB 173 111.37 -7.91 -63.65
N PRO CB 174 110.79 -8.79 -62.82
CA PRO CB 174 110.42 -8.38 -61.46
C PRO CB 174 111.61 -8.34 -60.52
N LYS CB 175 111.50 -7.47 -59.51
CA LYS CB 175 112.47 -7.46 -58.43
C LYS CB 175 112.35 -8.75 -57.63
N ILE CB 176 113.49 -9.26 -57.17
CA ILE CB 176 113.57 -10.56 -56.53
C ILE CB 176 113.71 -10.37 -55.02
N GLN CB 177 112.87 -11.08 -54.27
CA GLN CB 177 112.78 -10.88 -52.82
C GLN CB 177 113.36 -12.08 -52.08
N ARG CB 178 113.72 -11.84 -50.81
CA ARG CB 178 114.39 -12.83 -49.98
C ARG CB 178 115.68 -13.31 -50.64
N LEU CB 179 116.46 -12.37 -51.16
CA LEU CB 179 117.71 -12.66 -51.84
C LEU CB 179 118.88 -12.11 -51.02
N VAL CB 180 119.94 -12.90 -50.90
CA VAL CB 180 121.15 -12.45 -50.22
C VAL CB 180 121.81 -11.36 -51.05
N THR CB 181 122.09 -10.23 -50.41
CA THR CB 181 122.64 -9.05 -51.06
C THR CB 181 123.69 -8.46 -50.14
N PRO CB 182 124.75 -7.84 -50.70
CA PRO CB 182 125.69 -7.13 -49.84
C PRO CB 182 125.03 -6.08 -48.96
N ARG CB 183 123.92 -5.51 -49.42
CA ARG CB 183 123.18 -4.56 -48.58
C ARG CB 183 122.64 -5.22 -47.33
N VAL CB 184 121.95 -6.36 -47.49
CA VAL CB 184 121.33 -7.00 -46.32
C VAL CB 184 122.40 -7.61 -45.42
N LEU CB 185 123.57 -7.94 -45.97
CA LEU CB 185 124.67 -8.41 -45.13
C LEU CB 185 125.14 -7.30 -44.19
N GLN CB 186 125.23 -6.07 -44.70
CA GLN CB 186 125.64 -4.95 -43.85
C GLN CB 186 124.63 -4.71 -42.75
N HIS CB 187 123.33 -4.80 -43.06
CA HIS CB 187 122.31 -4.63 -42.04
C HIS CB 187 122.47 -5.67 -40.92
N LYS CB 188 122.67 -6.92 -41.29
CA LYS CB 188 122.96 -7.94 -40.29
C LYS CB 188 124.27 -7.63 -39.56
N ARG CB 189 125.27 -7.14 -40.28
CA ARG CB 189 126.52 -6.74 -39.65
C ARG CB 189 126.31 -5.54 -38.73
N ARG CB 190 125.34 -4.68 -39.04
CA ARG CB 190 125.02 -3.56 -38.15
C ARG CB 190 124.42 -4.05 -36.85
N ARG CB 191 123.48 -5.00 -36.92
CA ARG CB 191 122.75 -5.41 -35.73
C ARG CB 191 123.65 -6.09 -34.71
N ILE CB 192 124.57 -6.93 -35.16
CA ILE CB 192 125.47 -7.60 -34.22
C ILE CB 192 126.44 -6.59 -33.60
N ALA CB 193 126.78 -5.53 -34.34
CA ALA CB 193 127.65 -4.50 -33.78
C ALA CB 193 126.95 -3.75 -32.65
N LEU CB 194 125.63 -3.60 -32.74
CA LEU CB 194 124.88 -3.01 -31.64
C LEU CB 194 124.95 -3.87 -30.40
N LYS CB 195 124.86 -5.19 -30.56
CA LYS CB 195 125.04 -6.08 -29.42
C LYS CB 195 126.47 -6.05 -28.90
N LYS CB 196 127.44 -5.75 -29.76
CA LYS CB 196 128.80 -5.49 -29.29
C LYS CB 196 128.84 -4.22 -28.45
N GLN CB 197 128.31 -3.12 -28.97
CA GLN CB 197 128.42 -1.84 -28.29
C GLN CB 197 127.53 -1.80 -27.05
N ARG CB 198 126.33 -2.38 -27.14
CA ARG CB 198 125.43 -2.37 -25.99
C ARG CB 198 126.00 -3.17 -24.84
N THR CB 199 126.62 -4.32 -25.13
CA THR CB 199 127.19 -5.15 -24.07
C THR CB 199 128.34 -4.46 -23.37
N LYS CB 200 129.22 -3.81 -24.14
CA LYS CB 200 130.37 -3.14 -23.53
C LYS CB 200 129.95 -1.98 -22.64
N LYS CB 201 128.82 -1.33 -22.96
CA LYS CB 201 128.32 -0.25 -22.12
C LYS CB 201 127.99 -0.74 -20.72
N ASN CB 202 127.32 -1.90 -20.64
CA ASN CB 202 126.90 -2.42 -19.34
C ASN CB 202 128.11 -2.75 -18.46
N LYS CB 203 129.16 -3.31 -19.05
CA LYS CB 203 130.33 -3.67 -18.26
C LYS CB 203 130.98 -2.44 -17.63
N GLU CB 204 131.24 -1.41 -18.45
CA GLU CB 204 131.94 -0.24 -17.94
C GLU CB 204 131.11 0.50 -16.90
N GLU CB 205 129.80 0.60 -17.12
CA GLU CB 205 128.95 1.35 -16.20
C GLU CB 205 128.96 0.73 -14.81
N ALA CB 206 128.87 -0.59 -14.72
CA ALA CB 206 128.98 -1.25 -13.42
C ALA CB 206 130.40 -1.17 -12.89
N ALA CB 207 131.40 -1.20 -13.77
CA ALA CB 207 132.79 -1.18 -13.33
C ALA CB 207 133.11 0.12 -12.60
N GLU CB 208 132.67 1.26 -13.15
CA GLU CB 208 132.92 2.52 -12.46
C GLU CB 208 132.01 2.70 -11.26
N TYR CB 209 130.80 2.15 -11.30
CA TYR CB 209 129.94 2.20 -10.13
C TYR CB 209 130.52 1.36 -9.00
N ALA CB 210 131.18 0.25 -9.35
CA ALA CB 210 131.73 -0.64 -8.33
C ALA CB 210 132.74 0.08 -7.45
N LYS CB 211 133.65 0.83 -8.07
CA LYS CB 211 134.64 1.58 -7.29
C LYS CB 211 134.03 2.81 -6.65
N LEU CB 212 133.01 3.40 -7.26
CA LEU CB 212 132.36 4.55 -6.64
C LEU CB 212 131.46 4.12 -5.49
N LEU CB 213 130.78 2.99 -5.63
CA LEU CB 213 130.03 2.43 -4.51
C LEU CB 213 130.98 2.05 -3.38
N ALA CB 214 132.13 1.47 -3.71
CA ALA CB 214 133.12 1.15 -2.70
C ALA CB 214 133.75 2.42 -2.13
N LYS CB 215 133.81 3.50 -2.91
CA LYS CB 215 134.33 4.76 -2.39
C LYS CB 215 133.40 5.35 -1.35
N ARG CB 216 132.14 5.63 -1.73
CA ARG CB 216 131.23 6.32 -0.82
C ARG CB 216 130.98 5.52 0.44
N MET CB 217 131.12 4.19 0.38
CA MET CB 217 131.05 3.38 1.59
C MET CB 217 132.17 3.75 2.56
N LYS CB 218 133.36 4.07 2.04
CA LYS CB 218 134.49 4.37 2.90
C LYS CB 218 134.23 5.63 3.74
N GLU CB 219 133.75 6.71 3.10
CA GLU CB 219 133.41 7.90 3.88
C GLU CB 219 132.29 7.62 4.85
N ALA CB 220 131.40 6.67 4.53
CA ALA CB 220 130.40 6.25 5.50
C ALA CB 220 131.02 5.39 6.59
N LYS CB 221 131.92 4.47 6.21
CA LYS CB 221 132.55 3.59 7.20
C LYS CB 221 133.38 4.40 8.19
N GLU CB 222 134.19 5.34 7.68
CA GLU CB 222 134.97 6.18 8.59
C GLU CB 222 134.06 7.13 9.37
N LYS CB 223 132.91 7.52 8.79
CA LYS CB 223 131.92 8.26 9.55
C LYS CB 223 131.46 7.46 10.76
N ARG CB 224 131.20 6.17 10.57
CA ARG CB 224 130.87 5.30 11.69
C ARG CB 224 132.02 5.22 12.68
N GLN CB 225 133.26 5.12 12.18
CA GLN CB 225 134.41 5.08 13.07
C GLN CB 225 134.61 6.41 13.78
N GLU CB 226 134.41 7.52 13.08
CA GLU CB 226 134.62 8.82 13.68
C GLU CB 226 133.49 9.21 14.62
N GLN CB 227 132.28 8.70 14.39
CA GLN CB 227 131.16 9.00 15.27
C GLN CB 227 131.05 8.03 16.44
N ILE CB 228 131.78 6.92 16.39
CA ILE CB 228 131.90 6.07 17.56
C ILE CB 228 133.14 6.43 18.36
N ALA CB 229 134.13 7.04 17.73
CA ALA CB 229 135.33 7.47 18.45
C ALA CB 229 135.05 8.67 19.34
N LYS CB 230 134.32 9.66 18.81
CA LYS CB 230 133.98 10.83 19.62
C LYS CB 230 133.04 10.48 20.76
N ARG CB 231 132.29 9.38 20.64
CA ARG CB 231 131.49 8.91 21.76
C ARG CB 231 132.38 8.30 22.84
N ARG CB 232 133.42 7.57 22.44
CA ARG CB 232 134.34 6.98 23.41
C ARG CB 232 135.06 8.07 24.21
N ARG CB 233 135.48 9.13 23.54
CA ARG CB 233 136.11 10.26 24.24
C ARG CB 233 135.12 10.94 25.17
N LEU CB 234 133.89 11.15 24.70
CA LEU CB 234 132.86 11.78 25.55
C LEU CB 234 132.48 10.87 26.71
N SER CB 235 132.36 9.57 26.47
CA SER CB 235 132.01 8.64 27.53
C SER CB 235 133.10 8.57 28.59
N SER CB 236 134.37 8.57 28.16
CA SER CB 236 135.47 8.51 29.11
C SER CB 236 135.56 9.79 29.93
N LEU CB 237 135.33 10.94 29.30
CA LEU CB 237 135.37 12.22 29.99
C LEU CB 237 134.16 12.40 30.89
N ALA DB 1 115.80 27.03 65.91
CA ALA DB 1 115.28 27.70 64.71
C ALA DB 1 113.94 27.12 64.31
N LYS DB 2 112.88 27.92 64.47
CA LYS DB 2 111.53 27.48 64.15
C LYS DB 2 111.15 27.76 62.69
N ILE DB 3 112.00 28.44 61.94
CA ILE DB 3 111.72 28.71 60.53
C ILE DB 3 112.01 27.46 59.71
N VAL DB 4 111.06 27.09 58.86
CA VAL DB 4 111.22 25.99 57.92
C VAL DB 4 111.05 26.57 56.53
N LYS DB 5 112.14 26.78 55.82
CA LYS DB 5 112.09 27.31 54.46
C LYS DB 5 111.69 26.20 53.49
N PRO DB 6 110.63 26.36 52.70
CA PRO DB 6 110.18 25.25 51.85
C PRO DB 6 111.21 24.78 50.84
N ASN DB 7 112.02 25.69 50.30
CA ASN DB 7 113.01 25.34 49.30
C ASN DB 7 114.33 24.90 49.90
N GLY DB 8 114.42 24.81 51.23
CA GLY DB 8 115.59 24.27 51.91
C GLY DB 8 116.86 25.09 51.83
N GLU DB 9 116.76 26.41 51.97
CA GLU DB 9 117.93 27.27 52.09
C GLU DB 9 117.88 28.03 53.40
N LYS DB 10 119.05 28.47 53.85
CA LYS DB 10 119.15 29.17 55.13
C LYS DB 10 118.38 30.49 55.09
N PRO DB 11 117.51 30.76 56.06
CA PRO DB 11 116.87 32.08 56.11
C PRO DB 11 117.88 33.15 56.47
N ASP DB 12 117.52 34.39 56.13
CA ASP DB 12 118.42 35.51 56.39
C ASP DB 12 118.32 35.91 57.86
N GLU DB 13 119.23 36.80 58.30
CA GLU DB 13 119.34 37.12 59.72
C GLU DB 13 118.09 37.80 60.26
N PHE DB 14 117.38 38.57 59.44
CA PHE DB 14 116.22 39.31 59.93
C PHE DB 14 115.13 38.35 60.41
N GLU DB 15 114.74 37.40 59.56
CA GLU DB 15 113.72 36.45 59.97
C GLU DB 15 114.27 35.40 60.92
N SER DB 16 115.56 35.07 60.79
CA SER DB 16 116.21 34.27 61.83
C SER DB 16 116.20 35.02 63.15
N GLY DB 17 116.23 36.36 63.11
CA GLY DB 17 115.99 37.13 64.31
C GLY DB 17 114.61 36.87 64.89
N ILE DB 18 113.60 36.76 64.01
CA ILE DB 18 112.25 36.41 64.47
C ILE DB 18 112.23 35.02 65.06
N SER DB 19 113.13 34.14 64.60
CA SER DB 19 113.08 32.75 65.02
C SER DB 19 113.30 32.61 66.52
N GLN DB 20 114.39 33.18 67.05
CA GLN DB 20 114.60 33.15 68.49
C GLN DB 20 113.91 34.28 69.21
N ALA DB 21 113.30 35.22 68.48
CA ALA DB 21 112.38 36.16 69.11
C ALA DB 21 111.08 35.50 69.53
N LEU DB 22 110.85 34.25 69.10
CA LEU DB 22 109.68 33.49 69.51
C LEU DB 22 110.03 32.28 70.36
N LEU DB 23 111.20 31.66 70.16
CA LEU DB 23 111.63 30.58 71.04
C LEU DB 23 111.77 31.08 72.47
N GLU DB 24 112.40 32.25 72.65
CA GLU DB 24 112.46 32.85 73.97
C GLU DB 24 111.08 33.16 74.51
N LEU DB 25 110.14 33.51 73.62
CA LEU DB 25 108.77 33.74 74.05
C LEU DB 25 108.08 32.45 74.42
N GLU DB 26 108.50 31.33 73.83
CA GLU DB 26 107.92 30.04 74.16
C GLU DB 26 108.20 29.66 75.61
N MET DB 27 109.45 29.80 76.04
CA MET DB 27 109.87 29.27 77.33
C MET DB 27 109.51 30.18 78.50
N ASN DB 28 109.29 31.47 78.28
CA ASN DB 28 109.05 32.39 79.39
C ASN DB 28 107.57 32.66 79.65
N SER DB 29 106.74 32.65 78.60
CA SER DB 29 105.35 33.03 78.73
C SER DB 29 104.47 31.80 78.93
N ASP DB 30 103.16 32.03 79.01
CA ASP DB 30 102.18 30.98 79.25
C ASP DB 30 101.99 30.05 78.06
N LEU DB 31 102.79 30.19 77.00
CA LEU DB 31 102.60 29.45 75.77
C LEU DB 31 103.48 28.21 75.69
N LYS DB 32 103.69 27.53 76.83
CA LYS DB 32 104.52 26.34 76.85
C LYS DB 32 103.95 25.24 75.97
N ALA DB 33 102.63 25.09 75.97
CA ALA DB 33 102.00 24.00 75.25
C ALA DB 33 101.62 24.37 73.82
N GLN DB 34 101.15 25.60 73.60
CA GLN DB 34 100.60 25.96 72.29
C GLN DB 34 101.70 26.08 71.24
N LEU DB 35 102.80 26.76 71.57
CA LEU DB 35 103.86 27.00 70.61
C LEU DB 35 104.72 25.78 70.32
N ARG DB 36 104.57 24.70 71.09
CA ARG DB 36 105.41 23.53 70.87
C ARG DB 36 105.14 22.89 69.51
N GLU DB 37 103.87 22.79 69.12
CA GLU DB 37 103.51 22.17 67.85
C GLU DB 37 103.38 23.16 66.70
N LEU DB 38 103.47 24.46 66.97
CA LEU DB 38 103.35 25.46 65.91
C LEU DB 38 104.67 25.61 65.17
N ASN DB 39 104.62 26.37 64.08
CA ASN DB 39 105.79 26.56 63.23
C ASN DB 39 105.62 27.86 62.45
N ILE DB 40 106.73 28.33 61.89
CA ILE DB 40 106.78 29.57 61.11
C ILE DB 40 107.49 29.29 59.79
N THR DB 41 106.93 29.81 58.70
CA THR DB 41 107.50 29.57 57.38
C THR DB 41 108.48 30.66 56.97
N ALA DB 42 108.01 31.90 56.86
CA ALA DB 42 108.86 32.98 56.38
C ALA DB 42 108.37 34.30 56.96
N ALA DB 43 109.27 35.28 56.95
CA ALA DB 43 108.99 36.60 57.47
C ALA DB 43 109.64 37.65 56.57
N LYS DB 44 109.11 38.86 56.62
CA LYS DB 44 109.59 39.92 55.76
C LYS DB 44 109.31 41.27 56.42
N GLU DB 45 110.14 42.26 56.11
CA GLU DB 45 109.92 43.64 56.52
C GLU DB 45 109.46 44.44 55.32
N ILE DB 46 108.52 45.34 55.55
CA ILE DB 46 107.87 46.10 54.48
C ILE DB 46 107.98 47.58 54.78
N GLU DB 47 108.35 48.36 53.78
CA GLU DB 47 108.27 49.82 53.86
C GLU DB 47 106.84 50.23 53.54
N VAL DB 48 106.23 51.00 54.44
CA VAL DB 48 104.83 51.38 54.31
C VAL DB 48 104.72 52.89 54.42
N GLY DB 49 103.48 53.40 54.42
CA GLY DB 49 103.21 54.82 54.45
C GLY DB 49 104.07 55.64 55.38
N GLY DB 50 104.79 56.61 54.81
CA GLY DB 50 105.68 57.46 55.59
C GLY DB 50 106.95 56.73 56.00
N GLY DB 51 107.73 57.39 56.84
CA GLY DB 51 108.92 56.79 57.39
C GLY DB 51 108.58 55.79 58.48
N ARG DB 52 107.91 54.70 58.09
CA ARG DB 52 107.41 53.70 59.03
C ARG DB 52 107.51 52.33 58.41
N LYS DB 53 107.85 51.33 59.22
CA LYS DB 53 108.01 49.96 58.77
C LYS DB 53 106.85 49.09 59.26
N ALA DB 54 106.78 47.87 58.73
CA ALA DB 54 105.79 46.90 59.14
C ALA DB 54 106.29 45.51 58.80
N ILE DB 55 105.89 44.52 59.59
CA ILE DB 55 106.37 43.16 59.48
C ILE DB 55 105.18 42.24 59.20
N ILE DB 56 105.40 41.26 58.33
CA ILE DB 56 104.38 40.26 58.01
C ILE DB 56 104.98 38.87 58.18
N ILE DB 57 104.20 37.96 58.73
CA ILE DB 57 104.66 36.65 59.14
C ILE DB 57 103.86 35.60 58.39
N PHE DB 58 104.55 34.79 57.57
CA PHE DB 58 103.91 33.71 56.85
C PHE DB 58 103.85 32.46 57.74
N VAL DB 59 102.69 31.82 57.76
CA VAL DB 59 102.48 30.65 58.61
C VAL DB 59 101.91 29.54 57.74
N PRO DB 60 102.28 28.28 57.98
CA PRO DB 60 101.69 27.18 57.20
C PRO DB 60 100.18 27.13 57.37
N VAL DB 61 99.49 26.77 56.28
CA VAL DB 61 98.03 26.75 56.30
C VAL DB 61 97.47 25.78 57.34
N PRO DB 62 97.97 24.55 57.48
CA PRO DB 62 97.31 23.61 58.43
C PRO DB 62 97.29 24.11 59.87
N GLN DB 63 98.25 24.92 60.28
CA GLN DB 63 98.31 25.43 61.65
C GLN DB 63 97.80 26.87 61.75
N LEU DB 64 97.17 27.38 60.70
CA LEU DB 64 96.72 28.76 60.71
C LEU DB 64 95.68 29.01 61.78
N LYS DB 65 94.71 28.10 61.92
CA LYS DB 65 93.65 28.29 62.90
C LYS DB 65 94.22 28.34 64.32
N SER DB 66 95.27 27.57 64.58
CA SER DB 66 95.90 27.60 65.89
C SER DB 66 96.50 28.97 66.19
N PHE DB 67 97.13 29.59 65.19
CA PHE DB 67 97.70 30.92 65.39
C PHE DB 67 96.63 31.96 65.72
N GLN DB 68 95.51 31.92 64.98
CA GLN DB 68 94.41 32.83 65.28
C GLN DB 68 93.95 32.68 66.73
N LYS DB 69 94.05 31.48 67.29
CA LYS DB 69 93.64 31.27 68.67
C LYS DB 69 94.54 32.05 69.64
N ILE DB 70 95.72 32.48 69.19
CA ILE DB 70 96.65 33.19 70.06
C ILE DB 70 97.18 34.45 69.36
N GLN DB 71 96.64 34.77 68.19
CA GLN DB 71 97.26 35.81 67.37
C GLN DB 71 97.23 37.16 68.07
N VAL DB 72 96.12 37.48 68.75
CA VAL DB 72 95.99 38.78 69.40
C VAL DB 72 97.02 38.93 70.51
N ARG DB 73 97.16 37.90 71.34
CA ARG DB 73 98.11 37.97 72.45
C ARG DB 73 99.55 37.80 71.98
N LEU DB 74 99.79 36.94 70.99
CA LEU DB 74 101.15 36.70 70.54
C LEU DB 74 101.79 37.96 69.98
N VAL DB 75 101.05 38.69 69.14
CA VAL DB 75 101.61 39.89 68.53
C VAL DB 75 101.87 40.97 69.58
N ARG DB 76 101.01 41.06 70.60
CA ARG DB 76 101.25 42.04 71.66
C ARG DB 76 102.56 41.75 72.38
N GLU DB 77 102.77 40.50 72.80
CA GLU DB 77 104.02 40.13 73.44
C GLU DB 77 105.18 40.18 72.46
N LEU DB 78 104.90 39.99 71.16
CA LEU DB 78 105.93 40.20 70.16
C LEU DB 78 106.14 41.68 69.90
N GLU DB 79 105.13 42.52 70.17
CA GLU DB 79 105.26 43.95 69.93
C GLU DB 79 106.13 44.62 70.97
N LYS DB 80 106.08 44.16 72.22
CA LYS DB 80 106.91 44.74 73.26
C LYS DB 80 108.40 44.47 73.01
N LYS DB 81 108.73 43.58 72.08
CA LYS DB 81 110.11 43.39 71.64
C LYS DB 81 110.46 44.32 70.48
N PHE DB 82 109.65 44.27 69.42
CA PHE DB 82 109.86 45.10 68.23
C PHE DB 82 109.07 46.39 68.40
N SER DB 83 109.77 47.50 68.63
CA SER DB 83 109.14 48.72 69.11
C SER DB 83 108.24 49.37 68.08
N GLY DB 84 108.79 49.78 66.95
CA GLY DB 84 108.03 50.56 65.99
C GLY DB 84 107.53 49.80 64.78
N LYS DB 85 107.05 48.58 64.99
CA LYS DB 85 106.62 47.72 63.91
C LYS DB 85 105.17 47.27 64.11
N HIS DB 86 104.56 46.82 63.02
CA HIS DB 86 103.23 46.22 63.05
C HIS DB 86 103.36 44.82 62.46
N VAL DB 87 102.92 43.82 63.20
CA VAL DB 87 103.13 42.42 62.84
C VAL DB 87 101.78 41.73 62.70
N VAL DB 88 101.55 41.12 61.53
CA VAL DB 88 100.32 40.41 61.23
C VAL DB 88 100.67 39.06 60.60
N PHE DB 89 99.69 38.16 60.62
CA PHE DB 89 99.88 36.79 60.17
C PHE DB 89 99.06 36.54 58.91
N ILE DB 90 99.71 35.98 57.89
CA ILE DB 90 99.04 35.56 56.67
C ILE DB 90 99.56 34.17 56.30
N ALA DB 91 98.66 33.33 55.79
CA ALA DB 91 99.03 31.98 55.44
C ALA DB 91 99.90 31.95 54.18
N GLN DB 92 100.72 30.91 54.07
CA GLN DB 92 101.55 30.68 52.89
C GLN DB 92 100.71 29.91 51.89
N ARG DB 93 100.26 30.57 50.84
CA ARG DB 93 99.35 29.99 49.88
C ARG DB 93 99.95 30.00 48.48
N ARG DB 94 99.56 29.04 47.67
CA ARG DB 94 100.13 28.81 46.36
C ARG DB 94 99.11 29.17 45.28
N ILE DB 95 99.57 29.87 44.25
CA ILE DB 95 98.72 30.35 43.17
C ILE DB 95 99.14 29.59 41.91
N LEU DB 96 98.41 28.53 41.58
CA LEU DB 96 98.72 27.79 40.37
C LEU DB 96 98.21 28.57 39.15
N PRO DB 97 98.99 28.61 38.07
CA PRO DB 97 98.57 29.39 36.90
C PRO DB 97 97.34 28.80 36.23
N LYS DB 98 96.57 29.69 35.61
CA LYS DB 98 95.41 29.26 34.85
C LYS DB 98 95.85 28.40 33.67
N PRO DB 99 95.25 27.24 33.43
CA PRO DB 99 95.69 26.39 32.33
C PRO DB 99 95.36 27.01 30.97
N THR DB 100 96.29 26.85 30.03
CA THR DB 100 96.10 27.30 28.66
C THR DB 100 96.11 26.09 27.74
N ARG DB 101 95.91 26.35 26.44
CA ARG DB 101 95.86 25.29 25.46
C ARG DB 101 97.22 24.71 25.14
N LYS DB 102 98.29 25.43 25.46
CA LYS DB 102 99.64 24.96 25.19
C LYS DB 102 100.20 24.07 26.30
N SER DB 103 99.45 23.86 27.37
CA SER DB 103 99.89 22.99 28.45
C SER DB 103 98.72 22.20 29.03
N LYS DB 108 98.95 16.78 34.16
CA LYS DB 108 98.67 17.79 35.17
C LYS DB 108 97.20 17.77 35.55
N GLN DB 109 96.91 17.34 36.78
CA GLN DB 109 95.55 17.12 37.23
C GLN DB 109 94.86 18.45 37.57
N LYS DB 110 93.56 18.35 37.83
CA LYS DB 110 92.71 19.53 37.94
C LYS DB 110 93.15 20.46 39.06
N ARG DB 111 93.15 21.75 38.77
CA ARG DB 111 93.49 22.75 39.77
C ARG DB 111 92.30 23.05 40.67
N PRO DB 112 92.40 22.84 41.98
CA PRO DB 112 91.28 23.17 42.86
C PRO DB 112 91.03 24.67 42.90
N ARG DB 113 89.78 25.02 43.23
CA ARG DB 113 89.40 26.43 43.27
C ARG DB 113 90.11 27.20 44.37
N SER DB 114 90.64 26.52 45.38
CA SER DB 114 91.36 27.20 46.45
C SER DB 114 92.65 27.83 45.92
N ARG DB 115 93.32 27.16 44.98
CA ARG DB 115 94.60 27.62 44.47
C ARG DB 115 94.45 28.67 43.38
N THR DB 116 93.23 29.13 43.13
CA THR DB 116 93.01 30.17 42.13
C THR DB 116 93.43 31.53 42.67
N LEU DB 117 93.70 32.45 41.74
CA LEU DB 117 94.16 33.79 42.12
C LEU DB 117 93.07 34.58 42.82
N THR DB 118 91.81 34.38 42.44
CA THR DB 118 90.73 35.13 43.08
C THR DB 118 90.50 34.62 44.50
N ALA DB 119 90.47 33.30 44.69
CA ALA DB 119 90.24 32.73 46.01
C ALA DB 119 91.43 32.88 46.94
N VAL DB 120 92.59 33.28 46.43
CA VAL DB 120 93.73 33.48 47.31
C VAL DB 120 93.86 34.95 47.73
N HIS DB 121 93.45 35.88 46.88
CA HIS DB 121 93.51 37.30 47.24
C HIS DB 121 92.53 37.60 48.38
N ASP DB 122 91.28 37.16 48.24
CA ASP DB 122 90.32 37.40 49.32
C ASP DB 122 90.68 36.63 50.58
N ALA DB 123 91.27 35.45 50.43
CA ALA DB 123 91.78 34.74 51.59
C ALA DB 123 92.91 35.50 52.27
N ILE DB 124 93.79 36.12 51.48
CA ILE DB 124 94.86 36.92 52.05
C ILE DB 124 94.28 38.14 52.76
N LEU DB 125 93.33 38.83 52.12
CA LEU DB 125 92.71 40.00 52.73
C LEU DB 125 91.93 39.62 53.97
N GLU DB 126 91.16 38.53 53.92
CA GLU DB 126 90.30 38.16 55.02
C GLU DB 126 91.10 37.72 56.24
N ASP DB 127 92.34 37.27 56.03
CA ASP DB 127 93.23 36.92 57.13
C ASP DB 127 94.19 38.04 57.49
N LEU DB 128 94.33 39.05 56.65
CA LEU DB 128 95.18 40.19 56.98
C LEU DB 128 94.64 40.95 58.18
N VAL DB 129 93.32 41.11 58.24
CA VAL DB 129 92.66 41.74 59.39
C VAL DB 129 92.04 40.60 60.21
N PHE DB 130 92.81 40.09 61.17
CA PHE DB 130 92.24 38.93 61.88
C PHE DB 130 91.18 39.37 62.89
N PRO DB 131 91.51 40.22 63.88
CA PRO DB 131 90.57 40.40 65.00
C PRO DB 131 89.21 40.91 64.57
N SER DB 132 89.14 41.62 63.46
CA SER DB 132 87.88 42.10 62.90
C SER DB 132 87.56 41.33 61.63
N GLU DB 133 86.27 41.11 61.40
CA GLU DB 133 85.81 40.34 60.26
C GLU DB 133 85.17 41.25 59.22
N ILE DB 134 85.39 40.91 57.95
CA ILE DB 134 84.76 41.64 56.86
C ILE DB 134 83.26 41.46 56.93
N VAL DB 135 82.54 42.57 56.79
CA VAL DB 135 81.08 42.55 56.74
C VAL DB 135 80.54 43.12 55.44
N GLY DB 136 81.42 43.42 54.48
CA GLY DB 136 81.00 43.95 53.21
C GLY DB 136 82.20 44.30 52.37
N LYS DB 137 81.94 44.49 51.08
CA LYS DB 137 83.03 44.77 50.14
C LYS DB 137 82.45 45.50 48.94
N ARG DB 138 83.17 46.54 48.49
CA ARG DB 138 82.76 47.32 47.34
C ARG DB 138 83.98 47.60 46.48
N ILE DB 139 83.77 47.65 45.16
CA ILE DB 139 84.83 47.89 44.20
C ILE DB 139 84.45 49.12 43.39
N ARG DB 140 85.27 50.16 43.48
CA ARG DB 140 85.03 51.41 42.77
C ARG DB 140 85.91 51.44 41.53
N VAL DB 141 85.29 51.50 40.36
CA VAL DB 141 86.00 51.55 39.09
C VAL DB 141 85.97 52.99 38.62
N LYS DB 142 87.08 53.70 38.82
CA LYS DB 142 87.14 55.13 38.55
C LYS DB 142 87.22 55.38 37.04
N LEU DB 143 87.31 56.66 36.68
CA LEU DB 143 87.21 57.07 35.28
C LEU DB 143 88.42 56.63 34.48
N ASP DB 144 89.60 56.62 35.10
CA ASP DB 144 90.81 56.23 34.37
C ASP DB 144 90.83 54.75 34.03
N GLY DB 145 89.97 53.94 34.63
CA GLY DB 145 89.87 52.52 34.35
C GLY DB 145 90.37 51.61 35.45
N SER DB 146 91.11 52.14 36.42
CA SER DB 146 91.63 51.32 37.49
C SER DB 146 90.58 51.09 38.58
N ARG DB 147 90.83 50.11 39.42
CA ARG DB 147 89.90 49.69 40.46
C ARG DB 147 90.34 50.20 41.82
N LEU DB 148 89.43 50.06 42.79
CA LEU DB 148 89.72 50.47 44.17
C LEU DB 148 88.77 49.71 45.08
N ILE DB 149 89.30 48.84 45.91
CA ILE DB 149 88.50 47.98 46.78
C ILE DB 149 88.24 48.70 48.10
N LYS DB 150 86.98 48.75 48.51
CA LYS DB 150 86.58 49.32 49.79
C LYS DB 150 86.08 48.20 50.68
N VAL DB 151 86.67 48.07 51.87
CA VAL DB 151 86.41 46.98 52.78
C VAL DB 151 85.72 47.53 54.02
N HIS DB 152 84.68 46.83 54.48
CA HIS DB 152 83.92 47.23 55.65
C HIS DB 152 84.18 46.23 56.78
N LEU DB 153 84.40 46.75 57.98
CA LEU DB 153 84.75 45.94 59.13
C LEU DB 153 83.74 46.15 60.24
N ASP DB 154 83.55 45.12 61.06
CA ASP DB 154 82.58 45.18 62.14
C ASP DB 154 83.00 46.18 63.22
N LYS DB 155 81.99 46.72 63.92
CA LYS DB 155 82.26 47.68 64.99
C LYS DB 155 82.89 46.98 66.20
N ALA DB 156 82.48 45.74 66.48
CA ALA DB 156 83.16 44.96 67.50
C ALA DB 156 84.61 44.75 67.10
N GLN DB 157 85.52 44.99 68.05
CA GLN DB 157 86.96 44.96 67.78
C GLN DB 157 87.33 46.00 66.71
N GLN DB 158 86.96 47.25 67.00
CA GLN DB 158 87.32 48.39 66.17
C GLN DB 158 88.48 49.18 66.76
N ASN DB 159 88.47 49.40 68.08
CA ASN DB 159 89.54 50.11 68.76
C ASN DB 159 90.82 49.29 68.84
N ASN DB 160 90.78 48.00 68.50
CA ASN DB 160 91.97 47.18 68.46
C ASN DB 160 92.66 47.18 67.10
N VAL DB 161 92.05 47.76 66.07
CA VAL DB 161 92.60 47.76 64.73
C VAL DB 161 92.60 49.13 64.07
N GLU DB 162 92.04 50.15 64.72
CA GLU DB 162 91.89 51.45 64.08
C GLU DB 162 93.24 52.06 63.71
N HIS DB 163 94.27 51.82 64.51
CA HIS DB 163 95.59 52.34 64.22
C HIS DB 163 96.33 51.53 63.16
N LYS DB 164 95.85 50.33 62.81
CA LYS DB 164 96.52 49.45 61.88
C LYS DB 164 96.02 49.58 60.44
N VAL DB 165 95.04 50.46 60.18
CA VAL DB 165 94.42 50.48 58.85
C VAL DB 165 95.41 50.93 57.79
N GLU DB 166 96.25 51.92 58.11
CA GLU DB 166 97.26 52.35 57.14
C GLU DB 166 98.25 51.23 56.85
N THR DB 167 98.52 50.39 57.85
CA THR DB 167 99.38 49.23 57.62
C THR DB 167 98.72 48.24 56.67
N PHE DB 168 97.42 48.02 56.82
CA PHE DB 168 96.73 47.02 56.01
C PHE DB 168 96.81 47.36 54.53
N SER DB 169 96.59 48.63 54.17
CA SER DB 169 96.66 49.04 52.78
C SER DB 169 98.06 48.85 52.22
N GLY DB 170 99.08 49.16 53.02
CA GLY DB 170 100.45 48.98 52.57
C GLY DB 170 100.81 47.53 52.37
N VAL DB 171 100.38 46.66 53.29
CA VAL DB 171 100.71 45.24 53.18
C VAL DB 171 100.02 44.62 51.97
N TYR DB 172 98.71 44.86 51.83
CA TYR DB 172 97.98 44.27 50.72
C TYR DB 172 98.44 44.80 49.37
N LYS DB 173 98.89 46.06 49.33
CA LYS DB 173 99.41 46.61 48.08
C LYS DB 173 100.67 45.88 47.63
N LYS DB 174 101.56 45.57 48.57
CA LYS DB 174 102.80 44.88 48.20
C LYS DB 174 102.54 43.43 47.85
N LEU DB 175 101.66 42.76 48.60
CA LEU DB 175 101.38 41.35 48.34
C LEU DB 175 100.65 41.15 47.03
N THR DB 176 99.69 42.02 46.73
CA THR DB 176 98.79 41.84 45.59
C THR DB 176 99.00 42.87 44.49
N GLY DB 177 99.01 44.16 44.84
CA GLY DB 177 99.08 45.22 43.85
C GLY DB 177 97.74 45.89 43.65
N LYS DB 178 96.99 46.03 44.74
CA LYS DB 178 95.62 46.52 44.70
C LYS DB 178 95.47 47.72 45.63
N ASP DB 179 94.85 48.79 45.12
CA ASP DB 179 94.51 49.93 45.95
C ASP DB 179 93.28 49.60 46.79
N VAL DB 180 93.42 49.68 48.11
CA VAL DB 180 92.40 49.21 49.04
C VAL DB 180 92.21 50.23 50.15
N ASN DB 181 90.96 50.45 50.55
CA ASN DB 181 90.62 51.34 51.64
C ASN DB 181 89.73 50.62 52.64
N PHE DB 182 89.95 50.91 53.92
CA PHE DB 182 89.21 50.27 55.01
C PHE DB 182 88.34 51.31 55.71
N GLU DB 183 87.15 50.89 56.12
CA GLU DB 183 86.23 51.76 56.82
C GLU DB 183 85.33 50.92 57.72
N PHE DB 184 84.80 51.56 58.75
CA PHE DB 184 83.99 50.89 59.76
C PHE DB 184 82.57 51.46 59.74
N PRO DB 185 81.59 50.75 59.17
CA PRO DB 185 80.25 51.29 59.08
C PRO DB 185 79.39 51.04 60.33
N GLU DB 186 78.89 52.14 60.90
CA GLU DB 186 77.91 52.08 61.97
C GLU DB 186 76.52 51.67 61.47
N PHE DB 187 76.37 51.52 60.16
CA PHE DB 187 75.09 51.23 59.50
C PHE DB 187 74.43 49.98 60.07
N GLN DB 188 75.10 48.82 59.93
CA GLN DB 188 74.57 47.57 60.47
C GLN DB 188 75.50 46.93 61.50
N LEU DB 189 76.78 46.77 61.16
CA LEU DB 189 77.73 46.10 62.04
C LEU DB 189 79.15 46.26 61.52
N GLY EB 1 75.60 -8.46 -21.33
CA GLY EB 1 75.32 -9.73 -20.69
C GLY EB 1 75.47 -9.68 -19.18
N ILE EB 2 76.25 -10.60 -18.63
CA ILE EB 2 76.55 -10.57 -17.20
C ILE EB 2 77.23 -9.27 -16.86
N SER EB 3 76.78 -8.62 -15.80
CA SER EB 3 77.25 -7.29 -15.45
C SER EB 3 77.69 -7.25 -13.99
N ARG EB 4 78.76 -6.51 -13.73
CA ARG EB 4 79.28 -6.28 -12.38
C ARG EB 4 79.21 -4.78 -12.12
N ASP EB 5 78.07 -4.31 -11.64
CA ASP EB 5 77.87 -2.89 -11.38
C ASP EB 5 77.18 -2.72 -10.04
N ASN EB 6 77.46 -1.59 -9.39
CA ASN EB 6 76.89 -1.30 -8.09
C ASN EB 6 75.62 -0.46 -8.16
N TRP EB 7 75.20 -0.05 -9.36
CA TRP EB 7 74.03 0.80 -9.51
C TRP EB 7 72.75 0.03 -9.80
N HIS EB 8 72.81 -1.29 -9.92
CA HIS EB 8 71.62 -2.09 -10.18
C HIS EB 8 70.98 -2.60 -8.90
N LYS EB 9 71.49 -2.22 -7.74
CA LYS EB 9 71.03 -2.79 -6.49
C LYS EB 9 70.71 -1.68 -5.50
N ARG EB 10 69.96 -2.06 -4.46
CA ARG EB 10 69.33 -1.10 -3.57
C ARG EB 10 70.37 -0.28 -2.81
N ARG EB 11 69.97 0.92 -2.41
CA ARG EB 11 70.80 1.82 -1.64
C ARG EB 11 70.98 1.32 -0.22
N LYS EB 12 71.84 2.02 0.54
CA LYS EB 12 72.09 1.64 1.92
C LYS EB 12 70.82 1.73 2.76
N THR EB 13 70.03 2.80 2.55
CA THR EB 13 68.79 2.99 3.30
C THR EB 13 67.67 2.08 2.83
N GLY EB 14 67.84 1.39 1.70
CA GLY EB 14 66.81 0.54 1.15
C GLY EB 14 66.07 1.13 -0.03
N GLY EB 15 66.30 2.40 -0.35
CA GLY EB 15 65.61 3.01 -1.47
C GLY EB 15 66.09 2.45 -2.80
N LYS EB 16 65.14 2.20 -3.69
CA LYS EB 16 65.46 1.73 -5.03
C LYS EB 16 66.16 2.84 -5.82
N ARG EB 17 67.19 2.45 -6.57
CA ARG EB 17 68.01 3.38 -7.33
C ARG EB 17 67.71 3.22 -8.81
N LYS EB 18 67.29 4.32 -9.46
CA LYS EB 18 66.96 4.30 -10.87
C LYS EB 18 68.22 4.48 -11.72
N PRO EB 19 68.49 3.57 -12.66
CA PRO EB 19 69.72 3.67 -13.45
C PRO EB 19 69.73 4.91 -14.31
N TYR EB 20 70.93 5.46 -14.52
CA TYR EB 20 71.09 6.65 -15.34
C TYR EB 20 71.91 6.40 -16.60
N HIS EB 21 72.38 5.18 -16.83
CA HIS EB 21 73.01 4.83 -18.10
C HIS EB 21 72.89 3.32 -18.29
N LYS EB 22 73.10 2.88 -19.52
CA LYS EB 22 73.00 1.47 -19.84
C LYS EB 22 74.30 0.76 -19.48
N LYS EB 23 74.35 -0.54 -19.79
CA LYS EB 23 75.51 -1.34 -19.42
C LYS EB 23 76.75 -0.89 -20.20
N ARG EB 24 77.87 -0.80 -19.50
CA ARG EB 24 79.13 -0.39 -20.08
C ARG EB 24 80.04 -1.59 -20.29
N LYS EB 25 80.99 -1.43 -21.21
CA LYS EB 25 81.86 -2.55 -21.58
C LYS EB 25 82.69 -3.03 -20.39
N TYR EB 26 83.25 -2.11 -19.62
CA TYR EB 26 84.13 -2.50 -18.53
C TYR EB 26 83.38 -3.16 -17.37
N GLU EB 27 82.06 -3.03 -17.32
CA GLU EB 27 81.25 -3.60 -16.24
C GLU EB 27 80.72 -4.98 -16.63
N LEU EB 28 81.62 -5.89 -17.01
CA LEU EB 28 81.18 -7.19 -17.52
C LEU EB 28 81.63 -8.31 -16.59
N GLY EB 29 80.81 -9.35 -16.54
CA GLY EB 29 81.20 -10.63 -15.97
C GLY EB 29 81.26 -11.68 -17.07
N ARG EB 30 81.77 -12.84 -16.72
CA ARG EB 30 81.87 -13.95 -17.66
C ARG EB 30 81.48 -15.24 -16.97
N PRO EB 31 81.01 -16.24 -17.71
CA PRO EB 31 80.63 -17.51 -17.09
C PRO EB 31 81.78 -18.16 -16.37
N ALA EB 32 81.46 -18.86 -15.27
CA ALA EB 32 82.48 -19.49 -14.46
C ALA EB 32 83.22 -20.57 -15.25
N ALA EB 33 84.52 -20.68 -15.01
CA ALA EB 33 85.32 -21.70 -15.68
C ALA EB 33 84.88 -23.10 -15.26
N ASN EB 34 84.73 -23.33 -13.96
CA ASN EB 34 84.28 -24.60 -13.41
C ASN EB 34 85.16 -25.75 -13.90
N THR EB 35 86.46 -25.62 -13.64
CA THR EB 35 87.42 -26.59 -14.13
C THR EB 35 87.22 -27.93 -13.43
N LYS EB 36 87.29 -29.02 -14.21
CA LYS EB 36 87.16 -30.36 -13.69
C LYS EB 36 88.53 -31.04 -13.67
N ILE EB 37 88.54 -32.31 -13.29
CA ILE EB 37 89.73 -33.14 -13.31
C ILE EB 37 89.71 -34.01 -14.56
N GLY EB 38 90.80 -34.01 -15.31
CA GLY EB 38 90.87 -34.77 -16.54
C GLY EB 38 92.01 -34.32 -17.43
N PRO EB 39 92.09 -34.87 -18.64
CA PRO EB 39 93.15 -34.48 -19.56
C PRO EB 39 93.13 -32.98 -19.83
N ARG EB 40 94.31 -32.38 -19.91
CA ARG EB 40 94.45 -30.94 -19.86
C ARG EB 40 93.72 -30.26 -21.01
N ARG EB 41 93.10 -29.12 -20.73
CA ARG EB 41 92.37 -28.36 -21.74
C ARG EB 41 92.19 -26.93 -21.23
N ILE EB 42 92.81 -25.98 -21.91
CA ILE EB 42 92.75 -24.57 -21.52
C ILE EB 42 92.30 -23.74 -22.71
N HIS EB 43 91.32 -22.87 -22.49
CA HIS EB 43 90.92 -21.86 -23.46
C HIS EB 43 91.37 -20.49 -22.95
N THR EB 44 91.91 -19.67 -23.85
CA THR EB 44 92.35 -18.33 -23.50
C THR EB 44 91.28 -17.32 -23.90
N VAL EB 45 91.23 -16.22 -23.15
CA VAL EB 45 90.24 -15.17 -23.36
C VAL EB 45 90.96 -13.82 -23.41
N ARG EB 46 90.57 -12.97 -24.35
CA ARG EB 46 91.17 -11.65 -24.51
C ARG EB 46 90.45 -10.65 -23.63
N VAL EB 47 91.21 -9.96 -22.79
CA VAL EB 47 90.65 -9.14 -21.73
C VAL EB 47 90.92 -7.66 -21.97
N ARG EB 48 90.42 -6.82 -21.07
CA ARG EB 48 90.63 -5.38 -21.17
C ARG EB 48 92.12 -5.06 -21.13
N GLY EB 49 92.55 -4.19 -22.03
CA GLY EB 49 93.95 -3.86 -22.15
C GLY EB 49 94.73 -4.71 -23.11
N GLY EB 50 94.10 -5.70 -23.75
CA GLY EB 50 94.77 -6.56 -24.69
C GLY EB 50 95.52 -7.72 -24.08
N ASN EB 51 95.45 -7.90 -22.76
CA ASN EB 51 96.16 -8.99 -22.11
C ASN EB 51 95.38 -10.29 -22.26
N LYS EB 52 95.79 -11.32 -21.54
CA LYS EB 52 95.20 -12.64 -21.67
C LYS EB 52 94.91 -13.23 -20.30
N LYS EB 53 93.91 -14.11 -20.26
CA LYS EB 53 93.65 -14.96 -19.11
C LYS EB 53 93.41 -16.37 -19.60
N TYR EB 54 93.79 -17.35 -18.77
CA TYR EB 54 93.76 -18.74 -19.14
C TYR EB 54 92.61 -19.42 -18.41
N ARG EB 55 91.56 -19.78 -19.15
CA ARG EB 55 90.45 -20.55 -18.59
C ARG EB 55 90.85 -22.01 -18.57
N ALA EB 56 91.30 -22.51 -17.43
CA ALA EB 56 91.48 -23.94 -17.27
C ALA EB 56 90.11 -24.59 -17.18
N LEU EB 57 89.86 -25.55 -18.06
CA LEU EB 57 88.61 -26.31 -18.05
C LEU EB 57 88.79 -27.72 -17.52
N ARG EB 58 89.93 -28.34 -17.79
CA ARG EB 58 90.27 -29.66 -17.28
C ARG EB 58 91.74 -29.65 -16.91
N LEU EB 59 92.05 -30.06 -15.69
CA LEU EB 59 93.43 -30.15 -15.22
C LEU EB 59 93.65 -31.52 -14.59
N ASP EB 60 94.89 -32.02 -14.71
CA ASP EB 60 95.20 -33.33 -14.19
C ASP EB 60 96.46 -33.30 -13.32
N VAL EB 61 97.33 -32.32 -13.54
CA VAL EB 61 98.58 -32.22 -12.81
C VAL EB 61 98.76 -30.81 -12.28
N GLY EB 62 99.58 -30.69 -11.24
CA GLY EB 62 99.94 -29.41 -10.67
C GLY EB 62 101.03 -29.59 -9.65
N ASN EB 63 101.91 -28.60 -9.49
CA ASN EB 63 103.02 -28.72 -8.55
C ASN EB 63 102.59 -28.23 -7.18
N PHE EB 64 102.91 -29.00 -6.16
CA PHE EB 64 102.59 -28.69 -4.78
C PHE EB 64 103.85 -28.74 -3.94
N SER EB 65 104.00 -27.78 -3.04
CA SER EB 65 105.24 -27.59 -2.30
C SER EB 65 105.12 -28.19 -0.90
N TRP EB 66 106.07 -29.04 -0.55
CA TRP EB 66 106.18 -29.57 0.80
C TRP EB 66 106.83 -28.50 1.66
N GLY EB 67 106.03 -27.79 2.45
CA GLY EB 67 106.51 -26.58 3.09
C GLY EB 67 107.69 -26.81 4.03
N SER EB 68 107.62 -27.86 4.85
CA SER EB 68 108.64 -28.06 5.87
C SER EB 68 110.00 -28.37 5.26
N GLU EB 69 110.06 -29.28 4.29
CA GLU EB 69 111.32 -29.64 3.65
C GLU EB 69 111.60 -28.86 2.38
N CYS EB 70 110.74 -27.93 2.00
CA CYS EB 70 110.94 -27.09 0.81
C CYS EB 70 111.13 -27.94 -0.44
N CYS EB 71 110.27 -28.93 -0.60
CA CYS EB 71 110.29 -29.85 -1.73
C CYS EB 71 109.07 -29.58 -2.59
N THR EB 72 109.28 -28.97 -3.76
CA THR EB 72 108.22 -28.70 -4.72
C THR EB 72 108.40 -29.61 -5.92
N ARG EB 73 107.37 -30.41 -6.22
CA ARG EB 73 107.40 -31.32 -7.35
C ARG EB 73 106.04 -31.34 -8.01
N LYS EB 74 106.03 -31.59 -9.32
CA LYS EB 74 104.78 -31.74 -10.05
C LYS EB 74 104.14 -33.08 -9.72
N THR EB 75 102.83 -33.07 -9.57
CA THR EB 75 102.10 -34.25 -9.12
C THR EB 75 100.72 -34.29 -9.75
N ARG EB 76 100.25 -35.50 -10.04
CA ARG EB 76 98.89 -35.70 -10.53
C ARG EB 76 97.88 -35.49 -9.41
N ILE EB 77 96.83 -34.75 -9.70
CA ILE EB 77 95.74 -34.55 -8.74
C ILE EB 77 94.79 -35.73 -8.82
N ILE EB 78 94.50 -36.34 -7.67
CA ILE EB 78 93.70 -37.55 -7.65
C ILE EB 78 92.21 -37.24 -7.51
N ASP EB 79 91.83 -36.49 -6.48
CA ASP EB 79 90.41 -36.30 -6.20
C ASP EB 79 90.24 -35.06 -5.32
N VAL EB 80 89.01 -34.58 -5.24
CA VAL EB 80 88.64 -33.44 -4.40
C VAL EB 80 87.89 -33.97 -3.19
N VAL EB 81 88.34 -33.59 -2.00
CA VAL EB 81 87.88 -34.24 -0.77
C VAL EB 81 87.08 -33.28 0.09
N TYR EB 82 87.40 -31.98 0.04
CA TYR EB 82 86.73 -31.01 0.89
C TYR EB 82 86.71 -29.66 0.20
N ASN EB 83 85.64 -28.91 0.45
CA ASN EB 83 85.53 -27.54 -0.03
C ASN EB 83 84.76 -26.75 1.01
N ALA EB 84 85.37 -25.66 1.49
CA ALA EB 84 84.74 -24.89 2.56
C ALA EB 84 83.49 -24.16 2.09
N SER EB 85 83.43 -23.78 0.82
CA SER EB 85 82.35 -22.93 0.35
C SER EB 85 81.08 -23.73 0.07
N ASN EB 86 81.14 -24.68 -0.86
CA ASN EB 86 79.96 -25.39 -1.31
C ASN EB 86 80.25 -26.89 -1.39
N ASN EB 87 79.42 -27.68 -0.71
CA ASN EB 87 79.56 -29.14 -0.78
C ASN EB 87 79.27 -29.70 -2.17
N GLU EB 88 78.48 -28.99 -2.98
CA GLU EB 88 78.24 -29.44 -4.34
C GLU EB 88 79.51 -29.47 -5.17
N LEU EB 89 80.51 -28.67 -4.81
CA LEU EB 89 81.73 -28.58 -5.59
C LEU EB 89 82.70 -29.73 -5.33
N VAL EB 90 82.42 -30.60 -4.36
CA VAL EB 90 83.23 -31.80 -4.21
C VAL EB 90 82.53 -32.95 -4.92
N ARG EB 91 81.20 -32.89 -4.98
CA ARG EB 91 80.45 -33.91 -5.70
C ARG EB 91 80.75 -33.84 -7.19
N THR EB 92 80.78 -32.63 -7.74
CA THR EB 92 81.32 -32.42 -9.07
C THR EB 92 82.81 -32.13 -8.94
N LYS EB 93 83.63 -33.01 -9.51
CA LYS EB 93 85.06 -33.03 -9.18
C LYS EB 93 85.73 -31.80 -9.79
N THR EB 94 85.40 -30.64 -9.22
CA THR EB 94 85.87 -29.36 -9.70
C THR EB 94 86.94 -28.78 -8.77
N LEU EB 95 87.82 -27.97 -9.33
CA LEU EB 95 88.94 -27.39 -8.62
C LEU EB 95 88.74 -25.89 -8.49
N VAL EB 96 88.74 -25.40 -7.25
CA VAL EB 96 88.71 -23.97 -6.97
C VAL EB 96 89.81 -23.67 -5.95
N LYS EB 97 90.02 -22.39 -5.71
CA LYS EB 97 91.01 -21.98 -4.72
C LYS EB 97 90.58 -22.41 -3.32
N ASN EB 98 91.57 -22.75 -2.49
CA ASN EB 98 91.35 -23.10 -1.10
C ASN EB 98 90.43 -24.33 -0.96
N CYS EB 99 90.56 -25.26 -1.91
CA CYS EB 99 89.87 -26.53 -1.82
C CYS EB 99 90.88 -27.64 -1.58
N ILE EB 100 90.47 -28.65 -0.83
CA ILE EB 100 91.38 -29.72 -0.41
C ILE EB 100 91.30 -30.85 -1.43
N VAL EB 101 92.46 -31.17 -2.02
CA VAL EB 101 92.54 -32.21 -3.03
C VAL EB 101 93.55 -33.26 -2.57
N LEU EB 102 93.56 -34.39 -3.28
CA LEU EB 102 94.47 -35.49 -3.02
C LEU EB 102 95.49 -35.58 -4.15
N ILE EB 103 96.75 -35.69 -3.80
CA ILE EB 103 97.83 -35.77 -4.77
C ILE EB 103 98.66 -37.01 -4.47
N ASP EB 104 99.30 -37.55 -5.51
CA ASP EB 104 100.12 -38.73 -5.34
C ASP EB 104 101.40 -38.41 -4.58
N SER EB 105 101.83 -39.34 -3.74
CA SER EB 105 102.98 -39.14 -2.88
C SER EB 105 104.30 -39.51 -3.53
N THR EB 106 104.28 -40.10 -4.72
CA THR EB 106 105.51 -40.65 -5.29
C THR EB 106 106.60 -39.61 -5.50
N PRO EB 107 106.34 -38.43 -6.08
CA PRO EB 107 107.45 -37.46 -6.24
C PRO EB 107 108.05 -37.01 -4.92
N TYR EB 108 107.28 -37.01 -3.84
CA TYR EB 108 107.81 -36.59 -2.55
C TYR EB 108 108.48 -37.73 -1.79
N ARG EB 109 107.95 -38.96 -1.91
CA ARG EB 109 108.63 -40.10 -1.30
C ARG EB 109 109.99 -40.32 -1.95
N GLN EB 110 110.07 -40.16 -3.26
CA GLN EB 110 111.34 -40.34 -3.95
C GLN EB 110 112.37 -39.32 -3.47
N TRP EB 111 111.96 -38.06 -3.35
CA TRP EB 111 112.89 -37.02 -2.90
C TRP EB 111 113.35 -37.28 -1.48
N TYR EB 112 112.48 -37.85 -0.65
CA TYR EB 112 112.86 -38.22 0.70
C TYR EB 112 113.98 -39.26 0.69
N GLU EB 113 113.89 -40.22 -0.23
CA GLU EB 113 114.86 -41.30 -0.28
C GLU EB 113 116.25 -40.78 -0.67
N SER EB 114 116.32 -39.97 -1.73
CA SER EB 114 117.59 -39.49 -2.23
C SER EB 114 118.22 -38.42 -1.33
N HIS EB 115 117.46 -37.86 -0.39
CA HIS EB 115 117.97 -36.79 0.46
C HIS EB 115 118.35 -37.26 1.86
N TYR EB 116 117.57 -38.16 2.44
CA TYR EB 116 117.85 -38.65 3.79
C TYR EB 116 118.27 -40.11 3.83
N ALA EB 117 117.92 -40.89 2.80
CA ALA EB 117 118.22 -42.33 2.76
C ALA EB 117 117.60 -43.06 3.93
N LEU EB 118 116.29 -42.91 4.08
CA LEU EB 118 115.49 -43.66 5.04
C LEU EB 118 114.21 -44.10 4.33
N PRO EB 119 113.63 -45.24 4.72
CA PRO EB 119 112.40 -45.71 4.07
C PRO EB 119 111.19 -44.94 4.57
N LEU EB 120 110.40 -44.41 3.64
CA LEU EB 120 109.17 -43.70 3.96
C LEU EB 120 107.99 -44.53 3.50
N GLY EB 121 107.07 -44.81 4.43
CA GLY EB 121 106.02 -45.77 4.17
C GLY EB 121 106.56 -47.18 4.17
N ARG EB 122 106.50 -47.86 3.02
CA ARG EB 122 107.14 -49.16 2.82
C ARG EB 122 106.69 -50.16 3.89
N LYS EB 123 105.40 -50.47 3.82
CA LYS EB 123 104.76 -51.37 4.78
C LYS EB 123 105.51 -52.70 4.93
N LYS EB 127 108.65 -56.78 -0.20
CA LYS EB 127 109.72 -56.97 -1.16
C LYS EB 127 110.19 -55.62 -1.69
N LEU EB 128 111.46 -55.56 -2.10
CA LEU EB 128 112.09 -54.31 -2.53
C LEU EB 128 112.56 -54.48 -3.97
N THR EB 129 112.00 -53.70 -4.89
CA THR EB 129 112.38 -53.77 -6.28
C THR EB 129 113.83 -53.27 -6.45
N PRO EB 130 114.52 -53.71 -7.52
CA PRO EB 130 115.99 -53.58 -7.54
C PRO EB 130 116.53 -52.17 -7.35
N GLU EB 131 115.82 -51.15 -7.80
CA GLU EB 131 116.38 -49.80 -7.78
C GLU EB 131 116.11 -49.06 -6.47
N GLU EB 132 115.61 -49.73 -5.44
CA GLU EB 132 115.43 -49.10 -4.15
C GLU EB 132 116.43 -49.53 -3.09
N GLU EB 133 116.99 -50.75 -3.19
CA GLU EB 133 118.04 -51.11 -2.25
C GLU EB 133 119.38 -50.49 -2.64
N GLU EB 134 119.60 -50.27 -3.93
CA GLU EB 134 120.84 -49.63 -4.36
C GLU EB 134 120.91 -48.18 -3.90
N ILE EB 135 119.76 -47.49 -3.88
CA ILE EB 135 119.75 -46.09 -3.45
C ILE EB 135 119.91 -45.96 -1.95
N LEU EB 136 119.72 -47.05 -1.21
CA LEU EB 136 119.88 -47.06 0.24
C LEU EB 136 121.11 -47.82 0.72
N ASN EB 137 121.80 -48.52 -0.17
CA ASN EB 137 122.99 -49.27 0.21
C ASN EB 137 124.11 -49.10 -0.81
N LYS EB 138 124.17 -47.95 -1.46
CA LYS EB 138 125.22 -47.69 -2.43
C LYS EB 138 126.57 -47.51 -1.74
N LYS EB 139 127.64 -47.71 -2.50
CA LYS EB 139 129.00 -47.56 -1.98
C LYS EB 139 129.27 -46.09 -1.75
N ARG EB 140 129.44 -45.70 -0.48
CA ARG EB 140 129.66 -44.31 -0.10
C ARG EB 140 130.93 -44.18 0.73
N SER EB 141 131.72 -43.15 0.44
CA SER EB 141 132.88 -42.82 1.24
C SER EB 141 132.46 -42.28 2.60
N LYS EB 142 133.37 -42.38 3.57
CA LYS EB 142 133.06 -41.90 4.92
C LYS EB 142 132.86 -40.40 4.95
N LYS EB 143 133.55 -39.66 4.07
CA LYS EB 143 133.34 -38.21 4.01
C LYS EB 143 131.91 -37.87 3.61
N ILE EB 144 131.37 -38.58 2.63
CA ILE EB 144 129.99 -38.34 2.20
C ILE EB 144 128.98 -39.13 3.02
N GLN EB 145 129.39 -40.24 3.64
CA GLN EB 145 128.48 -40.99 4.48
C GLN EB 145 128.08 -40.18 5.70
N LYS EB 146 129.03 -39.46 6.31
CA LYS EB 146 128.70 -38.65 7.48
C LYS EB 146 127.84 -37.45 7.10
N LYS EB 147 127.83 -37.09 5.82
CA LYS EB 147 126.92 -36.04 5.36
C LYS EB 147 125.47 -36.46 5.58
N TYR EB 148 125.16 -37.73 5.31
CA TYR EB 148 123.82 -38.25 5.57
C TYR EB 148 123.57 -38.53 7.04
N ASP EB 149 124.61 -38.74 7.84
CA ASP EB 149 124.40 -39.01 9.26
C ASP EB 149 123.88 -37.78 9.99
N GLU EB 150 124.43 -36.60 9.69
CA GLU EB 150 123.94 -35.40 10.34
C GLU EB 150 122.52 -35.05 9.88
N ARG EB 151 122.10 -35.56 8.72
CA ARG EB 151 120.72 -35.41 8.27
C ARG EB 151 119.77 -36.37 8.96
N LYS EB 152 120.28 -37.36 9.69
CA LYS EB 152 119.42 -38.26 10.45
C LYS EB 152 118.61 -37.52 11.51
N LYS EB 153 119.21 -36.50 12.12
CA LYS EB 153 118.56 -35.81 13.22
C LYS EB 153 117.27 -35.11 12.78
N ASN EB 154 117.29 -34.46 11.63
CA ASN EB 154 116.15 -33.72 11.12
C ASN EB 154 115.45 -34.47 9.99
N ALA EB 155 115.40 -35.79 10.10
CA ALA EB 155 114.70 -36.64 9.13
C ALA EB 155 113.42 -37.25 9.69
N LYS EB 156 113.02 -36.85 10.90
CA LYS EB 156 111.81 -37.38 11.52
C LYS EB 156 110.64 -36.47 11.17
N ILE EB 157 109.60 -37.04 10.58
CA ILE EB 157 108.41 -36.29 10.21
C ILE EB 157 107.26 -36.72 11.10
N SER EB 158 106.17 -35.95 11.04
CA SER EB 158 105.02 -36.21 11.90
C SER EB 158 104.34 -37.51 11.53
N SER EB 159 103.74 -38.16 12.54
CA SER EB 159 103.02 -39.40 12.29
C SER EB 159 101.82 -39.17 11.37
N LEU EB 160 101.09 -38.07 11.58
CA LEU EB 160 99.92 -37.77 10.77
C LEU EB 160 100.27 -37.65 9.29
N LEU EB 161 101.47 -37.17 8.97
CA LEU EB 161 101.89 -37.07 7.58
C LEU EB 161 102.60 -38.33 7.10
N GLU EB 162 102.84 -39.29 7.99
CA GLU EB 162 103.56 -40.50 7.59
C GLU EB 162 102.63 -41.52 6.93
N GLU EB 163 101.50 -41.83 7.58
CA GLU EB 163 100.60 -42.84 7.03
C GLU EB 163 99.95 -42.40 5.73
N GLN EB 164 99.99 -41.10 5.41
CA GLN EB 164 99.55 -40.65 4.09
C GLN EB 164 100.45 -41.17 2.99
N PHE EB 165 101.73 -41.41 3.28
CA PHE EB 165 102.62 -42.02 2.31
C PHE EB 165 102.35 -43.51 2.18
N GLN EB 166 101.98 -44.17 3.28
CA GLN EB 166 101.59 -45.57 3.23
C GLN EB 166 100.33 -45.76 2.40
N GLN EB 167 99.36 -44.84 2.53
CA GLN EB 167 98.18 -44.88 1.69
C GLN EB 167 98.49 -44.52 0.24
N GLY EB 168 99.60 -43.83 -0.01
CA GLY EB 168 100.03 -43.51 -1.35
C GLY EB 168 99.64 -42.13 -1.84
N LYS EB 169 98.90 -41.36 -1.06
CA LYS EB 169 98.48 -40.04 -1.48
C LYS EB 169 98.38 -39.11 -0.29
N LEU EB 170 98.62 -37.82 -0.54
CA LEU EB 170 98.65 -36.79 0.48
C LEU EB 170 97.50 -35.80 0.28
N LEU EB 171 97.17 -35.10 1.36
CA LEU EB 171 96.15 -34.06 1.33
C LEU EB 171 96.82 -32.71 1.07
N ALA EB 172 96.38 -32.02 0.03
CA ALA EB 172 96.94 -30.74 -0.36
C ALA EB 172 95.84 -29.68 -0.38
N CYS EB 173 96.28 -28.42 -0.44
CA CYS EB 173 95.39 -27.27 -0.54
C CYS EB 173 95.79 -26.45 -1.76
N ILE EB 174 94.83 -26.17 -2.62
CA ILE EB 174 95.10 -25.39 -3.82
C ILE EB 174 95.22 -23.93 -3.45
N ALA EB 175 96.28 -23.28 -3.92
CA ALA EB 175 96.53 -21.88 -3.65
C ALA EB 175 96.28 -20.98 -4.86
N SER EB 176 96.65 -21.42 -6.05
CA SER EB 176 96.40 -20.63 -7.24
C SER EB 176 94.92 -20.71 -7.63
N ARG EB 177 94.52 -19.84 -8.54
CA ARG EB 177 93.14 -19.79 -9.01
C ARG EB 177 93.07 -20.37 -10.43
N PRO EB 178 92.60 -21.60 -10.60
CA PRO EB 178 92.66 -22.23 -11.94
C PRO EB 178 91.89 -21.50 -13.01
N GLY EB 179 90.80 -20.83 -12.67
CA GLY EB 179 90.03 -20.13 -13.68
C GLY EB 179 90.62 -18.83 -14.15
N GLN EB 180 91.72 -18.39 -13.56
CA GLN EB 180 92.37 -17.14 -13.93
C GLN EB 180 93.75 -17.35 -14.54
N CYS EB 181 94.60 -18.13 -13.89
CA CYS EB 181 95.94 -18.41 -14.39
C CYS EB 181 96.04 -19.74 -15.12
N GLY EB 182 95.00 -20.56 -15.08
CA GLY EB 182 95.05 -21.86 -15.72
C GLY EB 182 96.02 -22.83 -15.09
N ARG EB 183 96.13 -22.82 -13.76
CA ARG EB 183 97.06 -23.69 -13.06
C ARG EB 183 96.42 -24.20 -11.78
N ALA EB 184 96.98 -25.29 -11.26
CA ALA EB 184 96.45 -25.93 -10.06
C ALA EB 184 97.53 -26.08 -9.00
N ASP EB 185 98.26 -25.01 -8.71
CA ASP EB 185 99.35 -25.06 -7.76
C ASP EB 185 98.80 -24.97 -6.33
N GLY EB 186 99.69 -25.23 -5.37
CA GLY EB 186 99.27 -25.21 -3.98
C GLY EB 186 100.38 -25.71 -3.08
N TYR EB 187 99.99 -26.17 -1.90
CA TYR EB 187 100.94 -26.66 -0.90
C TYR EB 187 100.36 -27.89 -0.22
N VAL EB 188 101.24 -28.62 0.46
CA VAL EB 188 100.86 -29.84 1.18
C VAL EB 188 100.39 -29.45 2.57
N LEU EB 189 99.23 -29.97 2.98
CA LEU EB 189 98.74 -29.75 4.33
C LEU EB 189 99.66 -30.39 5.34
N GLU EB 190 99.85 -29.73 6.48
CA GLU EB 190 100.68 -30.26 7.57
C GLU EB 190 100.39 -29.46 8.83
N GLY EB 191 100.69 -30.07 9.98
CA GLY EB 191 100.54 -29.39 11.24
C GLY EB 191 99.09 -29.27 11.68
N LYS EB 192 98.82 -28.24 12.49
CA LYS EB 192 97.47 -28.03 13.02
C LYS EB 192 96.45 -27.82 11.91
N GLU EB 193 96.89 -27.31 10.76
CA GLU EB 193 96.00 -27.17 9.62
C GLU EB 193 95.54 -28.53 9.10
N LEU EB 194 96.46 -29.50 9.05
CA LEU EB 194 96.11 -30.83 8.57
C LEU EB 194 95.10 -31.50 9.48
N GLU EB 195 95.26 -31.37 10.79
CA GLU EB 195 94.31 -31.98 11.71
C GLU EB 195 92.92 -31.34 11.62
N PHE EB 196 92.86 -30.04 11.33
CA PHE EB 196 91.58 -29.36 11.22
C PHE EB 196 90.74 -29.96 10.09
N TYR EB 197 91.34 -30.14 8.92
CA TYR EB 197 90.62 -30.71 7.80
C TYR EB 197 90.39 -32.20 7.93
N LEU EB 198 91.24 -32.90 8.68
CA LEU EB 198 91.03 -34.32 8.91
C LEU EB 198 89.78 -34.56 9.75
N ARG EB 199 89.55 -33.72 10.77
CA ARG EB 199 88.35 -33.86 11.57
C ARG EB 199 87.11 -33.38 10.82
N LYS EB 200 87.26 -32.36 9.98
CA LYS EB 200 86.14 -31.92 9.15
C LYS EB 200 85.72 -33.01 8.17
N ILE EB 201 86.68 -33.72 7.59
CA ILE EB 201 86.36 -34.83 6.71
C ILE EB 201 85.78 -36.00 7.50
N LYS EB 202 86.39 -36.32 8.65
CA LYS EB 202 85.92 -37.45 9.45
C LYS EB 202 84.50 -37.20 9.96
N ALA EB 203 84.22 -35.99 10.43
CA ALA EB 203 82.89 -35.69 10.96
C ALA EB 203 81.82 -35.74 9.87
N ARG EB 204 82.20 -35.51 8.62
CA ARG EB 204 81.22 -35.54 7.53
C ARG EB 204 80.71 -36.96 7.29
N LYS EB 205 81.62 -37.94 7.30
CA LYS EB 205 81.24 -39.32 7.01
C LYS EB 205 80.23 -39.84 8.02
N GLY EB 206 80.46 -39.58 9.31
CA GLY EB 206 79.59 -40.07 10.35
C GLY EB 206 79.83 -41.54 10.67
N PRO FB 1 80.12 26.23 -31.20
CA PRO FB 1 81.41 26.81 -30.86
C PRO FB 1 82.06 27.57 -32.02
N VAL FB 2 82.04 28.90 -31.95
CA VAL FB 2 82.63 29.74 -32.96
C VAL FB 2 83.55 30.74 -32.28
N ALA FB 3 84.31 31.48 -33.09
CA ALA FB 3 85.34 32.38 -32.59
C ALA FB 3 84.83 33.83 -32.68
N ARG FB 4 84.13 34.25 -31.64
CA ARG FB 4 83.70 35.64 -31.50
C ARG FB 4 83.40 35.91 -30.02
N SER FB 5 83.01 37.15 -29.73
CA SER FB 5 83.03 37.63 -28.35
C SER FB 5 81.67 37.54 -27.65
N TRP FB 6 80.64 38.16 -28.24
CA TRP FB 6 79.33 38.31 -27.61
C TRP FB 6 79.40 39.09 -26.30
N VAL FB 7 80.35 40.01 -26.19
CA VAL FB 7 80.53 40.81 -24.98
C VAL FB 7 80.14 42.24 -25.31
N CYS FB 8 78.98 42.66 -24.80
CA CYS FB 8 78.48 44.02 -25.01
C CYS FB 8 78.04 44.58 -23.67
N ARG FB 9 77.45 45.78 -23.71
CA ARG FB 9 77.08 46.49 -22.49
C ARG FB 9 76.24 47.71 -22.88
N LYS FB 10 75.22 47.99 -22.07
CA LYS FB 10 74.44 49.21 -22.26
C LYS FB 10 75.14 50.40 -21.63
N THR FB 11 75.17 51.51 -22.35
CA THR FB 11 75.90 52.70 -21.95
C THR FB 11 75.01 53.74 -21.29
N TYR FB 12 73.72 53.44 -21.13
CA TYR FB 12 72.79 54.39 -20.54
C TYR FB 12 71.75 53.65 -19.72
N VAL FB 13 71.06 54.39 -18.85
CA VAL FB 13 69.94 53.87 -18.09
C VAL FB 13 68.84 54.92 -18.09
N THR FB 14 67.60 54.46 -18.27
CA THR FB 14 66.46 55.36 -18.31
C THR FB 14 66.04 55.76 -16.89
N PRO FB 15 65.45 56.94 -16.74
CA PRO FB 15 64.94 57.33 -15.41
C PRO FB 15 63.71 56.53 -15.04
N ARG FB 16 63.39 56.55 -13.75
CA ARG FB 16 62.26 55.76 -13.26
C ARG FB 16 60.93 56.46 -13.47
N ARG FB 17 60.87 57.76 -13.18
CA ARG FB 17 59.64 58.53 -13.36
C ARG FB 17 59.69 59.23 -14.71
N PRO FB 18 58.82 58.88 -15.66
CA PRO FB 18 58.99 59.38 -17.03
C PRO FB 18 58.55 60.83 -17.24
N PHE FB 19 57.65 61.37 -16.43
CA PHE FB 19 57.06 62.68 -16.68
C PHE FB 19 57.23 63.59 -15.48
N GLU FB 20 58.44 63.66 -14.94
CA GLU FB 20 58.73 64.63 -13.90
C GLU FB 20 58.99 66.00 -14.53
N LYS FB 21 58.31 67.03 -14.00
CA LYS FB 21 58.51 68.38 -14.55
C LYS FB 21 59.90 68.90 -14.23
N SER FB 22 60.34 68.77 -12.98
CA SER FB 22 61.66 69.28 -12.60
C SER FB 22 62.76 68.56 -13.37
N ARG FB 23 62.62 67.25 -13.57
CA ARG FB 23 63.60 66.51 -14.35
C ARG FB 23 63.54 66.90 -15.82
N LEU FB 24 62.34 67.01 -16.38
CA LEU FB 24 62.21 67.37 -17.79
C LEU FB 24 62.75 68.76 -18.06
N ASP FB 25 62.45 69.71 -17.19
CA ASP FB 25 62.89 71.09 -17.41
C ASP FB 25 64.38 71.27 -17.16
N GLN FB 26 65.04 70.29 -16.56
CA GLN FB 26 66.46 70.42 -16.26
C GLN FB 26 67.31 69.97 -17.44
N GLU FB 27 67.13 68.74 -17.89
CA GLU FB 27 67.96 68.20 -18.96
C GLU FB 27 67.65 68.83 -20.32
N LEU FB 28 66.58 69.61 -20.44
CA LEU FB 28 66.38 70.37 -21.67
C LEU FB 28 67.37 71.52 -21.76
N LYS FB 29 67.76 72.11 -20.62
CA LYS FB 29 68.85 73.08 -20.62
C LYS FB 29 70.13 72.46 -21.16
N LEU FB 30 70.45 71.26 -20.68
CA LEU FB 30 71.69 70.60 -21.09
C LEU FB 30 71.69 70.29 -22.58
N ILE FB 31 70.58 69.76 -23.09
CA ILE FB 31 70.51 69.39 -24.50
C ILE FB 31 70.42 70.61 -25.40
N GLY FB 32 69.94 71.74 -24.86
CA GLY FB 32 69.84 72.94 -25.67
C GLY FB 32 71.10 73.77 -25.64
N GLU FB 33 71.75 73.85 -24.48
CA GLU FB 33 72.96 74.66 -24.38
C GLU FB 33 74.12 73.99 -25.12
N TYR FB 34 74.28 72.68 -24.96
CA TYR FB 34 75.37 71.94 -25.57
C TYR FB 34 75.04 71.41 -26.95
N GLY FB 35 73.81 71.62 -27.42
CA GLY FB 35 73.44 71.18 -28.76
C GLY FB 35 73.47 69.68 -28.97
N LEU FB 36 73.01 68.91 -27.99
CA LEU FB 36 72.96 67.46 -28.12
C LEU FB 36 71.80 67.06 -29.03
N ARG FB 37 71.62 65.77 -29.23
CA ARG FB 37 70.64 65.26 -30.18
C ARG FB 37 69.37 64.73 -29.53
N ASN FB 38 69.50 63.98 -28.44
CA ASN FB 38 68.35 63.36 -27.79
C ASN FB 38 68.63 63.24 -26.31
N LYS FB 39 67.67 62.65 -25.58
CA LYS FB 39 67.85 62.50 -24.14
C LYS FB 39 68.82 61.39 -23.79
N ARG FB 40 68.90 60.34 -24.62
CA ARG FB 40 69.89 59.30 -24.40
C ARG FB 40 71.31 59.88 -24.45
N GLU FB 41 71.49 60.95 -25.21
CA GLU FB 41 72.78 61.64 -25.22
C GLU FB 41 73.13 62.18 -23.84
N VAL FB 42 72.10 62.58 -23.08
CA VAL FB 42 72.32 63.10 -21.74
C VAL FB 42 72.44 61.95 -20.73
N TRP FB 43 71.58 60.94 -20.86
CA TRP FB 43 71.52 59.87 -19.87
C TRP FB 43 72.84 59.10 -19.81
N ARG FB 44 73.45 58.85 -20.97
CA ARG FB 44 74.68 58.07 -20.98
C ARG FB 44 75.82 58.83 -20.31
N VAL FB 45 75.82 60.16 -20.38
CA VAL FB 45 76.78 60.94 -19.62
C VAL FB 45 76.52 60.81 -18.13
N LYS FB 46 75.23 60.79 -17.74
CA LYS FB 46 74.88 60.52 -16.35
C LYS FB 46 75.31 59.12 -15.94
N PHE FB 47 75.20 58.15 -16.85
CA PHE FB 47 75.54 56.78 -16.51
C PHE FB 47 77.01 56.64 -16.14
N THR FB 48 77.90 57.29 -16.90
CA THR FB 48 79.32 57.20 -16.61
C THR FB 48 79.63 57.79 -15.24
N LEU FB 49 79.20 59.04 -15.00
CA LEU FB 49 79.52 59.71 -13.75
C LEU FB 49 79.01 58.93 -12.56
N ALA FB 50 77.89 58.21 -12.71
CA ALA FB 50 77.43 57.33 -11.66
C ALA FB 50 78.44 56.22 -11.38
N LYS FB 51 79.06 55.69 -12.43
CA LYS FB 51 80.03 54.60 -12.24
C LYS FB 51 81.29 55.10 -11.55
N ILE FB 52 81.78 56.29 -11.91
CA ILE FB 52 82.88 56.88 -11.15
C ILE FB 52 82.46 57.15 -9.71
N ARG FB 53 81.27 57.70 -9.52
CA ARG FB 53 80.82 57.98 -8.16
C ARG FB 53 80.62 56.71 -7.35
N LYS FB 54 80.07 55.66 -7.97
CA LYS FB 54 79.88 54.41 -7.25
C LYS FB 54 81.22 53.79 -6.87
N ALA FB 55 82.17 53.75 -7.81
CA ALA FB 55 83.49 53.21 -7.51
C ALA FB 55 84.22 54.08 -6.50
N ALA FB 56 83.92 55.37 -6.47
CA ALA FB 56 84.52 56.25 -5.46
C ALA FB 56 83.89 56.02 -4.10
N ARG FB 57 82.58 55.81 -4.06
CA ARG FB 57 81.89 55.66 -2.78
C ARG FB 57 82.37 54.43 -2.02
N GLU FB 58 82.36 53.27 -2.68
CA GLU FB 58 82.76 52.05 -2.01
C GLU FB 58 84.26 52.03 -1.74
N LEU FB 59 85.04 52.81 -2.48
CA LEU FB 59 86.48 52.90 -2.22
C LEU FB 59 86.76 53.74 -0.98
N LEU FB 60 85.87 54.69 -0.67
CA LEU FB 60 86.04 55.48 0.55
C LEU FB 60 85.65 54.69 1.80
N THR FB 61 84.59 53.90 1.71
CA THR FB 61 84.17 53.10 2.87
C THR FB 61 85.26 52.13 3.30
N LEU FB 62 86.01 51.60 2.34
CA LEU FB 62 87.19 50.81 2.67
C LEU FB 62 88.20 51.69 3.38
N ASP FB 63 88.95 51.08 4.31
CA ASP FB 63 89.80 51.85 5.19
C ASP FB 63 90.98 52.45 4.42
N GLU FB 64 91.50 53.55 4.95
CA GLU FB 64 92.73 54.12 4.45
C GLU FB 64 93.90 53.22 4.84
N LYS FB 65 95.00 53.34 4.09
CA LYS FB 65 96.22 52.54 4.19
C LYS FB 65 96.07 51.16 3.55
N ASP FB 66 94.90 50.86 2.99
CA ASP FB 66 94.72 49.61 2.27
C ASP FB 66 95.43 49.69 0.92
N PRO FB 67 96.22 48.67 0.56
CA PRO FB 67 96.92 48.72 -0.74
C PRO FB 67 96.00 48.89 -1.94
N ARG FB 68 94.84 48.24 -1.94
CA ARG FB 68 93.88 48.43 -3.02
C ARG FB 68 93.30 49.84 -2.99
N ARG FB 69 93.04 50.36 -1.80
CA ARG FB 69 92.51 51.72 -1.66
C ARG FB 69 93.48 52.75 -2.23
N LEU FB 70 94.78 52.45 -2.18
CA LEU FB 70 95.79 53.39 -2.68
C LEU FB 70 96.05 53.20 -4.17
N PHE FB 71 96.19 51.96 -4.62
CA PHE FB 71 96.50 51.72 -6.03
C PHE FB 71 95.37 52.20 -6.93
N GLU FB 72 94.13 51.76 -6.65
CA GLU FB 72 93.02 52.14 -7.50
C GLU FB 72 92.51 53.54 -7.20
N GLY FB 73 92.77 54.05 -5.99
CA GLY FB 73 92.40 55.42 -5.69
C GLY FB 73 93.18 56.42 -6.53
N ASN FB 74 94.50 56.23 -6.63
CA ASN FB 74 95.32 57.14 -7.41
C ASN FB 74 95.16 56.90 -8.91
N ALA FB 75 94.90 55.65 -9.31
CA ALA FB 75 94.71 55.37 -10.73
C ALA FB 75 93.45 56.04 -11.27
N LEU FB 76 92.38 56.04 -10.49
CA LEU FB 76 91.16 56.74 -10.90
C LEU FB 76 91.39 58.24 -11.00
N LEU FB 77 92.13 58.80 -10.05
CA LEU FB 77 92.35 60.25 -10.03
C LEU FB 77 93.12 60.71 -11.26
N ARG FB 78 94.09 59.92 -11.72
CA ARG FB 78 94.87 60.30 -12.89
C ARG FB 78 93.98 60.43 -14.12
N ARG FB 79 93.01 59.53 -14.28
CA ARG FB 79 92.14 59.58 -15.44
C ARG FB 79 91.33 60.87 -15.47
N LEU FB 80 90.79 61.30 -14.32
CA LEU FB 80 89.98 62.51 -14.30
C LEU FB 80 90.82 63.76 -14.52
N VAL FB 81 92.05 63.78 -14.01
CA VAL FB 81 92.95 64.88 -14.29
C VAL FB 81 93.33 64.89 -15.77
N ARG FB 82 93.47 63.71 -16.36
CA ARG FB 82 93.88 63.61 -17.76
C ARG FB 82 92.86 64.23 -18.69
N ILE FB 83 91.56 64.03 -18.42
CA ILE FB 83 90.53 64.50 -19.32
C ILE FB 83 89.97 65.86 -18.91
N GLY FB 84 90.63 66.55 -18.00
CA GLY FB 84 90.30 67.93 -17.70
C GLY FB 84 89.07 68.15 -16.86
N VAL FB 85 88.43 67.08 -16.37
CA VAL FB 85 87.27 67.24 -15.49
C VAL FB 85 87.67 67.37 -14.04
N LEU FB 86 88.96 67.52 -13.75
CA LEU FB 86 89.43 67.69 -12.39
C LEU FB 86 90.73 68.48 -12.42
N ASP FB 87 90.91 69.34 -11.41
CA ASP FB 87 92.12 70.15 -11.33
C ASP FB 87 93.27 69.34 -10.73
N GLU FB 88 94.49 69.75 -11.04
CA GLU FB 88 95.67 69.06 -10.53
C GLU FB 88 95.71 69.15 -9.00
N GLY FB 89 95.56 70.35 -8.46
CA GLY FB 89 95.54 70.50 -7.02
C GLY FB 89 94.25 70.07 -6.36
N LYS FB 90 93.30 69.57 -7.14
CA LYS FB 90 92.02 69.08 -6.62
C LYS FB 90 91.94 67.57 -6.69
N MET FB 91 93.05 66.87 -6.90
CA MET FB 91 93.02 65.42 -7.10
C MET FB 91 93.04 64.75 -5.73
N LYS FB 92 91.84 64.45 -5.24
CA LYS FB 92 91.60 63.61 -4.08
C LYS FB 92 90.27 62.92 -4.28
N LEU FB 93 90.21 61.64 -3.90
CA LEU FB 93 89.02 60.85 -4.21
C LEU FB 93 87.79 61.34 -3.46
N ASP FB 94 87.97 62.20 -2.46
CA ASP FB 94 86.82 62.86 -1.85
C ASP FB 94 86.31 63.99 -2.72
N TYR FB 95 87.22 64.73 -3.38
CA TYR FB 95 86.83 65.88 -4.19
C TYR FB 95 86.05 65.50 -5.44
N ILE FB 96 86.00 64.21 -5.80
CA ILE FB 96 85.24 63.81 -6.98
C ILE FB 96 83.81 63.42 -6.66
N LEU FB 97 83.46 63.32 -5.37
CA LEU FB 97 82.06 63.12 -5.02
C LEU FB 97 81.22 64.32 -5.40
N GLY FB 98 81.75 65.52 -5.22
CA GLY FB 98 81.06 66.73 -5.63
C GLY FB 98 81.40 67.17 -7.03
N LEU FB 99 81.14 66.30 -8.01
CA LEU FB 99 81.44 66.56 -9.40
C LEU FB 99 80.17 66.39 -10.21
N LYS FB 100 79.95 67.29 -11.18
CA LYS FB 100 78.68 67.40 -11.85
C LYS FB 100 78.78 66.98 -13.31
N ILE FB 101 77.62 66.71 -13.91
CA ILE FB 101 77.56 66.28 -15.30
C ILE FB 101 78.03 67.39 -16.23
N GLU FB 102 77.71 68.64 -15.89
CA GLU FB 102 78.10 69.76 -16.74
C GLU FB 102 79.61 69.88 -16.87
N ASP FB 103 80.38 69.30 -15.95
CA ASP FB 103 81.82 69.31 -16.07
C ASP FB 103 82.30 68.30 -17.11
N PHE FB 104 81.58 67.19 -17.29
CA PHE FB 104 81.96 66.22 -18.32
C PHE FB 104 81.60 66.70 -19.72
N LEU FB 105 80.48 67.41 -19.87
CA LEU FB 105 80.05 67.85 -21.19
C LEU FB 105 80.93 68.95 -21.75
N GLU FB 106 81.67 69.67 -20.91
CA GLU FB 106 82.56 70.71 -21.42
C GLU FB 106 83.71 70.11 -22.21
N ARG FB 107 84.10 68.88 -21.90
CA ARG FB 107 85.23 68.24 -22.57
C ARG FB 107 84.83 67.52 -23.86
N ARG FB 108 83.54 67.55 -24.22
CA ARG FB 108 83.12 67.02 -25.50
C ARG FB 108 83.79 67.82 -26.62
N LEU FB 109 84.11 67.12 -27.72
CA LEU FB 109 84.78 67.77 -28.83
C LEU FB 109 83.89 68.82 -29.47
N GLN FB 110 82.58 68.59 -29.49
CA GLN FB 110 81.66 69.59 -30.02
C GLN FB 110 81.77 70.90 -29.24
N THR FB 111 81.86 70.82 -27.91
CA THR FB 111 82.05 72.02 -27.12
C THR FB 111 83.42 72.64 -27.34
N GLN FB 112 84.45 71.81 -27.49
CA GLN FB 112 85.80 72.32 -27.65
C GLN FB 112 85.95 73.12 -28.94
N VAL FB 113 85.35 72.64 -30.03
CA VAL FB 113 85.38 73.40 -31.28
C VAL FB 113 84.71 74.76 -31.10
N PHE FB 114 83.59 74.78 -30.38
CA PHE FB 114 82.90 76.05 -30.15
C PHE FB 114 83.74 77.01 -29.32
N LYS FB 115 84.40 76.50 -28.27
CA LYS FB 115 85.12 77.38 -27.36
C LYS FB 115 86.43 77.88 -27.96
N LEU FB 116 86.95 77.20 -28.98
CA LEU FB 116 88.18 77.62 -29.64
C LEU FB 116 87.94 78.55 -30.82
N GLY FB 117 86.69 78.95 -31.06
CA GLY FB 117 86.39 79.90 -32.10
C GLY FB 117 86.23 79.31 -33.48
N LEU FB 118 86.35 77.99 -33.64
CA LEU FB 118 86.24 77.39 -34.95
C LEU FB 118 84.81 77.42 -35.49
N ALA FB 119 83.80 77.43 -34.62
CA ALA FB 119 82.41 77.34 -35.02
C ALA FB 119 81.65 78.59 -34.58
N LYS FB 120 80.73 79.05 -35.43
CA LYS FB 120 79.92 80.22 -35.11
C LYS FB 120 79.03 79.95 -33.89
N SER FB 121 78.27 78.87 -33.93
CA SER FB 121 77.40 78.48 -32.83
C SER FB 121 77.72 77.05 -32.40
N ILE FB 122 77.11 76.63 -31.30
CA ILE FB 122 77.32 75.27 -30.81
C ILE FB 122 76.78 74.26 -31.81
N HIS FB 123 75.69 74.58 -32.50
CA HIS FB 123 75.17 73.69 -33.52
C HIS FB 123 76.05 73.68 -34.77
N HIS FB 124 76.81 74.74 -35.00
CA HIS FB 124 77.77 74.74 -36.10
C HIS FB 124 78.89 73.74 -35.84
N ALA FB 125 79.32 73.61 -34.58
CA ALA FB 125 80.40 72.69 -34.25
C ALA FB 125 80.02 71.25 -34.57
N ARG FB 126 78.80 70.85 -34.22
CA ARG FB 126 78.35 69.49 -34.54
C ARG FB 126 78.31 69.27 -36.05
N VAL FB 127 77.95 70.29 -36.81
CA VAL FB 127 77.87 70.14 -38.26
C VAL FB 127 79.26 69.99 -38.86
N LEU FB 128 80.23 70.78 -38.38
CA LEU FB 128 81.59 70.70 -38.92
C LEU FB 128 82.19 69.32 -38.68
N ILE FB 129 82.12 68.82 -37.44
CA ILE FB 129 82.80 67.58 -37.09
C ILE FB 129 82.24 66.42 -37.90
N ARG FB 130 80.91 66.33 -38.01
CA ARG FB 130 80.32 65.26 -38.80
C ARG FB 130 80.65 65.39 -40.28
N GLN FB 131 81.02 66.58 -40.73
CA GLN FB 131 81.39 66.81 -42.12
C GLN FB 131 82.88 66.69 -42.37
N ARG FB 132 83.63 66.15 -41.41
CA ARG FB 132 85.05 65.85 -41.57
C ARG FB 132 85.87 67.12 -41.83
N HIS FB 133 85.71 68.10 -40.94
CA HIS FB 133 86.46 69.34 -41.03
C HIS FB 133 87.44 69.56 -39.88
N ILE FB 134 87.40 68.72 -38.84
CA ILE FB 134 88.22 68.89 -37.65
C ILE FB 134 89.16 67.72 -37.52
N ARG FB 135 90.45 68.00 -37.40
CA ARG FB 135 91.47 66.98 -37.17
C ARG FB 135 92.14 67.24 -35.82
N VAL FB 136 92.66 66.16 -35.23
CA VAL FB 136 93.37 66.24 -33.95
C VAL FB 136 94.72 65.53 -34.14
N ARG FB 137 95.80 66.30 -34.14
CA ARG FB 137 97.15 65.79 -34.36
C ARG FB 137 97.21 64.89 -35.60
N LYS FB 138 96.96 65.51 -36.75
CA LYS FB 138 97.06 64.85 -38.04
C LYS FB 138 96.10 63.67 -38.14
N GLN FB 139 95.00 63.73 -37.40
CA GLN FB 139 93.99 62.67 -37.43
C GLN FB 139 92.62 63.34 -37.40
N VAL FB 140 91.87 63.21 -38.50
CA VAL FB 140 90.53 63.78 -38.56
C VAL FB 140 89.58 62.97 -37.68
N VAL FB 141 88.80 63.66 -36.87
CA VAL FB 141 87.86 63.06 -35.94
C VAL FB 141 86.45 63.36 -36.42
N ASN FB 142 85.60 62.33 -36.44
CA ASN FB 142 84.31 62.42 -37.11
C ASN FB 142 83.15 62.72 -36.17
N ILE FB 143 83.25 62.40 -34.89
CA ILE FB 143 82.09 62.45 -34.01
C ILE FB 143 82.20 63.60 -33.02
N PRO FB 144 81.07 64.14 -32.53
CA PRO FB 144 81.12 65.15 -31.48
C PRO FB 144 81.18 64.62 -30.06
N SER FB 145 81.03 63.31 -29.85
CA SER FB 145 81.11 62.74 -28.52
C SER FB 145 82.53 62.42 -28.10
N PHE FB 146 83.51 62.70 -28.97
CA PHE FB 146 84.92 62.52 -28.64
C PHE FB 146 85.27 63.27 -27.37
N ILE FB 147 85.98 62.59 -26.46
CA ILE FB 147 86.43 63.19 -25.22
C ILE FB 147 87.89 63.61 -25.40
N VAL FB 148 88.17 64.87 -25.10
CA VAL FB 148 89.46 65.48 -25.41
C VAL FB 148 90.32 65.49 -24.16
N ARG FB 149 91.52 64.95 -24.26
CA ARG FB 149 92.44 64.92 -23.13
C ARG FB 149 93.11 66.29 -22.96
N LEU FB 150 93.73 66.47 -21.79
CA LEU FB 150 94.31 67.77 -21.46
C LEU FB 150 95.45 68.13 -22.40
N ASP FB 151 96.36 67.18 -22.66
CA ASP FB 151 97.49 67.47 -23.54
C ASP FB 151 97.04 67.67 -24.98
N SER FB 152 96.05 66.90 -25.41
CA SER FB 152 95.55 66.98 -26.78
C SER FB 152 94.61 68.16 -27.01
N GLN FB 153 94.36 68.97 -25.98
CA GLN FB 153 93.39 70.05 -26.10
C GLN FB 153 93.84 71.11 -27.11
N LYS FB 154 95.13 71.41 -27.16
CA LYS FB 154 95.64 72.50 -27.96
C LYS FB 154 96.01 72.09 -29.38
N HIS FB 155 95.67 70.86 -29.78
CA HIS FB 155 95.97 70.36 -31.12
C HIS FB 155 94.70 70.17 -31.95
N ILE FB 156 93.77 71.11 -31.84
CA ILE FB 156 92.52 71.08 -32.58
C ILE FB 156 92.56 72.18 -33.63
N ASP FB 157 92.33 71.81 -34.89
CA ASP FB 157 92.24 72.76 -35.98
C ASP FB 157 91.53 72.10 -37.15
N PHE FB 158 91.40 72.83 -38.24
CA PHE FB 158 90.79 72.26 -39.43
C PHE FB 158 91.72 71.23 -40.06
N SER FB 159 91.14 70.39 -40.92
CA SER FB 159 91.91 69.35 -41.57
C SER FB 159 92.61 69.91 -42.81
N LEU FB 160 93.65 69.18 -43.24
CA LEU FB 160 94.45 69.63 -44.37
C LEU FB 160 93.65 69.65 -45.66
N ARG FB 161 92.87 68.59 -45.92
CA ARG FB 161 92.04 68.52 -47.13
C ARG FB 161 90.64 69.05 -46.85
N SER FB 162 90.59 70.26 -46.32
CA SER FB 162 89.34 70.91 -45.99
C SER FB 162 89.32 72.32 -46.58
N PRO FB 163 88.19 72.76 -47.11
CA PRO FB 163 88.12 74.12 -47.69
C PRO FB 163 88.40 75.21 -46.68
N TYR FB 164 88.21 74.94 -45.39
CA TYR FB 164 88.54 75.91 -44.36
C TYR FB 164 90.01 75.86 -43.96
N GLY FB 165 90.74 74.83 -44.40
CA GLY FB 165 92.18 74.81 -44.28
C GLY FB 165 92.82 74.99 -45.64
N GLY FB 166 93.94 74.30 -45.89
CA GLY FB 166 94.54 74.34 -47.20
C GLY FB 166 94.05 73.22 -48.10
N GLY FB 167 92.77 73.24 -48.46
CA GLY FB 167 92.17 72.18 -49.23
C GLY FB 167 91.44 72.69 -50.45
N ARG FB 168 90.88 71.74 -51.21
CA ARG FB 168 90.12 72.06 -52.40
C ARG FB 168 88.81 72.75 -52.04
N PRO FB 169 88.28 73.58 -52.94
CA PRO FB 169 86.92 74.08 -52.76
C PRO FB 169 85.90 72.96 -52.88
N GLY FB 170 84.77 73.13 -52.23
CA GLY FB 170 83.74 72.10 -52.19
C GLY FB 170 82.95 72.05 -53.49
N ARG FB 171 81.98 71.12 -53.50
CA ARG FB 171 81.16 70.92 -54.67
C ARG FB 171 80.35 72.18 -55.00
N VAL FB 172 79.81 72.84 -53.97
CA VAL FB 172 79.00 74.03 -54.20
C VAL FB 172 79.83 75.13 -54.85
N LYS FB 173 81.05 75.35 -54.34
CA LYS FB 173 81.90 76.41 -54.87
C LYS FB 173 82.31 76.13 -56.31
N ARG FB 174 82.71 74.89 -56.61
CA ARG FB 174 83.18 74.59 -57.96
C ARG FB 174 82.04 74.65 -58.98
N LYS FB 175 80.87 74.11 -58.64
CA LYS FB 175 79.78 74.06 -59.60
C LYS FB 175 79.31 75.45 -59.97
N ASN FB 176 79.13 76.33 -58.98
CA ASN FB 176 78.67 77.69 -59.25
C ASN FB 176 79.73 78.49 -59.99
N ALA FB 177 80.99 78.35 -59.59
CA ALA FB 177 82.06 79.07 -60.29
C ALA FB 177 82.21 78.56 -61.72
N LYS FB 178 82.07 77.25 -61.93
CA LYS FB 178 82.10 76.70 -63.28
C LYS FB 178 80.90 77.18 -64.09
N LYS FB 179 79.72 77.27 -63.47
CA LYS FB 179 78.55 77.77 -64.18
C LYS FB 179 78.67 79.25 -64.50
N GLY FB 180 79.41 80.01 -63.68
CA GLY FB 180 79.65 81.40 -63.99
C GLY FB 180 80.42 81.57 -65.29
N GLN FB 181 81.46 80.76 -65.49
CA GLN FB 181 82.17 80.77 -66.76
C GLN FB 181 81.51 79.88 -67.79
N GLY FB 182 80.79 78.84 -67.34
CA GLY FB 182 80.06 78.00 -68.28
C GLY FB 182 78.93 78.74 -68.96
N GLY FB 183 78.18 79.54 -68.19
CA GLY FB 183 77.13 80.34 -68.79
C GLY FB 183 77.64 81.55 -69.54
N ALA FB 184 78.75 82.13 -69.09
CA ALA FB 184 79.32 83.28 -69.79
C ALA FB 184 80.17 82.87 -70.98
N GLY FB 185 80.54 81.60 -71.07
CA GLY FB 185 81.37 81.13 -72.16
C GLY FB 185 82.85 81.39 -71.93
N MET GB 1 10.67 98.55 -49.51
CA MET GB 1 9.70 99.31 -48.72
C MET GB 1 8.95 100.32 -49.59
N LEU GB 2 7.72 99.99 -49.94
CA LEU GB 2 6.90 100.83 -50.82
C LEU GB 2 6.26 101.93 -49.99
N MET GB 3 6.96 103.05 -49.86
CA MET GB 3 6.45 104.21 -49.15
C MET GB 3 6.63 105.43 -50.05
N PRO GB 4 5.61 106.28 -50.20
CA PRO GB 4 5.73 107.43 -51.10
C PRO GB 4 6.91 108.31 -50.73
N LYS GB 5 7.50 108.91 -51.76
CA LYS GB 5 8.80 109.56 -51.64
C LYS GB 5 8.74 110.81 -50.77
N LYS GB 6 7.65 111.57 -50.84
CA LYS GB 6 7.54 112.77 -50.03
C LYS GB 6 7.64 112.48 -48.55
N ASN GB 7 7.23 111.27 -48.13
CA ASN GB 7 7.34 110.90 -46.72
C ASN GB 7 8.79 110.70 -46.31
N ARG GB 8 9.58 110.00 -47.13
CA ARG GB 8 11.01 109.87 -46.85
C ARG GB 8 11.65 111.24 -46.77
N ILE GB 9 11.29 112.13 -47.68
CA ILE GB 9 11.74 113.52 -47.60
C ILE GB 9 11.21 114.16 -46.32
N ALA GB 10 9.96 113.86 -45.96
CA ALA GB 10 9.35 114.47 -44.79
C ALA GB 10 10.04 114.04 -43.50
N ILE GB 11 10.36 112.75 -43.38
CA ILE GB 11 11.01 112.29 -42.16
C ILE GB 11 12.47 112.72 -42.12
N TYR GB 12 13.13 112.71 -43.27
CA TYR GB 12 14.56 113.01 -43.31
C TYR GB 12 14.84 114.47 -42.96
N GLU GB 13 13.98 115.39 -43.42
CA GLU GB 13 14.21 116.80 -43.12
C GLU GB 13 14.14 117.06 -41.62
N LEU GB 14 13.25 116.37 -40.91
CA LEU GB 14 13.19 116.50 -39.47
C LEU GB 14 14.43 115.95 -38.79
N LEU GB 15 15.22 115.12 -39.49
CA LEU GB 15 16.49 114.67 -38.95
C LEU GB 15 17.56 115.75 -39.01
N PHE GB 16 17.42 116.74 -39.90
CA PHE GB 16 18.19 117.98 -39.81
C PHE GB 16 17.42 119.13 -39.18
N LYS GB 17 16.09 119.14 -39.29
CA LYS GB 17 15.32 120.16 -38.58
C LYS GB 17 15.52 120.02 -37.08
N GLU GB 18 15.63 118.79 -36.59
CA GLU GB 18 16.08 118.49 -35.24
C GLU GB 18 17.02 117.29 -35.29
N GLY GB 19 17.89 117.20 -34.29
CA GLY GB 19 18.90 116.16 -34.30
C GLY GB 19 18.45 114.80 -33.80
N VAL GB 20 17.18 114.65 -33.42
CA VAL GB 20 16.69 113.42 -32.82
C VAL GB 20 15.39 113.00 -33.50
N MET GB 21 15.03 111.73 -33.30
CA MET GB 21 13.74 111.22 -33.74
C MET GB 21 13.24 110.20 -32.72
N VAL GB 22 12.02 110.40 -32.25
CA VAL GB 22 11.39 109.52 -31.26
C VAL GB 22 10.07 109.02 -31.82
N ALA GB 23 9.85 107.71 -31.76
CA ALA GB 23 8.62 107.11 -32.25
C ALA GB 23 8.14 106.04 -31.27
N LYS GB 24 6.82 105.91 -31.17
CA LYS GB 24 6.22 104.88 -30.34
C LYS GB 24 6.11 103.57 -31.11
N LYS GB 25 6.27 102.46 -30.40
CA LYS GB 25 6.17 101.13 -31.00
C LYS GB 25 4.70 100.77 -31.17
N ASP GB 26 4.04 101.49 -32.09
CA ASP GB 26 2.63 101.28 -32.40
C ASP GB 26 2.48 101.33 -33.92
N VAL GB 27 2.41 100.16 -34.55
CA VAL GB 27 2.26 100.09 -36.00
C VAL GB 27 0.92 100.65 -36.42
N HIS GB 28 -0.15 100.32 -35.69
CA HIS GB 28 -1.51 100.67 -36.08
C HIS GB 28 -1.87 102.00 -35.43
N MET GB 29 -1.44 103.09 -36.06
CA MET GB 29 -1.84 104.42 -35.63
C MET GB 29 -1.63 105.35 -36.82
N PRO GB 30 -2.63 106.11 -37.24
CA PRO GB 30 -2.57 106.75 -38.56
C PRO GB 30 -1.54 107.88 -38.74
N LYS GB 31 -1.54 108.89 -37.87
CA LYS GB 31 -0.70 110.06 -38.07
C LYS GB 31 0.32 110.16 -36.94
N HIS GB 32 1.60 110.14 -37.28
CA HIS GB 32 2.65 110.32 -36.30
C HIS GB 32 2.46 111.65 -35.56
N PRO GB 33 2.47 111.66 -34.23
CA PRO GB 33 1.96 112.83 -33.49
C PRO GB 33 2.68 114.14 -33.80
N GLU GB 34 3.97 114.12 -34.14
CA GLU GB 34 4.67 115.39 -34.32
C GLU GB 34 4.44 116.00 -35.70
N LEU GB 35 3.87 115.27 -36.65
CA LEU GB 35 3.46 115.83 -37.92
C LEU GB 35 2.00 115.47 -38.19
N ALA GB 36 1.17 116.49 -38.41
CA ALA GB 36 -0.24 116.31 -38.71
C ALA GB 36 -0.61 116.76 -40.11
N ASP GB 37 -0.07 117.90 -40.55
CA ASP GB 37 -0.31 118.37 -41.90
C ASP GB 37 0.17 117.34 -42.92
N LYS GB 38 1.36 116.78 -42.72
CA LYS GB 38 1.86 115.72 -43.55
C LYS GB 38 1.18 114.41 -43.18
N ASN GB 39 1.13 113.49 -44.14
CA ASN GB 39 0.41 112.22 -43.97
C ASN GB 39 1.41 111.07 -44.05
N VAL GB 40 1.73 110.49 -42.90
CA VAL GB 40 2.56 109.28 -42.83
C VAL GB 40 2.37 108.60 -41.48
N PRO GB 41 2.15 107.29 -41.46
CA PRO GB 41 2.03 106.57 -40.18
C PRO GB 41 3.39 106.23 -39.60
N ASN GB 42 3.36 105.66 -38.39
CA ASN GB 42 4.58 105.18 -37.78
C ASN GB 42 5.24 104.10 -38.61
N LEU GB 43 4.44 103.25 -39.26
CA LEU GB 43 4.95 102.04 -39.91
C LEU GB 43 6.09 102.36 -40.85
N HIS GB 44 5.96 103.43 -41.64
CA HIS GB 44 7.07 103.85 -42.49
C HIS GB 44 8.14 104.57 -41.69
N VAL GB 45 7.75 105.39 -40.71
CA VAL GB 45 8.72 106.08 -39.88
C VAL GB 45 9.58 105.08 -39.14
N MET GB 46 8.96 104.07 -38.54
CA MET GB 46 9.73 103.04 -37.84
C MET GB 46 10.61 102.25 -38.80
N LYS GB 47 10.10 101.93 -39.98
CA LYS GB 47 10.78 100.98 -40.85
C LYS GB 47 11.59 101.62 -41.95
N ALA GB 48 11.45 102.93 -42.18
CA ALA GB 48 12.44 103.63 -42.98
C ALA GB 48 13.66 104.00 -42.15
N MET GB 49 13.46 104.29 -40.86
CA MET GB 49 14.58 104.64 -39.99
C MET GB 49 15.53 103.46 -39.78
N GLN GB 50 14.99 102.26 -39.59
CA GLN GB 50 15.85 101.11 -39.34
C GLN GB 50 16.73 100.78 -40.53
N SER GB 51 16.36 101.24 -41.73
CA SER GB 51 17.25 101.10 -42.88
C SER GB 51 18.52 101.93 -42.68
N LEU GB 52 18.37 103.14 -42.14
CA LEU GB 52 19.55 103.95 -41.82
C LEU GB 52 20.42 103.25 -40.79
N LYS GB 53 19.81 102.65 -39.77
CA LYS GB 53 20.58 102.02 -38.70
C LYS GB 53 21.34 100.79 -39.18
N SER GB 54 20.78 100.06 -40.14
CA SER GB 54 21.45 98.85 -40.63
C SER GB 54 22.80 99.17 -41.26
N ARG GB 55 22.96 100.39 -41.79
CA ARG GB 55 24.22 100.83 -42.35
C ARG GB 55 24.93 101.83 -41.45
N GLY GB 56 24.58 101.86 -40.18
CA GLY GB 56 25.30 102.67 -39.20
C GLY GB 56 25.18 104.17 -39.41
N TYR GB 57 24.03 104.63 -39.88
CA TYR GB 57 23.80 106.06 -40.02
C TYR GB 57 23.01 106.66 -38.87
N VAL GB 58 22.40 105.84 -38.03
CA VAL GB 58 21.61 106.31 -36.89
C VAL GB 58 21.70 105.26 -35.78
N LYS GB 59 21.73 105.73 -34.54
CA LYS GB 59 21.72 104.85 -33.38
C LYS GB 59 20.30 104.64 -32.88
N GLU GB 60 19.97 103.41 -32.55
CA GLU GB 60 18.62 103.03 -32.14
C GLU GB 60 18.62 102.64 -30.66
N GLN GB 61 17.54 102.99 -29.97
CA GLN GB 61 17.40 102.65 -28.56
C GLN GB 61 15.92 102.60 -28.19
N PHE GB 62 15.58 101.59 -27.38
CA PHE GB 62 14.19 101.25 -27.08
C PHE GB 62 13.95 101.30 -25.58
N ALA GB 63 12.81 101.84 -25.17
CA ALA GB 63 12.44 101.89 -23.76
C ALA GB 63 10.95 102.14 -23.64
N TRP GB 64 10.22 101.19 -23.07
CA TRP GB 64 8.79 101.32 -22.77
C TRP GB 64 7.98 101.64 -24.02
N ARG GB 65 8.14 100.79 -25.03
CA ARG GB 65 7.43 100.95 -26.31
C ARG GB 65 7.66 102.34 -26.89
N HIS GB 66 8.93 102.70 -27.04
CA HIS GB 66 9.29 103.98 -27.63
C HIS GB 66 10.68 103.89 -28.21
N PHE GB 67 10.82 104.32 -29.45
CA PHE GB 67 12.09 104.30 -30.16
C PHE GB 67 12.80 105.64 -30.01
N TYR GB 68 14.13 105.58 -29.96
CA TYR GB 68 14.97 106.77 -29.93
C TYR GB 68 16.04 106.61 -30.98
N TRP GB 69 16.28 107.67 -31.76
CA TRP GB 69 17.18 107.58 -32.91
C TRP GB 69 18.09 108.80 -32.94
N TYR GB 70 19.40 108.54 -32.91
CA TYR GB 70 20.43 109.58 -32.92
C TYR GB 70 21.20 109.49 -34.24
N LEU GB 71 21.23 110.58 -34.98
CA LEU GB 71 21.88 110.61 -36.29
C LEU GB 71 23.38 110.85 -36.11
N THR GB 72 24.19 109.88 -36.55
CA THR GB 72 25.63 109.94 -36.40
C THR GB 72 26.24 110.92 -37.40
N ASN GB 73 27.54 111.20 -37.22
CA ASN GB 73 28.22 112.11 -38.13
C ASN GB 73 28.24 111.56 -39.55
N GLU GB 74 28.45 110.25 -39.70
CA GLU GB 74 28.28 109.63 -41.02
C GLU GB 74 26.87 109.83 -41.54
N GLY GB 75 25.88 109.84 -40.64
CA GLY GB 75 24.53 110.18 -41.04
C GLY GB 75 24.40 111.60 -41.54
N ILE GB 76 25.17 112.52 -40.96
CA ILE GB 76 25.19 113.89 -41.45
C ILE GB 76 25.65 113.94 -42.90
N GLN GB 77 26.78 113.29 -43.19
CA GLN GB 77 27.37 113.37 -44.53
C GLN GB 77 26.45 112.74 -45.57
N TYR GB 78 25.94 111.53 -45.29
CA TYR GB 78 25.16 110.82 -46.30
C TYR GB 78 23.86 111.57 -46.61
N LEU GB 79 23.09 111.91 -45.58
CA LEU GB 79 21.77 112.49 -45.79
C LEU GB 79 21.83 113.96 -46.16
N ARG GB 80 22.97 114.63 -45.91
CA ARG GB 80 23.13 116.01 -46.38
C ARG GB 80 23.28 116.04 -47.90
N ASP GB 81 24.10 115.16 -48.45
CA ASP GB 81 24.25 115.08 -49.90
C ASP GB 81 23.03 114.43 -50.55
N TYR GB 82 22.40 113.48 -49.87
CA TYR GB 82 21.20 112.84 -50.42
C TYR GB 82 20.07 113.85 -50.61
N LEU GB 83 19.88 114.74 -49.63
CA LEU GB 83 18.83 115.75 -49.73
C LEU GB 83 19.32 117.06 -50.32
N HIS GB 84 20.60 117.15 -50.71
CA HIS GB 84 21.13 118.25 -51.51
C HIS GB 84 20.95 119.60 -50.78
N LEU GB 85 21.65 119.72 -49.66
CA LEU GB 85 21.59 121.01 -48.96
C LEU GB 85 22.98 121.63 -48.82
N PRO GB 86 23.06 122.96 -48.90
CA PRO GB 86 24.34 123.61 -48.63
C PRO GB 86 24.74 123.45 -47.17
N PRO GB 87 26.04 123.47 -46.87
CA PRO GB 87 26.51 123.08 -45.54
C PRO GB 87 26.46 124.19 -44.48
N GLU GB 88 25.76 125.30 -44.70
CA GLU GB 88 25.72 126.34 -43.68
C GLU GB 88 24.81 125.98 -42.52
N ILE GB 89 23.75 125.23 -42.76
CA ILE GB 89 22.82 124.82 -41.71
C ILE GB 89 23.32 123.54 -41.07
N VAL GB 90 23.26 123.49 -39.74
CA VAL GB 90 23.67 122.32 -38.97
C VAL GB 90 22.51 121.95 -38.06
N PRO GB 91 22.26 120.67 -37.77
CA PRO GB 91 21.13 120.32 -36.91
C PRO GB 91 21.25 120.94 -35.52
N ALA GB 92 20.10 121.10 -34.88
CA ALA GB 92 20.00 121.84 -33.62
C ALA GB 92 20.78 121.19 -32.48
N THR GB 93 21.19 119.93 -32.61
CA THR GB 93 22.04 119.32 -31.60
C THR GB 93 23.45 119.89 -31.62
N LEU GB 94 23.83 120.63 -32.67
CA LEU GB 94 25.17 121.17 -32.80
C LEU GB 94 25.23 122.68 -32.64
N ARG GB 95 24.09 123.36 -32.62
CA ARG GB 95 24.05 124.80 -32.40
C ARG GB 95 24.19 125.09 -30.91
N ARG GB 96 23.96 126.35 -30.53
CA ARG GB 96 23.96 126.73 -29.11
C ARG GB 96 22.66 127.42 -28.74
N ASP HB 1 87.83 -22.61 19.70
CA ASP HB 1 87.99 -21.23 20.13
C ASP HB 1 88.13 -20.29 18.94
N ILE HB 2 89.19 -20.49 18.16
CA ILE HB 2 89.50 -19.62 17.03
C ILE HB 2 88.95 -20.18 15.73
N GLN HB 3 89.01 -21.50 15.53
CA GLN HB 3 88.53 -22.14 14.31
C GLN HB 3 87.06 -22.47 14.49
N THR HB 4 86.22 -21.47 14.23
CA THR HB 4 84.77 -21.61 14.37
C THR HB 4 84.05 -21.57 13.03
N GLU HB 5 84.76 -21.83 11.93
CA GLU HB 5 84.18 -21.70 10.59
C GLU HB 5 84.64 -22.86 9.73
N ARG HB 6 84.02 -23.00 8.57
CA ARG HB 6 84.28 -24.15 7.70
C ARG HB 6 85.72 -24.15 7.21
N ALA HB 7 86.24 -22.99 6.83
CA ALA HB 7 87.62 -22.90 6.35
C ALA HB 7 88.57 -22.64 7.51
N TYR HB 8 89.74 -23.27 7.45
CA TYR HB 8 90.74 -23.08 8.49
C TYR HB 8 91.16 -21.62 8.55
N GLN HB 9 91.20 -21.07 9.76
CA GLN HB 9 91.50 -19.65 9.97
C GLN HB 9 92.98 -19.54 10.33
N LYS HB 10 93.74 -18.89 9.46
CA LYS HB 10 95.17 -18.74 9.65
C LYS HB 10 95.62 -17.38 9.15
N GLN HB 11 96.75 -16.92 9.66
CA GLN HB 11 97.35 -15.69 9.16
C GLN HB 11 98.09 -15.98 7.85
N PRO HB 12 97.78 -15.26 6.78
CA PRO HB 12 98.31 -15.63 5.45
C PRO HB 12 99.81 -15.57 5.34
N THR HB 13 100.49 -14.74 6.13
CA THR HB 13 101.91 -14.53 5.97
C THR HB 13 102.75 -15.48 6.81
N ILE HB 14 102.22 -15.95 7.94
CA ILE HB 14 102.99 -16.69 8.91
C ILE HB 14 102.99 -18.17 8.58
N PHE HB 15 104.18 -18.77 8.55
CA PHE HB 15 104.34 -20.20 8.33
C PHE HB 15 104.52 -20.89 9.67
N GLN HB 16 103.67 -21.88 9.96
CA GLN HB 16 103.60 -22.49 11.28
C GLN HB 16 103.87 -23.99 11.25
N ASN HB 17 104.58 -24.48 10.23
CA ASN HB 17 104.88 -25.90 10.12
C ASN HB 17 106.38 -26.15 10.04
N LYS HB 18 107.17 -25.28 10.66
CA LYS HB 18 108.61 -25.47 10.70
C LYS HB 18 108.96 -26.60 11.67
N LYS HB 19 109.97 -27.39 11.30
CA LYS HB 19 110.34 -28.55 12.11
C LYS HB 19 110.90 -28.11 13.46
N ARG HB 20 110.62 -28.90 14.49
CA ARG HB 20 111.10 -28.63 15.84
C ARG HB 20 111.48 -29.95 16.50
N VAL HB 21 112.71 -30.02 17.01
CA VAL HB 21 113.27 -31.18 17.70
C VAL HB 21 112.79 -32.52 17.16
N LYS HB 30 103.83 -21.43 21.23
CA LYS HB 30 103.24 -20.14 20.89
C LYS HB 30 103.48 -19.80 19.42
N LEU HB 31 102.39 -19.66 18.68
CA LEU HB 31 102.45 -19.31 17.26
C LEU HB 31 102.97 -17.89 17.09
N PRO HB 32 104.07 -17.66 16.37
CA PRO HB 32 104.49 -16.29 16.10
C PRO HB 32 103.50 -15.62 15.16
N ARG HB 33 103.02 -14.44 15.54
CA ARG HB 33 101.98 -13.79 14.77
C ARG HB 33 102.48 -12.48 14.18
N TYR HB 34 101.69 -11.97 13.24
CA TYR HB 34 102.06 -10.81 12.44
C TYR HB 34 101.32 -9.58 12.93
N TYR HB 35 102.06 -8.48 13.10
CA TYR HB 35 101.47 -7.21 13.47
C TYR HB 35 102.33 -6.11 12.88
N LYS HB 36 101.75 -4.91 12.82
CA LYS HB 36 102.46 -3.77 12.26
C LYS HB 36 101.94 -2.50 12.90
N ASN HB 37 102.72 -1.44 12.78
CA ASN HB 37 102.26 -0.11 13.15
C ASN HB 37 101.68 0.57 11.92
N ILE HB 38 100.57 1.29 12.12
CA ILE HB 38 99.88 1.92 11.00
C ILE HB 38 100.38 3.33 10.72
N GLY HB 39 101.27 3.86 11.56
CA GLY HB 39 101.77 5.20 11.34
C GLY HB 39 100.79 6.25 11.83
N LEU HB 40 101.04 7.49 11.38
CA LEU HB 40 100.22 8.65 11.76
C LEU HB 40 100.17 8.83 13.26
N GLY HB 41 101.18 8.36 13.97
CA GLY HB 41 101.23 8.53 15.41
C GLY HB 41 100.25 7.69 16.19
N PHE HB 42 99.79 6.57 15.63
CA PHE HB 42 98.86 5.68 16.29
C PHE HB 42 99.60 4.47 16.85
N LYS HB 43 99.45 4.23 18.15
CA LYS HB 43 100.10 3.10 18.79
C LYS HB 43 99.29 1.82 18.59
N THR HB 44 99.99 0.71 18.44
CA THR HB 44 99.31 -0.57 18.31
C THR HB 44 98.91 -1.10 19.70
N PRO HB 45 97.69 -1.59 19.87
CA PRO HB 45 97.29 -2.11 21.18
C PRO HB 45 98.03 -3.39 21.55
N LYS HB 46 98.16 -3.61 22.86
CA LYS HB 46 98.78 -4.83 23.35
C LYS HB 46 97.95 -6.05 22.98
N GLU HB 47 96.62 -5.92 22.98
CA GLU HB 47 95.74 -7.03 22.63
C GLU HB 47 96.02 -7.56 21.23
N ALA HB 48 96.50 -6.72 20.32
CA ALA HB 48 96.85 -7.19 18.99
C ALA HB 48 98.16 -7.97 19.00
N ILE HB 49 99.06 -7.64 19.94
CA ILE HB 49 100.36 -8.31 20.00
C ILE HB 49 100.25 -9.66 20.71
N GLU HB 50 99.28 -9.82 21.61
CA GLU HB 50 99.21 -11.01 22.44
C GLU HB 50 97.96 -11.84 22.27
N GLY HB 51 96.91 -11.30 21.65
CA GLY HB 51 95.71 -12.06 21.45
C GLY HB 51 95.88 -13.13 20.38
N THR HB 52 94.96 -14.09 20.40
CA THR HB 52 94.96 -15.16 19.40
C THR HB 52 93.98 -14.92 18.25
N TYR HB 53 93.18 -13.86 18.32
CA TYR HB 53 92.22 -13.58 17.27
C TYR HB 53 92.95 -13.34 15.95
N ILE HB 54 92.24 -13.62 14.85
CA ILE HB 54 92.75 -13.37 13.51
C ILE HB 54 91.62 -12.82 12.65
N ASP HB 55 91.91 -11.72 11.95
CA ASP HB 55 90.92 -10.98 11.19
C ASP HB 55 91.60 -10.36 10.00
N LYS HB 56 91.10 -10.66 8.80
CA LYS HB 56 91.73 -10.15 7.58
C LYS HB 56 91.54 -8.65 7.40
N LYS HB 57 90.69 -8.01 8.20
CA LYS HB 57 90.41 -6.59 8.06
C LYS HB 57 90.91 -5.76 9.24
N CYS HB 58 91.59 -6.36 10.20
CA CYS HB 58 92.13 -5.60 11.31
C CYS HB 58 93.22 -4.66 10.82
N PRO HB 59 93.20 -3.38 11.22
CA PRO HB 59 94.26 -2.46 10.77
C PRO HB 59 95.64 -2.81 11.30
N PHE HB 60 95.73 -3.62 12.35
CA PHE HB 60 97.02 -4.01 12.90
C PHE HB 60 97.40 -5.45 12.63
N THR HB 61 96.49 -6.24 12.10
CA THR HB 61 96.74 -7.64 11.80
C THR HB 61 96.44 -8.01 10.36
N GLY HB 62 95.38 -7.45 9.78
CA GLY HB 62 95.06 -7.69 8.40
C GLY HB 62 95.86 -6.83 7.44
N ASN HB 63 95.63 -7.04 6.16
CA ASN HB 63 96.33 -6.31 5.11
C ASN HB 63 95.48 -5.12 4.63
N VAL HB 64 95.33 -4.15 5.53
CA VAL HB 64 94.62 -2.91 5.21
C VAL HB 64 95.51 -1.74 5.61
N SER HB 65 95.59 -0.75 4.73
CA SER HB 65 96.41 0.43 4.93
C SER HB 65 95.52 1.66 5.09
N ILE HB 66 95.89 2.54 6.00
CA ILE HB 66 95.10 3.72 6.32
C ILE HB 66 95.60 4.89 5.50
N ARG HB 67 94.68 5.53 4.76
CA ARG HB 67 95.01 6.66 3.90
C ARG HB 67 93.89 7.68 4.02
N GLY HB 68 93.91 8.66 3.13
CA GLY HB 68 92.75 9.54 2.96
C GLY HB 68 92.50 10.42 4.16
N ARG HB 69 91.35 10.21 4.81
CA ARG HB 69 90.86 11.10 5.85
C ARG HB 69 90.79 10.38 7.19
N ILE HB 70 91.13 11.11 8.24
CA ILE HB 70 90.98 10.65 9.62
C ILE HB 70 89.81 11.40 10.22
N LEU HB 71 88.82 10.68 10.72
CA LEU HB 71 87.59 11.26 11.24
C LEU HB 71 87.36 10.78 12.67
N SER HB 72 86.18 11.11 13.21
CA SER HB 72 85.81 10.72 14.56
C SER HB 72 84.30 10.65 14.66
N GLY HB 73 83.83 9.91 15.65
CA GLY HB 73 82.40 9.76 15.85
C GLY HB 73 82.11 9.06 17.17
N VAL HB 74 80.83 8.98 17.49
CA VAL HB 74 80.35 8.40 18.74
C VAL HB 74 79.55 7.14 18.41
N VAL HB 75 79.84 6.06 19.14
CA VAL HB 75 79.26 4.77 18.83
C VAL HB 75 77.77 4.78 19.14
N THR HB 76 76.96 4.31 18.19
CA THR HB 76 75.51 4.28 18.33
C THR HB 76 74.97 2.86 18.51
N LYS HB 77 75.34 1.94 17.62
CA LYS HB 77 74.88 0.56 17.70
C LYS HB 77 76.05 -0.38 17.44
N MET HB 78 76.03 -1.52 18.11
CA MET HB 78 77.04 -2.56 17.93
C MET HB 78 76.37 -3.91 17.70
N LYS HB 79 75.25 -3.90 16.98
CA LYS HB 79 74.46 -5.11 16.78
C LYS HB 79 75.08 -6.07 15.78
N MET HB 80 76.05 -5.62 14.99
CA MET HB 80 76.70 -6.44 13.99
C MET HB 80 77.81 -7.26 14.65
N GLN HB 81 78.56 -7.99 13.83
CA GLN HB 81 79.73 -8.74 14.29
C GLN HB 81 80.98 -8.15 13.66
N ARG HB 82 81.87 -7.62 14.50
CA ARG HB 82 83.15 -7.06 14.07
C ARG HB 82 82.98 -5.86 13.15
N THR HB 83 81.90 -5.11 13.33
CA THR HB 83 81.64 -3.86 12.63
C THR HB 83 80.50 -3.14 13.33
N ILE HB 84 80.64 -1.82 13.48
CA ILE HB 84 79.69 -1.02 14.25
C ILE HB 84 79.33 0.22 13.44
N VAL HB 85 78.29 0.90 13.90
CA VAL HB 85 77.83 2.14 13.28
C VAL HB 85 78.03 3.27 14.28
N ILE HB 86 78.66 4.35 13.83
CA ILE HB 86 78.91 5.52 14.65
C ILE HB 86 78.18 6.70 14.03
N ARG HB 87 77.83 7.67 14.88
CA ARG HB 87 77.09 8.85 14.46
C ARG HB 87 77.99 10.08 14.56
N ARG HB 88 78.01 10.87 13.49
CA ARG HB 88 78.80 12.10 13.42
C ARG HB 88 77.85 13.29 13.38
N ASP HB 89 78.10 14.27 14.23
CA ASP HB 89 77.24 15.44 14.36
C ASP HB 89 78.01 16.68 13.91
N TYR HB 90 77.37 17.49 13.08
CA TYR HB 90 77.99 18.72 12.57
C TYR HB 90 76.90 19.76 12.37
N LEU HB 91 77.33 21.01 12.24
CA LEU HB 91 76.42 22.12 12.02
C LEU HB 91 76.60 22.67 10.61
N HIS HB 92 75.49 22.93 9.93
CA HIS HB 92 75.49 23.39 8.56
C HIS HB 92 74.97 24.82 8.48
N TYR HB 93 75.63 25.64 7.68
CA TYR HB 93 75.33 27.06 7.58
C TYR HB 93 74.36 27.32 6.43
N ILE HB 94 73.33 28.12 6.70
CA ILE HB 94 72.44 28.64 5.68
C ILE HB 94 72.65 30.15 5.63
N ARG HB 95 73.02 30.64 4.44
CA ARG HB 95 73.44 32.03 4.32
C ARG HB 95 72.29 33.02 4.47
N LYS HB 96 71.09 32.64 4.03
CA LYS HB 96 69.99 33.60 4.01
C LYS HB 96 69.60 34.05 5.41
N TYR HB 97 69.67 33.14 6.39
CA TYR HB 97 69.27 33.45 7.76
C TYR HB 97 70.44 33.70 8.68
N ASN HB 98 71.68 33.44 8.24
CA ASN HB 98 72.89 33.62 9.03
C ASN HB 98 72.93 32.72 10.26
N ARG HB 99 72.08 31.69 10.30
CA ARG HB 99 72.07 30.72 11.38
C ARG HB 99 72.72 29.42 10.92
N PHE HB 100 72.80 28.48 11.84
CA PHE HB 100 73.30 27.13 11.58
C PHE HB 100 72.18 26.11 11.78
N GLU HB 101 72.31 24.98 11.10
CA GLU HB 101 71.33 23.91 11.14
C GLU HB 101 72.00 22.63 11.59
N LYS HB 102 71.45 22.00 12.61
CA LYS HB 102 72.00 20.75 13.12
C LYS HB 102 71.76 19.62 12.13
N ARG HB 103 72.81 18.88 11.83
CA ARG HB 103 72.71 17.72 10.96
C ARG HB 103 73.50 16.56 11.56
N HIS HB 104 73.28 15.38 11.00
CA HIS HB 104 74.03 14.20 11.41
C HIS HB 104 74.10 13.24 10.25
N LYS HB 105 75.20 12.48 10.18
CA LYS HB 105 75.34 11.39 9.24
C LYS HB 105 76.08 10.26 9.94
N ASN HB 106 75.58 9.04 9.77
CA ASN HB 106 76.16 7.87 10.41
C ASN HB 106 76.70 6.91 9.35
N MET HB 107 77.77 6.21 9.70
CA MET HB 107 78.43 5.32 8.76
C MET HB 107 78.78 4.00 9.45
N SER HB 108 78.89 2.95 8.64
CA SER HB 108 79.32 1.65 9.13
C SER HB 108 80.83 1.61 9.21
N VAL HB 109 81.35 1.23 10.37
CA VAL HB 109 82.79 1.22 10.63
C VAL HB 109 83.18 -0.15 11.14
N HIS HB 110 84.19 -0.76 10.51
CA HIS HB 110 84.68 -2.05 10.95
C HIS HB 110 85.42 -1.91 12.27
N LEU HB 111 85.12 -2.79 13.22
CA LEU HB 111 85.72 -2.74 14.55
C LEU HB 111 86.52 -4.02 14.77
N SER HB 112 87.85 -3.88 14.75
CA SER HB 112 88.71 -5.02 15.01
C SER HB 112 88.54 -5.50 16.45
N PRO HB 113 88.68 -6.80 16.70
CA PRO HB 113 88.47 -7.31 18.06
C PRO HB 113 89.65 -7.05 18.99
N CYS HB 114 90.59 -6.20 18.57
CA CYS HB 114 91.62 -5.73 19.49
C CYS HB 114 91.10 -4.66 20.43
N PHE HB 115 89.95 -4.06 20.12
CA PHE HB 115 89.25 -3.17 21.04
C PHE HB 115 88.12 -3.98 21.67
N ARG HB 116 88.47 -4.70 22.73
CA ARG HB 116 87.57 -5.71 23.29
C ARG HB 116 86.60 -5.17 24.32
N ASP HB 117 86.71 -3.89 24.69
CA ASP HB 117 85.76 -3.25 25.60
C ASP HB 117 85.33 -1.92 24.98
N VAL HB 118 84.22 -1.93 24.26
CA VAL HB 118 83.63 -0.74 23.67
C VAL HB 118 82.16 -0.69 24.07
N GLN HB 119 81.74 0.43 24.63
CA GLN HB 119 80.36 0.61 25.07
C GLN HB 119 79.64 1.58 24.14
N ILE HB 120 78.34 1.73 24.39
CA ILE HB 120 77.53 2.66 23.61
C ILE HB 120 77.77 4.08 24.11
N GLY HB 121 78.11 4.98 23.19
CA GLY HB 121 78.27 6.37 23.51
C GLY HB 121 79.69 6.87 23.68
N ASP HB 122 80.69 6.00 23.52
CA ASP HB 122 82.07 6.44 23.61
C ASP HB 122 82.58 6.89 22.25
N ILE HB 123 83.50 7.84 22.27
CA ILE HB 123 84.04 8.44 21.06
C ILE HB 123 85.18 7.57 20.54
N VAL HB 124 85.22 7.38 19.22
CA VAL HB 124 86.28 6.64 18.56
C VAL HB 124 86.91 7.55 17.51
N THR HB 125 88.00 7.06 16.92
CA THR HB 125 88.63 7.71 15.78
C THR HB 125 88.77 6.68 14.66
N VAL HB 126 88.54 7.12 13.43
CA VAL HB 126 88.49 6.23 12.27
C VAL HB 126 89.40 6.77 11.18
N GLY HB 127 90.02 5.86 10.45
CA GLY HB 127 90.83 6.22 9.29
C GLY HB 127 90.26 5.58 8.04
N GLU HB 128 90.20 6.37 6.97
CA GLU HB 128 89.68 5.86 5.70
C GLU HB 128 90.63 4.83 5.13
N CYS HB 129 90.07 3.79 4.52
CA CYS HB 129 90.87 2.73 3.92
C CYS HB 129 90.15 2.18 2.69
N ARG HB 130 90.68 1.09 2.17
CA ARG HB 130 90.11 0.44 1.01
C ARG HB 130 88.69 -0.04 1.32
N PRO HB 131 87.76 0.04 0.36
CA PRO HB 131 86.37 -0.37 0.64
C PRO HB 131 86.30 -1.84 1.01
N LEU HB 132 85.77 -2.11 2.20
CA LEU HB 132 85.76 -3.45 2.75
C LEU HB 132 84.47 -4.21 2.48
N SER HB 133 83.36 -3.50 2.34
CA SER HB 133 82.08 -4.12 2.01
C SER HB 133 81.26 -3.12 1.22
N LYS HB 134 79.96 -3.36 1.12
CA LYS HB 134 79.10 -2.46 0.37
C LYS HB 134 79.04 -1.06 0.99
N THR HB 135 79.24 -0.96 2.30
CA THR HB 135 79.09 0.32 2.99
C THR HB 135 80.31 0.66 3.84
N VAL HB 136 80.99 -0.36 4.35
CA VAL HB 136 82.11 -0.13 5.26
C VAL HB 136 83.31 0.38 4.50
N ARG HB 137 83.87 1.50 4.97
CA ARG HB 137 85.09 2.05 4.39
C ARG HB 137 86.05 2.58 5.45
N PHE HB 138 85.81 2.32 6.73
CA PHE HB 138 86.61 2.90 7.80
C PHE HB 138 86.90 1.83 8.84
N ASN HB 139 88.08 1.95 9.46
CA ASN HB 139 88.46 1.11 10.59
C ASN HB 139 88.57 1.96 11.85
N VAL HB 140 88.42 1.30 12.99
CA VAL HB 140 88.63 1.97 14.28
C VAL HB 140 90.11 1.93 14.62
N LEU HB 141 90.70 3.10 14.83
CA LEU HB 141 92.12 3.20 15.16
C LEU HB 141 92.38 3.42 16.64
N LYS HB 142 91.41 3.95 17.38
CA LYS HB 142 91.57 4.17 18.80
C LYS HB 142 90.19 4.43 19.41
N VAL HB 143 89.96 3.88 20.59
CA VAL HB 143 88.69 4.03 21.30
C VAL HB 143 88.93 4.83 22.57
N THR HB 144 88.16 5.88 22.76
CA THR HB 144 88.22 6.72 23.96
C THR HB 144 86.92 6.55 24.72
N LYS HB 145 87.03 6.33 26.03
CA LYS HB 145 85.84 6.11 26.84
C LYS HB 145 85.04 7.40 27.00
N ALA HB 146 83.78 7.24 27.41
CA ALA HB 146 82.89 8.37 27.59
C ALA HB 146 83.21 9.10 28.89
N ALA HB 147 82.46 10.15 29.17
CA ALA HB 147 82.64 10.89 30.42
C ALA HB 147 82.27 10.00 31.60
N GLY HB 148 83.23 9.76 32.48
CA GLY HB 148 83.02 8.82 33.56
C GLY HB 148 83.09 7.39 33.08
N THR HB 149 81.95 6.69 33.13
CA THR HB 149 81.77 5.30 32.71
C THR HB 149 82.96 4.42 33.08
N LYS HB 150 83.49 4.59 34.30
CA LYS HB 150 84.67 3.88 34.75
C LYS HB 150 84.35 2.69 35.65
N LYS HB 151 83.44 2.85 36.60
CA LYS HB 151 83.09 1.76 37.51
C LYS HB 151 82.27 0.69 36.79
N GLY IB 1 58.57 31.22 38.54
CA GLY IB 1 57.28 30.59 38.76
C GLY IB 1 57.42 29.12 39.11
N ARG IB 2 56.33 28.51 39.57
CA ARG IB 2 56.37 27.12 39.97
C ARG IB 2 56.38 26.23 38.74
N MET IB 3 56.98 25.05 38.87
CA MET IB 3 57.04 24.12 37.75
C MET IB 3 55.65 23.67 37.33
N HIS IB 4 54.78 23.37 38.29
CA HIS IB 4 53.46 22.82 38.01
C HIS IB 4 52.38 23.58 38.77
N ALA IB 5 52.45 24.91 38.72
CA ALA IB 5 51.45 25.77 39.34
C ALA IB 5 51.56 27.15 38.73
N PRO IB 6 50.48 27.93 38.73
CA PRO IB 6 50.56 29.30 38.19
C PRO IB 6 51.12 30.32 39.16
N GLY IB 7 51.38 29.93 40.41
CA GLY IB 7 51.86 30.89 41.39
C GLY IB 7 53.28 31.32 41.11
N LYS IB 8 53.60 32.55 41.55
CA LYS IB 8 54.95 33.10 41.49
C LYS IB 8 55.28 33.63 42.88
N GLY IB 9 55.79 32.76 43.75
CA GLY IB 9 56.13 33.16 45.09
C GLY IB 9 57.59 33.53 45.26
N LEU IB 10 57.88 34.18 46.38
CA LEU IB 10 59.24 34.65 46.66
C LEU IB 10 59.79 34.16 47.99
N SER IB 11 58.98 33.50 48.82
CA SER IB 11 59.43 33.10 50.15
C SER IB 11 60.57 32.10 50.07
N GLN IB 12 61.70 32.43 50.70
CA GLN IB 12 62.88 31.58 50.71
C GLN IB 12 63.85 32.10 51.77
N SER IB 13 64.90 31.33 52.01
CA SER IB 13 65.87 31.64 53.05
C SER IB 13 66.99 32.53 52.50
N ALA IB 14 67.47 33.43 53.34
CA ALA IB 14 68.53 34.37 52.97
C ALA IB 14 69.75 34.12 53.84
N LEU IB 15 70.81 33.59 53.24
CA LEU IB 15 72.05 33.38 53.98
C LEU IB 15 72.72 34.72 54.28
N PRO IB 16 73.20 34.91 55.51
CA PRO IB 16 73.92 36.13 55.85
C PRO IB 16 75.28 36.19 55.14
N TYR IB 17 75.76 37.42 54.96
CA TYR IB 17 77.03 37.62 54.27
C TYR IB 17 78.19 36.97 55.02
N ARG IB 18 78.23 37.13 56.33
CA ARG IB 18 79.28 36.49 57.12
C ARG IB 18 79.09 34.98 57.11
N ARG IB 19 80.16 34.25 56.82
CA ARG IB 19 80.12 32.79 56.79
C ARG IB 19 81.09 32.17 57.79
N SER IB 20 81.35 32.86 58.89
CA SER IB 20 82.22 32.35 59.94
C SER IB 20 81.40 31.84 61.13
N VAL IB 21 81.98 30.90 61.86
CA VAL IB 21 81.31 30.34 63.03
C VAL IB 21 81.15 31.43 64.09
N PRO IB 22 80.02 31.52 64.78
CA PRO IB 22 79.86 32.55 65.81
C PRO IB 22 80.75 32.27 67.00
N THR IB 23 81.08 33.36 67.72
CA THR IB 23 81.99 33.24 68.85
C THR IB 23 81.34 32.52 70.03
N TRP IB 24 80.01 32.57 70.14
CA TRP IB 24 79.33 31.93 71.25
C TRP IB 24 79.16 30.42 71.05
N LEU IB 25 79.30 29.93 69.83
CA LEU IB 25 79.13 28.50 69.56
C LEU IB 25 80.41 27.77 69.94
N LYS IB 26 80.31 26.87 70.91
CA LYS IB 26 81.45 26.13 71.41
C LYS IB 26 81.50 24.70 70.92
N LEU IB 27 80.44 24.23 70.25
CA LEU IB 27 80.44 22.90 69.67
C LEU IB 27 81.37 22.87 68.45
N THR IB 28 82.27 21.90 68.41
CA THR IB 28 83.29 21.88 67.37
C THR IB 28 82.99 20.81 66.32
N SER IB 29 83.74 20.87 65.22
CA SER IB 29 83.42 20.09 64.04
C SER IB 29 83.45 18.59 64.31
N ASP IB 30 84.46 18.12 65.04
CA ASP IB 30 84.60 16.69 65.27
C ASP IB 30 83.45 16.15 66.10
N ASP IB 31 82.99 16.90 67.09
CA ASP IB 31 81.85 16.48 67.89
C ASP IB 31 80.52 17.04 67.38
N VAL IB 32 80.49 17.66 66.20
CA VAL IB 32 79.21 17.93 65.54
C VAL IB 32 78.71 16.71 64.81
N LYS IB 33 79.59 16.03 64.07
CA LYS IB 33 79.13 15.03 63.12
C LYS IB 33 78.68 13.72 63.76
N GLU IB 34 79.22 13.35 64.93
CA GLU IB 34 78.71 12.14 65.57
C GLU IB 34 77.31 12.34 66.09
N GLN IB 35 76.94 13.58 66.40
CA GLN IB 35 75.54 13.88 66.70
C GLN IB 35 74.68 13.71 65.46
N ILE IB 36 75.23 14.05 64.29
CA ILE IB 36 74.52 13.83 63.03
C ILE IB 36 74.32 12.35 62.80
N TYR IB 37 75.37 11.55 63.06
CA TYR IB 37 75.26 10.11 62.84
C TYR IB 37 74.18 9.48 63.72
N LYS IB 38 74.13 9.86 64.99
CA LYS IB 38 73.15 9.26 65.89
C LYS IB 38 71.74 9.74 65.58
N LEU IB 39 71.58 10.98 65.11
CA LEU IB 39 70.27 11.42 64.67
C LEU IB 39 69.84 10.72 63.39
N ALA IB 40 70.81 10.34 62.54
CA ALA IB 40 70.47 9.54 61.37
C ALA IB 40 70.11 8.12 61.77
N LYS IB 41 70.69 7.60 62.86
CA LYS IB 41 70.33 6.27 63.32
C LYS IB 41 68.90 6.23 63.84
N LYS IB 42 68.43 7.31 64.45
CA LYS IB 42 67.02 7.42 64.79
C LYS IB 42 66.14 7.24 63.56
N GLY IB 43 66.64 7.64 62.40
CA GLY IB 43 65.90 7.60 61.16
C GLY IB 43 65.38 8.98 60.83
N LEU IB 44 66.12 9.70 59.99
CA LEU IB 44 65.83 11.10 59.71
C LEU IB 44 66.52 11.48 58.42
N THR IB 45 65.79 12.10 57.50
CA THR IB 45 66.39 12.60 56.28
C THR IB 45 67.27 13.79 56.59
N PRO IB 46 68.28 14.06 55.76
CA PRO IB 46 69.16 15.21 56.01
C PRO IB 46 68.44 16.54 56.05
N SER IB 47 67.26 16.64 55.42
CA SER IB 47 66.49 17.88 55.48
C SER IB 47 66.08 18.21 56.91
N GLN IB 48 65.61 17.21 57.64
CA GLN IB 48 65.15 17.40 59.01
C GLN IB 48 66.23 17.11 60.05
N ILE IB 49 67.41 16.64 59.62
CA ILE IB 49 68.55 16.61 60.54
C ILE IB 49 69.04 18.02 60.82
N GLY IB 50 69.14 18.84 59.77
CA GLY IB 50 69.57 20.22 59.94
C GLY IB 50 68.51 21.12 60.53
N VAL IB 51 67.23 20.74 60.43
CA VAL IB 51 66.17 21.53 61.03
C VAL IB 51 66.27 21.48 62.56
N ILE IB 52 66.46 20.28 63.12
CA ILE IB 52 66.52 20.14 64.56
C ILE IB 52 67.92 20.39 65.11
N LEU IB 53 68.85 20.86 64.30
CA LEU IB 53 70.15 21.26 64.79
C LEU IB 53 70.27 22.76 65.00
N ARG IB 54 69.64 23.58 64.16
CA ARG IB 54 69.76 25.02 64.24
C ARG IB 54 68.69 25.67 65.11
N ASP IB 55 67.86 24.89 65.78
CA ASP IB 55 66.94 25.44 66.76
C ASP IB 55 67.18 24.93 68.17
N SER IB 56 67.85 23.78 68.31
CA SER IB 56 68.11 23.19 69.62
C SER IB 56 69.57 23.28 70.03
N HIS IB 57 70.49 23.52 69.09
CA HIS IB 57 71.90 23.49 69.39
C HIS IB 57 72.66 24.72 68.92
N GLY IB 58 72.02 25.61 68.16
CA GLY IB 58 72.66 26.84 67.74
C GLY IB 58 73.60 26.71 66.56
N VAL IB 59 73.75 25.51 66.00
CA VAL IB 59 74.58 25.33 64.82
C VAL IB 59 73.76 25.72 63.59
N ALA IB 60 74.06 26.89 63.02
CA ALA IB 60 73.24 27.43 61.94
C ALA IB 60 73.39 26.60 60.67
N GLN IB 61 74.60 26.54 60.12
CA GLN IB 61 74.88 25.80 58.90
C GLN IB 61 76.07 24.89 59.14
N VAL IB 62 75.84 23.58 59.01
CA VAL IB 62 76.89 22.60 59.24
C VAL IB 62 78.02 22.76 58.24
N ARG IB 63 77.73 23.30 57.04
CA ARG IB 63 78.78 23.54 56.06
C ARG IB 63 79.80 24.57 56.55
N PHE IB 64 79.45 25.36 57.56
CA PHE IB 64 80.38 26.34 58.11
C PHE IB 64 81.10 25.83 59.35
N VAL IB 65 80.41 25.09 60.22
CA VAL IB 65 81.07 24.50 61.37
C VAL IB 65 81.90 23.29 60.94
N THR IB 66 81.29 22.37 60.20
CA THR IB 66 81.98 21.25 59.60
C THR IB 66 82.44 21.67 58.20
N GLY IB 67 83.31 20.87 57.60
CA GLY IB 67 83.86 21.23 56.31
C GLY IB 67 83.00 20.86 55.11
N ASN IB 68 81.93 20.10 55.33
CA ASN IB 68 81.11 19.59 54.24
C ASN IB 68 79.64 19.66 54.61
N LYS IB 69 78.79 19.37 53.62
CA LYS IB 69 77.36 19.38 53.83
C LYS IB 69 76.91 18.09 54.51
N ILE IB 70 75.67 18.10 54.98
CA ILE IB 70 75.17 17.00 55.80
C ILE IB 70 75.15 15.70 55.01
N LEU IB 71 74.67 15.74 53.77
CA LEU IB 71 74.57 14.52 52.98
C LEU IB 71 75.95 13.96 52.66
N ARG IB 72 76.95 14.82 52.45
CA ARG IB 72 78.30 14.33 52.23
C ARG IB 72 78.87 13.66 53.48
N ILE IB 73 78.51 14.17 54.66
CA ILE IB 73 78.94 13.54 55.90
C ILE IB 73 78.35 12.13 56.01
N LEU IB 74 77.05 12.00 55.72
CA LEU IB 74 76.40 10.71 55.86
C LEU IB 74 76.95 9.69 54.88
N LYS IB 75 77.13 10.08 53.61
CA LYS IB 75 77.56 9.12 52.61
C LYS IB 75 79.01 8.70 52.80
N SER IB 76 79.87 9.60 53.29
CA SER IB 76 81.24 9.20 53.60
C SER IB 76 81.30 8.23 54.76
N LYS IB 77 80.28 8.21 55.62
CA LYS IB 77 80.18 7.25 56.70
C LYS IB 77 79.41 6.00 56.30
N GLY IB 78 78.62 6.06 55.23
CA GLY IB 78 77.86 4.92 54.75
C GLY IB 78 76.39 4.93 55.10
N LEU IB 79 75.85 6.05 55.58
CA LEU IB 79 74.48 6.12 56.04
C LEU IB 79 73.58 6.86 55.06
N ALA IB 80 74.06 7.14 53.86
CA ALA IB 80 73.22 7.76 52.85
C ALA IB 80 72.10 6.79 52.45
N PRO IB 81 70.92 7.30 52.12
CA PRO IB 81 69.81 6.42 51.77
C PRO IB 81 70.04 5.73 50.43
N ASP IB 82 69.20 4.75 50.16
CA ASP IB 82 69.29 4.02 48.90
C ASP IB 82 68.99 4.93 47.72
N LEU IB 83 68.00 5.79 47.85
CA LEU IB 83 67.61 6.74 46.83
C LEU IB 83 67.44 8.12 47.45
N PRO IB 84 67.65 9.19 46.68
CA PRO IB 84 67.63 10.53 47.26
C PRO IB 84 66.30 10.85 47.93
N GLU IB 85 66.39 11.61 49.02
CA GLU IB 85 65.20 11.88 49.83
C GLU IB 85 64.17 12.72 49.09
N ASP IB 86 64.61 13.63 48.22
CA ASP IB 86 63.65 14.41 47.45
C ASP IB 86 62.90 13.54 46.46
N LEU IB 87 63.60 12.60 45.81
CA LEU IB 87 62.92 11.64 44.95
C LEU IB 87 62.07 10.67 45.76
N TYR IB 88 62.50 10.36 46.99
CA TYR IB 88 61.74 9.46 47.85
C TYR IB 88 60.37 10.03 48.18
N HIS IB 89 60.30 11.33 48.49
CA HIS IB 89 59.05 11.92 48.93
C HIS IB 89 58.06 12.08 47.80
N LEU IB 90 58.55 12.24 46.56
CA LEU IB 90 57.65 12.22 45.41
C LEU IB 90 57.01 10.85 45.25
N ILE IB 91 57.79 9.79 45.45
CA ILE IB 91 57.26 8.43 45.29
C ILE IB 91 56.28 8.11 46.40
N LYS IB 92 56.59 8.52 47.63
CA LYS IB 92 55.68 8.31 48.74
C LYS IB 92 54.36 9.06 48.53
N LYS IB 93 54.44 10.27 47.97
CA LYS IB 93 53.22 11.03 47.72
C LYS IB 93 52.40 10.42 46.59
N ALA IB 94 53.06 9.94 45.54
CA ALA IB 94 52.34 9.34 44.42
C ALA IB 94 51.61 8.08 44.86
N VAL IB 95 52.21 7.32 45.79
CA VAL IB 95 51.57 6.12 46.30
C VAL IB 95 50.30 6.49 47.07
N ALA IB 96 50.38 7.54 47.91
CA ALA IB 96 49.23 7.94 48.70
C ALA IB 96 48.09 8.42 47.81
N VAL IB 97 48.40 9.23 46.81
CA VAL IB 97 47.36 9.73 45.90
C VAL IB 97 46.77 8.60 45.09
N ARG IB 98 47.62 7.71 44.58
CA ARG IB 98 47.13 6.61 43.75
C ARG IB 98 46.25 5.66 44.56
N LYS IB 99 46.56 5.47 45.84
CA LYS IB 99 45.71 4.65 46.69
C LYS IB 99 44.36 5.31 46.91
N HIS IB 100 44.32 6.63 46.98
CA HIS IB 100 43.05 7.33 47.14
C HIS IB 100 42.17 7.17 45.92
N LEU IB 101 42.77 7.01 44.74
CA LEU IB 101 41.99 6.93 43.51
C LEU IB 101 41.28 5.60 43.32
N GLU IB 102 41.86 4.50 43.82
CA GLU IB 102 41.17 3.21 43.68
C GLU IB 102 39.96 3.12 44.59
N ARG IB 103 39.94 3.87 45.69
CA ARG IB 103 38.77 3.87 46.56
C ARG IB 103 37.61 4.65 45.96
N ASN IB 104 37.90 5.75 45.26
CA ASN IB 104 36.87 6.55 44.62
C ASN IB 104 37.39 7.07 43.29
N ARG IB 105 36.66 6.77 42.22
CA ARG IB 105 37.15 6.96 40.87
C ARG IB 105 36.61 8.21 40.19
N LYS IB 106 35.52 8.79 40.69
CA LYS IB 106 34.97 10.01 40.12
C LYS IB 106 35.81 11.24 40.46
N ASP IB 107 36.85 11.10 41.27
CA ASP IB 107 37.72 12.21 41.66
C ASP IB 107 38.60 12.57 40.46
N LYS IB 108 38.02 13.34 39.54
CA LYS IB 108 38.76 13.76 38.36
C LYS IB 108 39.91 14.68 38.73
N ASP IB 109 39.70 15.56 39.71
CA ASP IB 109 40.76 16.47 40.12
C ASP IB 109 41.95 15.69 40.67
N ALA IB 110 41.69 14.68 41.51
CA ALA IB 110 42.76 13.88 42.07
C ALA IB 110 43.53 13.13 40.98
N LYS IB 111 42.81 12.68 39.94
CA LYS IB 111 43.50 12.05 38.81
C LYS IB 111 44.42 13.02 38.11
N PHE IB 112 43.97 14.26 37.92
CA PHE IB 112 44.80 15.26 37.24
C PHE IB 112 46.09 15.52 37.99
N ARG IB 113 46.03 15.54 39.31
CA ARG IB 113 47.24 15.75 40.11
C ARG IB 113 48.23 14.61 39.90
N LEU IB 114 47.73 13.38 39.77
CA LEU IB 114 48.60 12.21 39.68
C LEU IB 114 49.57 12.32 38.52
N ILE IB 115 49.17 12.94 37.41
CA ILE IB 115 50.10 13.19 36.33
C ILE IB 115 51.20 14.15 36.77
N LEU IB 116 50.84 15.14 37.60
CA LEU IB 116 51.82 16.15 37.98
C LEU IB 116 52.87 15.61 38.93
N ILE IB 117 52.48 14.76 39.90
CA ILE IB 117 53.50 14.11 40.72
C ILE IB 117 54.32 13.14 39.87
N GLU IB 118 53.66 12.36 39.01
CA GLU IB 118 54.38 11.39 38.19
C GLU IB 118 55.30 12.08 37.18
N SER IB 119 54.86 13.20 36.63
CA SER IB 119 55.72 13.95 35.71
C SER IB 119 56.96 14.47 36.41
N ARG IB 120 56.80 14.94 37.65
CA ARG IB 120 57.95 15.42 38.41
C ARG IB 120 58.94 14.31 38.71
N ILE IB 121 58.45 13.09 38.94
CA ILE IB 121 59.34 11.97 39.19
C ILE IB 121 60.21 11.70 37.97
N HIS IB 122 59.59 11.59 36.79
CA HIS IB 122 60.34 11.25 35.59
C HIS IB 122 61.33 12.36 35.21
N ARG IB 123 60.93 13.62 35.39
CA ARG IB 123 61.88 14.71 35.17
C ARG IB 123 63.04 14.63 36.14
N LEU IB 124 62.76 14.31 37.39
CA LEU IB 124 63.82 14.19 38.40
C LEU IB 124 64.60 12.90 38.24
N ALA IB 125 63.94 11.83 37.79
CA ALA IB 125 64.61 10.54 37.63
C ALA IB 125 65.70 10.62 36.57
N ARG IB 126 65.44 11.27 35.43
CA ARG IB 126 66.48 11.32 34.41
C ARG IB 126 67.63 12.22 34.82
N TYR IB 127 67.43 13.14 35.76
CA TYR IB 127 68.53 13.97 36.22
C TYR IB 127 69.53 13.15 37.02
N TYR IB 128 69.03 12.35 37.97
CA TYR IB 128 69.92 11.55 38.81
C TYR IB 128 70.63 10.48 38.00
N LYS IB 129 70.05 10.04 36.88
CA LYS IB 129 70.69 9.01 36.07
C LYS IB 129 71.85 9.58 35.26
N THR IB 130 71.80 10.87 34.92
CA THR IB 130 72.95 11.50 34.27
C THR IB 130 74.08 11.76 35.27
N LYS IB 131 73.75 11.94 36.54
CA LYS IB 131 74.73 12.13 37.58
C LYS IB 131 75.27 10.82 38.12
N ARG IB 132 74.75 9.69 37.64
CA ARG IB 132 75.23 8.36 37.99
C ARG IB 132 75.12 8.10 39.50
N VAL IB 133 73.98 8.50 40.07
CA VAL IB 133 73.64 8.12 41.43
C VAL IB 133 72.55 7.04 41.46
N LEU IB 134 71.73 6.95 40.41
CA LEU IB 134 70.85 5.81 40.19
C LEU IB 134 71.36 4.98 39.03
N PRO IB 135 71.11 3.68 39.01
CA PRO IB 135 71.58 2.85 37.91
C PRO IB 135 70.85 3.17 36.62
N PRO IB 136 71.46 2.90 35.46
CA PRO IB 136 70.79 3.20 34.19
C PRO IB 136 69.49 2.44 33.97
N ASN IB 137 69.28 1.34 34.69
CA ASN IB 137 68.06 0.55 34.55
C ASN IB 137 66.99 0.92 35.56
N TRP IB 138 67.23 1.91 36.42
CA TRP IB 138 66.26 2.27 37.44
C TRP IB 138 65.05 2.91 36.78
N LYS IB 139 63.89 2.30 36.97
CA LYS IB 139 62.64 2.76 36.38
C LYS IB 139 61.56 2.82 37.46
N TYR IB 140 60.71 3.84 37.38
CA TYR IB 140 59.62 4.00 38.33
C TYR IB 140 58.42 3.18 37.84
N GLU IB 141 58.01 2.20 38.63
CA GLU IB 141 56.86 1.36 38.33
C GLU IB 141 55.79 1.64 39.35
N SER IB 142 54.61 2.07 38.88
CA SER IB 142 53.52 2.41 39.79
C SER IB 142 53.03 1.21 40.57
N SER IB 143 53.17 0.00 40.00
CA SER IB 143 52.64 -1.18 40.68
C SER IB 143 53.52 -1.59 41.86
N THR IB 144 54.83 -1.57 41.69
CA THR IB 144 55.77 -2.02 42.71
C THR IB 144 56.33 -0.89 43.56
N ALA IB 145 55.86 0.34 43.36
CA ALA IB 145 56.37 1.47 44.14
C ALA IB 145 55.95 1.38 45.60
N SER IB 146 54.81 0.75 45.89
CA SER IB 146 54.29 0.71 47.25
C SER IB 146 55.25 0.01 48.19
N ALA IB 147 55.91 -1.05 47.72
CA ALA IB 147 56.79 -1.85 48.58
C ALA IB 147 57.93 -1.01 49.14
N LEU IB 148 58.56 -0.20 48.31
CA LEU IB 148 59.59 0.74 48.76
C LEU IB 148 58.89 2.07 49.04
N VAL IB 149 58.59 2.32 50.30
CA VAL IB 149 57.74 3.44 50.71
C VAL IB 149 58.21 4.78 50.15
N SER JB 1 -26.04 32.44 64.83
CA SER JB 1 -25.95 33.64 64.01
C SER JB 1 -25.89 34.89 64.88
N LEU JB 2 -26.30 34.75 66.14
CA LEU JB 2 -26.29 35.88 67.07
C LEU JB 2 -24.85 36.26 67.43
N GLY JB 3 -24.00 35.28 67.66
CA GLY JB 3 -22.62 35.53 67.99
C GLY JB 3 -22.25 35.07 69.39
N PRO JB 4 -21.04 35.44 69.83
CA PRO JB 4 -20.58 34.99 71.15
C PRO JB 4 -21.43 35.59 72.26
N GLN JB 5 -21.65 34.81 73.31
CA GLN JB 5 -22.30 35.30 74.52
C GLN JB 5 -21.22 35.81 75.46
N VAL JB 6 -21.05 37.13 75.52
CA VAL JB 6 -20.06 37.73 76.39
C VAL JB 6 -20.47 39.16 76.70
N ALA JB 7 -20.15 39.60 77.91
CA ALA JB 7 -20.38 40.99 78.30
C ALA JB 7 -19.43 41.92 77.55
N GLU JB 8 -19.83 43.18 77.46
CA GLU JB 8 -19.07 44.17 76.72
C GLU JB 8 -17.80 44.55 77.48
N GLY JB 9 -17.06 45.51 76.91
CA GLY JB 9 -15.81 45.95 77.49
C GLY JB 9 -14.57 45.28 76.90
N GLU JB 10 -14.73 44.23 76.11
CA GLU JB 10 -13.60 43.60 75.45
C GLU JB 10 -13.95 43.31 74.00
N ASN JB 11 -12.92 43.21 73.17
CA ASN JB 11 -13.06 42.83 71.78
C ASN JB 11 -12.98 41.31 71.64
N VAL JB 12 -13.67 40.80 70.63
CA VAL JB 12 -13.53 39.41 70.21
C VAL JB 12 -12.82 39.41 68.87
N PHE JB 13 -11.78 38.59 68.75
CA PHE JB 13 -10.81 38.73 67.67
C PHE JB 13 -11.00 37.63 66.62
N GLY JB 14 -11.04 38.04 65.36
CA GLY JB 14 -10.86 37.14 64.23
C GLY JB 14 -9.60 37.51 63.48
N VAL JB 15 -9.35 36.77 62.41
CA VAL JB 15 -8.21 37.01 61.52
C VAL JB 15 -8.71 37.03 60.09
N CYS JB 16 -8.30 38.05 59.33
CA CYS JB 16 -8.58 38.11 57.91
C CYS JB 16 -7.29 37.83 57.15
N HIS JB 17 -7.36 36.89 56.23
CA HIS JB 17 -6.23 36.57 55.35
C HIS JB 17 -6.47 37.25 54.03
N ILE JB 18 -5.70 38.29 53.73
CA ILE JB 18 -5.84 39.05 52.50
C ILE JB 18 -4.84 38.52 51.48
N PHE JB 19 -5.37 38.11 50.33
CA PHE JB 19 -4.57 37.57 49.23
C PHE JB 19 -4.70 38.56 48.08
N ALA JB 20 -3.80 39.55 48.06
CA ALA JB 20 -3.84 40.61 47.06
C ALA JB 20 -2.95 40.20 45.89
N SER JB 21 -3.51 39.35 45.02
CA SER JB 21 -2.83 38.94 43.81
C SER JB 21 -2.99 40.03 42.73
N PHE JB 22 -2.36 39.79 41.59
CA PHE JB 22 -2.48 40.70 40.46
C PHE JB 22 -3.69 40.39 39.58
N ASN JB 23 -4.51 39.41 39.96
CA ASN JB 23 -5.68 39.04 39.18
C ASN JB 23 -6.99 39.11 39.94
N ASP JB 24 -6.97 39.08 41.27
CA ASP JB 24 -8.12 39.44 42.11
C ASP JB 24 -7.65 39.49 43.55
N THR JB 25 -8.57 39.80 44.46
CA THR JB 25 -8.25 39.98 45.87
C THR JB 25 -9.18 39.11 46.70
N PHE JB 26 -8.60 38.40 47.67
CA PHE JB 26 -9.34 37.56 48.59
C PHE JB 26 -9.37 38.21 49.97
N VAL JB 27 -10.55 38.53 50.46
CA VAL JB 27 -10.73 38.96 51.84
C VAL JB 27 -11.45 37.82 52.56
N HIS JB 28 -10.77 37.21 53.54
CA HIS JB 28 -11.20 35.94 54.09
C HIS JB 28 -11.00 35.97 55.60
N VAL JB 29 -12.09 36.22 56.31
CA VAL JB 29 -12.07 36.32 57.77
C VAL JB 29 -12.29 34.94 58.37
N THR JB 30 -11.45 34.56 59.32
CA THR JB 30 -11.56 33.30 60.04
C THR JB 30 -11.39 33.57 61.53
N ASP JB 31 -11.53 32.52 62.33
CA ASP JB 31 -11.30 32.63 63.77
C ASP JB 31 -9.79 32.63 64.03
N LEU JB 32 -9.40 32.55 65.30
CA LEU JB 32 -7.98 32.60 65.63
C LEU JB 32 -7.21 31.44 65.04
N SER JB 33 -7.78 30.23 65.10
CA SER JB 33 -7.08 29.05 64.61
C SER JB 33 -6.98 29.02 63.09
N GLY JB 34 -7.87 29.71 62.38
CA GLY JB 34 -7.93 29.65 60.94
C GLY JB 34 -8.71 28.46 60.39
N LYS JB 35 -9.20 27.59 61.26
CA LYS JB 35 -9.91 26.40 60.82
C LYS JB 35 -11.34 26.71 60.37
N GLU JB 36 -11.97 27.72 60.97
CA GLU JB 36 -13.38 28.02 60.72
C GLU JB 36 -13.47 29.28 59.87
N THR JB 37 -14.00 29.14 58.66
CA THR JB 37 -14.29 30.29 57.83
C THR JB 37 -15.56 30.98 58.30
N ILE JB 38 -15.54 32.32 58.29
CA ILE JB 38 -16.66 33.13 58.75
C ILE JB 38 -17.26 33.95 57.63
N CYS JB 39 -16.42 34.52 56.76
CA CYS JB 39 -16.90 35.24 55.59
C CYS JB 39 -15.74 35.38 54.60
N ARG JB 40 -15.94 34.89 53.39
CA ARG JB 40 -14.94 35.02 52.32
C ARG JB 40 -15.60 35.68 51.13
N VAL JB 41 -15.26 36.94 50.88
CA VAL JB 41 -15.72 37.67 49.72
C VAL JB 41 -14.50 38.03 48.88
N THR JB 42 -14.54 37.68 47.61
CA THR JB 42 -13.42 37.89 46.70
C THR JB 42 -13.70 39.13 45.85
N GLY JB 43 -12.63 39.83 45.47
CA GLY JB 43 -12.80 41.02 44.65
C GLY JB 43 -13.41 40.75 43.29
N GLY JB 44 -13.39 39.50 42.83
CA GLY JB 44 -13.91 39.20 41.51
C GLY JB 44 -15.40 39.01 41.42
N MET JB 45 -16.09 38.83 42.55
CA MET JB 45 -17.53 38.68 42.53
C MET JB 45 -18.27 39.99 42.67
N LYS JB 46 -17.56 41.11 42.65
CA LYS JB 46 -18.16 42.43 42.76
C LYS JB 46 -18.01 43.25 41.49
N VAL JB 47 -17.58 42.65 40.39
CA VAL JB 47 -17.41 43.33 39.12
C VAL JB 47 -18.00 42.47 38.00
N LYS JB 48 -18.30 43.12 36.88
CA LYS JB 48 -18.90 42.46 35.74
C LYS JB 48 -17.90 42.03 34.69
N ALA JB 49 -16.71 42.62 34.69
CA ALA JB 49 -15.63 42.26 33.78
C ALA JB 49 -14.44 41.75 34.57
N ASP JB 50 -13.81 40.68 34.08
CA ASP JB 50 -12.69 40.07 34.79
C ASP JB 50 -11.40 40.85 34.63
N ARG JB 51 -11.40 41.98 33.93
CA ARG JB 51 -10.23 42.84 33.93
C ARG JB 51 -10.09 43.60 35.24
N ASP JB 52 -11.19 43.83 35.94
CA ASP JB 52 -11.20 44.64 37.16
C ASP JB 52 -11.28 43.81 38.42
N GLU JB 53 -11.07 42.50 38.34
CA GLU JB 53 -11.11 41.68 39.55
C GLU JB 53 -10.07 42.11 40.56
N SER JB 54 -8.93 42.61 40.09
CA SER JB 54 -7.85 43.08 40.96
C SER JB 54 -7.93 44.57 41.26
N SER JB 55 -8.99 45.24 40.80
CA SER JB 55 -9.07 46.69 40.96
C SER JB 55 -9.13 47.05 42.44
N PRO JB 56 -8.53 48.18 42.84
CA PRO JB 56 -8.70 48.63 44.23
C PRO JB 56 -10.15 48.92 44.59
N TYR JB 57 -10.97 49.32 43.62
CA TYR JB 57 -12.38 49.52 43.88
C TYR JB 57 -13.06 48.23 44.29
N ALA JB 58 -12.74 47.13 43.62
CA ALA JB 58 -13.31 45.83 43.98
C ALA JB 58 -12.86 45.41 45.37
N ALA JB 59 -11.59 45.64 45.70
CA ALA JB 59 -11.10 45.31 47.03
C ALA JB 59 -11.83 46.10 48.10
N MET JB 60 -12.11 47.38 47.83
CA MET JB 60 -12.89 48.18 48.77
C MET JB 60 -14.31 47.62 48.92
N LEU JB 61 -14.93 47.26 47.80
CA LEU JB 61 -16.28 46.69 47.86
C LEU JB 61 -16.28 45.35 48.60
N ALA JB 62 -15.27 44.52 48.35
CA ALA JB 62 -15.21 43.21 49.00
C ALA JB 62 -15.06 43.35 50.51
N ALA JB 63 -14.20 44.27 50.96
CA ALA JB 63 -13.97 44.43 52.39
C ALA JB 63 -15.19 44.96 53.11
N GLN JB 64 -15.94 45.86 52.45
CA GLN JB 64 -17.14 46.39 53.06
C GLN JB 64 -18.17 45.29 53.31
N ASP JB 65 -18.33 44.39 52.34
CA ASP JB 65 -19.26 43.28 52.49
C ASP JB 65 -18.79 42.32 53.58
N VAL JB 66 -17.49 42.06 53.65
CA VAL JB 66 -16.95 41.20 54.70
C VAL JB 66 -17.16 41.83 56.07
N ALA JB 67 -16.88 43.12 56.19
CA ALA JB 67 -17.03 43.79 57.48
C ALA JB 67 -18.47 43.78 57.96
N GLN JB 68 -19.42 44.02 57.04
CA GLN JB 68 -20.83 44.02 57.43
C GLN JB 68 -21.28 42.64 57.90
N ARG JB 69 -20.87 41.60 57.18
CA ARG JB 69 -21.19 40.25 57.60
C ARG JB 69 -20.46 39.88 58.88
N CYS JB 70 -19.26 40.44 59.07
CA CYS JB 70 -18.51 40.19 60.30
C CYS JB 70 -19.21 40.79 61.50
N LYS JB 71 -19.82 41.97 61.34
CA LYS JB 71 -20.57 42.59 62.44
C LYS JB 71 -21.74 41.70 62.87
N GLU JB 72 -22.36 41.01 61.91
CA GLU JB 72 -23.49 40.15 62.24
C GLU JB 72 -23.08 39.03 63.18
N LEU JB 73 -21.94 38.40 62.92
CA LEU JB 73 -21.47 37.30 63.75
C LEU JB 73 -20.90 37.76 65.08
N GLY JB 74 -20.67 39.06 65.26
CA GLY JB 74 -20.25 39.59 66.54
C GLY JB 74 -18.78 39.93 66.65
N ILE JB 75 -17.97 39.59 65.66
CA ILE JB 75 -16.54 39.87 65.72
C ILE JB 75 -16.32 41.37 65.58
N THR JB 76 -15.49 41.92 66.46
CA THR JB 76 -15.25 43.36 66.51
C THR JB 76 -13.86 43.77 66.04
N ALA JB 77 -12.85 42.91 66.20
CA ALA JB 77 -11.48 43.26 65.85
C ALA JB 77 -10.86 42.15 65.04
N LEU JB 78 -9.88 42.51 64.20
CA LEU JB 78 -9.23 41.58 63.30
C LEU JB 78 -7.72 41.71 63.38
N HIS JB 79 -7.04 40.59 63.16
CA HIS JB 79 -5.61 40.56 62.90
C HIS JB 79 -5.39 40.38 61.41
N ILE JB 80 -4.37 41.05 60.88
CA ILE JB 80 -4.15 41.11 59.44
C ILE JB 80 -2.97 40.21 59.08
N LYS JB 81 -3.16 39.38 58.05
CA LYS JB 81 -2.10 38.54 57.49
C LYS JB 81 -2.02 38.84 55.99
N LEU JB 82 -1.29 39.89 55.64
CA LEU JB 82 -1.15 40.26 54.24
C LEU JB 82 -0.31 39.24 53.49
N ARG JB 83 -0.68 38.97 52.24
CA ARG JB 83 -0.05 37.89 51.49
C ARG JB 83 -0.09 38.19 50.00
N ALA JB 84 1.06 38.05 49.35
CA ALA JB 84 1.16 38.07 47.90
C ALA JB 84 1.16 36.64 47.39
N THR JB 85 1.23 36.48 46.06
CA THR JB 85 1.35 35.14 45.49
C THR JB 85 2.54 34.40 46.07
N GLY JB 86 3.72 35.03 46.03
CA GLY JB 86 4.90 34.48 46.65
C GLY JB 86 5.30 33.15 46.03
N GLY JB 87 5.87 32.30 46.88
CA GLY JB 87 6.35 31.02 46.39
C GLY JB 87 7.43 31.22 45.36
N ASN JB 88 7.23 30.59 44.21
CA ASN JB 88 8.18 30.71 43.10
C ASN JB 88 8.01 32.04 42.38
N ARG JB 89 6.79 32.55 42.31
CA ARG JB 89 6.45 33.71 41.50
C ARG JB 89 6.64 35.01 42.29
N THR JB 90 6.10 36.10 41.76
CA THR JB 90 6.34 37.44 42.29
C THR JB 90 5.88 37.55 43.75
N LYS JB 91 6.58 38.40 44.51
CA LYS JB 91 6.38 38.53 45.94
C LYS JB 91 5.94 39.92 46.35
N THR JB 92 5.48 40.75 45.42
CA THR JB 92 4.99 42.05 45.84
C THR JB 92 3.47 42.05 45.87
N PRO JB 93 2.87 42.49 46.98
CA PRO JB 93 1.41 42.48 47.09
C PRO JB 93 0.75 43.32 46.00
N GLY JB 94 -0.40 42.87 45.54
CA GLY JB 94 -1.09 43.48 44.43
C GLY JB 94 -1.72 44.81 44.80
N PRO JB 95 -2.29 45.49 43.80
CA PRO JB 95 -2.87 46.82 44.06
C PRO JB 95 -4.00 46.82 45.06
N GLY JB 96 -4.70 45.70 45.23
CA GLY JB 96 -5.86 45.67 46.10
C GLY JB 96 -5.57 45.63 47.59
N ALA JB 97 -4.30 45.42 47.98
CA ALA JB 97 -3.98 45.29 49.39
C ALA JB 97 -4.25 46.58 50.15
N GLN JB 98 -3.88 47.72 49.58
CA GLN JB 98 -4.03 48.99 50.28
C GLN JB 98 -5.50 49.34 50.48
N SER JB 99 -6.32 49.15 49.44
CA SER JB 99 -7.72 49.58 49.52
C SER JB 99 -8.55 48.60 50.35
N ALA JB 100 -8.23 47.31 50.29
CA ALA JB 100 -9.00 46.34 51.06
C ALA JB 100 -8.83 46.54 52.55
N LEU JB 101 -7.60 46.82 52.99
CA LEU JB 101 -7.35 47.02 54.42
C LEU JB 101 -7.84 48.37 54.91
N ARG JB 102 -7.81 49.39 54.06
CA ARG JB 102 -8.32 50.70 54.45
C ARG JB 102 -9.81 50.64 54.72
N ALA JB 103 -10.54 49.84 53.94
CA ALA JB 103 -11.99 49.74 54.12
C ALA JB 103 -12.34 49.12 55.47
N LEU JB 104 -11.62 48.08 55.89
CA LEU JB 104 -11.91 47.46 57.17
C LEU JB 104 -11.68 48.44 58.32
N ALA JB 105 -10.74 49.37 58.17
CA ALA JB 105 -10.49 50.34 59.21
C ALA JB 105 -11.55 51.44 59.20
N ARG JB 106 -12.30 51.58 58.12
CA ARG JB 106 -13.33 52.61 58.02
C ARG JB 106 -14.74 52.06 58.18
N SER JB 107 -14.91 50.75 58.27
CA SER JB 107 -16.23 50.15 58.40
C SER JB 107 -16.58 49.78 59.83
N GLY JB 108 -15.79 50.23 60.80
CA GLY JB 108 -16.07 49.97 62.20
C GLY JB 108 -15.23 48.88 62.83
N MET JB 109 -14.54 48.08 62.02
CA MET JB 109 -13.64 47.07 62.58
C MET JB 109 -12.48 47.72 63.29
N LYS JB 110 -11.84 46.93 64.16
CA LYS JB 110 -10.67 47.37 64.92
C LYS JB 110 -9.48 46.54 64.48
N ILE JB 111 -8.41 47.22 64.08
CA ILE JB 111 -7.25 46.54 63.52
C ILE JB 111 -6.33 46.11 64.65
N GLY JB 112 -5.91 44.84 64.61
CA GLY JB 112 -5.00 44.33 65.62
C GLY JB 112 -3.56 44.39 65.16
N ARG JB 113 -2.96 43.23 64.91
CA ARG JB 113 -1.59 43.14 64.42
C ARG JB 113 -1.59 42.96 62.91
N ILE JB 114 -0.52 43.43 62.28
CA ILE JB 114 -0.32 43.29 60.84
C ILE JB 114 0.94 42.49 60.62
N GLU JB 115 0.82 41.38 59.87
CA GLU JB 115 1.97 40.57 59.54
C GLU JB 115 1.89 40.16 58.07
N ASP JB 116 3.05 39.86 57.51
CA ASP JB 116 3.17 39.47 56.11
C ASP JB 116 3.45 37.97 56.06
N VAL JB 117 2.59 37.23 55.37
CA VAL JB 117 2.69 35.77 55.36
C VAL JB 117 2.91 35.27 53.94
N THR JB 118 3.53 36.09 53.11
CA THR JB 118 3.87 35.67 51.76
C THR JB 118 4.85 34.51 51.81
N PRO JB 119 4.62 33.42 51.07
CA PRO JB 119 5.49 32.22 51.15
C PRO JB 119 6.80 32.31 50.39
N ILE JB 120 7.82 32.90 51.02
CA ILE JB 120 9.15 32.89 50.41
C ILE JB 120 9.75 31.49 50.53
N PRO JB 121 10.32 30.93 49.45
CA PRO JB 121 10.97 29.63 49.55
C PRO JB 121 12.45 29.74 49.89
N SER JB 122 13.03 28.68 50.48
CA SER JB 122 14.49 28.65 50.61
C SER JB 122 15.13 28.62 49.24
N ASP JB 123 14.58 27.84 48.32
CA ASP JB 123 14.64 27.88 46.86
C ASP JB 123 13.63 26.90 46.28
N SER JB 124 12.93 27.36 45.26
CA SER JB 124 11.79 26.66 44.68
C SER JB 124 12.21 26.01 43.37
N THR JB 125 11.23 25.38 42.72
CA THR JB 125 11.45 24.76 41.44
C THR JB 125 11.59 25.82 40.35
N ARG JB 126 12.03 25.37 39.17
CA ARG JB 126 12.29 26.29 38.07
C ARG JB 126 11.03 27.05 37.71
N ARG JB 127 11.20 28.34 37.41
CA ARG JB 127 10.06 29.24 37.24
C ARG JB 127 9.52 29.19 35.82
N LYS JB 128 8.21 29.34 35.70
CA LYS JB 128 7.53 29.44 34.41
C LYS JB 128 8.26 30.39 33.48
N GLY JB 129 8.18 30.09 32.19
CA GLY JB 129 8.78 30.89 31.16
C GLY JB 129 10.08 30.30 30.66
N GLY JB 130 10.50 30.79 29.50
CA GLY JB 130 11.74 30.33 28.92
C GLY JB 130 12.94 30.87 29.66
N ARG JB 131 14.12 30.41 29.21
CA ARG JB 131 15.36 31.02 29.67
C ARG JB 131 15.43 32.48 29.23
N ARG JB 132 14.79 32.82 28.11
CA ARG JB 132 14.74 34.19 27.63
C ARG JB 132 13.61 35.00 28.27
N GLY JB 133 12.81 34.38 29.12
CA GLY JB 133 11.75 35.10 29.80
C GLY JB 133 10.52 35.31 28.94
N ARG JB 134 9.60 36.09 29.49
CA ARG JB 134 8.30 36.36 28.87
C ARG JB 134 8.42 37.65 28.07
N ARG JB 135 8.78 37.51 26.80
CA ARG JB 135 9.13 38.66 25.97
C ARG JB 135 7.94 39.08 25.12
N LEU JB 136 7.65 40.37 25.11
CA LEU JB 136 6.55 40.93 24.35
C LEU JB 136 6.70 42.44 24.17
N PHE KB 1 -54.48 70.87 -43.59
CA PHE KB 1 -54.19 71.43 -42.27
C PHE KB 1 -54.38 72.95 -42.28
N ARG KB 2 -54.22 73.56 -41.11
CA ARG KB 2 -54.46 74.99 -40.98
C ARG KB 2 -53.33 75.79 -41.61
N LYS KB 3 -53.70 76.91 -42.25
CA LYS KB 3 -52.72 77.75 -42.93
C LYS KB 3 -51.76 78.38 -41.92
N PHE KB 4 -50.53 78.59 -42.36
CA PHE KB 4 -49.52 79.21 -41.50
C PHE KB 4 -49.89 80.65 -41.18
N THR KB 5 -49.49 81.08 -39.98
CA THR KB 5 -49.59 82.48 -39.59
C THR KB 5 -48.49 82.77 -38.58
N TYR KB 6 -47.84 83.93 -38.72
CA TYR KB 6 -46.70 84.24 -37.88
C TYR KB 6 -47.12 84.72 -36.49
N ARG KB 7 -47.85 85.82 -36.43
CA ARG KB 7 -48.48 86.24 -35.18
C ARG KB 7 -49.99 86.21 -35.28
N GLY KB 8 -50.57 86.96 -36.22
CA GLY KB 8 -51.99 86.90 -36.50
C GLY KB 8 -52.21 87.10 -37.98
N VAL KB 9 -51.10 87.12 -38.74
CA VAL KB 9 -51.12 87.40 -40.16
C VAL KB 9 -50.40 86.27 -40.88
N ASP KB 10 -50.72 86.12 -42.16
CA ASP KB 10 -50.18 85.07 -42.99
C ASP KB 10 -48.91 85.56 -43.68
N LEU KB 11 -48.09 84.60 -44.13
CA LEU KB 11 -46.84 84.93 -44.82
C LEU KB 11 -47.09 85.77 -46.07
N ASP KB 12 -48.22 85.57 -46.74
CA ASP KB 12 -48.48 86.27 -48.00
C ASP KB 12 -48.47 87.78 -47.82
N GLN KB 13 -49.05 88.29 -46.72
CA GLN KB 13 -48.94 89.72 -46.45
C GLN KB 13 -47.50 90.12 -46.15
N LEU KB 14 -46.72 89.22 -45.56
CA LEU KB 14 -45.39 89.58 -45.07
C LEU KB 14 -44.43 89.97 -46.19
N LEU KB 15 -44.63 89.41 -47.39
CA LEU KB 15 -43.69 89.68 -48.48
C LEU KB 15 -43.69 91.16 -48.86
N ASP KB 16 -44.86 91.79 -48.93
CA ASP KB 16 -44.94 93.22 -49.25
C ASP KB 16 -45.14 94.01 -47.96
N MET KB 17 -44.06 94.12 -47.20
CA MET KB 17 -44.06 94.86 -45.94
C MET KB 17 -42.72 95.57 -45.78
N SER KB 18 -42.74 96.66 -45.02
CA SER KB 18 -41.52 97.37 -44.67
C SER KB 18 -41.01 96.89 -43.31
N TYR KB 19 -39.78 97.30 -42.98
CA TYR KB 19 -39.17 96.88 -41.72
C TYR KB 19 -39.94 97.41 -40.51
N GLU KB 20 -40.34 98.69 -40.55
CA GLU KB 20 -40.93 99.31 -39.37
C GLU KB 20 -42.27 98.69 -38.99
N GLN KB 21 -42.97 98.09 -39.96
CA GLN KB 21 -44.23 97.43 -39.62
C GLN KB 21 -44.01 96.02 -39.09
N LEU KB 22 -42.94 95.34 -39.51
CA LEU KB 22 -42.66 94.00 -39.03
C LEU KB 22 -41.85 93.98 -37.74
N MET KB 23 -41.34 95.13 -37.29
CA MET KB 23 -40.70 95.17 -35.99
C MET KB 23 -41.69 94.91 -34.87
N GLN KB 24 -42.96 95.30 -35.07
CA GLN KB 24 -43.99 95.02 -34.08
C GLN KB 24 -44.32 93.54 -34.01
N LEU KB 25 -43.89 92.74 -34.99
CA LEU KB 25 -44.15 91.31 -34.98
C LEU KB 25 -43.03 90.53 -34.30
N TYR KB 26 -41.78 90.92 -34.52
CA TYR KB 26 -40.66 90.21 -33.95
C TYR KB 26 -40.56 90.44 -32.45
N SER KB 27 -39.77 89.59 -31.79
CA SER KB 27 -39.52 89.70 -30.37
C SER KB 27 -38.51 90.81 -30.09
N ALA KB 28 -38.26 91.06 -28.80
CA ALA KB 28 -37.45 92.21 -28.40
C ALA KB 28 -36.05 92.14 -28.98
N ARG KB 29 -35.41 90.98 -28.91
CA ARG KB 29 -34.08 90.85 -29.48
C ARG KB 29 -34.09 91.01 -30.98
N GLN KB 30 -35.06 90.40 -31.66
CA GLN KB 30 -35.14 90.52 -33.11
C GLN KB 30 -35.57 91.94 -33.52
N ARG KB 31 -36.28 92.63 -32.63
CA ARG KB 31 -36.67 94.01 -32.93
C ARG KB 31 -35.48 94.96 -32.79
N ARG KB 32 -34.66 94.77 -31.75
CA ARG KB 32 -33.52 95.67 -31.53
C ARG KB 32 -32.50 95.55 -32.64
N ARG KB 33 -32.29 94.34 -33.16
CA ARG KB 33 -31.30 94.14 -34.21
C ARG KB 33 -31.65 94.93 -35.47
N LEU KB 34 -32.92 94.91 -35.86
CA LEU KB 34 -33.35 95.74 -36.99
C LEU KB 34 -33.36 97.22 -36.61
N SER KB 35 -33.70 97.53 -35.36
CA SER KB 35 -33.70 98.92 -34.92
C SER KB 35 -32.30 99.54 -35.02
N ARG KB 36 -31.27 98.76 -34.72
CA ARG KB 36 -29.90 99.22 -34.94
C ARG KB 36 -29.49 99.16 -36.39
N GLY KB 37 -30.32 98.59 -37.27
CA GLY KB 37 -30.10 98.66 -38.69
C GLY KB 37 -29.18 97.59 -39.24
N LEU KB 38 -29.59 96.96 -40.34
CA LEU KB 38 -28.72 96.02 -41.04
C LEU KB 38 -27.59 96.77 -41.73
N ARG KB 39 -26.41 96.18 -41.72
CA ARG KB 39 -25.23 96.82 -42.29
C ARG KB 39 -24.93 96.22 -43.65
N ARG KB 40 -23.79 96.62 -44.23
CA ARG KB 40 -23.47 96.23 -45.60
C ARG KB 40 -23.32 94.71 -45.73
N LYS KB 41 -22.66 94.07 -44.77
CA LYS KB 41 -22.37 92.64 -44.89
C LYS KB 41 -23.66 91.82 -44.91
N GLN KB 42 -24.65 92.22 -44.12
CA GLN KB 42 -25.94 91.53 -44.16
C GLN KB 42 -26.68 91.80 -45.47
N HIS KB 43 -26.53 93.02 -46.02
CA HIS KB 43 -27.21 93.35 -47.27
C HIS KB 43 -26.74 92.46 -48.41
N SER KB 44 -25.43 92.21 -48.49
CA SER KB 44 -24.89 91.41 -49.59
C SER KB 44 -25.47 89.99 -49.59
N LEU KB 45 -25.85 89.48 -48.42
CA LEU KB 45 -26.51 88.19 -48.34
C LEU KB 45 -27.89 88.24 -48.98
N LEU KB 46 -28.64 89.31 -48.72
CA LEU KB 46 -30.01 89.41 -49.23
C LEU KB 46 -30.02 89.49 -50.75
N LYS KB 47 -29.11 90.28 -51.33
CA LYS KB 47 -29.11 90.47 -52.77
C LYS KB 47 -28.81 89.18 -53.52
N ARG KB 48 -27.84 88.40 -53.04
CA ARG KB 48 -27.52 87.14 -53.70
C ARG KB 48 -28.66 86.14 -53.58
N LEU KB 49 -29.44 86.21 -52.50
CA LEU KB 49 -30.57 85.30 -52.35
C LEU KB 49 -31.71 85.67 -53.30
N ARG KB 50 -32.04 86.96 -53.39
CA ARG KB 50 -33.09 87.40 -54.31
C ARG KB 50 -32.72 87.08 -55.75
N LYS KB 51 -31.45 87.24 -56.10
CA LYS KB 51 -30.99 86.88 -57.43
C LYS KB 51 -31.20 85.40 -57.71
N ALA KB 52 -30.90 84.54 -56.73
CA ALA KB 52 -31.01 83.11 -56.95
C ALA KB 52 -32.46 82.67 -57.08
N LYS KB 53 -33.35 83.26 -56.28
CA LYS KB 53 -34.74 82.79 -56.25
C LYS KB 53 -35.43 83.02 -57.58
N LYS KB 54 -35.24 84.18 -58.20
CA LYS KB 54 -35.87 84.43 -59.50
C LYS KB 54 -35.15 83.70 -60.63
N GLU KB 55 -33.82 83.62 -60.56
CA GLU KB 55 -33.05 82.95 -61.61
C GLU KB 55 -33.27 81.44 -61.58
N ALA KB 56 -33.82 80.91 -60.49
CA ALA KB 56 -34.00 79.48 -60.36
C ALA KB 56 -35.13 78.99 -61.26
N PRO KB 57 -35.07 77.73 -61.69
CA PRO KB 57 -36.22 77.13 -62.37
C PRO KB 57 -37.42 77.09 -61.46
N PRO KB 58 -38.64 77.20 -62.02
CA PRO KB 58 -39.83 77.36 -61.16
C PRO KB 58 -40.05 76.22 -60.19
N MET KB 59 -40.20 74.98 -60.68
CA MET KB 59 -40.67 73.89 -59.83
C MET KB 59 -39.55 73.05 -59.24
N GLU KB 60 -38.52 73.71 -58.71
CA GLU KB 60 -37.58 73.09 -57.78
C GLU KB 60 -36.76 74.20 -57.13
N LYS KB 61 -35.85 73.79 -56.24
CA LYS KB 61 -35.20 74.71 -55.33
C LYS KB 61 -34.15 75.56 -56.05
N PRO KB 62 -33.82 76.72 -55.50
CA PRO KB 62 -32.76 77.55 -56.08
C PRO KB 62 -31.37 77.02 -55.74
N GLU KB 63 -30.38 77.60 -56.42
CA GLU KB 63 -28.98 77.23 -56.22
C GLU KB 63 -28.52 77.61 -54.81
N VAL KB 64 -27.61 76.81 -54.27
CA VAL KB 64 -27.17 76.98 -52.88
C VAL KB 64 -26.26 78.20 -52.76
N VAL KB 65 -26.41 78.94 -51.67
CA VAL KB 65 -25.57 80.08 -51.36
C VAL KB 65 -24.86 79.80 -50.04
N LYS KB 66 -23.53 79.82 -50.08
CA LYS KB 66 -22.72 79.60 -48.89
C LYS KB 66 -22.34 80.93 -48.25
N THR KB 67 -22.27 80.94 -46.92
CA THR KB 67 -21.99 82.18 -46.21
C THR KB 67 -21.41 81.86 -44.84
N HIS KB 68 -20.74 82.86 -44.27
CA HIS KB 68 -20.26 82.80 -42.89
C HIS KB 68 -21.23 83.40 -41.89
N LEU KB 69 -22.21 84.18 -42.34
CA LEU KB 69 -23.08 84.92 -41.42
C LEU KB 69 -23.99 83.95 -40.68
N ARG KB 70 -23.79 83.86 -39.36
CA ARG KB 70 -24.66 83.08 -38.50
C ARG KB 70 -25.64 83.93 -37.71
N ASP KB 71 -25.30 85.20 -37.48
CA ASP KB 71 -26.19 86.12 -36.77
C ASP KB 71 -27.09 86.87 -37.75
N MET KB 72 -27.76 86.13 -38.62
CA MET KB 72 -28.69 86.69 -39.57
C MET KB 72 -30.11 86.28 -39.19
N ILE KB 73 -30.99 87.28 -39.07
CA ILE KB 73 -32.38 87.00 -38.75
C ILE KB 73 -33.08 86.53 -40.01
N ILE KB 74 -33.79 85.40 -39.92
CA ILE KB 74 -34.58 84.92 -41.05
C ILE KB 74 -35.78 85.84 -41.21
N LEU KB 75 -35.72 86.70 -42.22
CA LEU KB 75 -36.84 87.54 -42.58
C LEU KB 75 -37.83 86.74 -43.42
N PRO KB 76 -39.08 87.22 -43.57
CA PRO KB 76 -40.03 86.50 -44.43
C PRO KB 76 -39.65 86.50 -45.90
N GLU KB 77 -38.60 87.21 -46.29
CA GLU KB 77 -38.24 87.37 -47.70
C GLU KB 77 -37.12 86.43 -48.14
N MET KB 78 -36.75 85.45 -47.32
CA MET KB 78 -35.77 84.44 -47.72
C MET KB 78 -36.33 83.03 -47.69
N VAL KB 79 -37.64 82.86 -47.51
CA VAL KB 79 -38.21 81.53 -47.41
C VAL KB 79 -38.06 80.79 -48.73
N GLY KB 80 -37.89 79.47 -48.65
CA GLY KB 80 -37.79 78.64 -49.82
C GLY KB 80 -36.44 78.64 -50.51
N SER KB 81 -35.37 78.90 -49.78
CA SER KB 81 -34.04 79.05 -50.37
C SER KB 81 -33.06 78.08 -49.73
N MET KB 82 -31.98 77.82 -50.48
CA MET KB 82 -30.81 77.07 -50.02
C MET KB 82 -29.76 78.05 -49.52
N VAL KB 83 -29.35 77.89 -48.27
CA VAL KB 83 -28.28 78.67 -47.69
C VAL KB 83 -27.24 77.70 -47.12
N GLY KB 84 -25.98 77.96 -47.43
CA GLY KB 84 -24.91 77.18 -46.86
C GLY KB 84 -24.31 77.86 -45.63
N VAL KB 85 -24.72 77.42 -44.46
CA VAL KB 85 -24.30 78.08 -43.22
C VAL KB 85 -23.03 77.41 -42.73
N TYR KB 86 -22.13 78.22 -42.19
CA TYR KB 86 -20.82 77.76 -41.77
C TYR KB 86 -20.83 77.39 -40.30
N ASN KB 87 -20.46 76.16 -39.99
CA ASN KB 87 -20.34 75.69 -38.63
C ASN KB 87 -18.94 75.87 -38.07
N GLY KB 88 -18.03 76.46 -38.83
CA GLY KB 88 -16.64 76.57 -38.48
C GLY KB 88 -15.74 75.60 -39.21
N LYS KB 89 -16.30 74.55 -39.81
CA LYS KB 89 -15.50 73.58 -40.55
C LYS KB 89 -16.12 73.26 -41.90
N THR KB 90 -17.44 73.40 -42.02
CA THR KB 90 -18.16 72.94 -43.20
C THR KB 90 -19.42 73.75 -43.37
N PHE KB 91 -19.78 74.03 -44.63
CA PHE KB 91 -21.00 74.75 -44.95
C PHE KB 91 -22.15 73.75 -45.00
N ASN KB 92 -23.02 73.78 -43.99
CA ASN KB 92 -24.15 72.86 -43.95
C ASN KB 92 -25.25 73.28 -44.90
N GLN KB 93 -26.21 72.38 -45.10
CA GLN KB 93 -27.36 72.62 -45.97
C GLN KB 93 -28.59 72.90 -45.11
N VAL KB 94 -29.27 74.00 -45.38
CA VAL KB 94 -30.50 74.35 -44.67
C VAL KB 94 -31.54 74.84 -45.67
N GLU KB 95 -32.78 74.43 -45.46
CA GLU KB 95 -33.93 74.96 -46.17
C GLU KB 95 -34.77 75.79 -45.20
N ILE KB 96 -34.97 77.06 -45.54
CA ILE KB 96 -35.74 77.97 -44.69
C ILE KB 96 -37.21 77.59 -44.83
N LYS KB 97 -37.71 76.83 -43.86
CA LYS KB 97 -39.11 76.49 -43.83
C LYS KB 97 -39.95 77.74 -43.53
N PRO KB 98 -41.22 77.74 -43.92
CA PRO KB 98 -42.04 78.94 -43.72
C PRO KB 98 -42.37 79.21 -42.26
N GLU KB 99 -41.76 78.46 -41.34
CA GLU KB 99 -42.05 78.62 -39.92
C GLU KB 99 -40.90 79.20 -39.12
N MET KB 100 -39.66 79.14 -39.61
CA MET KB 100 -38.50 79.53 -38.84
C MET KB 100 -38.20 81.03 -38.93
N ILE KB 101 -39.20 81.85 -39.27
CA ILE KB 101 -39.02 83.30 -39.22
C ILE KB 101 -38.92 83.74 -37.77
N GLY KB 102 -37.90 84.54 -37.46
CA GLY KB 102 -37.66 85.00 -36.12
C GLY KB 102 -36.48 84.39 -35.41
N HIS KB 103 -35.68 83.56 -36.09
CA HIS KB 103 -34.53 82.92 -35.47
C HIS KB 103 -33.24 83.38 -36.15
N TYR KB 104 -32.13 82.75 -35.80
CA TYR KB 104 -30.84 83.06 -36.39
C TYR KB 104 -30.40 81.93 -37.33
N LEU KB 105 -29.44 82.23 -38.20
CA LEU KB 105 -28.91 81.21 -39.08
C LEU KB 105 -28.06 80.20 -38.34
N GLY KB 106 -27.40 80.62 -37.26
CA GLY KB 106 -26.63 79.70 -36.44
C GLY KB 106 -27.47 78.69 -35.70
N GLU KB 107 -28.78 78.94 -35.59
CA GLU KB 107 -29.67 78.00 -34.90
C GLU KB 107 -29.71 76.65 -35.59
N PHE KB 108 -29.53 76.61 -36.91
CA PHE KB 108 -29.74 75.41 -37.69
C PHE KB 108 -28.45 74.78 -38.18
N SER KB 109 -27.31 75.40 -37.92
CA SER KB 109 -26.00 74.79 -38.19
C SER KB 109 -25.37 74.48 -36.84
N ILE KB 110 -25.10 73.19 -36.61
CA ILE KB 110 -24.64 72.75 -35.30
C ILE KB 110 -23.13 72.90 -35.24
N THR KB 111 -22.64 73.47 -34.14
CA THR KB 111 -21.22 73.80 -33.99
C THR KB 111 -20.39 72.64 -33.46
N TYR KB 112 -21.01 71.49 -33.21
CA TYR KB 112 -20.29 70.34 -32.67
C TYR KB 112 -21.00 69.07 -33.11
N LYS KB 113 -20.42 67.94 -32.74
CA LYS KB 113 -21.12 66.68 -32.88
C LYS KB 113 -21.54 66.18 -31.51
N PRO KB 114 -22.79 65.77 -31.33
CA PRO KB 114 -23.23 65.30 -30.01
C PRO KB 114 -22.38 64.12 -29.54
N VAL KB 115 -22.12 64.09 -28.25
CA VAL KB 115 -21.12 63.19 -27.68
C VAL KB 115 -21.75 61.87 -27.30
N LYS KB 116 -21.09 60.77 -27.68
CA LYS KB 116 -21.43 59.44 -27.22
C LYS KB 116 -20.23 58.91 -26.42
N HIS KB 117 -20.47 58.57 -25.16
CA HIS KB 117 -19.37 58.31 -24.25
C HIS KB 117 -18.86 56.89 -24.36
N GLY KB 118 -17.55 56.74 -24.23
CA GLY KB 118 -16.89 55.47 -24.21
C GLY KB 118 -16.63 55.00 -22.78
N ARG KB 119 -15.56 54.23 -22.62
CA ARG KB 119 -15.17 53.74 -21.31
C ARG KB 119 -13.91 54.46 -20.85
N PRO KB 120 -13.91 55.04 -19.64
CA PRO KB 120 -12.78 55.80 -19.10
C PRO KB 120 -11.47 55.01 -19.05
N GLY LB 1 -29.55 134.77 35.35
CA GLY LB 1 -28.22 134.49 35.86
C GLY LB 1 -27.28 133.94 34.80
N PRO LB 2 -26.06 133.59 35.21
CA PRO LB 2 -25.10 133.03 34.26
C PRO LB 2 -25.57 131.70 33.70
N LEU LB 3 -25.18 131.43 32.45
CA LEU LB 3 -25.51 130.16 31.83
C LEU LB 3 -24.65 129.06 32.40
N GLN LB 4 -25.28 127.93 32.75
CA GLN LB 4 -24.61 126.81 33.40
C GLN LB 4 -24.56 125.67 32.39
N SER LB 5 -23.53 125.66 31.55
CA SER LB 5 -23.46 124.75 30.42
C SER LB 5 -22.23 123.86 30.52
N VAL LB 6 -22.37 122.63 30.02
CA VAL LB 6 -21.24 121.72 29.87
C VAL LB 6 -21.61 120.68 28.81
N GLN LB 7 -20.67 120.41 27.91
CA GLN LB 7 -20.90 119.55 26.75
C GLN LB 7 -19.95 118.37 26.81
N VAL LB 8 -20.48 117.19 27.10
CA VAL LB 8 -19.67 115.99 27.28
C VAL LB 8 -20.09 114.96 26.23
N PHE LB 9 -19.14 114.10 25.84
CA PHE LB 9 -19.39 113.10 24.82
C PHE LB 9 -19.34 111.69 25.40
N GLY LB 10 -19.97 110.76 24.69
CA GLY LB 10 -19.92 109.36 25.05
C GLY LB 10 -19.44 108.53 23.88
N ARG LB 11 -18.85 107.38 24.20
CA ARG LB 11 -18.16 106.57 23.21
C ARG LB 11 -18.62 105.13 23.24
N LYS LB 12 -18.61 104.51 22.07
CA LYS LB 12 -18.84 103.08 21.91
C LYS LB 12 -18.01 102.68 20.70
N LYS LB 13 -18.31 101.53 20.08
CA LYS LB 13 -17.54 101.06 18.92
C LYS LB 13 -17.25 102.18 17.94
N THR LB 14 -18.29 102.79 17.37
CA THR LB 14 -18.10 103.92 16.48
C THR LB 14 -19.07 105.04 16.84
N ALA LB 15 -20.21 104.67 17.44
CA ALA LB 15 -21.22 105.65 17.81
C ALA LB 15 -20.68 106.60 18.85
N THR LB 16 -20.95 107.89 18.68
CA THR LB 16 -20.60 108.92 19.64
C THR LB 16 -21.82 109.76 19.95
N ALA LB 17 -21.93 110.18 21.21
CA ALA LB 17 -23.09 110.92 21.70
C ALA LB 17 -22.60 112.08 22.54
N VAL LB 18 -22.69 113.29 22.00
CA VAL LB 18 -22.32 114.50 22.71
C VAL LB 18 -23.59 115.13 23.28
N ALA LB 19 -23.59 115.39 24.58
CA ALA LB 19 -24.77 115.87 25.29
C ALA LB 19 -24.50 117.25 25.85
N HIS LB 20 -25.37 118.20 25.52
CA HIS LB 20 -25.27 119.57 26.06
C HIS LB 20 -26.20 119.66 27.26
N CYS LB 21 -25.62 119.70 28.46
CA CYS LB 21 -26.37 119.82 29.70
C CYS LB 21 -26.33 121.26 30.17
N LYS LB 22 -27.50 121.89 30.26
CA LYS LB 22 -27.65 123.25 30.75
C LYS LB 22 -28.45 123.23 32.04
N ARG LB 23 -28.73 124.41 32.57
CA ARG LB 23 -29.54 124.56 33.78
C ARG LB 23 -30.98 124.83 33.39
N GLY LB 24 -31.89 123.97 33.83
CA GLY LB 24 -33.29 124.05 33.44
C GLY LB 24 -34.21 123.56 34.52
N ASN LB 25 -35.24 122.80 34.14
CA ASN LB 25 -36.25 122.33 35.07
C ASN LB 25 -36.45 120.81 34.99
N GLY LB 26 -35.46 120.07 34.50
CA GLY LB 26 -35.58 118.63 34.41
C GLY LB 26 -36.09 118.12 33.08
N LEU LB 27 -35.44 118.54 31.99
CA LEU LB 27 -35.77 118.10 30.64
C LEU LB 27 -34.72 117.15 30.13
N ILE LB 28 -35.16 116.07 29.49
CA ILE LB 28 -34.27 115.10 28.85
C ILE LB 28 -34.83 114.78 27.48
N LYS LB 29 -34.00 114.87 26.45
CA LYS LB 29 -34.47 114.69 25.09
C LYS LB 29 -33.29 114.33 24.19
N VAL LB 30 -33.51 113.37 23.29
CA VAL LB 30 -32.47 112.85 22.41
C VAL LB 30 -32.91 113.08 20.97
N ASN LB 31 -32.13 113.85 20.21
CA ASN LB 31 -32.43 114.15 18.81
C ASN LB 31 -33.83 114.74 18.65
N GLY LB 32 -34.30 115.45 19.68
CA GLY LB 32 -35.66 115.95 19.68
C GLY LB 32 -36.69 114.95 20.11
N ARG LB 33 -36.30 113.82 20.68
CA ARG LB 33 -37.21 112.81 21.15
C ARG LB 33 -36.90 112.45 22.59
N PRO LB 34 -37.92 112.09 23.38
CA PRO LB 34 -37.67 111.70 24.77
C PRO LB 34 -37.03 110.32 24.85
N LEU LB 35 -36.55 109.99 26.05
CA LEU LB 35 -35.84 108.72 26.26
C LEU LB 35 -36.74 107.52 25.99
N GLU LB 36 -37.99 107.58 26.42
CA GLU LB 36 -38.87 106.41 26.32
C GLU LB 36 -39.18 106.06 24.88
N MET LB 37 -39.21 107.04 23.99
CA MET LB 37 -39.49 106.80 22.56
C MET LB 37 -38.16 106.78 21.83
N ILE LB 38 -37.41 105.68 22.03
CA ILE LB 38 -36.08 105.51 21.42
C ILE LB 38 -35.99 104.05 20.98
N GLU LB 39 -35.82 103.84 19.68
CA GLU LB 39 -35.74 102.49 19.16
C GLU LB 39 -34.32 101.94 19.30
N PRO LB 40 -34.17 100.65 19.65
CA PRO LB 40 -35.27 99.72 19.95
C PRO LB 40 -35.79 99.90 21.37
N ARG LB 41 -37.09 99.64 21.57
CA ARG LB 41 -37.70 99.84 22.88
C ARG LB 41 -37.36 98.71 23.86
N THR LB 42 -36.95 97.55 23.37
CA THR LB 42 -36.59 96.46 24.28
C THR LB 42 -35.40 96.83 25.14
N LEU LB 43 -34.49 97.65 24.62
CA LEU LB 43 -33.34 98.17 25.38
C LEU LB 43 -33.66 99.53 25.98
N GLN LB 44 -34.74 99.63 26.75
CA GLN LB 44 -35.16 100.91 27.28
C GLN LB 44 -34.60 101.20 28.67
N TYR LB 45 -34.54 100.18 29.53
CA TYR LB 45 -33.95 100.39 30.86
C TYR LB 45 -32.46 100.69 30.80
N LYS LB 46 -31.79 100.39 29.70
CA LYS LB 46 -30.39 100.76 29.57
C LYS LB 46 -30.22 102.28 29.58
N LEU LB 47 -31.13 102.99 28.91
CA LEU LB 47 -31.11 104.45 29.00
C LEU LB 47 -31.55 104.92 30.38
N LEU LB 48 -32.46 104.19 31.03
CA LEU LB 48 -33.05 104.62 32.28
C LEU LB 48 -32.24 104.22 33.50
N GLU LB 49 -31.13 103.50 33.32
CA GLU LB 49 -30.33 103.11 34.49
C GLU LB 49 -29.74 104.31 35.23
N PRO LB 50 -29.08 105.28 34.58
CA PRO LB 50 -28.56 106.42 35.35
C PRO LB 50 -29.64 107.23 36.06
N VAL LB 51 -30.78 107.46 35.41
CA VAL LB 51 -31.82 108.27 36.04
C VAL LB 51 -32.49 107.53 37.19
N LEU LB 52 -32.77 106.23 36.99
CA LEU LB 52 -33.42 105.46 38.06
C LEU LB 52 -32.49 105.26 39.25
N LEU LB 53 -31.20 105.00 38.97
CA LEU LB 53 -30.24 104.80 40.06
C LEU LB 53 -29.92 106.08 40.80
N LEU LB 54 -30.35 107.23 40.30
CA LEU LB 54 -30.11 108.50 40.97
C LEU LB 54 -31.37 109.29 41.28
N GLY LB 55 -32.47 109.04 40.59
CA GLY LB 55 -33.71 109.75 40.84
C GLY LB 55 -33.80 111.04 40.05
N LYS LB 56 -35.03 111.56 39.97
CA LYS LB 56 -35.26 112.80 39.22
C LYS LB 56 -34.80 114.03 39.98
N GLU LB 57 -34.75 113.96 41.31
CA GLU LB 57 -34.33 115.13 42.09
C GLU LB 57 -32.90 115.53 41.77
N ARG LB 58 -32.06 114.57 41.39
CA ARG LB 58 -30.71 114.91 40.96
C ARG LB 58 -30.70 115.46 39.54
N PHE LB 59 -31.60 114.99 38.69
CA PHE LB 59 -31.74 115.53 37.34
C PHE LB 59 -32.62 116.78 37.30
N ALA LB 60 -33.24 117.15 38.40
CA ALA LB 60 -33.97 118.41 38.45
C ALA LB 60 -33.00 119.58 38.38
N GLY LB 61 -33.44 120.64 37.71
CA GLY LB 61 -32.60 121.81 37.55
C GLY LB 61 -31.72 121.80 36.32
N VAL LB 62 -31.70 120.72 35.54
CA VAL LB 62 -30.88 120.64 34.35
C VAL LB 62 -31.72 120.16 33.19
N ASP LB 63 -31.27 120.51 31.99
CA ASP LB 63 -31.81 119.98 30.74
C ASP LB 63 -30.69 119.33 29.97
N ILE LB 64 -30.98 118.18 29.36
CA ILE LB 64 -30.01 117.42 28.59
C ILE LB 64 -30.56 117.24 27.18
N ARG LB 65 -29.73 117.52 26.19
CA ARG LB 65 -30.07 117.27 24.78
C ARG LB 65 -28.91 116.50 24.16
N VAL LB 66 -29.16 115.23 23.81
CA VAL LB 66 -28.13 114.34 23.30
C VAL LB 66 -28.33 114.19 21.80
N ARG LB 67 -27.28 114.45 21.04
CA ARG LB 67 -27.26 114.21 19.60
C ARG LB 67 -26.24 113.12 19.31
N VAL LB 68 -26.58 112.23 18.37
CA VAL LB 68 -25.78 111.05 18.08
C VAL LB 68 -25.51 110.96 16.59
N LYS LB 69 -24.44 110.23 16.25
CA LYS LB 69 -24.06 110.00 14.87
C LYS LB 69 -23.06 108.86 14.84
N GLY LB 70 -23.35 107.83 14.05
CA GLY LB 70 -22.45 106.70 13.90
C GLY LB 70 -22.93 105.48 14.66
N GLY LB 71 -22.15 104.41 14.52
CA GLY LB 71 -22.44 103.17 15.19
C GLY LB 71 -23.71 102.50 14.67
N GLY LB 72 -24.16 101.52 15.44
CA GLY LB 72 -25.37 100.80 15.15
C GLY LB 72 -26.47 101.05 16.16
N HIS LB 73 -27.51 100.23 16.06
CA HIS LB 73 -28.67 100.39 16.94
C HIS LB 73 -28.29 100.20 18.41
N VAL LB 74 -27.63 99.08 18.72
CA VAL LB 74 -27.25 98.81 20.10
C VAL LB 74 -26.07 99.68 20.52
N ALA LB 75 -25.15 99.97 19.60
CA ALA LB 75 -23.98 100.77 19.95
C ALA LB 75 -24.38 102.15 20.42
N GLN LB 76 -25.37 102.77 19.75
CA GLN LB 76 -25.83 104.08 20.19
C GLN LB 76 -26.42 104.01 21.58
N ILE LB 77 -27.21 102.97 21.88
CA ILE LB 77 -27.84 102.83 23.20
C ILE LB 77 -26.79 102.95 24.30
N TYR LB 78 -25.63 102.34 24.10
CA TYR LB 78 -24.56 102.44 25.08
C TYR LB 78 -23.80 103.75 24.99
N ALA LB 79 -24.07 104.58 23.99
CA ALA LB 79 -23.46 105.90 23.92
C ALA LB 79 -24.30 106.95 24.63
N ILE LB 80 -25.62 106.95 24.43
CA ILE LB 80 -26.47 107.86 25.18
C ILE LB 80 -26.35 107.61 26.69
N ARG LB 81 -26.37 106.34 27.09
CA ARG LB 81 -26.15 106.01 28.49
C ARG LB 81 -24.81 106.52 28.99
N GLN LB 82 -23.81 106.60 28.10
CA GLN LB 82 -22.47 107.04 28.49
C GLN LB 82 -22.43 108.54 28.72
N SER LB 83 -23.10 109.30 27.85
CA SER LB 83 -23.01 110.76 27.91
C SER LB 83 -23.79 111.34 29.07
N ILE LB 84 -25.02 110.84 29.30
CA ILE LB 84 -25.86 111.40 30.34
C ILE LB 84 -25.23 111.20 31.71
N SER LB 85 -24.63 110.03 31.93
CA SER LB 85 -23.91 109.81 33.18
C SER LB 85 -22.70 110.73 33.30
N LYS LB 86 -21.94 110.87 32.23
CA LYS LB 86 -20.76 111.73 32.27
C LYS LB 86 -21.15 113.20 32.37
N ALA LB 87 -22.26 113.59 31.74
CA ALA LB 87 -22.70 114.98 31.80
C ALA LB 87 -23.07 115.39 33.22
N LEU LB 88 -23.77 114.51 33.94
CA LEU LB 88 -24.16 114.84 35.31
C LEU LB 88 -22.94 114.99 36.21
N VAL LB 89 -21.93 114.13 36.02
CA VAL LB 89 -20.72 114.22 36.81
C VAL LB 89 -19.96 115.51 36.49
N ALA LB 90 -19.81 115.82 35.21
CA ALA LB 90 -19.09 117.02 34.81
C ALA LB 90 -19.86 118.30 35.15
N TYR LB 91 -21.15 118.19 35.45
CA TYR LB 91 -21.90 119.36 35.92
C TYR LB 91 -21.63 119.61 37.40
N TYR LB 92 -21.88 118.59 38.24
CA TYR LB 92 -21.69 118.74 39.67
C TYR LB 92 -20.23 119.01 40.03
N GLN LB 93 -19.30 118.76 39.12
CA GLN LB 93 -17.90 119.04 39.38
C GLN LB 93 -17.62 120.53 39.31
N LYS LB 94 -18.17 121.22 38.31
CA LYS LB 94 -17.81 122.59 38.03
C LYS LB 94 -18.75 123.63 38.64
N TYR LB 95 -20.04 123.32 38.76
CA TYR LB 95 -21.00 124.28 39.27
C TYR LB 95 -21.57 123.91 40.62
N VAL LB 96 -21.24 122.72 41.13
CA VAL LB 96 -21.65 122.28 42.45
C VAL LB 96 -20.37 121.83 43.16
N ASP LB 97 -20.44 121.75 44.48
CA ASP LB 97 -19.23 121.47 45.24
C ASP LB 97 -18.77 120.02 45.01
N GLU LB 98 -17.52 119.76 45.38
CA GLU LB 98 -16.91 118.44 45.19
C GLU LB 98 -17.64 117.36 45.98
N ALA LB 99 -18.21 117.71 47.13
CA ALA LB 99 -18.87 116.70 47.97
C ALA LB 99 -20.09 116.09 47.28
N SER LB 100 -20.59 116.71 46.21
CA SER LB 100 -21.73 116.17 45.48
C SER LB 100 -21.32 115.25 44.34
N LYS LB 101 -20.13 115.44 43.78
CA LYS LB 101 -19.68 114.56 42.71
C LYS LB 101 -19.26 113.19 43.22
N LYS LB 102 -18.70 113.14 44.43
CA LYS LB 102 -18.10 111.90 44.93
C LYS LB 102 -19.14 110.80 45.07
N GLU LB 103 -20.17 111.02 45.89
CA GLU LB 103 -21.15 109.97 46.11
C GLU LB 103 -21.92 109.64 44.84
N ILE LB 104 -22.03 110.60 43.91
CA ILE LB 104 -22.57 110.29 42.58
C ILE LB 104 -21.67 109.31 41.86
N LYS LB 105 -20.37 109.58 41.87
CA LYS LB 105 -19.42 108.74 41.15
C LYS LB 105 -19.31 107.36 41.78
N ASP LB 106 -19.44 107.27 43.10
CA ASP LB 106 -19.46 105.96 43.75
C ASP LB 106 -20.63 105.13 43.25
N ILE LB 107 -21.83 105.74 43.22
CA ILE LB 107 -23.03 105.00 42.85
C ILE LB 107 -22.91 104.47 41.42
N LEU LB 108 -22.45 105.31 40.51
CA LEU LB 108 -22.40 104.92 39.10
C LEU LB 108 -21.42 103.77 38.87
N ILE LB 109 -20.24 103.84 39.48
CA ILE LB 109 -19.22 102.83 39.21
C ILE LB 109 -19.62 101.47 39.77
N GLN LB 110 -20.10 101.43 41.01
CA GLN LB 110 -20.41 100.15 41.63
C GLN LB 110 -21.55 99.41 40.93
N TYR LB 111 -22.32 100.10 40.09
CA TYR LB 111 -23.28 99.41 39.24
C TYR LB 111 -22.60 98.81 38.02
N ASP LB 112 -21.73 99.58 37.38
CA ASP LB 112 -20.92 99.11 36.27
C ASP LB 112 -19.85 100.15 35.96
N ARG LB 113 -18.62 99.68 35.76
CA ARG LB 113 -17.51 100.61 35.49
C ARG LB 113 -17.71 101.31 34.16
N THR LB 114 -18.21 100.60 33.15
CA THR LB 114 -18.29 101.15 31.80
C THR LB 114 -19.31 102.26 31.65
N LEU LB 115 -19.92 102.73 32.74
CA LEU LB 115 -20.88 103.82 32.65
C LEU LB 115 -20.21 105.18 32.70
N LEU LB 116 -18.92 105.24 33.06
CA LEU LB 116 -18.16 106.48 33.03
C LEU LB 116 -16.81 106.35 32.34
N VAL LB 117 -16.41 105.16 31.94
CA VAL LB 117 -15.15 104.94 31.23
C VAL LB 117 -15.44 104.21 29.93
N ALA LB 118 -14.84 104.69 28.84
CA ALA LB 118 -15.14 104.17 27.52
C ALA LB 118 -14.60 102.75 27.35
N ASP LB 119 -15.16 102.04 26.37
CA ASP LB 119 -14.76 100.68 26.07
C ASP LB 119 -13.78 100.69 24.92
N PRO LB 120 -12.54 100.20 25.11
CA PRO LB 120 -11.53 100.30 24.05
C PRO LB 120 -11.69 99.31 22.91
N ARG LB 121 -12.58 98.33 23.02
CA ARG LB 121 -12.70 97.31 21.98
C ARG LB 121 -13.13 97.92 20.65
N ARG LB 122 -12.41 97.57 19.58
CA ARG LB 122 -12.73 98.00 18.23
C ARG LB 122 -12.55 96.83 17.29
N CYS LB 123 -13.29 96.85 16.18
CA CYS LB 123 -13.12 95.83 15.16
C CYS LB 123 -11.70 95.87 14.62
N GLU LB 124 -11.14 94.70 14.34
CA GLU LB 124 -9.78 94.59 13.84
C GLU LB 124 -9.79 94.15 12.38
N SER LB 125 -8.73 94.48 11.68
CA SER LB 125 -8.68 94.36 10.23
C SER LB 125 -8.74 92.89 9.80
N LYS LB 126 -8.99 92.68 8.51
CA LYS LB 126 -9.10 91.35 7.93
C LYS LB 126 -7.84 91.04 7.14
N LYS LB 127 -7.29 89.85 7.37
CA LYS LB 127 -6.08 89.42 6.68
C LYS LB 127 -6.43 88.59 5.47
N PHE LB 128 -5.55 88.61 4.48
CA PHE LB 128 -5.75 87.80 3.29
C PHE LB 128 -5.60 86.33 3.64
N GLY LB 129 -6.36 85.50 2.93
CA GLY LB 129 -6.38 84.08 3.19
C GLY LB 129 -7.47 83.63 4.16
N GLY LB 130 -8.40 84.50 4.51
CA GLY LB 130 -9.48 84.14 5.38
C GLY LB 130 -10.67 85.07 5.23
N PRO LB 131 -11.87 84.57 5.53
CA PRO LB 131 -13.06 85.43 5.45
C PRO LB 131 -13.14 86.48 6.54
N GLY LB 132 -12.28 86.41 7.54
CA GLY LB 132 -12.32 87.38 8.63
C GLY LB 132 -10.97 87.67 9.22
N ALA LB 133 -10.97 88.27 10.42
CA ALA LB 133 -9.71 88.64 11.06
C ALA LB 133 -8.88 87.40 11.39
N ARG LB 134 -9.52 86.35 11.88
CA ARG LB 134 -8.79 85.15 12.32
C ARG LB 134 -9.23 83.86 11.64
N ALA LB 135 -10.42 83.82 11.04
CA ALA LB 135 -10.84 82.63 10.32
C ALA LB 135 -9.98 82.44 9.08
N ARG LB 136 -9.91 81.19 8.61
CA ARG LB 136 -9.10 80.84 7.46
C ARG LB 136 -9.91 79.96 6.51
N TYR LB 137 -9.54 79.98 5.24
CA TYR LB 137 -10.22 79.17 4.24
C TYR LB 137 -9.88 77.70 4.42
N GLN LB 138 -10.78 76.84 3.94
CA GLN LB 138 -10.66 75.41 4.18
C GLN LB 138 -9.45 74.82 3.48
N LYS LB 139 -8.68 74.01 4.20
CA LYS LB 139 -7.59 73.27 3.60
C LYS LB 139 -8.12 72.10 2.78
N SER LB 140 -7.40 71.79 1.70
CA SER LB 140 -7.86 70.85 0.69
C SER LB 140 -6.75 69.87 0.32
N TYR LB 141 -6.17 69.23 1.35
CA TYR LB 141 -5.07 68.28 1.17
C TYR LB 141 -5.23 67.40 -0.06
N ARG LB 142 -6.38 66.78 -0.23
CA ARG LB 142 -6.64 65.97 -1.41
C ARG LB 142 -7.97 66.34 -2.05
N GLY MB 1 6.17 88.25 29.27
CA GLY MB 1 7.60 88.09 29.17
C GLY MB 1 8.34 89.40 29.16
N ARG MB 2 8.52 89.99 30.35
CA ARG MB 2 9.20 91.28 30.49
C ARG MB 2 10.65 91.04 30.88
N VAL MB 3 11.45 90.62 29.91
CA VAL MB 3 12.87 90.34 30.11
C VAL MB 3 13.65 91.43 29.39
N ARG MB 4 14.55 92.10 30.11
CA ARG MB 4 15.32 93.20 29.56
C ARG MB 4 16.41 92.66 28.66
N THR MB 5 16.45 93.14 27.41
CA THR MB 5 17.50 92.74 26.49
C THR MB 5 18.81 93.44 26.85
N LYS MB 6 19.92 92.89 26.34
CA LYS MB 6 21.22 93.39 26.73
C LYS MB 6 21.41 94.85 26.35
N THR MB 7 20.74 95.32 25.30
CA THR MB 7 20.85 96.73 24.93
C THR MB 7 20.29 97.63 26.02
N VAL MB 8 19.14 97.27 26.59
CA VAL MB 8 18.57 98.04 27.67
C VAL MB 8 19.41 97.88 28.94
N LYS MB 9 19.89 96.66 29.20
CA LYS MB 9 20.65 96.42 30.42
C LYS MB 9 22.02 97.08 30.37
N LYS MB 10 22.68 97.09 29.21
CA LYS MB 10 24.02 97.65 29.13
C LYS MB 10 24.02 99.16 29.32
N ALA MB 11 23.07 99.85 28.71
CA ALA MB 11 23.00 101.30 28.88
C ALA MB 11 22.73 101.68 30.33
N ALA MB 12 21.83 100.94 30.99
CA ALA MB 12 21.57 101.19 32.40
C ALA MB 12 22.81 100.93 33.25
N ARG MB 13 23.58 99.88 32.92
CA ARG MB 13 24.77 99.57 33.69
C ARG MB 13 25.92 100.52 33.40
N VAL MB 14 25.83 101.32 32.35
CA VAL MB 14 26.84 102.35 32.08
C VAL MB 14 26.42 103.71 32.61
N ILE MB 15 25.15 104.07 32.45
CA ILE MB 15 24.66 105.35 32.94
C ILE MB 15 24.82 105.45 34.45
N ILE MB 16 24.59 104.34 35.15
CA ILE MB 16 24.37 104.39 36.59
C ILE MB 16 25.63 104.81 37.36
N GLU MB 17 26.82 104.40 36.92
CA GLU MB 17 28.01 104.78 37.67
C GLU MB 17 28.48 106.17 37.28
N LYS MB 18 28.21 106.60 36.05
CA LYS MB 18 28.65 107.93 35.62
C LYS MB 18 27.80 109.03 36.24
N TYR MB 19 26.57 108.71 36.65
CA TYR MB 19 25.68 109.73 37.20
C TYR MB 19 24.92 109.22 38.41
N TYR MB 20 25.58 108.43 39.26
CA TYR MB 20 24.92 107.89 40.45
C TYR MB 20 24.43 108.99 41.37
N THR MB 21 25.14 110.12 41.41
CA THR MB 21 24.71 111.24 42.25
C THR MB 21 23.41 111.86 41.75
N ARG MB 22 23.24 111.92 40.43
CA ARG MB 22 22.04 112.54 39.87
C ARG MB 22 20.85 111.58 39.88
N LEU MB 23 21.05 110.35 39.43
CA LEU MB 23 19.97 109.37 39.39
C LEU MB 23 19.44 109.10 40.79
N GLY MB 24 18.12 109.00 40.90
CA GLY MB 24 17.49 108.91 42.21
C GLY MB 24 16.74 107.63 42.48
N ASN MB 25 15.46 107.77 42.82
CA ASN MB 25 14.65 106.65 43.30
C ASN MB 25 13.36 106.47 42.52
N ASP MB 26 12.74 107.55 42.06
CA ASP MB 26 11.48 107.45 41.33
C ASP MB 26 11.71 107.35 39.83
N PHE MB 27 10.72 106.78 39.15
CA PHE MB 27 10.86 106.53 37.71
C PHE MB 27 10.68 107.79 36.87
N HIS MB 28 9.82 108.72 37.29
CA HIS MB 28 9.50 109.85 36.45
C HIS MB 28 10.59 110.91 36.44
N THR MB 29 11.27 111.13 37.57
CA THR MB 29 12.32 112.14 37.60
C THR MB 29 13.52 111.71 36.79
N ASN MB 30 14.00 110.48 36.99
CA ASN MB 30 15.15 110.01 36.23
C ASN MB 30 14.79 109.62 34.81
N LYS MB 31 13.51 109.54 34.48
CA LYS MB 31 13.11 109.54 33.07
C LYS MB 31 13.52 110.83 32.39
N ARG MB 32 13.43 111.95 33.11
CA ARG MB 32 13.88 113.23 32.59
C ARG MB 32 15.39 113.34 32.58
N VAL MB 33 16.08 112.63 33.49
CA VAL MB 33 17.53 112.65 33.49
C VAL MB 33 18.08 112.08 32.20
N CYS MB 34 17.59 110.89 31.82
CA CYS MB 34 18.19 110.15 30.72
C CYS MB 34 17.98 110.85 29.38
N GLU MB 35 16.88 111.60 29.24
CA GLU MB 35 16.54 112.14 27.93
C GLU MB 35 17.61 113.09 27.41
N GLU MB 36 18.21 113.88 28.29
CA GLU MB 36 19.21 114.85 27.87
C GLU MB 36 20.63 114.35 28.12
N ILE MB 37 20.84 113.51 29.13
CA ILE MB 37 22.19 113.10 29.49
C ILE MB 37 22.70 112.02 28.54
N ALA MB 38 21.83 111.41 27.75
CA ALA MB 38 22.22 110.42 26.76
C ALA MB 38 21.18 110.43 25.65
N ILE MB 39 21.63 110.29 24.41
CA ILE MB 39 20.71 110.33 23.28
C ILE MB 39 20.03 108.97 23.15
N ILE MB 40 18.70 108.98 23.21
CA ILE MB 40 17.91 107.76 23.11
C ILE MB 40 17.08 107.86 21.82
N PRO MB 41 17.23 106.93 20.88
CA PRO MB 41 16.54 107.07 19.60
C PRO MB 41 15.03 107.01 19.69
N SER MB 42 14.46 106.51 20.78
CA SER MB 42 13.01 106.37 20.85
C SER MB 42 12.54 106.48 22.28
N LYS MB 43 11.27 106.87 22.44
CA LYS MB 43 10.68 107.00 23.76
C LYS MB 43 10.58 105.65 24.46
N LYS MB 44 10.07 104.63 23.75
CA LYS MB 44 9.78 103.35 24.39
C LYS MB 44 11.05 102.71 24.94
N LEU MB 45 12.18 102.93 24.27
CA LEU MB 45 13.45 102.44 24.77
C LEU MB 45 13.98 103.28 25.92
N ARG MB 46 13.70 104.59 25.92
CA ARG MB 46 14.09 105.43 27.04
C ARG MB 46 13.36 105.02 28.31
N ASN MB 47 12.07 104.70 28.21
CA ASN MB 47 11.31 104.30 29.39
C ASN MB 47 11.86 103.00 29.98
N LYS MB 48 12.24 102.06 29.12
CA LYS MB 48 12.77 100.78 29.62
C LYS MB 48 14.12 100.96 30.29
N ILE MB 49 14.97 101.82 29.73
CA ILE MB 49 16.26 102.10 30.37
C ILE MB 49 16.05 102.78 31.71
N ALA MB 50 15.20 103.81 31.74
CA ALA MB 50 14.96 104.55 32.97
C ALA MB 50 14.31 103.65 34.02
N GLY MB 51 13.42 102.75 33.59
CA GLY MB 51 12.77 101.86 34.54
C GLY MB 51 13.75 100.89 35.18
N TYR MB 52 14.67 100.34 34.38
CA TYR MB 52 15.66 99.42 34.92
C TYR MB 52 16.63 100.13 35.87
N VAL MB 53 17.02 101.37 35.54
CA VAL MB 53 17.87 102.14 36.43
C VAL MB 53 17.21 102.33 37.78
N THR MB 54 15.89 102.59 37.77
CA THR MB 54 15.16 102.71 39.03
C THR MB 54 15.23 101.41 39.82
N HIS MB 55 15.06 100.28 39.15
CA HIS MB 55 15.15 98.99 39.82
C HIS MB 55 16.56 98.74 40.35
N LEU MB 56 17.58 99.18 39.60
CA LEU MB 56 18.96 98.93 39.99
C LEU MB 56 19.33 99.68 41.26
N MET MB 57 18.81 100.89 41.44
CA MET MB 57 19.16 101.70 42.60
C MET MB 57 18.76 101.00 43.90
N LYS MB 58 17.57 100.42 43.93
CA LYS MB 58 17.11 99.75 45.14
C LYS MB 58 18.00 98.59 45.52
N ARG MB 59 18.53 97.89 44.53
CA ARG MB 59 19.50 96.83 44.80
C ARG MB 59 20.79 97.40 45.38
N ILE MB 60 21.22 98.57 44.90
CA ILE MB 60 22.47 99.16 45.35
C ILE MB 60 22.40 99.51 46.84
N GLN MB 61 21.22 99.94 47.29
CA GLN MB 61 21.08 100.40 48.67
C GLN MB 61 21.37 99.28 49.66
N ARG MB 62 20.86 98.07 49.39
CA ARG MB 62 21.03 96.97 50.34
C ARG MB 62 22.48 96.49 50.38
N GLY MB 63 23.11 96.36 49.21
CA GLY MB 63 24.47 95.87 49.13
C GLY MB 63 25.09 96.11 47.77
N PRO MB 64 26.42 96.03 47.71
CA PRO MB 64 27.12 96.28 46.43
C PRO MB 64 26.67 95.31 45.35
N VAL MB 65 26.56 95.83 44.13
CA VAL MB 65 26.19 95.04 42.97
C VAL MB 65 27.47 94.64 42.24
N ARG MB 66 27.57 93.36 41.86
CA ARG MB 66 28.80 92.85 41.28
C ARG MB 66 29.10 93.46 39.92
N GLY MB 67 28.07 93.85 39.17
CA GLY MB 67 28.30 94.39 37.84
C GLY MB 67 28.72 95.83 37.81
N ILE MB 68 28.30 96.63 38.79
CA ILE MB 68 28.49 98.07 38.76
C ILE MB 68 29.39 98.48 39.92
N SER MB 69 30.33 99.39 39.63
CA SER MB 69 31.23 99.94 40.64
C SER MB 69 30.86 101.41 40.86
N ILE MB 70 29.96 101.66 41.80
CA ILE MB 70 29.60 103.02 42.19
C ILE MB 70 30.79 103.65 42.89
N LYS MB 71 31.13 104.88 42.52
CA LYS MB 71 32.33 105.53 43.03
C LYS MB 71 32.34 105.68 44.55
N LEU MB 72 31.18 105.67 45.20
CA LEU MB 72 31.13 105.79 46.65
C LEU MB 72 31.34 104.48 47.38
N GLN MB 73 31.23 103.33 46.70
CA GLN MB 73 31.24 102.06 47.43
C GLN MB 73 32.60 101.37 47.43
N GLU MB 74 33.42 101.53 46.39
CA GLU MB 74 34.75 100.90 46.45
C GLU MB 74 35.66 101.65 47.38
N GLU MB 75 35.45 102.96 47.54
CA GLU MB 75 36.20 103.75 48.49
C GLU MB 75 35.88 103.36 49.93
N GLU MB 76 34.76 102.68 50.15
CA GLU MB 76 34.47 102.07 51.44
C GLU MB 76 35.25 100.77 51.64
N ARG MB 77 35.60 100.09 50.55
CA ARG MB 77 36.38 98.87 50.68
C ARG MB 77 37.80 99.16 51.16
N GLU MB 78 38.36 100.31 50.78
CA GLU MB 78 39.73 100.61 51.17
C GLU MB 78 39.86 100.71 52.69
N ARG MB 79 38.87 101.31 53.36
CA ARG MB 79 38.93 101.36 54.82
C ARG MB 79 38.56 100.00 55.43
N ARG MB 80 37.82 99.18 54.71
CA ARG MB 80 37.60 97.81 55.15
C ARG MB 80 38.82 96.94 54.91
N ASP MB 81 39.63 97.27 53.90
CA ASP MB 81 40.76 96.44 53.54
C ASP MB 81 42.05 96.90 54.22
N ASN MB 82 42.20 98.20 54.46
CA ASN MB 82 43.39 98.71 55.14
C ASN MB 82 43.28 98.65 56.66
N TYR MB 83 42.19 98.08 57.19
CA TYR MB 83 42.06 97.94 58.63
C TYR MB 83 43.13 97.04 59.21
N VAL MB 84 43.76 97.50 60.28
CA VAL MB 84 44.71 96.69 61.05
C VAL MB 84 44.38 96.84 62.53
N PRO MB 85 44.43 95.78 63.32
CA PRO MB 85 44.16 95.92 64.76
C PRO MB 85 45.31 96.58 65.50
N GLU MB 86 45.13 96.77 66.82
CA GLU MB 86 46.15 97.39 67.66
C GLU MB 86 47.04 96.38 68.35
N VAL MB 87 46.54 95.18 68.63
CA VAL MB 87 47.32 94.10 69.20
C VAL MB 87 47.27 92.93 68.23
N SER MB 88 48.44 92.35 67.93
CA SER MB 88 48.53 91.31 66.92
C SER MB 88 47.77 90.06 67.35
N ALA MB 89 46.99 89.49 66.43
CA ALA MB 89 46.31 88.23 66.68
C ALA MB 89 47.28 87.06 66.78
N LEU MB 90 48.54 87.26 66.39
CA LEU MB 90 49.56 86.24 66.46
C LEU MB 90 50.39 86.30 67.74
N ASP MB 91 50.08 87.24 68.65
CA ASP MB 91 50.80 87.38 69.89
C ASP MB 91 50.00 86.70 70.99
N GLN MB 92 50.60 85.70 71.62
CA GLN MB 92 49.99 84.98 72.73
C GLN MB 92 51.03 84.78 73.82
N GLU MB 93 50.62 84.99 75.07
CA GLU MB 93 51.50 84.71 76.20
C GLU MB 93 51.61 83.21 76.50
N ILE MB 94 50.74 82.40 75.92
CA ILE MB 94 50.87 80.95 75.97
C ILE MB 94 50.28 80.37 74.68
N ILE MB 95 50.90 79.33 74.15
CA ILE MB 95 50.47 78.70 72.91
C ILE MB 95 50.40 77.19 73.11
N GLU MB 96 49.40 76.56 72.50
CA GLU MB 96 49.20 75.12 72.60
C GLU MB 96 50.21 74.42 71.69
N VAL MB 97 51.06 73.58 72.28
CA VAL MB 97 52.11 72.89 71.53
C VAL MB 97 52.04 71.39 71.81
N ASP MB 98 51.96 70.61 70.75
CA ASP MB 98 52.09 69.17 70.82
C ASP MB 98 53.55 68.76 71.04
N PRO MB 99 53.79 67.64 71.74
CA PRO MB 99 55.17 67.28 72.11
C PRO MB 99 56.09 67.06 70.92
N ASP MB 100 55.59 66.50 69.83
CA ASP MB 100 56.47 66.13 68.73
C ASP MB 100 57.10 67.35 68.07
N THR MB 101 56.32 68.44 67.90
CA THR MB 101 56.91 69.67 67.36
C THR MB 101 57.92 70.27 68.31
N LYS MB 102 57.73 70.09 69.62
CA LYS MB 102 58.75 70.49 70.57
C LYS MB 102 60.06 69.75 70.31
N GLU MB 103 59.97 68.52 69.81
CA GLU MB 103 61.17 67.82 69.35
C GLU MB 103 61.62 68.35 67.99
N MET MB 104 60.67 68.71 67.12
CA MET MB 104 61.04 69.36 65.87
C MET MB 104 61.77 70.67 66.14
N LEU MB 105 61.29 71.42 67.12
CA LEU MB 105 62.00 72.62 67.56
C LEU MB 105 63.33 72.26 68.20
N LYS MB 106 63.39 71.14 68.94
CA LYS MB 106 64.61 70.75 69.62
C LYS MB 106 65.73 70.44 68.62
N LEU MB 107 65.39 69.82 67.49
CA LEU MB 107 66.39 69.60 66.45
C LEU MB 107 66.93 70.92 65.92
N LEU MB 108 66.09 71.95 65.88
CA LEU MB 108 66.57 73.29 65.58
C LEU MB 108 67.31 73.87 66.79
N ASP MB 109 67.83 75.08 66.62
CA ASP MB 109 68.46 75.78 67.74
C ASP MB 109 67.46 76.34 68.73
N PHE MB 110 66.17 76.14 68.49
CA PHE MB 110 65.12 76.66 69.37
C PHE MB 110 64.68 75.56 70.33
N GLY MB 111 65.62 75.16 71.18
CA GLY MB 111 65.37 74.05 72.09
C GLY MB 111 64.25 74.33 73.08
N SER MB 112 64.19 75.56 73.58
CA SER MB 112 63.17 75.93 74.57
C SER MB 112 62.82 77.40 74.38
N LEU MB 113 61.64 77.66 73.83
CA LEU MB 113 61.11 79.01 73.77
C LEU MB 113 60.52 79.39 75.12
N SER MB 114 60.25 80.69 75.29
CA SER MB 114 59.74 81.17 76.57
C SER MB 114 58.27 80.79 76.77
N ASN MB 115 57.45 80.94 75.75
CA ASN MB 115 56.00 80.84 75.88
C ASN MB 115 55.43 79.59 75.21
N LEU MB 116 56.14 78.47 75.34
CA LEU MB 116 55.64 77.19 74.87
C LEU MB 116 54.81 76.52 75.97
N GLN MB 117 54.02 75.53 75.57
CA GLN MB 117 53.22 74.77 76.53
C GLN MB 117 52.95 73.39 75.96
N VAL MB 118 53.43 72.35 76.64
CA VAL MB 118 53.28 70.99 76.17
C VAL MB 118 51.84 70.52 76.41
N THR MB 119 51.23 69.97 75.37
CA THR MB 119 49.88 69.43 75.43
C THR MB 119 49.92 67.95 75.08
N GLN MB 120 49.07 67.17 75.73
CA GLN MB 120 49.09 65.73 75.56
C GLN MB 120 48.53 65.35 74.19
N PRO MB 121 49.24 64.56 73.40
CA PRO MB 121 48.67 64.11 72.13
C PRO MB 121 47.51 63.16 72.36
N THR MB 122 46.59 63.15 71.40
CA THR MB 122 45.36 62.37 71.55
C THR MB 122 45.66 60.88 71.59
N VAL MB 123 44.87 60.16 72.36
CA VAL MB 123 45.00 58.70 72.53
C VAL MB 123 43.95 58.03 71.69
N GLY MB 124 44.37 57.08 70.86
CA GLY MB 124 43.48 56.45 69.90
C GLY MB 124 43.53 57.14 68.55
N MET MB 125 44.00 56.43 67.53
CA MET MB 125 44.18 57.02 66.20
C MET MB 125 42.85 56.99 65.43
N ASN MB 126 41.89 57.77 65.93
CA ASN MB 126 40.57 57.87 65.33
C ASN MB 126 40.54 59.13 64.48
N PHE MB 127 41.12 59.04 63.29
CA PHE MB 127 41.18 60.17 62.37
C PHE MB 127 40.75 59.85 60.95
N LYS MB 128 40.37 58.61 60.66
CA LYS MB 128 39.85 58.22 59.36
C LYS MB 128 38.34 58.10 59.43
N THR MB 129 37.65 58.61 58.41
CA THR MB 129 36.21 58.48 58.36
C THR MB 129 35.82 57.03 58.13
N PRO MB 130 34.72 56.57 58.74
CA PRO MB 130 34.29 55.18 58.55
C PRO MB 130 33.94 54.90 57.09
N ARG MB 131 34.19 53.66 56.67
CA ARG MB 131 33.91 53.23 55.32
C ARG MB 131 32.51 52.65 55.23
N GLY MB 132 31.81 52.99 54.15
CA GLY MB 132 30.45 52.51 53.93
C GLY MB 132 29.87 52.91 52.60
N SER NB 1 -69.66 82.31 13.10
CA SER NB 1 -68.35 82.89 12.93
C SER NB 1 -67.28 81.81 12.75
N LEU NB 2 -66.80 81.28 13.86
CA LEU NB 2 -65.76 80.26 13.86
C LEU NB 2 -66.32 78.85 13.83
N VAL NB 3 -67.61 78.69 13.55
CA VAL NB 3 -68.26 77.38 13.50
C VAL NB 3 -68.35 76.95 12.04
N ILE NB 4 -68.12 75.67 11.81
CA ILE NB 4 -68.05 75.16 10.43
C ILE NB 4 -69.41 75.37 9.75
N PRO NB 5 -69.46 76.00 8.58
CA PRO NB 5 -70.74 76.17 7.90
C PRO NB 5 -71.26 74.83 7.39
N GLU NB 6 -72.58 74.76 7.23
CA GLU NB 6 -73.22 73.55 6.74
C GLU NB 6 -72.97 73.32 5.26
N LYS NB 7 -72.63 74.36 4.50
CA LYS NB 7 -72.36 74.25 3.08
C LYS NB 7 -70.88 74.08 2.77
N PHE NB 8 -70.02 74.06 3.80
CA PHE NB 8 -68.59 73.94 3.60
C PHE NB 8 -68.25 72.69 2.79
N GLN NB 9 -67.51 72.89 1.71
CA GLN NB 9 -67.14 71.82 0.80
C GLN NB 9 -65.64 71.59 0.91
N HIS NB 10 -65.26 70.38 1.34
CA HIS NB 10 -63.85 70.11 1.64
C HIS NB 10 -63.00 70.12 0.38
N ILE NB 11 -63.56 69.67 -0.74
CA ILE NB 11 -62.88 69.72 -2.02
C ILE NB 11 -63.79 70.39 -3.04
N LEU NB 12 -63.30 71.43 -3.69
CA LEU NB 12 -63.97 72.07 -4.80
C LEU NB 12 -63.36 71.59 -6.11
N ARG NB 13 -64.19 71.47 -7.13
CA ARG NB 13 -63.78 70.99 -8.45
C ARG NB 13 -63.91 72.14 -9.43
N VAL NB 14 -62.80 72.79 -9.75
CA VAL NB 14 -62.77 73.85 -10.75
C VAL NB 14 -61.73 73.48 -11.81
N LEU NB 15 -62.13 73.61 -13.08
CA LEU NB 15 -61.24 73.38 -14.21
C LEU NB 15 -60.60 71.99 -14.15
N ASN NB 16 -61.40 71.00 -13.79
CA ASN NB 16 -60.95 69.60 -13.71
C ASN NB 16 -59.72 69.46 -12.82
N THR NB 17 -59.81 70.05 -11.63
CA THR NB 17 -58.72 70.01 -10.66
C THR NB 17 -59.32 70.13 -9.26
N ASN NB 18 -58.78 69.35 -8.33
CA ASN NB 18 -59.23 69.41 -6.95
C ASN NB 18 -58.65 70.61 -6.24
N ILE NB 19 -59.47 71.29 -5.45
CA ILE NB 19 -59.06 72.45 -4.66
C ILE NB 19 -59.30 72.14 -3.20
N ASP NB 20 -58.30 72.39 -2.37
CA ASP NB 20 -58.41 72.14 -0.93
C ASP NB 20 -59.28 73.22 -0.29
N GLY NB 21 -60.45 72.83 0.20
CA GLY NB 21 -61.33 73.79 0.84
C GLY NB 21 -60.83 74.29 2.18
N ARG NB 22 -60.00 73.51 2.86
CA ARG NB 22 -59.49 73.90 4.16
C ARG NB 22 -58.46 75.03 4.08
N ARG NB 23 -58.00 75.37 2.88
CA ARG NB 23 -56.98 76.38 2.70
C ARG NB 23 -57.61 77.75 2.46
N LYS NB 24 -56.82 78.79 2.66
CA LYS NB 24 -57.25 80.14 2.30
C LYS NB 24 -57.49 80.21 0.80
N ILE NB 25 -58.46 81.04 0.42
CA ILE NB 25 -58.92 81.05 -0.97
C ILE NB 25 -57.82 81.52 -1.91
N ALA NB 26 -57.03 82.50 -1.48
CA ALA NB 26 -56.00 83.05 -2.36
C ALA NB 26 -54.98 82.01 -2.75
N PHE NB 27 -54.55 81.18 -1.80
CA PHE NB 27 -53.52 80.19 -2.04
C PHE NB 27 -54.08 78.83 -2.46
N ALA NB 28 -55.37 78.58 -2.23
CA ALA NB 28 -55.95 77.29 -2.60
C ALA NB 28 -56.10 77.17 -4.10
N ILE NB 29 -56.60 78.22 -4.75
CA ILE NB 29 -56.82 78.19 -6.19
C ILE NB 29 -55.51 78.15 -6.98
N THR NB 30 -54.38 78.30 -6.29
CA THR NB 30 -53.08 78.13 -6.94
C THR NB 30 -52.89 76.70 -7.42
N ALA NB 31 -53.70 75.77 -6.93
CA ALA NB 31 -53.53 74.35 -7.27
C ALA NB 31 -53.63 74.11 -8.77
N ILE NB 32 -54.50 74.83 -9.47
CA ILE NB 32 -54.63 74.68 -10.91
C ILE NB 32 -53.41 75.29 -11.58
N LYS NB 33 -52.89 74.60 -12.59
CA LYS NB 33 -51.70 75.07 -13.29
C LYS NB 33 -52.04 76.29 -14.12
N GLY NB 34 -51.11 77.24 -14.16
CA GLY NB 34 -51.28 78.48 -14.88
C GLY NB 34 -51.54 79.69 -14.00
N VAL NB 35 -51.91 79.47 -12.74
CA VAL NB 35 -52.06 80.54 -11.76
C VAL NB 35 -51.02 80.35 -10.67
N GLY NB 36 -50.42 81.45 -10.25
CA GLY NB 36 -49.39 81.43 -9.24
C GLY NB 36 -49.82 82.10 -7.95
N ARG NB 37 -48.83 82.43 -7.13
CA ARG NB 37 -49.10 83.06 -5.84
C ARG NB 37 -49.53 84.51 -5.99
N ARG NB 38 -49.34 85.11 -7.16
CA ARG NB 38 -49.72 86.50 -7.40
C ARG NB 38 -50.91 86.65 -8.32
N TYR NB 39 -50.96 85.90 -9.43
CA TYR NB 39 -52.11 85.99 -10.32
C TYR NB 39 -53.40 85.62 -9.61
N ALA NB 40 -53.32 84.72 -8.62
CA ALA NB 40 -54.50 84.38 -7.83
C ALA NB 40 -54.96 85.57 -7.01
N HIS NB 41 -54.03 86.35 -6.46
CA HIS NB 41 -54.41 87.44 -5.57
C HIS NB 41 -55.12 88.56 -6.33
N VAL NB 42 -54.64 88.89 -7.53
CA VAL NB 42 -55.27 89.96 -8.29
C VAL NB 42 -56.64 89.51 -8.79
N VAL NB 43 -56.79 88.24 -9.16
CA VAL NB 43 -58.07 87.74 -9.65
C VAL NB 43 -59.14 87.90 -8.58
N LEU NB 44 -58.81 87.55 -7.33
CA LEU NB 44 -59.74 87.69 -6.23
C LEU NB 44 -59.93 89.13 -5.79
N ARG NB 45 -59.23 90.08 -6.42
CA ARG NB 45 -59.45 91.50 -6.20
C ARG NB 45 -60.10 92.20 -7.38
N LYS NB 46 -59.92 91.68 -8.60
CA LYS NB 46 -60.75 92.12 -9.71
C LYS NB 46 -62.22 91.89 -9.41
N ALA NB 47 -62.53 90.80 -8.73
CA ALA NB 47 -63.84 90.58 -8.14
C ALA NB 47 -63.76 90.81 -6.63
N ASP NB 48 -64.91 90.75 -5.98
CA ASP NB 48 -65.01 91.04 -4.55
C ASP NB 48 -65.21 89.74 -3.78
N ILE NB 49 -64.11 89.08 -3.44
CA ILE NB 49 -64.10 87.92 -2.57
C ILE NB 49 -63.35 88.29 -1.31
N ASP NB 50 -63.95 88.02 -0.15
CA ASP NB 50 -63.28 88.28 1.12
C ASP NB 50 -62.09 87.34 1.26
N LEU NB 51 -60.89 87.90 1.23
CA LEU NB 51 -59.68 87.08 1.23
C LEU NB 51 -59.57 86.25 2.50
N THR NB 52 -60.17 86.71 3.60
CA THR NB 52 -60.06 85.99 4.86
C THR NB 52 -60.84 84.67 4.83
N LYS NB 53 -61.89 84.60 4.03
CA LYS NB 53 -62.66 83.37 3.92
C LYS NB 53 -61.83 82.26 3.30
N ARG NB 54 -62.06 81.03 3.76
CA ARG NB 54 -61.36 79.88 3.24
C ARG NB 54 -62.05 79.37 1.97
N ALA NB 55 -61.34 78.49 1.24
CA ALA NB 55 -61.81 78.07 -0.07
C ALA NB 55 -63.15 77.36 0.00
N GLY NB 56 -63.33 76.48 0.97
CA GLY NB 56 -64.55 75.72 1.09
C GLY NB 56 -65.70 76.47 1.73
N GLU NB 57 -65.55 77.76 1.99
CA GLU NB 57 -66.56 78.54 2.69
C GLU NB 57 -67.43 79.39 1.77
N LEU NB 58 -66.87 79.92 0.69
CA LEU NB 58 -67.60 80.83 -0.17
C LEU NB 58 -68.62 80.09 -1.04
N THR NB 59 -69.67 80.82 -1.43
CA THR NB 59 -70.82 80.24 -2.12
C THR NB 59 -70.46 79.83 -3.55
N GLU NB 60 -71.37 79.03 -4.14
CA GLU NB 60 -71.13 78.50 -5.48
C GLU NB 60 -71.17 79.61 -6.53
N ASP NB 61 -72.00 80.63 -6.33
CA ASP NB 61 -71.98 81.77 -7.23
C ASP NB 61 -70.62 82.48 -7.16
N GLU NB 62 -70.06 82.58 -5.97
CA GLU NB 62 -68.79 83.27 -5.80
C GLU NB 62 -67.66 82.55 -6.54
N VAL NB 63 -67.61 81.22 -6.47
CA VAL NB 63 -66.54 80.49 -7.14
C VAL NB 63 -66.72 80.53 -8.65
N GLU NB 64 -67.96 80.39 -9.14
CA GLU NB 64 -68.17 80.44 -10.58
C GLU NB 64 -67.95 81.84 -11.13
N ARG NB 65 -68.05 82.86 -10.26
CA ARG NB 65 -67.63 84.19 -10.68
C ARG NB 65 -66.12 84.26 -10.87
N VAL NB 66 -65.38 83.56 -10.00
CA VAL NB 66 -63.92 83.59 -10.07
C VAL NB 66 -63.43 82.91 -11.34
N ILE NB 67 -64.07 81.79 -11.72
CA ILE NB 67 -63.60 81.02 -12.86
C ILE NB 67 -63.69 81.85 -14.13
N THR NB 68 -64.78 82.61 -14.29
CA THR NB 68 -64.97 83.40 -15.49
C THR NB 68 -63.91 84.48 -15.65
N ILE NB 69 -63.49 85.08 -14.53
CA ILE NB 69 -62.47 86.12 -14.58
C ILE NB 69 -61.16 85.57 -15.15
N MET NB 70 -60.77 84.38 -14.67
CA MET NB 70 -59.49 83.80 -15.08
C MET NB 70 -59.44 83.51 -16.56
N GLN NB 71 -60.51 82.94 -17.12
CA GLN NB 71 -60.48 82.54 -18.52
C GLN NB 71 -60.65 83.73 -19.46
N ASN NB 72 -61.09 84.87 -18.96
CA ASN NB 72 -61.25 86.09 -19.76
C ASN NB 72 -60.54 87.22 -19.02
N PRO NB 73 -59.20 87.25 -19.06
CA PRO NB 73 -58.49 88.25 -18.24
C PRO NB 73 -58.60 89.66 -18.77
N ARG NB 74 -58.49 89.85 -20.09
CA ARG NB 74 -58.50 91.19 -20.66
C ARG NB 74 -59.83 91.91 -20.48
N GLN NB 75 -60.91 91.18 -20.20
CA GLN NB 75 -62.22 91.78 -20.08
C GLN NB 75 -62.44 92.51 -18.77
N TYR NB 76 -61.51 92.41 -17.81
CA TYR NB 76 -61.72 92.97 -16.48
C TYR NB 76 -60.50 93.73 -16.01
N LYS NB 77 -59.92 94.54 -16.89
CA LYS NB 77 -58.87 95.50 -16.54
C LYS NB 77 -57.60 94.80 -16.03
N ILE NB 78 -57.42 93.53 -16.36
CA ILE NB 78 -56.18 92.84 -16.06
C ILE NB 78 -55.13 93.35 -17.03
N PRO NB 79 -54.00 93.88 -16.55
CA PRO NB 79 -53.01 94.45 -17.46
C PRO NB 79 -52.44 93.41 -18.41
N ASP NB 80 -52.05 93.87 -19.60
CA ASP NB 80 -51.61 92.96 -20.64
C ASP NB 80 -50.28 92.31 -20.31
N TRP NB 81 -49.45 92.96 -19.48
CA TRP NB 81 -48.16 92.42 -19.11
C TRP NB 81 -48.25 91.41 -17.98
N PHE NB 82 -49.44 91.10 -17.49
CA PHE NB 82 -49.63 90.22 -16.36
C PHE NB 82 -50.01 88.81 -16.80
N LEU NB 83 -49.90 88.52 -18.09
CA LEU NB 83 -50.28 87.24 -18.65
C LEU NB 83 -49.03 86.42 -18.95
N ASN NB 84 -49.18 85.10 -18.98
CA ASN NB 84 -48.08 84.19 -19.22
C ASN NB 84 -47.97 83.74 -20.67
N ARG NB 85 -48.86 84.20 -21.55
CA ARG NB 85 -48.81 83.82 -22.96
C ARG NB 85 -49.01 85.09 -23.80
N GLN NB 86 -48.26 86.13 -23.48
CA GLN NB 86 -48.37 87.39 -24.21
C GLN NB 86 -47.83 87.22 -25.62
N LYS NB 87 -48.61 87.66 -26.62
CA LYS NB 87 -48.16 87.77 -28.01
C LYS NB 87 -47.62 86.44 -28.51
N ASP NB 88 -48.51 85.45 -28.61
CA ASP NB 88 -48.09 84.13 -29.00
C ASP NB 88 -47.81 84.08 -30.50
N VAL NB 89 -47.53 82.87 -30.99
CA VAL NB 89 -47.22 82.67 -32.40
C VAL NB 89 -48.44 82.17 -33.19
N LYS NB 90 -49.44 81.61 -32.52
CA LYS NB 90 -50.56 81.00 -33.23
C LYS NB 90 -51.61 82.03 -33.66
N ASP NB 91 -52.15 82.78 -32.70
CA ASP NB 91 -53.17 83.77 -33.03
C ASP NB 91 -52.83 85.18 -32.56
N GLY NB 92 -51.61 85.43 -32.09
CA GLY NB 92 -51.23 86.76 -31.67
C GLY NB 92 -52.06 87.31 -30.53
N LYS NB 93 -52.77 86.45 -29.81
CA LYS NB 93 -53.70 86.87 -28.77
C LYS NB 93 -53.05 86.73 -27.41
N TYR NB 94 -53.08 87.81 -26.63
CA TYR NB 94 -52.59 87.79 -25.26
C TYR NB 94 -53.64 87.09 -24.40
N SER NB 95 -53.39 85.83 -24.08
CA SER NB 95 -54.34 85.02 -23.34
C SER NB 95 -53.64 84.37 -22.15
N GLN NB 96 -54.45 83.81 -21.26
CA GLN NB 96 -53.97 83.12 -20.08
C GLN NB 96 -54.31 81.63 -20.20
N VAL NB 97 -53.28 80.79 -20.14
CA VAL NB 97 -53.44 79.34 -20.27
C VAL NB 97 -53.57 78.74 -18.88
N LEU NB 98 -54.47 77.76 -18.73
CA LEU NB 98 -54.77 77.18 -17.44
C LEU NB 98 -54.90 75.67 -17.56
N ALA NB 99 -54.58 74.98 -16.46
CA ALA NB 99 -54.78 73.54 -16.31
C ALA NB 99 -54.20 72.74 -17.46
N ASN NB 100 -55.06 72.06 -18.21
CA ASN NB 100 -54.59 71.21 -19.30
C ASN NB 100 -54.16 72.05 -20.50
N GLY NB 101 -54.72 73.25 -20.65
CA GLY NB 101 -54.32 74.12 -21.74
C GLY NB 101 -52.84 74.46 -21.71
N LEU NB 102 -52.29 74.64 -20.50
CA LEU NB 102 -50.86 74.92 -20.38
C LEU NB 102 -50.03 73.69 -20.73
N ASP NB 103 -50.51 72.50 -20.38
CA ASP NB 103 -49.78 71.28 -20.72
C ASP NB 103 -49.82 71.01 -22.22
N ASN NB 104 -51.00 71.13 -22.82
CA ASN NB 104 -51.10 70.95 -24.27
C ASN NB 104 -50.26 71.99 -25.00
N LYS NB 105 -50.32 73.24 -24.55
CA LYS NB 105 -49.63 74.31 -25.25
C LYS NB 105 -48.12 74.12 -25.20
N LEU NB 106 -47.58 73.67 -24.06
CA LEU NB 106 -46.15 73.45 -23.95
C LEU NB 106 -45.68 72.39 -24.94
N ARG NB 107 -46.40 71.26 -25.00
CA ARG NB 107 -45.96 70.16 -25.86
C ARG NB 107 -45.96 70.57 -27.33
N GLU NB 108 -46.80 71.52 -27.71
CA GLU NB 108 -46.81 71.98 -29.11
C GLU NB 108 -45.61 72.86 -29.39
N ASP NB 109 -45.20 73.68 -28.42
CA ASP NB 109 -43.99 74.48 -28.59
C ASP NB 109 -42.75 73.61 -28.69
N LEU NB 110 -42.68 72.54 -27.91
CA LEU NB 110 -41.53 71.64 -27.97
C LEU NB 110 -41.44 70.94 -29.33
N GLU NB 111 -42.57 70.48 -29.86
CA GLU NB 111 -42.53 69.87 -31.18
C GLU NB 111 -42.41 70.90 -32.29
N ARG NB 112 -42.74 72.16 -32.00
CA ARG NB 112 -42.53 73.22 -32.99
C ARG NB 112 -41.05 73.46 -33.23
N LEU NB 113 -40.25 73.52 -32.17
CA LEU NB 113 -38.82 73.73 -32.32
C LEU NB 113 -38.16 72.54 -32.99
N LYS NB 114 -38.59 71.32 -32.66
CA LYS NB 114 -38.04 70.15 -33.33
C LYS NB 114 -38.55 70.03 -34.76
N LYS NB 115 -39.70 70.64 -35.06
CA LYS NB 115 -40.24 70.63 -36.41
C LYS NB 115 -39.24 71.24 -37.39
N ILE NB 116 -38.67 72.39 -37.01
CA ILE NB 116 -37.69 73.07 -37.86
C ILE NB 116 -36.26 72.68 -37.54
N ARG NB 117 -36.06 71.73 -36.61
CA ARG NB 117 -34.73 71.27 -36.22
C ARG NB 117 -33.86 72.42 -35.72
N ALA NB 118 -34.42 73.21 -34.81
CA ALA NB 118 -33.65 74.23 -34.12
C ALA NB 118 -32.77 73.60 -33.06
N HIS NB 119 -31.76 74.35 -32.62
CA HIS NB 119 -30.83 73.82 -31.64
C HIS NB 119 -31.52 73.52 -30.32
N ARG NB 120 -32.38 74.43 -29.85
CA ARG NB 120 -33.06 74.18 -28.60
C ARG NB 120 -34.01 73.01 -28.70
N GLY NB 121 -34.58 72.78 -29.89
CA GLY NB 121 -35.39 71.58 -30.09
C GLY NB 121 -34.58 70.31 -29.94
N LEU NB 122 -33.35 70.30 -30.46
CA LEU NB 122 -32.50 69.12 -30.35
C LEU NB 122 -32.08 68.87 -28.91
N ARG NB 123 -31.76 69.93 -28.17
CA ARG NB 123 -31.38 69.77 -26.77
C ARG NB 123 -32.53 69.19 -25.95
N HIS NB 124 -33.75 69.65 -26.20
CA HIS NB 124 -34.90 69.08 -25.51
C HIS NB 124 -35.11 67.63 -25.92
N PHE NB 125 -34.86 67.31 -27.19
CA PHE NB 125 -35.00 65.92 -27.65
C PHE NB 125 -33.99 65.02 -26.94
N TRP NB 126 -32.76 65.48 -26.78
CA TRP NB 126 -31.72 64.70 -26.13
C TRP NB 126 -31.83 64.72 -24.61
N GLY NB 127 -32.75 65.50 -24.05
CA GLY NB 127 -32.92 65.54 -22.61
C GLY NB 127 -31.75 66.13 -21.86
N LEU NB 128 -31.19 67.22 -22.37
CA LEU NB 128 -30.05 67.89 -21.76
C LEU NB 128 -30.47 69.30 -21.35
N ARG NB 129 -29.50 70.08 -20.88
CA ARG NB 129 -29.75 71.46 -20.52
C ARG NB 129 -29.75 72.33 -21.77
N VAL NB 130 -30.63 73.32 -21.80
CA VAL NB 130 -30.87 74.09 -23.01
C VAL NB 130 -30.46 75.56 -22.90
N ARG NB 131 -30.32 76.10 -21.69
CA ARG NB 131 -30.04 77.52 -21.54
C ARG NB 131 -28.55 77.84 -21.41
N GLY NB 132 -27.70 76.99 -21.95
CA GLY NB 132 -26.29 77.28 -22.09
C GLY NB 132 -25.43 77.05 -20.87
N GLN NB 133 -25.99 76.55 -19.78
CA GLN NB 133 -25.20 76.30 -18.59
C GLN NB 133 -24.44 74.98 -18.70
N HIS NB 134 -23.46 74.83 -17.82
CA HIS NB 134 -22.51 73.72 -17.91
C HIS NB 134 -23.16 72.41 -17.51
N THR NB 135 -22.77 71.34 -18.21
CA THR NB 135 -23.23 69.99 -17.89
C THR NB 135 -22.09 69.04 -17.57
N LYS NB 136 -20.90 69.57 -17.25
CA LYS NB 136 -19.78 68.71 -16.92
C LYS NB 136 -19.98 68.02 -15.57
N THR NB 137 -20.37 68.78 -14.55
CA THR NB 137 -20.44 68.26 -13.19
C THR NB 137 -21.78 68.48 -12.51
N THR NB 138 -22.80 68.97 -13.22
CA THR NB 138 -24.08 69.26 -12.61
C THR NB 138 -25.20 68.54 -13.35
N GLY NB 139 -26.33 68.39 -12.67
CA GLY NB 139 -27.44 67.65 -13.22
C GLY NB 139 -27.10 66.21 -13.52
N ARG NB 140 -26.34 65.56 -12.64
CA ARG NB 140 -25.82 64.23 -12.92
C ARG NB 140 -26.82 63.13 -12.57
N ARG NB 141 -27.46 63.22 -11.40
CA ARG NB 141 -28.21 62.06 -10.91
C ARG NB 141 -29.37 61.72 -11.83
N GLY NB 142 -29.93 62.73 -12.50
CA GLY NB 142 -30.99 62.45 -13.46
C GLY NB 142 -30.50 61.66 -14.66
N ARG NB 143 -29.34 62.02 -15.20
CA ARG NB 143 -28.80 61.36 -16.38
C ARG NB 143 -28.03 60.09 -15.97
N THR NB 144 -28.70 59.26 -15.18
CA THR NB 144 -28.14 57.98 -14.72
C THR NB 144 -26.79 58.15 -14.04
N GLY OB 1 -48.49 121.43 24.05
CA GLY OB 1 -47.81 121.67 22.79
C GLY OB 1 -47.04 120.46 22.29
N VAL OB 2 -47.75 119.51 21.70
CA VAL OB 2 -47.15 118.26 21.24
C VAL OB 2 -46.68 118.45 19.80
N THR OB 3 -45.76 117.59 19.38
CA THR OB 3 -45.18 117.65 18.05
C THR OB 3 -44.82 116.24 17.62
N VAL OB 4 -44.76 116.02 16.29
CA VAL OB 4 -44.55 114.69 15.73
C VAL OB 4 -43.39 113.97 16.41
N LYS OB 5 -42.34 114.71 16.77
CA LYS OB 5 -41.20 114.07 17.43
C LYS OB 5 -41.59 113.49 18.78
N ASP OB 6 -42.43 114.20 19.55
CA ASP OB 6 -42.71 113.82 20.92
C ASP OB 6 -43.71 112.67 21.06
N VAL OB 7 -44.37 112.26 19.98
CA VAL OB 7 -45.38 111.22 20.05
C VAL OB 7 -44.84 109.96 19.39
N ASN OB 8 -45.42 108.82 19.78
CA ASN OB 8 -44.99 107.54 19.26
C ASN OB 8 -45.21 107.47 17.75
N GLN OB 9 -44.13 107.24 17.02
CA GLN OB 9 -44.18 107.27 15.56
C GLN OB 9 -44.87 106.06 14.96
N GLN OB 10 -44.94 104.94 15.69
CA GLN OB 10 -45.44 103.71 15.09
C GLN OB 10 -46.94 103.80 14.81
N GLU OB 11 -47.71 104.29 15.78
CA GLU OB 11 -49.14 104.48 15.59
C GLU OB 11 -49.48 105.87 15.05
N PHE OB 12 -48.51 106.77 14.97
CA PHE OB 12 -48.76 108.06 14.36
C PHE OB 12 -49.08 107.92 12.88
N VAL OB 13 -48.37 107.04 12.18
CA VAL OB 13 -48.65 106.81 10.77
C VAL OB 13 -50.02 106.17 10.57
N ARG OB 14 -50.40 105.28 11.50
CA ARG OB 14 -51.72 104.65 11.39
C ARG OB 14 -52.84 105.68 11.47
N ALA OB 15 -52.74 106.62 12.41
CA ALA OB 15 -53.78 107.63 12.57
C ALA OB 15 -53.76 108.63 11.42
N LEU OB 16 -52.56 109.02 10.97
CA LEU OB 16 -52.47 110.01 9.90
C LEU OB 16 -53.03 109.48 8.59
N ALA OB 17 -52.81 108.20 8.30
CA ALA OB 17 -53.34 107.62 7.07
C ALA OB 17 -54.87 107.53 7.10
N ALA OB 18 -55.44 107.21 8.26
CA ALA OB 18 -56.89 107.13 8.37
C ALA OB 18 -57.54 108.49 8.20
N PHE OB 19 -56.84 109.56 8.58
CA PHE OB 19 -57.33 110.91 8.31
C PHE OB 19 -57.42 111.16 6.80
N LEU OB 20 -56.43 110.68 6.06
CA LEU OB 20 -56.45 110.85 4.61
C LEU OB 20 -57.61 110.09 3.98
N LYS OB 21 -57.95 108.92 4.53
CA LYS OB 21 -59.11 108.18 4.03
C LYS OB 21 -60.39 108.97 4.25
N LYS OB 22 -60.54 109.61 5.42
CA LYS OB 22 -61.74 110.37 5.71
C LYS OB 22 -61.87 111.58 4.79
N SER OB 23 -60.75 112.18 4.41
CA SER OB 23 -60.79 113.34 3.51
C SER OB 23 -61.36 112.97 2.15
N GLY OB 24 -60.94 111.83 1.60
CA GLY OB 24 -61.38 111.44 0.28
C GLY OB 24 -60.94 112.38 -0.82
N LYS OB 25 -59.80 113.04 -0.65
CA LYS OB 25 -59.27 113.99 -1.62
C LYS OB 25 -57.82 113.69 -1.94
N LEU OB 26 -57.50 112.42 -2.23
CA LEU OB 26 -56.12 112.04 -2.49
C LEU OB 26 -55.83 111.73 -3.95
N LYS OB 27 -56.86 111.40 -4.75
CA LYS OB 27 -56.68 111.02 -6.16
C LYS OB 27 -55.74 109.82 -6.27
N VAL OB 28 -56.25 108.70 -5.75
CA VAL OB 28 -55.52 107.42 -5.80
C VAL OB 28 -55.38 106.98 -7.25
N PRO OB 29 -54.33 106.25 -7.61
CA PRO OB 29 -54.20 105.75 -8.98
C PRO OB 29 -55.19 104.65 -9.30
N GLU OB 30 -55.19 104.20 -10.55
CA GLU OB 30 -56.13 103.18 -11.01
C GLU OB 30 -55.56 101.78 -11.00
N TRP OB 31 -54.23 101.63 -10.94
CA TRP OB 31 -53.59 100.33 -10.80
C TRP OB 31 -53.13 100.07 -9.37
N VAL OB 32 -53.89 100.57 -8.38
CA VAL OB 32 -53.49 100.43 -6.99
C VAL OB 32 -53.40 98.97 -6.56
N ASP OB 33 -54.15 98.09 -7.20
CA ASP OB 33 -54.23 96.69 -6.78
C ASP OB 33 -53.44 95.73 -7.66
N THR OB 34 -53.24 96.06 -8.93
CA THR OB 34 -52.53 95.18 -9.85
C THR OB 34 -51.04 95.47 -9.92
N VAL OB 35 -50.53 96.40 -9.11
CA VAL OB 35 -49.12 96.76 -9.13
C VAL OB 35 -48.41 96.12 -7.96
N LYS OB 36 -47.12 95.88 -8.13
CA LYS OB 36 -46.26 95.40 -7.06
C LYS OB 36 -45.44 96.57 -6.56
N LEU OB 37 -45.31 96.68 -5.23
CA LEU OB 37 -44.77 97.91 -4.64
C LEU OB 37 -43.30 98.12 -4.98
N ALA OB 38 -42.52 97.03 -5.08
CA ALA OB 38 -41.12 97.15 -5.44
C ALA OB 38 -40.65 95.82 -5.99
N LYS OB 39 -39.58 95.88 -6.79
CA LYS OB 39 -39.08 94.67 -7.45
C LYS OB 39 -38.57 93.65 -6.45
N HIS OB 40 -38.00 94.10 -5.33
CA HIS OB 40 -37.49 93.16 -4.34
C HIS OB 40 -38.61 92.45 -3.58
N LYS OB 41 -39.83 92.98 -3.65
CA LYS OB 41 -40.96 92.34 -2.98
C LYS OB 41 -41.38 91.09 -3.76
N GLU OB 42 -42.34 90.36 -3.20
CA GLU OB 42 -42.73 89.07 -3.76
C GLU OB 42 -44.24 89.01 -4.01
N LEU OB 43 -45.01 89.77 -3.24
CA LEU OB 43 -46.46 89.79 -3.38
C LEU OB 43 -46.97 91.22 -3.25
N ALA OB 44 -48.21 91.42 -3.67
CA ALA OB 44 -48.85 92.70 -3.48
C ALA OB 44 -49.08 92.96 -1.98
N PRO OB 45 -49.17 94.22 -1.57
CA PRO OB 45 -49.39 94.51 -0.15
C PRO OB 45 -50.66 93.84 0.35
N TYR OB 46 -50.57 93.28 1.57
CA TYR OB 46 -51.70 92.54 2.13
C TYR OB 46 -52.91 93.43 2.31
N ASP OB 47 -52.72 94.62 2.87
CA ASP OB 47 -53.81 95.56 3.05
C ASP OB 47 -54.11 96.26 1.73
N GLU OB 48 -55.40 96.32 1.38
CA GLU OB 48 -55.80 96.97 0.14
C GLU OB 48 -55.61 98.47 0.17
N ASN OB 49 -55.61 99.07 1.36
CA ASN OB 49 -55.54 100.53 1.52
C ASN OB 49 -54.12 100.99 1.81
N TRP OB 50 -53.13 100.33 1.21
CA TRP OB 50 -51.74 100.68 1.44
C TRP OB 50 -51.41 102.08 0.92
N PHE OB 51 -52.11 102.52 -0.13
CA PHE OB 51 -51.80 103.83 -0.72
C PHE OB 51 -52.05 104.97 0.26
N TYR OB 52 -53.00 104.79 1.18
CA TYR OB 52 -53.21 105.81 2.20
C TYR OB 52 -52.06 105.80 3.20
N THR OB 53 -51.48 104.63 3.46
CA THR OB 53 -50.31 104.57 4.34
C THR OB 53 -49.06 105.07 3.65
N ARG OB 54 -48.86 104.69 2.38
CA ARG OB 54 -47.68 105.14 1.64
C ARG OB 54 -47.65 106.65 1.52
N ALA OB 55 -48.81 107.27 1.25
CA ALA OB 55 -48.88 108.73 1.25
C ALA OB 55 -48.61 109.28 2.65
N ALA OB 56 -49.15 108.63 3.68
CA ALA OB 56 -48.94 109.09 5.04
C ALA OB 56 -47.49 108.97 5.45
N SER OB 57 -46.83 107.86 5.07
CA SER OB 57 -45.45 107.64 5.47
C SER OB 57 -44.53 108.69 4.86
N THR OB 58 -44.69 108.96 3.56
CA THR OB 58 -43.87 109.98 2.90
C THR OB 58 -44.11 111.35 3.52
N ALA OB 59 -45.37 111.69 3.80
CA ALA OB 59 -45.66 112.97 4.45
C ALA OB 59 -44.99 113.06 5.81
N ARG OB 60 -44.90 111.95 6.54
CA ARG OB 60 -44.15 111.95 7.78
C ARG OB 60 -42.66 112.15 7.53
N HIS OB 61 -42.12 111.47 6.53
CA HIS OB 61 -40.70 111.57 6.24
C HIS OB 61 -40.32 112.97 5.82
N LEU OB 62 -41.16 113.63 5.04
CA LEU OB 62 -40.88 115.00 4.61
C LEU OB 62 -40.88 115.98 5.77
N TYR OB 63 -41.51 115.62 6.90
CA TYR OB 63 -41.47 116.47 8.07
C TYR OB 63 -40.09 116.44 8.71
N LEU OB 64 -39.54 115.25 8.88
CA LEU OB 64 -38.26 115.11 9.58
C LEU OB 64 -37.12 115.68 8.75
N ARG OB 65 -37.08 115.36 7.46
CA ARG OB 65 -36.01 115.81 6.57
C ARG OB 65 -36.64 116.27 5.25
N GLY OB 66 -36.46 117.55 4.94
CA GLY OB 66 -37.01 118.11 3.72
C GLY OB 66 -36.09 117.93 2.53
N GLY OB 67 -36.58 118.38 1.38
CA GLY OB 67 -35.80 118.28 0.16
C GLY OB 67 -35.60 116.88 -0.35
N ALA OB 68 -36.50 115.96 0.01
CA ALA OB 68 -36.39 114.56 -0.39
C ALA OB 68 -37.12 114.37 -1.72
N GLY OB 69 -36.36 114.15 -2.78
CA GLY OB 69 -36.92 113.93 -4.09
C GLY OB 69 -37.40 112.51 -4.28
N VAL OB 70 -37.84 112.22 -5.52
CA VAL OB 70 -38.32 110.89 -5.84
C VAL OB 70 -37.20 109.86 -5.69
N GLY OB 71 -35.99 110.20 -6.16
CA GLY OB 71 -34.88 109.29 -6.02
C GLY OB 71 -34.50 109.04 -4.58
N SER OB 72 -34.87 109.96 -3.67
CA SER OB 72 -34.69 109.70 -2.25
C SER OB 72 -35.74 108.72 -1.74
N MET OB 73 -37.00 108.89 -2.17
CA MET OB 73 -38.07 108.04 -1.67
C MET OB 73 -37.85 106.59 -2.04
N THR OB 74 -37.35 106.33 -3.26
CA THR OB 74 -37.08 104.95 -3.65
C THR OB 74 -35.99 104.33 -2.80
N LYS OB 75 -35.03 105.13 -2.34
CA LYS OB 75 -33.95 104.61 -1.50
C LYS OB 75 -34.43 104.38 -0.07
N ILE OB 76 -35.30 105.24 0.46
CA ILE OB 76 -35.82 105.09 1.81
C ILE OB 76 -36.69 103.85 1.98
N TYR OB 77 -37.41 103.44 0.94
CA TYR OB 77 -38.32 102.31 1.04
C TYR OB 77 -37.73 101.02 0.47
N GLY OB 78 -36.46 101.03 0.11
CA GLY OB 78 -35.84 99.83 -0.42
C GLY OB 78 -35.58 98.79 0.66
N GLY OB 79 -35.19 97.61 0.22
CA GLY OB 79 -34.97 96.52 1.13
C GLY OB 79 -34.12 95.44 0.50
N ARG OB 80 -34.07 94.30 1.20
CA ARG OB 80 -33.27 93.16 0.76
C ARG OB 80 -33.99 92.40 -0.33
N GLN OB 81 -33.30 92.18 -1.46
CA GLN OB 81 -33.83 91.39 -2.56
C GLN OB 81 -33.16 90.02 -2.55
N ARG OB 82 -33.95 88.99 -2.27
CA ARG OB 82 -33.45 87.62 -2.31
C ARG OB 82 -33.39 87.16 -3.77
N ASN OB 83 -32.20 86.77 -4.22
CA ASN OB 83 -31.95 86.50 -5.63
C ASN OB 83 -31.82 85.01 -5.93
N GLY OB 84 -32.60 84.17 -5.25
CA GLY OB 84 -32.57 82.74 -5.54
C GLY OB 84 -31.42 82.04 -4.86
N VAL OB 85 -30.52 81.44 -5.65
CA VAL OB 85 -29.34 80.79 -5.12
C VAL OB 85 -28.18 81.78 -5.12
N MET OB 86 -28.49 83.02 -5.29
CA MET OB 86 -27.55 84.12 -5.22
C MET OB 86 -27.61 84.77 -3.85
N PRO OB 87 -26.53 85.35 -3.35
CA PRO OB 87 -26.61 86.12 -2.11
C PRO OB 87 -27.51 87.34 -2.31
N SER OB 88 -28.26 87.68 -1.26
CA SER OB 88 -29.22 88.76 -1.37
C SER OB 88 -28.52 90.11 -1.37
N HIS OB 89 -29.17 91.09 -2.02
CA HIS OB 89 -28.61 92.42 -2.14
C HIS OB 89 -29.62 93.48 -1.72
N PHE OB 90 -29.27 94.75 -1.94
CA PHE OB 90 -30.16 95.87 -1.64
C PHE OB 90 -30.74 96.40 -2.94
N SER OB 91 -32.06 96.50 -3.00
CA SER OB 91 -32.75 96.97 -4.20
C SER OB 91 -33.66 98.13 -3.82
N ARG OB 92 -33.63 99.18 -4.65
CA ARG OB 92 -34.43 100.36 -4.41
C ARG OB 92 -35.91 100.08 -4.72
N GLY OB 93 -36.77 100.96 -4.22
CA GLY OB 93 -38.19 100.83 -4.44
C GLY OB 93 -38.60 101.26 -5.84
N SER OB 94 -39.91 101.37 -6.03
CA SER OB 94 -40.46 101.77 -7.31
C SER OB 94 -40.52 103.29 -7.43
N LYS OB 95 -40.18 103.81 -8.61
CA LYS OB 95 -40.26 105.24 -8.84
C LYS OB 95 -41.70 105.71 -9.02
N SER OB 96 -42.51 104.93 -9.74
CA SER OB 96 -43.86 105.36 -10.06
C SER OB 96 -44.71 105.55 -8.82
N VAL OB 97 -44.58 104.65 -7.84
CA VAL OB 97 -45.33 104.81 -6.60
C VAL OB 97 -44.94 106.10 -5.90
N ALA OB 98 -43.64 106.36 -5.80
CA ALA OB 98 -43.19 107.60 -5.16
C ALA OB 98 -43.67 108.83 -5.93
N ARG OB 99 -43.60 108.78 -7.27
CA ARG OB 99 -44.02 109.92 -8.07
C ARG OB 99 -45.50 110.22 -7.88
N ARG OB 100 -46.35 109.19 -7.97
CA ARG OB 100 -47.77 109.42 -7.83
C ARG OB 100 -48.16 109.76 -6.39
N VAL OB 101 -47.43 109.23 -5.41
CA VAL OB 101 -47.67 109.60 -4.02
C VAL OB 101 -47.32 111.06 -3.80
N LEU OB 102 -46.14 111.48 -4.29
CA LEU OB 102 -45.74 112.88 -4.13
C LEU OB 102 -46.68 113.80 -4.90
N GLN OB 103 -47.08 113.40 -6.11
CA GLN OB 103 -48.08 114.17 -6.83
C GLN OB 103 -49.44 114.14 -6.13
N ALA OB 104 -49.72 113.07 -5.38
CA ALA OB 104 -50.97 113.00 -4.62
C ALA OB 104 -50.95 114.00 -3.47
N LEU OB 105 -49.88 114.02 -2.70
CA LEU OB 105 -49.77 114.94 -1.57
C LEU OB 105 -49.61 116.38 -2.01
N GLU OB 106 -49.39 116.63 -3.30
CA GLU OB 106 -49.36 117.98 -3.84
C GLU OB 106 -50.70 118.41 -4.40
N GLY OB 107 -51.54 117.47 -4.85
CA GLY OB 107 -52.85 117.84 -5.35
C GLY OB 107 -53.68 118.56 -4.31
N LEU OB 108 -53.72 118.02 -3.10
CA LEU OB 108 -54.17 118.77 -1.94
C LEU OB 108 -52.95 119.39 -1.28
N LYS OB 109 -53.15 120.55 -0.66
CA LYS OB 109 -52.00 121.35 -0.24
C LYS OB 109 -51.32 120.75 0.98
N MET OB 110 -50.40 119.81 0.74
CA MET OB 110 -49.54 119.27 1.79
C MET OB 110 -48.06 119.39 1.49
N VAL OB 111 -47.65 119.46 0.23
CA VAL OB 111 -46.25 119.62 -0.16
C VAL OB 111 -46.17 120.62 -1.29
N GLU OB 112 -44.94 121.03 -1.60
CA GLU OB 112 -44.67 121.92 -2.71
C GLU OB 112 -43.28 121.64 -3.23
N LYS OB 113 -43.07 121.88 -4.54
CA LYS OB 113 -41.79 121.63 -5.17
C LYS OB 113 -40.87 122.80 -4.85
N ASP OB 114 -40.22 122.73 -3.70
CA ASP OB 114 -39.31 123.77 -3.27
C ASP OB 114 -38.05 123.74 -4.13
N GLN OB 115 -37.28 124.83 -4.05
CA GLN OB 115 -36.07 124.96 -4.84
C GLN OB 115 -35.06 123.87 -4.47
N ASP OB 116 -33.96 123.82 -5.24
CA ASP OB 116 -32.87 122.88 -5.07
C ASP OB 116 -33.27 121.44 -5.38
N GLY OB 117 -34.50 121.24 -5.87
CA GLY OB 117 -34.99 119.91 -6.15
C GLY OB 117 -35.70 119.30 -4.95
N GLY OB 118 -36.45 118.23 -5.23
CA GLY OB 118 -37.18 117.55 -4.19
C GLY OB 118 -38.40 118.31 -3.75
N ARG OB 119 -39.01 117.82 -2.66
CA ARG OB 119 -40.22 118.39 -2.10
C ARG OB 119 -40.03 118.63 -0.61
N LYS OB 120 -40.73 119.63 -0.09
CA LYS OB 120 -40.72 119.94 1.33
C LYS OB 120 -42.17 120.04 1.81
N LEU OB 121 -42.34 120.22 3.11
CA LEU OB 121 -43.66 120.29 3.73
C LEU OB 121 -44.12 121.73 3.80
N THR OB 122 -45.31 122.00 3.29
CA THR OB 122 -45.87 123.34 3.25
C THR OB 122 -46.32 123.76 4.65
N PRO OB 123 -46.35 125.08 4.93
CA PRO OB 123 -46.76 125.53 6.27
C PRO OB 123 -48.14 125.07 6.70
N GLN OB 124 -49.11 124.96 5.79
CA GLN OB 124 -50.42 124.47 6.18
C GLN OB 124 -50.42 122.96 6.36
N GLY OB 125 -49.63 122.24 5.56
CA GLY OB 125 -49.49 120.81 5.75
C GLY OB 125 -48.81 120.46 7.04
N GLN OB 126 -47.88 121.30 7.49
CA GLN OB 126 -47.25 121.10 8.79
C GLN OB 126 -48.28 121.16 9.92
N ARG OB 127 -49.27 122.05 9.78
CA ARG OB 127 -50.34 122.12 10.76
C ARG OB 127 -51.11 120.81 10.85
N ASP OB 128 -51.41 120.21 9.69
CA ASP OB 128 -52.22 118.99 9.68
C ASP OB 128 -51.53 117.86 10.45
N LEU OB 129 -50.23 117.67 10.21
CA LEU OB 129 -49.52 116.60 10.93
C LEU OB 129 -49.35 116.93 12.41
N ASP OB 130 -49.34 118.22 12.77
CA ASP OB 130 -49.28 118.59 14.18
C ASP OB 130 -50.63 118.41 14.87
N ARG OB 131 -51.74 118.59 14.13
CA ARG OB 131 -53.05 118.30 14.70
C ARG OB 131 -53.18 116.81 15.02
N ILE OB 132 -52.69 115.95 14.12
CA ILE OB 132 -52.78 114.51 14.35
C ILE OB 132 -52.00 114.11 15.59
N ALA OB 133 -50.81 114.68 15.77
CA ALA OB 133 -50.03 114.36 16.96
C ALA OB 133 -50.77 114.76 18.23
N GLY OB 134 -51.66 115.75 18.14
CA GLY OB 134 -52.46 116.11 19.29
C GLY OB 134 -53.40 115.00 19.72
N GLN OB 135 -54.11 114.41 18.76
CA GLN OB 135 -55.07 113.36 19.10
C GLN OB 135 -54.38 112.05 19.44
N VAL OB 136 -53.26 111.75 18.79
CA VAL OB 136 -52.52 110.52 19.09
C VAL OB 136 -51.89 110.60 20.47
N ALA OB 137 -51.33 111.76 20.83
CA ALA OB 137 -50.71 111.90 22.14
C ALA OB 137 -51.72 111.73 23.26
N ALA OB 138 -52.91 112.33 23.12
CA ALA OB 138 -53.90 112.24 24.18
C ALA OB 138 -54.60 110.89 24.22
N ALA OB 139 -54.69 110.20 23.07
CA ALA OB 139 -55.37 108.91 23.04
C ALA OB 139 -54.64 107.88 23.87
N LYS OB 140 -53.30 107.87 23.82
CA LYS OB 140 -52.53 106.93 24.62
C LYS OB 140 -52.70 107.22 26.10
N LYS OB 141 -52.72 108.48 26.48
CA LYS OB 141 -52.94 108.88 27.87
C LYS OB 141 -54.40 108.68 28.26
N HIS PB 1 -8.62 140.75 -2.52
CA HIS PB 1 -7.44 140.49 -1.72
C HIS PB 1 -7.42 139.06 -1.20
N ARG PB 2 -8.60 138.43 -1.17
CA ARG PB 2 -8.74 137.06 -0.67
C ARG PB 2 -8.07 136.10 -1.64
N ILE PB 3 -6.94 135.54 -1.24
CA ILE PB 3 -6.22 134.56 -2.04
C ILE PB 3 -5.97 133.32 -1.18
N ARG PB 4 -6.14 132.14 -1.78
CA ARG PB 4 -5.95 130.88 -1.09
C ARG PB 4 -4.89 130.05 -1.80
N ILE PB 5 -4.01 129.41 -1.03
CA ILE PB 5 -2.92 128.62 -1.55
C ILE PB 5 -3.08 127.18 -1.08
N THR PB 6 -2.76 126.23 -1.96
CA THR PB 6 -2.94 124.82 -1.71
C THR PB 6 -1.57 124.13 -1.64
N LEU PB 7 -1.42 123.23 -0.68
CA LEU PB 7 -0.17 122.50 -0.47
C LEU PB 7 -0.47 121.02 -0.42
N THR PB 8 -0.17 120.31 -1.51
CA THR PB 8 -0.36 118.87 -1.60
C THR PB 8 0.98 118.19 -1.80
N SER PB 9 1.30 117.23 -0.93
CA SER PB 9 2.58 116.54 -1.01
C SER PB 9 2.46 115.18 -0.34
N ARG PB 10 3.23 114.23 -0.84
CA ARG PB 10 3.26 112.90 -0.23
C ARG PB 10 3.93 112.92 1.13
N ASN PB 11 4.97 113.75 1.29
CA ASN PB 11 5.71 113.82 2.54
C ASN PB 11 5.00 114.74 3.53
N VAL PB 12 4.81 114.24 4.75
CA VAL PB 12 4.16 115.04 5.79
C VAL PB 12 5.16 115.85 6.61
N LYS PB 13 6.41 115.44 6.67
CA LYS PB 13 7.41 116.20 7.42
C LYS PB 13 7.77 117.49 6.70
N SER PB 14 7.97 117.42 5.39
CA SER PB 14 8.37 118.61 4.64
C SER PB 14 7.19 119.57 4.45
N LEU PB 15 6.00 119.02 4.19
CA LEU PB 15 4.82 119.86 3.95
C LEU PB 15 4.57 120.82 5.10
N GLU PB 16 4.84 120.38 6.33
CA GLU PB 16 4.67 121.28 7.47
C GLU PB 16 5.72 122.39 7.47
N LYS PB 17 6.94 122.09 7.01
CA LYS PB 17 8.00 123.10 7.03
C LYS PB 17 7.64 124.27 6.13
N VAL PB 18 7.18 124.00 4.91
CA VAL PB 18 6.71 125.07 4.03
C VAL PB 18 5.48 125.73 4.64
N CYS PB 19 4.56 124.94 5.18
CA CYS PB 19 3.40 125.49 5.87
C CYS PB 19 3.83 126.44 6.97
N ALA PB 20 4.78 126.01 7.80
CA ALA PB 20 5.23 126.86 8.91
C ALA PB 20 5.88 128.14 8.40
N ASP PB 21 6.65 128.06 7.31
CA ASP PB 21 7.37 129.22 6.81
C ASP PB 21 6.42 130.28 6.27
N LEU PB 22 5.38 129.87 5.55
CA LEU PB 22 4.49 130.85 4.93
C LEU PB 22 3.58 131.52 5.95
N ILE PB 23 3.25 130.83 7.04
CA ILE PB 23 2.55 131.50 8.13
C ILE PB 23 3.45 132.56 8.76
N ARG PB 24 4.72 132.22 8.94
CA ARG PB 24 5.69 133.23 9.37
C ARG PB 24 5.95 134.23 8.26
N GLY PB 25 6.06 133.76 7.01
CA GLY PB 25 6.31 134.63 5.88
C GLY PB 25 5.20 135.62 5.60
N ALA PB 26 4.02 135.44 6.20
CA ALA PB 26 2.93 136.38 6.11
C ALA PB 26 2.78 137.24 7.36
N LYS PB 27 2.85 136.62 8.55
CA LYS PB 27 2.72 137.37 9.79
C LYS PB 27 3.86 138.37 9.96
N GLU PB 28 5.02 138.10 9.35
CA GLU PB 28 6.12 139.06 9.43
C GLU PB 28 5.77 140.37 8.77
N LYS PB 29 4.92 140.34 7.74
CA LYS PB 29 4.50 141.53 7.00
C LYS PB 29 3.14 142.03 7.50
N ASN PB 30 2.84 141.73 8.76
CA ASN PB 30 1.67 142.20 9.51
C ASN PB 30 0.37 142.19 8.71
N LEU PB 31 0.15 141.13 7.93
CA LEU PB 31 -1.11 140.94 7.21
C LEU PB 31 -1.79 139.69 7.76
N LYS PB 32 -3.06 139.82 8.13
CA LYS PB 32 -3.75 138.76 8.84
C LYS PB 32 -4.03 137.58 7.92
N VAL PB 33 -3.94 136.38 8.48
CA VAL PB 33 -4.18 135.14 7.76
C VAL PB 33 -5.03 134.22 8.64
N LYS PB 34 -5.69 133.27 7.99
CA LYS PB 34 -6.38 132.21 8.68
C LYS PB 34 -5.48 130.98 8.76
N GLY PB 35 -5.50 130.31 9.91
CA GLY PB 35 -4.52 129.31 10.25
C GLY PB 35 -4.43 128.15 9.29
N PRO PB 36 -3.43 127.29 9.49
CA PRO PB 36 -3.26 126.13 8.61
C PRO PB 36 -4.37 125.10 8.80
N VAL PB 37 -5.21 124.92 7.78
CA VAL PB 37 -6.31 123.98 7.83
C VAL PB 37 -5.91 122.74 7.04
N ARG PB 38 -6.25 121.57 7.57
CA ARG PB 38 -5.75 120.31 7.06
C ARG PB 38 -6.93 119.47 6.55
N MET PB 39 -6.94 119.21 5.25
CA MET PB 39 -7.89 118.27 4.70
C MET PB 39 -7.55 116.85 5.18
N PRO PB 40 -8.55 115.97 5.25
CA PRO PB 40 -8.27 114.61 5.70
C PRO PB 40 -7.27 113.91 4.80
N THR PB 41 -6.39 113.12 5.42
CA THR PB 41 -5.38 112.40 4.68
C THR PB 41 -6.02 111.42 3.72
N LYS PB 42 -5.52 111.38 2.48
CA LYS PB 42 -6.03 110.50 1.44
C LYS PB 42 -5.08 109.33 1.28
N THR PB 43 -5.61 108.12 1.40
CA THR PB 43 -4.83 106.90 1.27
C THR PB 43 -5.16 106.21 -0.04
N LEU PB 44 -4.13 105.86 -0.79
CA LEU PB 44 -4.28 105.12 -2.05
C LEU PB 44 -3.73 103.72 -1.85
N ARG PB 45 -4.55 102.71 -2.13
CA ARG PB 45 -4.19 101.33 -1.87
C ARG PB 45 -4.30 100.50 -3.12
N ILE PB 46 -3.22 99.79 -3.45
CA ILE PB 46 -3.20 98.84 -4.56
C ILE PB 46 -2.78 97.49 -4.00
N THR PB 47 -3.76 96.61 -3.81
CA THR PB 47 -3.51 95.26 -3.29
C THR PB 47 -3.31 94.31 -4.45
N THR PB 48 -2.17 93.63 -4.48
CA THR PB 48 -1.83 92.77 -5.61
C THR PB 48 -1.21 91.49 -5.11
N ARG PB 49 -1.17 90.50 -5.99
CA ARG PB 49 -0.56 89.21 -5.67
C ARG PB 49 0.95 89.28 -5.81
N LYS PB 50 1.65 88.69 -4.85
CA LYS PB 50 3.10 88.75 -4.83
C LYS PB 50 3.71 87.99 -6.00
N THR PB 51 3.18 86.81 -6.31
CA THR PB 51 3.94 85.98 -7.24
C THR PB 51 3.52 86.23 -8.70
N PRO PB 52 4.48 86.29 -9.62
CA PRO PB 52 4.12 86.36 -11.04
C PRO PB 52 3.68 85.02 -11.59
N CYS PB 53 3.99 83.92 -10.92
CA CYS PB 53 3.61 82.58 -11.34
C CYS PB 53 2.26 82.23 -10.71
N GLY PB 54 1.90 80.96 -10.77
CA GLY PB 54 0.63 80.53 -10.22
C GLY PB 54 0.67 79.92 -8.83
N GLU PB 55 1.77 79.27 -8.44
CA GLU PB 55 1.73 78.49 -7.21
C GLU PB 55 1.92 79.38 -6.00
N GLY PB 56 2.22 78.75 -4.86
CA GLY PB 56 2.54 79.42 -3.63
C GLY PB 56 1.33 79.58 -2.73
N SER PB 57 1.59 79.95 -1.49
CA SER PB 57 0.51 80.39 -0.63
C SER PB 57 -0.04 81.71 -1.17
N LYS PB 58 -1.35 81.88 -1.05
CA LYS PB 58 -1.98 83.07 -1.62
C LYS PB 58 -1.58 84.28 -0.79
N THR PB 59 -0.53 84.98 -1.22
CA THR PB 59 0.01 86.13 -0.52
C THR PB 59 -0.25 87.40 -1.32
N TRP PB 60 -0.44 88.50 -0.61
CA TRP PB 60 -0.82 89.77 -1.21
C TRP PB 60 0.06 90.89 -0.64
N ASP PB 61 0.20 91.95 -1.42
CA ASP PB 61 0.97 93.12 -1.03
C ASP PB 61 0.03 94.26 -0.66
N ARG PB 62 0.41 95.00 0.38
CA ARG PB 62 -0.36 96.16 0.85
C ARG PB 62 0.45 97.41 0.53
N PHE PB 63 0.29 97.94 -0.67
CA PHE PB 63 0.91 99.20 -1.03
C PHE PB 63 0.04 100.37 -0.59
N GLN PB 64 0.70 101.47 -0.25
CA GLN PB 64 0.00 102.68 0.15
C GLN PB 64 0.69 103.89 -0.46
N MET PB 65 -0.08 104.98 -0.60
CA MET PB 65 0.47 106.25 -1.06
C MET PB 65 -0.42 107.32 -0.43
N ARG PB 66 0.09 107.96 0.62
CA ARG PB 66 -0.68 108.98 1.30
C ARG PB 66 -0.48 110.35 0.66
N ILE PB 67 -1.53 111.17 0.73
CA ILE PB 67 -1.49 112.54 0.22
C ILE PB 67 -1.97 113.46 1.33
N HIS PB 68 -1.12 114.40 1.72
CA HIS PB 68 -1.46 115.38 2.76
C HIS PB 68 -1.73 116.73 2.09
N LYS PB 69 -2.83 117.36 2.49
CA LYS PB 69 -3.30 118.59 1.86
C LYS PB 69 -3.39 119.69 2.90
N ARG PB 70 -2.91 120.88 2.55
CA ARG PB 70 -2.94 122.04 3.41
C ARG PB 70 -3.51 123.24 2.66
N LEU PB 71 -4.20 124.11 3.37
CA LEU PB 71 -4.67 125.37 2.82
C LEU PB 71 -4.25 126.52 3.71
N ILE PB 72 -3.77 127.59 3.08
CA ILE PB 72 -3.51 128.86 3.74
C ILE PB 72 -4.12 129.95 2.87
N ASP PB 73 -4.57 131.03 3.51
CA ASP PB 73 -5.19 132.13 2.79
C ASP PB 73 -4.59 133.45 3.23
N LEU PB 74 -4.56 134.41 2.30
CA LEU PB 74 -4.00 135.73 2.56
C LEU PB 74 -4.98 136.79 2.09
N HIS PB 75 -4.96 137.94 2.77
CA HIS PB 75 -5.68 139.12 2.34
C HIS PB 75 -4.65 140.14 1.89
N SER PB 76 -4.25 140.03 0.63
CA SER PB 76 -3.21 140.88 0.05
C SER PB 76 -3.37 140.87 -1.46
N PRO PB 77 -2.93 141.91 -2.15
CA PRO PB 77 -3.00 141.91 -3.61
C PRO PB 77 -1.90 141.03 -4.22
N SER PB 78 -1.93 140.92 -5.54
CA SER PB 78 -1.14 139.90 -6.24
C SER PB 78 0.35 140.17 -6.14
N GLU PB 79 0.76 141.44 -6.17
CA GLU PB 79 2.19 141.75 -6.31
C GLU PB 79 2.99 141.30 -5.09
N ILE PB 80 2.42 141.35 -3.89
CA ILE PB 80 3.13 140.87 -2.71
C ILE PB 80 3.27 139.36 -2.74
N VAL PB 81 2.18 138.67 -3.07
CA VAL PB 81 2.12 137.22 -2.86
C VAL PB 81 2.95 136.45 -3.88
N LYS PB 82 3.28 137.05 -5.02
CA LYS PB 82 4.05 136.33 -6.04
C LYS PB 82 5.42 135.95 -5.53
N GLN PB 83 6.10 136.86 -4.83
CA GLN PB 83 7.43 136.59 -4.33
C GLN PB 83 7.43 135.82 -3.01
N ILE PB 84 6.29 135.77 -2.31
CA ILE PB 84 6.21 135.00 -1.07
C ILE PB 84 6.34 133.51 -1.37
N THR PB 85 5.62 133.03 -2.38
CA THR PB 85 5.58 131.61 -2.71
C THR PB 85 6.68 131.19 -3.67
N SER PB 86 7.55 132.11 -4.08
CA SER PB 86 8.62 131.80 -5.03
C SER PB 86 9.95 131.47 -4.36
N ILE PB 87 9.99 131.38 -3.04
CA ILE PB 87 11.23 131.19 -2.31
C ILE PB 87 11.11 129.98 -1.39
N SER PB 88 12.14 129.13 -1.38
CA SER PB 88 12.32 128.06 -0.40
C SER PB 88 11.14 127.09 -0.41
N ILE PB 89 10.98 126.41 -1.54
CA ILE PB 89 9.97 125.38 -1.71
C ILE PB 89 10.66 124.03 -1.74
N GLU PB 90 10.25 123.14 -0.83
CA GLU PB 90 10.75 121.78 -0.83
C GLU PB 90 10.35 121.07 -2.12
N PRO PB 91 11.25 120.28 -2.71
CA PRO PB 91 10.91 119.61 -3.99
C PRO PB 91 9.71 118.69 -3.89
N GLY PB 92 9.48 118.07 -2.73
CA GLY PB 92 8.31 117.23 -2.58
C GLY PB 92 7.02 118.02 -2.62
N VAL PB 93 6.99 119.17 -1.95
CA VAL PB 93 5.78 119.99 -1.84
C VAL PB 93 5.54 120.71 -3.16
N GLU PB 94 4.27 120.82 -3.56
CA GLU PB 94 3.87 121.63 -4.69
C GLU PB 94 2.91 122.71 -4.20
N VAL PB 95 2.98 123.89 -4.82
CA VAL PB 95 2.22 125.05 -4.39
C VAL PB 95 1.37 125.52 -5.57
N GLU PB 96 0.09 125.76 -5.31
CA GLU PB 96 -0.83 126.25 -6.32
C GLU PB 96 -1.68 127.37 -5.70
N VAL PB 97 -1.73 128.51 -6.39
CA VAL PB 97 -2.38 129.71 -5.89
C VAL PB 97 -3.66 129.94 -6.67
N THR PB 98 -4.73 130.31 -5.96
CA THR PB 98 -6.02 130.58 -6.56
C THR PB 98 -6.59 131.87 -5.98
N ILE PB 99 -7.42 132.54 -6.76
CA ILE PB 99 -8.01 133.82 -6.38
C ILE PB 99 -9.50 133.60 -6.11
N ALA PB 100 -9.94 133.99 -4.92
CA ALA PB 100 -11.35 133.85 -4.55
C ALA PB 100 -12.18 134.98 -5.14
N MET QB 1 80.12 72.44 16.54
CA MET QB 1 80.47 71.46 15.53
C MET QB 1 81.66 71.94 14.71
N GLN QB 2 82.59 71.03 14.43
CA GLN QB 2 83.86 71.37 13.80
C GLN QB 2 84.03 70.62 12.49
N ASN QB 3 84.63 71.29 11.51
CA ASN QB 3 85.07 70.63 10.30
C ASN QB 3 86.58 70.44 10.35
N ASP QB 4 87.18 70.01 9.24
CA ASP QB 4 88.62 69.76 9.22
C ASP QB 4 89.41 71.03 9.46
N ALA QB 5 88.95 72.15 8.89
CA ALA QB 5 89.68 73.41 9.01
C ALA QB 5 89.58 74.03 10.40
N GLY QB 6 88.73 73.49 11.27
CA GLY QB 6 88.54 74.06 12.58
C GLY QB 6 87.54 75.19 12.66
N GLU QB 7 86.79 75.45 11.58
CA GLU QB 7 85.77 76.47 11.61
C GLU QB 7 84.52 75.95 12.32
N PHE QB 8 83.62 76.86 12.64
CA PHE QB 8 82.34 76.53 13.27
C PHE QB 8 81.24 76.67 12.23
N VAL QB 9 80.67 75.55 11.82
CA VAL QB 9 79.66 75.55 10.76
C VAL QB 9 78.23 75.52 11.28
N ASP QB 10 78.02 75.12 12.53
CA ASP QB 10 76.66 75.05 13.07
C ASP QB 10 76.05 76.44 13.23
N LEU QB 11 74.73 76.51 13.05
CA LEU QB 11 74.06 77.80 13.12
C LEU QB 11 74.12 78.39 14.52
N TYR QB 12 73.79 77.58 15.52
CA TYR QB 12 73.85 78.01 16.91
C TYR QB 12 73.94 76.78 17.80
N VAL QB 13 74.63 76.93 18.92
CA VAL QB 13 74.75 75.87 19.92
C VAL QB 13 73.56 75.98 20.86
N PRO QB 14 72.70 74.96 20.93
CA PRO QB 14 71.50 75.07 21.77
C PRO QB 14 71.83 74.95 23.24
N ARG QB 15 70.88 75.41 24.06
CA ARG QB 15 71.00 75.29 25.51
C ARG QB 15 70.87 73.81 25.92
N LYS QB 16 71.06 73.58 27.21
CA LYS QB 16 71.06 72.22 27.74
C LYS QB 16 70.54 72.25 29.17
N CYS QB 17 69.60 71.35 29.47
CA CYS QB 17 68.99 71.35 30.79
C CYS QB 17 70.03 71.13 31.87
N SER QB 18 69.89 71.86 32.96
CA SER QB 18 70.84 71.78 34.07
C SER QB 18 70.56 70.62 35.02
N ALA QB 19 69.48 69.88 34.80
CA ALA QB 19 69.10 68.77 35.66
C ALA QB 19 69.23 67.41 34.99
N SER QB 20 68.88 67.32 33.71
CA SER QB 20 68.99 66.07 32.97
C SER QB 20 70.08 66.09 31.91
N ASN QB 21 70.64 67.25 31.59
CA ASN QB 21 71.73 67.38 30.61
C ASN QB 21 71.29 66.88 29.23
N ARG QB 22 70.17 67.40 28.75
CA ARG QB 22 69.69 67.12 27.41
C ARG QB 22 69.31 68.40 26.71
N ILE QB 23 69.44 68.40 25.38
CA ILE QB 23 69.22 69.61 24.60
C ILE QB 23 67.80 70.10 24.76
N ILE QB 24 67.66 71.40 25.01
CA ILE QB 24 66.35 72.06 25.01
C ILE QB 24 66.05 72.51 23.59
N GLY QB 25 64.96 72.00 23.03
CA GLY QB 25 64.63 72.29 21.65
C GLY QB 25 64.23 73.74 21.45
N ALA QB 26 64.20 74.12 20.17
CA ALA QB 26 63.85 75.50 19.82
C ALA QB 26 62.39 75.80 20.11
N LYS QB 27 61.52 74.79 20.05
CA LYS QB 27 60.10 74.98 20.31
C LYS QB 27 59.68 74.41 21.67
N ASP QB 28 60.64 74.16 22.56
CA ASP QB 28 60.34 73.67 23.90
C ASP QB 28 59.84 74.86 24.72
N HIS QB 29 58.55 75.16 24.55
CA HIS QB 29 57.96 76.33 25.16
C HIS QB 29 57.75 76.18 26.66
N ALA QB 30 57.92 74.98 27.20
CA ALA QB 30 57.81 74.75 28.63
C ALA QB 30 59.14 74.89 29.37
N SER QB 31 60.25 75.04 28.65
CA SER QB 31 61.54 75.20 29.31
C SER QB 31 61.67 76.59 29.90
N ILE QB 32 62.50 76.70 30.95
CA ILE QB 32 62.71 77.94 31.67
C ILE QB 32 64.21 78.17 31.83
N GLN QB 33 64.57 79.43 32.11
CA GLN QB 33 65.94 79.80 32.45
C GLN QB 33 65.88 80.61 33.74
N MET QB 34 65.95 79.91 34.87
CA MET QB 34 65.84 80.54 36.17
C MET QB 34 67.04 81.44 36.45
N ASN QB 35 66.78 82.55 37.13
CA ASN QB 35 67.83 83.39 37.70
C ASN QB 35 67.64 83.45 39.22
N VAL QB 36 68.75 83.33 39.94
CA VAL QB 36 68.75 83.41 41.39
C VAL QB 36 69.77 84.47 41.80
N ALA QB 37 69.35 85.39 42.67
CA ALA QB 37 70.24 86.43 43.14
C ALA QB 37 71.24 85.88 44.15
N GLU QB 38 72.43 86.48 44.16
CA GLU QB 38 73.44 86.23 45.17
C GLU QB 38 73.60 87.46 46.04
N VAL QB 39 73.71 87.26 47.35
CA VAL QB 39 73.75 88.36 48.31
C VAL QB 39 75.14 88.44 48.92
N ASP QB 40 75.42 89.57 49.56
CA ASP QB 40 76.67 89.79 50.26
C ASP QB 40 76.69 89.00 51.56
N LYS QB 41 77.87 88.49 51.91
CA LYS QB 41 77.98 87.58 53.05
C LYS QB 41 77.66 88.28 54.36
N VAL QB 42 78.30 89.43 54.60
CA VAL QB 42 78.15 90.09 55.90
C VAL QB 42 76.77 90.71 56.05
N THR QB 43 76.18 91.17 54.94
CA THR QB 43 74.93 91.93 54.98
C THR QB 43 73.74 91.16 54.47
N GLY QB 44 73.83 90.56 53.28
CA GLY QB 44 72.69 89.90 52.70
C GLY QB 44 71.84 90.81 51.82
N ARG QB 45 72.48 91.44 50.84
CA ARG QB 45 71.79 92.33 49.92
C ARG QB 45 72.21 91.99 48.50
N PHE QB 46 71.26 92.11 47.57
CA PHE QB 46 71.52 91.81 46.17
C PHE QB 46 72.71 92.60 45.64
N ASN QB 47 73.77 91.89 45.29
CA ASN QB 47 74.94 92.54 44.72
C ASN QB 47 74.71 92.92 43.27
N GLY QB 48 74.33 91.95 42.44
CA GLY QB 48 74.19 92.17 41.02
C GLY QB 48 74.61 90.96 40.20
N GLN QB 49 75.00 89.89 40.89
CA GLN QB 49 75.39 88.65 40.24
C GLN QB 49 74.25 87.64 40.33
N PHE QB 50 74.30 86.65 39.44
CA PHE QB 50 73.26 85.64 39.36
C PHE QB 50 73.89 84.27 39.23
N LYS QB 51 73.18 83.26 39.74
CA LYS QB 51 73.48 81.86 39.48
C LYS QB 51 72.33 81.28 38.67
N THR QB 52 72.57 81.03 37.40
CA THR QB 52 71.51 80.72 36.45
C THR QB 52 71.32 79.22 36.30
N TYR QB 53 70.06 78.78 36.35
CA TYR QB 53 69.68 77.39 36.16
C TYR QB 53 68.63 77.32 35.05
N ALA QB 54 68.68 76.25 34.26
CA ALA QB 54 67.74 76.05 33.18
C ALA QB 54 67.19 74.63 33.25
N ILE QB 55 65.87 74.51 33.26
CA ILE QB 55 65.18 73.23 33.33
C ILE QB 55 64.35 73.06 32.07
N CYS QB 56 64.49 71.93 31.40
CA CYS QB 56 63.70 71.66 30.22
C CYS QB 56 62.26 71.36 30.61
N GLY QB 57 61.38 71.39 29.61
CA GLY QB 57 59.96 71.20 29.87
C GLY QB 57 59.60 69.79 30.25
N ALA QB 58 60.40 68.81 29.84
CA ALA QB 58 60.11 67.42 30.17
C ALA QB 58 60.17 67.18 31.67
N ILE QB 59 61.15 67.80 32.35
CA ILE QB 59 61.26 67.66 33.79
C ILE QB 59 60.12 68.38 34.49
N ARG QB 60 59.73 69.54 33.98
CA ARG QB 60 58.65 70.30 34.60
C ARG QB 60 57.32 69.55 34.53
N ARG QB 61 57.06 68.90 33.40
CA ARG QB 61 55.86 68.06 33.31
C ARG QB 61 55.97 66.84 34.21
N MET QB 62 57.19 66.32 34.40
CA MET QB 62 57.41 65.16 35.25
C MET QB 62 57.25 65.47 36.73
N GLY QB 63 57.15 66.76 37.10
CA GLY QB 63 57.00 67.13 38.48
C GLY QB 63 58.27 67.13 39.29
N GLU QB 64 59.44 67.14 38.62
CA GLU QB 64 60.72 67.09 39.30
C GLU QB 64 61.49 68.39 39.21
N SER QB 65 60.84 69.47 38.77
CA SER QB 65 61.55 70.74 38.59
C SER QB 65 61.99 71.32 39.92
N ASP QB 66 61.12 71.28 40.93
CA ASP QB 66 61.43 71.95 42.19
C ASP QB 66 62.60 71.25 42.90
N ASP QB 67 62.61 69.92 42.90
CA ASP QB 67 63.73 69.20 43.48
C ASP QB 67 65.01 69.48 42.69
N SER QB 68 64.91 69.54 41.37
CA SER QB 68 66.08 69.82 40.54
C SER QB 68 66.65 71.20 40.84
N ILE QB 69 65.79 72.19 41.03
CA ILE QB 69 66.25 73.52 41.43
C ILE QB 69 66.93 73.45 42.80
N LEU QB 70 66.33 72.70 43.73
CA LEU QB 70 66.83 72.68 45.10
C LEU QB 70 68.24 72.13 45.18
N ARG QB 71 68.52 71.02 44.49
CA ARG QB 71 69.83 70.39 44.61
C ARG QB 71 70.89 71.23 43.90
N LEU QB 72 70.55 71.85 42.78
CA LEU QB 72 71.49 72.73 42.09
C LEU QB 72 71.89 73.91 42.97
N ALA QB 73 70.90 74.54 43.62
CA ALA QB 73 71.20 75.63 44.54
C ALA QB 73 71.97 75.13 45.75
N LYS QB 74 71.66 73.92 46.22
CA LYS QB 74 72.37 73.36 47.36
C LYS QB 74 73.83 73.11 47.03
N ALA QB 75 74.11 72.65 45.81
CA ALA QB 75 75.49 72.45 45.39
C ALA QB 75 76.24 73.76 45.20
N ASP QB 76 75.52 74.87 45.05
CA ASP QB 76 76.12 76.18 44.84
C ASP QB 76 76.24 77.01 46.11
N GLY QB 77 75.86 76.45 47.26
CA GLY QB 77 75.95 77.16 48.51
C GLY QB 77 74.82 78.14 48.77
N ILE QB 78 73.93 78.36 47.80
CA ILE QB 78 72.80 79.26 48.02
C ILE QB 78 71.89 78.71 49.11
N VAL QB 79 71.59 77.42 49.05
CA VAL QB 79 70.81 76.74 50.07
C VAL QB 79 71.79 76.11 51.06
N SER QB 80 71.37 76.01 52.32
CA SER QB 80 72.24 75.45 53.35
C SER QB 80 72.60 74.01 53.02
N LYS QB 81 73.81 73.63 53.42
CA LYS QB 81 74.32 72.30 53.07
C LYS QB 81 73.45 71.20 53.68
N ASN QB 82 72.92 71.42 54.88
CA ASN QB 82 72.03 70.44 55.47
C ASN QB 82 70.61 70.59 54.95
N PHE QB 83 70.24 71.79 54.51
CA PHE QB 83 68.88 72.09 54.07
C PHE QB 83 67.88 71.84 55.19
N VAL RB 1 62.51 32.12 31.72
CA VAL RB 1 63.41 32.53 32.79
C VAL RB 1 64.43 33.52 32.25
N ARG RB 2 65.46 33.80 33.03
CA ARG RB 2 66.52 34.71 32.62
C ARG RB 2 67.54 33.94 31.80
N MET RB 3 67.56 34.19 30.49
CA MET RB 3 68.48 33.52 29.57
C MET RB 3 69.75 34.34 29.32
N ASN RB 4 69.63 35.66 29.29
CA ASN RB 4 70.75 36.55 29.01
C ASN RB 4 70.81 37.59 30.11
N VAL RB 5 71.99 37.76 30.72
CA VAL RB 5 72.14 38.73 31.79
C VAL RB 5 72.69 40.07 31.29
N LEU RB 6 73.31 40.10 30.12
CA LEU RB 6 73.71 41.38 29.55
C LEU RB 6 72.52 42.15 29.01
N ALA RB 7 71.53 41.43 28.45
CA ALA RB 7 70.34 42.09 27.94
C ALA RB 7 69.55 42.78 29.05
N ASP RB 8 69.62 42.25 30.27
CA ASP RB 8 68.92 42.87 31.39
C ASP RB 8 69.67 44.09 31.92
N ALA RB 9 70.99 44.11 31.83
CA ALA RB 9 71.74 45.27 32.28
C ALA RB 9 71.55 46.45 31.33
N LEU RB 10 71.67 46.21 30.03
CA LEU RB 10 71.55 47.29 29.06
C LEU RB 10 70.13 47.85 29.03
N LYS RB 11 69.13 46.98 29.09
CA LYS RB 11 67.75 47.45 29.11
C LYS RB 11 67.46 48.25 30.36
N SER RB 12 67.95 47.79 31.51
CA SER RB 12 67.74 48.52 32.76
C SER RB 12 68.42 49.88 32.72
N ILE RB 13 69.62 49.95 32.16
CA ILE RB 13 70.31 51.22 32.01
C ILE RB 13 69.53 52.16 31.11
N ASN RB 14 69.01 51.62 30.00
CA ASN RB 14 68.28 52.46 29.04
C ASN RB 14 67.00 53.01 29.65
N ASN RB 15 66.29 52.20 30.43
CA ASN RB 15 65.05 52.67 31.04
C ASN RB 15 65.30 53.79 32.04
N ALA RB 16 66.36 53.69 32.83
CA ALA RB 16 66.68 54.74 33.79
C ALA RB 16 67.23 55.97 33.09
N GLU RB 17 68.06 55.78 32.07
CA GLU RB 17 68.63 56.92 31.35
C GLU RB 17 67.55 57.72 30.66
N LYS RB 18 66.60 57.02 30.02
CA LYS RB 18 65.54 57.69 29.27
C LYS RB 18 64.62 58.50 30.17
N ARG RB 19 64.60 58.22 31.46
CA ARG RB 19 63.73 58.94 32.39
C ARG RB 19 64.47 60.00 33.19
N GLY RB 20 65.77 60.15 33.00
CA GLY RB 20 66.51 61.18 33.71
C GLY RB 20 66.95 60.84 35.11
N LYS RB 21 67.12 59.56 35.43
CA LYS RB 21 67.58 59.19 36.75
C LYS RB 21 69.10 59.29 36.84
N ARG RB 22 69.59 59.49 38.06
CA ARG RB 22 71.01 59.70 38.29
C ARG RB 22 71.78 58.41 38.53
N GLN RB 23 71.14 57.40 39.12
CA GLN RB 23 71.80 56.13 39.39
C GLN RB 23 70.86 54.99 39.01
N VAL RB 24 71.44 53.90 38.52
CA VAL RB 24 70.69 52.70 38.17
C VAL RB 24 71.35 51.51 38.83
N LEU RB 25 70.57 50.47 39.10
CA LEU RB 25 71.03 49.28 39.79
C LEU RB 25 70.89 48.08 38.86
N ILE RB 26 72.02 47.48 38.49
CA ILE RB 26 72.02 46.23 37.73
C ILE RB 26 72.08 45.07 38.72
N ARG RB 27 71.07 44.22 38.69
CA ARG RB 27 70.88 43.24 39.75
C ARG RB 27 71.86 42.08 39.65
N PRO RB 28 72.00 41.40 38.51
CA PRO RB 28 73.09 40.42 38.39
C PRO RB 28 74.34 41.05 37.79
N CYS RB 29 75.47 40.76 38.39
CA CYS RB 29 76.77 41.22 37.90
C CYS RB 29 77.53 40.05 37.30
N SER RB 30 78.19 40.31 36.17
CA SER RB 30 79.02 39.32 35.51
C SER RB 30 80.27 40.00 34.99
N LYS RB 31 81.27 39.19 34.64
CA LYS RB 31 82.48 39.74 34.03
C LYS RB 31 82.18 40.41 32.71
N VAL RB 32 81.18 39.91 31.98
CA VAL RB 32 80.82 40.50 30.70
C VAL RB 32 80.24 41.90 30.90
N ILE RB 33 79.34 42.05 31.87
CA ILE RB 33 78.71 43.34 32.10
C ILE RB 33 79.75 44.36 32.58
N VAL RB 34 80.62 43.95 33.50
CA VAL RB 34 81.66 44.85 34.00
C VAL RB 34 82.57 45.28 32.87
N ARG RB 35 82.97 44.32 32.03
CA ARG RB 35 83.84 44.64 30.90
C ARG RB 35 83.11 45.49 29.87
N PHE RB 36 81.81 45.27 29.69
CA PHE RB 36 81.03 46.10 28.78
C PHE RB 36 80.90 47.53 29.31
N LEU RB 37 80.79 47.68 30.62
CA LEU RB 37 80.61 49.01 31.21
C LEU RB 37 81.89 49.83 31.17
N THR RB 38 83.06 49.19 31.19
CA THR RB 38 84.30 49.94 31.12
C THR RB 38 84.53 50.49 29.71
N VAL RB 39 84.16 49.72 28.68
CA VAL RB 39 84.19 50.27 27.33
C VAL RB 39 83.25 51.46 27.23
N MET RB 40 82.16 51.43 27.99
CA MET RB 40 81.23 52.55 28.02
C MET RB 40 81.79 53.76 28.76
N MET RB 41 82.92 53.61 29.45
CA MET RB 41 83.50 54.71 30.21
C MET RB 41 84.63 55.42 29.46
N LYS RB 42 85.44 54.67 28.71
CA LYS RB 42 86.56 55.28 28.01
C LYS RB 42 86.10 56.34 27.03
N HIS RB 43 84.84 56.29 26.60
CA HIS RB 43 84.27 57.28 25.70
C HIS RB 43 83.29 58.21 26.41
N GLY RB 44 83.26 58.19 27.73
CA GLY RB 44 82.50 59.17 28.48
C GLY RB 44 80.99 59.05 28.40
N TYR RB 45 80.47 57.86 28.10
CA TYR RB 45 79.03 57.69 28.03
C TYR RB 45 78.39 57.43 29.38
N ILE RB 46 79.14 56.94 30.36
CA ILE RB 46 78.67 56.80 31.74
C ILE RB 46 79.78 57.26 32.67
N GLY RB 47 79.40 57.49 33.93
CA GLY RB 47 80.36 57.81 34.96
C GLY RB 47 80.98 56.54 35.53
N GLU RB 48 81.54 56.68 36.73
CA GLU RB 48 82.10 55.53 37.43
C GLU RB 48 80.99 54.72 38.09
N PHE RB 49 81.28 53.45 38.37
CA PHE RB 49 80.28 52.55 38.92
C PHE RB 49 80.86 51.73 40.07
N GLU RB 50 79.97 51.22 40.91
CA GLU RB 50 80.30 50.38 42.04
C GLU RB 50 79.92 48.94 41.76
N ILE RB 51 80.60 48.02 42.43
CA ILE RB 51 80.30 46.59 42.35
C ILE RB 51 80.07 46.12 43.78
N ILE RB 52 78.80 46.11 44.21
CA ILE RB 52 78.47 45.54 45.50
C ILE RB 52 78.76 44.05 45.47
N ASP RB 53 79.61 43.59 46.37
CA ASP RB 53 80.13 42.22 46.34
C ASP RB 53 79.53 41.44 47.50
N ASP RB 54 78.37 40.85 47.26
CA ASP RB 54 77.91 39.78 48.13
C ASP RB 54 78.51 38.46 47.65
N HIS RB 55 78.18 37.39 48.36
CA HIS RB 55 78.78 36.10 48.04
C HIS RB 55 78.08 35.39 46.90
N ARG RB 56 77.28 36.12 46.12
CA ARG RB 56 76.60 35.57 44.96
C ARG RB 56 76.92 36.44 43.75
N ALA RB 57 76.19 36.24 42.65
CA ALA RB 57 76.30 37.17 41.54
C ALA RB 57 75.93 38.57 42.02
N GLY RB 58 76.90 39.48 42.05
CA GLY RB 58 76.72 40.74 42.74
C GLY RB 58 75.83 41.70 41.98
N LYS RB 59 75.72 42.90 42.54
CA LYS RB 59 74.99 44.00 41.94
C LYS RB 59 75.96 45.09 41.50
N ILE RB 60 75.44 46.04 40.73
CA ILE RB 60 76.24 47.14 40.21
C ILE RB 60 75.40 48.41 40.24
N VAL RB 61 75.96 49.48 40.81
CA VAL RB 61 75.35 50.80 40.80
C VAL RB 61 76.15 51.68 39.87
N VAL RB 62 75.50 52.21 38.84
CA VAL RB 62 76.16 52.98 37.79
C VAL RB 62 75.74 54.44 37.92
N ASN RB 63 76.72 55.34 37.90
CA ASN RB 63 76.43 56.77 37.92
C ASN RB 63 76.11 57.23 36.51
N LEU RB 64 74.86 57.59 36.28
CA LEU RB 64 74.38 57.92 34.94
C LEU RB 64 74.50 59.41 34.67
N THR RB 65 74.98 59.75 33.48
CA THR RB 65 74.94 61.10 32.96
C THR RB 65 73.77 61.20 31.97
N GLY RB 66 73.67 62.34 31.30
CA GLY RB 66 72.66 62.52 30.27
C GLY RB 66 73.23 62.34 28.88
N ARG RB 67 74.37 61.68 28.80
CA ARG RB 67 75.15 61.60 27.58
C ARG RB 67 74.83 60.37 26.73
N LEU RB 68 73.85 59.57 27.13
CA LEU RB 68 73.55 58.31 26.48
C LEU RB 68 72.19 58.39 25.79
N ASN RB 69 72.12 57.87 24.57
CA ASN RB 69 70.86 57.82 23.82
C ASN RB 69 70.22 56.44 23.86
N LYS RB 70 70.98 55.41 23.48
CA LYS RB 70 70.47 54.05 23.54
C LYS RB 70 71.63 53.07 23.59
N CYS RB 71 71.62 52.22 24.62
CA CYS RB 71 72.49 51.06 24.67
C CYS RB 71 71.64 49.82 24.40
N GLY RB 72 72.11 48.96 23.51
CA GLY RB 72 71.34 47.79 23.12
C GLY RB 72 72.23 46.59 22.90
N VAL RB 73 71.68 45.43 23.22
CA VAL RB 73 72.36 44.15 23.07
C VAL RB 73 71.89 43.50 21.77
N ILE RB 74 72.77 42.74 21.14
CA ILE RB 74 72.44 42.00 19.93
C ILE RB 74 72.46 40.52 20.27
N SER RB 75 71.32 39.86 20.09
CA SER RB 75 71.21 38.44 20.38
C SER RB 75 70.60 37.72 19.19
N PRO RB 76 71.17 36.56 18.80
CA PRO RB 76 72.32 35.92 19.43
C PRO RB 76 73.63 36.54 18.98
N ARG RB 77 74.74 36.11 19.57
CA ARG RB 77 76.05 36.70 19.30
C ARG RB 77 76.57 36.12 17.99
N PHE RB 78 76.32 36.85 16.91
CA PHE RB 78 76.78 36.42 15.59
C PHE RB 78 78.30 36.54 15.50
N ASP RB 79 78.89 35.70 14.67
CA ASP RB 79 80.31 35.77 14.36
C ASP RB 79 80.50 36.68 13.15
N VAL RB 80 81.26 37.74 13.33
CA VAL RB 80 81.45 38.76 12.30
C VAL RB 80 82.94 38.86 11.96
N GLN RB 81 83.25 38.81 10.66
CA GLN RB 81 84.60 39.04 10.20
C GLN RB 81 84.86 40.54 10.10
N LEU RB 82 86.08 40.89 9.68
CA LEU RB 82 86.37 42.30 9.45
C LEU RB 82 85.84 42.80 8.12
N LYS RB 83 85.62 41.91 7.16
CA LYS RB 83 84.98 42.32 5.92
C LYS RB 83 83.51 42.66 6.15
N ASP RB 84 82.86 41.95 7.06
CA ASP RB 84 81.46 42.18 7.37
C ASP RB 84 81.24 43.23 8.45
N LEU RB 85 82.30 43.72 9.08
CA LEU RB 85 82.15 44.70 10.15
C LEU RB 85 81.58 46.01 9.62
N GLU RB 86 81.94 46.38 8.39
CA GLU RB 86 81.43 47.62 7.82
C GLU RB 86 79.92 47.58 7.67
N LYS RB 87 79.38 46.44 7.25
CA LYS RB 87 77.93 46.32 7.06
C LYS RB 87 77.19 46.48 8.39
N TRP RB 88 77.69 45.84 9.45
CA TRP RB 88 76.98 45.86 10.73
C TRP RB 88 76.86 47.27 11.27
N GLN RB 89 77.93 48.05 11.19
CA GLN RB 89 77.86 49.43 11.66
C GLN RB 89 77.07 50.33 10.72
N ASN RB 90 76.76 49.87 9.51
CA ASN RB 90 75.93 50.63 8.60
C ASN RB 90 74.44 50.43 8.87
N ASN RB 91 74.06 49.42 9.66
CA ASN RB 91 72.67 49.18 10.01
C ASN RB 91 72.28 49.71 11.38
N LEU RB 92 73.13 49.55 12.38
CA LEU RB 92 72.74 49.77 13.77
C LEU RB 92 73.52 50.90 14.43
N LEU RB 93 74.05 51.82 13.64
CA LEU RB 93 74.68 53.01 14.18
C LEU RB 93 74.14 54.25 13.48
N PRO RB 94 74.01 55.36 14.22
CA PRO RB 94 73.34 56.55 13.64
C PRO RB 94 74.11 57.17 12.49
N SER RB 95 75.40 57.43 12.70
CA SER RB 95 76.22 58.07 11.68
C SER RB 95 77.65 57.59 11.82
N ARG RB 96 78.45 57.85 10.79
CA ARG RB 96 79.83 57.38 10.76
C ARG RB 96 80.73 58.10 11.75
N GLN RB 97 80.28 59.21 12.35
CA GLN RB 97 81.14 59.95 13.26
C GLN RB 97 81.15 59.36 14.67
N PHE RB 98 79.98 59.01 15.20
CA PHE RB 98 79.88 58.55 16.58
C PHE RB 98 79.12 57.24 16.63
N GLY RB 99 79.03 56.68 17.82
CA GLY RB 99 78.41 55.38 18.01
C GLY RB 99 79.40 54.25 17.85
N PHE RB 100 79.35 53.27 18.75
CA PHE RB 100 80.34 52.20 18.79
C PHE RB 100 79.65 50.84 18.88
N ILE RB 101 80.26 49.85 18.25
CA ILE RB 101 79.84 48.45 18.37
C ILE RB 101 80.81 47.75 19.30
N VAL RB 102 80.29 47.11 20.33
CA VAL RB 102 81.11 46.43 21.32
C VAL RB 102 81.04 44.94 21.02
N LEU RB 103 82.17 44.37 20.58
CA LEU RB 103 82.25 42.98 20.21
C LEU RB 103 83.46 42.33 20.87
N THR RB 104 83.33 41.04 21.19
CA THR RB 104 84.35 40.30 21.91
C THR RB 104 85.26 39.56 20.94
N THR RB 105 86.56 39.72 21.12
CA THR RB 105 87.57 39.06 20.30
C THR RB 105 88.48 38.22 21.19
N SER RB 106 89.44 37.56 20.54
CA SER RB 106 90.44 36.81 21.28
C SER RB 106 91.34 37.74 22.09
N ALA RB 107 91.36 39.03 21.77
CA ALA RB 107 92.11 40.01 22.55
C ALA RB 107 91.27 40.69 23.61
N GLY RB 108 90.00 40.33 23.74
CA GLY RB 108 89.14 40.85 24.77
C GLY RB 108 87.96 41.61 24.20
N ILE RB 109 87.09 42.05 25.12
CA ILE RB 109 85.94 42.86 24.73
C ILE RB 109 86.40 44.28 24.44
N MET RB 110 86.00 44.79 23.28
CA MET RB 110 86.49 46.06 22.78
C MET RB 110 85.56 46.56 21.70
N ASP RB 111 85.67 47.86 21.40
CA ASP RB 111 84.83 48.47 20.38
C ASP RB 111 85.35 48.17 18.97
N HIS RB 112 84.52 48.50 17.98
CA HIS RB 112 84.83 48.10 16.61
C HIS RB 112 85.99 48.89 16.02
N GLU RB 113 86.14 50.16 16.40
CA GLU RB 113 87.20 50.98 15.84
C GLU RB 113 88.57 50.47 16.28
N GLU RB 114 88.73 50.22 17.57
CA GLU RB 114 90.01 49.75 18.10
C GLU RB 114 90.22 48.27 17.85
N ALA RB 115 89.17 47.53 17.49
CA ALA RB 115 89.35 46.17 16.99
C ALA RB 115 89.85 46.15 15.56
N ARG RB 116 89.45 47.13 14.75
CA ARG RB 116 89.93 47.20 13.38
C ARG RB 116 91.41 47.55 13.32
N ARG RB 117 91.92 48.29 14.32
CA ARG RB 117 93.32 48.71 14.25
C ARG RB 117 94.27 47.56 14.53
N LYS RB 118 93.85 46.56 15.30
CA LYS RB 118 94.67 45.38 15.55
C LYS RB 118 94.24 44.19 14.70
N HIS RB 119 93.37 44.40 13.72
CA HIS RB 119 93.06 43.43 12.68
C HIS RB 119 92.56 42.11 13.29
N THR RB 120 91.42 42.19 13.96
CA THR RB 120 90.83 41.00 14.58
C THR RB 120 89.34 41.20 14.74
N GLY RB 121 88.57 40.25 14.22
CA GLY RB 121 87.14 40.22 14.40
C GLY RB 121 86.73 39.30 15.53
N GLY RB 122 85.41 39.09 15.64
CA GLY RB 122 84.91 38.24 16.70
C GLY RB 122 83.40 38.14 16.69
N LYS RB 123 82.83 38.06 17.89
CA LYS RB 123 81.40 37.95 18.08
C LYS RB 123 80.86 39.26 18.61
N ILE RB 124 79.78 39.76 17.99
CA ILE RB 124 79.18 41.01 18.43
C ILE RB 124 78.47 40.79 19.77
N LEU RB 125 78.45 41.83 20.59
CA LEU RB 125 77.70 41.83 21.85
C LEU RB 125 76.65 42.91 21.92
N GLY RB 126 76.91 44.08 21.36
CA GLY RB 126 75.96 45.17 21.48
C GLY RB 126 76.51 46.44 20.89
N PHE RB 127 75.95 47.56 21.33
CA PHE RB 127 76.34 48.86 20.80
C PHE RB 127 75.87 49.95 21.76
N PHE RB 128 76.29 51.18 21.48
CA PHE RB 128 75.77 52.34 22.16
C PHE RB 128 76.04 53.57 21.31
N PHE RB 129 75.18 54.58 21.47
CA PHE RB 129 75.38 55.86 20.79
C PHE RB 129 74.62 56.95 21.52
N GLY SB 1 61.08 37.93 12.79
CA GLY SB 1 60.76 36.58 13.18
C GLY SB 1 60.35 36.46 14.63
N LYS SB 2 60.19 35.23 15.11
CA LYS SB 2 59.90 35.00 16.52
C LYS SB 2 60.98 34.21 17.22
N CYS SB 3 61.44 33.11 16.62
CA CYS SB 3 62.57 32.36 17.15
C CYS SB 3 63.87 32.94 16.61
N ARG SB 4 64.83 33.17 17.51
CA ARG SB 4 66.01 33.95 17.19
C ARG SB 4 67.30 33.22 17.48
N GLY SB 5 67.24 31.95 17.89
CA GLY SB 5 68.44 31.24 18.26
C GLY SB 5 69.36 31.03 17.09
N LEU SB 6 70.66 30.89 17.40
CA LEU SB 6 71.68 30.73 16.37
C LEU SB 6 71.63 29.37 15.69
N ARG SB 7 70.84 28.44 16.22
CA ARG SB 7 70.71 27.09 15.67
C ARG SB 7 69.28 26.80 15.22
N THR SB 8 68.54 27.85 14.86
CA THR SB 8 67.17 27.71 14.40
C THR SB 8 67.02 27.96 12.91
N ALA SB 9 68.07 27.68 12.14
CA ALA SB 9 68.01 27.90 10.69
C ALA SB 9 66.97 27.01 10.04
N ARG SB 10 66.91 25.74 10.45
CA ARG SB 10 65.93 24.82 9.89
C ARG SB 10 64.51 25.25 10.21
N LYS SB 11 64.26 25.71 11.44
CA LYS SB 11 62.93 26.14 11.82
C LYS SB 11 62.48 27.35 11.00
N LEU SB 12 63.38 28.32 10.79
CA LEU SB 12 63.01 29.52 10.04
C LEU SB 12 62.73 29.19 8.58
N ARG SB 13 63.60 28.42 7.95
CA ARG SB 13 63.42 28.11 6.53
C ARG SB 13 62.18 27.26 6.29
N SER SB 14 61.95 26.26 7.15
CA SER SB 14 60.79 25.39 6.95
C SER SB 14 59.49 26.14 7.19
N HIS SB 15 59.49 27.09 8.12
CA HIS SB 15 58.30 27.91 8.34
C HIS SB 15 57.99 28.76 7.12
N ARG SB 16 59.03 29.29 6.46
CA ARG SB 16 58.82 30.08 5.26
C ARG SB 16 58.20 29.25 4.15
N ARG SB 17 58.67 28.02 3.96
CA ARG SB 17 58.14 27.17 2.90
C ARG SB 17 56.63 27.00 3.04
N ASP SB 18 56.16 26.73 4.25
CA ASP SB 18 54.74 26.52 4.47
C ASP SB 18 53.95 27.79 4.24
N GLN SB 19 54.48 28.93 4.67
CA GLN SB 19 53.72 30.17 4.66
C GLN SB 19 53.71 30.86 3.30
N LYS SB 20 54.56 30.46 2.37
CA LYS SB 20 54.48 31.00 1.03
C LYS SB 20 53.25 30.50 0.29
N TRP SB 21 52.70 29.36 0.71
CA TRP SB 21 51.54 28.80 0.04
C TRP SB 21 50.27 29.59 0.33
N HIS SB 22 50.29 30.46 1.34
CA HIS SB 22 49.17 31.33 1.62
C HIS SB 22 49.23 32.62 0.82
N ASP SB 23 50.27 32.80 0.00
CA ASP SB 23 50.34 33.89 -0.94
C ASP SB 23 49.59 33.51 -2.21
N LYS SB 24 48.61 34.33 -2.59
CA LYS SB 24 47.78 34.01 -3.74
C LYS SB 24 48.59 33.96 -5.02
N GLN SB 25 49.49 34.93 -5.20
CA GLN SB 25 50.31 34.97 -6.41
C GLN SB 25 51.27 33.78 -6.49
N TYR SB 26 51.82 33.36 -5.35
CA TYR SB 26 52.75 32.25 -5.35
C TYR SB 26 52.02 30.92 -5.53
N LYS SB 27 50.82 30.79 -4.96
CA LYS SB 27 50.10 29.53 -5.05
C LYS SB 27 49.77 29.18 -6.49
N LYS SB 28 49.31 30.17 -7.28
CA LYS SB 28 48.93 29.89 -8.65
C LYS SB 28 50.15 29.61 -9.53
N ALA SB 29 51.29 30.24 -9.21
CA ALA SB 29 52.48 30.08 -10.05
C ALA SB 29 53.12 28.71 -9.84
N HIS SB 30 53.05 28.16 -8.63
CA HIS SB 30 53.75 26.92 -8.30
C HIS SB 30 52.80 25.75 -8.10
N LEU SB 31 51.54 25.90 -8.50
CA LEU SB 31 50.63 24.78 -8.69
C LEU SB 31 50.12 24.81 -10.11
N GLY SB 32 50.09 23.64 -10.75
CA GLY SB 32 49.66 23.57 -12.13
C GLY SB 32 48.17 23.71 -12.34
N THR SB 33 47.38 23.67 -11.28
CA THR SB 33 45.93 23.73 -11.42
C THR SB 33 45.49 25.02 -12.10
N ALA SB 34 46.25 26.10 -11.94
CA ALA SB 34 45.94 27.34 -12.64
C ALA SB 34 46.31 27.24 -14.12
N LEU SB 35 47.47 26.65 -14.42
CA LEU SB 35 47.94 26.61 -15.80
C LEU SB 35 47.09 25.67 -16.65
N LYS SB 36 46.63 24.56 -16.08
CA LYS SB 36 45.77 23.65 -16.83
C LYS SB 36 44.47 24.34 -17.22
N ALA SB 37 43.88 25.10 -16.30
CA ALA SB 37 42.63 25.80 -16.60
C ALA SB 37 42.85 26.93 -17.62
N ASN SB 38 44.08 27.35 -17.83
CA ASN SB 38 44.35 28.42 -18.80
C ASN SB 38 44.14 27.90 -20.21
N PRO SB 39 43.29 28.56 -21.01
CA PRO SB 39 43.11 28.10 -22.41
C PRO SB 39 44.38 28.19 -23.24
N PHE SB 40 45.22 29.19 -22.98
CA PHE SB 40 46.41 29.41 -23.81
C PHE SB 40 47.53 28.45 -23.50
N GLY SB 41 47.44 27.69 -22.42
CA GLY SB 41 48.52 26.78 -22.05
C GLY SB 41 49.78 27.47 -21.60
N GLY SB 42 49.69 28.72 -21.18
CA GLY SB 42 50.86 29.49 -20.81
C GLY SB 42 51.43 30.33 -21.92
N ALA SB 43 51.00 30.12 -23.16
CA ALA SB 43 51.46 30.94 -24.27
C ALA SB 43 50.84 32.33 -24.19
N SER SB 44 51.55 33.30 -24.76
CA SER SB 44 51.04 34.66 -24.78
C SER SB 44 49.92 34.81 -25.80
N HIS SB 45 50.06 34.17 -26.96
CA HIS SB 45 49.11 34.28 -28.06
C HIS SB 45 48.64 32.90 -28.47
N ALA SB 46 47.55 32.85 -29.21
CA ALA SB 46 47.04 31.60 -29.75
C ALA SB 46 46.18 31.89 -30.96
N LYS SB 47 46.17 30.94 -31.89
CA LYS SB 47 45.36 31.03 -33.10
C LYS SB 47 44.13 30.14 -32.99
N GLY SB 48 43.02 30.60 -33.53
CA GLY SB 48 41.80 29.81 -33.51
C GLY SB 48 40.88 30.19 -34.65
N ILE SB 49 39.94 29.30 -34.93
CA ILE SB 49 38.94 29.50 -35.98
C ILE SB 49 37.72 30.17 -35.35
N VAL SB 50 37.12 31.09 -36.10
CA VAL SB 50 35.94 31.81 -35.62
C VAL SB 50 34.71 30.93 -35.79
N LEU SB 51 33.96 30.75 -34.70
CA LEU SB 51 32.75 29.94 -34.74
C LEU SB 51 31.47 30.75 -34.74
N GLU SB 52 31.48 31.94 -34.16
CA GLU SB 52 30.27 32.77 -34.12
C GLU SB 52 30.66 34.18 -33.75
N LYS SB 53 29.75 35.12 -34.02
CA LYS SB 53 29.87 36.50 -33.59
C LYS SB 53 28.85 36.73 -32.48
N VAL SB 54 29.32 37.14 -31.32
CA VAL SB 54 28.49 37.25 -30.13
C VAL SB 54 28.64 38.66 -29.55
N GLY SB 55 27.52 39.25 -29.16
CA GLY SB 55 27.51 40.53 -28.47
C GLY SB 55 27.08 40.34 -27.03
N VAL SB 56 27.81 40.97 -26.12
CA VAL SB 56 27.56 40.85 -24.68
C VAL SB 56 27.25 42.23 -24.13
N GLU SB 57 26.18 42.33 -23.35
CA GLU SB 57 25.84 43.57 -22.69
C GLU SB 57 26.91 43.93 -21.67
N ALA SB 58 27.21 45.22 -21.56
CA ALA SB 58 28.19 45.69 -20.59
C ALA SB 58 27.59 45.68 -19.18
N LYS SB 59 28.42 46.00 -18.19
CA LYS SB 59 27.99 46.00 -16.81
C LYS SB 59 26.90 47.05 -16.58
N GLN SB 60 26.27 46.98 -15.41
CA GLN SB 60 25.09 47.80 -15.14
C GLN SB 60 25.32 49.29 -15.28
N PRO SB 61 26.38 49.90 -14.71
CA PRO SB 61 26.52 51.36 -14.84
C PRO SB 61 26.74 51.83 -16.26
N ASN SB 62 27.11 50.93 -17.17
CA ASN SB 62 27.26 51.25 -18.58
C ASN SB 62 26.12 50.65 -19.39
N SER SB 63 26.03 51.05 -20.65
CA SER SB 63 24.96 50.57 -21.53
C SER SB 63 25.51 50.49 -22.95
N ALA SB 64 25.80 49.28 -23.40
CA ALA SB 64 26.38 49.06 -24.72
C ALA SB 64 26.27 47.59 -25.05
N ILE SB 65 26.58 47.26 -26.31
CA ILE SB 65 26.65 45.90 -26.79
C ILE SB 65 28.06 45.68 -27.32
N ARG SB 66 28.93 45.14 -26.48
CA ARG SB 66 30.32 44.90 -26.87
C ARG SB 66 30.38 43.84 -27.97
N LYS SB 67 31.20 44.09 -28.99
CA LYS SB 67 31.32 43.18 -30.11
C LYS SB 67 32.40 42.15 -29.80
N CYS SB 68 32.00 40.90 -29.65
CA CYS SB 68 32.93 39.81 -29.35
C CYS SB 68 32.82 38.74 -30.42
N VAL SB 69 33.51 37.62 -30.20
CA VAL SB 69 33.57 36.54 -31.17
C VAL SB 69 33.93 35.26 -30.43
N ARG SB 70 33.30 34.16 -30.83
CA ARG SB 70 33.54 32.86 -30.22
C ARG SB 70 34.51 32.07 -31.11
N VAL SB 71 35.63 31.64 -30.53
CA VAL SB 71 36.64 30.90 -31.27
C VAL SB 71 37.05 29.67 -30.50
N GLN SB 72 37.58 28.69 -31.25
CA GLN SB 72 38.06 27.43 -30.70
C GLN SB 72 39.55 27.32 -31.01
N LEU SB 73 40.36 27.24 -29.97
CA LEU SB 73 41.80 27.27 -30.15
C LEU SB 73 42.30 26.00 -30.85
N ILE SB 74 43.18 26.19 -31.82
CA ILE SB 74 43.66 25.06 -32.62
C ILE SB 74 44.49 24.11 -31.77
N LYS SB 75 45.40 24.65 -30.96
CA LYS SB 75 46.30 23.80 -30.18
C LYS SB 75 45.56 22.95 -29.16
N ASN SB 76 44.43 23.44 -28.65
CA ASN SB 76 43.68 22.75 -27.61
C ASN SB 76 42.32 22.25 -28.08
N GLY SB 77 41.52 23.11 -28.69
CA GLY SB 77 40.12 22.83 -28.93
C GLY SB 77 39.18 23.47 -27.95
N LYS SB 78 39.68 24.34 -27.07
CA LYS SB 78 38.85 24.99 -26.07
C LYS SB 78 38.16 26.21 -26.65
N LYS SB 79 36.94 26.45 -26.18
CA LYS SB 79 36.15 27.60 -26.62
C LYS SB 79 36.47 28.80 -25.75
N ILE SB 80 36.79 29.92 -26.39
CA ILE SB 80 36.99 31.19 -25.69
C ILE SB 80 36.23 32.27 -26.43
N THR SB 81 35.99 33.38 -25.73
CA THR SB 81 35.28 34.52 -26.27
C THR SB 81 36.26 35.68 -26.40
N ALA SB 82 36.70 35.96 -27.62
CA ALA SB 82 37.61 37.06 -27.88
C ALA SB 82 36.84 38.33 -28.19
N PHE SB 83 37.41 39.47 -27.83
CA PHE SB 83 36.77 40.76 -27.99
C PHE SB 83 37.41 41.48 -29.17
N VAL SB 84 36.59 41.90 -30.12
CA VAL SB 84 37.06 42.69 -31.26
C VAL SB 84 37.34 44.10 -30.78
N PRO SB 85 38.61 44.51 -30.73
CA PRO SB 85 38.95 45.71 -29.94
C PRO SB 85 38.33 46.99 -30.42
N ASN SB 86 38.54 47.39 -31.67
CA ASN SB 86 38.34 48.76 -32.08
C ASN SB 86 36.96 48.96 -32.71
N ASP SB 87 36.66 50.22 -33.04
CA ASP SB 87 35.33 50.62 -33.48
C ASP SB 87 35.07 50.19 -34.91
N GLY SB 88 34.00 49.43 -35.13
CA GLY SB 88 33.60 49.01 -36.46
C GLY SB 88 34.42 47.88 -37.04
N CYS SB 89 35.34 47.30 -36.28
CA CYS SB 89 36.21 46.26 -36.82
C CYS SB 89 35.49 44.94 -37.02
N LEU SB 90 34.32 44.76 -36.39
CA LEU SB 90 33.60 43.50 -36.51
C LEU SB 90 33.20 43.18 -37.94
N ASN SB 91 33.11 44.19 -38.80
CA ASN SB 91 32.76 43.94 -40.19
C ASN SB 91 33.89 43.23 -40.94
N PHE SB 92 35.13 43.45 -40.53
CA PHE SB 92 36.24 42.74 -41.13
C PHE SB 92 36.24 41.25 -40.81
N ILE SB 93 35.50 40.83 -39.78
CA ILE SB 93 35.50 39.46 -39.31
C ILE SB 93 34.30 38.75 -39.89
N GLU SB 94 34.54 37.62 -40.56
CA GLU SB 94 33.46 36.75 -41.02
C GLU SB 94 33.62 35.37 -40.37
N GLU SB 95 32.71 34.47 -40.70
CA GLU SB 95 32.66 33.16 -40.05
C GLU SB 95 33.71 32.22 -40.62
N ASN SB 96 34.24 31.36 -39.74
CA ASN SB 96 35.11 30.26 -40.13
C ASN SB 96 36.39 30.75 -40.82
N ASP SB 97 37.16 31.54 -40.08
CA ASP SB 97 38.46 31.98 -40.56
C ASP SB 97 39.42 32.06 -39.38
N GLU SB 98 40.71 32.07 -39.71
CA GLU SB 98 41.77 31.98 -38.71
C GLU SB 98 42.09 33.38 -38.19
N VAL SB 99 42.05 33.53 -36.87
CA VAL SB 99 42.39 34.79 -36.22
C VAL SB 99 43.51 34.51 -35.21
N LEU SB 100 44.25 35.56 -34.89
CA LEU SB 100 45.27 35.52 -33.86
C LEU SB 100 44.74 36.24 -32.63
N VAL SB 101 44.81 35.57 -31.48
CA VAL SB 101 44.19 36.06 -30.25
C VAL SB 101 45.27 36.19 -29.18
N ALA SB 102 45.20 37.27 -28.41
CA ALA SB 102 46.13 37.53 -27.33
C ALA SB 102 45.36 37.85 -26.05
N GLY SB 103 46.10 38.19 -25.00
CA GLY SB 103 45.47 38.57 -23.76
C GLY SB 103 44.84 39.95 -23.87
N PHE SB 104 44.08 40.32 -22.84
CA PHE SB 104 43.38 41.60 -22.88
C PHE SB 104 43.74 42.49 -21.68
N GLY SB 105 44.89 42.27 -21.04
CA GLY SB 105 45.46 43.29 -20.18
C GLY SB 105 45.77 42.88 -18.75
N ARG SB 106 44.89 42.09 -18.14
CA ARG SB 106 44.96 41.85 -16.70
C ARG SB 106 45.40 40.44 -16.35
N LYS SB 107 46.01 39.71 -17.29
CA LYS SB 107 46.65 38.43 -17.04
C LYS SB 107 45.66 37.40 -16.52
N GLY SB 108 44.66 37.11 -17.36
CA GLY SB 108 43.66 36.12 -17.03
C GLY SB 108 42.52 36.64 -16.18
N HIS SB 109 42.35 37.95 -16.08
CA HIS SB 109 41.30 38.56 -15.30
C HIS SB 109 40.39 39.37 -16.20
N ALA SB 110 39.10 39.40 -15.86
CA ALA SB 110 38.16 40.24 -16.59
C ALA SB 110 38.55 41.70 -16.43
N VAL SB 111 38.42 42.45 -17.52
CA VAL SB 111 38.94 43.81 -17.61
C VAL SB 111 37.89 44.72 -18.23
N GLY SB 112 37.76 45.92 -17.70
CA GLY SB 112 36.79 46.88 -18.17
C GLY SB 112 35.38 46.52 -17.73
N ASP SB 113 34.41 47.11 -18.42
CA ASP SB 113 33.01 46.85 -18.15
C ASP SB 113 32.49 45.59 -18.85
N ILE SB 114 33.33 44.92 -19.62
CA ILE SB 114 32.91 43.73 -20.37
C ILE SB 114 32.85 42.56 -19.40
N PRO SB 115 31.72 41.86 -19.31
CA PRO SB 115 31.62 40.77 -18.32
C PRO SB 115 32.18 39.45 -18.81
N GLY SB 116 33.19 38.94 -18.11
CA GLY SB 116 33.66 37.58 -18.30
C GLY SB 116 34.33 37.25 -19.62
N VAL SB 117 35.21 38.10 -20.11
CA VAL SB 117 36.07 37.76 -21.24
C VAL SB 117 37.51 38.12 -20.86
N ARG SB 118 38.46 37.34 -21.38
CA ARG SB 118 39.87 37.53 -21.09
C ARG SB 118 40.71 37.92 -22.29
N PHE SB 119 40.19 37.78 -23.51
CA PHE SB 119 41.04 37.77 -24.70
C PHE SB 119 40.62 38.87 -25.66
N LYS SB 120 41.44 39.04 -26.70
CA LYS SB 120 41.27 40.13 -27.64
C LYS SB 120 41.84 39.71 -28.99
N VAL SB 121 41.09 39.97 -30.05
CA VAL SB 121 41.52 39.66 -31.41
C VAL SB 121 42.54 40.71 -31.84
N VAL SB 122 43.64 40.25 -32.44
CA VAL SB 122 44.67 41.16 -32.93
C VAL SB 122 44.99 40.97 -34.41
N LYS SB 123 44.77 39.79 -34.98
CA LYS SB 123 45.00 39.56 -36.40
C LYS SB 123 43.89 38.68 -36.95
N VAL SB 124 43.57 38.90 -38.22
CA VAL SB 124 42.58 38.09 -38.93
C VAL SB 124 43.12 37.74 -40.30
N ALA SB 125 42.98 36.48 -40.69
CA ALA SB 125 43.41 36.00 -42.00
C ALA SB 125 44.86 36.39 -42.30
N ASN SB 126 45.70 36.31 -41.26
CA ASN SB 126 47.14 36.57 -41.36
C ASN SB 126 47.46 38.01 -41.73
N VAL SB 127 46.57 38.95 -41.42
CA VAL SB 127 46.86 40.37 -41.59
C VAL SB 127 46.41 41.11 -40.34
N SER SB 128 47.21 42.09 -39.92
CA SER SB 128 46.96 42.78 -38.67
C SER SB 128 45.67 43.58 -38.72
N LEU SB 129 44.91 43.54 -37.61
CA LEU SB 129 43.66 44.26 -37.54
C LEU SB 129 43.87 45.77 -37.43
N LEU SB 130 45.07 46.21 -37.04
CA LEU SB 130 45.35 47.64 -37.02
C LEU SB 130 45.58 48.18 -38.43
N ALA SB 131 46.19 47.39 -39.31
CA ALA SB 131 46.35 47.80 -40.70
C ALA SB 131 44.99 47.94 -41.37
N LEU SB 132 44.05 47.04 -41.05
CA LEU SB 132 42.71 47.14 -41.61
C LEU SB 132 42.01 48.40 -41.13
N TYR SB 133 42.20 48.75 -39.85
CA TYR SB 133 41.53 49.92 -39.29
C TYR SB 133 42.05 51.21 -39.90
N LYS SB 134 43.35 51.27 -40.21
CA LYS SB 134 43.96 52.47 -40.78
C LYS SB 134 43.88 52.52 -42.29
N GLY SB 135 43.36 51.49 -42.94
CA GLY SB 135 43.31 51.45 -44.39
C GLY SB 135 44.62 51.10 -45.06
N LYS SB 136 45.65 50.75 -44.31
CA LYS SB 136 46.95 50.43 -44.90
C LYS SB 136 46.89 49.18 -45.76
N LYS SB 137 46.16 48.16 -45.30
CA LYS SB 137 46.08 46.89 -46.01
C LYS SB 137 44.63 46.43 -46.10
N GLU SB 138 44.37 45.58 -47.10
CA GLU SB 138 43.07 44.98 -47.32
C GLU SB 138 43.10 43.51 -46.93
N ARG SB 139 41.90 42.93 -46.85
CA ARG SB 139 41.80 41.51 -46.52
C ARG SB 139 42.41 40.68 -47.63
N PRO SB 140 43.04 39.54 -47.31
CA PRO SB 140 43.59 38.66 -48.35
C PRO SB 140 42.48 37.89 -49.05
N ARG SB 141 42.40 38.05 -50.37
CA ARG SB 141 41.40 37.34 -51.17
C ARG SB 141 42.07 36.51 -52.26
N THR TB 1 105.68 62.43 -53.70
CA THR TB 1 104.42 62.47 -52.98
C THR TB 1 104.27 61.26 -52.07
N VAL TB 2 104.32 60.07 -52.66
CA VAL TB 2 104.16 58.84 -51.91
C VAL TB 2 105.50 58.44 -51.30
N THR TB 3 105.46 57.98 -50.05
CA THR TB 3 106.66 57.56 -49.33
C THR TB 3 106.35 56.31 -48.53
N ILE TB 4 107.32 55.41 -48.44
CA ILE TB 4 107.17 54.19 -47.67
C ILE TB 4 108.25 54.15 -46.60
N ARG TB 5 107.92 53.53 -45.47
CA ARG TB 5 108.86 53.32 -44.38
C ARG TB 5 108.68 51.92 -43.84
N THR TB 6 109.69 51.42 -43.12
CA THR TB 6 109.67 50.09 -42.55
C THR TB 6 109.79 50.17 -41.04
N ARG TB 7 108.99 49.36 -40.36
CA ARG TB 7 108.99 49.29 -38.91
C ARG TB 7 109.13 47.83 -38.47
N LYS TB 8 109.61 47.64 -37.24
CA LYS TB 8 109.72 46.32 -36.64
C LYS TB 8 110.50 45.37 -37.54
N PHE TB 9 111.54 45.88 -38.19
CA PHE TB 9 112.29 45.07 -39.13
C PHE TB 9 113.02 43.95 -38.39
N MET TB 10 112.98 42.76 -38.97
CA MET TB 10 113.70 41.61 -38.43
C MET TB 10 113.95 40.63 -39.55
N THR TB 11 115.09 39.94 -39.46
CA THR TB 11 115.45 38.92 -40.42
C THR TB 11 115.44 37.55 -39.75
N ASN TB 12 114.92 36.56 -40.46
CA ASN TB 12 114.95 35.17 -40.03
C ASN TB 12 115.67 34.36 -41.07
N ARG TB 13 116.74 33.67 -40.65
CA ARG TB 13 117.49 32.81 -41.54
C ARG TB 13 116.92 31.41 -41.63
N LEU TB 14 115.85 31.14 -40.87
CA LEU TB 14 115.23 29.83 -40.92
C LEU TB 14 114.38 29.65 -42.16
N LEU TB 15 113.72 30.70 -42.63
CA LEU TB 15 113.00 30.69 -43.90
C LEU TB 15 113.67 31.54 -44.96
N GLN TB 16 114.86 32.08 -44.67
CA GLN TB 16 115.62 32.89 -45.62
C GLN TB 16 114.79 34.05 -46.16
N ARG TB 17 114.28 34.85 -45.22
CA ARG TB 17 113.44 35.98 -45.55
C ARG TB 17 113.96 37.23 -44.84
N LYS TB 18 113.39 38.37 -45.20
CA LYS TB 18 113.62 39.63 -44.48
C LYS TB 18 112.26 40.34 -44.47
N GLN TB 19 111.49 40.09 -43.42
CA GLN TB 19 110.12 40.57 -43.34
C GLN TB 19 110.02 41.77 -42.41
N MET TB 20 109.09 42.66 -42.72
CA MET TB 20 108.88 43.87 -41.95
C MET TB 20 107.50 44.42 -42.26
N VAL TB 21 107.00 45.26 -41.37
CA VAL TB 21 105.73 45.94 -41.57
C VAL TB 21 106.00 47.24 -42.32
N ILE TB 22 105.09 47.58 -43.24
CA ILE TB 22 105.24 48.73 -44.13
C ILE TB 22 104.10 49.70 -43.88
N ASP TB 23 104.42 50.96 -43.69
CA ASP TB 23 103.44 52.03 -43.72
C ASP TB 23 103.60 52.88 -44.98
N VAL TB 24 102.50 53.49 -45.42
CA VAL TB 24 102.50 54.32 -46.62
C VAL TB 24 101.94 55.68 -46.26
N LEU TB 25 102.67 56.73 -46.62
CA LEU TB 25 102.21 58.11 -46.45
C LEU TB 25 101.85 58.64 -47.83
N HIS TB 26 100.55 58.69 -48.11
CA HIS TB 26 100.04 59.10 -49.42
C HIS TB 26 98.94 60.13 -49.23
N PRO TB 27 99.30 61.38 -48.94
CA PRO TB 27 98.28 62.40 -48.71
C PRO TB 27 97.58 62.79 -50.01
N GLY TB 28 96.26 62.81 -49.97
CA GLY TB 28 95.46 63.28 -51.09
C GLY TB 28 95.28 62.30 -52.21
N LYS TB 29 95.85 61.10 -52.13
CA LYS TB 29 95.74 60.10 -53.18
C LYS TB 29 95.13 58.82 -52.61
N ALA TB 30 94.58 58.01 -53.50
CA ALA TB 30 93.96 56.76 -53.11
C ALA TB 30 95.01 55.79 -52.57
N THR TB 31 94.54 54.64 -52.08
CA THR TB 31 95.45 53.59 -51.67
C THR TB 31 96.32 53.18 -52.85
N VAL TB 32 97.63 53.38 -52.73
CA VAL TB 32 98.53 53.10 -53.84
C VAL TB 32 98.55 51.59 -54.10
N PRO TB 33 98.53 51.15 -55.36
CA PRO TB 33 98.46 49.72 -55.64
C PRO TB 33 99.75 49.00 -55.26
N LYS TB 34 99.62 47.69 -55.07
CA LYS TB 34 100.78 46.86 -54.78
C LYS TB 34 101.74 46.81 -55.97
N THR TB 35 101.23 46.91 -57.19
CA THR TB 35 102.06 46.83 -58.38
C THR TB 35 103.03 47.99 -58.49
N GLU TB 36 102.81 49.06 -57.74
CA GLU TB 36 103.70 50.21 -57.72
C GLU TB 36 104.48 50.32 -56.41
N ILE TB 37 104.21 49.46 -55.43
CA ILE TB 37 104.93 49.51 -54.17
C ILE TB 37 106.18 48.65 -54.19
N ARG TB 38 106.14 47.50 -54.86
CA ARG TB 38 107.27 46.58 -54.86
C ARG TB 38 108.50 47.17 -55.52
N GLU TB 39 108.30 48.06 -56.51
CA GLU TB 39 109.45 48.76 -57.10
C GLU TB 39 110.11 49.67 -56.08
N LYS TB 40 109.31 50.42 -55.31
CA LYS TB 40 109.90 51.33 -54.32
C LYS TB 40 110.69 50.55 -53.27
N LEU TB 41 110.23 49.35 -52.92
CA LEU TB 41 111.02 48.49 -52.06
C LEU TB 41 112.21 47.89 -52.79
N ALA TB 42 112.07 47.70 -54.12
CA ALA TB 42 113.18 47.17 -54.90
C ALA TB 42 114.37 48.13 -54.89
N LYS TB 43 114.10 49.43 -55.00
CA LYS TB 43 115.18 50.40 -54.92
C LYS TB 43 115.63 50.62 -53.48
N MET TB 44 114.70 50.50 -52.53
CA MET TB 44 115.03 50.80 -51.14
C MET TB 44 116.07 49.83 -50.60
N TYR TB 45 115.92 48.54 -50.87
CA TYR TB 45 116.84 47.52 -50.37
C TYR TB 45 117.81 47.04 -51.43
N LYS TB 46 117.85 47.70 -52.59
CA LYS TB 46 118.78 47.36 -53.68
C LYS TB 46 118.61 45.90 -54.10
N THR TB 47 117.40 45.58 -54.54
CA THR TB 47 117.05 44.20 -54.84
C THR TB 47 116.08 44.19 -56.02
N THR TB 48 116.12 43.10 -56.79
CA THR TB 48 115.17 42.93 -57.88
C THR TB 48 113.74 42.87 -57.32
N PRO TB 49 112.76 43.43 -58.04
CA PRO TB 49 111.41 43.52 -57.46
C PRO TB 49 110.66 42.21 -57.40
N ASP TB 50 111.02 41.22 -58.22
CA ASP TB 50 110.22 40.00 -58.31
C ASP TB 50 110.46 39.02 -57.17
N VAL TB 51 111.09 39.44 -56.07
CA VAL TB 51 111.22 38.62 -54.88
C VAL TB 51 110.54 39.25 -53.67
N ILE TB 52 109.90 40.41 -53.86
CA ILE TB 52 109.25 41.13 -52.77
C ILE TB 52 107.77 40.78 -52.76
N PHE TB 53 107.25 40.44 -51.58
CA PHE TB 53 105.84 40.11 -51.42
C PHE TB 53 105.24 41.02 -50.36
N VAL TB 54 104.08 41.60 -50.68
CA VAL TB 54 103.38 42.49 -49.77
C VAL TB 54 101.91 42.08 -49.72
N PHE TB 55 101.26 42.35 -48.58
CA PHE TB 55 99.88 41.97 -48.38
C PHE TB 55 99.39 42.60 -47.08
N GLY TB 56 98.09 42.50 -46.85
CA GLY TB 56 97.48 42.96 -45.62
C GLY TB 56 97.56 44.46 -45.41
N PHE TB 57 97.10 45.23 -46.39
CA PHE TB 57 97.13 46.68 -46.31
C PHE TB 57 95.80 47.21 -45.77
N ARG TB 58 95.90 48.21 -44.89
CA ARG TB 58 94.72 48.85 -44.30
C ARG TB 58 94.91 50.35 -44.39
N THR TB 59 93.95 51.04 -45.01
CA THR TB 59 93.98 52.50 -45.09
C THR TB 59 93.23 53.06 -43.90
N HIS TB 60 93.91 53.89 -43.11
CA HIS TB 60 93.32 54.41 -41.88
C HIS TB 60 92.21 55.39 -42.18
N PHE TB 61 91.56 55.87 -41.13
CA PHE TB 61 90.53 56.88 -41.25
C PHE TB 61 91.19 58.23 -41.50
N GLY TB 62 90.81 58.89 -42.59
CA GLY TB 62 91.44 60.14 -42.97
C GLY TB 62 92.22 60.03 -44.26
N GLY TB 63 92.71 58.82 -44.55
CA GLY TB 63 93.38 58.56 -45.82
C GLY TB 63 94.72 59.23 -46.01
N GLY TB 64 95.53 59.25 -44.95
CA GLY TB 64 96.87 59.79 -45.07
C GLY TB 64 97.94 58.73 -44.81
N LYS TB 65 97.54 57.64 -44.17
CA LYS TB 65 98.46 56.58 -43.81
C LYS TB 65 97.82 55.23 -44.08
N THR TB 66 98.58 54.34 -44.72
CA THR TB 66 98.17 52.95 -44.93
C THR TB 66 99.30 52.04 -44.48
N THR TB 67 98.97 51.06 -43.65
CA THR TB 67 99.96 50.15 -43.08
C THR TB 67 99.70 48.74 -43.59
N GLY TB 68 100.76 48.08 -44.06
CA GLY TB 68 100.68 46.69 -44.47
C GLY TB 68 101.94 45.96 -44.05
N PHE TB 69 101.94 44.66 -44.33
CA PHE TB 69 103.07 43.80 -43.98
C PHE TB 69 103.78 43.35 -45.23
N GLY TB 70 105.11 43.51 -45.25
CA GLY TB 70 105.93 43.10 -46.36
C GLY TB 70 106.89 41.99 -45.95
N MET TB 71 107.54 41.41 -46.95
CA MET TB 71 108.36 40.22 -46.73
C MET TB 71 109.26 40.01 -47.95
N ILE TB 72 110.57 40.04 -47.72
CA ILE TB 72 111.57 40.05 -48.78
C ILE TB 72 112.34 38.74 -48.75
N TYR TB 73 112.70 38.24 -49.94
CA TYR TB 73 113.42 36.98 -50.08
C TYR TB 73 114.82 37.21 -50.61
N ASP TB 74 115.75 36.35 -50.18
CA ASP TB 74 117.12 36.42 -50.67
C ASP TB 74 117.32 35.69 -52.00
N SER TB 75 116.34 34.91 -52.45
CA SER TB 75 116.44 34.26 -53.74
C SER TB 75 115.04 33.88 -54.21
N LEU TB 76 114.83 33.99 -55.52
CA LEU TB 76 113.52 33.69 -56.09
C LEU TB 76 113.19 32.20 -56.03
N ASP TB 77 114.20 31.33 -55.95
CA ASP TB 77 113.92 29.91 -55.81
C ASP TB 77 113.49 29.56 -54.39
N TYR TB 78 113.99 30.30 -53.39
CA TYR TB 78 113.50 30.12 -52.03
C TYR TB 78 112.06 30.61 -51.89
N ALA TB 79 111.68 31.62 -52.66
CA ALA TB 79 110.30 32.11 -52.62
C ALA TB 79 109.33 31.03 -53.06
N LYS TB 80 109.68 30.28 -54.10
CA LYS TB 80 108.82 29.19 -54.55
C LYS TB 80 108.75 28.05 -53.54
N LYS TB 81 109.76 27.90 -52.69
CA LYS TB 81 109.81 26.73 -51.80
C LYS TB 81 108.90 26.90 -50.60
N ASN TB 82 109.03 28.00 -49.86
CA ASN TB 82 108.28 28.19 -48.61
C ASN TB 82 107.51 29.51 -48.68
N GLU TB 83 106.32 29.45 -49.27
CA GLU TB 83 105.41 30.58 -49.40
C GLU TB 83 104.02 30.01 -49.66
N PRO TB 84 102.96 30.66 -49.18
CA PRO TB 84 101.62 30.22 -49.54
C PRO TB 84 101.39 30.30 -51.04
N LYS TB 85 100.74 29.25 -51.57
CA LYS TB 85 100.56 29.16 -53.01
C LYS TB 85 99.64 30.26 -53.53
N HIS TB 86 98.63 30.63 -52.75
CA HIS TB 86 97.68 31.64 -53.21
C HIS TB 86 98.34 32.98 -53.45
N ARG TB 87 99.44 33.27 -52.74
CA ARG TB 87 100.14 34.52 -52.93
C ARG TB 87 100.95 34.54 -54.22
N LEU TB 88 101.46 33.37 -54.63
CA LEU TB 88 102.20 33.29 -55.89
C LEU TB 88 101.30 33.57 -57.08
N ALA TB 89 100.03 33.15 -57.00
CA ALA TB 89 99.11 33.37 -58.10
C ALA TB 89 98.89 34.84 -58.40
N ARG TB 90 99.07 35.71 -57.39
CA ARG TB 90 98.95 37.14 -57.61
C ARG TB 90 100.02 37.62 -58.59
N HIS TB 91 101.21 37.03 -58.54
CA HIS TB 91 102.28 37.34 -59.48
C HIS TB 91 102.31 36.38 -60.67
N GLY TB 92 101.34 35.48 -60.78
CA GLY TB 92 101.26 34.58 -61.90
C GLY TB 92 102.17 33.38 -61.85
N LEU TB 93 102.95 33.22 -60.77
CA LEU TB 93 103.88 32.10 -60.70
C LEU TB 93 103.15 30.75 -60.69
N TYR TB 94 102.07 30.65 -59.92
CA TYR TB 94 101.33 29.41 -59.74
C TYR TB 94 99.88 29.61 -60.15
N GLU TB 95 99.31 28.60 -60.82
CA GLU TB 95 97.91 28.62 -61.22
C GLU TB 95 97.28 27.30 -60.78
N LYS TB 96 96.41 27.37 -59.77
CA LYS TB 96 95.77 26.18 -59.26
C LYS TB 96 94.67 25.71 -60.20
N LYS TB 97 94.20 24.49 -59.97
CA LYS TB 97 93.17 23.90 -60.81
C LYS TB 97 91.84 24.63 -60.66
N LYS TB 98 91.01 24.54 -61.70
CA LYS TB 98 89.70 25.16 -61.72
C LYS TB 98 88.58 24.15 -61.54
N THR TB 99 88.84 23.05 -60.82
CA THR TB 99 87.84 22.05 -60.52
C THR TB 99 87.07 22.45 -59.27
N SER TB 100 85.74 22.42 -59.35
CA SER TB 100 84.90 22.81 -58.24
C SER TB 100 85.04 21.82 -57.09
N ARG TB 101 85.04 22.35 -55.87
CA ARG TB 101 85.17 21.50 -54.67
C ARG TB 101 83.97 20.58 -54.51
N LYS TB 102 82.77 21.05 -54.86
CA LYS TB 102 81.59 20.21 -54.78
C LYS TB 102 81.69 19.04 -55.75
N GLN TB 103 82.26 19.26 -56.93
CA GLN TB 103 82.41 18.20 -57.92
C GLN TB 103 83.32 17.09 -57.42
N ARG TB 104 84.42 17.46 -56.76
CA ARG TB 104 85.37 16.46 -56.30
C ARG TB 104 84.75 15.51 -55.30
N LYS TB 105 83.93 16.02 -54.38
CA LYS TB 105 83.32 15.17 -53.36
C LYS TB 105 82.38 14.14 -53.97
N GLU TB 106 81.56 14.55 -54.93
CA GLU TB 106 80.64 13.61 -55.56
C GLU TB 106 81.40 12.56 -56.36
N ARG TB 107 82.48 12.96 -57.03
CA ARG TB 107 83.28 12.02 -57.80
C ARG TB 107 83.91 10.97 -56.88
N LYS TB 108 84.36 11.39 -55.69
CA LYS TB 108 84.93 10.44 -54.74
C LYS TB 108 83.90 9.42 -54.28
N ASN TB 109 82.68 9.87 -53.99
CA ASN TB 109 81.65 8.94 -53.54
C ASN TB 109 81.25 7.97 -54.65
N ARG TB 110 81.24 8.42 -55.91
CA ARG TB 110 80.99 7.50 -57.01
C ARG TB 110 82.09 6.46 -57.12
N MET TB 111 83.35 6.88 -56.97
CA MET TB 111 84.47 5.94 -57.04
C MET TB 111 84.44 4.94 -55.90
N LYS TB 112 83.77 5.26 -54.79
CA LYS TB 112 83.71 4.36 -53.66
C LYS TB 112 82.95 3.09 -54.00
N LYS TB 113 81.89 3.21 -54.81
CA LYS TB 113 81.07 2.06 -55.15
C LYS TB 113 81.82 1.03 -55.97
N VAL TB 114 82.96 1.39 -56.57
CA VAL TB 114 83.67 0.53 -57.50
C VAL TB 114 84.92 -0.03 -56.83
N ARG TB 115 85.15 -1.32 -57.01
CA ARG TB 115 86.34 -2.00 -56.54
C ARG TB 115 87.08 -2.57 -57.74
N GLY TB 116 88.38 -2.28 -57.84
CA GLY TB 116 89.20 -2.80 -58.91
C GLY TB 116 89.91 -1.69 -59.67
N THR TB 117 90.13 -1.94 -60.96
CA THR TB 117 90.84 -0.99 -61.82
C THR TB 117 89.91 0.05 -62.43
N ALA TB 118 88.61 -0.20 -62.45
CA ALA TB 118 87.63 0.73 -63.01
C ALA TB 118 87.47 1.99 -62.20
N LYS TB 119 88.31 2.18 -61.18
CA LYS TB 119 88.24 3.39 -60.36
C LYS TB 119 88.43 4.63 -61.21
N ALA TB 120 89.36 4.60 -62.17
CA ALA TB 120 89.52 5.71 -63.09
C ALA TB 120 88.45 5.71 -64.17
N ASN TB 121 87.98 4.52 -64.57
CA ASN TB 121 86.99 4.43 -65.64
C ASN TB 121 85.67 5.08 -65.24
N VAL TB 122 85.25 4.89 -63.99
CA VAL TB 122 83.95 5.40 -63.56
C VAL TB 122 83.94 6.91 -63.49
N GLY TB 123 85.11 7.55 -63.42
CA GLY TB 123 85.17 8.99 -63.37
C GLY TB 123 85.12 9.65 -64.73
N ALA TB 124 83.95 10.16 -65.10
CA ALA TB 124 83.74 10.85 -66.38
C ALA TB 124 84.20 10.00 -67.57
N ARG UB 1 -43.26 60.49 10.79
CA ARG UB 1 -43.82 59.16 11.06
C ARG UB 1 -45.19 59.28 11.73
N ASP UB 2 -45.57 60.52 12.04
CA ASP UB 2 -46.90 60.83 12.54
C ASP UB 2 -47.45 62.03 11.77
N LYS UB 3 -48.75 62.05 11.59
CA LYS UB 3 -49.41 63.09 10.80
C LYS UB 3 -50.49 63.77 11.62
N LEU UB 4 -50.47 65.10 11.62
CA LEU UB 4 -51.47 65.89 12.33
C LEU UB 4 -52.61 66.23 11.40
N ASN UB 5 -53.84 66.00 11.85
CA ASN UB 5 -55.04 66.36 11.11
C ASN UB 5 -55.79 67.40 11.95
N ASN UB 6 -55.42 68.66 11.77
CA ASN UB 6 -56.03 69.77 12.51
C ASN UB 6 -57.12 70.41 11.68
N LEU UB 7 -58.29 70.57 12.28
CA LEU UB 7 -59.42 71.19 11.61
C LEU UB 7 -59.23 72.70 11.51
N VAL UB 8 -60.04 73.32 10.67
CA VAL UB 8 -59.90 74.74 10.35
C VAL UB 8 -61.03 75.54 10.98
N LEU UB 9 -62.16 74.89 11.23
CA LEU UB 9 -63.34 75.54 11.80
C LEU UB 9 -64.00 74.61 12.81
N PHE UB 10 -64.43 75.16 13.94
CA PHE UB 10 -65.08 74.36 14.97
C PHE UB 10 -66.32 73.67 14.45
N ASP UB 11 -66.46 72.40 14.81
CA ASP UB 11 -67.76 71.74 14.76
C ASP UB 11 -68.57 72.16 15.98
N LYS UB 12 -69.88 71.94 15.91
CA LYS UB 12 -70.71 72.27 17.06
C LYS UB 12 -70.34 71.42 18.28
N ALA UB 13 -69.70 70.28 18.05
CA ALA UB 13 -69.18 69.49 19.16
C ALA UB 13 -67.97 70.13 19.82
N THR UB 14 -67.32 71.09 19.16
CA THR UB 14 -66.04 71.60 19.61
C THR UB 14 -66.10 73.05 20.12
N TYR UB 15 -66.92 73.90 19.51
CA TYR UB 15 -67.01 75.29 19.98
C TYR UB 15 -67.50 75.33 21.42
N ASP UB 16 -68.51 74.53 21.74
CA ASP UB 16 -69.00 74.46 23.11
C ASP UB 16 -67.97 73.89 24.07
N LYS UB 17 -66.99 73.13 23.57
CA LYS UB 17 -65.98 72.55 24.45
C LYS UB 17 -65.08 73.61 25.05
N LEU UB 18 -64.52 74.50 24.23
CA LEU UB 18 -63.54 75.45 24.74
C LEU UB 18 -64.17 76.63 25.46
N CYS UB 19 -65.49 76.70 25.51
CA CYS UB 19 -66.17 77.66 26.37
C CYS UB 19 -66.33 77.16 27.80
N LYS UB 20 -65.88 75.93 28.08
CA LYS UB 20 -66.03 75.32 29.39
C LYS UB 20 -64.73 75.36 30.20
N GLU UB 21 -63.64 74.81 29.65
CA GLU UB 21 -62.42 74.64 30.42
C GLU UB 21 -61.26 75.52 29.97
N VAL UB 22 -61.26 75.98 28.72
CA VAL UB 22 -60.23 76.93 28.28
C VAL UB 22 -60.20 78.17 29.16
N PRO UB 23 -61.32 78.80 29.54
CA PRO UB 23 -61.24 79.94 30.46
C PRO UB 23 -60.82 79.55 31.86
N ASN UB 24 -60.51 78.27 32.06
CA ASN UB 24 -60.05 77.76 33.34
C ASN UB 24 -58.59 77.34 33.33
N TYR UB 25 -57.93 77.40 32.17
CA TYR UB 25 -56.51 77.10 32.12
C TYR UB 25 -55.71 78.19 32.81
N LYS UB 26 -54.61 77.79 33.45
CA LYS UB 26 -53.69 78.79 34.01
C LYS UB 26 -52.91 79.47 32.90
N LEU UB 27 -52.44 78.69 31.92
CA LEU UB 27 -51.74 79.21 30.75
C LEU UB 27 -52.62 79.05 29.53
N ILE UB 28 -52.81 80.15 28.79
CA ILE UB 28 -53.61 80.15 27.58
C ILE UB 28 -52.78 80.80 26.47
N THR UB 29 -52.62 80.09 25.35
CA THR UB 29 -51.77 80.52 24.26
C THR UB 29 -52.23 79.80 23.01
N PRO UB 30 -52.24 80.44 21.84
CA PRO UB 30 -52.69 79.74 20.63
C PRO UB 30 -51.91 78.46 20.35
N ALA UB 31 -50.63 78.41 20.72
CA ALA UB 31 -49.85 77.20 20.52
C ALA UB 31 -50.36 76.06 21.40
N VAL UB 32 -50.53 76.32 22.70
CA VAL UB 32 -50.97 75.27 23.61
C VAL UB 32 -52.43 74.91 23.35
N VAL UB 33 -53.24 75.89 22.95
CA VAL UB 33 -54.65 75.62 22.68
C VAL UB 33 -54.78 74.70 21.47
N SER UB 34 -53.92 74.87 20.48
CA SER UB 34 -54.04 74.10 19.24
C SER UB 34 -53.88 72.61 19.51
N GLU UB 35 -52.87 72.22 20.30
CA GLU UB 35 -52.60 70.80 20.50
C GLU UB 35 -53.60 70.10 21.40
N ARG UB 36 -54.29 70.84 22.27
CA ARG UB 36 -55.33 70.20 23.08
C ARG UB 36 -56.60 69.95 22.29
N LEU UB 37 -56.94 70.85 21.37
CA LEU UB 37 -58.17 70.75 20.60
C LEU UB 37 -57.94 70.29 19.17
N LYS UB 38 -56.68 70.10 18.76
CA LYS UB 38 -56.35 69.64 17.41
C LYS UB 38 -56.93 70.56 16.35
N ILE UB 39 -56.55 71.84 16.44
CA ILE UB 39 -57.02 72.87 15.52
C ILE UB 39 -55.83 73.63 14.98
N ARG UB 40 -56.06 74.34 13.87
CA ARG UB 40 -55.00 75.13 13.25
C ARG UB 40 -54.55 76.25 14.18
N GLY UB 41 -53.32 76.71 13.96
CA GLY UB 41 -52.79 77.79 14.76
C GLY UB 41 -53.57 79.08 14.59
N SER UB 42 -53.92 79.41 13.34
CA SER UB 42 -54.70 80.62 13.08
C SER UB 42 -56.06 80.55 13.73
N LEU UB 43 -56.67 79.37 13.75
CA LEU UB 43 -58.00 79.21 14.34
C LEU UB 43 -57.98 79.55 15.83
N ALA UB 44 -56.95 79.10 16.54
CA ALA UB 44 -56.84 79.44 17.96
C ALA UB 44 -56.68 80.93 18.16
N ARG UB 45 -55.93 81.60 17.28
CA ARG UB 45 -55.72 83.04 17.41
C ARG UB 45 -57.04 83.79 17.28
N ALA UB 46 -57.87 83.41 16.31
CA ALA UB 46 -59.15 84.08 16.13
C ALA UB 46 -60.10 83.78 17.28
N ALA UB 47 -60.06 82.54 17.79
CA ALA UB 47 -60.94 82.16 18.90
C ALA UB 47 -60.50 82.84 20.19
N LEU UB 48 -59.20 82.84 20.47
CA LEU UB 48 -58.71 83.46 21.70
C LEU UB 48 -58.96 84.97 21.69
N GLN UB 49 -59.07 85.58 20.51
CA GLN UB 49 -59.36 87.00 20.44
C GLN UB 49 -60.79 87.28 20.88
N GLU UB 50 -61.74 86.48 20.40
CA GLU UB 50 -63.14 86.70 20.76
C GLU UB 50 -63.36 86.50 22.25
N LEU UB 51 -62.73 85.48 22.83
CA LEU UB 51 -62.85 85.26 24.27
C LEU UB 51 -62.25 86.42 25.06
N LEU UB 52 -61.22 87.07 24.50
CA LEU UB 52 -60.63 88.22 25.17
C LEU UB 52 -61.63 89.36 25.29
N SER UB 53 -62.40 89.62 24.23
CA SER UB 53 -63.37 90.70 24.26
C SER UB 53 -64.44 90.46 25.30
N LYS UB 54 -64.89 89.20 25.43
CA LYS UB 54 -65.95 88.88 26.37
C LYS UB 54 -65.52 89.02 27.83
N GLY UB 55 -64.23 89.19 28.09
CA GLY UB 55 -63.75 89.41 29.44
C GLY UB 55 -63.54 88.16 30.25
N LEU UB 56 -63.67 86.99 29.66
CA LEU UB 56 -63.47 85.73 30.37
C LEU UB 56 -62.01 85.28 30.41
N ILE UB 57 -61.13 85.91 29.63
CA ILE UB 57 -59.69 85.75 29.76
C ILE UB 57 -59.06 87.13 29.68
N LYS UB 58 -58.04 87.37 30.50
CA LYS UB 58 -57.36 88.65 30.53
C LYS UB 58 -55.99 88.55 29.87
N LEU UB 59 -55.66 89.57 29.08
CA LEU UB 59 -54.37 89.63 28.39
C LEU UB 59 -53.29 90.08 29.36
N VAL UB 60 -52.18 89.35 29.40
CA VAL UB 60 -51.04 89.69 30.23
C VAL UB 60 -49.86 90.17 29.39
N SER UB 61 -49.71 89.68 28.17
CA SER UB 61 -48.62 90.09 27.31
C SER UB 61 -49.03 89.88 25.86
N LYS UB 62 -48.45 90.69 24.97
CA LYS UB 62 -48.78 90.65 23.56
C LYS UB 62 -47.56 91.05 22.74
N HIS UB 63 -47.04 90.10 21.96
CA HIS UB 63 -45.90 90.33 21.09
C HIS UB 63 -46.20 89.69 19.74
N ARG UB 64 -45.53 90.18 18.70
CA ARG UB 64 -45.77 89.65 17.36
C ARG UB 64 -45.42 88.17 17.27
N ALA UB 65 -44.46 87.72 18.06
CA ALA UB 65 -44.08 86.30 18.07
C ALA UB 65 -44.89 85.48 19.05
N GLN UB 66 -45.53 86.10 20.04
CA GLN UB 66 -46.35 85.37 21.00
C GLN UB 66 -47.28 86.32 21.72
N VAL UB 67 -48.55 85.91 21.82
CA VAL UB 67 -49.52 86.53 22.71
C VAL UB 67 -49.84 85.53 23.82
N ILE UB 68 -49.94 86.02 25.05
CA ILE UB 68 -50.11 85.17 26.22
C ILE UB 68 -51.40 85.58 26.91
N TYR UB 69 -52.21 84.58 27.27
CA TYR UB 69 -53.44 84.83 28.02
C TYR UB 69 -53.43 84.00 29.30
N THR UB 70 -54.03 84.57 30.34
CA THR UB 70 -54.33 83.86 31.56
C THR UB 70 -55.85 83.78 31.70
N ARG UB 71 -56.30 83.14 32.77
CA ARG UB 71 -57.70 83.10 33.14
C ARG UB 71 -58.02 84.21 34.13
N ASN UB 72 -59.31 84.46 34.32
CA ASN UB 72 -59.72 85.48 35.26
C ASN UB 72 -59.42 85.04 36.69
N THR UB 73 -59.14 86.02 37.54
CA THR UB 73 -58.80 85.72 38.92
C THR UB 73 -59.97 85.05 39.63
N LYS UB 74 -59.64 84.15 40.55
CA LYS UB 74 -60.66 83.40 41.28
C LYS UB 74 -61.54 84.34 42.09
N GLY UB 75 -62.84 84.19 41.94
CA GLY UB 75 -63.79 85.05 42.63
C GLY UB 75 -63.73 86.50 42.19
N THR VB 1 33.24 48.74 18.96
CA THR VB 1 34.14 49.13 20.05
C THR VB 1 33.64 48.61 21.39
N LYS VB 2 34.55 48.44 22.33
CA LYS VB 2 34.21 47.93 23.66
C LYS VB 2 33.59 49.06 24.48
N LYS VB 3 32.31 48.90 24.83
CA LYS VB 3 31.57 49.98 25.47
C LYS VB 3 31.99 50.19 26.92
N ARG VB 4 32.15 49.12 27.68
CA ARG VB 4 32.41 49.20 29.11
C ARG VB 4 33.66 48.42 29.45
N ARG VB 5 34.46 48.95 30.38
CA ARG VB 5 35.66 48.24 30.81
C ARG VB 5 35.31 46.89 31.42
N ASN VB 6 34.57 46.90 32.54
CA ASN VB 6 33.91 45.68 32.98
C ASN VB 6 32.71 45.46 32.07
N ASN VB 7 32.58 44.24 31.54
CA ASN VB 7 31.67 44.07 30.42
C ASN VB 7 30.22 44.05 30.87
N GLY VB 8 29.79 45.10 31.57
CA GLY VB 8 28.46 45.21 32.07
C GLY VB 8 28.18 44.45 33.35
N ARG VB 9 29.19 43.81 33.94
CA ARG VB 9 28.98 42.91 35.06
C ARG VB 9 30.12 43.11 36.07
N ALA VB 10 30.08 42.31 37.14
CA ALA VB 10 31.05 42.42 38.22
C ALA VB 10 31.89 41.15 38.37
N LYS VB 11 32.03 40.38 37.29
CA LYS VB 11 32.86 39.18 37.30
C LYS VB 11 34.29 39.58 36.97
N LYS VB 12 35.22 39.31 37.88
CA LYS VB 12 36.60 39.73 37.64
C LYS VB 12 37.60 38.60 37.75
N GLY VB 13 37.36 37.60 38.58
CA GLY VB 13 38.26 36.48 38.66
C GLY VB 13 37.58 35.13 38.79
N ARG VB 14 36.37 35.00 38.26
CA ARG VB 14 35.55 33.82 38.51
C ARG VB 14 35.45 32.93 37.30
N GLY VB 15 34.93 33.43 36.19
CA GLY VB 15 34.65 32.61 35.05
C GLY VB 15 33.25 32.02 35.02
N HIS VB 16 32.56 31.97 36.15
CA HIS VB 16 31.15 31.58 36.13
C HIS VB 16 30.48 31.99 37.44
N VAL VB 17 29.44 32.80 37.33
CA VAL VB 17 28.55 33.12 38.44
C VAL VB 17 27.18 32.52 38.13
N GLN VB 18 26.49 32.07 39.16
CA GLN VB 18 25.23 31.40 38.96
C GLN VB 18 24.17 32.39 38.49
N PRO VB 19 23.28 31.98 37.59
CA PRO VB 19 22.22 32.89 37.12
C PRO VB 19 21.06 32.95 38.09
N ILE VB 20 20.24 33.98 37.90
CA ILE VB 20 19.02 34.20 38.65
C ILE VB 20 17.89 34.48 37.68
N ARG VB 21 16.72 34.77 38.22
CA ARG VB 21 15.53 35.06 37.43
C ARG VB 21 15.04 36.47 37.75
N CYS VB 22 14.76 37.24 36.70
CA CYS VB 22 14.23 38.58 36.91
C CYS VB 22 12.82 38.52 37.49
N THR VB 23 12.35 39.66 37.96
CA THR VB 23 11.05 39.73 38.63
C THR VB 23 9.93 40.22 37.73
N ASN VB 24 10.25 41.04 36.72
CA ASN VB 24 9.22 41.47 35.79
C ASN VB 24 8.82 40.33 34.87
N CYS VB 25 9.77 39.85 34.07
CA CYS VB 25 9.64 38.58 33.38
C CYS VB 25 10.69 37.62 33.93
N ALA VB 26 10.65 36.38 33.45
CA ALA VB 26 11.44 35.31 34.03
C ALA VB 26 12.80 35.15 33.36
N ARG VB 27 13.35 36.24 32.83
CA ARG VB 27 14.62 36.17 32.12
C ARG VB 27 15.75 35.69 33.04
N CYS VB 28 16.64 34.87 32.48
CA CYS VB 28 17.79 34.35 33.21
C CYS VB 28 18.93 35.34 33.12
N VAL VB 29 19.32 35.92 34.25
CA VAL VB 29 20.36 36.95 34.29
C VAL VB 29 21.45 36.50 35.25
N PRO VB 30 22.72 36.67 34.93
CA PRO VB 30 23.77 36.38 35.92
C PRO VB 30 23.61 37.28 37.14
N LYS VB 31 23.93 36.72 38.31
CA LYS VB 31 23.66 37.43 39.56
C LYS VB 31 24.45 38.73 39.65
N ASP VB 32 25.70 38.72 39.17
CA ASP VB 32 26.51 39.94 39.23
C ASP VB 32 26.04 40.98 38.23
N LYS VB 33 25.51 40.54 37.08
CA LYS VB 33 25.07 41.48 36.05
C LYS VB 33 23.73 42.13 36.40
N ALA VB 34 22.89 41.45 37.17
CA ALA VB 34 21.54 41.92 37.42
C ALA VB 34 21.54 43.22 38.21
N ILE VB 35 20.42 43.94 38.10
CA ILE VB 35 20.24 45.21 38.79
C ILE VB 35 19.42 44.94 40.05
N LYS VB 36 20.08 44.93 41.20
CA LYS VB 36 19.39 44.69 42.46
C LYS VB 36 18.71 45.97 42.94
N LYS VB 37 17.54 45.80 43.55
CA LYS VB 37 16.81 46.88 44.18
C LYS VB 37 16.22 46.34 45.49
N PHE VB 38 16.67 46.89 46.61
CA PHE VB 38 16.23 46.44 47.92
C PHE VB 38 15.26 47.49 48.47
N VAL VB 39 13.98 47.30 48.20
CA VAL VB 39 12.96 48.25 48.63
C VAL VB 39 12.54 47.93 50.05
N ILE VB 40 12.28 48.98 50.83
CA ILE VB 40 11.76 48.86 52.18
C ILE VB 40 10.64 49.88 52.32
N ARG VB 41 9.39 49.39 52.39
CA ARG VB 41 8.23 50.25 52.50
C ARG VB 41 7.36 49.78 53.66
N ASN VB 42 6.41 50.63 54.05
CA ASN VB 42 5.41 50.23 55.03
C ASN VB 42 4.38 49.32 54.37
N ILE VB 43 3.63 48.62 55.21
CA ILE VB 43 2.48 47.86 54.71
C ILE VB 43 1.46 48.80 54.11
N VAL VB 44 1.20 49.93 54.78
CA VAL VB 44 0.21 50.89 54.33
C VAL VB 44 0.90 52.18 53.92
N GLU VB 45 0.41 52.78 52.85
CA GLU VB 45 0.96 54.04 52.36
C GLU VB 45 0.79 55.13 53.41
N ALA VB 46 1.51 56.23 53.22
CA ALA VB 46 1.41 57.37 54.13
C ALA VB 46 0.01 57.98 54.13
N ALA VB 47 -0.79 57.70 53.11
CA ALA VB 47 -2.15 58.21 53.05
C ALA VB 47 -3.13 57.39 53.87
N ALA VB 48 -2.71 56.24 54.39
CA ALA VB 48 -3.60 55.37 55.15
C ALA VB 48 -3.12 55.07 56.56
N VAL VB 49 -2.03 55.69 57.01
CA VAL VB 49 -1.48 55.36 58.32
C VAL VB 49 -2.39 55.87 59.43
N ARG VB 50 -2.94 57.07 59.27
CA ARG VB 50 -3.84 57.61 60.28
C ARG VB 50 -5.10 56.77 60.41
N ASP VB 51 -5.65 56.34 59.27
CA ASP VB 51 -6.85 55.50 59.30
C ASP VB 51 -6.61 54.21 60.09
N ILE VB 52 -5.48 53.55 59.85
CA ILE VB 52 -5.15 52.33 60.57
C ILE VB 52 -4.88 52.64 62.04
N SER VB 53 -4.15 53.72 62.31
CA SER VB 53 -3.77 54.04 63.69
C SER VB 53 -4.99 54.32 64.54
N GLU VB 54 -5.97 55.05 64.00
CA GLU VB 54 -7.19 55.33 64.75
C GLU VB 54 -8.00 54.06 65.03
N ALA VB 55 -7.75 52.99 64.27
CA ALA VB 55 -8.48 51.74 64.45
C ALA VB 55 -7.73 50.72 65.30
N SER VB 56 -6.46 50.97 65.61
CA SER VB 56 -5.66 50.01 66.34
C SER VB 56 -6.20 49.82 67.76
N VAL VB 57 -6.26 48.56 68.19
CA VAL VB 57 -6.71 48.26 69.55
C VAL VB 57 -5.63 48.51 70.59
N PHE VB 58 -4.38 48.63 70.17
CA PHE VB 58 -3.29 48.96 71.07
C PHE VB 58 -3.13 50.47 71.17
N ASP VB 59 -2.04 50.92 71.77
CA ASP VB 59 -1.68 52.32 71.80
C ASP VB 59 -0.20 52.45 71.44
N ALA VB 60 0.12 53.42 70.58
CA ALA VB 60 1.49 53.63 70.09
C ALA VB 60 2.02 52.37 69.41
N TYR VB 61 1.26 51.86 68.45
CA TYR VB 61 1.63 50.66 67.73
C TYR VB 61 2.60 51.00 66.62
N VAL VB 62 3.75 50.32 66.58
CA VAL VB 62 4.69 50.51 65.51
C VAL VB 62 4.14 49.90 64.23
N LEU VB 63 4.40 50.53 63.10
CA LEU VB 63 3.91 50.02 61.83
C LEU VB 63 4.93 49.07 61.21
N PRO VB 64 4.52 47.85 60.88
CA PRO VB 64 5.48 46.90 60.29
C PRO VB 64 5.94 47.32 58.90
N LYS VB 65 7.17 46.93 58.58
CA LYS VB 65 7.74 47.16 57.27
C LYS VB 65 7.46 45.95 56.37
N LEU VB 66 7.95 46.02 55.13
CA LEU VB 66 7.85 44.90 54.20
C LEU VB 66 9.12 44.90 53.35
N TYR VB 67 9.99 43.93 53.60
CA TYR VB 67 11.29 43.86 52.93
C TYR VB 67 11.21 42.84 51.80
N VAL VB 68 11.55 43.28 50.60
CA VAL VB 68 11.65 42.40 49.44
C VAL VB 68 12.73 42.96 48.52
N LYS VB 69 13.49 42.07 47.90
CA LYS VB 69 14.60 42.45 47.04
C LYS VB 69 14.27 42.08 45.60
N LEU VB 70 14.39 43.05 44.70
CA LEU VB 70 14.01 42.90 43.31
C LEU VB 70 15.23 42.69 42.43
N HIS VB 71 15.08 41.84 41.41
CA HIS VB 71 16.12 41.58 40.44
C HIS VB 71 15.59 41.96 39.07
N TYR VB 72 16.42 42.64 38.27
CA TYR VB 72 16.00 43.16 36.99
C TYR VB 72 17.01 42.80 35.92
N CYS VB 73 16.52 42.39 34.75
CA CYS VB 73 17.38 42.30 33.60
C CYS VB 73 17.64 43.70 33.05
N VAL VB 74 18.56 43.80 32.10
CA VAL VB 74 18.86 45.10 31.51
C VAL VB 74 17.64 45.63 30.77
N SER VB 75 16.97 44.79 30.00
CA SER VB 75 15.82 45.24 29.21
C SER VB 75 14.70 45.71 30.11
N CYS VB 76 14.40 44.96 31.18
CA CYS VB 76 13.33 45.36 32.08
C CYS VB 76 13.70 46.55 32.94
N ALA VB 77 15.00 46.81 33.11
CA ALA VB 77 15.43 47.99 33.85
C ALA VB 77 15.25 49.26 33.02
N ILE VB 78 15.56 49.19 31.73
CA ILE VB 78 15.41 50.36 30.86
C ILE VB 78 13.94 50.69 30.67
N HIS VB 79 13.10 49.66 30.57
CA HIS VB 79 11.69 49.88 30.30
C HIS VB 79 10.96 50.42 31.53
N SER VB 80 11.45 50.11 32.72
CA SER VB 80 10.85 50.60 33.96
C SER VB 80 11.57 51.81 34.53
N LYS VB 81 12.56 52.34 33.80
CA LYS VB 81 13.23 53.60 34.13
C LYS VB 81 13.90 53.57 35.49
N VAL VB 82 14.22 52.39 36.02
CA VAL VB 82 15.06 52.34 37.22
C VAL VB 82 16.46 52.80 36.90
N VAL VB 83 16.95 52.50 35.70
CA VAL VB 83 18.21 53.02 35.18
C VAL VB 83 17.94 53.55 33.78
N ARG VB 84 18.85 54.39 33.30
CA ARG VB 84 18.71 54.97 31.98
C ARG VB 84 20.09 55.26 31.41
N ASN VB 85 20.13 55.48 30.10
CA ASN VB 85 21.39 55.74 29.42
C ASN VB 85 21.98 57.08 29.85
N ARG VB 86 23.31 57.13 29.92
CA ARG VB 86 24.04 58.32 30.30
C ARG VB 86 25.07 58.63 29.22
N SER VB 87 25.62 59.85 29.29
CA SER VB 87 26.68 60.24 28.38
C SER VB 87 27.94 59.44 28.64
N ARG VB 88 28.83 59.40 27.64
CA ARG VB 88 30.01 58.55 27.72
C ARG VB 88 30.88 58.91 28.92
N GLU VB 89 31.02 60.21 29.20
CA GLU VB 89 31.80 60.61 30.37
C GLU VB 89 31.07 60.27 31.66
N ALA VB 90 29.73 60.39 31.66
CA ALA VB 90 28.94 60.13 32.85
C ALA VB 90 28.75 58.65 33.13
N ARG VB 91 29.10 57.76 32.18
CA ARG VB 91 28.95 56.33 32.44
C ARG VB 91 29.92 55.84 33.52
N LYS VB 92 31.07 56.49 33.68
CA LYS VB 92 32.12 55.91 34.50
C LYS VB 92 31.80 55.99 35.99
N ASP VB 93 31.20 57.09 36.44
CA ASP VB 93 30.96 57.22 37.86
C ASP VB 93 29.91 56.21 38.34
N ARG VB 94 30.07 55.75 39.58
CA ARG VB 94 29.23 54.66 40.07
C ARG VB 94 28.66 54.90 41.45
N THR VB 95 28.72 56.12 41.97
CA THR VB 95 27.99 56.42 43.19
C THR VB 95 26.49 56.50 42.86
N PRO VB 96 25.64 55.99 43.74
CA PRO VB 96 24.20 56.00 43.46
C PRO VB 96 23.65 57.42 43.50
N PRO VB 97 22.49 57.64 42.87
CA PRO VB 97 21.89 58.98 42.89
C PRO VB 97 21.61 59.43 44.31
N PRO VB 98 21.41 60.73 44.53
CA PRO VB 98 21.32 61.25 45.90
C PRO VB 98 20.19 60.61 46.70
N ARG VB 99 20.46 60.40 47.99
CA ARG VB 99 19.54 59.77 48.92
C ARG VB 99 18.92 60.81 49.86
N PHE VB 100 18.63 62.00 49.31
CA PHE VB 100 18.05 63.06 50.11
C PHE VB 100 16.55 62.92 50.32
N ARG VB 101 15.86 62.20 49.43
CA ARG VB 101 14.44 61.91 49.61
C ARG VB 101 13.98 60.87 48.60
N PRO WB 1 61.78 61.30 43.17
CA PRO WB 1 63.08 61.98 43.12
C PRO WB 1 64.01 61.34 42.10
N LEU WB 2 64.91 62.14 41.52
CA LEU WB 2 65.83 61.65 40.49
C LEU WB 2 67.17 61.22 41.11
N ALA WB 3 67.82 62.13 41.82
CA ALA WB 3 69.13 61.87 42.40
C ALA WB 3 68.99 61.24 43.78
N LYS WB 4 68.38 60.06 43.79
CA LYS WB 4 68.30 59.26 45.00
C LYS WB 4 69.55 58.38 45.07
N ASP WB 5 70.20 58.40 46.23
CA ASP WB 5 71.44 57.65 46.41
C ASP WB 5 71.11 56.19 46.65
N LEU WB 6 71.52 55.32 45.72
CA LEU WB 6 71.28 53.89 45.85
C LEU WB 6 72.37 53.18 46.66
N LEU WB 7 73.55 53.79 46.77
CA LEU WB 7 74.64 53.15 47.50
C LEU WB 7 74.42 53.19 49.01
N HIS WB 8 73.92 54.32 49.52
CA HIS WB 8 73.84 54.57 50.95
C HIS WB 8 72.39 54.80 51.36
N PRO WB 9 71.69 53.76 51.81
CA PRO WB 9 70.40 53.97 52.46
C PRO WB 9 70.57 54.07 53.96
N SER WB 10 69.72 54.84 54.64
CA SER WB 10 69.76 54.87 56.08
C SER WB 10 69.20 53.56 56.65
N PRO WB 11 69.61 53.20 57.86
CA PRO WB 11 69.10 51.92 58.42
C PRO WB 11 67.59 51.91 58.62
N GLU WB 12 66.95 53.08 58.65
CA GLU WB 12 65.50 53.12 58.78
C GLU WB 12 64.81 52.47 57.57
N GLU WB 13 65.18 52.91 56.35
CA GLU WB 13 64.54 52.35 55.17
C GLU WB 13 65.15 51.04 54.72
N GLU WB 14 66.32 50.66 55.25
CA GLU WB 14 66.90 49.38 54.90
C GLU WB 14 66.35 48.22 55.73
N LYS WB 15 65.82 48.51 56.92
CA LYS WB 15 65.24 47.45 57.74
C LYS WB 15 63.88 47.04 57.22
N ARG WB 16 63.11 47.99 56.68
CA ARG WB 16 61.77 47.67 56.19
C ARG WB 16 61.80 46.90 54.88
N LYS WB 17 62.92 46.88 54.18
CA LYS WB 17 62.98 46.19 52.90
C LYS WB 17 62.84 44.68 53.08
N HIS WB 18 62.40 44.02 52.01
CA HIS WB 18 62.32 42.58 52.00
C HIS WB 18 63.70 41.96 52.13
N LYS WB 19 63.77 40.82 52.84
CA LYS WB 19 65.05 40.21 53.16
C LYS WB 19 65.91 39.94 51.92
N LYS WB 20 65.28 39.61 50.80
CA LYS WB 20 66.01 39.40 49.56
C LYS WB 20 66.23 40.68 48.77
N LYS WB 21 65.50 41.75 49.09
CA LYS WB 21 65.59 42.99 48.34
C LYS WB 21 66.52 44.01 48.97
N ARG WB 22 67.20 43.66 50.07
CA ARG WB 22 68.18 44.56 50.64
C ARG WB 22 69.32 44.79 49.64
N LEU WB 23 70.15 45.79 49.94
CA LEU WB 23 71.33 46.01 49.12
C LEU WB 23 72.24 44.79 49.16
N VAL WB 24 72.36 44.17 50.32
CA VAL WB 24 72.97 42.85 50.47
C VAL WB 24 72.09 42.04 51.41
N GLN WB 25 71.86 40.77 51.08
CA GLN WB 25 70.89 39.96 51.79
C GLN WB 25 71.27 39.78 53.26
N SER WB 26 70.25 39.71 54.11
CA SER WB 26 70.45 39.52 55.54
C SER WB 26 69.18 38.97 56.19
N PRO WB 27 69.27 37.85 56.90
CA PRO WB 27 68.08 37.28 57.52
C PRO WB 27 67.53 38.16 58.63
N ASN WB 28 66.23 38.03 58.88
CA ASN WB 28 65.56 38.74 59.94
C ASN WB 28 65.47 37.94 61.24
N SER WB 29 65.87 36.68 61.22
CA SER WB 29 65.80 35.83 62.39
C SER WB 29 67.04 36.03 63.25
N TYR WB 30 67.09 35.32 64.38
CA TYR WB 30 68.20 35.47 65.31
C TYR WB 30 68.20 34.28 66.26
N PHE WB 31 69.27 34.17 67.05
CA PHE WB 31 69.37 33.19 68.11
C PHE WB 31 69.23 33.89 69.45
N MET WB 32 68.95 33.10 70.48
CA MET WB 32 68.67 33.67 71.79
C MET WB 32 68.88 32.64 72.88
N ASP WB 33 69.17 33.12 74.08
CA ASP WB 33 69.34 32.25 75.24
C ASP WB 33 68.04 32.21 76.04
N VAL WB 34 67.47 31.03 76.17
CA VAL WB 34 66.20 30.83 76.86
C VAL WB 34 66.49 30.04 78.14
N LYS WB 35 66.13 30.63 79.27
CA LYS WB 35 66.34 30.02 80.58
C LYS WB 35 64.99 29.74 81.22
N CYS WB 36 64.79 28.49 81.64
CA CYS WB 36 63.58 28.15 82.36
C CYS WB 36 63.60 28.78 83.75
N PRO WB 37 62.43 29.08 84.31
CA PRO WB 37 62.40 29.53 85.71
C PRO WB 37 62.85 28.46 86.70
N GLY WB 38 62.83 27.19 86.31
CA GLY WB 38 63.15 26.11 87.23
C GLY WB 38 64.60 25.70 87.27
N CYS WB 39 65.19 25.41 86.10
CA CYS WB 39 66.56 24.92 86.03
C CYS WB 39 67.53 26.11 86.01
N TYR WB 40 68.81 25.83 85.74
CA TYR WB 40 69.82 26.87 85.71
C TYR WB 40 70.59 26.96 84.40
N LYS WB 41 70.52 25.95 83.54
CA LYS WB 41 71.19 26.01 82.25
C LYS WB 41 70.42 26.90 81.29
N ILE WB 42 71.14 27.48 80.33
CA ILE WB 42 70.57 28.34 79.31
C ILE WB 42 70.76 27.68 77.95
N THR WB 43 69.68 27.58 77.19
CA THR WB 43 69.69 26.92 75.89
C THR WB 43 69.65 27.96 74.78
N THR WB 44 70.24 27.60 73.64
CA THR WB 44 70.20 28.43 72.44
C THR WB 44 69.02 27.98 71.59
N VAL WB 45 68.12 28.90 71.26
CA VAL WB 45 66.92 28.60 70.50
C VAL WB 45 66.84 29.55 69.32
N PHE WB 46 66.54 29.01 68.14
CA PHE WB 46 66.27 29.83 66.97
C PHE WB 46 64.96 30.59 67.17
N SER WB 47 64.92 31.81 66.64
CA SER WB 47 63.72 32.63 66.77
C SER WB 47 62.52 31.96 66.13
N HIS WB 48 62.67 31.48 64.90
CA HIS WB 48 61.64 30.73 64.20
C HIS WB 48 61.96 29.25 64.38
N ALA WB 49 61.65 28.74 65.58
CA ALA WB 49 62.16 27.45 66.00
C ALA WB 49 61.70 26.32 65.09
N GLN WB 50 60.42 26.33 64.69
CA GLN WB 50 59.87 25.40 63.72
C GLN WB 50 59.73 23.99 64.30
N THR WB 51 60.26 23.79 65.51
CA THR WB 51 60.10 22.53 66.22
C THR WB 51 59.80 22.83 67.68
N VAL WB 52 59.21 21.86 68.36
CA VAL WB 52 58.95 21.97 69.79
C VAL WB 52 60.26 21.68 70.52
N VAL WB 53 60.84 22.72 71.12
CA VAL WB 53 62.10 22.60 71.84
C VAL WB 53 61.80 22.49 73.32
N LEU WB 54 62.39 21.48 73.98
CA LEU WB 54 62.24 21.30 75.41
C LEU WB 54 63.63 21.15 76.03
N CYS WB 55 63.78 21.69 77.24
CA CYS WB 55 65.06 21.65 77.93
C CYS WB 55 65.41 20.22 78.33
N VAL WB 56 66.70 19.89 78.22
CA VAL WB 56 67.15 18.55 78.58
C VAL WB 56 66.95 18.32 80.08
N GLY WB 57 66.82 17.05 80.46
CA GLY WB 57 66.38 16.68 81.78
C GLY WB 57 64.89 16.51 81.92
N CYS WB 58 64.13 16.73 80.85
CA CYS WB 58 62.67 16.59 80.86
C CYS WB 58 62.01 17.45 81.94
N SER WB 59 62.53 18.66 82.11
CA SER WB 59 61.97 19.55 83.11
C SER WB 59 60.66 20.16 82.64
N THR WB 60 60.71 20.96 81.57
CA THR WB 60 59.54 21.58 80.97
C THR WB 60 59.76 21.68 79.46
N VAL WB 61 58.87 22.42 78.79
CA VAL WB 61 59.01 22.72 77.37
C VAL WB 61 59.28 24.21 77.23
N LEU WB 62 59.96 24.58 76.14
CA LEU WB 62 60.46 25.93 75.98
C LEU WB 62 59.63 26.77 75.01
N CYS WB 63 59.43 26.29 73.78
CA CYS WB 63 58.77 27.09 72.76
C CYS WB 63 57.75 26.27 72.03
N GLN WB 64 56.75 26.96 71.47
CA GLN WB 64 55.73 26.36 70.64
C GLN WB 64 55.79 26.97 69.25
N PRO WB 65 55.93 26.17 68.20
CA PRO WB 65 56.03 26.73 66.85
C PRO WB 65 54.74 27.36 66.39
N THR WB 66 54.87 28.38 65.55
CA THR WB 66 53.73 29.07 64.94
C THR WB 66 54.05 29.28 63.46
N GLY WB 67 53.23 30.09 62.80
CA GLY WB 67 53.47 30.39 61.39
C GLY WB 67 54.59 31.37 61.15
N GLY WB 68 55.08 32.03 62.20
CA GLY WB 68 56.19 32.95 62.10
C GLY WB 68 57.20 32.72 63.21
N LYS WB 69 57.46 33.77 63.98
CA LYS WB 69 58.28 33.62 65.18
C LYS WB 69 57.68 32.57 66.10
N ALA WB 70 58.54 31.77 66.72
CA ALA WB 70 58.10 30.86 67.75
C ALA WB 70 57.77 31.64 69.01
N ARG WB 71 56.76 31.17 69.75
CA ARG WB 71 56.36 31.80 70.99
C ARG WB 71 56.90 30.99 72.17
N LEU WB 72 57.45 31.67 73.16
CA LEU WB 72 58.04 31.03 74.32
C LEU WB 72 56.98 30.78 75.39
N THR WB 73 57.18 29.72 76.15
CA THR WB 73 56.26 29.40 77.24
C THR WB 73 56.32 30.47 78.32
N GLU WB 74 55.25 30.55 79.11
CA GLU WB 74 55.16 31.56 80.16
C GLU WB 74 56.30 31.42 81.16
N GLY WB 75 56.97 32.53 81.43
CA GLY WB 75 58.01 32.59 82.44
C GLY WB 75 59.42 32.36 81.95
N CYS WB 76 59.60 32.04 80.67
CA CYS WB 76 60.94 31.78 80.13
C CYS WB 76 61.52 33.07 79.59
N SER WB 77 62.57 33.57 80.24
CA SER WB 77 63.24 34.79 79.80
C SER WB 77 64.18 34.49 78.65
N PHE WB 78 64.27 35.43 77.70
CA PHE WB 78 65.17 35.27 76.56
C PHE WB 78 65.94 36.55 76.33
N ARG WB 79 67.17 36.39 75.84
CA ARG WB 79 67.98 37.52 75.38
C ARG WB 79 68.68 37.10 74.10
N ARG WB 80 68.55 37.92 73.07
CA ARG WB 80 69.21 37.59 71.82
C ARG WB 80 70.70 37.91 71.90
N LYS WB 81 71.45 37.33 70.97
CA LYS WB 81 72.89 37.48 70.94
C LYS WB 81 73.34 37.92 69.55
N GLN WB 82 74.49 38.57 69.51
CA GLN WB 82 75.09 39.05 68.28
C GLN WB 82 76.51 38.50 68.18
N HIS WB 83 77.18 38.80 67.08
CA HIS WB 83 78.56 38.39 66.88
C HIS WB 83 79.26 39.29 65.87
N GLN XB 1 -25.70 55.09 52.52
CA GLN XB 1 -24.48 55.71 52.02
C GLN XB 1 -24.68 57.20 51.75
N PRO XB 2 -24.32 58.03 52.73
CA PRO XB 2 -24.48 59.48 52.55
C PRO XB 2 -23.49 60.03 51.53
N ILE XB 3 -23.69 61.30 51.19
CA ILE XB 3 -22.83 62.01 50.25
C ILE XB 3 -22.12 63.13 50.98
N LYS XB 4 -20.81 63.26 50.77
CA LYS XB 4 -19.99 64.25 51.44
C LYS XB 4 -19.64 65.38 50.49
N LEU XB 5 -19.38 66.54 51.06
CA LEU XB 5 -18.88 67.70 50.33
C LEU XB 5 -17.65 68.23 51.05
N ALA XB 6 -16.70 68.77 50.28
CA ALA XB 6 -15.42 69.20 50.84
C ALA XB 6 -14.88 70.38 50.06
N ARG XB 7 -13.90 71.05 50.65
CA ARG XB 7 -13.25 72.22 50.07
C ARG XB 7 -11.82 71.86 49.66
N VAL XB 8 -11.35 72.45 48.57
CA VAL XB 8 -9.99 72.23 48.13
C VAL XB 8 -9.05 73.09 48.96
N THR XB 9 -7.87 72.57 49.23
CA THR XB 9 -6.84 73.29 49.98
C THR XB 9 -5.81 73.93 49.07
N LYS XB 10 -5.41 73.25 48.00
CA LYS XB 10 -4.55 73.82 46.98
C LYS XB 10 -4.70 73.01 45.71
N VAL XB 11 -4.12 73.54 44.63
CA VAL XB 11 -4.15 72.90 43.32
C VAL XB 11 -2.76 72.32 43.08
N LEU XB 12 -2.71 71.01 42.81
CA LEU XB 12 -1.43 70.31 42.73
C LEU XB 12 -0.86 70.29 41.32
N GLY XB 13 -1.70 70.22 40.30
CA GLY XB 13 -1.22 70.22 38.94
C GLY XB 13 -2.27 69.68 37.99
N ARG XB 14 -1.93 69.73 36.71
CA ARG XB 14 -2.82 69.30 35.65
C ARG XB 14 -2.40 67.92 35.17
N THR XB 15 -3.33 66.97 35.19
CA THR XB 15 -3.01 65.60 34.82
C THR XB 15 -3.95 65.10 33.74
N GLY XB 16 -3.89 63.81 33.44
CA GLY XB 16 -4.66 63.22 32.38
C GLY XB 16 -3.85 63.02 31.11
N SER XB 17 -4.33 62.12 30.27
CA SER XB 17 -3.64 61.84 29.01
C SER XB 17 -3.62 63.05 28.09
N GLN XB 18 -4.52 64.02 28.31
CA GLN XB 18 -4.61 65.19 27.46
C GLN XB 18 -4.69 66.49 28.27
N GLY XB 19 -4.31 66.45 29.55
CA GLY XB 19 -4.30 67.66 30.37
C GLY XB 19 -5.66 68.26 30.61
N GLN XB 20 -6.68 67.43 30.86
CA GLN XB 20 -8.04 67.90 31.03
C GLN XB 20 -8.58 67.73 32.44
N CYS XB 21 -7.85 67.07 33.33
CA CYS XB 21 -8.29 66.84 34.70
C CYS XB 21 -7.21 67.30 35.66
N THR XB 22 -7.64 67.86 36.79
CA THR XB 22 -6.75 68.45 37.78
C THR XB 22 -6.75 67.62 39.05
N GLN XB 23 -5.58 67.43 39.66
CA GLN XB 23 -5.48 66.85 41.00
C GLN XB 23 -5.41 67.97 42.02
N VAL XB 24 -6.33 67.95 42.97
CA VAL XB 24 -6.32 68.84 44.12
C VAL XB 24 -6.56 67.98 45.35
N ARG XB 25 -6.17 68.49 46.51
CA ARG XB 25 -6.48 67.83 47.77
C ARG XB 25 -7.66 68.54 48.42
N VAL XB 26 -8.64 67.76 48.86
CA VAL XB 26 -9.88 68.28 49.40
C VAL XB 26 -9.87 68.13 50.91
N GLU XB 27 -10.60 69.03 51.58
CA GLU XB 27 -10.66 69.08 53.02
C GLU XB 27 -12.13 69.18 53.43
N PHE XB 28 -12.61 68.19 54.16
CA PHE XB 28 -14.01 68.18 54.58
C PHE XB 28 -14.27 69.29 55.59
N MET XB 29 -15.41 69.96 55.45
CA MET XB 29 -15.87 70.82 56.54
C MET XB 29 -16.62 70.03 57.61
N ASP XB 30 -17.10 68.83 57.29
CA ASP XB 30 -17.66 67.96 58.30
C ASP XB 30 -16.60 67.54 59.32
N ASP XB 31 -15.40 67.24 58.85
CA ASP XB 31 -14.29 66.86 59.71
C ASP XB 31 -13.05 67.63 59.27
N THR XB 32 -12.54 68.49 60.15
CA THR XB 32 -11.38 69.31 59.85
C THR XB 32 -10.06 68.56 60.02
N SER XB 33 -10.10 67.23 60.13
CA SER XB 33 -8.87 66.46 60.31
C SER XB 33 -8.51 65.60 59.12
N ARG XB 34 -9.46 65.26 58.26
CA ARG XB 34 -9.24 64.32 57.16
C ARG XB 34 -9.15 65.05 55.83
N SER XB 35 -8.06 64.79 55.10
CA SER XB 35 -7.84 65.36 53.78
C SER XB 35 -7.34 64.29 52.83
N ILE XB 36 -7.83 64.31 51.59
CA ILE XB 36 -7.47 63.33 50.57
C ILE XB 36 -7.25 64.06 49.24
N ILE XB 37 -6.65 63.33 48.30
CA ILE XB 37 -6.32 63.86 46.97
C ILE XB 37 -7.33 63.30 45.98
N ARG XB 38 -7.88 64.17 45.12
CA ARG XB 38 -8.90 63.77 44.17
C ARG XB 38 -8.68 64.46 42.83
N ASN XB 39 -9.06 63.77 41.76
CA ASN XB 39 -9.10 64.38 40.44
C ASN XB 39 -10.40 65.14 40.28
N VAL XB 40 -10.34 66.28 39.60
CA VAL XB 40 -11.50 67.12 39.35
C VAL XB 40 -11.47 67.61 37.91
N LYS XB 41 -12.61 67.56 37.25
CA LYS XB 41 -12.74 67.94 35.84
C LYS XB 41 -13.36 69.33 35.74
N GLY XB 42 -12.65 70.25 35.09
CA GLY XB 42 -13.12 71.60 34.96
C GLY XB 42 -12.22 72.59 35.68
N PRO XB 43 -12.45 73.89 35.45
CA PRO XB 43 -11.63 74.91 36.11
C PRO XB 43 -12.00 75.02 37.58
N VAL XB 44 -10.99 74.92 38.45
CA VAL XB 44 -11.20 74.87 39.89
C VAL XB 44 -10.34 75.93 40.56
N ARG XB 45 -10.94 76.71 41.45
CA ARG XB 45 -10.23 77.70 42.25
C ARG XB 45 -9.73 77.05 43.54
N GLU XB 46 -9.29 77.88 44.48
CA GLU XB 46 -8.91 77.43 45.81
C GLU XB 46 -9.97 77.87 46.81
N GLY XB 47 -10.44 76.93 47.63
CA GLY XB 47 -11.46 77.21 48.62
C GLY XB 47 -12.88 76.87 48.20
N ASP XB 48 -13.11 76.49 46.95
CA ASP XB 48 -14.46 76.14 46.52
C ASP XB 48 -14.85 74.77 47.05
N VAL XB 49 -16.13 74.43 46.91
CA VAL XB 49 -16.70 73.22 47.49
C VAL XB 49 -16.98 72.23 46.37
N LEU XB 50 -16.49 71.00 46.54
CA LEU XB 50 -16.72 69.91 45.59
C LEU XB 50 -17.72 68.93 46.18
N THR XB 51 -18.72 68.57 45.38
CA THR XB 51 -19.72 67.59 45.77
C THR XB 51 -19.18 66.20 45.44
N LEU XB 52 -18.88 65.42 46.47
CA LEU XB 52 -18.30 64.10 46.32
C LEU XB 52 -19.42 63.07 46.43
N LEU XB 53 -19.71 62.40 45.30
CA LEU XB 53 -20.75 61.36 45.32
C LEU XB 53 -20.36 60.23 46.26
N GLU XB 54 -19.10 59.81 46.23
CA GLU XB 54 -18.54 58.89 47.20
C GLU XB 54 -17.12 59.35 47.50
N SER XB 55 -16.74 59.30 48.77
CA SER XB 55 -15.50 59.90 49.26
C SER XB 55 -14.60 58.86 49.88
N GLU XB 56 -14.45 57.71 49.22
CA GLU XB 56 -13.66 56.61 49.76
C GLU XB 56 -12.41 56.28 48.96
N ARG XB 57 -12.37 56.63 47.68
CA ARG XB 57 -11.22 56.30 46.85
C ARG XB 57 -10.30 57.50 46.72
N GLU XB 58 -9.00 57.24 46.68
CA GLU XB 58 -7.96 58.26 46.68
C GLU XB 58 -7.25 58.26 45.33
N ALA XB 59 -7.02 59.44 44.78
CA ALA XB 59 -6.39 59.58 43.48
C ALA XB 59 -4.88 59.60 43.61
N ARG XB 60 -4.20 58.74 42.85
CA ARG XB 60 -2.76 58.69 42.89
C ARG XB 60 -2.14 60.00 42.41
N ARG XB 61 -1.00 60.35 42.99
CA ARG XB 61 -0.34 61.60 42.62
C ARG XB 61 0.33 61.46 41.26
N LEU XB 62 0.64 62.60 40.67
CA LEU XB 62 1.29 62.63 39.36
C LEU XB 62 2.78 62.92 39.51
N GLY YB 1 -9.94 95.18 -51.10
CA GLY YB 1 -8.70 95.87 -50.81
C GLY YB 1 -8.15 95.55 -49.44
N HIS YB 2 -6.84 95.29 -49.38
CA HIS YB 2 -6.22 94.89 -48.11
C HIS YB 2 -6.34 95.99 -47.06
N GLN YB 3 -6.33 97.25 -47.47
CA GLN YB 3 -6.39 98.36 -46.53
C GLN YB 3 -7.79 98.56 -45.96
N GLN YB 4 -8.79 97.83 -46.45
CA GLN YB 4 -10.14 97.93 -45.92
C GLN YB 4 -10.43 96.91 -44.82
N LEU YB 5 -9.57 95.89 -44.66
CA LEU YB 5 -9.82 94.89 -43.63
C LEU YB 5 -8.55 94.48 -42.88
N TYR YB 6 -7.44 95.18 -43.05
CA TYR YB 6 -6.21 94.82 -42.36
C TYR YB 6 -6.36 94.94 -40.85
N TRP YB 7 -6.99 96.03 -40.39
CA TRP YB 7 -7.16 96.30 -38.97
C TRP YB 7 -8.62 96.61 -38.68
N SER YB 8 -9.52 95.97 -39.44
CA SER YB 8 -10.91 96.40 -39.49
C SER YB 8 -11.65 96.16 -38.18
N HIS YB 9 -11.30 95.11 -37.45
CA HIS YB 9 -12.05 94.76 -36.25
C HIS YB 9 -11.95 95.87 -35.22
N PRO YB 10 -13.06 96.36 -34.70
CA PRO YB 10 -12.99 97.47 -33.73
C PRO YB 10 -12.37 97.02 -32.41
N ARG YB 11 -11.65 97.94 -31.78
CA ARG YB 11 -11.06 97.76 -30.46
C ARG YB 11 -11.34 98.97 -29.59
N LYS YB 12 -12.61 99.39 -29.54
CA LYS YB 12 -13.04 100.41 -28.60
C LYS YB 12 -13.02 99.92 -27.15
N PHE YB 13 -13.00 98.62 -26.92
CA PHE YB 13 -13.16 98.08 -25.58
C PHE YB 13 -12.58 96.68 -25.54
N GLY YB 14 -12.59 96.08 -24.35
CA GLY YB 14 -12.16 94.70 -24.19
C GLY YB 14 -10.66 94.54 -24.11
N GLN YB 15 -10.26 93.26 -24.14
CA GLN YB 15 -8.86 92.91 -23.93
C GLN YB 15 -7.98 93.45 -25.05
N GLY YB 16 -8.44 93.35 -26.29
CA GLY YB 16 -7.65 93.81 -27.42
C GLY YB 16 -7.48 95.31 -27.47
N SER YB 17 -8.32 96.07 -26.76
CA SER YB 17 -8.23 97.52 -26.80
C SER YB 17 -7.03 98.01 -25.99
N ARG YB 18 -7.04 97.74 -24.69
CA ARG YB 18 -5.99 98.23 -23.81
C ARG YB 18 -4.81 97.27 -23.82
N SER YB 19 -3.67 97.77 -23.33
CA SER YB 19 -2.46 96.98 -23.27
C SER YB 19 -1.51 97.61 -22.26
N CYS YB 20 -0.56 96.81 -21.78
CA CYS YB 20 0.34 97.27 -20.73
C CYS YB 20 1.18 98.44 -21.20
N ARG YB 21 1.38 99.41 -20.30
CA ARG YB 21 2.16 100.60 -20.63
C ARG YB 21 3.61 100.27 -20.89
N VAL YB 22 4.15 99.25 -20.23
CA VAL YB 22 5.59 98.98 -20.28
C VAL YB 22 5.94 98.03 -21.41
N CYS YB 23 5.34 96.83 -21.44
CA CYS YB 23 5.77 95.79 -22.36
C CYS YB 23 4.63 95.21 -23.17
N SER YB 24 3.55 95.96 -23.36
CA SER YB 24 2.43 95.58 -24.23
C SER YB 24 1.76 94.28 -23.81
N ASN YB 25 1.89 93.89 -22.55
CA ASN YB 25 1.14 92.75 -22.05
C ASN YB 25 -0.33 93.12 -21.90
N ARG YB 26 -1.19 92.10 -21.79
CA ARG YB 26 -2.62 92.33 -21.65
C ARG YB 26 -3.26 91.65 -20.45
N HIS YB 27 -2.52 90.79 -19.74
CA HIS YB 27 -3.08 90.05 -18.61
C HIS YB 27 -2.64 90.67 -17.30
N GLY YB 28 -3.56 90.74 -16.35
CA GLY YB 28 -3.27 91.34 -15.05
C GLY YB 28 -2.95 92.82 -15.11
N LEU YB 29 -3.75 93.59 -15.84
CA LEU YB 29 -3.49 95.00 -16.07
C LEU YB 29 -4.24 95.83 -15.04
N ILE YB 30 -3.51 96.67 -14.31
CA ILE YB 30 -4.10 97.50 -13.27
C ILE YB 30 -4.52 98.83 -13.88
N ARG YB 31 -5.83 99.07 -13.96
CA ARG YB 31 -6.36 100.31 -14.48
C ARG YB 31 -6.63 101.36 -13.41
N LYS YB 32 -6.45 101.03 -12.14
CA LYS YB 32 -6.78 101.97 -11.08
C LYS YB 32 -5.84 103.17 -11.10
N TYR YB 33 -6.40 104.35 -10.88
CA TYR YB 33 -5.66 105.61 -10.81
C TYR YB 33 -4.88 105.91 -12.09
N GLY YB 34 -5.22 105.27 -13.20
CA GLY YB 34 -4.54 105.52 -14.44
C GLY YB 34 -3.20 104.83 -14.61
N LEU YB 35 -2.90 103.82 -13.79
CA LEU YB 35 -1.64 103.10 -13.93
C LEU YB 35 -1.51 102.45 -15.30
N ASN YB 36 -2.51 101.66 -15.68
CA ASN YB 36 -2.51 100.95 -16.96
C ASN YB 36 -1.24 100.13 -17.15
N MET YB 37 -0.75 99.53 -16.08
CA MET YB 37 0.40 98.64 -16.10
C MET YB 37 -0.01 97.26 -15.67
N CYS YB 38 0.69 96.25 -16.18
CA CYS YB 38 0.43 94.89 -15.74
C CYS YB 38 0.88 94.72 -14.29
N ARG YB 39 0.28 93.75 -13.60
CA ARG YB 39 0.55 93.56 -12.18
C ARG YB 39 2.00 93.16 -11.94
N GLN YB 40 2.65 92.54 -12.92
CA GLN YB 40 4.06 92.21 -12.76
C GLN YB 40 4.94 93.45 -12.78
N CYS YB 41 4.74 94.31 -13.78
CA CYS YB 41 5.59 95.50 -13.91
C CYS YB 41 5.33 96.54 -12.84
N PHE YB 42 4.18 96.48 -12.18
CA PHE YB 42 3.90 97.45 -11.12
C PHE YB 42 4.82 97.25 -9.94
N ARG YB 43 4.93 96.01 -9.44
CA ARG YB 43 5.78 95.75 -8.29
C ARG YB 43 7.24 96.06 -8.58
N GLN YB 44 7.65 95.95 -9.83
CA GLN YB 44 9.02 96.31 -10.20
C GLN YB 44 9.24 97.82 -10.05
N TYR YB 45 8.26 98.63 -10.45
CA TYR YB 45 8.36 100.08 -10.40
C TYR YB 45 7.56 100.71 -9.27
N ALA YB 46 7.03 99.91 -8.34
CA ALA YB 46 6.23 100.47 -7.27
C ALA YB 46 7.07 101.31 -6.30
N LYS YB 47 8.38 101.04 -6.22
CA LYS YB 47 9.21 101.78 -5.27
C LYS YB 47 9.30 103.25 -5.62
N ASP YB 48 9.66 103.57 -6.86
CA ASP YB 48 9.91 104.95 -7.25
C ASP YB 48 8.67 105.70 -7.69
N ILE YB 49 7.55 104.99 -7.94
CA ILE YB 49 6.31 105.69 -8.22
C ILE YB 49 5.82 106.42 -6.97
N GLY YB 50 6.03 105.82 -5.79
CA GLY YB 50 5.65 106.44 -4.55
C GLY YB 50 4.83 105.54 -3.66
N PHE YB 51 4.48 104.36 -4.17
CA PHE YB 51 3.74 103.39 -3.39
C PHE YB 51 4.67 102.66 -2.43
N ILE YB 52 4.27 102.56 -1.17
CA ILE YB 52 5.12 102.04 -0.11
C ILE YB 52 4.35 101.00 0.69
N LYS YB 53 5.09 100.08 1.30
CA LYS YB 53 4.50 99.05 2.16
C LYS YB 53 4.66 99.47 3.61
N LEU YB 54 3.56 99.52 4.34
CA LEU YB 54 3.59 99.95 5.73
C LEU YB 54 2.96 98.95 6.69
N ASP YB 55 1.88 98.29 6.29
CA ASP YB 55 1.21 97.33 7.18
C ASP YB 55 0.31 96.38 6.40
N SER ZB 1 22.11 41.96 -31.19
CA SER ZB 1 22.00 43.06 -32.15
C SER ZB 1 23.03 42.92 -33.26
N LEU ZB 2 24.23 43.47 -33.03
CA LEU ZB 2 25.34 43.36 -33.97
C LEU ZB 2 25.00 43.96 -35.33
N ALA ZB 3 24.13 44.97 -35.34
CA ALA ZB 3 23.69 45.62 -36.56
C ALA ZB 3 24.10 47.07 -36.69
N ARG ZB 4 24.49 47.73 -35.60
CA ARG ZB 4 24.93 49.11 -35.62
C ARG ZB 4 26.44 49.24 -35.57
N VAL ZB 5 27.16 48.23 -36.07
CA VAL ZB 5 28.62 48.24 -36.02
C VAL ZB 5 29.16 49.40 -36.85
N GLY ZB 6 30.13 50.12 -36.27
CA GLY ZB 6 30.71 51.26 -36.95
C GLY ZB 6 29.71 52.32 -37.32
N LYS ZB 7 28.77 52.60 -36.42
CA LYS ZB 7 27.72 53.57 -36.73
C LYS ZB 7 28.28 54.97 -36.89
N VAL ZB 8 29.17 55.38 -35.98
CA VAL ZB 8 29.67 56.75 -36.00
C VAL ZB 8 30.76 56.91 -37.06
N ARG ZB 9 31.74 56.01 -37.06
CA ARG ZB 9 32.86 56.12 -38.00
C ARG ZB 9 32.38 56.07 -39.44
N GLY ZB 10 31.32 55.28 -39.70
CA GLY ZB 10 30.80 55.20 -41.05
C GLY ZB 10 30.19 56.50 -41.53
N GLN ZB 11 29.42 57.18 -40.68
CA GLN ZB 11 28.66 58.35 -41.09
C GLN ZB 11 29.29 59.67 -40.64
N THR ZB 12 30.47 59.64 -40.04
CA THR ZB 12 31.13 60.88 -39.67
C THR ZB 12 31.57 61.64 -40.93
N LEU ZB 13 31.64 62.96 -40.80
CA LEU ZB 13 32.00 63.79 -41.95
C LEU ZB 13 33.47 63.63 -42.31
N LYS ZB 14 33.74 63.47 -43.60
CA LYS ZB 14 35.09 63.23 -44.09
C LYS ZB 14 35.79 64.57 -44.32
N VAL ZB 15 36.86 64.81 -43.58
CA VAL ZB 15 37.67 66.02 -43.72
C VAL ZB 15 39.09 65.59 -44.07
N ALA ZB 16 39.60 66.11 -45.18
CA ALA ZB 16 40.93 65.74 -45.63
C ALA ZB 16 42.00 66.49 -44.85
N LYS ZB 17 43.07 65.78 -44.51
CA LYS ZB 17 44.20 66.39 -43.81
C LYS ZB 17 44.90 67.37 -44.75
N GLN ZB 18 44.71 68.66 -44.51
CA GLN ZB 18 45.24 69.66 -45.41
C GLN ZB 18 46.76 69.73 -45.31
N GLU ZB 19 47.39 70.12 -46.42
CA GLU ZB 19 48.85 70.08 -46.54
C GLU ZB 19 49.50 71.04 -45.56
N LYS ZB 20 50.58 70.56 -44.93
CA LYS ZB 20 51.39 71.36 -44.02
C LYS ZB 20 52.87 71.16 -44.35
N LYS ZB 21 53.69 72.08 -43.88
CA LYS ZB 21 55.12 71.98 -44.09
C LYS ZB 21 55.74 70.93 -43.16
N LYS ZB 22 56.86 70.36 -43.61
CA LYS ZB 22 57.54 69.35 -42.81
C LYS ZB 22 58.13 69.98 -41.55
N LYS ZB 23 58.20 69.18 -40.50
CA LYS ZB 23 58.77 69.60 -39.22
C LYS ZB 23 60.19 69.07 -39.09
N ARG ZB 24 61.09 69.94 -38.64
CA ARG ZB 24 62.48 69.56 -38.49
C ARG ZB 24 62.62 68.47 -37.45
N THR ZB 25 63.55 67.54 -37.69
CA THR ZB 25 63.70 66.35 -36.88
C THR ZB 25 65.14 66.21 -36.40
N GLY ZB 26 65.30 65.56 -35.26
CA GLY ZB 26 66.63 65.26 -34.74
C GLY ZB 26 67.10 66.34 -33.79
N ARG ZB 27 68.37 66.74 -33.94
CA ARG ZB 27 68.93 67.78 -33.09
C ARG ZB 27 68.21 69.11 -33.27
N ALA ZB 28 67.81 69.41 -34.51
CA ALA ZB 28 67.16 70.70 -34.78
C ALA ZB 28 65.86 70.84 -34.01
N LYS ZB 29 65.08 69.76 -33.91
CA LYS ZB 29 63.80 69.83 -33.21
C LYS ZB 29 64.00 70.20 -31.75
N ARG ZB 30 65.03 69.63 -31.11
CA ARG ZB 30 65.34 70.00 -29.74
C ARG ZB 30 65.82 71.44 -29.63
N ARG ZB 31 66.46 71.96 -30.68
CA ARG ZB 31 66.89 73.35 -30.67
C ARG ZB 31 65.68 74.29 -30.62
N MET ZB 32 64.63 73.98 -31.39
CA MET ZB 32 63.40 74.77 -31.30
C MET ZB 32 62.78 74.67 -29.92
N GLN ZB 33 62.73 73.47 -29.36
CA GLN ZB 33 62.10 73.28 -28.06
C GLN ZB 33 62.85 74.02 -26.97
N TYR ZB 34 64.18 74.02 -27.03
CA TYR ZB 34 64.96 74.79 -26.06
C TYR ZB 34 64.73 76.28 -26.24
N ASN ZB 35 64.68 76.76 -27.49
CA ASN ZB 35 64.51 78.18 -27.74
C ASN ZB 35 63.10 78.64 -27.38
N ARG ZB 36 62.08 77.91 -27.81
CA ARG ZB 36 60.71 78.37 -27.65
C ARG ZB 36 60.29 78.41 -26.19
N ARG ZB 37 60.91 77.61 -25.33
CA ARG ZB 37 60.49 77.50 -23.94
C ARG ZB 37 61.35 78.30 -22.97
N PHE ZB 38 62.60 78.59 -23.31
CA PHE ZB 38 63.53 79.14 -22.32
C PHE ZB 38 63.99 80.56 -22.65
N VAL ZB 39 64.55 80.79 -23.83
CA VAL ZB 39 65.29 82.04 -24.04
C VAL ZB 39 64.36 83.22 -24.30
N ASN ZB 40 63.39 83.07 -25.20
CA ASN ZB 40 62.56 84.19 -25.60
C ASN ZB 40 61.43 84.48 -24.62
N VAL ZB 41 61.17 83.57 -23.68
CA VAL ZB 41 59.95 83.65 -22.88
C VAL ZB 41 60.09 84.75 -21.82
N VAL ZB 42 58.94 85.13 -21.28
CA VAL ZB 42 58.86 86.19 -20.26
C VAL ZB 42 57.83 85.80 -19.22
N PRO ZB 43 58.08 86.14 -17.96
CA PRO ZB 43 57.05 85.95 -16.93
C PRO ZB 43 55.79 86.74 -17.27
N THR ZB 44 54.64 86.15 -16.95
CA THR ZB 44 53.35 86.80 -17.10
C THR ZB 44 52.75 87.01 -15.72
N PHE ZB 45 51.61 87.72 -15.68
CA PHE ZB 45 50.99 88.09 -14.41
C PHE ZB 45 50.32 86.86 -13.79
N GLY ZB 46 50.80 86.45 -12.62
CA GLY ZB 46 50.12 85.42 -11.87
C GLY ZB 46 50.45 84.02 -12.37
N LYS ZB 47 49.40 83.23 -12.58
CA LYS ZB 47 49.55 81.83 -12.96
C LYS ZB 47 50.09 81.71 -14.38
N LYS ZB 48 50.60 80.52 -14.70
CA LYS ZB 48 51.18 80.24 -16.00
C LYS ZB 48 50.14 79.59 -16.91
N LYS ZB 49 50.28 79.84 -18.22
CA LYS ZB 49 49.35 79.33 -19.23
C LYS ZB 49 50.01 78.20 -20.01
N GLY ZB 50 49.19 77.21 -20.37
CA GLY ZB 50 49.68 76.01 -21.01
C GLY ZB 50 50.23 76.26 -22.40
N PRO ZB 51 51.12 75.37 -22.86
CA PRO ZB 51 51.65 75.50 -24.22
C PRO ZB 51 50.57 75.43 -25.29
N ASN ZB 52 49.53 74.63 -25.08
CA ASN ZB 52 48.41 74.53 -26.02
C ASN ZB 52 47.23 75.38 -25.57
N ALA ZB 53 47.50 76.48 -24.88
CA ALA ZB 53 46.43 77.35 -24.40
C ALA ZB 53 45.59 77.87 -25.55
N ASN ZB 54 44.28 77.90 -25.35
CA ASN ZB 54 43.36 78.40 -26.36
C ASN ZB 54 42.07 78.84 -25.68
N SER ZB 55 41.25 79.56 -26.42
CA SER ZB 55 39.96 80.02 -25.92
C SER ZB 55 39.05 80.41 -27.08
N THR AC 1 7.66 121.25 76.47
CA THR AC 1 7.34 122.67 76.46
C THR AC 1 6.74 123.08 75.12
N GLU AC 2 6.90 122.22 74.12
CA GLU AC 2 6.41 122.49 72.78
C GLU AC 2 6.43 121.19 71.98
N GLN AC 3 5.26 120.74 71.53
CA GLN AC 3 5.15 119.43 70.91
C GLN AC 3 4.22 119.48 69.71
N MET AC 4 4.31 118.46 68.86
CA MET AC 4 3.45 118.30 67.70
C MET AC 4 2.77 116.94 67.77
N THR AC 5 1.48 116.89 67.43
CA THR AC 5 0.68 115.68 67.50
C THR AC 5 -0.22 115.58 66.28
N LEU AC 6 -0.83 114.40 66.12
CA LEU AC 6 -1.82 114.19 65.07
C LEU AC 6 -3.08 114.99 65.38
N ARG AC 7 -3.50 115.82 64.43
CA ARG AC 7 -4.74 116.58 64.54
C ARG AC 7 -5.72 116.28 63.41
N GLY AC 8 -5.23 116.14 62.18
CA GLY AC 8 -6.11 115.89 61.06
C GLY AC 8 -5.44 115.08 59.98
N THR AC 9 -6.27 114.49 59.12
CA THR AC 9 -5.81 113.70 57.99
C THR AC 9 -6.84 113.84 56.88
N LEU AC 10 -6.46 114.53 55.80
CA LEU AC 10 -7.36 114.78 54.69
C LEU AC 10 -6.72 114.35 53.38
N LYS AC 11 -7.51 113.68 52.54
CA LYS AC 11 -7.05 113.18 51.26
C LYS AC 11 -8.13 113.38 50.20
N GLY AC 12 -7.71 113.84 49.03
CA GLY AC 12 -8.59 113.90 47.87
C GLY AC 12 -7.85 113.64 46.58
N HIS AC 13 -6.58 113.27 46.68
CA HIS AC 13 -5.69 113.16 45.53
C HIS AC 13 -5.52 111.71 45.09
N ASN AC 14 -4.90 111.56 43.91
CA ASN AC 14 -4.44 110.27 43.42
C ASN AC 14 -2.95 110.27 43.11
N GLY AC 15 -2.26 111.39 43.33
CA GLY AC 15 -0.82 111.46 43.17
C GLY AC 15 -0.16 112.07 44.40
N TRP AC 16 1.16 112.18 44.32
CA TRP AC 16 1.91 112.77 45.42
C TRP AC 16 1.57 114.25 45.55
N VAL AC 17 1.36 114.71 46.77
CA VAL AC 17 1.05 116.11 47.00
C VAL AC 17 2.36 116.89 46.95
N THR AC 18 2.71 117.38 45.77
CA THR AC 18 4.05 117.92 45.55
C THR AC 18 4.22 119.34 46.09
N GLN AC 19 3.14 120.09 46.25
CA GLN AC 19 3.26 121.45 46.75
C GLN AC 19 1.95 121.90 47.37
N ILE AC 20 2.06 122.67 48.45
CA ILE AC 20 0.93 123.20 49.19
C ILE AC 20 1.09 124.70 49.32
N ALA AC 21 -0.03 125.43 49.24
CA ALA AC 21 -0.03 126.87 49.37
C ALA AC 21 -1.02 127.30 50.44
N THR AC 22 -0.80 128.50 50.97
CA THR AC 22 -1.64 129.06 52.01
C THR AC 22 -1.92 130.53 51.73
N THR AC 23 -2.98 131.03 52.33
CA THR AC 23 -3.38 132.43 52.19
C THR AC 23 -3.62 133.04 53.56
N PRO AC 24 -3.23 134.31 53.74
CA PRO AC 24 -3.43 134.94 55.06
C PRO AC 24 -4.86 135.36 55.33
N GLN AC 25 -5.57 135.82 54.30
CA GLN AC 25 -6.93 136.29 54.51
C GLN AC 25 -7.86 135.15 54.91
N PHE AC 26 -7.78 134.02 54.21
CA PHE AC 26 -8.65 132.89 54.49
C PHE AC 26 -7.92 131.89 55.36
N PRO AC 27 -8.38 131.62 56.58
CA PRO AC 27 -7.66 130.67 57.45
C PRO AC 27 -8.01 129.22 57.20
N ASP AC 28 -9.07 128.93 56.45
CA ASP AC 28 -9.59 127.57 56.32
C ASP AC 28 -9.75 127.17 54.86
N MET AC 29 -8.72 127.43 54.06
CA MET AC 29 -8.67 126.92 52.70
C MET AC 29 -7.21 126.81 52.29
N ILE AC 30 -6.87 125.72 51.61
CA ILE AC 30 -5.52 125.48 51.14
C ILE AC 30 -5.57 124.97 49.71
N LEU AC 31 -4.47 125.17 48.99
CA LEU AC 31 -4.32 124.70 47.62
C LEU AC 31 -3.16 123.71 47.58
N SER AC 32 -3.42 122.52 47.07
CA SER AC 32 -2.43 121.43 47.06
C SER AC 32 -2.27 120.91 45.64
N ALA AC 33 -1.17 121.28 44.99
CA ALA AC 33 -0.82 120.67 43.73
C ALA AC 33 -0.41 119.22 43.96
N SER AC 34 -0.52 118.41 42.91
CA SER AC 34 -0.28 116.99 43.06
C SER AC 34 0.16 116.39 41.73
N ARG AC 35 0.58 115.12 41.80
CA ARG AC 35 1.06 114.43 40.60
C ARG AC 35 -0.07 114.18 39.61
N ASP AC 36 -1.25 113.81 40.09
CA ASP AC 36 -2.40 113.82 39.19
C ASP AC 36 -2.65 115.25 38.75
N LYS AC 37 -3.28 115.39 37.59
CA LYS AC 37 -3.28 116.65 36.88
C LYS AC 37 -4.29 117.65 37.43
N THR AC 38 -4.75 117.47 38.67
CA THR AC 38 -5.73 118.35 39.28
C THR AC 38 -5.15 119.04 40.51
N ILE AC 39 -5.49 120.30 40.69
CA ILE AC 39 -5.24 121.04 41.93
C ILE AC 39 -6.56 121.11 42.67
N ILE AC 40 -6.53 120.79 43.97
CA ILE AC 40 -7.74 120.68 44.78
C ILE AC 40 -7.76 121.81 45.79
N MET AC 41 -8.89 122.53 45.83
CA MET AC 41 -9.18 123.50 46.87
C MET AC 41 -9.91 122.82 48.02
N TRP AC 42 -9.54 123.16 49.24
CA TRP AC 42 -10.08 122.53 50.43
C TRP AC 42 -10.84 123.56 51.26
N LYS AC 43 -11.88 123.09 51.96
CA LYS AC 43 -12.49 123.85 53.04
C LYS AC 43 -12.24 123.10 54.34
N LEU AC 44 -11.71 123.81 55.33
CA LEU AC 44 -11.31 123.20 56.60
C LEU AC 44 -12.51 123.26 57.54
N THR AC 45 -13.19 122.13 57.71
CA THR AC 45 -14.41 122.07 58.50
C THR AC 45 -14.16 121.64 59.95
N ARG AC 46 -13.05 120.98 60.22
CA ARG AC 46 -12.62 120.68 61.60
C ARG AC 46 -13.63 119.80 62.33
N ASP AC 47 -14.05 118.71 61.69
CA ASP AC 47 -14.98 117.78 62.31
C ASP AC 47 -14.25 116.52 62.77
N GLU AC 48 -14.93 115.75 63.62
CA GLU AC 48 -14.37 114.47 64.06
C GLU AC 48 -14.31 113.47 62.91
N THR AC 49 -15.27 113.54 61.97
CA THR AC 49 -15.28 112.62 60.83
C THR AC 49 -14.02 112.79 59.98
N ASN AC 50 -13.69 114.04 59.65
CA ASN AC 50 -12.49 114.33 58.88
C ASN AC 50 -12.16 115.81 59.05
N TYR AC 51 -10.88 116.14 58.86
CA TYR AC 51 -10.43 117.50 59.09
C TYR AC 51 -10.98 118.47 58.04
N GLY AC 52 -11.05 118.05 56.79
CA GLY AC 52 -11.56 118.92 55.74
C GLY AC 52 -11.81 118.12 54.48
N ILE AC 53 -12.64 118.69 53.61
CA ILE AC 53 -13.00 118.03 52.36
C ILE AC 53 -12.76 119.00 51.21
N PRO AC 54 -12.52 118.48 50.02
CA PRO AC 54 -12.35 119.34 48.85
C PRO AC 54 -13.65 120.04 48.46
N GLN AC 55 -13.49 121.16 47.78
CA GLN AC 55 -14.63 121.92 47.25
C GLN AC 55 -14.61 122.08 45.75
N ARG AC 56 -13.45 122.31 45.14
CA ARG AC 56 -13.36 122.48 43.69
C ARG AC 56 -11.97 122.08 43.24
N ALA AC 57 -11.90 121.39 42.11
CA ALA AC 57 -10.64 120.94 41.55
C ALA AC 57 -10.27 121.80 40.35
N LEU AC 58 -9.04 122.30 40.34
CA LEU AC 58 -8.55 123.15 39.25
C LEU AC 58 -7.77 122.31 38.26
N ARG AC 59 -8.50 121.48 37.51
CA ARG AC 59 -7.88 120.64 36.52
C ARG AC 59 -7.72 121.39 35.20
N GLY AC 60 -6.83 120.88 34.35
CA GLY AC 60 -6.56 121.50 33.08
C GLY AC 60 -5.11 121.39 32.64
N HIS AC 61 -4.24 121.00 33.56
CA HIS AC 61 -2.86 120.71 33.21
C HIS AC 61 -2.77 119.34 32.54
N SER AC 62 -1.90 119.23 31.54
CA SER AC 62 -1.78 117.99 30.79
C SER AC 62 -0.67 117.08 31.31
N HIS AC 63 0.04 117.46 32.37
CA HIS AC 63 1.08 116.61 32.93
C HIS AC 63 1.18 116.90 34.43
N PHE AC 64 2.28 116.46 35.04
CA PHE AC 64 2.47 116.60 36.46
C PHE AC 64 2.47 118.08 36.83
N VAL AC 65 1.69 118.45 37.84
CA VAL AC 65 1.70 119.82 38.33
C VAL AC 65 2.81 119.95 39.37
N SER AC 66 3.70 120.92 39.15
CA SER AC 66 4.92 121.03 39.96
C SER AC 66 4.81 122.03 41.09
N ASP AC 67 4.28 123.23 40.83
CA ASP AC 67 4.31 124.31 41.80
C ASP AC 67 2.98 125.06 41.77
N VAL AC 68 2.61 125.62 42.91
CA VAL AC 68 1.45 126.50 43.00
C VAL AC 68 1.56 127.33 44.27
N VAL AC 69 1.19 128.61 44.16
CA VAL AC 69 1.09 129.53 45.29
C VAL AC 69 -0.13 130.40 45.10
N ILE AC 70 -0.76 130.77 46.21
CA ILE AC 70 -1.94 131.62 46.17
C ILE AC 70 -1.49 133.07 46.14
N SER AC 71 -2.24 133.91 45.41
CA SER AC 71 -1.93 135.32 45.36
C SER AC 71 -2.19 135.98 46.70
N SER AC 72 -1.53 137.12 46.91
CA SER AC 72 -1.69 137.86 48.17
C SER AC 72 -3.13 138.28 48.39
N ASP AC 73 -3.80 138.74 47.33
CA ASP AC 73 -5.18 139.18 47.46
C ASP AC 73 -6.12 138.05 47.85
N GLY AC 74 -5.74 136.79 47.62
CA GLY AC 74 -6.59 135.68 48.00
C GLY AC 74 -7.65 135.31 46.99
N GLN AC 75 -7.41 135.58 45.71
CA GLN AC 75 -8.35 135.22 44.65
C GLN AC 75 -7.71 134.52 43.47
N PHE AC 76 -6.40 134.65 43.26
CA PHE AC 76 -5.73 134.07 42.11
C PHE AC 76 -4.70 133.06 42.60
N ALA AC 77 -4.55 131.97 41.85
CA ALA AC 77 -3.47 131.02 42.03
C ALA AC 77 -2.68 130.94 40.74
N LEU AC 78 -1.38 130.78 40.85
CA LEU AC 78 -0.50 130.57 39.71
C LEU AC 78 0.16 129.22 39.85
N SER AC 79 0.07 128.40 38.80
CA SER AC 79 0.56 127.04 38.86
C SER AC 79 1.48 126.76 37.68
N GLY AC 80 2.51 125.96 37.92
CA GLY AC 80 3.40 125.51 36.88
C GLY AC 80 3.43 123.99 36.83
N SER AC 81 3.30 123.43 35.64
CA SER AC 81 3.23 121.98 35.50
C SER AC 81 4.28 121.50 34.50
N TRP AC 82 4.55 120.21 34.54
CA TRP AC 82 5.60 119.63 33.72
C TRP AC 82 5.32 119.78 32.22
N ASP AC 83 4.08 120.09 31.86
CA ASP AC 83 3.75 120.31 30.45
C ASP AC 83 4.40 121.57 29.88
N GLY AC 84 5.21 122.29 30.66
CA GLY AC 84 5.91 123.46 30.17
C GLY AC 84 5.07 124.71 30.07
N THR AC 85 4.00 124.83 30.85
CA THR AC 85 3.08 125.95 30.77
C THR AC 85 2.79 126.48 32.16
N LEU AC 86 2.07 127.60 32.20
CA LEU AC 86 1.56 128.18 33.43
C LEU AC 86 0.13 128.65 33.20
N ARG AC 87 -0.66 128.63 34.26
CA ARG AC 87 -2.05 129.07 34.19
C ARG AC 87 -2.35 129.97 35.37
N LEU AC 88 -2.99 131.11 35.09
CA LEU AC 88 -3.42 132.04 36.12
C LEU AC 88 -4.80 131.61 36.61
N TRP AC 89 -4.80 130.68 37.55
CA TRP AC 89 -6.06 130.14 38.07
C TRP AC 89 -6.83 131.21 38.86
N ASP AC 90 -8.15 131.17 38.73
CA ASP AC 90 -9.05 132.04 39.45
C ASP AC 90 -9.77 131.23 40.52
N LEU AC 91 -9.63 131.65 41.78
CA LEU AC 91 -10.16 130.86 42.88
C LEU AC 91 -11.68 130.86 42.95
N THR AC 92 -12.33 131.83 42.32
CA THR AC 92 -13.80 131.93 42.43
C THR AC 92 -14.48 130.96 41.47
N THR AC 93 -14.25 131.13 40.16
CA THR AC 93 -14.88 130.29 39.16
C THR AC 93 -14.10 129.01 38.86
N GLY AC 94 -12.89 128.87 39.38
CA GLY AC 94 -12.10 127.68 39.16
C GLY AC 94 -11.62 127.51 37.74
N THR AC 95 -11.49 128.60 36.98
CA THR AC 95 -11.05 128.56 35.60
C THR AC 95 -9.84 129.46 35.40
N THR AC 96 -9.06 129.14 34.37
CA THR AC 96 -7.85 129.88 34.05
C THR AC 96 -8.19 131.13 33.27
N THR AC 97 -7.77 132.29 33.80
CA THR AC 97 -7.96 133.53 33.06
C THR AC 97 -6.89 133.73 32.00
N ARG AC 98 -5.64 133.43 32.32
CA ARG AC 98 -4.54 133.64 31.38
C ARG AC 98 -3.59 132.45 31.43
N ARG AC 99 -2.85 132.28 30.34
CA ARG AC 99 -1.88 131.20 30.20
C ARG AC 99 -0.51 131.77 29.89
N PHE AC 100 0.53 131.16 30.47
CA PHE AC 100 1.91 131.55 30.23
C PHE AC 100 2.60 130.42 29.48
N VAL AC 101 3.19 130.74 28.33
CA VAL AC 101 3.85 129.75 27.49
C VAL AC 101 5.16 130.34 26.99
N GLY AC 102 6.11 129.46 26.68
CA GLY AC 102 7.40 129.89 26.18
C GLY AC 102 8.56 129.02 26.62
N HIS AC 103 8.41 128.37 27.77
CA HIS AC 103 9.42 127.43 28.21
C HIS AC 103 9.36 126.16 27.36
N THR AC 104 10.52 125.68 26.93
CA THR AC 104 10.59 124.54 26.05
C THR AC 104 10.72 123.21 26.78
N LYS AC 105 10.76 123.21 28.12
CA LYS AC 105 10.87 121.99 28.89
C LYS AC 105 10.05 122.14 30.16
N ASP AC 106 10.18 121.17 31.06
CA ASP AC 106 9.36 121.14 32.26
C ASP AC 106 9.66 122.34 33.15
N VAL AC 107 8.60 123.01 33.62
CA VAL AC 107 8.73 124.11 34.57
C VAL AC 107 8.59 123.56 35.97
N LEU AC 108 9.41 124.04 36.90
CA LEU AC 108 9.53 123.46 38.23
C LEU AC 108 8.94 124.31 39.34
N SER AC 109 9.12 125.63 39.30
CA SER AC 109 8.68 126.46 40.41
C SER AC 109 8.45 127.89 39.92
N VAL AC 110 7.38 128.50 40.42
CA VAL AC 110 7.04 129.89 40.13
C VAL AC 110 6.59 130.56 41.43
N ALA AC 111 6.60 131.88 41.43
CA ALA AC 111 6.23 132.62 42.62
C ALA AC 111 5.72 134.02 42.25
N PHE AC 112 4.94 134.59 43.16
CA PHE AC 112 4.59 136.01 43.13
C PHE AC 112 5.50 136.83 44.03
N SER AC 113 5.70 138.09 43.64
CA SER AC 113 6.31 139.07 44.50
C SER AC 113 5.26 139.69 45.42
N SER AC 114 5.73 140.52 46.35
CA SER AC 114 4.82 141.14 47.30
C SER AC 114 3.80 142.03 46.59
N ASP AC 115 4.24 142.83 45.62
CA ASP AC 115 3.33 143.72 44.91
C ASP AC 115 2.40 142.98 43.96
N ASN AC 116 2.66 141.68 43.70
CA ASN AC 116 1.82 140.86 42.82
C ASN AC 116 1.78 141.43 41.40
N ARG AC 117 2.95 141.81 40.88
CA ARG AC 117 3.03 142.33 39.52
C ARG AC 117 4.03 141.53 38.70
N GLN AC 118 5.08 141.03 39.35
CA GLN AC 118 6.17 140.34 38.68
C GLN AC 118 6.05 138.84 38.90
N ILE AC 119 6.08 138.07 37.81
CA ILE AC 119 5.95 136.62 37.85
C ILE AC 119 7.21 136.02 37.25
N VAL AC 120 7.80 135.07 37.98
CA VAL AC 120 9.03 134.42 37.56
C VAL AC 120 8.78 132.93 37.42
N SER AC 121 9.58 132.26 36.61
CA SER AC 121 9.44 130.83 36.39
C SER AC 121 10.81 130.19 36.20
N GLY AC 122 11.00 129.03 36.83
CA GLY AC 122 12.20 128.23 36.66
C GLY AC 122 11.83 126.87 36.07
N SER AC 123 12.56 126.48 35.03
CA SER AC 123 12.21 125.31 34.26
C SER AC 123 13.45 124.45 34.01
N ARG AC 124 13.23 123.27 33.44
CA ARG AC 124 14.31 122.30 33.28
C ARG AC 124 15.37 122.80 32.32
N ASP AC 125 14.98 123.46 31.24
CA ASP AC 125 15.97 124.08 30.38
C ASP AC 125 16.76 125.12 31.17
N LYS AC 126 17.97 125.41 30.69
CA LYS AC 126 18.89 126.27 31.43
C LYS AC 126 18.45 127.73 31.31
N THR AC 127 17.21 127.97 31.74
CA THR AC 127 16.54 129.25 31.57
C THR AC 127 15.85 129.65 32.85
N ILE AC 128 15.93 130.94 33.17
CA ILE AC 128 15.08 131.56 34.18
C ILE AC 128 14.59 132.88 33.61
N LYS AC 129 13.27 133.07 33.59
CA LYS AC 129 12.69 134.24 32.97
C LYS AC 129 11.62 134.82 33.88
N LEU AC 130 11.44 136.14 33.76
CA LEU AC 130 10.50 136.89 34.57
C LEU AC 130 9.43 137.49 33.67
N TRP AC 131 8.18 137.41 34.12
CA TRP AC 131 7.02 137.77 33.33
C TRP AC 131 6.33 139.00 33.90
N ASN AC 132 5.27 139.41 33.22
CA ASN AC 132 4.29 140.34 33.78
C ASN AC 132 3.07 139.54 34.22
N THR AC 133 2.03 140.27 34.63
CA THR AC 133 0.76 139.65 34.93
C THR AC 133 -0.16 139.57 33.72
N LEU AC 134 0.19 140.28 32.63
CA LEU AC 134 -0.65 140.36 31.45
C LEU AC 134 -0.33 139.30 30.40
N GLY AC 135 0.65 138.45 30.63
CA GLY AC 135 0.91 137.34 29.74
C GLY AC 135 2.09 137.48 28.80
N VAL AC 136 2.91 138.53 28.94
CA VAL AC 136 4.00 138.80 28.01
C VAL AC 136 5.31 138.71 28.78
N CYS AC 137 6.24 137.92 28.26
CA CYS AC 137 7.54 137.75 28.89
C CYS AC 137 8.33 139.06 28.82
N LYS AC 138 8.85 139.51 29.96
CA LYS AC 138 9.65 140.73 29.98
C LYS AC 138 11.10 140.45 29.61
N TYR AC 139 11.78 139.62 30.41
CA TYR AC 139 13.20 139.38 30.22
C TYR AC 139 13.51 137.92 30.56
N THR AC 140 14.25 137.26 29.66
CA THR AC 140 14.67 135.88 29.86
C THR AC 140 16.19 135.82 29.91
N VAL AC 141 16.71 135.00 30.82
CA VAL AC 141 18.13 134.93 31.10
C VAL AC 141 18.66 133.62 30.53
N GLN AC 142 19.50 133.72 29.51
CA GLN AC 142 20.03 132.53 28.85
C GLN AC 142 21.55 132.55 28.79
N ASP AC 143 22.13 133.72 28.56
CA ASP AC 143 23.58 133.80 28.34
C ASP AC 143 24.37 133.48 29.60
N GLU AC 144 23.75 133.62 30.77
CA GLU AC 144 24.40 133.26 32.03
C GLU AC 144 23.35 132.76 33.00
N SER AC 145 23.32 131.45 33.22
CA SER AC 145 22.31 130.84 34.07
C SER AC 145 22.92 129.61 34.72
N HIS AC 146 22.07 128.81 35.38
CA HIS AC 146 22.54 127.57 35.98
C HIS AC 146 23.01 126.61 34.90
N SER AC 147 24.05 125.83 35.24
CA SER AC 147 24.55 124.82 34.30
C SER AC 147 23.58 123.65 34.20
N GLU AC 148 22.77 123.43 35.22
CA GLU AC 148 21.85 122.30 35.25
C GLU AC 148 20.42 122.76 35.55
N TRP AC 149 19.55 121.81 35.86
CA TRP AC 149 18.13 122.09 36.07
C TRP AC 149 17.92 123.19 37.10
N VAL AC 150 17.03 124.12 36.79
CA VAL AC 150 16.64 125.16 37.73
C VAL AC 150 15.55 124.58 38.63
N SER AC 151 15.85 124.46 39.92
CA SER AC 151 14.95 123.77 40.83
C SER AC 151 13.90 124.69 41.44
N CYS AC 152 14.33 125.73 42.16
CA CYS AC 152 13.42 126.60 42.89
C CYS AC 152 13.77 128.06 42.64
N VAL AC 153 12.74 128.90 42.61
CA VAL AC 153 12.88 130.34 42.47
C VAL AC 153 12.02 131.02 43.53
N ARG AC 154 12.58 132.03 44.19
CA ARG AC 154 11.88 132.77 45.23
C ARG AC 154 12.13 134.27 45.06
N PHE AC 155 11.15 135.07 45.46
CA PHE AC 155 11.33 136.50 45.60
C PHE AC 155 11.77 136.88 47.02
N SER AC 156 12.26 138.10 47.16
CA SER AC 156 12.57 138.66 48.45
C SER AC 156 11.29 139.20 49.10
N PRO AC 157 10.94 138.75 50.31
CA PRO AC 157 9.69 139.24 50.92
C PRO AC 157 9.71 140.73 51.23
N ASN AC 158 10.88 141.34 51.34
CA ASN AC 158 10.98 142.76 51.62
C ASN AC 158 11.26 143.55 50.35
N SER AC 159 10.53 144.65 50.17
CA SER AC 159 10.70 145.50 48.99
C SER AC 159 11.93 146.38 49.08
N SER AC 160 12.59 146.43 50.24
CA SER AC 160 13.83 147.18 50.40
C SER AC 160 15.02 146.49 49.75
N ASN AC 161 14.80 145.40 49.03
CA ASN AC 161 15.85 144.63 48.39
C ASN AC 161 15.25 143.80 47.26
N PRO AC 162 15.15 144.34 46.05
CA PRO AC 162 14.48 143.64 45.00
C PRO AC 162 15.31 142.53 44.37
N ILE AC 163 15.47 141.43 45.09
CA ILE AC 163 16.30 140.31 44.66
C ILE AC 163 15.43 139.09 44.47
N ILE AC 164 15.93 138.14 43.67
CA ILE AC 164 15.35 136.81 43.56
C ILE AC 164 16.45 135.80 43.79
N VAL AC 165 16.22 134.85 44.69
CA VAL AC 165 17.15 133.76 44.95
C VAL AC 165 16.69 132.54 44.16
N SER AC 166 17.64 131.78 43.64
CA SER AC 166 17.31 130.64 42.77
C SER AC 166 18.39 129.58 42.93
N CYS AC 167 18.02 128.43 43.48
CA CYS AC 167 18.91 127.29 43.52
C CYS AC 167 18.85 126.54 42.19
N GLY AC 168 19.49 125.39 42.12
CA GLY AC 168 19.45 124.61 40.89
C GLY AC 168 20.19 123.31 41.06
N TRP AC 169 20.13 122.49 40.01
CA TRP AC 169 20.86 121.24 39.96
C TRP AC 169 22.34 121.43 39.65
N ASP AC 170 22.82 122.67 39.66
CA ASP AC 170 24.23 122.96 39.52
C ASP AC 170 24.96 122.95 40.86
N LYS AC 171 24.32 122.46 41.92
CA LYS AC 171 24.92 122.24 43.23
C LYS AC 171 25.28 123.55 43.92
N LEU AC 172 24.84 124.69 43.40
CA LEU AC 172 25.21 125.99 43.94
C LEU AC 172 24.08 126.98 43.75
N VAL AC 173 23.91 127.87 44.73
CA VAL AC 173 22.81 128.83 44.78
C VAL AC 173 23.23 130.12 44.08
N LYS AC 174 22.26 130.83 43.53
CA LYS AC 174 22.48 132.09 42.84
C LYS AC 174 21.60 133.18 43.43
N VAL AC 175 22.03 134.42 43.26
CA VAL AC 175 21.30 135.59 43.74
C VAL AC 175 21.24 136.62 42.62
N TRP AC 176 20.05 137.14 42.35
CA TRP AC 176 19.79 138.06 41.25
C TRP AC 176 19.23 139.35 41.82
N ASN AC 177 18.84 140.26 40.93
CA ASN AC 177 18.13 141.48 41.32
C ASN AC 177 16.97 141.72 40.38
N LEU AC 178 16.02 142.54 40.81
CA LEU AC 178 14.88 142.89 40.00
C LEU AC 178 15.10 144.14 39.15
N ALA AC 179 16.23 144.83 39.31
CA ALA AC 179 16.48 146.04 38.53
C ALA AC 179 16.98 145.70 37.13
N ASN AC 180 18.14 145.05 37.04
CA ASN AC 180 18.71 144.64 35.77
C ASN AC 180 18.73 143.14 35.60
N CYS AC 181 18.33 142.39 36.63
CA CYS AC 181 18.37 140.93 36.64
C CYS AC 181 19.77 140.43 36.27
N LYS AC 182 20.77 141.02 36.91
CA LYS AC 182 22.15 140.57 36.85
C LYS AC 182 22.52 139.94 38.19
N LEU AC 183 23.26 138.84 38.14
CA LEU AC 183 23.56 138.11 39.37
C LEU AC 183 24.40 138.97 40.30
N LYS AC 184 24.10 138.91 41.59
CA LYS AC 184 24.81 139.66 42.61
C LYS AC 184 25.90 138.87 43.29
N THR AC 185 25.63 137.63 43.68
CA THR AC 185 26.62 136.85 44.42
C THR AC 185 26.41 135.37 44.16
N ASN AC 186 27.48 134.70 43.73
CA ASN AC 186 27.47 133.25 43.64
C ASN AC 186 27.57 132.64 45.04
N HIS AC 187 27.00 131.44 45.19
CA HIS AC 187 27.03 130.72 46.46
C HIS AC 187 27.50 129.30 46.19
N ILE AC 188 28.77 129.05 46.46
CA ILE AC 188 29.37 127.73 46.30
C ILE AC 188 29.68 127.18 47.70
N GLY AC 189 29.60 125.86 47.82
CA GLY AC 189 29.90 125.23 49.10
C GLY AC 189 28.94 124.12 49.47
N HIS AC 190 28.05 123.77 48.54
CA HIS AC 190 27.04 122.76 48.77
C HIS AC 190 27.30 121.57 47.86
N THR AC 191 27.19 120.37 48.41
CA THR AC 191 27.47 119.13 47.70
C THR AC 191 26.17 118.43 47.32
N GLY AC 192 26.09 118.01 46.06
CA GLY AC 192 24.88 117.42 45.54
C GLY AC 192 23.91 118.46 45.00
N TYR AC 193 22.96 117.98 44.20
CA TYR AC 193 22.00 118.88 43.59
C TYR AC 193 21.05 119.44 44.65
N LEU AC 194 20.58 120.66 44.40
CA LEU AC 194 19.71 121.35 45.33
C LEU AC 194 18.28 121.31 44.80
N ASN AC 195 17.36 120.82 45.64
CA ASN AC 195 15.98 120.66 45.23
C ASN AC 195 15.05 121.73 45.77
N THR AC 196 15.52 122.60 46.66
CA THR AC 196 14.65 123.65 47.19
C THR AC 196 15.49 124.79 47.72
N VAL AC 197 14.85 125.95 47.85
CA VAL AC 197 15.42 127.11 48.53
C VAL AC 197 14.25 127.99 48.95
N THR AC 198 14.40 128.64 50.10
CA THR AC 198 13.32 129.45 50.64
C THR AC 198 13.90 130.56 51.49
N VAL AC 199 13.10 131.60 51.69
CA VAL AC 199 13.55 132.81 52.40
C VAL AC 199 12.57 133.12 53.52
N SER AC 200 13.11 133.61 54.63
CA SER AC 200 12.28 134.04 55.73
C SER AC 200 11.56 135.34 55.37
N PRO AC 201 10.39 135.59 55.96
CA PRO AC 201 9.67 136.84 55.65
C PRO AC 201 10.47 138.10 55.95
N ASP AC 202 11.44 138.03 56.87
CA ASP AC 202 12.26 139.20 57.15
C ASP AC 202 13.06 139.66 55.93
N GLY AC 203 13.27 138.78 54.95
CA GLY AC 203 14.06 139.14 53.79
C GLY AC 203 15.54 139.23 54.05
N SER AC 204 16.04 138.52 55.07
CA SER AC 204 17.46 138.57 55.41
C SER AC 204 18.06 137.21 55.73
N LEU AC 205 17.33 136.11 55.51
CA LEU AC 205 17.87 134.77 55.71
C LEU AC 205 17.24 133.83 54.70
N CYS AC 206 18.02 132.86 54.24
CA CYS AC 206 17.53 131.85 53.30
C CYS AC 206 18.16 130.50 53.62
N ALA AC 207 17.37 129.45 53.50
CA ALA AC 207 17.82 128.09 53.72
C ALA AC 207 17.77 127.31 52.41
N SER AC 208 18.84 126.56 52.13
CA SER AC 208 18.94 125.78 50.91
C SER AC 208 19.10 124.31 51.27
N GLY AC 209 18.30 123.46 50.64
CA GLY AC 209 18.38 122.02 50.81
C GLY AC 209 19.00 121.36 49.59
N GLY AC 210 19.21 120.06 49.71
CA GLY AC 210 19.82 119.33 48.61
C GLY AC 210 19.92 117.85 48.87
N LYS AC 211 20.78 117.21 48.06
CA LYS AC 211 20.91 115.76 48.07
C LYS AC 211 21.48 115.26 49.40
N ASP AC 212 22.47 115.97 49.95
CA ASP AC 212 23.14 115.52 51.16
C ASP AC 212 22.36 115.83 52.43
N GLY AC 213 21.24 116.54 52.33
CA GLY AC 213 20.48 116.89 53.51
C GLY AC 213 21.14 117.93 54.39
N GLN AC 214 22.01 118.76 53.83
CA GLN AC 214 22.74 119.77 54.59
C GLN AC 214 22.06 121.12 54.36
N ALA AC 215 21.06 121.42 55.18
CA ALA AC 215 20.39 122.71 55.08
C ALA AC 215 21.33 123.82 55.52
N MET AC 216 21.43 124.88 54.72
CA MET AC 216 22.39 125.95 54.96
C MET AC 216 21.64 127.28 55.02
N LEU AC 217 21.57 127.87 56.21
CA LEU AC 217 20.90 129.15 56.41
C LEU AC 217 21.87 130.27 56.06
N TRP AC 218 21.57 130.99 55.00
CA TRP AC 218 22.44 132.04 54.48
C TRP AC 218 21.69 133.35 54.47
N ASP AC 219 22.40 134.45 54.75
CA ASP AC 219 21.72 135.73 54.88
C ASP AC 219 21.56 136.39 53.52
N LEU AC 220 20.63 137.35 53.46
CA LEU AC 220 20.23 137.97 52.21
C LEU AC 220 20.64 139.43 52.07
N ASN AC 221 20.90 140.11 53.19
CA ASN AC 221 21.40 141.48 53.11
C ASN AC 221 22.74 141.52 52.40
N GLU AC 222 23.63 140.58 52.73
CA GLU AC 222 24.92 140.43 52.08
C GLU AC 222 25.21 138.95 51.88
N GLY AC 223 26.00 138.64 50.85
CA GLY AC 223 26.27 137.28 50.45
C GLY AC 223 27.40 136.61 51.20
N LYS AC 224 27.15 136.12 52.41
CA LYS AC 224 28.17 135.41 53.17
C LYS AC 224 27.55 134.21 53.88
N HIS AC 225 28.39 133.21 54.14
CA HIS AC 225 27.96 132.01 54.84
C HIS AC 225 27.67 132.32 56.31
N LEU AC 226 26.79 131.53 56.92
CA LEU AC 226 26.56 131.61 58.36
C LEU AC 226 26.97 130.32 59.08
N TYR AC 227 26.34 129.21 58.76
CA TYR AC 227 26.65 127.89 59.30
C TYR AC 227 25.80 126.87 58.56
N THR AC 228 25.89 125.60 58.97
CA THR AC 228 25.21 124.50 58.31
C THR AC 228 24.33 123.76 59.30
N LEU AC 229 23.16 123.30 58.84
CA LEU AC 229 22.25 122.47 59.62
C LEU AC 229 22.09 121.13 58.91
N ASP AC 230 22.30 120.04 59.65
CA ASP AC 230 22.28 118.70 59.07
C ASP AC 230 20.88 118.11 59.21
N GLY AC 231 20.31 117.66 58.10
CA GLY AC 231 18.96 117.12 58.10
C GLY AC 231 18.91 115.60 58.24
N GLY AC 232 20.06 114.95 58.22
CA GLY AC 232 20.12 113.51 58.33
C GLY AC 232 20.08 112.79 56.99
N ASP AC 233 18.94 112.85 56.30
CA ASP AC 233 18.76 112.22 55.01
C ASP AC 233 18.38 113.28 53.97
N ILE AC 234 17.98 112.80 52.78
CA ILE AC 234 17.53 113.68 51.71
C ILE AC 234 16.43 114.59 52.22
N ILE AC 235 16.49 115.86 51.83
CA ILE AC 235 15.52 116.86 52.25
C ILE AC 235 14.90 117.50 51.01
N ASN AC 236 13.58 117.63 51.02
CA ASN AC 236 12.82 118.08 49.85
C ASN AC 236 12.33 119.51 49.97
N ALA AC 237 11.72 119.89 51.09
CA ALA AC 237 11.12 121.20 51.24
C ALA AC 237 11.56 121.84 52.54
N LEU AC 238 11.74 123.16 52.50
CA LEU AC 238 12.14 123.96 53.66
C LEU AC 238 11.25 125.18 53.75
N CYS AC 239 10.94 125.60 54.98
CA CYS AC 239 10.30 126.88 55.21
C CYS AC 239 10.45 127.24 56.68
N PHE AC 240 10.13 128.48 57.00
CA PHE AC 240 10.19 129.00 58.36
C PHE AC 240 8.77 129.15 58.90
N SER AC 241 8.68 129.27 60.22
CA SER AC 241 7.43 129.64 60.84
C SER AC 241 7.15 131.11 60.56
N PRO AC 242 5.91 131.48 60.23
CA PRO AC 242 5.64 132.88 59.84
C PRO AC 242 5.97 133.88 60.92
N ASN AC 243 5.75 133.53 62.19
CA ASN AC 243 6.06 134.41 63.32
C ASN AC 243 7.11 133.82 64.24
N ARG AC 244 6.99 132.55 64.58
CA ARG AC 244 8.01 131.87 65.39
C ARG AC 244 9.31 131.77 64.61
N TYR AC 245 10.42 131.67 65.36
CA TYR AC 245 11.75 131.63 64.77
C TYR AC 245 12.19 130.17 64.72
N TRP AC 246 11.72 129.48 63.68
CA TRP AC 246 11.93 128.05 63.51
C TRP AC 246 12.38 127.74 62.09
N LEU AC 247 12.67 126.46 61.86
CA LEU AC 247 12.96 125.96 60.52
C LEU AC 247 12.58 124.49 60.46
N CYS AC 248 11.77 124.11 59.48
CA CYS AC 248 11.34 122.74 59.29
C CYS AC 248 11.89 122.19 57.98
N ALA AC 249 12.19 120.88 57.98
CA ALA AC 249 12.84 120.23 56.85
C ALA AC 249 12.09 118.96 56.50
N ALA AC 250 11.79 118.78 55.21
CA ALA AC 250 11.16 117.55 54.74
C ALA AC 250 12.23 116.47 54.58
N THR AC 251 12.63 115.92 55.72
CA THR AC 251 13.74 114.96 55.78
C THR AC 251 13.20 113.55 55.48
N GLY AC 252 12.82 113.35 54.23
CA GLY AC 252 12.32 112.08 53.78
C GLY AC 252 11.04 111.68 54.47
N PRO AC 253 11.02 110.48 55.06
CA PRO AC 253 9.80 110.02 55.73
C PRO AC 253 9.41 110.84 56.95
N SER AC 254 10.32 111.64 57.51
CA SER AC 254 10.05 112.40 58.72
C SER AC 254 10.34 113.88 58.47
N ILE AC 255 9.61 114.74 59.17
CA ILE AC 255 9.85 116.17 59.11
C ILE AC 255 10.63 116.58 60.35
N LYS AC 256 11.59 117.48 60.17
CA LYS AC 256 12.48 117.89 61.26
C LYS AC 256 12.36 119.39 61.45
N ILE AC 257 11.86 119.80 62.61
CA ILE AC 257 11.76 121.20 63.01
C ILE AC 257 12.93 121.53 63.93
N TRP AC 258 13.62 122.63 63.64
CA TRP AC 258 14.73 123.10 64.46
C TRP AC 258 14.49 124.54 64.87
N ASP AC 259 14.77 124.83 66.13
CA ASP AC 259 14.82 126.20 66.61
C ASP AC 259 16.24 126.73 66.44
N LEU AC 260 16.35 127.99 66.02
CA LEU AC 260 17.66 128.56 65.75
C LEU AC 260 18.22 129.37 66.90
N GLU AC 261 17.42 129.69 67.93
CA GLU AC 261 17.98 130.30 69.13
C GLU AC 261 18.92 129.32 69.85
N GLY AC 262 18.58 128.04 69.83
CA GLY AC 262 19.49 127.00 70.26
C GLY AC 262 19.68 125.97 69.17
N LYS AC 263 20.87 125.89 68.60
CA LYS AC 263 21.12 125.09 67.39
C LYS AC 263 21.07 123.61 67.77
N ILE AC 264 19.86 123.11 67.94
CA ILE AC 264 19.63 121.71 68.30
C ILE AC 264 18.22 121.33 67.86
N ILE AC 265 17.97 120.01 67.80
CA ILE AC 265 16.63 119.51 67.57
C ILE AC 265 15.69 120.05 68.64
N VAL AC 266 14.53 120.54 68.21
CA VAL AC 266 13.48 120.93 69.13
C VAL AC 266 12.29 119.97 69.08
N ASP AC 267 12.08 119.27 67.96
CA ASP AC 267 11.07 118.23 67.86
C ASP AC 267 11.32 117.36 66.62
N GLU AC 268 11.33 116.05 66.81
CA GLU AC 268 11.45 115.11 65.71
C GLU AC 268 10.08 114.48 65.49
N LEU AC 269 9.56 114.64 64.28
CA LEU AC 269 8.19 114.25 63.94
C LEU AC 269 8.24 113.07 62.98
N LYS AC 270 7.65 111.94 63.38
CA LYS AC 270 7.68 110.72 62.61
C LYS AC 270 6.30 110.06 62.67
N GLN AC 271 5.96 109.35 61.59
CA GLN AC 271 4.63 108.78 61.42
C GLN AC 271 4.42 107.60 62.37
N GLU AC 272 3.30 107.60 63.10
CA GLU AC 272 3.03 106.60 64.12
C GLU AC 272 2.11 105.48 63.63
N VAL AC 273 2.16 105.16 62.33
CA VAL AC 273 1.19 104.22 61.77
C VAL AC 273 1.88 103.12 60.98
N ILE AC 274 3.21 103.00 61.12
CA ILE AC 274 3.94 101.99 60.36
C ILE AC 274 3.68 100.61 60.93
N SER AC 275 3.26 99.69 60.07
CA SER AC 275 3.08 98.29 60.46
C SER AC 275 3.76 97.37 59.46
N THR AC 276 3.82 97.78 58.19
CA THR AC 276 4.41 96.98 57.12
C THR AC 276 5.90 97.27 56.97
N SER AC 277 6.64 96.95 58.04
CA SER AC 277 8.07 97.21 58.08
C SER AC 277 8.88 96.29 57.19
N SER AC 278 8.28 95.23 56.64
CA SER AC 278 9.01 94.25 55.84
C SER AC 278 9.34 94.87 54.48
N LYS AC 279 10.63 95.13 54.25
CA LYS AC 279 11.20 95.64 53.00
C LYS AC 279 10.37 96.73 52.35
N ALA AC 280 9.69 97.55 53.16
CA ALA AC 280 8.88 98.64 52.66
C ALA AC 280 9.34 99.94 53.29
N GLU AC 281 9.78 100.88 52.46
CA GLU AC 281 10.17 102.17 52.99
C GLU AC 281 8.92 103.03 53.21
N PRO AC 282 8.82 103.71 54.36
CA PRO AC 282 7.65 104.55 54.61
C PRO AC 282 7.57 105.69 53.61
N PRO AC 283 6.36 106.12 53.25
CA PRO AC 283 6.21 107.27 52.37
C PRO AC 283 6.99 108.48 52.88
N GLN AC 284 7.39 109.34 51.95
CA GLN AC 284 8.27 110.46 52.24
C GLN AC 284 7.55 111.79 51.99
N CYS AC 285 7.80 112.74 52.87
CA CYS AC 285 7.18 114.06 52.77
C CYS AC 285 7.90 114.87 51.69
N THR AC 286 7.14 115.32 50.69
CA THR AC 286 7.70 116.08 49.58
C THR AC 286 7.28 117.55 49.57
N SER AC 287 6.38 117.96 50.47
CA SER AC 287 6.01 119.36 50.56
C SER AC 287 5.49 119.65 51.96
N LEU AC 288 5.52 120.93 52.32
CA LEU AC 288 5.12 121.38 53.65
C LEU AC 288 4.90 122.88 53.60
N ALA AC 289 4.03 123.36 54.48
CA ALA AC 289 3.74 124.78 54.57
C ALA AC 289 3.05 125.08 55.89
N TRP AC 290 3.52 126.12 56.57
CA TRP AC 290 2.84 126.64 57.75
C TRP AC 290 1.62 127.45 57.33
N SER AC 291 0.60 127.43 58.19
CA SER AC 291 -0.61 128.19 57.94
C SER AC 291 -0.35 129.68 58.23
N ALA AC 292 -1.41 130.48 58.14
CA ALA AC 292 -1.25 131.93 58.37
C ALA AC 292 -0.89 132.20 59.83
N ASP AC 293 -1.66 131.64 60.76
CA ASP AC 293 -1.39 131.82 62.19
C ASP AC 293 -0.12 131.12 62.64
N GLY AC 294 0.36 130.14 61.87
CA GLY AC 294 1.58 129.43 62.23
C GLY AC 294 1.41 128.39 63.30
N GLN AC 295 0.17 128.07 63.70
CA GLN AC 295 -0.08 127.11 64.75
C GLN AC 295 -0.29 125.68 64.24
N THR AC 296 -0.39 125.49 62.93
CA THR AC 296 -0.57 124.17 62.36
C THR AC 296 0.30 124.02 61.12
N LEU AC 297 0.71 122.79 60.85
CA LEU AC 297 1.61 122.50 59.74
C LEU AC 297 1.00 121.41 58.87
N PHE AC 298 0.91 121.67 57.57
CA PHE AC 298 0.38 120.71 56.60
C PHE AC 298 1.54 120.17 55.78
N ALA AC 299 1.60 118.85 55.63
CA ALA AC 299 2.70 118.18 54.98
C ALA AC 299 2.18 117.30 53.86
N GLY AC 300 2.80 117.41 52.68
CA GLY AC 300 2.40 116.59 51.54
C GLY AC 300 3.27 115.37 51.36
N TYR AC 301 2.72 114.19 51.62
CA TYR AC 301 3.42 112.93 51.52
C TYR AC 301 3.10 112.26 50.19
N THR AC 302 3.85 111.20 49.89
CA THR AC 302 3.69 110.49 48.64
C THR AC 302 2.65 109.37 48.70
N ASP AC 303 2.03 109.16 49.86
CA ASP AC 303 0.96 108.18 50.00
C ASP AC 303 -0.40 108.76 49.64
N ASN AC 304 -0.43 109.86 48.89
CA ASN AC 304 -1.65 110.44 48.34
C ASN AC 304 -2.54 111.08 49.41
N LEU AC 305 -1.95 111.56 50.50
CA LEU AC 305 -2.73 112.19 51.54
C LEU AC 305 -1.89 113.26 52.24
N VAL AC 306 -2.58 114.21 52.85
CA VAL AC 306 -1.96 115.28 53.62
C VAL AC 306 -2.47 115.19 55.05
N ARG AC 307 -1.55 115.04 56.00
CA ARG AC 307 -1.89 114.98 57.41
C ARG AC 307 -1.53 116.29 58.09
N VAL AC 308 -2.26 116.61 59.16
CA VAL AC 308 -2.22 117.92 59.79
C VAL AC 308 -1.55 117.78 61.16
N TRP AC 309 -0.56 118.63 61.41
CA TRP AC 309 0.15 118.68 62.68
C TRP AC 309 0.00 120.08 63.28
N GLN AC 310 -0.45 120.15 64.53
CA GLN AC 310 -0.67 121.42 65.20
C GLN AC 310 0.08 121.45 66.52
N VAL AC 311 0.52 122.64 66.91
CA VAL AC 311 1.35 122.80 68.09
C VAL AC 311 0.51 122.52 69.34
N THR AC 312 1.11 121.82 70.31
CA THR AC 312 0.43 121.56 71.57
C THR AC 312 0.14 122.86 72.32
N ILE AC 313 1.13 123.75 72.37
CA ILE AC 313 0.97 125.02 73.06
C ILE AC 313 1.39 126.15 72.13
MG MG BC . -5.58 -69.33 -32.94
MG MG CC . -30.89 -66.72 6.68
MG MG DC . -38.79 -34.82 4.50
MG MG EC . -38.48 -33.09 9.76
MG MG FC . -38.20 -31.04 21.28
MG MG GC . -46.36 -39.82 26.04
MG MG HC . -32.11 -50.24 29.13
MG MG IC . -25.77 -58.90 43.72
MG MG JC . -44.37 -59.25 47.83
MG MG KC . -45.04 -54.47 51.02
MG MG LC . -67.47 -46.27 20.02
MG MG MC . -61.59 -50.61 42.06
MG MG NC . -65.11 -67.02 40.97
MG MG OC . -49.06 -57.43 71.26
MG MG PC . -44.52 -51.69 74.96
MG MG QC . -44.47 -108.26 20.16
MG MG RC . -44.34 -100.88 10.94
MG MG SC . -39.91 -99.66 7.55
MG MG TC . -45.24 -35.05 50.82
MG MG UC . -36.80 -19.63 34.19
MG MG VC . -44.21 -34.40 28.34
MG MG WC . -42.24 -38.07 26.92
MG MG XC . -65.28 -25.90 41.93
MG MG YC . -51.11 -47.64 55.42
MG MG ZC . -44.06 -71.25 2.13
MG MG AD . -26.49 -72.63 6.30
MG MG BD . -31.28 -95.88 -1.23
MG MG CD . -27.15 -98.66 -10.86
MG MG DD . -24.54 -94.90 -8.53
MG MG ED . -21.42 -89.03 -8.61
MG MG FD . -18.80 -82.19 -28.07
MG MG GD . -15.11 -82.89 -40.43
MG MG HD . -56.38 -54.52 -29.29
MG MG ID . -48.99 -52.55 -19.83
MG MG JD . 14.09 -60.05 -9.95
MG MG KD . 24.49 -60.51 -11.76
MG MG LD . 33.20 -53.41 -3.99
MG MG MD . 26.74 -65.56 14.74
MG MG ND . 18.74 -77.45 10.18
MG MG OD . 9.26 -75.15 -8.14
MG MG PD . 10.31 -54.25 43.73
MG MG QD . 21.81 -53.45 36.19
MG MG RD . 58.82 -28.33 48.73
MG MG SD . 22.88 -69.70 23.94
MG MG TD . 16.23 -63.99 -0.86
MG MG UD . 6.45 -62.84 9.62
MG MG VD . 2.82 -55.35 1.22
MG MG WD . 31.63 -31.69 -30.51
MG MG XD . 22.69 -28.40 -12.88
MG MG YD . 32.52 -12.81 -3.07
MG MG ZD . 16.30 -1.04 -4.47
MG MG AE . 15.50 -18.61 7.10
MG MG BE . 4.97 -33.65 1.41
MG MG CE . -12.47 5.47 22.28
MG MG DE . 1.25 -4.78 19.38
MG MG EE . -9.41 -3.82 7.52
MG MG FE . 4.64 11.86 0.47
MG MG GE . 13.30 -0.36 -10.92
MG MG HE . 2.10 4.49 14.75
MG MG IE . 6.52 -59.81 -26.32
MG MG JE . -24.46 -39.85 -32.03
MG MG KE . -38.12 -27.12 -3.59
MG MG LE . -33.97 -22.39 -6.05
MG MG ME . -33.29 -31.23 8.13
MG MG NE . -26.44 -27.66 10.17
MG MG OE . -22.37 -22.00 16.52
MG MG PE . -13.69 -18.89 17.77
MG MG QE . -28.55 -11.29 18.64
MG MG RE . -28.86 -32.72 14.56
MG MG SE . -59.54 -5.18 -29.43
MG MG TE . -61.80 -14.95 -31.39
MG MG UE . -69.83 12.51 -6.17
MG MG VE . -87.42 19.19 -10.10
MG MG WE . -79.81 18.77 -10.86
MG MG XE . -84.73 -0.78 3.26
MG MG YE . -6.89 -20.82 0.43
MG MG ZE . -4.86 -23.35 5.43
MG MG AF . -1.51 -21.27 9.15
MG MG BF . -2.70 -22.39 -3.86
MG MG CF . -27.49 -42.22 -14.86
MG MG DF . -29.64 -30.08 -22.49
MG MG EF . -31.65 -35.11 -23.09
MG MG FF . -15.05 -24.79 -29.28
MG MG GF . -12.31 15.40 -61.80
MG MG HF . -36.09 -25.51 -25.32
MG MG IF . -9.63 -40.40 -26.00
MG MG JF . -11.47 -41.81 -19.81
MG MG KF . 9.30 -3.46 -66.82
MG MG LF . 14.08 -20.30 -29.63
MG MG MF . 17.34 -18.12 -26.24
MG MG NF . 17.87 -13.63 -21.30
MG MG OF . -0.73 -37.76 -20.15
MG MG PF . -6.93 -28.89 -29.57
MG MG QF . 1.63 -22.61 -44.14
MG MG RF . -8.40 -18.89 -57.75
MG MG SF . -4.38 -39.28 -27.99
MG MG TF . 9.77 -36.84 -17.47
MG MG UF . 3.13 -24.70 -13.16
MG MG VF . 0.76 -2.26 4.84
MG MG WF . 9.05 -38.84 -10.88
MG MG XF . 6.25 -49.39 -17.52
MG MG YF . 2.73 -30.44 -76.43
MG MG ZF . -2.46 -28.46 -81.51
MG MG AG . -9.84 -20.37 -78.00
MG MG BG . 57.60 -56.80 -13.61
MG MG CG . -31.49 -85.23 -68.41
MG MG DG . -52.37 -37.31 -44.48
MG MG EG . -35.59 -37.91 -13.33
MG MG FG . -42.20 -34.99 -13.18
MG MG GG . -38.35 -46.56 -13.72
MG MG HG . -68.14 -25.00 47.65
MG MG IG . -23.15 -84.98 -2.27
MG MG JG . -23.28 -76.60 0.06
MG MG KG . -21.45 -85.23 -4.55
MG MG LG . -33.84 -68.90 -10.04
MG MG MG . -19.40 -52.16 -18.35
MG MG NG . -5.38 -44.92 -28.71
MG MG OG . 7.69 -64.25 -23.71
MG MG PG . -42.64 -40.51 -22.08
MG MG QG . -60.68 -44.16 -0.83
MG MG RG . -3.60 1.64 4.68
MG MG SG . -23.19 -38.29 -10.46
MG MG TG . 25.67 -61.77 12.87
MG MG UG . 22.96 -68.62 -11.04
MG MG VG . -32.43 -76.62 -2.90
MG MG WG . -28.56 -93.22 2.33
MG MG XG . -14.89 -37.12 17.50
MG MG YG . -38.17 -32.72 -5.72
MG MG ZG . -45.09 -27.81 -16.94
MG MG AH . -55.02 -1.93 -41.23
MG MG BH . -21.02 -8.09 -42.00
MG MG CH . 0.95 -46.30 -62.75
MG MG DH . -47.17 -39.87 -7.08
MG MG EH . -47.52 -50.39 2.46
MG MG FH . -70.55 -50.36 2.07
MG MG GH . -36.21 -50.96 3.20
MG MG HH . -29.68 -47.81 5.59
MG MG IH . -32.59 -48.50 -26.10
MG MG JH . 9.31 -32.94 -0.95
MG MG KH . -19.81 -38.61 -6.12
MG MG LH . -58.97 -49.40 -28.88
MG MG MH . -30.12 -65.22 -13.51
MG MG NH . -55.54 -53.70 -64.62
MG MG OH . -60.11 -54.17 -38.78
MG MG PH . -12.62 -65.53 65.70
MG MG QH . -31.02 -44.97 -17.08
MG MG RH . -0.47 -61.04 -29.39
MG MG SH . -48.83 -43.36 -36.77
MG MG TH . -54.10 -41.68 -29.55
MG MG UH . -22.48 -56.15 36.95
MG MG VH . -51.44 -81.87 20.42
MG MG WH . -49.24 -96.58 28.27
MG MG XH . -45.25 -106.13 23.05
MG MG YH . -46.51 -107.64 8.49
MG MG ZH . -48.99 -110.90 2.16
MG MG AI . 48.37 -20.42 15.60
MG MG BI . 8.13 -29.98 16.34
MG MG CI . 5.42 -44.39 22.84
MG MG DI . 33.90 -47.17 69.50
MG MG EI . -36.22 -38.76 35.81
MG MG FI . -57.51 -49.09 58.21
MG MG GI . -50.98 -45.39 58.27
MG MG HI . -63.96 -50.96 37.71
MG MG II . -51.93 -23.30 14.19
MG MG JI . -40.32 -23.15 -30.47
MG MG KI . -19.81 -41.54 -20.53
MG MG LI . -46.91 -20.61 2.62
MG MG MI . -34.42 -37.60 -50.06
MG MG NI . -37.65 -46.16 -58.32
MG MG OI . -31.20 -56.85 -49.30
MG MG PI . -27.88 -56.69 -40.72
MG MG QI . -64.85 -60.20 -45.58
MG MG RI . -53.31 -59.25 -51.12
MG MG SI . -10.19 -33.12 29.80
MG MG TI . 48.67 -62.50 32.47
MG MG UI . 53.57 -79.69 28.76
MG MG VI . 30.80 -75.33 40.72
MG MG WI . 17.89 -54.78 37.80
MG MG XI . -7.36 -43.83 43.06
MG MG YI . 36.80 -29.83 -30.13
MG MG ZI . 41.18 -41.81 -31.06
MG MG AJ . 7.77 -72.46 -22.67
MG MG BJ . 28.64 -27.55 8.11
MG MG CJ . 28.13 -26.74 13.51
MG MG DJ . 39.72 -43.38 -36.83
MG MG EJ . 37.51 -46.10 -38.61
MG MG FJ . 37.93 -43.84 -43.05
MG MG GJ . 22.67 5.73 -75.95
MG MG HJ . -27.95 -79.46 -2.58
MG MG IJ . 40.17 -48.83 -44.78
MG MG JJ . -53.15 -41.55 -6.00
MG MG KJ . -51.89 -48.94 -10.15
MG MG LJ . -40.59 -44.68 -28.03
MG MG MJ . 8.36 -56.83 39.01
MG MG NJ . 2.42 -47.74 26.01
C15 MQ6 OJ . -14.65 -33.19 -18.69
C17 MQ6 OJ . -14.45 -30.77 -19.86
C20 MQ6 OJ . -13.15 -28.33 -20.14
C21 MQ6 OJ . -12.55 -29.44 -20.67
C22 MQ6 OJ . -13.22 -30.67 -20.51
C24 MQ6 OJ . -13.27 -32.62 -22.13
C26 MQ6 OJ . -15.52 -32.83 -21.04
C28 MQ6 OJ . -16.86 -33.03 -23.07
C01 MQ6 OJ . -11.56 -29.51 -14.61
C02 MQ6 OJ . -12.55 -29.60 -15.78
C03 MQ6 OJ . -12.93 -28.16 -16.15
C04 MQ6 OJ . -12.01 -30.38 -17.02
C05 MQ6 OJ . -11.09 -31.58 -16.77
C06 MQ6 OJ . -11.73 -32.96 -16.32
C07 MQ6 OJ . -10.79 -33.83 -17.11
C08 MQ6 OJ . -10.64 -35.20 -16.53
C11 MQ6 OJ . -9.10 -36.67 -15.56
C12 MQ6 OJ . -13.10 -32.81 -16.94
C16 MQ6 OJ . -15.22 -32.08 -19.68
C18 MQ6 OJ . -15.03 -29.60 -19.34
C19 MQ6 OJ . -14.36 -28.42 -19.48
C23 MQ6 OJ . -12.49 -31.80 -21.13
C27 MQ6 OJ . -16.97 -32.90 -21.56
C29 MQ6 OJ . -15.39 -32.84 -23.40
C30 MQ6 OJ . -15.40 -34.30 -20.66
C31 MQ6 OJ . -14.64 -34.41 -19.55
C33 MQ6 OJ . -12.90 -35.93 -19.69
C35 MQ6 OJ . -13.62 -26.33 -19.30
N25 MQ6 OJ . -14.71 -32.36 -22.18
O09 MQ6 OJ . -11.44 -36.11 -16.57
O10 MQ6 OJ . -9.45 -35.35 -15.90
O13 MQ6 OJ . -14.06 -32.58 -16.23
O14 MQ6 OJ . -13.29 -32.94 -18.29
O32 MQ6 OJ . -14.09 -35.54 -19.05
O34 MQ6 OJ . -12.72 -27.03 -20.14
O36 MQ6 OJ . -14.73 -27.17 -19.06
O37 MQ6 OJ . -11.52 -32.66 -15.03
O38 MQ6 OJ . -13.70 -30.28 -15.36
MG MG PJ . -65.18 -48.77 -21.27
MG MG QJ . -115.16 34.83 -44.49
MG MG RJ . -100.44 14.79 -32.42
MG MG SJ . -91.28 43.25 -15.95
MG MG TJ . -92.32 37.95 -38.75
MG MG UJ . -93.60 36.56 -34.68
MG MG VJ . -77.50 19.65 -49.17
MG MG WJ . -52.88 -32.55 -46.78
MG MG XJ . -20.35 -79.84 -2.87
MG MG YJ . -32.58 -67.93 42.69
MG MG ZJ . -17.76 -98.82 39.15
MG MG AK . -2.91 -86.44 25.92
MG MG BK . -22.64 -103.81 40.08
MG MG CK . -28.26 -80.10 -27.14
MG MG DK . -41.55 -83.24 -5.48
MG MG EK . 32.32 59.51 -3.83
MG MG FK . 50.56 43.23 6.14
MG MG GK . 50.47 45.58 -11.26
MG MG HK . 61.81 35.17 -33.85
MG MG IK . 64.31 11.87 -34.96
MG MG JK . 74.07 10.34 -39.76
MG MG KK . 82.14 13.70 -28.19
MG MG LK . 79.27 19.72 -24.34
MG MG MK . 59.63 10.89 -16.31
MG MG NK . 70.93 37.40 5.30
MG MG OK . 78.90 24.42 -37.58
MG MG PK . 76.83 6.34 -26.24
MG MG QK . 74.31 1.13 -30.01
MG MG RK . 64.32 61.07 -44.62
MG MG SK . 46.64 60.75 -18.00
MG MG TK . 58.29 40.77 -6.22
MG MG UK . 62.87 47.19 -0.12
MG MG VK . 60.28 45.41 14.55
MG MG WK . 38.90 39.65 14.57
MG MG XK . 33.37 40.86 13.53
MG MG YK . 42.08 35.50 2.32
MG MG ZK . 43.70 32.39 24.71
MG MG AL . 37.04 26.43 18.49
MG MG BL . 56.49 23.74 31.97
MG MG CL . 76.72 31.30 31.39
MG MG DL . 21.95 29.82 52.31
MG MG EL . 48.64 18.69 20.63
MG MG FL . 27.63 17.93 29.39
MG MG GL . 22.05 15.57 28.55
MG MG HL . 17.87 7.64 29.13
MG MG IL . 3.81 28.12 24.38
MG MG JL . 78.88 9.54 -33.62
MG MG KL . 72.94 24.23 -18.93
MG MG LL . 63.30 17.39 -19.08
MG MG ML . 62.99 20.97 -22.95
MG MG NL . 62.72 20.03 -32.63
MG MG OL . 33.25 51.00 3.87
MG MG PL . 14.85 70.91 -36.59
MG MG QL . 93.43 24.48 -42.84
MG MG RL . 79.09 55.83 -47.91
MG MG SL . 77.78 50.89 -47.99
MG MG TL . 49.07 66.98 -16.68
MG MG UL . 40.70 64.02 -30.21
MG MG VL . 40.55 34.34 20.69
MG MG WL . 18.67 93.17 13.92
MG MG XL . 11.59 92.47 14.52
MG MG YL . 87.74 31.60 -12.77
MG MG ZL . -1.82 77.76 23.34
MG MG AM . -5.22 69.32 10.34
MG MG BM . -11.83 68.88 18.90
MG MG CM . -22.07 68.95 -1.13
MG MG DM . -11.07 84.69 -10.30
MG MG EM . -17.91 85.42 -19.66
MG MG FM . -11.45 83.54 -30.18
MG MG GM . 7.89 86.76 -26.57
MG MG HM . 13.44 74.99 -10.16
MG MG IM . 11.35 70.84 -12.10
MG MG JM . -11.30 77.38 -18.49
MG MG KM . -40.83 81.07 -0.57
MG MG LM . -44.03 74.48 -1.80
MG MG MM . 27.16 48.74 19.36
MG MG NM . 12.25 42.89 11.08
MG MG OM . 14.47 42.08 16.31
MG MG PM . 7.22 41.53 14.13
MG MG QM . 10.59 45.59 24.41
MG MG RM . 43.58 58.46 -20.40
MG MG SM . 96.18 20.49 -46.13
MG MG TM . -19.62 65.32 -3.41
MG MG UM . -9.77 84.91 -34.47
MG MG VM . -2.63 28.34 16.64
MG MG WM . 9.02 27.33 17.43
MG MG XM . 3.24 23.61 32.41
MG MG YM . 6.98 28.62 24.52
MG MG ZM . 20.30 45.22 18.29
MG MG AN . 21.91 49.20 19.09
MG MG BN . 32.66 50.88 -11.93
MG MG CN . 32.57 30.81 30.90
MG MG DN . 7.62 -27.25 24.37
MG MG EN . -41.64 -9.55 -34.13
MG MG FN . -35.03 -32.37 30.25
MG MG GN . 5.40 -59.82 -7.33
MG MG HN . 13.05 -24.92 -33.39
MG MG IN . -46.60 -45.95 -0.60
MG MG JN . 44.67 -47.79 59.08
ZN ZN KN . 39.83 -30.97 56.84
ZN ZN LN . -9.64 -60.17 31.96
ZN ZN MN . -14.37 -9.46 -71.30
ZN ZN NN . -79.65 4.05 23.29
ZN ZN ON . 40.61 -17.54 50.17
MG MG PN . -41.95 76.25 17.42
MG MG QN . -34.90 100.53 3.81
ZN ZN RN . 13.50 40.47 32.81
ZN ZN SN . 4.19 94.06 -19.55
#